data_7JMI
#
_entry.id   7JMI
#
_cell.length_a   1.00
_cell.length_b   1.00
_cell.length_c   1.00
_cell.angle_alpha   90.00
_cell.angle_beta   90.00
_cell.angle_gamma   90.00
#
_symmetry.space_group_name_H-M   'P 1'
#
loop_
_entity.id
_entity.type
_entity.pdbx_description
1 polymer 'Peptidyl-prolyl cis-trans isomerase FKBP1B'
2 polymer 'ryanodine receptor type 1'
3 non-polymer 'ZINC ION'
4 non-polymer 'CALCIUM ION'
#
loop_
_entity_poly.entity_id
_entity_poly.type
_entity_poly.pdbx_seq_one_letter_code
_entity_poly.pdbx_strand_id
1 'polypeptide(L)'
;GVEIETISPGDGRTFPKKGQTCVVHYTGMLQNGKKFDSSRDRNKPFKFRIGKQEVIKGFEEGAAQMSLGQRAKLTCTPDV
AYGATGHPGVIPPNATLIFDVELLNLE
;
A,F,H,J
2 'polypeptide(L)'
;MGDGGEGEDEVQFLRTDDEVVLQCSATVLKEQLKLCLAAEGFGNRLCFLEPTSNAQNVPPDLAICCFTLEQSLSVRALQE
MLANTVEAGVESSQGGGHRTLLYGHAILLRHAHSRMYLSCLTTSRSMTDKLAFDVGLQEDATGEACWWTMHPASKQRSEG
EKVRVGDDLILVSVSSERYLHLSTASGELQVDASFMQTLWNMNPICSCCEEGYVTGGHVLRLFHGHMDECLTISAADSDD
QRRLVYYEGGAVCTHARSLWRLEPLRISWSGSHLRWGQPLRIRHVTTGRYLALTEDQGLVVVDACKAHTKATSFCFRVSK
EKLDTAPKRDVEGMGPPEIKYGESLCFVQHVASGLWLTYAAPDPKALRLGVLKKKAILHQEGHMDDALFLTRCQQEESQA
ARMIHSTAGLYNQFIKGLDSFSGKPRGSGPPAGPALPIEAVILSLQDLIGYFEPPSEELQHEEKQSKLRSLRNRQSLFQE
EGMLSLVLNCIDRLNVYTTAAHFAEYAGEEAAESWKEIVNLLYELLASLIRGNRANCALFSTNLDWVVSKLDRLEASSGI
LEVLYCVLIESPEVLNIIQENHIKSIISLLDKHGRNHKVLDVLCSLCVCNGVAVRSNQDLITENLLPGRELLLQTNLINY
VTSIRPNIFVGRAEGSTQYGKWYFEVMVDEVVPFLTAQATHLRVGWALTEGYSPYPGGGEGWGGNGVGDDLYSYGFDGLH
LWTGHVARPVTSPGQHLLAPEDVVSCCLDLSVPSISFRINGCPVQGVFEAFNLDGLFFPVVSFSAGVKVRFLLGGRHGEF
KFLPPPGYAPCHEAVLPRERLRLEPIKEYRREGPRGPHLVGPSRCLSHTDFVPCPVDTVQIVLPPHLERIREKLAENIHE
LWALTRIEQGWTYGPVRDDNKRLHPCLVNFHSLPEPERNYNLQMSGETLKTLLALGCHVGMADEKAEDNLKKTKLPKTYM
MSNGYKPAPLDLSHVRLTPAQTTLVDRLAENGHNVWARDRVAQGWSYSAVQDIPARRNPRLVPYRLLDEATKRSNRDSLC
QAVRTLLGYGYNIEPPDQEPSQVENQSRWDRVRIFRAEKSYTVQSGRWYFEFEAVTTGEMRVGWARPELRPDVELGADEL
AYVFNGHRGQRWHLGSEPFGRPWQSGDVVGCMIDLTENTIIFTLNGEVLMSDSGSETAFREIEIGDGFLPVCSLGPGQVG
HLNLGQDVSSLRFFAICGLQEGFEPFAINMQRPVTTWFSKSLPQFEPVPPEHPHYEVARMDGTVDTPPCLRLAHR(UNK)
(UNK)(UNK)(UNK)(UNK)(UNK)(UNK)(UNK)(UNK)(UNK)(UNK)(UNK)(UNK)(UNK)(UNK)(UNK)(UNK)
(UNK)(UNK)(UNK)(UNK)(UNK)(UNK)(UNK)(UNK)(UNK)(UNK)(UNK)(UNK)(UNK)(UNK)(UNK)(UNK)
(UNK)(UNK)(UNK)(UNK)(UNK)(UNK)(UNK)(UNK)(UNK)(UNK)(UNK)(UNK)(UNK)(UNK)(UNK)(UNK)
(UNK)(UNK)(UNK)(UNK)(UNK)(UNK)(UNK)(UNK)(UNK)(UNK)(UNK)(UNK)(UNK)(UNK)(UNK)(UNK)
(UNK)(UNK)(UNK)(UNK)(UNK)(UNK)(UNK)(UNK)(UNK)(UNK)(UNK)(UNK)(UNK)(UNK)(UNK)(UNK)
(UNK)(UNK)(UNK)(UNK)(UNK)(UNK)(UNK)(UNK)(UNK)(UNK)(UNK)(UNK)(UNK)(UNK)(UNK)(UNK)
(UNK)(UNK)(UNK)(UNK)(UNK)(UNK)(UNK)(UNK)(UNK)(UNK)(UNK)(UNK)(UNK)(UNK)(UNK)(UNK)
(UNK)(UNK)(UNK)(UNK)(UNK)(UNK)(UNK)(UNK)(UNK)(UNK)(UNK)(UNK)(UNK)(UNK)(UNK)(UNK)
(UNK)(UNK)(UNK)(UNK)(UNK)(UNK)(UNK)(UNK)(UNK)(UNK)(UNK)(UNK)(UNK)(UNK)(UNK)(UNK)
(UNK)(UNK)(UNK)(UNK)(UNK)(UNK)(UNK)(UNK)(UNK)(UNK)(UNK)(UNK)MPLSAAMFLSERKNPAPQCP
PRLEVQMLMPVSWSRMPNHFLQVETRRAGERLGWAVQCQDPLTMMALHIPEENRCMDILELSERLDLQRFHSHTLRLYRA
VCALGNNRVAHALCSHVDQAQLLHALEDAHLPGPLRAGYYDLLISIHLESACRSRRSMLSEYIVPLTPETRAITLFPPGR
KGGNARRHGLPGVGVTTSLRPPHHFSPPCFVAALPAAGVAEAPARLSPAIPLEALRDKALRMLGEAVRDGGQHARDPVGG
SVEFQFVPVLKLVSTLLVMGIFGDEDVKQILKMIEPEVFTEEEEEEEEEEEEEEEEEEDEEEKEEDEEEEEKEDAEKEEE
EAPEGEKEDLEEGLLQMKLPESVKLQMCNLLEYFCDQELQHRVESLAAFAERYVDKLQANQRSRYALLMRAFTMSAAETA
RRTREFRSPPQEQINMLLHFKDEADEEDCPLPEDIRQDLQDFHQDLLAHCGIQLEGEEEEPEEETSLSSRLRSLLETVRL
VKKKEEKPEEELPAEEKKPQSLQELVSHMVVRWAQEDYVQSPELVRAMFSLLHRQYDGLGELLRALPRAYTISPSSVEDT
MSLLECLGQIRSLLIVQMGPQEENLMIQSIGNIMNNKVFYQHPNLMRALGMHETVMEVMVNVLGGGETKEIRFPKMVTSC
CRFLCYFCRISRQNQRSMFDHLSYLLENSGIGLGMQGSTPLDVAAASVIDNNELALALQEQDLEKVVSYLAGCGLQSCPM
LLAKGYPDIGWNPCGGERYLDFLRFAVFVNGESVEENANVVVRLLIRKPECFGPALRGEGGSGLLAAIEEAIRISEDPAR
DGPGVRRDRRREHFGEEPPEENRVHLGHAIMSFYAALIDLLGRCAPEMHLIQAGKGEALRIRAILRSLVPLDDLVGIISL
PLQIPTL(UNK)(UNK)(UNK)(UNK)(UNK)(UNK)(UNK)(UNK)(UNK)(UNK)(UNK)(UNK)(UNK)(UNK)
(UNK)(UNK)(UNK)(UNK)(UNK)(UNK)(UNK)(UNK)(UNK)(UNK)(UNK)(UNK)(UNK)(UNK)(UNK)(UNK)
(UNK)(UNK)(UNK)(UNK)(UNK)(UNK)(UNK)(UNK)(UNK)(UNK)(UNK)(UNK)(UNK)(UNK)(UNK)(UNK)
(UNK)(UNK)(UNK)(UNK)(UNK)(UNK)(UNK)(UNK)(UNK)(UNK)(UNK)(UNK)(UNK)(UNK)(UNK)(UNK)
(UNK)(UNK)(UNK)(UNK)(UNK)(UNK)(UNK)(UNK)(UNK)(UNK)(UNK)(UNK)(UNK)(UNK)(UNK)(UNK)
(UNK)(UNK)(UNK)(UNK)(UNK)(UNK)(UNK)(UNK)(UNK)(UNK)(UNK)(UNK)(UNK)(UNK)(UNK)(UNK)
(UNK)(UNK)(UNK)(UNK)(UNK)(UNK)(UNK)(UNK)(UNK)(UNK)(UNK)(UNK)(UNK)(UNK)(UNK)(UNK)
(UNK)(UNK)(UNK)(UNK)(UNK)(UNK)(UNK)(UNK)(UNK)(UNK)(UNK)(UNK)(UNK)(UNK)(UNK)(UNK)
(UNK)(UNK)(UNK)(UNK)(UNK)(UNK)(UNK)(UNK)(UNK)(UNK)(UNK)(UNK)(UNK)(UNK)(UNK)(UNK)
(UNK)(UNK)(UNK)(UNK)(UNK)(UNK)(UNK)(UNK)(UNK)(UNK)(UNK)(UNK)(UNK)(UNK)(UNK)(UNK)
(UNK)(UNK)(UNK)(UNK)(UNK)(UNK)(UNK)(UNK)(UNK)(UNK)(UNK)(UNK)(UNK)(UNK)(UNK)(UNK)
(UNK)(UNK)(UNK)(UNK)(UNK)(UNK)(UNK)(UNK)(UNK)(UNK)(UNK)(UNK)(UNK)(UNK)(UNK)(UNK)
(UNK)(UNK)(UNK)(UNK)(UNK)(UNK)(UNK)(UNK)(UNK)(UNK)(UNK)(UNK)(UNK)(UNK)(UNK)(UNK)
(UNK)(UNK)(UNK)(UNK)(UNK)(UNK)(UNK)(UNK)(UNK)(UNK)(UNK)NFDPRPVETLNVIIPEKLDSFINKF
AEYTHEKWAFDKIQNNWSYGENVDEELKTHPMLRPYKTFSEKDKEIYRWPIKESLKAMIAWEWTIEKAREGEEERTEKKK
TRKISQTAQTYDPREGYNPQPPDLSGVTLSRELQAMAEQLAENYHNTWGRKKKQELEAKGGGTHPLLVPYDTLTAKEKAR
DREKAQELLKFLQMNGYAVTR(UNK)(UNK)(UNK)(UNK)(UNK)(UNK)(UNK)(UNK)(UNK)(UNK)(UNK)
(UNK)(UNK)(UNK)(UNK)(UNK)(UNK)(UNK)(UNK)(UNK)(UNK)(UNK)(UNK)(UNK)(UNK)(UNK)(UNK)
(UNK)(UNK)(UNK)(UNK)(UNK)(UNK)(UNK)(UNK)(UNK)(UNK)(UNK)(UNK)(UNK)(UNK)(UNK)(UNK)
(UNK)(UNK)(UNK)(UNK)(UNK)(UNK)(UNK)(UNK)(UNK)(UNK)(UNK)(UNK)(UNK)(UNK)(UNK)(UNK)
(UNK)(UNK)(UNK)(UNK)(UNK)(UNK)(UNK)(UNK)(UNK)(UNK)(UNK)(UNK)(UNK)(UNK)(UNK)(UNK)
(UNK)(UNK)(UNK)(UNK)(UNK)(UNK)(UNK)(UNK)(UNK)(UNK)(UNK)(UNK)(UNK)(UNK)(UNK)(UNK)
(UNK)(UNK)(UNK)(UNK)(UNK)(UNK)(UNK)(UNK)(UNK)(UNK)(UNK)(UNK)(UNK)(UNK)(UNK)(UNK)
(UNK)(UNK)(UNK)(UNK)(UNK)(UNK)(UNK)(UNK)(UNK)(UNK)(UNK)(UNK)(UNK)(UNK)(UNK)(UNK)
(UNK)(UNK)(UNK)(UNK)(UNK)(UNK)(UNK)(UNK)(UNK)(UNK)(UNK)(UNK)(UNK)(UNK)(UNK)(UNK)
(UNK)(UNK)(UNK)(UNK)(UNK)(UNK)(UNK)(UNK)(UNK)(UNK)(UNK)(UNK)(UNK)(UNK)(UNK)(UNK)
(UNK)(UNK)(UNK)(UNK)(UNK)(UNK)(UNK)(UNK)(UNK)(UNK)(UNK)(UNK)(UNK)(UNK)(UNK)(UNK)
(UNK)(UNK)(UNK)(UNK)(UNK)(UNK)(UNK)(UNK)(UNK)(UNK)(UNK)(UNK)(UNK)(UNK)(UNK)(UNK)
(UNK)(UNK)(UNK)(UNK)(UNK)(UNK)(UNK)(UNK)(UNK)(UNK)(UNK)(UNK)(UNK)(UNK)(UNK)(UNK)
(UNK)(UNK)(UNK)(UNK)(UNK)(UNK)(UNK)(UNK)(UNK)(UNK)(UNK)(UNK)(UNK)(UNK)(UNK)(UNK)
(UNK)(UNK)(UNK)(UNK)(UNK)(UNK)(UNK)(UNK)(UNK)(UNK)(UNK)(UNK)(UNK)(UNK)(UNK)(UNK)
(UNK)(UNK)(UNK)(UNK)(UNK)(UNK)(UNK)(UNK)(UNK)(UNK)(UNK)(UNK)(UNK)(UNK)(UNK)(UNK)
(UNK)(UNK)(UNK)(UNK)(UNK)(UNK)(UNK)(UNK)(UNK)(UNK)(UNK)(UNK)(UNK)(UNK)(UNK)(UNK)
(UNK)(UNK)(UNK)(UNK)(UNK)(UNK)(UNK)(UNK)(UNK)(UNK)(UNK)(UNK)(UNK)(UNK)(UNK)(UNK)
(UNK)(UNK)(UNK)(UNK)(UNK)(UNK)(UNK)(UNK)(UNK)(UNK)(UNK)(UNK)(UNK)(UNK)(UNK)(UNK)
(UNK)(UNK)(UNK)(UNK)(UNK)(UNK)(UNK)(UNK)(UNK)(UNK)(UNK)(UNK)(UNK)(UNK)(UNK)(UNK)
(UNK)(UNK)(UNK)(UNK)(UNK)(UNK)(UNK)(UNK)(UNK)(UNK)(UNK)(UNK)(UNK)(UNK)(UNK)(UNK)
(UNK)(UNK)(UNK)(UNK)(UNK)(UNK)(UNK)(UNK)(UNK)(UNK)(UNK)(UNK)(UNK)(UNK)(UNK)(UNK)
(UNK)(UNK)(UNK)(UNK)(UNK)(UNK)(UNK)(UNK)(UNK)(UNK)(UNK)(UNK)(UNK)(UNK)(UNK)(UNK)
(UNK)(UNK)(UNK)(UNK)(UNK)(UNK)(UNK)(UNK)(UNK)(UNK)(UNK)(UNK)(UNK)(UNK)(UNK)(UNK)
(UNK)(UNK)(UNK)(UNK)(UNK)(UNK)(UNK)(UNK)(UNK)(UNK)(UNK)(UNK)(UNK)(UNK)(UNK)(UNK)
(UNK)(UNK)(UNK)(UNK)(UNK)(UNK)(UNK)(UNK)(UNK)(UNK)(UNK)(UNK)(UNK)(UNK)(UNK)(UNK)
(UNK)(UNK)(UNK)(UNK)(UNK)(UNK)(UNK)(UNK)(UNK)(UNK)(UNK)(UNK)(UNK)(UNK)(UNK)(UNK)
(UNK)(UNK)(UNK)(UNK)(UNK)(UNK)(UNK)(UNK)(UNK)(UNK)(UNK)(UNK)(UNK)(UNK)(UNK)(UNK)
(UNK)(UNK)(UNK)(UNK)(UNK)(UNK)(UNK)(UNK)(UNK)(UNK)(UNK)(UNK)(UNK)(UNK)(UNK)(UNK)
(UNK)(UNK)(UNK)(UNK)(UNK)(UNK)(UNK)(UNK)(UNK)(UNK)(UNK)(UNK)(UNK)(UNK)(UNK)(UNK)
(UNK)(UNK)(UNK)(UNK)(UNK)(UNK)(UNK)(UNK)(UNK)(UNK)(UNK)(UNK)(UNK)(UNK)(UNK)(UNK)
(UNK)(UNK)(UNK)(UNK)(UNK)(UNK)(UNK)(UNK)(UNK)(UNK)(UNK)(UNK)(UNK)(UNK)(UNK)(UNK)
(UNK)(UNK)(UNK)(UNK)(UNK)(UNK)(UNK)(UNK)(UNK)(UNK)(UNK)(UNK)(UNK)(UNK)(UNK)(UNK)
(UNK)(UNK)(UNK)TPLYNLPTHRACNMFLESYKAAWILTEDHSFEDRMIDDLSKAGEQEEEEEEVEEKKPDPLHQLVL
HFSRTALTEKSKLDEDYLYMAYADIMAKSCHLEEGGENGEAEEEEVEVSFEEKEMEKQRLLYQQSRLHTRGAAEMVLQMI
SACKGETGAMVSSTLKLGISILNGGNAEVQQKMLDYLKDKKEVGFFQSIQALMQTCSVLDLNAFERQNKAEGLGMVNEDG
TVINRQNGEKVMADDEFTQDLFRFLQLLCEGHNNDFQNYLRTQTGNTTTINIIICTVDYLLRLQESISDFYWYYSGKDVI
EEQGKRNFSKAMSVAKQVFNSLTEYIQGPCTGNQQSLAHSRLWDAVVGFLHVFAHMMMKLAQDSSQIELLKELLDLQKDM
VVMLLSLLEGNVVNGMIARQMVDMLVESSSNVEMILKFFDMFLKLKDIVGSEAFQDYVTDPRGLISKKDFQKAMDSQKQF
TGPEIQFLLSCSEADENEMINFEEFANRFQEPARDIGFNVAVLLTNLSEHVPHDPRLRNFLELAESILEYFRPYLGRIEI
MGASRRIERIYFEISETNRAQWEMPQVKESKRQFIFDVVNEGGEAEKMELFVSFCEDTIFEMQIAAQISEPEGEPEADED
EGMGEAAAEGAEEGAAGAEGAAGTVAAGATARLAAAAARALRGLSYRSLRRRVRRLRRLTAREAATALAALLWAVVARAG
AAGAGAAAGALRLLWGSLFGGGLVEGAKKVTVTELLAGMPDPTSDEVHGEQPAGPGGDADGAGEGEGEGDAAEGDGDEEV
AGHEAGPGGAEGVVAVADGGPFRPEGAGGLGDMGDTTPAEPPTPEGSPILKRKLGVDGEEEELVPEPEPEPEPEPEKADE
ENGEKEEVPEAPPEPPKKAPPSPPAKKEEAGGAGMEFWGELEVQRVKFLNYLSRNFYTLRFLALFLAFAINFILLFYKVS
DSPPGEDDMEGSAAGDLAGAGSGGGSGWGSGAGEEAEGDEDENMVYYFLEESTGYMEPALWCLSLLHTLVAFLCIIGYNC
LKVPLVIFKREKELARKLEFDGLYITEQPGDDDVKGQWDRLVLNTPSFPSNYWDKFVKRKVLDKHGDIFGRERIAELLGM
DLASLEITAHNERKPDPPPGLLTWLMSIDVKYQIWKFGVIFTDNSFLYLGWYMVMSLLGHYNNFFFAAHLLDIAMGVKTL
RTILSSVTHNGKQLVMTVGLLAVVVYLYTVVAFNFFRKFYNKSEDEDEPDMKCDDMMTCYLFHMYVGVRAGGGIGDEIED
PAGDEYELYRVVFDITFFFFVIVILLAIIQGLIIDAFGELRDQQEQVKEDMETKCFICGIGSDYFDTTPHGFETHTLEEH
NLANYMFFLMYLINKDETEHTGQESYVWKMYQERCWDFFPAGDCFRKQYEDQLS
;
B,E,G,I
#
loop_
_chem_comp.id
_chem_comp.type
_chem_comp.name
_chem_comp.formula
CA non-polymer 'CALCIUM ION' 'Ca 2'
ZN non-polymer 'ZINC ION' 'Zn 2'
#
# COMPACT_ATOMS: atom_id res chain seq x y z
N GLY A 1 112.20 53.89 -40.47
CA GLY A 1 111.80 54.32 -41.79
C GLY A 1 110.88 55.53 -41.79
N VAL A 2 111.47 56.71 -41.77
CA VAL A 2 110.73 57.97 -41.77
C VAL A 2 111.13 58.74 -43.01
N GLU A 3 110.21 58.89 -43.96
CA GLU A 3 110.45 59.60 -45.21
C GLU A 3 109.84 60.99 -45.10
N ILE A 4 110.68 62.00 -45.29
CA ILE A 4 110.32 63.39 -45.07
C ILE A 4 110.18 64.11 -46.41
N GLU A 5 109.04 64.73 -46.64
CA GLU A 5 108.80 65.57 -47.81
C GLU A 5 108.36 66.94 -47.31
N THR A 6 109.33 67.85 -47.18
CA THR A 6 109.09 69.14 -46.53
C THR A 6 108.58 70.15 -47.54
N ILE A 7 107.43 70.75 -47.24
CA ILE A 7 107.01 71.97 -47.93
C ILE A 7 107.90 73.10 -47.44
N SER A 8 108.53 73.80 -48.38
CA SER A 8 109.70 74.67 -48.24
C SER A 8 109.80 75.68 -47.09
N PRO A 9 108.78 76.48 -46.72
CA PRO A 9 109.04 77.57 -45.78
C PRO A 9 109.28 77.09 -44.35
N GLY A 10 110.17 77.80 -43.66
CA GLY A 10 110.59 77.47 -42.32
C GLY A 10 111.80 78.29 -41.89
N ASP A 11 112.69 77.73 -41.08
CA ASP A 11 113.96 78.40 -40.80
C ASP A 11 115.15 77.47 -40.99
N GLY A 12 114.92 76.17 -40.81
CA GLY A 12 115.93 75.17 -41.06
C GLY A 12 116.94 74.96 -39.96
N ARG A 13 116.78 75.59 -38.80
CA ARG A 13 117.77 75.50 -37.74
C ARG A 13 117.21 75.22 -36.35
N THR A 14 115.97 75.59 -36.05
CA THR A 14 115.44 75.44 -34.70
C THR A 14 114.90 74.02 -34.58
N PHE A 15 115.77 73.11 -34.20
CA PHE A 15 115.46 71.70 -34.11
C PHE A 15 114.93 71.36 -32.73
N PRO A 16 114.03 70.39 -32.62
CA PRO A 16 113.60 69.94 -31.29
C PRO A 16 114.72 69.19 -30.59
N LYS A 17 114.90 69.51 -29.31
CA LYS A 17 115.88 68.84 -28.47
C LYS A 17 115.14 68.04 -27.41
N LYS A 18 115.91 67.42 -26.51
CA LYS A 18 115.33 66.57 -25.49
C LYS A 18 114.63 67.42 -24.42
N GLY A 19 113.43 66.98 -24.04
CA GLY A 19 112.65 67.68 -23.04
C GLY A 19 111.99 68.96 -23.48
N GLN A 20 112.02 69.27 -24.77
CA GLN A 20 111.41 70.48 -25.29
C GLN A 20 109.95 70.18 -25.65
N THR A 21 109.04 70.84 -24.93
CA THR A 21 107.63 70.75 -25.26
C THR A 21 107.37 71.50 -26.56
N CYS A 22 107.06 70.76 -27.61
CA CYS A 22 106.99 71.29 -28.96
C CYS A 22 105.59 71.12 -29.52
N VAL A 23 105.24 72.01 -30.45
CA VAL A 23 103.88 72.17 -30.95
C VAL A 23 103.86 71.81 -32.43
N VAL A 24 103.00 70.87 -32.80
CA VAL A 24 102.91 70.35 -34.16
C VAL A 24 101.47 70.43 -34.64
N HIS A 25 101.28 71.02 -35.83
CA HIS A 25 99.99 71.01 -36.51
C HIS A 25 99.91 69.76 -37.38
N TYR A 26 99.61 68.63 -36.73
CA TYR A 26 99.56 67.39 -37.49
C TYR A 26 98.18 67.20 -38.11
N THR A 27 98.13 66.38 -39.15
CA THR A 27 96.88 65.99 -39.79
C THR A 27 97.06 64.58 -40.31
N GLY A 28 96.39 63.62 -39.67
CA GLY A 28 96.59 62.22 -40.01
C GLY A 28 95.86 61.82 -41.27
N MET A 29 96.36 60.75 -41.89
CA MET A 29 95.79 60.23 -43.13
C MET A 29 96.21 58.77 -43.27
N LEU A 30 95.30 57.94 -43.76
CA LEU A 30 95.60 56.55 -44.08
C LEU A 30 95.93 56.43 -45.56
N GLN A 31 96.90 55.57 -45.88
CA GLN A 31 97.18 55.22 -47.27
C GLN A 31 95.95 54.57 -47.90
N ASN A 32 95.44 55.20 -48.95
CA ASN A 32 94.19 54.82 -49.62
C ASN A 32 93.03 54.80 -48.64
N GLY A 33 93.02 55.77 -47.74
CA GLY A 33 92.03 55.88 -46.69
C GLY A 33 91.85 57.33 -46.31
N LYS A 34 90.88 57.57 -45.43
CA LYS A 34 90.51 58.94 -45.05
C LYS A 34 91.29 59.36 -43.80
N LYS A 35 90.90 60.49 -43.23
CA LYS A 35 91.47 61.00 -42.00
C LYS A 35 91.12 60.10 -40.82
N PHE A 36 91.95 60.16 -39.79
CA PHE A 36 91.63 59.52 -38.51
C PHE A 36 91.90 60.40 -37.30
N ASP A 37 92.78 61.39 -37.40
CA ASP A 37 93.09 62.25 -36.26
C ASP A 37 93.71 63.54 -36.81
N SER A 38 93.36 64.66 -36.21
CA SER A 38 93.88 65.94 -36.68
C SER A 38 93.87 66.96 -35.55
N SER A 39 95.00 67.65 -35.39
CA SER A 39 95.09 68.80 -34.50
C SER A 39 94.39 70.02 -35.06
N ARG A 40 94.08 70.04 -36.36
CA ARG A 40 93.30 71.13 -36.92
C ARG A 40 91.84 71.05 -36.49
N ASP A 41 91.33 69.84 -36.26
CA ASP A 41 89.94 69.69 -35.88
C ASP A 41 89.69 70.17 -34.45
N ARG A 42 90.54 69.74 -33.52
CA ARG A 42 90.40 70.18 -32.14
C ARG A 42 90.89 71.60 -31.94
N ASN A 43 91.74 72.09 -32.85
CA ASN A 43 92.42 73.39 -32.78
C ASN A 43 93.26 73.54 -31.51
N LYS A 44 93.71 72.41 -30.96
CA LYS A 44 94.61 72.34 -29.82
C LYS A 44 95.84 71.63 -30.36
N PRO A 45 96.86 72.36 -30.83
CA PRO A 45 97.89 71.72 -31.66
C PRO A 45 98.93 70.90 -30.91
N PHE A 46 98.50 70.11 -29.92
CA PHE A 46 99.18 68.94 -29.38
C PHE A 46 100.58 69.29 -28.85
N LYS A 47 100.58 70.02 -27.76
CA LYS A 47 101.82 70.42 -27.09
C LYS A 47 102.46 69.20 -26.43
N PHE A 48 103.43 68.59 -27.12
CA PHE A 48 104.05 67.37 -26.63
C PHE A 48 105.55 67.59 -26.53
N ARG A 49 106.19 66.84 -25.64
CA ARG A 49 107.62 66.93 -25.41
C ARG A 49 108.35 65.80 -26.11
N ILE A 50 109.64 66.04 -26.36
CA ILE A 50 110.52 65.12 -27.06
C ILE A 50 111.33 64.33 -26.04
N GLY A 51 111.34 63.00 -26.20
CA GLY A 51 112.22 62.17 -25.42
C GLY A 51 111.56 61.32 -24.35
N LYS A 52 110.25 61.20 -24.35
CA LYS A 52 109.54 60.38 -23.36
C LYS A 52 108.80 59.21 -24.00
N GLN A 53 108.94 59.02 -25.33
CA GLN A 53 108.20 58.03 -26.13
C GLN A 53 106.70 58.18 -25.97
N GLU A 54 106.23 59.42 -25.80
CA GLU A 54 104.79 59.69 -25.75
C GLU A 54 104.16 59.41 -27.10
N VAL A 55 104.71 60.01 -28.16
CA VAL A 55 104.24 59.79 -29.52
C VAL A 55 104.87 58.53 -30.08
N ILE A 56 104.35 58.07 -31.22
CA ILE A 56 104.87 56.89 -31.88
C ILE A 56 106.21 57.18 -32.52
N LYS A 57 106.94 56.13 -32.91
CA LYS A 57 108.29 56.30 -33.44
C LYS A 57 108.27 56.91 -34.84
N GLY A 58 107.21 56.67 -35.61
CA GLY A 58 107.10 57.30 -36.91
C GLY A 58 106.81 58.77 -36.84
N PHE A 59 106.27 59.24 -35.71
CA PHE A 59 106.02 60.65 -35.49
C PHE A 59 107.11 61.32 -34.66
N GLU A 60 107.79 60.55 -33.80
CA GLU A 60 108.86 61.11 -32.99
C GLU A 60 110.10 61.40 -33.83
N GLU A 61 110.46 60.48 -34.73
CA GLU A 61 111.64 60.68 -35.56
C GLU A 61 111.41 61.75 -36.62
N GLY A 62 110.16 61.94 -37.04
CA GLY A 62 109.86 63.00 -37.98
C GLY A 62 109.90 64.38 -37.35
N ALA A 63 109.78 64.46 -36.02
CA ALA A 63 109.79 65.76 -35.36
C ALA A 63 111.19 66.34 -35.28
N ALA A 64 112.18 65.55 -34.87
CA ALA A 64 113.55 66.04 -34.72
C ALA A 64 114.22 66.28 -36.07
N GLN A 65 113.71 65.70 -37.14
CA GLN A 65 114.22 65.92 -38.49
C GLN A 65 113.63 67.16 -39.16
N MET A 66 112.84 67.94 -38.43
CA MET A 66 112.27 69.18 -38.93
C MET A 66 112.77 70.36 -38.10
N SER A 67 112.39 71.56 -38.52
CA SER A 67 112.74 72.78 -37.82
C SER A 67 111.51 73.67 -37.73
N LEU A 68 111.69 74.85 -37.13
CA LEU A 68 110.59 75.77 -36.92
C LEU A 68 110.04 76.33 -38.23
N GLY A 69 108.73 76.28 -38.40
CA GLY A 69 108.11 76.73 -39.61
C GLY A 69 107.97 75.69 -40.69
N GLN A 70 108.81 74.66 -40.67
CA GLN A 70 108.81 73.64 -41.73
C GLN A 70 107.53 72.82 -41.70
N ARG A 71 107.18 72.30 -42.88
CA ARG A 71 105.93 71.58 -43.11
C ARG A 71 106.30 70.30 -43.86
N ALA A 72 106.54 69.22 -43.13
CA ALA A 72 106.93 67.97 -43.76
C ALA A 72 105.70 67.09 -43.97
N LYS A 73 105.92 65.85 -44.38
CA LYS A 73 104.85 64.92 -44.72
C LYS A 73 105.32 63.52 -44.39
N LEU A 74 104.80 62.96 -43.29
CA LEU A 74 105.29 61.68 -42.81
C LEU A 74 104.72 60.53 -43.63
N THR A 75 105.52 59.46 -43.72
CA THR A 75 105.08 58.17 -44.25
C THR A 75 105.51 57.15 -43.21
N CYS A 76 104.65 56.92 -42.22
CA CYS A 76 104.99 56.09 -41.08
C CYS A 76 104.87 54.62 -41.45
N THR A 77 105.89 53.84 -41.12
CA THR A 77 105.86 52.42 -41.36
C THR A 77 104.88 51.74 -40.40
N PRO A 78 104.36 50.57 -40.75
CA PRO A 78 103.46 49.87 -39.81
C PRO A 78 104.16 49.38 -38.55
N ASP A 79 105.38 48.85 -38.67
CA ASP A 79 106.03 48.16 -37.57
C ASP A 79 106.57 49.09 -36.47
N VAL A 80 106.34 50.40 -36.56
CA VAL A 80 106.73 51.30 -35.48
C VAL A 80 105.55 51.69 -34.60
N ALA A 81 104.32 51.67 -35.11
CA ALA A 81 103.17 52.07 -34.31
C ALA A 81 102.14 50.95 -34.10
N TYR A 82 101.54 50.43 -35.18
CA TYR A 82 100.41 49.51 -35.02
C TYR A 82 100.39 48.40 -36.06
N GLY A 83 101.54 47.94 -36.53
CA GLY A 83 101.56 47.00 -37.65
C GLY A 83 101.08 45.61 -37.27
N ALA A 84 101.45 45.12 -36.09
CA ALA A 84 101.00 43.80 -35.67
C ALA A 84 99.78 43.90 -34.77
N THR A 85 99.77 44.88 -33.86
CA THR A 85 98.65 45.03 -32.94
C THR A 85 97.44 45.64 -33.63
N GLY A 86 97.57 46.88 -34.10
CA GLY A 86 96.45 47.58 -34.68
C GLY A 86 95.52 48.15 -33.62
N HIS A 87 95.11 49.39 -33.80
CA HIS A 87 94.19 49.92 -32.81
C HIS A 87 92.76 49.48 -33.13
N PRO A 88 91.97 49.13 -32.13
CA PRO A 88 90.57 48.76 -32.39
C PRO A 88 89.73 49.98 -32.78
N GLY A 89 89.39 50.08 -34.06
CA GLY A 89 88.47 51.10 -34.54
C GLY A 89 89.12 52.25 -35.28
N VAL A 90 90.41 52.49 -35.09
CA VAL A 90 91.10 53.62 -35.69
C VAL A 90 92.17 53.18 -36.68
N ILE A 91 93.17 52.45 -36.20
CA ILE A 91 94.29 52.05 -37.04
C ILE A 91 94.34 50.53 -37.16
N PRO A 92 94.20 49.96 -38.35
CA PRO A 92 94.23 48.51 -38.48
C PRO A 92 95.65 48.00 -38.39
N PRO A 93 95.85 46.69 -38.21
CA PRO A 93 97.20 46.13 -38.32
C PRO A 93 97.73 46.22 -39.74
N ASN A 94 99.05 46.46 -39.82
CA ASN A 94 99.82 46.64 -41.05
C ASN A 94 99.27 47.82 -41.88
N ALA A 95 99.35 49.01 -41.29
CA ALA A 95 98.90 50.24 -41.93
C ALA A 95 100.07 51.19 -42.08
N THR A 96 100.22 51.77 -43.27
CA THR A 96 101.24 52.76 -43.54
C THR A 96 100.62 54.14 -43.39
N LEU A 97 100.98 54.85 -42.32
CA LEU A 97 100.27 56.05 -41.90
C LEU A 97 100.89 57.29 -42.55
N ILE A 98 100.04 58.27 -42.83
CA ILE A 98 100.43 59.52 -43.49
C ILE A 98 100.05 60.67 -42.57
N PHE A 99 100.97 61.62 -42.41
CA PHE A 99 100.77 62.75 -41.51
C PHE A 99 101.22 64.04 -42.18
N ASP A 100 100.35 65.05 -42.17
CA ASP A 100 100.71 66.40 -42.61
C ASP A 100 101.28 67.12 -41.40
N VAL A 101 102.60 67.10 -41.25
CA VAL A 101 103.26 67.58 -40.04
C VAL A 101 103.90 68.93 -40.33
N GLU A 102 103.49 69.94 -39.58
CA GLU A 102 104.12 71.25 -39.60
C GLU A 102 104.65 71.54 -38.20
N LEU A 103 105.91 71.93 -38.11
CA LEU A 103 106.57 72.17 -36.83
C LEU A 103 106.60 73.68 -36.57
N LEU A 104 105.55 74.17 -35.90
CA LEU A 104 105.49 75.54 -35.38
C LEU A 104 105.47 75.41 -33.86
N ASN A 105 106.65 75.28 -33.27
CA ASN A 105 106.79 74.78 -31.91
C ASN A 105 107.10 75.88 -30.92
N LEU A 106 107.28 75.48 -29.67
CA LEU A 106 107.77 76.31 -28.59
C LEU A 106 108.98 75.64 -27.95
N GLU A 107 109.61 76.36 -27.01
CA GLU A 107 110.82 75.95 -26.29
C GLU A 107 111.97 75.59 -27.23
N GLN B 12 13.63 11.30 -30.65
CA GLN B 12 12.41 11.52 -31.43
C GLN B 12 12.71 12.27 -32.71
N PHE B 13 12.94 13.58 -32.58
CA PHE B 13 13.18 14.44 -33.72
C PHE B 13 14.49 15.18 -33.54
N LEU B 14 14.89 15.89 -34.59
CA LEU B 14 16.17 16.60 -34.61
C LEU B 14 15.89 18.09 -34.64
N ARG B 15 16.78 18.85 -34.00
CA ARG B 15 16.65 20.29 -33.89
C ARG B 15 17.96 20.95 -34.29
N THR B 16 17.94 22.28 -34.34
CA THR B 16 19.17 23.02 -34.55
C THR B 16 19.99 23.03 -33.27
N ASP B 17 21.26 23.41 -33.42
CA ASP B 17 22.27 23.44 -32.35
C ASP B 17 22.44 22.07 -31.70
N ASP B 18 22.38 21.02 -32.51
CA ASP B 18 22.57 19.67 -32.04
C ASP B 18 23.84 19.08 -32.66
N GLU B 19 24.30 17.98 -32.09
CA GLU B 19 25.54 17.35 -32.50
C GLU B 19 25.23 15.95 -33.04
N VAL B 20 25.57 15.73 -34.31
CA VAL B 20 25.30 14.49 -34.99
C VAL B 20 26.59 13.99 -35.63
N VAL B 21 26.54 12.73 -36.09
CA VAL B 21 27.55 12.18 -36.97
C VAL B 21 26.85 11.68 -38.22
N LEU B 22 27.65 11.39 -39.24
CA LEU B 22 27.15 10.84 -40.50
C LEU B 22 27.58 9.39 -40.59
N GLN B 23 26.64 8.53 -40.99
CA GLN B 23 26.92 7.10 -40.99
C GLN B 23 26.10 6.40 -42.06
N CYS B 24 26.80 5.64 -42.89
CA CYS B 24 26.19 4.70 -43.84
C CYS B 24 26.71 3.31 -43.50
N SER B 25 26.41 2.36 -44.38
CA SER B 25 26.96 1.01 -44.24
C SER B 25 27.09 0.40 -45.63
N ALA B 26 28.31 0.06 -46.01
CA ALA B 26 28.58 -0.55 -47.31
C ALA B 26 29.23 -1.90 -47.09
N THR B 27 28.63 -2.94 -47.64
CA THR B 27 29.15 -4.29 -47.47
C THR B 27 30.42 -4.48 -48.29
N VAL B 28 31.34 -5.28 -47.76
CA VAL B 28 32.65 -5.50 -48.38
C VAL B 28 32.84 -6.99 -48.64
N LEU B 29 32.85 -7.78 -47.57
CA LEU B 29 33.13 -9.22 -47.61
C LEU B 29 31.83 -10.01 -47.60
N LYS B 30 30.82 -9.48 -48.31
CA LYS B 30 29.40 -9.81 -48.11
C LYS B 30 29.01 -9.66 -46.64
N GLU B 31 29.48 -8.57 -46.03
CA GLU B 31 29.29 -8.32 -44.62
C GLU B 31 29.38 -6.81 -44.39
N GLN B 32 28.50 -6.30 -43.53
CA GLN B 32 28.30 -4.87 -43.39
C GLN B 32 29.48 -4.18 -42.73
N LEU B 33 29.92 -3.08 -43.34
CA LEU B 33 30.95 -2.21 -42.76
C LEU B 33 30.33 -0.82 -42.60
N LYS B 34 29.95 -0.49 -41.38
CA LYS B 34 29.39 0.82 -41.09
C LYS B 34 30.52 1.85 -41.03
N LEU B 35 30.47 2.82 -41.93
CA LEU B 35 31.48 3.87 -42.02
C LEU B 35 30.96 5.16 -41.42
N CYS B 36 31.86 5.96 -40.88
CA CYS B 36 31.54 7.28 -40.37
C CYS B 36 32.50 8.30 -40.96
N LEU B 37 31.96 9.45 -41.32
CA LEU B 37 32.75 10.47 -42.00
C LEU B 37 33.68 11.17 -41.01
N ALA B 38 34.90 11.45 -41.46
CA ALA B 38 35.88 12.08 -40.58
C ALA B 38 36.83 12.93 -41.42
N ALA B 39 37.35 13.99 -40.79
CA ALA B 39 38.30 14.89 -41.41
C ALA B 39 39.06 15.63 -40.31
N GLU B 40 40.36 15.79 -40.50
CA GLU B 40 41.16 16.41 -39.46
C GLU B 40 41.09 17.94 -39.49
N GLY B 41 41.00 18.53 -40.68
CA GLY B 41 41.02 19.98 -40.73
C GLY B 41 42.39 20.53 -41.08
N PHE B 42 43.16 20.89 -40.05
CA PHE B 42 44.51 21.42 -40.20
C PHE B 42 45.42 20.44 -40.91
N GLY B 43 45.80 20.76 -42.15
CA GLY B 43 46.53 19.86 -43.00
C GLY B 43 45.71 18.80 -43.69
N ASN B 44 44.39 18.74 -43.42
CA ASN B 44 43.52 17.75 -44.04
C ASN B 44 42.27 18.50 -44.50
N ARG B 45 42.29 18.97 -45.75
CA ARG B 45 41.12 19.62 -46.29
C ARG B 45 40.01 18.64 -46.59
N LEU B 46 40.36 17.42 -46.99
CA LEU B 46 39.36 16.47 -47.46
C LEU B 46 38.82 15.66 -46.30
N CYS B 47 37.83 14.81 -46.61
CA CYS B 47 37.09 14.05 -45.60
C CYS B 47 37.25 12.58 -45.89
N PHE B 48 37.76 11.83 -44.92
CA PHE B 48 37.93 10.38 -45.04
C PHE B 48 36.82 9.68 -44.25
N LEU B 49 36.93 8.35 -44.14
CA LEU B 49 35.87 7.53 -43.57
C LEU B 49 36.42 6.67 -42.45
N GLU B 50 35.83 6.80 -41.25
CA GLU B 50 36.22 6.00 -40.11
C GLU B 50 35.22 4.88 -39.91
N PRO B 51 35.62 3.61 -40.05
CA PRO B 51 34.69 2.51 -39.78
C PRO B 51 34.43 2.33 -38.29
N THR B 52 33.15 2.27 -37.94
CA THR B 52 32.70 2.06 -36.57
C THR B 52 31.97 0.73 -36.43
N SER B 53 32.35 -0.24 -37.28
CA SER B 53 31.78 -1.58 -37.19
C SER B 53 32.53 -2.47 -36.21
N ASN B 54 33.81 -2.19 -35.96
CA ASN B 54 34.65 -3.06 -35.12
C ASN B 54 34.84 -2.48 -33.74
N ALA B 55 33.77 -1.93 -33.16
CA ALA B 55 33.85 -1.39 -31.79
C ALA B 55 33.95 -2.47 -30.74
N GLN B 56 33.89 -3.75 -31.11
CA GLN B 56 34.29 -4.81 -30.20
C GLN B 56 35.81 -4.90 -30.10
N ASN B 57 36.53 -4.52 -31.15
CA ASN B 57 37.99 -4.64 -31.11
C ASN B 57 38.72 -3.34 -31.39
N VAL B 58 38.28 -2.56 -32.38
CA VAL B 58 39.00 -1.36 -32.80
C VAL B 58 38.30 -0.15 -32.18
N PRO B 59 38.95 0.58 -31.30
CA PRO B 59 38.37 1.84 -30.78
C PRO B 59 38.33 2.90 -31.87
N PRO B 60 37.14 3.36 -32.24
CA PRO B 60 37.04 4.35 -33.32
C PRO B 60 37.50 5.72 -32.88
N ASP B 61 37.81 6.56 -33.86
CA ASP B 61 38.22 7.94 -33.60
C ASP B 61 36.97 8.81 -33.66
N LEU B 62 36.46 9.14 -32.48
CA LEU B 62 35.21 9.89 -32.37
C LEU B 62 35.43 11.39 -32.30
N ALA B 63 36.69 11.84 -32.23
CA ALA B 63 36.97 13.26 -32.05
C ALA B 63 36.67 14.07 -33.30
N ILE B 64 36.94 13.50 -34.48
CA ILE B 64 36.74 14.21 -35.73
C ILE B 64 35.65 13.60 -36.59
N CYS B 65 34.85 12.69 -36.05
CA CYS B 65 33.62 12.27 -36.70
C CYS B 65 32.42 13.11 -36.29
N CYS B 66 32.51 13.82 -35.17
CA CYS B 66 31.38 14.57 -34.64
C CYS B 66 31.20 15.88 -35.38
N PHE B 67 29.98 16.16 -35.79
CA PHE B 67 29.60 17.40 -36.45
C PHE B 67 28.54 18.11 -35.63
N THR B 68 28.34 19.38 -35.92
CA THR B 68 27.39 20.19 -35.18
C THR B 68 26.40 20.80 -36.15
N LEU B 69 25.12 20.65 -35.84
CA LEU B 69 24.07 21.26 -36.64
C LEU B 69 24.05 22.76 -36.40
N GLU B 70 24.09 23.54 -37.47
CA GLU B 70 24.25 24.98 -37.34
C GLU B 70 23.04 25.76 -37.80
N GLN B 71 22.61 25.58 -39.04
CA GLN B 71 21.54 26.40 -39.58
C GLN B 71 20.83 25.62 -40.68
N SER B 72 19.51 25.60 -40.62
CA SER B 72 18.67 24.97 -41.63
C SER B 72 17.62 25.97 -42.08
N LEU B 73 17.44 26.08 -43.39
CA LEU B 73 16.53 27.06 -43.94
C LEU B 73 15.80 26.48 -45.14
N SER B 74 14.68 27.11 -45.46
CA SER B 74 14.07 26.96 -46.77
C SER B 74 15.00 27.55 -47.83
N VAL B 75 14.81 27.10 -49.07
CA VAL B 75 15.61 27.59 -50.18
C VAL B 75 15.26 29.04 -50.50
N ARG B 76 14.06 29.47 -50.12
CA ARG B 76 13.62 30.83 -50.39
C ARG B 76 14.26 31.84 -49.45
N ALA B 77 14.24 31.57 -48.15
CA ALA B 77 14.85 32.48 -47.19
C ALA B 77 16.37 32.48 -47.30
N LEU B 78 16.96 31.33 -47.66
CA LEU B 78 18.40 31.26 -47.87
C LEU B 78 18.82 32.10 -49.06
N GLN B 79 18.06 32.03 -50.16
CA GLN B 79 18.32 32.87 -51.32
C GLN B 79 18.12 34.34 -51.01
N GLU B 80 17.12 34.65 -50.18
CA GLU B 80 16.99 36.01 -49.67
C GLU B 80 18.17 36.37 -48.76
N MET B 81 18.63 35.41 -47.97
CA MET B 81 19.83 35.63 -47.16
C MET B 81 21.07 35.76 -48.04
N LEU B 82 21.14 35.00 -49.13
CA LEU B 82 22.26 35.13 -50.06
C LEU B 82 22.20 36.40 -50.89
N ALA B 83 21.11 37.15 -50.82
CA ALA B 83 21.11 38.51 -51.35
C ALA B 83 21.76 39.52 -50.42
N ASN B 84 22.27 39.07 -49.28
CA ASN B 84 22.91 39.97 -48.31
C ASN B 84 24.26 39.41 -47.88
N GLY B 97 15.31 29.68 -33.48
CA GLY B 97 16.11 29.11 -32.42
C GLY B 97 16.34 27.62 -32.59
N HIS B 98 15.55 26.82 -31.87
CA HIS B 98 15.60 25.37 -31.99
C HIS B 98 14.39 24.93 -32.80
N ARG B 99 14.52 25.04 -34.13
CA ARG B 99 13.45 24.62 -35.03
C ARG B 99 13.53 23.11 -35.23
N THR B 100 12.78 22.61 -36.20
CA THR B 100 12.75 21.19 -36.51
C THR B 100 13.11 21.01 -37.96
N LEU B 101 13.91 19.99 -38.27
CA LEU B 101 14.35 19.74 -39.62
C LEU B 101 13.18 19.25 -40.47
N LEU B 102 12.90 19.96 -41.56
CA LEU B 102 11.90 19.54 -42.52
C LEU B 102 12.57 19.22 -43.83
N TYR B 103 12.07 18.18 -44.51
CA TYR B 103 12.67 17.68 -45.73
C TYR B 103 12.57 18.71 -46.85
N GLY B 104 13.64 18.85 -47.62
CA GLY B 104 13.74 19.91 -48.60
C GLY B 104 14.44 21.15 -48.10
N HIS B 105 14.93 21.15 -46.86
CA HIS B 105 15.68 22.28 -46.36
C HIS B 105 17.16 22.13 -46.68
N ALA B 106 17.80 23.27 -46.88
CA ALA B 106 19.25 23.30 -46.85
C ALA B 106 19.73 23.14 -45.41
N ILE B 107 21.01 22.86 -45.25
CA ILE B 107 21.58 22.69 -43.92
C ILE B 107 22.99 23.23 -43.94
N LEU B 108 23.43 23.74 -42.79
CA LEU B 108 24.80 24.24 -42.62
C LEU B 108 25.53 23.27 -41.72
N LEU B 109 26.51 22.57 -42.29
CA LEU B 109 27.28 21.60 -41.53
C LEU B 109 28.58 22.22 -41.02
N ARG B 110 29.09 21.65 -39.94
CA ARG B 110 30.28 22.19 -39.31
C ARG B 110 31.06 21.05 -38.67
N HIS B 111 32.37 21.04 -38.90
CA HIS B 111 33.23 20.17 -38.11
C HIS B 111 33.26 20.68 -36.69
N ALA B 112 32.95 19.80 -35.73
CA ALA B 112 32.79 20.25 -34.35
C ALA B 112 34.12 20.59 -33.71
N HIS B 113 35.17 19.82 -34.01
CA HIS B 113 36.44 19.99 -33.31
C HIS B 113 37.15 21.28 -33.71
N SER B 114 37.51 21.39 -34.98
CA SER B 114 38.22 22.57 -35.47
C SER B 114 37.30 23.74 -35.74
N ARG B 115 36.00 23.59 -35.47
CA ARG B 115 34.98 24.65 -35.57
C ARG B 115 34.90 25.18 -37.00
N MET B 116 35.07 24.27 -37.95
CA MET B 116 35.16 24.58 -39.37
C MET B 116 33.94 24.06 -40.11
N TYR B 117 33.49 24.82 -41.09
CA TYR B 117 32.22 24.55 -41.76
C TYR B 117 32.43 23.69 -42.99
N LEU B 118 31.60 22.65 -43.12
CA LEU B 118 31.77 21.67 -44.18
C LEU B 118 31.30 22.23 -45.52
N SER B 119 32.24 22.38 -46.44
CA SER B 119 31.93 22.84 -47.79
C SER B 119 32.12 21.72 -48.80
N CYS B 120 31.96 22.02 -50.08
CA CYS B 120 32.25 21.10 -51.15
C CYS B 120 33.29 21.74 -52.06
N LEU B 121 34.29 20.98 -52.46
CA LEU B 121 35.33 21.51 -53.32
C LEU B 121 35.00 21.27 -54.78
N THR B 122 35.73 21.93 -55.67
CA THR B 122 35.60 21.72 -57.10
C THR B 122 36.76 20.90 -57.65
N THR B 123 37.39 20.09 -56.82
CA THR B 123 38.53 19.28 -57.23
C THR B 123 38.09 17.84 -57.50
N SER B 124 38.39 17.37 -58.70
CA SER B 124 38.13 15.99 -59.09
C SER B 124 39.28 15.13 -58.60
N ARG B 125 38.94 14.05 -57.90
CA ARG B 125 39.95 13.18 -57.29
C ARG B 125 39.65 11.74 -57.71
N SER B 126 40.53 10.83 -57.29
CA SER B 126 40.45 9.38 -57.46
C SER B 126 40.43 8.93 -58.91
N MET B 127 40.83 9.81 -59.85
CA MET B 127 40.86 9.54 -61.30
C MET B 127 39.50 9.07 -61.82
N THR B 128 38.44 9.75 -61.40
CA THR B 128 37.09 9.36 -61.80
C THR B 128 36.78 9.77 -63.24
N ASP B 129 37.57 10.69 -63.80
CA ASP B 129 37.39 11.26 -65.15
C ASP B 129 36.00 11.86 -65.31
N LYS B 130 35.59 12.63 -64.30
CA LYS B 130 34.20 13.08 -64.21
C LYS B 130 34.18 14.41 -63.48
N LEU B 131 33.03 14.74 -62.91
CA LEU B 131 32.76 15.97 -62.16
C LEU B 131 32.79 15.72 -60.66
N ALA B 132 33.83 14.96 -60.23
CA ALA B 132 33.89 14.29 -58.93
C ALA B 132 33.65 15.23 -57.76
N PHE B 133 34.46 16.28 -57.64
CA PHE B 133 34.22 17.46 -56.79
C PHE B 133 34.10 17.06 -55.32
N ASP B 134 35.22 16.56 -54.80
CA ASP B 134 35.21 15.84 -53.53
C ASP B 134 34.86 16.76 -52.36
N VAL B 135 34.29 16.16 -51.32
CA VAL B 135 33.77 16.91 -50.19
C VAL B 135 34.94 17.32 -49.30
N GLY B 136 35.22 18.61 -49.25
CA GLY B 136 36.31 19.13 -48.45
C GLY B 136 36.00 20.47 -47.81
N LEU B 137 36.59 20.74 -46.66
CA LEU B 137 36.32 21.95 -45.90
C LEU B 137 37.62 22.58 -45.41
N GLN B 138 37.71 23.90 -45.48
CA GLN B 138 38.53 24.63 -44.52
C GLN B 138 37.72 25.69 -43.77
N GLU B 139 37.17 26.70 -44.44
CA GLU B 139 36.57 27.79 -43.67
C GLU B 139 35.29 28.34 -44.29
N ASP B 140 34.81 27.76 -45.38
CA ASP B 140 33.96 28.45 -46.36
C ASP B 140 32.59 28.78 -45.78
N ALA B 141 32.57 29.80 -44.91
CA ALA B 141 31.35 30.28 -44.28
C ALA B 141 30.48 31.08 -45.23
N THR B 142 31.02 31.50 -46.37
CA THR B 142 30.21 32.14 -47.40
C THR B 142 29.25 31.12 -47.98
N GLY B 143 27.99 31.52 -48.10
CA GLY B 143 26.92 30.56 -48.31
C GLY B 143 26.75 29.98 -49.70
N GLU B 144 27.83 29.57 -50.34
CA GLU B 144 27.68 28.98 -51.67
C GLU B 144 27.66 27.45 -51.59
N ALA B 145 28.75 26.85 -51.14
CA ALA B 145 28.92 25.40 -51.21
C ALA B 145 28.83 24.71 -49.86
N CYS B 146 28.79 25.47 -48.77
CA CYS B 146 28.68 24.91 -47.43
C CYS B 146 27.24 24.54 -47.07
N TRP B 147 26.31 24.71 -48.01
CA TRP B 147 24.91 24.39 -47.79
C TRP B 147 24.56 23.12 -48.55
N TRP B 148 23.65 22.34 -47.98
CA TRP B 148 23.37 20.99 -48.48
C TRP B 148 21.88 20.74 -48.39
N THR B 149 21.24 20.48 -49.53
CA THR B 149 19.82 20.19 -49.53
C THR B 149 19.55 18.81 -48.92
N MET B 150 18.59 18.79 -48.01
CA MET B 150 18.24 17.58 -47.28
C MET B 150 16.93 17.02 -47.84
N HIS B 151 17.03 15.89 -48.53
CA HIS B 151 15.86 15.26 -49.11
C HIS B 151 15.70 13.84 -48.57
N PRO B 152 14.46 13.37 -48.40
CA PRO B 152 14.27 12.03 -47.85
C PRO B 152 14.62 10.95 -48.86
N ALA B 153 14.75 9.73 -48.35
CA ALA B 153 15.09 8.60 -49.19
C ALA B 153 13.86 8.04 -49.91
N SER B 154 12.89 7.55 -49.16
CA SER B 154 11.83 6.72 -49.71
C SER B 154 10.51 7.46 -49.74
N LYS B 155 9.47 6.75 -50.20
CA LYS B 155 8.10 7.26 -50.24
C LYS B 155 7.41 7.18 -48.89
N GLN B 156 8.05 6.57 -47.89
CA GLN B 156 7.56 6.63 -46.53
C GLN B 156 7.53 8.07 -46.03
N ARG B 157 8.70 8.72 -46.02
CA ARG B 157 8.76 10.13 -45.73
C ARG B 157 8.25 10.94 -46.92
N SER B 158 8.09 12.24 -46.69
CA SER B 158 7.65 13.15 -47.73
C SER B 158 8.31 14.50 -47.50
N GLU B 159 7.95 15.47 -48.32
CA GLU B 159 8.48 16.81 -48.16
C GLU B 159 7.73 17.54 -47.05
N GLY B 160 8.45 18.33 -46.29
CA GLY B 160 7.87 19.07 -45.19
C GLY B 160 7.61 18.27 -43.94
N GLU B 161 7.94 16.99 -43.92
CA GLU B 161 7.75 16.22 -42.70
C GLU B 161 8.93 16.45 -41.77
N LYS B 162 8.72 16.16 -40.49
CA LYS B 162 9.78 16.26 -39.50
C LYS B 162 10.78 15.12 -39.70
N VAL B 163 12.06 15.46 -39.55
CA VAL B 163 13.12 14.47 -39.69
C VAL B 163 13.27 13.76 -38.36
N ARG B 164 12.91 12.49 -38.33
CA ARG B 164 13.00 11.70 -37.11
C ARG B 164 14.44 11.34 -36.81
N VAL B 165 14.66 10.86 -35.59
CA VAL B 165 15.96 10.30 -35.23
C VAL B 165 16.15 8.99 -36.00
N GLY B 166 17.24 8.92 -36.76
CA GLY B 166 17.51 7.73 -37.54
C GLY B 166 16.66 7.60 -38.79
N ASP B 167 16.69 8.61 -39.64
CA ASP B 167 16.07 8.55 -40.96
C ASP B 167 17.13 8.25 -42.01
N ASP B 168 16.66 7.93 -43.22
CA ASP B 168 17.52 7.74 -44.37
C ASP B 168 17.37 8.95 -45.29
N LEU B 169 18.48 9.53 -45.69
CA LEU B 169 18.48 10.81 -46.38
C LEU B 169 19.10 10.73 -47.77
N ILE B 170 18.71 11.68 -48.60
CA ILE B 170 19.40 12.02 -49.83
C ILE B 170 19.94 13.42 -49.64
N LEU B 171 21.24 13.58 -49.79
CA LEU B 171 21.90 14.87 -49.57
C LEU B 171 22.49 15.33 -50.90
N VAL B 172 21.90 16.38 -51.47
CA VAL B 172 22.31 16.97 -52.73
C VAL B 172 22.79 18.38 -52.43
N SER B 173 23.78 18.85 -53.19
CA SER B 173 24.45 20.12 -52.91
C SER B 173 23.53 21.31 -53.23
N VAL B 174 24.05 22.50 -52.93
CA VAL B 174 23.39 23.76 -53.22
C VAL B 174 24.10 24.52 -54.31
N SER B 175 25.43 24.64 -54.21
CA SER B 175 26.21 25.34 -55.21
C SER B 175 26.24 24.59 -56.53
N SER B 176 26.31 23.26 -56.47
CA SER B 176 26.39 22.46 -57.68
C SER B 176 25.16 21.60 -57.89
N GLU B 177 24.43 21.31 -56.80
CA GLU B 177 23.36 20.31 -56.76
C GLU B 177 23.86 18.95 -57.26
N ARG B 178 24.98 18.54 -56.70
CA ARG B 178 25.52 17.21 -56.91
C ARG B 178 25.33 16.40 -55.64
N TYR B 179 25.55 15.09 -55.75
CA TYR B 179 25.08 14.12 -54.77
C TYR B 179 25.97 14.10 -53.53
N LEU B 180 25.73 13.15 -52.64
CA LEU B 180 26.73 12.77 -51.65
C LEU B 180 27.04 11.33 -51.99
N HIS B 181 27.99 11.13 -52.89
CA HIS B 181 28.29 9.81 -53.41
C HIS B 181 29.31 9.11 -52.52
N LEU B 182 28.91 7.98 -51.93
CA LEU B 182 29.88 7.04 -51.39
C LEU B 182 30.53 6.36 -52.59
N SER B 183 31.64 6.92 -53.05
CA SER B 183 32.28 6.47 -54.27
C SER B 183 33.45 5.57 -53.91
N THR B 184 33.20 4.26 -53.93
CA THR B 184 34.30 3.32 -53.97
C THR B 184 34.83 3.24 -55.39
N ALA B 185 36.07 2.76 -55.52
CA ALA B 185 36.74 2.74 -56.80
C ALA B 185 37.70 1.57 -56.79
N SER B 186 38.69 1.61 -57.68
CA SER B 186 39.80 0.67 -57.63
C SER B 186 40.60 0.81 -56.34
N GLY B 187 40.63 2.00 -55.74
CA GLY B 187 41.23 2.19 -54.44
C GLY B 187 40.27 1.87 -53.30
N GLU B 188 40.17 2.78 -52.35
CA GLU B 188 39.32 2.57 -51.18
C GLU B 188 37.96 3.22 -51.40
N LEU B 189 37.11 3.18 -50.38
CA LEU B 189 35.80 3.82 -50.41
C LEU B 189 35.99 5.29 -50.08
N GLN B 190 35.65 6.16 -51.03
CA GLN B 190 35.88 7.59 -50.86
C GLN B 190 34.57 8.35 -50.96
N VAL B 191 34.65 9.66 -50.70
CA VAL B 191 33.50 10.54 -50.65
C VAL B 191 33.70 11.66 -51.65
N ASP B 192 32.69 11.92 -52.48
CA ASP B 192 32.70 13.04 -53.41
C ASP B 192 31.27 13.48 -53.68
N ALA B 193 31.09 14.41 -54.62
CA ALA B 193 29.77 14.83 -55.05
C ALA B 193 29.72 14.71 -56.58
N SER B 194 29.52 13.48 -57.05
CA SER B 194 29.52 13.30 -58.50
C SER B 194 28.30 12.59 -59.06
N PHE B 195 28.04 11.38 -58.56
CA PHE B 195 27.29 10.38 -59.30
C PHE B 195 25.95 10.03 -58.66
N MET B 196 25.96 9.52 -57.44
CA MET B 196 24.88 8.66 -56.98
C MET B 196 24.51 9.00 -55.55
N GLN B 197 23.27 8.63 -55.21
CA GLN B 197 22.74 8.77 -53.87
C GLN B 197 23.48 7.85 -52.90
N THR B 198 23.44 8.23 -51.63
CA THR B 198 23.89 7.37 -50.55
C THR B 198 23.02 7.66 -49.33
N LEU B 199 22.55 6.62 -48.67
CA LEU B 199 21.64 6.79 -47.54
C LEU B 199 22.46 7.02 -46.28
N TRP B 200 22.28 8.18 -45.66
CA TRP B 200 23.05 8.56 -44.48
C TRP B 200 22.15 8.66 -43.25
N ASN B 201 22.71 8.24 -42.12
CA ASN B 201 21.98 8.17 -40.87
C ASN B 201 22.43 9.31 -39.96
N MET B 202 21.56 10.28 -39.76
CA MET B 202 21.81 11.32 -38.78
C MET B 202 21.70 10.70 -37.40
N ASN B 203 22.84 10.35 -36.82
CA ASN B 203 22.86 9.78 -35.48
C ASN B 203 23.10 10.90 -34.49
N PRO B 204 22.11 11.30 -33.71
CA PRO B 204 22.26 12.48 -32.86
C PRO B 204 23.19 12.24 -31.68
N ILE B 205 24.49 12.41 -31.92
CA ILE B 205 25.49 11.94 -30.96
C ILE B 205 25.48 12.76 -29.68
N CYS B 206 24.98 14.00 -29.73
CA CYS B 206 24.77 14.80 -28.52
C CYS B 206 23.66 15.81 -28.80
N SER B 207 23.26 16.52 -27.76
CA SER B 207 22.18 17.49 -27.82
C SER B 207 22.37 18.46 -26.66
N CYS B 208 21.31 19.19 -26.31
CA CYS B 208 21.37 20.18 -25.25
C CYS B 208 21.58 19.51 -23.88
N CYS B 209 22.81 19.56 -23.38
CA CYS B 209 23.11 18.92 -22.11
C CYS B 209 22.66 19.78 -20.95
N GLU B 210 22.99 19.33 -19.75
CA GLU B 210 22.76 20.13 -18.55
C GLU B 210 24.07 20.68 -18.01
N GLU B 211 23.95 21.68 -17.16
CA GLU B 211 25.11 22.45 -16.71
C GLU B 211 25.95 21.64 -15.73
N GLY B 212 27.19 21.35 -16.12
CA GLY B 212 28.12 20.71 -15.21
C GLY B 212 27.88 19.24 -15.00
N TYR B 213 27.64 18.49 -16.07
CA TYR B 213 27.43 17.05 -15.98
C TYR B 213 28.25 16.34 -17.04
N VAL B 214 28.85 15.22 -16.66
CA VAL B 214 29.83 14.53 -17.49
C VAL B 214 29.12 13.82 -18.64
N THR B 215 29.46 14.20 -19.86
CA THR B 215 29.10 13.47 -21.07
C THR B 215 30.36 12.97 -21.75
N GLY B 216 30.19 12.31 -22.90
CA GLY B 216 31.30 11.66 -23.58
C GLY B 216 32.14 12.62 -24.41
N GLY B 217 33.23 12.06 -24.94
CA GLY B 217 34.10 12.80 -25.84
C GLY B 217 34.87 13.92 -25.21
N HIS B 218 35.30 13.75 -23.97
CA HIS B 218 35.82 14.86 -23.18
C HIS B 218 37.31 14.70 -22.89
N VAL B 219 38.06 15.76 -23.22
CA VAL B 219 39.49 15.85 -23.01
C VAL B 219 39.68 16.47 -21.63
N LEU B 220 39.78 15.63 -20.61
CA LEU B 220 39.74 16.10 -19.24
C LEU B 220 40.99 15.64 -18.50
N ARG B 221 41.20 16.24 -17.32
CA ARG B 221 42.24 15.81 -16.41
C ARG B 221 41.61 14.99 -15.29
N LEU B 222 42.44 14.14 -14.67
CA LEU B 222 41.97 13.08 -13.78
C LEU B 222 42.59 13.30 -12.42
N PHE B 223 41.92 14.08 -11.57
CA PHE B 223 42.51 14.54 -10.33
C PHE B 223 42.54 13.44 -9.28
N HIS B 224 43.75 13.11 -8.82
CA HIS B 224 43.95 12.19 -7.72
C HIS B 224 44.19 12.98 -6.44
N GLY B 225 43.86 12.36 -5.31
CA GLY B 225 43.95 13.06 -4.04
C GLY B 225 42.78 14.00 -3.87
N HIS B 226 43.01 15.12 -3.20
CA HIS B 226 41.95 16.09 -2.93
C HIS B 226 42.29 17.46 -3.50
N MET B 227 43.52 17.93 -3.33
CA MET B 227 43.87 19.31 -3.69
C MET B 227 44.56 19.43 -5.03
N ASP B 228 45.75 18.85 -5.20
CA ASP B 228 46.54 19.08 -6.42
C ASP B 228 47.40 17.85 -6.72
N GLU B 229 46.88 16.98 -7.58
CA GLU B 229 47.55 15.81 -8.12
C GLU B 229 46.67 15.26 -9.22
N CYS B 230 47.27 14.86 -10.33
CA CYS B 230 46.48 14.30 -11.42
C CYS B 230 47.27 13.21 -12.13
N LEU B 231 46.60 12.58 -13.09
CA LEU B 231 47.14 11.45 -13.84
C LEU B 231 48.14 11.95 -14.88
N THR B 232 49.22 11.19 -15.07
CA THR B 232 50.15 11.48 -16.14
C THR B 232 50.80 10.18 -16.60
N ILE B 233 51.53 10.30 -17.71
CA ILE B 233 52.40 9.23 -18.20
C ILE B 233 53.79 9.81 -18.26
N SER B 234 54.75 9.02 -18.74
CA SER B 234 56.10 9.52 -18.94
C SER B 234 56.13 10.51 -20.10
N ALA B 235 57.10 11.44 -20.03
CA ALA B 235 57.18 12.54 -20.97
C ALA B 235 57.70 12.06 -22.32
N ALA B 236 57.83 13.00 -23.25
CA ALA B 236 58.40 12.69 -24.56
C ALA B 236 59.90 12.43 -24.42
N ASP B 237 60.43 11.67 -25.39
CA ASP B 237 61.83 11.23 -25.46
C ASP B 237 62.24 10.45 -24.20
N SER B 238 61.31 9.68 -23.67
CA SER B 238 61.55 8.84 -22.50
C SER B 238 61.79 7.40 -22.96
N ASP B 239 62.50 6.65 -22.11
CA ASP B 239 62.85 5.27 -22.41
C ASP B 239 61.66 4.32 -22.40
N ASP B 240 60.55 4.73 -21.78
CA ASP B 240 59.31 3.96 -21.84
C ASP B 240 58.74 3.85 -23.24
N GLN B 241 59.06 4.81 -24.12
CA GLN B 241 58.26 5.18 -25.29
C GLN B 241 56.81 5.45 -24.90
N ARG B 242 56.64 6.08 -23.74
CA ARG B 242 55.36 6.57 -23.20
C ARG B 242 54.35 5.43 -23.06
N ARG B 243 54.65 4.51 -22.15
CA ARG B 243 53.82 3.34 -21.91
C ARG B 243 53.35 3.20 -20.47
N LEU B 244 53.98 3.86 -19.51
CA LEU B 244 53.68 3.62 -18.12
C LEU B 244 52.75 4.69 -17.57
N VAL B 245 52.10 4.38 -16.45
CA VAL B 245 51.03 5.20 -15.89
C VAL B 245 51.50 5.72 -14.54
N TYR B 246 51.42 7.03 -14.36
CA TYR B 246 52.08 7.67 -13.22
C TYR B 246 51.11 8.57 -12.46
N TYR B 247 51.62 9.10 -11.36
CA TYR B 247 50.98 10.15 -10.59
C TYR B 247 51.94 11.33 -10.47
N GLU B 248 51.38 12.54 -10.44
CA GLU B 248 52.20 13.74 -10.42
C GLU B 248 51.40 14.88 -9.83
N GLY B 249 52.08 15.71 -9.03
CA GLY B 249 51.46 16.87 -8.42
C GLY B 249 51.28 18.04 -9.37
N GLY B 250 51.45 19.26 -8.86
CA GLY B 250 51.02 20.45 -9.56
C GLY B 250 51.91 20.94 -10.68
N ALA B 251 52.40 20.03 -11.53
CA ALA B 251 53.14 20.41 -12.72
C ALA B 251 52.41 20.02 -13.98
N VAL B 252 52.06 18.73 -14.14
CA VAL B 252 51.43 18.26 -15.36
C VAL B 252 49.96 18.66 -15.46
N CYS B 253 49.40 19.22 -14.38
CA CYS B 253 48.03 19.71 -14.37
C CYS B 253 47.81 20.94 -15.25
N THR B 254 48.88 21.52 -15.81
CA THR B 254 48.77 22.52 -16.86
C THR B 254 49.37 22.02 -18.17
N HIS B 255 49.66 20.73 -18.26
CA HIS B 255 50.43 20.18 -19.38
C HIS B 255 49.54 19.30 -20.26
N ALA B 256 50.17 18.64 -21.23
CA ALA B 256 49.46 17.84 -22.21
C ALA B 256 49.34 16.36 -21.82
N ARG B 257 50.19 15.87 -20.91
CA ARG B 257 50.13 14.45 -20.56
C ARG B 257 48.94 14.14 -19.68
N SER B 258 48.43 15.13 -18.96
CA SER B 258 47.26 14.94 -18.11
C SER B 258 45.95 14.95 -18.87
N LEU B 259 45.98 15.05 -20.19
CA LEU B 259 44.78 15.19 -21.00
C LEU B 259 44.39 13.85 -21.59
N TRP B 260 43.15 13.44 -21.34
CA TRP B 260 42.66 12.11 -21.66
C TRP B 260 41.26 12.23 -22.23
N ARG B 261 40.99 11.47 -23.29
CA ARG B 261 39.68 11.47 -23.94
C ARG B 261 38.89 10.27 -23.48
N LEU B 262 37.63 10.50 -23.07
CA LEU B 262 36.70 9.43 -22.77
C LEU B 262 35.93 9.07 -24.03
N GLU B 263 35.84 7.78 -24.31
CA GLU B 263 35.13 7.28 -25.49
C GLU B 263 34.26 6.10 -25.08
N PRO B 264 32.97 6.30 -24.80
CA PRO B 264 32.11 5.18 -24.42
C PRO B 264 31.81 4.26 -25.60
N LEU B 265 31.28 3.09 -25.24
CA LEU B 265 31.05 2.00 -26.18
C LEU B 265 29.67 2.11 -26.81
N ARG B 266 29.37 3.28 -27.36
CA ARG B 266 28.09 3.55 -27.99
C ARG B 266 28.32 4.14 -29.37
N ILE B 267 27.42 3.80 -30.29
CA ILE B 267 27.43 4.36 -31.63
C ILE B 267 26.62 5.65 -31.68
N SER B 268 25.45 5.66 -31.06
CA SER B 268 24.64 6.87 -30.93
C SER B 268 24.56 7.28 -29.46
N TRP B 269 24.54 8.60 -29.26
CA TRP B 269 24.47 9.25 -27.94
C TRP B 269 25.62 8.82 -27.05
N SER B 270 26.82 8.72 -27.61
CA SER B 270 28.01 8.58 -26.79
C SER B 270 28.29 9.88 -26.04
N GLY B 271 27.88 11.01 -26.62
CA GLY B 271 27.99 12.29 -25.97
C GLY B 271 26.77 12.62 -25.12
N SER B 272 25.96 11.61 -24.82
CA SER B 272 24.94 11.75 -23.80
C SER B 272 25.59 11.71 -22.42
N HIS B 273 24.80 12.01 -21.38
CA HIS B 273 25.31 12.07 -20.02
C HIS B 273 25.80 10.71 -19.56
N LEU B 274 27.11 10.62 -19.30
CA LEU B 274 27.73 9.39 -18.84
C LEU B 274 27.28 9.10 -17.41
N ARG B 275 26.95 7.84 -17.16
CA ARG B 275 26.27 7.44 -15.94
C ARG B 275 27.04 6.32 -15.27
N TRP B 276 26.58 5.91 -14.09
CA TRP B 276 27.24 4.82 -13.40
C TRP B 276 26.89 3.50 -14.06
N GLY B 277 27.78 2.52 -13.89
CA GLY B 277 27.59 1.20 -14.48
C GLY B 277 27.63 1.21 -15.99
N GLN B 278 28.58 1.94 -16.56
CA GLN B 278 28.55 2.17 -17.99
C GLN B 278 29.95 2.01 -18.56
N PRO B 279 30.21 0.94 -19.31
CA PRO B 279 31.57 0.67 -19.79
C PRO B 279 31.98 1.61 -20.90
N LEU B 280 33.29 1.76 -21.07
CA LEU B 280 33.82 2.76 -22.00
C LEU B 280 35.25 2.41 -22.38
N ARG B 281 35.85 3.33 -23.13
CA ARG B 281 37.24 3.25 -23.57
C ARG B 281 37.93 4.58 -23.31
N ILE B 282 39.17 4.51 -22.82
CA ILE B 282 39.93 5.70 -22.45
C ILE B 282 41.01 5.93 -23.49
N ARG B 283 41.02 7.11 -24.09
CA ARG B 283 42.05 7.53 -25.02
C ARG B 283 42.87 8.64 -24.37
N HIS B 284 44.19 8.59 -24.54
CA HIS B 284 44.98 9.77 -24.29
C HIS B 284 45.08 10.58 -25.56
N VAL B 285 44.98 11.90 -25.42
CA VAL B 285 44.75 12.74 -26.58
C VAL B 285 46.03 13.04 -27.33
N THR B 286 46.98 13.70 -26.67
CA THR B 286 48.21 14.10 -27.34
C THR B 286 49.10 12.92 -27.65
N THR B 287 49.05 11.88 -26.81
CA THR B 287 49.71 10.62 -27.13
C THR B 287 49.00 9.88 -28.25
N GLY B 288 47.68 9.95 -28.28
CA GLY B 288 46.93 9.24 -29.30
C GLY B 288 46.80 7.76 -29.03
N ARG B 289 46.94 7.35 -27.77
CA ARG B 289 46.92 5.93 -27.43
C ARG B 289 45.80 5.63 -26.45
N TYR B 290 45.69 4.37 -26.02
CA TYR B 290 44.60 3.93 -25.18
C TYR B 290 45.17 3.25 -23.94
N LEU B 291 44.32 3.06 -22.94
CA LEU B 291 44.70 2.42 -21.69
C LEU B 291 44.05 1.06 -21.60
N ALA B 292 44.85 0.03 -21.32
CA ALA B 292 44.33 -1.32 -21.20
C ALA B 292 45.28 -2.14 -20.33
N LEU B 293 44.74 -3.23 -19.80
CA LEU B 293 45.51 -4.30 -19.18
C LEU B 293 45.42 -5.51 -20.11
N THR B 294 46.49 -5.79 -20.85
CA THR B 294 46.36 -6.74 -21.95
C THR B 294 46.41 -8.18 -21.45
N GLU B 295 47.58 -8.63 -20.98
CA GLU B 295 47.61 -9.94 -20.33
C GLU B 295 48.43 -9.96 -19.04
N ASP B 296 49.61 -9.36 -19.07
CA ASP B 296 50.54 -9.48 -17.96
C ASP B 296 51.32 -8.23 -17.62
N GLN B 297 51.34 -7.21 -18.49
CA GLN B 297 52.27 -6.09 -18.39
C GLN B 297 52.01 -5.18 -17.20
N GLY B 298 50.84 -5.27 -16.59
CA GLY B 298 50.42 -4.27 -15.63
C GLY B 298 49.68 -3.16 -16.35
N LEU B 299 49.50 -2.04 -15.63
CA LEU B 299 48.74 -0.93 -16.19
C LEU B 299 49.62 -0.19 -17.18
N VAL B 300 49.51 -0.55 -18.46
CA VAL B 300 50.32 0.02 -19.51
C VAL B 300 49.43 0.74 -20.51
N VAL B 301 50.02 1.65 -21.28
CA VAL B 301 49.31 2.46 -22.25
C VAL B 301 49.33 1.71 -23.57
N VAL B 302 48.21 1.11 -23.92
CA VAL B 302 48.12 0.22 -25.06
C VAL B 302 48.01 1.08 -26.33
N ASP B 303 48.15 0.44 -27.49
CA ASP B 303 48.05 1.17 -28.75
C ASP B 303 46.60 1.19 -29.23
N ALA B 304 46.39 1.65 -30.47
CA ALA B 304 45.07 1.87 -31.04
C ALA B 304 44.53 0.65 -31.76
N CYS B 305 45.07 -0.54 -31.48
CA CYS B 305 44.58 -1.76 -32.08
C CYS B 305 44.41 -2.90 -31.08
N LYS B 306 44.95 -2.77 -29.87
CA LYS B 306 44.82 -3.78 -28.83
C LYS B 306 44.01 -3.24 -27.66
N ALA B 307 42.94 -2.50 -27.97
CA ALA B 307 42.09 -1.89 -26.97
C ALA B 307 40.70 -2.48 -27.10
N HIS B 308 40.65 -3.80 -27.17
CA HIS B 308 39.53 -4.55 -27.73
C HIS B 308 38.41 -4.91 -26.76
N THR B 309 37.94 -3.92 -25.95
CA THR B 309 36.73 -3.95 -25.13
C THR B 309 36.80 -4.98 -23.98
N LYS B 310 37.84 -5.82 -23.98
CA LYS B 310 38.14 -6.79 -22.94
C LYS B 310 39.42 -6.38 -22.22
N ALA B 311 40.42 -5.97 -22.99
CA ALA B 311 41.62 -5.39 -22.42
C ALA B 311 41.35 -4.01 -21.85
N THR B 312 40.54 -3.19 -22.55
CA THR B 312 40.27 -1.87 -22.02
C THR B 312 39.28 -1.93 -20.87
N SER B 313 38.02 -2.29 -21.16
CA SER B 313 36.94 -2.57 -20.22
C SER B 313 36.82 -1.65 -19.02
N PHE B 314 36.53 -0.38 -19.23
CA PHE B 314 36.62 0.59 -18.14
C PHE B 314 35.27 1.21 -17.85
N CYS B 315 34.97 1.33 -16.56
CA CYS B 315 33.76 1.97 -16.07
C CYS B 315 34.05 2.56 -14.70
N PHE B 316 33.07 3.30 -14.19
CA PHE B 316 33.20 4.05 -12.96
C PHE B 316 32.30 3.45 -11.89
N ARG B 317 32.79 3.43 -10.66
CA ARG B 317 32.08 2.86 -9.54
C ARG B 317 31.90 3.90 -8.44
N VAL B 318 30.79 3.78 -7.72
CA VAL B 318 30.59 4.63 -6.55
C VAL B 318 31.43 4.12 -5.39
N SER B 319 31.48 2.81 -5.21
CA SER B 319 32.37 2.16 -4.27
C SER B 319 32.68 0.77 -4.82
N LYS B 320 33.17 -0.13 -3.98
CA LYS B 320 33.76 -1.37 -4.48
C LYS B 320 32.90 -2.57 -4.10
N GLU B 321 31.59 -2.44 -4.30
CA GLU B 321 30.58 -3.37 -3.80
C GLU B 321 30.40 -4.56 -4.75
N LYS B 322 29.28 -5.26 -4.60
CA LYS B 322 29.00 -6.60 -5.12
C LYS B 322 28.29 -6.59 -6.47
N LEU B 323 28.64 -5.59 -7.31
CA LEU B 323 27.86 -5.09 -8.45
C LEU B 323 27.21 -6.17 -9.33
N ASP B 324 25.98 -5.88 -9.76
CA ASP B 324 25.26 -6.77 -10.66
C ASP B 324 25.50 -6.42 -12.13
N THR B 325 25.87 -5.17 -12.42
CA THR B 325 26.35 -4.72 -13.74
C THR B 325 25.31 -4.92 -14.84
N ALA B 326 24.04 -4.75 -14.51
CA ALA B 326 23.00 -4.89 -15.52
C ALA B 326 22.15 -3.62 -15.56
N PRO B 327 22.79 -2.45 -15.59
CA PRO B 327 22.07 -1.19 -15.85
C PRO B 327 22.26 -0.64 -17.25
N LYS B 328 22.80 -1.44 -18.18
CA LYS B 328 23.23 -0.94 -19.49
C LYS B 328 22.10 -1.15 -20.50
N ARG B 329 21.05 -0.35 -20.36
CA ARG B 329 20.05 -0.19 -21.41
C ARG B 329 20.27 1.18 -22.02
N ASP B 330 20.12 1.27 -23.35
CA ASP B 330 20.50 2.49 -24.06
C ASP B 330 19.53 3.64 -23.77
N VAL B 331 20.06 4.85 -23.83
CA VAL B 331 19.26 6.06 -23.71
C VAL B 331 19.45 6.88 -24.98
N GLU B 332 18.36 7.06 -25.73
CA GLU B 332 18.41 7.78 -26.99
C GLU B 332 18.14 9.28 -26.83
N GLY B 333 18.41 9.82 -25.66
CA GLY B 333 18.47 11.26 -25.45
C GLY B 333 19.74 11.55 -24.69
N MET B 334 19.80 12.71 -24.06
CA MET B 334 20.94 13.03 -23.21
C MET B 334 20.92 12.20 -21.93
N GLY B 335 19.76 11.79 -21.47
CA GLY B 335 19.64 10.98 -20.29
C GLY B 335 19.56 11.81 -19.03
N PRO B 336 19.21 11.18 -17.91
CA PRO B 336 19.30 11.86 -16.62
C PRO B 336 20.75 12.14 -16.28
N PRO B 337 21.12 13.42 -16.13
CA PRO B 337 22.52 13.77 -15.93
C PRO B 337 22.98 13.44 -14.51
N GLU B 338 23.83 12.41 -14.39
CA GLU B 338 24.25 11.93 -13.08
C GLU B 338 25.59 12.50 -12.67
N ILE B 339 26.64 12.24 -13.43
CA ILE B 339 28.00 12.42 -12.97
C ILE B 339 28.42 13.87 -13.21
N LYS B 340 28.83 14.54 -12.13
CA LYS B 340 29.22 15.94 -12.17
C LYS B 340 30.72 16.09 -12.24
N TYR B 341 31.18 17.34 -12.34
CA TYR B 341 32.60 17.64 -12.41
C TYR B 341 33.11 18.05 -11.03
N GLY B 342 34.10 17.32 -10.54
CA GLY B 342 34.70 17.61 -9.25
C GLY B 342 33.89 17.23 -8.04
N GLU B 343 32.66 16.75 -8.23
CA GLU B 343 31.76 16.43 -7.12
C GLU B 343 31.19 15.02 -7.26
N SER B 344 31.84 14.15 -8.02
CA SER B 344 31.31 12.82 -8.26
C SER B 344 32.01 11.76 -7.41
N LEU B 345 33.34 11.87 -7.28
CA LEU B 345 34.21 10.94 -6.56
C LEU B 345 34.09 9.51 -7.11
N CYS B 346 34.56 9.37 -8.34
CA CYS B 346 34.42 8.13 -9.10
C CYS B 346 35.47 7.11 -8.67
N PHE B 347 35.34 5.90 -9.21
CA PHE B 347 36.30 4.83 -8.97
C PHE B 347 36.39 3.98 -10.23
N VAL B 348 37.53 4.06 -10.91
CA VAL B 348 37.73 3.32 -12.15
C VAL B 348 37.93 1.85 -11.83
N GLN B 349 36.99 1.02 -12.24
CA GLN B 349 37.14 -0.42 -12.14
C GLN B 349 37.23 -0.99 -13.55
N HIS B 350 38.16 -1.93 -13.73
CA HIS B 350 38.20 -2.69 -14.95
C HIS B 350 36.96 -3.59 -15.03
N VAL B 351 36.24 -3.50 -16.14
CA VAL B 351 34.95 -4.17 -16.25
C VAL B 351 35.11 -5.68 -16.35
N ALA B 352 35.99 -6.13 -17.26
CA ALA B 352 36.12 -7.55 -17.53
C ALA B 352 36.81 -8.28 -16.38
N SER B 353 37.94 -7.75 -15.92
CA SER B 353 38.72 -8.42 -14.89
C SER B 353 38.24 -8.09 -13.48
N GLY B 354 37.39 -7.07 -13.31
CA GLY B 354 36.95 -6.72 -11.98
C GLY B 354 37.95 -5.95 -11.16
N LEU B 355 38.90 -5.29 -11.79
CA LEU B 355 40.01 -4.67 -11.09
C LEU B 355 39.81 -3.17 -10.91
N TRP B 356 39.77 -2.75 -9.65
CA TRP B 356 39.73 -1.32 -9.32
C TRP B 356 41.11 -0.70 -9.47
N LEU B 357 41.12 0.58 -9.78
CA LEU B 357 42.38 1.30 -9.94
C LEU B 357 42.81 1.87 -8.60
N THR B 358 44.10 1.75 -8.31
CA THR B 358 44.69 2.37 -7.14
C THR B 358 46.17 2.59 -7.42
N TYR B 359 46.82 3.31 -6.52
CA TYR B 359 48.27 3.51 -6.65
C TYR B 359 49.02 2.29 -6.15
N ALA B 360 50.16 2.03 -6.78
CA ALA B 360 51.15 1.08 -6.28
C ALA B 360 52.14 1.76 -5.34
N ALA B 361 52.75 2.86 -5.81
CA ALA B 361 53.73 3.71 -5.13
C ALA B 361 54.90 2.90 -4.60
N PRO B 362 55.38 1.90 -5.34
CA PRO B 362 56.59 1.19 -4.92
C PRO B 362 57.85 1.91 -5.37
N ASP B 363 58.67 2.33 -4.42
CA ASP B 363 59.91 3.04 -4.73
C ASP B 363 60.98 2.74 -3.68
N PRO B 364 62.25 2.87 -4.05
CA PRO B 364 63.32 2.62 -3.07
C PRO B 364 63.62 3.85 -2.21
N LYS B 365 64.64 3.75 -1.36
CA LYS B 365 65.03 4.88 -0.53
C LYS B 365 65.65 6.00 -1.36
N ALA B 366 66.45 5.63 -2.37
CA ALA B 366 66.97 6.60 -3.31
C ALA B 366 65.90 7.11 -4.27
N LEU B 367 64.88 6.30 -4.56
CA LEU B 367 63.78 6.75 -5.38
C LEU B 367 62.81 7.63 -4.61
N ARG B 368 62.63 7.36 -3.31
CA ARG B 368 61.83 8.25 -2.47
C ARG B 368 62.49 9.61 -2.30
N LEU B 369 63.83 9.64 -2.25
CA LEU B 369 64.59 10.87 -2.31
C LEU B 369 64.83 11.33 -3.73
N GLY B 370 64.38 10.57 -4.74
CA GLY B 370 64.59 10.94 -6.11
C GLY B 370 63.30 11.26 -6.86
N VAL B 371 62.83 10.30 -7.65
CA VAL B 371 61.67 10.50 -8.51
C VAL B 371 60.40 10.47 -7.66
N LEU B 372 59.72 11.61 -7.57
CA LEU B 372 58.45 11.71 -6.86
C LEU B 372 57.33 11.29 -7.81
N LYS B 373 57.30 9.97 -8.07
CA LYS B 373 56.38 9.37 -9.01
C LYS B 373 55.74 8.14 -8.38
N LYS B 374 54.42 8.08 -8.45
CA LYS B 374 53.68 6.90 -8.00
C LYS B 374 53.01 6.26 -9.20
N LYS B 375 52.93 4.93 -9.18
CA LYS B 375 52.39 4.18 -10.31
C LYS B 375 51.00 3.69 -9.97
N ALA B 376 50.08 3.81 -10.93
CA ALA B 376 48.74 3.26 -10.80
C ALA B 376 48.72 1.82 -11.29
N ILE B 377 48.09 0.95 -10.50
CA ILE B 377 47.92 -0.46 -10.85
C ILE B 377 46.45 -0.84 -10.68
N LEU B 378 46.01 -1.80 -11.47
CA LEU B 378 44.66 -2.36 -11.38
C LEU B 378 44.70 -3.44 -10.32
N HIS B 379 44.05 -3.17 -9.19
CA HIS B 379 44.15 -4.03 -8.02
C HIS B 379 42.77 -4.49 -7.56
N GLN B 380 42.73 -5.66 -6.92
CA GLN B 380 41.46 -6.26 -6.49
C GLN B 380 40.83 -5.55 -5.32
N GLU B 381 41.61 -4.86 -4.50
CA GLU B 381 41.11 -4.23 -3.28
C GLU B 381 41.26 -2.72 -3.30
N GLY B 382 42.44 -2.23 -3.62
CA GLY B 382 42.68 -0.81 -3.72
C GLY B 382 42.92 -0.16 -2.38
N HIS B 383 43.46 1.05 -2.44
CA HIS B 383 43.61 1.85 -1.25
C HIS B 383 42.31 2.61 -0.99
N MET B 384 42.23 3.31 0.13
CA MET B 384 41.00 4.00 0.53
C MET B 384 41.01 5.47 0.11
N ASP B 385 42.00 5.89 -0.67
CA ASP B 385 42.17 7.29 -1.05
C ASP B 385 42.42 7.43 -2.54
N ASP B 386 41.59 6.79 -3.36
CA ASP B 386 41.59 7.08 -4.78
C ASP B 386 41.01 8.47 -5.04
N ALA B 387 39.73 8.66 -4.67
CA ALA B 387 39.06 9.97 -4.61
C ALA B 387 39.05 10.71 -5.95
N LEU B 388 38.88 9.96 -7.04
CA LEU B 388 39.03 10.53 -8.38
C LEU B 388 37.81 11.37 -8.71
N PHE B 389 37.95 12.68 -8.53
CA PHE B 389 36.94 13.65 -8.95
C PHE B 389 37.41 14.32 -10.23
N LEU B 390 36.49 14.41 -11.19
CA LEU B 390 36.87 14.71 -12.57
C LEU B 390 36.83 16.20 -12.85
N THR B 391 37.71 16.65 -13.74
CA THR B 391 37.85 18.05 -14.07
C THR B 391 38.09 18.20 -15.56
N ARG B 392 37.16 18.86 -16.24
CA ARG B 392 37.21 19.09 -17.68
C ARG B 392 37.48 20.57 -17.93
N CYS B 393 38.34 20.86 -18.89
CA CYS B 393 38.65 22.23 -19.30
C CYS B 393 38.21 22.40 -20.75
N GLN B 394 36.99 22.90 -20.93
CA GLN B 394 36.38 22.97 -22.26
C GLN B 394 36.83 24.26 -22.93
N GLN B 395 37.93 24.18 -23.70
CA GLN B 395 38.43 25.33 -24.43
C GLN B 395 39.31 24.84 -25.59
N GLU B 396 40.06 25.78 -26.16
CA GLU B 396 41.00 25.48 -27.23
C GLU B 396 42.16 24.61 -26.76
N GLU B 397 42.42 24.59 -25.45
CA GLU B 397 43.36 23.62 -24.88
C GLU B 397 42.94 22.19 -25.20
N SER B 398 41.64 21.91 -25.14
CA SER B 398 41.14 20.64 -25.65
C SER B 398 41.33 20.55 -27.17
N GLN B 399 41.18 21.66 -27.87
CA GLN B 399 41.33 21.65 -29.31
C GLN B 399 42.80 21.52 -29.73
N ALA B 400 43.69 22.22 -29.04
CA ALA B 400 45.11 22.18 -29.41
C ALA B 400 45.74 20.85 -29.06
N ALA B 401 45.14 20.10 -28.12
CA ALA B 401 45.71 18.83 -27.70
C ALA B 401 45.59 17.78 -28.80
N ARG B 402 44.49 17.80 -29.54
CA ARG B 402 44.33 16.89 -30.67
C ARG B 402 45.28 17.23 -31.80
N MET B 403 45.62 18.51 -31.95
CA MET B 403 46.57 18.95 -32.96
C MET B 403 47.95 18.36 -32.73
N ILE B 404 48.32 18.13 -31.46
CA ILE B 404 49.65 17.67 -31.12
C ILE B 404 49.86 16.23 -31.56
N HIS B 405 48.88 15.35 -31.31
CA HIS B 405 48.96 14.00 -31.85
C HIS B 405 48.86 14.01 -33.37
N SER B 406 48.11 14.95 -33.93
CA SER B 406 48.06 15.10 -35.38
C SER B 406 49.35 15.70 -35.92
N THR B 407 50.12 16.38 -35.08
CA THR B 407 51.39 16.96 -35.52
C THR B 407 52.45 15.89 -35.69
N ALA B 408 52.74 15.15 -34.62
CA ALA B 408 53.78 14.13 -34.66
C ALA B 408 53.35 12.92 -35.48
N GLY B 409 52.04 12.72 -35.66
CA GLY B 409 51.57 11.66 -36.53
C GLY B 409 51.92 11.86 -37.98
N LEU B 410 52.08 13.11 -38.43
CA LEU B 410 52.47 13.41 -39.79
C LEU B 410 53.97 13.43 -39.98
N TYR B 411 54.72 13.86 -38.97
CA TYR B 411 56.16 14.02 -39.12
C TYR B 411 56.87 12.68 -39.06
N ASN B 412 56.57 11.88 -38.03
CA ASN B 412 57.33 10.66 -37.79
C ASN B 412 57.02 9.56 -38.79
N GLN B 413 55.95 9.69 -39.56
CA GLN B 413 55.75 8.81 -40.72
C GLN B 413 56.48 9.32 -41.94
N PHE B 414 56.87 10.59 -41.95
CA PHE B 414 57.51 11.26 -43.07
C PHE B 414 59.01 11.43 -42.88
N ILE B 415 59.45 11.65 -41.64
CA ILE B 415 60.88 11.75 -41.33
C ILE B 415 61.57 10.40 -41.58
N LYS B 416 60.87 9.29 -41.34
CA LYS B 416 61.41 7.99 -41.72
C LYS B 416 61.52 7.83 -43.23
N GLY B 417 60.70 8.56 -43.99
CA GLY B 417 60.88 8.63 -45.43
C GLY B 417 62.13 9.37 -45.85
N LEU B 418 62.60 10.33 -45.03
CA LEU B 418 63.87 10.98 -45.32
C LEU B 418 65.06 10.07 -45.09
N ASP B 419 64.90 9.03 -44.27
CA ASP B 419 66.00 8.11 -44.02
C ASP B 419 66.08 6.99 -45.04
N SER B 420 65.14 6.96 -46.00
CA SER B 420 65.18 5.96 -47.06
C SER B 420 66.16 6.30 -48.17
N PHE B 421 66.45 7.59 -48.35
CA PHE B 421 67.35 8.05 -49.41
C PHE B 421 68.48 8.91 -48.84
N SER B 422 68.62 8.92 -47.51
CA SER B 422 69.61 9.80 -46.87
C SER B 422 71.02 9.33 -47.16
N GLY B 423 71.25 8.02 -47.11
CA GLY B 423 72.55 7.48 -47.43
C GLY B 423 72.52 6.68 -48.73
N LYS B 424 71.40 6.76 -49.45
CA LYS B 424 71.22 6.00 -50.66
C LYS B 424 71.05 6.97 -51.83
N PRO B 425 71.87 6.88 -52.86
CA PRO B 425 71.72 7.78 -54.01
C PRO B 425 70.51 7.44 -54.87
N ARG B 426 70.36 8.20 -55.96
CA ARG B 426 69.20 8.11 -56.84
C ARG B 426 69.60 7.24 -58.02
N GLY B 427 69.13 6.00 -58.03
CA GLY B 427 69.29 5.16 -59.20
C GLY B 427 68.46 5.68 -60.35
N SER B 428 68.95 5.42 -61.57
CA SER B 428 68.25 5.81 -62.80
C SER B 428 66.99 4.96 -62.92
N GLY B 429 65.85 5.58 -62.66
CA GLY B 429 64.61 4.87 -62.51
C GLY B 429 64.00 5.13 -61.16
N PRO B 430 64.00 4.14 -60.28
CA PRO B 430 63.50 4.33 -58.92
C PRO B 430 64.43 5.21 -58.10
N PRO B 431 63.94 6.34 -57.59
CA PRO B 431 64.82 7.25 -56.85
C PRO B 431 65.05 6.83 -55.40
N ALA B 432 64.04 6.25 -54.78
CA ALA B 432 64.06 5.93 -53.35
C ALA B 432 63.07 4.80 -53.12
N GLY B 433 62.70 4.61 -51.85
CA GLY B 433 61.82 3.54 -51.47
C GLY B 433 60.38 3.98 -51.32
N PRO B 434 59.95 4.22 -50.09
CA PRO B 434 58.56 4.65 -49.87
C PRO B 434 58.32 6.07 -50.35
N ALA B 435 57.06 6.33 -50.73
CA ALA B 435 56.69 7.63 -51.27
C ALA B 435 56.60 8.67 -50.15
N LEU B 436 56.95 9.91 -50.51
CA LEU B 436 56.95 11.00 -49.55
C LEU B 436 55.66 11.78 -49.64
N PRO B 437 54.86 11.85 -48.58
CA PRO B 437 53.76 12.82 -48.53
C PRO B 437 54.31 14.24 -48.45
N ILE B 438 54.14 15.00 -49.53
CA ILE B 438 54.73 16.32 -49.66
C ILE B 438 53.68 17.41 -49.56
N GLU B 439 52.58 17.25 -50.28
CA GLU B 439 51.58 18.32 -50.39
C GLU B 439 50.81 18.48 -49.09
N ALA B 440 50.57 17.39 -48.37
CA ALA B 440 49.85 17.48 -47.11
C ALA B 440 50.71 18.07 -46.00
N VAL B 441 52.03 17.89 -46.08
CA VAL B 441 52.91 18.44 -45.05
C VAL B 441 53.00 19.96 -45.20
N ILE B 442 53.20 20.44 -46.42
CA ILE B 442 53.24 21.88 -46.70
C ILE B 442 51.90 22.53 -46.40
N LEU B 443 50.80 21.79 -46.62
CA LEU B 443 49.49 22.24 -46.19
C LEU B 443 49.40 22.38 -44.69
N SER B 444 50.02 21.46 -43.96
CA SER B 444 49.93 21.45 -42.50
C SER B 444 50.75 22.56 -41.86
N LEU B 445 51.91 22.87 -42.44
CA LEU B 445 52.73 23.94 -41.88
C LEU B 445 52.10 25.31 -42.10
N GLN B 446 51.38 25.49 -43.21
CA GLN B 446 50.68 26.75 -43.45
C GLN B 446 49.55 26.96 -42.46
N ASP B 447 48.94 25.86 -41.99
CA ASP B 447 47.84 25.97 -41.05
C ASP B 447 48.33 26.37 -39.67
N LEU B 448 49.60 26.09 -39.36
CA LEU B 448 50.14 26.37 -38.05
C LEU B 448 50.76 27.76 -37.95
N ILE B 449 51.16 28.34 -39.07
CA ILE B 449 51.75 29.68 -39.04
C ILE B 449 50.68 30.72 -38.71
N GLY B 450 49.54 30.66 -39.40
CA GLY B 450 48.41 31.49 -39.03
C GLY B 450 47.80 31.12 -37.70
N TYR B 451 48.00 29.88 -37.25
CA TYR B 451 47.58 29.49 -35.92
C TYR B 451 48.38 30.23 -34.85
N PHE B 452 49.67 30.48 -35.09
CA PHE B 452 50.50 31.26 -34.19
C PHE B 452 50.72 32.67 -34.72
N GLU B 453 49.71 33.23 -35.37
CA GLU B 453 49.84 34.59 -35.88
C GLU B 453 49.71 35.58 -34.72
N PRO B 454 50.58 36.58 -34.64
CA PRO B 454 50.46 37.57 -33.58
C PRO B 454 49.27 38.48 -33.84
N PRO B 455 48.70 39.08 -32.79
CA PRO B 455 47.56 39.97 -32.99
C PRO B 455 47.97 41.28 -33.61
N SER B 456 46.99 41.97 -34.19
CA SER B 456 47.25 43.24 -34.84
C SER B 456 47.53 44.34 -33.83
N GLU B 457 48.27 45.36 -34.28
CA GLU B 457 48.44 46.55 -33.47
C GLU B 457 47.29 47.53 -33.63
N GLU B 458 46.41 47.31 -34.60
CA GLU B 458 45.15 48.04 -34.69
C GLU B 458 44.13 47.55 -33.69
N LEU B 459 44.38 46.41 -33.06
CA LEU B 459 43.52 45.88 -32.02
C LEU B 459 43.60 46.77 -30.77
N GLN B 460 42.51 46.76 -30.01
CA GLN B 460 42.48 47.44 -28.71
C GLN B 460 43.52 46.86 -27.77
N HIS B 461 44.10 47.73 -26.94
CA HIS B 461 45.06 47.32 -25.92
C HIS B 461 44.42 46.39 -24.89
N GLU B 462 43.12 46.53 -24.66
CA GLU B 462 42.38 45.59 -23.82
C GLU B 462 42.44 44.18 -24.39
N GLU B 463 42.03 44.03 -25.65
CA GLU B 463 41.91 42.73 -26.27
C GLU B 463 43.28 42.12 -26.56
N LYS B 464 44.29 42.96 -26.72
CA LYS B 464 45.62 42.48 -27.09
C LYS B 464 46.26 41.69 -25.95
N GLN B 465 45.99 42.08 -24.70
CA GLN B 465 46.49 41.33 -23.56
C GLN B 465 45.85 39.96 -23.49
N SER B 466 44.58 39.86 -23.84
CA SER B 466 43.87 38.58 -23.88
C SER B 466 44.39 37.69 -24.99
N LYS B 467 44.85 38.28 -26.10
CA LYS B 467 45.40 37.48 -27.18
C LYS B 467 46.74 36.88 -26.80
N LEU B 468 47.59 37.66 -26.12
CA LEU B 468 48.94 37.20 -25.82
C LEU B 468 48.94 36.11 -24.76
N ARG B 469 48.02 36.19 -23.80
CA ARG B 469 47.84 35.09 -22.86
C ARG B 469 47.34 33.85 -23.60
N SER B 470 46.49 34.05 -24.61
CA SER B 470 46.08 32.95 -25.46
C SER B 470 47.21 32.51 -26.38
N LEU B 471 48.09 33.44 -26.76
CA LEU B 471 49.17 33.10 -27.68
C LEU B 471 50.26 32.31 -26.98
N ARG B 472 50.80 32.85 -25.88
CA ARG B 472 51.92 32.25 -25.19
C ARG B 472 51.55 30.92 -24.54
N ASN B 473 50.29 30.72 -24.18
CA ASN B 473 49.85 29.42 -23.72
C ASN B 473 49.92 28.40 -24.86
N ARG B 474 49.53 28.82 -26.06
CA ARG B 474 49.63 27.94 -27.22
C ARG B 474 51.09 27.72 -27.63
N GLN B 475 51.96 28.69 -27.35
CA GLN B 475 53.38 28.42 -27.44
C GLN B 475 53.83 27.46 -26.34
N SER B 476 53.20 27.55 -25.17
CA SER B 476 53.60 26.69 -24.06
C SER B 476 53.09 25.26 -24.22
N LEU B 477 51.98 25.07 -24.94
CA LEU B 477 51.45 23.73 -25.14
C LEU B 477 52.36 22.87 -26.02
N PHE B 478 53.11 23.51 -26.90
CA PHE B 478 54.10 22.81 -27.72
C PHE B 478 55.47 22.82 -27.08
N GLN B 479 55.54 22.88 -25.76
CA GLN B 479 56.74 22.60 -25.00
C GLN B 479 56.68 21.29 -24.25
N GLU B 480 55.48 20.91 -23.79
CA GLU B 480 55.35 19.78 -22.87
C GLU B 480 55.38 18.45 -23.58
N GLU B 481 55.06 18.43 -24.87
CA GLU B 481 55.28 17.26 -25.71
C GLU B 481 56.57 17.38 -26.50
N GLY B 482 57.46 18.28 -26.08
CA GLY B 482 58.69 18.57 -26.76
C GLY B 482 58.42 19.50 -27.92
N MET B 483 57.98 18.94 -29.05
CA MET B 483 57.38 19.61 -30.20
C MET B 483 58.31 20.63 -30.88
N LEU B 484 59.56 20.74 -30.45
CA LEU B 484 60.48 21.76 -30.93
C LEU B 484 61.72 21.15 -31.55
N SER B 485 62.26 20.10 -30.93
CA SER B 485 63.32 19.33 -31.57
C SER B 485 62.81 18.60 -32.80
N LEU B 486 61.55 18.16 -32.78
CA LEU B 486 60.94 17.52 -33.94
C LEU B 486 60.84 18.47 -35.12
N VAL B 487 60.63 19.76 -34.85
CA VAL B 487 60.76 20.77 -35.89
C VAL B 487 62.21 20.85 -36.35
N LEU B 488 63.15 20.80 -35.40
CA LEU B 488 64.56 20.85 -35.74
C LEU B 488 65.05 19.55 -36.36
N ASN B 489 64.36 18.43 -36.09
CA ASN B 489 64.78 17.17 -36.72
C ASN B 489 64.54 17.17 -38.23
N CYS B 490 63.49 17.84 -38.70
CA CYS B 490 63.37 18.08 -40.12
C CYS B 490 64.46 19.03 -40.60
N ILE B 491 64.77 20.04 -39.77
CA ILE B 491 65.88 20.94 -40.05
C ILE B 491 67.21 20.21 -39.94
N ASP B 492 67.29 19.19 -39.08
CA ASP B 492 68.49 18.36 -39.02
C ASP B 492 68.70 17.59 -40.32
N ARG B 493 67.64 16.96 -40.83
CA ARG B 493 67.80 16.05 -41.95
C ARG B 493 67.70 16.75 -43.31
N LEU B 494 67.14 17.95 -43.36
CA LEU B 494 67.15 18.75 -44.57
C LEU B 494 68.23 19.82 -44.53
N ASN B 495 69.22 19.69 -43.66
CA ASN B 495 70.25 20.70 -43.56
C ASN B 495 71.28 20.55 -44.67
N VAL B 496 71.78 19.34 -44.88
CA VAL B 496 72.87 19.12 -45.83
C VAL B 496 72.21 18.89 -47.19
N TYR B 497 71.80 20.01 -47.81
CA TYR B 497 71.37 20.06 -49.20
C TYR B 497 71.78 21.44 -49.70
N THR B 498 72.98 21.52 -50.27
CA THR B 498 73.60 22.80 -50.54
C THR B 498 72.95 23.50 -51.73
N THR B 499 73.08 22.92 -52.92
CA THR B 499 72.40 23.47 -54.09
C THR B 499 71.01 22.84 -54.23
N ALA B 500 70.92 21.54 -53.93
CA ALA B 500 69.67 20.78 -53.79
C ALA B 500 68.82 20.77 -55.06
N ALA B 501 69.45 21.03 -56.21
CA ALA B 501 68.78 20.91 -57.49
C ALA B 501 68.67 19.45 -57.94
N HIS B 502 69.82 18.80 -58.13
CA HIS B 502 69.88 17.34 -58.19
C HIS B 502 70.25 16.72 -56.86
N PHE B 503 70.63 17.53 -55.87
CA PHE B 503 71.10 17.00 -54.60
C PHE B 503 69.95 16.77 -53.62
N ALA B 504 68.82 17.44 -53.83
CA ALA B 504 67.59 17.01 -53.18
C ALA B 504 66.80 16.04 -54.06
N GLU B 505 67.29 15.75 -55.26
CA GLU B 505 66.68 14.76 -56.14
C GLU B 505 67.29 13.38 -55.94
N TYR B 506 67.37 12.95 -54.69
CA TYR B 506 67.63 11.56 -54.36
C TYR B 506 66.38 10.88 -53.83
N ALA B 507 65.34 11.65 -53.52
CA ALA B 507 64.02 11.13 -53.29
C ALA B 507 63.18 11.09 -54.55
N GLY B 508 63.51 11.87 -55.56
CA GLY B 508 62.74 11.97 -56.77
C GLY B 508 62.77 13.40 -57.31
N GLU B 509 62.44 13.53 -58.58
CA GLU B 509 62.25 14.84 -59.17
C GLU B 509 61.00 15.50 -58.59
N GLU B 510 61.02 16.83 -58.55
CA GLU B 510 60.02 17.77 -58.03
C GLU B 510 59.90 17.75 -56.52
N ALA B 511 60.57 16.82 -55.83
CA ALA B 511 60.78 17.01 -54.39
C ALA B 511 61.90 17.99 -54.14
N ALA B 512 62.85 18.08 -55.07
CA ALA B 512 63.85 19.14 -55.04
C ALA B 512 63.22 20.49 -55.30
N GLU B 513 62.21 20.55 -56.17
CA GLU B 513 61.43 21.76 -56.34
C GLU B 513 60.66 22.09 -55.08
N SER B 514 60.12 21.08 -54.42
CA SER B 514 59.39 21.25 -53.18
C SER B 514 60.30 21.35 -51.96
N TRP B 515 61.61 21.17 -52.14
CA TRP B 515 62.53 21.22 -51.01
C TRP B 515 62.62 22.61 -50.40
N LYS B 516 62.93 23.62 -51.24
CA LYS B 516 63.16 24.97 -50.76
C LYS B 516 61.90 25.58 -50.16
N GLU B 517 60.73 25.24 -50.72
CA GLU B 517 59.45 25.70 -50.20
C GLU B 517 59.21 25.22 -48.78
N ILE B 518 59.62 23.98 -48.48
CA ILE B 518 59.56 23.49 -47.10
C ILE B 518 60.53 24.25 -46.21
N VAL B 519 61.76 24.43 -46.68
CA VAL B 519 62.82 25.02 -45.87
C VAL B 519 62.54 26.50 -45.59
N ASN B 520 61.86 27.19 -46.50
CA ASN B 520 61.35 28.52 -46.20
C ASN B 520 60.33 28.48 -45.06
N LEU B 521 59.48 27.45 -45.05
CA LEU B 521 58.48 27.30 -44.00
C LEU B 521 59.07 26.78 -42.70
N LEU B 522 60.23 26.11 -42.75
CA LEU B 522 60.78 25.46 -41.55
C LEU B 522 61.21 26.50 -40.52
N TYR B 523 62.08 27.43 -40.91
CA TYR B 523 62.55 28.44 -39.98
C TYR B 523 61.48 29.48 -39.70
N GLU B 524 60.53 29.64 -40.62
CA GLU B 524 59.47 30.62 -40.44
C GLU B 524 58.47 30.16 -39.38
N LEU B 525 58.17 28.86 -39.36
CA LEU B 525 57.29 28.32 -38.33
C LEU B 525 57.96 28.31 -36.96
N LEU B 526 59.29 28.28 -36.94
CA LEU B 526 60.01 28.28 -35.68
C LEU B 526 59.91 29.63 -34.97
N ALA B 527 60.00 30.72 -35.73
CA ALA B 527 60.10 32.06 -35.12
C ALA B 527 58.80 32.49 -34.47
N SER B 528 57.67 31.98 -34.93
CA SER B 528 56.41 32.26 -34.26
C SER B 528 56.34 31.57 -32.91
N LEU B 529 57.02 30.44 -32.77
CA LEU B 529 57.03 29.68 -31.53
C LEU B 529 57.92 30.31 -30.46
N ILE B 530 58.79 31.25 -30.85
CA ILE B 530 59.81 31.78 -29.96
C ILE B 530 59.46 33.18 -29.46
N ARG B 531 58.90 34.01 -30.33
CA ARG B 531 58.61 35.40 -29.99
C ARG B 531 57.52 35.50 -28.94
N GLY B 532 57.62 36.52 -28.10
CA GLY B 532 56.71 36.72 -27.00
C GLY B 532 57.08 35.98 -25.74
N ASN B 533 57.78 34.85 -25.86
CA ASN B 533 58.13 34.01 -24.72
C ASN B 533 59.61 34.13 -24.43
N ARG B 534 59.95 34.35 -23.16
CA ARG B 534 61.32 34.21 -22.73
C ARG B 534 61.71 32.74 -22.60
N ALA B 535 60.75 31.87 -22.26
CA ALA B 535 61.07 30.47 -22.04
C ALA B 535 61.38 29.75 -23.34
N ASN B 536 60.82 30.21 -24.46
CA ASN B 536 61.20 29.65 -25.75
C ASN B 536 62.51 30.22 -26.24
N CYS B 537 62.96 31.34 -25.67
CA CYS B 537 64.31 31.82 -25.92
C CYS B 537 65.33 31.10 -25.06
N ALA B 538 64.86 30.29 -24.10
CA ALA B 538 65.76 29.65 -23.15
C ALA B 538 66.33 28.33 -23.67
N LEU B 539 65.57 27.59 -24.49
CA LEU B 539 66.01 26.26 -24.93
C LEU B 539 67.19 26.27 -25.88
N PHE B 540 67.47 27.40 -26.53
CA PHE B 540 68.46 27.44 -27.59
C PHE B 540 69.84 27.85 -27.10
N SER B 541 70.10 27.66 -25.80
CA SER B 541 71.43 27.92 -25.27
C SER B 541 72.44 26.88 -25.74
N THR B 542 72.02 25.62 -25.88
CA THR B 542 72.92 24.59 -26.36
C THR B 542 73.03 24.60 -27.88
N ASN B 543 71.96 25.00 -28.57
CA ASN B 543 71.94 25.04 -30.02
C ASN B 543 72.35 26.40 -30.57
N LEU B 544 72.86 27.30 -29.72
CA LEU B 544 73.36 28.58 -30.20
C LEU B 544 74.53 28.41 -31.14
N ASP B 545 75.47 27.54 -30.79
CA ASP B 545 76.55 27.18 -31.69
C ASP B 545 76.08 26.32 -32.86
N TRP B 546 74.85 25.80 -32.81
CA TRP B 546 74.29 25.03 -33.90
C TRP B 546 73.57 25.87 -34.93
N VAL B 547 72.72 26.82 -34.49
CA VAL B 547 71.82 27.51 -35.42
C VAL B 547 72.58 28.47 -36.31
N VAL B 548 73.21 29.48 -35.72
CA VAL B 548 73.76 30.58 -36.52
C VAL B 548 75.09 30.22 -37.17
N SER B 549 75.70 29.12 -36.77
CA SER B 549 76.89 28.65 -37.45
C SER B 549 76.59 28.01 -38.80
N LYS B 550 75.33 27.65 -39.06
CA LYS B 550 74.99 27.10 -40.36
C LYS B 550 75.04 28.18 -41.44
N LEU B 551 74.15 29.18 -41.32
CA LEU B 551 74.06 30.32 -42.22
C LEU B 551 73.89 29.85 -43.67
N ASP B 552 72.72 29.27 -43.93
CA ASP B 552 72.47 28.48 -45.13
C ASP B 552 72.51 29.28 -46.44
N ARG B 553 72.80 30.59 -46.41
CA ARG B 553 73.39 31.44 -47.46
C ARG B 553 72.66 31.49 -48.79
N LEU B 554 71.53 30.79 -48.90
CA LEU B 554 70.56 30.96 -49.99
C LEU B 554 69.14 31.01 -49.48
N GLU B 555 68.87 30.48 -48.29
CA GLU B 555 67.60 30.60 -47.60
C GLU B 555 67.71 31.39 -46.31
N ALA B 556 68.95 31.58 -45.80
CA ALA B 556 69.18 32.13 -44.47
C ALA B 556 68.72 33.57 -44.30
N SER B 557 68.62 34.33 -45.39
CA SER B 557 68.08 35.68 -45.30
C SER B 557 66.59 35.69 -45.02
N SER B 558 65.88 34.61 -45.39
CA SER B 558 64.44 34.56 -45.20
C SER B 558 64.09 34.29 -43.74
N GLY B 559 64.45 33.12 -43.24
CA GLY B 559 63.95 32.70 -41.95
C GLY B 559 64.98 32.53 -40.85
N ILE B 560 66.22 32.23 -41.24
CA ILE B 560 67.26 32.02 -40.24
C ILE B 560 67.69 33.35 -39.63
N LEU B 561 67.76 34.40 -40.46
CA LEU B 561 68.14 35.72 -39.97
C LEU B 561 67.07 36.32 -39.06
N GLU B 562 65.81 35.93 -39.26
CA GLU B 562 64.76 36.40 -38.37
C GLU B 562 64.83 35.71 -37.01
N VAL B 563 64.99 34.38 -37.00
CA VAL B 563 64.82 33.60 -35.79
C VAL B 563 65.98 33.80 -34.82
N LEU B 564 67.14 34.22 -35.32
CA LEU B 564 68.22 34.61 -34.44
C LEU B 564 67.93 35.93 -33.75
N TYR B 565 67.22 36.85 -34.41
CA TYR B 565 66.79 38.07 -33.75
C TYR B 565 65.71 37.79 -32.72
N CYS B 566 64.98 36.68 -32.89
CA CYS B 566 63.92 36.32 -31.95
C CYS B 566 64.50 35.89 -30.61
N VAL B 567 65.60 35.15 -30.61
CA VAL B 567 66.16 34.64 -29.37
C VAL B 567 67.04 35.67 -28.67
N LEU B 568 67.52 36.68 -29.39
CA LEU B 568 68.41 37.67 -28.80
C LEU B 568 67.67 38.87 -28.25
N ILE B 569 66.35 38.94 -28.44
CA ILE B 569 65.61 40.09 -27.93
C ILE B 569 65.16 39.89 -26.49
N GLU B 570 65.07 38.64 -26.02
CA GLU B 570 64.51 38.36 -24.71
C GLU B 570 65.53 37.80 -23.72
N SER B 571 66.18 36.70 -24.06
CA SER B 571 67.01 36.02 -23.07
C SER B 571 68.41 36.60 -23.05
N PRO B 572 68.85 37.13 -21.91
CA PRO B 572 70.25 37.59 -21.81
C PRO B 572 71.26 36.48 -21.68
N GLU B 573 70.80 35.26 -21.37
CA GLU B 573 71.73 34.15 -21.15
C GLU B 573 72.33 33.67 -22.45
N VAL B 574 71.60 33.79 -23.56
CA VAL B 574 72.17 33.56 -24.87
C VAL B 574 73.19 34.65 -25.19
N LEU B 575 72.94 35.88 -24.75
CA LEU B 575 73.94 36.93 -24.88
C LEU B 575 75.12 36.72 -23.93
N ASN B 576 74.98 35.88 -22.93
CA ASN B 576 76.07 35.60 -22.01
C ASN B 576 77.03 34.54 -22.55
N ILE B 577 76.60 33.77 -23.55
CA ILE B 577 77.37 32.62 -24.01
C ILE B 577 77.86 32.82 -25.44
N ILE B 578 78.16 34.08 -25.79
CA ILE B 578 78.77 34.39 -27.09
C ILE B 578 80.15 33.74 -27.19
N GLN B 579 80.56 33.48 -28.43
CA GLN B 579 81.78 32.74 -28.72
C GLN B 579 82.77 33.56 -29.55
N GLU B 580 82.32 34.64 -30.16
CA GLU B 580 82.98 35.64 -31.00
C GLU B 580 83.27 35.11 -32.41
N ASN B 581 83.14 33.81 -32.66
CA ASN B 581 83.16 33.34 -34.03
C ASN B 581 81.83 33.60 -34.73
N HIS B 582 80.75 33.63 -33.96
CA HIS B 582 79.43 33.91 -34.50
C HIS B 582 79.32 35.36 -34.94
N ILE B 583 79.82 36.29 -34.12
CA ILE B 583 79.65 37.70 -34.43
C ILE B 583 80.56 38.11 -35.57
N LYS B 584 81.67 37.38 -35.77
CA LYS B 584 82.44 37.53 -36.99
C LYS B 584 81.69 36.95 -38.19
N SER B 585 80.94 35.87 -37.96
CA SER B 585 80.14 35.31 -39.05
C SER B 585 78.96 36.23 -39.39
N ILE B 586 78.52 37.04 -38.43
CA ILE B 586 77.58 38.11 -38.71
C ILE B 586 78.20 39.13 -39.65
N ILE B 587 79.47 39.49 -39.41
CA ILE B 587 80.19 40.41 -40.29
C ILE B 587 80.40 39.78 -41.66
N SER B 588 80.62 38.46 -41.71
CA SER B 588 80.68 37.79 -43.00
C SER B 588 79.32 37.74 -43.67
N LEU B 589 78.26 37.51 -42.89
CA LEU B 589 76.90 37.66 -43.39
C LEU B 589 76.65 39.09 -43.86
N LEU B 590 77.19 40.07 -43.14
CA LEU B 590 77.16 41.45 -43.60
C LEU B 590 78.02 41.63 -44.84
N ASP B 591 79.06 40.82 -44.99
CA ASP B 591 79.91 40.92 -46.17
C ASP B 591 79.33 40.15 -47.35
N LYS B 592 78.95 38.89 -47.13
CA LYS B 592 78.52 38.02 -48.22
C LYS B 592 77.15 38.36 -48.78
N HIS B 593 76.37 39.19 -48.09
CA HIS B 593 75.00 39.42 -48.50
C HIS B 593 74.60 40.88 -48.61
N GLY B 594 75.33 41.81 -47.99
CA GLY B 594 75.17 43.22 -48.26
C GLY B 594 74.57 43.96 -47.09
N ARG B 595 73.69 44.90 -47.41
CA ARG B 595 73.22 45.90 -46.47
C ARG B 595 71.77 45.62 -46.10
N ASN B 596 71.56 45.23 -44.84
CA ASN B 596 70.22 44.93 -44.36
C ASN B 596 69.96 45.72 -43.09
N HIS B 597 68.69 46.02 -42.88
CA HIS B 597 68.25 46.63 -41.64
C HIS B 597 68.35 45.67 -40.46
N LYS B 598 68.20 44.37 -40.72
CA LYS B 598 68.15 43.39 -39.65
C LYS B 598 69.52 43.20 -39.01
N VAL B 599 70.57 43.05 -39.82
CA VAL B 599 71.87 42.64 -39.34
C VAL B 599 72.53 43.71 -38.48
N LEU B 600 72.13 44.97 -38.64
CA LEU B 600 72.58 46.01 -37.73
C LEU B 600 71.68 46.14 -36.51
N ASP B 601 70.40 45.79 -36.67
CA ASP B 601 69.49 45.80 -35.54
C ASP B 601 69.76 44.63 -34.60
N VAL B 602 70.25 43.51 -35.13
CA VAL B 602 70.66 42.39 -34.29
C VAL B 602 71.87 42.78 -33.46
N LEU B 603 72.86 43.39 -34.10
CA LEU B 603 74.02 43.90 -33.39
C LEU B 603 73.65 45.06 -32.48
N CYS B 604 72.59 45.79 -32.81
CA CYS B 604 72.06 46.80 -31.91
C CYS B 604 71.49 46.16 -30.65
N SER B 605 70.78 45.05 -30.79
CA SER B 605 70.25 44.33 -29.63
C SER B 605 71.29 43.40 -29.01
N LEU B 606 72.45 43.23 -29.66
CA LEU B 606 73.46 42.36 -29.10
C LEU B 606 74.19 43.01 -27.94
N CYS B 607 74.34 44.33 -27.96
CA CYS B 607 75.16 45.00 -26.95
C CYS B 607 74.43 45.04 -25.61
N VAL B 608 73.26 45.64 -25.57
CA VAL B 608 72.44 45.70 -24.36
C VAL B 608 71.39 44.60 -24.42
N CYS B 609 71.26 43.86 -23.32
CA CYS B 609 70.27 42.79 -23.27
C CYS B 609 68.95 43.29 -22.69
N ASN B 610 68.97 43.71 -21.43
CA ASN B 610 67.80 44.21 -20.71
C ASN B 610 68.33 45.22 -19.69
N GLY B 611 68.41 46.48 -20.11
CA GLY B 611 68.98 47.50 -19.26
C GLY B 611 70.49 47.40 -19.13
N VAL B 612 70.95 46.35 -18.45
CA VAL B 612 72.38 46.10 -18.27
C VAL B 612 72.99 45.62 -19.59
N ALA B 613 74.31 45.69 -19.69
CA ALA B 613 75.00 45.30 -20.91
C ALA B 613 76.39 44.79 -20.56
N VAL B 614 76.77 43.70 -21.19
CA VAL B 614 78.06 43.06 -20.93
C VAL B 614 79.15 43.83 -21.68
N ARG B 615 80.31 43.97 -21.04
CA ARG B 615 81.46 44.66 -21.62
C ARG B 615 82.11 43.88 -22.74
N SER B 616 81.80 42.59 -22.88
CA SER B 616 82.41 41.76 -23.91
C SER B 616 82.02 42.21 -25.31
N ASN B 617 80.74 42.14 -25.63
CA ASN B 617 80.28 42.40 -26.99
C ASN B 617 80.35 43.87 -27.39
N GLN B 618 80.45 44.78 -26.40
CA GLN B 618 80.67 46.18 -26.72
C GLN B 618 82.04 46.39 -27.36
N ASP B 619 83.03 45.63 -26.91
CA ASP B 619 84.40 45.82 -27.38
C ASP B 619 84.74 44.89 -28.53
N LEU B 620 84.06 43.74 -28.64
CA LEU B 620 84.30 42.84 -29.76
C LEU B 620 83.84 43.44 -31.07
N ILE B 621 82.69 44.12 -31.05
CA ILE B 621 82.21 44.78 -32.25
C ILE B 621 83.04 46.02 -32.54
N THR B 622 83.55 46.68 -31.50
CA THR B 622 84.47 47.80 -31.68
C THR B 622 85.77 47.33 -32.34
N GLU B 623 86.25 46.16 -31.94
CA GLU B 623 87.44 45.60 -32.56
C GLU B 623 87.13 45.08 -33.96
N ASN B 624 86.00 44.38 -34.12
CA ASN B 624 85.63 43.82 -35.41
C ASN B 624 84.84 44.79 -36.28
N LEU B 625 84.69 46.04 -35.85
CA LEU B 625 84.53 47.12 -36.81
C LEU B 625 85.92 47.32 -37.39
N LEU B 626 86.07 46.96 -38.66
CA LEU B 626 87.36 47.08 -39.33
C LEU B 626 87.76 48.55 -39.43
N PRO B 627 88.93 48.94 -38.94
CA PRO B 627 89.36 50.34 -39.09
C PRO B 627 89.65 50.72 -40.54
N GLY B 628 89.89 49.73 -41.41
CA GLY B 628 89.99 49.97 -42.83
C GLY B 628 88.66 50.38 -43.44
N ARG B 629 87.57 49.97 -42.78
CA ARG B 629 86.22 50.48 -42.99
C ARG B 629 85.71 50.19 -44.40
N GLU B 630 85.79 48.93 -44.83
CA GLU B 630 85.50 48.55 -46.19
C GLU B 630 84.02 48.27 -46.46
N LEU B 631 83.20 48.14 -45.42
CA LEU B 631 81.78 47.85 -45.59
C LEU B 631 80.87 48.96 -45.11
N LEU B 632 81.30 49.75 -44.13
CA LEU B 632 80.47 50.78 -43.53
C LEU B 632 80.49 52.03 -44.41
N LEU B 633 79.90 53.11 -43.90
CA LEU B 633 79.77 54.36 -44.64
C LEU B 633 80.58 55.44 -43.95
N GLN B 634 81.35 56.21 -44.73
CA GLN B 634 82.28 57.17 -44.19
C GLN B 634 82.13 58.51 -44.89
N THR B 635 81.95 59.55 -44.08
CA THR B 635 81.83 60.91 -44.57
C THR B 635 82.96 61.75 -43.99
N ASN B 636 83.31 62.81 -44.72
CA ASN B 636 84.38 63.70 -44.31
C ASN B 636 84.12 65.06 -44.94
N LEU B 637 84.66 66.10 -44.31
CA LEU B 637 84.56 67.44 -44.84
C LEU B 637 85.47 67.58 -46.05
N ILE B 638 84.87 67.58 -47.25
CA ILE B 638 85.61 67.77 -48.50
C ILE B 638 85.12 69.11 -49.05
N ASN B 639 85.96 69.80 -49.83
CA ASN B 639 85.61 71.14 -50.27
C ASN B 639 85.09 71.08 -51.70
N TYR B 640 84.59 72.23 -52.17
CA TYR B 640 84.15 72.39 -53.54
C TYR B 640 85.33 72.72 -54.44
N VAL B 641 85.26 72.29 -55.69
CA VAL B 641 86.33 72.46 -56.65
C VAL B 641 85.76 73.01 -57.95
N THR B 642 86.51 73.93 -58.57
CA THR B 642 86.10 74.59 -59.80
C THR B 642 87.31 74.67 -60.74
N SER B 643 87.03 75.10 -61.97
CA SER B 643 88.07 75.29 -62.98
C SER B 643 87.58 76.32 -63.99
N ILE B 644 88.42 77.31 -64.26
CA ILE B 644 88.10 78.39 -65.18
C ILE B 644 89.07 78.36 -66.35
N ARG B 645 88.53 78.25 -67.56
CA ARG B 645 89.36 78.23 -68.75
C ARG B 645 89.37 79.60 -69.42
N PRO B 646 90.49 80.00 -70.02
CA PRO B 646 90.43 80.95 -71.12
C PRO B 646 89.93 80.27 -72.39
N ASN B 647 89.47 81.11 -73.32
CA ASN B 647 88.96 80.64 -74.60
C ASN B 647 90.11 80.43 -75.58
N ILE B 648 90.98 79.48 -75.23
CA ILE B 648 92.14 79.13 -76.03
C ILE B 648 91.99 77.68 -76.46
N PHE B 649 91.98 77.44 -77.76
CA PHE B 649 91.78 76.13 -78.34
C PHE B 649 93.01 75.76 -79.15
N VAL B 650 93.57 74.58 -78.88
CA VAL B 650 94.77 74.11 -79.56
C VAL B 650 94.47 72.75 -80.17
N GLY B 651 94.50 72.67 -81.50
CA GLY B 651 94.43 71.41 -82.19
C GLY B 651 95.50 71.34 -83.26
N ARG B 652 95.78 70.12 -83.72
CA ARG B 652 96.80 69.90 -84.74
C ARG B 652 96.29 68.86 -85.72
N ALA B 653 95.95 69.30 -86.93
CA ALA B 653 95.45 68.41 -87.97
C ALA B 653 96.22 68.70 -89.25
N GLU B 654 95.90 67.92 -90.29
CA GLU B 654 96.53 68.09 -91.60
C GLU B 654 95.97 69.35 -92.26
N GLY B 655 96.73 70.44 -92.20
CA GLY B 655 96.24 71.73 -92.66
C GLY B 655 96.42 72.80 -91.62
N SER B 656 95.31 73.30 -91.07
CA SER B 656 95.39 74.33 -90.04
C SER B 656 95.83 73.73 -88.72
N THR B 657 96.99 74.15 -88.22
CA THR B 657 97.58 73.59 -87.02
C THR B 657 97.77 74.59 -85.89
N GLN B 658 97.62 75.89 -86.15
CA GLN B 658 97.80 76.98 -85.17
C GLN B 658 99.18 76.91 -84.52
N TYR B 659 100.21 76.75 -85.37
CA TYR B 659 101.65 76.77 -85.10
C TYR B 659 102.13 75.51 -84.37
N GLY B 660 101.22 74.68 -83.87
CA GLY B 660 101.54 73.42 -83.25
C GLY B 660 102.36 73.44 -81.96
N LYS B 661 102.63 74.63 -81.43
CA LYS B 661 103.37 74.79 -80.18
C LYS B 661 102.76 75.96 -79.44
N TRP B 662 102.55 75.82 -78.13
CA TRP B 662 102.00 76.90 -77.31
C TRP B 662 102.69 76.84 -75.95
N TYR B 663 102.29 77.74 -75.04
CA TYR B 663 103.06 77.96 -73.82
C TYR B 663 102.20 78.69 -72.79
N PHE B 664 102.43 78.37 -71.51
CA PHE B 664 101.72 78.96 -70.38
C PHE B 664 102.68 79.63 -69.41
N GLU B 665 102.20 80.70 -68.77
CA GLU B 665 102.74 81.22 -67.52
C GLU B 665 101.59 81.61 -66.62
N VAL B 666 101.59 81.08 -65.39
CA VAL B 666 100.54 81.36 -64.42
C VAL B 666 101.18 81.93 -63.17
N MET B 667 100.76 83.13 -62.78
CA MET B 667 101.30 83.80 -61.61
C MET B 667 100.41 83.53 -60.41
N VAL B 668 101.00 82.98 -59.35
CA VAL B 668 100.25 82.60 -58.15
C VAL B 668 100.81 83.39 -56.98
N ASP B 669 99.95 84.22 -56.37
CA ASP B 669 100.28 84.96 -55.15
C ASP B 669 99.17 84.70 -54.15
N GLU B 670 99.26 83.57 -53.44
CA GLU B 670 98.25 83.18 -52.47
C GLU B 670 98.90 82.48 -51.29
N VAL B 671 98.56 82.92 -50.08
CA VAL B 671 98.96 82.24 -48.85
C VAL B 671 97.67 81.83 -48.15
N VAL B 672 97.15 80.65 -48.49
CA VAL B 672 96.12 79.98 -47.71
C VAL B 672 96.62 78.56 -47.56
N PRO B 673 97.47 78.26 -46.56
CA PRO B 673 98.00 76.90 -46.47
C PRO B 673 97.00 75.92 -45.89
N PHE B 674 96.21 76.35 -44.91
CA PHE B 674 95.21 75.51 -44.26
C PHE B 674 93.84 76.16 -44.41
N LEU B 675 92.99 75.54 -45.22
CA LEU B 675 91.56 75.80 -45.13
C LEU B 675 91.04 75.01 -43.93
N THR B 676 89.88 75.44 -43.40
CA THR B 676 89.39 74.95 -42.12
C THR B 676 88.97 73.48 -42.14
N ALA B 677 88.81 72.87 -43.31
CA ALA B 677 88.50 71.45 -43.40
C ALA B 677 89.74 70.61 -43.68
N GLN B 678 90.43 70.89 -44.80
CA GLN B 678 91.74 70.28 -45.06
C GLN B 678 92.59 71.34 -45.76
N ALA B 679 93.76 70.93 -46.25
CA ALA B 679 94.59 71.84 -47.02
C ALA B 679 93.94 72.16 -48.37
N THR B 680 94.34 73.28 -48.94
CA THR B 680 93.69 73.78 -50.15
C THR B 680 94.12 72.98 -51.37
N HIS B 681 93.20 72.93 -52.35
CA HIS B 681 93.44 72.30 -53.63
C HIS B 681 93.81 73.38 -54.64
N LEU B 682 94.93 73.18 -55.33
CA LEU B 682 95.39 74.15 -56.32
C LEU B 682 96.26 73.40 -57.32
N ARG B 683 95.79 73.27 -58.56
CA ARG B 683 96.57 72.64 -59.60
C ARG B 683 96.50 73.50 -60.86
N VAL B 684 97.10 72.99 -61.94
CA VAL B 684 97.05 73.66 -63.24
C VAL B 684 97.36 72.61 -64.30
N GLY B 685 96.85 72.84 -65.53
CA GLY B 685 97.24 71.98 -66.64
C GLY B 685 96.35 71.97 -67.87
N TRP B 686 96.05 70.76 -68.36
CA TRP B 686 95.54 70.59 -69.71
C TRP B 686 94.31 69.68 -69.69
N ALA B 687 93.57 69.73 -70.80
CA ALA B 687 92.48 68.81 -71.11
C ALA B 687 92.25 68.87 -72.61
N LEU B 688 91.63 67.82 -73.15
CA LEU B 688 91.32 67.76 -74.58
C LEU B 688 89.85 67.39 -74.80
N THR B 689 88.98 68.40 -74.66
CA THR B 689 87.52 68.36 -74.81
C THR B 689 86.82 67.22 -74.05
N GLU B 690 87.48 66.68 -73.04
CA GLU B 690 86.99 65.52 -72.30
C GLU B 690 87.25 65.78 -70.82
N GLY B 691 86.92 66.99 -70.38
CA GLY B 691 87.33 67.53 -69.10
C GLY B 691 86.22 67.35 -68.08
N TYR B 692 85.36 68.36 -67.94
CA TYR B 692 84.24 68.40 -67.00
C TYR B 692 84.75 68.34 -65.56
N SER B 693 85.73 69.20 -65.28
CA SER B 693 86.03 69.58 -63.91
C SER B 693 84.84 70.18 -63.13
N PRO B 694 83.80 70.81 -63.76
CA PRO B 694 82.53 70.98 -63.03
C PRO B 694 81.80 69.68 -62.71
N TYR B 695 80.58 69.82 -62.16
CA TYR B 695 79.85 68.91 -61.28
C TYR B 695 80.65 68.72 -59.99
N PRO B 696 80.71 69.72 -59.08
CA PRO B 696 81.55 69.58 -57.88
C PRO B 696 80.91 68.74 -56.78
N GLY B 697 80.46 67.52 -57.11
CA GLY B 697 79.84 66.67 -56.11
C GLY B 697 80.64 65.42 -55.83
N GLY B 698 80.22 64.30 -56.40
CA GLY B 698 80.94 63.06 -56.23
C GLY B 698 81.59 62.58 -57.51
N GLY B 699 82.92 62.48 -57.50
CA GLY B 699 83.68 62.01 -58.63
C GLY B 699 84.17 60.58 -58.45
N GLU B 700 85.00 60.16 -59.41
CA GLU B 700 85.53 58.81 -59.38
C GLU B 700 86.59 58.63 -58.30
N GLY B 701 87.13 59.73 -57.78
CA GLY B 701 87.98 59.70 -56.61
C GLY B 701 87.26 60.26 -55.40
N TRP B 702 87.72 61.41 -54.91
CA TRP B 702 87.06 62.13 -53.81
C TRP B 702 86.54 63.45 -54.38
N GLY B 703 85.35 63.40 -54.96
CA GLY B 703 84.78 64.58 -55.57
C GLY B 703 85.21 64.76 -57.02
N GLY B 704 84.39 65.49 -57.77
CA GLY B 704 84.69 65.77 -59.16
C GLY B 704 85.74 66.84 -59.31
N ASN B 705 87.00 66.49 -59.05
CA ASN B 705 88.07 67.47 -58.93
C ASN B 705 88.55 67.94 -60.31
N GLY B 706 89.46 68.91 -60.28
CA GLY B 706 89.80 69.69 -61.46
C GLY B 706 90.55 69.01 -62.58
N VAL B 707 91.82 68.69 -62.36
CA VAL B 707 92.70 68.31 -63.46
C VAL B 707 93.66 67.23 -62.97
N GLY B 708 94.02 66.32 -63.88
CA GLY B 708 95.04 65.32 -63.60
C GLY B 708 94.56 64.17 -62.74
N ASP B 709 93.26 63.98 -62.63
CA ASP B 709 92.72 62.85 -61.90
C ASP B 709 92.13 61.79 -62.80
N ASP B 710 91.65 62.16 -63.98
CA ASP B 710 91.29 61.17 -64.99
C ASP B 710 92.45 61.00 -65.95
N LEU B 711 92.27 60.16 -66.96
CA LEU B 711 93.25 59.97 -68.02
C LEU B 711 93.01 60.91 -69.19
N TYR B 712 92.23 61.96 -68.97
CA TYR B 712 91.95 62.98 -69.97
C TYR B 712 92.60 64.31 -69.65
N SER B 713 93.23 64.44 -68.49
CA SER B 713 93.74 65.72 -68.03
C SER B 713 95.09 65.50 -67.34
N TYR B 714 95.88 66.57 -67.30
CA TYR B 714 97.23 66.52 -66.75
C TYR B 714 97.40 67.66 -65.77
N GLY B 715 97.53 67.35 -64.48
CA GLY B 715 97.63 68.34 -63.44
C GLY B 715 99.00 68.32 -62.77
N PHE B 716 99.20 69.31 -61.90
CA PHE B 716 100.46 69.47 -61.19
C PHE B 716 100.24 70.45 -60.04
N ASP B 717 100.77 70.09 -58.86
CA ASP B 717 100.64 70.98 -57.70
C ASP B 717 101.94 71.11 -56.91
N GLY B 718 103.08 70.83 -57.52
CA GLY B 718 104.37 71.15 -56.93
C GLY B 718 105.36 70.01 -56.80
N LEU B 719 104.92 68.83 -56.33
CA LEU B 719 105.78 67.65 -56.49
C LEU B 719 104.88 66.45 -56.82
N HIS B 720 104.48 66.35 -58.09
CA HIS B 720 103.53 65.33 -58.52
C HIS B 720 103.65 65.14 -60.03
N LEU B 721 102.94 64.12 -60.52
CA LEU B 721 102.64 63.93 -61.93
C LEU B 721 101.19 63.46 -62.00
N TRP B 722 100.26 64.41 -62.04
CA TRP B 722 98.84 64.06 -61.96
C TRP B 722 98.31 63.66 -63.33
N THR B 723 97.98 62.37 -63.48
CA THR B 723 97.14 61.86 -64.55
C THR B 723 96.59 60.51 -64.10
N GLY B 724 95.28 60.34 -64.23
CA GLY B 724 94.64 59.08 -63.85
C GLY B 724 94.68 58.77 -62.38
N HIS B 725 94.49 59.79 -61.52
CA HIS B 725 94.57 59.67 -60.06
C HIS B 725 95.89 59.08 -59.58
N VAL B 726 96.99 59.51 -60.19
CA VAL B 726 98.32 59.02 -59.85
C VAL B 726 99.09 60.18 -59.23
N ALA B 727 99.37 60.07 -57.93
CA ALA B 727 100.15 61.07 -57.19
C ALA B 727 101.61 60.66 -57.07
N ARG B 728 102.31 60.45 -58.16
CA ARG B 728 103.73 60.11 -58.05
C ARG B 728 104.57 61.38 -58.13
N PRO B 729 105.53 61.58 -57.22
CA PRO B 729 106.23 62.86 -57.12
C PRO B 729 107.30 63.00 -58.19
N VAL B 730 108.00 64.14 -58.13
CA VAL B 730 109.09 64.45 -59.05
C VAL B 730 110.35 64.72 -58.25
N THR B 731 111.45 64.89 -58.98
CA THR B 731 112.73 65.35 -58.44
C THR B 731 113.05 66.68 -59.14
N SER B 732 113.06 67.76 -58.37
CA SER B 732 113.40 69.08 -58.88
C SER B 732 113.90 69.91 -57.71
N PRO B 733 114.79 70.88 -57.96
CA PRO B 733 115.19 71.80 -56.89
C PRO B 733 114.04 72.66 -56.42
N GLY B 734 113.99 72.87 -55.11
CA GLY B 734 112.82 73.50 -54.51
C GLY B 734 111.65 72.56 -54.46
N GLN B 735 111.87 71.34 -53.99
CA GLN B 735 110.84 70.28 -54.01
C GLN B 735 109.83 70.59 -52.91
N HIS B 736 108.84 71.40 -53.27
CA HIS B 736 107.72 71.72 -52.40
C HIS B 736 106.50 71.92 -53.28
N LEU B 737 105.35 72.18 -52.65
CA LEU B 737 104.10 72.30 -53.38
C LEU B 737 103.97 73.71 -53.95
N LEU B 738 102.77 74.10 -54.35
CA LEU B 738 102.58 75.40 -54.98
C LEU B 738 102.62 76.49 -53.92
N ALA B 739 103.82 76.98 -53.67
CA ALA B 739 104.04 78.20 -52.90
C ALA B 739 103.58 79.41 -53.70
N PRO B 740 103.28 80.52 -53.04
CA PRO B 740 103.05 81.77 -53.78
C PRO B 740 104.32 82.30 -54.42
N GLU B 741 104.13 83.30 -55.28
CA GLU B 741 105.17 83.94 -56.08
C GLU B 741 105.89 82.91 -56.96
N ASP B 742 105.11 82.14 -57.71
CA ASP B 742 105.64 81.13 -58.60
C ASP B 742 105.02 81.26 -59.98
N VAL B 743 105.83 80.99 -61.00
CA VAL B 743 105.41 81.00 -62.39
C VAL B 743 105.58 79.60 -62.94
N VAL B 744 104.49 78.98 -63.37
CA VAL B 744 104.49 77.63 -63.91
C VAL B 744 104.57 77.72 -65.42
N SER B 745 105.64 77.15 -65.98
CA SER B 745 105.87 77.17 -67.42
C SER B 745 105.43 75.83 -68.00
N CYS B 746 104.17 75.75 -68.42
CA CYS B 746 103.62 74.56 -69.05
C CYS B 746 103.99 74.62 -70.53
N CYS B 747 105.03 73.88 -70.90
CA CYS B 747 105.49 73.89 -72.28
C CYS B 747 104.68 72.90 -73.10
N LEU B 748 104.01 73.41 -74.13
CA LEU B 748 103.20 72.57 -75.02
C LEU B 748 103.99 72.27 -76.28
N ASP B 749 104.28 70.99 -76.50
CA ASP B 749 104.89 70.54 -77.74
C ASP B 749 104.02 69.45 -78.33
N LEU B 750 103.76 69.52 -79.63
CA LEU B 750 102.86 68.59 -80.30
C LEU B 750 103.58 67.71 -81.30
N SER B 751 104.89 67.53 -81.15
CA SER B 751 105.62 66.61 -82.02
C SER B 751 105.32 65.16 -81.66
N VAL B 752 105.46 64.81 -80.39
CA VAL B 752 105.17 63.45 -79.93
C VAL B 752 103.66 63.22 -79.79
N PRO B 753 102.87 64.07 -79.07
CA PRO B 753 102.99 65.33 -78.31
C PRO B 753 103.62 65.15 -76.93
N SER B 754 104.29 66.20 -76.45
CA SER B 754 104.98 66.16 -75.17
C SER B 754 104.71 67.44 -74.41
N ILE B 755 104.41 67.32 -73.13
CA ILE B 755 104.11 68.46 -72.27
C ILE B 755 105.07 68.43 -71.10
N SER B 756 105.84 69.50 -70.91
CA SER B 756 106.77 69.61 -69.81
C SER B 756 106.43 70.82 -68.96
N PHE B 757 106.71 70.71 -67.66
CA PHE B 757 106.36 71.72 -66.68
C PHE B 757 107.61 72.34 -66.09
N ARG B 758 107.48 73.58 -65.61
CA ARG B 758 108.61 74.30 -65.07
C ARG B 758 108.11 75.40 -64.14
N ILE B 759 108.37 75.25 -62.84
CA ILE B 759 108.22 76.33 -61.88
C ILE B 759 109.53 77.13 -61.99
N ASN B 760 109.62 78.28 -61.31
CA ASN B 760 110.49 79.43 -61.60
C ASN B 760 111.92 79.13 -62.02
N GLY B 761 112.75 78.61 -61.11
CA GLY B 761 113.99 78.01 -61.57
C GLY B 761 113.76 76.56 -61.95
N CYS B 762 113.58 75.73 -60.91
CA CYS B 762 112.83 74.47 -60.80
C CYS B 762 112.69 73.66 -62.08
N PRO B 763 113.77 73.04 -62.60
CA PRO B 763 113.62 72.19 -63.78
C PRO B 763 112.82 70.93 -63.47
N VAL B 764 111.49 71.07 -63.48
CA VAL B 764 110.59 70.01 -63.09
C VAL B 764 110.65 68.89 -64.12
N GLN B 765 111.20 67.75 -63.71
CA GLN B 765 111.39 66.61 -64.60
C GLN B 765 110.07 65.86 -64.73
N GLY B 766 109.21 66.39 -65.60
CA GLY B 766 107.97 65.74 -65.93
C GLY B 766 107.60 65.94 -67.38
N VAL B 767 107.43 64.84 -68.11
CA VAL B 767 107.10 64.87 -69.53
C VAL B 767 105.92 63.93 -69.75
N PHE B 768 104.77 64.50 -70.12
CA PHE B 768 103.57 63.71 -70.36
C PHE B 768 103.42 63.48 -71.85
N GLU B 769 103.47 62.21 -72.25
CA GLU B 769 103.31 61.82 -73.65
C GLU B 769 102.28 60.71 -73.76
N ALA B 770 102.19 60.11 -74.95
CA ALA B 770 101.30 58.99 -75.27
C ALA B 770 99.83 59.33 -75.00
N PHE B 771 99.37 60.39 -75.69
CA PHE B 771 97.97 60.79 -75.64
C PHE B 771 97.57 61.35 -76.99
N ASN B 772 96.29 61.17 -77.32
CA ASN B 772 95.76 61.55 -78.61
C ASN B 772 95.54 63.06 -78.71
N LEU B 773 95.50 63.54 -79.95
CA LEU B 773 95.14 64.92 -80.26
C LEU B 773 93.64 65.06 -80.50
N ASP B 774 92.84 64.15 -79.97
CA ASP B 774 91.40 64.09 -80.20
C ASP B 774 90.75 65.21 -79.39
N GLY B 775 90.59 66.36 -80.01
CA GLY B 775 89.95 67.49 -79.38
C GLY B 775 90.90 68.67 -79.21
N LEU B 776 90.31 69.85 -79.20
CA LEU B 776 91.04 71.07 -78.92
C LEU B 776 91.49 71.09 -77.46
N PHE B 777 92.59 71.79 -77.21
CA PHE B 777 93.18 71.80 -75.87
C PHE B 777 92.69 73.01 -75.10
N PHE B 778 93.00 73.01 -73.80
CA PHE B 778 92.47 74.01 -72.87
C PHE B 778 93.50 74.44 -71.85
N PRO B 779 93.51 75.72 -71.48
CA PRO B 779 94.21 76.13 -70.25
C PRO B 779 93.37 75.78 -69.03
N VAL B 780 93.74 74.72 -68.33
CA VAL B 780 92.97 74.22 -67.21
C VAL B 780 93.70 74.52 -65.92
N VAL B 781 93.05 75.26 -65.04
CA VAL B 781 93.56 75.51 -63.70
C VAL B 781 92.57 74.92 -62.71
N SER B 782 93.06 74.21 -61.71
CA SER B 782 92.23 73.68 -60.63
C SER B 782 92.52 74.47 -59.37
N PHE B 783 91.47 74.89 -58.68
CA PHE B 783 91.66 75.71 -57.49
C PHE B 783 90.49 75.50 -56.55
N SER B 784 90.79 75.43 -55.25
CA SER B 784 89.78 75.38 -54.22
C SER B 784 89.43 76.82 -53.81
N ALA B 785 88.73 76.95 -52.68
CA ALA B 785 88.36 78.25 -52.16
C ALA B 785 89.58 79.00 -51.63
N GLY B 786 89.44 80.32 -51.52
CA GLY B 786 90.49 81.16 -51.00
C GLY B 786 91.66 81.41 -51.94
N VAL B 787 91.58 80.97 -53.19
CA VAL B 787 92.69 81.08 -54.13
C VAL B 787 92.32 82.07 -55.22
N LYS B 788 93.02 83.20 -55.25
CA LYS B 788 92.82 84.23 -56.26
C LYS B 788 94.01 84.20 -57.21
N VAL B 789 93.90 83.39 -58.27
CA VAL B 789 95.02 83.10 -59.15
C VAL B 789 95.00 84.09 -60.31
N ARG B 790 96.17 84.31 -60.92
CA ARG B 790 96.32 85.21 -62.06
C ARG B 790 96.98 84.50 -63.23
N PHE B 791 96.31 84.54 -64.38
CA PHE B 791 96.91 84.08 -65.63
C PHE B 791 97.90 85.12 -66.15
N LEU B 792 98.57 84.78 -67.23
CA LEU B 792 99.34 85.73 -68.01
C LEU B 792 99.01 85.50 -69.48
N LEU B 793 98.51 86.55 -70.15
CA LEU B 793 98.05 86.45 -71.53
C LEU B 793 99.17 86.23 -72.54
N GLY B 794 100.44 86.35 -72.15
CA GLY B 794 101.48 86.26 -73.14
C GLY B 794 101.71 87.60 -73.79
N GLY B 795 101.05 87.81 -74.93
CA GLY B 795 101.16 89.04 -75.69
C GLY B 795 100.66 90.31 -75.01
N ARG B 796 99.36 90.38 -74.72
CA ARG B 796 98.78 91.66 -74.31
C ARG B 796 99.11 92.02 -72.88
N HIS B 797 98.65 91.21 -71.92
CA HIS B 797 98.86 91.50 -70.50
C HIS B 797 99.76 90.47 -69.84
N GLY B 798 100.44 89.63 -70.61
CA GLY B 798 101.33 88.68 -69.99
C GLY B 798 102.69 89.27 -69.76
N GLU B 799 102.90 89.78 -68.56
CA GLU B 799 104.18 90.37 -68.16
C GLU B 799 105.10 89.21 -67.81
N PHE B 800 106.09 88.97 -68.66
CA PHE B 800 106.92 87.78 -68.54
C PHE B 800 107.92 87.94 -67.41
N LYS B 801 107.64 87.30 -66.27
CA LYS B 801 108.62 87.20 -65.20
C LYS B 801 109.71 86.20 -65.54
N PHE B 802 109.41 85.24 -66.41
CA PHE B 802 110.40 84.31 -66.91
C PHE B 802 110.20 84.14 -68.41
N LEU B 803 110.97 83.24 -69.00
CA LEU B 803 110.88 83.30 -70.45
C LEU B 803 110.22 82.03 -71.01
N PRO B 804 109.52 82.17 -72.14
CA PRO B 804 109.16 81.01 -72.93
C PRO B 804 110.41 80.36 -73.49
N PRO B 805 110.41 79.03 -73.66
CA PRO B 805 111.45 78.39 -74.46
C PRO B 805 111.35 78.82 -75.91
N PRO B 806 112.46 78.77 -76.68
CA PRO B 806 112.47 79.36 -78.03
C PRO B 806 111.51 78.70 -79.02
N GLY B 807 110.50 79.47 -79.44
CA GLY B 807 109.55 79.01 -80.42
C GLY B 807 108.26 78.49 -79.84
N TYR B 808 107.74 79.12 -78.79
CA TYR B 808 106.43 78.75 -78.26
C TYR B 808 105.59 80.01 -78.07
N ALA B 809 105.06 80.56 -79.19
CA ALA B 809 103.74 81.17 -79.40
C ALA B 809 103.07 81.73 -78.16
N PRO B 810 103.54 82.84 -77.59
CA PRO B 810 102.96 83.30 -76.31
C PRO B 810 101.53 83.83 -76.41
N CYS B 811 100.59 82.95 -76.80
CA CYS B 811 99.16 83.22 -76.92
C CYS B 811 98.89 84.48 -77.75
N HIS B 812 99.54 84.54 -78.93
CA HIS B 812 99.51 85.74 -79.75
C HIS B 812 98.95 85.51 -81.14
N GLU B 813 99.48 84.53 -81.89
CA GLU B 813 99.17 84.45 -83.32
C GLU B 813 97.79 83.86 -83.57
N ALA B 814 97.47 82.72 -82.97
CA ALA B 814 96.19 82.05 -83.22
C ALA B 814 95.44 81.96 -81.90
N VAL B 815 94.76 83.05 -81.53
CA VAL B 815 93.92 83.10 -80.33
C VAL B 815 92.78 84.07 -80.59
N LEU B 816 91.55 83.56 -80.37
CA LEU B 816 90.27 84.23 -80.63
C LEU B 816 90.20 84.76 -82.06
N PRO B 817 90.04 83.91 -83.08
CA PRO B 817 90.05 84.39 -84.46
C PRO B 817 88.80 85.17 -84.84
N ARG B 818 87.70 85.00 -84.09
CA ARG B 818 86.49 85.78 -84.32
C ARG B 818 85.84 86.21 -83.01
N GLU B 819 86.59 86.24 -81.92
CA GLU B 819 86.04 86.53 -80.60
C GLU B 819 87.07 87.33 -79.81
N ARG B 820 86.84 87.43 -78.50
CA ARG B 820 87.70 88.15 -77.58
C ARG B 820 88.25 87.17 -76.53
N LEU B 821 88.90 87.72 -75.52
CA LEU B 821 89.48 86.93 -74.45
C LEU B 821 88.50 86.81 -73.29
N ARG B 822 88.12 85.58 -72.94
CA ARG B 822 87.11 85.34 -71.92
C ARG B 822 87.58 84.24 -70.98
N LEU B 823 87.52 84.53 -69.68
CA LEU B 823 87.70 83.48 -68.68
C LEU B 823 86.33 82.88 -68.34
N GLU B 824 86.25 81.54 -68.34
CA GLU B 824 84.96 80.89 -68.18
C GLU B 824 85.09 79.51 -67.57
N PRO B 825 84.12 79.06 -66.77
CA PRO B 825 84.08 77.66 -66.35
C PRO B 825 83.73 76.76 -67.52
N ILE B 826 84.47 75.65 -67.64
CA ILE B 826 84.37 74.79 -68.81
C ILE B 826 83.08 73.96 -68.76
N LYS B 827 82.12 74.34 -69.61
CA LYS B 827 80.86 73.61 -69.86
C LYS B 827 80.05 73.42 -68.58
N GLU B 828 79.61 74.53 -68.01
CA GLU B 828 78.85 74.52 -66.77
C GLU B 828 77.40 74.14 -67.04
N TYR B 829 76.67 73.91 -65.95
CA TYR B 829 75.23 73.72 -65.98
C TYR B 829 74.47 74.87 -65.34
N ARG B 830 75.09 75.54 -64.38
CA ARG B 830 74.53 76.68 -63.68
C ARG B 830 75.50 77.85 -63.79
N ARG B 831 74.95 79.06 -63.82
CA ARG B 831 75.74 80.27 -63.72
C ARG B 831 74.94 81.30 -62.94
N GLU B 832 75.59 82.43 -62.66
CA GLU B 832 74.97 83.49 -61.88
C GLU B 832 74.02 84.32 -62.74
N GLY B 833 73.36 85.28 -62.11
CA GLY B 833 72.44 86.15 -62.78
C GLY B 833 71.94 87.26 -61.88
N PRO B 834 71.41 88.33 -62.48
CA PRO B 834 70.90 89.44 -61.66
C PRO B 834 69.66 89.07 -60.87
N ARG B 835 68.67 88.47 -61.54
CA ARG B 835 67.53 87.85 -60.86
C ARG B 835 67.31 86.52 -61.56
N GLY B 836 67.31 85.43 -60.82
CA GLY B 836 67.32 84.15 -61.45
C GLY B 836 68.67 83.84 -62.06
N PRO B 837 69.63 83.42 -61.23
CA PRO B 837 70.90 82.92 -61.75
C PRO B 837 70.68 81.78 -62.75
N HIS B 838 71.26 81.94 -63.93
CA HIS B 838 70.83 81.21 -65.11
C HIS B 838 71.34 79.78 -65.12
N LEU B 839 70.57 78.91 -65.77
CA LEU B 839 70.98 77.55 -66.05
C LEU B 839 71.36 77.42 -67.52
N VAL B 840 72.42 76.67 -67.78
CA VAL B 840 72.97 76.58 -69.13
C VAL B 840 73.08 75.11 -69.52
N GLY B 841 72.66 74.80 -70.74
CA GLY B 841 72.77 73.47 -71.28
C GLY B 841 74.19 73.13 -71.71
N PRO B 842 74.39 71.93 -72.27
CA PRO B 842 75.75 71.50 -72.63
C PRO B 842 76.29 72.21 -73.86
N SER B 843 77.17 73.18 -73.63
CA SER B 843 77.74 73.96 -74.73
C SER B 843 78.74 73.11 -75.49
N ARG B 844 78.42 72.81 -76.75
CA ARG B 844 79.27 71.96 -77.57
C ARG B 844 80.50 72.74 -78.03
N CYS B 845 81.67 72.11 -77.87
CA CYS B 845 82.91 72.73 -78.31
C CYS B 845 82.99 72.74 -79.83
N LEU B 846 83.29 73.90 -80.41
CA LEU B 846 83.23 74.08 -81.86
C LEU B 846 84.47 73.46 -82.52
N SER B 847 84.25 72.39 -83.29
CA SER B 847 85.25 71.73 -84.14
C SER B 847 86.46 71.25 -83.34
N HIS B 848 86.18 70.34 -82.40
CA HIS B 848 87.25 69.69 -81.65
C HIS B 848 88.15 68.87 -82.57
N THR B 849 87.54 68.14 -83.49
CA THR B 849 88.23 67.57 -84.64
C THR B 849 87.78 68.33 -85.88
N ASP B 850 88.45 68.01 -87.00
CA ASP B 850 88.20 68.61 -88.33
C ASP B 850 88.35 70.13 -88.30
N PHE B 851 89.42 70.60 -87.67
CA PHE B 851 89.74 72.02 -87.62
C PHE B 851 90.61 72.45 -88.80
N VAL B 852 90.57 71.72 -89.90
CA VAL B 852 91.35 72.03 -91.10
C VAL B 852 90.39 72.20 -92.26
N PRO B 853 90.61 73.14 -93.16
CA PRO B 853 89.67 73.37 -94.26
C PRO B 853 89.84 72.34 -95.37
N CYS B 854 88.80 72.22 -96.20
CA CYS B 854 88.78 71.24 -97.26
C CYS B 854 88.26 71.88 -98.56
N PRO B 855 89.09 71.98 -99.60
CA PRO B 855 88.62 72.58 -100.84
C PRO B 855 87.67 71.65 -101.60
N VAL B 856 86.98 72.25 -102.57
CA VAL B 856 86.17 71.51 -103.54
C VAL B 856 86.84 71.67 -104.90
N ASP B 857 87.18 70.55 -105.52
CA ASP B 857 87.92 70.54 -106.78
C ASP B 857 87.11 71.12 -107.94
N ILE B 861 89.46 67.02 -111.67
CA ILE B 861 88.36 66.65 -112.56
C ILE B 861 88.63 67.16 -113.98
N VAL B 862 87.58 67.20 -114.80
CA VAL B 862 87.70 67.64 -116.18
C VAL B 862 86.84 68.89 -116.38
N LEU B 863 86.81 69.42 -117.60
CA LEU B 863 86.01 70.59 -117.91
C LEU B 863 85.39 70.41 -119.29
N PRO B 864 84.08 70.63 -119.44
CA PRO B 864 83.45 70.49 -120.75
C PRO B 864 83.90 71.59 -121.70
N PRO B 865 83.82 71.36 -123.02
CA PRO B 865 84.32 72.37 -123.97
C PRO B 865 83.51 73.65 -124.01
N HIS B 866 82.19 73.58 -123.78
CA HIS B 866 81.41 74.80 -123.71
C HIS B 866 81.70 75.61 -122.44
N LEU B 867 82.20 74.96 -121.39
CA LEU B 867 82.79 75.68 -120.28
C LEU B 867 84.24 76.07 -120.53
N GLU B 868 84.93 75.36 -121.43
CA GLU B 868 86.21 75.85 -121.91
C GLU B 868 86.05 77.03 -122.86
N ARG B 869 84.89 77.17 -123.50
CA ARG B 869 84.59 78.38 -124.26
C ARG B 869 84.39 79.57 -123.34
N ILE B 870 83.95 79.31 -122.10
CA ILE B 870 83.75 80.41 -121.17
C ILE B 870 84.92 80.56 -120.21
N ARG B 871 85.86 79.59 -120.21
CA ARG B 871 87.04 79.68 -119.36
C ARG B 871 87.94 80.85 -119.78
N GLU B 872 87.96 81.15 -121.08
CA GLU B 872 88.63 82.36 -121.53
C GLU B 872 87.84 83.61 -121.14
N LYS B 873 86.51 83.55 -121.25
CA LYS B 873 85.70 84.74 -120.99
C LYS B 873 85.50 84.98 -119.50
N LEU B 874 85.46 83.92 -118.68
CA LEU B 874 85.42 84.13 -117.24
C LEU B 874 86.75 84.66 -116.73
N ALA B 875 87.86 84.27 -117.36
CA ALA B 875 89.16 84.85 -117.05
C ALA B 875 89.31 86.26 -117.58
N GLU B 876 88.42 86.71 -118.46
CA GLU B 876 88.35 88.12 -118.82
C GLU B 876 87.68 88.93 -117.73
N ASN B 877 86.43 88.59 -117.40
CA ASN B 877 85.60 89.46 -116.58
C ASN B 877 86.04 89.48 -115.13
N ILE B 878 86.70 88.41 -114.66
CA ILE B 878 87.38 88.48 -113.37
C ILE B 878 88.58 89.43 -113.46
N HIS B 879 89.34 89.35 -114.55
CA HIS B 879 90.45 90.27 -114.75
C HIS B 879 89.97 91.66 -115.13
N GLU B 880 88.77 91.78 -115.71
CA GLU B 880 88.17 93.10 -115.93
C GLU B 880 87.90 93.79 -114.60
N LEU B 881 87.47 93.03 -113.60
CA LEU B 881 87.19 93.61 -112.29
C LEU B 881 88.42 93.65 -111.39
N TRP B 882 89.39 92.75 -111.61
CA TRP B 882 90.64 92.82 -110.86
C TRP B 882 91.49 94.00 -111.31
N ALA B 883 91.44 94.33 -112.60
CA ALA B 883 92.08 95.56 -113.06
C ALA B 883 91.26 96.79 -112.72
N LEU B 884 89.95 96.62 -112.52
CA LEU B 884 89.12 97.74 -112.07
C LEU B 884 89.44 98.11 -110.62
N THR B 885 89.74 97.10 -109.80
CA THR B 885 89.95 97.31 -108.37
C THR B 885 91.23 98.13 -108.11
N ARG B 886 92.25 97.94 -108.94
CA ARG B 886 93.48 98.71 -108.79
C ARG B 886 93.26 100.18 -109.11
N ILE B 887 92.50 100.46 -110.16
CA ILE B 887 92.32 101.83 -110.63
C ILE B 887 91.48 102.64 -109.65
N GLU B 888 90.55 101.99 -108.95
CA GLU B 888 89.72 102.66 -107.95
C GLU B 888 90.53 103.17 -106.76
N GLN B 889 91.71 102.60 -106.50
CA GLN B 889 92.60 103.09 -105.46
C GLN B 889 93.69 104.02 -105.96
N GLY B 890 93.86 104.14 -107.28
CA GLY B 890 94.85 105.04 -107.83
C GLY B 890 96.06 104.34 -108.39
N TRP B 891 96.00 103.02 -108.51
CA TRP B 891 97.08 102.24 -109.12
C TRP B 891 97.01 102.45 -110.62
N THR B 892 97.88 103.30 -111.14
CA THR B 892 97.95 103.52 -112.58
C THR B 892 98.72 102.39 -113.25
N TYR B 893 98.85 102.45 -114.57
CA TYR B 893 99.57 101.41 -115.29
C TYR B 893 101.04 101.75 -115.41
N GLY B 894 101.88 100.75 -115.13
CA GLY B 894 103.31 100.88 -115.27
C GLY B 894 103.97 99.53 -115.17
N PRO B 895 104.95 99.25 -116.04
CA PRO B 895 105.58 97.93 -116.06
C PRO B 895 106.44 97.65 -114.85
N VAL B 896 106.93 98.67 -114.16
CA VAL B 896 107.68 98.51 -112.92
C VAL B 896 106.67 98.54 -111.77
N ARG B 897 106.44 97.39 -111.15
CA ARG B 897 105.44 97.27 -110.09
C ARG B 897 106.02 97.86 -108.81
N ASP B 898 105.59 99.08 -108.49
CA ASP B 898 106.01 99.76 -107.27
C ASP B 898 104.77 100.16 -106.47
N ASP B 899 104.85 99.96 -105.15
CA ASP B 899 103.73 100.32 -104.29
C ASP B 899 103.67 101.82 -104.00
N ASN B 900 104.81 102.52 -104.16
CA ASN B 900 104.82 103.95 -103.92
C ASN B 900 104.54 104.74 -105.20
N LYS B 901 104.94 104.21 -106.36
CA LYS B 901 104.64 104.88 -107.62
C LYS B 901 103.22 104.59 -108.10
N ARG B 902 102.55 103.61 -107.49
CA ARG B 902 101.19 103.17 -107.84
C ARG B 902 101.10 102.74 -109.31
N LEU B 903 101.97 101.81 -109.67
CA LEU B 903 102.07 101.29 -111.03
C LEU B 903 101.75 99.81 -111.00
N HIS B 904 100.62 99.42 -111.58
CA HIS B 904 100.20 98.03 -111.62
C HIS B 904 100.47 97.46 -113.00
N PRO B 905 101.31 96.43 -113.14
CA PRO B 905 101.74 95.99 -114.47
C PRO B 905 100.73 95.15 -115.21
N CYS B 906 99.67 94.67 -114.55
CA CYS B 906 98.67 93.84 -115.20
C CYS B 906 97.36 94.58 -115.43
N LEU B 907 97.44 95.87 -115.76
CA LEU B 907 96.27 96.62 -116.20
C LEU B 907 96.20 96.61 -117.72
N VAL B 908 96.11 95.39 -118.26
CA VAL B 908 96.23 95.13 -119.68
C VAL B 908 94.98 94.42 -120.17
N ASN B 909 94.89 94.26 -121.49
CA ASN B 909 93.85 93.45 -122.12
C ASN B 909 94.03 91.98 -121.76
N PHE B 910 93.00 91.19 -122.09
CA PHE B 910 93.10 89.75 -121.90
C PHE B 910 94.10 89.14 -122.87
N HIS B 911 94.21 89.71 -124.07
CA HIS B 911 95.25 89.31 -125.01
C HIS B 911 96.58 89.97 -124.72
N SER B 912 96.58 91.13 -124.07
CA SER B 912 97.80 91.81 -123.67
C SER B 912 98.31 91.35 -122.32
N LEU B 913 97.72 90.29 -121.76
CA LEU B 913 98.26 89.66 -120.56
C LEU B 913 99.63 89.06 -120.84
N PRO B 914 100.57 89.22 -119.90
CA PRO B 914 101.83 88.47 -119.98
C PRO B 914 101.58 86.97 -119.87
N GLU B 915 102.54 86.21 -120.41
CA GLU B 915 102.43 84.75 -120.44
C GLU B 915 102.32 84.08 -119.06
N PRO B 916 102.94 84.59 -117.98
CA PRO B 916 102.48 84.13 -116.66
C PRO B 916 101.08 84.61 -116.32
N GLU B 917 100.77 85.89 -116.57
CA GLU B 917 99.48 86.45 -116.16
C GLU B 917 98.32 85.96 -117.03
N ARG B 918 98.58 85.48 -118.24
CA ARG B 918 97.51 84.93 -119.07
C ARG B 918 97.05 83.58 -118.54
N ASN B 919 97.98 82.72 -118.16
CA ASN B 919 97.66 81.44 -117.54
C ASN B 919 97.41 81.56 -116.05
N TYR B 920 97.47 82.77 -115.49
CA TYR B 920 97.12 83.03 -114.10
C TYR B 920 95.62 83.28 -113.94
N ASN B 921 95.01 84.01 -114.87
CA ASN B 921 93.57 84.20 -114.84
C ASN B 921 92.84 82.95 -115.33
N LEU B 922 93.42 82.24 -116.30
CA LEU B 922 92.82 81.00 -116.78
C LEU B 922 92.90 79.89 -115.72
N GLN B 923 93.89 79.96 -114.83
CA GLN B 923 93.96 79.00 -113.75
C GLN B 923 92.88 79.27 -112.70
N MET B 924 92.62 80.54 -112.41
CA MET B 924 91.52 80.89 -111.52
C MET B 924 90.17 80.62 -112.17
N SER B 925 90.08 80.79 -113.48
CA SER B 925 88.85 80.46 -114.19
C SER B 925 88.70 78.96 -114.39
N GLY B 926 89.80 78.22 -114.37
CA GLY B 926 89.71 76.77 -114.53
C GLY B 926 89.17 76.08 -113.29
N GLU B 927 89.57 76.55 -112.11
CA GLU B 927 89.13 75.92 -110.88
C GLU B 927 87.78 76.43 -110.40
N THR B 928 87.36 77.62 -110.83
CA THR B 928 86.06 78.16 -110.43
C THR B 928 84.93 77.35 -111.07
N LEU B 929 85.10 76.99 -112.34
CA LEU B 929 84.11 76.16 -113.03
C LEU B 929 84.13 74.72 -112.52
N LYS B 930 85.31 74.19 -112.18
CA LYS B 930 85.40 72.84 -111.66
C LYS B 930 84.91 72.73 -110.23
N THR B 931 84.91 73.83 -109.47
CA THR B 931 84.39 73.80 -108.10
C THR B 931 82.88 73.67 -108.11
N LEU B 932 82.20 74.44 -108.99
CA LEU B 932 80.75 74.40 -109.09
C LEU B 932 80.21 73.11 -109.68
N LEU B 933 81.07 72.27 -110.28
CA LEU B 933 80.65 70.94 -110.69
C LEU B 933 80.32 70.07 -109.49
N ALA B 934 81.24 70.02 -108.51
CA ALA B 934 81.05 69.18 -107.32
C ALA B 934 80.43 70.00 -106.18
N LEU B 935 79.32 70.66 -106.48
CA LEU B 935 78.53 71.34 -105.46
C LEU B 935 77.04 71.14 -105.64
N GLY B 936 76.60 70.30 -106.57
CA GLY B 936 75.18 70.12 -106.81
C GLY B 936 74.52 71.27 -107.53
N CYS B 937 75.31 72.16 -108.14
CA CYS B 937 74.80 73.29 -108.89
C CYS B 937 74.60 72.87 -110.34
N HIS B 938 73.39 73.05 -110.86
CA HIS B 938 73.07 72.68 -112.23
C HIS B 938 73.64 73.76 -113.14
N VAL B 939 74.83 73.50 -113.68
CA VAL B 939 75.56 74.46 -114.51
C VAL B 939 75.37 74.08 -115.97
N GLY B 940 74.83 75.00 -116.76
CA GLY B 940 74.62 74.74 -118.16
C GLY B 940 74.09 75.97 -118.88
N MET B 941 74.30 75.98 -120.20
CA MET B 941 73.84 77.07 -121.04
C MET B 941 72.31 77.09 -121.13
N ALA B 942 71.74 78.28 -120.95
CA ALA B 942 70.29 78.45 -120.96
C ALA B 942 69.75 78.91 -122.31
N ASP B 943 70.20 80.07 -122.80
CA ASP B 943 69.48 80.74 -123.89
C ASP B 943 70.33 81.22 -125.05
N GLU B 944 71.64 81.48 -124.86
CA GLU B 944 72.59 81.96 -125.88
C GLU B 944 72.19 83.31 -126.51
N LYS B 945 71.31 84.07 -125.87
CA LYS B 945 71.01 85.43 -126.29
C LYS B 945 71.33 86.47 -125.23
N ALA B 946 71.44 86.07 -123.96
CA ALA B 946 71.90 86.99 -122.92
C ALA B 946 73.38 87.31 -123.11
N GLU B 947 74.14 86.40 -123.71
CA GLU B 947 75.53 86.69 -124.06
C GLU B 947 75.62 87.72 -125.18
N ASP B 948 74.68 87.68 -126.13
CA ASP B 948 74.61 88.72 -127.14
C ASP B 948 74.03 90.02 -126.60
N ASN B 949 73.27 89.96 -125.50
CA ASN B 949 72.73 91.16 -124.86
C ASN B 949 73.71 91.82 -123.91
N LEU B 950 74.95 91.34 -123.83
CA LEU B 950 75.92 91.89 -122.90
C LEU B 950 76.39 93.27 -123.33
N LYS B 951 76.42 94.19 -122.36
CA LYS B 951 76.91 95.54 -122.55
C LYS B 951 78.13 95.74 -121.67
N LYS B 952 78.81 96.86 -121.86
CA LYS B 952 80.04 97.16 -121.14
C LYS B 952 79.83 98.36 -120.24
N THR B 953 80.49 98.33 -119.08
CA THR B 953 80.38 99.44 -118.13
C THR B 953 81.12 100.66 -118.67
N LYS B 954 80.38 101.72 -118.97
CA LYS B 954 80.95 102.93 -119.55
C LYS B 954 81.65 103.72 -118.45
N LEU B 955 82.97 103.87 -118.59
CA LEU B 955 83.80 104.55 -117.62
C LEU B 955 84.55 105.71 -118.27
N PRO B 956 84.91 106.74 -117.51
CA PRO B 956 85.69 107.85 -118.07
C PRO B 956 87.16 107.48 -118.24
N LYS B 957 87.95 108.48 -118.62
CA LYS B 957 89.38 108.29 -118.88
C LYS B 957 90.21 108.15 -117.61
N THR B 958 89.61 108.37 -116.43
CA THR B 958 90.30 108.05 -115.19
C THR B 958 90.46 106.54 -115.02
N TYR B 959 89.57 105.76 -115.63
CA TYR B 959 89.71 104.32 -115.66
C TYR B 959 90.53 103.83 -116.85
N MET B 960 90.65 104.64 -117.89
CA MET B 960 91.55 104.31 -118.99
C MET B 960 92.99 104.57 -118.55
N MET B 961 93.87 103.63 -118.86
CA MET B 961 95.24 103.67 -118.37
C MET B 961 96.20 104.10 -119.46
N SER B 962 97.50 104.09 -119.11
CA SER B 962 98.54 104.53 -120.03
C SER B 962 98.75 103.57 -121.19
N ASN B 963 98.34 102.32 -121.04
CA ASN B 963 98.26 101.39 -122.16
C ASN B 963 96.93 101.45 -122.89
N GLY B 964 96.05 102.36 -122.50
CA GLY B 964 94.73 102.48 -123.09
C GLY B 964 93.71 101.47 -122.62
N TYR B 965 94.09 100.55 -121.73
CA TYR B 965 93.18 99.53 -121.24
C TYR B 965 92.25 100.14 -120.20
N LYS B 966 91.02 100.45 -120.63
CA LYS B 966 89.97 100.78 -119.69
C LYS B 966 89.19 99.52 -119.38
N PRO B 967 89.10 99.11 -118.11
CA PRO B 967 88.37 97.87 -117.78
C PRO B 967 86.88 98.04 -118.00
N ALA B 968 86.33 97.21 -118.89
CA ALA B 968 84.91 97.25 -119.24
C ALA B 968 84.27 95.93 -118.85
N PRO B 969 83.78 95.80 -117.62
CA PRO B 969 83.06 94.59 -117.23
C PRO B 969 81.66 94.57 -117.82
N LEU B 970 80.97 93.46 -117.61
CA LEU B 970 79.65 93.26 -118.19
C LEU B 970 78.60 94.01 -117.39
N ASP B 971 77.64 94.63 -118.08
CA ASP B 971 76.54 95.32 -117.43
C ASP B 971 75.57 94.29 -116.90
N LEU B 972 75.76 93.87 -115.65
CA LEU B 972 74.98 92.80 -115.05
C LEU B 972 74.38 93.23 -113.72
N SER B 973 73.81 94.44 -113.68
CA SER B 973 73.13 94.89 -112.47
C SER B 973 71.76 94.25 -112.33
N HIS B 974 71.14 93.85 -113.43
CA HIS B 974 69.81 93.26 -113.43
C HIS B 974 69.81 91.78 -113.09
N VAL B 975 70.98 91.17 -112.91
CA VAL B 975 71.08 89.72 -112.77
C VAL B 975 71.04 89.34 -111.30
N ARG B 976 70.03 88.56 -110.92
CA ARG B 976 70.05 87.85 -109.66
C ARG B 976 70.70 86.49 -109.87
N LEU B 977 71.43 86.03 -108.86
CA LEU B 977 72.25 84.84 -109.05
C LEU B 977 71.40 83.57 -109.05
N THR B 978 70.78 83.23 -107.89
CA THR B 978 69.63 82.36 -107.59
C THR B 978 69.40 82.36 -106.07
N PRO B 979 68.26 81.85 -105.59
CA PRO B 979 68.23 81.39 -104.20
C PRO B 979 69.07 80.15 -103.96
N ALA B 980 69.37 79.37 -105.02
CA ALA B 980 70.11 78.12 -104.88
C ALA B 980 71.60 78.37 -104.72
N GLN B 981 72.19 79.21 -105.57
CA GLN B 981 73.63 79.43 -105.53
C GLN B 981 74.06 80.45 -104.48
N THR B 982 73.13 80.99 -103.69
CA THR B 982 73.52 81.82 -102.56
C THR B 982 74.23 81.01 -101.49
N THR B 983 73.92 79.72 -101.40
CA THR B 983 74.68 78.80 -100.56
C THR B 983 75.82 78.13 -101.32
N LEU B 984 75.69 77.99 -102.65
CA LEU B 984 76.77 77.39 -103.43
C LEU B 984 77.93 78.37 -103.63
N VAL B 985 77.64 79.67 -103.62
CA VAL B 985 78.71 80.66 -103.56
C VAL B 985 79.19 80.83 -102.12
N ASP B 986 78.49 80.24 -101.15
CA ASP B 986 79.03 80.11 -99.81
C ASP B 986 79.70 78.76 -99.60
N ARG B 987 79.24 77.72 -100.31
CA ARG B 987 79.90 76.42 -100.22
C ARG B 987 81.24 76.43 -100.93
N LEU B 988 81.32 77.13 -102.07
CA LEU B 988 82.62 77.34 -102.70
C LEU B 988 83.45 78.38 -101.95
N ALA B 989 82.80 79.22 -101.12
CA ALA B 989 83.55 80.12 -100.26
C ALA B 989 84.25 79.36 -99.15
N GLU B 990 83.62 78.30 -98.65
CA GLU B 990 84.32 77.37 -97.77
C GLU B 990 85.38 76.58 -98.54
N ASN B 991 85.25 76.49 -99.86
CA ASN B 991 86.27 75.87 -100.68
C ASN B 991 87.32 76.88 -101.11
N GLY B 992 86.95 78.16 -101.20
CA GLY B 992 87.87 79.16 -101.73
C GLY B 992 88.97 79.53 -100.76
N HIS B 993 88.63 79.72 -99.49
CA HIS B 993 89.65 80.02 -98.48
C HIS B 993 90.35 78.74 -98.06
N ASN B 994 89.76 77.58 -98.36
CA ASN B 994 90.41 76.31 -98.11
C ASN B 994 91.62 76.10 -99.01
N VAL B 995 91.46 76.35 -100.31
CA VAL B 995 92.57 76.18 -101.24
C VAL B 995 93.65 77.24 -101.00
N TRP B 996 93.25 78.40 -100.46
CA TRP B 996 94.25 79.37 -100.01
C TRP B 996 94.95 78.90 -98.76
N ALA B 997 94.28 78.09 -97.92
CA ALA B 997 94.90 77.61 -96.70
C ALA B 997 95.58 76.25 -96.90
N ARG B 998 95.03 75.40 -97.79
CA ARG B 998 95.66 74.11 -98.05
C ARG B 998 96.93 74.24 -98.89
N ASP B 999 97.17 75.40 -99.48
CA ASP B 999 98.41 75.65 -100.21
C ASP B 999 99.41 76.44 -99.38
N ARG B 1000 98.94 77.23 -98.42
CA ARG B 1000 99.83 78.07 -97.62
C ARG B 1000 100.24 77.43 -96.30
N VAL B 1001 99.45 76.50 -95.78
CA VAL B 1001 99.73 75.84 -94.51
C VAL B 1001 100.16 74.40 -94.72
N ALA B 1002 99.45 73.67 -95.57
CA ALA B 1002 99.84 72.28 -95.85
C ALA B 1002 100.98 72.22 -96.86
N GLN B 1003 100.76 72.78 -98.05
CA GLN B 1003 101.81 72.80 -99.06
C GLN B 1003 102.87 73.84 -98.79
N GLY B 1004 102.49 74.99 -98.23
CA GLY B 1004 103.44 76.04 -97.94
C GLY B 1004 104.25 75.81 -96.68
N TRP B 1005 103.53 75.59 -95.56
CA TRP B 1005 104.11 75.46 -94.22
C TRP B 1005 104.96 76.66 -93.84
N SER B 1006 104.51 77.85 -94.25
CA SER B 1006 105.23 79.09 -94.02
C SER B 1006 104.91 79.59 -92.62
N TYR B 1007 105.91 79.57 -91.73
CA TYR B 1007 105.75 80.09 -90.37
C TYR B 1007 105.88 81.61 -90.41
N SER B 1008 104.83 82.26 -90.90
CA SER B 1008 104.80 83.71 -91.04
C SER B 1008 104.21 84.34 -89.80
N ALA B 1009 104.84 85.42 -89.34
CA ALA B 1009 104.39 86.13 -88.15
C ALA B 1009 103.22 87.06 -88.47
N ARG B 1020 98.35 83.01 -89.65
CA ARG B 1020 97.01 83.32 -90.13
C ARG B 1020 96.45 82.17 -90.96
N LEU B 1021 96.44 80.97 -90.37
CA LEU B 1021 95.96 79.77 -91.04
C LEU B 1021 95.02 79.03 -90.11
N VAL B 1022 93.72 79.23 -90.32
CA VAL B 1022 92.69 78.50 -89.56
C VAL B 1022 91.67 77.97 -90.57
N PRO B 1023 90.72 77.14 -90.16
CA PRO B 1023 89.84 76.48 -91.13
C PRO B 1023 88.81 77.43 -91.70
N TYR B 1024 88.51 77.23 -92.99
CA TYR B 1024 87.72 78.15 -93.82
C TYR B 1024 86.26 78.29 -93.37
N ARG B 1025 85.82 77.49 -92.39
CA ARG B 1025 84.54 77.72 -91.73
C ARG B 1025 84.66 78.60 -90.49
N LEU B 1026 85.86 78.71 -89.91
CA LEU B 1026 86.05 79.52 -88.70
C LEU B 1026 87.39 80.25 -88.72
N LEU B 1027 87.90 80.60 -89.90
CA LEU B 1027 89.19 81.27 -89.99
C LEU B 1027 89.06 82.74 -89.64
N ASP B 1028 88.30 83.49 -90.44
CA ASP B 1028 88.25 84.94 -90.32
C ASP B 1028 87.01 85.42 -91.07
N GLU B 1029 86.37 86.44 -90.49
CA GLU B 1029 85.16 86.99 -91.09
C GLU B 1029 85.48 87.87 -92.29
N ALA B 1030 86.56 88.65 -92.23
CA ALA B 1030 86.97 89.47 -93.36
C ALA B 1030 87.54 88.63 -94.50
N THR B 1031 88.07 87.45 -94.17
CA THR B 1031 88.45 86.51 -95.22
C THR B 1031 87.23 86.01 -95.98
N LYS B 1032 86.16 85.66 -95.24
CA LYS B 1032 84.95 85.14 -95.87
C LYS B 1032 84.20 86.19 -96.67
N ARG B 1033 84.23 87.45 -96.22
CA ARG B 1033 83.58 88.52 -96.98
C ARG B 1033 84.33 88.83 -98.26
N SER B 1034 85.66 88.77 -98.23
CA SER B 1034 86.42 88.79 -99.46
C SER B 1034 86.19 87.52 -100.28
N ASN B 1035 85.92 86.40 -99.61
CA ASN B 1035 85.61 85.17 -100.31
C ASN B 1035 84.17 85.17 -100.80
N ARG B 1036 83.28 85.89 -100.12
CA ARG B 1036 81.98 86.21 -100.70
C ARG B 1036 82.14 87.12 -101.91
N ASP B 1037 83.09 88.07 -101.83
CA ASP B 1037 83.36 88.95 -102.96
C ASP B 1037 84.08 88.22 -104.08
N SER B 1038 84.83 87.16 -103.75
CA SER B 1038 85.53 86.37 -104.76
C SER B 1038 84.57 85.55 -105.62
N LEU B 1039 83.34 85.34 -105.16
CA LEU B 1039 82.36 84.55 -105.86
C LEU B 1039 81.10 85.33 -106.21
N CYS B 1040 81.02 86.61 -105.81
CA CYS B 1040 79.85 87.42 -106.16
C CYS B 1040 79.87 87.83 -107.61
N GLN B 1041 81.05 87.86 -108.24
CA GLN B 1041 81.19 88.24 -109.63
C GLN B 1041 81.72 87.10 -110.49
N ALA B 1042 81.57 85.86 -110.05
CA ALA B 1042 81.86 84.69 -110.87
C ALA B 1042 80.63 83.83 -111.13
N VAL B 1043 79.69 83.81 -110.18
CA VAL B 1043 78.41 83.13 -110.40
C VAL B 1043 77.50 83.98 -111.28
N ARG B 1044 77.44 85.28 -111.00
CA ARG B 1044 76.60 86.18 -111.79
C ARG B 1044 77.21 86.50 -113.15
N THR B 1045 78.52 86.30 -113.30
CA THR B 1045 79.17 86.53 -114.59
C THR B 1045 78.71 85.52 -115.63
N LEU B 1046 78.63 84.25 -115.24
CA LEU B 1046 78.24 83.19 -116.17
C LEU B 1046 76.77 83.30 -116.57
N LEU B 1047 75.95 83.91 -115.71
CA LEU B 1047 74.55 84.15 -116.06
C LEU B 1047 74.41 85.20 -117.15
N GLY B 1048 75.37 86.13 -117.23
CA GLY B 1048 75.37 87.07 -118.33
C GLY B 1048 75.76 86.41 -119.64
N TYR B 1049 76.52 85.32 -119.58
CA TYR B 1049 76.86 84.54 -120.76
C TYR B 1049 75.86 83.42 -121.04
N GLY B 1050 74.73 83.40 -120.34
CA GLY B 1050 73.72 82.39 -120.55
C GLY B 1050 73.92 81.09 -119.80
N TYR B 1051 74.97 80.97 -119.00
CA TYR B 1051 75.22 79.76 -118.22
C TYR B 1051 74.42 79.82 -116.92
N ASN B 1052 73.33 79.06 -116.85
CA ASN B 1052 72.48 79.05 -115.69
C ASN B 1052 73.13 78.25 -114.56
N ILE B 1053 73.03 78.77 -113.34
CA ILE B 1053 73.60 78.13 -112.15
C ILE B 1053 72.50 77.98 -111.12
N GLU B 1054 72.27 76.74 -110.68
CA GLU B 1054 71.30 76.46 -109.63
C GLU B 1054 71.91 75.62 -108.52
N ASP B 1070 74.10 65.54 -79.15
CA ASP B 1070 74.87 65.02 -78.02
C ASP B 1070 73.90 64.58 -76.92
N ARG B 1071 73.82 65.36 -75.85
CA ARG B 1071 72.92 65.10 -74.74
C ARG B 1071 72.17 66.37 -74.39
N VAL B 1072 71.16 66.21 -73.53
CA VAL B 1072 70.33 67.32 -73.05
C VAL B 1072 70.30 67.26 -71.53
N ARG B 1073 70.68 68.36 -70.88
CA ARG B 1073 70.60 68.45 -69.43
C ARG B 1073 69.14 68.47 -69.00
N ILE B 1074 68.86 67.87 -67.84
CA ILE B 1074 67.52 67.77 -67.31
C ILE B 1074 67.54 68.30 -65.88
N PHE B 1075 66.59 69.15 -65.54
CA PHE B 1075 66.53 69.77 -64.22
C PHE B 1075 65.17 69.50 -63.59
N ARG B 1076 65.17 69.16 -62.30
CA ARG B 1076 63.93 68.87 -61.59
C ARG B 1076 64.11 69.14 -60.10
N ALA B 1077 62.99 69.41 -59.44
CA ALA B 1077 62.99 69.60 -58.01
C ALA B 1077 62.97 68.25 -57.30
N GLU B 1078 62.90 68.28 -55.97
CA GLU B 1078 62.96 67.05 -55.21
C GLU B 1078 61.56 66.41 -55.15
N LYS B 1079 61.54 65.09 -54.95
CA LYS B 1079 60.29 64.37 -54.74
C LYS B 1079 59.55 64.83 -53.49
N SER B 1080 60.28 65.34 -52.49
CA SER B 1080 59.65 65.90 -51.30
C SER B 1080 58.86 67.16 -51.59
N TYR B 1081 59.27 67.95 -52.57
CA TYR B 1081 58.58 69.17 -52.94
C TYR B 1081 57.48 68.92 -53.97
N THR B 1082 57.23 67.67 -54.32
CA THR B 1082 56.21 67.34 -55.31
C THR B 1082 54.83 67.50 -54.69
N VAL B 1083 54.07 68.49 -55.17
CA VAL B 1083 52.72 68.69 -54.68
C VAL B 1083 51.75 67.79 -55.43
N GLN B 1084 50.62 67.48 -54.78
CA GLN B 1084 49.63 66.58 -55.36
C GLN B 1084 48.24 67.21 -55.44
N SER B 1085 48.13 68.52 -55.21
CA SER B 1085 46.83 69.19 -55.26
C SER B 1085 47.06 70.68 -55.44
N GLY B 1086 45.95 71.43 -55.43
CA GLY B 1086 45.99 72.87 -55.39
C GLY B 1086 46.37 73.51 -56.71
N ARG B 1087 46.35 74.83 -56.69
CA ARG B 1087 46.76 75.64 -57.82
C ARG B 1087 48.17 76.14 -57.58
N TRP B 1088 49.06 75.88 -58.54
CA TRP B 1088 50.45 76.25 -58.36
C TRP B 1088 50.94 77.00 -59.58
N TYR B 1089 52.03 77.74 -59.37
CA TYR B 1089 52.63 78.56 -60.41
C TYR B 1089 54.14 78.54 -60.25
N PHE B 1090 54.85 78.45 -61.38
CA PHE B 1090 56.27 78.69 -61.42
C PHE B 1090 56.57 79.44 -62.70
N GLU B 1091 57.71 80.13 -62.72
CA GLU B 1091 57.98 81.09 -63.78
C GLU B 1091 59.34 80.79 -64.38
N PHE B 1092 59.47 80.90 -65.70
CA PHE B 1092 60.73 80.63 -66.37
C PHE B 1092 61.11 81.81 -67.26
N GLU B 1093 62.41 82.05 -67.38
CA GLU B 1093 62.95 83.05 -68.30
C GLU B 1093 63.95 82.38 -69.23
N ALA B 1094 63.78 82.58 -70.54
CA ALA B 1094 64.62 81.95 -71.56
C ALA B 1094 65.34 83.05 -72.34
N VAL B 1095 66.60 83.32 -71.96
CA VAL B 1095 67.41 84.28 -72.69
C VAL B 1095 67.69 83.76 -74.10
N THR B 1096 68.29 82.59 -74.20
CA THR B 1096 68.30 81.86 -75.46
C THR B 1096 66.91 81.29 -75.74
N THR B 1097 66.54 81.30 -77.02
CA THR B 1097 65.21 80.88 -77.45
C THR B 1097 65.26 79.59 -78.26
N GLY B 1098 66.32 78.82 -78.11
CA GLY B 1098 66.52 77.66 -78.95
C GLY B 1098 65.85 76.41 -78.43
N GLU B 1099 66.63 75.36 -78.23
CA GLU B 1099 66.12 74.03 -77.87
C GLU B 1099 66.13 73.88 -76.36
N MET B 1100 65.00 74.18 -75.72
CA MET B 1100 64.85 73.88 -74.30
C MET B 1100 63.38 73.65 -74.03
N ARG B 1101 63.09 73.09 -72.86
CA ARG B 1101 61.74 72.65 -72.53
C ARG B 1101 61.41 73.00 -71.09
N VAL B 1102 60.17 73.46 -70.88
CA VAL B 1102 59.67 73.85 -69.56
C VAL B 1102 58.23 73.36 -69.43
N GLY B 1103 57.96 72.59 -68.40
CA GLY B 1103 56.60 72.14 -68.15
C GLY B 1103 56.51 71.35 -66.86
N TRP B 1104 55.40 70.65 -66.70
CA TRP B 1104 55.19 69.78 -65.56
C TRP B 1104 55.59 68.35 -65.91
N ALA B 1105 55.94 67.58 -64.87
CA ALA B 1105 56.30 66.19 -65.06
C ALA B 1105 56.06 65.44 -63.77
N ARG B 1106 55.86 64.13 -63.90
CA ARG B 1106 55.69 63.28 -62.74
C ARG B 1106 57.04 63.09 -62.04
N PRO B 1107 57.04 62.91 -60.71
CA PRO B 1107 58.32 62.87 -59.98
C PRO B 1107 59.16 61.62 -60.22
N GLU B 1108 58.66 60.63 -60.97
CA GLU B 1108 59.45 59.45 -61.31
C GLU B 1108 60.10 59.62 -62.68
N LEU B 1109 61.00 60.60 -62.76
CA LEU B 1109 61.69 60.91 -64.00
C LEU B 1109 62.81 59.92 -64.24
N ARG B 1110 62.69 59.12 -65.29
CA ARG B 1110 63.77 58.21 -65.61
C ARG B 1110 64.88 58.94 -66.35
N PRO B 1111 66.13 58.75 -65.96
CA PRO B 1111 67.25 59.34 -66.71
C PRO B 1111 67.48 58.59 -68.01
N ASP B 1112 68.35 59.17 -68.86
CA ASP B 1112 68.64 58.73 -70.24
C ASP B 1112 67.39 58.71 -71.13
N VAL B 1113 66.38 59.49 -70.78
CA VAL B 1113 65.13 59.58 -71.54
C VAL B 1113 64.89 61.05 -71.84
N GLU B 1114 64.61 61.37 -73.10
CA GLU B 1114 64.31 62.74 -73.45
C GLU B 1114 62.95 63.16 -72.89
N LEU B 1115 62.82 64.45 -72.64
CA LEU B 1115 61.72 64.96 -71.82
C LEU B 1115 60.52 65.27 -72.69
N GLY B 1116 59.37 64.69 -72.34
CA GLY B 1116 58.13 64.99 -73.02
C GLY B 1116 57.82 64.12 -74.21
N ALA B 1117 58.65 63.11 -74.51
CA ALA B 1117 58.35 62.17 -75.58
C ALA B 1117 57.56 60.96 -75.08
N ASP B 1118 56.86 61.09 -73.97
CA ASP B 1118 56.18 59.96 -73.35
C ASP B 1118 55.02 60.47 -72.49
N GLU B 1119 54.51 59.58 -71.66
CA GLU B 1119 53.40 59.87 -70.76
C GLU B 1119 53.86 60.51 -69.45
N LEU B 1120 55.16 60.74 -69.30
CA LEU B 1120 55.73 61.11 -68.01
C LEU B 1120 55.81 62.62 -67.81
N ALA B 1121 55.98 63.39 -68.87
CA ALA B 1121 56.23 64.83 -68.75
C ALA B 1121 55.30 65.62 -69.65
N TYR B 1122 54.52 66.51 -69.04
CA TYR B 1122 53.69 67.47 -69.75
C TYR B 1122 54.53 68.73 -69.95
N VAL B 1123 55.31 68.75 -71.02
CA VAL B 1123 56.33 69.78 -71.20
C VAL B 1123 56.04 70.54 -72.48
N PHE B 1124 56.72 71.67 -72.64
CA PHE B 1124 56.50 72.58 -73.76
C PHE B 1124 57.83 73.04 -74.34
N ASN B 1125 57.93 72.99 -75.67
CA ASN B 1125 59.05 73.55 -76.40
C ASN B 1125 58.52 74.65 -77.30
N GLY B 1126 58.92 75.89 -77.02
CA GLY B 1126 58.44 77.01 -77.81
C GLY B 1126 59.47 77.46 -78.82
N HIS B 1127 60.34 76.53 -79.21
CA HIS B 1127 61.15 76.78 -80.40
C HIS B 1127 60.29 76.71 -81.65
N ARG B 1128 59.22 75.92 -81.60
CA ARG B 1128 58.21 75.89 -82.65
C ARG B 1128 56.81 76.18 -82.13
N GLY B 1129 56.65 76.45 -80.83
CA GLY B 1129 55.34 76.51 -80.24
C GLY B 1129 54.72 75.13 -80.21
N GLN B 1130 55.28 74.24 -79.41
CA GLN B 1130 54.89 72.84 -79.40
C GLN B 1130 54.87 72.29 -77.99
N ARG B 1131 53.71 71.81 -77.55
CA ARG B 1131 53.62 71.04 -76.31
C ARG B 1131 54.05 69.61 -76.61
N TRP B 1132 54.84 69.03 -75.71
CA TRP B 1132 55.36 67.68 -75.91
C TRP B 1132 54.88 66.79 -74.78
N HIS B 1133 53.95 65.90 -75.08
CA HIS B 1133 53.54 64.82 -74.19
C HIS B 1133 52.98 63.71 -75.05
N LEU B 1134 53.61 62.52 -74.96
CA LEU B 1134 53.36 61.38 -75.86
C LEU B 1134 53.52 61.81 -77.32
N GLY B 1135 54.65 62.47 -77.60
CA GLY B 1135 54.91 63.03 -78.91
C GLY B 1135 54.78 64.54 -78.90
N SER B 1136 55.10 65.12 -80.06
CA SER B 1136 55.05 66.57 -80.23
C SER B 1136 53.70 66.98 -80.77
N GLU B 1137 53.06 67.94 -80.10
CA GLU B 1137 51.81 68.52 -80.54
C GLU B 1137 52.02 70.02 -80.67
N PRO B 1138 51.72 70.60 -81.84
CA PRO B 1138 51.95 72.03 -82.04
C PRO B 1138 51.01 72.87 -81.20
N PHE B 1139 51.59 73.77 -80.39
CA PHE B 1139 50.84 74.49 -79.38
C PHE B 1139 51.28 75.96 -79.40
N GLY B 1140 50.61 76.76 -80.20
CA GLY B 1140 50.89 78.17 -80.27
C GLY B 1140 52.11 78.51 -81.10
N ARG B 1141 52.57 79.76 -80.91
CA ARG B 1141 53.63 80.41 -81.65
C ARG B 1141 54.98 80.17 -80.99
N PRO B 1142 56.08 80.35 -81.74
CA PRO B 1142 57.41 80.26 -81.11
C PRO B 1142 57.75 81.44 -80.21
N TRP B 1143 59.00 81.47 -79.75
CA TRP B 1143 59.43 82.35 -78.67
C TRP B 1143 59.94 83.70 -79.17
N GLN B 1144 60.09 84.61 -78.23
CA GLN B 1144 60.77 85.88 -78.36
C GLN B 1144 61.92 85.90 -77.34
N SER B 1145 62.73 86.97 -77.38
CA SER B 1145 63.81 87.08 -76.43
C SER B 1145 63.27 87.49 -75.05
N GLY B 1146 64.03 87.15 -74.01
CA GLY B 1146 63.54 87.29 -72.66
C GLY B 1146 62.70 86.09 -72.28
N ASP B 1147 61.50 86.02 -72.86
CA ASP B 1147 60.65 84.83 -72.91
C ASP B 1147 60.24 84.35 -71.51
N VAL B 1148 59.46 85.21 -70.85
CA VAL B 1148 58.89 84.86 -69.55
C VAL B 1148 57.87 83.74 -69.74
N VAL B 1149 58.24 82.54 -69.30
CA VAL B 1149 57.35 81.38 -69.35
C VAL B 1149 56.74 81.20 -67.96
N GLY B 1150 55.42 81.24 -67.88
CA GLY B 1150 54.78 80.94 -66.62
C GLY B 1150 53.80 79.79 -66.76
N CYS B 1151 54.13 78.64 -66.15
CA CYS B 1151 53.29 77.47 -66.25
C CYS B 1151 52.49 77.30 -64.97
N MET B 1152 51.24 76.88 -65.11
CA MET B 1152 50.32 76.74 -64.00
C MET B 1152 49.78 75.32 -63.97
N ILE B 1153 49.14 74.98 -62.86
CA ILE B 1153 48.50 73.67 -62.71
C ILE B 1153 47.31 73.84 -61.80
N ASP B 1154 46.30 73.00 -61.99
CA ASP B 1154 45.17 72.91 -61.07
C ASP B 1154 44.79 71.43 -61.04
N LEU B 1155 45.33 70.69 -60.07
CA LEU B 1155 45.07 69.25 -60.02
C LEU B 1155 43.64 68.95 -59.62
N THR B 1156 42.96 69.90 -58.99
CA THR B 1156 41.51 69.81 -58.83
C THR B 1156 40.82 69.85 -60.19
N GLU B 1157 41.16 70.85 -61.01
CA GLU B 1157 40.62 70.94 -62.35
C GLU B 1157 41.20 69.87 -63.27
N ASN B 1158 42.37 69.33 -62.92
CA ASN B 1158 43.15 68.40 -63.72
C ASN B 1158 43.48 69.00 -65.08
N THR B 1159 43.95 70.25 -65.06
CA THR B 1159 44.27 71.00 -66.27
C THR B 1159 45.48 71.89 -66.01
N ILE B 1160 46.53 71.67 -66.77
CA ILE B 1160 47.74 72.49 -66.74
C ILE B 1160 47.52 73.71 -67.63
N ILE B 1161 47.99 74.87 -67.18
CA ILE B 1161 47.82 76.13 -67.91
C ILE B 1161 49.19 76.72 -68.22
N PHE B 1162 49.42 77.02 -69.50
CA PHE B 1162 50.65 77.66 -69.96
C PHE B 1162 50.39 79.13 -70.21
N THR B 1163 51.20 80.00 -69.60
CA THR B 1163 51.21 81.42 -69.89
C THR B 1163 52.61 81.84 -70.33
N LEU B 1164 52.68 82.51 -71.48
CA LEU B 1164 53.96 82.97 -72.02
C LEU B 1164 53.94 84.49 -72.09
N ASN B 1165 54.94 85.12 -71.45
CA ASN B 1165 55.09 86.57 -71.37
C ASN B 1165 53.84 87.24 -70.82
N GLY B 1166 53.31 86.69 -69.72
CA GLY B 1166 52.13 87.23 -69.08
C GLY B 1166 50.84 86.97 -69.81
N GLU B 1167 50.84 86.13 -70.84
CA GLU B 1167 49.63 85.86 -71.61
C GLU B 1167 49.50 84.35 -71.81
N VAL B 1168 48.29 83.84 -71.58
CA VAL B 1168 48.02 82.41 -71.71
C VAL B 1168 48.11 81.99 -73.18
N LEU B 1169 48.81 80.89 -73.42
CA LEU B 1169 49.00 80.37 -74.77
C LEU B 1169 47.76 79.59 -75.22
N MET B 1170 47.58 79.56 -76.53
CA MET B 1170 46.43 78.90 -77.14
C MET B 1170 46.87 77.59 -77.79
N SER B 1171 45.90 76.77 -78.14
CA SER B 1171 46.14 75.49 -78.80
C SER B 1171 45.81 75.60 -80.29
N ASP B 1172 45.83 74.46 -80.98
CA ASP B 1172 45.41 74.42 -82.38
C ASP B 1172 43.90 74.62 -82.50
N SER B 1173 43.14 74.18 -81.50
CA SER B 1173 41.70 74.39 -81.46
C SER B 1173 41.31 75.66 -80.74
N GLY B 1174 42.27 76.49 -80.36
CA GLY B 1174 41.98 77.68 -79.60
C GLY B 1174 41.69 77.43 -78.14
N SER B 1175 41.94 76.22 -77.64
CA SER B 1175 41.70 75.91 -76.25
C SER B 1175 42.81 76.50 -75.39
N GLU B 1176 42.50 76.66 -74.11
CA GLU B 1176 43.40 77.30 -73.16
C GLU B 1176 44.21 76.24 -72.41
N THR B 1177 45.25 75.76 -73.12
CA THR B 1177 46.21 74.76 -72.67
C THR B 1177 45.49 73.47 -72.26
N ALA B 1178 44.92 72.83 -73.27
CA ALA B 1178 44.11 71.64 -73.05
C ALA B 1178 44.97 70.44 -72.68
N PHE B 1179 45.26 70.29 -71.39
CA PHE B 1179 45.77 69.03 -70.84
C PHE B 1179 44.65 68.51 -69.97
N ARG B 1180 43.70 67.81 -70.60
CA ARG B 1180 42.46 67.41 -69.94
C ARG B 1180 42.55 65.96 -69.48
N GLU B 1181 41.98 65.71 -68.30
CA GLU B 1181 41.98 64.40 -67.62
C GLU B 1181 43.41 63.90 -67.40
N ILE B 1182 44.09 64.61 -66.52
CA ILE B 1182 45.30 64.11 -65.89
C ILE B 1182 44.91 63.61 -64.51
N GLU B 1183 45.57 62.55 -64.05
CA GLU B 1183 45.30 62.02 -62.72
C GLU B 1183 46.32 62.55 -61.74
N ILE B 1184 46.08 62.29 -60.47
CA ILE B 1184 47.02 62.70 -59.42
C ILE B 1184 48.27 61.85 -59.47
N GLY B 1185 48.11 60.55 -59.30
CA GLY B 1185 49.24 59.64 -59.28
C GLY B 1185 50.13 59.87 -58.09
N ASP B 1186 51.30 60.45 -58.33
CA ASP B 1186 52.23 60.86 -57.28
C ASP B 1186 52.53 62.34 -57.39
N GLY B 1187 51.62 63.08 -58.01
CA GLY B 1187 51.79 64.51 -58.18
C GLY B 1187 52.55 64.88 -59.43
N PHE B 1188 52.92 66.16 -59.49
CA PHE B 1188 53.60 66.73 -60.64
C PHE B 1188 54.72 67.65 -60.17
N LEU B 1189 55.62 67.99 -61.09
CA LEU B 1189 56.87 68.63 -60.69
C LEU B 1189 57.29 69.61 -61.77
N PRO B 1190 57.78 70.80 -61.41
CA PRO B 1190 58.20 71.77 -62.42
C PRO B 1190 59.54 71.42 -63.07
N VAL B 1191 59.49 70.59 -64.10
CA VAL B 1191 60.70 70.10 -64.76
C VAL B 1191 61.21 71.15 -65.74
N CYS B 1192 62.52 71.12 -66.01
CA CYS B 1192 63.14 71.92 -67.05
C CYS B 1192 64.22 71.09 -67.72
N SER B 1193 64.44 71.37 -69.01
CA SER B 1193 65.56 70.77 -69.72
C SER B 1193 66.14 71.79 -70.68
N LEU B 1194 67.42 71.61 -71.01
CA LEU B 1194 68.18 72.56 -71.81
C LEU B 1194 69.04 71.83 -72.82
N GLY B 1195 68.91 72.21 -74.09
CA GLY B 1195 69.73 71.63 -75.14
C GLY B 1195 71.08 72.29 -75.25
N PRO B 1196 71.75 72.09 -76.39
CA PRO B 1196 73.14 72.56 -76.53
C PRO B 1196 73.25 74.06 -76.59
N GLY B 1197 73.96 74.63 -75.62
CA GLY B 1197 74.20 76.06 -75.55
C GLY B 1197 72.95 76.87 -75.29
N GLN B 1198 72.18 76.51 -74.26
CA GLN B 1198 70.88 77.11 -74.00
C GLN B 1198 70.86 77.67 -72.59
N VAL B 1199 70.90 79.00 -72.47
CA VAL B 1199 70.92 79.65 -71.16
C VAL B 1199 69.51 80.10 -70.83
N GLY B 1200 69.31 80.43 -69.56
CA GLY B 1200 68.03 80.85 -69.06
C GLY B 1200 67.78 80.33 -67.66
N HIS B 1201 66.94 81.00 -66.88
CA HIS B 1201 66.75 80.61 -65.50
C HIS B 1201 65.28 80.29 -65.21
N LEU B 1202 65.10 79.48 -64.17
CA LEU B 1202 63.79 79.13 -63.66
C LEU B 1202 63.54 79.89 -62.37
N ASN B 1203 62.47 80.66 -62.35
CA ASN B 1203 62.03 81.31 -61.13
C ASN B 1203 61.07 80.37 -60.40
N LEU B 1204 60.94 80.57 -59.10
CA LEU B 1204 60.21 79.60 -58.30
C LEU B 1204 59.25 80.27 -57.32
N GLY B 1205 59.28 81.59 -57.20
CA GLY B 1205 58.43 82.28 -56.26
C GLY B 1205 58.99 82.34 -54.86
N GLN B 1206 60.31 82.23 -54.70
CA GLN B 1206 60.92 82.33 -53.37
C GLN B 1206 60.76 83.72 -52.79
N ASP B 1207 60.71 84.75 -53.65
CA ASP B 1207 60.31 86.09 -53.26
C ASP B 1207 59.16 86.53 -54.13
N VAL B 1208 58.25 87.31 -53.53
CA VAL B 1208 57.09 87.83 -54.26
C VAL B 1208 57.52 88.77 -55.37
N SER B 1209 58.45 89.68 -55.09
CA SER B 1209 58.94 90.59 -56.11
C SER B 1209 59.90 89.92 -57.08
N SER B 1210 60.44 88.74 -56.73
CA SER B 1210 61.26 88.00 -57.69
C SER B 1210 60.41 87.41 -58.81
N LEU B 1211 59.13 87.18 -58.57
CA LEU B 1211 58.20 86.86 -59.63
C LEU B 1211 58.11 88.04 -60.59
N ARG B 1212 58.44 87.79 -61.87
CA ARG B 1212 58.79 88.87 -62.78
C ARG B 1212 57.56 89.70 -63.16
N PHE B 1213 56.48 89.05 -63.56
CA PHE B 1213 55.26 89.80 -63.91
C PHE B 1213 54.30 89.85 -62.72
N PHE B 1214 53.78 88.69 -62.31
CA PHE B 1214 52.94 88.50 -61.12
C PHE B 1214 51.75 89.47 -61.09
N ALA B 1215 51.07 89.57 -62.23
CA ALA B 1215 49.94 90.50 -62.31
C ALA B 1215 48.71 89.96 -63.03
N ILE B 1216 48.83 88.96 -63.89
CA ILE B 1216 47.77 88.66 -64.86
C ILE B 1216 46.83 87.59 -64.34
N CYS B 1217 47.35 86.41 -64.01
CA CYS B 1217 46.49 85.28 -63.65
C CYS B 1217 46.90 84.59 -62.36
N GLY B 1218 48.03 84.98 -61.74
CA GLY B 1218 48.42 84.35 -60.49
C GLY B 1218 47.56 84.80 -59.32
N LEU B 1219 47.29 86.11 -59.22
CA LEU B 1219 46.58 86.62 -58.06
C LEU B 1219 45.09 86.29 -58.12
N GLN B 1220 44.40 86.79 -59.16
CA GLN B 1220 42.95 86.73 -59.21
C GLN B 1220 42.39 85.37 -59.58
N GLU B 1221 43.24 84.35 -59.76
CA GLU B 1221 42.77 83.01 -60.08
C GLU B 1221 43.32 81.96 -59.12
N GLY B 1222 43.84 82.38 -57.97
CA GLY B 1222 44.21 81.45 -56.92
C GLY B 1222 45.48 80.67 -57.13
N PHE B 1223 46.27 81.00 -58.15
CA PHE B 1223 47.50 80.27 -58.39
C PHE B 1223 48.61 80.78 -57.47
N GLU B 1224 49.22 79.84 -56.75
CA GLU B 1224 50.24 80.17 -55.78
C GLU B 1224 51.60 79.95 -56.41
N PRO B 1225 52.59 80.80 -56.12
CA PRO B 1225 53.97 80.45 -56.47
C PRO B 1225 54.41 79.18 -55.77
N PHE B 1226 55.29 78.44 -56.44
CA PHE B 1226 55.54 77.04 -56.12
C PHE B 1226 56.20 76.89 -54.75
N ALA B 1227 57.39 77.47 -54.58
CA ALA B 1227 58.07 77.47 -53.29
C ALA B 1227 58.09 78.90 -52.77
N ILE B 1228 57.00 79.31 -52.13
CA ILE B 1228 56.90 80.65 -51.54
C ILE B 1228 57.13 80.62 -50.03
N ASN B 1229 56.52 79.68 -49.32
CA ASN B 1229 56.66 79.60 -47.87
C ASN B 1229 57.86 78.76 -47.48
N MET B 1230 59.03 79.11 -48.00
CA MET B 1230 60.25 78.38 -47.69
C MET B 1230 61.18 79.25 -46.86
N GLN B 1231 62.27 78.64 -46.43
CA GLN B 1231 63.32 79.35 -45.72
C GLN B 1231 64.64 79.31 -46.46
N ARG B 1232 64.70 78.63 -47.61
CA ARG B 1232 65.88 78.44 -48.44
C ARG B 1232 65.42 77.77 -49.73
N PRO B 1233 66.14 77.94 -50.84
CA PRO B 1233 65.67 77.38 -52.11
C PRO B 1233 65.71 75.85 -52.17
N VAL B 1234 65.04 75.33 -53.19
CA VAL B 1234 64.94 73.88 -53.40
C VAL B 1234 66.29 73.35 -53.90
N THR B 1235 66.58 72.09 -53.58
CA THR B 1235 67.83 71.43 -53.92
C THR B 1235 68.08 71.33 -55.44
N THR B 1236 67.01 71.19 -56.25
CA THR B 1236 67.03 71.25 -57.73
C THR B 1236 67.98 70.21 -58.32
N TRP B 1237 67.57 68.94 -58.19
CA TRP B 1237 68.33 67.82 -58.74
C TRP B 1237 68.46 67.93 -60.25
N PHE B 1238 69.68 67.74 -60.76
CA PHE B 1238 69.88 67.81 -62.19
C PHE B 1238 70.39 66.45 -62.68
N SER B 1239 70.75 66.40 -63.96
CA SER B 1239 71.15 65.18 -64.62
C SER B 1239 72.67 65.04 -64.61
N LYS B 1240 73.17 64.00 -63.94
CA LYS B 1240 74.60 63.71 -63.94
C LYS B 1240 75.01 63.10 -65.28
N SER B 1241 75.62 63.91 -66.14
CA SER B 1241 76.03 63.45 -67.47
C SER B 1241 77.33 62.66 -67.44
N LEU B 1242 77.33 61.49 -66.80
CA LEU B 1242 78.52 60.62 -66.81
C LEU B 1242 78.07 59.18 -66.69
N PRO B 1243 78.63 58.28 -67.51
CA PRO B 1243 78.23 56.86 -67.48
C PRO B 1243 78.82 56.06 -66.32
N GLN B 1244 78.28 56.32 -65.13
CA GLN B 1244 78.69 55.59 -63.95
C GLN B 1244 78.08 54.20 -63.95
N PHE B 1245 78.69 53.31 -63.16
CA PHE B 1245 78.21 51.93 -63.07
C PHE B 1245 76.89 51.86 -62.33
N GLU B 1246 76.03 50.96 -62.78
CA GLU B 1246 74.72 50.72 -62.19
C GLU B 1246 74.31 49.31 -62.54
N PRO B 1247 73.72 48.58 -61.59
CA PRO B 1247 73.43 47.15 -61.82
C PRO B 1247 72.33 46.93 -62.85
N VAL B 1248 72.34 45.74 -63.42
CA VAL B 1248 71.33 45.33 -64.40
C VAL B 1248 69.97 45.26 -63.71
N PRO B 1249 68.93 45.90 -64.28
CA PRO B 1249 67.62 45.85 -63.64
C PRO B 1249 67.05 44.46 -63.68
N PRO B 1250 66.28 44.06 -62.66
CA PRO B 1250 65.75 42.70 -62.62
C PRO B 1250 64.66 42.44 -63.65
N GLU B 1251 64.01 43.48 -64.15
CA GLU B 1251 62.99 43.33 -65.20
C GLU B 1251 63.36 44.23 -66.37
N HIS B 1252 63.87 43.61 -67.43
CA HIS B 1252 64.13 44.25 -68.70
C HIS B 1252 63.61 43.34 -69.81
N PRO B 1253 63.05 43.90 -70.89
CA PRO B 1253 62.46 43.06 -71.95
C PRO B 1253 63.44 42.14 -72.66
N HIS B 1254 64.74 42.48 -72.67
CA HIS B 1254 65.69 41.58 -73.27
C HIS B 1254 67.00 41.48 -72.50
N TYR B 1255 67.13 42.10 -71.33
CA TYR B 1255 68.32 41.97 -70.51
C TYR B 1255 67.99 41.15 -69.27
N GLU B 1256 68.71 40.05 -69.09
CA GLU B 1256 68.53 39.19 -67.93
C GLU B 1256 69.84 38.45 -67.66
N VAL B 1257 70.05 38.09 -66.41
CA VAL B 1257 71.25 37.38 -65.99
C VAL B 1257 70.84 36.00 -65.48
N ALA B 1258 71.64 34.99 -65.80
CA ALA B 1258 71.39 33.62 -65.41
C ALA B 1258 72.38 33.25 -64.32
N ARG B 1259 71.91 33.18 -63.08
CA ARG B 1259 72.77 32.82 -61.96
C ARG B 1259 73.07 31.33 -62.00
N MET B 1260 74.27 30.99 -62.47
CA MET B 1260 74.70 29.60 -62.53
C MET B 1260 75.14 29.14 -61.13
N ASP B 1261 75.20 27.83 -60.96
CA ASP B 1261 75.60 27.23 -59.70
C ASP B 1261 76.88 26.44 -59.90
N GLY B 1262 77.55 26.14 -58.79
CA GLY B 1262 78.77 25.36 -58.84
C GLY B 1262 78.54 23.90 -58.47
N THR B 1263 78.47 23.05 -59.48
CA THR B 1263 78.27 21.62 -59.28
C THR B 1263 79.61 20.94 -59.03
N VAL B 1264 79.60 19.60 -59.07
CA VAL B 1264 80.82 18.84 -58.93
C VAL B 1264 81.72 19.00 -60.15
N ASP B 1265 81.14 19.29 -61.31
CA ASP B 1265 81.90 19.49 -62.54
C ASP B 1265 82.01 20.94 -62.96
N THR B 1266 81.08 21.80 -62.55
CA THR B 1266 81.06 23.18 -63.00
C THR B 1266 81.44 24.11 -61.86
N PRO B 1267 82.20 25.18 -62.12
CA PRO B 1267 82.37 26.22 -61.11
C PRO B 1267 81.12 27.10 -61.06
N PRO B 1268 80.92 27.84 -59.98
CA PRO B 1268 79.80 28.80 -59.94
C PRO B 1268 80.05 29.95 -60.92
N CYS B 1269 79.17 30.07 -61.90
CA CYS B 1269 79.33 31.03 -62.98
C CYS B 1269 78.24 32.09 -62.90
N LEU B 1270 78.38 33.12 -63.73
CA LEU B 1270 77.40 34.19 -63.89
C LEU B 1270 77.12 34.30 -65.40
N ARG B 1271 76.08 33.61 -65.85
CA ARG B 1271 75.79 33.56 -67.27
C ARG B 1271 74.92 34.74 -67.69
N LEU B 1272 75.30 35.38 -68.79
CA LEU B 1272 74.48 36.41 -69.41
C LEU B 1272 73.49 35.75 -70.36
N ALA B 1273 72.30 36.31 -70.44
CA ALA B 1273 71.27 35.84 -71.35
C ALA B 1273 70.56 37.03 -71.98
N HIS B 1274 69.90 36.78 -73.11
CA HIS B 1274 69.27 37.83 -73.87
C HIS B 1274 68.05 37.24 -74.57
N ARG B 1275 67.00 38.06 -74.68
CA ARG B 1275 65.84 37.67 -75.48
C ARG B 1275 66.23 37.75 -76.96
N UNK B 1276 66.87 36.69 -77.43
CA UNK B 1276 67.48 36.68 -78.75
C UNK B 1276 66.48 36.37 -79.85
N UNK B 1277 65.84 37.41 -80.36
CA UNK B 1277 64.84 37.25 -81.42
C UNK B 1277 64.78 38.49 -82.29
N UNK B 1278 63.60 38.74 -82.87
CA UNK B 1278 63.38 39.92 -83.68
C UNK B 1278 63.01 41.09 -82.80
N UNK B 1279 61.86 41.71 -83.10
CA UNK B 1279 61.30 42.86 -82.38
C UNK B 1279 62.28 44.03 -82.26
N UNK B 1280 63.20 43.92 -81.30
CA UNK B 1280 64.21 44.95 -81.10
C UNK B 1280 65.48 44.38 -80.48
N UNK B 1281 66.54 45.17 -80.53
CA UNK B 1281 67.82 44.81 -79.93
C UNK B 1281 68.53 46.09 -79.48
N UNK B 1282 69.83 46.01 -79.23
CA UNK B 1282 70.59 47.17 -78.79
C UNK B 1282 72.07 47.08 -79.18
N UNK B 1283 72.88 47.92 -78.53
CA UNK B 1283 74.31 48.02 -78.85
C UNK B 1283 75.16 47.12 -77.96
N UNK B 1284 76.38 47.56 -77.70
CA UNK B 1284 77.31 46.80 -76.87
C UNK B 1284 77.09 47.09 -75.39
N UNK B 1285 76.68 46.08 -74.64
CA UNK B 1285 76.41 46.24 -73.22
C UNK B 1285 77.69 46.10 -72.40
N UNK B 1286 78.18 47.23 -71.87
CA UNK B 1286 79.38 47.24 -71.06
C UNK B 1286 79.11 46.66 -69.67
N UNK B 1287 79.15 45.34 -69.57
CA UNK B 1287 78.84 44.64 -68.33
C UNK B 1287 80.00 44.70 -67.34
N UNK B 1288 79.67 44.87 -66.06
CA UNK B 1288 80.68 44.96 -65.02
C UNK B 1288 80.26 44.22 -63.76
N UNK B 1289 81.12 43.34 -63.27
CA UNK B 1289 80.83 42.61 -62.04
C UNK B 1289 80.95 43.53 -60.83
N UNK B 1290 80.27 43.19 -59.75
CA UNK B 1290 80.31 43.99 -58.52
C UNK B 1290 81.48 43.60 -57.64
N UNK B 1291 82.69 43.62 -58.20
CA UNK B 1291 83.89 43.26 -57.47
C UNK B 1291 84.67 44.50 -57.09
N UNK B 1292 85.68 44.31 -56.25
CA UNK B 1292 86.56 45.40 -55.85
C UNK B 1292 87.90 44.82 -55.41
N UNK B 1293 88.57 44.14 -56.34
CA UNK B 1293 89.85 43.48 -56.05
C UNK B 1293 90.95 44.51 -55.85
N UNK B 1294 91.34 44.70 -54.59
CA UNK B 1294 92.36 45.68 -54.25
C UNK B 1294 93.75 45.07 -54.30
N UNK B 1295 94.75 45.90 -54.64
CA UNK B 1295 96.14 45.44 -54.64
C UNK B 1295 96.66 45.43 -53.21
N UNK B 1296 97.63 44.56 -52.95
CA UNK B 1296 98.09 44.31 -51.59
C UNK B 1296 99.17 45.29 -51.11
N UNK B 1297 99.29 46.44 -51.78
CA UNK B 1297 100.28 47.43 -51.40
C UNK B 1297 99.73 48.34 -50.30
N UNK B 1298 105.53 48.49 -51.52
CA UNK B 1298 104.82 47.75 -50.48
C UNK B 1298 104.44 46.35 -50.96
N UNK B 1299 104.09 46.24 -52.24
CA UNK B 1299 103.79 44.95 -52.83
C UNK B 1299 104.21 44.90 -54.30
N UNK B 1300 103.80 43.83 -54.97
CA UNK B 1300 104.13 43.63 -56.37
C UNK B 1300 102.91 43.14 -57.12
N UNK B 1301 102.30 44.03 -57.90
CA UNK B 1301 101.13 43.67 -58.68
C UNK B 1301 101.51 43.45 -60.13
N UNK B 1302 101.49 42.18 -60.55
CA UNK B 1302 101.82 41.83 -61.92
C UNK B 1302 100.76 40.92 -62.52
N UNK B 1303 99.65 41.51 -62.96
CA UNK B 1303 98.56 40.75 -63.53
C UNK B 1303 98.87 40.41 -64.99
N UNK B 1304 98.21 39.36 -65.48
CA UNK B 1304 98.46 38.87 -66.84
C UNK B 1304 97.27 38.12 -67.39
N UNK B 1305 96.72 38.60 -68.49
CA UNK B 1305 95.60 37.94 -69.15
C UNK B 1305 96.06 36.66 -69.85
N UNK B 1306 95.21 35.64 -69.85
CA UNK B 1306 95.57 34.36 -70.44
C UNK B 1306 94.41 33.77 -71.23
N UNK B 1307 94.71 33.24 -72.41
CA UNK B 1307 93.70 32.63 -73.26
C UNK B 1307 93.52 31.16 -72.92
N UNK B 1308 93.23 30.35 -73.94
CA UNK B 1308 93.01 28.91 -73.74
C UNK B 1308 94.33 28.17 -73.70
N UNK B 1309 95.39 28.82 -74.19
CA UNK B 1309 96.72 28.21 -74.19
C UNK B 1309 97.80 29.27 -74.04
N UNK B 1310 97.91 30.15 -75.04
CA UNK B 1310 98.92 31.20 -75.03
C UNK B 1310 98.50 32.37 -74.15
N UNK B 1311 99.35 33.39 -74.10
CA UNK B 1311 99.08 34.55 -73.27
C UNK B 1311 99.76 35.81 -73.82
N UNK B 1312 98.93 36.79 -74.16
CA UNK B 1312 99.42 38.12 -74.47
C UNK B 1312 99.17 38.99 -73.25
N UNK B 1313 100.16 39.06 -72.37
CA UNK B 1313 100.01 39.71 -71.07
C UNK B 1313 100.13 41.23 -71.13
N UNK B 1314 101.06 41.77 -70.36
CA UNK B 1314 101.37 43.21 -70.24
C UNK B 1314 100.19 44.09 -69.82
N UNK B 1315 100.44 45.40 -69.80
CA UNK B 1315 99.49 46.46 -69.41
C UNK B 1315 98.86 46.26 -68.02
N UNK B 1316 99.59 45.60 -67.13
CA UNK B 1316 99.08 45.24 -65.82
C UNK B 1316 100.22 44.93 -64.87
N UNK B 1317 101.12 45.90 -64.73
CA UNK B 1317 102.27 45.75 -63.84
C UNK B 1317 102.58 47.10 -63.20
N UNK B 1318 101.54 47.91 -63.04
CA UNK B 1318 101.71 49.26 -62.50
C UNK B 1318 100.70 49.54 -61.39
N UNK B 1319 100.89 48.90 -60.24
CA UNK B 1319 99.97 49.10 -59.12
C UNK B 1319 100.67 48.88 -57.78
N UNK B 1320 100.49 49.85 -56.88
CA UNK B 1320 101.00 49.74 -55.52
C UNK B 1320 99.86 49.32 -54.58
N UNK B 1321 98.74 50.01 -54.71
CA UNK B 1321 97.52 49.66 -53.97
C UNK B 1321 96.30 50.19 -54.70
N UNK B 1322 96.03 49.63 -55.88
CA UNK B 1322 94.87 50.01 -56.67
C UNK B 1322 93.66 49.17 -56.26
N UNK B 1323 92.60 49.22 -57.05
CA UNK B 1323 91.38 48.46 -56.79
C UNK B 1323 90.59 48.24 -58.08
N UNK B 1324 90.77 47.09 -58.71
CA UNK B 1324 90.14 46.82 -59.99
C UNK B 1324 88.96 45.86 -59.85
N UNK B 1325 88.03 45.94 -60.80
CA UNK B 1325 86.87 45.08 -60.81
C UNK B 1325 86.80 44.29 -62.11
N UNK B 1326 86.29 43.06 -62.04
CA UNK B 1326 86.17 42.23 -63.23
C UNK B 1326 85.09 42.77 -64.16
N UNK B 1327 85.36 42.75 -65.46
CA UNK B 1327 84.43 43.30 -66.44
C UNK B 1327 84.52 42.57 -67.78
N UNK B 1328 83.50 42.77 -68.61
CA UNK B 1328 83.45 42.17 -69.94
C UNK B 1328 82.53 42.97 -70.86
N UNK B 1329 83.04 44.06 -71.41
CA UNK B 1329 82.25 44.91 -72.31
C UNK B 1329 82.05 44.22 -73.65
N UNK B 1330 80.91 43.55 -73.80
CA UNK B 1330 80.63 42.79 -75.01
C UNK B 1330 79.41 43.32 -75.75
N UNK B 1331 79.18 42.80 -76.94
CA UNK B 1331 78.04 43.20 -77.76
C UNK B 1331 77.12 42.01 -78.00
N UNK B 1332 75.93 42.30 -78.51
CA UNK B 1332 74.93 41.27 -78.75
C UNK B 1332 75.28 40.41 -79.97
N UNK B 1333 75.05 39.11 -79.85
CA UNK B 1333 75.29 38.19 -80.96
C UNK B 1333 74.01 37.48 -81.36
N UNK B 1334 72.92 37.87 -80.70
CA UNK B 1334 71.56 37.33 -80.89
C UNK B 1334 71.50 35.81 -80.75
N UNK B 1335 71.98 35.32 -79.61
CA UNK B 1335 71.94 33.90 -79.28
C UNK B 1335 72.02 33.71 -77.76
N UNK B 1336 73.19 33.30 -77.30
CA UNK B 1336 73.46 33.16 -75.87
C UNK B 1336 74.91 33.57 -75.63
N UNK B 1337 75.09 34.67 -74.91
CA UNK B 1337 76.40 35.29 -74.80
C UNK B 1337 77.31 34.64 -73.74
N UNK B 1338 77.99 35.49 -72.96
CA UNK B 1338 79.03 35.03 -72.06
C UNK B 1338 78.52 34.34 -70.80
N UNK B 1339 79.44 33.73 -70.07
CA UNK B 1339 79.14 33.09 -68.81
C UNK B 1339 80.35 33.21 -67.88
N UNK B 1340 80.32 34.18 -66.99
CA UNK B 1340 81.46 34.51 -66.14
C UNK B 1340 81.70 33.49 -65.04
N UNK B 1341 82.51 32.49 -65.32
CA UNK B 1341 82.81 31.42 -64.37
C UNK B 1341 83.73 31.90 -63.25
N UNK B 1342 83.66 31.22 -62.11
CA UNK B 1342 84.57 31.49 -61.01
C UNK B 1342 85.24 30.18 -60.62
N UNK B 1343 86.27 29.81 -61.37
CA UNK B 1343 86.97 28.55 -61.14
C UNK B 1343 88.28 28.78 -60.42
N UNK B 1344 88.77 27.74 -59.76
CA UNK B 1344 90.08 27.79 -59.12
C UNK B 1344 91.03 26.86 -59.85
N UNK B 1345 92.32 27.08 -59.66
CA UNK B 1345 93.33 26.18 -60.20
C UNK B 1345 94.21 25.72 -59.05
N UNK B 1346 95.34 25.09 -59.37
CA UNK B 1346 96.28 24.69 -58.34
C UNK B 1346 97.12 25.90 -57.91
N UNK B 1347 97.14 26.92 -58.77
CA UNK B 1347 98.01 28.06 -58.58
C UNK B 1347 97.27 29.32 -58.09
N UNK B 1348 97.40 30.40 -58.84
CA UNK B 1348 96.88 31.70 -58.44
C UNK B 1348 95.41 31.87 -58.82
N UNK B 1349 94.91 33.09 -58.63
CA UNK B 1349 93.51 33.39 -58.83
C UNK B 1349 93.16 33.50 -60.32
N UNK B 1350 92.37 32.55 -60.80
CA UNK B 1350 91.90 32.57 -62.17
C UNK B 1350 90.43 32.95 -62.22
N UNK B 1351 90.06 33.78 -63.20
CA UNK B 1351 88.67 34.17 -63.38
C UNK B 1351 88.26 33.91 -64.82
N UNK B 1352 87.88 32.67 -65.11
CA UNK B 1352 87.52 32.25 -66.46
C UNK B 1352 86.20 32.84 -66.91
N UNK B 1353 85.99 32.86 -68.22
CA UNK B 1353 84.75 33.39 -68.79
C UNK B 1353 84.47 32.76 -70.16
N UNK B 1354 83.53 31.83 -70.20
CA UNK B 1354 83.18 31.16 -71.45
C UNK B 1354 82.25 32.03 -72.28
N UNK B 1355 82.18 31.75 -73.57
CA UNK B 1355 81.34 32.52 -74.50
C UNK B 1355 80.94 31.69 -75.72
N UNK B 1356 80.04 32.25 -76.52
CA UNK B 1356 79.56 31.59 -77.73
C UNK B 1356 79.48 32.58 -78.89
N UNK B 1357 79.91 33.81 -78.65
CA UNK B 1357 79.87 34.85 -79.66
C UNK B 1357 81.19 34.93 -80.42
N UNK B 1358 81.24 35.80 -81.43
CA UNK B 1358 82.43 35.96 -82.24
C UNK B 1358 83.45 36.86 -81.55
N UNK B 1359 83.44 38.14 -81.90
CA UNK B 1359 84.41 39.09 -81.35
C UNK B 1359 83.79 39.92 -80.23
N UNK B 1360 84.40 39.85 -79.05
CA UNK B 1360 83.95 40.61 -77.89
C UNK B 1360 85.12 40.90 -76.96
N UNK B 1361 85.28 42.16 -76.59
CA UNK B 1361 86.40 42.57 -75.74
C UNK B 1361 86.18 42.17 -74.28
N UNK B 1362 87.24 41.67 -73.65
CA UNK B 1362 87.20 41.29 -72.25
C UNK B 1362 88.30 42.02 -71.49
N UNK B 1363 88.03 42.34 -70.22
CA UNK B 1363 88.99 43.12 -69.44
C UNK B 1363 88.84 42.91 -67.93
N UNK B 1364 89.34 43.89 -67.19
CA UNK B 1364 89.19 43.95 -65.74
C UNK B 1364 89.35 45.41 -65.37
N UNK B 1365 88.29 46.18 -65.58
CA UNK B 1365 88.33 47.63 -65.47
C UNK B 1365 88.55 48.12 -64.05
N UNK B 1366 88.96 49.39 -63.94
CA UNK B 1366 89.18 50.00 -62.64
C UNK B 1366 87.89 50.60 -62.13
N UNK B 1367 88.01 51.41 -61.09
CA UNK B 1367 86.87 52.10 -60.52
C UNK B 1367 86.77 53.51 -61.09
N UNK B 1368 86.91 53.62 -62.40
CA UNK B 1368 86.98 54.92 -63.04
C UNK B 1368 86.56 54.91 -64.51
N UNK B 1369 85.95 53.81 -64.95
CA UNK B 1369 85.53 53.68 -66.34
C UNK B 1369 84.36 54.58 -66.66
N UNK B 1370 84.32 55.09 -67.90
CA UNK B 1370 83.24 55.93 -68.36
C UNK B 1370 83.12 55.85 -69.87
N UNK B 1371 82.57 54.75 -70.36
CA UNK B 1371 82.51 54.48 -71.80
C UNK B 1371 81.41 55.26 -72.52
N UNK B 1372 80.99 54.75 -73.68
CA UNK B 1372 79.95 55.40 -74.47
C UNK B 1372 79.25 54.40 -75.38
N UNK B 1373 79.18 54.73 -76.67
CA UNK B 1373 78.53 53.86 -77.64
C UNK B 1373 79.54 52.85 -78.20
N UNK B 1374 79.72 52.86 -79.51
CA UNK B 1374 80.60 51.91 -80.19
C UNK B 1374 82.07 52.29 -80.04
N UNK B 1375 82.83 51.43 -79.39
CA UNK B 1375 84.27 51.63 -79.21
C UNK B 1375 84.96 50.30 -78.96
N UNK B 1376 86.11 50.09 -79.60
CA UNK B 1376 86.90 48.88 -79.38
C UNK B 1376 88.32 49.27 -79.00
N UNK B 1377 88.68 50.51 -79.33
CA UNK B 1377 89.98 51.06 -78.98
C UNK B 1377 89.79 52.40 -78.29
N UNK B 1378 90.85 53.21 -78.30
CA UNK B 1378 90.92 54.52 -77.65
C UNK B 1378 90.53 54.45 -76.17
N UNK B 1379 91.28 53.65 -75.42
CA UNK B 1379 91.10 53.54 -73.98
C UNK B 1379 91.56 54.84 -73.33
N UNK B 1380 92.53 55.49 -73.98
CA UNK B 1380 93.10 56.79 -73.61
C UNK B 1380 93.75 56.77 -72.24
N UNK B 1381 95.07 56.73 -72.23
CA UNK B 1381 95.83 56.71 -70.99
C UNK B 1381 96.87 57.82 -71.03
N UNK B 1382 98.02 57.56 -70.39
CA UNK B 1382 99.11 58.50 -70.36
C UNK B 1382 100.43 57.78 -70.10
N UNK B 1383 101.45 58.54 -69.72
CA UNK B 1383 102.74 57.98 -69.38
C UNK B 1383 103.38 58.76 -68.26
N UNK B 1384 104.19 58.08 -67.46
CA UNK B 1384 104.95 58.73 -66.40
C UNK B 1384 106.36 58.99 -66.90
N UNK B 1385 106.96 60.08 -66.42
CA UNK B 1385 108.34 60.41 -66.73
C UNK B 1385 108.87 61.35 -65.65
N UNK B 1386 109.55 60.78 -64.65
CA UNK B 1386 110.12 61.58 -63.58
C UNK B 1386 111.63 61.41 -63.56
N UNK B 1387 112.34 62.30 -64.25
CA UNK B 1387 113.79 62.21 -64.35
C UNK B 1387 114.46 62.81 -63.13
N UNK B 1388 115.80 62.85 -63.15
CA UNK B 1388 116.59 63.30 -62.01
C UNK B 1388 116.56 64.81 -61.84
N UNK B 1389 117.66 65.48 -62.18
CA UNK B 1389 117.73 66.93 -62.07
C UNK B 1389 117.86 67.54 -63.45
N UNK B 1390 118.87 67.11 -64.20
CA UNK B 1390 119.06 67.53 -65.57
C UNK B 1390 118.10 66.77 -66.47
N UNK B 1391 118.49 65.55 -66.82
CA UNK B 1391 117.67 64.63 -67.62
C UNK B 1391 118.23 63.22 -67.48
N UNK B 1392 118.83 62.93 -66.33
CA UNK B 1392 119.53 61.66 -66.13
C UNK B 1392 118.58 60.50 -65.79
N UNK B 1393 118.69 60.00 -64.57
CA UNK B 1393 117.95 58.81 -64.14
C UNK B 1393 116.45 59.09 -64.03
N UNK B 1394 115.68 58.39 -64.85
CA UNK B 1394 114.24 58.59 -64.89
C UNK B 1394 113.51 57.59 -64.03
N UNK B 1395 112.18 57.70 -64.05
CA UNK B 1395 111.31 56.78 -63.34
C UNK B 1395 110.04 56.65 -64.16
N UNK B 1396 110.21 56.25 -65.42
CA UNK B 1396 109.11 56.22 -66.38
C UNK B 1396 108.24 54.98 -66.22
N UNK B 1397 106.93 55.17 -66.34
CA UNK B 1397 105.97 54.08 -66.27
C UNK B 1397 104.68 54.48 -66.97
N UNK B 1398 103.69 53.61 -66.91
CA UNK B 1398 102.37 53.92 -67.47
C UNK B 1398 101.56 54.68 -66.42
N UNK B 1399 100.40 55.18 -66.82
CA UNK B 1399 99.53 55.90 -65.89
C UNK B 1399 98.25 55.12 -65.63
N UNK B 1400 98.30 53.82 -65.92
CA UNK B 1400 97.23 52.83 -65.69
C UNK B 1400 95.91 53.16 -66.40
N UNK B 1401 95.65 52.44 -67.49
CA UNK B 1401 94.43 52.60 -68.29
C UNK B 1401 93.18 52.21 -67.50
N UNK B 1402 92.03 52.68 -67.97
CA UNK B 1402 90.76 52.48 -67.27
C UNK B 1402 90.31 51.02 -67.27
N UNK B 1403 90.82 50.26 -68.22
CA UNK B 1403 90.53 48.83 -68.29
C UNK B 1403 91.66 48.09 -68.99
N UNK B 1404 91.36 46.87 -69.43
CA UNK B 1404 92.27 46.11 -70.28
C UNK B 1404 91.57 45.91 -71.62
N UNK B 1405 92.06 44.98 -72.43
CA UNK B 1405 91.46 44.72 -73.73
C UNK B 1405 91.71 43.30 -74.21
N UNK B 1406 90.78 42.79 -75.01
CA UNK B 1406 90.91 41.48 -75.64
C UNK B 1406 90.00 41.41 -76.86
N UNK B 1407 89.90 42.52 -77.59
CA UNK B 1407 89.02 42.63 -78.74
C UNK B 1407 89.52 41.77 -79.90
N UNK B 1408 88.86 40.63 -80.11
CA UNK B 1408 89.20 39.63 -81.13
C UNK B 1408 90.65 39.16 -81.02
N UNK B 1409 91.06 38.80 -79.81
CA UNK B 1409 92.44 38.37 -79.56
C UNK B 1409 92.69 36.98 -80.15
N UNK B 1410 91.64 36.17 -80.23
CA UNK B 1410 91.74 34.84 -80.81
C UNK B 1410 91.83 34.94 -82.33
N UNK B 1411 92.60 34.05 -82.94
CA UNK B 1411 92.74 34.03 -84.39
C UNK B 1411 92.12 32.76 -84.97
N UNK B 1412 90.80 32.66 -84.84
CA UNK B 1412 90.07 31.49 -85.33
C UNK B 1412 89.67 31.67 -86.79
N UNK B 1413 88.94 30.70 -87.32
CA UNK B 1413 88.48 30.76 -88.70
C UNK B 1413 87.17 31.54 -88.79
N UNK B 1414 86.72 31.78 -90.01
CA UNK B 1414 85.49 32.52 -90.24
C UNK B 1414 84.28 31.62 -89.98
N UNK B 1415 84.49 30.31 -90.06
CA UNK B 1415 83.42 29.35 -89.81
C UNK B 1415 83.24 29.11 -88.32
N UNK B 1416 84.37 29.03 -87.61
CA UNK B 1416 84.44 28.84 -86.14
C UNK B 1416 83.73 27.59 -85.63
N UNK B 1417 83.59 27.50 -84.30
CA UNK B 1417 82.97 26.35 -83.67
C UNK B 1417 82.40 26.71 -82.31
N UNK B 1418 83.16 26.42 -81.26
CA UNK B 1418 82.71 26.67 -79.89
C UNK B 1418 83.11 28.06 -79.41
N UNK B 1419 83.09 28.25 -78.09
CA UNK B 1419 83.45 29.53 -77.49
C UNK B 1419 84.91 29.52 -77.03
N UNK B 1420 85.25 30.44 -76.14
CA UNK B 1420 86.61 30.54 -75.64
C UNK B 1420 86.65 30.37 -74.12
N UNK B 1421 87.80 30.64 -73.53
CA UNK B 1421 87.99 30.52 -72.09
C UNK B 1421 89.08 31.47 -71.61
N UNK B 1422 88.90 32.76 -71.88
CA UNK B 1422 89.89 33.77 -71.52
C UNK B 1422 89.85 34.06 -70.02
N UNK B 1423 90.89 33.60 -69.31
CA UNK B 1423 91.00 33.83 -67.88
C UNK B 1423 92.04 34.90 -67.58
N UNK B 1424 92.32 35.11 -66.30
CA UNK B 1424 93.28 36.12 -65.89
C UNK B 1424 93.98 35.69 -64.61
N UNK B 1425 94.86 36.55 -64.11
CA UNK B 1425 95.59 36.29 -62.87
C UNK B 1425 95.88 37.58 -62.13
N UNK B 1426 96.31 37.45 -60.88
CA UNK B 1426 96.67 38.61 -60.07
C UNK B 1426 97.75 38.23 -59.08
N UNK B 1427 98.12 39.16 -58.19
CA UNK B 1427 99.11 38.90 -57.16
C UNK B 1427 98.50 38.00 -56.09
N UNK B 1428 98.42 36.71 -56.39
CA UNK B 1428 97.80 35.75 -55.50
C UNK B 1428 98.83 34.78 -54.95
N UNK B 1429 98.90 34.67 -53.63
CA UNK B 1429 99.85 33.78 -52.98
C UNK B 1429 99.38 32.32 -53.08
N UNK B 1430 100.15 31.43 -52.46
CA UNK B 1430 99.81 30.01 -52.50
C UNK B 1430 99.98 29.35 -51.14
N UNK B 1431 99.37 28.18 -51.01
CA UNK B 1431 99.43 27.41 -49.77
C UNK B 1431 99.28 25.93 -50.07
N UNK B 1432 100.32 25.17 -49.79
CA UNK B 1432 100.31 23.73 -50.03
C UNK B 1432 101.23 23.02 -49.04
N MET B 1433 93.58 31.41 -55.13
CA MET B 1433 93.05 30.60 -56.24
C MET B 1433 91.53 30.77 -56.56
N PRO B 1434 90.63 30.93 -55.56
CA PRO B 1434 89.28 31.37 -55.91
C PRO B 1434 89.27 32.85 -56.28
N LEU B 1435 88.17 33.29 -56.88
CA LEU B 1435 87.95 34.70 -57.15
C LEU B 1435 87.35 35.40 -55.94
N SER B 1436 86.49 34.70 -55.19
CA SER B 1436 85.93 35.22 -53.96
C SER B 1436 86.94 35.28 -52.82
N ALA B 1437 88.09 34.60 -52.96
CA ALA B 1437 89.12 34.66 -51.93
C ALA B 1437 89.75 36.03 -51.82
N ALA B 1438 89.88 36.76 -52.93
CA ALA B 1438 90.64 38.00 -52.93
C ALA B 1438 89.92 39.17 -52.27
N MET B 1439 88.64 39.04 -51.99
CA MET B 1439 87.87 40.17 -51.49
C MET B 1439 87.20 39.95 -50.15
N PHE B 1440 86.53 38.82 -49.97
CA PHE B 1440 85.55 38.68 -48.88
C PHE B 1440 86.18 38.41 -47.53
N LEU B 1441 87.51 38.31 -47.42
CA LEU B 1441 88.31 38.40 -46.19
C LEU B 1441 88.15 37.16 -45.28
N SER B 1442 87.20 36.29 -45.58
CA SER B 1442 87.08 34.99 -44.94
C SER B 1442 87.09 33.85 -45.95
N GLU B 1443 86.76 34.14 -47.20
CA GLU B 1443 86.96 33.21 -48.30
C GLU B 1443 88.41 33.16 -48.76
N ARG B 1444 89.25 34.07 -48.26
CA ARG B 1444 90.68 33.99 -48.50
C ARG B 1444 91.28 32.72 -47.91
N LYS B 1445 90.79 32.30 -46.74
CA LYS B 1445 91.17 31.03 -46.15
C LYS B 1445 90.33 29.87 -46.68
N ASN B 1446 89.39 30.14 -47.59
CA ASN B 1446 88.56 29.09 -48.15
C ASN B 1446 89.00 28.83 -49.59
N PRO B 1447 89.77 27.78 -49.86
CA PRO B 1447 90.25 27.53 -51.23
C PRO B 1447 89.19 27.04 -52.19
N ALA B 1448 87.98 26.74 -51.72
CA ALA B 1448 86.91 26.44 -52.66
C ALA B 1448 86.33 27.74 -53.21
N PRO B 1449 85.99 27.77 -54.51
CA PRO B 1449 85.36 28.98 -55.06
C PRO B 1449 83.91 29.07 -54.63
N GLN B 1450 83.47 30.29 -54.35
CA GLN B 1450 82.15 30.56 -53.79
C GLN B 1450 81.46 31.61 -54.64
N CYS B 1451 80.14 31.73 -54.46
CA CYS B 1451 79.35 32.72 -55.20
C CYS B 1451 78.34 33.36 -54.25
N PRO B 1452 78.72 34.44 -53.59
CA PRO B 1452 77.76 35.18 -52.76
C PRO B 1452 76.75 35.92 -53.61
N PRO B 1453 75.65 36.40 -53.01
CA PRO B 1453 74.72 37.25 -53.76
C PRO B 1453 75.27 38.65 -54.09
N ARG B 1454 76.43 39.00 -53.51
CA ARG B 1454 77.05 40.30 -53.78
C ARG B 1454 77.59 40.42 -55.20
N LEU B 1455 77.81 39.30 -55.88
CA LEU B 1455 78.28 39.30 -57.25
C LEU B 1455 77.14 39.77 -58.16
N GLU B 1456 77.16 41.05 -58.53
CA GLU B 1456 76.10 41.65 -59.32
C GLU B 1456 76.69 42.22 -60.60
N VAL B 1457 75.97 42.05 -61.70
CA VAL B 1457 76.41 42.55 -63.00
C VAL B 1457 75.92 43.97 -63.17
N GLN B 1458 76.84 44.89 -63.46
CA GLN B 1458 76.47 46.28 -63.72
C GLN B 1458 76.33 46.54 -65.21
N MET B 1459 75.79 47.72 -65.52
CA MET B 1459 75.71 48.23 -66.88
C MET B 1459 75.64 49.75 -66.79
N LEU B 1460 76.62 50.43 -67.37
CA LEU B 1460 76.72 51.88 -67.23
C LEU B 1460 75.61 52.60 -67.97
N MET B 1461 75.11 53.67 -67.35
CA MET B 1461 74.10 54.52 -67.95
C MET B 1461 74.57 55.97 -67.93
N PRO B 1462 74.56 56.67 -69.07
CA PRO B 1462 75.11 58.02 -69.11
C PRO B 1462 74.15 59.11 -68.67
N VAL B 1463 73.37 58.86 -67.62
CA VAL B 1463 72.62 59.88 -66.90
C VAL B 1463 72.30 59.36 -65.52
N SER B 1464 72.56 60.18 -64.50
CA SER B 1464 72.10 59.94 -63.15
C SER B 1464 71.40 61.20 -62.65
N TRP B 1465 71.07 61.22 -61.37
CA TRP B 1465 70.46 62.41 -60.76
C TRP B 1465 71.43 62.99 -59.75
N SER B 1466 72.33 63.85 -60.22
CA SER B 1466 73.22 64.61 -59.36
C SER B 1466 72.44 65.72 -58.68
N ARG B 1467 73.02 66.24 -57.61
CA ARG B 1467 72.40 67.29 -56.81
C ARG B 1467 73.10 68.61 -57.05
N MET B 1468 72.32 69.65 -57.34
CA MET B 1468 72.86 71.00 -57.37
C MET B 1468 73.12 71.47 -55.94
N PRO B 1469 74.32 71.95 -55.64
CA PRO B 1469 74.54 72.57 -54.32
C PRO B 1469 73.78 73.88 -54.20
N ASN B 1470 73.29 74.12 -52.98
CA ASN B 1470 72.60 75.38 -52.71
C ASN B 1470 73.54 76.57 -52.72
N HIS B 1471 74.84 76.35 -52.55
CA HIS B 1471 75.82 77.41 -52.57
C HIS B 1471 77.05 76.96 -53.35
N PHE B 1472 77.54 77.84 -54.21
CA PHE B 1472 78.76 77.62 -54.96
C PHE B 1472 79.82 78.59 -54.44
N LEU B 1473 81.00 78.55 -55.08
CA LEU B 1473 82.02 79.54 -54.80
C LEU B 1473 81.57 80.88 -55.36
N GLN B 1474 81.34 81.84 -54.47
CA GLN B 1474 80.75 83.13 -54.85
C GLN B 1474 81.70 84.02 -55.62
N VAL B 1475 82.98 83.69 -55.67
CA VAL B 1475 83.93 84.42 -56.48
C VAL B 1475 84.84 83.42 -57.20
N GLU B 1482 90.16 90.20 -64.73
CA GLU B 1482 90.40 91.63 -64.58
C GLU B 1482 91.59 92.06 -65.42
N ARG B 1483 92.54 92.74 -64.80
CA ARG B 1483 93.77 93.19 -65.45
C ARG B 1483 94.93 92.33 -64.96
N LEU B 1484 96.12 92.62 -65.52
CA LEU B 1484 97.36 91.90 -65.26
C LEU B 1484 97.20 90.40 -65.54
N GLY B 1485 96.91 90.12 -66.80
CA GLY B 1485 96.63 88.76 -67.21
C GLY B 1485 95.31 88.21 -66.72
N TRP B 1486 94.29 89.07 -66.61
CA TRP B 1486 92.92 88.70 -66.22
C TRP B 1486 92.90 88.06 -64.83
N ALA B 1487 93.18 88.89 -63.84
CA ALA B 1487 93.20 88.48 -62.43
C ALA B 1487 91.86 87.91 -62.00
N VAL B 1488 91.87 86.63 -61.63
CA VAL B 1488 90.69 85.90 -61.20
C VAL B 1488 90.66 85.93 -59.68
N GLN B 1489 89.54 86.37 -59.11
CA GLN B 1489 89.36 86.42 -57.67
C GLN B 1489 88.42 85.32 -57.22
N CYS B 1490 88.87 84.54 -56.24
CA CYS B 1490 88.04 83.53 -55.57
C CYS B 1490 88.55 83.37 -54.15
N GLN B 1491 87.93 84.08 -53.21
CA GLN B 1491 88.47 84.16 -51.85
C GLN B 1491 87.51 83.72 -50.75
N ASP B 1492 86.24 83.45 -51.07
CA ASP B 1492 85.29 83.07 -50.04
C ASP B 1492 85.44 81.58 -49.69
N PRO B 1493 85.67 81.24 -48.44
CA PRO B 1493 85.78 79.83 -48.06
C PRO B 1493 84.43 79.14 -48.02
N LEU B 1494 84.41 77.90 -48.52
CA LEU B 1494 83.16 77.14 -48.56
C LEU B 1494 83.50 75.65 -48.46
N THR B 1495 82.74 74.95 -47.64
CA THR B 1495 82.96 73.53 -47.40
C THR B 1495 81.64 72.80 -47.49
N MET B 1496 81.71 71.47 -47.41
CA MET B 1496 80.55 70.59 -47.34
C MET B 1496 81.02 69.29 -46.72
N MET B 1497 80.06 68.44 -46.39
CA MET B 1497 80.35 67.07 -45.97
C MET B 1497 79.68 66.11 -46.93
N ALA B 1498 80.27 64.93 -47.08
CA ALA B 1498 79.92 64.05 -48.18
C ALA B 1498 80.40 62.63 -47.88
N LEU B 1499 79.52 61.65 -48.12
CA LEU B 1499 79.90 60.26 -47.90
C LEU B 1499 80.88 59.77 -48.95
N HIS B 1500 81.26 58.51 -48.80
CA HIS B 1500 82.20 57.86 -49.71
C HIS B 1500 82.01 56.35 -49.61
N ILE B 1501 81.61 55.73 -50.71
CA ILE B 1501 81.45 54.28 -50.72
C ILE B 1501 82.84 53.64 -50.72
N PRO B 1502 83.07 52.59 -49.93
CA PRO B 1502 84.38 51.93 -49.94
C PRO B 1502 84.53 50.95 -51.08
N GLU B 1503 83.42 50.34 -51.49
CA GLU B 1503 83.47 49.27 -52.49
C GLU B 1503 83.75 49.82 -53.88
N GLU B 1504 82.94 50.78 -54.34
CA GLU B 1504 83.17 51.36 -55.65
C GLU B 1504 84.24 52.43 -55.62
N ASN B 1505 84.59 52.91 -54.41
CA ASN B 1505 85.63 53.93 -54.17
C ASN B 1505 85.31 55.22 -54.94
N ARG B 1506 84.16 55.80 -54.62
CA ARG B 1506 83.79 57.09 -55.17
C ARG B 1506 83.05 57.88 -54.09
N CYS B 1507 83.08 59.19 -54.25
CA CYS B 1507 82.46 60.09 -53.29
C CYS B 1507 81.00 60.34 -53.67
N MET B 1508 80.24 60.83 -52.70
CA MET B 1508 78.84 61.17 -52.88
C MET B 1508 78.43 62.09 -51.75
N ASP B 1509 77.53 63.02 -52.07
CA ASP B 1509 77.09 64.02 -51.11
C ASP B 1509 76.26 63.36 -50.01
N ILE B 1510 76.30 63.96 -48.82
CA ILE B 1510 75.43 63.54 -47.74
C ILE B 1510 73.96 63.88 -48.06
N LEU B 1511 73.72 64.86 -48.92
CA LEU B 1511 72.38 65.24 -49.33
C LEU B 1511 71.90 64.46 -50.54
N GLU B 1512 72.65 63.44 -50.97
CA GLU B 1512 72.16 62.47 -51.93
C GLU B 1512 71.17 61.50 -51.31
N LEU B 1513 71.12 61.40 -49.99
CA LEU B 1513 70.38 60.33 -49.32
C LEU B 1513 68.88 60.58 -49.28
N SER B 1514 68.45 61.83 -49.43
CA SER B 1514 67.04 62.15 -49.54
C SER B 1514 66.48 61.88 -50.93
N GLU B 1515 67.28 61.31 -51.83
CA GLU B 1515 66.83 60.75 -53.08
C GLU B 1515 66.94 59.23 -53.12
N ARG B 1516 67.96 58.66 -52.46
CA ARG B 1516 68.21 57.23 -52.52
C ARG B 1516 67.14 56.42 -51.78
N LEU B 1517 66.84 56.79 -50.53
CA LEU B 1517 65.77 56.24 -49.71
C LEU B 1517 65.87 54.75 -49.42
N ASP B 1518 67.03 54.17 -49.58
CA ASP B 1518 67.32 52.87 -49.00
C ASP B 1518 68.68 52.82 -48.35
N LEU B 1519 69.63 53.62 -48.84
CA LEU B 1519 70.93 53.70 -48.18
C LEU B 1519 70.83 54.51 -46.89
N GLN B 1520 70.07 55.62 -46.94
CA GLN B 1520 69.73 56.37 -45.73
C GLN B 1520 68.99 55.49 -44.74
N ARG B 1521 68.06 54.69 -45.26
CA ARG B 1521 67.38 53.68 -44.45
C ARG B 1521 68.37 52.68 -43.86
N PHE B 1522 69.38 52.30 -44.63
CA PHE B 1522 70.46 51.49 -44.06
C PHE B 1522 71.36 52.32 -43.17
N HIS B 1523 71.57 53.59 -43.51
CA HIS B 1523 72.39 54.45 -42.68
C HIS B 1523 71.69 54.83 -41.39
N SER B 1524 70.36 54.82 -41.37
CA SER B 1524 69.62 55.04 -40.13
C SER B 1524 69.90 53.95 -39.11
N HIS B 1525 70.21 52.74 -39.57
CA HIS B 1525 70.67 51.70 -38.67
C HIS B 1525 72.14 51.85 -38.34
N THR B 1526 72.92 52.42 -39.25
CA THR B 1526 74.28 52.83 -38.90
C THR B 1526 74.25 54.03 -37.95
N LEU B 1527 73.21 54.86 -38.07
CA LEU B 1527 73.01 55.99 -37.17
C LEU B 1527 72.79 55.52 -35.74
N ARG B 1528 72.09 54.39 -35.57
CA ARG B 1528 71.73 53.95 -34.22
C ARG B 1528 72.66 52.90 -33.66
N LEU B 1529 73.41 52.18 -34.51
CA LEU B 1529 74.30 51.12 -34.01
C LEU B 1529 75.47 51.72 -33.23
N TYR B 1530 75.86 52.94 -33.56
CA TYR B 1530 76.92 53.61 -32.83
C TYR B 1530 76.49 53.96 -31.41
N ARG B 1531 75.19 54.24 -31.20
CA ARG B 1531 74.67 54.38 -29.85
C ARG B 1531 74.65 53.04 -29.14
N ALA B 1532 74.47 51.95 -29.90
CA ALA B 1532 74.36 50.64 -29.29
C ALA B 1532 75.71 50.14 -28.81
N VAL B 1533 76.73 50.30 -29.65
CA VAL B 1533 78.07 49.83 -29.28
C VAL B 1533 78.62 50.68 -28.14
N CYS B 1534 78.39 51.99 -28.20
CA CYS B 1534 78.69 52.84 -27.04
C CYS B 1534 77.50 52.80 -26.10
N ALA B 1535 77.42 51.70 -25.36
CA ALA B 1535 76.34 51.44 -24.42
C ALA B 1535 76.56 52.20 -23.12
N LEU B 1536 75.92 51.71 -22.04
CA LEU B 1536 76.26 52.13 -20.69
C LEU B 1536 77.77 52.12 -20.46
N GLY B 1537 78.23 53.12 -19.70
CA GLY B 1537 79.46 53.86 -19.97
C GLY B 1537 80.70 53.13 -20.40
N ASN B 1538 81.05 53.33 -21.67
CA ASN B 1538 82.19 52.63 -22.28
C ASN B 1538 82.99 53.70 -23.01
N ASN B 1539 83.84 54.40 -22.27
CA ASN B 1539 84.61 55.49 -22.82
C ASN B 1539 85.89 55.05 -23.49
N ARG B 1540 86.27 53.78 -23.30
CA ARG B 1540 87.34 53.20 -24.10
C ARG B 1540 86.93 53.12 -25.56
N VAL B 1541 85.64 52.91 -25.81
CA VAL B 1541 85.11 52.94 -27.17
C VAL B 1541 84.70 54.37 -27.56
N ALA B 1542 84.19 55.15 -26.60
CA ALA B 1542 83.72 56.50 -26.90
C ALA B 1542 84.87 57.44 -27.22
N HIS B 1543 86.05 57.22 -26.62
CA HIS B 1543 87.24 57.91 -27.08
C HIS B 1543 87.64 57.43 -28.48
N ALA B 1544 87.46 56.15 -28.77
CA ALA B 1544 87.75 55.61 -30.09
C ALA B 1544 86.64 55.85 -31.10
N LEU B 1545 85.53 56.43 -30.68
CA LEU B 1545 84.36 56.62 -31.54
C LEU B 1545 84.49 57.82 -32.45
N CYS B 1546 85.25 58.85 -32.04
CA CYS B 1546 85.28 60.10 -32.78
C CYS B 1546 86.07 59.99 -34.08
N SER B 1547 86.85 58.93 -34.25
CA SER B 1547 87.58 58.72 -35.50
C SER B 1547 86.69 58.31 -36.65
N HIS B 1548 85.52 57.73 -36.35
CA HIS B 1548 84.70 57.12 -37.39
C HIS B 1548 84.05 58.18 -38.26
N VAL B 1549 83.49 59.22 -37.65
CA VAL B 1549 82.93 60.30 -38.45
C VAL B 1549 83.88 61.49 -38.41
N ASP B 1550 83.96 62.16 -37.25
CA ASP B 1550 84.82 63.29 -36.99
C ASP B 1550 84.73 63.78 -35.55
N GLN B 1551 85.38 64.90 -35.29
CA GLN B 1551 84.97 65.86 -34.28
C GLN B 1551 84.35 67.10 -34.89
N ALA B 1552 84.77 67.46 -36.11
CA ALA B 1552 84.39 68.73 -36.73
C ALA B 1552 82.99 68.67 -37.33
N GLN B 1553 82.75 67.74 -38.27
CA GLN B 1553 81.48 67.71 -38.99
C GLN B 1553 80.33 67.20 -38.14
N LEU B 1554 80.60 66.74 -36.92
CA LEU B 1554 79.54 66.63 -35.92
C LEU B 1554 78.95 67.98 -35.58
N LEU B 1555 79.75 69.05 -35.67
CA LEU B 1555 79.24 70.39 -35.43
C LEU B 1555 78.76 71.06 -36.71
N HIS B 1556 79.16 70.56 -37.87
CA HIS B 1556 78.70 71.07 -39.16
C HIS B 1556 77.30 70.62 -39.49
N ALA B 1557 76.93 69.40 -39.09
CA ALA B 1557 75.58 68.91 -39.36
C ALA B 1557 74.53 69.64 -38.52
N LEU B 1558 74.92 70.17 -37.35
CA LEU B 1558 74.03 71.03 -36.59
C LEU B 1558 73.77 72.33 -37.34
N GLU B 1559 74.81 72.88 -37.98
CA GLU B 1559 74.70 74.13 -38.71
C GLU B 1559 73.83 73.97 -39.97
N ASP B 1560 73.83 72.79 -40.57
CA ASP B 1560 73.09 72.56 -41.79
C ASP B 1560 71.60 72.53 -41.51
N ALA B 1561 70.85 73.37 -42.22
CA ALA B 1561 69.43 73.55 -41.94
C ALA B 1561 68.53 72.62 -42.75
N HIS B 1562 68.92 72.25 -43.97
CA HIS B 1562 68.11 71.38 -44.81
C HIS B 1562 68.72 70.00 -44.90
N LEU B 1563 67.87 68.98 -44.75
CA LEU B 1563 68.21 67.58 -44.57
C LEU B 1563 66.90 66.79 -44.50
N PRO B 1564 66.90 65.48 -44.76
CA PRO B 1564 65.64 64.74 -44.65
C PRO B 1564 65.16 64.48 -43.22
N GLY B 1565 66.05 64.21 -42.27
CA GLY B 1565 65.64 64.10 -40.88
C GLY B 1565 65.86 62.75 -40.21
N PRO B 1566 65.52 61.63 -40.87
CA PRO B 1566 66.06 60.33 -40.45
C PRO B 1566 67.54 60.18 -40.77
N LEU B 1567 68.11 61.15 -41.50
CA LEU B 1567 69.52 61.42 -41.60
C LEU B 1567 69.91 62.29 -40.40
N ARG B 1568 70.95 63.12 -40.55
CA ARG B 1568 71.71 63.82 -39.51
C ARG B 1568 70.93 64.52 -38.39
N ALA B 1569 69.62 64.75 -38.58
CA ALA B 1569 68.80 65.18 -37.46
C ALA B 1569 68.65 64.05 -36.45
N GLY B 1570 68.78 62.80 -36.91
CA GLY B 1570 68.93 61.66 -36.04
C GLY B 1570 70.29 61.52 -35.40
N TYR B 1571 71.31 62.21 -35.91
CA TYR B 1571 72.65 62.10 -35.33
C TYR B 1571 72.71 62.70 -33.93
N TYR B 1572 71.91 63.71 -33.64
CA TYR B 1572 72.10 64.49 -32.43
C TYR B 1572 71.39 63.90 -31.22
N ASP B 1573 71.21 62.59 -31.22
CA ASP B 1573 71.19 61.80 -30.01
C ASP B 1573 72.49 61.02 -29.82
N LEU B 1574 73.21 60.70 -30.90
CA LEU B 1574 74.48 59.98 -30.77
C LEU B 1574 75.55 60.85 -30.15
N LEU B 1575 75.56 62.15 -30.49
CA LEU B 1575 76.34 63.11 -29.75
C LEU B 1575 75.92 63.15 -28.28
N ILE B 1576 74.63 63.01 -28.02
CA ILE B 1576 74.14 62.99 -26.66
C ILE B 1576 74.44 61.64 -26.01
N SER B 1577 74.40 60.56 -26.80
CA SER B 1577 74.62 59.21 -26.28
C SER B 1577 76.07 58.94 -25.89
N ILE B 1578 77.01 59.80 -26.25
CA ILE B 1578 78.40 59.62 -25.86
C ILE B 1578 78.90 60.75 -24.96
N HIS B 1579 78.07 61.76 -24.66
CA HIS B 1579 78.55 62.81 -23.77
C HIS B 1579 77.63 63.10 -22.60
N LEU B 1580 76.31 63.05 -22.81
CA LEU B 1580 75.39 63.07 -21.67
C LEU B 1580 75.49 61.78 -20.85
N GLU B 1581 75.90 60.69 -21.50
CA GLU B 1581 75.70 59.35 -20.97
C GLU B 1581 76.55 59.11 -19.72
N SER B 1582 77.82 59.46 -19.77
CA SER B 1582 78.66 59.40 -18.59
C SER B 1582 78.48 60.60 -17.68
N ALA B 1583 77.76 61.63 -18.13
CA ALA B 1583 77.60 62.87 -17.38
C ALA B 1583 76.31 62.95 -16.61
N CYS B 1584 75.17 62.77 -17.28
CA CYS B 1584 73.87 62.92 -16.62
C CYS B 1584 73.59 61.79 -15.65
N ARG B 1585 74.01 60.56 -15.99
CA ARG B 1585 73.79 59.42 -15.11
C ARG B 1585 74.55 59.57 -13.79
N SER B 1586 75.76 60.13 -13.85
CA SER B 1586 76.42 60.57 -12.63
C SER B 1586 75.64 61.70 -11.97
N ARG B 1587 75.17 62.65 -12.77
CA ARG B 1587 74.48 63.83 -12.24
C ARG B 1587 73.11 63.49 -11.66
N ARG B 1588 72.32 62.66 -12.36
CA ARG B 1588 70.99 62.33 -11.86
C ARG B 1588 71.06 61.40 -10.65
N SER B 1589 72.15 60.65 -10.48
CA SER B 1589 72.34 59.88 -9.27
C SER B 1589 72.55 60.79 -8.08
N MET B 1590 73.34 61.85 -8.27
CA MET B 1590 73.61 62.84 -7.23
C MET B 1590 72.53 63.91 -7.14
N LEU B 1591 71.50 63.82 -7.97
CA LEU B 1591 70.53 64.92 -8.09
C LEU B 1591 69.65 65.00 -6.86
N SER B 1592 69.07 63.87 -6.45
CA SER B 1592 68.25 63.84 -5.24
C SER B 1592 69.07 63.49 -4.02
N GLU B 1593 70.20 64.18 -3.86
CA GLU B 1593 71.07 64.02 -2.70
C GLU B 1593 71.45 65.42 -2.24
N TYR B 1594 70.69 65.95 -1.29
CA TYR B 1594 70.79 67.34 -0.89
C TYR B 1594 71.72 67.44 0.30
N ILE B 1595 72.78 68.24 0.15
CA ILE B 1595 73.83 68.33 1.16
C ILE B 1595 74.50 69.70 1.02
N VAL B 1596 74.85 70.30 2.15
CA VAL B 1596 75.25 71.71 2.16
C VAL B 1596 76.29 71.96 3.24
N PRO B 1597 77.32 72.77 2.98
CA PRO B 1597 78.22 73.22 4.06
C PRO B 1597 77.68 74.47 4.74
N LEU B 1598 78.43 75.05 5.68
CA LEU B 1598 78.10 76.37 6.20
C LEU B 1598 79.06 77.36 5.55
N THR B 1599 78.62 77.94 4.45
CA THR B 1599 79.30 79.03 3.77
C THR B 1599 78.52 80.31 4.01
N PRO B 1600 79.13 81.47 3.80
CA PRO B 1600 78.33 82.70 3.73
C PRO B 1600 77.33 82.72 2.59
N GLU B 1601 77.60 81.97 1.51
CA GLU B 1601 76.59 81.74 0.49
C GLU B 1601 75.43 80.92 1.06
N THR B 1602 75.74 79.91 1.89
CA THR B 1602 74.68 79.21 2.61
C THR B 1602 74.04 80.10 3.65
N ARG B 1603 74.85 80.83 4.42
CA ARG B 1603 74.34 81.72 5.47
C ARG B 1603 73.48 82.84 4.91
N ALA B 1604 73.76 83.29 3.70
CA ALA B 1604 72.89 84.24 3.04
C ALA B 1604 72.35 83.59 1.76
N ILE B 1605 71.28 82.81 1.90
CA ILE B 1605 70.42 82.48 0.77
C ILE B 1605 68.99 82.24 1.27
N THR B 1606 68.06 82.97 0.66
CA THR B 1606 66.63 82.89 0.94
C THR B 1606 65.93 83.46 -0.28
N LEU B 1607 64.66 83.85 -0.11
CA LEU B 1607 63.91 84.51 -1.17
C LEU B 1607 64.58 85.79 -1.63
N PHE B 1608 64.82 86.73 -0.69
CA PHE B 1608 65.45 88.03 -0.84
C PHE B 1608 65.02 88.85 -2.06
N PRO B 1609 63.84 89.45 -2.09
CA PRO B 1609 63.52 90.38 -3.19
C PRO B 1609 63.94 91.80 -2.86
N PRO B 1610 64.79 92.42 -3.69
CA PRO B 1610 65.16 93.82 -3.47
C PRO B 1610 64.10 94.75 -4.04
N GLY B 1611 63.51 95.57 -3.17
CA GLY B 1611 62.53 96.54 -3.61
C GLY B 1611 61.86 97.28 -2.48
N ARG B 1612 60.55 97.50 -2.62
CA ARG B 1612 59.73 98.17 -1.61
C ARG B 1612 58.89 97.18 -0.83
N LYS B 1613 59.46 96.00 -0.54
CA LYS B 1613 58.85 94.88 0.19
C LYS B 1613 57.57 94.37 -0.47
N GLY B 1614 57.44 94.50 -1.78
CA GLY B 1614 56.28 94.01 -2.48
C GLY B 1614 56.54 92.69 -3.18
N GLY B 1615 57.81 92.46 -3.56
CA GLY B 1615 58.18 91.23 -4.23
C GLY B 1615 58.20 90.02 -3.32
N ASN B 1616 58.17 90.22 -2.00
CA ASN B 1616 58.02 89.10 -1.09
C ASN B 1616 56.61 88.53 -1.16
N ALA B 1617 55.61 89.42 -1.17
CA ALA B 1617 54.23 89.00 -1.36
C ALA B 1617 53.91 88.68 -2.82
N ARG B 1618 54.69 89.21 -3.76
CA ARG B 1618 54.54 88.89 -5.17
C ARG B 1618 55.37 87.65 -5.50
N ARG B 1619 55.62 87.41 -6.78
CA ARG B 1619 56.47 86.32 -7.21
C ARG B 1619 57.91 86.54 -6.72
N HIS B 1620 58.55 85.44 -6.34
CA HIS B 1620 59.85 85.49 -5.68
C HIS B 1620 61.01 85.61 -6.67
N GLY B 1621 60.72 85.90 -7.94
CA GLY B 1621 61.75 86.07 -8.94
C GLY B 1621 61.66 85.06 -10.06
N LEU B 1622 62.73 84.28 -10.25
CA LEU B 1622 62.82 83.32 -11.33
C LEU B 1622 63.49 82.05 -10.80
N PRO B 1623 63.21 80.91 -11.42
CA PRO B 1623 64.07 79.74 -11.21
C PRO B 1623 65.37 79.90 -11.98
N GLY B 1624 66.27 78.93 -11.78
CA GLY B 1624 67.59 79.05 -12.36
C GLY B 1624 68.40 80.13 -11.68
N VAL B 1625 68.79 79.87 -10.44
CA VAL B 1625 69.48 80.84 -9.59
C VAL B 1625 70.94 80.37 -9.54
N GLY B 1626 71.80 81.12 -8.85
CA GLY B 1626 73.22 80.86 -8.88
C GLY B 1626 73.64 79.72 -7.98
N VAL B 1627 74.63 79.96 -7.12
CA VAL B 1627 75.26 78.91 -6.33
C VAL B 1627 74.25 78.36 -5.32
N THR B 1628 73.80 77.13 -5.54
CA THR B 1628 72.91 76.43 -4.63
C THR B 1628 73.65 75.67 -3.54
N THR B 1629 74.98 75.81 -3.47
CA THR B 1629 75.86 75.28 -2.41
C THR B 1629 75.69 73.76 -2.22
N SER B 1630 75.46 73.05 -3.32
CA SER B 1630 75.36 71.61 -3.31
C SER B 1630 76.72 71.00 -3.63
N LEU B 1631 77.01 69.85 -3.03
CA LEU B 1631 78.32 69.24 -3.16
C LEU B 1631 78.37 68.52 -4.51
N ARG B 1632 78.87 69.23 -5.52
CA ARG B 1632 78.82 68.78 -6.90
C ARG B 1632 80.21 68.61 -7.48
N PRO B 1633 80.57 67.42 -7.97
CA PRO B 1633 81.89 67.21 -8.56
C PRO B 1633 81.88 67.49 -10.05
N PRO B 1634 83.06 67.68 -10.68
CA PRO B 1634 83.08 67.88 -12.14
C PRO B 1634 82.96 66.58 -12.93
N HIS B 1635 83.08 66.66 -14.25
CA HIS B 1635 82.83 65.52 -15.12
C HIS B 1635 84.08 64.81 -15.61
N HIS B 1636 85.23 65.49 -15.58
CA HIS B 1636 86.56 64.91 -15.86
C HIS B 1636 86.63 64.34 -17.27
N PHE B 1637 86.59 65.24 -18.25
CA PHE B 1637 86.72 64.85 -19.65
C PHE B 1637 88.17 64.48 -19.99
N SER B 1638 88.40 64.13 -21.25
CA SER B 1638 89.72 63.78 -21.76
C SER B 1638 89.71 63.98 -23.27
N PRO B 1639 90.60 64.80 -23.82
CA PRO B 1639 90.69 64.96 -25.27
C PRO B 1639 91.27 63.71 -25.92
N PRO B 1640 90.55 63.12 -26.87
CA PRO B 1640 91.05 61.88 -27.49
C PRO B 1640 92.15 62.13 -28.51
N CYS B 1641 93.15 61.26 -28.47
CA CYS B 1641 94.24 61.29 -29.42
C CYS B 1641 94.67 59.85 -29.71
N PHE B 1642 95.31 59.66 -30.85
CA PHE B 1642 95.77 58.33 -31.24
C PHE B 1642 97.19 58.31 -31.79
N VAL B 1643 97.87 59.47 -31.86
CA VAL B 1643 99.32 59.49 -32.07
C VAL B 1643 100.08 59.15 -30.81
N ALA B 1644 99.39 59.00 -29.67
CA ALA B 1644 100.01 58.55 -28.45
C ALA B 1644 100.37 57.06 -28.55
N ALA B 1645 101.20 56.61 -27.62
CA ALA B 1645 101.65 55.23 -27.62
C ALA B 1645 100.59 54.33 -27.01
N LEU B 1646 100.91 53.04 -26.97
CA LEU B 1646 100.00 52.05 -26.39
C LEU B 1646 100.02 52.14 -24.86
N PRO B 1647 98.88 51.88 -24.21
CA PRO B 1647 98.87 51.87 -22.74
C PRO B 1647 99.56 50.63 -22.20
N ALA B 1648 100.26 50.81 -21.08
CA ALA B 1648 101.00 49.77 -20.33
C ALA B 1648 102.01 49.02 -21.21
N GLU B 1653 94.28 48.12 -15.74
CA GLU B 1653 95.54 48.58 -15.16
C GLU B 1653 95.36 49.95 -14.51
N ALA B 1654 94.26 50.61 -14.85
CA ALA B 1654 93.99 51.98 -14.41
C ALA B 1654 92.50 52.25 -14.62
N PRO B 1655 91.97 53.32 -14.00
CA PRO B 1655 90.65 53.82 -14.42
C PRO B 1655 90.76 54.45 -15.80
N ALA B 1656 90.69 53.60 -16.83
CA ALA B 1656 91.29 53.81 -18.15
C ALA B 1656 90.84 55.08 -18.89
N ARG B 1657 89.57 55.14 -19.28
CA ARG B 1657 89.10 56.22 -20.14
C ARG B 1657 87.94 56.93 -19.44
N LEU B 1658 88.11 58.23 -19.21
CA LEU B 1658 87.14 58.97 -18.41
C LEU B 1658 85.96 59.47 -19.24
N SER B 1659 86.22 60.35 -20.22
CA SER B 1659 85.19 60.96 -21.07
C SER B 1659 85.82 61.65 -22.27
N PRO B 1660 85.30 61.45 -23.49
CA PRO B 1660 85.76 62.27 -24.62
C PRO B 1660 85.30 63.70 -24.47
N ALA B 1661 86.13 64.63 -24.96
CA ALA B 1661 85.99 66.04 -24.63
C ALA B 1661 85.53 66.88 -25.82
N ILE B 1662 84.70 67.87 -25.53
CA ILE B 1662 84.26 68.87 -26.50
C ILE B 1662 84.36 70.24 -25.80
N PRO B 1663 84.80 71.31 -26.49
CA PRO B 1663 84.52 72.66 -25.98
C PRO B 1663 83.03 72.91 -25.87
N LEU B 1664 82.55 73.13 -24.64
CA LEU B 1664 81.13 73.08 -24.37
C LEU B 1664 80.45 74.44 -24.39
N GLU B 1665 81.12 75.48 -23.94
CA GLU B 1665 80.48 76.79 -23.79
C GLU B 1665 80.19 77.42 -25.15
N ALA B 1666 81.07 77.24 -26.13
CA ALA B 1666 80.77 77.67 -27.49
C ALA B 1666 79.72 76.77 -28.11
N LEU B 1667 79.74 75.49 -27.80
CA LEU B 1667 78.69 74.59 -28.27
C LEU B 1667 77.37 74.89 -27.57
N ARG B 1668 77.43 75.39 -26.33
CA ARG B 1668 76.25 75.85 -25.62
C ARG B 1668 75.59 77.02 -26.34
N ASP B 1669 76.39 78.02 -26.72
CA ASP B 1669 75.85 79.18 -27.40
C ASP B 1669 75.38 78.85 -28.82
N LYS B 1670 75.97 77.83 -29.44
CA LYS B 1670 75.52 77.40 -30.76
C LYS B 1670 74.14 76.76 -30.68
N ALA B 1671 73.89 75.97 -29.63
CA ALA B 1671 72.57 75.42 -29.43
C ALA B 1671 71.61 76.44 -28.85
N LEU B 1672 72.13 77.44 -28.13
CA LEU B 1672 71.26 78.46 -27.53
C LEU B 1672 70.65 79.37 -28.60
N ARG B 1673 71.44 79.71 -29.62
CA ARG B 1673 70.95 80.62 -30.65
C ARG B 1673 69.97 79.94 -31.61
N MET B 1674 70.10 78.64 -31.83
CA MET B 1674 69.21 77.95 -32.75
C MET B 1674 67.86 77.67 -32.09
N LEU B 1675 67.83 77.64 -30.75
CA LEU B 1675 66.59 77.43 -30.04
C LEU B 1675 65.64 78.61 -30.22
N GLY B 1676 66.12 79.82 -29.95
CA GLY B 1676 65.33 81.01 -30.23
C GLY B 1676 65.12 81.26 -31.71
N GLU B 1677 66.01 80.75 -32.56
CA GLU B 1677 65.81 80.82 -34.00
C GLU B 1677 64.63 79.97 -34.43
N ALA B 1678 64.54 78.74 -33.91
CA ALA B 1678 63.46 77.83 -34.30
C ALA B 1678 62.11 78.29 -33.78
N VAL B 1679 62.09 79.05 -32.68
CA VAL B 1679 60.85 79.68 -32.23
C VAL B 1679 60.39 80.73 -33.23
N ARG B 1680 61.32 81.56 -33.71
CA ARG B 1680 60.98 82.52 -34.76
C ARG B 1680 60.75 81.82 -36.09
N ASP B 1681 61.42 80.69 -36.33
CA ASP B 1681 61.21 79.95 -37.57
C ASP B 1681 59.86 79.25 -37.61
N GLY B 1682 59.38 78.77 -36.47
CA GLY B 1682 58.07 78.15 -36.43
C GLY B 1682 56.94 79.15 -36.52
N GLY B 1683 57.13 80.34 -35.94
CA GLY B 1683 56.13 81.39 -35.99
C GLY B 1683 55.91 82.00 -37.36
N GLN B 1684 56.84 81.79 -38.29
CA GLN B 1684 56.64 82.24 -39.67
C GLN B 1684 55.65 81.35 -40.42
N HIS B 1685 55.40 80.14 -39.91
CA HIS B 1685 54.46 79.17 -40.48
C HIS B 1685 54.82 78.81 -41.92
N ALA B 1686 56.10 78.56 -42.14
CA ALA B 1686 56.60 78.24 -43.46
C ALA B 1686 56.29 76.79 -43.82
N ARG B 1687 56.18 76.53 -45.12
CA ARG B 1687 56.08 75.18 -45.66
C ARG B 1687 57.46 74.57 -45.89
N ASP B 1688 58.50 75.14 -45.29
CA ASP B 1688 59.90 74.76 -45.38
C ASP B 1688 60.36 73.53 -44.60
N PRO B 1689 59.78 73.22 -43.41
CA PRO B 1689 60.52 72.95 -42.16
C PRO B 1689 61.70 71.97 -42.19
N VAL B 1690 62.59 72.19 -41.21
CA VAL B 1690 63.82 71.41 -41.06
C VAL B 1690 63.49 69.94 -40.90
N GLY B 1691 64.12 69.10 -41.73
CA GLY B 1691 63.82 67.69 -41.74
C GLY B 1691 62.45 67.33 -42.28
N GLY B 1692 61.86 68.19 -43.11
CA GLY B 1692 60.61 67.86 -43.76
C GLY B 1692 59.35 68.23 -43.00
N SER B 1693 59.32 67.98 -41.70
CA SER B 1693 58.11 68.19 -40.91
C SER B 1693 58.42 69.05 -39.69
N VAL B 1694 57.39 69.22 -38.85
CA VAL B 1694 57.52 70.05 -37.67
C VAL B 1694 58.36 69.36 -36.61
N GLU B 1695 58.13 68.05 -36.41
CA GLU B 1695 58.81 67.30 -35.37
C GLU B 1695 60.30 67.17 -35.65
N PHE B 1696 60.68 67.10 -36.92
CA PHE B 1696 62.09 67.14 -37.25
C PHE B 1696 62.66 68.55 -37.15
N GLN B 1697 61.83 69.57 -37.36
CA GLN B 1697 62.28 70.94 -37.10
C GLN B 1697 62.48 71.16 -35.61
N PHE B 1698 61.67 70.50 -34.78
CA PHE B 1698 61.90 70.44 -33.35
C PHE B 1698 62.72 69.19 -33.03
N VAL B 1699 63.91 69.19 -33.63
CA VAL B 1699 64.99 68.21 -33.59
C VAL B 1699 65.43 67.97 -32.14
N PRO B 1700 66.05 66.80 -31.81
CA PRO B 1700 66.63 66.60 -30.47
C PRO B 1700 67.75 67.54 -30.00
N VAL B 1701 68.01 68.64 -30.72
CA VAL B 1701 68.62 69.82 -30.11
C VAL B 1701 67.80 70.29 -28.90
N LEU B 1702 66.47 70.10 -28.94
CA LEU B 1702 65.64 70.26 -27.74
C LEU B 1702 66.10 69.36 -26.60
N LYS B 1703 66.52 68.13 -26.91
CA LYS B 1703 67.13 67.30 -25.88
C LYS B 1703 68.53 67.79 -25.53
N LEU B 1704 69.25 68.33 -26.51
CA LEU B 1704 70.55 68.95 -26.26
C LEU B 1704 70.42 70.19 -25.37
N VAL B 1705 69.29 70.89 -25.46
CA VAL B 1705 68.98 71.95 -24.49
C VAL B 1705 68.93 71.36 -23.09
N SER B 1706 68.22 70.25 -22.92
CA SER B 1706 68.13 69.60 -21.63
C SER B 1706 69.42 68.88 -21.24
N THR B 1707 70.29 68.58 -22.22
CA THR B 1707 71.55 67.90 -21.94
C THR B 1707 72.46 68.76 -21.09
N LEU B 1708 72.69 70.00 -21.50
CA LEU B 1708 73.51 70.91 -20.71
C LEU B 1708 72.73 71.47 -19.52
N LEU B 1709 71.40 71.36 -19.55
CA LEU B 1709 70.59 71.90 -18.47
C LEU B 1709 70.69 71.06 -17.22
N VAL B 1710 70.62 69.75 -17.36
CA VAL B 1710 70.82 68.85 -16.23
C VAL B 1710 72.27 68.88 -15.74
N MET B 1711 73.22 69.15 -16.64
CA MET B 1711 74.62 69.25 -16.25
C MET B 1711 74.96 70.60 -15.62
N GLY B 1712 74.05 71.56 -15.66
CA GLY B 1712 74.30 72.86 -15.07
C GLY B 1712 75.27 73.72 -15.84
N ILE B 1713 75.24 73.65 -17.17
CA ILE B 1713 76.23 74.37 -17.97
C ILE B 1713 75.79 75.80 -18.24
N PHE B 1714 74.49 76.02 -18.40
CA PHE B 1714 73.96 77.34 -18.73
C PHE B 1714 74.18 78.33 -17.59
N GLY B 1715 74.62 79.54 -17.96
CA GLY B 1715 74.72 80.64 -17.03
C GLY B 1715 73.36 81.22 -16.72
N ASP B 1716 73.37 82.22 -15.84
CA ASP B 1716 72.11 82.80 -15.37
C ASP B 1716 71.42 83.59 -16.48
N GLU B 1717 72.20 84.25 -17.33
CA GLU B 1717 71.61 84.90 -18.51
C GLU B 1717 71.27 83.86 -19.57
N ASP B 1718 71.98 82.74 -19.60
CA ASP B 1718 71.60 81.65 -20.48
C ASP B 1718 70.32 80.98 -19.98
N VAL B 1719 70.16 80.90 -18.66
CA VAL B 1719 68.88 80.55 -18.07
C VAL B 1719 67.83 81.60 -18.43
N LYS B 1720 68.21 82.88 -18.34
CA LYS B 1720 67.28 83.96 -18.68
C LYS B 1720 66.93 83.96 -20.17
N GLN B 1721 67.83 83.47 -21.02
CA GLN B 1721 67.55 83.48 -22.45
C GLN B 1721 66.61 82.34 -22.83
N ILE B 1722 66.80 81.16 -22.24
CA ILE B 1722 65.93 80.03 -22.60
C ILE B 1722 64.56 80.13 -21.96
N LEU B 1723 64.40 80.94 -20.91
CA LEU B 1723 63.07 81.26 -20.40
C LEU B 1723 62.42 82.40 -21.16
N LYS B 1724 63.14 83.06 -22.06
CA LYS B 1724 62.58 84.16 -22.84
C LYS B 1724 61.68 83.69 -23.98
N MET B 1725 61.51 82.38 -24.16
CA MET B 1725 60.55 81.88 -25.14
C MET B 1725 59.12 81.95 -24.63
N ILE B 1726 58.93 81.99 -23.31
CA ILE B 1726 57.62 82.18 -22.71
C ILE B 1726 57.76 83.43 -21.85
N GLU B 1727 58.59 84.37 -22.32
CA GLU B 1727 58.85 85.64 -21.63
C GLU B 1727 57.62 86.44 -21.18
N PRO B 1728 56.49 86.51 -21.92
CA PRO B 1728 55.31 87.17 -21.31
C PRO B 1728 54.71 86.43 -20.13
N GLU B 1729 55.00 85.14 -19.98
CA GLU B 1729 54.55 84.43 -18.79
C GLU B 1729 55.67 84.24 -17.78
N VAL B 1730 56.92 84.16 -18.24
CA VAL B 1730 58.06 84.13 -17.33
C VAL B 1730 58.20 85.45 -16.60
N PHE B 1731 57.99 86.57 -17.31
CA PHE B 1731 57.81 87.92 -16.74
C PHE B 1731 59.04 88.36 -15.93
N THR B 1732 60.12 88.62 -16.67
CA THR B 1732 61.40 89.02 -16.11
C THR B 1732 61.30 90.33 -15.31
N GLU B 1733 62.38 90.63 -14.59
CA GLU B 1733 62.35 91.63 -13.52
C GLU B 1733 62.26 93.06 -14.03
N GLU B 1734 62.44 93.28 -15.33
CA GLU B 1734 62.34 94.64 -15.88
C GLU B 1734 60.90 95.12 -15.92
N LEU B 1782 53.54 89.00 -33.76
CA LEU B 1782 54.48 89.54 -32.78
C LEU B 1782 55.34 88.45 -32.18
N GLU B 1783 55.93 88.72 -31.02
CA GLU B 1783 56.77 87.76 -30.32
C GLU B 1783 55.86 86.75 -29.63
N GLU B 1784 55.47 85.72 -30.38
CA GLU B 1784 54.58 84.69 -29.86
C GLU B 1784 55.33 83.78 -28.90
N GLY B 1785 54.62 83.33 -27.87
CA GLY B 1785 55.21 82.46 -26.88
C GLY B 1785 55.48 81.07 -27.41
N LEU B 1786 56.28 80.33 -26.64
CA LEU B 1786 56.64 78.96 -27.03
C LEU B 1786 55.45 78.02 -26.90
N LEU B 1787 54.59 78.25 -25.91
CA LEU B 1787 53.54 77.29 -25.58
C LEU B 1787 52.40 77.32 -26.59
N GLN B 1788 52.26 78.41 -27.34
CA GLN B 1788 51.07 78.63 -28.16
C GLN B 1788 51.17 78.01 -29.55
N MET B 1789 52.19 77.21 -29.83
CA MET B 1789 52.28 76.53 -31.11
C MET B 1789 51.70 75.12 -31.00
N LYS B 1790 51.28 74.59 -32.15
CA LYS B 1790 50.71 73.25 -32.21
C LYS B 1790 51.81 72.20 -32.09
N LEU B 1791 52.28 71.97 -30.87
CA LEU B 1791 53.37 71.05 -30.60
C LEU B 1791 52.77 69.68 -30.31
N PRO B 1792 52.74 68.74 -31.30
CA PRO B 1792 51.79 67.61 -31.23
C PRO B 1792 51.96 66.61 -30.09
N GLU B 1793 53.04 65.84 -30.05
CA GLU B 1793 53.23 64.94 -28.92
C GLU B 1793 54.65 64.97 -28.38
N SER B 1794 55.62 65.01 -29.30
CA SER B 1794 57.02 64.80 -28.94
C SER B 1794 57.68 66.05 -28.39
N VAL B 1795 57.19 67.23 -28.76
CA VAL B 1795 57.76 68.45 -28.22
C VAL B 1795 57.28 68.63 -26.78
N LYS B 1796 56.07 68.17 -26.47
CA LYS B 1796 55.53 68.35 -25.13
C LYS B 1796 56.24 67.45 -24.12
N LEU B 1797 56.59 66.24 -24.51
CA LEU B 1797 57.28 65.35 -23.57
C LEU B 1797 58.70 65.83 -23.32
N GLN B 1798 59.34 66.40 -24.33
CA GLN B 1798 60.58 67.13 -24.09
C GLN B 1798 60.34 68.36 -23.23
N MET B 1799 59.20 69.01 -23.41
CA MET B 1799 58.82 70.13 -22.55
C MET B 1799 58.47 69.64 -21.15
N CYS B 1800 57.88 68.44 -21.05
CA CYS B 1800 57.69 67.82 -19.75
C CYS B 1800 59.02 67.44 -19.12
N ASN B 1801 59.99 67.04 -19.93
CA ASN B 1801 61.35 66.86 -19.42
C ASN B 1801 61.96 68.20 -19.05
N LEU B 1802 61.63 69.26 -19.80
CA LEU B 1802 62.16 70.58 -19.52
C LEU B 1802 61.62 71.15 -18.23
N LEU B 1803 60.29 71.19 -18.09
CA LEU B 1803 59.66 71.82 -16.95
C LEU B 1803 59.75 71.00 -15.67
N GLU B 1804 60.14 69.73 -15.78
CA GLU B 1804 60.46 68.95 -14.60
C GLU B 1804 61.68 69.52 -13.88
N TYR B 1805 62.65 70.03 -14.64
CA TYR B 1805 63.86 70.58 -14.06
C TYR B 1805 63.57 71.85 -13.28
N PHE B 1806 62.58 72.63 -13.72
CA PHE B 1806 62.35 73.94 -13.12
C PHE B 1806 61.65 73.83 -11.78
N CYS B 1807 60.81 72.81 -11.59
CA CYS B 1807 60.23 72.56 -10.28
C CYS B 1807 61.29 72.10 -9.29
N ASP B 1808 62.32 71.41 -9.79
CA ASP B 1808 63.45 71.03 -8.94
C ASP B 1808 64.22 72.26 -8.48
N GLN B 1809 64.37 73.26 -9.35
CA GLN B 1809 65.21 74.41 -9.02
C GLN B 1809 64.56 75.29 -7.96
N GLU B 1810 63.24 75.43 -8.01
CA GLU B 1810 62.53 76.06 -6.91
C GLU B 1810 62.64 75.24 -5.64
N LEU B 1811 62.52 73.91 -5.76
CA LEU B 1811 62.61 73.04 -4.60
C LEU B 1811 64.03 73.00 -4.05
N GLN B 1812 65.03 73.03 -4.93
CA GLN B 1812 66.41 73.12 -4.46
C GLN B 1812 66.68 74.48 -3.85
N HIS B 1813 66.01 75.52 -4.35
CA HIS B 1813 66.01 76.82 -3.68
C HIS B 1813 65.24 76.75 -2.37
N ARG B 1814 64.18 75.95 -2.32
CA ARG B 1814 63.39 75.84 -1.11
C ARG B 1814 64.12 75.05 -0.03
N VAL B 1815 64.78 73.95 -0.41
CA VAL B 1815 65.41 73.08 0.58
C VAL B 1815 66.68 73.71 1.12
N GLU B 1816 67.26 74.67 0.41
CA GLU B 1816 68.45 75.33 0.91
C GLU B 1816 68.09 76.49 1.81
N SER B 1817 67.10 77.30 1.40
CA SER B 1817 66.65 78.43 2.21
C SER B 1817 66.01 77.98 3.52
N LEU B 1818 65.39 76.79 3.51
CA LEU B 1818 64.97 76.17 4.77
C LEU B 1818 66.19 75.78 5.60
N ALA B 1819 67.19 75.16 4.96
CA ALA B 1819 68.40 74.77 5.68
C ALA B 1819 69.23 75.99 6.08
N ALA B 1820 69.10 77.08 5.33
CA ALA B 1820 69.80 78.32 5.70
C ALA B 1820 69.22 78.92 6.98
N PHE B 1821 67.89 78.98 7.06
CA PHE B 1821 67.24 79.59 8.22
C PHE B 1821 67.41 78.75 9.48
N ALA B 1822 67.50 77.43 9.33
CA ALA B 1822 67.57 76.53 10.46
C ALA B 1822 68.95 76.46 11.10
N GLU B 1823 69.93 77.18 10.60
CA GLU B 1823 71.29 77.09 11.14
C GLU B 1823 71.74 78.35 11.85
N ARG B 1824 71.40 79.53 11.34
CA ARG B 1824 71.70 80.74 12.08
C ARG B 1824 70.69 80.98 13.20
N TYR B 1825 69.55 80.29 13.16
CA TYR B 1825 68.55 80.41 14.22
C TYR B 1825 68.83 79.43 15.35
N VAL B 1826 69.41 78.28 15.05
CA VAL B 1826 69.75 77.34 16.11
C VAL B 1826 71.00 77.81 16.87
N ASP B 1827 71.80 78.68 16.27
CA ASP B 1827 72.95 79.25 16.97
C ASP B 1827 72.52 80.23 18.05
N LYS B 1828 71.52 81.07 17.74
CA LYS B 1828 70.96 81.96 18.75
C LYS B 1828 69.98 81.27 19.67
N LEU B 1829 69.64 80.01 19.38
CA LEU B 1829 68.82 79.19 20.25
C LEU B 1829 69.65 78.42 21.27
N GLN B 1830 70.80 77.90 20.86
CA GLN B 1830 71.70 77.29 21.82
C GLN B 1830 72.35 78.35 22.72
N ALA B 1831 72.51 79.56 22.21
CA ALA B 1831 72.95 80.68 23.03
C ALA B 1831 71.85 81.18 23.96
N ASN B 1832 70.58 80.86 23.66
CA ASN B 1832 69.49 81.27 24.51
C ASN B 1832 69.51 80.51 25.83
N GLN B 1833 69.62 79.18 25.77
CA GLN B 1833 69.80 78.41 26.99
C GLN B 1833 71.16 78.67 27.62
N ARG B 1834 72.17 79.03 26.82
CA ARG B 1834 73.45 79.43 27.37
C ARG B 1834 73.34 80.69 28.21
N SER B 1835 72.49 81.63 27.80
CA SER B 1835 72.18 82.76 28.66
C SER B 1835 71.28 82.34 29.82
N ARG B 1836 70.51 81.27 29.62
CA ARG B 1836 69.54 80.84 30.62
C ARG B 1836 70.11 79.79 31.56
N TYR B 1837 71.17 79.09 31.15
CA TYR B 1837 71.90 78.23 32.07
C TYR B 1837 72.61 79.05 33.14
N ALA B 1838 73.06 80.25 32.80
CA ALA B 1838 73.52 81.21 33.80
C ALA B 1838 72.36 81.67 34.67
N LEU B 1839 71.15 81.75 34.11
CA LEU B 1839 69.98 82.14 34.89
C LEU B 1839 69.51 81.05 35.84
N LEU B 1840 70.03 79.83 35.73
CA LEU B 1840 69.72 78.77 36.67
C LEU B 1840 70.93 78.33 37.49
N MET B 1841 72.11 78.88 37.21
CA MET B 1841 73.31 78.59 37.99
C MET B 1841 73.80 79.83 38.74
N ARG B 1842 74.08 80.92 38.02
CA ARG B 1842 74.46 82.16 38.67
C ARG B 1842 73.26 82.89 39.27
N ALA B 1843 72.07 82.66 38.72
CA ALA B 1843 70.82 83.20 39.25
C ALA B 1843 69.93 82.07 39.73
N PHE B 1844 70.54 81.12 40.45
CA PHE B 1844 69.88 79.85 40.78
C PHE B 1844 68.73 80.05 41.76
N THR B 1845 69.04 80.52 42.97
CA THR B 1845 68.12 80.62 44.11
C THR B 1845 67.40 79.30 44.34
N MET B 1846 68.20 78.30 44.72
CA MET B 1846 67.81 76.90 44.62
C MET B 1846 66.67 76.56 45.56
N SER B 1847 65.56 76.08 44.98
CA SER B 1847 64.37 75.69 45.73
C SER B 1847 63.84 74.42 45.07
N ALA B 1848 62.60 74.03 45.41
CA ALA B 1848 62.03 72.82 44.86
C ALA B 1848 61.58 72.99 43.41
N ALA B 1849 61.16 74.19 43.02
CA ALA B 1849 60.73 74.40 41.64
C ALA B 1849 61.93 74.51 40.70
N GLU B 1850 63.03 75.10 41.16
CA GLU B 1850 64.24 75.16 40.36
C GLU B 1850 64.94 73.82 40.26
N THR B 1851 64.73 72.92 41.23
CA THR B 1851 65.34 71.60 41.19
C THR B 1851 64.62 70.64 40.25
N ALA B 1852 63.48 71.03 39.69
CA ALA B 1852 62.75 70.17 38.77
C ALA B 1852 62.79 70.64 37.33
N ARG B 1853 62.67 71.94 37.08
CA ARG B 1853 62.63 72.46 35.71
C ARG B 1853 64.00 72.44 35.06
N ARG B 1854 64.99 73.05 35.71
CA ARG B 1854 66.34 73.13 35.19
C ARG B 1854 67.06 71.78 35.20
N THR B 1855 66.63 70.84 36.03
CA THR B 1855 67.21 69.50 36.04
C THR B 1855 66.84 68.74 34.77
N ARG B 1856 65.71 69.09 34.15
CA ARG B 1856 65.30 68.48 32.89
C ARG B 1856 66.23 68.82 31.74
N GLU B 1857 67.05 69.85 31.88
CA GLU B 1857 68.04 70.17 30.88
C GLU B 1857 69.36 69.44 31.13
N PHE B 1858 69.55 68.89 32.33
CA PHE B 1858 70.59 67.90 32.55
C PHE B 1858 70.17 66.54 31.99
N ARG B 1859 68.87 66.29 31.98
CA ARG B 1859 68.26 65.22 31.19
C ARG B 1859 67.95 65.79 29.81
N SER B 1860 67.09 65.12 29.03
CA SER B 1860 66.61 65.53 27.71
C SER B 1860 67.77 65.70 26.73
N PRO B 1861 68.29 64.62 26.17
CA PRO B 1861 69.26 64.74 25.09
C PRO B 1861 68.70 65.52 23.93
N PRO B 1862 69.56 66.17 23.13
CA PRO B 1862 69.06 67.18 22.17
C PRO B 1862 68.19 66.66 21.04
N GLN B 1863 68.03 65.34 20.89
CA GLN B 1863 66.91 64.84 20.12
C GLN B 1863 65.59 65.21 20.77
N GLU B 1864 65.50 65.08 22.10
CA GLU B 1864 64.28 65.41 22.83
C GLU B 1864 64.30 66.79 23.45
N GLN B 1865 65.48 67.42 23.57
CA GLN B 1865 65.54 68.74 24.17
C GLN B 1865 64.97 69.80 23.25
N ILE B 1866 65.20 69.66 21.93
CA ILE B 1866 64.55 70.52 20.96
C ILE B 1866 63.05 70.23 20.93
N ASN B 1867 62.69 68.95 21.08
CA ASN B 1867 61.28 68.54 21.07
C ASN B 1867 60.52 69.13 22.24
N MET B 1868 61.17 69.32 23.39
CA MET B 1868 60.55 70.05 24.48
C MET B 1868 60.37 71.51 24.11
N LEU B 1869 61.35 72.10 23.44
CA LEU B 1869 61.38 73.55 23.27
C LEU B 1869 60.69 74.03 22.01
N LEU B 1870 60.62 73.22 20.95
CA LEU B 1870 60.08 73.69 19.68
C LEU B 1870 58.57 73.89 19.73
N HIS B 1871 57.88 73.21 20.64
CA HIS B 1871 56.42 73.20 20.65
C HIS B 1871 55.85 74.54 21.08
N PHE B 1872 56.66 75.39 21.71
CA PHE B 1872 56.20 76.71 22.11
C PHE B 1872 56.13 77.66 20.94
N LYS B 1873 57.00 77.46 19.95
CA LYS B 1873 57.00 78.31 18.76
C LYS B 1873 55.81 78.02 17.86
N ASP B 1874 55.22 76.84 17.95
CA ASP B 1874 54.02 76.48 17.20
C ASP B 1874 53.02 75.85 18.17
N GLU B 1875 52.25 76.72 18.82
CA GLU B 1875 51.12 76.31 19.65
C GLU B 1875 50.21 77.52 19.81
N ALA B 1876 49.12 77.32 20.52
CA ALA B 1876 48.32 78.46 20.99
C ALA B 1876 48.73 78.87 22.40
N ASP B 1877 50.04 78.97 22.62
CA ASP B 1877 50.68 79.32 23.91
C ASP B 1877 50.18 78.44 25.06
N GLU B 1878 49.88 77.18 24.76
CA GLU B 1878 49.14 76.30 25.66
C GLU B 1878 50.03 75.25 26.30
N GLU B 1879 51.27 75.63 26.60
CA GLU B 1879 52.18 74.66 27.19
C GLU B 1879 53.07 75.26 28.27
N ASP B 1880 52.67 76.38 28.87
CA ASP B 1880 53.43 77.12 29.88
C ASP B 1880 54.79 77.55 29.31
N CYS B 1881 54.69 78.50 28.37
CA CYS B 1881 55.80 78.95 27.55
C CYS B 1881 56.95 79.52 28.39
N PRO B 1882 58.20 79.25 27.99
CA PRO B 1882 59.37 79.82 28.68
C PRO B 1882 59.64 81.26 28.30
N LEU B 1883 60.82 81.71 28.73
CA LEU B 1883 61.32 83.06 28.44
C LEU B 1883 61.26 83.50 26.97
N PRO B 1884 61.72 82.72 25.93
CA PRO B 1884 61.81 83.33 24.59
C PRO B 1884 60.49 83.64 23.90
N GLU B 1885 60.16 84.93 23.88
CA GLU B 1885 59.01 85.45 23.15
C GLU B 1885 59.41 86.13 21.85
N ASP B 1886 60.68 86.47 21.69
CA ASP B 1886 61.14 87.16 20.47
C ASP B 1886 61.51 86.19 19.37
N ILE B 1887 61.94 84.97 19.71
CA ILE B 1887 62.41 84.03 18.70
C ILE B 1887 61.39 82.93 18.49
N ARG B 1888 60.24 83.03 19.17
CA ARG B 1888 59.09 82.22 18.80
C ARG B 1888 58.31 82.87 17.66
N GLN B 1889 58.65 84.10 17.30
CA GLN B 1889 57.93 84.89 16.31
C GLN B 1889 58.55 84.79 14.92
N ASP B 1890 59.89 84.92 14.83
CA ASP B 1890 60.57 84.84 13.55
C ASP B 1890 60.47 83.46 12.92
N LEU B 1891 60.45 82.42 13.74
CA LEU B 1891 60.14 81.08 13.26
C LEU B 1891 58.72 81.02 12.70
N GLN B 1892 57.77 81.60 13.43
CA GLN B 1892 56.39 81.59 12.99
C GLN B 1892 56.21 82.48 11.75
N ASP B 1893 56.97 83.57 11.67
CA ASP B 1893 56.97 84.39 10.46
C ASP B 1893 57.64 83.65 9.31
N PHE B 1894 58.66 82.84 9.59
CA PHE B 1894 59.28 82.05 8.54
C PHE B 1894 58.37 80.92 8.09
N HIS B 1895 57.70 80.27 9.06
CA HIS B 1895 56.70 79.25 8.74
C HIS B 1895 55.55 79.85 7.93
N GLN B 1896 55.19 81.09 8.23
CA GLN B 1896 54.26 81.82 7.37
C GLN B 1896 54.90 82.12 6.02
N ASP B 1897 56.19 82.46 5.99
CA ASP B 1897 56.85 82.75 4.74
C ASP B 1897 57.17 81.50 3.93
N LEU B 1898 57.27 80.34 4.58
CA LEU B 1898 57.62 79.13 3.85
C LEU B 1898 56.43 78.62 3.06
N LEU B 1899 55.23 78.70 3.63
CA LEU B 1899 54.02 78.35 2.89
C LEU B 1899 53.71 79.38 1.82
N ALA B 1900 54.20 80.60 1.98
CA ALA B 1900 54.14 81.58 0.90
C ALA B 1900 55.02 81.17 -0.26
N HIS B 1901 56.19 80.60 0.02
CA HIS B 1901 57.03 80.06 -1.04
C HIS B 1901 56.51 78.70 -1.50
N CYS B 1902 55.79 78.00 -0.65
CA CYS B 1902 55.18 76.72 -1.03
C CYS B 1902 53.89 76.97 -1.82
N GLY B 1903 53.14 75.90 -2.08
CA GLY B 1903 51.91 75.98 -2.84
C GLY B 1903 50.71 76.48 -2.07
N ILE B 1904 50.89 76.88 -0.81
CA ILE B 1904 49.78 77.41 -0.02
C ILE B 1904 49.51 78.84 -0.43
N GLN B 1905 48.24 79.13 -0.75
CA GLN B 1905 47.84 80.48 -1.13
C GLN B 1905 47.64 81.39 0.07
N LEU B 1906 47.54 80.82 1.29
CA LEU B 1906 47.40 81.56 2.55
C LEU B 1906 46.17 82.46 2.57
N GLU B 1907 45.03 81.90 2.18
CA GLU B 1907 43.76 82.63 2.21
C GLU B 1907 43.28 82.70 3.65
N GLY B 1908 43.74 83.71 4.37
CA GLY B 1908 43.39 83.86 5.77
C GLY B 1908 44.32 83.10 6.70
N LYS B 1949 43.38 86.33 -17.11
CA LYS B 1949 44.33 86.99 -16.22
C LYS B 1949 45.76 86.58 -16.54
N LYS B 1950 46.64 86.69 -15.55
CA LYS B 1950 48.03 86.30 -15.68
C LYS B 1950 48.47 85.47 -14.49
N PRO B 1951 49.19 84.36 -14.73
CA PRO B 1951 49.70 83.56 -13.61
C PRO B 1951 50.78 84.29 -12.83
N GLN B 1952 51.71 84.92 -13.58
CA GLN B 1952 52.84 85.69 -13.06
C GLN B 1952 53.75 84.87 -12.15
N SER B 1953 53.77 83.55 -12.31
CA SER B 1953 54.54 82.65 -11.47
C SER B 1953 54.73 81.35 -12.23
N LEU B 1954 55.18 80.31 -11.52
CA LEU B 1954 55.33 78.97 -12.08
C LEU B 1954 54.16 78.06 -11.74
N GLN B 1955 53.50 78.27 -10.61
CA GLN B 1955 52.49 77.33 -10.15
C GLN B 1955 51.22 77.46 -10.98
N GLU B 1956 50.69 78.67 -11.11
CA GLU B 1956 49.47 78.89 -11.88
C GLU B 1956 49.70 78.76 -13.38
N LEU B 1957 50.94 78.88 -13.83
CA LEU B 1957 51.23 78.80 -15.25
C LEU B 1957 51.22 77.35 -15.73
N VAL B 1958 52.01 76.49 -15.09
CA VAL B 1958 52.20 75.13 -15.58
C VAL B 1958 50.95 74.28 -15.31
N SER B 1959 50.34 74.44 -14.14
CA SER B 1959 49.18 73.64 -13.77
C SER B 1959 47.98 73.95 -14.65
N HIS B 1960 47.87 75.18 -15.14
CA HIS B 1960 46.87 75.49 -16.15
C HIS B 1960 47.24 74.90 -17.51
N MET B 1961 48.53 74.83 -17.81
CA MET B 1961 48.98 74.46 -19.14
C MET B 1961 48.72 72.98 -19.44
N VAL B 1962 48.85 72.12 -18.43
CA VAL B 1962 48.63 70.71 -18.66
C VAL B 1962 47.13 70.42 -18.79
N VAL B 1963 46.30 71.19 -18.10
CA VAL B 1963 44.85 71.02 -18.19
C VAL B 1963 44.35 71.41 -19.58
N ARG B 1964 44.81 72.55 -20.11
CA ARG B 1964 44.37 72.98 -21.43
C ARG B 1964 44.93 72.10 -22.54
N TRP B 1965 45.98 71.31 -22.27
CA TRP B 1965 46.38 70.28 -23.21
C TRP B 1965 45.36 69.13 -23.23
N ALA B 1966 44.83 68.77 -22.06
CA ALA B 1966 43.82 67.72 -21.99
C ALA B 1966 42.43 68.27 -22.24
N GLN B 1967 42.23 69.59 -22.06
CA GLN B 1967 41.03 70.25 -22.53
C GLN B 1967 40.94 70.24 -24.05
N GLU B 1968 42.07 70.09 -24.73
CA GLU B 1968 42.10 69.87 -26.17
C GLU B 1968 41.77 68.42 -26.49
N ASP B 1969 42.08 67.99 -27.71
CA ASP B 1969 41.67 66.69 -28.22
C ASP B 1969 42.32 65.53 -27.44
N TYR B 1970 41.90 64.32 -27.81
CA TYR B 1970 42.20 63.12 -27.03
C TYR B 1970 43.70 62.82 -27.05
N VAL B 1971 44.32 62.86 -25.88
CA VAL B 1971 45.77 62.74 -25.77
C VAL B 1971 46.11 61.27 -25.65
N GLN B 1972 46.77 60.74 -26.67
CA GLN B 1972 47.31 59.39 -26.65
C GLN B 1972 48.75 59.46 -26.15
N SER B 1973 49.55 58.40 -26.40
CA SER B 1973 50.93 58.22 -25.97
C SER B 1973 51.01 58.31 -24.44
N PRO B 1974 50.56 57.27 -23.72
CA PRO B 1974 50.30 57.39 -22.28
C PRO B 1974 51.53 57.69 -21.43
N GLU B 1975 52.74 57.49 -21.95
CA GLU B 1975 53.94 57.90 -21.24
C GLU B 1975 54.00 59.41 -21.08
N LEU B 1976 53.58 60.16 -22.10
CA LEU B 1976 53.35 61.58 -21.95
C LEU B 1976 52.29 61.86 -20.90
N VAL B 1977 51.21 61.09 -20.92
CA VAL B 1977 50.08 61.31 -20.01
C VAL B 1977 50.50 61.03 -18.57
N ARG B 1978 51.37 60.03 -18.38
CA ARG B 1978 51.96 59.82 -17.07
C ARG B 1978 52.88 60.98 -16.68
N ALA B 1979 53.65 61.49 -17.63
CA ALA B 1979 54.55 62.59 -17.34
C ALA B 1979 53.78 63.90 -17.17
N MET B 1980 52.66 64.06 -17.88
CA MET B 1980 51.82 65.24 -17.72
C MET B 1980 51.23 65.32 -16.31
N PHE B 1981 50.95 64.17 -15.71
CA PHE B 1981 50.28 64.16 -14.42
C PHE B 1981 51.26 64.13 -13.27
N SER B 1982 52.47 63.62 -13.52
CA SER B 1982 53.52 63.64 -12.51
C SER B 1982 53.91 65.07 -12.15
N LEU B 1983 54.14 65.90 -13.16
CA LEU B 1983 54.50 67.29 -12.91
C LEU B 1983 53.32 68.08 -12.37
N LEU B 1984 52.11 67.77 -12.81
CA LEU B 1984 50.92 68.47 -12.32
C LEU B 1984 50.66 68.18 -10.86
N HIS B 1985 51.02 66.99 -10.38
CA HIS B 1985 50.81 66.68 -8.97
C HIS B 1985 51.78 67.45 -8.09
N ARG B 1986 52.97 67.75 -8.60
CA ARG B 1986 53.89 68.60 -7.86
C ARG B 1986 53.46 70.07 -7.87
N GLN B 1987 52.59 70.45 -8.81
CA GLN B 1987 52.08 71.82 -8.85
C GLN B 1987 51.16 72.10 -7.67
N TYR B 1988 50.54 71.06 -7.12
CA TYR B 1988 49.56 71.26 -6.06
C TYR B 1988 50.04 70.66 -4.75
N ASP B 1989 50.49 69.41 -4.79
CA ASP B 1989 50.99 68.75 -3.58
C ASP B 1989 52.51 68.89 -3.52
N GLY B 1990 52.96 70.13 -3.51
CA GLY B 1990 54.34 70.43 -3.19
C GLY B 1990 54.66 70.35 -1.72
N LEU B 1991 53.63 70.27 -0.87
CA LEU B 1991 53.81 70.03 0.55
C LEU B 1991 54.46 68.69 0.79
N GLY B 1992 53.80 67.61 0.36
CA GLY B 1992 54.35 66.29 0.46
C GLY B 1992 55.55 66.05 -0.44
N GLU B 1993 55.64 66.80 -1.55
CA GLU B 1993 56.83 66.73 -2.39
C GLU B 1993 58.03 67.30 -1.66
N LEU B 1994 57.84 68.36 -0.87
CA LEU B 1994 58.87 68.82 0.04
C LEU B 1994 59.14 67.78 1.12
N LEU B 1995 58.08 67.13 1.60
CA LEU B 1995 58.23 66.07 2.59
C LEU B 1995 58.85 64.82 1.97
N ARG B 1996 58.71 64.65 0.64
CA ARG B 1996 59.31 63.50 -0.02
C ARG B 1996 60.83 63.59 -0.07
N ALA B 1997 61.37 64.81 -0.17
CA ALA B 1997 62.81 65.02 -0.18
C ALA B 1997 63.34 65.37 1.21
N LEU B 1998 62.48 65.44 2.21
CA LEU B 1998 62.82 65.87 3.56
C LEU B 1998 63.85 64.99 4.29
N PRO B 1999 63.85 63.65 4.18
CA PRO B 1999 64.97 62.90 4.79
C PRO B 1999 66.24 62.88 3.95
N ARG B 2000 66.25 63.50 2.76
CA ARG B 2000 67.41 63.50 1.91
C ARG B 2000 68.18 64.81 1.94
N ALA B 2001 67.88 65.68 2.90
CA ALA B 2001 68.60 66.93 3.09
C ALA B 2001 69.50 66.84 4.31
N TYR B 2002 70.68 67.45 4.22
CA TYR B 2002 71.63 67.35 5.32
C TYR B 2002 72.58 68.54 5.26
N THR B 2003 73.15 68.89 6.41
CA THR B 2003 74.15 69.94 6.49
C THR B 2003 75.44 69.37 7.05
N ILE B 2004 76.52 69.49 6.29
CA ILE B 2004 77.83 69.05 6.75
C ILE B 2004 78.63 70.26 7.22
N SER B 2005 79.68 69.99 8.01
CA SER B 2005 80.57 71.03 8.47
C SER B 2005 81.41 71.54 7.29
N PRO B 2006 81.60 72.86 7.18
CA PRO B 2006 82.47 73.39 6.13
C PRO B 2006 83.92 73.00 6.36
N SER B 2007 84.68 72.95 5.27
CA SER B 2007 86.06 72.44 5.12
C SER B 2007 86.17 70.95 5.37
N SER B 2008 85.06 70.24 5.57
CA SER B 2008 85.04 68.78 5.48
C SER B 2008 84.57 68.31 4.12
N VAL B 2009 84.71 69.15 3.10
CA VAL B 2009 84.08 68.88 1.81
C VAL B 2009 84.93 67.93 0.99
N GLU B 2010 86.24 67.88 1.25
CA GLU B 2010 87.10 66.97 0.51
C GLU B 2010 86.91 65.54 1.00
N ASP B 2011 86.57 65.36 2.27
CA ASP B 2011 86.15 64.06 2.75
C ASP B 2011 84.72 63.78 2.31
N THR B 2012 83.94 64.84 2.09
CA THR B 2012 82.59 64.67 1.56
C THR B 2012 82.63 64.26 0.10
N MET B 2013 83.44 64.96 -0.71
CA MET B 2013 83.58 64.62 -2.13
C MET B 2013 84.17 63.23 -2.33
N SER B 2014 85.07 62.81 -1.44
CA SER B 2014 85.64 61.47 -1.54
C SER B 2014 84.62 60.42 -1.14
N LEU B 2015 83.62 60.80 -0.34
CA LEU B 2015 82.45 59.95 -0.18
C LEU B 2015 81.54 60.04 -1.39
N LEU B 2016 81.38 61.23 -1.95
CA LEU B 2016 80.32 61.52 -2.90
C LEU B 2016 80.70 61.18 -4.33
N GLU B 2017 81.90 61.59 -4.77
CA GLU B 2017 82.35 61.25 -6.12
C GLU B 2017 82.68 59.77 -6.24
N CYS B 2018 82.99 59.11 -5.12
CA CYS B 2018 83.16 57.66 -5.13
C CYS B 2018 81.82 56.95 -5.29
N LEU B 2019 80.76 57.49 -4.69
CA LEU B 2019 79.45 56.82 -4.76
C LEU B 2019 78.86 56.90 -6.15
N GLY B 2020 79.15 57.97 -6.90
CA GLY B 2020 78.78 58.03 -8.30
C GLY B 2020 79.48 56.97 -9.13
N GLN B 2021 80.69 56.56 -8.73
CA GLN B 2021 81.31 55.41 -9.35
C GLN B 2021 80.69 54.12 -8.85
N ILE B 2022 80.22 54.11 -7.61
CA ILE B 2022 79.55 52.92 -7.07
C ILE B 2022 78.18 52.75 -7.70
N ARG B 2023 77.40 53.83 -7.78
CA ARG B 2023 76.06 53.79 -8.37
C ARG B 2023 76.10 53.54 -9.87
N SER B 2024 77.22 53.83 -10.54
CA SER B 2024 77.32 53.56 -11.96
C SER B 2024 77.41 52.07 -12.23
N LEU B 2025 78.08 51.32 -11.35
CA LEU B 2025 78.26 49.89 -11.50
C LEU B 2025 77.01 49.08 -11.19
N LEU B 2026 75.88 49.73 -10.85
CA LEU B 2026 74.62 49.01 -10.74
C LEU B 2026 74.18 48.48 -12.09
N ILE B 2027 74.25 49.31 -13.13
CA ILE B 2027 73.81 48.91 -14.46
C ILE B 2027 74.91 48.16 -15.21
N VAL B 2028 76.11 48.08 -14.65
CA VAL B 2028 77.24 47.50 -15.34
C VAL B 2028 77.26 45.99 -15.07
N GLN B 2029 77.29 45.20 -16.13
CA GLN B 2029 77.50 43.76 -16.03
C GLN B 2029 78.91 43.48 -15.49
N MET B 2030 79.04 42.38 -14.75
CA MET B 2030 80.23 42.11 -13.94
C MET B 2030 81.47 41.91 -14.79
N GLY B 2031 82.42 42.82 -14.64
CA GLY B 2031 83.67 42.78 -15.35
C GLY B 2031 84.84 42.96 -14.40
N PRO B 2032 86.01 42.43 -14.79
CA PRO B 2032 87.19 42.60 -13.93
C PRO B 2032 87.66 44.04 -13.83
N GLN B 2033 87.45 44.85 -14.87
CA GLN B 2033 87.75 46.28 -14.76
C GLN B 2033 86.75 46.96 -13.84
N GLU B 2034 85.54 46.42 -13.73
CA GLU B 2034 84.63 46.85 -12.68
C GLU B 2034 84.94 46.23 -11.34
N GLU B 2035 85.63 45.08 -11.31
CA GLU B 2035 85.88 44.38 -10.06
C GLU B 2035 86.84 45.15 -9.16
N ASN B 2036 88.03 45.46 -9.66
CA ASN B 2036 88.97 46.27 -8.91
C ASN B 2036 88.48 47.71 -8.73
N LEU B 2037 87.63 48.21 -9.63
CA LEU B 2037 87.07 49.55 -9.47
C LEU B 2037 86.17 49.61 -8.24
N MET B 2038 85.47 48.52 -7.95
CA MET B 2038 84.60 48.48 -6.78
C MET B 2038 85.40 48.31 -5.50
N ILE B 2039 86.46 47.50 -5.55
CA ILE B 2039 87.27 47.27 -4.36
C ILE B 2039 88.11 48.50 -4.04
N GLN B 2040 88.53 49.23 -5.07
CA GLN B 2040 89.16 50.53 -4.85
C GLN B 2040 88.15 51.55 -4.32
N SER B 2041 86.89 51.40 -4.71
CA SER B 2041 85.84 52.26 -4.17
C SER B 2041 85.59 51.99 -2.69
N ILE B 2042 85.86 50.76 -2.23
CA ILE B 2042 85.74 50.44 -0.81
C ILE B 2042 86.80 51.18 -0.01
N GLY B 2043 88.03 51.26 -0.53
CA GLY B 2043 89.12 51.89 0.20
C GLY B 2043 88.97 53.38 0.38
N ASN B 2044 88.20 54.03 -0.49
CA ASN B 2044 87.96 55.46 -0.32
C ASN B 2044 87.02 55.70 0.85
N ILE B 2045 85.83 55.08 0.82
CA ILE B 2045 84.83 55.25 1.87
C ILE B 2045 85.20 54.58 3.18
N MET B 2046 86.14 53.65 3.17
CA MET B 2046 86.74 53.19 4.42
C MET B 2046 87.68 54.21 5.03
N ASN B 2047 88.21 55.14 4.24
CA ASN B 2047 89.30 56.00 4.68
C ASN B 2047 88.99 57.46 4.37
N ASN B 2048 87.80 57.91 4.75
CA ASN B 2048 87.47 59.32 4.65
C ASN B 2048 86.67 59.86 5.82
N LYS B 2049 86.36 59.03 6.83
CA LYS B 2049 86.16 59.35 8.25
C LYS B 2049 84.98 60.26 8.59
N VAL B 2050 84.28 60.80 7.58
CA VAL B 2050 82.96 61.37 7.84
C VAL B 2050 81.93 60.24 7.84
N PHE B 2051 82.20 59.18 7.09
CA PHE B 2051 81.59 57.86 7.28
C PHE B 2051 81.60 57.43 8.74
N TYR B 2052 82.71 57.65 9.44
CA TYR B 2052 82.82 57.33 10.86
C TYR B 2052 82.20 58.40 11.74
N GLN B 2053 82.31 59.67 11.36
CA GLN B 2053 81.72 60.74 12.18
C GLN B 2053 80.21 60.74 12.13
N HIS B 2054 79.62 60.61 10.94
CA HIS B 2054 78.16 60.62 10.79
C HIS B 2054 77.72 59.44 9.94
N PRO B 2055 77.56 58.25 10.54
CA PRO B 2055 76.97 57.14 9.81
C PRO B 2055 75.48 57.30 9.56
N ASN B 2056 74.82 58.22 10.27
CA ASN B 2056 73.41 58.49 10.03
C ASN B 2056 73.17 59.15 8.68
N LEU B 2057 74.13 59.94 8.21
CA LEU B 2057 74.06 60.44 6.84
C LEU B 2057 74.16 59.31 5.83
N MET B 2058 75.01 58.32 6.10
CA MET B 2058 75.19 57.20 5.19
C MET B 2058 73.95 56.31 5.15
N ARG B 2059 73.16 56.32 6.24
CA ARG B 2059 71.82 55.75 6.18
C ARG B 2059 70.93 56.53 5.21
N ALA B 2060 71.04 57.86 5.23
CA ALA B 2060 70.24 58.69 4.33
C ALA B 2060 70.72 58.60 2.89
N LEU B 2061 71.98 58.19 2.68
CA LEU B 2061 72.45 57.95 1.33
C LEU B 2061 72.02 56.60 0.78
N GLY B 2062 71.50 55.73 1.64
CA GLY B 2062 71.21 54.37 1.23
C GLY B 2062 72.47 53.59 0.92
N MET B 2063 73.51 53.76 1.75
CA MET B 2063 74.82 53.20 1.44
C MET B 2063 74.84 51.69 1.53
N HIS B 2064 74.34 51.14 2.64
CA HIS B 2064 74.36 49.70 2.87
C HIS B 2064 73.45 48.96 1.89
N GLU B 2065 72.39 49.62 1.42
CA GLU B 2065 71.47 48.98 0.49
C GLU B 2065 72.13 48.79 -0.87
N THR B 2066 72.73 49.85 -1.41
CA THR B 2066 73.39 49.80 -2.70
C THR B 2066 74.58 48.86 -2.71
N VAL B 2067 75.21 48.65 -1.55
CA VAL B 2067 76.20 47.58 -1.41
C VAL B 2067 75.53 46.22 -1.56
N MET B 2068 74.35 46.04 -0.96
CA MET B 2068 73.67 44.76 -1.06
C MET B 2068 73.04 44.54 -2.43
N GLU B 2069 72.69 45.63 -3.13
CA GLU B 2069 72.06 45.53 -4.44
C GLU B 2069 72.97 44.85 -5.46
N VAL B 2070 74.19 45.34 -5.58
CA VAL B 2070 75.18 44.70 -6.44
C VAL B 2070 75.63 43.36 -5.86
N MET B 2071 75.47 43.15 -4.56
CA MET B 2071 75.79 41.85 -3.95
C MET B 2071 74.78 40.79 -4.38
N VAL B 2072 73.56 41.18 -4.74
CA VAL B 2072 72.60 40.20 -5.25
C VAL B 2072 73.06 39.66 -6.60
N ASN B 2073 73.63 40.53 -7.44
CA ASN B 2073 74.00 40.14 -8.80
C ASN B 2073 75.18 39.18 -8.81
N VAL B 2074 76.12 39.34 -7.87
CA VAL B 2074 77.24 38.40 -7.82
C VAL B 2074 76.84 37.09 -7.15
N LEU B 2075 75.89 37.10 -6.20
CA LEU B 2075 75.32 35.83 -5.77
C LEU B 2075 74.32 35.31 -6.79
N GLY B 2076 73.77 36.19 -7.61
CA GLY B 2076 72.98 35.74 -8.74
C GLY B 2076 73.84 35.18 -9.85
N GLY B 2077 73.18 34.54 -10.81
CA GLY B 2077 73.87 33.94 -11.93
C GLY B 2077 74.27 32.50 -11.68
N GLY B 2078 75.25 32.28 -10.82
CA GLY B 2078 75.72 30.94 -10.55
C GLY B 2078 75.45 30.46 -9.13
N GLU B 2079 74.51 29.53 -8.98
CA GLU B 2079 74.33 28.82 -7.73
C GLU B 2079 75.41 27.75 -7.57
N THR B 2080 75.45 26.80 -8.51
CA THR B 2080 76.58 25.89 -8.66
C THR B 2080 77.23 26.01 -10.02
N LYS B 2081 76.79 26.99 -10.82
CA LYS B 2081 77.40 27.23 -12.13
C LYS B 2081 78.77 27.87 -11.98
N GLU B 2082 78.85 28.97 -11.23
CA GLU B 2082 80.12 29.60 -10.96
C GLU B 2082 80.02 30.36 -9.63
N ILE B 2083 81.19 30.57 -9.03
CA ILE B 2083 81.33 31.41 -7.84
C ILE B 2083 82.13 32.62 -8.27
N ARG B 2084 81.90 33.04 -9.52
CA ARG B 2084 82.72 34.01 -10.24
C ARG B 2084 82.76 35.35 -9.54
N PHE B 2085 83.86 36.07 -9.77
CA PHE B 2085 84.35 37.21 -9.02
C PHE B 2085 84.34 36.98 -7.51
N PRO B 2086 85.24 36.17 -6.95
CA PRO B 2086 85.47 36.21 -5.52
C PRO B 2086 86.27 37.46 -5.15
N LYS B 2087 86.33 37.73 -3.84
CA LYS B 2087 87.09 38.79 -3.17
C LYS B 2087 86.49 40.18 -3.43
N MET B 2088 85.52 40.27 -4.32
CA MET B 2088 84.61 41.41 -4.43
C MET B 2088 83.27 41.12 -3.78
N VAL B 2089 82.82 39.87 -3.89
CA VAL B 2089 81.69 39.38 -3.13
C VAL B 2089 81.99 39.43 -1.63
N THR B 2090 83.26 39.34 -1.24
CA THR B 2090 83.62 39.53 0.15
C THR B 2090 83.84 41.00 0.47
N SER B 2091 84.37 41.78 -0.49
CA SER B 2091 84.72 43.17 -0.23
C SER B 2091 83.49 44.03 0.04
N CYS B 2092 82.39 43.74 -0.65
CA CYS B 2092 81.12 44.37 -0.29
C CYS B 2092 80.62 43.84 1.04
N CYS B 2093 80.87 42.57 1.33
CA CYS B 2093 80.34 41.95 2.53
C CYS B 2093 81.18 42.31 3.75
N ARG B 2094 82.49 42.42 3.59
CA ARG B 2094 83.32 42.80 4.73
C ARG B 2094 83.18 44.29 5.05
N PHE B 2095 82.92 45.12 4.03
CA PHE B 2095 82.61 46.52 4.28
C PHE B 2095 81.27 46.67 4.97
N LEU B 2096 80.33 45.77 4.69
CA LEU B 2096 79.01 45.85 5.29
C LEU B 2096 79.06 45.57 6.79
N CYS B 2097 80.06 44.84 7.27
CA CYS B 2097 80.22 44.66 8.70
C CYS B 2097 80.69 45.93 9.39
N TYR B 2098 81.46 46.77 8.69
CA TYR B 2098 81.87 48.05 9.27
C TYR B 2098 80.68 48.97 9.46
N PHE B 2099 79.79 49.05 8.46
CA PHE B 2099 78.58 49.84 8.62
C PHE B 2099 77.64 49.20 9.62
N CYS B 2100 77.71 47.87 9.74
CA CYS B 2100 77.04 47.18 10.83
C CYS B 2100 77.67 47.51 12.18
N ARG B 2101 78.98 47.75 12.20
CA ARG B 2101 79.69 47.94 13.48
C ARG B 2101 79.34 49.29 14.11
N ILE B 2102 79.54 50.39 13.39
CA ILE B 2102 79.39 51.68 14.04
C ILE B 2102 77.95 52.17 13.97
N SER B 2103 77.10 51.53 14.77
CA SER B 2103 75.75 51.93 15.20
C SER B 2103 75.20 50.78 16.03
N ARG B 2104 74.04 51.03 16.62
CA ARG B 2104 73.11 49.98 17.04
C ARG B 2104 71.84 50.04 16.22
N GLN B 2105 71.82 50.83 15.15
CA GLN B 2105 70.63 51.14 14.38
C GLN B 2105 70.84 50.79 12.93
N ASN B 2106 72.08 50.97 12.44
CA ASN B 2106 72.42 50.54 11.08
C ASN B 2106 72.31 49.04 10.94
N GLN B 2107 72.68 48.30 11.99
CA GLN B 2107 72.49 46.86 11.99
C GLN B 2107 71.02 46.48 12.15
N ARG B 2108 70.22 47.36 12.75
CA ARG B 2108 68.77 47.14 12.75
C ARG B 2108 68.20 47.39 11.36
N SER B 2109 68.79 48.32 10.61
CA SER B 2109 68.41 48.50 9.20
C SER B 2109 68.82 47.29 8.37
N MET B 2110 69.86 46.57 8.79
CA MET B 2110 70.23 45.33 8.16
C MET B 2110 69.38 44.16 8.64
N PHE B 2111 68.70 44.32 9.78
CA PHE B 2111 67.86 43.25 10.30
C PHE B 2111 66.61 43.06 9.45
N ASP B 2112 66.18 44.11 8.75
CA ASP B 2112 65.12 43.97 7.77
C ASP B 2112 65.53 43.07 6.62
N HIS B 2113 66.78 43.16 6.19
CA HIS B 2113 67.28 42.39 5.07
C HIS B 2113 67.93 41.09 5.51
N LEU B 2114 67.61 40.62 6.72
CA LEU B 2114 68.25 39.43 7.27
C LEU B 2114 67.86 38.19 6.48
N SER B 2115 66.57 37.90 6.42
CA SER B 2115 66.08 36.77 5.62
C SER B 2115 66.28 36.99 4.13
N TYR B 2116 66.44 38.24 3.70
CA TYR B 2116 66.70 38.55 2.30
C TYR B 2116 68.00 37.93 1.84
N LEU B 2117 69.05 38.07 2.64
CA LEU B 2117 70.32 37.41 2.36
C LEU B 2117 70.35 35.98 2.87
N LEU B 2118 69.48 35.63 3.83
CA LEU B 2118 69.56 34.29 4.42
C LEU B 2118 69.03 33.23 3.48
N GLU B 2119 68.08 33.59 2.61
CA GLU B 2119 67.72 32.69 1.52
C GLU B 2119 68.88 32.52 0.56
N ASN B 2120 69.66 33.57 0.35
CA ASN B 2120 70.87 33.49 -0.44
C ASN B 2120 72.04 32.92 0.34
N SER B 2121 72.00 32.96 1.67
CA SER B 2121 73.08 32.40 2.48
C SER B 2121 73.11 30.89 2.49
N GLY B 2122 72.02 30.23 2.09
CA GLY B 2122 72.00 28.78 2.05
C GLY B 2122 72.43 28.22 0.71
N ILE B 2123 73.21 28.99 -0.05
CA ILE B 2123 73.71 28.57 -1.35
C ILE B 2123 75.19 28.88 -1.46
N GLY B 2124 75.70 29.71 -0.55
CA GLY B 2124 77.09 30.12 -0.61
C GLY B 2124 78.03 29.22 0.18
N LEU B 2125 78.70 29.80 1.18
CA LEU B 2125 79.60 29.11 2.11
C LEU B 2125 80.76 28.44 1.39
N GLY B 2126 81.40 29.19 0.50
CA GLY B 2126 82.54 28.69 -0.25
C GLY B 2126 83.85 29.22 0.29
N MET B 2127 84.36 30.27 -0.34
CA MET B 2127 85.60 30.91 0.10
C MET B 2127 85.40 31.57 1.46
N GLN B 2128 86.41 31.43 2.32
CA GLN B 2128 86.39 32.06 3.63
C GLN B 2128 86.62 33.57 3.50
N GLY B 2129 86.53 34.24 4.65
CA GLY B 2129 86.59 35.69 4.67
C GLY B 2129 85.24 36.27 5.01
N SER B 2130 84.74 37.17 4.18
CA SER B 2130 83.40 37.69 4.38
C SER B 2130 82.37 36.81 3.70
N THR B 2131 81.24 36.59 4.39
CA THR B 2131 80.25 35.58 4.05
C THR B 2131 78.89 36.19 4.36
N PRO B 2132 77.88 36.00 3.51
CA PRO B 2132 76.54 36.52 3.83
C PRO B 2132 75.94 35.93 5.10
N LEU B 2133 76.33 34.73 5.50
CA LEU B 2133 75.96 34.23 6.81
C LEU B 2133 76.70 34.99 7.90
N ASP B 2134 77.93 35.42 7.64
CA ASP B 2134 78.73 36.13 8.63
C ASP B 2134 78.23 37.55 8.85
N VAL B 2135 77.74 38.21 7.79
CA VAL B 2135 77.28 39.59 7.96
C VAL B 2135 75.92 39.63 8.65
N ALA B 2136 75.13 38.56 8.55
CA ALA B 2136 73.95 38.44 9.40
C ALA B 2136 74.35 38.16 10.83
N ALA B 2137 75.42 37.40 11.03
CA ALA B 2137 75.94 37.14 12.37
C ALA B 2137 76.47 38.39 13.05
N ALA B 2138 76.89 39.40 12.27
CA ALA B 2138 77.32 40.65 12.85
C ALA B 2138 76.13 41.50 13.30
N SER B 2139 74.99 41.40 12.62
CA SER B 2139 73.85 42.24 12.89
C SER B 2139 72.93 41.67 13.97
N VAL B 2140 73.45 40.80 14.83
CA VAL B 2140 72.66 40.20 15.89
C VAL B 2140 73.47 40.32 17.18
N ILE B 2141 74.69 40.82 17.05
CA ILE B 2141 75.56 41.01 18.21
C ILE B 2141 75.03 42.12 19.09
N ASP B 2142 74.46 43.17 18.51
CA ASP B 2142 73.79 44.21 19.29
C ASP B 2142 72.50 43.62 19.84
N ASN B 2143 72.57 43.05 21.02
CA ASN B 2143 71.50 42.25 21.58
C ASN B 2143 70.50 43.11 22.34
N ASN B 2144 69.47 42.44 22.87
CA ASN B 2144 68.37 42.98 23.69
C ASN B 2144 67.50 43.99 22.95
N GLU B 2145 67.66 44.06 21.63
CA GLU B 2145 66.84 44.88 20.76
C GLU B 2145 66.40 44.14 19.52
N LEU B 2146 67.14 43.12 19.10
CA LEU B 2146 66.74 42.22 18.03
C LEU B 2146 66.68 40.78 18.49
N ALA B 2147 67.21 40.48 19.68
CA ALA B 2147 66.97 39.18 20.30
C ALA B 2147 65.52 39.07 20.77
N LEU B 2148 64.87 40.19 21.05
CA LEU B 2148 63.43 40.23 21.25
C LEU B 2148 62.66 40.39 19.95
N ALA B 2149 63.27 40.96 18.91
CA ALA B 2149 62.63 41.09 17.60
C ALA B 2149 62.95 39.90 16.72
N LEU B 2150 63.15 38.74 17.34
CA LEU B 2150 63.92 37.63 16.80
C LEU B 2150 63.15 36.92 15.68
N GLN B 2151 63.80 35.92 15.10
CA GLN B 2151 63.32 35.13 13.97
C GLN B 2151 62.37 34.03 14.42
N GLU B 2152 62.28 32.96 13.62
CA GLU B 2152 61.19 32.03 13.24
C GLU B 2152 60.49 32.65 12.04
N GLN B 2153 60.91 33.84 11.63
CA GLN B 2153 60.80 34.17 10.21
C GLN B 2153 61.76 33.32 9.39
N ASP B 2154 62.90 32.93 9.97
CA ASP B 2154 63.89 32.14 9.25
C ASP B 2154 64.57 31.08 10.11
N LEU B 2155 64.08 30.81 11.33
CA LEU B 2155 64.73 29.79 12.15
C LEU B 2155 64.42 28.38 11.68
N GLU B 2156 63.38 28.22 10.86
CA GLU B 2156 63.15 26.93 10.23
C GLU B 2156 64.19 26.66 9.15
N LYS B 2157 64.71 27.73 8.54
CA LYS B 2157 65.67 27.59 7.45
C LYS B 2157 67.01 27.06 7.97
N VAL B 2158 67.48 27.61 9.08
CA VAL B 2158 68.81 27.25 9.58
C VAL B 2158 68.83 25.84 10.17
N VAL B 2159 67.68 25.31 10.57
CA VAL B 2159 67.61 23.88 10.89
C VAL B 2159 67.70 23.07 9.61
N SER B 2160 67.01 23.51 8.55
CA SER B 2160 67.06 22.79 7.28
C SER B 2160 68.38 23.03 6.55
N TYR B 2161 69.06 24.14 6.84
CA TYR B 2161 70.37 24.39 6.26
C TYR B 2161 71.41 23.39 6.79
N LEU B 2162 71.38 23.13 8.09
CA LEU B 2162 72.30 22.16 8.67
C LEU B 2162 71.84 20.72 8.38
N ALA B 2163 70.56 20.56 8.02
CA ALA B 2163 70.08 19.24 7.62
C ALA B 2163 70.72 18.77 6.33
N GLY B 2164 70.99 19.70 5.41
CA GLY B 2164 71.77 19.37 4.23
C GLY B 2164 73.25 19.26 4.50
N CYS B 2165 73.72 19.82 5.61
CA CYS B 2165 75.15 19.75 5.94
C CYS B 2165 75.57 18.35 6.35
N GLY B 2166 74.80 17.70 7.22
CA GLY B 2166 75.13 16.38 7.72
C GLY B 2166 74.93 15.25 6.75
N LEU B 2167 74.44 15.52 5.54
CA LEU B 2167 74.21 14.47 4.55
C LEU B 2167 74.97 14.67 3.25
N GLN B 2168 75.25 15.91 2.86
CA GLN B 2168 76.04 16.16 1.66
C GLN B 2168 77.49 15.79 1.92
N SER B 2169 78.24 15.54 0.86
CA SER B 2169 79.58 14.97 0.98
C SER B 2169 80.63 15.93 0.47
N CYS B 2170 80.45 17.23 0.76
CA CYS B 2170 81.33 18.35 0.38
C CYS B 2170 81.61 18.38 -1.11
N PRO B 2171 80.66 18.85 -1.93
CA PRO B 2171 80.86 18.84 -3.39
C PRO B 2171 82.01 19.70 -3.88
N MET B 2172 82.39 20.74 -3.13
CA MET B 2172 83.60 21.48 -3.46
C MET B 2172 84.85 20.64 -3.21
N LEU B 2173 84.79 19.70 -2.27
CA LEU B 2173 85.92 18.86 -1.95
C LEU B 2173 85.90 17.52 -2.68
N LEU B 2174 84.82 17.21 -3.41
CA LEU B 2174 84.78 15.97 -4.18
C LEU B 2174 85.74 15.98 -5.36
N ALA B 2175 86.01 17.16 -5.91
CA ALA B 2175 86.88 17.30 -7.07
C ALA B 2175 88.27 17.81 -6.73
N LYS B 2176 88.70 17.68 -5.47
CA LYS B 2176 90.01 18.16 -5.09
C LYS B 2176 90.79 17.13 -4.26
N GLY B 2177 90.52 15.84 -4.44
CA GLY B 2177 91.26 14.81 -3.74
C GLY B 2177 90.94 14.71 -2.27
N TYR B 2178 89.70 14.39 -1.94
CA TYR B 2178 89.27 14.23 -0.55
C TYR B 2178 88.42 12.98 -0.44
N PRO B 2179 88.47 12.28 0.71
CA PRO B 2179 87.87 10.93 0.79
C PRO B 2179 86.35 10.87 0.86
N ASP B 2180 85.67 11.99 0.62
CA ASP B 2180 84.21 12.08 0.43
C ASP B 2180 83.45 11.62 1.67
N ILE B 2181 83.70 12.32 2.78
CA ILE B 2181 82.97 12.06 4.02
C ILE B 2181 81.56 12.61 3.87
N GLY B 2182 80.56 11.79 4.19
CA GLY B 2182 79.17 12.10 3.90
C GLY B 2182 78.51 13.13 4.80
N TRP B 2183 79.30 13.92 5.52
CA TRP B 2183 78.83 15.11 6.19
C TRP B 2183 79.94 16.14 6.06
N ASN B 2184 79.69 17.36 6.54
CA ASN B 2184 80.67 18.43 6.35
C ASN B 2184 81.32 18.79 7.67
N PRO B 2185 82.57 18.39 7.89
CA PRO B 2185 83.26 18.81 9.11
C PRO B 2185 83.61 20.29 9.10
N CYS B 2186 83.87 20.85 7.92
CA CYS B 2186 84.19 22.26 7.80
C CYS B 2186 82.92 23.08 7.53
N GLY B 2187 82.04 22.56 6.68
CA GLY B 2187 80.79 23.24 6.36
C GLY B 2187 79.86 23.41 7.53
N GLY B 2188 79.92 22.51 8.51
CA GLY B 2188 79.19 22.73 9.74
C GLY B 2188 79.75 23.88 10.54
N GLU B 2189 81.07 24.09 10.48
CA GLU B 2189 81.68 25.22 11.16
C GLU B 2189 81.38 26.55 10.45
N ARG B 2190 80.99 26.50 9.18
CA ARG B 2190 80.41 27.68 8.54
C ARG B 2190 79.11 28.08 9.25
N TYR B 2191 78.33 27.09 9.68
CA TYR B 2191 77.18 27.32 10.53
C TYR B 2191 77.63 27.40 11.99
N LEU B 2192 76.67 27.28 12.90
CA LEU B 2192 76.83 27.07 14.34
C LEU B 2192 77.36 28.29 15.09
N ASP B 2193 77.76 29.34 14.38
CA ASP B 2193 78.13 30.61 15.00
C ASP B 2193 76.98 31.60 14.98
N PHE B 2194 76.32 31.74 13.83
CA PHE B 2194 75.08 32.51 13.75
C PHE B 2194 74.00 31.91 14.62
N LEU B 2195 74.00 30.58 14.75
CA LEU B 2195 73.13 29.92 15.71
C LEU B 2195 73.51 30.27 17.14
N ARG B 2196 74.80 30.51 17.39
CA ARG B 2196 75.27 30.71 18.75
C ARG B 2196 75.00 32.13 19.24
N PHE B 2197 74.99 33.11 18.33
CA PHE B 2197 75.09 34.52 18.69
C PHE B 2197 73.82 35.11 19.28
N ALA B 2198 72.82 34.30 19.62
CA ALA B 2198 71.66 34.80 20.35
C ALA B 2198 71.86 34.77 21.86
N VAL B 2199 72.50 33.71 22.37
CA VAL B 2199 72.62 33.52 23.82
C VAL B 2199 74.10 33.69 24.16
N PHE B 2200 74.76 34.60 23.46
CA PHE B 2200 76.22 34.69 23.44
C PHE B 2200 76.74 35.99 24.04
N VAL B 2201 76.33 37.12 23.46
CA VAL B 2201 76.78 38.45 23.89
C VAL B 2201 75.99 38.97 25.08
N ASN B 2202 74.88 38.33 25.40
CA ASN B 2202 73.94 38.73 26.43
C ASN B 2202 73.96 37.77 27.61
N GLY B 2203 75.17 37.44 28.11
CA GLY B 2203 75.58 36.19 28.73
C GLY B 2203 74.54 35.39 29.50
N GLU B 2204 74.55 34.08 29.27
CA GLU B 2204 73.39 33.35 28.75
C GLU B 2204 72.02 33.87 29.20
N SER B 2205 71.27 34.26 28.18
CA SER B 2205 70.02 34.99 28.31
C SER B 2205 68.85 34.02 28.36
N VAL B 2206 67.65 34.55 28.14
CA VAL B 2206 66.40 33.79 28.27
C VAL B 2206 66.33 32.66 27.25
N GLU B 2207 65.57 31.62 27.60
CA GLU B 2207 65.34 30.49 26.72
C GLU B 2207 64.45 30.83 25.53
N GLU B 2208 63.84 32.02 25.51
CA GLU B 2208 63.11 32.48 24.33
C GLU B 2208 64.00 32.59 23.10
N ASN B 2209 65.29 32.86 23.31
CA ASN B 2209 66.26 32.67 22.24
C ASN B 2209 66.37 31.21 21.84
N ALA B 2210 66.38 30.29 22.81
CA ALA B 2210 66.89 28.94 22.60
C ALA B 2210 65.84 27.84 22.69
N ASN B 2211 64.59 28.15 23.05
CA ASN B 2211 63.56 27.12 23.01
C ASN B 2211 63.24 26.74 21.57
N VAL B 2212 63.11 27.74 20.70
CA VAL B 2212 62.93 27.49 19.28
C VAL B 2212 64.18 26.88 18.64
N VAL B 2213 65.34 27.05 19.26
CA VAL B 2213 66.54 26.37 18.77
C VAL B 2213 66.46 24.88 19.04
N VAL B 2214 66.28 24.51 20.32
CA VAL B 2214 66.41 23.12 20.73
C VAL B 2214 65.23 22.28 20.25
N ARG B 2215 64.02 22.80 20.38
CA ARG B 2215 62.83 22.01 20.07
C ARG B 2215 62.64 21.80 18.58
N LEU B 2216 63.34 22.57 17.74
CA LEU B 2216 63.42 22.25 16.32
C LEU B 2216 64.65 21.43 16.00
N LEU B 2217 65.64 21.40 16.89
CA LEU B 2217 66.84 20.61 16.67
C LEU B 2217 66.61 19.15 17.01
N ILE B 2218 65.71 18.86 17.95
CA ILE B 2218 65.38 17.48 18.27
C ILE B 2218 64.51 16.84 17.20
N ARG B 2219 63.82 17.65 16.40
CA ARG B 2219 63.00 17.12 15.32
C ARG B 2219 63.86 16.49 14.23
N LYS B 2220 65.05 17.03 14.01
CA LYS B 2220 65.95 16.53 12.97
C LYS B 2220 67.21 15.96 13.61
N PRO B 2221 67.35 14.64 13.71
CA PRO B 2221 68.59 14.06 14.22
C PRO B 2221 69.75 14.16 13.25
N GLU B 2222 69.50 14.51 11.99
CA GLU B 2222 70.55 14.70 11.00
C GLU B 2222 71.31 16.00 11.18
N CYS B 2223 70.83 16.90 12.04
CA CYS B 2223 71.58 18.11 12.36
C CYS B 2223 72.71 17.84 13.35
N PHE B 2224 72.72 16.68 13.99
CA PHE B 2224 73.84 16.27 14.82
C PHE B 2224 74.99 15.76 13.95
N GLY B 2225 76.05 15.33 14.62
CA GLY B 2225 77.04 14.50 13.98
C GLY B 2225 76.47 13.10 13.82
N PRO B 2226 76.75 12.46 12.68
CA PRO B 2226 76.30 11.07 12.49
C PRO B 2226 77.03 10.07 13.39
N ALA B 2227 78.19 10.44 13.93
CA ALA B 2227 78.84 9.67 14.98
C ALA B 2227 78.27 9.97 16.36
N LEU B 2228 77.21 10.77 16.44
CA LEU B 2228 76.51 11.06 17.68
C LEU B 2228 75.05 10.65 17.65
N ARG B 2229 74.34 10.95 16.56
CA ARG B 2229 72.93 10.60 16.42
C ARG B 2229 72.73 9.41 15.47
N GLY B 2230 73.64 8.44 15.54
CA GLY B 2230 73.40 7.18 14.87
C GLY B 2230 72.22 6.45 15.50
N GLU B 2231 71.47 5.73 14.67
CA GLU B 2231 70.24 5.09 15.15
C GLU B 2231 70.53 3.92 16.07
N GLY B 2232 71.69 3.30 15.94
CA GLY B 2232 72.10 2.26 16.86
C GLY B 2232 73.08 2.78 17.88
N GLY B 2233 74.37 2.45 17.68
CA GLY B 2233 75.41 2.97 18.54
C GLY B 2233 76.21 4.05 17.85
N SER B 2234 76.47 5.15 18.57
CA SER B 2234 77.22 6.27 18.00
C SER B 2234 78.09 6.85 19.12
N GLY B 2235 79.31 6.33 19.23
CA GLY B 2235 80.21 6.73 20.30
C GLY B 2235 80.91 8.04 19.99
N LEU B 2236 80.48 9.10 20.68
CA LEU B 2236 81.04 10.43 20.45
C LEU B 2236 82.41 10.59 21.12
N LEU B 2237 82.59 10.01 22.30
CA LEU B 2237 83.90 10.05 22.93
C LEU B 2237 84.89 9.19 22.17
N ALA B 2238 84.40 8.16 21.49
CA ALA B 2238 85.24 7.42 20.54
C ALA B 2238 85.46 8.21 19.26
N ALA B 2239 84.48 9.04 18.87
CA ALA B 2239 84.61 9.83 17.65
C ALA B 2239 85.67 10.92 17.80
N ILE B 2240 85.81 11.48 19.00
CA ILE B 2240 86.87 12.47 19.24
C ILE B 2240 88.24 11.81 19.19
N GLU B 2241 88.36 10.61 19.78
CA GLU B 2241 89.62 9.88 19.72
C GLU B 2241 89.88 9.33 18.33
N GLU B 2242 88.83 9.06 17.55
CA GLU B 2242 89.02 8.66 16.16
C GLU B 2242 89.48 9.84 15.32
N ALA B 2243 89.01 11.05 15.62
CA ALA B 2243 89.44 12.24 14.91
C ALA B 2243 90.91 12.56 15.14
N ILE B 2244 91.44 12.18 16.31
CA ILE B 2244 92.87 12.31 16.54
C ILE B 2244 93.65 11.35 15.64
N ARG B 2245 93.08 10.17 15.38
CA ARG B 2245 93.68 9.25 14.42
C ARG B 2245 93.52 9.77 12.99
N ILE B 2246 92.42 10.47 12.70
CA ILE B 2246 92.28 11.12 11.39
C ILE B 2246 93.23 12.31 11.30
N SER B 2247 93.45 13.01 12.41
CA SER B 2247 94.47 14.05 12.46
C SER B 2247 95.86 13.45 12.37
N GLU B 2248 96.02 12.18 12.74
CA GLU B 2248 97.23 11.43 12.48
C GLU B 2248 97.19 10.68 11.15
N ASP B 2249 96.10 10.83 10.38
CA ASP B 2249 95.99 10.21 9.07
C ASP B 2249 96.22 11.26 7.99
N PRO B 2250 97.40 11.29 7.35
CA PRO B 2250 97.61 12.27 6.28
C PRO B 2250 96.92 11.91 4.98
N ALA B 2251 96.53 10.65 4.80
CA ALA B 2251 95.83 10.22 3.60
C ALA B 2251 94.37 10.66 3.57
N ARG B 2252 93.85 11.19 4.68
CA ARG B 2252 92.51 11.75 4.71
C ARG B 2252 92.45 13.18 4.18
N ASP B 2253 93.58 13.75 3.79
CA ASP B 2253 93.65 15.09 3.21
C ASP B 2253 94.04 14.97 1.74
N GLY B 2254 94.20 16.12 1.09
CA GLY B 2254 94.66 16.16 -0.28
C GLY B 2254 96.17 16.31 -0.35
N PRO B 2255 96.88 15.20 -0.60
CA PRO B 2255 98.34 15.25 -0.60
C PRO B 2255 98.96 14.77 -1.93
N ASN B 2274 93.03 21.66 1.72
CA ASN B 2274 94.31 22.19 1.28
C ASN B 2274 94.74 23.36 2.15
N ARG B 2275 93.84 23.79 3.03
CA ARG B 2275 94.16 24.87 3.96
C ARG B 2275 94.72 24.34 5.26
N VAL B 2276 94.05 23.35 5.86
CA VAL B 2276 94.48 22.72 7.09
C VAL B 2276 94.22 21.22 6.96
N HIS B 2277 94.50 20.48 8.03
CA HIS B 2277 94.29 19.04 8.03
C HIS B 2277 92.80 18.74 8.18
N LEU B 2278 92.45 17.48 7.95
CA LEU B 2278 91.05 17.07 7.94
C LEU B 2278 90.60 16.48 9.26
N GLY B 2279 91.52 15.91 10.04
CA GLY B 2279 91.19 15.50 11.39
C GLY B 2279 90.93 16.65 12.33
N HIS B 2280 91.42 17.84 11.99
CA HIS B 2280 91.13 19.03 12.79
C HIS B 2280 89.67 19.43 12.71
N ALA B 2281 89.08 19.33 11.51
CA ALA B 2281 87.73 19.84 11.27
C ALA B 2281 86.63 18.94 11.82
N ILE B 2282 86.95 17.69 12.17
CA ILE B 2282 85.98 16.83 12.83
C ILE B 2282 85.66 17.37 14.21
N MET B 2283 86.71 17.60 15.02
CA MET B 2283 86.53 18.14 16.35
C MET B 2283 86.34 19.64 16.35
N SER B 2284 86.60 20.32 15.23
CA SER B 2284 86.29 21.75 15.15
C SER B 2284 84.79 21.97 15.03
N PHE B 2285 84.06 20.98 14.50
CA PHE B 2285 82.61 21.05 14.46
C PHE B 2285 81.96 20.48 15.72
N TYR B 2286 82.55 19.41 16.26
CA TYR B 2286 81.94 18.74 17.41
C TYR B 2286 82.10 19.56 18.69
N ALA B 2287 83.22 20.25 18.85
CA ALA B 2287 83.37 21.14 20.00
C ALA B 2287 82.51 22.39 19.83
N ALA B 2288 82.26 22.80 18.58
CA ALA B 2288 81.30 23.87 18.33
C ALA B 2288 79.89 23.42 18.61
N LEU B 2289 79.62 22.12 18.43
CA LEU B 2289 78.31 21.57 18.78
C LEU B 2289 78.08 21.62 20.29
N ILE B 2290 79.14 21.46 21.08
CA ILE B 2290 78.99 21.54 22.53
C ILE B 2290 78.96 22.99 22.97
N ASP B 2291 79.75 23.86 22.33
CA ASP B 2291 79.84 25.25 22.73
C ASP B 2291 78.56 26.02 22.41
N LEU B 2292 77.75 25.53 21.47
CA LEU B 2292 76.38 26.01 21.37
C LEU B 2292 75.57 25.59 22.58
N LEU B 2293 75.65 24.31 22.95
CA LEU B 2293 74.80 23.77 24.01
C LEU B 2293 75.28 24.22 25.38
N GLY B 2294 76.58 24.49 25.54
CA GLY B 2294 77.05 25.12 26.76
C GLY B 2294 76.58 26.55 26.89
N ARG B 2295 76.34 27.20 25.76
CA ARG B 2295 75.71 28.52 25.75
C ARG B 2295 74.21 28.44 25.57
N CYS B 2296 73.67 27.26 25.30
CA CYS B 2296 72.22 27.02 25.30
C CYS B 2296 71.79 26.42 26.62
N ALA B 2297 72.40 26.88 27.72
CA ALA B 2297 71.96 26.48 29.05
C ALA B 2297 70.56 27.02 29.29
N PRO B 2298 69.58 26.15 29.58
CA PRO B 2298 68.18 26.61 29.61
C PRO B 2298 67.85 27.44 30.82
N GLU B 2299 68.40 27.10 31.98
CA GLU B 2299 67.98 27.73 33.22
C GLU B 2299 69.16 28.41 33.87
N MET B 2300 69.01 29.71 34.11
CA MET B 2300 69.91 30.44 34.98
C MET B 2300 69.43 30.25 36.41
N HIS B 2301 70.27 30.65 37.37
CA HIS B 2301 70.03 30.39 38.80
C HIS B 2301 68.75 31.03 39.32
N LEU B 2302 68.31 32.13 38.69
CA LEU B 2302 67.01 32.71 39.00
C LEU B 2302 65.88 31.73 38.67
N ILE B 2303 65.99 31.06 37.53
CA ILE B 2303 64.93 30.18 37.06
C ILE B 2303 65.29 28.71 37.19
N GLN B 2304 66.54 28.38 37.49
CA GLN B 2304 66.85 27.01 37.87
C GLN B 2304 66.30 26.66 39.24
N ALA B 2305 66.15 27.66 40.11
CA ALA B 2305 65.54 27.49 41.41
C ALA B 2305 64.14 28.10 41.47
N GLY B 2306 63.59 28.55 40.35
CA GLY B 2306 62.28 29.17 40.37
C GLY B 2306 61.41 28.80 39.19
N LYS B 2307 61.74 27.72 38.50
CA LYS B 2307 60.98 27.23 37.34
C LYS B 2307 61.33 25.78 37.11
N GLY B 2308 60.33 24.96 36.83
CA GLY B 2308 60.57 23.57 36.49
C GLY B 2308 60.55 23.31 34.99
N GLU B 2309 59.99 24.26 34.23
CA GLU B 2309 59.85 24.08 32.79
C GLU B 2309 61.19 24.22 32.09
N ALA B 2310 62.03 25.16 32.54
CA ALA B 2310 63.38 25.28 32.01
C ALA B 2310 64.25 24.09 32.39
N LEU B 2311 63.90 23.41 33.49
CA LEU B 2311 64.66 22.22 33.89
C LEU B 2311 64.35 21.04 32.98
N ARG B 2312 63.16 21.01 32.37
CA ARG B 2312 62.83 19.98 31.40
C ARG B 2312 63.75 20.00 30.20
N ILE B 2313 64.06 21.20 29.71
CA ILE B 2313 65.01 21.34 28.60
C ILE B 2313 66.40 20.90 29.05
N ARG B 2314 66.75 21.21 30.30
CA ARG B 2314 67.98 20.68 30.87
C ARG B 2314 67.89 19.18 31.11
N ALA B 2315 66.69 18.68 31.39
CA ALA B 2315 66.49 17.23 31.51
C ALA B 2315 66.65 16.55 30.15
N ILE B 2316 66.33 17.25 29.06
CA ILE B 2316 66.66 16.74 27.74
C ILE B 2316 68.16 16.73 27.54
N LEU B 2317 68.84 17.81 27.96
CA LEU B 2317 70.28 17.92 27.77
C LEU B 2317 71.05 16.91 28.61
N ARG B 2318 70.54 16.58 29.79
CA ARG B 2318 71.16 15.52 30.58
C ARG B 2318 70.92 14.15 29.97
N SER B 2319 69.90 14.01 29.13
CA SER B 2319 69.79 12.81 28.31
C SER B 2319 70.63 12.92 27.05
N LEU B 2320 71.03 14.14 26.66
CA LEU B 2320 71.87 14.30 25.49
C LEU B 2320 73.35 14.10 25.83
N VAL B 2321 73.89 14.93 26.71
CA VAL B 2321 75.28 14.77 27.14
C VAL B 2321 75.35 14.18 28.55
N PRO B 2322 75.74 12.92 28.69
CA PRO B 2322 75.83 12.31 30.02
C PRO B 2322 77.10 12.77 30.74
N LEU B 2323 77.22 12.32 31.98
CA LEU B 2323 78.45 12.51 32.73
C LEU B 2323 79.48 11.48 32.29
N ASP B 2324 80.76 11.84 32.48
CA ASP B 2324 81.95 11.04 32.16
C ASP B 2324 82.11 10.78 30.67
N ASP B 2325 81.40 11.53 29.83
CA ASP B 2325 81.71 11.61 28.41
C ASP B 2325 82.55 12.83 28.08
N LEU B 2326 82.46 13.86 28.92
CA LEU B 2326 83.25 15.08 28.78
C LEU B 2326 84.55 15.03 29.57
N VAL B 2327 84.71 14.03 30.45
CA VAL B 2327 85.89 13.96 31.30
C VAL B 2327 87.11 13.55 30.49
N GLY B 2328 86.96 12.56 29.62
CA GLY B 2328 88.03 12.16 28.73
C GLY B 2328 88.40 13.20 27.69
N ILE B 2329 87.48 14.11 27.38
CA ILE B 2329 87.79 15.24 26.50
C ILE B 2329 88.71 16.23 27.24
N ILE B 2330 88.52 16.39 28.54
CA ILE B 2330 89.37 17.29 29.32
C ILE B 2330 90.78 16.73 29.41
N SER B 2331 90.91 15.43 29.68
CA SER B 2331 92.24 14.81 29.74
C SER B 2331 92.67 14.23 28.39
N LEU B 2332 92.54 15.02 27.33
CA LEU B 2332 93.12 14.75 26.02
C LEU B 2332 94.60 15.12 25.79
N PRO B 2333 95.13 16.24 26.37
CA PRO B 2333 95.93 17.27 25.66
C PRO B 2333 96.98 16.83 24.63
N LEU B 2334 97.12 17.66 23.59
CA LEU B 2334 97.99 17.35 22.46
C LEU B 2334 99.45 17.57 22.84
N GLN B 2335 100.34 17.46 21.85
CA GLN B 2335 101.77 17.64 22.09
C GLN B 2335 102.08 19.09 22.43
N ILE B 2336 103.10 19.28 23.25
CA ILE B 2336 103.51 20.58 23.75
C ILE B 2336 104.53 21.17 22.79
N PRO B 2337 104.29 22.35 22.24
CA PRO B 2337 105.24 22.95 21.29
C PRO B 2337 106.49 23.49 21.97
N THR B 2338 107.38 22.60 22.39
CA THR B 2338 108.64 22.98 23.04
C THR B 2338 109.71 22.00 22.57
N LEU B 2339 110.52 22.44 21.62
CA LEU B 2339 111.62 21.63 21.09
C LEU B 2339 112.73 22.51 20.55
N UNK B 2340 110.80 22.79 17.30
CA UNK B 2340 109.70 22.23 16.51
C UNK B 2340 108.40 22.27 17.30
N UNK B 2341 107.45 23.07 16.82
CA UNK B 2341 106.16 23.21 17.47
C UNK B 2341 105.19 22.13 17.01
N UNK B 2342 104.04 22.06 17.66
CA UNK B 2342 102.99 21.13 17.26
C UNK B 2342 102.16 21.75 16.15
N UNK B 2343 101.31 20.95 15.51
CA UNK B 2343 100.46 21.44 14.44
C UNK B 2343 99.21 22.11 15.00
N UNK B 2344 98.83 23.22 14.39
CA UNK B 2344 97.61 23.92 14.77
C UNK B 2344 96.43 23.40 13.95
N UNK B 2345 96.73 22.47 13.04
CA UNK B 2345 95.70 21.77 12.29
C UNK B 2345 95.48 20.40 12.90
N UNK B 2346 95.35 20.37 14.23
CA UNK B 2346 95.14 19.11 14.94
C UNK B 2346 94.10 19.32 16.03
N UNK B 2347 94.24 18.56 17.12
CA UNK B 2347 93.30 18.66 18.23
C UNK B 2347 93.63 19.87 19.11
N UNK B 2348 92.91 20.97 18.88
CA UNK B 2348 93.13 22.23 19.60
C UNK B 2348 92.80 22.13 21.08
N UNK B 2349 93.51 22.90 21.90
CA UNK B 2349 93.32 22.90 23.33
C UNK B 2349 92.19 23.83 23.76
N UNK B 2350 91.87 24.78 22.90
CA UNK B 2350 90.80 25.74 23.18
C UNK B 2350 89.44 25.11 22.94
N UNK B 2351 89.42 23.99 22.22
CA UNK B 2351 88.20 23.28 21.90
C UNK B 2351 87.86 22.24 22.96
N UNK B 2352 88.81 21.99 23.86
CA UNK B 2352 88.58 21.10 24.99
C UNK B 2352 87.76 21.84 26.05
N UNK B 2353 87.92 23.16 26.09
CA UNK B 2353 87.20 24.01 27.02
C UNK B 2353 85.80 24.31 26.49
N UNK B 2354 85.55 23.98 25.23
CA UNK B 2354 84.22 24.09 24.65
C UNK B 2354 83.33 23.01 25.23
N UNK B 2355 83.95 21.88 25.57
CA UNK B 2355 83.27 20.78 26.24
C UNK B 2355 83.00 21.12 27.71
N UNK B 2356 83.83 22.00 28.26
CA UNK B 2356 83.76 22.35 29.67
C UNK B 2356 82.55 23.21 30.01
N UNK B 2357 82.00 23.89 29.01
CA UNK B 2357 80.88 24.80 29.22
C UNK B 2357 79.58 24.06 29.51
N UNK B 2358 79.36 22.96 28.79
CA UNK B 2358 78.15 22.16 28.98
C UNK B 2358 78.18 21.43 30.31
N UNK B 2359 79.36 21.01 30.73
CA UNK B 2359 79.53 20.34 32.01
C UNK B 2359 79.29 21.29 33.16
N UNK B 2360 79.57 22.57 32.93
CA UNK B 2360 79.39 23.59 33.95
C UNK B 2360 78.00 24.21 33.89
N UNK B 2361 77.15 23.72 33.00
CA UNK B 2361 75.84 24.32 32.82
C UNK B 2361 74.74 23.32 32.48
N UNK B 2362 74.98 22.04 32.73
CA UNK B 2362 73.93 21.02 32.55
C UNK B 2362 74.03 19.97 33.64
N UNK B 2363 75.10 19.18 33.59
CA UNK B 2363 75.32 18.15 34.58
C UNK B 2363 75.76 18.77 35.91
N UNK B 2364 76.44 19.92 35.81
CA UNK B 2364 76.96 20.70 36.95
C UNK B 2364 77.88 19.90 37.88
N UNK B 2365 78.09 20.43 39.08
CA UNK B 2365 78.95 19.80 40.07
C UNK B 2365 78.59 20.28 41.46
N UNK B 2366 77.87 19.44 42.21
CA UNK B 2366 77.45 19.80 43.56
C UNK B 2366 78.05 18.85 44.60
N UNK B 2367 78.45 17.66 44.16
CA UNK B 2367 78.98 16.66 45.07
C UNK B 2367 80.48 16.82 45.27
N UNK B 2368 81.15 15.71 45.57
CA UNK B 2368 82.59 15.70 45.76
C UNK B 2368 83.26 14.99 44.60
N UNK B 2369 82.70 15.17 43.40
CA UNK B 2369 83.26 14.60 42.19
C UNK B 2369 84.24 15.58 41.56
N UNK B 2370 84.46 16.70 42.25
CA UNK B 2370 85.44 17.70 41.84
C UNK B 2370 86.85 17.12 41.96
N UNK B 2371 87.05 16.28 42.98
CA UNK B 2371 88.31 15.57 43.16
C UNK B 2371 88.51 14.57 42.03
N UNK B 2372 87.42 13.98 41.56
CA UNK B 2372 87.44 13.10 40.41
C UNK B 2372 87.62 13.92 39.13
N UNK B 2373 87.18 15.17 39.20
CA UNK B 2373 87.30 16.09 38.07
C UNK B 2373 88.69 16.72 38.02
N UNK B 2374 89.22 17.09 39.17
CA UNK B 2374 90.55 17.73 39.24
C UNK B 2374 91.67 16.72 39.02
N UNK B 2375 91.33 15.43 39.07
CA UNK B 2375 92.28 14.37 38.73
C UNK B 2375 92.28 14.09 37.23
N UNK B 2376 91.53 14.90 36.47
CA UNK B 2376 91.48 14.77 35.02
C UNK B 2376 91.58 16.14 34.36
N UNK B 2377 91.65 17.19 35.17
CA UNK B 2377 91.70 18.55 34.66
C UNK B 2377 92.98 19.28 35.03
N UNK B 2378 93.52 19.00 36.21
CA UNK B 2378 94.71 19.69 36.69
C UNK B 2378 95.99 19.09 36.11
N UNK B 2379 95.84 18.02 35.33
CA UNK B 2379 96.97 17.40 34.64
C UNK B 2379 97.54 18.34 33.60
N UNK B 2380 96.67 19.08 32.93
CA UNK B 2380 97.10 20.06 31.95
C UNK B 2380 97.49 21.37 32.62
N UNK B 2381 97.09 21.53 33.88
CA UNK B 2381 97.41 22.73 34.63
C UNK B 2381 98.87 22.71 35.06
N UNK B 2382 99.41 21.51 35.25
CA UNK B 2382 100.82 21.35 35.56
C UNK B 2382 101.62 21.49 34.27
N UNK B 2383 100.97 21.18 33.15
CA UNK B 2383 101.59 21.31 31.84
C UNK B 2383 101.52 22.77 31.36
N UNK B 2384 100.73 23.58 32.06
CA UNK B 2384 100.62 25.00 31.76
C UNK B 2384 101.88 25.73 32.21
N UNK B 2385 102.51 25.22 33.26
CA UNK B 2385 103.73 25.82 33.78
C UNK B 2385 104.96 25.21 33.12
N UNK B 2386 104.74 24.25 32.23
CA UNK B 2386 105.83 23.55 31.56
C UNK B 2386 106.50 24.43 30.50
N UNK B 2387 105.70 24.93 29.55
CA UNK B 2387 106.25 25.72 28.46
C UNK B 2387 106.25 27.21 28.76
N UNK B 2388 106.64 27.58 29.98
CA UNK B 2388 106.77 28.98 30.34
C UNK B 2388 108.25 29.36 30.38
N UNK B 2389 109.05 28.58 29.65
CA UNK B 2389 110.50 28.76 29.67
C UNK B 2389 111.02 29.39 28.38
N UNK B 2390 110.72 28.74 27.25
CA UNK B 2390 111.22 29.18 25.95
C UNK B 2390 110.56 30.47 25.50
N UNK B 2391 109.42 30.34 24.82
CA UNK B 2391 108.69 31.50 24.34
C UNK B 2391 107.20 31.18 24.22
N UNK B 2392 106.88 29.89 24.37
CA UNK B 2392 105.53 29.34 24.27
C UNK B 2392 104.84 29.70 22.95
N UNK B 2393 105.18 28.97 21.89
CA UNK B 2393 104.52 29.15 20.60
C UNK B 2393 103.09 28.64 20.73
N UNK B 2394 102.13 29.41 20.21
CA UNK B 2394 100.69 29.12 20.28
C UNK B 2394 100.19 28.83 21.69
N UNK B 2395 100.05 29.87 22.49
CA UNK B 2395 99.60 29.73 23.88
C UNK B 2395 98.07 29.59 23.96
N UNK B 2396 97.55 28.52 23.38
CA UNK B 2396 96.11 28.26 23.38
C UNK B 2396 95.70 27.72 24.74
N UNK B 2397 96.64 27.08 25.41
CA UNK B 2397 96.42 26.52 26.74
C UNK B 2397 96.30 27.64 27.77
N UNK B 2398 96.92 28.78 27.48
CA UNK B 2398 96.80 29.97 28.32
C UNK B 2398 95.37 30.50 28.24
N UNK B 2399 94.76 30.36 27.07
CA UNK B 2399 93.37 30.74 26.87
C UNK B 2399 92.44 29.66 27.39
N UNK B 2400 92.90 28.41 27.33
CA UNK B 2400 92.08 27.27 27.75
C UNK B 2400 92.10 27.07 29.25
N UNK B 2401 92.98 27.77 29.95
CA UNK B 2401 93.05 27.70 31.39
C UNK B 2401 92.66 29.04 32.01
N UNK B 2402 92.17 29.94 31.17
CA UNK B 2402 91.66 31.22 31.64
C UNK B 2402 90.15 31.22 31.54
N UNK B 2403 89.59 30.08 31.16
CA UNK B 2403 88.15 29.92 31.02
C UNK B 2403 87.69 28.64 31.71
N UNK B 2404 88.64 27.90 32.27
CA UNK B 2404 88.34 26.67 32.98
C UNK B 2404 88.65 26.85 34.47
N UNK B 2405 89.57 27.76 34.76
CA UNK B 2405 89.99 28.02 36.13
C UNK B 2405 88.99 28.89 36.88
N UNK B 2406 88.08 29.52 36.14
CA UNK B 2406 87.04 30.34 36.74
C UNK B 2406 86.01 29.45 37.42
N UNK B 2407 85.81 28.25 36.88
CA UNK B 2407 84.88 27.28 37.44
C UNK B 2407 85.45 26.72 38.74
N UNK B 2408 86.78 26.64 38.81
CA UNK B 2408 87.47 26.24 40.02
C UNK B 2408 87.32 27.31 41.08
N UNK B 2409 87.30 28.56 40.65
CA UNK B 2409 87.16 29.71 41.54
C UNK B 2409 85.72 29.85 42.04
N UNK B 2410 84.79 29.14 41.39
CA UNK B 2410 83.41 29.08 41.83
C UNK B 2410 83.18 27.86 42.72
N UNK B 2411 84.26 27.23 43.14
CA UNK B 2411 84.17 26.03 43.97
C UNK B 2411 84.82 26.24 45.33
N UNK B 2412 83.99 26.39 46.36
CA UNK B 2412 84.49 26.50 47.72
C UNK B 2412 84.22 25.21 48.47
N UNK B 2413 84.33 24.09 47.75
CA UNK B 2413 84.10 22.77 48.33
C UNK B 2413 85.42 22.11 48.72
N UNK B 2414 85.84 22.33 49.97
CA UNK B 2414 87.08 21.76 50.47
C UNK B 2414 86.81 20.90 51.70
N UNK B 2415 87.50 19.76 51.79
CA UNK B 2415 87.31 18.85 52.90
C UNK B 2415 88.66 18.39 53.48
N UNK B 2416 88.74 17.12 53.83
CA UNK B 2416 89.98 16.55 54.36
C UNK B 2416 90.68 15.72 53.29
N UNK B 2417 91.75 15.04 53.68
CA UNK B 2417 92.60 14.21 52.81
C UNK B 2417 93.11 14.99 51.60
N UNK B 2418 93.77 16.11 51.86
CA UNK B 2418 94.29 16.98 50.82
C UNK B 2418 95.50 16.36 50.12
N UNK B 2419 95.25 15.34 49.32
CA UNK B 2419 96.31 14.63 48.62
C UNK B 2419 96.74 15.41 47.39
N UNK B 2420 95.77 15.83 46.60
CA UNK B 2420 96.04 16.55 45.37
C UNK B 2420 95.69 18.04 45.51
N UNK B 2421 95.11 18.40 46.65
CA UNK B 2421 94.73 19.79 46.91
C UNK B 2421 95.98 20.64 47.14
N UNK B 2422 96.97 20.06 47.80
CA UNK B 2422 98.23 20.74 48.02
C UNK B 2422 99.02 20.81 46.72
N UNK B 2423 98.87 19.77 45.90
CA UNK B 2423 99.57 19.68 44.62
C UNK B 2423 98.99 20.66 43.61
N UNK B 2424 97.68 20.87 43.69
CA UNK B 2424 97.01 21.80 42.79
C UNK B 2424 97.36 23.23 43.14
N UNK B 2425 97.51 23.49 44.45
CA UNK B 2425 97.83 24.82 44.94
C UNK B 2425 99.24 25.24 44.55
N UNK B 2426 100.13 24.26 44.46
CA UNK B 2426 101.49 24.50 44.01
C UNK B 2426 101.50 24.79 42.51
N UNK B 2427 100.68 24.04 41.77
CA UNK B 2427 100.58 24.21 40.33
C UNK B 2427 99.83 25.50 39.99
N UNK B 2428 98.97 25.94 40.90
CA UNK B 2428 98.26 27.19 40.73
C UNK B 2428 99.20 28.36 41.02
N UNK B 2429 100.06 28.20 42.01
CA UNK B 2429 101.02 29.23 42.38
C UNK B 2429 102.14 29.31 41.34
N UNK B 2430 102.33 28.21 40.62
CA UNK B 2430 103.36 28.13 39.58
C UNK B 2430 103.07 29.08 38.43
N UNK B 2431 101.84 29.02 37.92
CA UNK B 2431 101.43 29.89 36.82
C UNK B 2431 101.23 31.33 37.30
N UNK B 2432 100.86 31.48 38.57
CA UNK B 2432 100.57 32.80 39.14
C UNK B 2432 101.84 33.62 39.31
N UNK B 2433 102.91 32.97 39.78
CA UNK B 2433 104.19 33.64 39.94
C UNK B 2433 104.84 33.87 38.58
N UNK B 2434 104.52 33.00 37.63
CA UNK B 2434 105.03 33.13 36.27
C UNK B 2434 104.16 34.07 35.46
N UNK B 2435 104.23 35.35 35.78
CA UNK B 2435 103.48 36.37 35.04
C UNK B 2435 104.39 37.03 34.01
N UNK B 2436 105.66 36.63 34.01
CA UNK B 2436 106.62 37.18 33.06
C UNK B 2436 106.44 36.55 31.68
N UNK B 2437 106.57 35.23 31.63
CA UNK B 2437 106.35 34.50 30.38
C UNK B 2437 104.87 34.46 30.05
N UNK B 2438 104.50 35.11 28.93
CA UNK B 2438 103.12 35.32 28.50
C UNK B 2438 102.27 35.96 29.59
N UNK B 2439 102.32 37.30 29.65
CA UNK B 2439 101.69 38.05 30.73
C UNK B 2439 100.17 38.02 30.68
N UNK B 2440 99.59 38.92 29.87
CA UNK B 2440 98.14 39.19 29.79
C UNK B 2440 97.57 39.54 31.16
N UNK B 2441 97.52 40.83 31.46
CA UNK B 2441 97.09 41.35 32.77
C UNK B 2441 95.64 41.01 33.12
N UNK B 2442 94.83 40.77 32.10
CA UNK B 2442 93.49 40.26 32.29
C UNK B 2442 93.55 38.81 32.76
N UNK B 2443 94.34 38.01 32.06
CA UNK B 2443 94.50 36.59 32.40
C UNK B 2443 95.31 36.43 33.68
N UNK B 2444 96.16 37.42 33.96
CA UNK B 2444 96.95 37.43 35.17
C UNK B 2444 96.05 37.64 36.39
N UNK B 2445 95.17 38.62 36.30
CA UNK B 2445 94.24 38.93 37.39
C UNK B 2445 93.19 37.83 37.53
N UNK B 2446 92.88 37.18 36.41
CA UNK B 2446 91.92 36.07 36.41
C UNK B 2446 92.52 34.87 37.14
N UNK B 2447 93.83 34.70 36.99
CA UNK B 2447 94.54 33.64 37.68
C UNK B 2447 94.78 34.05 39.13
N UNK B 2448 94.93 35.35 39.35
CA UNK B 2448 95.22 35.88 40.68
C UNK B 2448 94.02 35.81 41.60
N UNK B 2449 92.85 36.09 41.04
CA UNK B 2449 91.61 36.10 41.82
C UNK B 2449 91.21 34.70 42.24
N UNK B 2450 91.50 33.72 41.39
CA UNK B 2450 91.19 32.33 41.67
C UNK B 2450 92.09 31.79 42.78
N UNK B 2451 93.30 32.33 42.86
CA UNK B 2451 94.24 31.96 43.91
C UNK B 2451 93.82 32.58 45.24
N UNK B 2452 93.30 33.82 45.16
CA UNK B 2452 92.93 34.57 46.35
C UNK B 2452 91.66 34.01 46.98
N UNK B 2453 90.80 33.41 46.16
CA UNK B 2453 89.53 32.90 46.64
C UNK B 2453 89.64 31.46 47.11
N UNK B 2454 90.70 30.78 46.69
CA UNK B 2454 90.90 29.38 47.05
C UNK B 2454 91.27 29.24 48.52
N UNK B 2455 91.90 30.28 49.07
CA UNK B 2455 92.34 30.28 50.45
C UNK B 2455 91.19 30.44 51.43
N UNK B 2456 90.07 30.97 50.94
CA UNK B 2456 88.90 31.17 51.78
C UNK B 2456 87.97 29.95 51.76
N UNK B 2457 88.56 28.78 51.93
CA UNK B 2457 87.80 27.53 51.96
C UNK B 2457 88.59 26.47 52.70
N UNK B 2458 89.92 26.53 52.60
CA UNK B 2458 90.80 25.57 53.26
C UNK B 2458 91.17 26.06 54.66
N UNK B 2459 91.60 25.13 55.51
CA UNK B 2459 91.94 25.46 56.89
C UNK B 2459 93.32 24.96 57.29
N UNK B 2460 94.34 25.81 57.05
CA UNK B 2460 95.73 25.59 57.46
C UNK B 2460 96.36 24.30 56.93
N UNK B 2461 95.91 23.85 55.76
CA UNK B 2461 96.47 22.65 55.15
C UNK B 2461 97.56 23.03 54.15
N UNK B 2462 97.59 24.31 53.80
CA UNK B 2462 98.59 24.82 52.87
C UNK B 2462 99.80 25.34 53.63
N UNK B 2463 100.77 24.46 53.84
CA UNK B 2463 101.99 24.81 54.57
C UNK B 2463 103.19 24.82 53.63
N UNK B 2464 103.15 23.95 52.62
CA UNK B 2464 104.21 23.86 51.63
C UNK B 2464 104.21 25.09 50.73
N UNK B 2465 103.02 25.62 50.48
CA UNK B 2465 102.86 26.83 49.69
C UNK B 2465 103.32 28.04 50.50
N UNK B 2466 103.05 28.00 51.80
CA UNK B 2466 103.44 29.08 52.70
C UNK B 2466 104.95 29.08 52.93
N UNK B 2467 105.56 27.90 52.85
CA UNK B 2467 107.00 27.77 53.05
C UNK B 2467 107.76 28.30 51.85
N UNK B 2468 107.22 28.05 50.65
CA UNK B 2468 107.85 28.50 49.42
C UNK B 2468 107.66 29.99 49.23
N UNK B 2469 106.61 30.54 49.83
CA UNK B 2469 106.28 31.96 49.70
C UNK B 2469 107.28 32.84 50.45
N UNK B 2470 107.75 32.35 51.61
CA UNK B 2470 108.67 33.12 52.44
C UNK B 2470 110.06 33.19 51.83
N UNK B 2471 110.38 32.24 50.95
CA UNK B 2471 111.66 32.23 50.25
C UNK B 2471 111.48 32.70 48.82
N UNK B 2472 110.49 33.57 48.60
CA UNK B 2472 110.21 34.10 47.26
C UNK B 2472 109.59 35.48 47.32
N UNK B 2473 108.50 35.61 48.08
CA UNK B 2473 107.78 36.87 48.19
C UNK B 2473 108.43 37.79 49.22
N UNK B 2474 108.95 37.21 50.29
CA UNK B 2474 109.63 37.98 51.33
C UNK B 2474 111.02 38.39 50.87
N UNK B 2475 111.55 37.67 49.89
CA UNK B 2475 112.84 37.98 49.30
C UNK B 2475 112.75 39.24 48.44
N UNK B 2476 112.50 39.07 47.15
CA UNK B 2476 112.37 40.19 46.24
C UNK B 2476 111.01 40.86 46.40
N UNK B 2477 110.89 41.72 47.40
CA UNK B 2477 109.63 42.39 47.68
C UNK B 2477 109.54 43.71 46.93
N UNK B 2478 109.56 43.65 45.60
CA UNK B 2478 109.47 44.84 44.76
C UNK B 2478 108.90 44.50 43.39
N UNK B 2479 108.66 43.22 43.16
CA UNK B 2479 108.13 42.77 41.89
C UNK B 2479 106.62 43.02 41.80
N UNK B 2480 106.06 42.74 40.64
CA UNK B 2480 104.62 42.86 40.44
C UNK B 2480 103.93 41.68 41.13
N UNK B 2481 104.62 40.55 41.19
CA UNK B 2481 104.08 39.35 41.81
C UNK B 2481 104.15 39.42 43.33
N UNK B 2482 104.94 40.35 43.84
CA UNK B 2482 105.07 40.55 45.27
C UNK B 2482 103.82 41.20 45.86
N UNK B 2483 103.18 42.05 45.06
CA UNK B 2483 101.98 42.76 45.50
C UNK B 2483 100.79 41.80 45.59
N UNK B 2484 100.77 40.81 44.70
CA UNK B 2484 99.72 39.81 44.70
C UNK B 2484 99.90 38.85 45.86
N UNK B 2485 101.16 38.52 46.16
CA UNK B 2485 101.47 37.58 47.22
C UNK B 2485 101.29 38.19 48.61
N UNK B 2486 101.42 39.51 48.69
CA UNK B 2486 101.31 40.22 49.96
C UNK B 2486 99.87 40.22 50.48
N UNK B 2487 98.92 40.26 49.55
CA UNK B 2487 97.50 40.29 49.91
C UNK B 2487 97.01 38.92 50.35
N UNK B 2488 97.62 37.87 49.79
CA UNK B 2488 97.25 36.50 50.12
C UNK B 2488 97.71 36.14 51.53
N UNK B 2489 98.86 36.69 51.91
CA UNK B 2489 99.42 36.46 53.24
C UNK B 2489 98.64 37.21 54.30
N UNK B 2490 98.10 38.37 53.92
CA UNK B 2490 97.31 39.19 54.84
C UNK B 2490 95.95 38.56 55.10
N UNK B 2491 95.49 37.72 54.18
CA UNK B 2491 94.23 37.01 54.32
C UNK B 2491 94.33 35.91 55.37
N UNK B 2492 95.51 35.32 55.48
CA UNK B 2492 95.75 34.24 56.44
C UNK B 2492 95.89 34.79 57.86
N UNK B 2493 96.19 36.08 57.96
CA UNK B 2493 96.32 36.76 59.23
C UNK B 2493 94.96 36.90 59.92
N UNK B 2494 93.91 36.94 59.12
CA UNK B 2494 92.55 37.03 59.65
C UNK B 2494 91.90 35.65 59.76
N UNK B 2495 92.73 34.64 60.03
CA UNK B 2495 92.26 33.28 60.22
C UNK B 2495 93.00 32.64 61.37
N UNK B 2496 93.83 33.43 62.05
CA UNK B 2496 94.67 32.91 63.11
C UNK B 2496 94.72 33.84 64.33
N UNK B 2497 93.76 34.77 64.41
CA UNK B 2497 93.71 35.71 65.51
C UNK B 2497 92.99 35.12 66.72
N UNK B 2498 92.41 33.94 66.54
CA UNK B 2498 91.77 33.22 67.64
C UNK B 2498 92.44 31.85 67.82
N UNK B 2499 92.31 31.01 66.81
CA UNK B 2499 92.95 29.70 66.82
C UNK B 2499 94.05 29.67 65.76
N UNK B 2500 94.24 28.50 65.14
CA UNK B 2500 95.19 28.28 64.05
C UNK B 2500 96.63 28.69 64.35
N UNK B 2501 97.02 28.62 65.61
CA UNK B 2501 98.38 28.91 66.02
C UNK B 2501 99.05 27.60 66.41
N UNK B 2502 98.39 26.50 66.04
CA UNK B 2502 98.89 25.17 66.36
C UNK B 2502 99.80 24.64 65.25
N UNK B 2503 100.90 25.33 65.00
CA UNK B 2503 101.87 24.94 63.98
C UNK B 2503 103.23 25.56 64.27
N UNK B 2504 104.15 24.76 64.80
CA UNK B 2504 105.46 25.25 65.21
C UNK B 2504 106.37 25.55 64.02
N UNK B 2505 106.30 24.70 63.00
CA UNK B 2505 107.12 24.84 61.80
C UNK B 2505 106.70 26.06 61.00
N UNK B 2506 105.41 26.37 61.06
CA UNK B 2506 104.88 27.57 60.42
C UNK B 2506 105.23 28.79 61.25
N UNK B 2507 105.30 28.62 62.57
CA UNK B 2507 105.60 29.71 63.48
C UNK B 2507 107.05 30.17 63.32
N UNK B 2508 107.93 29.23 63.02
CA UNK B 2508 109.32 29.54 62.72
C UNK B 2508 109.40 30.23 61.36
N UNK B 2509 108.55 29.79 60.44
CA UNK B 2509 108.46 30.37 59.11
C UNK B 2509 107.84 31.77 59.20
N UNK B 2510 106.91 31.95 60.13
CA UNK B 2510 106.26 33.23 60.32
C UNK B 2510 107.21 34.22 60.98
N UNK B 2511 108.15 33.71 61.77
CA UNK B 2511 109.13 34.54 62.45
C UNK B 2511 110.17 35.06 61.47
N UNK B 2512 110.54 34.22 60.51
CA UNK B 2512 111.56 34.58 59.53
C UNK B 2512 111.02 35.57 58.50
N UNK B 2513 109.72 35.47 58.23
CA UNK B 2513 109.08 36.35 57.26
C UNK B 2513 108.90 37.74 57.85
N UNK B 2514 108.67 37.80 59.16
CA UNK B 2514 108.46 39.06 59.86
C UNK B 2514 109.76 39.85 59.96
N UNK B 2515 110.87 39.13 60.00
CA UNK B 2515 112.20 39.75 60.02
C UNK B 2515 112.54 40.27 58.63
N UNK B 2516 112.11 39.53 57.61
CA UNK B 2516 112.35 39.92 56.22
C UNK B 2516 111.49 41.11 55.84
N UNK B 2517 110.34 41.23 56.49
CA UNK B 2517 109.43 42.35 56.25
C UNK B 2517 109.94 43.62 56.91
N UNK B 2518 110.74 43.45 57.96
CA UNK B 2518 111.33 44.59 58.66
C UNK B 2518 112.46 45.19 57.85
N UNK B 2519 113.03 44.40 56.94
CA UNK B 2519 114.12 44.85 56.09
C UNK B 2519 113.63 45.72 54.95
N UNK B 2520 112.33 45.68 54.68
CA UNK B 2520 111.74 46.42 53.58
C UNK B 2520 111.45 47.87 53.95
N UNK B 2521 111.61 48.21 55.22
CA UNK B 2521 111.39 49.57 55.70
C UNK B 2521 112.43 50.52 55.11
N UNK B 2522 113.71 50.23 55.35
CA UNK B 2522 114.80 51.05 54.83
C UNK B 2522 115.24 50.61 53.44
N UNK B 2523 114.36 49.96 52.71
CA UNK B 2523 114.62 49.60 51.32
C UNK B 2523 114.33 50.79 50.42
N UNK B 2524 113.28 50.70 49.62
CA UNK B 2524 112.89 51.80 48.76
C UNK B 2524 111.97 52.76 49.52
N UNK B 2525 111.98 54.02 49.10
CA UNK B 2525 111.12 55.02 49.71
C UNK B 2525 109.90 55.28 48.83
N UNK B 2526 109.40 54.23 48.20
CA UNK B 2526 108.21 54.34 47.35
C UNK B 2526 106.97 54.47 48.20
N UNK B 2527 106.44 55.69 48.28
CA UNK B 2527 105.23 55.95 49.06
C UNK B 2527 104.03 55.35 48.35
N UNK B 2528 102.98 55.07 49.13
CA UNK B 2528 101.69 54.52 48.66
C UNK B 2528 101.77 53.17 47.91
N UNK B 2529 102.51 53.11 46.81
CA UNK B 2529 102.62 51.92 45.97
C UNK B 2529 103.22 50.71 46.71
N UNK B 2530 104.46 50.84 47.15
CA UNK B 2530 105.12 49.76 47.88
C UNK B 2530 104.93 49.94 49.38
N UNK B 2531 104.63 51.18 49.79
CA UNK B 2531 104.51 51.50 51.20
C UNK B 2531 103.22 50.94 51.80
N UNK B 2532 102.09 51.33 51.23
CA UNK B 2532 100.79 50.96 51.78
C UNK B 2532 100.34 49.57 51.36
N UNK B 2533 101.08 48.93 50.47
CA UNK B 2533 100.76 47.57 50.03
C UNK B 2533 101.04 46.55 51.13
N UNK B 2534 102.02 46.87 51.98
CA UNK B 2534 102.39 45.97 53.06
C UNK B 2534 102.30 46.65 54.42
N UNK B 2535 101.82 47.89 54.43
CA UNK B 2535 101.63 48.62 55.69
C UNK B 2535 100.51 48.01 56.51
N UNK B 2536 99.53 47.47 55.81
CA UNK B 2536 98.40 46.79 56.45
C UNK B 2536 98.67 45.29 56.52
N UNK B 2537 99.87 44.88 56.11
CA UNK B 2537 100.28 43.49 56.21
C UNK B 2537 101.09 43.25 57.47
N UNK B 2538 100.84 44.06 58.48
CA UNK B 2538 101.51 43.93 59.77
C UNK B 2538 100.65 43.10 60.72
N UNK B 2539 99.54 42.59 60.20
CA UNK B 2539 98.61 41.78 60.98
C UNK B 2539 99.09 40.34 61.06
N UNK B 2540 100.05 39.98 60.22
CA UNK B 2540 100.61 38.64 60.20
C UNK B 2540 101.44 38.40 61.46
N UNK B 2541 102.11 39.46 61.92
CA UNK B 2541 102.92 39.39 63.13
C UNK B 2541 102.06 39.57 64.37
N UNK B 2542 100.83 40.03 64.17
CA UNK B 2542 99.90 40.25 65.27
C UNK B 2542 99.30 38.93 65.76
N UNK B 2543 99.30 37.93 64.88
CA UNK B 2543 98.74 36.63 65.21
C UNK B 2543 99.75 35.76 65.96
N UNK B 2544 101.03 36.09 65.81
CA UNK B 2544 102.10 35.34 66.45
C UNK B 2544 102.14 35.59 67.95
N UNK B 2545 102.77 34.68 68.70
CA UNK B 2545 102.87 34.82 70.14
C UNK B 2545 104.09 35.66 70.52
N UNK B 2546 104.33 35.80 71.81
CA UNK B 2546 105.47 36.56 72.30
C UNK B 2546 106.54 35.65 72.85
N UNK B 2547 106.25 34.35 72.85
CA UNK B 2547 107.21 33.37 73.33
C UNK B 2547 108.32 33.17 72.31
N UNK B 2548 109.47 32.72 72.78
CA UNK B 2548 110.61 32.48 71.92
C UNK B 2548 110.70 31.01 71.54
N UNK B 2549 110.48 30.71 70.26
CA UNK B 2549 110.67 29.35 69.76
C UNK B 2549 112.16 29.07 69.63
N UNK B 2550 112.52 27.80 69.53
CA UNK B 2550 113.93 27.41 69.45
C UNK B 2550 114.53 27.73 68.08
N UNK B 2551 114.81 29.02 67.86
CA UNK B 2551 115.37 29.47 66.59
C UNK B 2551 116.76 30.07 66.80
N UNK B 2552 117.71 29.60 66.00
CA UNK B 2552 119.09 30.08 66.08
C UNK B 2552 119.28 31.32 65.21
N UNK B 2553 120.49 31.52 64.72
CA UNK B 2553 120.80 32.67 63.88
C UNK B 2553 121.87 32.35 62.86
N UNK B 2554 121.50 32.35 61.59
CA UNK B 2554 122.44 32.09 60.50
C UNK B 2554 122.01 32.84 59.24
N UNK B 2555 122.99 33.26 58.44
CA UNK B 2555 122.70 34.00 57.22
C UNK B 2555 123.76 33.77 56.15
N UNK B 2556 123.35 33.83 54.89
CA UNK B 2556 124.26 33.64 53.77
C UNK B 2556 124.01 34.69 52.68
N ASN B 2557 115.58 32.84 41.26
CA ASN B 2557 116.94 33.34 41.51
C ASN B 2557 117.33 33.14 42.97
N PHE B 2558 118.29 32.25 43.20
CA PHE B 2558 118.81 32.00 44.54
C PHE B 2558 120.25 31.54 44.43
N ASP B 2559 121.09 32.02 45.35
CA ASP B 2559 122.53 31.72 45.35
C ASP B 2559 123.04 31.67 46.78
N PRO B 2560 123.28 30.47 47.32
CA PRO B 2560 123.90 30.37 48.64
C PRO B 2560 125.41 30.58 48.56
N ARG B 2561 126.06 30.45 49.72
CA ARG B 2561 127.49 30.65 49.83
C ARG B 2561 128.14 29.47 50.55
N PRO B 2562 128.52 28.42 49.81
CA PRO B 2562 129.40 27.38 50.38
C PRO B 2562 130.85 27.82 50.36
N VAL B 2563 131.75 26.97 50.84
CA VAL B 2563 133.18 27.27 50.86
C VAL B 2563 133.88 26.36 49.86
N GLU B 2564 134.98 26.86 49.30
CA GLU B 2564 135.81 26.10 48.37
C GLU B 2564 136.54 25.02 49.16
N THR B 2565 136.05 23.78 49.07
CA THR B 2565 136.65 22.69 49.84
C THR B 2565 137.82 22.03 49.13
N LEU B 2566 137.95 22.23 47.81
CA LEU B 2566 138.98 21.56 47.03
C LEU B 2566 140.39 22.04 47.36
N ASN B 2567 140.56 23.30 47.77
CA ASN B 2567 141.86 23.83 48.15
C ASN B 2567 142.09 23.77 49.65
N VAL B 2568 141.37 22.91 50.36
CA VAL B 2568 141.53 22.76 51.80
C VAL B 2568 142.37 21.52 52.06
N ILE B 2569 143.45 21.68 52.82
CA ILE B 2569 144.39 20.61 53.09
C ILE B 2569 143.98 19.91 54.38
N ILE B 2570 143.76 18.59 54.29
CA ILE B 2570 143.47 17.78 55.47
C ILE B 2570 144.80 17.35 56.08
N PRO B 2571 144.96 17.45 57.41
CA PRO B 2571 146.14 16.87 58.05
C PRO B 2571 146.17 15.36 57.90
N GLU B 2572 147.39 14.81 57.82
CA GLU B 2572 147.57 13.41 57.51
C GLU B 2572 147.17 12.48 58.65
N LYS B 2573 147.03 13.00 59.88
CA LYS B 2573 146.48 12.21 60.97
C LYS B 2573 144.99 11.98 60.80
N LEU B 2574 144.32 12.78 59.98
CA LEU B 2574 142.90 12.62 59.71
C LEU B 2574 142.61 11.77 58.49
N ASP B 2575 143.62 11.51 57.64
CA ASP B 2575 143.37 10.83 56.37
C ASP B 2575 143.02 9.35 56.58
N SER B 2576 143.73 8.68 57.50
CA SER B 2576 143.30 7.34 57.89
C SER B 2576 142.06 7.39 58.75
N PHE B 2577 141.84 8.49 59.47
CA PHE B 2577 140.63 8.66 60.27
C PHE B 2577 139.40 8.80 59.38
N ILE B 2578 139.56 9.36 58.18
CA ILE B 2578 138.52 9.32 57.17
C ILE B 2578 138.31 7.88 56.69
N ASN B 2579 139.41 7.15 56.48
CA ASN B 2579 139.33 5.75 56.08
C ASN B 2579 138.75 4.89 57.20
N LYS B 2580 138.93 5.30 58.46
CA LYS B 2580 138.23 4.65 59.56
C LYS B 2580 136.74 4.93 59.52
N PHE B 2581 136.34 6.10 59.00
CA PHE B 2581 134.91 6.37 58.84
C PHE B 2581 134.37 5.64 57.63
N ALA B 2582 135.20 5.49 56.58
CA ALA B 2582 134.81 4.70 55.41
C ALA B 2582 134.68 3.22 55.77
N GLU B 2583 135.52 2.73 56.68
CA GLU B 2583 135.30 1.40 57.24
C GLU B 2583 134.02 1.38 58.07
N TYR B 2584 133.81 2.41 58.90
CA TYR B 2584 132.59 2.53 59.68
C TYR B 2584 131.36 2.82 58.81
N THR B 2585 131.57 3.39 57.62
CA THR B 2585 130.47 3.55 56.67
C THR B 2585 129.94 2.19 56.23
N HIS B 2586 130.83 1.30 55.80
CA HIS B 2586 130.42 -0.04 55.40
C HIS B 2586 130.05 -0.89 56.62
N GLU B 2587 130.58 -0.55 57.79
CA GLU B 2587 130.26 -1.30 59.01
C GLU B 2587 128.83 -1.04 59.45
N LYS B 2588 128.32 0.17 59.22
CA LYS B 2588 126.97 0.52 59.61
C LYS B 2588 125.95 0.27 58.50
N TRP B 2589 126.34 0.53 57.24
CA TRP B 2589 125.40 0.38 56.12
C TRP B 2589 125.13 -1.07 55.79
N ALA B 2590 126.18 -1.90 55.75
CA ALA B 2590 125.98 -3.31 55.46
C ALA B 2590 125.46 -4.11 56.66
N PHE B 2591 125.46 -3.52 57.86
CA PHE B 2591 124.86 -4.21 59.00
C PHE B 2591 123.34 -4.25 58.87
N ASP B 2592 122.75 -3.15 58.39
CA ASP B 2592 121.32 -3.14 58.08
C ASP B 2592 121.00 -4.00 56.85
N LYS B 2593 121.98 -4.24 55.99
CA LYS B 2593 121.79 -5.21 54.92
C LYS B 2593 121.69 -6.63 55.45
N ILE B 2594 122.36 -6.91 56.58
CA ILE B 2594 122.23 -8.21 57.22
C ILE B 2594 120.94 -8.25 58.05
N GLN B 2595 120.50 -7.11 58.58
CA GLN B 2595 119.19 -7.02 59.22
C GLN B 2595 118.06 -7.25 58.23
N ASN B 2596 118.24 -6.84 56.97
CA ASN B 2596 117.33 -7.18 55.89
C ASN B 2596 117.81 -8.38 55.09
N ASN B 2597 118.88 -9.05 55.54
CA ASN B 2597 119.37 -10.33 55.02
C ASN B 2597 119.80 -10.24 53.55
N TRP B 2598 120.68 -9.28 53.26
CA TRP B 2598 121.23 -9.13 51.92
C TRP B 2598 122.57 -9.87 51.85
N SER B 2599 122.69 -10.77 50.88
CA SER B 2599 123.82 -11.68 50.78
C SER B 2599 124.88 -11.16 49.81
N TYR B 2600 125.84 -12.01 49.49
CA TYR B 2600 127.00 -11.70 48.66
C TYR B 2600 126.78 -12.21 47.25
N GLY B 2601 127.45 -11.57 46.29
CA GLY B 2601 127.38 -12.03 44.91
C GLY B 2601 128.41 -11.35 44.03
N GLU B 2602 128.08 -11.29 42.74
CA GLU B 2602 128.93 -10.66 41.74
C GLU B 2602 128.68 -9.16 41.62
N ASN B 2603 127.41 -8.75 41.59
CA ASN B 2603 127.04 -7.35 41.49
C ASN B 2603 125.87 -7.10 42.44
N VAL B 2604 125.57 -5.82 42.65
CA VAL B 2604 124.47 -5.41 43.52
C VAL B 2604 123.16 -5.72 42.79
N ASP B 2605 122.42 -6.72 43.27
CA ASP B 2605 121.14 -7.10 42.69
C ASP B 2605 120.10 -7.21 43.78
N GLU B 2606 118.88 -6.75 43.50
CA GLU B 2606 117.81 -6.76 44.48
C GLU B 2606 116.96 -8.01 44.43
N GLU B 2607 116.86 -8.65 43.26
CA GLU B 2607 116.08 -9.89 43.16
C GLU B 2607 116.85 -11.07 43.73
N LEU B 2608 118.12 -11.24 43.33
CA LEU B 2608 118.94 -12.32 43.82
C LEU B 2608 119.55 -12.04 45.19
N LYS B 2609 119.38 -10.81 45.69
CA LYS B 2609 119.77 -10.37 47.03
C LYS B 2609 121.28 -10.51 47.24
N THR B 2610 122.03 -9.94 46.31
CA THR B 2610 123.49 -10.07 46.27
C THR B 2610 124.14 -8.71 46.48
N HIS B 2611 125.36 -8.74 47.05
CA HIS B 2611 126.14 -7.54 47.28
C HIS B 2611 127.62 -7.88 47.32
N PRO B 2612 128.41 -7.45 46.33
CA PRO B 2612 129.79 -7.93 46.20
C PRO B 2612 130.82 -7.24 47.08
N MET B 2613 130.45 -6.22 47.84
CA MET B 2613 131.43 -5.48 48.64
C MET B 2613 131.40 -5.89 50.11
N LEU B 2614 130.78 -7.04 50.41
CA LEU B 2614 130.69 -7.53 51.79
C LEU B 2614 132.03 -8.11 52.23
N ARG B 2615 132.95 -7.19 52.52
CA ARG B 2615 134.32 -7.48 52.91
C ARG B 2615 134.92 -6.19 53.47
N PRO B 2616 135.91 -6.28 54.38
CA PRO B 2616 136.39 -5.09 55.09
C PRO B 2616 137.05 -4.05 54.18
N TYR B 2617 137.23 -2.85 54.74
CA TYR B 2617 137.69 -1.71 53.95
C TYR B 2617 139.18 -1.78 53.69
N LYS B 2618 139.93 -2.55 54.49
CA LYS B 2618 141.37 -2.66 54.35
C LYS B 2618 141.81 -3.59 53.22
N THR B 2619 140.88 -4.12 52.43
CA THR B 2619 141.20 -5.08 51.38
C THR B 2619 140.81 -4.61 49.98
N PHE B 2620 140.15 -3.46 49.85
CA PHE B 2620 139.69 -3.01 48.54
C PHE B 2620 140.85 -2.52 47.69
N SER B 2621 140.55 -2.34 46.39
CA SER B 2621 141.50 -1.79 45.44
C SER B 2621 141.47 -0.27 45.54
N GLU B 2622 142.29 0.40 44.72
CA GLU B 2622 142.38 1.85 44.77
C GLU B 2622 141.21 2.56 44.09
N LYS B 2623 140.36 1.82 43.38
CA LYS B 2623 139.16 2.37 42.76
C LYS B 2623 137.91 2.14 43.59
N ASP B 2624 137.79 0.98 44.24
CA ASP B 2624 136.64 0.72 45.11
C ASP B 2624 136.69 1.55 46.38
N LYS B 2625 137.87 1.99 46.82
CA LYS B 2625 137.97 2.88 47.96
C LYS B 2625 137.54 4.30 47.62
N GLU B 2626 137.49 4.65 46.33
CA GLU B 2626 137.01 5.95 45.89
C GLU B 2626 135.50 6.08 46.01
N ILE B 2627 134.79 4.94 46.12
CA ILE B 2627 133.34 4.98 46.32
C ILE B 2627 133.01 5.53 47.70
N TYR B 2628 133.77 5.09 48.71
CA TYR B 2628 133.56 5.49 50.10
C TYR B 2628 134.53 6.59 50.54
N ARG B 2629 135.00 7.42 49.63
CA ARG B 2629 136.00 8.43 49.95
C ARG B 2629 135.46 9.84 49.95
N TRP B 2630 134.55 10.19 49.03
CA TRP B 2630 134.05 11.55 49.00
C TRP B 2630 132.53 11.75 49.12
N PRO B 2631 131.81 10.99 49.93
CA PRO B 2631 130.75 11.61 50.75
C PRO B 2631 131.23 12.04 52.12
N ILE B 2632 132.54 11.91 52.38
CA ILE B 2632 133.13 12.08 53.69
C ILE B 2632 134.11 13.25 53.70
N LYS B 2633 135.08 13.25 52.76
CA LYS B 2633 136.13 14.26 52.76
C LYS B 2633 135.60 15.64 52.44
N GLU B 2634 134.81 15.76 51.37
CA GLU B 2634 134.30 17.06 50.94
C GLU B 2634 133.30 17.67 51.91
N SER B 2635 132.77 16.88 52.84
CA SER B 2635 132.01 17.41 53.97
C SER B 2635 132.89 17.69 55.18
N LEU B 2636 134.03 16.99 55.30
CA LEU B 2636 135.00 17.30 56.35
C LEU B 2636 135.99 18.38 55.94
N LYS B 2637 136.21 18.58 54.64
CA LYS B 2637 137.07 19.67 54.19
C LYS B 2637 136.44 21.04 54.44
N ALA B 2638 135.11 21.12 54.46
CA ALA B 2638 134.47 22.38 54.81
C ALA B 2638 134.57 22.68 56.30
N MET B 2639 134.84 21.68 57.13
CA MET B 2639 134.98 21.91 58.56
C MET B 2639 136.32 22.55 58.90
N ILE B 2640 137.36 22.23 58.12
CA ILE B 2640 138.66 22.84 58.35
C ILE B 2640 138.65 24.30 57.90
N ALA B 2641 138.00 24.57 56.75
CA ALA B 2641 137.92 25.94 56.23
C ALA B 2641 137.02 26.82 57.09
N TRP B 2642 136.04 26.23 57.76
CA TRP B 2642 135.16 26.99 58.65
C TRP B 2642 135.71 27.09 60.06
N GLU B 2643 136.34 26.03 60.57
CA GLU B 2643 136.72 25.93 61.98
C GLU B 2643 138.19 25.51 62.06
N TRP B 2644 138.99 26.29 62.76
CA TRP B 2644 140.37 25.94 63.06
C TRP B 2644 140.47 25.26 64.43
N THR B 2645 139.61 24.26 64.66
CA THR B 2645 139.64 23.45 65.89
C THR B 2645 139.53 21.97 65.51
N ILE B 2646 140.67 21.36 65.18
CA ILE B 2646 140.79 19.90 65.07
C ILE B 2646 142.12 19.53 65.72
N GLU B 2647 142.07 18.82 66.83
CA GLU B 2647 143.26 18.47 67.59
C GLU B 2647 143.13 17.04 68.13
N LYS B 2648 144.28 16.49 68.53
CA LYS B 2648 144.33 15.21 69.21
C LYS B 2648 143.98 15.43 70.68
N ALA B 2649 142.79 15.01 71.09
CA ALA B 2649 142.27 15.32 72.41
C ALA B 2649 142.17 14.09 73.31
N ARG B 2650 141.44 13.06 72.88
CA ARG B 2650 141.18 11.91 73.74
C ARG B 2650 141.49 10.59 73.05
N GLU B 2651 141.11 9.49 73.68
CA GLU B 2651 141.20 8.16 73.10
C GLU B 2651 139.79 7.64 72.84
N GLY B 2652 139.64 6.88 71.76
CA GLY B 2652 138.32 6.40 71.36
C GLY B 2652 137.77 5.36 72.33
N GLU B 2653 136.45 5.30 72.38
CA GLU B 2653 135.74 4.42 73.30
C GLU B 2653 135.45 3.08 72.66
N TYR B 2678 129.93 -11.76 55.14
CA TYR B 2678 130.71 -11.05 56.15
C TYR B 2678 129.80 -10.20 57.04
N ASN B 2679 130.09 -10.19 58.34
CA ASN B 2679 129.24 -9.55 59.34
C ASN B 2679 130.07 -8.55 60.15
N PRO B 2680 130.08 -7.28 59.77
CA PRO B 2680 130.67 -6.26 60.64
C PRO B 2680 129.71 -5.89 61.77
N GLN B 2681 130.30 -5.45 62.88
CA GLN B 2681 129.54 -5.13 64.09
C GLN B 2681 129.76 -3.67 64.47
N PRO B 2682 128.89 -2.77 64.02
CA PRO B 2682 129.04 -1.34 64.34
C PRO B 2682 128.78 -1.07 65.81
N PRO B 2683 129.73 -0.44 66.51
CA PRO B 2683 129.56 -0.24 67.96
C PRO B 2683 128.75 0.99 68.28
N ASP B 2684 128.56 1.26 69.58
CA ASP B 2684 127.81 2.42 70.02
C ASP B 2684 128.72 3.64 70.00
N LEU B 2685 128.19 4.76 69.54
CA LEU B 2685 128.90 6.03 69.52
C LEU B 2685 128.15 7.13 70.24
N SER B 2686 127.04 6.79 70.91
CA SER B 2686 126.21 7.74 71.64
C SER B 2686 126.48 7.69 73.14
N GLY B 2687 127.74 7.49 73.53
CA GLY B 2687 128.07 7.42 74.94
C GLY B 2687 127.97 8.75 75.66
N VAL B 2688 128.20 9.85 74.95
CA VAL B 2688 128.07 11.20 75.48
C VAL B 2688 127.13 11.97 74.58
N THR B 2689 126.09 12.58 75.17
CA THR B 2689 125.19 13.43 74.43
C THR B 2689 125.91 14.68 73.95
N LEU B 2690 125.67 15.04 72.68
CA LEU B 2690 126.31 16.20 72.09
C LEU B 2690 125.82 17.48 72.77
N SER B 2691 126.76 18.31 73.21
CA SER B 2691 126.42 19.58 73.83
C SER B 2691 126.03 20.59 72.75
N ARG B 2692 125.73 21.83 73.18
CA ARG B 2692 125.29 22.87 72.24
C ARG B 2692 126.42 23.27 71.30
N GLU B 2693 127.67 23.13 71.75
CA GLU B 2693 128.82 23.31 70.87
C GLU B 2693 128.82 22.30 69.74
N LEU B 2694 128.30 21.09 69.98
CA LEU B 2694 128.11 20.10 68.93
C LEU B 2694 126.66 19.98 68.47
N GLN B 2695 125.72 20.65 69.13
CA GLN B 2695 124.34 20.68 68.63
C GLN B 2695 124.16 21.76 67.58
N ALA B 2696 124.82 22.91 67.77
CA ALA B 2696 124.80 23.97 66.76
C ALA B 2696 125.63 23.60 65.53
N MET B 2697 126.55 22.65 65.66
CA MET B 2697 127.27 22.15 64.49
C MET B 2697 126.46 21.15 63.69
N ALA B 2698 125.47 20.49 64.30
CA ALA B 2698 124.51 19.72 63.52
C ALA B 2698 123.63 20.62 62.67
N GLU B 2699 123.34 21.83 63.15
CA GLU B 2699 122.77 22.87 62.31
C GLU B 2699 123.75 23.29 61.21
N GLN B 2700 125.04 23.23 61.50
CA GLN B 2700 126.07 23.68 60.56
C GLN B 2700 126.42 22.59 59.55
N LEU B 2701 126.52 21.34 59.99
CA LEU B 2701 126.89 20.25 59.08
C LEU B 2701 125.74 19.85 58.17
N ALA B 2702 124.50 19.94 58.63
CA ALA B 2702 123.38 19.73 57.72
C ALA B 2702 123.22 20.88 56.75
N GLU B 2703 123.63 22.09 57.15
CA GLU B 2703 123.71 23.20 56.20
C GLU B 2703 124.88 23.00 55.25
N ASN B 2704 125.96 22.39 55.74
CA ASN B 2704 127.03 21.93 54.87
C ASN B 2704 126.53 20.85 53.92
N TYR B 2705 125.60 20.00 54.38
CA TYR B 2705 124.95 19.03 53.51
C TYR B 2705 123.93 19.69 52.59
N HIS B 2706 123.58 20.95 52.84
CA HIS B 2706 122.72 21.73 51.97
C HIS B 2706 123.47 22.76 51.13
N ASN B 2707 124.63 23.23 51.60
CA ASN B 2707 125.44 24.13 50.79
C ASN B 2707 126.25 23.36 49.76
N THR B 2708 127.04 22.38 50.21
CA THR B 2708 127.96 21.69 49.31
C THR B 2708 127.23 20.76 48.35
N TRP B 2709 126.34 19.93 48.87
CA TRP B 2709 125.54 19.06 48.01
C TRP B 2709 124.52 19.86 47.21
N GLY B 2710 124.04 20.99 47.76
CA GLY B 2710 123.10 21.81 47.03
C GLY B 2710 123.73 22.61 45.91
N ARG B 2711 124.99 23.01 46.06
CA ARG B 2711 125.70 23.67 44.98
C ARG B 2711 125.96 22.71 43.82
N LYS B 2712 126.22 21.45 44.14
CA LYS B 2712 126.31 20.41 43.11
C LYS B 2712 124.96 20.19 42.44
N LYS B 2713 123.87 20.34 43.18
CA LYS B 2713 122.55 20.30 42.57
C LYS B 2713 122.28 21.56 41.73
N LYS B 2714 122.77 22.71 42.18
CA LYS B 2714 122.61 23.93 41.39
C LYS B 2714 123.49 23.90 40.15
N GLN B 2715 124.68 23.31 40.25
CA GLN B 2715 125.51 23.13 39.07
C GLN B 2715 125.03 21.97 38.20
N GLU B 2716 124.16 21.11 38.73
CA GLU B 2716 123.51 20.10 37.92
C GLU B 2716 122.46 20.73 37.01
N LEU B 2717 121.79 21.78 37.48
CA LEU B 2717 120.79 22.47 36.67
C LEU B 2717 121.43 23.42 35.66
N GLU B 2718 122.59 23.99 36.00
CA GLU B 2718 123.28 24.94 35.14
C GLU B 2718 124.14 24.27 34.06
N ALA B 2719 124.09 22.94 33.96
CA ALA B 2719 124.84 22.20 32.96
C ALA B 2719 123.97 21.31 32.10
N LYS B 2720 122.64 21.32 32.30
CA LYS B 2720 121.73 20.48 31.53
C LYS B 2720 120.67 21.29 30.81
N GLY B 2721 120.97 22.54 30.46
CA GLY B 2721 120.04 23.38 29.73
C GLY B 2721 119.08 24.18 30.58
N GLY B 2722 119.24 24.15 31.91
CA GLY B 2722 118.34 24.85 32.79
C GLY B 2722 117.50 23.91 33.62
N GLY B 2723 116.20 24.19 33.73
CA GLY B 2723 115.31 23.32 34.47
C GLY B 2723 115.06 23.81 35.89
N THR B 2724 113.79 23.87 36.28
CA THR B 2724 113.42 24.31 37.62
C THR B 2724 113.51 23.15 38.61
N HIS B 2725 113.48 23.49 39.89
CA HIS B 2725 113.55 22.52 40.98
C HIS B 2725 112.96 23.19 42.22
N PRO B 2726 112.05 22.52 42.93
CA PRO B 2726 111.32 23.19 44.03
C PRO B 2726 112.12 23.37 45.30
N LEU B 2727 113.30 22.78 45.42
CA LEU B 2727 114.05 22.80 46.68
C LEU B 2727 115.31 23.65 46.57
N LEU B 2728 115.25 24.75 45.83
CA LEU B 2728 116.33 25.73 45.84
C LEU B 2728 116.06 26.84 46.86
N VAL B 2729 115.79 26.43 48.09
CA VAL B 2729 115.43 27.33 49.17
C VAL B 2729 116.53 27.21 50.23
N PRO B 2730 116.64 28.17 51.16
CA PRO B 2730 117.61 28.03 52.25
C PRO B 2730 117.29 26.88 53.19
N TYR B 2731 118.21 26.65 54.13
CA TYR B 2731 118.06 25.56 55.08
C TYR B 2731 116.94 25.84 56.09
N ASP B 2732 116.65 27.11 56.36
CA ASP B 2732 115.64 27.45 57.35
C ASP B 2732 114.22 27.27 56.82
N THR B 2733 114.04 27.26 55.50
CA THR B 2733 112.73 27.02 54.90
C THR B 2733 112.65 25.66 54.21
N LEU B 2734 113.45 24.69 54.66
CA LEU B 2734 113.33 23.33 54.15
C LEU B 2734 112.19 22.61 54.88
N THR B 2735 111.92 21.40 54.42
CA THR B 2735 110.88 20.57 55.02
C THR B 2735 111.42 19.88 56.28
N ALA B 2736 110.58 19.05 56.89
CA ALA B 2736 110.96 18.27 58.05
C ALA B 2736 111.71 16.99 57.68
N LYS B 2737 111.84 16.68 56.39
CA LYS B 2737 112.46 15.44 55.96
C LYS B 2737 113.97 15.57 55.73
N GLU B 2738 114.41 16.63 55.06
CA GLU B 2738 115.84 16.83 54.85
C GLU B 2738 116.55 17.27 56.12
N LYS B 2739 115.83 17.78 57.12
CA LYS B 2739 116.38 18.02 58.43
C LYS B 2739 116.43 16.76 59.29
N ALA B 2740 115.95 15.62 58.78
CA ALA B 2740 115.92 14.39 59.57
C ALA B 2740 117.09 13.46 59.23
N ARG B 2741 117.39 13.30 57.95
CA ARG B 2741 118.46 12.40 57.53
C ARG B 2741 119.82 13.07 57.49
N ASP B 2742 119.87 14.37 57.14
CA ASP B 2742 121.16 15.06 57.07
C ASP B 2742 121.68 15.42 58.45
N ARG B 2743 120.77 15.73 59.39
CA ARG B 2743 121.21 15.95 60.76
C ARG B 2743 121.59 14.64 61.44
N GLU B 2744 120.94 13.53 61.06
CA GLU B 2744 121.38 12.22 61.52
C GLU B 2744 122.75 11.88 60.97
N LYS B 2745 123.03 12.30 59.73
CA LYS B 2745 124.37 12.17 59.19
C LYS B 2745 125.33 13.14 59.87
N ALA B 2746 124.81 14.28 60.35
CA ALA B 2746 125.64 15.27 61.04
C ALA B 2746 126.01 14.83 62.44
N GLN B 2747 125.09 14.19 63.16
CA GLN B 2747 125.35 13.82 64.54
C GLN B 2747 126.31 12.64 64.64
N GLU B 2748 126.12 11.62 63.78
CA GLU B 2748 127.00 10.45 63.81
C GLU B 2748 128.40 10.76 63.28
N LEU B 2749 128.57 11.85 62.53
CA LEU B 2749 129.90 12.27 62.12
C LEU B 2749 130.63 12.98 63.26
N LEU B 2750 129.91 13.79 64.03
CA LEU B 2750 130.48 14.40 65.22
C LEU B 2750 130.74 13.36 66.31
N LYS B 2751 129.87 12.36 66.43
CA LYS B 2751 130.12 11.26 67.35
C LYS B 2751 131.28 10.39 66.87
N PHE B 2752 131.52 10.36 65.56
CA PHE B 2752 132.74 9.71 65.09
C PHE B 2752 133.97 10.57 65.35
N LEU B 2753 133.81 11.90 65.33
CA LEU B 2753 134.88 12.78 65.75
C LEU B 2753 135.20 12.64 67.23
N GLN B 2754 134.22 12.22 68.04
CA GLN B 2754 134.49 11.85 69.43
C GLN B 2754 135.33 10.58 69.49
N MET B 2755 135.08 9.62 68.60
CA MET B 2755 135.95 8.45 68.47
C MET B 2755 137.32 8.90 67.99
N ASN B 2756 138.36 8.28 68.57
CA ASN B 2756 139.78 8.60 68.45
C ASN B 2756 140.13 9.98 69.00
N GLY B 2757 139.21 10.62 69.72
CA GLY B 2757 139.45 11.87 70.44
C GLY B 2757 139.84 13.07 69.60
N TYR B 2758 139.00 13.44 68.65
CA TYR B 2758 139.24 14.61 67.81
C TYR B 2758 138.12 15.61 68.12
N ALA B 2759 138.34 16.39 69.18
CA ALA B 2759 137.32 17.33 69.67
C ALA B 2759 137.26 18.52 68.73
N VAL B 2760 136.18 18.59 67.93
CA VAL B 2760 136.02 19.68 66.98
C VAL B 2760 135.02 20.66 67.57
N THR B 2761 135.53 21.66 68.29
CA THR B 2761 134.72 22.59 69.07
C THR B 2761 135.14 24.01 68.73
N ARG B 2762 134.42 24.65 67.80
CA ARG B 2762 134.72 26.02 67.40
C ARG B 2762 134.44 27.02 68.52
N UNK B 2763 131.36 28.88 68.59
CA UNK B 2763 130.51 29.98 68.16
C UNK B 2763 129.04 29.60 68.26
N UNK B 2764 128.51 29.60 69.48
CA UNK B 2764 127.09 29.43 69.72
C UNK B 2764 126.57 30.67 70.43
N UNK B 2765 125.38 30.60 71.00
CA UNK B 2765 124.81 31.75 71.70
C UNK B 2765 124.40 31.41 73.13
N UNK B 2766 123.54 32.23 73.69
CA UNK B 2766 123.07 32.04 75.06
C UNK B 2766 121.67 31.42 75.08
N UNK B 2767 121.46 30.49 76.00
CA UNK B 2767 120.22 29.72 76.05
C UNK B 2767 119.15 30.40 76.89
N UNK B 2768 118.85 31.65 76.56
CA UNK B 2768 117.80 32.38 77.24
C UNK B 2768 116.69 32.73 76.25
N UNK B 2769 115.47 32.83 76.75
CA UNK B 2769 114.35 33.26 75.92
C UNK B 2769 114.48 34.75 75.63
N UNK B 2770 115.27 35.08 74.62
CA UNK B 2770 115.54 36.46 74.27
C UNK B 2770 114.34 37.10 73.59
N UNK B 2771 113.47 36.25 73.04
CA UNK B 2771 112.26 36.62 72.30
C UNK B 2771 112.55 37.52 71.10
N UNK B 2772 112.63 36.91 69.93
CA UNK B 2772 112.93 37.62 68.68
C UNK B 2772 111.81 38.58 68.29
N UNK B 2773 110.61 38.33 68.80
CA UNK B 2773 109.51 39.27 68.65
C UNK B 2773 109.72 40.49 69.52
N UNK B 2774 110.44 40.32 70.63
CA UNK B 2774 110.71 41.43 71.54
C UNK B 2774 112.11 42.03 71.32
N UNK B 2775 113.03 41.22 70.81
CA UNK B 2775 114.39 41.68 70.57
C UNK B 2775 114.46 42.63 69.38
N UNK B 2776 113.59 42.40 68.40
CA UNK B 2776 113.54 43.24 67.20
C UNK B 2776 112.93 44.59 67.53
N UNK B 2777 112.07 44.63 68.55
CA UNK B 2777 111.45 45.87 68.99
C UNK B 2777 112.44 46.75 69.73
N UNK B 2778 113.40 46.10 70.40
CA UNK B 2778 114.47 46.81 71.09
C UNK B 2778 115.41 47.41 70.05
N UNK B 2779 115.62 46.68 68.96
CA UNK B 2779 116.46 47.14 67.87
C UNK B 2779 115.76 48.22 67.06
N UNK B 2780 114.44 48.16 67.03
CA UNK B 2780 113.64 49.15 66.32
C UNK B 2780 113.60 50.44 67.14
N UNK B 2781 113.70 50.31 68.45
CA UNK B 2781 113.80 51.47 69.34
C UNK B 2781 115.18 52.09 69.19
N UNK B 2782 116.16 51.24 68.89
CA UNK B 2782 117.51 51.69 68.58
C UNK B 2782 117.55 52.30 67.19
N UNK B 2783 116.70 51.79 66.30
CA UNK B 2783 116.57 52.35 64.96
C UNK B 2783 115.81 53.66 65.01
N UNK B 2784 114.91 53.78 65.99
CA UNK B 2784 114.20 55.03 66.23
C UNK B 2784 115.15 56.06 66.81
N UNK B 2785 116.09 55.57 67.61
CA UNK B 2785 117.15 56.40 68.16
C UNK B 2785 118.11 56.81 67.04
N UNK B 2786 118.26 55.93 66.07
CA UNK B 2786 119.04 56.23 64.87
C UNK B 2786 118.27 57.21 63.99
N UNK B 2787 116.94 57.15 64.07
CA UNK B 2787 116.09 58.06 63.33
C UNK B 2787 115.87 59.36 64.11
N UNK B 2788 116.20 59.33 65.40
CA UNK B 2788 116.06 60.50 66.25
C UNK B 2788 117.09 61.56 65.87
N UNK B 2789 118.24 61.11 65.38
CA UNK B 2789 119.26 62.00 64.86
C UNK B 2789 118.80 62.61 63.54
N UNK B 2790 118.08 61.82 62.77
CA UNK B 2790 117.46 62.30 61.53
C UNK B 2790 116.30 63.22 61.87
N UNK B 2791 115.67 62.96 63.01
CA UNK B 2791 114.62 63.83 63.52
C UNK B 2791 115.23 65.11 64.06
N UNK B 2792 116.45 65.00 64.59
CA UNK B 2792 117.17 66.15 65.09
C UNK B 2792 117.68 67.00 63.93
N UNK B 2793 118.05 66.34 62.85
CA UNK B 2793 118.53 67.02 61.65
C UNK B 2793 117.36 67.70 60.93
N UNK B 2794 116.18 67.11 61.05
CA UNK B 2794 114.98 67.67 60.44
C UNK B 2794 114.43 68.80 61.30
N UNK B 2795 114.65 68.73 62.60
CA UNK B 2795 114.24 69.79 63.51
C UNK B 2795 115.16 71.00 63.33
N UNK B 2796 116.39 70.74 62.94
CA UNK B 2796 117.35 71.80 62.64
C UNK B 2796 116.99 72.47 61.32
N UNK B 2797 116.58 71.66 60.35
CA UNK B 2797 116.22 72.17 59.03
C UNK B 2797 114.88 72.87 59.05
N UNK B 2798 116.30 61.00 56.03
CA UNK B 2798 116.00 61.47 54.68
C UNK B 2798 114.83 60.69 54.08
N UNK B 2799 115.16 59.58 53.41
CA UNK B 2799 114.15 58.74 52.79
C UNK B 2799 113.72 57.64 53.75
N UNK B 2800 114.49 57.47 54.82
CA UNK B 2800 114.18 56.46 55.83
C UNK B 2800 113.38 57.08 56.97
N UNK B 2801 112.92 58.30 56.79
CA UNK B 2801 112.08 58.97 57.78
C UNK B 2801 110.63 58.56 57.58
N UNK B 2802 110.29 58.15 56.36
CA UNK B 2802 108.96 57.65 56.07
C UNK B 2802 108.90 56.15 56.37
N UNK B 2803 110.07 55.55 56.51
CA UNK B 2803 110.20 54.15 56.86
C UNK B 2803 109.68 53.90 58.27
N UNK B 2804 109.99 54.83 59.16
CA UNK B 2804 109.54 54.76 60.55
C UNK B 2804 108.06 55.11 60.65
N UNK B 2805 107.57 55.87 59.68
CA UNK B 2805 106.17 56.28 59.65
C UNK B 2805 105.25 55.10 59.35
N UNK B 2806 105.78 54.12 58.63
CA UNK B 2806 105.04 52.90 58.34
C UNK B 2806 104.99 52.00 59.58
N UNK B 2807 106.11 51.92 60.29
CA UNK B 2807 106.21 51.08 61.47
C UNK B 2807 105.50 51.68 62.67
N UNK B 2808 105.35 53.00 62.68
CA UNK B 2808 104.69 53.69 63.78
C UNK B 2808 103.19 53.41 63.79
N UNK B 2809 102.61 53.28 62.61
CA UNK B 2809 101.20 52.95 62.48
C UNK B 2809 100.98 51.47 62.79
N UNK B 2810 101.99 50.66 62.49
CA UNK B 2810 101.93 49.23 62.75
C UNK B 2810 102.15 48.94 64.23
N UNK B 2811 102.80 49.88 64.92
CA UNK B 2811 103.10 49.73 66.34
C UNK B 2811 101.84 49.85 67.19
N UNK B 2812 100.89 50.64 66.72
CA UNK B 2812 99.61 50.79 67.40
C UNK B 2812 98.76 49.55 67.23
N UNK B 2813 99.00 48.82 66.14
CA UNK B 2813 98.31 47.56 65.88
C UNK B 2813 98.94 46.41 66.63
N UNK B 2814 100.28 46.39 66.66
CA UNK B 2814 101.02 45.29 67.26
C UNK B 2814 100.91 45.29 68.78
N UNK B 2815 100.82 46.48 69.37
CA UNK B 2815 100.70 46.60 70.82
C UNK B 2815 99.29 46.24 71.28
N UNK B 2816 98.31 46.62 70.48
CA UNK B 2816 96.91 46.39 70.82
C UNK B 2816 96.52 44.92 70.65
N UNK B 2817 97.09 44.28 69.62
CA UNK B 2817 96.80 42.87 69.37
C UNK B 2817 97.48 41.99 70.41
N UNK B 2818 98.62 42.46 70.91
CA UNK B 2818 99.30 41.78 72.01
C UNK B 2818 98.58 42.10 73.31
N UNK B 2819 99.16 43.03 74.08
CA UNK B 2819 98.60 43.56 75.34
C UNK B 2819 98.31 42.50 76.40
N UNK B 2820 99.07 41.41 76.35
CA UNK B 2820 98.99 40.33 77.34
C UNK B 2820 100.37 39.68 77.34
N UNK B 2821 101.17 40.12 76.37
CA UNK B 2821 102.54 39.66 76.19
C UNK B 2821 103.42 40.07 77.35
N UNK B 2822 103.26 41.31 77.79
CA UNK B 2822 104.05 41.85 78.89
C UNK B 2822 103.61 41.25 80.22
N UNK B 2823 102.36 40.81 80.28
CA UNK B 2823 101.82 40.18 81.48
C UNK B 2823 102.38 38.78 81.66
N UNK B 2824 102.46 38.03 80.56
CA UNK B 2824 102.98 36.67 80.58
C UNK B 2824 104.49 36.66 80.78
N UNK B 2825 105.17 37.61 80.14
CA UNK B 2825 106.62 37.73 80.27
C UNK B 2825 107.00 39.17 80.62
N UNK B 2826 107.45 39.37 81.85
CA UNK B 2826 107.77 40.71 82.33
C UNK B 2826 109.15 41.17 81.87
N UNK B 2827 109.28 41.46 80.58
CA UNK B 2827 110.51 42.03 80.05
C UNK B 2827 110.45 43.55 80.15
N UNK B 2828 111.52 44.14 80.69
CA UNK B 2828 111.54 45.57 80.95
C UNK B 2828 112.09 46.35 79.75
N UNK B 2829 112.49 45.63 78.71
CA UNK B 2829 113.01 46.25 77.50
C UNK B 2829 111.92 47.00 76.75
N UNK B 2830 110.70 46.48 76.86
CA UNK B 2830 109.54 47.15 76.29
C UNK B 2830 109.09 48.27 77.23
N UNK B 2831 109.36 48.08 78.51
CA UNK B 2831 109.03 49.09 79.51
C UNK B 2831 109.98 50.28 79.38
N UNK B 2832 111.20 50.00 78.93
CA UNK B 2832 112.17 51.05 78.67
C UNK B 2832 111.91 51.70 77.32
N UNK B 2833 111.17 51.00 76.47
CA UNK B 2833 110.82 51.50 75.16
C UNK B 2833 109.72 52.55 75.24
N UNK B 2834 109.01 52.57 76.36
CA UNK B 2834 107.94 53.53 76.59
C UNK B 2834 108.50 54.95 76.74
N UNK B 2835 109.64 55.07 77.40
CA UNK B 2835 110.29 56.35 77.58
C UNK B 2835 111.19 56.66 76.40
N UNK B 2836 111.62 55.61 75.69
CA UNK B 2836 112.48 55.74 74.52
C UNK B 2836 111.72 56.38 73.36
N UNK B 2837 110.44 56.05 73.27
CA UNK B 2837 109.57 56.64 72.27
C UNK B 2837 109.12 58.02 72.72
N UNK B 2838 109.01 58.20 74.04
CA UNK B 2838 108.58 59.46 74.61
C UNK B 2838 109.65 60.54 74.43
N UNK B 2839 110.90 60.12 74.42
CA UNK B 2839 112.02 61.02 74.19
C UNK B 2839 112.05 61.47 72.74
N UNK B 2840 111.69 60.55 71.84
CA UNK B 2840 111.59 60.86 70.43
C UNK B 2840 110.38 61.76 70.18
N UNK B 2841 109.36 61.59 71.02
CA UNK B 2841 108.17 62.42 70.95
C UNK B 2841 108.39 63.75 71.66
N UNK B 2842 109.41 63.79 72.52
CA UNK B 2842 109.76 65.00 73.25
C UNK B 2842 110.40 66.01 72.30
N UNK B 2843 110.99 65.52 71.22
CA UNK B 2843 111.53 66.38 70.17
C UNK B 2843 110.37 66.97 69.36
N UNK B 2844 109.24 66.27 69.36
CA UNK B 2844 108.04 66.73 68.68
C UNK B 2844 107.04 67.30 69.68
N UNK B 2845 107.46 67.44 70.94
CA UNK B 2845 106.60 67.98 71.98
C UNK B 2845 106.44 69.49 71.78
N UNK B 2846 107.50 70.13 71.29
CA UNK B 2846 107.45 71.55 71.01
C UNK B 2846 107.42 71.80 69.50
N UNK B 2847 107.45 70.71 68.74
CA UNK B 2847 107.48 70.79 67.28
C UNK B 2847 106.21 70.24 66.66
N UNK B 2848 106.16 68.91 66.55
CA UNK B 2848 105.07 68.16 65.90
C UNK B 2848 104.79 68.64 64.48
N UNK B 2849 105.80 68.52 63.62
CA UNK B 2849 105.69 68.97 62.24
C UNK B 2849 105.26 67.84 61.32
N UNK B 2850 105.20 66.63 61.85
CA UNK B 2850 104.80 65.47 61.06
C UNK B 2850 103.30 65.20 61.23
N UNK B 2851 102.94 63.92 61.34
CA UNK B 2851 101.54 63.54 61.51
C UNK B 2851 101.16 63.59 62.98
N UNK B 2852 99.90 63.91 63.24
CA UNK B 2852 99.39 63.95 64.62
C UNK B 2852 98.79 62.60 65.00
N UNK B 2853 98.86 61.65 64.07
CA UNK B 2853 98.30 60.32 64.28
C UNK B 2853 99.21 59.45 65.13
N UNK B 2854 100.49 59.81 65.19
CA UNK B 2854 101.45 59.07 65.98
C UNK B 2854 101.26 59.39 67.47
N UNK B 2855 100.63 60.52 67.75
CA UNK B 2855 100.37 60.96 69.12
C UNK B 2855 99.31 60.07 69.79
N UNK B 2856 98.45 59.46 68.97
CA UNK B 2856 97.44 58.56 69.47
C UNK B 2856 98.03 57.17 69.70
N UNK B 2857 99.20 56.93 69.14
CA UNK B 2857 99.89 55.66 69.32
C UNK B 2857 100.68 55.65 70.63
N UNK B 2858 100.77 56.81 71.27
CA UNK B 2858 101.43 56.94 72.56
C UNK B 2858 100.61 56.27 73.65
N UNK B 2859 99.31 56.50 73.63
CA UNK B 2859 98.41 55.92 74.62
C UNK B 2859 98.13 54.45 74.32
N UNK B 2860 98.32 54.06 73.07
CA UNK B 2860 98.10 52.68 72.63
C UNK B 2860 99.17 51.76 73.20
N UNK B 2861 100.40 52.28 73.31
CA UNK B 2861 101.50 51.52 73.88
C UNK B 2861 101.54 51.70 75.40
N UNK B 2862 100.83 52.71 75.89
CA UNK B 2862 100.79 53.00 77.31
C UNK B 2862 99.88 52.05 78.06
N UNK B 2863 98.96 51.42 77.32
CA UNK B 2863 97.98 50.51 77.91
C UNK B 2863 98.60 49.15 78.28
N UNK B 2864 99.69 48.81 77.61
CA UNK B 2864 100.35 47.52 77.84
C UNK B 2864 101.11 47.50 79.15
N UNK B 2865 101.77 48.60 79.47
CA UNK B 2865 102.57 48.69 80.70
C UNK B 2865 101.66 48.84 81.92
N UNK B 2866 100.61 49.65 81.78
CA UNK B 2866 99.69 49.90 82.87
C UNK B 2866 98.28 50.19 82.34
N UNK B 2867 109.53 48.84 91.63
CA UNK B 2867 109.88 47.43 91.69
C UNK B 2867 111.19 47.17 90.97
N UNK B 2868 111.37 45.91 90.52
CA UNK B 2868 112.56 45.53 89.77
C UNK B 2868 112.50 46.12 88.36
N UNK B 2869 111.32 46.08 87.76
CA UNK B 2869 111.11 46.67 86.45
C UNK B 2869 111.05 48.18 86.56
N UNK B 2870 110.50 48.66 87.67
CA UNK B 2870 110.40 50.09 87.94
C UNK B 2870 111.56 50.53 88.84
N UNK B 2871 112.78 50.21 88.40
CA UNK B 2871 113.97 50.55 89.17
C UNK B 2871 114.56 51.87 88.71
N UNK B 2872 115.55 51.80 87.83
CA UNK B 2872 116.25 52.99 87.36
C UNK B 2872 115.77 53.43 85.98
N UNK B 2873 114.95 54.47 85.96
CA UNK B 2873 114.45 55.02 84.71
C UNK B 2873 114.14 56.50 84.88
N UNK B 2874 113.38 56.82 85.92
CA UNK B 2874 112.92 58.16 86.27
C UNK B 2874 112.20 58.84 85.11
N UNK B 2875 111.32 58.10 84.45
CA UNK B 2875 110.57 58.61 83.31
C UNK B 2875 109.51 59.62 83.78
N UNK B 2876 108.94 59.36 84.95
CA UNK B 2876 107.97 60.26 85.55
C UNK B 2876 108.65 61.53 86.02
N UNK B 2877 109.89 61.39 86.46
CA UNK B 2877 110.72 62.53 86.84
C UNK B 2877 111.13 63.29 85.59
N UNK B 2878 111.28 62.56 84.48
CA UNK B 2878 111.63 63.16 83.20
C UNK B 2878 110.42 63.90 82.62
N UNK B 2879 109.23 63.42 82.95
CA UNK B 2879 107.99 64.05 82.49
C UNK B 2879 107.50 65.07 83.51
N UNK B 2880 108.18 65.12 84.65
CA UNK B 2880 107.84 66.10 85.69
C UNK B 2880 108.29 67.50 85.26
N UNK B 2881 109.26 67.54 84.37
CA UNK B 2881 109.73 68.80 83.79
C UNK B 2881 108.66 69.40 82.89
N UNK B 2882 108.00 68.54 82.13
CA UNK B 2882 106.90 68.96 81.28
C UNK B 2882 105.67 69.26 82.13
N UNK B 2883 105.56 68.57 83.25
CA UNK B 2883 104.48 68.79 84.20
C UNK B 2883 104.68 70.14 84.91
N UNK B 2884 105.94 70.53 85.07
CA UNK B 2884 106.28 71.82 85.63
C UNK B 2884 106.23 72.89 84.53
N UNK B 2885 106.24 72.43 83.28
CA UNK B 2885 106.12 73.32 82.13
C UNK B 2885 104.65 73.66 81.88
N UNK B 2886 103.76 72.94 82.55
CA UNK B 2886 102.34 73.24 82.52
C UNK B 2886 102.09 74.53 83.30
N UNK B 2887 102.84 74.69 84.40
CA UNK B 2887 102.80 75.93 85.18
C UNK B 2887 103.44 77.06 84.38
N UNK B 2888 104.42 76.71 83.56
CA UNK B 2888 105.03 77.66 82.64
C UNK B 2888 104.04 78.02 81.53
N UNK B 2889 103.25 77.04 81.12
CA UNK B 2889 102.21 77.25 80.13
C UNK B 2889 101.06 78.04 80.73
N UNK B 2890 100.83 77.83 82.03
CA UNK B 2890 99.81 78.57 82.75
C UNK B 2890 100.27 80.00 82.99
N UNK B 2891 101.59 80.19 83.04
CA UNK B 2891 102.19 81.51 83.21
C UNK B 2891 102.02 82.34 81.94
N UNK B 2892 102.03 81.67 80.80
CA UNK B 2892 101.76 82.33 79.53
C UNK B 2892 100.26 82.54 79.37
N UNK B 2893 99.49 81.67 80.01
CA UNK B 2893 98.04 81.75 79.96
C UNK B 2893 97.52 82.82 80.92
N UNK B 2894 98.26 83.05 82.00
CA UNK B 2894 97.90 84.08 82.97
C UNK B 2894 98.21 85.47 82.40
N UNK B 2895 99.17 85.52 81.49
CA UNK B 2895 99.54 86.77 80.82
C UNK B 2895 98.66 87.01 79.60
N UNK B 2896 97.89 85.99 79.23
CA UNK B 2896 96.97 86.10 78.11
C UNK B 2896 95.70 86.84 78.52
N UNK B 2897 105.83 74.71 73.62
CA UNK B 2897 105.13 74.50 74.87
C UNK B 2897 103.64 74.72 74.71
N UNK B 2898 103.13 74.34 73.54
CA UNK B 2898 101.70 74.43 73.26
C UNK B 2898 101.25 73.14 72.57
N UNK B 2899 102.18 72.50 71.88
CA UNK B 2899 101.90 71.23 71.23
C UNK B 2899 101.97 70.10 72.24
N UNK B 2900 102.67 70.34 73.35
CA UNK B 2900 102.74 69.38 74.45
C UNK B 2900 101.78 69.79 75.57
N UNK B 2901 100.83 70.65 75.24
CA UNK B 2901 99.83 71.10 76.20
C UNK B 2901 98.53 70.33 75.99
N UNK B 2902 98.46 69.59 74.89
CA UNK B 2902 97.27 68.85 74.54
C UNK B 2902 97.48 67.35 74.69
N UNK B 2903 98.44 66.82 73.93
CA UNK B 2903 98.69 65.38 73.87
C UNK B 2903 99.24 64.82 75.17
N UNK B 2904 100.13 65.57 75.81
CA UNK B 2904 100.72 65.16 77.08
C UNK B 2904 99.69 65.28 78.21
N UNK B 2905 98.78 66.23 78.08
CA UNK B 2905 97.73 66.44 79.06
C UNK B 2905 96.69 65.33 78.97
N UNK B 2906 96.55 64.76 77.78
CA UNK B 2906 95.61 63.68 77.55
C UNK B 2906 96.19 62.35 78.02
N UNK B 2907 97.50 62.16 77.79
CA UNK B 2907 98.17 60.92 78.15
C UNK B 2907 98.43 60.84 79.65
N UNK B 2908 98.37 61.99 80.32
CA UNK B 2908 98.50 62.03 81.77
C UNK B 2908 97.24 61.48 82.42
N UNK B 2909 96.10 61.83 81.84
CA UNK B 2909 94.81 61.35 82.33
C UNK B 2909 94.65 59.86 82.03
N UNK B 2910 95.28 59.41 80.95
CA UNK B 2910 95.27 58.01 80.59
C UNK B 2910 96.18 57.19 81.50
N UNK B 2911 97.27 57.82 81.93
CA UNK B 2911 98.24 57.16 82.80
C UNK B 2911 97.77 57.18 84.26
N UNK B 2912 96.99 58.20 84.61
CA UNK B 2912 96.44 58.31 85.95
C UNK B 2912 95.29 57.32 86.13
N UNK B 2913 94.66 56.97 85.01
CA UNK B 2913 93.59 55.98 85.02
C UNK B 2913 94.17 54.59 84.77
N UNK B 2914 95.47 54.55 84.48
CA UNK B 2914 96.17 53.29 84.25
C UNK B 2914 96.63 52.68 85.57
N UNK B 2915 96.45 53.42 86.65
CA UNK B 2915 96.83 52.95 87.99
C UNK B 2915 95.65 52.31 88.69
N UNK B 2916 94.82 51.59 87.94
CA UNK B 2916 93.66 50.91 88.49
C UNK B 2916 93.99 49.47 88.83
N UNK B 2917 95.27 49.11 88.66
CA UNK B 2917 95.74 47.77 88.98
C UNK B 2917 97.18 47.85 89.48
N UNK B 2918 97.98 48.67 88.80
CA UNK B 2918 99.37 48.85 89.19
C UNK B 2918 99.53 50.09 90.06
N UNK B 2919 100.64 50.15 90.79
CA UNK B 2919 100.94 51.28 91.65
C UNK B 2919 102.46 51.39 91.82
N UNK B 2920 102.89 52.38 92.60
CA UNK B 2920 104.31 52.57 92.86
C UNK B 2920 104.54 53.05 94.28
N UNK B 2921 105.74 53.54 94.56
CA UNK B 2921 106.08 54.04 95.88
C UNK B 2921 106.15 55.56 95.87
N UNK B 2922 106.00 56.13 94.66
CA UNK B 2922 106.12 57.57 94.38
C UNK B 2922 107.45 58.12 94.89
N UNK B 2923 108.52 57.41 94.58
CA UNK B 2923 109.87 57.81 94.96
C UNK B 2923 110.28 59.06 94.19
N UNK B 2924 110.31 60.19 94.92
CA UNK B 2924 110.60 61.53 94.38
C UNK B 2924 109.67 61.91 93.22
N UNK B 2925 108.42 61.47 93.32
CA UNK B 2925 107.43 61.75 92.28
C UNK B 2925 106.14 62.24 92.91
N UNK B 2926 106.00 61.99 94.22
CA UNK B 2926 104.85 62.46 94.98
C UNK B 2926 104.92 63.98 95.12
N UNK B 2927 106.13 64.50 95.28
CA UNK B 2927 106.34 65.93 95.39
C UNK B 2927 106.27 66.58 94.01
N UNK B 2928 106.72 65.85 93.00
CA UNK B 2928 106.70 66.33 91.62
C UNK B 2928 105.27 66.43 91.11
N UNK B 2929 104.43 65.53 91.57
CA UNK B 2929 103.01 65.54 91.24
C UNK B 2929 102.32 66.66 92.02
N UNK B 2930 102.73 66.84 93.27
CA UNK B 2930 102.14 67.85 94.15
C UNK B 2930 102.42 69.27 93.68
N UNK B 2931 103.57 69.45 93.02
CA UNK B 2931 103.92 70.74 92.44
C UNK B 2931 103.00 71.03 91.26
N UNK B 2932 102.73 69.98 90.48
CA UNK B 2932 101.80 70.10 89.37
C UNK B 2932 100.37 70.19 89.88
N UNK B 2933 100.11 69.55 91.03
CA UNK B 2933 98.79 69.58 91.65
C UNK B 2933 98.49 70.95 92.24
N UNK B 2934 99.52 71.59 92.79
CA UNK B 2934 99.37 72.94 93.33
C UNK B 2934 99.28 73.95 92.19
N UNK B 2935 99.92 73.63 91.06
CA UNK B 2935 99.86 74.48 89.89
C UNK B 2935 98.48 74.40 89.24
N UNK B 2936 97.86 73.23 89.35
CA UNK B 2936 96.53 73.02 88.78
C UNK B 2936 95.45 73.55 89.71
N UNK B 2937 95.68 73.48 91.01
CA UNK B 2937 94.73 73.97 91.99
C UNK B 2937 94.72 75.50 92.02
N UNK B 2938 95.82 76.11 91.63
CA UNK B 2938 95.93 77.56 91.59
C UNK B 2938 95.36 78.12 90.29
N UNK B 2939 95.38 77.31 89.24
CA UNK B 2939 94.89 77.75 87.94
C UNK B 2939 93.41 77.39 87.76
N UNK B 2940 92.77 76.93 88.84
CA UNK B 2940 91.36 76.59 88.81
C UNK B 2940 90.49 77.85 88.72
N UNK B 2941 91.00 78.94 89.29
CA UNK B 2941 90.28 80.21 89.27
C UNK B 2941 91.06 81.25 88.48
N UNK B 2942 91.91 80.80 87.56
CA UNK B 2942 92.67 81.71 86.71
C UNK B 2942 91.78 82.25 85.60
N UNK B 2943 91.57 83.56 85.61
CA UNK B 2943 90.70 84.21 84.63
C UNK B 2943 91.39 84.35 83.28
N UNK B 2944 90.60 84.65 82.25
CA UNK B 2944 91.03 84.84 80.86
C UNK B 2944 91.81 83.65 80.29
N UNK B 2945 91.41 82.45 80.71
CA UNK B 2945 92.05 81.22 80.23
C UNK B 2945 90.99 80.17 79.95
N UNK B 2946 90.08 80.47 79.04
CA UNK B 2946 89.02 79.55 78.67
C UNK B 2946 89.51 78.54 77.62
N UNK B 2947 88.69 78.34 76.58
CA UNK B 2947 88.92 77.38 75.49
C UNK B 2947 89.19 75.97 76.00
N UNK B 2948 88.12 75.31 76.45
CA UNK B 2948 88.12 73.94 76.98
C UNK B 2948 89.07 73.74 78.15
N UNK B 2949 88.56 73.93 79.36
CA UNK B 2949 89.33 73.70 80.57
C UNK B 2949 89.10 72.29 81.10
N UNK B 2950 89.25 71.31 80.22
CA UNK B 2950 88.96 69.91 80.57
C UNK B 2950 90.22 69.16 80.99
N UNK B 2951 91.12 69.85 81.67
CA UNK B 2951 92.33 69.22 82.20
C UNK B 2951 92.10 68.82 83.65
N UNK B 2952 90.88 69.01 84.12
CA UNK B 2952 90.50 68.66 85.50
C UNK B 2952 90.40 67.14 85.65
N UNK B 2953 90.15 66.45 84.54
CA UNK B 2953 90.04 64.99 84.53
C UNK B 2953 91.40 64.33 84.68
N UNK B 2954 92.46 65.08 84.36
CA UNK B 2954 93.82 64.59 84.51
C UNK B 2954 94.20 64.52 85.98
N UNK B 2955 93.58 65.37 86.79
CA UNK B 2955 93.82 65.41 88.22
C UNK B 2955 92.80 64.56 88.97
N UNK B 2956 91.62 64.42 88.39
CA UNK B 2956 90.55 63.62 88.98
C UNK B 2956 90.89 62.14 88.92
N UNK B 2957 91.55 61.74 87.84
CA UNK B 2957 92.00 60.37 87.68
C UNK B 2957 93.27 60.15 88.49
N UNK B 2958 93.96 61.26 88.79
CA UNK B 2958 95.17 61.21 89.62
C UNK B 2958 94.83 61.50 91.07
N UNK B 2959 93.53 61.66 91.36
CA UNK B 2959 93.07 61.86 92.73
C UNK B 2959 92.97 60.51 93.45
N UNK B 2960 92.98 59.43 92.67
CA UNK B 2960 92.95 58.09 93.22
C UNK B 2960 94.35 57.50 93.25
N UNK B 2961 95.32 58.27 93.73
CA UNK B 2961 96.71 57.83 93.80
C UNK B 2961 96.98 57.20 95.16
N UNK B 2962 98.05 57.64 95.81
CA UNK B 2962 98.42 57.14 97.13
C UNK B 2962 97.57 57.80 98.21
N UNK B 2963 98.05 58.95 98.70
CA UNK B 2963 97.32 59.72 99.72
C UNK B 2963 97.69 61.19 99.63
N UNK B 2964 100.26 74.38 99.81
CA UNK B 2964 101.02 73.34 100.49
C UNK B 2964 100.81 73.42 101.99
N UNK B 2965 100.05 72.47 102.53
CA UNK B 2965 99.79 72.43 103.96
C UNK B 2965 100.99 71.88 104.72
N UNK B 2966 101.05 70.56 104.85
CA UNK B 2966 102.13 69.90 105.59
C UNK B 2966 103.21 69.39 104.64
N UNK B 2967 103.41 70.10 103.54
CA UNK B 2967 104.41 69.70 102.55
C UNK B 2967 105.74 70.39 102.79
N UNK B 2968 105.78 71.24 103.82
CA UNK B 2968 107.01 71.96 104.16
C UNK B 2968 107.85 71.17 105.15
N UNK B 2969 107.22 70.19 105.80
CA UNK B 2969 107.92 69.36 106.77
C UNK B 2969 108.31 68.02 106.15
N UNK B 2970 108.44 68.02 104.82
CA UNK B 2970 108.80 66.82 104.08
C UNK B 2970 109.67 67.17 102.88
N UNK B 2971 109.99 68.45 102.76
CA UNK B 2971 110.77 68.95 101.63
C UNK B 2971 112.23 68.51 101.73
N UNK B 2972 113.04 69.30 102.42
CA UNK B 2972 114.46 68.98 102.59
C UNK B 2972 114.66 68.05 103.78
N UNK B 2973 113.61 67.86 104.56
CA UNK B 2973 113.66 66.97 105.73
C UNK B 2973 113.77 65.52 105.28
N UNK B 2974 112.98 65.15 104.29
CA UNK B 2974 113.03 63.81 103.73
C UNK B 2974 114.21 63.65 102.78
N UNK B 2975 114.70 64.79 102.28
CA UNK B 2975 115.86 64.78 101.39
C UNK B 2975 117.14 64.50 102.15
N UNK B 2976 117.19 64.95 103.40
CA UNK B 2976 118.37 64.77 104.24
C UNK B 2976 118.28 63.46 105.01
N UNK B 2977 117.30 63.37 105.90
CA UNK B 2977 117.11 62.18 106.72
C UNK B 2977 116.36 61.11 105.94
N UNK B 2978 108.79 57.34 104.26
CA UNK B 2978 108.27 58.59 103.72
C UNK B 2978 107.88 59.54 104.85
N UNK B 2979 108.14 60.83 104.65
CA UNK B 2979 107.80 61.84 105.64
C UNK B 2979 106.33 62.22 105.52
N UNK B 2980 105.46 61.32 105.99
CA UNK B 2980 104.03 61.55 105.96
C UNK B 2980 103.38 60.79 107.11
N UNK B 2981 102.27 61.31 107.62
CA UNK B 2981 101.58 60.69 108.76
C UNK B 2981 100.09 60.54 108.51
N UNK B 2982 99.30 60.84 109.53
CA UNK B 2982 97.84 60.72 109.45
C UNK B 2982 97.19 62.05 109.11
N UNK B 2983 98.00 63.00 108.66
CA UNK B 2983 97.50 64.32 108.29
C UNK B 2983 98.26 64.87 107.08
N UNK B 2984 98.37 64.05 106.04
CA UNK B 2984 99.06 64.45 104.82
C UNK B 2984 98.11 65.16 103.87
N UNK B 2985 97.31 64.39 103.15
CA UNK B 2985 96.31 64.96 102.26
C UNK B 2985 94.96 64.97 102.96
N UNK B 2986 94.92 64.36 104.15
CA UNK B 2986 93.71 64.31 104.95
C UNK B 2986 93.54 65.59 105.77
N UNK B 2987 94.64 66.33 105.90
CA UNK B 2987 94.62 67.59 106.64
C UNK B 2987 93.93 68.68 105.82
N UNK B 2988 94.04 68.57 104.50
CA UNK B 2988 93.41 69.53 103.59
C UNK B 2988 92.07 69.00 103.09
N UNK B 2989 91.67 67.84 103.59
CA UNK B 2989 90.40 67.22 103.21
C UNK B 2989 89.24 67.93 103.91
N UNK B 2990 89.45 68.32 105.16
CA UNK B 2990 88.45 69.02 105.94
C UNK B 2990 88.27 70.45 105.44
N UNK B 2991 89.34 71.01 104.88
CA UNK B 2991 89.30 72.34 104.29
C UNK B 2991 88.52 72.29 102.98
N UNK B 2992 88.55 71.14 102.33
CA UNK B 2992 87.78 70.92 101.11
C UNK B 2992 86.31 70.68 101.46
N UNK B 2993 86.06 70.18 102.66
CA UNK B 2993 84.72 69.92 103.15
C UNK B 2993 84.00 71.24 103.43
N UNK B 2994 84.74 72.21 103.94
CA UNK B 2994 84.20 73.54 104.19
C UNK B 2994 84.01 74.29 102.86
N UNK B 2995 84.86 73.96 101.89
CA UNK B 2995 84.78 74.57 100.57
C UNK B 2995 83.59 74.02 99.79
N UNK B 2996 83.22 72.78 100.09
CA UNK B 2996 82.06 72.16 99.45
C UNK B 2996 80.78 72.60 100.16
N UNK B 2997 80.92 73.07 101.39
CA UNK B 2997 79.78 73.51 102.19
C UNK B 2997 79.27 74.87 101.73
N UNK B 2998 80.10 75.59 100.99
CA UNK B 2998 79.74 76.91 100.48
C UNK B 2998 78.69 76.81 99.38
N UNK B 2999 78.96 75.94 98.40
CA UNK B 2999 78.06 75.78 97.26
C UNK B 2999 76.91 74.82 97.58
N UNK B 3000 76.96 74.20 98.75
CA UNK B 3000 75.93 73.27 99.19
C UNK B 3000 74.62 73.98 99.48
N UNK B 3001 74.72 75.23 99.93
CA UNK B 3001 73.53 76.02 100.24
C UNK B 3001 73.34 77.11 99.20
N UNK B 3002 74.44 77.62 98.66
CA UNK B 3002 74.38 78.68 97.67
C UNK B 3002 74.10 78.13 96.28
N UNK B 3003 73.06 78.67 95.64
CA UNK B 3003 72.69 78.25 94.30
C UNK B 3003 73.55 78.94 93.26
N UNK B 3004 74.76 78.45 93.08
CA UNK B 3004 75.67 78.97 92.05
C UNK B 3004 75.20 78.52 90.68
N UNK B 3005 74.20 79.22 90.14
CA UNK B 3005 73.62 78.86 88.85
C UNK B 3005 74.55 79.23 87.70
N UNK B 3006 75.43 80.18 87.95
CA UNK B 3006 76.43 80.61 86.97
C UNK B 3006 77.49 79.53 86.80
N UNK B 3007 77.88 79.31 85.55
CA UNK B 3007 78.92 78.32 85.24
C UNK B 3007 80.28 78.88 85.61
N UNK B 3008 80.40 80.21 85.61
CA UNK B 3008 81.63 80.88 85.98
C UNK B 3008 81.84 80.78 87.49
N UNK B 3009 80.75 80.73 88.23
CA UNK B 3009 80.80 80.54 89.67
C UNK B 3009 81.14 79.09 89.99
N UNK B 3010 80.79 78.20 89.06
CA UNK B 3010 81.07 76.77 89.21
C UNK B 3010 82.26 76.36 88.33
N UNK B 3011 83.00 77.36 87.86
CA UNK B 3011 84.18 77.10 87.02
C UNK B 3011 85.36 76.66 87.87
N UNK B 3012 85.35 77.06 89.14
CA UNK B 3012 86.38 76.64 90.08
C UNK B 3012 85.74 75.79 91.18
N UNK B 3013 84.46 75.47 91.00
CA UNK B 3013 83.73 74.69 91.97
C UNK B 3013 83.32 73.33 91.40
N UNK B 3014 82.48 73.34 90.37
CA UNK B 3014 82.01 72.11 89.75
C UNK B 3014 83.10 71.43 88.95
N UNK B 3015 84.01 72.22 88.38
CA UNK B 3015 85.13 71.67 87.62
C UNK B 3015 86.17 71.11 88.56
N UNK B 3016 86.19 71.60 89.80
CA UNK B 3016 87.12 71.11 90.81
C UNK B 3016 86.47 70.05 91.69
N UNK B 3017 85.18 69.84 91.50
CA UNK B 3017 84.45 68.84 92.27
C UNK B 3017 84.73 67.43 91.73
N UNK B 3018 85.22 67.37 90.50
CA UNK B 3018 85.53 66.11 89.84
C UNK B 3018 86.73 65.43 90.49
N UNK B 3019 87.69 66.22 90.93
CA UNK B 3019 88.86 65.69 91.62
C UNK B 3019 88.50 65.33 93.05
N UNK B 3020 87.48 65.99 93.59
CA UNK B 3020 87.03 65.77 94.95
C UNK B 3020 86.01 64.63 95.03
N UNK B 3021 85.73 64.02 93.88
CA UNK B 3021 84.80 62.90 93.83
C UNK B 3021 85.47 61.62 94.32
N UNK B 3022 86.80 61.62 94.35
CA UNK B 3022 87.57 60.46 94.79
C UNK B 3022 87.73 60.43 96.31
N UNK B 3023 86.61 60.46 97.03
CA UNK B 3023 86.64 60.47 98.48
C UNK B 3023 86.94 59.08 99.03
N UNK B 3024 86.25 58.08 98.48
CA UNK B 3024 86.46 56.69 98.90
C UNK B 3024 87.75 56.15 98.30
N UNK B 3025 88.22 56.77 97.22
CA UNK B 3025 89.49 56.41 96.62
C UNK B 3025 90.61 56.94 97.49
N UNK B 3026 90.38 58.09 98.11
CA UNK B 3026 91.32 58.65 99.07
C UNK B 3026 91.23 57.86 100.37
N UNK B 3027 90.04 57.35 100.65
CA UNK B 3027 89.82 56.51 101.83
C UNK B 3027 90.27 55.08 101.54
N UNK B 3028 90.24 54.25 102.58
CA UNK B 3028 90.53 52.83 102.42
C UNK B 3028 89.22 52.08 102.23
N UNK B 3029 88.48 51.93 103.31
CA UNK B 3029 87.16 51.32 103.25
C UNK B 3029 86.11 52.41 103.08
N UNK B 3030 85.03 52.31 103.85
CA UNK B 3030 83.96 53.29 103.81
C UNK B 3030 83.83 53.94 105.18
N UNK B 3031 84.97 54.19 105.81
CA UNK B 3031 85.00 54.79 107.15
C UNK B 3031 84.56 56.25 107.10
N UNK B 3032 85.01 56.96 106.08
CA UNK B 3032 84.63 58.36 105.89
C UNK B 3032 83.67 58.48 104.73
N UNK B 3033 82.72 57.55 104.65
CA UNK B 3033 81.75 57.54 103.56
C UNK B 3033 80.48 58.30 103.93
N UNK B 3034 80.42 58.76 105.17
CA UNK B 3034 79.28 59.55 105.64
C UNK B 3034 79.32 60.94 105.02
N UNK B 3035 80.53 61.42 104.75
CA UNK B 3035 80.72 62.71 104.09
C UNK B 3035 80.44 62.59 102.60
N UNK B 3036 80.69 61.40 102.07
CA UNK B 3036 80.41 61.13 100.66
C UNK B 3036 78.93 60.86 100.45
N UNK B 3037 78.24 60.50 101.53
CA UNK B 3037 76.81 60.21 101.48
C UNK B 3037 75.99 61.49 101.30
N UNK B 3038 76.49 62.59 101.83
CA UNK B 3038 75.82 63.87 101.73
C UNK B 3038 76.29 64.66 100.53
N UNK B 3039 77.35 64.16 99.88
CA UNK B 3039 77.91 64.80 98.70
C UNK B 3039 76.99 64.63 97.49
N UNK B 3040 76.22 63.55 97.50
CA UNK B 3040 75.30 63.23 96.41
C UNK B 3040 74.11 64.16 96.39
N UNK B 3041 73.61 64.50 97.58
CA UNK B 3041 72.44 65.37 97.72
C UNK B 3041 72.78 66.80 97.30
N UNK B 3042 74.02 67.20 97.56
CA UNK B 3042 74.49 68.52 97.16
C UNK B 3042 74.72 68.57 95.65
N UNK B 3043 75.12 67.44 95.09
CA UNK B 3043 75.33 67.33 93.65
C UNK B 3043 73.99 67.25 92.94
N UNK B 3044 72.99 66.71 93.63
CA UNK B 3044 71.63 66.63 93.09
C UNK B 3044 71.00 68.01 93.09
N UNK B 3045 71.35 68.81 94.09
CA UNK B 3045 70.84 70.17 94.20
C UNK B 3045 71.50 71.10 93.17
N UNK B 3046 72.68 70.71 92.70
CA UNK B 3046 73.41 71.46 91.70
C UNK B 3046 72.70 71.39 90.35
N UNK B 3047 72.07 70.26 90.08
CA UNK B 3047 71.29 70.08 88.86
C UNK B 3047 69.85 70.52 89.10
N UNK B 3048 69.50 70.72 90.37
CA UNK B 3048 68.17 71.18 90.74
C UNK B 3048 68.10 72.70 90.82
N UNK B 3049 69.15 73.35 90.33
CA UNK B 3049 69.19 74.81 90.25
C UNK B 3049 68.65 75.26 88.90
N UNK B 3050 68.24 74.28 88.08
CA UNK B 3050 67.69 74.46 86.74
C UNK B 3050 68.65 75.23 85.82
N UNK B 3051 69.52 74.48 85.15
CA UNK B 3051 70.49 75.08 84.24
C UNK B 3051 69.82 75.64 83.00
N UNK B 3052 70.49 76.58 82.34
CA UNK B 3052 69.95 77.21 81.14
C UNK B 3052 70.14 76.32 79.92
N UNK B 3053 70.95 76.77 78.98
CA UNK B 3053 71.25 75.97 77.80
C UNK B 3053 72.38 75.00 78.10
N UNK B 3054 73.55 75.25 77.50
CA UNK B 3054 74.71 74.41 77.73
C UNK B 3054 75.62 75.02 78.79
N UNK B 3055 75.02 75.59 79.83
CA UNK B 3055 75.78 76.17 80.93
C UNK B 3055 76.35 75.06 81.79
N UNK B 3056 75.50 74.11 82.16
CA UNK B 3056 75.92 72.94 82.92
C UNK B 3056 75.66 71.68 82.11
N UNK B 3057 75.01 71.85 80.96
CA UNK B 3057 74.75 70.72 80.06
C UNK B 3057 76.01 70.35 79.31
N UNK B 3058 76.87 71.35 79.08
CA UNK B 3058 78.17 71.11 78.47
C UNK B 3058 79.09 70.49 79.52
N UNK B 3059 78.88 70.88 80.77
CA UNK B 3059 79.62 70.33 81.90
C UNK B 3059 78.85 69.16 82.50
N UNK B 3060 78.48 68.21 81.65
CA UNK B 3060 77.75 67.02 82.10
C UNK B 3060 78.70 65.85 82.26
N UNK B 3061 79.98 66.16 82.46
CA UNK B 3061 81.00 65.14 82.71
C UNK B 3061 81.05 64.80 84.19
N UNK B 3062 80.29 65.55 84.98
CA UNK B 3062 80.16 65.29 86.41
C UNK B 3062 79.20 64.12 86.65
N UNK B 3063 78.38 63.82 85.65
CA UNK B 3063 77.48 62.68 85.70
C UNK B 3063 78.28 61.38 85.59
N UNK B 3064 79.40 61.46 84.90
CA UNK B 3064 80.33 60.34 84.79
C UNK B 3064 81.02 60.11 86.14
N UNK B 3065 81.20 61.20 86.88
CA UNK B 3065 81.73 61.12 88.24
C UNK B 3065 80.62 60.76 89.22
N UNK B 3066 79.38 60.89 88.77
CA UNK B 3066 78.21 60.57 89.60
C UNK B 3066 77.73 59.14 89.36
N UNK B 3067 78.66 58.25 89.03
CA UNK B 3067 78.32 56.85 88.84
C UNK B 3067 78.82 56.02 90.02
N UNK B 3068 79.98 56.39 90.55
CA UNK B 3068 80.57 55.68 91.67
C UNK B 3068 80.16 56.29 93.00
N UNK B 3069 79.68 57.52 92.96
CA UNK B 3069 79.26 58.24 94.16
C UNK B 3069 77.92 57.72 94.68
N UNK B 3070 77.12 57.15 93.78
CA UNK B 3070 75.80 56.65 94.14
C UNK B 3070 75.85 55.16 94.50
N UNK B 3071 77.04 54.65 94.74
CA UNK B 3071 77.21 53.24 95.08
C UNK B 3071 77.01 53.00 96.57
N UNK B 3072 77.90 53.54 97.39
CA UNK B 3072 77.87 53.32 98.83
C UNK B 3072 76.95 54.30 99.56
N UNK B 3073 76.21 55.12 98.80
CA UNK B 3073 75.27 56.06 99.38
C UNK B 3073 74.05 55.34 99.92
N UNK B 3074 73.81 55.50 101.22
CA UNK B 3074 72.64 54.91 101.87
C UNK B 3074 71.39 55.62 101.38
N UNK B 3075 70.64 54.94 100.49
CA UNK B 3075 69.44 55.51 99.89
C UNK B 3075 68.29 55.59 100.89
N UNK B 3076 68.39 54.83 101.97
CA UNK B 3076 67.45 54.95 103.08
C UNK B 3076 67.71 56.27 103.79
N UNK B 3077 68.98 56.64 103.88
CA UNK B 3077 69.37 57.92 104.47
C UNK B 3077 69.25 59.02 103.43
N UNK B 3078 69.27 58.64 102.16
CA UNK B 3078 69.11 59.59 101.07
C UNK B 3078 67.67 59.55 100.53
N UNK B 3079 66.75 59.04 101.36
CA UNK B 3079 65.34 58.94 100.97
C UNK B 3079 64.70 60.30 100.91
N UNK B 3080 65.14 61.21 101.78
CA UNK B 3080 64.69 62.59 101.75
C UNK B 3080 65.25 63.27 100.52
N UNK B 3081 66.47 62.89 100.16
CA UNK B 3081 67.09 63.36 98.92
C UNK B 3081 66.39 62.70 97.74
N UNK B 3082 65.93 61.47 97.94
CA UNK B 3082 65.13 60.79 96.93
C UNK B 3082 63.75 61.41 96.87
N UNK B 3083 63.27 61.91 98.01
CA UNK B 3083 62.02 62.66 98.06
C UNK B 3083 62.22 64.03 97.43
N UNK B 3084 63.45 64.54 97.55
CA UNK B 3084 63.82 65.78 96.89
C UNK B 3084 63.98 65.51 95.39
N UNK B 3085 64.46 64.31 95.07
CA UNK B 3085 64.56 63.88 93.69
C UNK B 3085 63.17 63.57 93.13
N UNK B 3086 62.26 63.16 94.01
CA UNK B 3086 60.87 62.95 93.63
C UNK B 3086 60.20 64.29 93.34
N UNK B 3087 60.60 65.30 94.10
CA UNK B 3087 60.13 66.66 93.87
C UNK B 3087 60.76 67.22 92.60
N UNK B 3088 61.99 66.80 92.34
CA UNK B 3088 62.67 67.15 91.10
C UNK B 3088 62.05 66.38 89.94
N UNK B 3089 61.54 65.20 90.22
CA UNK B 3089 60.81 64.41 89.24
C UNK B 3089 59.43 65.02 89.03
N UNK B 3090 58.89 65.60 90.10
CA UNK B 3090 57.60 66.27 90.04
C UNK B 3090 57.71 67.56 89.24
N UNK B 3091 58.86 68.21 89.37
CA UNK B 3091 59.13 69.43 88.62
C UNK B 3091 59.39 69.10 87.16
N UNK B 3092 60.02 67.95 86.92
CA UNK B 3092 60.34 67.51 85.57
C UNK B 3092 59.08 67.11 84.82
N UNK B 3093 58.16 66.46 85.52
CA UNK B 3093 56.90 66.01 84.93
C UNK B 3093 55.99 67.20 84.66
N UNK B 3094 56.09 68.24 85.48
CA UNK B 3094 55.31 69.44 85.32
C UNK B 3094 55.82 70.28 84.15
N UNK B 3095 57.14 70.40 84.06
CA UNK B 3095 57.77 71.23 83.03
C UNK B 3095 57.64 70.59 81.65
N UNK B 3096 57.64 69.26 81.60
CA UNK B 3096 57.48 68.55 80.34
C UNK B 3096 56.02 68.59 79.89
N UNK B 3097 55.11 68.73 80.85
CA UNK B 3097 53.68 68.80 80.56
C UNK B 3097 53.33 70.11 79.86
N UNK B 3098 54.09 71.15 80.16
CA UNK B 3098 53.91 72.44 79.51
C UNK B 3098 54.41 72.36 78.06
N UNK B 3099 55.49 71.61 77.86
CA UNK B 3099 56.03 71.39 76.53
C UNK B 3099 55.14 70.43 75.76
N UNK B 3100 54.48 69.53 76.49
CA UNK B 3100 53.52 68.60 75.90
C UNK B 3100 52.28 69.37 75.47
N UNK B 3101 51.89 70.35 76.29
CA UNK B 3101 50.75 71.20 75.97
C UNK B 3101 51.11 72.17 74.85
N UNK B 3102 52.40 72.52 74.77
CA UNK B 3102 52.89 73.37 73.69
C UNK B 3102 52.90 72.59 72.39
N UNK B 3103 53.11 71.28 72.49
CA UNK B 3103 53.02 70.40 71.34
C UNK B 3103 51.56 70.09 71.06
N UNK B 3104 50.73 70.19 72.09
CA UNK B 3104 49.29 69.95 71.93
C UNK B 3104 48.59 71.18 71.35
N UNK B 3105 49.26 72.32 71.43
CA UNK B 3105 48.71 73.56 70.89
C UNK B 3105 49.32 73.88 69.53
N UNK B 3106 49.65 72.84 68.78
CA UNK B 3106 50.20 73.01 67.44
C UNK B 3106 49.09 72.94 66.40
N UNK B 3107 48.05 73.75 66.58
CA UNK B 3107 46.92 73.78 65.67
C UNK B 3107 47.06 74.94 64.69
N UNK B 3108 45.94 75.31 64.06
CA UNK B 3108 45.85 76.37 63.04
C UNK B 3108 46.82 76.16 61.88
N UNK B 3109 47.25 77.26 61.27
CA UNK B 3109 48.22 77.21 60.19
C UNK B 3109 49.48 77.96 60.60
N UNK B 3110 49.71 78.02 61.91
CA UNK B 3110 50.89 78.68 62.46
C UNK B 3110 52.12 77.83 62.27
N UNK B 3111 53.17 78.41 61.71
CA UNK B 3111 54.44 77.73 61.54
C UNK B 3111 55.42 78.15 62.64
N UNK B 3112 54.87 78.39 63.83
CA UNK B 3112 55.68 78.82 64.97
C UNK B 3112 55.80 77.69 65.99
N UNK B 3113 55.51 76.47 65.56
CA UNK B 3113 55.62 75.31 66.42
C UNK B 3113 56.97 74.65 66.23
N UNK B 3114 57.65 75.02 65.16
CA UNK B 3114 58.94 74.43 64.82
C UNK B 3114 60.09 75.12 65.54
N UNK B 3115 59.79 76.22 66.22
CA UNK B 3115 60.81 76.97 66.94
C UNK B 3115 60.40 77.21 68.39
N UNK B 3116 59.39 76.46 68.84
CA UNK B 3116 58.88 76.63 70.19
C UNK B 3116 58.78 75.30 70.92
N UNK B 3117 58.21 74.30 70.26
CA UNK B 3117 58.04 72.98 70.85
C UNK B 3117 59.21 72.07 70.48
N UNK B 3118 60.00 72.51 69.51
CA UNK B 3118 61.15 71.75 69.05
C UNK B 3118 62.35 71.93 69.99
N UNK B 3119 62.40 73.08 70.65
CA UNK B 3119 63.49 73.39 71.55
C UNK B 3119 63.16 73.05 72.99
N UNK B 3120 61.87 73.08 73.31
CA UNK B 3120 61.39 72.81 74.67
C UNK B 3120 61.59 71.35 75.05
N UNK B 3121 61.43 70.46 74.07
CA UNK B 3121 61.69 69.04 74.29
C UNK B 3121 63.19 68.81 74.30
N UNK B 3122 63.91 69.62 73.52
CA UNK B 3122 65.36 69.53 73.44
C UNK B 3122 66.01 70.09 74.70
N UNK B 3123 65.29 70.95 75.40
CA UNK B 3123 65.76 71.54 76.64
C UNK B 3123 65.85 70.49 77.74
N UNK B 3124 64.86 69.61 77.78
CA UNK B 3124 64.81 68.56 78.79
C UNK B 3124 65.55 67.31 78.31
N UNK B 3125 66.01 67.34 77.07
CA UNK B 3125 66.69 66.20 76.47
C UNK B 3125 68.08 65.99 77.06
N UNK B 3126 68.78 67.09 77.33
CA UNK B 3126 70.12 67.02 77.90
C UNK B 3126 70.04 67.08 79.43
N UNK B 3127 68.86 67.34 79.94
CA UNK B 3127 68.65 67.43 81.39
C UNK B 3127 68.33 66.06 81.97
N UNK B 3128 67.44 65.32 81.30
CA UNK B 3128 67.02 64.00 81.75
C UNK B 3128 68.08 62.95 81.41
N UNK B 3129 69.01 63.30 80.54
CA UNK B 3129 70.07 62.39 80.12
C UNK B 3129 71.09 62.15 81.23
N UNK B 3130 71.21 63.11 82.14
CA UNK B 3130 72.12 62.99 83.27
C UNK B 3130 71.35 62.63 84.53
N UNK B 3131 70.08 62.99 84.58
CA UNK B 3131 69.24 62.74 85.74
C UNK B 3131 68.92 61.25 85.89
N UNK B 3132 68.52 60.63 84.79
CA UNK B 3132 68.15 59.21 84.80
C UNK B 3132 69.38 58.30 84.82
N UNK B 3133 70.52 58.86 84.43
CA UNK B 3133 71.77 58.11 84.39
C UNK B 3133 72.30 57.84 85.79
N UNK B 3134 71.97 58.74 86.73
CA UNK B 3134 72.35 58.56 88.12
C UNK B 3134 71.22 57.92 88.90
N UNK B 3135 70.00 58.05 88.37
CA UNK B 3135 68.83 57.47 89.01
C UNK B 3135 68.77 55.96 88.79
N UNK B 3136 69.48 55.49 87.77
CA UNK B 3136 69.49 54.07 87.42
C UNK B 3136 70.31 53.26 88.41
N UNK B 3137 71.54 53.70 88.65
CA UNK B 3137 72.46 52.96 89.52
C UNK B 3137 72.06 53.06 90.99
N UNK B 3138 71.32 54.13 91.33
CA UNK B 3138 70.87 54.34 92.70
C UNK B 3138 69.71 53.39 93.05
N UNK B 3139 68.75 53.29 92.14
CA UNK B 3139 67.56 52.47 92.38
C UNK B 3139 67.89 50.98 92.33
N UNK B 3140 68.86 50.63 91.49
CA UNK B 3140 69.28 49.23 91.34
C UNK B 3140 70.09 48.79 92.55
N UNK B 3141 70.73 49.75 93.21
CA UNK B 3141 71.50 49.47 94.41
C UNK B 3141 70.57 49.14 95.57
N UNK B 3142 69.39 49.75 95.57
CA UNK B 3142 68.39 49.50 96.60
C UNK B 3142 67.21 48.74 96.00
N UNK B 3143 67.50 47.63 95.34
CA UNK B 3143 66.48 46.83 94.69
C UNK B 3143 65.68 46.01 95.70
N UNK B 3144 66.36 45.12 96.40
CA UNK B 3144 65.72 44.21 97.36
C UNK B 3144 65.22 44.95 98.60
N UNK B 3145 65.83 46.10 98.89
CA UNK B 3145 65.41 46.92 100.02
C UNK B 3145 64.07 47.57 99.73
N UNK B 3146 63.86 47.98 98.49
CA UNK B 3146 62.62 48.61 98.08
C UNK B 3146 61.61 47.58 97.57
N UNK B 3147 61.97 46.31 97.62
CA UNK B 3147 61.08 45.25 97.18
C UNK B 3147 60.76 44.29 98.33
N UNK B 3148 61.33 44.55 99.50
CA UNK B 3148 61.06 43.74 100.67
C UNK B 3148 59.68 44.08 101.23
N UNK B 3149 59.66 44.84 102.32
CA UNK B 3149 58.42 45.30 102.91
C UNK B 3149 58.18 46.76 102.53
N UNK B 3150 59.25 47.55 102.57
CA UNK B 3150 59.18 48.96 102.23
C UNK B 3150 59.02 49.15 100.73
N UNK B 3151 57.97 49.86 100.34
CA UNK B 3151 57.70 50.12 98.94
C UNK B 3151 57.00 51.46 98.78
N UNK B 3152 56.62 52.05 99.91
CA UNK B 3152 55.92 53.32 99.93
C UNK B 3152 56.83 54.46 99.50
N UNK B 3153 58.12 54.30 99.78
CA UNK B 3153 59.13 55.26 99.34
C UNK B 3153 59.38 55.09 97.84
N UNK B 3154 59.13 53.88 97.35
CA UNK B 3154 59.29 53.58 95.93
C UNK B 3154 57.96 53.72 95.20
N UNK B 3155 56.89 53.98 95.96
CA UNK B 3155 55.55 54.09 95.39
C UNK B 3155 55.39 55.36 94.58
N UNK B 3156 56.08 56.42 94.98
CA UNK B 3156 55.99 57.70 94.30
C UNK B 3156 56.80 57.68 93.01
N UNK B 3157 57.83 56.84 92.97
CA UNK B 3157 58.71 56.77 91.81
C UNK B 3157 58.02 56.09 90.64
N UNK B 3158 57.31 55.01 90.93
CA UNK B 3158 56.59 54.26 89.91
C UNK B 3158 55.35 55.03 89.45
N UNK B 3159 54.78 55.81 90.36
CA UNK B 3159 53.61 56.62 90.05
C UNK B 3159 53.99 57.81 89.18
N UNK B 3160 55.23 58.26 89.28
CA UNK B 3160 55.72 59.38 88.50
C UNK B 3160 56.53 58.91 87.30
N UNK B 3161 56.37 57.64 86.94
CA UNK B 3161 57.07 57.07 85.80
C UNK B 3161 56.19 57.08 84.55
N UNK B 3162 55.32 58.08 84.46
CA UNK B 3162 54.44 58.22 83.30
C UNK B 3162 55.04 59.18 82.29
N UNK B 3163 56.31 59.53 82.49
CA UNK B 3163 57.01 60.42 81.59
C UNK B 3163 57.32 59.72 80.27
N UNK B 3164 57.60 58.43 80.36
CA UNK B 3164 57.88 57.61 79.18
C UNK B 3164 56.62 57.44 78.34
N UNK B 3165 55.47 57.38 79.02
CA UNK B 3165 54.18 57.24 78.36
C UNK B 3165 53.74 58.57 77.74
N UNK B 3166 54.32 59.67 78.22
CA UNK B 3166 53.97 60.99 77.74
C UNK B 3166 54.94 61.47 76.67
N UNK B 3167 56.24 61.28 76.91
CA UNK B 3167 57.25 61.76 75.98
C UNK B 3167 57.60 60.70 74.93
N UNK B 3168 58.24 59.63 75.36
CA UNK B 3168 58.71 58.59 74.45
C UNK B 3168 57.61 57.56 74.13
N UNK B 3169 56.44 58.05 73.76
CA UNK B 3169 55.31 57.20 73.39
C UNK B 3169 54.38 57.99 72.50
N UNK B 3170 53.49 58.76 73.13
CA UNK B 3170 52.56 59.61 72.39
C UNK B 3170 53.23 60.93 72.02
N UNK B 3171 53.05 61.33 70.75
CA UNK B 3171 53.63 62.55 70.16
C UNK B 3171 55.14 62.64 70.35
N UNK B 3172 55.84 61.58 70.01
CA UNK B 3172 57.29 61.53 70.14
C UNK B 3172 57.96 62.02 68.86
N UNK B 3173 57.58 63.21 68.40
CA UNK B 3173 58.19 63.82 67.23
C UNK B 3173 59.40 64.64 67.66
N UNK B 3174 59.21 65.41 68.73
CA UNK B 3174 60.29 66.22 69.28
C UNK B 3174 60.94 65.48 70.45
N UNK B 3175 60.19 64.58 71.06
CA UNK B 3175 60.69 63.79 72.18
C UNK B 3175 61.71 62.76 71.71
N UNK B 3176 61.50 62.22 70.51
CA UNK B 3176 62.43 61.29 69.92
C UNK B 3176 63.30 62.01 68.89
N UNK B 3177 63.35 63.34 68.98
CA UNK B 3177 64.25 64.13 68.16
C UNK B 3177 65.52 64.43 68.95
N UNK B 3178 65.65 63.77 70.09
CA UNK B 3178 66.82 63.89 70.95
C UNK B 3178 67.88 62.87 70.55
N UNK B 3179 67.60 62.13 69.48
CA UNK B 3179 68.55 61.17 68.93
C UNK B 3179 69.77 61.88 68.36
N UNK B 3180 69.53 63.07 67.79
CA UNK B 3180 70.62 63.91 67.31
C UNK B 3180 71.40 64.46 68.50
N UNK B 3181 70.68 64.73 69.58
CA UNK B 3181 71.30 65.16 70.83
C UNK B 3181 72.00 63.98 71.49
N UNK B 3182 71.50 62.78 71.24
CA UNK B 3182 72.14 61.56 71.73
C UNK B 3182 73.38 61.26 70.89
N UNK B 3183 73.31 61.57 69.60
CA UNK B 3183 74.43 61.35 68.69
C UNK B 3183 75.48 62.44 68.84
N UNK B 3184 75.07 63.58 69.42
CA UNK B 3184 75.98 64.69 69.66
C UNK B 3184 77.01 64.33 70.72
N UNK B 3185 76.52 64.04 71.92
CA UNK B 3185 77.39 63.64 73.02
C UNK B 3185 77.83 62.19 72.84
N UNK B 3186 67.92 51.87 68.55
CA UNK B 3186 67.87 51.13 69.80
C UNK B 3186 67.12 51.91 70.87
N UNK B 3187 67.03 51.33 72.07
CA UNK B 3187 66.38 51.99 73.19
C UNK B 3187 67.27 53.13 73.71
N UNK B 3188 66.65 54.10 74.36
CA UNK B 3188 67.41 55.27 74.83
C UNK B 3188 66.84 55.85 76.11
N UNK B 3189 67.37 55.39 77.25
CA UNK B 3189 67.13 55.94 78.59
C UNK B 3189 65.66 55.99 79.02
N UNK B 3190 64.92 56.93 78.45
CA UNK B 3190 63.52 57.17 78.82
C UNK B 3190 62.63 55.99 78.45
N UNK B 3191 62.98 55.31 77.36
CA UNK B 3191 62.26 54.11 76.96
C UNK B 3191 62.64 52.94 77.87
N UNK B 3192 63.85 52.99 78.40
CA UNK B 3192 64.35 51.93 79.26
C UNK B 3192 64.25 52.28 80.74
N UNK B 3193 63.61 53.41 81.03
CA UNK B 3193 63.49 53.90 82.40
C UNK B 3193 62.52 53.05 83.23
N UNK B 3194 61.37 52.75 82.64
CA UNK B 3194 60.35 51.98 83.34
C UNK B 3194 60.71 50.49 83.39
N UNK B 3195 61.63 50.09 82.52
CA UNK B 3195 62.03 48.69 82.41
C UNK B 3195 62.80 48.21 83.65
N UNK B 3196 63.54 49.12 84.27
CA UNK B 3196 64.29 48.80 85.48
C UNK B 3196 63.52 49.20 86.73
N UNK B 3197 62.21 49.36 86.58
CA UNK B 3197 61.36 49.77 87.70
C UNK B 3197 60.00 49.09 87.64
N UNK B 3198 59.78 48.27 86.62
CA UNK B 3198 58.48 47.63 86.42
C UNK B 3198 58.25 46.48 87.38
N UNK B 3199 59.33 45.93 87.93
CA UNK B 3199 59.24 44.81 88.85
C UNK B 3199 58.63 45.23 90.19
N UNK B 3200 59.12 46.33 90.74
CA UNK B 3200 58.65 46.83 92.02
C UNK B 3200 57.33 47.59 91.88
N UNK B 3201 57.04 48.03 90.65
CA UNK B 3201 55.81 48.78 90.37
C UNK B 3201 54.61 47.86 90.45
N UNK B 3202 54.78 46.63 89.97
CA UNK B 3202 53.69 45.65 89.97
C UNK B 3202 53.75 44.78 91.22
N UNK B 3203 54.80 44.96 92.01
CA UNK B 3203 54.99 44.17 93.23
C UNK B 3203 53.98 44.57 94.30
N UNK B 3204 53.77 45.87 94.45
CA UNK B 3204 52.85 46.38 95.45
C UNK B 3204 51.54 46.82 94.81
N UNK B 3205 51.36 46.48 93.54
CA UNK B 3205 50.12 46.78 92.83
C UNK B 3205 48.99 45.91 93.36
N UNK B 3206 49.29 44.63 93.56
CA UNK B 3206 48.34 43.69 94.11
C UNK B 3206 49.05 42.51 94.77
N UNK B 3207 48.31 41.77 95.59
CA UNK B 3207 48.83 40.55 96.20
C UNK B 3207 48.27 39.34 95.44
N UNK B 3208 48.36 39.42 94.11
CA UNK B 3208 47.74 38.49 93.15
C UNK B 3208 46.23 38.34 93.40
N UNK B 3209 45.68 37.21 92.96
CA UNK B 3209 44.28 36.81 93.17
C UNK B 3209 43.25 37.84 92.72
N UNK B 3210 43.56 38.57 91.65
CA UNK B 3210 42.68 39.60 91.12
C UNK B 3210 43.02 39.87 89.67
N UNK B 3211 44.29 40.23 89.43
CA UNK B 3211 44.85 40.54 88.12
C UNK B 3211 44.05 41.62 87.39
N UNK B 3212 43.21 41.18 86.44
CA UNK B 3212 42.30 42.02 85.66
C UNK B 3212 42.97 43.17 84.90
N UNK B 3213 44.25 42.99 84.59
CA UNK B 3213 44.98 43.99 83.81
C UNK B 3213 44.67 43.76 82.35
N UNK B 3214 44.38 42.50 82.04
CA UNK B 3214 43.95 42.12 80.70
C UNK B 3214 42.49 42.50 80.50
N UNK B 3215 41.78 42.66 81.62
CA UNK B 3215 40.40 43.12 81.60
C UNK B 3215 40.35 44.61 81.25
N UNK B 3216 41.42 45.33 81.59
CA UNK B 3216 41.51 46.75 81.31
C UNK B 3216 42.52 47.03 80.21
N UNK B 3217 43.06 45.98 79.60
CA UNK B 3217 44.02 46.14 78.52
C UNK B 3217 43.33 46.58 77.24
N UNK B 3218 42.29 45.84 76.85
CA UNK B 3218 41.56 46.11 75.61
C UNK B 3218 40.71 47.37 75.74
N UNK B 3219 40.34 47.72 76.96
CA UNK B 3219 39.63 48.97 77.23
C UNK B 3219 40.57 50.15 77.03
N UNK B 3220 41.86 49.92 77.29
CA UNK B 3220 42.87 50.95 77.14
C UNK B 3220 43.62 50.80 75.82
N UNK B 3221 43.39 49.69 75.12
CA UNK B 3221 44.02 49.48 73.81
C UNK B 3221 43.38 50.35 72.75
N UNK B 3222 42.11 50.67 72.96
CA UNK B 3222 41.37 51.54 72.05
C UNK B 3222 41.60 53.01 72.40
N UNK B 3223 42.32 53.23 73.52
CA UNK B 3223 42.67 54.54 74.07
C UNK B 3223 41.45 55.40 74.34
N UNK B 3224 40.39 54.77 74.84
CA UNK B 3224 39.18 55.49 75.22
C UNK B 3224 39.38 56.18 76.56
N UNK B 3225 40.04 57.34 76.52
CA UNK B 3225 40.39 58.16 77.68
C UNK B 3225 41.18 57.43 78.77
N UNK B 3226 41.20 58.02 79.96
CA UNK B 3226 41.85 57.40 81.11
C UNK B 3226 40.84 57.34 82.25
N UNK B 3227 39.96 58.33 82.28
CA UNK B 3227 38.87 58.37 83.24
C UNK B 3227 37.81 57.36 82.84
N UNK B 3228 37.62 57.19 81.53
CA UNK B 3228 36.68 56.22 81.00
C UNK B 3228 37.23 54.81 81.19
N UNK B 3229 38.55 54.70 81.24
CA UNK B 3229 39.21 53.46 81.61
C UNK B 3229 38.99 53.20 83.10
N UNK B 3230 38.97 54.28 83.87
CA UNK B 3230 38.69 54.19 85.30
C UNK B 3230 37.19 53.99 85.52
N UNK B 3231 36.38 54.55 84.62
CA UNK B 3231 34.94 54.37 84.68
C UNK B 3231 34.57 52.95 84.27
N UNK B 3232 35.40 52.35 83.42
CA UNK B 3232 35.22 50.95 83.05
C UNK B 3232 35.54 50.05 84.23
N UNK B 3233 36.48 50.50 85.05
CA UNK B 3233 36.86 49.78 86.26
C UNK B 3233 35.79 49.92 87.33
N UNK B 3234 35.23 51.13 87.44
CA UNK B 3234 34.20 51.41 88.42
C UNK B 3234 32.86 50.81 88.01
N UNK B 3235 32.39 51.17 86.81
CA UNK B 3235 31.14 50.67 86.29
C UNK B 3235 31.37 49.40 85.46
N UNK B 3236 32.62 49.00 85.34
CA UNK B 3236 32.97 47.76 84.66
C UNK B 3236 33.08 46.63 85.68
N UNK B 3237 32.80 46.96 86.93
CA UNK B 3237 32.80 46.04 88.09
C UNK B 3237 34.12 45.31 88.29
N UNK B 3238 34.06 44.22 89.04
CA UNK B 3238 35.26 43.43 89.34
C UNK B 3238 34.92 41.98 89.60
N UNK B 3239 35.88 41.11 89.32
CA UNK B 3239 35.71 39.68 89.56
C UNK B 3239 37.05 39.00 89.74
N UNK B 3240 37.12 38.07 90.69
CA UNK B 3240 38.33 37.33 91.00
C UNK B 3240 37.98 36.04 91.74
N UNK B 3241 38.32 34.90 91.16
CA UNK B 3241 37.99 33.61 91.76
C UNK B 3241 39.23 32.81 92.13
N UNK B 3242 39.02 31.56 92.53
CA UNK B 3242 40.12 30.69 92.95
C UNK B 3242 40.42 29.63 91.90
N UNK B 3243 41.72 29.37 91.69
CA UNK B 3243 42.16 28.40 90.71
C UNK B 3243 43.34 27.59 91.22
N UNK B 3244 44.11 27.03 90.30
CA UNK B 3244 45.28 26.24 90.66
C UNK B 3244 46.51 27.14 90.76
N UNK B 3245 46.40 28.35 90.21
CA UNK B 3245 47.48 29.33 90.28
C UNK B 3245 47.31 30.19 91.52
N UNK B 3246 46.18 30.02 92.19
CA UNK B 3246 45.89 30.75 93.42
C UNK B 3246 46.79 30.27 94.56
N UNK B 3247 47.14 28.98 94.51
CA UNK B 3247 48.02 28.40 95.52
C UNK B 3247 49.47 28.49 95.08
N UNK B 3248 49.69 29.07 93.90
CA UNK B 3248 51.04 29.19 93.35
C UNK B 3248 51.59 30.60 93.50
N UNK B 3249 50.75 31.59 93.24
CA UNK B 3249 51.16 32.99 93.29
C UNK B 3249 50.55 33.73 94.48
N UNK B 3250 49.25 33.54 94.69
CA UNK B 3250 48.52 34.27 95.73
C UNK B 3250 48.69 33.65 97.11
N UNK B 3251 49.37 32.50 97.17
CA UNK B 3251 49.61 31.83 98.44
C UNK B 3251 50.84 32.39 99.16
N UNK B 3252 51.53 33.31 98.51
CA UNK B 3252 52.73 33.92 99.07
C UNK B 3252 52.67 35.43 98.94
N UNK B 3253 51.98 35.91 97.92
CA UNK B 3253 51.81 37.35 97.70
C UNK B 3253 50.91 37.95 98.77
N UNK B 3254 49.98 37.13 99.27
CA UNK B 3254 49.10 37.54 100.36
C UNK B 3254 49.80 37.34 101.71
N UNK B 3255 50.94 36.68 101.70
CA UNK B 3255 51.70 36.43 102.92
C UNK B 3255 52.88 37.40 103.04
N UNK B 3256 53.36 37.89 101.91
CA UNK B 3256 54.48 38.83 101.90
C UNK B 3256 53.98 40.27 102.00
N UNK B 3257 52.67 40.44 101.91
CA UNK B 3257 52.05 41.76 101.98
C UNK B 3257 52.11 42.31 103.39
N UNK B 3258 51.21 41.80 104.25
CA UNK B 3258 51.05 42.21 105.65
C UNK B 3258 50.83 43.72 105.78
N UNK B 3259 49.97 44.26 104.93
CA UNK B 3259 49.71 45.69 104.91
C UNK B 3259 48.21 45.98 104.93
N UNK B 3260 47.83 47.13 104.38
CA UNK B 3260 46.45 47.57 104.38
C UNK B 3260 45.69 47.06 103.15
N UNK B 3261 44.43 47.45 103.05
CA UNK B 3261 43.58 47.05 101.95
C UNK B 3261 42.52 48.12 101.66
N UNK B 3262 42.26 48.35 100.39
CA UNK B 3262 41.26 49.34 99.99
C UNK B 3262 40.47 48.87 98.77
N UNK B 3263 39.28 49.43 98.60
CA UNK B 3263 38.44 49.11 97.46
C UNK B 3263 38.54 50.20 96.40
N UNK B 3264 38.92 51.39 96.83
CA UNK B 3264 39.09 52.51 95.92
C UNK B 3264 40.41 52.39 95.17
N UNK B 3265 41.38 51.74 95.80
CA UNK B 3265 42.69 51.52 95.20
C UNK B 3265 42.69 50.26 94.34
N UNK B 3266 41.58 49.53 94.38
CA UNK B 3266 41.41 48.34 93.56
C UNK B 3266 41.24 48.74 92.08
N UNK B 3267 40.62 49.89 91.86
CA UNK B 3267 40.42 50.40 90.52
C UNK B 3267 41.46 51.47 90.19
N UNK B 3268 42.08 52.02 91.23
CA UNK B 3268 43.06 53.09 91.05
C UNK B 3268 44.44 52.56 90.67
N UNK B 3269 44.93 51.58 91.43
CA UNK B 3269 46.25 51.01 91.18
C UNK B 3269 46.26 50.13 89.95
N UNK B 3270 45.10 49.54 89.63
CA UNK B 3270 44.98 48.66 88.48
C UNK B 3270 44.99 49.43 87.18
N UNK B 3271 44.14 50.46 87.08
CA UNK B 3271 44.01 51.25 85.86
C UNK B 3271 45.23 52.12 85.60
N UNK B 3272 46.00 52.39 86.65
CA UNK B 3272 47.24 53.15 86.52
C UNK B 3272 48.29 52.33 85.79
N UNK B 3273 48.33 51.03 86.08
CA UNK B 3273 49.34 50.16 85.50
C UNK B 3273 48.81 49.38 84.29
N UNK B 3274 47.51 49.47 84.04
CA UNK B 3274 46.89 48.78 82.92
C UNK B 3274 47.29 49.41 81.59
N UNK B 3275 46.95 50.69 81.43
CA UNK B 3275 47.24 51.42 80.21
C UNK B 3275 48.74 51.71 80.08
N UNK B 3276 49.42 51.77 81.22
CA UNK B 3276 50.87 51.99 81.25
C UNK B 3276 51.60 50.81 80.64
N UNK B 3277 51.14 49.61 80.96
CA UNK B 3277 51.70 48.39 80.39
C UNK B 3277 51.22 48.23 78.96
N UNK B 3278 49.98 48.64 78.70
CA UNK B 3278 49.37 48.50 77.38
C UNK B 3278 50.05 49.38 76.35
N UNK B 3279 50.44 50.58 76.77
CA UNK B 3279 51.17 51.50 75.90
C UNK B 3279 52.60 50.99 75.71
N UNK B 3280 53.13 50.38 76.77
CA UNK B 3280 54.49 49.83 76.74
C UNK B 3280 54.55 48.60 75.85
N UNK B 3281 53.50 47.79 75.90
CA UNK B 3281 53.40 46.60 75.07
C UNK B 3281 53.14 46.98 73.62
N UNK B 3282 52.52 48.13 73.43
CA UNK B 3282 52.26 48.66 72.09
C UNK B 3282 53.57 49.10 71.44
N UNK B 3283 54.51 49.54 72.26
CA UNK B 3283 55.83 49.93 71.78
C UNK B 3283 56.86 48.84 72.10
N UNK B 3284 56.38 47.60 72.17
CA UNK B 3284 57.26 46.46 72.43
C UNK B 3284 57.34 45.58 71.20
N UNK B 3285 56.18 45.15 70.71
CA UNK B 3285 56.11 44.28 69.53
C UNK B 3285 56.24 45.10 68.25
N UNK B 3286 55.88 46.37 68.32
CA UNK B 3286 56.00 47.26 67.18
C UNK B 3286 57.43 47.81 67.09
N UNK B 3287 58.14 47.75 68.21
CA UNK B 3287 59.53 48.18 68.25
C UNK B 3287 60.41 47.17 67.53
N UNK B 3288 60.03 45.90 67.64
CA UNK B 3288 60.77 44.82 67.00
C UNK B 3288 60.01 44.30 65.78
N THR B 3289 71.96 67.46 29.42
CA THR B 3289 73.01 67.99 28.57
C THR B 3289 72.67 69.39 28.06
N PRO B 3290 73.64 70.30 28.10
CA PRO B 3290 73.36 71.69 27.73
C PRO B 3290 73.11 71.87 26.25
N LEU B 3291 72.20 72.80 25.93
CA LEU B 3291 71.85 73.07 24.56
C LEU B 3291 72.98 73.74 23.79
N TYR B 3292 73.80 74.53 24.47
CA TYR B 3292 74.98 75.15 23.88
C TYR B 3292 76.10 74.12 23.78
N ASN B 3293 77.31 74.60 23.48
CA ASN B 3293 78.56 73.88 23.18
C ASN B 3293 78.37 72.65 22.29
N LEU B 3294 77.46 72.76 21.33
CA LEU B 3294 77.03 71.79 20.35
C LEU B 3294 77.40 72.28 18.95
N PRO B 3295 77.81 71.38 18.05
CA PRO B 3295 78.10 71.81 16.68
C PRO B 3295 76.85 72.26 15.96
N THR B 3296 76.93 73.44 15.33
CA THR B 3296 75.75 74.10 14.78
C THR B 3296 75.25 73.38 13.53
N HIS B 3297 76.17 72.86 12.70
CA HIS B 3297 75.77 72.03 11.58
C HIS B 3297 75.17 70.70 12.06
N ARG B 3298 75.64 70.20 13.20
CA ARG B 3298 75.01 69.06 13.83
C ARG B 3298 73.70 69.48 14.49
N ALA B 3299 73.62 70.72 14.96
CA ALA B 3299 72.39 71.22 15.57
C ALA B 3299 71.36 71.59 14.50
N CYS B 3300 71.81 72.03 13.32
CA CYS B 3300 70.87 72.34 12.25
C CYS B 3300 70.20 71.09 11.71
N ASN B 3301 70.94 69.99 11.64
CA ASN B 3301 70.33 68.70 11.35
C ASN B 3301 69.45 68.24 12.51
N MET B 3302 69.80 68.62 13.73
CA MET B 3302 69.00 68.29 14.90
C MET B 3302 67.74 69.13 14.98
N PHE B 3303 67.84 70.44 14.73
CA PHE B 3303 66.71 71.33 14.90
C PHE B 3303 65.67 71.14 13.81
N LEU B 3304 66.12 70.91 12.57
CA LEU B 3304 65.19 70.91 11.44
C LEU B 3304 64.34 69.64 11.39
N GLU B 3305 64.86 68.52 11.90
CA GLU B 3305 64.03 67.34 11.98
C GLU B 3305 63.10 67.39 13.18
N SER B 3306 63.57 67.99 14.29
CA SER B 3306 62.74 68.22 15.46
C SER B 3306 61.88 69.48 15.34
N TYR B 3307 61.68 69.98 14.12
CA TYR B 3307 60.79 71.07 13.77
C TYR B 3307 59.35 70.56 13.56
N LYS B 3308 59.04 69.37 14.10
CA LYS B 3308 57.87 68.59 13.68
C LYS B 3308 56.55 69.26 14.05
N ALA B 3309 56.54 70.10 15.09
CA ALA B 3309 55.31 70.79 15.46
C ALA B 3309 54.94 71.86 14.44
N ALA B 3310 55.92 72.58 13.91
CA ALA B 3310 55.67 73.60 12.89
C ALA B 3310 55.80 73.05 11.47
N TRP B 3311 55.44 71.78 11.26
CA TRP B 3311 55.39 71.20 9.93
C TRP B 3311 54.04 71.48 9.28
N ILE B 3312 53.75 70.76 8.20
CA ILE B 3312 52.64 71.05 7.29
C ILE B 3312 51.34 70.43 7.76
N LEU B 3313 51.29 69.93 8.99
CA LEU B 3313 50.14 69.21 9.52
C LEU B 3313 48.93 70.09 9.79
N THR B 3314 48.41 70.73 8.73
CA THR B 3314 47.27 71.63 8.81
C THR B 3314 46.24 71.20 7.76
N GLU B 3315 45.02 71.71 7.92
CA GLU B 3315 43.93 71.47 6.97
C GLU B 3315 44.24 72.25 5.71
N ASP B 3316 44.67 71.55 4.66
CA ASP B 3316 45.11 72.23 3.45
C ASP B 3316 43.94 72.58 2.52
N HIS B 3317 43.27 71.54 2.00
CA HIS B 3317 42.08 71.57 1.13
C HIS B 3317 42.35 72.17 -0.25
N SER B 3318 43.57 72.63 -0.51
CA SER B 3318 43.85 73.36 -1.75
C SER B 3318 44.01 72.44 -2.95
N PHE B 3319 44.00 71.13 -2.77
CA PHE B 3319 44.12 70.20 -3.88
C PHE B 3319 43.18 69.01 -3.74
N GLU B 3320 42.16 69.11 -2.90
CA GLU B 3320 41.24 68.01 -2.66
C GLU B 3320 39.91 68.22 -3.37
N ASP B 3321 39.26 69.36 -3.14
CA ASP B 3321 38.06 69.68 -3.90
C ASP B 3321 38.42 70.30 -5.23
N ARG B 3322 39.40 71.22 -5.23
CA ARG B 3322 39.70 72.03 -6.41
C ARG B 3322 40.30 71.20 -7.53
N MET B 3323 41.14 70.23 -7.19
CA MET B 3323 41.86 69.47 -8.20
C MET B 3323 40.96 68.44 -8.87
N ILE B 3324 39.87 68.07 -8.21
CA ILE B 3324 38.88 67.18 -8.83
C ILE B 3324 38.00 67.96 -9.79
N ASP B 3325 37.69 69.22 -9.47
CA ASP B 3325 36.68 69.97 -10.22
C ASP B 3325 37.19 70.35 -11.60
N ASP B 3326 38.38 70.96 -11.68
CA ASP B 3326 38.90 71.45 -12.95
C ASP B 3326 39.24 70.34 -13.93
N LEU B 3327 39.56 69.14 -13.45
CA LEU B 3327 39.78 68.01 -14.35
C LEU B 3327 38.52 67.55 -15.04
N SER B 3328 37.36 67.78 -14.45
CA SER B 3328 36.08 67.48 -15.06
C SER B 3328 35.42 68.67 -15.72
N LYS B 3329 35.67 69.88 -15.23
CA LYS B 3329 34.96 71.06 -15.72
C LYS B 3329 35.54 71.55 -17.06
N ALA B 3330 36.85 71.39 -17.25
CA ALA B 3330 37.51 72.01 -18.40
C ALA B 3330 37.16 71.32 -19.71
N GLY B 3331 37.13 69.98 -19.72
CA GLY B 3331 36.84 69.25 -20.94
C GLY B 3331 35.39 69.35 -21.40
N GLU B 3332 34.50 69.85 -20.55
CA GLU B 3332 33.13 70.12 -20.92
C GLU B 3332 32.92 71.53 -21.48
N GLN B 3333 33.98 72.12 -22.02
CA GLN B 3333 33.88 73.45 -22.62
C GLN B 3333 33.07 73.39 -23.91
N GLU B 3334 31.95 74.14 -23.92
CA GLU B 3334 31.05 74.15 -25.07
C GLU B 3334 31.63 74.85 -26.28
N GLU B 3335 32.68 75.67 -26.11
CA GLU B 3335 33.36 76.28 -27.24
C GLU B 3335 34.13 75.25 -28.06
N GLU B 3336 34.54 74.14 -27.43
CA GLU B 3336 35.19 73.04 -28.14
C GLU B 3336 34.12 72.04 -28.61
N GLU B 3337 33.25 72.55 -29.49
CA GLU B 3337 32.17 71.74 -30.05
C GLU B 3337 31.77 72.36 -31.38
N GLU B 3338 32.15 71.73 -32.49
CA GLU B 3338 31.79 72.21 -33.82
C GLU B 3338 31.54 70.99 -34.69
N GLU B 3339 30.27 70.59 -34.80
CA GLU B 3339 29.83 69.40 -35.53
C GLU B 3339 30.56 68.15 -35.07
N VAL B 3340 30.74 68.01 -33.76
CA VAL B 3340 31.46 66.87 -33.21
C VAL B 3340 30.60 65.61 -33.28
N GLU B 3341 29.39 65.68 -32.72
CA GLU B 3341 28.43 64.57 -32.63
C GLU B 3341 29.03 63.36 -31.92
N GLU B 3342 29.89 63.65 -30.94
CA GLU B 3342 30.59 62.63 -30.18
C GLU B 3342 30.98 63.25 -28.85
N LYS B 3343 31.87 62.58 -28.12
CA LYS B 3343 32.33 63.11 -26.84
C LYS B 3343 33.74 62.60 -26.61
N LYS B 3344 34.72 63.48 -26.76
CA LYS B 3344 36.04 63.16 -26.27
C LYS B 3344 36.01 63.16 -24.74
N PRO B 3345 36.77 62.26 -24.11
CA PRO B 3345 36.66 62.10 -22.65
C PRO B 3345 37.20 63.30 -21.90
N ASP B 3346 36.77 63.40 -20.64
CA ASP B 3346 37.21 64.46 -19.76
C ASP B 3346 38.68 64.28 -19.41
N PRO B 3347 39.38 65.36 -19.08
CA PRO B 3347 40.72 65.23 -18.48
C PRO B 3347 40.70 64.44 -17.19
N LEU B 3348 39.61 64.54 -16.42
CA LEU B 3348 39.40 63.60 -15.32
C LEU B 3348 39.20 62.19 -15.84
N HIS B 3349 38.44 62.04 -16.93
CA HIS B 3349 38.17 60.71 -17.46
C HIS B 3349 39.41 60.13 -18.15
N GLN B 3350 40.16 60.97 -18.87
CA GLN B 3350 41.39 60.50 -19.49
C GLN B 3350 42.45 60.15 -18.45
N LEU B 3351 42.36 60.75 -17.26
CA LEU B 3351 43.23 60.36 -16.16
C LEU B 3351 42.88 58.96 -15.67
N VAL B 3352 41.60 58.60 -15.68
CA VAL B 3352 41.18 57.26 -15.32
C VAL B 3352 41.65 56.26 -16.36
N LEU B 3353 41.61 56.65 -17.64
CA LEU B 3353 42.00 55.78 -18.75
C LEU B 3353 43.46 55.38 -18.67
N HIS B 3354 44.32 56.27 -18.16
CA HIS B 3354 45.72 55.91 -17.99
C HIS B 3354 45.90 54.90 -16.87
N PHE B 3355 45.23 55.12 -15.74
CA PHE B 3355 45.27 54.16 -14.65
C PHE B 3355 44.57 52.86 -15.03
N SER B 3356 43.57 52.95 -15.91
CA SER B 3356 42.93 51.76 -16.44
C SER B 3356 43.89 50.95 -17.29
N ARG B 3357 44.49 51.59 -18.29
CA ARG B 3357 45.26 50.88 -19.30
C ARG B 3357 46.55 50.30 -18.71
N THR B 3358 47.12 50.98 -17.70
CA THR B 3358 48.34 50.48 -17.08
C THR B 3358 48.10 49.25 -16.22
N ALA B 3359 46.85 48.97 -15.87
CA ALA B 3359 46.53 47.73 -15.17
C ALA B 3359 46.39 46.55 -16.13
N LEU B 3360 46.25 46.81 -17.42
CA LEU B 3360 46.06 45.72 -18.37
C LEU B 3360 47.33 44.94 -18.62
N THR B 3361 48.49 45.52 -18.37
CA THR B 3361 49.76 44.84 -18.58
C THR B 3361 49.93 43.77 -17.50
N GLU B 3362 49.90 42.50 -17.89
CA GLU B 3362 50.12 41.45 -16.91
C GLU B 3362 51.59 41.38 -16.54
N LYS B 3363 51.85 40.84 -15.37
CA LYS B 3363 53.17 40.82 -14.77
C LYS B 3363 53.11 39.87 -13.58
N SER B 3364 54.26 39.25 -13.28
CA SER B 3364 54.36 38.46 -12.05
C SER B 3364 54.26 39.33 -10.81
N LYS B 3365 54.67 40.59 -10.90
CA LYS B 3365 54.64 41.53 -9.80
C LYS B 3365 53.79 42.74 -10.20
N LEU B 3366 53.87 43.79 -9.39
CA LEU B 3366 53.28 45.06 -9.77
C LEU B 3366 54.17 46.17 -9.23
N ASP B 3367 54.35 47.21 -10.04
CA ASP B 3367 55.23 48.31 -9.69
C ASP B 3367 54.63 49.13 -8.53
N GLU B 3368 55.50 49.95 -7.93
CA GLU B 3368 55.09 50.74 -6.78
C GLU B 3368 54.11 51.82 -7.19
N ASP B 3369 54.54 52.73 -8.07
CA ASP B 3369 53.72 53.79 -8.67
C ASP B 3369 53.10 54.69 -7.59
N TYR B 3370 53.98 55.44 -6.92
CA TYR B 3370 53.56 56.45 -5.96
C TYR B 3370 52.63 57.49 -6.57
N LEU B 3371 52.74 57.73 -7.89
CA LEU B 3371 51.80 58.57 -8.61
C LEU B 3371 50.37 58.05 -8.50
N TYR B 3372 50.18 56.74 -8.63
CA TYR B 3372 48.85 56.16 -8.54
C TYR B 3372 48.25 56.31 -7.15
N MET B 3373 49.08 56.11 -6.13
CA MET B 3373 48.62 56.24 -4.75
C MET B 3373 48.30 57.68 -4.39
N ALA B 3374 48.95 58.62 -5.07
CA ALA B 3374 48.69 60.04 -4.85
C ALA B 3374 47.31 60.42 -5.37
N TYR B 3375 47.00 60.03 -6.61
CA TYR B 3375 45.69 60.33 -7.18
C TYR B 3375 44.60 59.46 -6.60
N ALA B 3376 44.97 58.33 -5.97
CA ALA B 3376 43.97 57.54 -5.25
C ALA B 3376 43.49 58.27 -4.01
N ASP B 3377 44.39 59.01 -3.35
CA ASP B 3377 44.02 59.67 -2.10
C ASP B 3377 43.19 60.91 -2.36
N ILE B 3378 43.47 61.62 -3.45
CA ILE B 3378 42.75 62.87 -3.75
C ILE B 3378 41.29 62.58 -4.08
N MET B 3379 41.06 61.50 -4.84
CA MET B 3379 39.70 61.08 -5.12
C MET B 3379 38.99 60.58 -3.87
N ALA B 3380 39.73 59.94 -2.96
CA ALA B 3380 39.13 59.46 -1.73
C ALA B 3380 38.77 60.62 -0.81
N LYS B 3381 39.63 61.63 -0.73
CA LYS B 3381 39.34 62.79 0.10
C LYS B 3381 38.26 63.68 -0.50
N SER B 3382 38.09 63.64 -1.82
CA SER B 3382 36.97 64.35 -2.44
C SER B 3382 35.64 63.72 -2.06
N CYS B 3383 35.62 62.39 -1.91
CA CYS B 3383 34.47 61.74 -1.33
C CYS B 3383 34.43 61.88 0.18
N HIS B 3384 35.58 61.89 0.84
CA HIS B 3384 35.64 62.12 2.28
C HIS B 3384 35.35 63.56 2.65
N LEU B 3385 35.43 64.49 1.70
CA LEU B 3385 34.86 65.82 1.92
C LEU B 3385 33.36 65.74 2.10
N GLU B 3386 32.71 64.83 1.36
CA GLU B 3386 31.30 64.54 1.58
C GLU B 3386 31.11 63.51 2.69
N GLU B 3387 31.98 62.50 2.77
CA GLU B 3387 31.78 61.43 3.75
C GLU B 3387 32.13 61.88 5.15
N GLY B 3388 33.33 62.43 5.34
CA GLY B 3388 33.72 62.89 6.66
C GLY B 3388 33.04 64.18 7.04
N GLY B 3389 33.21 64.55 8.31
CA GLY B 3389 32.59 65.74 8.86
C GLY B 3389 31.14 65.58 9.29
N GLU B 3390 30.40 64.66 8.68
CA GLU B 3390 29.01 64.42 9.03
C GLU B 3390 28.79 63.14 9.83
N ASN B 3391 29.84 62.34 10.03
CA ASN B 3391 29.73 61.09 10.76
C ASN B 3391 30.81 60.96 11.83
N GLU B 3397 27.02 68.50 22.84
CA GLU B 3397 27.67 67.31 22.34
C GLU B 3397 26.69 66.44 21.54
N GLU B 3398 25.41 66.57 21.85
CA GLU B 3398 24.36 65.81 21.20
C GLU B 3398 23.47 66.77 20.41
N VAL B 3399 23.56 66.71 19.09
CA VAL B 3399 22.76 67.54 18.19
C VAL B 3399 22.09 66.63 17.19
N GLU B 3400 20.79 66.82 17.00
CA GLU B 3400 19.97 65.98 16.13
C GLU B 3400 19.90 66.59 14.75
N VAL B 3401 20.17 65.78 13.73
CA VAL B 3401 20.09 66.26 12.35
C VAL B 3401 18.64 66.34 11.92
N SER B 3402 18.23 67.51 11.42
CA SER B 3402 16.88 67.66 10.90
C SER B 3402 16.73 66.87 9.60
N PHE B 3403 15.48 66.53 9.29
CA PHE B 3403 15.20 65.70 8.12
C PHE B 3403 15.48 66.46 6.82
N GLU B 3404 15.39 67.79 6.86
CA GLU B 3404 15.88 68.61 5.75
C GLU B 3404 17.38 68.50 5.60
N GLU B 3405 18.10 68.56 6.72
CA GLU B 3405 19.55 68.41 6.69
C GLU B 3405 19.96 66.96 6.41
N LYS B 3406 19.07 66.02 6.74
CA LYS B 3406 19.36 64.61 6.57
C LYS B 3406 19.43 64.23 5.09
N GLU B 3407 18.73 64.96 4.24
CA GLU B 3407 18.71 64.61 2.82
C GLU B 3407 19.78 65.37 2.05
N MET B 3408 20.17 66.55 2.54
CA MET B 3408 21.16 67.37 1.85
C MET B 3408 22.54 66.73 1.92
N GLU B 3409 22.84 66.02 3.00
CA GLU B 3409 24.11 65.34 3.12
C GLU B 3409 24.17 64.12 2.21
N LYS B 3410 23.01 63.53 1.91
CA LYS B 3410 22.97 62.44 0.94
C LYS B 3410 23.27 62.93 -0.47
N GLN B 3411 22.83 64.15 -0.78
CA GLN B 3411 23.05 64.73 -2.09
C GLN B 3411 24.53 64.94 -2.37
N ARG B 3412 25.29 65.27 -1.33
CA ARG B 3412 26.75 65.33 -1.43
C ARG B 3412 27.33 63.95 -1.74
N LEU B 3413 26.71 62.90 -1.20
CA LEU B 3413 27.16 61.56 -1.51
C LEU B 3413 26.50 61.00 -2.76
N LEU B 3414 25.46 61.66 -3.25
CA LEU B 3414 25.00 61.36 -4.60
C LEU B 3414 25.88 62.05 -5.62
N TYR B 3415 26.32 63.26 -5.33
CA TYR B 3415 27.10 64.03 -6.31
C TYR B 3415 28.56 63.56 -6.31
N GLN B 3416 28.93 62.74 -5.34
CA GLN B 3416 30.33 62.34 -5.24
C GLN B 3416 30.68 61.27 -6.26
N GLN B 3417 29.67 60.66 -6.89
CA GLN B 3417 29.94 59.80 -8.02
C GLN B 3417 29.74 60.55 -9.33
N SER B 3418 29.01 61.67 -9.27
CA SER B 3418 28.96 62.60 -10.38
C SER B 3418 30.32 63.25 -10.63
N ARG B 3419 31.06 63.54 -9.56
CA ARG B 3419 32.43 64.03 -9.73
C ARG B 3419 33.40 62.88 -9.91
N LEU B 3420 32.91 61.64 -9.91
CA LEU B 3420 33.79 60.49 -10.07
C LEU B 3420 33.67 59.79 -11.41
N HIS B 3421 32.71 60.17 -12.27
CA HIS B 3421 32.49 59.56 -13.59
C HIS B 3421 32.33 58.05 -13.50
N THR B 3422 31.22 57.64 -12.86
CA THR B 3422 30.91 56.32 -12.32
C THR B 3422 31.40 55.12 -13.12
N ARG B 3423 31.32 55.21 -14.45
CA ARG B 3423 31.76 54.11 -15.30
C ARG B 3423 33.28 54.04 -15.41
N GLY B 3424 33.96 55.17 -15.21
CA GLY B 3424 35.41 55.12 -15.14
C GLY B 3424 35.90 54.54 -13.83
N ALA B 3425 35.23 54.93 -12.73
CA ALA B 3425 35.78 54.66 -11.40
C ALA B 3425 35.61 53.20 -11.01
N ALA B 3426 34.46 52.61 -11.30
CA ALA B 3426 34.08 51.32 -10.73
C ALA B 3426 34.52 50.13 -11.57
N GLU B 3427 35.60 50.27 -12.34
CA GLU B 3427 36.12 49.14 -13.08
C GLU B 3427 37.62 48.99 -12.83
N MET B 3428 38.31 50.11 -12.75
CA MET B 3428 39.75 50.11 -12.52
C MET B 3428 40.11 49.66 -11.11
N VAL B 3429 39.24 49.88 -10.14
CA VAL B 3429 39.42 49.31 -8.81
C VAL B 3429 39.21 47.81 -8.79
N LEU B 3430 38.49 47.27 -9.76
CA LEU B 3430 38.22 45.83 -9.84
C LEU B 3430 39.38 45.08 -10.46
N GLN B 3431 39.93 45.59 -11.56
CA GLN B 3431 41.13 44.98 -12.14
C GLN B 3431 42.35 45.20 -11.26
N MET B 3432 42.30 46.18 -10.35
CA MET B 3432 43.35 46.29 -9.34
C MET B 3432 43.29 45.13 -8.37
N ILE B 3433 42.09 44.60 -8.11
CA ILE B 3433 41.98 43.37 -7.34
C ILE B 3433 42.33 42.18 -8.22
N SER B 3434 41.99 42.25 -9.49
CA SER B 3434 42.41 41.25 -10.46
C SER B 3434 43.88 41.40 -10.86
N ALA B 3435 44.54 42.45 -10.37
CA ALA B 3435 45.99 42.60 -10.39
C ALA B 3435 46.62 41.77 -9.27
N CYS B 3436 47.82 42.18 -8.85
CA CYS B 3436 48.60 41.50 -7.80
C CYS B 3436 47.76 41.13 -6.58
N LYS B 3437 48.06 39.96 -6.04
CA LYS B 3437 47.07 39.19 -5.30
C LYS B 3437 47.56 38.63 -3.98
N GLY B 3438 48.85 38.38 -3.81
CA GLY B 3438 49.32 37.70 -2.62
C GLY B 3438 49.69 38.65 -1.50
N GLU B 3439 50.24 39.80 -1.86
CA GLU B 3439 50.79 40.70 -0.87
C GLU B 3439 49.76 41.74 -0.44
N THR B 3440 50.01 42.31 0.73
CA THR B 3440 49.23 43.44 1.23
C THR B 3440 49.86 44.73 0.72
N GLY B 3441 49.76 44.93 -0.59
CA GLY B 3441 50.33 46.10 -1.21
C GLY B 3441 49.59 47.38 -0.82
N ALA B 3442 50.37 48.45 -0.69
CA ALA B 3442 49.82 49.74 -0.37
C ALA B 3442 48.93 50.29 -1.48
N MET B 3443 49.24 49.94 -2.73
CA MET B 3443 48.33 50.26 -3.83
C MET B 3443 47.01 49.53 -3.67
N VAL B 3444 47.07 48.25 -3.29
CA VAL B 3444 45.86 47.50 -2.98
C VAL B 3444 45.20 48.08 -1.74
N SER B 3445 46.00 48.49 -0.75
CA SER B 3445 45.46 49.11 0.46
C SER B 3445 44.82 50.45 0.15
N SER B 3446 45.40 51.21 -0.78
CA SER B 3446 44.78 52.48 -1.17
C SER B 3446 43.53 52.25 -2.01
N THR B 3447 43.48 51.14 -2.74
CA THR B 3447 42.36 50.90 -3.65
C THR B 3447 41.10 50.57 -2.88
N LEU B 3448 41.22 49.76 -1.83
CA LEU B 3448 40.07 49.43 -1.00
C LEU B 3448 39.54 50.64 -0.26
N LYS B 3449 40.42 51.53 0.20
CA LYS B 3449 39.98 52.75 0.85
C LYS B 3449 39.28 53.67 -0.13
N LEU B 3450 39.74 53.69 -1.38
CA LEU B 3450 39.01 54.41 -2.42
C LEU B 3450 37.73 53.68 -2.80
N GLY B 3451 37.75 52.34 -2.68
CA GLY B 3451 36.57 51.57 -3.04
C GLY B 3451 35.41 51.74 -2.08
N ILE B 3452 35.71 51.95 -0.80
CA ILE B 3452 34.64 52.24 0.16
C ILE B 3452 34.06 53.62 -0.09
N SER B 3453 34.88 54.52 -0.64
CA SER B 3453 34.39 55.85 -1.00
C SER B 3453 33.49 55.83 -2.22
N ILE B 3454 33.41 54.72 -2.94
CA ILE B 3454 32.48 54.61 -4.06
C ILE B 3454 31.08 54.36 -3.54
N LEU B 3455 30.88 53.22 -2.90
CA LEU B 3455 29.60 52.73 -2.44
C LEU B 3455 29.45 52.90 -0.92
N ASN B 3456 29.92 54.04 -0.42
CA ASN B 3456 29.72 54.40 0.98
C ASN B 3456 28.24 54.51 1.29
N GLY B 3457 27.54 55.44 0.64
CA GLY B 3457 26.12 55.59 0.84
C GLY B 3457 25.28 54.75 -0.09
N GLY B 3458 25.29 53.43 0.07
CA GLY B 3458 24.44 52.58 -0.73
C GLY B 3458 25.03 52.35 -2.11
N ASN B 3459 24.50 53.07 -3.10
CA ASN B 3459 25.05 53.19 -4.45
C ASN B 3459 25.07 51.84 -5.17
N ALA B 3460 23.89 51.24 -5.27
CA ALA B 3460 23.79 49.95 -5.96
C ALA B 3460 23.92 50.09 -7.47
N GLU B 3461 23.78 51.29 -8.02
CA GLU B 3461 23.90 51.47 -9.46
C GLU B 3461 25.34 51.30 -9.91
N VAL B 3462 26.29 51.83 -9.13
CA VAL B 3462 27.68 51.55 -9.45
C VAL B 3462 28.05 50.14 -9.02
N GLN B 3463 27.31 49.56 -8.07
CA GLN B 3463 27.44 48.13 -7.81
C GLN B 3463 26.91 47.31 -8.99
N GLN B 3464 25.84 47.81 -9.63
CA GLN B 3464 25.31 47.17 -10.83
C GLN B 3464 26.34 47.17 -11.95
N LYS B 3465 26.99 48.31 -12.16
CA LYS B 3465 28.11 48.38 -13.10
C LYS B 3465 29.27 47.51 -12.64
N MET B 3466 29.47 47.43 -11.32
CA MET B 3466 30.51 46.57 -10.78
C MET B 3466 30.18 45.10 -11.01
N LEU B 3467 28.92 44.71 -10.77
CA LEU B 3467 28.53 43.34 -10.97
C LEU B 3467 28.49 42.96 -12.44
N ASP B 3468 28.04 43.88 -13.30
CA ASP B 3468 27.95 43.57 -14.72
C ASP B 3468 29.33 43.41 -15.35
N TYR B 3469 30.29 44.24 -14.94
CA TYR B 3469 31.66 44.14 -15.43
C TYR B 3469 32.27 42.78 -15.07
N LEU B 3470 31.97 42.26 -13.89
CA LEU B 3470 32.39 40.91 -13.54
C LEU B 3470 31.63 39.88 -14.36
N LYS B 3471 30.30 40.02 -14.42
CA LYS B 3471 29.48 39.03 -15.08
C LYS B 3471 29.58 39.07 -16.59
N ASP B 3472 30.18 40.10 -17.17
CA ASP B 3472 30.37 40.10 -18.61
C ASP B 3472 31.73 39.54 -18.99
N LYS B 3473 32.79 40.06 -18.39
CA LYS B 3473 34.14 39.63 -18.77
C LYS B 3473 34.45 38.24 -18.23
N LYS B 3474 33.84 37.86 -17.11
CA LYS B 3474 33.79 36.49 -16.59
C LYS B 3474 35.19 35.93 -16.31
N GLU B 3475 35.84 36.53 -15.32
CA GLU B 3475 37.20 36.16 -14.99
C GLU B 3475 37.33 35.71 -13.54
N VAL B 3476 38.08 34.64 -13.34
CA VAL B 3476 38.63 34.29 -12.03
C VAL B 3476 39.89 35.09 -11.88
N GLY B 3477 40.47 35.08 -10.68
CA GLY B 3477 41.58 35.94 -10.37
C GLY B 3477 41.15 37.19 -9.64
N PHE B 3478 39.86 37.51 -9.69
CA PHE B 3478 39.35 38.59 -8.87
C PHE B 3478 39.18 38.14 -7.42
N PHE B 3479 38.51 37.01 -7.23
CA PHE B 3479 38.10 36.58 -5.90
C PHE B 3479 39.10 35.63 -5.27
N GLN B 3480 39.82 34.85 -6.07
CA GLN B 3480 40.88 34.04 -5.49
C GLN B 3480 42.06 34.91 -5.11
N SER B 3481 42.17 36.12 -5.69
CA SER B 3481 42.99 37.17 -5.10
C SER B 3481 42.51 37.51 -3.70
N ILE B 3482 41.20 37.56 -3.49
CA ILE B 3482 40.66 38.06 -2.22
C ILE B 3482 40.92 37.06 -1.11
N GLN B 3483 40.71 35.76 -1.39
CA GLN B 3483 41.02 34.76 -0.38
C GLN B 3483 42.52 34.61 -0.17
N ALA B 3484 43.33 34.98 -1.18
CA ALA B 3484 44.75 35.15 -0.93
C ALA B 3484 45.00 36.33 -0.01
N LEU B 3485 44.25 37.42 -0.21
CA LEU B 3485 44.33 38.55 0.70
C LEU B 3485 43.71 38.21 2.05
N MET B 3486 42.64 37.40 2.05
CA MET B 3486 42.00 37.03 3.31
C MET B 3486 42.90 36.16 4.17
N GLN B 3487 43.53 35.15 3.57
CA GLN B 3487 44.43 34.30 4.32
C GLN B 3487 45.71 35.03 4.70
N THR B 3488 46.04 36.12 4.00
CA THR B 3488 47.15 36.98 4.40
C THR B 3488 46.60 38.10 5.28
N CYS B 3489 46.14 37.70 6.45
CA CYS B 3489 45.70 38.62 7.49
C CYS B 3489 46.17 38.10 8.82
N SER B 3490 46.54 39.02 9.71
CA SER B 3490 47.15 38.62 10.97
C SER B 3490 46.13 38.66 12.11
N VAL B 3491 46.54 38.07 13.23
CA VAL B 3491 45.74 37.95 14.44
C VAL B 3491 46.57 38.43 15.62
N LEU B 3492 46.03 38.26 16.82
CA LEU B 3492 46.82 38.53 18.03
C LEU B 3492 47.91 37.47 18.18
N ASP B 3493 49.10 37.91 18.56
CA ASP B 3493 50.22 37.03 18.83
C ASP B 3493 50.65 37.21 20.28
N LEU B 3494 50.44 36.17 21.09
CA LEU B 3494 50.93 36.20 22.47
C LEU B 3494 52.45 36.15 22.50
N ASN B 3495 53.05 35.42 21.56
CA ASN B 3495 54.50 35.28 21.52
C ASN B 3495 55.18 36.60 21.18
N ALA B 3496 54.65 37.33 20.19
CA ALA B 3496 55.15 38.67 19.92
C ALA B 3496 54.78 39.63 21.04
N PHE B 3497 53.69 39.34 21.78
CA PHE B 3497 53.34 40.17 22.92
C PHE B 3497 54.35 40.01 24.05
N GLU B 3498 54.86 38.79 24.26
CA GLU B 3498 55.87 38.56 25.30
C GLU B 3498 57.17 39.29 24.98
N ARG B 3499 57.48 39.45 23.70
CA ARG B 3499 58.73 40.07 23.30
C ARG B 3499 58.72 41.56 23.58
N GLN B 3500 57.71 42.27 23.09
CA GLN B 3500 57.64 43.70 23.37
C GLN B 3500 57.16 44.01 24.77
N ASN B 3501 56.71 43.00 25.52
CA ASN B 3501 56.54 43.17 26.95
C ASN B 3501 57.89 43.45 27.60
N LYS B 3502 58.92 42.73 27.18
CA LYS B 3502 60.27 42.96 27.67
C LYS B 3502 60.95 44.14 26.98
N ALA B 3503 60.62 44.40 25.72
CA ALA B 3503 61.19 45.55 25.03
C ALA B 3503 60.63 46.86 25.55
N GLU B 3504 59.37 46.84 26.02
CA GLU B 3504 58.86 47.98 26.77
C GLU B 3504 59.51 48.06 28.14
N GLY B 3505 59.88 46.90 28.70
CA GLY B 3505 60.69 46.90 29.91
C GLY B 3505 62.14 47.27 29.67
N LEU B 3506 62.61 47.15 28.44
CA LEU B 3506 63.94 47.62 28.05
C LEU B 3506 63.88 48.97 27.35
N GLY B 3507 62.95 49.82 27.76
CA GLY B 3507 62.86 51.19 27.28
C GLY B 3507 63.83 52.16 27.91
N MET B 3508 64.77 51.67 28.71
CA MET B 3508 65.75 52.49 29.40
C MET B 3508 67.05 52.63 28.60
N VAL B 3509 66.96 52.67 27.28
CA VAL B 3509 68.12 52.79 26.41
C VAL B 3509 68.72 54.18 26.51
N ASN B 3510 69.89 54.38 25.91
CA ASN B 3510 70.69 55.57 26.13
C ASN B 3510 70.12 56.77 25.38
N GLU B 3511 70.92 57.84 25.32
CA GLU B 3511 70.48 59.12 24.79
C GLU B 3511 70.20 59.04 23.30
N ASP B 3512 69.00 59.52 22.92
CA ASP B 3512 68.43 59.45 21.57
C ASP B 3512 68.35 58.02 21.04
N GLY B 3513 68.11 57.05 21.93
CA GLY B 3513 67.98 55.67 21.51
C GLY B 3513 66.89 54.91 22.24
N THR B 3514 66.19 55.59 23.14
CA THR B 3514 65.11 54.99 23.93
C THR B 3514 63.74 55.18 23.31
N VAL B 3515 63.67 55.62 22.05
CA VAL B 3515 62.39 55.83 21.39
C VAL B 3515 62.38 55.07 20.07
N ILE B 3516 63.15 53.98 19.99
CA ILE B 3516 63.15 53.17 18.79
C ILE B 3516 62.01 52.16 18.82
N ASN B 3517 61.58 51.75 20.01
CA ASN B 3517 60.45 50.86 20.17
C ASN B 3517 59.45 51.47 21.14
N ARG B 3518 59.12 52.74 20.92
CA ARG B 3518 58.17 53.43 21.82
C ARG B 3518 56.76 52.92 21.63
N GLN B 3519 56.34 52.70 20.38
CA GLN B 3519 55.01 52.16 20.08
C GLN B 3519 55.06 50.68 19.74
N ASN B 3520 55.81 50.32 18.68
CA ASN B 3520 55.89 48.96 18.12
C ASN B 3520 54.50 48.42 17.80
N GLY B 3521 53.63 49.28 17.28
CA GLY B 3521 52.26 48.89 16.98
C GLY B 3521 52.11 47.99 15.78
N GLU B 3522 53.13 47.90 14.94
CA GLU B 3522 53.12 47.03 13.78
C GLU B 3522 53.65 45.63 14.07
N LYS B 3523 53.55 45.17 15.32
CA LYS B 3523 54.14 43.92 15.74
C LYS B 3523 53.11 42.83 15.99
N VAL B 3524 52.09 43.09 16.80
CA VAL B 3524 51.14 42.04 17.15
C VAL B 3524 50.03 41.94 16.11
N MET B 3525 49.25 43.00 15.94
CA MET B 3525 48.18 42.97 14.96
C MET B 3525 48.67 43.41 13.58
N ALA B 3526 49.07 44.68 13.47
CA ALA B 3526 49.58 45.30 12.22
C ALA B 3526 48.60 45.15 11.07
N ASP B 3527 47.30 45.11 11.36
CA ASP B 3527 46.30 44.81 10.36
C ASP B 3527 45.05 45.67 10.53
N ASP B 3528 45.07 46.63 11.47
CA ASP B 3528 43.86 47.34 11.87
C ASP B 3528 43.32 48.22 10.74
N GLU B 3529 44.20 48.96 10.08
CA GLU B 3529 43.78 49.77 8.94
C GLU B 3529 43.65 48.96 7.66
N PHE B 3530 43.84 47.65 7.71
CA PHE B 3530 43.69 46.82 6.52
C PHE B 3530 42.56 45.82 6.63
N THR B 3531 42.57 44.95 7.63
CA THR B 3531 41.56 43.89 7.64
C THR B 3531 40.21 44.38 8.12
N GLN B 3532 40.18 45.46 8.91
CA GLN B 3532 38.91 46.11 9.19
C GLN B 3532 38.48 46.92 7.99
N ASP B 3533 39.44 47.48 7.25
CA ASP B 3533 39.15 48.12 5.98
C ASP B 3533 38.74 47.11 4.92
N LEU B 3534 39.19 45.86 5.06
CA LEU B 3534 38.89 44.81 4.09
C LEU B 3534 37.40 44.52 4.05
N PHE B 3535 36.85 44.03 5.15
CA PHE B 3535 35.46 43.61 5.18
C PHE B 3535 34.49 44.77 5.20
N ARG B 3536 34.96 45.97 5.55
CA ARG B 3536 34.12 47.17 5.41
C ARG B 3536 33.77 47.42 3.97
N PHE B 3537 34.74 47.24 3.08
CA PHE B 3537 34.44 47.19 1.65
C PHE B 3537 33.50 46.04 1.35
N LEU B 3538 33.77 44.86 1.91
CA LEU B 3538 33.04 43.66 1.54
C LEU B 3538 31.63 43.65 2.10
N GLN B 3539 31.39 44.39 3.18
CA GLN B 3539 30.03 44.48 3.71
C GLN B 3539 29.18 45.40 2.85
N LEU B 3540 29.72 46.56 2.47
CA LEU B 3540 28.96 47.55 1.74
C LEU B 3540 28.72 47.17 0.28
N LEU B 3541 29.38 46.12 -0.20
CA LEU B 3541 29.08 45.57 -1.52
C LEU B 3541 27.66 45.05 -1.61
N CYS B 3542 27.20 44.35 -0.58
CA CYS B 3542 25.87 43.76 -0.54
C CYS B 3542 25.04 44.38 0.59
N GLU B 3543 25.25 45.66 0.85
CA GLU B 3543 24.47 46.33 1.89
C GLU B 3543 23.02 46.50 1.46
N GLY B 3544 22.79 47.04 0.27
CA GLY B 3544 21.51 46.85 -0.36
C GLY B 3544 21.28 45.38 -0.62
N HIS B 3545 20.03 44.95 -0.44
CA HIS B 3545 19.71 43.53 -0.55
C HIS B 3545 19.74 43.14 -2.02
N ASN B 3546 20.92 42.84 -2.53
CA ASN B 3546 21.11 42.69 -3.96
C ASN B 3546 20.53 41.36 -4.45
N ASN B 3547 20.76 40.30 -3.67
CA ASN B 3547 20.09 39.00 -3.71
C ASN B 3547 20.52 38.16 -4.92
N ASP B 3548 21.28 38.74 -5.83
CA ASP B 3548 21.92 38.01 -6.89
C ASP B 3548 23.42 38.15 -6.87
N PHE B 3549 23.92 39.35 -6.60
CA PHE B 3549 25.28 39.56 -6.14
C PHE B 3549 25.52 38.87 -4.81
N GLN B 3550 24.50 38.81 -3.97
CA GLN B 3550 24.56 38.00 -2.76
C GLN B 3550 24.63 36.52 -3.10
N ASN B 3551 23.93 36.10 -4.16
CA ASN B 3551 24.17 34.77 -4.70
C ASN B 3551 25.55 34.69 -5.34
N TYR B 3552 26.06 35.81 -5.85
CA TYR B 3552 27.31 35.77 -6.59
C TYR B 3552 28.51 35.71 -5.66
N LEU B 3553 28.33 36.04 -4.38
CA LEU B 3553 29.34 35.69 -3.40
C LEU B 3553 29.27 34.24 -2.98
N ARG B 3554 28.19 33.55 -3.32
CA ARG B 3554 28.14 32.12 -3.02
C ARG B 3554 28.64 31.30 -4.19
N THR B 3555 28.50 31.82 -5.41
CA THR B 3555 28.94 31.06 -6.58
C THR B 3555 29.32 31.99 -7.71
N GLN B 3556 30.17 31.46 -8.59
CA GLN B 3556 30.49 32.07 -9.88
C GLN B 3556 30.27 30.96 -10.90
N THR B 3557 29.03 30.80 -11.35
CA THR B 3557 28.72 29.75 -12.30
C THR B 3557 29.05 30.14 -13.74
N GLY B 3558 29.28 31.43 -14.01
CA GLY B 3558 29.83 31.82 -15.30
C GLY B 3558 31.28 31.45 -15.46
N ASN B 3559 31.99 31.30 -14.35
CA ASN B 3559 33.37 30.85 -14.35
C ASN B 3559 33.39 29.34 -14.14
N THR B 3560 34.50 28.71 -14.53
CA THR B 3560 34.66 27.28 -14.34
C THR B 3560 34.93 26.88 -12.90
N THR B 3561 35.26 27.83 -12.04
CA THR B 3561 35.51 27.56 -10.63
C THR B 3561 34.64 28.46 -9.76
N THR B 3562 34.46 28.04 -8.52
CA THR B 3562 33.59 28.69 -7.56
C THR B 3562 34.40 29.01 -6.31
N ILE B 3563 34.28 30.24 -5.83
CA ILE B 3563 35.11 30.70 -4.71
C ILE B 3563 34.34 30.57 -3.40
N ASN B 3564 33.19 31.24 -3.32
CA ASN B 3564 32.31 31.28 -2.14
C ASN B 3564 33.07 31.78 -0.91
N ILE B 3565 33.36 33.09 -0.98
CA ILE B 3565 34.06 33.86 0.05
C ILE B 3565 33.49 33.61 1.45
N ILE B 3566 32.17 33.50 1.54
CA ILE B 3566 31.45 33.48 2.81
C ILE B 3566 31.84 32.25 3.64
N ILE B 3567 32.21 31.16 2.97
CA ILE B 3567 32.70 29.97 3.67
C ILE B 3567 33.99 30.28 4.42
N CYS B 3568 35.01 30.74 3.71
CA CYS B 3568 36.28 31.05 4.35
C CYS B 3568 36.26 32.36 5.11
N THR B 3569 35.21 33.17 4.95
CA THR B 3569 35.02 34.33 5.81
C THR B 3569 34.79 33.89 7.25
N VAL B 3570 34.07 32.78 7.42
CA VAL B 3570 33.93 32.16 8.74
C VAL B 3570 35.28 31.65 9.23
N ASP B 3571 36.11 31.17 8.31
CA ASP B 3571 37.36 30.52 8.69
C ASP B 3571 38.36 31.50 9.27
N TYR B 3572 38.46 32.71 8.70
CA TYR B 3572 39.34 33.71 9.30
C TYR B 3572 38.79 34.19 10.64
N LEU B 3573 37.47 34.32 10.76
CA LEU B 3573 36.87 34.57 12.05
C LEU B 3573 37.15 33.43 13.00
N LEU B 3574 37.09 32.19 12.50
CA LEU B 3574 37.53 31.04 13.28
C LEU B 3574 39.01 31.13 13.64
N ARG B 3575 39.84 31.60 12.72
CA ARG B 3575 41.25 31.81 13.04
C ARG B 3575 41.44 32.99 13.98
N LEU B 3576 40.59 34.01 13.89
CA LEU B 3576 40.73 35.15 14.78
C LEU B 3576 40.24 34.83 16.18
N GLN B 3577 39.13 34.10 16.27
CA GLN B 3577 38.50 33.77 17.55
C GLN B 3577 39.42 32.95 18.44
N GLU B 3578 40.07 31.95 17.84
CA GLU B 3578 40.96 31.09 18.61
C GLU B 3578 42.19 31.85 19.09
N SER B 3579 42.61 32.86 18.32
CA SER B 3579 43.63 33.79 18.80
C SER B 3579 43.08 34.67 19.92
N ILE B 3580 41.81 35.05 19.82
CA ILE B 3580 41.16 35.80 20.89
C ILE B 3580 40.89 34.89 22.08
N SER B 3581 40.59 33.61 21.82
CA SER B 3581 40.29 32.66 22.89
C SER B 3581 41.50 32.42 23.78
N ASP B 3582 42.67 32.23 23.18
CA ASP B 3582 43.86 31.96 23.96
C ASP B 3582 44.47 33.22 24.54
N PHE B 3583 43.98 34.39 24.13
CA PHE B 3583 44.40 35.64 24.76
C PHE B 3583 43.97 35.68 26.22
N TYR B 3584 42.81 35.10 26.53
CA TYR B 3584 42.33 35.11 27.91
C TYR B 3584 43.15 34.20 28.81
N TRP B 3585 43.74 33.15 28.25
CA TRP B 3585 44.41 32.15 29.08
C TRP B 3585 45.72 32.66 29.65
N TYR B 3586 46.37 33.59 28.96
CA TYR B 3586 47.51 34.27 29.55
C TYR B 3586 47.07 35.20 30.68
N TYR B 3587 45.84 35.68 30.63
CA TYR B 3587 45.30 36.55 31.65
C TYR B 3587 44.34 35.84 32.59
N SER B 3588 44.21 34.51 32.47
CA SER B 3588 43.39 33.76 33.42
C SER B 3588 43.96 33.77 34.82
N GLY B 3589 45.27 33.99 34.98
CA GLY B 3589 45.85 34.07 36.30
C GLY B 3589 45.57 35.37 37.02
N LYS B 3590 46.14 36.47 36.53
CA LYS B 3590 46.04 37.74 37.22
C LYS B 3590 44.71 38.43 36.90
N ASP B 3591 44.34 39.35 37.77
CA ASP B 3591 43.04 40.02 37.72
C ASP B 3591 43.06 41.30 36.89
N VAL B 3592 44.16 42.03 36.90
CA VAL B 3592 44.26 43.28 36.17
C VAL B 3592 44.88 42.99 34.80
N ILE B 3593 44.40 43.69 33.79
CA ILE B 3593 44.99 43.63 32.45
C ILE B 3593 45.84 44.88 32.31
N GLU B 3594 46.98 44.75 31.62
CA GLU B 3594 47.81 45.92 31.36
C GLU B 3594 47.12 46.84 30.36
N GLU B 3595 47.59 48.09 30.33
CA GLU B 3595 47.20 49.01 29.26
C GLU B 3595 47.66 48.50 27.91
N GLN B 3596 48.84 47.86 27.87
CA GLN B 3596 49.29 47.22 26.63
C GLN B 3596 48.41 46.04 26.28
N GLY B 3597 47.90 45.33 27.29
CA GLY B 3597 46.97 44.25 27.03
C GLY B 3597 45.63 44.74 26.52
N LYS B 3598 45.11 45.82 27.12
CA LYS B 3598 43.78 46.30 26.75
C LYS B 3598 43.79 47.04 25.41
N ARG B 3599 44.89 47.74 25.10
CA ARG B 3599 44.95 48.48 23.85
C ARG B 3599 45.04 47.54 22.65
N ASN B 3600 45.82 46.47 22.76
CA ASN B 3600 45.94 45.50 21.69
C ASN B 3600 44.69 44.64 21.52
N PHE B 3601 43.98 44.35 22.60
CA PHE B 3601 42.80 43.52 22.55
C PHE B 3601 41.54 44.27 22.13
N SER B 3602 41.50 45.58 22.35
CA SER B 3602 40.42 46.40 21.83
C SER B 3602 40.44 46.47 20.31
N LYS B 3603 41.59 46.23 19.68
CA LYS B 3603 41.71 46.29 18.23
C LYS B 3603 40.91 45.17 17.57
N ALA B 3604 41.27 43.92 17.87
CA ALA B 3604 40.65 42.76 17.24
C ALA B 3604 39.18 42.60 17.58
N MET B 3605 38.77 43.05 18.76
CA MET B 3605 37.35 43.11 19.09
C MET B 3605 36.62 44.08 18.17
N SER B 3606 37.22 45.24 17.91
CA SER B 3606 36.64 46.19 16.97
C SER B 3606 36.73 45.68 15.54
N VAL B 3607 37.75 44.88 15.23
CA VAL B 3607 37.88 44.31 13.90
C VAL B 3607 36.79 43.28 13.64
N ALA B 3608 36.53 42.41 14.63
CA ALA B 3608 35.53 41.37 14.47
C ALA B 3608 34.12 41.92 14.36
N LYS B 3609 33.90 43.15 14.86
CA LYS B 3609 32.62 43.83 14.68
C LYS B 3609 32.33 44.05 13.21
N GLN B 3610 33.34 44.39 12.42
CA GLN B 3610 33.16 44.44 10.99
C GLN B 3610 32.91 43.05 10.41
N VAL B 3611 33.52 42.03 11.01
CA VAL B 3611 33.40 40.66 10.51
C VAL B 3611 31.98 40.14 10.72
N PHE B 3612 31.42 40.37 11.90
CA PHE B 3612 30.03 39.97 12.14
C PHE B 3612 29.07 40.74 11.24
N ASN B 3613 29.28 42.05 11.10
CA ASN B 3613 28.36 42.88 10.33
C ASN B 3613 28.46 42.60 8.85
N SER B 3614 29.63 42.18 8.37
CA SER B 3614 29.72 41.74 6.98
C SER B 3614 28.97 40.44 6.77
N LEU B 3615 28.96 39.58 7.78
CA LEU B 3615 28.24 38.32 7.68
C LEU B 3615 26.74 38.51 7.85
N THR B 3616 26.31 39.65 8.41
CA THR B 3616 24.88 39.95 8.46
C THR B 3616 24.32 40.18 7.06
N GLU B 3617 25.00 41.01 6.27
CA GLU B 3617 24.50 41.38 4.95
C GLU B 3617 24.56 40.25 3.94
N TYR B 3618 25.20 39.13 4.28
CA TYR B 3618 25.23 38.00 3.36
C TYR B 3618 23.93 37.23 3.40
N ILE B 3619 23.14 37.41 4.44
CA ILE B 3619 21.91 36.66 4.62
C ILE B 3619 20.67 37.54 4.77
N GLN B 3620 20.81 38.82 5.12
CA GLN B 3620 19.64 39.71 5.20
C GLN B 3620 19.04 39.94 3.82
N GLY B 3621 17.73 40.10 3.78
CA GLY B 3621 17.03 40.12 2.51
C GLY B 3621 17.10 38.72 1.95
N PRO B 3622 16.31 37.80 2.53
CA PRO B 3622 16.82 36.46 2.87
C PRO B 3622 17.30 35.63 1.69
N CYS B 3623 18.61 35.47 1.65
CA CYS B 3623 19.30 34.72 0.61
C CYS B 3623 19.50 33.34 1.22
N THR B 3624 18.52 32.47 0.97
CA THR B 3624 18.43 31.19 1.68
C THR B 3624 19.60 30.27 1.33
N GLY B 3625 20.14 30.40 0.12
CA GLY B 3625 21.33 29.65 -0.22
C GLY B 3625 22.53 30.05 0.63
N ASN B 3626 22.63 31.32 0.96
CA ASN B 3626 23.63 31.73 1.94
C ASN B 3626 23.23 31.27 3.33
N GLN B 3627 21.92 31.26 3.62
CA GLN B 3627 21.45 30.81 4.91
C GLN B 3627 21.63 29.31 5.09
N GLN B 3628 21.33 28.53 4.05
CA GLN B 3628 21.53 27.09 4.13
C GLN B 3628 23.00 26.71 4.14
N SER B 3629 23.86 27.59 3.60
CA SER B 3629 25.29 27.31 3.61
C SER B 3629 25.86 27.40 5.02
N LEU B 3630 25.35 28.33 5.83
CA LEU B 3630 25.80 28.43 7.20
C LEU B 3630 25.29 27.30 8.07
N ALA B 3631 24.21 26.64 7.64
CA ALA B 3631 23.67 25.52 8.40
C ALA B 3631 24.59 24.31 8.38
N HIS B 3632 25.40 24.17 7.33
CA HIS B 3632 26.31 23.05 7.24
C HIS B 3632 27.76 23.46 7.40
N SER B 3633 28.04 24.75 7.52
CA SER B 3633 29.38 25.19 7.87
C SER B 3633 29.66 24.89 9.33
N ARG B 3634 30.93 24.98 9.71
CA ARG B 3634 31.29 24.86 11.12
C ARG B 3634 31.31 26.21 11.81
N LEU B 3635 30.25 26.98 11.56
CA LEU B 3635 30.03 28.24 12.25
C LEU B 3635 29.64 28.00 13.69
N TRP B 3636 28.86 26.94 13.94
CA TRP B 3636 28.45 26.58 15.29
C TRP B 3636 29.64 26.19 16.15
N ASP B 3637 30.68 25.62 15.53
CA ASP B 3637 31.92 25.38 16.25
C ASP B 3637 32.55 26.70 16.68
N ALA B 3638 32.41 27.74 15.85
CA ALA B 3638 32.97 29.04 16.20
C ALA B 3638 32.09 29.74 17.23
N VAL B 3639 30.78 29.73 17.02
CA VAL B 3639 29.81 30.53 17.79
C VAL B 3639 29.83 30.18 19.27
N VAL B 3640 30.02 28.90 19.58
CA VAL B 3640 30.03 28.44 20.97
C VAL B 3640 31.20 29.03 21.75
N GLY B 3641 32.38 29.08 21.14
CA GLY B 3641 33.57 29.48 21.86
C GLY B 3641 33.65 30.96 22.19
N PHE B 3642 32.82 31.79 21.54
CA PHE B 3642 32.76 33.20 21.90
C PHE B 3642 32.21 33.38 23.29
N LEU B 3643 31.12 32.66 23.60
CA LEU B 3643 30.45 32.74 24.90
C LEU B 3643 31.38 32.36 26.04
N HIS B 3644 32.27 31.40 25.80
CA HIS B 3644 33.24 31.02 26.82
C HIS B 3644 34.22 32.15 27.09
N VAL B 3645 34.54 32.92 26.06
CA VAL B 3645 35.30 34.14 26.27
C VAL B 3645 34.38 35.24 26.78
N PHE B 3646 33.15 35.28 26.26
CA PHE B 3646 32.21 36.33 26.62
C PHE B 3646 31.61 36.17 27.99
N ALA B 3647 31.88 35.08 28.71
CA ALA B 3647 31.37 34.91 30.07
C ALA B 3647 32.40 35.21 31.13
N HIS B 3648 33.69 35.15 30.83
CA HIS B 3648 34.67 35.25 31.90
C HIS B 3648 35.24 36.65 32.03
N MET B 3649 35.59 37.30 30.91
CA MET B 3649 35.90 38.73 30.97
C MET B 3649 34.67 39.55 31.34
N MET B 3650 33.49 39.01 31.02
CA MET B 3650 32.25 39.46 31.63
C MET B 3650 32.37 39.51 33.15
N MET B 3651 32.81 38.40 33.76
CA MET B 3651 33.00 38.39 35.20
C MET B 3651 34.22 39.20 35.61
N LYS B 3652 35.19 39.37 34.71
CA LYS B 3652 36.47 39.91 35.10
C LYS B 3652 36.50 41.43 35.00
N LEU B 3653 36.06 41.97 33.86
CA LEU B 3653 36.11 43.42 33.66
C LEU B 3653 35.11 44.16 34.53
N ALA B 3654 34.04 43.49 34.97
CA ALA B 3654 33.08 44.07 35.87
C ALA B 3654 33.62 44.29 37.27
N GLN B 3655 34.67 43.57 37.67
CA GLN B 3655 35.24 43.70 39.00
C GLN B 3655 36.17 44.90 39.12
N ASP B 3656 36.36 45.65 38.04
CA ASP B 3656 37.20 46.84 38.08
C ASP B 3656 36.38 48.01 37.56
N SER B 3657 36.54 49.16 38.21
CA SER B 3657 35.95 50.39 37.71
C SER B 3657 36.69 50.92 36.50
N SER B 3658 37.96 50.57 36.33
CA SER B 3658 38.76 51.04 35.21
C SER B 3658 38.58 50.17 33.97
N GLN B 3659 37.88 49.05 34.07
CA GLN B 3659 37.72 48.10 32.98
C GLN B 3659 36.29 48.08 32.46
N ILE B 3660 35.54 49.16 32.70
CA ILE B 3660 34.13 49.19 32.33
C ILE B 3660 33.98 49.43 30.83
N GLU B 3661 34.75 50.37 30.28
CA GLU B 3661 34.56 50.75 28.89
C GLU B 3661 35.03 49.68 27.91
N LEU B 3662 35.89 48.77 28.35
CA LEU B 3662 36.18 47.59 27.54
C LEU B 3662 35.07 46.57 27.66
N LEU B 3663 34.49 46.42 28.86
CA LEU B 3663 33.32 45.58 29.02
C LEU B 3663 32.11 46.19 28.32
N LYS B 3664 32.05 47.52 28.29
CA LYS B 3664 31.12 48.22 27.41
C LYS B 3664 31.42 47.89 25.96
N GLU B 3665 32.69 47.89 25.59
CA GLU B 3665 33.10 47.49 24.25
C GLU B 3665 32.86 46.00 24.01
N LEU B 3666 32.94 45.19 25.06
CA LEU B 3666 32.70 43.75 24.93
C LEU B 3666 31.24 43.46 24.61
N LEU B 3667 30.31 44.24 25.17
CA LEU B 3667 28.91 44.01 24.87
C LEU B 3667 28.55 44.53 23.48
N ASP B 3668 29.29 45.53 22.99
CA ASP B 3668 29.01 46.07 21.66
C ASP B 3668 29.35 45.07 20.58
N LEU B 3669 30.44 44.32 20.75
CA LEU B 3669 30.70 43.18 19.88
C LEU B 3669 29.65 42.09 20.10
N GLN B 3670 29.24 41.88 21.34
CA GLN B 3670 28.34 40.78 21.66
C GLN B 3670 26.92 41.10 21.20
N LYS B 3671 26.53 42.36 21.19
CA LYS B 3671 25.27 42.79 20.59
C LYS B 3671 25.33 42.60 19.08
N ASP B 3672 26.44 43.02 18.48
CA ASP B 3672 26.57 42.94 17.03
C ASP B 3672 26.77 41.51 16.58
N MET B 3673 27.23 40.65 17.50
CA MET B 3673 27.18 39.22 17.24
C MET B 3673 25.74 38.71 17.23
N VAL B 3674 24.96 39.09 18.24
CA VAL B 3674 23.69 38.43 18.46
C VAL B 3674 22.59 38.95 17.56
N VAL B 3675 22.74 40.16 16.99
CA VAL B 3675 21.74 40.63 16.04
C VAL B 3675 21.86 39.89 14.72
N MET B 3676 23.05 39.36 14.41
CA MET B 3676 23.14 38.40 13.33
C MET B 3676 22.42 37.12 13.69
N LEU B 3677 22.49 36.71 14.95
CA LEU B 3677 21.90 35.45 15.38
C LEU B 3677 20.39 35.47 15.26
N LEU B 3678 19.78 36.62 15.50
CA LEU B 3678 18.37 36.81 15.13
C LEU B 3678 18.20 36.82 13.62
N SER B 3679 19.09 37.51 12.91
CA SER B 3679 19.03 37.63 11.46
C SER B 3679 19.35 36.32 10.75
N LEU B 3680 19.89 35.33 11.45
CA LEU B 3680 20.02 33.99 10.92
C LEU B 3680 18.67 33.36 10.61
N LEU B 3681 17.63 33.71 11.35
CA LEU B 3681 16.34 33.04 11.18
C LEU B 3681 15.60 33.59 9.97
N GLU B 3682 15.17 34.86 10.09
CA GLU B 3682 14.59 35.69 9.02
C GLU B 3682 13.49 34.96 8.26
N GLY B 3683 12.40 34.66 8.98
CA GLY B 3683 11.39 33.81 8.42
C GLY B 3683 11.73 32.34 8.57
N ASN B 3684 11.85 31.89 9.81
CA ASN B 3684 12.32 30.54 10.06
C ASN B 3684 11.13 29.59 10.16
N VAL B 3685 11.18 28.49 9.40
CA VAL B 3685 10.07 27.53 9.37
C VAL B 3685 10.09 26.73 10.67
N VAL B 3686 9.03 25.95 10.91
CA VAL B 3686 8.75 25.27 12.18
C VAL B 3686 9.90 24.37 12.64
N ASN B 3687 10.56 23.68 11.73
CA ASN B 3687 11.63 22.75 12.13
C ASN B 3687 12.85 22.94 11.25
N GLY B 3688 13.26 24.19 11.03
CA GLY B 3688 14.24 24.53 10.02
C GLY B 3688 15.69 24.31 10.34
N MET B 3689 15.97 23.53 11.39
CA MET B 3689 17.28 23.05 11.84
C MET B 3689 18.17 24.14 12.42
N ILE B 3690 17.78 25.39 12.31
CA ILE B 3690 18.52 26.49 12.91
C ILE B 3690 18.29 26.53 14.40
N ALA B 3691 17.00 26.60 14.77
CA ALA B 3691 16.58 26.43 16.15
C ALA B 3691 17.03 25.08 16.71
N ARG B 3692 17.01 24.04 15.89
CA ARG B 3692 17.41 22.73 16.37
C ARG B 3692 18.91 22.68 16.65
N GLN B 3693 19.68 23.51 15.96
CA GLN B 3693 21.07 23.72 16.33
C GLN B 3693 21.25 24.89 17.27
N MET B 3694 20.30 25.83 17.32
CA MET B 3694 20.35 26.82 18.40
C MET B 3694 20.03 26.21 19.74
N VAL B 3695 19.26 25.12 19.74
CA VAL B 3695 19.22 24.28 20.93
C VAL B 3695 20.61 23.73 21.23
N ASP B 3696 21.33 23.30 20.19
CA ASP B 3696 22.58 22.59 20.39
C ASP B 3696 23.68 23.53 20.87
N MET B 3697 23.70 24.78 20.40
CA MET B 3697 24.74 25.70 20.86
C MET B 3697 24.48 26.16 22.29
N LEU B 3698 23.26 26.05 22.78
CA LEU B 3698 23.01 26.46 24.15
C LEU B 3698 23.24 25.32 25.13
N VAL B 3699 22.99 24.08 24.70
CA VAL B 3699 23.34 22.93 25.52
C VAL B 3699 24.85 22.78 25.63
N GLU B 3700 25.56 23.04 24.53
CA GLU B 3700 27.01 22.82 24.48
C GLU B 3700 27.77 23.86 25.30
N SER B 3701 27.25 25.08 25.36
CA SER B 3701 27.90 26.18 26.04
C SER B 3701 27.14 26.59 27.30
N SER B 3702 26.49 25.61 27.94
CA SER B 3702 25.46 25.89 28.93
C SER B 3702 26.00 26.55 30.19
N SER B 3703 27.18 26.15 30.65
CA SER B 3703 27.79 26.81 31.79
C SER B 3703 28.13 28.26 31.48
N ASN B 3704 28.57 28.51 30.23
CA ASN B 3704 28.80 29.88 29.80
C ASN B 3704 27.49 30.60 29.56
N VAL B 3705 26.46 29.87 29.13
CA VAL B 3705 25.11 30.43 29.03
C VAL B 3705 24.62 30.85 30.41
N GLU B 3706 24.81 29.99 31.41
CA GLU B 3706 24.36 30.28 32.76
C GLU B 3706 25.12 31.44 33.38
N MET B 3707 26.41 31.56 33.05
CA MET B 3707 27.19 32.70 33.51
C MET B 3707 26.81 33.97 32.74
N ILE B 3708 26.07 33.83 31.65
CA ILE B 3708 25.39 34.96 31.05
C ILE B 3708 23.97 35.08 31.61
N LEU B 3709 23.36 33.93 31.93
CA LEU B 3709 22.02 33.93 32.53
C LEU B 3709 22.02 34.55 33.91
N LYS B 3710 22.93 34.12 34.79
CA LYS B 3710 23.05 34.74 36.12
C LYS B 3710 23.51 36.18 35.99
N PHE B 3711 24.23 36.50 34.92
CA PHE B 3711 24.59 37.87 34.59
C PHE B 3711 23.36 38.66 34.13
N PHE B 3712 22.34 37.96 33.64
CA PHE B 3712 21.14 38.63 33.14
C PHE B 3712 19.91 38.37 34.01
N ASP B 3713 19.89 37.30 34.80
CA ASP B 3713 18.70 37.04 35.61
C ASP B 3713 18.88 37.58 37.02
N MET B 3714 19.96 37.19 37.70
CA MET B 3714 20.10 37.58 39.09
C MET B 3714 21.01 38.78 39.25
N PHE B 3715 21.55 39.31 38.15
CA PHE B 3715 22.43 40.46 38.27
C PHE B 3715 21.85 41.69 37.59
N LEU B 3716 20.96 41.47 36.63
CA LEU B 3716 20.12 42.57 36.16
C LEU B 3716 19.00 42.88 37.14
N LYS B 3717 18.76 42.00 38.12
CA LYS B 3717 17.74 42.29 39.12
C LYS B 3717 18.27 43.20 40.22
N LEU B 3718 19.55 43.57 40.15
CA LEU B 3718 20.15 44.56 41.04
C LEU B 3718 19.41 45.89 40.97
N LYS B 3719 18.96 46.26 39.77
CA LYS B 3719 18.10 47.44 39.63
C LYS B 3719 16.73 47.19 40.24
N ASP B 3720 16.30 45.93 40.34
CA ASP B 3720 15.05 45.62 41.03
C ASP B 3720 15.24 45.46 42.54
N ILE B 3721 16.43 45.06 42.98
CA ILE B 3721 16.66 44.93 44.42
C ILE B 3721 16.77 46.30 45.07
N VAL B 3722 17.45 47.24 44.41
CA VAL B 3722 17.19 48.63 44.75
C VAL B 3722 16.10 49.09 43.78
N GLY B 3723 14.90 48.59 44.02
CA GLY B 3723 13.67 49.04 43.40
C GLY B 3723 12.64 48.83 44.47
N SER B 3724 13.15 48.47 45.65
CA SER B 3724 12.36 48.02 46.77
C SER B 3724 12.72 48.85 47.99
N GLU B 3725 11.72 49.06 48.85
CA GLU B 3725 11.99 49.73 50.12
C GLU B 3725 12.69 48.81 51.10
N ALA B 3726 12.66 47.50 50.86
CA ALA B 3726 13.39 46.58 51.72
C ALA B 3726 14.90 46.71 51.54
N PHE B 3727 15.35 47.36 50.45
CA PHE B 3727 16.70 47.90 50.41
C PHE B 3727 16.78 49.23 51.17
N GLN B 3728 15.75 50.05 51.06
CA GLN B 3728 15.78 51.41 51.58
C GLN B 3728 15.50 51.51 53.07
N ASP B 3729 14.99 50.45 53.70
CA ASP B 3729 14.58 50.54 55.09
C ASP B 3729 15.77 50.60 56.03
N TYR B 3730 16.64 49.59 55.97
CA TYR B 3730 17.71 49.44 56.94
C TYR B 3730 18.83 50.46 56.77
N VAL B 3731 19.00 51.00 55.57
CA VAL B 3731 20.08 51.96 55.32
C VAL B 3731 19.75 53.28 56.01
N THR B 3732 20.57 53.63 57.02
CA THR B 3732 20.33 54.82 57.84
C THR B 3732 21.22 55.94 57.30
N ASP B 3733 20.98 56.32 56.05
CA ASP B 3733 21.85 57.26 55.34
C ASP B 3733 21.00 58.18 54.49
N PRO B 3734 20.61 59.34 55.03
CA PRO B 3734 20.06 60.41 54.16
C PRO B 3734 21.09 60.96 53.19
N ARG B 3735 22.38 60.81 53.46
CA ARG B 3735 23.40 61.11 52.47
C ARG B 3735 23.51 59.99 51.44
N GLY B 3736 22.93 58.83 51.71
CA GLY B 3736 22.91 57.74 50.76
C GLY B 3736 24.23 57.04 50.56
N LEU B 3737 25.08 57.03 51.58
CA LEU B 3737 26.37 56.32 51.53
C LEU B 3737 26.22 55.07 52.40
N ILE B 3738 25.62 54.03 51.82
CA ILE B 3738 25.33 52.80 52.55
C ILE B 3738 26.63 52.04 52.81
N SER B 3739 26.72 51.43 53.99
CA SER B 3739 27.91 50.67 54.35
C SER B 3739 27.88 49.30 53.68
N LYS B 3740 28.81 48.44 54.06
CA LYS B 3740 28.91 47.12 53.44
C LYS B 3740 28.12 46.05 54.17
N LYS B 3741 28.16 46.05 55.50
CA LYS B 3741 27.61 44.93 56.26
C LYS B 3741 26.08 44.96 56.27
N ASP B 3742 25.48 46.15 56.23
CA ASP B 3742 24.04 46.20 56.04
C ASP B 3742 23.66 45.80 54.63
N PHE B 3743 24.46 46.19 53.65
CA PHE B 3743 24.32 45.65 52.30
C PHE B 3743 24.57 44.15 52.28
N GLN B 3744 25.51 43.67 53.10
CA GLN B 3744 25.76 42.24 53.20
C GLN B 3744 24.60 41.52 53.88
N LYS B 3745 23.89 42.19 54.79
CA LYS B 3745 22.81 41.56 55.53
C LYS B 3745 21.60 41.30 54.64
N ALA B 3746 21.21 42.29 53.85
CA ALA B 3746 19.99 42.18 53.05
C ALA B 3746 20.16 41.26 51.86
N MET B 3747 21.38 41.03 51.39
CA MET B 3747 21.58 40.02 50.36
C MET B 3747 21.42 38.62 50.92
N ASP B 3748 21.51 38.47 52.25
CA ASP B 3748 21.15 37.23 52.93
C ASP B 3748 19.71 37.26 53.44
N SER B 3749 19.19 38.44 53.77
CA SER B 3749 17.82 38.54 54.26
C SER B 3749 16.81 38.35 53.13
N GLN B 3750 16.94 39.13 52.07
CA GLN B 3750 16.15 38.89 50.86
C GLN B 3750 16.63 37.60 50.20
N LYS B 3751 15.68 36.89 49.62
CA LYS B 3751 15.95 35.54 49.13
C LYS B 3751 16.42 35.57 47.68
N GLN B 3752 16.47 34.38 47.05
CA GLN B 3752 16.95 34.09 45.69
C GLN B 3752 18.27 34.77 45.33
N PHE B 3753 19.17 34.92 46.30
CA PHE B 3753 20.56 35.32 46.06
C PHE B 3753 21.47 34.10 46.17
N THR B 3754 22.78 34.35 46.13
CA THR B 3754 23.79 33.33 46.30
C THR B 3754 25.07 33.97 46.83
N GLY B 3755 25.49 33.49 48.01
CA GLY B 3755 26.62 34.00 48.77
C GLY B 3755 27.92 34.34 48.06
N PRO B 3756 28.46 33.40 47.27
CA PRO B 3756 29.66 33.74 46.47
C PRO B 3756 29.40 34.81 45.42
N GLU B 3757 28.20 34.89 44.87
CA GLU B 3757 27.91 35.96 43.94
C GLU B 3757 27.48 37.23 44.66
N ILE B 3758 27.09 37.12 45.93
CA ILE B 3758 27.03 38.29 46.81
C ILE B 3758 28.43 38.84 47.04
N GLN B 3759 29.42 37.95 47.14
CA GLN B 3759 30.80 38.40 47.20
C GLN B 3759 31.27 38.96 45.86
N PHE B 3760 30.65 38.51 44.77
CA PHE B 3760 30.93 39.10 43.45
C PHE B 3760 30.38 40.52 43.36
N LEU B 3761 29.33 40.83 44.12
CA LEU B 3761 28.80 42.19 44.19
C LEU B 3761 29.83 43.13 44.81
N LEU B 3762 30.41 42.72 45.94
CA LEU B 3762 31.37 43.57 46.63
C LEU B 3762 32.66 43.69 45.85
N SER B 3763 33.06 42.66 45.12
CA SER B 3763 34.19 42.76 44.21
C SER B 3763 33.90 43.68 43.04
N CYS B 3764 32.64 43.81 42.65
CA CYS B 3764 32.26 44.79 41.64
C CYS B 3764 31.89 46.13 42.24
N SER B 3765 31.58 46.18 43.53
CA SER B 3765 31.25 47.46 44.13
C SER B 3765 32.52 48.23 44.46
N GLU B 3766 32.32 49.48 44.87
CA GLU B 3766 33.37 50.29 45.45
C GLU B 3766 33.21 50.26 46.96
N ALA B 3767 34.30 50.03 47.67
CA ALA B 3767 34.22 49.94 49.13
C ALA B 3767 34.16 51.33 49.76
N ASP B 3768 34.92 52.28 49.18
CA ASP B 3768 35.10 53.65 49.67
C ASP B 3768 35.54 53.65 51.14
N GLU B 3769 36.64 52.92 51.38
CA GLU B 3769 37.20 52.66 52.72
C GLU B 3769 36.18 52.03 53.66
N ASN B 3770 35.40 51.08 53.12
CA ASN B 3770 34.40 50.30 53.85
C ASN B 3770 33.31 51.20 54.45
N GLU B 3771 32.98 52.28 53.73
CA GLU B 3771 31.99 53.24 54.17
C GLU B 3771 30.82 53.36 53.20
N MET B 3772 31.10 53.43 51.91
CA MET B 3772 30.09 53.74 50.92
C MET B 3772 30.15 52.76 49.75
N ILE B 3773 29.01 52.14 49.47
CA ILE B 3773 28.81 51.35 48.27
C ILE B 3773 28.45 52.24 47.09
N ASN B 3774 27.77 53.35 47.36
CA ASN B 3774 27.20 54.27 46.38
C ASN B 3774 26.31 53.50 45.40
N PHE B 3775 25.22 52.98 45.95
CA PHE B 3775 24.39 51.97 45.29
C PHE B 3775 23.72 52.48 44.02
N GLU B 3776 23.62 53.79 43.84
CA GLU B 3776 23.25 54.35 42.54
C GLU B 3776 24.29 53.98 41.50
N GLU B 3777 25.56 54.30 41.77
CA GLU B 3777 26.62 53.98 40.82
C GLU B 3777 26.95 52.50 40.83
N PHE B 3778 26.53 51.77 41.87
CA PHE B 3778 26.65 50.31 41.83
C PHE B 3778 25.62 49.72 40.88
N ALA B 3779 24.56 50.46 40.58
CA ALA B 3779 23.65 50.06 39.51
C ALA B 3779 23.98 50.79 38.20
N ASN B 3780 24.42 52.05 38.28
CA ASN B 3780 24.56 52.87 37.08
C ASN B 3780 25.80 52.51 36.28
N ARG B 3781 26.76 51.81 36.90
CA ARG B 3781 27.86 51.25 36.13
C ARG B 3781 27.40 50.09 35.27
N PHE B 3782 26.41 49.33 35.75
CA PHE B 3782 26.09 48.08 35.08
C PHE B 3782 24.85 48.18 34.20
N GLN B 3783 23.85 49.00 34.60
CA GLN B 3783 22.56 48.96 33.91
C GLN B 3783 22.60 49.63 32.54
N GLU B 3784 23.56 50.51 32.30
CA GLU B 3784 23.52 51.31 31.06
C GLU B 3784 23.82 50.56 29.74
N PRO B 3785 24.71 49.56 29.66
CA PRO B 3785 24.76 48.79 28.41
C PRO B 3785 24.02 47.46 28.47
N ALA B 3786 23.37 47.15 29.60
CA ALA B 3786 22.89 45.78 29.81
C ALA B 3786 21.42 45.65 29.45
N ARG B 3787 20.73 46.76 29.27
CA ARG B 3787 19.26 46.70 29.16
C ARG B 3787 18.82 46.51 27.71
N ASP B 3788 19.69 46.80 26.76
CA ASP B 3788 19.32 46.55 25.36
C ASP B 3788 19.69 45.15 24.93
N ILE B 3789 20.86 44.67 25.39
CA ILE B 3789 21.31 43.32 25.06
C ILE B 3789 20.43 42.28 25.76
N GLY B 3790 19.87 42.62 26.92
CA GLY B 3790 19.06 41.69 27.68
C GLY B 3790 17.73 41.41 27.04
N PHE B 3791 17.14 42.42 26.40
CA PHE B 3791 16.01 42.18 25.52
C PHE B 3791 16.42 41.31 24.34
N ASN B 3792 17.59 41.57 23.78
CA ASN B 3792 18.02 40.89 22.56
C ASN B 3792 18.29 39.42 22.80
N VAL B 3793 18.77 39.08 23.99
CA VAL B 3793 18.90 37.68 24.37
C VAL B 3793 17.52 37.06 24.57
N ALA B 3794 16.66 37.76 25.28
CA ALA B 3794 15.32 37.26 25.59
C ALA B 3794 14.48 37.11 24.34
N VAL B 3795 14.63 38.04 23.38
CA VAL B 3795 13.81 37.96 22.18
C VAL B 3795 14.31 36.82 21.30
N LEU B 3796 15.59 36.44 21.43
CA LEU B 3796 16.08 35.28 20.74
C LEU B 3796 15.49 34.01 21.34
N LEU B 3797 15.42 33.95 22.66
CA LEU B 3797 14.78 32.82 23.33
C LEU B 3797 13.29 32.79 23.06
N THR B 3798 12.68 33.96 22.93
CA THR B 3798 11.24 34.04 22.72
C THR B 3798 10.85 33.52 21.34
N ASN B 3799 11.69 33.82 20.34
CA ASN B 3799 11.37 33.42 18.97
C ASN B 3799 11.48 31.92 18.81
N LEU B 3800 12.56 31.33 19.32
CA LEU B 3800 12.80 29.91 19.21
C LEU B 3800 11.82 29.10 20.05
N SER B 3801 11.22 29.74 21.05
CA SER B 3801 10.18 29.12 21.85
C SER B 3801 8.97 28.76 21.01
N GLU B 3802 8.69 29.54 19.97
CA GLU B 3802 7.48 29.38 19.20
C GLU B 3802 7.71 28.82 17.81
N HIS B 3803 8.97 28.69 17.36
CA HIS B 3803 9.17 27.98 16.10
C HIS B 3803 8.95 26.49 16.27
N VAL B 3804 9.46 25.91 17.35
CA VAL B 3804 9.06 24.55 17.70
C VAL B 3804 9.06 24.43 19.22
N PRO B 3805 7.92 24.09 19.82
CA PRO B 3805 7.89 23.76 21.25
C PRO B 3805 8.37 22.34 21.53
N HIS B 3806 8.14 21.90 22.78
CA HIS B 3806 8.17 20.50 23.18
C HIS B 3806 9.59 19.93 23.18
N ASP B 3807 10.55 20.79 23.45
CA ASP B 3807 11.90 20.35 23.80
C ASP B 3807 12.05 20.52 25.30
N PRO B 3808 12.33 19.46 26.05
CA PRO B 3808 12.61 19.62 27.48
C PRO B 3808 13.86 20.43 27.75
N ARG B 3809 14.83 20.38 26.84
CA ARG B 3809 15.98 21.27 26.93
C ARG B 3809 15.59 22.72 26.72
N LEU B 3810 14.62 22.99 25.85
CA LEU B 3810 14.08 24.34 25.77
C LEU B 3810 13.35 24.72 27.04
N ARG B 3811 12.70 23.75 27.69
CA ARG B 3811 12.08 24.03 28.99
C ARG B 3811 13.10 24.32 30.06
N ASN B 3812 14.34 23.86 29.89
CA ASN B 3812 15.41 24.23 30.81
C ASN B 3812 15.72 25.71 30.70
N PHE B 3813 16.10 26.17 29.51
CA PHE B 3813 16.67 27.52 29.37
C PHE B 3813 15.62 28.60 29.53
N LEU B 3814 14.38 28.34 29.10
CA LEU B 3814 13.31 29.33 29.33
C LEU B 3814 12.98 29.47 30.80
N GLU B 3815 13.15 28.38 31.56
CA GLU B 3815 12.95 28.44 32.99
C GLU B 3815 14.02 29.26 33.68
N LEU B 3816 15.28 29.12 33.24
CA LEU B 3816 16.36 29.86 33.86
C LEU B 3816 16.35 31.33 33.46
N ALA B 3817 15.77 31.64 32.31
CA ALA B 3817 15.68 33.01 31.84
C ALA B 3817 14.43 33.70 32.35
N GLU B 3818 14.30 33.81 33.68
CA GLU B 3818 13.03 34.27 34.22
C GLU B 3818 12.90 35.78 34.18
N SER B 3819 13.73 36.50 34.94
CA SER B 3819 13.55 37.95 35.07
C SER B 3819 14.01 38.68 33.84
N ILE B 3820 14.81 38.02 33.01
CA ILE B 3820 15.07 38.49 31.65
C ILE B 3820 13.75 38.58 30.89
N LEU B 3821 12.97 37.52 30.94
CA LEU B 3821 11.65 37.46 30.35
C LEU B 3821 10.57 37.99 31.27
N GLU B 3822 10.91 38.87 32.22
CA GLU B 3822 9.88 39.57 32.96
C GLU B 3822 10.01 41.08 32.81
N TYR B 3823 11.23 41.60 32.89
CA TYR B 3823 11.40 43.04 32.88
C TYR B 3823 11.26 43.61 31.47
N PHE B 3824 11.54 42.79 30.46
CA PHE B 3824 11.55 43.28 29.09
C PHE B 3824 10.43 42.70 28.24
N ARG B 3825 9.71 41.70 28.73
CA ARG B 3825 8.53 41.23 28.01
C ARG B 3825 7.40 42.25 27.84
N PRO B 3826 7.20 43.31 28.72
CA PRO B 3826 6.24 44.34 28.31
C PRO B 3826 6.80 45.19 27.19
N TYR B 3827 8.13 45.19 27.04
CA TYR B 3827 8.74 45.97 25.98
C TYR B 3827 8.66 45.25 24.64
N LEU B 3828 8.45 43.94 24.67
CA LEU B 3828 8.40 43.15 23.45
C LEU B 3828 7.15 43.47 22.64
N GLY B 3829 7.34 43.93 21.42
CA GLY B 3829 6.26 44.13 20.48
C GLY B 3829 6.20 43.00 19.48
N ARG B 3830 5.00 42.67 19.04
CA ARG B 3830 4.78 41.53 18.16
C ARG B 3830 3.93 41.91 16.95
N ILE B 3831 4.34 41.44 15.78
CA ILE B 3831 3.55 41.50 14.55
C ILE B 3831 3.65 40.14 13.90
N GLU B 3832 2.77 39.88 12.93
CA GLU B 3832 2.85 38.67 12.13
C GLU B 3832 2.28 38.97 10.76
N ILE B 3833 3.02 38.61 9.71
CA ILE B 3833 2.72 39.05 8.35
C ILE B 3833 2.91 37.91 7.37
N MET B 3834 2.42 38.13 6.15
CA MET B 3834 2.70 37.28 5.01
C MET B 3834 3.42 38.13 3.97
N GLY B 3835 4.75 38.09 3.98
CA GLY B 3835 5.47 38.71 2.90
C GLY B 3835 6.15 37.71 2.00
N ALA B 3836 5.52 37.41 0.85
CA ALA B 3836 6.06 36.65 -0.29
C ALA B 3836 6.37 35.18 0.03
N SER B 3837 6.25 34.75 1.28
CA SER B 3837 6.43 33.35 1.64
C SER B 3837 5.14 32.57 1.55
N ARG B 3838 4.02 33.25 1.28
CA ARG B 3838 2.67 32.69 1.17
C ARG B 3838 2.22 32.05 2.48
N ARG B 3839 2.83 32.49 3.58
CA ARG B 3839 2.65 31.93 4.91
C ARG B 3839 2.70 33.08 5.91
N ILE B 3840 2.02 32.89 7.03
CA ILE B 3840 2.07 33.92 8.06
C ILE B 3840 3.35 33.75 8.86
N GLU B 3841 4.11 34.83 8.96
CA GLU B 3841 5.42 34.78 9.60
C GLU B 3841 5.50 35.82 10.70
N ARG B 3842 5.87 35.39 11.90
CA ARG B 3842 5.90 36.25 13.07
C ARG B 3842 7.21 37.01 13.15
N ILE B 3843 7.13 38.30 13.47
CA ILE B 3843 8.29 39.17 13.62
C ILE B 3843 8.17 39.89 14.95
N TYR B 3844 9.26 39.93 15.70
CA TYR B 3844 9.31 40.61 16.98
C TYR B 3844 10.05 41.94 16.84
N PHE B 3845 9.90 42.80 17.85
CA PHE B 3845 10.55 44.09 17.95
C PHE B 3845 10.26 44.64 19.34
N GLU B 3846 10.76 45.84 19.61
CA GLU B 3846 10.40 46.57 20.83
C GLU B 3846 10.09 48.02 20.49
N ILE B 3847 9.27 48.65 21.32
CA ILE B 3847 9.16 50.11 21.29
C ILE B 3847 9.52 50.66 22.66
N SER B 3848 9.65 51.98 22.75
CA SER B 3848 10.08 52.59 23.99
C SER B 3848 8.98 52.59 25.03
N GLU B 3849 9.41 52.73 26.29
CA GLU B 3849 8.47 52.92 27.39
C GLU B 3849 7.74 54.25 27.27
N THR B 3850 8.38 55.23 26.62
CA THR B 3850 7.79 56.54 26.41
C THR B 3850 6.51 56.47 25.61
N ASN B 3851 6.40 55.48 24.73
CA ASN B 3851 5.20 55.35 23.92
C ASN B 3851 4.02 54.85 24.74
N ARG B 3852 4.27 53.96 25.69
CA ARG B 3852 3.19 53.17 26.30
C ARG B 3852 2.33 54.01 27.22
N ALA B 3853 2.95 54.82 28.09
CA ALA B 3853 2.17 55.73 28.91
C ALA B 3853 1.55 56.83 28.04
N GLN B 3854 2.22 57.17 26.94
CA GLN B 3854 1.67 58.15 26.02
C GLN B 3854 0.70 57.47 25.07
N TRP B 3855 0.70 56.13 25.04
CA TRP B 3855 -0.44 55.40 24.51
C TRP B 3855 -1.57 55.34 25.53
N GLU B 3856 -1.24 55.10 26.79
CA GLU B 3856 -2.26 55.04 27.84
C GLU B 3856 -2.75 56.45 28.16
N MET B 3857 -3.60 56.95 27.27
CA MET B 3857 -4.23 58.24 27.39
C MET B 3857 -5.70 58.09 27.01
N PRO B 3858 -6.60 58.63 27.84
CA PRO B 3858 -8.03 58.58 27.48
C PRO B 3858 -8.37 59.36 26.23
N GLN B 3859 -7.63 60.43 25.94
CA GLN B 3859 -7.75 61.14 24.68
C GLN B 3859 -7.45 60.22 23.51
N VAL B 3860 -6.37 59.45 23.60
CA VAL B 3860 -6.04 58.47 22.57
C VAL B 3860 -7.05 57.34 22.60
N LYS B 3861 -7.50 56.95 23.79
CA LYS B 3861 -8.48 55.89 23.94
C LYS B 3861 -9.82 56.29 23.32
N GLU B 3862 -10.22 57.55 23.50
CA GLU B 3862 -11.47 58.03 22.94
C GLU B 3862 -11.40 58.14 21.42
N SER B 3863 -10.29 58.69 20.91
CA SER B 3863 -10.08 58.75 19.47
C SER B 3863 -10.02 57.37 18.84
N LYS B 3864 -9.48 56.39 19.57
CA LYS B 3864 -9.58 55.01 19.13
C LYS B 3864 -11.02 54.52 19.17
N ARG B 3865 -11.73 54.85 20.26
CA ARG B 3865 -13.09 54.37 20.48
C ARG B 3865 -14.05 54.86 19.41
N GLN B 3866 -13.93 56.13 19.02
CA GLN B 3866 -14.73 56.66 17.93
C GLN B 3866 -14.37 55.99 16.62
N PHE B 3867 -13.09 55.64 16.44
CA PHE B 3867 -12.66 54.97 15.23
C PHE B 3867 -13.17 53.54 15.16
N ILE B 3868 -13.27 52.88 16.31
CA ILE B 3868 -13.89 51.56 16.39
C ILE B 3868 -15.34 51.64 15.94
N PHE B 3869 -16.03 52.71 16.33
CA PHE B 3869 -17.45 52.87 16.05
C PHE B 3869 -17.72 53.04 14.57
N ASP B 3870 -16.81 53.67 13.85
CA ASP B 3870 -17.10 54.09 12.48
C ASP B 3870 -16.84 52.98 11.47
N VAL B 3871 -15.79 52.20 11.67
CA VAL B 3871 -15.34 51.24 10.66
C VAL B 3871 -16.28 50.04 10.55
N VAL B 3872 -17.14 49.82 11.53
CA VAL B 3872 -18.21 48.85 11.40
C VAL B 3872 -19.55 49.52 11.18
N ASN B 3873 -19.65 50.83 11.44
CA ASN B 3873 -20.78 51.57 10.91
C ASN B 3873 -20.69 51.65 9.39
N GLU B 3874 -19.48 51.74 8.86
CA GLU B 3874 -19.24 51.73 7.42
C GLU B 3874 -17.99 50.89 7.15
N GLY B 3875 -18.20 49.74 6.50
CA GLY B 3875 -17.09 48.87 6.14
C GLY B 3875 -17.32 48.24 4.78
N GLY B 3876 -16.26 48.25 3.98
CA GLY B 3876 -16.31 47.76 2.61
C GLY B 3876 -15.09 46.95 2.23
N GLU B 3877 -14.42 47.37 1.15
CA GLU B 3877 -13.18 46.78 0.65
C GLU B 3877 -12.04 47.16 1.63
N ALA B 3878 -10.78 46.86 1.27
CA ALA B 3878 -9.61 47.11 2.10
C ALA B 3878 -9.32 48.59 2.38
N GLU B 3879 -10.18 49.48 1.86
CA GLU B 3879 -10.48 50.75 2.50
C GLU B 3879 -10.59 50.61 4.02
N LYS B 3880 -11.37 49.60 4.46
CA LYS B 3880 -11.48 49.23 5.87
C LYS B 3880 -10.11 49.01 6.51
N MET B 3881 -9.17 48.43 5.76
CA MET B 3881 -7.79 48.40 6.25
C MET B 3881 -7.01 49.64 5.88
N GLU B 3882 -7.44 50.38 4.84
CA GLU B 3882 -6.66 51.53 4.40
C GLU B 3882 -6.78 52.69 5.37
N LEU B 3883 -8.02 53.11 5.66
CA LEU B 3883 -8.19 54.19 6.61
C LEU B 3883 -7.90 53.77 8.04
N PHE B 3884 -7.80 52.45 8.30
CA PHE B 3884 -7.12 51.99 9.50
C PHE B 3884 -5.69 52.51 9.53
N VAL B 3885 -4.94 52.26 8.46
CA VAL B 3885 -3.56 52.71 8.35
C VAL B 3885 -3.49 54.23 8.39
N SER B 3886 -4.48 54.90 7.79
CA SER B 3886 -4.56 56.35 7.90
C SER B 3886 -4.81 56.78 9.34
N PHE B 3887 -5.70 56.08 10.05
CA PHE B 3887 -5.91 56.35 11.47
C PHE B 3887 -4.66 56.04 12.28
N CYS B 3888 -3.92 55.00 11.89
CA CYS B 3888 -2.60 54.79 12.47
C CYS B 3888 -1.71 55.98 12.19
N GLU B 3889 -1.63 56.37 10.91
CA GLU B 3889 -0.73 57.42 10.47
C GLU B 3889 -1.17 58.80 10.98
N ASP B 3890 -2.47 58.99 11.15
CA ASP B 3890 -2.97 60.24 11.75
C ASP B 3890 -2.55 60.34 13.20
N THR B 3891 -2.52 59.21 13.91
CA THR B 3891 -2.33 59.28 15.34
C THR B 3891 -0.85 59.44 15.69
N ILE B 3892 0.04 59.06 14.77
CA ILE B 3892 1.48 59.23 15.02
C ILE B 3892 1.84 60.70 15.09
N PHE B 3893 1.21 61.52 14.24
CA PHE B 3893 1.36 62.96 14.36
C PHE B 3893 0.68 63.48 15.62
N GLU B 3894 -0.39 62.83 16.05
CA GLU B 3894 -0.97 63.14 17.35
C GLU B 3894 -0.02 62.76 18.48
N MET B 3895 0.74 61.67 18.29
CA MET B 3895 1.79 61.37 19.28
C MET B 3895 2.92 62.37 19.16
N GLN B 3896 3.11 62.97 17.98
CA GLN B 3896 4.17 63.96 17.81
C GLN B 3896 3.82 65.26 18.52
N ILE B 3897 2.57 65.71 18.40
CA ILE B 3897 2.17 66.97 19.04
C ILE B 3897 2.00 66.79 20.55
N ALA B 3898 1.78 65.55 21.01
CA ALA B 3898 1.64 65.33 22.44
C ALA B 3898 2.97 65.42 23.16
N ALA B 3899 4.07 65.23 22.45
CA ALA B 3899 5.40 65.33 23.04
C ALA B 3899 5.86 66.77 23.22
N GLN B 3900 5.47 67.68 22.33
CA GLN B 3900 6.05 69.01 22.30
C GLN B 3900 5.39 69.99 23.26
N ILE B 3901 4.25 69.62 23.86
CA ILE B 3901 3.57 70.50 24.79
C ILE B 3901 3.73 70.05 26.24
N SER B 3902 4.28 68.87 26.47
CA SER B 3902 4.50 68.35 27.80
C SER B 3902 5.71 69.02 28.42
N GLU B 3903 5.76 69.03 29.75
CA GLU B 3903 6.88 69.65 30.46
C GLU B 3903 7.25 68.84 31.70
N PHE B 4190 12.32 91.16 28.25
CA PHE B 4190 13.49 91.20 27.38
C PHE B 4190 13.10 91.26 25.90
N TRP B 4191 14.06 90.97 25.03
CA TRP B 4191 13.83 91.03 23.59
C TRP B 4191 13.48 89.67 23.01
N GLY B 4192 14.29 88.65 23.28
CA GLY B 4192 14.00 87.31 22.80
C GLY B 4192 13.62 86.36 23.92
N GLU B 4193 14.01 86.69 25.16
CA GLU B 4193 13.71 85.82 26.29
C GLU B 4193 12.24 85.86 26.67
N LEU B 4194 11.54 86.96 26.38
CA LEU B 4194 10.11 87.03 26.68
C LEU B 4194 9.31 86.20 25.69
N GLU B 4195 9.86 85.96 24.50
CA GLU B 4195 9.24 85.03 23.56
C GLU B 4195 9.30 83.60 24.06
N VAL B 4196 10.36 83.24 24.80
CA VAL B 4196 10.42 81.93 25.45
C VAL B 4196 9.37 81.83 26.53
N GLN B 4197 9.29 82.84 27.40
CA GLN B 4197 8.28 82.89 28.47
C GLN B 4197 6.86 82.91 27.91
N ARG B 4198 6.67 83.55 26.75
CA ARG B 4198 5.39 83.47 26.05
C ARG B 4198 5.06 82.04 25.65
N VAL B 4199 6.03 81.34 25.05
CA VAL B 4199 5.81 79.96 24.63
C VAL B 4199 5.77 79.02 25.84
N LYS B 4200 6.54 79.34 26.88
CA LYS B 4200 6.53 78.51 28.09
C LYS B 4200 5.19 78.59 28.80
N PHE B 4201 4.57 79.77 28.82
CA PHE B 4201 3.20 79.86 29.32
C PHE B 4201 2.21 79.28 28.32
N LEU B 4202 2.56 79.30 27.03
CA LEU B 4202 1.67 78.77 26.00
C LEU B 4202 1.51 77.26 26.10
N ASN B 4203 2.54 76.57 26.60
CA ASN B 4203 2.40 75.15 26.92
C ASN B 4203 1.37 74.94 28.01
N TYR B 4204 1.39 75.81 29.04
CA TYR B 4204 0.38 75.74 30.08
C TYR B 4204 -1.00 76.13 29.55
N LEU B 4205 -1.04 77.04 28.57
CA LEU B 4205 -2.30 77.33 27.90
C LEU B 4205 -2.81 76.11 27.14
N SER B 4206 -1.92 75.45 26.42
CA SER B 4206 -2.31 74.27 25.67
C SER B 4206 -2.44 73.02 26.53
N ARG B 4207 -2.01 73.07 27.79
CA ARG B 4207 -2.06 71.87 28.63
C ARG B 4207 -3.49 71.54 29.05
N ASN B 4208 -4.12 72.44 29.79
CA ASN B 4208 -5.46 72.22 30.32
C ASN B 4208 -6.46 72.96 29.45
N PHE B 4209 -6.63 72.48 28.23
CA PHE B 4209 -7.61 73.07 27.32
C PHE B 4209 -9.03 72.74 27.76
N TYR B 4210 -9.24 71.52 28.24
CA TYR B 4210 -10.55 71.12 28.70
C TYR B 4210 -10.91 71.72 30.05
N THR B 4211 -9.92 72.03 30.89
CA THR B 4211 -10.22 72.71 32.14
C THR B 4211 -10.66 74.14 31.89
N LEU B 4212 -10.05 74.79 30.89
CA LEU B 4212 -10.55 76.07 30.40
C LEU B 4212 -11.94 75.91 29.80
N ARG B 4213 -12.20 74.78 29.14
CA ARG B 4213 -13.56 74.47 28.74
C ARG B 4213 -14.42 74.16 29.95
N PHE B 4214 -13.84 73.51 30.96
CA PHE B 4214 -14.58 73.21 32.18
C PHE B 4214 -14.86 74.47 32.99
N LEU B 4215 -14.05 75.51 32.83
CA LEU B 4215 -14.32 76.74 33.54
C LEU B 4215 -15.34 77.59 32.81
N ALA B 4216 -15.22 77.67 31.48
CA ALA B 4216 -16.24 78.32 30.66
C ALA B 4216 -17.58 77.61 30.76
N LEU B 4217 -17.55 76.29 30.99
CA LEU B 4217 -18.70 75.58 31.52
C LEU B 4217 -19.20 76.22 32.82
N PHE B 4218 -18.34 76.28 33.84
CA PHE B 4218 -18.80 76.65 35.17
C PHE B 4218 -19.07 78.14 35.30
N LEU B 4219 -18.30 78.98 34.61
CA LEU B 4219 -18.46 80.42 34.75
C LEU B 4219 -19.76 80.90 34.15
N ALA B 4220 -20.27 80.23 33.11
CA ALA B 4220 -21.54 80.61 32.53
C ALA B 4220 -22.72 80.28 33.43
N PHE B 4221 -22.54 79.40 34.41
CA PHE B 4221 -23.61 79.15 35.38
C PHE B 4221 -23.83 80.35 36.28
N ALA B 4222 -22.79 80.73 37.04
CA ALA B 4222 -22.97 81.65 38.15
C ALA B 4222 -23.28 83.06 37.68
N ILE B 4223 -22.74 83.46 36.52
CA ILE B 4223 -23.08 84.76 35.96
C ILE B 4223 -24.51 84.76 35.42
N ASN B 4224 -25.06 83.59 35.11
CA ASN B 4224 -26.45 83.47 34.72
C ASN B 4224 -27.32 83.02 35.88
N PHE B 4225 -26.71 82.47 36.93
CA PHE B 4225 -27.43 82.22 38.18
C PHE B 4225 -27.81 83.53 38.84
N ILE B 4226 -26.94 84.54 38.76
CA ILE B 4226 -27.24 85.85 39.32
C ILE B 4226 -27.90 86.78 38.31
N LEU B 4227 -28.12 86.30 37.08
CA LEU B 4227 -28.92 87.04 36.11
C LEU B 4227 -30.41 86.95 36.41
N LEU B 4228 -30.80 86.13 37.38
CA LEU B 4228 -32.19 85.97 37.81
C LEU B 4228 -32.68 87.10 38.69
N PHE B 4229 -31.99 88.24 38.75
CA PHE B 4229 -32.14 89.21 39.82
C PHE B 4229 -32.37 90.63 39.30
N TYR B 4230 -32.94 90.79 38.11
CA TYR B 4230 -33.23 92.13 37.62
C TYR B 4230 -34.57 92.62 38.15
N LYS B 4231 -34.84 93.89 37.89
CA LYS B 4231 -36.14 94.47 38.19
C LYS B 4231 -36.39 95.63 37.24
N VAL B 4232 -37.10 95.38 36.15
CA VAL B 4232 -37.42 96.45 35.22
C VAL B 4232 -38.49 97.35 35.85
N SER B 4233 -38.34 98.65 35.65
CA SER B 4233 -39.24 99.63 36.25
C SER B 4233 -39.25 100.87 35.38
N ASP B 4234 -40.35 101.60 35.44
CA ASP B 4234 -40.41 102.94 34.84
C ASP B 4234 -39.97 104.00 35.84
N SER B 4235 -38.80 103.76 36.47
CA SER B 4235 -38.25 104.62 37.49
C SER B 4235 -36.78 104.32 37.61
N PRO B 4236 -35.90 105.29 37.38
CA PRO B 4236 -34.47 105.10 37.62
C PRO B 4236 -34.18 105.04 39.11
N PRO B 4237 -33.00 104.53 39.51
CA PRO B 4237 -32.69 104.55 40.95
C PRO B 4237 -32.33 105.94 41.46
N ASN B 4276 -40.83 105.68 29.59
CA ASN B 4276 -39.39 105.51 29.77
C ASN B 4276 -39.08 104.55 30.91
N MET B 4277 -38.87 103.29 30.58
CA MET B 4277 -38.57 102.26 31.55
C MET B 4277 -37.06 102.13 31.74
N VAL B 4278 -36.65 101.99 32.99
CA VAL B 4278 -35.25 101.90 33.36
C VAL B 4278 -35.00 100.48 33.84
N TYR B 4279 -34.09 99.78 33.16
CA TYR B 4279 -33.79 98.37 33.47
C TYR B 4279 -32.93 98.32 34.73
N TYR B 4280 -33.61 98.47 35.86
CA TYR B 4280 -32.93 98.45 37.15
C TYR B 4280 -32.58 97.01 37.54
N PHE B 4281 -31.51 96.87 38.29
CA PHE B 4281 -31.08 95.58 38.81
C PHE B 4281 -31.48 95.49 40.27
N LEU B 4282 -32.36 94.55 40.58
CA LEU B 4282 -32.76 94.31 41.96
C LEU B 4282 -31.60 93.71 42.75
N GLU B 4283 -31.39 94.23 43.95
CA GLU B 4283 -30.44 93.60 44.86
C GLU B 4283 -31.16 92.72 45.85
N GLU B 4284 -30.48 91.68 46.29
CA GLU B 4284 -30.95 90.83 47.37
C GLU B 4284 -30.44 91.40 48.70
N SER B 4285 -30.57 90.61 49.76
CA SER B 4285 -30.16 91.07 51.07
C SER B 4285 -28.65 91.08 51.26
N THR B 4286 -27.89 90.50 50.36
CA THR B 4286 -26.46 90.34 50.58
C THR B 4286 -25.70 91.59 50.13
N GLY B 4287 -24.45 91.68 50.61
CA GLY B 4287 -23.59 92.80 50.30
C GLY B 4287 -22.75 92.66 49.04
N TYR B 4288 -22.67 91.46 48.49
CA TYR B 4288 -22.01 91.24 47.21
C TYR B 4288 -23.04 91.43 46.10
N MET B 4289 -22.73 90.92 44.89
CA MET B 4289 -23.51 91.13 43.65
C MET B 4289 -23.48 92.62 43.30
N GLU B 4290 -22.29 93.17 43.43
CA GLU B 4290 -21.77 94.49 43.15
C GLU B 4290 -21.32 94.47 41.70
N PRO B 4291 -20.63 95.51 41.15
CA PRO B 4291 -19.89 95.30 39.89
C PRO B 4291 -18.76 94.25 39.89
N ALA B 4292 -18.61 93.46 40.96
CA ALA B 4292 -18.01 92.13 40.83
C ALA B 4292 -18.75 91.28 39.80
N LEU B 4293 -20.08 91.46 39.68
CA LEU B 4293 -20.82 90.96 38.52
C LEU B 4293 -20.20 91.45 37.22
N TRP B 4294 -19.91 92.75 37.15
CA TRP B 4294 -19.24 93.31 35.98
C TRP B 4294 -17.80 92.83 35.88
N CYS B 4295 -17.18 92.49 37.01
CA CYS B 4295 -15.88 91.85 36.98
C CYS B 4295 -15.95 90.43 36.43
N LEU B 4296 -17.12 89.78 36.55
CA LEU B 4296 -17.33 88.51 35.88
C LEU B 4296 -17.72 88.69 34.42
N SER B 4297 -18.22 89.87 34.05
CA SER B 4297 -18.55 90.13 32.65
C SER B 4297 -17.31 90.20 31.80
N LEU B 4298 -16.28 90.92 32.29
CA LEU B 4298 -14.99 90.92 31.62
C LEU B 4298 -14.28 89.59 31.75
N LEU B 4299 -14.55 88.84 32.82
CA LEU B 4299 -13.87 87.56 33.02
C LEU B 4299 -14.39 86.49 32.07
N HIS B 4300 -15.68 86.53 31.76
CA HIS B 4300 -16.22 85.57 30.79
C HIS B 4300 -15.73 85.88 29.39
N THR B 4301 -15.54 87.16 29.07
CA THR B 4301 -14.92 87.52 27.80
C THR B 4301 -13.45 87.17 27.80
N LEU B 4302 -12.82 87.18 28.98
CA LEU B 4302 -11.41 86.82 29.08
C LEU B 4302 -11.18 85.35 28.80
N VAL B 4303 -11.88 84.47 29.52
CA VAL B 4303 -11.53 83.06 29.54
C VAL B 4303 -11.86 82.35 28.23
N ALA B 4304 -12.83 82.83 27.47
CA ALA B 4304 -13.13 82.22 26.19
C ALA B 4304 -12.05 82.58 25.16
N PHE B 4305 -11.43 83.75 25.33
CA PHE B 4305 -10.30 84.11 24.49
C PHE B 4305 -9.10 83.21 24.75
N LEU B 4306 -8.95 82.73 25.98
CA LEU B 4306 -7.88 81.77 26.26
C LEU B 4306 -8.15 80.43 25.61
N CYS B 4307 -9.41 80.10 25.34
CA CYS B 4307 -9.72 78.89 24.60
C CYS B 4307 -9.40 79.02 23.12
N ILE B 4308 -9.21 80.24 22.62
CA ILE B 4308 -8.99 80.43 21.18
C ILE B 4308 -7.59 79.99 20.81
N ILE B 4309 -6.58 80.50 21.51
CA ILE B 4309 -5.20 80.12 21.21
C ILE B 4309 -4.94 78.70 21.69
N GLY B 4310 -5.66 78.26 22.74
CA GLY B 4310 -5.61 76.86 23.13
C GLY B 4310 -6.17 75.94 22.06
N TYR B 4311 -7.17 76.41 21.32
CA TYR B 4311 -7.61 75.67 20.14
C TYR B 4311 -6.57 75.71 19.03
N ASN B 4312 -5.82 76.80 18.93
CA ASN B 4312 -4.85 76.97 17.86
C ASN B 4312 -3.65 76.04 18.06
N CYS B 4313 -3.00 76.15 19.22
CA CYS B 4313 -1.74 75.44 19.45
C CYS B 4313 -1.94 73.96 19.73
N LEU B 4314 -3.15 73.53 20.04
CA LEU B 4314 -3.40 72.12 20.32
C LEU B 4314 -4.23 71.44 19.25
N LYS B 4315 -5.42 71.96 18.95
CA LYS B 4315 -6.31 71.25 18.05
C LYS B 4315 -5.89 71.38 16.59
N VAL B 4316 -5.61 72.59 16.13
CA VAL B 4316 -5.46 72.77 14.69
C VAL B 4316 -4.00 73.08 14.30
N PRO B 4317 -3.07 72.16 14.54
CA PRO B 4317 -2.09 71.87 13.49
C PRO B 4317 -2.43 70.54 12.84
N LEU B 4318 -3.27 69.77 13.55
CA LEU B 4318 -3.66 68.44 13.13
C LEU B 4318 -4.54 68.48 11.89
N VAL B 4319 -5.51 69.40 11.89
CA VAL B 4319 -6.45 69.54 10.79
C VAL B 4319 -5.72 69.96 9.53
N ILE B 4320 -4.62 70.69 9.69
CA ILE B 4320 -3.74 70.98 8.57
C ILE B 4320 -3.12 69.70 8.04
N PHE B 4321 -2.55 68.89 8.94
CA PHE B 4321 -1.87 67.66 8.55
C PHE B 4321 -2.83 66.63 7.97
N LYS B 4322 -4.11 66.71 8.35
CA LYS B 4322 -5.14 65.94 7.66
C LYS B 4322 -5.24 66.37 6.20
N ARG B 4323 -5.19 67.66 5.94
CA ARG B 4323 -5.24 68.13 4.56
C ARG B 4323 -3.88 67.96 3.87
N GLU B 4324 -2.80 67.98 4.64
CA GLU B 4324 -1.46 67.84 4.06
C GLU B 4324 -1.23 66.45 3.48
N LYS B 4325 -1.72 65.42 4.16
CA LYS B 4325 -1.51 64.06 3.67
C LYS B 4325 -2.39 63.78 2.47
N GLU B 4326 -3.64 64.22 2.53
CA GLU B 4326 -4.63 63.79 1.54
C GLU B 4326 -4.37 64.41 0.17
N LEU B 4327 -3.68 65.53 0.10
CA LEU B 4327 -3.35 66.08 -1.20
C LEU B 4327 -2.20 65.31 -1.84
N ALA B 4328 -1.28 64.80 -1.03
CA ALA B 4328 -0.18 64.00 -1.56
C ALA B 4328 -0.68 62.69 -2.14
N ARG B 4329 -1.75 62.14 -1.58
CA ARG B 4329 -2.45 61.05 -2.24
C ARG B 4329 -3.05 61.51 -3.56
N LYS B 4330 -3.66 62.68 -3.57
CA LYS B 4330 -4.36 63.19 -4.73
C LYS B 4330 -3.44 63.86 -5.74
N LEU B 4331 -2.15 63.94 -5.47
CA LEU B 4331 -1.22 64.46 -6.45
C LEU B 4331 -0.19 63.46 -6.92
N GLU B 4332 0.16 62.48 -6.08
CA GLU B 4332 1.04 61.42 -6.57
C GLU B 4332 0.23 60.30 -7.18
N PHE B 4333 -0.71 59.74 -6.42
CA PHE B 4333 -1.54 58.68 -6.94
C PHE B 4333 -2.64 59.17 -7.87
N ASP B 4334 -2.94 60.46 -7.84
CA ASP B 4334 -3.97 61.02 -8.69
C ASP B 4334 -3.40 62.19 -9.48
N GLY B 4335 -4.04 62.48 -10.61
CA GLY B 4335 -3.68 63.60 -11.44
C GLY B 4335 -4.70 64.71 -11.28
N LEU B 4336 -5.07 64.95 -10.02
CA LEU B 4336 -6.13 65.91 -9.70
C LEU B 4336 -5.75 67.32 -10.16
N TYR B 4337 -4.56 67.77 -9.84
CA TYR B 4337 -4.08 69.02 -10.39
C TYR B 4337 -3.14 68.84 -11.57
N ILE B 4338 -2.62 67.63 -11.79
CA ILE B 4338 -1.73 67.42 -12.93
C ILE B 4338 -2.54 67.03 -14.15
N THR B 4339 -3.24 65.90 -14.08
CA THR B 4339 -3.81 65.32 -15.28
C THR B 4339 -5.11 66.00 -15.66
N GLU B 4340 -6.14 65.85 -14.83
CA GLU B 4340 -7.44 66.33 -15.29
C GLU B 4340 -7.83 67.70 -14.77
N GLN B 4341 -8.25 67.76 -13.49
CA GLN B 4341 -9.06 68.88 -13.00
C GLN B 4341 -9.42 68.65 -11.53
N PRO B 4342 -9.69 69.69 -10.75
CA PRO B 4342 -10.46 69.50 -9.51
C PRO B 4342 -11.92 69.17 -9.78
N GLY B 4343 -12.72 69.08 -8.72
CA GLY B 4343 -14.11 68.75 -8.92
C GLY B 4343 -14.99 69.85 -9.46
N ASP B 4344 -14.46 71.06 -9.65
CA ASP B 4344 -15.11 72.31 -10.07
C ASP B 4344 -16.14 72.83 -9.06
N ASP B 4345 -16.34 72.12 -7.95
CA ASP B 4345 -17.14 72.52 -6.80
C ASP B 4345 -16.27 72.16 -5.61
N ASP B 4346 -16.87 72.12 -4.42
CA ASP B 4346 -16.22 71.70 -3.17
C ASP B 4346 -14.98 72.56 -2.90
N VAL B 4347 -15.27 73.83 -2.62
CA VAL B 4347 -14.36 74.96 -2.79
C VAL B 4347 -13.06 74.85 -1.99
N LYS B 4348 -12.98 73.93 -1.04
CA LYS B 4348 -11.69 73.54 -0.47
C LYS B 4348 -10.75 72.99 -1.54
N GLY B 4349 -11.27 72.24 -2.52
CA GLY B 4349 -10.45 71.82 -3.64
C GLY B 4349 -10.13 72.99 -4.54
N GLN B 4350 -11.07 73.92 -4.66
CA GLN B 4350 -10.78 75.19 -5.30
C GLN B 4350 -9.81 76.02 -4.47
N TRP B 4351 -9.85 75.88 -3.14
CA TRP B 4351 -8.97 76.64 -2.26
C TRP B 4351 -7.52 76.19 -2.37
N ASP B 4352 -7.28 74.92 -2.68
CA ASP B 4352 -5.94 74.39 -2.68
C ASP B 4352 -5.13 74.77 -3.90
N ARG B 4353 -5.77 75.38 -4.91
CA ARG B 4353 -5.02 75.94 -6.04
C ARG B 4353 -4.07 77.04 -5.60
N LEU B 4354 -4.43 77.77 -4.54
CA LEU B 4354 -3.65 78.91 -4.08
C LEU B 4354 -2.33 78.49 -3.45
N VAL B 4355 -2.21 77.24 -2.98
CA VAL B 4355 -1.04 76.83 -2.22
C VAL B 4355 -0.07 75.98 -3.05
N LEU B 4356 -0.44 75.66 -4.29
CA LEU B 4356 0.34 74.72 -5.11
C LEU B 4356 1.75 75.22 -5.39
N ASN B 4357 1.95 76.51 -5.56
CA ASN B 4357 3.27 77.02 -5.87
C ASN B 4357 4.05 77.49 -4.65
N THR B 4358 3.51 77.29 -3.48
CA THR B 4358 4.25 77.68 -2.29
C THR B 4358 5.39 76.68 -2.03
N PRO B 4359 6.59 77.16 -1.74
CA PRO B 4359 7.66 76.26 -1.31
C PRO B 4359 7.43 75.69 0.08
N SER B 4360 6.60 76.32 0.89
CA SER B 4360 6.21 75.81 2.21
C SER B 4360 4.97 74.96 2.14
N PHE B 4361 4.69 74.38 0.96
CA PHE B 4361 3.52 73.50 0.80
C PHE B 4361 3.54 72.26 1.69
N PRO B 4362 4.61 71.40 1.70
CA PRO B 4362 4.47 70.16 2.50
C PRO B 4362 4.85 70.34 3.95
N SER B 4363 4.87 71.59 4.44
CA SER B 4363 5.53 71.96 5.69
C SER B 4363 5.01 71.25 6.93
N ASN B 4364 3.79 70.70 6.89
CA ASN B 4364 3.30 69.92 8.03
C ASN B 4364 3.39 68.43 7.78
N TYR B 4365 3.43 68.00 6.53
CA TYR B 4365 3.56 66.59 6.22
C TYR B 4365 5.03 66.16 6.37
N TRP B 4366 5.24 64.85 6.54
CA TRP B 4366 6.57 64.33 6.80
C TRP B 4366 7.45 64.39 5.55
N ASP B 4367 7.08 63.65 4.52
CA ASP B 4367 7.87 63.63 3.29
C ASP B 4367 7.66 64.93 2.55
N LYS B 4368 8.73 65.72 2.47
CA LYS B 4368 8.72 66.97 1.74
C LYS B 4368 9.39 66.83 0.38
N PHE B 4369 9.30 65.63 -0.20
CA PHE B 4369 10.00 65.33 -1.44
C PHE B 4369 9.06 64.68 -2.45
N VAL B 4370 7.77 64.68 -2.16
CA VAL B 4370 6.76 64.16 -3.07
C VAL B 4370 6.67 64.99 -4.34
N LYS B 4371 7.05 66.28 -4.27
CA LYS B 4371 7.10 67.12 -5.46
C LYS B 4371 8.11 66.61 -6.48
N ARG B 4372 9.21 66.04 -5.99
CA ARG B 4372 10.12 65.32 -6.88
C ARG B 4372 9.47 64.09 -7.45
N LYS B 4373 8.65 63.40 -6.65
CA LYS B 4373 8.01 62.18 -7.11
C LYS B 4373 6.93 62.47 -8.13
N VAL B 4374 6.30 63.64 -8.05
CA VAL B 4374 5.37 64.04 -9.10
C VAL B 4374 6.12 64.33 -10.38
N LEU B 4375 7.30 64.96 -10.27
CA LEU B 4375 8.19 65.10 -11.42
C LEU B 4375 8.66 63.75 -11.92
N ASP B 4376 8.79 62.79 -11.01
CA ASP B 4376 9.17 61.44 -11.41
C ASP B 4376 8.03 60.76 -12.17
N LYS B 4377 6.82 60.80 -11.60
CA LYS B 4377 5.70 60.04 -12.15
C LYS B 4377 5.00 60.80 -13.28
N HIS B 4378 4.69 62.06 -13.05
CA HIS B 4378 3.85 62.79 -13.99
C HIS B 4378 4.61 63.78 -14.86
N GLY B 4379 5.84 64.13 -14.50
CA GLY B 4379 6.61 65.06 -15.29
C GLY B 4379 7.02 64.54 -16.65
N ASP B 4380 7.04 63.22 -16.84
CA ASP B 4380 7.51 62.67 -18.10
C ASP B 4380 6.46 62.81 -19.19
N ILE B 4381 5.24 62.34 -18.91
CA ILE B 4381 4.19 62.32 -19.93
C ILE B 4381 3.65 63.70 -20.27
N PHE B 4382 3.82 64.67 -19.39
CA PHE B 4382 3.33 66.03 -19.56
C PHE B 4382 4.52 66.98 -19.60
N GLY B 4383 4.23 68.28 -19.54
CA GLY B 4383 5.28 69.29 -19.51
C GLY B 4383 6.16 69.16 -18.29
N ARG B 4384 7.42 68.80 -18.51
CA ARG B 4384 8.30 68.51 -17.39
C ARG B 4384 8.68 69.77 -16.64
N GLU B 4385 9.02 70.83 -17.37
CA GLU B 4385 9.17 72.14 -16.75
C GLU B 4385 7.84 72.72 -16.30
N ARG B 4386 6.74 72.29 -16.94
CA ARG B 4386 5.42 72.72 -16.52
C ARG B 4386 5.08 72.21 -15.13
N ILE B 4387 5.33 70.92 -14.88
CA ILE B 4387 5.16 70.38 -13.54
C ILE B 4387 6.21 70.96 -12.59
N ALA B 4388 7.42 71.23 -13.11
CA ALA B 4388 8.42 71.99 -12.37
C ALA B 4388 8.10 73.48 -12.30
N GLU B 4389 6.99 73.92 -12.87
CA GLU B 4389 6.38 75.21 -12.61
C GLU B 4389 5.08 75.09 -11.81
N LEU B 4390 4.33 73.99 -12.01
CA LEU B 4390 2.98 73.88 -11.45
C LEU B 4390 3.01 73.71 -9.94
N LEU B 4391 4.12 73.22 -9.40
CA LEU B 4391 4.28 73.10 -7.96
C LEU B 4391 5.19 74.18 -7.39
N GLY B 4392 5.26 75.32 -8.05
CA GLY B 4392 6.34 76.24 -7.76
C GLY B 4392 7.60 75.62 -8.31
N MET B 4393 8.51 75.26 -7.41
CA MET B 4393 9.81 74.66 -7.72
C MET B 4393 10.59 75.52 -8.72
N ASP B 4394 10.69 76.81 -8.38
CA ASP B 4394 11.29 77.80 -9.27
C ASP B 4394 12.78 77.53 -9.41
N LEU B 4395 13.20 77.22 -10.65
CA LEU B 4395 14.55 76.81 -11.05
C LEU B 4395 15.02 75.54 -10.34
N ALA B 4396 14.10 74.76 -9.77
CA ALA B 4396 14.46 73.53 -9.10
C ALA B 4396 14.80 72.42 -10.08
N SER B 4397 14.34 72.53 -11.33
CA SER B 4397 14.85 71.66 -12.37
C SER B 4397 16.34 71.91 -12.61
N LEU B 4398 16.78 73.15 -12.43
CA LEU B 4398 18.20 73.46 -12.37
C LEU B 4398 18.78 73.34 -10.97
N GLU B 4399 17.96 73.54 -9.94
CA GLU B 4399 18.45 73.38 -8.57
C GLU B 4399 18.31 71.96 -8.06
N ILE B 4400 17.95 71.00 -8.91
CA ILE B 4400 18.06 69.60 -8.52
C ILE B 4400 19.52 69.19 -8.45
N THR B 4401 20.26 69.42 -9.54
CA THR B 4401 21.69 69.15 -9.54
C THR B 4401 22.49 70.19 -8.77
N ALA B 4402 21.98 71.43 -8.70
CA ALA B 4402 22.68 72.48 -7.96
C ALA B 4402 22.58 72.28 -6.45
N HIS B 4403 21.51 71.68 -5.96
CA HIS B 4403 21.45 71.24 -4.56
C HIS B 4403 21.92 69.79 -4.43
N ASN B 4404 23.07 69.51 -5.02
CA ASN B 4404 23.76 68.24 -4.83
C ASN B 4404 25.23 68.39 -4.48
N GLU B 4405 25.90 69.45 -4.94
CA GLU B 4405 27.31 69.69 -4.61
C GLU B 4405 27.51 69.91 -3.12
N ARG B 4406 26.98 71.01 -2.59
CA ARG B 4406 27.11 71.35 -1.17
C ARG B 4406 26.02 72.34 -0.82
N LYS B 4407 25.93 72.69 0.46
CA LYS B 4407 24.99 73.68 0.95
C LYS B 4407 25.53 74.32 2.21
N PRO B 4408 26.02 75.55 2.15
CA PRO B 4408 26.44 76.25 3.37
C PRO B 4408 25.24 76.79 4.13
N ASP B 4409 25.50 77.16 5.38
CA ASP B 4409 24.45 77.58 6.32
C ASP B 4409 24.55 79.07 6.61
N PRO B 4410 23.52 79.85 6.34
CA PRO B 4410 23.54 81.28 6.69
C PRO B 4410 23.12 81.47 8.14
N PRO B 4411 23.55 82.57 8.77
CA PRO B 4411 23.17 82.82 10.17
C PRO B 4411 21.80 83.46 10.26
N PRO B 4412 21.08 83.23 11.37
CA PRO B 4412 19.74 83.83 11.52
C PRO B 4412 19.80 85.23 12.11
N GLY B 4413 19.02 86.14 11.54
CA GLY B 4413 18.95 87.52 11.99
C GLY B 4413 17.56 87.97 12.42
N LEU B 4414 16.88 87.15 13.20
CA LEU B 4414 15.43 87.20 13.38
C LEU B 4414 14.96 88.50 14.03
N LEU B 4415 13.62 88.70 13.97
CA LEU B 4415 12.85 89.87 14.36
C LEU B 4415 13.16 91.12 13.53
N THR B 4416 13.94 90.98 12.45
CA THR B 4416 14.21 92.06 11.51
C THR B 4416 13.84 91.70 10.08
N TRP B 4417 14.09 90.46 9.67
CA TRP B 4417 13.74 90.00 8.33
C TRP B 4417 12.38 89.32 8.27
N LEU B 4418 11.67 89.24 9.41
CA LEU B 4418 10.51 88.35 9.60
C LEU B 4418 9.34 88.67 8.67
N MET B 4419 9.37 89.80 7.95
CA MET B 4419 8.49 90.02 6.80
C MET B 4419 8.75 89.04 5.67
N SER B 4420 9.91 88.37 5.64
CA SER B 4420 10.21 87.34 4.64
C SER B 4420 9.72 85.98 5.13
N ILE B 4421 8.39 85.87 5.21
CA ILE B 4421 7.71 84.60 5.42
C ILE B 4421 6.72 84.41 4.27
N ASP B 4422 6.32 83.17 4.05
CA ASP B 4422 5.51 82.81 2.89
C ASP B 4422 4.07 83.24 3.15
N VAL B 4423 3.72 84.43 2.66
CA VAL B 4423 2.42 85.03 2.93
C VAL B 4423 1.32 84.27 2.20
N LYS B 4424 1.60 83.85 0.95
CA LYS B 4424 0.66 83.04 0.18
C LYS B 4424 0.34 81.73 0.88
N TYR B 4425 1.32 81.14 1.55
CA TYR B 4425 1.04 79.96 2.37
C TYR B 4425 0.23 80.34 3.61
N GLN B 4426 0.45 81.53 4.16
CA GLN B 4426 -0.29 81.95 5.35
C GLN B 4426 -1.75 82.27 5.03
N ILE B 4427 -2.01 82.89 3.88
CA ILE B 4427 -3.37 83.24 3.48
C ILE B 4427 -4.16 81.96 3.19
N TRP B 4428 -3.53 81.01 2.53
CA TRP B 4428 -4.10 79.68 2.35
C TRP B 4428 -4.32 78.99 3.68
N LYS B 4429 -3.37 79.14 4.62
CA LYS B 4429 -3.42 78.48 5.91
C LYS B 4429 -4.65 78.89 6.70
N PHE B 4430 -4.85 80.20 6.86
CA PHE B 4430 -5.94 80.70 7.69
C PHE B 4430 -7.29 80.39 7.06
N GLY B 4431 -7.35 80.41 5.73
CA GLY B 4431 -8.58 80.08 5.05
C GLY B 4431 -8.92 78.60 5.12
N VAL B 4432 -7.91 77.75 5.24
CA VAL B 4432 -8.15 76.34 5.52
C VAL B 4432 -8.77 76.18 6.90
N ILE B 4433 -8.27 76.92 7.88
CA ILE B 4433 -8.86 76.89 9.22
C ILE B 4433 -10.24 77.55 9.19
N PHE B 4434 -10.45 78.45 8.23
CA PHE B 4434 -11.77 79.04 8.04
C PHE B 4434 -12.75 78.04 7.42
N THR B 4435 -12.25 77.03 6.72
CA THR B 4435 -13.15 76.02 6.17
C THR B 4435 -13.61 75.06 7.25
N ASP B 4436 -12.83 74.91 8.33
CA ASP B 4436 -13.21 74.01 9.40
C ASP B 4436 -14.34 74.58 10.23
N ASN B 4437 -15.36 73.75 10.48
CA ASN B 4437 -16.54 74.22 11.17
C ASN B 4437 -16.29 74.44 12.65
N SER B 4438 -15.43 73.61 13.25
CA SER B 4438 -15.19 73.70 14.69
C SER B 4438 -14.40 74.96 15.05
N PHE B 4439 -13.49 75.38 14.17
CA PHE B 4439 -12.86 76.68 14.36
C PHE B 4439 -13.85 77.80 14.14
N LEU B 4440 -14.73 77.66 13.15
CA LEU B 4440 -15.78 78.64 12.93
C LEU B 4440 -16.77 78.64 14.08
N TYR B 4441 -16.92 77.50 14.76
CA TYR B 4441 -17.87 77.45 15.86
C TYR B 4441 -17.30 78.12 17.10
N LEU B 4442 -16.05 77.79 17.45
CA LEU B 4442 -15.47 78.35 18.67
C LEU B 4442 -15.09 79.81 18.46
N GLY B 4443 -14.88 80.21 17.21
CA GLY B 4443 -14.75 81.62 16.92
C GLY B 4443 -16.07 82.35 17.08
N TRP B 4444 -17.15 81.77 16.57
CA TRP B 4444 -18.48 82.36 16.72
C TRP B 4444 -18.96 82.27 18.17
N TYR B 4445 -18.45 81.29 18.92
CA TYR B 4445 -18.74 81.22 20.34
C TYR B 4445 -18.08 82.37 21.09
N MET B 4446 -16.96 82.88 20.57
CA MET B 4446 -16.25 83.95 21.23
C MET B 4446 -16.97 85.29 21.08
N VAL B 4447 -17.77 85.43 20.02
CA VAL B 4447 -18.30 86.75 19.63
C VAL B 4447 -19.33 87.23 20.64
N MET B 4448 -20.13 86.30 21.19
CA MET B 4448 -21.21 86.70 22.10
C MET B 4448 -20.67 87.18 23.44
N SER B 4449 -19.43 86.84 23.78
CA SER B 4449 -18.83 87.37 25.01
C SER B 4449 -18.53 88.85 24.87
N LEU B 4450 -18.18 89.29 23.67
CA LEU B 4450 -18.04 90.72 23.41
C LEU B 4450 -19.39 91.41 23.48
N LEU B 4451 -20.43 90.75 22.99
CA LEU B 4451 -21.77 91.30 23.03
C LEU B 4451 -22.37 91.29 24.43
N GLY B 4452 -21.80 90.49 25.34
CA GLY B 4452 -22.24 90.52 26.72
C GLY B 4452 -21.92 91.81 27.46
N HIS B 4453 -20.92 92.56 26.98
CA HIS B 4453 -20.66 93.88 27.53
C HIS B 4453 -21.80 94.85 27.27
N TYR B 4454 -22.51 94.68 26.15
CA TYR B 4454 -23.80 95.33 26.01
C TYR B 4454 -24.79 94.70 26.98
N ASN B 4455 -25.58 95.55 27.63
CA ASN B 4455 -26.51 95.10 28.68
C ASN B 4455 -27.67 94.38 28.01
N ASN B 4456 -27.42 93.11 27.67
CA ASN B 4456 -28.34 92.34 26.84
C ASN B 4456 -28.25 90.87 27.25
N PHE B 4457 -28.71 89.99 26.37
CA PHE B 4457 -28.89 88.58 26.70
C PHE B 4457 -27.57 87.84 26.80
N PHE B 4458 -26.53 88.36 26.17
CA PHE B 4458 -25.44 87.57 25.55
C PHE B 4458 -24.54 86.82 26.52
N PHE B 4459 -24.82 86.73 27.83
CA PHE B 4459 -24.23 85.66 28.62
C PHE B 4459 -25.10 84.42 28.60
N ALA B 4460 -26.31 84.52 28.04
CA ALA B 4460 -27.19 83.37 27.94
C ALA B 4460 -26.99 82.61 26.63
N ALA B 4461 -26.09 83.11 25.77
CA ALA B 4461 -25.82 82.42 24.52
C ALA B 4461 -24.78 81.32 24.73
N HIS B 4462 -23.92 81.46 25.73
CA HIS B 4462 -22.84 80.51 25.91
C HIS B 4462 -23.31 79.28 26.68
N LEU B 4463 -24.45 79.38 27.36
CA LEU B 4463 -24.89 78.27 28.19
C LEU B 4463 -25.52 77.15 27.36
N LEU B 4464 -25.79 77.42 26.09
CA LEU B 4464 -26.33 76.38 25.21
C LEU B 4464 -25.26 75.37 24.86
N ASP B 4465 -24.05 75.84 24.56
CA ASP B 4465 -23.01 74.95 24.06
C ASP B 4465 -22.32 74.20 25.19
N ILE B 4466 -22.33 74.75 26.40
CA ILE B 4466 -21.75 74.02 27.53
C ILE B 4466 -22.66 72.88 27.95
N ALA B 4467 -23.94 72.95 27.58
CA ALA B 4467 -24.77 71.76 27.60
C ALA B 4467 -24.40 70.85 26.43
N MET B 4468 -24.21 71.43 25.24
CA MET B 4468 -23.88 70.65 24.05
C MET B 4468 -22.48 70.08 24.14
N GLY B 4469 -21.61 70.68 24.95
CA GLY B 4469 -20.26 70.16 25.10
C GLY B 4469 -20.21 68.83 25.83
N VAL B 4470 -21.24 68.54 26.63
CA VAL B 4470 -21.35 67.22 27.23
C VAL B 4470 -21.81 66.25 26.16
N LYS B 4471 -21.08 65.13 26.04
CA LYS B 4471 -21.30 64.20 24.94
C LYS B 4471 -22.61 63.43 25.09
N THR B 4472 -23.04 63.19 26.33
CA THR B 4472 -24.26 62.44 26.56
C THR B 4472 -25.49 63.29 26.24
N LEU B 4473 -25.34 64.61 26.30
CA LEU B 4473 -26.35 65.49 25.75
C LEU B 4473 -26.42 65.33 24.25
N ARG B 4474 -25.27 65.19 23.60
CA ARG B 4474 -25.21 65.11 22.14
C ARG B 4474 -25.81 63.81 21.64
N THR B 4475 -25.76 62.76 22.46
CA THR B 4475 -26.46 61.51 22.16
C THR B 4475 -27.96 61.73 22.01
N ILE B 4476 -28.51 62.62 22.82
CA ILE B 4476 -29.92 62.95 22.70
C ILE B 4476 -30.14 63.82 21.47
N LEU B 4477 -29.20 64.73 21.21
CA LEU B 4477 -29.35 65.66 20.10
C LEU B 4477 -29.15 64.96 18.76
N SER B 4478 -28.08 64.18 18.64
CA SER B 4478 -27.70 63.62 17.34
C SER B 4478 -28.70 62.56 16.88
N SER B 4479 -29.42 61.96 17.83
CA SER B 4479 -30.55 61.09 17.49
C SER B 4479 -31.60 61.84 16.69
N VAL B 4480 -31.96 63.04 17.15
CA VAL B 4480 -32.92 63.85 16.41
C VAL B 4480 -32.27 64.41 15.15
N THR B 4481 -30.97 64.66 15.21
CA THR B 4481 -30.25 65.17 14.05
C THR B 4481 -30.08 64.07 13.01
N HIS B 4482 -30.08 62.81 13.45
CA HIS B 4482 -29.97 61.67 12.53
C HIS B 4482 -31.19 61.58 11.62
N ASN B 4483 -32.36 61.49 12.22
CA ASN B 4483 -33.59 61.35 11.46
C ASN B 4483 -34.27 62.68 11.20
N GLY B 4484 -33.54 63.79 11.32
CA GLY B 4484 -34.14 65.10 11.14
C GLY B 4484 -34.51 65.40 9.70
N LYS B 4485 -33.84 64.74 8.76
CA LYS B 4485 -34.09 65.02 7.34
C LYS B 4485 -35.44 64.49 6.90
N GLN B 4486 -35.98 63.52 7.64
CA GLN B 4486 -37.37 63.14 7.44
C GLN B 4486 -38.30 64.04 8.24
N LEU B 4487 -37.81 64.54 9.37
CA LEU B 4487 -38.62 65.40 10.23
C LEU B 4487 -38.92 66.73 9.56
N VAL B 4488 -37.96 67.26 8.82
CA VAL B 4488 -38.17 68.55 8.15
C VAL B 4488 -39.10 68.39 6.97
N MET B 4489 -39.22 67.17 6.45
CA MET B 4489 -40.24 66.92 5.44
C MET B 4489 -41.58 66.59 6.08
N THR B 4490 -41.55 66.05 7.29
CA THR B 4490 -42.77 65.63 7.98
C THR B 4490 -43.61 66.83 8.37
N VAL B 4491 -42.95 67.93 8.76
CA VAL B 4491 -43.68 69.13 9.14
C VAL B 4491 -44.25 69.83 7.92
N GLY B 4492 -43.72 69.53 6.74
CA GLY B 4492 -44.28 70.08 5.53
C GLY B 4492 -45.64 69.50 5.19
N LEU B 4493 -45.90 68.29 5.68
CA LEU B 4493 -47.20 67.67 5.47
C LEU B 4493 -48.26 68.35 6.32
N LEU B 4494 -47.84 68.88 7.48
CA LEU B 4494 -48.79 69.45 8.43
C LEU B 4494 -49.39 70.74 7.89
N ALA B 4495 -48.61 71.53 7.18
CA ALA B 4495 -49.11 72.81 6.70
C ALA B 4495 -50.01 72.64 5.48
N VAL B 4496 -49.80 71.58 4.70
CA VAL B 4496 -50.53 71.47 3.45
C VAL B 4496 -51.91 70.85 3.66
N VAL B 4497 -52.11 70.07 4.73
CA VAL B 4497 -53.41 69.45 4.96
C VAL B 4497 -54.39 70.48 5.51
N VAL B 4498 -53.94 71.32 6.44
CA VAL B 4498 -54.77 72.41 6.90
C VAL B 4498 -54.96 73.46 5.81
N TYR B 4499 -54.06 73.51 4.83
CA TYR B 4499 -54.25 74.37 3.66
C TYR B 4499 -55.40 73.86 2.80
N LEU B 4500 -55.49 72.53 2.61
CA LEU B 4500 -56.55 71.96 1.82
C LEU B 4500 -57.91 72.17 2.47
N TYR B 4501 -57.98 72.12 3.79
CA TYR B 4501 -59.25 72.25 4.47
C TYR B 4501 -59.48 73.64 5.00
N THR B 4502 -58.58 74.56 4.71
CA THR B 4502 -58.83 75.98 4.85
C THR B 4502 -59.88 76.47 3.87
N VAL B 4503 -59.71 76.14 2.58
CA VAL B 4503 -60.60 76.67 1.54
C VAL B 4503 -61.99 76.07 1.64
N VAL B 4504 -62.10 74.85 2.17
CA VAL B 4504 -63.42 74.28 2.45
C VAL B 4504 -64.10 75.04 3.57
N ALA B 4505 -63.34 75.36 4.62
CA ALA B 4505 -63.84 76.25 5.65
C ALA B 4505 -63.92 77.70 5.19
N PHE B 4506 -63.20 78.06 4.13
CA PHE B 4506 -63.31 79.42 3.61
C PHE B 4506 -64.48 79.56 2.64
N ASN B 4507 -64.64 78.62 1.70
CA ASN B 4507 -65.64 78.78 0.67
C ASN B 4507 -66.98 78.13 0.96
N PHE B 4508 -67.01 77.08 1.77
CA PHE B 4508 -68.27 76.41 2.09
C PHE B 4508 -68.69 76.65 3.54
N PHE B 4509 -67.76 76.82 4.46
CA PHE B 4509 -68.12 77.04 5.85
C PHE B 4509 -67.88 78.50 6.20
N ARG B 4510 -68.25 79.39 5.27
CA ARG B 4510 -67.78 80.77 5.28
C ARG B 4510 -68.41 81.57 6.42
N LYS B 4511 -69.74 81.68 6.42
CA LYS B 4511 -70.49 82.46 7.38
C LYS B 4511 -70.59 81.81 8.75
N PHE B 4512 -69.88 80.71 8.99
CA PHE B 4512 -70.06 79.92 10.19
C PHE B 4512 -69.04 80.26 11.28
N TYR B 4513 -67.99 81.01 10.96
CA TYR B 4513 -66.93 81.33 11.91
C TYR B 4513 -67.41 82.14 13.12
N ASN B 4514 -67.82 83.39 12.87
CA ASN B 4514 -68.54 84.23 13.82
C ASN B 4514 -67.74 84.45 15.11
N LYS B 4515 -66.68 85.26 14.98
CA LYS B 4515 -65.68 85.43 16.03
C LYS B 4515 -66.15 86.04 17.35
N SER B 4516 -67.45 86.36 17.47
CA SER B 4516 -68.16 86.44 18.75
C SER B 4516 -67.74 87.63 19.60
N GLU B 4517 -67.50 88.77 18.98
CA GLU B 4517 -67.46 90.01 19.71
C GLU B 4517 -68.90 90.47 19.98
N ASP B 4518 -69.08 91.24 21.04
CA ASP B 4518 -70.43 91.62 21.47
C ASP B 4518 -71.04 92.62 20.49
N GLU B 4519 -72.21 92.25 19.93
CA GLU B 4519 -73.12 93.04 19.12
C GLU B 4519 -72.61 93.31 17.70
N ASP B 4520 -71.33 93.01 17.46
CA ASP B 4520 -70.68 93.21 16.18
C ASP B 4520 -69.72 92.05 15.96
N GLU B 4521 -69.51 91.68 14.70
CA GLU B 4521 -68.47 90.64 14.42
C GLU B 4521 -67.55 91.17 13.33
N PRO B 4522 -66.78 92.28 13.55
CA PRO B 4522 -65.95 92.83 12.48
C PRO B 4522 -64.97 91.71 12.16
N ASP B 4523 -64.49 91.02 13.21
CA ASP B 4523 -63.60 89.90 13.02
C ASP B 4523 -64.42 88.72 12.50
N MET B 4524 -64.10 88.27 11.29
CA MET B 4524 -64.28 86.91 10.85
C MET B 4524 -63.06 86.56 10.02
N LYS B 4525 -62.58 85.33 10.16
CA LYS B 4525 -61.41 84.95 9.37
C LYS B 4525 -61.78 84.66 7.92
N CYS B 4526 -63.07 84.51 7.61
CA CYS B 4526 -63.56 84.51 6.23
C CYS B 4526 -63.89 85.93 5.79
N ASP B 4527 -62.89 86.80 5.93
CA ASP B 4527 -62.92 88.13 5.32
C ASP B 4527 -61.82 88.27 4.27
N ASP B 4528 -60.58 88.01 4.64
CA ASP B 4528 -59.49 87.85 3.71
C ASP B 4528 -59.03 86.41 3.71
N MET B 4529 -58.09 86.11 2.82
CA MET B 4529 -57.74 84.71 2.61
C MET B 4529 -56.45 84.31 3.33
N MET B 4530 -55.46 85.20 3.42
CA MET B 4530 -54.39 85.01 4.39
C MET B 4530 -54.92 85.03 5.82
N THR B 4531 -55.96 85.82 6.07
CA THR B 4531 -56.58 85.90 7.39
C THR B 4531 -57.20 84.55 7.79
N CYS B 4532 -57.68 83.78 6.80
CA CYS B 4532 -58.29 82.50 7.10
C CYS B 4532 -57.25 81.45 7.45
N TYR B 4533 -56.25 81.26 6.58
CA TYR B 4533 -55.31 80.15 6.73
C TYR B 4533 -54.34 80.36 7.88
N LEU B 4534 -54.06 81.61 8.25
CA LEU B 4534 -53.24 81.86 9.43
C LEU B 4534 -53.99 81.44 10.70
N PHE B 4535 -55.31 81.57 10.68
CA PHE B 4535 -56.12 81.13 11.81
C PHE B 4535 -56.16 79.60 11.92
N HIS B 4536 -56.18 78.90 10.78
CA HIS B 4536 -56.16 77.45 10.79
C HIS B 4536 -54.86 76.91 11.36
N MET B 4537 -53.73 77.53 10.99
CA MET B 4537 -52.44 77.08 11.50
C MET B 4537 -52.27 77.41 12.98
N TYR B 4538 -53.05 78.35 13.49
CA TYR B 4538 -52.87 78.80 14.86
C TYR B 4538 -53.68 77.98 15.85
N VAL B 4539 -54.87 77.53 15.46
CA VAL B 4539 -55.84 76.99 16.39
C VAL B 4539 -55.97 75.48 16.28
N GLY B 4540 -56.36 74.98 15.10
CA GLY B 4540 -56.89 73.62 15.00
C GLY B 4540 -55.83 72.55 15.19
N VAL B 4541 -54.58 72.88 14.88
CA VAL B 4541 -53.46 71.97 15.15
C VAL B 4541 -52.97 72.05 16.58
N ARG B 4542 -53.52 72.98 17.38
CA ARG B 4542 -53.02 73.25 18.70
C ARG B 4542 -54.07 73.08 19.79
N ALA B 4543 -55.35 73.24 19.44
CA ALA B 4543 -56.41 73.36 20.44
C ALA B 4543 -56.66 72.07 21.20
N GLY B 4544 -56.33 70.92 20.61
CA GLY B 4544 -56.59 69.66 21.27
C GLY B 4544 -58.05 69.28 21.27
N GLY B 4545 -58.58 69.03 20.08
CA GLY B 4545 -59.99 68.73 19.91
C GLY B 4545 -60.47 69.26 18.58
N GLY B 4546 -59.57 69.87 17.83
CA GLY B 4546 -59.86 70.40 16.52
C GLY B 4546 -60.09 71.89 16.56
N ILE B 4547 -60.41 72.43 15.39
CA ILE B 4547 -60.71 73.85 15.30
C ILE B 4547 -62.19 74.11 15.61
N GLY B 4548 -63.02 73.08 15.67
CA GLY B 4548 -64.43 73.21 15.98
C GLY B 4548 -64.74 73.48 17.44
N ASP B 4549 -63.72 73.55 18.30
CA ASP B 4549 -63.97 73.87 19.70
C ASP B 4549 -64.26 75.35 19.91
N GLU B 4550 -63.91 76.18 18.94
CA GLU B 4550 -63.96 77.64 19.07
C GLU B 4550 -64.96 78.29 18.13
N ILE B 4551 -64.97 77.88 16.86
CA ILE B 4551 -66.04 78.22 15.95
C ILE B 4551 -67.33 77.61 16.48
N GLU B 4552 -68.43 78.36 16.34
CA GLU B 4552 -69.63 78.19 17.13
C GLU B 4552 -70.35 76.87 16.85
N ASP B 4553 -71.44 76.67 17.57
CA ASP B 4553 -72.14 75.39 17.61
C ASP B 4553 -72.84 75.11 16.29
N PRO B 4554 -72.59 73.96 15.66
CA PRO B 4554 -73.38 73.58 14.48
C PRO B 4554 -74.69 72.89 14.84
N ALA B 4555 -75.45 73.45 15.77
CA ALA B 4555 -76.73 72.89 16.17
C ALA B 4555 -77.88 73.35 15.30
N GLY B 4556 -77.59 74.06 14.22
CA GLY B 4556 -78.62 74.54 13.31
C GLY B 4556 -79.10 73.45 12.36
N ASP B 4557 -79.69 73.91 11.26
CA ASP B 4557 -80.25 72.98 10.28
C ASP B 4557 -79.62 73.17 8.91
N GLU B 4558 -79.23 74.41 8.58
CA GLU B 4558 -78.66 74.71 7.28
C GLU B 4558 -77.27 74.10 7.14
N TYR B 4559 -77.22 72.93 6.50
CA TYR B 4559 -76.02 72.13 6.27
C TYR B 4559 -75.27 71.77 7.55
N GLU B 4560 -75.94 71.78 8.69
CA GLU B 4560 -75.28 71.62 9.99
C GLU B 4560 -75.13 70.15 10.36
N LEU B 4561 -75.18 69.28 9.36
CA LEU B 4561 -74.74 67.90 9.42
C LEU B 4561 -73.38 67.77 8.75
N TYR B 4562 -73.00 68.77 7.97
CA TYR B 4562 -71.74 68.74 7.24
C TYR B 4562 -70.69 69.62 7.92
N ARG B 4563 -71.14 70.69 8.58
CA ARG B 4563 -70.22 71.55 9.33
C ARG B 4563 -69.63 70.83 10.54
N VAL B 4564 -70.34 69.83 11.05
CA VAL B 4564 -69.97 69.24 12.33
C VAL B 4564 -68.97 68.10 12.15
N VAL B 4565 -69.31 67.08 11.36
CA VAL B 4565 -68.64 65.79 11.43
C VAL B 4565 -67.27 65.87 10.77
N PHE B 4566 -67.11 66.84 9.86
CA PHE B 4566 -65.91 66.92 9.04
C PHE B 4566 -64.67 67.28 9.86
N ASP B 4567 -64.79 68.24 10.77
CA ASP B 4567 -63.65 68.64 11.59
C ASP B 4567 -63.30 67.55 12.61
N ILE B 4568 -64.30 66.78 13.04
CA ILE B 4568 -64.07 65.82 14.11
C ILE B 4568 -63.29 64.63 13.58
N THR B 4569 -63.57 64.23 12.35
CA THR B 4569 -62.72 63.27 11.66
C THR B 4569 -61.37 63.88 11.33
N PHE B 4570 -61.34 65.20 11.08
CA PHE B 4570 -60.13 65.88 10.66
C PHE B 4570 -59.07 65.89 11.75
N PHE B 4571 -59.46 66.23 12.99
CA PHE B 4571 -58.50 66.29 14.09
C PHE B 4571 -57.91 64.91 14.38
N PHE B 4572 -58.71 63.87 14.18
CA PHE B 4572 -58.26 62.53 14.53
C PHE B 4572 -57.36 61.97 13.43
N PHE B 4573 -57.58 62.37 12.19
CA PHE B 4573 -56.92 61.70 11.08
C PHE B 4573 -55.57 62.31 10.75
N VAL B 4574 -55.27 63.49 11.27
CA VAL B 4574 -53.94 64.07 11.09
C VAL B 4574 -53.27 64.42 12.42
N ILE B 4575 -53.98 65.07 13.35
CA ILE B 4575 -53.29 65.63 14.51
C ILE B 4575 -52.95 64.53 15.50
N VAL B 4576 -53.75 63.47 15.52
CA VAL B 4576 -53.33 62.26 16.22
C VAL B 4576 -52.21 61.58 15.42
N ILE B 4577 -52.23 61.74 14.10
CA ILE B 4577 -51.43 60.89 13.24
C ILE B 4577 -50.10 61.57 12.90
N LEU B 4578 -50.14 62.84 12.48
CA LEU B 4578 -48.91 63.53 12.10
C LEU B 4578 -48.03 63.77 13.32
N LEU B 4579 -48.64 63.96 14.49
CA LEU B 4579 -47.86 63.96 15.72
C LEU B 4579 -47.26 62.59 16.00
N ALA B 4580 -48.00 61.53 15.64
CA ALA B 4580 -47.48 60.17 15.85
C ALA B 4580 -46.30 59.88 14.93
N ILE B 4581 -46.35 60.39 13.70
CA ILE B 4581 -45.23 60.25 12.78
C ILE B 4581 -44.03 61.04 13.30
N ILE B 4582 -44.29 62.16 13.96
CA ILE B 4582 -43.24 62.84 14.72
C ILE B 4582 -42.82 62.00 15.92
N GLN B 4583 -43.78 61.33 16.55
CA GLN B 4583 -43.56 60.70 17.85
C GLN B 4583 -42.59 59.53 17.76
N GLY B 4584 -42.97 58.46 17.05
CA GLY B 4584 -42.19 57.24 17.07
C GLY B 4584 -40.90 57.34 16.27
N LEU B 4585 -40.86 58.28 15.34
CA LEU B 4585 -39.64 58.44 14.54
C LEU B 4585 -38.55 59.08 15.37
N ILE B 4586 -38.91 59.85 16.39
CA ILE B 4586 -37.96 60.19 17.44
C ILE B 4586 -37.60 58.96 18.25
N ILE B 4587 -38.58 58.11 18.51
CA ILE B 4587 -38.33 56.91 19.31
C ILE B 4587 -37.55 55.89 18.49
N ASP B 4588 -37.76 55.89 17.18
CA ASP B 4588 -36.98 55.00 16.31
C ASP B 4588 -35.53 55.45 16.20
N ALA B 4589 -35.28 56.75 16.41
CA ALA B 4589 -33.91 57.21 16.55
C ALA B 4589 -33.26 56.60 17.78
N PHE B 4590 -33.92 56.71 18.93
CA PHE B 4590 -33.42 56.08 20.14
C PHE B 4590 -33.58 54.56 20.08
N GLY B 4591 -34.48 54.08 19.22
CA GLY B 4591 -34.57 52.65 19.01
C GLY B 4591 -33.39 52.10 18.23
N GLU B 4592 -33.13 52.67 17.05
CA GLU B 4592 -32.15 52.09 16.14
C GLU B 4592 -30.72 52.31 16.62
N LEU B 4593 -30.45 53.49 17.19
CA LEU B 4593 -29.08 53.86 17.52
C LEU B 4593 -28.50 53.00 18.63
N ARG B 4594 -29.32 52.65 19.63
CA ARG B 4594 -28.86 51.72 20.64
C ARG B 4594 -28.75 50.31 20.05
N ASP B 4595 -29.59 49.99 19.07
CA ASP B 4595 -29.46 48.71 18.38
C ASP B 4595 -28.26 48.73 17.47
N GLN B 4596 -27.96 49.89 16.89
CA GLN B 4596 -26.71 50.07 16.16
C GLN B 4596 -25.54 50.00 17.13
N GLN B 4597 -25.72 50.46 18.36
CA GLN B 4597 -24.61 50.50 19.31
C GLN B 4597 -24.29 49.11 19.84
N GLU B 4598 -25.30 48.28 20.04
CA GLU B 4598 -25.02 46.92 20.48
C GLU B 4598 -24.53 46.07 19.32
N GLN B 4599 -24.87 46.45 18.10
CA GLN B 4599 -24.41 45.72 16.93
C GLN B 4599 -22.91 45.88 16.76
N VAL B 4600 -22.40 47.09 16.97
CA VAL B 4600 -20.97 47.31 16.75
C VAL B 4600 -20.17 46.74 17.92
N LYS B 4601 -20.82 46.49 19.05
CA LYS B 4601 -20.11 45.90 20.18
C LYS B 4601 -19.87 44.41 19.97
N GLU B 4602 -20.91 43.69 19.54
CA GLU B 4602 -20.81 42.23 19.48
C GLU B 4602 -19.88 41.77 18.37
N ASP B 4603 -19.64 42.63 17.39
CA ASP B 4603 -18.74 42.27 16.29
C ASP B 4603 -17.30 42.16 16.79
N MET B 4604 -16.96 42.90 17.85
CA MET B 4604 -15.60 42.86 18.36
C MET B 4604 -15.33 41.56 19.09
N GLU B 4605 -16.36 40.94 19.65
CA GLU B 4605 -16.14 39.73 20.43
C GLU B 4605 -16.25 38.47 19.56
N THR B 4606 -16.84 38.60 18.38
CA THR B 4606 -17.02 37.42 17.53
C THR B 4606 -15.81 37.18 16.64
N LYS B 4607 -15.41 38.19 15.88
CA LYS B 4607 -14.26 38.02 15.00
C LYS B 4607 -13.25 39.13 15.29
N CYS B 4608 -11.99 38.82 15.06
CA CYS B 4608 -10.96 39.85 15.12
C CYS B 4608 -11.13 40.81 13.97
N PHE B 4609 -10.60 42.01 14.15
CA PHE B 4609 -10.60 42.94 13.04
C PHE B 4609 -9.53 42.57 12.03
N ILE B 4610 -8.37 42.11 12.51
CA ILE B 4610 -7.25 41.88 11.61
C ILE B 4610 -7.45 40.62 10.81
N CYS B 4611 -7.52 39.47 11.47
CA CYS B 4611 -7.90 38.24 10.79
C CYS B 4611 -9.42 38.23 10.70
N GLY B 4612 -9.93 37.94 9.50
CA GLY B 4612 -11.37 38.00 9.30
C GLY B 4612 -12.10 36.79 9.85
N ILE B 4613 -11.35 35.83 10.39
CA ILE B 4613 -11.95 34.61 10.92
C ILE B 4613 -12.70 34.94 12.20
N GLY B 4614 -13.85 34.30 12.38
CA GLY B 4614 -14.57 34.37 13.64
C GLY B 4614 -13.83 33.67 14.76
N SER B 4615 -14.48 33.64 15.93
CA SER B 4615 -13.83 33.05 17.10
C SER B 4615 -13.72 31.55 16.99
N ASP B 4616 -14.59 30.93 16.17
CA ASP B 4616 -14.84 29.49 16.24
C ASP B 4616 -13.63 28.65 15.89
N TYR B 4617 -12.75 29.17 15.04
CA TYR B 4617 -11.52 28.44 14.74
C TYR B 4617 -10.59 28.42 15.95
N PHE B 4618 -10.64 29.48 16.75
CA PHE B 4618 -9.80 29.58 17.92
C PHE B 4618 -10.51 29.13 19.19
N ASP B 4619 -11.79 28.79 19.12
CA ASP B 4619 -12.52 28.47 20.33
C ASP B 4619 -12.21 27.06 20.81
N THR B 4620 -11.51 26.26 20.01
CA THR B 4620 -11.11 24.93 20.46
C THR B 4620 -10.11 25.04 21.60
N THR B 4621 -9.18 25.96 21.50
CA THR B 4621 -8.36 26.32 22.63
C THR B 4621 -9.17 27.18 23.60
N PRO B 4622 -8.98 27.00 24.90
CA PRO B 4622 -9.65 27.88 25.85
C PRO B 4622 -9.09 29.28 25.83
N HIS B 4623 -9.95 30.24 25.42
CA HIS B 4623 -9.68 31.68 25.41
C HIS B 4623 -8.58 32.04 24.43
N GLY B 4624 -8.35 31.17 23.46
CA GLY B 4624 -7.30 31.41 22.49
C GLY B 4624 -7.67 32.51 21.52
N PHE B 4625 -8.96 32.69 21.29
CA PHE B 4625 -9.41 33.80 20.45
C PHE B 4625 -9.13 35.13 21.10
N GLU B 4626 -9.36 35.23 22.40
CA GLU B 4626 -9.00 36.45 23.11
C GLU B 4626 -7.49 36.58 23.17
N THR B 4627 -6.80 35.46 23.36
CA THR B 4627 -5.34 35.44 23.31
C THR B 4627 -4.84 35.84 21.93
N HIS B 4628 -5.59 35.47 20.88
CA HIS B 4628 -5.28 35.93 19.53
C HIS B 4628 -5.45 37.43 19.40
N THR B 4629 -6.39 38.00 20.17
CA THR B 4629 -6.53 39.45 20.15
C THR B 4629 -5.64 40.11 21.18
N LEU B 4630 -5.44 39.46 22.33
CA LEU B 4630 -4.62 40.09 23.36
C LEU B 4630 -3.14 40.00 23.04
N GLU B 4631 -2.72 38.97 22.32
CA GLU B 4631 -1.30 38.85 22.02
C GLU B 4631 -0.99 38.75 20.54
N GLU B 4632 -1.77 38.00 19.76
CA GLU B 4632 -1.38 37.78 18.38
C GLU B 4632 -1.73 38.96 17.49
N HIS B 4633 -3.00 39.34 17.47
CA HIS B 4633 -3.42 40.54 16.74
C HIS B 4633 -3.82 41.59 17.78
N ASN B 4634 -2.81 42.32 18.26
CA ASN B 4634 -3.03 43.34 19.29
C ASN B 4634 -3.81 44.52 18.75
N LEU B 4635 -3.58 44.85 17.47
CA LEU B 4635 -4.09 45.95 16.65
C LEU B 4635 -3.45 47.28 17.07
N ALA B 4636 -2.68 47.30 18.15
CA ALA B 4636 -1.94 48.48 18.57
C ALA B 4636 -0.47 48.41 18.20
N ASN B 4637 0.11 47.21 18.18
CA ASN B 4637 1.52 47.09 17.87
C ASN B 4637 1.80 47.38 16.40
N TYR B 4638 0.78 47.23 15.56
CA TYR B 4638 0.91 47.59 14.15
C TYR B 4638 1.18 49.08 14.00
N MET B 4639 0.55 49.90 14.85
CA MET B 4639 0.95 51.30 14.95
C MET B 4639 2.36 51.41 15.49
N PHE B 4640 2.68 50.56 16.47
CA PHE B 4640 3.92 50.72 17.21
C PHE B 4640 5.10 50.28 16.40
N PHE B 4641 4.93 49.19 15.62
CA PHE B 4641 5.95 48.79 14.66
C PHE B 4641 6.14 49.84 13.59
N LEU B 4642 5.04 50.50 13.19
CA LEU B 4642 5.13 51.58 12.22
C LEU B 4642 5.89 52.76 12.80
N MET B 4643 5.63 53.09 14.07
CA MET B 4643 6.40 54.13 14.75
C MET B 4643 7.85 53.71 14.90
N TYR B 4644 8.08 52.41 15.15
CA TYR B 4644 9.43 51.91 15.41
C TYR B 4644 10.33 52.04 14.20
N LEU B 4645 9.77 51.90 13.00
CA LEU B 4645 10.60 51.90 11.81
C LEU B 4645 10.95 53.32 11.40
N ILE B 4646 10.04 54.26 11.65
CA ILE B 4646 10.25 55.66 11.26
C ILE B 4646 11.36 56.27 12.11
N ASN B 4647 11.38 55.92 13.39
CA ASN B 4647 12.37 56.48 14.29
C ASN B 4647 13.69 55.71 14.23
N LYS B 4648 13.75 54.67 13.40
CA LYS B 4648 14.94 53.89 13.19
C LYS B 4648 15.59 54.30 11.86
N ASP B 4649 16.92 54.23 11.81
CA ASP B 4649 17.67 54.69 10.65
C ASP B 4649 17.48 53.75 9.47
N GLU B 4650 17.67 54.31 8.27
CA GLU B 4650 17.28 53.66 7.03
C GLU B 4650 18.17 52.47 6.69
N THR B 4651 19.47 52.59 6.93
CA THR B 4651 20.39 51.50 6.60
C THR B 4651 20.21 50.33 7.56
N GLU B 4652 19.87 50.62 8.80
CA GLU B 4652 19.88 49.61 9.86
C GLU B 4652 18.67 48.69 9.83
N HIS B 4653 17.80 48.78 8.83
CA HIS B 4653 16.66 47.89 8.81
C HIS B 4653 17.05 46.54 8.24
N THR B 4654 16.38 45.49 8.72
CA THR B 4654 16.71 44.15 8.28
C THR B 4654 16.06 43.87 6.93
N GLY B 4655 16.17 42.63 6.47
CA GLY B 4655 15.60 42.25 5.19
C GLY B 4655 14.10 42.15 5.19
N GLN B 4656 13.47 42.17 6.37
CA GLN B 4656 12.02 42.18 6.43
C GLN B 4656 11.46 43.45 7.01
N GLU B 4657 12.27 44.22 7.74
CA GLU B 4657 11.84 45.54 8.17
C GLU B 4657 11.70 46.49 7.00
N SER B 4658 12.77 46.68 6.23
CA SER B 4658 12.72 47.57 5.07
C SER B 4658 11.84 47.01 3.95
N TYR B 4659 11.65 45.69 3.93
CA TYR B 4659 10.73 45.04 3.01
C TYR B 4659 9.33 45.61 3.11
N VAL B 4660 8.72 45.52 4.29
CA VAL B 4660 7.38 46.04 4.46
C VAL B 4660 7.38 47.57 4.44
N TRP B 4661 8.50 48.21 4.79
CA TRP B 4661 8.58 49.66 4.68
C TRP B 4661 8.49 50.13 3.24
N LYS B 4662 9.09 49.37 2.32
CA LYS B 4662 8.95 49.70 0.91
C LYS B 4662 7.50 49.56 0.46
N MET B 4663 6.79 48.58 1.01
CA MET B 4663 5.37 48.44 0.73
C MET B 4663 4.56 49.57 1.35
N TYR B 4664 5.01 50.11 2.47
CA TYR B 4664 4.45 51.38 2.94
C TYR B 4664 4.74 52.50 1.95
N GLN B 4665 6.00 52.58 1.49
CA GLN B 4665 6.35 53.54 0.45
C GLN B 4665 5.60 53.26 -0.84
N GLU B 4666 5.31 52.00 -1.12
CA GLU B 4666 4.46 51.65 -2.25
C GLU B 4666 3.01 52.02 -2.00
N ARG B 4667 2.62 52.09 -0.73
CA ARG B 4667 1.22 52.08 -0.28
C ARG B 4667 0.47 50.88 -0.82
N CYS B 4668 1.13 49.72 -0.80
CA CYS B 4668 0.49 48.45 -1.08
C CYS B 4668 0.27 47.71 0.23
N TRP B 4669 -0.93 47.14 0.38
CA TRP B 4669 -1.39 46.70 1.68
C TRP B 4669 -1.76 45.24 1.65
N ASP B 4670 -0.84 44.44 1.15
CA ASP B 4670 -1.08 43.02 0.98
C ASP B 4670 -0.61 42.19 2.18
N PHE B 4671 0.40 42.67 2.91
CA PHE B 4671 1.09 41.88 3.92
C PHE B 4671 0.25 41.53 5.15
N PHE B 4672 -0.98 42.03 5.25
CA PHE B 4672 -1.83 41.75 6.39
C PHE B 4672 -2.24 40.27 6.41
N PRO B 4673 -2.60 39.73 7.60
CA PRO B 4673 -3.05 38.34 7.69
C PRO B 4673 -4.27 37.99 6.85
N ALA B 4674 -5.40 38.67 7.09
CA ALA B 4674 -6.54 38.74 6.18
C ALA B 4674 -7.13 37.37 5.81
N GLY B 4675 -7.03 36.41 6.72
CA GLY B 4675 -7.59 35.10 6.44
C GLY B 4675 -6.79 33.93 6.96
N ASP B 4676 -5.59 34.18 7.45
CA ASP B 4676 -4.77 33.16 8.08
C ASP B 4676 -3.85 33.88 9.04
N CYS B 4677 -3.57 33.27 10.19
CA CYS B 4677 -2.71 33.89 11.19
C CYS B 4677 -2.00 32.84 12.05
N PHE B 4678 -0.81 32.44 11.58
CA PHE B 4678 0.29 31.85 12.34
C PHE B 4678 0.04 30.44 12.85
N ARG B 4679 -1.21 30.00 12.86
CA ARG B 4679 -1.52 28.67 13.37
C ARG B 4679 -2.50 27.91 12.51
N LYS B 4680 -3.38 28.59 11.77
CA LYS B 4680 -4.07 27.91 10.70
C LYS B 4680 -3.10 27.53 9.60
N GLN B 4681 -2.05 28.33 9.44
CA GLN B 4681 -0.91 27.90 8.64
C GLN B 4681 -0.19 26.72 9.28
N TYR B 4682 -0.04 26.74 10.60
CA TYR B 4682 0.85 25.82 11.29
C TYR B 4682 0.10 24.84 12.21
N GLU B 4683 -1.05 24.33 11.75
CA GLU B 4683 -1.86 23.49 12.61
C GLU B 4683 -1.32 22.07 12.71
N ASP B 4684 -1.37 21.32 11.60
CA ASP B 4684 -0.93 19.93 11.65
C ASP B 4684 0.58 19.82 11.63
N GLN B 4685 1.27 20.93 11.35
CA GLN B 4685 2.72 20.99 11.49
C GLN B 4685 3.12 20.77 12.95
N LEU B 4686 2.62 21.62 13.84
CA LEU B 4686 2.52 21.30 15.27
C LEU B 4686 1.42 22.17 15.85
N SER B 4687 0.39 21.54 16.39
CA SER B 4687 -0.70 22.24 17.02
C SER B 4687 -0.30 22.74 18.40
N GLN C 12 -20.34 -21.10 -19.30
CA GLN C 12 -21.39 -21.42 -18.34
C GLN C 12 -22.57 -22.11 -19.01
N PHE C 13 -23.37 -21.33 -19.71
CA PHE C 13 -24.57 -21.84 -20.35
C PHE C 13 -24.54 -21.48 -21.84
N LEU C 14 -25.50 -22.02 -22.57
CA LEU C 14 -25.59 -21.85 -24.01
C LEU C 14 -26.81 -21.02 -24.35
N ARG C 15 -26.68 -20.21 -25.40
CA ARG C 15 -27.73 -19.32 -25.84
C ARG C 15 -27.98 -19.49 -27.32
N THR C 16 -28.99 -18.80 -27.83
CA THR C 16 -29.22 -18.76 -29.26
C THR C 16 -28.20 -17.83 -29.91
N ASP C 17 -28.10 -17.95 -31.24
CA ASP C 17 -27.16 -17.21 -32.09
C ASP C 17 -25.71 -17.45 -31.65
N ASP C 18 -25.41 -18.68 -31.26
CA ASP C 18 -24.07 -19.07 -30.86
C ASP C 18 -23.52 -20.09 -31.85
N GLU C 19 -22.22 -20.30 -31.79
CA GLU C 19 -21.53 -21.17 -32.72
C GLU C 19 -20.91 -22.34 -31.96
N VAL C 20 -21.33 -23.54 -32.28
CA VAL C 20 -20.89 -24.75 -31.61
C VAL C 20 -20.41 -25.75 -32.65
N VAL C 21 -19.76 -26.81 -32.16
CA VAL C 21 -19.47 -27.99 -32.95
C VAL C 21 -20.06 -29.19 -32.22
N LEU C 22 -20.12 -30.31 -32.91
CA LEU C 22 -20.61 -31.56 -32.35
C LEU C 22 -19.43 -32.49 -32.18
N GLN C 23 -19.36 -33.16 -31.03
CA GLN C 23 -18.19 -33.98 -30.73
C GLN C 23 -18.57 -35.11 -29.78
N CYS C 24 -18.23 -36.32 -30.20
CA CYS C 24 -18.29 -37.51 -29.37
C CYS C 24 -16.87 -38.08 -29.27
N SER C 25 -16.77 -39.28 -28.70
CA SER C 25 -15.50 -39.99 -28.68
C SER C 25 -15.78 -41.48 -28.67
N ALA C 26 -15.29 -42.18 -29.70
CA ALA C 26 -15.47 -43.61 -29.81
C ALA C 26 -14.10 -44.27 -29.86
N THR C 27 -13.86 -45.20 -28.94
CA THR C 27 -12.58 -45.88 -28.89
C THR C 27 -12.43 -46.86 -30.06
N VAL C 28 -11.20 -47.00 -30.54
CA VAL C 28 -10.91 -47.83 -31.71
C VAL C 28 -9.88 -48.89 -31.32
N LEU C 29 -8.69 -48.45 -30.94
CA LEU C 29 -7.56 -49.31 -30.64
C LEU C 29 -7.43 -49.53 -29.13
N LYS C 30 -8.58 -49.67 -28.47
CA LYS C 30 -8.75 -49.46 -27.03
C LYS C 30 -8.17 -48.12 -26.61
N GLU C 31 -8.48 -47.09 -27.41
CA GLU C 31 -7.93 -45.76 -27.22
C GLU C 31 -8.89 -44.76 -27.87
N GLN C 32 -9.10 -43.63 -27.19
CA GLN C 32 -10.16 -42.72 -27.54
C GLN C 32 -9.87 -41.97 -28.85
N LEU C 33 -10.87 -41.94 -29.72
CA LEU C 33 -10.82 -41.15 -30.96
C LEU C 33 -11.97 -40.16 -30.91
N LYS C 34 -11.68 -38.91 -30.59
CA LYS C 34 -12.69 -37.87 -30.57
C LYS C 34 -13.01 -37.43 -32.00
N LEU C 35 -14.25 -37.64 -32.41
CA LEU C 35 -14.71 -37.30 -33.74
C LEU C 35 -15.52 -36.02 -33.71
N CYS C 36 -15.48 -35.28 -34.82
CA CYS C 36 -16.29 -34.09 -34.98
C CYS C 36 -17.03 -34.16 -36.30
N LEU C 37 -18.29 -33.75 -36.30
CA LEU C 37 -19.13 -33.88 -37.47
C LEU C 37 -18.77 -32.83 -38.51
N ALA C 38 -18.77 -33.23 -39.78
CA ALA C 38 -18.39 -32.32 -40.85
C ALA C 38 -19.14 -32.68 -42.13
N ALA C 39 -19.39 -31.68 -42.96
CA ALA C 39 -20.06 -31.84 -44.23
C ALA C 39 -19.72 -30.66 -45.12
N GLU C 40 -19.45 -30.92 -46.40
CA GLU C 40 -19.04 -29.85 -47.29
C GLU C 40 -20.22 -29.03 -47.81
N GLY C 41 -21.36 -29.68 -48.06
CA GLY C 41 -22.46 -28.93 -48.65
C GLY C 41 -22.56 -29.13 -50.15
N PHE C 42 -21.96 -28.22 -50.91
CA PHE C 42 -21.95 -28.25 -52.36
C PHE C 42 -21.29 -29.52 -52.88
N GLY C 43 -22.09 -30.42 -53.45
CA GLY C 43 -21.62 -31.73 -53.85
C GLY C 43 -21.53 -32.74 -52.74
N ASN C 44 -21.82 -32.34 -51.49
CA ASN C 44 -21.75 -33.26 -50.36
C ASN C 44 -23.03 -33.04 -49.53
N ARG C 45 -24.06 -33.80 -49.85
CA ARG C 45 -25.28 -33.72 -49.07
C ARG C 45 -25.12 -34.32 -47.69
N LEU C 46 -24.32 -35.38 -47.56
CA LEU C 46 -24.25 -36.12 -46.33
C LEU C 46 -23.19 -35.52 -45.41
N CYS C 47 -23.09 -36.09 -44.21
CA CYS C 47 -22.23 -35.56 -43.15
C CYS C 47 -21.24 -36.64 -42.75
N PHE C 48 -19.95 -36.32 -42.84
CA PHE C 48 -18.89 -37.23 -42.44
C PHE C 48 -18.33 -36.80 -41.09
N LEU C 49 -17.24 -37.45 -40.66
CA LEU C 49 -16.70 -37.27 -39.32
C LEU C 49 -15.23 -36.90 -39.40
N GLU C 50 -14.87 -35.75 -38.81
CA GLU C 50 -13.48 -35.30 -38.76
C GLU C 50 -12.90 -35.60 -37.39
N PRO C 51 -11.90 -36.48 -37.28
CA PRO C 51 -11.26 -36.71 -35.97
C PRO C 51 -10.40 -35.54 -35.54
N THR C 52 -10.63 -35.07 -34.31
CA THR C 52 -9.85 -34.00 -33.71
C THR C 52 -9.07 -34.50 -32.51
N SER C 53 -8.68 -35.79 -32.54
CA SER C 53 -7.84 -36.35 -31.50
C SER C 53 -6.35 -36.16 -31.76
N ASN C 54 -5.95 -36.00 -33.01
CA ASN C 54 -4.54 -35.92 -33.38
C ASN C 54 -4.12 -34.48 -33.67
N ALA C 55 -4.59 -33.53 -32.86
CA ALA C 55 -4.20 -32.13 -33.02
C ALA C 55 -2.75 -31.87 -32.60
N GLN C 56 -2.04 -32.87 -32.08
CA GLN C 56 -0.60 -32.76 -31.96
C GLN C 56 0.08 -32.97 -33.31
N ASN C 57 -0.54 -33.73 -34.22
CA ASN C 57 0.11 -34.00 -35.49
C ASN C 57 -0.74 -33.63 -36.69
N VAL C 58 -2.03 -33.95 -36.68
CA VAL C 58 -2.90 -33.75 -37.84
C VAL C 58 -3.70 -32.48 -37.61
N PRO C 59 -3.51 -31.45 -38.43
CA PRO C 59 -4.37 -30.25 -38.33
C PRO C 59 -5.79 -30.55 -38.81
N PRO C 60 -6.77 -30.42 -37.92
CA PRO C 60 -8.15 -30.75 -38.30
C PRO C 60 -8.75 -29.71 -39.22
N ASP C 61 -9.81 -30.11 -39.92
CA ASP C 61 -10.53 -29.21 -40.81
C ASP C 61 -11.67 -28.58 -40.01
N LEU C 62 -11.44 -27.35 -39.56
CA LEU C 62 -12.39 -26.65 -38.71
C LEU C 62 -13.39 -25.81 -39.48
N ALA C 63 -13.22 -25.70 -40.80
CA ALA C 63 -14.06 -24.82 -41.59
C ALA C 63 -15.47 -25.38 -41.74
N ILE C 64 -15.62 -26.70 -41.86
CA ILE C 64 -16.92 -27.31 -42.06
C ILE C 64 -17.35 -28.16 -40.89
N CYS C 65 -16.67 -28.09 -39.77
CA CYS C 65 -17.18 -28.67 -38.53
C CYS C 65 -18.00 -27.68 -37.72
N CYS C 66 -17.87 -26.38 -37.99
CA CYS C 66 -18.53 -25.36 -37.18
C CYS C 66 -19.99 -25.23 -37.60
N PHE C 67 -20.87 -25.23 -36.62
CA PHE C 67 -22.30 -25.03 -36.81
C PHE C 67 -22.75 -23.80 -36.05
N THR C 68 -23.94 -23.32 -36.38
CA THR C 68 -24.47 -22.11 -35.76
C THR C 68 -25.82 -22.43 -35.16
N LEU C 69 -26.01 -22.06 -33.90
CA LEU C 69 -27.30 -22.22 -33.24
C LEU C 69 -28.28 -21.19 -33.79
N GLU C 70 -29.44 -21.65 -34.22
CA GLU C 70 -30.38 -20.78 -34.92
C GLU C 70 -31.67 -20.54 -34.14
N GLN C 71 -32.38 -21.60 -33.78
CA GLN C 71 -33.69 -21.43 -33.16
C GLN C 71 -33.99 -22.64 -32.31
N SER C 72 -34.42 -22.39 -31.08
CA SER C 72 -34.82 -23.44 -30.16
C SER C 72 -36.20 -23.10 -29.62
N LEU C 73 -37.09 -24.10 -29.60
CA LEU C 73 -38.47 -23.87 -29.19
C LEU C 73 -38.97 -25.06 -28.40
N SER C 74 -40.02 -24.80 -27.64
CA SER C 74 -40.86 -25.87 -27.14
C SER C 74 -41.57 -26.56 -28.29
N VAL C 75 -41.99 -27.80 -28.06
CA VAL C 75 -42.70 -28.58 -29.08
C VAL C 75 -44.08 -27.98 -29.34
N ARG C 76 -44.63 -27.25 -28.37
CA ARG C 76 -45.95 -26.66 -28.52
C ARG C 76 -45.93 -25.43 -29.43
N ALA C 77 -45.01 -24.50 -29.19
CA ALA C 77 -44.92 -23.31 -30.03
C ALA C 77 -44.43 -23.65 -31.43
N LEU C 78 -43.56 -24.66 -31.55
CA LEU C 78 -43.10 -25.10 -32.87
C LEU C 78 -44.24 -25.69 -33.68
N GLN C 79 -45.08 -26.51 -33.04
CA GLN C 79 -46.26 -27.05 -33.71
C GLN C 79 -47.26 -25.95 -34.07
N GLU C 80 -47.38 -24.95 -33.21
CA GLU C 80 -48.15 -23.76 -33.57
C GLU C 80 -47.48 -23.00 -34.71
N MET C 81 -46.15 -22.95 -34.69
CA MET C 81 -45.42 -22.35 -35.82
C MET C 81 -45.56 -23.19 -37.08
N LEU C 82 -45.59 -24.52 -36.94
CA LEU C 82 -45.79 -25.38 -38.10
C LEU C 82 -47.22 -25.38 -38.60
N ALA C 83 -48.14 -24.72 -37.90
CA ALA C 83 -49.45 -24.43 -38.46
C ALA C 83 -49.43 -23.21 -39.36
N ASN C 84 -48.28 -22.59 -39.57
CA ASN C 84 -48.16 -21.41 -40.42
C ASN C 84 -47.02 -21.57 -41.41
N GLY C 97 -34.96 -13.64 -28.21
CA GLY C 97 -33.65 -13.20 -28.63
C GLY C 97 -32.55 -14.19 -28.29
N HIS C 98 -31.85 -13.91 -27.20
CA HIS C 98 -30.82 -14.82 -26.68
C HIS C 98 -31.39 -15.54 -25.47
N ARG C 99 -32.17 -16.58 -25.74
CA ARG C 99 -32.76 -17.39 -24.68
C ARG C 99 -31.73 -18.39 -24.17
N THR C 100 -32.17 -19.35 -23.37
CA THR C 100 -31.29 -20.37 -22.82
C THR C 100 -31.86 -21.73 -23.21
N LEU C 101 -30.97 -22.64 -23.57
CA LEU C 101 -31.39 -23.98 -23.99
C LEU C 101 -31.94 -24.76 -22.80
N LEU C 102 -33.17 -25.22 -22.91
CA LEU C 102 -33.77 -26.08 -21.91
C LEU C 102 -34.02 -27.46 -22.51
N TYR C 103 -33.82 -28.49 -21.69
CA TYR C 103 -33.91 -29.86 -22.15
C TYR C 103 -35.34 -30.20 -22.56
N GLY C 104 -35.49 -30.93 -23.65
CA GLY C 104 -36.79 -31.18 -24.25
C GLY C 104 -37.17 -30.19 -25.32
N HIS C 105 -36.30 -29.25 -25.66
CA HIS C 105 -36.58 -28.34 -26.75
C HIS C 105 -36.11 -28.92 -28.08
N ALA C 106 -36.83 -28.56 -29.14
CA ALA C 106 -36.31 -28.74 -30.47
C ALA C 106 -35.21 -27.72 -30.72
N ILE C 107 -34.44 -27.94 -31.78
CA ILE C 107 -33.36 -27.03 -32.12
C ILE C 107 -33.25 -26.97 -33.64
N LEU C 108 -32.82 -25.82 -34.15
CA LEU C 108 -32.61 -25.62 -35.57
C LEU C 108 -31.11 -25.52 -35.79
N LEU C 109 -30.56 -26.52 -36.46
CA LEU C 109 -29.13 -26.55 -36.74
C LEU C 109 -28.83 -26.00 -38.13
N ARG C 110 -27.61 -25.50 -38.28
CA ARG C 110 -27.22 -24.87 -39.54
C ARG C 110 -25.73 -25.09 -39.74
N HIS C 111 -25.37 -25.50 -40.96
CA HIS C 111 -23.97 -25.46 -41.35
C HIS C 111 -23.54 -24.00 -41.46
N ALA C 112 -22.46 -23.64 -40.76
CA ALA C 112 -22.08 -22.25 -40.67
C ALA C 112 -21.47 -21.73 -41.97
N HIS C 113 -20.70 -22.57 -42.66
CA HIS C 113 -19.97 -22.11 -43.82
C HIS C 113 -20.89 -21.84 -45.01
N SER C 114 -21.55 -22.88 -45.49
CA SER C 114 -22.44 -22.75 -46.63
C SER C 114 -23.80 -22.17 -46.27
N ARG C 115 -24.01 -21.84 -45.00
CA ARG C 115 -25.22 -21.19 -44.49
C ARG C 115 -26.46 -22.06 -44.74
N MET C 116 -26.25 -23.37 -44.63
CA MET C 116 -27.24 -24.38 -44.95
C MET C 116 -27.72 -25.07 -43.68
N TYR C 117 -29.01 -25.40 -43.65
CA TYR C 117 -29.64 -25.90 -42.43
C TYR C 117 -29.62 -27.42 -42.39
N LEU C 118 -29.22 -27.96 -41.24
CA LEU C 118 -29.03 -29.40 -41.11
C LEU C 118 -30.36 -30.12 -41.00
N SER C 119 -30.65 -30.95 -42.00
CA SER C 119 -31.87 -31.74 -42.00
C SER C 119 -31.53 -33.22 -41.83
N CYS C 120 -32.54 -34.09 -41.91
CA CYS C 120 -32.35 -35.53 -41.91
C CYS C 120 -32.96 -36.08 -43.18
N LEU C 121 -32.25 -36.99 -43.84
CA LEU C 121 -32.74 -37.55 -45.08
C LEU C 121 -33.51 -38.84 -44.79
N THR C 122 -34.24 -39.32 -45.80
CA THR C 122 -34.93 -40.60 -45.72
C THR C 122 -34.21 -41.69 -46.51
N THR C 123 -32.91 -41.54 -46.70
CA THR C 123 -32.13 -42.50 -47.46
C THR C 123 -31.38 -43.44 -46.53
N SER C 124 -31.58 -44.73 -46.73
CA SER C 124 -30.88 -45.76 -45.99
C SER C 124 -29.54 -46.01 -46.66
N ARG C 125 -28.47 -45.96 -45.87
CA ARG C 125 -27.12 -46.10 -46.41
C ARG C 125 -26.40 -47.19 -45.62
N SER C 126 -25.17 -47.47 -46.03
CA SER C 126 -24.21 -48.39 -45.41
C SER C 126 -24.70 -49.84 -45.34
N MET C 127 -25.73 -50.19 -46.12
CA MET C 127 -26.34 -51.53 -46.16
C MET C 127 -26.78 -52.00 -44.78
N THR C 128 -27.44 -51.11 -44.02
CA THR C 128 -27.86 -51.45 -42.68
C THR C 128 -29.08 -52.37 -42.68
N ASP C 129 -29.80 -52.44 -43.80
CA ASP C 129 -31.04 -53.21 -43.97
C ASP C 129 -32.08 -52.80 -42.93
N LYS C 130 -32.25 -51.49 -42.77
CA LYS C 130 -33.03 -50.95 -41.67
C LYS C 130 -33.61 -49.62 -42.12
N LEU C 131 -33.96 -48.79 -41.13
CA LEU C 131 -34.54 -47.46 -41.30
C LEU C 131 -33.51 -46.36 -41.11
N ALA C 132 -32.32 -46.59 -41.72
CA ALA C 132 -31.07 -45.89 -41.41
C ALA C 132 -31.21 -44.37 -41.46
N PHE C 133 -31.62 -43.84 -42.61
CA PHE C 133 -32.10 -42.46 -42.77
C PHE C 133 -31.02 -41.45 -42.38
N ASP C 134 -29.95 -41.46 -43.17
CA ASP C 134 -28.70 -40.81 -42.78
C ASP C 134 -28.86 -39.29 -42.72
N VAL C 135 -28.04 -38.68 -41.87
CA VAL C 135 -28.15 -37.25 -41.60
C VAL C 135 -27.52 -36.48 -42.75
N GLY C 136 -28.35 -35.77 -43.51
CA GLY C 136 -27.89 -35.01 -44.65
C GLY C 136 -28.64 -33.70 -44.81
N LEU C 137 -27.97 -32.70 -45.38
CA LEU C 137 -28.55 -31.37 -45.53
C LEU C 137 -28.25 -30.84 -46.93
N GLN C 138 -29.25 -30.18 -47.54
CA GLN C 138 -28.95 -29.11 -48.49
C GLN C 138 -29.60 -27.79 -48.09
N GLU C 139 -30.93 -27.71 -48.04
CA GLU C 139 -31.52 -26.38 -47.85
C GLU C 139 -32.75 -26.39 -46.94
N ASP C 140 -33.12 -27.53 -46.35
CA ASP C 140 -34.48 -27.83 -45.93
C ASP C 140 -34.90 -26.95 -44.74
N ALA C 141 -35.17 -25.68 -45.06
CA ALA C 141 -35.62 -24.71 -44.07
C ALA C 141 -37.07 -24.91 -43.66
N THR C 142 -37.83 -25.71 -44.42
CA THR C 142 -39.17 -26.07 -44.01
C THR C 142 -39.10 -26.97 -42.78
N GLY C 143 -39.92 -26.65 -41.79
CA GLY C 143 -39.72 -27.17 -40.46
C GLY C 143 -40.14 -28.60 -40.18
N GLU C 144 -39.79 -29.54 -41.08
CA GLU C 144 -40.14 -30.92 -40.82
C GLU C 144 -39.00 -31.70 -40.19
N ALA C 145 -37.89 -31.82 -40.92
CA ALA C 145 -36.79 -32.69 -40.53
C ALA C 145 -35.56 -31.95 -40.06
N CYS C 146 -35.52 -30.62 -40.23
CA CYS C 146 -34.39 -29.82 -39.79
C CYS C 146 -34.44 -29.51 -38.30
N TRP C 147 -35.43 -30.03 -37.59
CA TRP C 147 -35.58 -29.81 -36.16
C TRP C 147 -35.20 -31.08 -35.41
N TRP C 148 -34.62 -30.89 -34.24
CA TRP C 148 -34.01 -31.99 -33.49
C TRP C 148 -34.32 -31.82 -32.01
N THR C 149 -35.00 -32.80 -31.43
CA THR C 149 -35.30 -32.73 -30.01
C THR C 149 -34.04 -32.94 -29.18
N MET C 150 -33.86 -32.07 -28.20
CA MET C 150 -32.68 -32.06 -27.35
C MET C 150 -33.06 -32.63 -25.99
N HIS C 151 -32.58 -33.82 -25.69
CA HIS C 151 -32.86 -34.47 -24.42
C HIS C 151 -31.56 -34.78 -23.68
N PRO C 152 -31.56 -34.70 -22.36
CA PRO C 152 -30.32 -34.95 -21.61
C PRO C 152 -29.98 -36.42 -21.58
N ALA C 153 -28.73 -36.68 -21.19
CA ALA C 153 -28.24 -38.06 -21.13
C ALA C 153 -28.67 -38.76 -19.85
N SER C 154 -28.25 -38.25 -18.71
CA SER C 154 -28.32 -39.00 -17.46
C SER C 154 -29.38 -38.41 -16.53
N LYS C 155 -29.49 -39.01 -15.35
CA LYS C 155 -30.39 -38.55 -14.28
C LYS C 155 -29.83 -37.38 -13.51
N GLN C 156 -28.57 -36.99 -13.78
CA GLN C 156 -28.03 -35.76 -13.24
C GLN C 156 -28.83 -34.57 -13.74
N ARG C 157 -28.89 -34.38 -15.05
CA ARG C 157 -29.74 -33.37 -15.65
C ARG C 157 -31.19 -33.83 -15.59
N SER C 158 -32.09 -32.91 -15.93
CA SER C 158 -33.51 -33.20 -15.96
C SER C 158 -34.14 -32.37 -17.06
N GLU C 159 -35.45 -32.47 -17.18
CA GLU C 159 -36.17 -31.68 -18.17
C GLU C 159 -36.36 -30.26 -17.67
N GLY C 160 -36.26 -29.30 -18.58
CA GLY C 160 -36.40 -27.91 -18.24
C GLY C 160 -35.19 -27.28 -17.59
N GLU C 161 -34.11 -28.02 -17.38
CA GLU C 161 -32.92 -27.40 -16.83
C GLU C 161 -32.14 -26.69 -17.91
N LYS C 162 -31.28 -25.76 -17.50
CA LYS C 162 -30.41 -25.07 -18.43
C LYS C 162 -29.32 -26.00 -18.92
N VAL C 163 -29.01 -25.89 -20.21
CA VAL C 163 -27.97 -26.72 -20.82
C VAL C 163 -26.64 -26.03 -20.57
N ARG C 164 -25.81 -26.65 -19.73
CA ARG C 164 -24.51 -26.08 -19.41
C ARG C 164 -23.55 -26.26 -20.58
N VAL C 165 -22.42 -25.57 -20.48
CA VAL C 165 -21.33 -25.78 -21.42
C VAL C 165 -20.72 -27.15 -21.16
N GLY C 166 -20.70 -27.99 -22.19
CA GLY C 166 -20.16 -29.33 -22.06
C GLY C 166 -21.08 -30.28 -21.33
N ASP C 167 -22.29 -30.45 -21.82
CA ASP C 167 -23.22 -31.47 -21.33
C ASP C 167 -23.21 -32.66 -22.28
N ASP C 168 -23.81 -33.75 -21.82
CA ASP C 168 -24.01 -34.94 -22.64
C ASP C 168 -25.47 -35.01 -23.04
N LEU C 169 -25.72 -35.20 -24.32
CA LEU C 169 -27.06 -35.06 -24.87
C LEU C 169 -27.55 -36.35 -25.52
N ILE C 170 -28.87 -36.44 -25.61
CA ILE C 170 -29.56 -37.38 -26.47
C ILE C 170 -30.30 -36.55 -27.50
N LEU C 171 -30.03 -36.78 -28.77
CA LEU C 171 -30.62 -36.01 -29.85
C LEU C 171 -31.50 -36.93 -30.69
N VAL C 172 -32.80 -36.73 -30.59
CA VAL C 172 -33.79 -37.52 -31.31
C VAL C 172 -34.51 -36.58 -32.28
N SER C 173 -34.92 -37.10 -33.43
CA SER C 173 -35.46 -36.29 -34.50
C SER C 173 -36.86 -35.74 -34.15
N VAL C 174 -37.38 -34.93 -35.08
CA VAL C 174 -38.73 -34.38 -34.98
C VAL C 174 -39.64 -34.98 -36.02
N SER C 175 -39.19 -35.03 -37.27
CA SER C 175 -39.99 -35.59 -38.35
C SER C 175 -40.16 -37.10 -38.19
N SER C 176 -39.12 -37.78 -37.74
CA SER C 176 -39.16 -39.23 -37.60
C SER C 176 -39.09 -39.68 -36.16
N GLU C 177 -38.54 -38.83 -35.29
CA GLU C 177 -38.16 -39.17 -33.91
C GLU C 177 -37.26 -40.40 -33.88
N ARG C 178 -36.23 -40.35 -34.70
CA ARG C 178 -35.15 -41.33 -34.71
C ARG C 178 -33.91 -40.69 -34.10
N TYR C 179 -32.93 -41.53 -33.80
CA TYR C 179 -31.82 -41.19 -32.92
C TYR C 179 -30.80 -40.31 -33.62
N LEU C 180 -29.68 -40.07 -32.96
CA LEU C 180 -28.47 -39.61 -33.64
C LEU C 180 -27.47 -40.73 -33.41
N HIS C 181 -27.50 -41.73 -34.27
CA HIS C 181 -26.69 -42.92 -34.07
C HIS C 181 -25.30 -42.74 -34.67
N LEU C 182 -24.28 -42.81 -33.82
CA LEU C 182 -22.92 -43.03 -34.28
C LEU C 182 -22.85 -44.48 -34.72
N SER C 183 -23.11 -44.73 -35.99
CA SER C 183 -23.23 -46.09 -36.51
C SER C 183 -21.93 -46.46 -37.20
N THR C 184 -21.07 -47.16 -36.47
CA THR C 184 -19.99 -47.87 -37.12
C THR C 184 -20.54 -49.17 -37.70
N ALA C 185 -19.81 -49.72 -38.64
CA ALA C 185 -20.27 -50.90 -39.36
C ALA C 185 -19.03 -51.68 -39.80
N SER C 186 -19.21 -52.55 -40.79
CA SER C 186 -18.08 -53.20 -41.44
C SER C 186 -17.17 -52.19 -42.13
N GLY C 187 -17.70 -51.05 -42.56
CA GLY C 187 -16.89 -49.96 -43.07
C GLY C 187 -16.37 -49.05 -41.98
N GLU C 188 -16.55 -47.75 -42.15
CA GLU C 188 -16.05 -46.78 -41.20
C GLU C 188 -17.14 -46.38 -40.22
N LEU C 189 -16.85 -45.43 -39.33
CA LEU C 189 -17.82 -44.91 -38.38
C LEU C 189 -18.65 -43.86 -39.11
N GLN C 190 -19.96 -44.10 -39.21
CA GLN C 190 -20.84 -43.23 -39.97
C GLN C 190 -21.94 -42.69 -39.07
N VAL C 191 -22.73 -41.78 -39.63
CA VAL C 191 -23.78 -41.07 -38.90
C VAL C 191 -25.11 -41.32 -39.62
N ASP C 192 -26.13 -41.69 -38.86
CA ASP C 192 -27.48 -41.85 -39.38
C ASP C 192 -28.48 -41.61 -38.25
N ALA C 193 -29.75 -41.84 -38.53
CA ALA C 193 -30.80 -41.77 -37.52
C ALA C 193 -31.58 -43.08 -37.55
N SER C 194 -31.03 -44.11 -36.93
CA SER C 194 -31.69 -45.40 -36.98
C SER C 194 -31.94 -46.05 -35.63
N PHE C 195 -30.85 -46.26 -34.88
CA PHE C 195 -30.79 -47.30 -33.87
C PHE C 195 -30.66 -46.76 -32.45
N MET C 196 -29.60 -46.04 -32.16
CA MET C 196 -29.09 -45.96 -30.80
C MET C 196 -28.68 -44.53 -30.46
N GLN C 197 -28.66 -44.27 -29.16
CA GLN C 197 -28.20 -43.01 -28.61
C GLN C 197 -26.71 -42.82 -28.86
N THR C 198 -26.29 -41.56 -28.86
CA THR C 198 -24.87 -41.22 -28.85
C THR C 198 -24.73 -39.93 -28.06
N LEU C 199 -23.75 -39.88 -27.17
CA LEU C 199 -23.57 -38.71 -26.31
C LEU C 199 -22.75 -37.67 -27.05
N TRP C 200 -23.32 -36.49 -27.28
CA TRP C 200 -22.65 -35.44 -28.03
C TRP C 200 -22.37 -34.24 -27.15
N ASN C 201 -21.22 -33.62 -27.41
CA ASN C 201 -20.73 -32.51 -26.59
C ASN C 201 -20.89 -31.22 -27.38
N MET C 202 -21.82 -30.38 -26.94
CA MET C 202 -21.96 -29.05 -27.50
C MET C 202 -20.76 -28.24 -27.04
N ASN C 203 -19.75 -28.12 -27.90
CA ASN C 203 -18.56 -27.34 -27.58
C ASN C 203 -18.76 -25.95 -28.16
N PRO C 204 -18.98 -24.93 -27.34
CA PRO C 204 -19.32 -23.60 -27.86
C PRO C 204 -18.14 -22.92 -28.53
N ILE C 205 -17.91 -23.23 -29.80
CA ILE C 205 -16.66 -22.85 -30.45
C ILE C 205 -16.56 -21.35 -30.66
N CYS C 206 -17.69 -20.63 -30.68
CA CYS C 206 -17.68 -19.17 -30.70
C CYS C 206 -18.99 -18.68 -30.10
N SER C 207 -19.08 -17.37 -29.92
CA SER C 207 -20.23 -16.72 -29.31
C SER C 207 -20.23 -15.27 -29.77
N CYS C 208 -20.96 -14.42 -29.04
CA CYS C 208 -21.07 -13.00 -29.40
C CYS C 208 -19.74 -12.29 -29.21
N CYS C 209 -19.04 -12.03 -30.32
CA CYS C 209 -17.74 -11.39 -30.25
C CYS C 209 -17.89 -9.89 -30.07
N GLU C 210 -16.75 -9.19 -30.10
CA GLU C 210 -16.76 -7.74 -30.10
C GLU C 210 -16.40 -7.21 -31.47
N GLU C 211 -16.69 -5.93 -31.69
CA GLU C 211 -16.59 -5.32 -33.00
C GLU C 211 -15.13 -5.10 -33.38
N GLY C 212 -14.69 -5.77 -34.43
CA GLY C 212 -13.36 -5.52 -34.96
C GLY C 212 -12.24 -6.12 -34.15
N TYR C 213 -12.37 -7.37 -33.73
CA TYR C 213 -11.33 -8.04 -32.97
C TYR C 213 -11.10 -9.43 -33.53
N VAL C 214 -9.82 -9.82 -33.62
CA VAL C 214 -9.43 -11.04 -34.32
C VAL C 214 -9.81 -12.26 -33.49
N THR C 215 -10.64 -13.12 -34.06
CA THR C 215 -10.92 -14.44 -33.53
C THR C 215 -10.47 -15.48 -34.55
N GLY C 216 -10.70 -16.76 -34.25
CA GLY C 216 -10.20 -17.84 -35.05
C GLY C 216 -11.06 -18.14 -36.27
N GLY C 217 -10.55 -19.05 -37.11
CA GLY C 217 -11.29 -19.53 -38.26
C GLY C 217 -11.48 -18.51 -39.36
N HIS C 218 -10.50 -17.65 -39.59
CA HIS C 218 -10.68 -16.48 -40.43
C HIS C 218 -9.87 -16.55 -41.71
N VAL C 219 -10.56 -16.37 -42.83
CA VAL C 219 -9.98 -16.37 -44.17
C VAL C 219 -9.60 -14.93 -44.47
N LEU C 220 -8.37 -14.56 -44.14
CA LEU C 220 -7.96 -13.16 -44.17
C LEU C 220 -6.74 -13.00 -45.08
N ARG C 221 -6.45 -11.75 -45.41
CA ARG C 221 -5.24 -11.38 -46.12
C ARG C 221 -4.22 -10.82 -45.12
N LEU C 222 -2.96 -10.90 -45.51
CA LEU C 222 -1.84 -10.68 -44.59
C LEU C 222 -1.00 -9.54 -45.13
N PHE C 223 -1.35 -8.31 -44.76
CA PHE C 223 -0.78 -7.12 -45.37
C PHE C 223 0.64 -6.87 -44.88
N HIS C 224 1.57 -6.85 -45.82
CA HIS C 224 2.96 -6.50 -45.57
C HIS C 224 3.18 -5.05 -45.97
N GLY C 225 4.16 -4.40 -45.34
CA GLY C 225 4.38 -3.00 -45.58
C GLY C 225 3.35 -2.15 -44.86
N HIS C 226 2.98 -1.02 -45.45
CA HIS C 226 2.03 -0.11 -44.84
C HIS C 226 0.81 0.13 -45.72
N MET C 227 1.00 0.32 -47.02
CA MET C 227 -0.08 0.73 -47.90
C MET C 227 -0.69 -0.42 -48.70
N ASP C 228 0.09 -1.06 -49.59
CA ASP C 228 -0.48 -2.06 -50.50
C ASP C 228 0.58 -3.11 -50.84
N GLU C 229 0.55 -4.21 -50.09
CA GLU C 229 1.37 -5.40 -50.29
C GLU C 229 0.83 -6.47 -49.36
N CYS C 230 0.72 -7.70 -49.85
CA CYS C 230 0.24 -8.78 -49.01
C CYS C 230 0.93 -10.09 -49.37
N LEU C 231 0.61 -11.11 -48.58
CA LEU C 231 1.23 -12.41 -48.71
C LEU C 231 0.64 -13.17 -49.90
N THR C 232 1.49 -13.91 -50.60
CA THR C 232 1.01 -14.77 -51.67
C THR C 232 1.95 -15.96 -51.80
N ILE C 233 1.51 -16.93 -52.61
CA ILE C 233 2.34 -18.05 -53.03
C ILE C 233 2.39 -18.00 -54.55
N SER C 234 3.05 -18.98 -55.16
CA SER C 234 3.06 -19.08 -56.60
C SER C 234 1.69 -19.49 -57.12
N ALA C 235 1.39 -19.08 -58.35
CA ALA C 235 0.07 -19.27 -58.93
C ALA C 235 -0.15 -20.73 -59.34
N ALA C 236 -1.31 -21.00 -59.90
CA ALA C 236 -1.61 -22.32 -60.42
C ALA C 236 -0.79 -22.59 -61.68
N ASP C 237 -0.59 -23.89 -61.95
CA ASP C 237 0.23 -24.40 -63.07
C ASP C 237 1.66 -23.86 -63.04
N SER C 238 2.19 -23.70 -61.84
CA SER C 238 3.55 -23.24 -61.64
C SER C 238 4.45 -24.44 -61.34
N ASP C 239 5.75 -24.25 -61.63
CA ASP C 239 6.74 -25.31 -61.45
C ASP C 239 7.01 -25.62 -59.98
N ASP C 240 6.65 -24.73 -59.06
CA ASP C 240 6.73 -25.01 -57.63
C ASP C 240 5.81 -26.14 -57.19
N GLN C 241 4.73 -26.38 -57.92
CA GLN C 241 3.50 -27.02 -57.42
C GLN C 241 2.99 -26.32 -56.17
N ARG C 242 3.11 -24.99 -56.16
CA ARG C 242 2.59 -24.09 -55.13
C ARG C 242 3.13 -24.43 -53.75
N ARG C 243 4.45 -24.23 -53.60
CA ARG C 243 5.14 -24.54 -52.36
C ARG C 243 5.89 -23.36 -51.76
N LEU C 244 6.17 -22.31 -52.51
CA LEU C 244 7.02 -21.25 -52.02
C LEU C 244 6.19 -20.07 -51.55
N VAL C 245 6.81 -19.22 -50.72
CA VAL C 245 6.14 -18.14 -50.03
C VAL C 245 6.68 -16.81 -50.54
N TYR C 246 5.78 -15.93 -50.97
CA TYR C 246 6.18 -14.76 -51.72
C TYR C 246 5.59 -13.49 -51.12
N TYR C 247 6.01 -12.36 -51.69
CA TYR C 247 5.42 -11.05 -51.46
C TYR C 247 4.97 -10.48 -52.79
N GLU C 248 3.88 -9.70 -52.74
CA GLU C 248 3.30 -9.16 -53.96
C GLU C 248 2.49 -7.91 -53.61
N GLY C 249 2.57 -6.92 -54.49
CA GLY C 249 1.83 -5.68 -54.33
C GLY C 249 0.36 -5.80 -54.69
N GLY C 250 -0.19 -4.73 -55.27
CA GLY C 250 -1.63 -4.59 -55.41
C GLY C 250 -2.30 -5.39 -56.50
N ALA C 251 -1.91 -6.65 -56.67
CA ALA C 251 -2.58 -7.55 -57.61
C ALA C 251 -3.29 -8.68 -56.88
N VAL C 252 -2.54 -9.47 -56.08
CA VAL C 252 -3.11 -10.64 -55.41
C VAL C 252 -4.00 -10.26 -54.23
N CYS C 253 -4.02 -8.99 -53.85
CA CYS C 253 -4.87 -8.49 -52.78
C CYS C 253 -6.36 -8.51 -53.13
N THR C 254 -6.71 -8.81 -54.38
CA THR C 254 -8.08 -9.12 -54.76
C THR C 254 -8.23 -10.57 -55.21
N HIS C 255 -7.22 -11.39 -54.99
CA HIS C 255 -7.16 -12.72 -55.58
C HIS C 255 -7.33 -13.78 -54.49
N ALA C 256 -7.15 -15.04 -54.90
CA ALA C 256 -7.36 -16.18 -54.01
C ALA C 256 -6.11 -16.65 -53.30
N ARG C 257 -4.92 -16.31 -53.81
CA ARG C 257 -3.69 -16.79 -53.18
C ARG C 257 -3.39 -16.05 -51.89
N SER C 258 -3.91 -14.83 -51.74
CA SER C 258 -3.71 -14.05 -50.53
C SER C 258 -4.63 -14.46 -49.39
N LEU C 259 -5.44 -15.51 -49.57
CA LEU C 259 -6.43 -15.90 -48.59
C LEU C 259 -5.90 -17.06 -47.76
N TRP C 260 -5.92 -16.89 -46.45
CA TRP C 260 -5.30 -17.80 -45.51
C TRP C 260 -6.22 -17.98 -44.32
N ARG C 261 -6.35 -19.22 -43.86
CA ARG C 261 -7.19 -19.56 -42.71
C ARG C 261 -6.34 -19.71 -41.48
N LEU C 262 -6.73 -19.05 -40.40
CA LEU C 262 -6.10 -19.24 -39.08
C LEU C 262 -6.82 -20.35 -38.34
N GLU C 263 -6.06 -21.28 -37.78
CA GLU C 263 -6.61 -22.41 -37.03
C GLU C 263 -5.83 -22.60 -35.74
N PRO C 264 -6.30 -22.05 -34.62
CA PRO C 264 -5.56 -22.20 -33.36
C PRO C 264 -5.64 -23.63 -32.82
N LEU C 265 -4.78 -23.89 -31.85
CA LEU C 265 -4.58 -25.22 -31.31
C LEU C 265 -5.51 -25.47 -30.13
N ARG C 266 -6.80 -25.24 -30.35
CA ARG C 266 -7.82 -25.42 -29.34
C ARG C 266 -8.96 -26.26 -29.89
N ILE C 267 -9.55 -27.05 -29.02
CA ILE C 267 -10.73 -27.85 -29.35
C ILE C 267 -12.00 -27.07 -29.10
N SER C 268 -12.08 -26.36 -27.99
CA SER C 268 -13.19 -25.47 -27.71
C SER C 268 -12.71 -24.03 -27.66
N TRP C 269 -13.58 -23.13 -28.15
CA TRP C 269 -13.35 -21.69 -28.23
C TRP C 269 -12.11 -21.36 -29.05
N SER C 270 -11.92 -22.07 -30.15
CA SER C 270 -10.92 -21.65 -31.11
C SER C 270 -11.35 -20.38 -31.82
N GLY C 271 -12.66 -20.17 -31.93
CA GLY C 271 -13.21 -18.94 -32.47
C GLY C 271 -13.42 -17.88 -31.41
N SER C 272 -12.81 -18.05 -30.25
CA SER C 272 -12.70 -16.97 -29.29
C SER C 272 -11.65 -15.97 -29.75
N HIS C 273 -11.59 -14.84 -29.06
CA HIS C 273 -10.67 -13.75 -29.43
C HIS C 273 -9.22 -14.20 -29.31
N LEU C 274 -8.54 -14.24 -30.46
CA LEU C 274 -7.14 -14.63 -30.51
C LEU C 274 -6.29 -13.54 -29.87
N ARG C 275 -5.33 -13.97 -29.04
CA ARG C 275 -4.60 -13.08 -28.17
C ARG C 275 -3.11 -13.27 -28.39
N TRP C 276 -2.31 -12.45 -27.71
CA TRP C 276 -0.87 -12.57 -27.83
C TRP C 276 -0.39 -13.79 -27.06
N GLY C 277 0.76 -14.32 -27.47
CA GLY C 277 1.33 -15.49 -26.83
C GLY C 277 0.49 -16.73 -27.01
N GLN C 278 -0.02 -16.95 -28.21
CA GLN C 278 -1.01 -18.01 -28.40
C GLN C 278 -0.70 -18.79 -29.66
N PRO C 279 -0.24 -20.02 -29.54
CA PRO C 279 0.19 -20.78 -30.72
C PRO C 279 -0.99 -21.24 -31.56
N LEU C 280 -0.71 -21.49 -32.84
CA LEU C 280 -1.77 -21.79 -33.79
C LEU C 280 -1.21 -22.54 -34.99
N ARG C 281 -2.09 -22.75 -35.97
CA ARG C 281 -1.78 -23.37 -37.25
C ARG C 281 -2.37 -22.54 -38.38
N ILE C 282 -1.59 -22.36 -39.45
CA ILE C 282 -1.98 -21.52 -40.57
C ILE C 282 -2.34 -22.43 -41.74
N ARG C 283 -3.56 -22.28 -42.25
CA ARG C 283 -4.01 -22.97 -43.45
C ARG C 283 -4.16 -21.96 -44.58
N HIS C 284 -3.74 -22.33 -45.78
CA HIS C 284 -4.19 -21.59 -46.95
C HIS C 284 -5.48 -22.22 -47.46
N VAL C 285 -6.41 -21.37 -47.86
CA VAL C 285 -7.77 -21.82 -48.08
C VAL C 285 -7.94 -22.49 -49.43
N THR C 286 -7.71 -21.72 -50.51
CA THR C 286 -7.94 -22.24 -51.85
C THR C 286 -6.90 -23.29 -52.23
N THR C 287 -5.69 -23.16 -51.70
CA THR C 287 -4.69 -24.20 -51.85
C THR C 287 -5.02 -25.43 -51.01
N GLY C 288 -5.59 -25.21 -49.83
CA GLY C 288 -5.90 -26.32 -48.94
C GLY C 288 -4.70 -26.88 -48.23
N ARG C 289 -3.63 -26.09 -48.09
CA ARG C 289 -2.40 -26.59 -47.50
C ARG C 289 -2.04 -25.77 -46.27
N TYR C 290 -0.90 -26.09 -45.65
CA TYR C 290 -0.50 -25.47 -44.40
C TYR C 290 0.91 -24.90 -44.56
N LEU C 291 1.30 -24.05 -43.62
CA LEU C 291 2.62 -23.44 -43.63
C LEU C 291 3.45 -24.00 -42.48
N ALA C 292 4.65 -24.47 -42.79
CA ALA C 292 5.54 -25.01 -41.78
C ALA C 292 6.98 -24.91 -42.26
N LEU C 293 7.89 -24.98 -41.29
CA LEU C 293 9.33 -25.17 -41.54
C LEU C 293 9.65 -26.58 -41.06
N THR C 294 9.84 -27.51 -42.00
CA THR C 294 9.87 -28.91 -41.61
C THR C 294 11.25 -29.30 -41.05
N GLU C 295 12.27 -29.35 -41.91
CA GLU C 295 13.62 -29.53 -41.38
C GLU C 295 14.65 -28.60 -42.01
N ASP C 296 14.62 -28.49 -43.34
CA ASP C 296 15.68 -27.79 -44.04
C ASP C 296 15.23 -26.95 -45.22
N GLN C 297 13.99 -27.11 -45.70
CA GLN C 297 13.56 -26.56 -46.98
C GLN C 297 13.45 -25.05 -47.00
N GLY C 298 13.44 -24.40 -45.84
CA GLY C 298 13.08 -23.00 -45.76
C GLY C 298 11.58 -22.87 -45.58
N LEU C 299 11.10 -21.65 -45.78
CA LEU C 299 9.67 -21.38 -45.56
C LEU C 299 8.90 -21.92 -46.75
N VAL C 300 8.41 -23.15 -46.60
CA VAL C 300 7.68 -23.83 -47.67
C VAL C 300 6.25 -24.13 -47.20
N VAL C 301 5.37 -24.35 -48.17
CA VAL C 301 3.96 -24.59 -47.90
C VAL C 301 3.79 -26.10 -47.75
N VAL C 302 3.62 -26.54 -46.53
CA VAL C 302 3.60 -27.95 -46.18
C VAL C 302 2.22 -28.50 -46.51
N ASP C 303 2.08 -29.83 -46.50
CA ASP C 303 0.80 -30.46 -46.78
C ASP C 303 -0.02 -30.61 -45.50
N ALA C 304 -1.13 -31.35 -45.60
CA ALA C 304 -2.09 -31.50 -44.53
C ALA C 304 -1.79 -32.66 -43.60
N CYS C 305 -0.55 -33.17 -43.62
CA CYS C 305 -0.15 -34.25 -42.75
C CYS C 305 1.19 -34.02 -42.06
N LYS C 306 1.96 -33.04 -42.50
CA LYS C 306 3.25 -32.73 -41.91
C LYS C 306 3.20 -31.33 -41.28
N ALA C 307 2.09 -31.02 -40.62
CA ALA C 307 1.89 -29.72 -39.99
C ALA C 307 1.75 -29.94 -38.49
N HIS C 308 2.69 -30.72 -37.93
CA HIS C 308 2.51 -31.41 -36.66
C HIS C 308 2.91 -30.62 -35.42
N THR C 309 2.46 -29.36 -35.31
CA THR C 309 2.51 -28.50 -34.10
C THR C 309 3.94 -28.13 -33.69
N LYS C 310 4.94 -28.75 -34.31
CA LYS C 310 6.35 -28.47 -34.12
C LYS C 310 6.93 -27.86 -35.40
N ALA C 311 6.55 -28.43 -36.54
CA ALA C 311 6.88 -27.82 -37.81
C ALA C 311 6.08 -26.56 -38.06
N THR C 312 4.79 -26.56 -37.70
CA THR C 312 3.99 -25.36 -37.91
C THR C 312 4.33 -24.29 -36.88
N SER C 313 3.97 -24.54 -35.61
CA SER C 313 4.32 -23.74 -34.43
C SER C 313 4.27 -22.23 -34.59
N PHE C 314 3.10 -21.67 -34.83
CA PHE C 314 3.02 -20.26 -35.20
C PHE C 314 2.23 -19.46 -34.17
N CYS C 315 2.76 -18.28 -33.84
CA CYS C 315 2.12 -17.35 -32.94
C CYS C 315 2.56 -15.95 -33.31
N PHE C 316 1.94 -14.97 -32.66
CA PHE C 316 2.13 -13.56 -32.97
C PHE C 316 2.84 -12.87 -31.82
N ARG C 317 3.72 -11.95 -32.17
CA ARG C 317 4.52 -11.23 -31.19
C ARG C 317 4.31 -9.73 -31.33
N VAL C 318 4.40 -9.03 -30.21
CA VAL C 318 4.34 -7.57 -30.26
C VAL C 318 5.68 -7.02 -30.73
N SER C 319 6.77 -7.60 -30.26
CA SER C 319 8.12 -7.32 -30.74
C SER C 319 8.94 -8.59 -30.53
N LYS C 320 10.26 -8.46 -30.57
CA LYS C 320 11.12 -9.63 -30.67
C LYS C 320 11.91 -9.85 -29.38
N GLU C 321 11.22 -9.74 -28.25
CA GLU C 321 11.82 -9.68 -26.92
C GLU C 321 12.10 -11.08 -26.37
N LYS C 322 12.31 -11.16 -25.06
CA LYS C 322 12.90 -12.28 -24.31
C LYS C 322 11.87 -13.27 -23.79
N LEU C 323 10.79 -13.47 -24.56
CA LEU C 323 9.50 -14.01 -24.14
C LEU C 323 9.56 -15.23 -23.20
N ASP C 324 8.66 -15.23 -22.22
CA ASP C 324 8.54 -16.34 -21.29
C ASP C 324 7.55 -17.40 -21.76
N THR C 325 6.59 -17.02 -22.62
CA THR C 325 5.69 -17.92 -23.34
C THR C 325 4.84 -18.79 -22.41
N ALA C 326 4.43 -18.22 -21.27
CA ALA C 326 3.58 -18.96 -20.34
C ALA C 326 2.32 -18.17 -20.06
N PRO C 327 1.67 -17.66 -21.10
CA PRO C 327 0.33 -17.06 -20.95
C PRO C 327 -0.81 -17.95 -21.46
N LYS C 328 -0.54 -19.23 -21.73
CA LYS C 328 -1.48 -20.10 -22.41
C LYS C 328 -2.31 -20.88 -21.39
N ARG C 329 -3.21 -20.16 -20.73
CA ARG C 329 -4.29 -20.77 -19.96
C ARG C 329 -5.57 -20.56 -20.74
N ASP C 330 -6.44 -21.58 -20.76
CA ASP C 330 -7.60 -21.57 -21.63
C ASP C 330 -8.63 -20.54 -21.17
N VAL C 331 -9.39 -20.01 -22.12
CA VAL C 331 -10.50 -19.13 -21.86
C VAL C 331 -11.75 -19.75 -22.45
N GLU C 332 -12.71 -20.10 -21.59
CA GLU C 332 -13.94 -20.76 -22.01
C GLU C 332 -15.05 -19.77 -22.33
N GLY C 333 -14.70 -18.55 -22.69
CA GLY C 333 -15.63 -17.60 -23.29
C GLY C 333 -14.94 -17.02 -24.50
N MET C 334 -15.44 -15.87 -24.96
CA MET C 334 -14.77 -15.18 -26.05
C MET C 334 -13.45 -14.57 -25.62
N GLY C 335 -13.31 -14.24 -24.34
CA GLY C 335 -12.08 -13.69 -23.82
C GLY C 335 -12.02 -12.19 -23.97
N PRO C 336 -11.06 -11.55 -23.30
CA PRO C 336 -10.81 -10.13 -23.55
C PRO C 336 -10.29 -9.92 -24.96
N PRO C 337 -11.02 -9.17 -25.77
CA PRO C 337 -10.65 -9.03 -27.20
C PRO C 337 -9.45 -8.12 -27.36
N GLU C 338 -8.31 -8.71 -27.73
CA GLU C 338 -7.06 -7.96 -27.82
C GLU C 338 -6.76 -7.52 -29.24
N ILE C 339 -6.62 -8.45 -30.16
CA ILE C 339 -6.00 -8.18 -31.45
C ILE C 339 -7.05 -7.66 -32.41
N LYS C 340 -6.79 -6.47 -32.96
CA LYS C 340 -7.71 -5.78 -33.86
C LYS C 340 -7.31 -6.00 -35.31
N TYR C 341 -8.13 -5.47 -36.22
CA TYR C 341 -7.88 -5.58 -37.64
C TYR C 341 -7.22 -4.31 -38.16
N GLY C 342 -6.03 -4.46 -38.74
CA GLY C 342 -5.31 -3.34 -39.30
C GLY C 342 -4.63 -2.43 -38.30
N GLU C 343 -4.84 -2.65 -37.00
CA GLU C 343 -4.31 -1.77 -35.96
C GLU C 343 -3.54 -2.56 -34.90
N SER C 344 -3.08 -3.77 -35.24
CA SER C 344 -2.43 -4.61 -34.24
C SER C 344 -0.92 -4.61 -34.41
N LEU C 345 -0.43 -4.64 -35.66
CA LEU C 345 0.98 -4.68 -36.03
C LEU C 345 1.68 -5.90 -35.41
N CYS C 346 1.27 -7.07 -35.90
CA CYS C 346 1.72 -8.34 -35.34
C CYS C 346 3.10 -8.72 -35.87
N PHE C 347 3.65 -9.80 -35.34
CA PHE C 347 4.92 -10.35 -35.78
C PHE C 347 4.88 -11.85 -35.64
N VAL C 348 4.84 -12.56 -36.77
CA VAL C 348 4.78 -14.02 -36.76
C VAL C 348 6.12 -14.58 -36.36
N GLN C 349 6.15 -15.24 -35.21
CA GLN C 349 7.33 -15.95 -34.77
C GLN C 349 7.01 -17.44 -34.76
N HIS C 350 7.93 -18.24 -35.27
CA HIS C 350 7.83 -19.68 -35.10
C HIS C 350 8.00 -20.02 -33.63
N VAL C 351 7.04 -20.79 -33.09
CA VAL C 351 7.00 -21.04 -31.65
C VAL C 351 8.14 -21.97 -31.23
N ALA C 352 8.27 -23.10 -31.93
CA ALA C 352 9.23 -24.12 -31.52
C ALA C 352 10.66 -23.68 -31.77
N SER C 353 10.95 -23.19 -32.98
CA SER C 353 12.30 -22.83 -33.35
C SER C 353 12.68 -21.41 -32.92
N GLY C 354 11.71 -20.59 -32.53
CA GLY C 354 12.05 -19.23 -32.14
C GLY C 354 12.29 -18.29 -33.29
N LEU C 355 11.80 -18.61 -34.48
CA LEU C 355 12.13 -17.86 -35.68
C LEU C 355 11.05 -16.86 -36.06
N TRP C 356 11.43 -15.58 -36.09
CA TRP C 356 10.54 -14.53 -36.57
C TRP C 356 10.50 -14.54 -38.08
N LEU C 357 9.37 -14.09 -38.62
CA LEU C 357 9.21 -14.02 -40.07
C LEU C 357 9.70 -12.67 -40.58
N THR C 358 10.43 -12.71 -41.69
CA THR C 358 10.84 -11.49 -42.38
C THR C 358 11.06 -11.84 -43.84
N TYR C 359 11.26 -10.80 -44.64
CA TYR C 359 11.57 -11.03 -46.04
C TYR C 359 13.04 -11.39 -46.23
N ALA C 360 13.28 -12.23 -47.23
CA ALA C 360 14.64 -12.50 -47.72
C ALA C 360 15.02 -11.51 -48.82
N ALA C 361 14.17 -11.40 -49.85
CA ALA C 361 14.27 -10.53 -51.02
C ALA C 361 15.60 -10.71 -51.74
N PRO C 362 16.09 -11.94 -51.85
CA PRO C 362 17.31 -12.17 -52.65
C PRO C 362 16.98 -12.35 -54.12
N ASP C 363 17.50 -11.46 -54.96
CA ASP C 363 17.25 -11.52 -56.39
C ASP C 363 18.45 -11.00 -57.17
N PRO C 364 18.62 -11.42 -58.42
CA PRO C 364 19.74 -10.92 -59.23
C PRO C 364 19.43 -9.59 -59.89
N LYS C 365 20.35 -9.11 -60.74
CA LYS C 365 20.12 -7.86 -61.47
C LYS C 365 19.05 -8.04 -62.53
N ALA C 366 19.05 -9.19 -63.20
CA ALA C 366 17.98 -9.51 -64.14
C ALA C 366 16.68 -9.85 -63.44
N LEU C 367 16.75 -10.38 -62.21
CA LEU C 367 15.54 -10.64 -61.44
C LEU C 367 14.97 -9.37 -60.83
N ARG C 368 15.84 -8.42 -60.45
CA ARG C 368 15.36 -7.11 -59.99
C ARG C 368 14.69 -6.34 -61.12
N LEU C 369 15.19 -6.49 -62.34
CA LEU C 369 14.52 -5.98 -63.53
C LEU C 369 13.46 -6.94 -64.06
N GLY C 370 13.30 -8.12 -63.43
CA GLY C 370 12.32 -9.08 -63.87
C GLY C 370 11.20 -9.32 -62.87
N VAL C 371 11.29 -10.42 -62.14
CA VAL C 371 10.23 -10.83 -61.22
C VAL C 371 10.27 -9.95 -59.97
N LEU C 372 9.22 -9.15 -59.79
CA LEU C 372 9.08 -8.31 -58.60
C LEU C 372 8.46 -9.15 -57.49
N LYS C 373 9.27 -10.08 -56.98
CA LYS C 373 8.86 -11.04 -55.97
C LYS C 373 9.89 -11.09 -54.86
N LYS C 374 9.42 -10.98 -53.63
CA LYS C 374 10.28 -11.13 -52.45
C LYS C 374 9.84 -12.37 -51.69
N LYS C 375 10.79 -13.07 -51.10
CA LYS C 375 10.53 -14.32 -50.41
C LYS C 375 10.58 -14.10 -48.91
N ALA C 376 9.61 -14.68 -48.20
CA ALA C 376 9.61 -14.65 -46.74
C ALA C 376 10.39 -15.84 -46.21
N ILE C 377 11.24 -15.58 -45.22
CA ILE C 377 12.03 -16.60 -44.55
C ILE C 377 11.87 -16.43 -43.04
N LEU C 378 11.97 -17.54 -42.32
CA LEU C 378 11.94 -17.57 -40.87
C LEU C 378 13.37 -17.28 -40.39
N HIS C 379 13.57 -16.11 -39.80
CA HIS C 379 14.89 -15.64 -39.46
C HIS C 379 14.99 -15.29 -37.97
N GLN C 380 16.20 -15.39 -37.44
CA GLN C 380 16.42 -15.18 -36.01
C GLN C 380 16.33 -13.72 -35.60
N GLU C 381 16.57 -12.79 -36.52
CA GLU C 381 16.59 -11.36 -36.20
C GLU C 381 15.51 -10.59 -36.92
N GLY C 382 15.40 -10.76 -38.23
CA GLY C 382 14.38 -10.11 -39.00
C GLY C 382 14.75 -8.69 -39.37
N HIS C 383 14.01 -8.16 -40.33
CA HIS C 383 14.14 -6.76 -40.69
C HIS C 383 13.25 -5.94 -39.76
N MET C 384 13.33 -4.62 -39.87
CA MET C 384 12.59 -3.72 -38.99
C MET C 384 11.27 -3.26 -39.59
N ASP C 385 10.88 -3.83 -40.72
CA ASP C 385 9.70 -3.39 -41.46
C ASP C 385 8.84 -4.59 -41.87
N ASP C 386 8.56 -5.48 -40.92
CA ASP C 386 7.53 -6.50 -41.15
C ASP C 386 6.16 -5.86 -41.19
N ALA C 387 5.75 -5.25 -40.07
CA ALA C 387 4.57 -4.38 -39.94
C ALA C 387 3.27 -5.07 -40.34
N LEU C 388 3.14 -6.35 -39.98
CA LEU C 388 2.03 -7.17 -40.44
C LEU C 388 0.77 -6.79 -39.68
N PHE C 389 -0.06 -5.95 -40.31
CA PHE C 389 -1.38 -5.60 -39.79
C PHE C 389 -2.43 -6.36 -40.58
N LEU C 390 -3.37 -6.97 -39.86
CA LEU C 390 -4.23 -7.99 -40.44
C LEU C 390 -5.51 -7.40 -41.01
N THR C 391 -6.02 -8.03 -42.07
CA THR C 391 -7.19 -7.55 -42.76
C THR C 391 -8.05 -8.74 -43.17
N ARG C 392 -9.27 -8.79 -42.63
CA ARG C 392 -10.23 -9.86 -42.88
C ARG C 392 -11.36 -9.29 -43.73
N CYS C 393 -11.81 -10.07 -44.72
CA CYS C 393 -12.94 -9.69 -45.56
C CYS C 393 -14.04 -10.72 -45.34
N GLN C 394 -14.97 -10.41 -44.43
CA GLN C 394 -15.99 -11.37 -44.00
C GLN C 394 -17.15 -11.29 -44.99
N GLN C 395 -17.12 -12.13 -46.02
CA GLN C 395 -18.21 -12.19 -46.99
C GLN C 395 -18.17 -13.54 -47.70
N GLU C 396 -18.91 -13.62 -48.80
CA GLU C 396 -18.95 -14.82 -49.64
C GLU C 396 -17.63 -15.08 -50.33
N GLU C 397 -16.76 -14.06 -50.45
CA GLU C 397 -15.39 -14.27 -50.89
C GLU C 397 -14.65 -15.24 -49.97
N SER C 398 -14.89 -15.15 -48.67
CA SER C 398 -14.42 -16.19 -47.76
C SER C 398 -15.13 -17.50 -48.02
N GLN C 399 -16.42 -17.45 -48.37
CA GLN C 399 -17.16 -18.68 -48.62
C GLN C 399 -16.77 -19.31 -49.96
N ALA C 400 -16.57 -18.50 -51.00
CA ALA C 400 -16.23 -19.05 -52.31
C ALA C 400 -14.81 -19.58 -52.35
N ALA C 401 -13.96 -19.13 -51.42
CA ALA C 401 -12.57 -19.57 -51.41
C ALA C 401 -12.45 -21.03 -51.00
N ARG C 402 -13.29 -21.46 -50.05
CA ARG C 402 -13.30 -22.85 -49.64
C ARG C 402 -13.84 -23.76 -50.75
N MET C 403 -14.75 -23.22 -51.57
CA MET C 403 -15.30 -23.96 -52.70
C MET C 403 -14.22 -24.32 -53.72
N ILE C 404 -13.21 -23.46 -53.84
CA ILE C 404 -12.18 -23.63 -54.87
C ILE C 404 -11.29 -24.82 -54.54
N HIS C 405 -10.85 -24.94 -53.28
CA HIS C 405 -10.13 -26.14 -52.87
C HIS C 405 -11.02 -27.37 -52.92
N SER C 406 -12.31 -27.20 -52.63
CA SER C 406 -13.26 -28.29 -52.77
C SER C 406 -13.53 -28.61 -54.23
N THR C 407 -13.29 -27.67 -55.13
CA THR C 407 -13.51 -27.91 -56.55
C THR C 407 -12.41 -28.81 -57.13
N ALA C 408 -11.16 -28.38 -57.01
CA ALA C 408 -10.04 -29.13 -57.58
C ALA C 408 -9.76 -30.40 -56.79
N GLY C 409 -10.19 -30.45 -55.53
CA GLY C 409 -10.07 -31.66 -54.75
C GLY C 409 -10.91 -32.82 -55.27
N LEU C 410 -12.02 -32.52 -55.93
CA LEU C 410 -12.87 -33.54 -56.52
C LEU C 410 -12.45 -33.92 -57.93
N TYR C 411 -11.92 -32.96 -58.69
CA TYR C 411 -11.60 -33.23 -60.09
C TYR C 411 -10.32 -34.02 -60.23
N ASN C 412 -9.25 -33.57 -59.55
CA ASN C 412 -7.93 -34.15 -59.75
C ASN C 412 -7.78 -35.54 -59.12
N GLN C 413 -8.71 -35.93 -58.25
CA GLN C 413 -8.78 -37.33 -57.83
C GLN C 413 -9.59 -38.17 -58.79
N PHE C 414 -10.39 -37.54 -59.65
CA PHE C 414 -11.28 -38.21 -60.59
C PHE C 414 -10.75 -38.18 -62.02
N ILE C 415 -10.06 -37.11 -62.40
CA ILE C 415 -9.43 -37.03 -63.72
C ILE C 415 -8.33 -38.07 -63.86
N LYS C 416 -7.62 -38.38 -62.77
CA LYS C 416 -6.67 -39.49 -62.79
C LYS C 416 -7.37 -40.83 -62.95
N GLY C 417 -8.63 -40.93 -62.55
CA GLY C 417 -9.42 -42.11 -62.86
C GLY C 417 -9.76 -42.24 -64.33
N LEU C 418 -9.84 -41.13 -65.06
CA LEU C 418 -10.02 -41.20 -66.51
C LEU C 418 -8.78 -41.70 -67.22
N ASP C 419 -7.61 -41.56 -66.61
CA ASP C 419 -6.38 -42.03 -67.24
C ASP C 419 -6.10 -43.50 -66.96
N SER C 420 -6.95 -44.16 -66.17
CA SER C 420 -6.79 -45.57 -65.90
C SER C 420 -7.31 -46.45 -67.03
N PHE C 421 -8.27 -45.95 -67.81
CA PHE C 421 -8.88 -46.70 -68.90
C PHE C 421 -8.77 -45.95 -70.22
N SER C 422 -7.99 -44.87 -70.25
CA SER C 422 -7.92 -44.02 -71.44
C SER C 422 -7.21 -44.73 -72.58
N GLY C 423 -6.14 -45.44 -72.28
CA GLY C 423 -5.44 -46.21 -73.29
C GLY C 423 -5.59 -47.70 -73.06
N LYS C 424 -6.46 -48.07 -72.13
CA LYS C 424 -6.65 -49.47 -71.77
C LYS C 424 -8.08 -49.87 -72.08
N PRO C 425 -8.29 -50.90 -72.89
CA PRO C 425 -9.66 -51.33 -73.20
C PRO C 425 -10.34 -52.04 -72.03
N ARG C 426 -11.57 -52.48 -72.27
CA ARG C 426 -12.41 -53.08 -71.24
C ARG C 426 -12.30 -54.59 -71.38
N GLY C 427 -11.54 -55.21 -70.46
CA GLY C 427 -11.53 -56.64 -70.38
C GLY C 427 -12.87 -57.19 -69.91
N SER C 428 -13.18 -58.40 -70.36
CA SER C 428 -14.41 -59.08 -69.98
C SER C 428 -14.31 -59.45 -68.50
N GLY C 429 -15.05 -58.72 -67.67
CA GLY C 429 -14.88 -58.80 -66.24
C GLY C 429 -14.53 -57.44 -65.67
N PRO C 430 -13.30 -57.26 -65.21
CA PRO C 430 -12.86 -55.96 -64.71
C PRO C 430 -12.71 -54.95 -65.85
N PRO C 431 -13.45 -53.85 -65.79
CA PRO C 431 -13.38 -52.87 -66.89
C PRO C 431 -12.18 -51.95 -66.81
N ALA C 432 -11.77 -51.59 -65.61
CA ALA C 432 -10.71 -50.60 -65.39
C ALA C 432 -10.11 -50.87 -64.02
N GLY C 433 -9.40 -49.87 -63.50
CA GLY C 433 -8.70 -50.00 -62.24
C GLY C 433 -9.48 -49.42 -61.09
N PRO C 434 -9.12 -48.20 -60.67
CA PRO C 434 -9.82 -47.57 -59.55
C PRO C 434 -11.23 -47.15 -59.92
N ALA C 435 -12.10 -47.13 -58.91
CA ALA C 435 -13.50 -46.80 -59.11
C ALA C 435 -13.68 -45.30 -59.35
N LEU C 436 -14.67 -44.97 -60.17
CA LEU C 436 -14.94 -43.58 -60.52
C LEU C 436 -16.05 -43.04 -59.64
N PRO C 437 -15.78 -41.99 -58.85
CA PRO C 437 -16.88 -41.25 -58.21
C PRO C 437 -17.67 -40.49 -59.26
N ILE C 438 -18.91 -40.94 -59.49
CA ILE C 438 -19.75 -40.41 -60.56
C ILE C 438 -20.89 -39.58 -60.01
N GLU C 439 -21.58 -40.09 -58.99
CA GLU C 439 -22.80 -39.44 -58.51
C GLU C 439 -22.48 -38.16 -57.75
N ALA C 440 -21.35 -38.13 -57.04
CA ALA C 440 -20.96 -36.93 -56.30
C ALA C 440 -20.47 -35.83 -57.23
N VAL C 441 -19.89 -36.19 -58.39
CA VAL C 441 -19.41 -35.19 -59.33
C VAL C 441 -20.58 -34.49 -60.01
N ILE C 442 -21.55 -35.26 -60.48
CA ILE C 442 -22.76 -34.72 -61.10
C ILE C 442 -23.56 -33.90 -60.09
N LEU C 443 -23.54 -34.32 -58.83
CA LEU C 443 -24.12 -33.51 -57.75
C LEU C 443 -23.40 -32.18 -57.60
N SER C 444 -22.07 -32.18 -57.76
CA SER C 444 -21.30 -30.97 -57.54
C SER C 444 -21.46 -29.97 -58.67
N LEU C 445 -21.59 -30.46 -59.91
CA LEU C 445 -21.77 -29.55 -61.04
C LEU C 445 -23.14 -28.88 -61.01
N GLN C 446 -24.15 -29.58 -60.51
CA GLN C 446 -25.47 -28.97 -60.38
C GLN C 446 -25.49 -27.87 -59.32
N ASP C 447 -24.63 -27.99 -58.31
CA ASP C 447 -24.59 -26.99 -57.25
C ASP C 447 -23.93 -25.70 -57.75
N LEU C 448 -23.09 -25.81 -58.77
CA LEU C 448 -22.36 -24.65 -59.27
C LEU C 448 -23.11 -23.91 -60.37
N ILE C 449 -24.02 -24.57 -61.07
CA ILE C 449 -24.79 -23.91 -62.12
C ILE C 449 -25.76 -22.91 -61.51
N GLY C 450 -26.52 -23.34 -60.50
CA GLY C 450 -27.34 -22.40 -59.76
C GLY C 450 -26.54 -21.41 -58.95
N TYR C 451 -25.30 -21.76 -58.60
CA TYR C 451 -24.41 -20.80 -57.96
C TYR C 451 -24.08 -19.64 -58.89
N PHE C 452 -23.93 -19.91 -60.18
CA PHE C 452 -23.69 -18.87 -61.18
C PHE C 452 -24.95 -18.57 -61.97
N GLU C 453 -26.10 -18.64 -61.33
CA GLU C 453 -27.34 -18.34 -62.01
C GLU C 453 -27.48 -16.83 -62.18
N PRO C 454 -27.86 -16.34 -63.37
CA PRO C 454 -28.04 -14.91 -63.55
C PRO C 454 -29.29 -14.43 -62.83
N PRO C 455 -29.36 -13.16 -62.45
CA PRO C 455 -30.54 -12.66 -61.76
C PRO C 455 -31.73 -12.52 -62.71
N SER C 456 -32.91 -12.46 -62.13
CA SER C 456 -34.13 -12.35 -62.91
C SER C 456 -34.28 -10.95 -63.51
N GLU C 457 -35.01 -10.88 -64.61
CA GLU C 457 -35.37 -9.59 -65.18
C GLU C 457 -36.62 -9.01 -64.51
N GLU C 458 -37.32 -9.80 -63.70
CA GLU C 458 -38.37 -9.28 -62.84
C GLU C 458 -37.81 -8.56 -61.62
N LEU C 459 -36.51 -8.70 -61.36
CA LEU C 459 -35.86 -7.99 -60.27
C LEU C 459 -35.80 -6.50 -60.59
N GLN C 460 -35.75 -5.70 -59.52
CA GLN C 460 -35.54 -4.26 -59.64
C GLN C 460 -34.19 -3.96 -60.29
N HIS C 461 -34.17 -2.90 -61.11
CA HIS C 461 -32.94 -2.44 -61.73
C HIS C 461 -31.90 -2.00 -60.70
N GLU C 462 -32.35 -1.52 -59.54
CA GLU C 462 -31.46 -1.23 -58.43
C GLU C 462 -30.71 -2.49 -57.98
N GLU C 463 -31.46 -3.54 -57.65
CA GLU C 463 -30.88 -4.74 -57.09
C GLU C 463 -30.09 -5.53 -58.13
N LYS C 464 -30.43 -5.36 -59.41
CA LYS C 464 -29.80 -6.13 -60.47
C LYS C 464 -28.34 -5.73 -60.66
N GLN C 465 -28.03 -4.45 -60.46
CA GLN C 465 -26.64 -3.99 -60.53
C GLN C 465 -25.81 -4.58 -59.40
N SER C 466 -26.41 -4.72 -58.22
CA SER C 466 -25.74 -5.34 -57.09
C SER C 466 -25.50 -6.83 -57.30
N LYS C 467 -26.40 -7.48 -58.04
CA LYS C 467 -26.23 -8.91 -58.34
C LYS C 467 -25.07 -9.13 -59.30
N LEU C 468 -24.96 -8.28 -60.32
CA LEU C 468 -23.95 -8.49 -61.36
C LEU C 468 -22.55 -8.21 -60.85
N ARG C 469 -22.40 -7.23 -59.96
CA ARG C 469 -21.14 -7.03 -59.28
C ARG C 469 -20.81 -8.23 -58.40
N SER C 470 -21.84 -8.83 -57.79
CA SER C 470 -21.64 -10.06 -57.05
C SER C 470 -21.42 -11.24 -58.00
N LEU C 471 -22.00 -11.19 -59.20
CA LEU C 471 -21.88 -12.29 -60.13
C LEU C 471 -20.50 -12.32 -60.77
N ARG C 472 -20.09 -11.20 -61.38
CA ARG C 472 -18.83 -11.14 -62.12
C ARG C 472 -17.62 -11.29 -61.22
N ASN C 473 -17.74 -10.89 -59.95
CA ASN C 473 -16.67 -11.17 -58.99
C ASN C 473 -16.53 -12.66 -58.76
N ARG C 474 -17.66 -13.36 -58.67
CA ARG C 474 -17.62 -14.81 -58.52
C ARG C 474 -17.15 -15.49 -59.80
N GLN C 475 -17.40 -14.87 -60.95
CA GLN C 475 -16.73 -15.32 -62.16
C GLN C 475 -15.24 -15.00 -62.10
N SER C 476 -14.87 -13.90 -61.47
CA SER C 476 -13.46 -13.52 -61.40
C SER C 476 -12.68 -14.35 -60.41
N LEU C 477 -13.35 -14.87 -59.37
CA LEU C 477 -12.66 -15.69 -58.37
C LEU C 477 -12.19 -17.01 -58.95
N PHE C 478 -12.89 -17.52 -59.96
CA PHE C 478 -12.47 -18.72 -60.66
C PHE C 478 -11.61 -18.41 -61.88
N GLN C 479 -10.89 -17.30 -61.85
CA GLN C 479 -9.82 -17.01 -62.78
C GLN C 479 -8.45 -17.11 -62.14
N GLU C 480 -8.34 -16.75 -60.87
CA GLU C 480 -7.04 -16.58 -60.23
C GLU C 480 -6.43 -17.91 -59.79
N GLU C 481 -7.26 -18.93 -59.61
CA GLU C 481 -6.79 -20.29 -59.43
C GLU C 481 -6.85 -21.07 -60.73
N GLY C 482 -6.95 -20.38 -61.85
CA GLY C 482 -7.10 -20.97 -63.15
C GLY C 482 -8.54 -21.37 -63.36
N MET C 483 -8.92 -22.54 -62.82
CA MET C 483 -10.29 -23.03 -62.64
C MET C 483 -11.09 -23.17 -63.94
N LEU C 484 -10.48 -22.95 -65.10
CA LEU C 484 -11.17 -22.94 -66.38
C LEU C 484 -10.61 -23.97 -67.33
N SER C 485 -9.28 -24.13 -67.36
CA SER C 485 -8.68 -25.24 -68.10
C SER C 485 -9.02 -26.57 -67.45
N LEU C 486 -9.15 -26.60 -66.12
CA LEU C 486 -9.55 -27.80 -65.40
C LEU C 486 -10.95 -28.24 -65.78
N VAL C 487 -11.83 -27.28 -66.06
CA VAL C 487 -13.12 -27.60 -66.67
C VAL C 487 -12.90 -28.16 -68.07
N LEU C 488 -11.99 -27.56 -68.83
CA LEU C 488 -11.71 -28.03 -70.17
C LEU C 488 -10.91 -29.32 -70.17
N ASN C 489 -10.18 -29.62 -69.09
CA ASN C 489 -9.45 -30.88 -69.02
C ASN C 489 -10.37 -32.08 -68.94
N CYS C 490 -11.52 -31.94 -68.27
CA CYS C 490 -12.55 -32.96 -68.37
C CYS C 490 -13.12 -33.00 -69.78
N ILE C 491 -13.28 -31.82 -70.38
CA ILE C 491 -13.72 -31.73 -71.77
C ILE C 491 -12.62 -32.25 -72.70
N ASP C 492 -11.36 -32.11 -72.32
CA ASP C 492 -10.26 -32.71 -73.08
C ASP C 492 -10.34 -34.23 -73.08
N ARG C 493 -10.55 -34.83 -71.92
CA ARG C 493 -10.45 -36.27 -71.80
C ARG C 493 -11.76 -37.00 -72.09
N LEU C 494 -12.88 -36.29 -72.05
CA LEU C 494 -14.16 -36.85 -72.48
C LEU C 494 -14.55 -36.40 -73.88
N ASN C 495 -13.58 -35.91 -74.66
CA ASN C 495 -13.91 -35.43 -75.99
C ASN C 495 -14.06 -36.59 -76.97
N VAL C 496 -13.08 -37.51 -76.97
CA VAL C 496 -13.07 -38.58 -77.97
C VAL C 496 -13.89 -39.71 -77.38
N TYR C 497 -15.22 -39.55 -77.50
CA TYR C 497 -16.20 -40.60 -77.23
C TYR C 497 -17.36 -40.33 -78.20
N THR C 498 -17.29 -40.94 -79.37
CA THR C 498 -18.17 -40.55 -80.46
C THR C 498 -19.60 -41.05 -80.24
N THR C 499 -19.79 -42.36 -80.23
CA THR C 499 -21.10 -42.92 -79.91
C THR C 499 -21.22 -43.16 -78.42
N ALA C 500 -20.12 -43.61 -77.79
CA ALA C 500 -19.93 -43.71 -76.34
C ALA C 500 -20.95 -44.63 -75.67
N ALA C 501 -21.56 -45.54 -76.44
CA ALA C 501 -22.44 -46.56 -75.88
C ALA C 501 -21.65 -47.70 -75.26
N HIS C 502 -20.85 -48.39 -76.07
CA HIS C 502 -19.79 -49.25 -75.57
C HIS C 502 -18.43 -48.55 -75.55
N PHE C 503 -18.35 -47.35 -76.14
CA PHE C 503 -17.07 -46.68 -76.25
C PHE C 503 -16.77 -45.82 -75.03
N ALA C 504 -17.79 -45.44 -74.26
CA ALA C 504 -17.55 -44.95 -72.92
C ALA C 504 -17.62 -46.07 -71.89
N GLU C 505 -17.89 -47.31 -72.33
CA GLU C 505 -17.89 -48.47 -71.46
C GLU C 505 -16.52 -49.16 -71.47
N TYR C 506 -15.47 -48.37 -71.26
CA TYR C 506 -14.16 -48.91 -70.93
C TYR C 506 -13.81 -48.64 -69.49
N ALA C 507 -14.58 -47.81 -68.80
CA ALA C 507 -14.55 -47.71 -67.36
C ALA C 507 -15.55 -48.63 -66.68
N GLY C 508 -16.57 -49.08 -67.38
CA GLY C 508 -17.61 -49.91 -66.81
C GLY C 508 -18.95 -49.57 -67.44
N GLU C 509 -19.89 -50.49 -67.29
CA GLU C 509 -21.27 -50.23 -67.68
C GLU C 509 -21.88 -49.19 -66.73
N GLU C 510 -22.85 -48.45 -67.27
CA GLU C 510 -23.61 -47.35 -66.67
C GLU C 510 -22.79 -46.09 -66.42
N ALA C 511 -21.47 -46.13 -66.63
CA ALA C 511 -20.71 -44.88 -66.77
C ALA C 511 -20.89 -44.32 -68.17
N ALA C 512 -21.14 -45.19 -69.14
CA ALA C 512 -21.54 -44.74 -70.47
C ALA C 512 -22.93 -44.11 -70.44
N GLU C 513 -23.82 -44.63 -69.60
CA GLU C 513 -25.11 -43.98 -69.38
C GLU C 513 -24.92 -42.64 -68.69
N SER C 514 -24.00 -42.58 -67.74
CA SER C 514 -23.70 -41.35 -67.04
C SER C 514 -22.75 -40.43 -67.81
N TRP C 515 -22.24 -40.88 -68.95
CA TRP C 515 -21.30 -40.06 -69.73
C TRP C 515 -21.97 -38.83 -70.30
N LYS C 516 -23.06 -39.01 -71.05
CA LYS C 516 -23.73 -37.91 -71.74
C LYS C 516 -24.29 -36.89 -70.77
N GLU C 517 -24.79 -37.35 -69.62
CA GLU C 517 -25.30 -36.47 -68.57
C GLU C 517 -24.23 -35.53 -68.05
N ILE C 518 -23.00 -36.03 -67.92
CA ILE C 518 -21.88 -35.16 -67.56
C ILE C 518 -21.59 -34.17 -68.66
N VAL C 519 -21.53 -34.64 -69.91
CA VAL C 519 -21.13 -33.81 -71.04
C VAL C 519 -22.17 -32.73 -71.33
N ASN C 520 -23.45 -33.00 -71.05
CA ASN C 520 -24.44 -31.93 -71.08
C ASN C 520 -24.14 -30.87 -70.03
N LEU C 521 -23.70 -31.29 -68.84
CA LEU C 521 -23.35 -30.35 -67.80
C LEU C 521 -22.02 -29.66 -68.01
N LEU C 522 -21.13 -30.25 -68.83
CA LEU C 522 -19.78 -29.70 -68.98
C LEU C 522 -19.80 -28.35 -69.69
N TYR C 523 -20.39 -28.30 -70.88
CA TYR C 523 -20.45 -27.05 -71.63
C TYR C 523 -21.45 -26.09 -71.02
N GLU C 524 -22.44 -26.61 -70.30
CA GLU C 524 -23.45 -25.76 -69.68
C GLU C 524 -22.88 -24.98 -68.51
N LEU C 525 -22.01 -25.63 -67.72
CA LEU C 525 -21.36 -24.93 -66.62
C LEU C 525 -20.34 -23.93 -67.12
N LEU C 526 -19.81 -24.13 -68.33
CA LEU C 526 -18.84 -23.20 -68.88
C LEU C 526 -19.48 -21.87 -69.24
N ALA C 527 -20.69 -21.91 -69.82
CA ALA C 527 -21.30 -20.71 -70.38
C ALA C 527 -21.73 -19.72 -69.31
N SER C 528 -22.02 -20.20 -68.10
CA SER C 528 -22.31 -19.31 -67.00
C SER C 528 -21.07 -18.56 -66.56
N LEU C 529 -19.90 -19.16 -66.73
CA LEU C 529 -18.64 -18.56 -66.34
C LEU C 529 -18.17 -17.48 -67.32
N ILE C 530 -18.78 -17.42 -68.50
CA ILE C 530 -18.29 -16.56 -69.58
C ILE C 530 -19.18 -15.33 -69.75
N ARG C 531 -20.49 -15.50 -69.64
CA ARG C 531 -21.44 -14.43 -69.88
C ARG C 531 -21.32 -13.33 -68.83
N GLY C 532 -21.56 -12.09 -69.26
CA GLY C 532 -21.43 -10.94 -68.41
C GLY C 532 -20.03 -10.36 -68.35
N ASN C 533 -19.01 -11.19 -68.57
CA ASN C 533 -17.62 -10.77 -68.46
C ASN C 533 -16.99 -10.70 -69.84
N ARG C 534 -16.33 -9.59 -70.13
CA ARG C 534 -15.47 -9.52 -71.30
C ARG C 534 -14.17 -10.28 -71.08
N ALA C 535 -13.69 -10.32 -69.83
CA ALA C 535 -12.41 -10.96 -69.55
C ALA C 535 -12.50 -12.47 -69.67
N ASN C 536 -13.67 -13.05 -69.42
CA ASN C 536 -13.84 -14.48 -69.66
C ASN C 536 -14.05 -14.77 -71.14
N CYS C 537 -14.41 -13.75 -71.93
CA CYS C 537 -14.41 -13.92 -73.38
C CYS C 537 -13.01 -13.76 -73.96
N ALA C 538 -12.05 -13.34 -73.14
CA ALA C 538 -10.71 -13.05 -73.63
C ALA C 538 -9.82 -14.28 -73.70
N LEU C 539 -10.00 -15.26 -72.79
CA LEU C 539 -9.11 -16.39 -72.70
C LEU C 539 -9.23 -17.37 -73.86
N PHE C 540 -10.31 -17.33 -74.62
CA PHE C 540 -10.59 -18.34 -75.63
C PHE C 540 -10.11 -17.93 -77.01
N SER C 541 -9.15 -17.00 -77.07
CA SER C 541 -8.56 -16.63 -78.35
C SER C 541 -7.68 -17.75 -78.91
N THR C 542 -6.98 -18.48 -78.05
CA THR C 542 -6.15 -19.58 -78.52
C THR C 542 -6.98 -20.84 -78.75
N ASN C 543 -8.04 -21.02 -77.97
CA ASN C 543 -8.90 -22.19 -78.09
C ASN C 543 -10.07 -21.96 -79.04
N LEU C 544 -10.07 -20.86 -79.80
CA LEU C 544 -11.11 -20.62 -80.79
C LEU C 544 -11.09 -21.68 -81.88
N ASP C 545 -9.90 -22.01 -82.37
CA ASP C 545 -9.75 -23.12 -83.30
C ASP C 545 -9.93 -24.47 -82.63
N TRP C 546 -9.96 -24.52 -81.30
CA TRP C 546 -10.21 -25.76 -80.58
C TRP C 546 -11.69 -26.03 -80.32
N VAL C 547 -12.45 -25.01 -79.88
CA VAL C 547 -13.80 -25.25 -79.40
C VAL C 547 -14.75 -25.60 -80.55
N VAL C 548 -14.94 -24.65 -81.46
CA VAL C 548 -16.00 -24.80 -82.46
C VAL C 548 -15.62 -25.73 -83.59
N SER C 549 -14.34 -26.10 -83.69
CA SER C 549 -13.95 -27.11 -84.67
C SER C 549 -14.34 -28.51 -84.25
N LYS C 550 -14.69 -28.73 -82.97
CA LYS C 550 -15.13 -30.06 -82.56
C LYS C 550 -16.51 -30.35 -83.11
N LEU C 551 -17.51 -29.57 -82.68
CA LEU C 551 -18.91 -29.67 -83.11
C LEU C 551 -19.44 -31.10 -82.90
N ASP C 552 -19.58 -31.44 -81.61
CA ASP C 552 -19.76 -32.83 -81.18
C ASP C 552 -21.07 -33.48 -81.64
N ARG C 553 -21.91 -32.77 -82.40
CA ARG C 553 -22.92 -33.27 -83.37
C ARG C 553 -23.98 -34.22 -82.82
N LEU C 554 -23.94 -34.52 -81.53
CA LEU C 554 -25.03 -35.17 -80.80
C LEU C 554 -25.30 -34.50 -79.48
N GLU C 555 -24.34 -33.77 -78.92
CA GLU C 555 -24.50 -32.94 -77.73
C GLU C 555 -24.31 -31.45 -78.04
N ALA C 556 -23.73 -31.13 -79.19
CA ALA C 556 -23.29 -29.77 -79.51
C ALA C 556 -24.43 -28.77 -79.64
N SER C 557 -25.65 -29.23 -79.95
CA SER C 557 -26.79 -28.33 -79.96
C SER C 557 -27.19 -27.88 -78.57
N SER C 558 -26.85 -28.65 -77.54
CA SER C 558 -27.24 -28.30 -76.19
C SER C 558 -26.35 -27.19 -75.62
N GLY C 559 -25.06 -27.47 -75.47
CA GLY C 559 -24.21 -26.56 -74.73
C GLY C 559 -23.09 -25.92 -75.52
N ILE C 560 -22.64 -26.59 -76.57
CA ILE C 560 -21.54 -26.05 -77.36
C ILE C 560 -22.02 -24.88 -78.22
N LEU C 561 -23.24 -25.00 -78.76
CA LEU C 561 -23.80 -23.95 -79.59
C LEU C 561 -24.13 -22.71 -78.76
N GLU C 562 -24.41 -22.88 -77.47
CA GLU C 562 -24.64 -21.72 -76.61
C GLU C 562 -23.34 -21.00 -76.31
N VAL C 563 -22.29 -21.75 -75.92
CA VAL C 563 -21.09 -21.14 -75.36
C VAL C 563 -20.29 -20.42 -76.43
N LEU C 564 -20.45 -20.79 -77.69
CA LEU C 564 -19.84 -20.00 -78.76
C LEU C 564 -20.54 -18.67 -78.96
N TYR C 565 -21.86 -18.61 -78.72
CA TYR C 565 -22.55 -17.33 -78.74
C TYR C 565 -22.15 -16.47 -77.55
N CYS C 566 -21.69 -17.09 -76.47
CA CYS C 566 -21.28 -16.36 -75.29
C CYS C 566 -19.99 -15.58 -75.53
N VAL C 567 -19.05 -16.17 -76.25
CA VAL C 567 -17.77 -15.49 -76.46
C VAL C 567 -17.81 -14.51 -77.61
N LEU C 568 -18.79 -14.62 -78.50
CA LEU C 568 -18.87 -13.73 -79.66
C LEU C 568 -19.73 -12.50 -79.39
N ILE C 569 -20.36 -12.41 -78.22
CA ILE C 569 -21.19 -11.26 -77.95
C ILE C 569 -20.40 -10.11 -77.34
N GLU C 570 -19.25 -10.39 -76.74
CA GLU C 570 -18.52 -9.37 -76.00
C GLU C 570 -17.17 -9.03 -76.64
N SER C 571 -16.30 -10.01 -76.84
CA SER C 571 -14.93 -9.71 -77.24
C SER C 571 -14.84 -9.59 -78.75
N PRO C 572 -14.43 -8.43 -79.28
CA PRO C 572 -14.22 -8.31 -80.74
C PRO C 572 -12.94 -8.97 -81.21
N GLU C 573 -12.03 -9.32 -80.30
CA GLU C 573 -10.74 -9.87 -80.69
C GLU C 573 -10.90 -11.31 -81.17
N VAL C 574 -11.88 -12.03 -80.64
CA VAL C 574 -12.24 -13.33 -81.19
C VAL C 574 -12.85 -13.17 -82.57
N LEU C 575 -13.61 -12.09 -82.78
CA LEU C 575 -14.10 -11.78 -84.12
C LEU C 575 -12.99 -11.29 -85.04
N ASN C 576 -11.84 -10.90 -84.50
CA ASN C 576 -10.71 -10.47 -85.31
C ASN C 576 -9.90 -11.65 -85.82
N ILE C 577 -10.04 -12.82 -85.22
CA ILE C 577 -9.16 -13.95 -85.52
C ILE C 577 -9.94 -15.09 -86.17
N ILE C 578 -10.95 -14.74 -86.97
CA ILE C 578 -11.69 -15.73 -87.75
C ILE C 578 -10.76 -16.39 -88.77
N GLN C 579 -11.12 -17.61 -89.15
CA GLN C 579 -10.28 -18.45 -90.01
C GLN C 579 -10.99 -18.85 -91.30
N GLU C 580 -12.32 -18.69 -91.36
CA GLU C 580 -13.29 -18.93 -92.43
C GLU C 580 -13.57 -20.42 -92.61
N ASN C 581 -12.79 -21.32 -92.00
CA ASN C 581 -13.21 -22.72 -91.95
C ASN C 581 -14.28 -22.94 -90.89
N HIS C 582 -14.27 -22.11 -89.85
CA HIS C 582 -15.26 -22.20 -88.78
C HIS C 582 -16.63 -21.75 -89.27
N ILE C 583 -16.68 -20.64 -90.03
CA ILE C 583 -17.96 -20.10 -90.45
C ILE C 583 -18.57 -20.97 -91.54
N LYS C 584 -17.73 -21.70 -92.29
CA LYS C 584 -18.26 -22.74 -93.17
C LYS C 584 -18.76 -23.93 -92.35
N SER C 585 -18.11 -24.22 -91.21
CA SER C 585 -18.61 -25.28 -90.36
C SER C 585 -19.90 -24.88 -89.66
N ILE C 586 -20.12 -23.58 -89.50
CA ILE C 586 -21.43 -23.08 -89.08
C ILE C 586 -22.48 -23.39 -90.12
N ILE C 587 -22.14 -23.20 -91.40
CA ILE C 587 -23.06 -23.52 -92.49
C ILE C 587 -23.29 -25.03 -92.55
N SER C 588 -22.26 -25.83 -92.24
CA SER C 588 -22.47 -27.27 -92.15
C SER C 588 -23.31 -27.64 -90.94
N LEU C 589 -23.08 -26.95 -89.81
CA LEU C 589 -23.97 -27.07 -88.66
C LEU C 589 -25.39 -26.63 -89.02
N LEU C 590 -25.50 -25.58 -89.84
CA LEU C 590 -26.80 -25.20 -90.39
C LEU C 590 -27.32 -26.27 -91.36
N ASP C 591 -26.42 -27.00 -92.01
CA ASP C 591 -26.85 -28.04 -92.93
C ASP C 591 -27.16 -29.35 -92.20
N LYS C 592 -26.24 -29.80 -91.33
CA LYS C 592 -26.36 -31.10 -90.69
C LYS C 592 -27.42 -31.15 -89.61
N HIS C 593 -27.94 -30.02 -89.16
CA HIS C 593 -28.84 -30.02 -88.03
C HIS C 593 -30.14 -29.24 -88.25
N GLY C 594 -30.21 -28.34 -89.22
CA GLY C 594 -31.47 -27.77 -89.64
C GLY C 594 -31.58 -26.31 -89.28
N ARG C 595 -32.78 -25.92 -88.86
CA ARG C 595 -33.16 -24.52 -88.74
C ARG C 595 -33.27 -24.14 -87.28
N ASN C 596 -32.36 -23.28 -86.83
CA ASN C 596 -32.33 -22.84 -85.44
C ASN C 596 -32.31 -21.32 -85.40
N HIS C 597 -32.88 -20.79 -84.33
CA HIS C 597 -32.80 -19.36 -84.06
C HIS C 597 -31.39 -18.94 -83.68
N LYS C 598 -30.63 -19.84 -83.06
CA LYS C 598 -29.31 -19.49 -82.55
C LYS C 598 -28.31 -19.27 -83.67
N VAL C 599 -28.27 -20.20 -84.64
CA VAL C 599 -27.22 -20.23 -85.65
C VAL C 599 -27.28 -19.04 -86.60
N LEU C 600 -28.46 -18.41 -86.73
CA LEU C 600 -28.56 -17.18 -87.48
C LEU C 600 -28.30 -15.96 -86.59
N ASP C 601 -28.61 -16.08 -85.29
CA ASP C 601 -28.30 -15.00 -84.37
C ASP C 601 -26.80 -14.91 -84.08
N VAL C 602 -26.10 -16.04 -84.14
CA VAL C 602 -24.64 -16.01 -84.01
C VAL C 602 -24.01 -15.31 -85.20
N LEU C 603 -24.47 -15.66 -86.41
CA LEU C 603 -24.02 -14.98 -87.61
C LEU C 603 -24.51 -13.54 -87.65
N CYS C 604 -25.63 -13.25 -86.98
CA CYS C 604 -26.06 -11.87 -86.81
C CYS C 604 -25.09 -11.09 -85.94
N SER C 605 -24.59 -11.70 -84.86
CA SER C 605 -23.61 -11.06 -84.01
C SER C 605 -22.20 -11.23 -84.54
N LEU C 606 -22.00 -12.03 -85.59
CA LEU C 606 -20.68 -12.22 -86.15
C LEU C 606 -20.24 -11.02 -86.97
N CYS C 607 -21.18 -10.33 -87.62
CA CYS C 607 -20.80 -9.25 -88.54
C CYS C 607 -20.34 -8.02 -87.78
N VAL C 608 -21.20 -7.48 -86.93
CA VAL C 608 -20.86 -6.32 -86.11
C VAL C 608 -20.46 -6.80 -84.72
N CYS C 609 -19.34 -6.28 -84.21
CA CYS C 609 -18.88 -6.67 -82.89
C CYS C 609 -19.41 -5.71 -81.83
N ASN C 610 -19.00 -4.45 -81.91
CA ASN C 610 -19.40 -3.40 -80.97
C ASN C 610 -19.38 -2.10 -81.75
N GLY C 611 -20.52 -1.77 -82.36
CA GLY C 611 -20.59 -0.60 -83.20
C GLY C 611 -19.89 -0.79 -84.53
N VAL C 612 -18.56 -0.87 -84.51
CA VAL C 612 -17.75 -1.08 -85.70
C VAL C 612 -17.92 -2.52 -86.18
N ALA C 613 -17.55 -2.78 -87.44
CA ALA C 613 -17.68 -4.10 -88.01
C ALA C 613 -16.60 -4.30 -89.05
N VAL C 614 -16.01 -5.48 -89.04
CA VAL C 614 -14.92 -5.82 -89.95
C VAL C 614 -15.51 -6.18 -91.31
N ARG C 615 -14.84 -5.75 -92.38
CA ARG C 615 -15.26 -6.04 -93.74
C ARG C 615 -15.06 -7.50 -94.14
N SER C 616 -14.31 -8.27 -93.36
CA SER C 616 -14.04 -9.66 -93.69
C SER C 616 -15.30 -10.50 -93.62
N ASN C 617 -15.91 -10.60 -92.44
CA ASN C 617 -17.03 -11.51 -92.23
C ASN C 617 -18.31 -11.05 -92.91
N GLN C 618 -18.40 -9.76 -93.27
CA GLN C 618 -19.54 -9.29 -94.04
C GLN C 618 -19.56 -9.91 -95.43
N ASP C 619 -18.38 -10.12 -96.01
CA ASP C 619 -18.28 -10.61 -97.38
C ASP C 619 -18.12 -12.12 -97.43
N LEU C 620 -17.57 -12.73 -96.36
CA LEU C 620 -17.44 -14.18 -96.32
C LEU C 620 -18.79 -14.85 -96.24
N ILE C 621 -19.71 -14.29 -95.46
CA ILE C 621 -21.05 -14.84 -95.37
C ILE C 621 -21.83 -14.54 -96.65
N THR C 622 -21.55 -13.39 -97.27
CA THR C 622 -22.14 -13.08 -98.57
C THR C 622 -21.69 -14.08 -99.63
N GLU C 623 -20.42 -14.46 -99.59
CA GLU C 623 -19.92 -15.48 -100.51
C GLU C 623 -20.43 -16.86 -100.14
N ASN C 624 -20.43 -17.19 -98.85
CA ASN C 624 -20.86 -18.50 -98.40
C ASN C 624 -22.36 -18.57 -98.13
N LEU C 625 -23.09 -17.51 -98.44
CA LEU C 625 -24.51 -17.67 -98.79
C LEU C 625 -24.46 -18.27 -100.18
N LEU C 626 -24.86 -19.53 -100.29
CA LEU C 626 -24.86 -20.22 -101.58
C LEU C 626 -25.86 -19.56 -102.52
N PRO C 627 -25.44 -19.12 -103.71
CA PRO C 627 -26.41 -18.55 -104.66
C PRO C 627 -27.40 -19.58 -105.20
N GLY C 628 -27.06 -20.87 -105.11
CA GLY C 628 -28.01 -21.93 -105.41
C GLY C 628 -29.14 -21.99 -104.40
N ARG C 629 -28.86 -21.50 -103.18
CA ARG C 629 -29.86 -21.19 -102.17
C ARG C 629 -30.62 -22.43 -101.71
N GLU C 630 -29.90 -23.47 -101.32
CA GLU C 630 -30.48 -24.77 -101.01
C GLU C 630 -30.97 -24.90 -99.58
N LEU C 631 -30.59 -23.99 -98.69
CA LEU C 631 -30.99 -24.08 -97.29
C LEU C 631 -31.87 -22.93 -96.84
N LEU C 632 -31.74 -21.76 -97.47
CA LEU C 632 -32.47 -20.58 -97.05
C LEU C 632 -33.90 -20.61 -97.62
N LEU C 633 -34.62 -19.51 -97.46
CA LEU C 633 -36.01 -19.42 -97.89
C LEU C 633 -36.13 -18.38 -99.00
N GLN C 634 -36.86 -18.72 -100.06
CA GLN C 634 -36.93 -17.89 -101.25
C GLN C 634 -38.37 -17.72 -101.68
N THR C 635 -38.76 -16.45 -101.87
CA THR C 635 -40.09 -16.10 -102.32
C THR C 635 -39.96 -15.35 -103.64
N ASN C 636 -41.04 -15.42 -104.43
CA ASN C 636 -41.07 -14.75 -105.71
C ASN C 636 -42.53 -14.49 -106.06
N LEU C 637 -42.74 -13.48 -106.91
CA LEU C 637 -44.09 -13.18 -107.38
C LEU C 637 -44.54 -14.25 -108.37
N ILE C 638 -45.42 -15.13 -107.93
CA ILE C 638 -46.01 -16.17 -108.77
C ILE C 638 -47.48 -15.82 -108.90
N ASN C 639 -48.13 -16.21 -109.99
CA ASN C 639 -49.50 -15.79 -110.23
C ASN C 639 -50.45 -16.91 -109.84
N TYR C 640 -51.74 -16.60 -109.87
CA TYR C 640 -52.80 -17.57 -109.65
C TYR C 640 -53.12 -18.31 -110.94
N VAL C 641 -53.52 -19.57 -110.80
CA VAL C 641 -53.80 -20.44 -111.94
C VAL C 641 -55.15 -21.11 -111.74
N THR C 642 -55.90 -21.24 -112.83
CA THR C 642 -57.24 -21.82 -112.82
C THR C 642 -57.38 -22.74 -114.03
N SER C 643 -58.49 -23.48 -114.05
CA SER C 643 -58.83 -24.36 -115.16
C SER C 643 -60.33 -24.56 -115.21
N ILE C 644 -60.91 -24.37 -116.38
CA ILE C 644 -62.35 -24.48 -116.59
C ILE C 644 -62.63 -25.61 -117.56
N ARG C 645 -63.43 -26.59 -117.12
CA ARG C 645 -63.77 -27.71 -117.98
C ARG C 645 -65.17 -27.52 -118.57
N PRO C 646 -65.39 -27.96 -119.79
CA PRO C 646 -66.74 -28.33 -120.21
C PRO C 646 -67.13 -29.67 -119.60
N ASN C 647 -68.45 -29.91 -119.57
CA ASN C 647 -69.00 -31.14 -119.02
C ASN C 647 -68.98 -32.25 -120.09
N ILE C 648 -67.77 -32.61 -120.48
CA ILE C 648 -67.53 -33.64 -121.49
C ILE C 648 -66.74 -34.76 -120.82
N PHE C 649 -67.31 -35.96 -120.83
CA PHE C 649 -66.73 -37.12 -120.18
C PHE C 649 -66.46 -38.18 -121.23
N VAL C 650 -65.23 -38.69 -121.27
CA VAL C 650 -64.83 -39.70 -122.23
C VAL C 650 -64.27 -40.90 -121.49
N GLY C 651 -64.95 -42.03 -121.59
CA GLY C 651 -64.42 -43.29 -121.11
C GLY C 651 -64.59 -44.37 -122.15
N ARG C 652 -63.84 -45.46 -121.97
CA ARG C 652 -63.88 -46.57 -122.90
C ARG C 652 -63.85 -47.87 -122.10
N ALA C 653 -64.98 -48.58 -122.07
CA ALA C 653 -65.08 -49.83 -121.35
C ALA C 653 -65.74 -50.85 -122.28
N GLU C 654 -65.86 -52.08 -121.77
CA GLU C 654 -66.49 -53.16 -122.53
C GLU C 654 -67.99 -52.93 -122.55
N GLY C 655 -68.50 -52.41 -123.67
CA GLY C 655 -69.89 -52.00 -123.76
C GLY C 655 -70.04 -50.59 -124.26
N SER C 656 -70.50 -49.69 -123.39
CA SER C 656 -70.67 -48.29 -123.78
C SER C 656 -69.31 -47.61 -123.83
N THR C 657 -68.92 -47.15 -125.01
CA THR C 657 -67.62 -46.56 -125.24
C THR C 657 -67.64 -45.11 -125.71
N GLN C 658 -68.82 -44.59 -126.10
CA GLN C 658 -69.00 -43.22 -126.61
C GLN C 658 -68.08 -42.94 -127.79
N TYR C 659 -68.08 -43.88 -128.74
CA TYR C 659 -67.40 -43.88 -130.05
C TYR C 659 -65.88 -44.05 -129.94
N GLY C 660 -65.32 -43.94 -128.73
CA GLY C 660 -63.91 -44.17 -128.49
C GLY C 660 -62.91 -43.23 -129.15
N LYS C 661 -63.39 -42.18 -129.81
CA LYS C 661 -62.54 -41.18 -130.44
C LYS C 661 -63.22 -39.84 -130.29
N TRP C 662 -62.45 -38.81 -129.92
CA TRP C 662 -62.99 -37.45 -129.77
C TRP C 662 -61.93 -36.47 -130.27
N TYR C 663 -62.23 -35.17 -130.17
CA TYR C 663 -61.43 -34.16 -130.86
C TYR C 663 -61.70 -32.78 -130.28
N PHE C 664 -60.66 -31.94 -130.25
CA PHE C 664 -60.73 -30.58 -129.73
C PHE C 664 -60.32 -29.57 -130.80
N GLU C 665 -60.94 -28.39 -130.71
CA GLU C 665 -60.42 -27.16 -131.31
C GLU C 665 -60.62 -26.03 -130.33
N VAL C 666 -59.55 -25.30 -130.03
CA VAL C 666 -59.59 -24.18 -129.09
C VAL C 666 -59.06 -22.94 -129.79
N MET C 667 -59.89 -21.90 -129.84
CA MET C 667 -59.55 -20.65 -130.50
C MET C 667 -58.99 -19.67 -129.48
N VAL C 668 -57.77 -19.19 -129.70
CA VAL C 668 -57.08 -18.30 -128.79
C VAL C 668 -56.81 -16.99 -129.49
N ASP C 669 -57.39 -15.90 -128.98
CA ASP C 669 -57.14 -14.55 -129.48
C ASP C 669 -56.78 -13.68 -128.26
N GLU C 670 -55.51 -13.74 -127.86
CA GLU C 670 -55.05 -12.99 -126.69
C GLU C 670 -53.63 -12.51 -126.92
N VAL C 671 -53.41 -11.23 -126.68
CA VAL C 671 -52.06 -10.64 -126.68
C VAL C 671 -51.84 -10.09 -125.28
N VAL C 672 -51.34 -10.94 -124.38
CA VAL C 672 -50.78 -10.49 -123.10
C VAL C 672 -49.45 -11.22 -122.98
N PRO C 673 -48.37 -10.71 -123.58
CA PRO C 673 -47.11 -11.45 -123.52
C PRO C 673 -46.41 -11.35 -122.18
N PHE C 674 -46.48 -10.19 -121.53
CA PHE C 674 -45.86 -9.95 -120.24
C PHE C 674 -46.92 -9.51 -119.25
N LEU C 675 -47.23 -10.37 -118.30
CA LEU C 675 -47.89 -9.95 -117.08
C LEU C 675 -46.83 -9.31 -116.19
N THR C 676 -47.26 -8.46 -115.25
CA THR C 676 -46.35 -7.60 -114.51
C THR C 676 -45.43 -8.35 -113.55
N ALA C 677 -45.70 -9.62 -113.27
CA ALA C 677 -44.81 -10.43 -112.43
C ALA C 677 -43.89 -11.31 -113.28
N GLN C 678 -44.46 -12.18 -114.10
CA GLN C 678 -43.70 -12.93 -115.09
C GLN C 678 -44.56 -13.07 -116.34
N ALA C 679 -44.11 -13.87 -117.30
CA ALA C 679 -44.91 -14.13 -118.48
C ALA C 679 -46.14 -14.98 -118.12
N THR C 680 -47.16 -14.89 -118.97
CA THR C 680 -48.43 -15.51 -118.66
C THR C 680 -48.39 -17.03 -118.85
N HIS C 681 -49.22 -17.71 -118.07
CA HIS C 681 -49.38 -19.15 -118.16
C HIS C 681 -50.63 -19.45 -118.99
N LEU C 682 -50.46 -20.29 -120.00
CA LEU C 682 -51.56 -20.66 -120.89
C LEU C 682 -51.25 -22.02 -121.48
N ARG C 683 -52.01 -23.04 -121.10
CA ARG C 683 -51.85 -24.36 -121.65
C ARG C 683 -53.23 -24.92 -122.03
N VAL C 684 -53.24 -26.19 -122.46
CA VAL C 684 -54.48 -26.88 -122.79
C VAL C 684 -54.19 -28.37 -122.76
N GLY C 685 -55.22 -29.17 -122.48
CA GLY C 685 -55.08 -30.61 -122.59
C GLY C 685 -56.08 -31.49 -121.88
N TRP C 686 -55.58 -32.50 -121.19
CA TRP C 686 -56.39 -33.64 -120.75
C TRP C 686 -56.16 -33.92 -119.27
N ALA C 687 -57.09 -34.70 -118.71
CA ALA C 687 -56.98 -35.28 -117.38
C ALA C 687 -57.95 -36.45 -117.31
N LEU C 688 -57.70 -37.37 -116.37
CA LEU C 688 -58.57 -38.54 -116.19
C LEU C 688 -58.96 -38.68 -114.71
N THR C 689 -59.95 -37.87 -114.30
CA THR C 689 -60.54 -37.80 -112.95
C THR C 689 -59.53 -37.69 -111.81
N GLU C 690 -58.31 -37.25 -112.11
CA GLU C 690 -57.21 -37.19 -111.16
C GLU C 690 -56.47 -35.88 -111.38
N GLY C 691 -57.25 -34.81 -111.50
CA GLY C 691 -56.79 -33.53 -111.98
C GLY C 691 -56.48 -32.62 -110.81
N TYR C 692 -57.46 -31.80 -110.40
CA TYR C 692 -57.38 -30.83 -109.31
C TYR C 692 -56.33 -29.77 -109.64
N SER C 693 -56.45 -29.22 -110.84
CA SER C 693 -55.85 -27.92 -111.15
C SER C 693 -56.30 -26.78 -110.23
N PRO C 694 -57.50 -26.79 -109.56
CA PRO C 694 -57.67 -25.89 -108.41
C PRO C 694 -56.80 -26.23 -107.22
N TYR C 695 -57.03 -25.50 -106.11
CA TYR C 695 -56.13 -25.16 -105.01
C TYR C 695 -54.98 -24.34 -105.56
N PRO C 696 -55.19 -23.05 -105.91
CA PRO C 696 -54.09 -22.28 -106.53
C PRO C 696 -53.09 -21.73 -105.54
N GLY C 697 -52.54 -22.58 -104.68
CA GLY C 697 -51.58 -22.14 -103.69
C GLY C 697 -50.19 -22.71 -103.92
N GLY C 698 -49.84 -23.72 -103.14
CA GLY C 698 -48.56 -24.39 -103.31
C GLY C 698 -48.68 -25.80 -103.82
N GLY C 699 -48.11 -26.05 -105.00
CA GLY C 699 -48.13 -27.36 -105.61
C GLY C 699 -46.79 -28.06 -105.50
N GLU C 700 -46.71 -29.21 -106.17
CA GLU C 700 -45.50 -30.02 -106.14
C GLU C 700 -44.38 -29.40 -106.95
N GLY C 701 -44.71 -28.45 -107.83
CA GLY C 701 -43.71 -27.63 -108.49
C GLY C 701 -43.70 -26.21 -107.95
N TRP C 702 -44.12 -25.25 -108.77
CA TRP C 702 -44.27 -23.86 -108.37
C TRP C 702 -45.76 -23.53 -108.44
N GLY C 703 -46.49 -23.84 -107.39
CA GLY C 703 -47.92 -23.61 -107.37
C GLY C 703 -48.70 -24.77 -107.95
N GLY C 704 -49.96 -24.86 -107.56
CA GLY C 704 -50.84 -25.90 -108.04
C GLY C 704 -51.35 -25.60 -109.44
N ASN C 705 -50.47 -25.77 -110.44
CA ASN C 705 -50.75 -25.31 -111.79
C ASN C 705 -51.68 -26.25 -112.53
N GLY C 706 -52.06 -25.85 -113.74
CA GLY C 706 -53.19 -26.44 -114.44
C GLY C 706 -53.04 -27.85 -114.97
N VAL C 707 -52.21 -28.05 -115.99
CA VAL C 707 -52.22 -29.30 -116.74
C VAL C 707 -50.80 -29.64 -117.16
N GLY C 708 -50.51 -30.93 -117.22
CA GLY C 708 -49.23 -31.41 -117.73
C GLY C 708 -48.06 -31.27 -116.79
N ASP C 709 -48.34 -31.07 -115.51
CA ASP C 709 -47.28 -31.00 -114.51
C ASP C 709 -47.23 -32.22 -113.63
N ASP C 710 -48.34 -32.92 -113.43
CA ASP C 710 -48.31 -34.23 -112.80
C ASP C 710 -48.30 -35.30 -113.88
N LEU C 711 -48.30 -36.56 -113.47
CA LEU C 711 -48.40 -37.69 -114.39
C LEU C 711 -49.85 -38.10 -114.64
N TYR C 712 -50.79 -37.23 -114.31
CA TYR C 712 -52.20 -37.46 -114.53
C TYR C 712 -52.78 -36.57 -115.62
N SER C 713 -51.99 -35.63 -116.15
CA SER C 713 -52.49 -34.64 -117.07
C SER C 713 -51.45 -34.41 -118.17
N TYR C 714 -51.93 -33.90 -119.31
CA TYR C 714 -51.09 -33.69 -120.48
C TYR C 714 -51.33 -32.29 -121.00
N GLY C 715 -50.32 -31.41 -120.88
CA GLY C 715 -50.43 -30.04 -121.28
C GLY C 715 -49.55 -29.71 -122.46
N PHE C 716 -49.73 -28.49 -122.97
CA PHE C 716 -48.98 -28.00 -124.12
C PHE C 716 -49.13 -26.49 -124.20
N ASP C 717 -48.01 -25.79 -124.45
CA ASP C 717 -48.07 -24.35 -124.59
C ASP C 717 -47.24 -23.82 -125.76
N GLY C 718 -46.96 -24.66 -126.75
CA GLY C 718 -46.40 -24.20 -128.01
C GLY C 718 -45.12 -24.87 -128.46
N LEU C 719 -44.14 -25.06 -127.56
CA LEU C 719 -43.04 -25.98 -127.92
C LEU C 719 -42.67 -26.76 -126.64
N HIS C 720 -43.46 -27.79 -126.35
CA HIS C 720 -43.28 -28.56 -125.13
C HIS C 720 -43.95 -29.92 -125.28
N LEU C 721 -43.72 -30.77 -124.26
CA LEU C 721 -44.49 -32.00 -124.04
C LEU C 721 -44.71 -32.08 -122.53
N TRP C 722 -45.78 -31.44 -122.04
CA TRP C 722 -45.99 -31.34 -120.60
C TRP C 722 -46.66 -32.61 -120.07
N THR C 723 -45.90 -33.39 -119.29
CA THR C 723 -46.43 -34.42 -118.40
C THR C 723 -45.38 -34.71 -117.33
N GLY C 724 -45.80 -34.69 -116.08
CA GLY C 724 -44.90 -34.97 -114.98
C GLY C 724 -43.82 -33.93 -114.76
N HIS C 725 -44.15 -32.64 -114.91
CA HIS C 725 -43.22 -31.50 -114.82
C HIS C 725 -42.03 -31.66 -115.76
N VAL C 726 -42.29 -32.10 -116.99
CA VAL C 726 -41.25 -32.29 -118.00
C VAL C 726 -41.48 -31.25 -119.10
N ALA C 727 -40.58 -30.29 -119.20
CA ALA C 727 -40.61 -29.26 -120.24
C ALA C 727 -39.70 -29.61 -121.41
N ARG C 728 -39.91 -30.74 -122.07
CA ARG C 728 -39.08 -31.05 -123.23
C ARG C 728 -39.75 -30.55 -124.51
N PRO C 729 -39.04 -29.85 -125.37
CA PRO C 729 -39.68 -29.17 -126.51
C PRO C 729 -40.00 -30.14 -127.64
N VAL C 730 -40.55 -29.58 -128.72
CA VAL C 730 -40.90 -30.34 -129.91
C VAL C 730 -40.19 -29.74 -131.11
N THR C 731 -40.33 -30.41 -132.25
CA THR C 731 -39.90 -29.91 -133.55
C THR C 731 -41.15 -29.82 -134.42
N SER C 732 -41.51 -28.60 -134.79
CA SER C 732 -42.66 -28.35 -135.65
C SER C 732 -42.44 -27.01 -136.34
N PRO C 733 -42.98 -26.83 -137.55
CA PRO C 733 -42.91 -25.51 -138.19
C PRO C 733 -43.71 -24.47 -137.43
N GLY C 734 -43.15 -23.26 -137.36
CA GLY C 734 -43.70 -22.25 -136.49
C GLY C 734 -43.39 -22.54 -135.03
N GLN C 735 -42.15 -22.85 -134.71
CA GLN C 735 -41.75 -23.28 -133.37
C GLN C 735 -41.73 -22.06 -132.46
N HIS C 736 -42.89 -21.75 -131.90
CA HIS C 736 -43.06 -20.69 -130.92
C HIS C 736 -44.14 -21.11 -129.96
N LEU C 737 -44.39 -20.27 -128.96
CA LEU C 737 -45.35 -20.61 -127.91
C LEU C 737 -46.77 -20.29 -128.39
N LEU C 738 -47.72 -20.22 -127.47
CA LEU C 738 -49.11 -19.99 -127.85
C LEU C 738 -49.30 -18.53 -128.23
N ALA C 739 -49.09 -18.23 -129.50
CA ALA C 739 -49.47 -16.98 -130.10
C ALA C 739 -51.00 -16.91 -130.22
N PRO C 740 -51.56 -15.70 -130.32
CA PRO C 740 -52.99 -15.60 -130.65
C PRO C 740 -53.27 -16.03 -132.09
N GLU C 741 -54.58 -16.16 -132.36
CA GLU C 741 -55.12 -16.64 -133.64
C GLU C 741 -54.58 -18.03 -133.98
N ASP C 742 -54.72 -18.95 -133.03
CA ASP C 742 -54.28 -20.32 -133.19
C ASP C 742 -55.38 -21.28 -132.78
N VAL C 743 -55.45 -22.40 -133.51
CA VAL C 743 -56.40 -23.47 -133.23
C VAL C 743 -55.60 -24.73 -132.91
N VAL C 744 -55.79 -25.24 -131.70
CA VAL C 744 -55.09 -26.41 -131.22
C VAL C 744 -55.98 -27.63 -131.45
N SER C 745 -55.48 -28.57 -132.26
CA SER C 745 -56.21 -29.77 -132.60
C SER C 745 -55.70 -30.92 -131.72
N CYS C 746 -56.35 -31.10 -130.57
CA CYS C 746 -56.02 -32.19 -129.66
C CYS C 746 -56.75 -33.43 -130.15
N CYS C 747 -56.04 -34.31 -130.85
CA CYS C 747 -56.65 -35.51 -131.39
C CYS C 747 -56.68 -36.60 -130.33
N LEU C 748 -57.88 -37.06 -129.99
CA LEU C 748 -58.05 -38.12 -129.00
C LEU C 748 -58.26 -39.45 -129.71
N ASP C 749 -57.33 -40.38 -129.50
CA ASP C 749 -57.46 -41.74 -129.99
C ASP C 749 -57.30 -42.68 -128.81
N LEU C 750 -58.19 -43.67 -128.72
CA LEU C 750 -58.18 -44.59 -127.59
C LEU C 750 -57.84 -46.01 -127.99
N SER C 751 -57.13 -46.18 -129.11
CA SER C 751 -56.68 -47.51 -129.50
C SER C 751 -55.52 -47.97 -128.63
N VAL C 752 -54.50 -47.14 -128.51
CA VAL C 752 -53.33 -47.45 -127.68
C VAL C 752 -53.63 -47.22 -126.19
N PRO C 753 -54.15 -46.06 -125.73
CA PRO C 753 -54.60 -44.76 -126.27
C PRO C 753 -53.47 -43.81 -126.65
N SER C 754 -53.73 -42.96 -127.64
CA SER C 754 -52.72 -42.03 -128.16
C SER C 754 -53.36 -40.66 -128.35
N ILE C 755 -52.65 -39.63 -127.90
CA ILE C 755 -53.13 -38.25 -128.01
C ILE C 755 -52.09 -37.45 -128.78
N SER C 756 -52.51 -36.84 -129.88
CA SER C 756 -51.63 -36.01 -130.69
C SER C 756 -52.17 -34.59 -130.78
N PHE C 757 -51.25 -33.64 -130.89
CA PHE C 757 -51.58 -32.22 -130.87
C PHE C 757 -51.24 -31.59 -132.21
N ARG C 758 -51.95 -30.50 -132.53
CA ARG C 758 -51.76 -29.83 -133.81
C ARG C 758 -52.24 -28.40 -133.70
N ILE C 759 -51.30 -27.45 -133.77
CA ILE C 759 -51.62 -26.04 -133.98
C ILE C 759 -51.79 -25.90 -135.49
N ASN C 760 -52.23 -24.72 -135.96
CA ASN C 760 -52.93 -24.47 -137.24
C ASN C 760 -52.42 -25.21 -138.47
N GLY C 761 -51.22 -24.87 -138.94
CA GLY C 761 -50.58 -25.76 -139.89
C GLY C 761 -49.81 -26.84 -139.15
N CYS C 762 -48.68 -26.41 -138.57
CA CYS C 762 -47.95 -26.89 -137.38
C CYS C 762 -48.12 -28.37 -137.05
N PRO C 763 -47.55 -29.29 -137.84
CA PRO C 763 -47.65 -30.71 -137.47
C PRO C 763 -46.82 -31.02 -136.23
N VAL C 764 -47.43 -30.74 -135.06
CA VAL C 764 -46.75 -30.86 -133.78
C VAL C 764 -46.48 -32.33 -133.50
N GLN C 765 -45.19 -32.70 -133.53
CA GLN C 765 -44.78 -34.09 -133.33
C GLN C 765 -44.78 -34.40 -131.83
N GLY C 766 -45.97 -34.69 -131.33
CA GLY C 766 -46.13 -35.12 -129.96
C GLY C 766 -47.23 -36.15 -129.83
N VAL C 767 -46.89 -37.32 -129.31
CA VAL C 767 -47.83 -38.42 -129.13
C VAL C 767 -47.69 -38.93 -127.70
N PHE C 768 -48.73 -38.75 -126.90
CA PHE C 768 -48.72 -39.19 -125.51
C PHE C 768 -49.44 -40.52 -125.41
N GLU C 769 -48.71 -41.55 -124.99
CA GLU C 769 -49.27 -42.88 -124.82
C GLU C 769 -48.88 -43.42 -123.44
N ALA C 770 -49.14 -44.72 -123.22
CA ALA C 770 -48.81 -45.46 -122.00
C ALA C 770 -49.45 -44.82 -120.76
N PHE C 771 -50.78 -44.73 -120.81
CA PHE C 771 -51.56 -44.25 -119.68
C PHE C 771 -52.89 -45.00 -119.64
N ASN C 772 -53.41 -45.16 -118.42
CA ASN C 772 -54.61 -45.94 -118.18
C ASN C 772 -55.87 -45.16 -118.58
N LEU C 773 -56.94 -45.91 -118.84
CA LEU C 773 -58.27 -45.35 -119.07
C LEU C 773 -59.06 -45.24 -117.77
N ASP C 774 -58.37 -45.18 -116.63
CA ASP C 774 -58.99 -45.16 -115.32
C ASP C 774 -59.59 -43.79 -115.08
N GLY C 775 -60.86 -43.66 -115.44
CA GLY C 775 -61.57 -42.42 -115.23
C GLY C 775 -62.00 -41.78 -116.54
N LEU C 776 -63.10 -41.02 -116.46
CA LEU C 776 -63.58 -40.25 -117.59
C LEU C 776 -62.61 -39.11 -117.88
N PHE C 777 -62.58 -38.69 -119.14
CA PHE C 777 -61.62 -37.68 -119.57
C PHE C 777 -62.25 -36.30 -119.53
N PHE C 778 -61.42 -35.28 -119.71
CA PHE C 778 -61.82 -33.89 -119.53
C PHE C 778 -61.19 -32.97 -120.56
N PRO C 779 -61.94 -31.97 -121.04
CA PRO C 779 -61.29 -30.85 -121.74
C PRO C 779 -60.66 -29.90 -120.73
N VAL C 780 -59.33 -29.96 -120.60
CA VAL C 780 -58.62 -29.20 -119.59
C VAL C 780 -57.85 -28.09 -120.28
N VAL C 781 -58.14 -26.85 -119.90
CA VAL C 781 -57.38 -25.68 -120.35
C VAL C 781 -56.76 -25.05 -119.12
N SER C 782 -55.48 -24.69 -119.22
CA SER C 782 -54.80 -23.97 -118.17
C SER C 782 -54.57 -22.54 -118.63
N PHE C 783 -54.87 -21.58 -117.77
CA PHE C 783 -54.73 -20.18 -118.17
C PHE C 783 -54.48 -19.33 -116.94
N SER C 784 -53.60 -18.36 -117.07
CA SER C 784 -53.35 -17.37 -116.04
C SER C 784 -54.30 -16.19 -116.24
N ALA C 785 -54.02 -15.09 -115.55
CA ALA C 785 -54.83 -13.88 -115.67
C ALA C 785 -54.64 -13.23 -117.04
N GLY C 786 -55.61 -12.41 -117.42
CA GLY C 786 -55.57 -11.68 -118.67
C GLY C 786 -55.84 -12.50 -119.91
N VAL C 787 -56.26 -13.75 -119.77
CA VAL C 787 -56.45 -14.65 -120.91
C VAL C 787 -57.94 -14.94 -121.05
N LYS C 788 -58.53 -14.45 -122.14
CA LYS C 788 -59.95 -14.69 -122.43
C LYS C 788 -60.02 -15.67 -123.59
N VAL C 789 -60.05 -16.96 -123.27
CA VAL C 789 -59.92 -18.03 -124.26
C VAL C 789 -61.32 -18.44 -124.72
N ARG C 790 -61.40 -19.01 -125.92
CA ARG C 790 -62.65 -19.48 -126.50
C ARG C 790 -62.54 -20.92 -126.93
N PHE C 791 -63.46 -21.75 -126.44
CA PHE C 791 -63.60 -23.12 -126.92
C PHE C 791 -64.31 -23.13 -128.27
N LEU C 792 -64.42 -24.33 -128.84
CA LEU C 792 -65.29 -24.56 -129.99
C LEU C 792 -66.06 -25.84 -129.72
N LEU C 793 -67.39 -25.74 -129.71
CA LEU C 793 -68.27 -26.86 -129.38
C LEU C 793 -68.26 -27.99 -130.39
N GLY C 794 -67.68 -27.80 -131.57
CA GLY C 794 -67.78 -28.82 -132.58
C GLY C 794 -69.06 -28.67 -133.36
N GLY C 795 -70.10 -29.38 -132.93
CA GLY C 795 -71.39 -29.35 -133.58
C GLY C 795 -72.13 -28.03 -133.57
N ARG C 796 -72.50 -27.54 -132.37
CA ARG C 796 -73.44 -26.42 -132.29
C ARG C 796 -72.77 -25.09 -132.62
N HIS C 797 -71.80 -24.67 -131.80
CA HIS C 797 -71.14 -23.39 -132.00
C HIS C 797 -69.67 -23.54 -132.36
N GLY C 798 -69.24 -24.74 -132.72
CA GLY C 798 -67.85 -24.89 -133.11
C GLY C 798 -67.66 -24.58 -134.58
N GLU C 799 -67.29 -23.35 -134.87
CA GLU C 799 -67.04 -22.91 -136.24
C GLU C 799 -65.65 -23.39 -136.60
N PHE C 800 -65.58 -24.37 -137.49
CA PHE C 800 -64.33 -25.07 -137.77
C PHE C 800 -63.46 -24.20 -138.67
N LYS C 801 -62.44 -23.57 -138.06
CA LYS C 801 -61.41 -22.90 -138.84
C LYS C 801 -60.45 -23.89 -139.47
N PHE C 802 -60.35 -25.09 -138.90
CA PHE C 802 -59.57 -26.17 -139.49
C PHE C 802 -60.36 -27.46 -139.36
N LEU C 803 -59.75 -28.56 -139.78
CA LEU C 803 -60.64 -29.71 -139.83
C LEU C 803 -60.26 -30.75 -138.78
N PRO C 804 -61.26 -31.49 -138.30
CA PRO C 804 -60.96 -32.72 -137.57
C PRO C 804 -60.34 -33.73 -138.51
N PRO C 805 -59.46 -34.60 -138.01
CA PRO C 805 -59.04 -35.77 -138.80
C PRO C 805 -60.22 -36.71 -138.98
N PRO C 806 -60.20 -37.55 -140.05
CA PRO C 806 -61.40 -38.34 -140.39
C PRO C 806 -61.82 -39.37 -139.34
N GLY C 807 -63.00 -39.13 -138.76
CA GLY C 807 -63.56 -40.04 -137.78
C GLY C 807 -63.31 -39.65 -136.34
N TYR C 808 -63.38 -38.36 -136.03
CA TYR C 808 -63.28 -37.91 -134.64
C TYR C 808 -64.42 -36.94 -134.33
N ALA C 809 -65.64 -37.48 -134.15
CA ALA C 809 -66.70 -37.12 -133.20
C ALA C 809 -66.66 -35.68 -132.70
N PRO C 810 -66.99 -34.67 -133.51
CA PRO C 810 -66.83 -33.29 -133.06
C PRO C 810 -67.79 -32.85 -131.96
N CYS C 811 -67.70 -33.50 -130.80
CA CYS C 811 -68.50 -33.23 -129.59
C CYS C 811 -70.00 -33.19 -129.90
N HIS C 812 -70.46 -34.22 -130.62
CA HIS C 812 -71.83 -34.24 -131.13
C HIS C 812 -72.64 -35.43 -130.64
N GLU C 813 -72.15 -36.66 -130.81
CA GLU C 813 -72.99 -37.83 -130.61
C GLU C 813 -73.22 -38.14 -129.13
N ALA C 814 -72.15 -38.22 -128.35
CA ALA C 814 -72.26 -38.58 -126.94
C ALA C 814 -71.73 -37.43 -126.10
N VAL C 815 -72.57 -36.43 -125.87
CA VAL C 815 -72.24 -35.30 -125.02
C VAL C 815 -73.52 -34.80 -124.36
N LEU C 816 -73.48 -34.69 -123.02
CA LEU C 816 -74.58 -34.35 -122.12
C LEU C 816 -75.81 -35.22 -122.39
N PRO C 817 -75.79 -36.49 -122.00
CA PRO C 817 -76.93 -37.37 -122.31
C PRO C 817 -78.17 -37.06 -121.49
N ARG C 818 -78.03 -36.37 -120.36
CA ARG C 818 -79.19 -35.95 -119.57
C ARG C 818 -79.01 -34.53 -119.03
N GLU C 819 -78.14 -33.72 -119.64
CA GLU C 819 -77.81 -32.40 -119.14
C GLU C 819 -77.60 -31.47 -120.33
N ARG C 820 -77.01 -30.31 -120.05
CA ARG C 820 -76.70 -29.29 -121.03
C ARG C 820 -75.20 -29.04 -121.07
N LEU C 821 -74.80 -28.01 -121.80
CA LEU C 821 -73.39 -27.67 -121.94
C LEU C 821 -73.01 -26.61 -120.90
N ARG C 822 -72.05 -26.94 -120.03
CA ARG C 822 -71.66 -26.08 -118.93
C ARG C 822 -70.15 -25.97 -118.86
N LEU C 823 -69.64 -24.74 -118.80
CA LEU C 823 -68.24 -24.51 -118.47
C LEU C 823 -68.11 -24.36 -116.96
N GLU C 824 -67.15 -25.07 -116.37
CA GLU C 824 -67.03 -25.10 -114.92
C GLU C 824 -65.61 -25.37 -114.46
N PRO C 825 -65.20 -24.80 -113.32
CA PRO C 825 -63.93 -25.21 -112.71
C PRO C 825 -64.04 -26.61 -112.12
N ILE C 826 -63.03 -27.44 -112.38
CA ILE C 826 -63.09 -28.86 -112.05
C ILE C 826 -62.91 -29.07 -110.55
N LYS C 827 -64.02 -29.41 -109.89
CA LYS C 827 -64.08 -29.80 -108.47
C LYS C 827 -63.51 -28.73 -107.54
N GLU C 828 -64.19 -27.59 -107.53
CA GLU C 828 -63.75 -26.46 -106.72
C GLU C 828 -64.15 -26.66 -105.26
N TYR C 829 -63.63 -25.78 -104.42
CA TYR C 829 -64.04 -25.68 -103.03
C TYR C 829 -64.81 -24.41 -102.72
N ARG C 830 -64.54 -23.35 -103.47
CA ARG C 830 -65.20 -22.06 -103.34
C ARG C 830 -65.78 -21.67 -104.69
N ARG C 831 -66.89 -20.95 -104.65
CA ARG C 831 -67.44 -20.32 -105.85
C ARG C 831 -68.06 -18.99 -105.45
N GLU C 832 -68.50 -18.25 -106.46
CA GLU C 832 -69.07 -16.92 -106.24
C GLU C 832 -70.52 -17.03 -105.76
N GLY C 833 -71.12 -15.89 -105.48
CA GLY C 833 -72.48 -15.82 -105.02
C GLY C 833 -72.98 -14.39 -104.92
N PRO C 834 -74.31 -14.22 -104.89
CA PRO C 834 -74.86 -12.86 -104.79
C PRO C 834 -74.59 -12.21 -103.44
N ARG C 835 -74.87 -12.93 -102.36
CA ARG C 835 -74.45 -12.55 -101.02
C ARG C 835 -73.95 -13.81 -100.36
N GLY C 836 -72.72 -13.79 -99.87
CA GLY C 836 -72.11 -15.02 -99.43
C GLY C 836 -71.74 -15.89 -100.61
N PRO C 837 -70.60 -15.59 -101.25
CA PRO C 837 -70.06 -16.50 -102.27
C PRO C 837 -69.86 -17.91 -101.71
N HIS C 838 -70.43 -18.88 -102.39
CA HIS C 838 -70.71 -20.18 -101.82
C HIS C 838 -69.47 -21.05 -101.73
N LEU C 839 -69.47 -21.94 -100.75
CA LEU C 839 -68.47 -22.98 -100.61
C LEU C 839 -69.06 -24.32 -101.04
N VAL C 840 -68.27 -25.10 -101.74
CA VAL C 840 -68.75 -26.36 -102.33
C VAL C 840 -67.84 -27.50 -101.89
N GLY C 841 -68.45 -28.60 -101.48
CA GLY C 841 -67.73 -29.80 -101.11
C GLY C 841 -67.20 -30.56 -102.32
N PRO C 842 -66.56 -31.71 -102.08
CA PRO C 842 -65.94 -32.44 -103.19
C PRO C 842 -66.96 -33.15 -104.07
N SER C 843 -67.22 -32.58 -105.23
CA SER C 843 -68.22 -33.13 -106.15
C SER C 843 -67.64 -34.40 -106.80
N ARG C 844 -68.25 -35.54 -106.50
CA ARG C 844 -67.78 -36.82 -107.01
C ARG C 844 -68.15 -36.95 -108.48
N CYS C 845 -67.19 -37.36 -109.30
CA CYS C 845 -67.44 -37.57 -110.72
C CYS C 845 -68.26 -38.83 -110.91
N LEU C 846 -69.34 -38.72 -111.69
CA LEU C 846 -70.30 -39.80 -111.83
C LEU C 846 -69.77 -40.88 -112.77
N SER C 847 -69.49 -42.05 -112.22
CA SER C 847 -69.12 -43.27 -112.96
C SER C 847 -67.87 -43.07 -113.81
N HIS C 848 -66.77 -42.75 -113.13
CA HIS C 848 -65.47 -42.65 -113.80
C HIS C 848 -65.05 -44.00 -114.38
N THR C 849 -65.25 -45.06 -113.61
CA THR C 849 -65.22 -46.43 -114.12
C THR C 849 -66.65 -46.97 -114.11
N ASP C 850 -66.79 -48.17 -114.69
CA ASP C 850 -68.07 -48.89 -114.79
C ASP C 850 -69.13 -48.06 -115.53
N PHE C 851 -68.74 -47.44 -116.64
CA PHE C 851 -69.65 -46.68 -117.48
C PHE C 851 -70.31 -47.55 -118.56
N VAL C 852 -70.41 -48.86 -118.32
CA VAL C 852 -71.02 -49.79 -119.26
C VAL C 852 -72.15 -50.50 -118.53
N PRO C 853 -73.27 -50.77 -119.19
CA PRO C 853 -74.40 -51.40 -118.49
C PRO C 853 -74.20 -52.90 -118.35
N CYS C 854 -74.96 -53.48 -117.42
CA CYS C 854 -74.84 -54.89 -117.11
C CYS C 854 -76.23 -55.53 -116.99
N PRO C 855 -76.59 -56.46 -117.87
CA PRO C 855 -77.91 -57.08 -117.78
C PRO C 855 -77.99 -58.07 -116.62
N VAL C 856 -79.22 -58.43 -116.30
CA VAL C 856 -79.52 -59.50 -115.35
C VAL C 856 -80.16 -60.63 -116.13
N ASP C 857 -79.56 -61.81 -116.06
CA ASP C 857 -79.99 -62.96 -116.84
C ASP C 857 -81.36 -63.48 -116.42
N ILE C 861 -79.57 -69.16 -117.29
CA ILE C 861 -80.20 -69.91 -116.22
C ILE C 861 -81.26 -70.84 -116.78
N VAL C 862 -82.15 -71.33 -115.90
CA VAL C 862 -83.21 -72.25 -116.29
C VAL C 862 -84.56 -71.60 -116.01
N LEU C 863 -85.65 -72.31 -116.29
CA LEU C 863 -86.98 -71.80 -116.03
C LEU C 863 -87.85 -72.94 -115.51
N PRO C 864 -88.57 -72.74 -114.41
CA PRO C 864 -89.44 -73.79 -113.89
C PRO C 864 -90.62 -74.05 -114.81
N PRO C 865 -91.22 -75.24 -114.75
CA PRO C 865 -92.32 -75.55 -115.69
C PRO C 865 -93.60 -74.76 -115.43
N HIS C 866 -93.89 -74.39 -114.19
CA HIS C 866 -95.05 -73.54 -113.92
C HIS C 866 -94.83 -72.12 -114.41
N LEU C 867 -93.57 -71.69 -114.52
CA LEU C 867 -93.27 -70.46 -115.25
C LEU C 867 -93.16 -70.69 -116.75
N GLU C 868 -92.89 -71.92 -117.19
CA GLU C 868 -93.06 -72.25 -118.60
C GLU C 868 -94.52 -72.35 -118.98
N ARG C 869 -95.41 -72.63 -118.02
CA ARG C 869 -96.84 -72.55 -118.29
C ARG C 869 -97.27 -71.10 -118.49
N ILE C 870 -96.57 -70.16 -117.88
CA ILE C 870 -96.92 -68.76 -118.04
C ILE C 870 -96.07 -68.08 -119.10
N ARG C 871 -95.00 -68.74 -119.58
CA ARG C 871 -94.17 -68.19 -120.64
C ARG C 871 -94.94 -68.04 -121.95
N GLU C 872 -95.89 -68.94 -122.19
CA GLU C 872 -96.80 -68.76 -123.32
C GLU C 872 -97.79 -67.63 -123.04
N LYS C 873 -98.30 -67.54 -121.81
CA LYS C 873 -99.32 -66.56 -121.51
C LYS C 873 -98.75 -65.16 -121.28
N LEU C 874 -97.51 -65.06 -120.77
CA LEU C 874 -96.85 -63.76 -120.70
C LEU C 874 -96.49 -63.25 -122.09
N ALA C 875 -96.14 -64.16 -123.00
CA ALA C 875 -95.92 -63.79 -124.39
C ALA C 875 -97.21 -63.48 -125.13
N GLU C 876 -98.37 -63.82 -124.55
CA GLU C 876 -99.64 -63.34 -125.07
C GLU C 876 -99.87 -61.89 -124.67
N ASN C 877 -99.89 -61.60 -123.36
CA ASN C 877 -100.39 -60.32 -122.88
C ASN C 877 -99.42 -59.18 -123.17
N ILE C 878 -98.12 -59.49 -123.32
CA ILE C 878 -97.20 -58.50 -123.87
C ILE C 878 -97.52 -58.24 -125.33
N HIS C 879 -97.79 -59.31 -126.10
CA HIS C 879 -98.18 -59.13 -127.49
C HIS C 879 -99.61 -58.61 -127.62
N GLU C 880 -100.46 -58.84 -126.61
CA GLU C 880 -101.78 -58.21 -126.59
C GLU C 880 -101.64 -56.69 -126.51
N LEU C 881 -100.67 -56.21 -125.74
CA LEU C 881 -100.46 -54.78 -125.59
C LEU C 881 -99.54 -54.21 -126.66
N TRP C 882 -98.65 -55.04 -127.21
CA TRP C 882 -97.82 -54.57 -128.32
C TRP C 882 -98.64 -54.44 -129.60
N ALA C 883 -99.62 -55.30 -129.79
CA ALA C 883 -100.56 -55.12 -130.89
C ALA C 883 -101.58 -54.03 -130.59
N LEU C 884 -101.83 -53.75 -129.31
CA LEU C 884 -102.70 -52.65 -128.94
C LEU C 884 -102.05 -51.31 -129.26
N THR C 885 -100.73 -51.22 -129.08
CA THR C 885 -100.00 -49.96 -129.24
C THR C 885 -99.99 -49.50 -130.70
N ARG C 886 -99.94 -50.45 -131.64
CA ARG C 886 -99.98 -50.10 -133.05
C ARG C 886 -101.34 -49.52 -133.45
N ILE C 887 -102.41 -50.12 -132.95
CA ILE C 887 -103.76 -49.72 -133.35
C ILE C 887 -104.12 -48.35 -132.80
N GLU C 888 -103.58 -47.97 -131.64
CA GLU C 888 -103.82 -46.65 -131.06
C GLU C 888 -103.23 -45.52 -131.91
N GLN C 889 -102.24 -45.81 -132.74
CA GLN C 889 -101.68 -44.82 -133.66
C GLN C 889 -102.27 -44.90 -135.06
N GLY C 890 -103.02 -45.95 -135.37
CA GLY C 890 -103.64 -46.06 -136.68
C GLY C 890 -102.99 -47.09 -137.58
N TRP C 891 -102.11 -47.92 -137.01
CA TRP C 891 -101.47 -49.00 -137.75
C TRP C 891 -102.50 -50.11 -137.89
N THR C 892 -103.11 -50.21 -139.07
CA THR C 892 -104.05 -51.28 -139.34
C THR C 892 -103.31 -52.57 -139.66
N TYR C 893 -104.05 -53.64 -139.92
CA TYR C 893 -103.42 -54.92 -140.23
C TYR C 893 -103.20 -55.06 -141.72
N GLY C 894 -102.00 -55.50 -142.08
CA GLY C 894 -101.66 -55.78 -143.46
C GLY C 894 -100.35 -56.54 -143.53
N PRO C 895 -100.29 -57.56 -144.39
CA PRO C 895 -99.08 -58.40 -144.46
C PRO C 895 -97.87 -57.69 -145.04
N VAL C 896 -98.06 -56.63 -145.82
CA VAL C 896 -96.97 -55.82 -146.34
C VAL C 896 -96.72 -54.71 -145.34
N ARG C 897 -95.60 -54.79 -144.63
CA ARG C 897 -95.28 -53.83 -143.59
C ARG C 897 -94.79 -52.54 -144.23
N ASP C 898 -95.67 -51.54 -144.28
CA ASP C 898 -95.33 -50.23 -144.83
C ASP C 898 -95.63 -49.17 -143.79
N ASP C 899 -94.72 -48.19 -143.67
CA ASP C 899 -94.91 -47.12 -142.70
C ASP C 899 -95.87 -46.06 -143.21
N ASN C 900 -96.07 -45.98 -144.53
CA ASN C 900 -97.00 -45.00 -145.09
C ASN C 900 -98.40 -45.57 -145.25
N LYS C 901 -98.52 -46.88 -145.50
CA LYS C 901 -99.83 -47.51 -145.59
C LYS C 901 -100.41 -47.84 -144.22
N ARG C 902 -99.58 -47.77 -143.17
CA ARG C 902 -99.94 -48.08 -141.78
C ARG C 902 -100.48 -49.51 -141.65
N LEU C 903 -99.67 -50.45 -142.13
CA LEU C 903 -100.02 -51.87 -142.13
C LEU C 903 -99.02 -52.61 -141.26
N HIS C 904 -99.47 -53.11 -140.12
CA HIS C 904 -98.62 -53.84 -139.20
C HIS C 904 -98.88 -55.33 -139.34
N PRO C 905 -97.87 -56.14 -139.72
CA PRO C 905 -98.15 -57.54 -140.04
C PRO C 905 -98.31 -58.47 -138.85
N CYS C 906 -97.97 -58.02 -137.65
CA CYS C 906 -98.08 -58.85 -136.46
C CYS C 906 -99.24 -58.43 -135.56
N LEU C 907 -100.35 -58.00 -136.16
CA LEU C 907 -101.58 -57.76 -135.42
C LEU C 907 -102.45 -59.03 -135.47
N VAL C 908 -101.88 -60.12 -134.96
CA VAL C 908 -102.44 -61.45 -135.09
C VAL C 908 -102.66 -62.04 -133.71
N ASN C 909 -103.31 -63.20 -133.68
CA ASN C 909 -103.45 -63.99 -132.47
C ASN C 909 -102.09 -64.53 -132.02
N PHE C 910 -102.06 -65.07 -130.79
CA PHE C 910 -100.84 -65.72 -130.31
C PHE C 910 -100.58 -67.01 -131.08
N HIS C 911 -101.63 -67.70 -131.50
CA HIS C 911 -101.50 -68.85 -132.37
C HIS C 911 -101.33 -68.47 -133.84
N SER C 912 -101.83 -67.29 -134.23
CA SER C 912 -101.66 -66.78 -135.57
C SER C 912 -100.36 -66.00 -135.75
N LEU C 913 -99.48 -66.03 -134.76
CA LEU C 913 -98.15 -65.47 -134.90
C LEU C 913 -97.35 -66.24 -135.95
N PRO C 914 -96.60 -65.53 -136.80
CA PRO C 914 -95.64 -66.21 -137.67
C PRO C 914 -94.55 -66.89 -136.86
N GLU C 915 -93.94 -67.90 -137.48
CA GLU C 915 -92.92 -68.71 -136.81
C GLU C 915 -91.68 -67.92 -136.35
N PRO C 916 -91.22 -66.86 -137.02
CA PRO C 916 -90.31 -65.94 -136.31
C PRO C 916 -90.98 -65.18 -135.18
N GLU C 917 -92.19 -64.65 -135.40
CA GLU C 917 -92.84 -63.80 -134.40
C GLU C 917 -93.40 -64.59 -133.22
N ARG C 918 -93.62 -65.90 -133.39
CA ARG C 918 -94.08 -66.71 -132.26
C ARG C 918 -92.94 -66.94 -131.26
N ASN C 919 -91.75 -67.25 -131.75
CA ASN C 919 -90.57 -67.39 -130.92
C ASN C 919 -89.91 -66.05 -130.60
N TYR C 920 -90.47 -64.94 -131.08
CA TYR C 920 -90.01 -63.60 -130.75
C TYR C 920 -90.64 -63.10 -129.46
N ASN C 921 -91.94 -63.37 -129.26
CA ASN C 921 -92.59 -63.01 -128.00
C ASN C 921 -92.21 -63.99 -126.89
N LEU C 922 -92.01 -65.27 -127.23
CA LEU C 922 -91.58 -66.25 -126.23
C LEU C 922 -90.14 -66.00 -125.79
N GLN C 923 -89.33 -65.38 -126.64
CA GLN C 923 -87.97 -65.02 -126.25
C GLN C 923 -87.98 -63.85 -125.28
N MET C 924 -88.86 -62.87 -125.51
CA MET C 924 -89.01 -61.77 -124.56
C MET C 924 -89.67 -62.24 -123.27
N SER C 925 -90.57 -63.22 -123.37
CA SER C 925 -91.18 -63.79 -122.16
C SER C 925 -90.23 -64.74 -121.45
N GLY C 926 -89.27 -65.31 -122.18
CA GLY C 926 -88.31 -66.22 -121.56
C GLY C 926 -87.30 -65.50 -120.69
N GLU C 927 -86.84 -64.33 -121.14
CA GLU C 927 -85.84 -63.58 -120.38
C GLU C 927 -86.45 -62.70 -119.29
N THR C 928 -87.73 -62.34 -119.41
CA THR C 928 -88.37 -61.52 -118.39
C THR C 928 -88.54 -62.31 -117.10
N LEU C 929 -88.93 -63.58 -117.23
CA LEU C 929 -89.06 -64.45 -116.06
C LEU C 929 -87.71 -64.81 -115.46
N LYS C 930 -86.69 -65.01 -116.31
CA LYS C 930 -85.35 -65.34 -115.82
C LYS C 930 -84.64 -64.14 -115.21
N THR C 931 -85.03 -62.91 -115.58
CA THR C 931 -84.44 -61.73 -114.98
C THR C 931 -84.90 -61.56 -113.53
N LEU C 932 -86.20 -61.76 -113.29
CA LEU C 932 -86.77 -61.64 -111.94
C LEU C 932 -86.33 -62.75 -111.01
N LEU C 933 -85.73 -63.83 -111.52
CA LEU C 933 -85.14 -64.84 -110.65
C LEU C 933 -83.93 -64.26 -109.92
N ALA C 934 -83.01 -63.63 -110.65
CA ALA C 934 -81.80 -63.08 -110.06
C ALA C 934 -81.97 -61.60 -109.71
N LEU C 935 -83.05 -61.31 -108.97
CA LEU C 935 -83.26 -59.98 -108.42
C LEU C 935 -83.76 -60.00 -106.99
N GLY C 936 -83.82 -61.16 -106.34
CA GLY C 936 -84.35 -61.23 -104.99
C GLY C 936 -85.85 -61.10 -104.89
N CYS C 937 -86.56 -61.23 -106.01
CA CYS C 937 -88.01 -61.16 -106.04
C CYS C 937 -88.58 -62.54 -105.82
N HIS C 938 -89.44 -62.68 -104.82
CA HIS C 938 -90.07 -63.96 -104.49
C HIS C 938 -91.16 -64.21 -105.52
N VAL C 939 -90.85 -64.99 -106.55
CA VAL C 939 -91.75 -65.26 -107.67
C VAL C 939 -92.36 -66.63 -107.46
N GLY C 940 -93.68 -66.69 -107.39
CA GLY C 940 -94.36 -67.96 -107.21
C GLY C 940 -95.87 -67.80 -107.27
N MET C 941 -96.53 -68.91 -107.57
CA MET C 941 -97.99 -68.93 -107.65
C MET C 941 -98.61 -68.76 -106.26
N ALA C 942 -99.61 -67.86 -106.17
CA ALA C 942 -100.27 -67.55 -104.91
C ALA C 942 -101.57 -68.34 -104.72
N ASP C 943 -102.54 -68.18 -105.62
CA ASP C 943 -103.91 -68.58 -105.30
C ASP C 943 -104.60 -69.41 -106.37
N GLU C 944 -104.22 -69.32 -107.66
CA GLU C 944 -104.80 -70.03 -108.80
C GLU C 944 -106.29 -69.76 -109.02
N LYS C 945 -106.83 -68.68 -108.44
CA LYS C 945 -108.18 -68.23 -108.73
C LYS C 945 -108.24 -66.85 -109.34
N ALA C 946 -107.19 -66.03 -109.18
CA ALA C 946 -107.12 -64.76 -109.88
C ALA C 946 -106.92 -64.96 -111.37
N GLU C 947 -106.30 -66.08 -111.78
CA GLU C 947 -106.21 -66.42 -113.19
C GLU C 947 -107.57 -66.79 -113.76
N ASP C 948 -108.42 -67.44 -112.97
CA ASP C 948 -109.79 -67.70 -113.39
C ASP C 948 -110.66 -66.45 -113.32
N ASN C 949 -110.28 -65.47 -112.51
CA ASN C 949 -111.00 -64.20 -112.42
C ASN C 949 -110.59 -63.20 -113.49
N LEU C 950 -109.75 -63.61 -114.45
CA LEU C 950 -109.28 -62.68 -115.46
C LEU C 950 -110.37 -62.35 -116.47
N LYS C 951 -110.49 -61.06 -116.77
CA LYS C 951 -111.43 -60.56 -117.76
C LYS C 951 -110.63 -59.92 -118.88
N LYS C 952 -111.32 -59.58 -119.96
CA LYS C 952 -110.69 -59.01 -121.15
C LYS C 952 -111.15 -57.57 -121.34
N THR C 953 -110.24 -56.73 -121.84
CA THR C 953 -110.56 -55.33 -122.10
C THR C 953 -111.49 -55.23 -123.30
N LYS C 954 -112.73 -54.77 -123.05
CA LYS C 954 -113.75 -54.68 -124.08
C LYS C 954 -113.45 -53.46 -124.95
N LEU C 955 -113.17 -53.68 -126.22
CA LEU C 955 -112.81 -52.65 -127.18
C LEU C 955 -113.76 -52.67 -128.37
N PRO C 956 -113.98 -51.54 -129.03
CA PRO C 956 -114.83 -51.52 -130.23
C PRO C 956 -114.11 -52.09 -131.45
N LYS C 957 -114.79 -51.98 -132.60
CA LYS C 957 -114.27 -52.52 -133.85
C LYS C 957 -113.14 -51.68 -134.45
N THR C 958 -112.87 -50.50 -133.89
CA THR C 958 -111.67 -49.76 -134.29
C THR C 958 -110.40 -50.46 -133.84
N TYR C 959 -110.50 -51.26 -132.77
CA TYR C 959 -109.38 -52.10 -132.34
C TYR C 959 -109.39 -53.47 -133.01
N MET C 960 -110.54 -53.91 -133.52
CA MET C 960 -110.59 -55.12 -134.31
C MET C 960 -110.00 -54.84 -135.68
N MET C 961 -109.15 -55.76 -136.16
CA MET C 961 -108.41 -55.54 -137.39
C MET C 961 -108.99 -56.35 -138.54
N SER C 962 -108.32 -56.27 -139.69
CA SER C 962 -108.78 -56.94 -140.89
C SER C 962 -108.64 -58.46 -140.81
N ASN C 963 -107.78 -58.96 -139.93
CA ASN C 963 -107.75 -60.38 -139.60
C ASN C 963 -108.69 -60.73 -138.46
N GLY C 964 -109.47 -59.77 -137.96
CA GLY C 964 -110.37 -60.00 -136.85
C GLY C 964 -109.73 -60.00 -135.49
N TYR C 965 -108.41 -59.84 -135.40
CA TYR C 965 -107.70 -59.85 -134.13
C TYR C 965 -107.92 -58.51 -133.43
N LYS C 966 -108.82 -58.50 -132.46
CA LYS C 966 -108.94 -57.38 -131.54
C LYS C 966 -108.10 -57.70 -130.32
N PRO C 967 -107.13 -56.86 -129.96
CA PRO C 967 -106.28 -57.15 -128.79
C PRO C 967 -107.07 -57.01 -127.50
N ALA C 968 -107.16 -58.11 -126.75
CA ALA C 968 -107.91 -58.15 -125.49
C ALA C 968 -106.93 -58.45 -124.36
N PRO C 969 -106.34 -57.44 -123.76
CA PRO C 969 -105.48 -57.66 -122.59
C PRO C 969 -106.32 -57.93 -121.35
N LEU C 970 -105.62 -58.27 -120.27
CA LEU C 970 -106.28 -58.64 -119.02
C LEU C 970 -106.77 -57.41 -118.29
N ASP C 971 -107.96 -57.49 -117.72
CA ASP C 971 -108.53 -56.41 -116.92
C ASP C 971 -107.81 -56.39 -115.57
N LEU C 972 -106.72 -55.61 -115.48
CA LEU C 972 -105.88 -55.58 -114.30
C LEU C 972 -105.67 -54.16 -113.81
N SER C 973 -106.75 -53.37 -113.74
CA SER C 973 -106.65 -52.03 -113.20
C SER C 973 -106.60 -52.04 -111.68
N HIS C 974 -107.15 -53.07 -111.05
CA HIS C 974 -107.20 -53.19 -109.60
C HIS C 974 -105.91 -53.72 -108.99
N VAL C 975 -104.93 -54.08 -109.82
CA VAL C 975 -103.74 -54.78 -109.34
C VAL C 975 -102.64 -53.77 -109.03
N ARG C 976 -102.22 -53.72 -107.77
CA ARG C 976 -100.97 -53.08 -107.40
C ARG C 976 -99.85 -54.10 -107.49
N LEU C 977 -98.66 -53.63 -107.90
CA LEU C 977 -97.60 -54.57 -108.21
C LEU C 977 -96.96 -55.13 -106.93
N THR C 978 -96.28 -54.27 -106.14
CA THR C 978 -95.89 -54.31 -104.71
C THR C 978 -95.12 -53.02 -104.37
N PRO C 979 -94.89 -52.73 -103.09
CA PRO C 979 -93.77 -51.84 -102.76
C PRO C 979 -92.41 -52.46 -103.04
N ALA C 980 -92.33 -53.79 -103.10
CA ALA C 980 -91.05 -54.47 -103.28
C ALA C 980 -90.59 -54.44 -104.74
N GLN C 981 -91.48 -54.77 -105.67
CA GLN C 981 -91.10 -54.85 -107.08
C GLN C 981 -91.11 -53.49 -107.77
N THR C 982 -91.40 -52.40 -107.06
CA THR C 982 -91.24 -51.08 -107.65
C THR C 982 -89.77 -50.76 -107.90
N THR C 983 -88.87 -51.34 -107.10
CA THR C 983 -87.45 -51.27 -107.38
C THR C 983 -86.97 -52.44 -108.23
N LEU C 984 -87.65 -53.58 -108.16
CA LEU C 984 -87.26 -54.73 -108.99
C LEU C 984 -87.67 -54.53 -110.45
N VAL C 985 -88.74 -53.78 -110.69
CA VAL C 985 -89.04 -53.34 -112.05
C VAL C 985 -88.18 -52.14 -112.44
N ASP C 986 -87.46 -51.56 -111.48
CA ASP C 986 -86.41 -50.61 -111.82
C ASP C 986 -85.05 -51.29 -111.89
N ARG C 987 -84.84 -52.36 -111.13
CA ARG C 987 -83.59 -53.10 -111.21
C ARG C 987 -83.51 -53.89 -112.51
N LEU C 988 -84.63 -54.46 -112.95
CA LEU C 988 -84.67 -55.06 -114.28
C LEU C 988 -84.73 -54.01 -115.38
N ALA C 989 -85.11 -52.77 -115.05
CA ALA C 989 -85.02 -51.69 -116.01
C ALA C 989 -83.58 -51.29 -116.26
N GLU C 990 -82.74 -51.37 -115.22
CA GLU C 990 -81.30 -51.26 -115.43
C GLU C 990 -80.76 -52.48 -116.16
N ASN C 991 -81.48 -53.60 -116.12
CA ASN C 991 -81.11 -54.78 -116.89
C ASN C 991 -81.72 -54.75 -118.29
N GLY C 992 -82.85 -54.06 -118.44
CA GLY C 992 -83.56 -54.09 -119.72
C GLY C 992 -82.88 -53.27 -120.80
N HIS C 993 -82.45 -52.06 -120.45
CA HIS C 993 -81.72 -51.23 -121.41
C HIS C 993 -80.28 -51.68 -121.53
N ASN C 994 -79.81 -52.48 -120.57
CA ASN C 994 -78.48 -53.07 -120.64
C ASN C 994 -78.39 -54.11 -121.74
N VAL C 995 -79.36 -55.02 -121.81
CA VAL C 995 -79.35 -56.06 -122.84
C VAL C 995 -79.61 -55.45 -124.21
N TRP C 996 -80.31 -54.32 -124.26
CA TRP C 996 -80.42 -53.56 -125.50
C TRP C 996 -79.10 -52.90 -125.87
N ALA C 997 -78.28 -52.56 -124.87
CA ALA C 997 -77.01 -51.91 -125.15
C ALA C 997 -75.87 -52.92 -125.26
N ARG C 998 -75.94 -54.03 -124.51
CA ARG C 998 -74.90 -55.05 -124.59
C ARG C 998 -75.01 -55.87 -125.88
N ASP C 999 -76.11 -55.75 -126.61
CA ASP C 999 -76.25 -56.41 -127.90
C ASP C 999 -76.01 -55.46 -129.06
N ARG C 1000 -76.22 -54.15 -128.86
CA ARG C 1000 -76.07 -53.19 -129.93
C ARG C 1000 -74.71 -52.51 -129.95
N VAL C 1001 -74.01 -52.46 -128.82
CA VAL C 1001 -72.71 -51.82 -128.72
C VAL C 1001 -71.59 -52.85 -128.57
N ALA C 1002 -71.79 -53.85 -127.70
CA ALA C 1002 -70.78 -54.89 -127.54
C ALA C 1002 -70.89 -55.93 -128.65
N GLN C 1003 -72.06 -56.56 -128.77
CA GLN C 1003 -72.25 -57.56 -129.82
C GLN C 1003 -72.49 -56.92 -131.18
N GLY C 1004 -73.17 -55.78 -131.23
CA GLY C 1004 -73.43 -55.11 -132.49
C GLY C 1004 -72.26 -54.33 -133.03
N TRP C 1005 -71.72 -53.42 -132.19
CA TRP C 1005 -70.66 -52.48 -132.55
C TRP C 1005 -71.03 -51.64 -133.78
N SER C 1006 -72.30 -51.27 -133.86
CA SER C 1006 -72.82 -50.51 -134.99
C SER C 1006 -72.53 -49.03 -134.76
N TYR C 1007 -71.67 -48.47 -135.61
CA TYR C 1007 -71.34 -47.04 -135.54
C TYR C 1007 -72.44 -46.26 -136.26
N SER C 1008 -73.58 -46.15 -135.58
CA SER C 1008 -74.74 -45.47 -136.13
C SER C 1008 -74.72 -44.00 -135.73
N ALA C 1009 -75.04 -43.14 -136.68
CA ALA C 1009 -75.06 -41.70 -136.45
C ALA C 1009 -76.36 -41.28 -135.76
N ARG C 1020 -75.80 -43.69 -129.83
CA ARG C 1020 -76.79 -43.71 -128.76
C ARG C 1020 -76.60 -44.93 -127.86
N LEU C 1021 -75.39 -45.10 -127.34
CA LEU C 1021 -75.05 -46.24 -126.49
C LEU C 1021 -74.32 -45.73 -125.25
N VAL C 1022 -75.06 -45.57 -124.16
CA VAL C 1022 -74.48 -45.21 -122.87
C VAL C 1022 -75.01 -46.16 -121.82
N PRO C 1023 -74.51 -46.12 -120.58
CA PRO C 1023 -74.89 -47.14 -119.60
C PRO C 1023 -76.30 -46.93 -119.07
N TYR C 1024 -76.98 -48.07 -118.83
CA TYR C 1024 -78.41 -48.12 -118.52
C TYR C 1024 -78.80 -47.44 -117.21
N ARG C 1025 -77.83 -47.00 -116.41
CA ARG C 1025 -78.08 -46.13 -115.27
C ARG C 1025 -77.99 -44.65 -115.62
N LEU C 1026 -77.31 -44.30 -116.72
CA LEU C 1026 -77.18 -42.90 -117.10
C LEU C 1026 -77.24 -42.72 -118.61
N LEU C 1027 -77.97 -43.59 -119.32
CA LEU C 1027 -78.04 -43.49 -120.77
C LEU C 1027 -78.98 -42.38 -121.20
N ASP C 1028 -80.26 -42.51 -120.85
CA ASP C 1028 -81.29 -41.61 -121.35
C ASP C 1028 -82.53 -41.76 -120.48
N GLU C 1029 -83.19 -40.64 -120.22
CA GLU C 1029 -84.38 -40.64 -119.38
C GLU C 1029 -85.59 -41.20 -120.12
N ALA C 1030 -85.74 -40.88 -121.41
CA ALA C 1030 -86.83 -41.43 -122.19
C ALA C 1030 -86.64 -42.91 -122.49
N THR C 1031 -85.39 -43.39 -122.49
CA THR C 1031 -85.14 -44.82 -122.57
C THR C 1031 -85.63 -45.52 -121.30
N LYS C 1032 -85.36 -44.94 -120.13
CA LYS C 1032 -85.76 -45.55 -118.87
C LYS C 1032 -87.27 -45.51 -118.66
N ARG C 1033 -87.94 -44.46 -119.14
CA ARG C 1033 -89.39 -44.39 -119.01
C ARG C 1033 -90.08 -45.39 -119.93
N SER C 1034 -89.52 -45.62 -121.13
CA SER C 1034 -89.96 -46.74 -121.94
C SER C 1034 -89.56 -48.07 -121.30
N ASN C 1035 -88.46 -48.08 -120.57
CA ASN C 1035 -88.04 -49.28 -119.86
C ASN C 1035 -88.85 -49.47 -118.57
N ARG C 1036 -89.33 -48.37 -117.98
CA ARG C 1036 -90.37 -48.47 -116.96
C ARG C 1036 -91.65 -49.00 -117.57
N ASP C 1037 -91.97 -48.56 -118.79
CA ASP C 1037 -93.17 -49.05 -119.49
C ASP C 1037 -92.99 -50.48 -119.95
N SER C 1038 -91.74 -50.91 -120.21
CA SER C 1038 -91.48 -52.28 -120.62
C SER C 1038 -91.70 -53.28 -119.50
N LEU C 1039 -91.72 -52.83 -118.26
CA LEU C 1039 -91.89 -53.69 -117.10
C LEU C 1039 -93.13 -53.35 -116.28
N CYS C 1040 -93.88 -52.32 -116.67
CA CYS C 1040 -95.09 -51.97 -115.94
C CYS C 1040 -96.22 -52.94 -116.24
N GLN C 1041 -96.16 -53.63 -117.38
CA GLN C 1041 -97.18 -54.59 -117.77
C GLN C 1041 -96.62 -56.00 -117.89
N ALA C 1042 -95.51 -56.30 -117.24
CA ALA C 1042 -95.00 -57.65 -117.11
C ALA C 1042 -94.96 -58.14 -115.67
N VAL C 1043 -94.75 -57.24 -114.72
CA VAL C 1043 -94.84 -57.58 -113.31
C VAL C 1043 -96.29 -57.70 -112.88
N ARG C 1044 -97.12 -56.75 -113.30
CA ARG C 1044 -98.54 -56.77 -112.94
C ARG C 1044 -99.31 -57.80 -113.73
N THR C 1045 -98.78 -58.25 -114.88
CA THR C 1045 -99.43 -59.29 -115.67
C THR C 1045 -99.44 -60.62 -114.94
N LEU C 1046 -98.30 -60.99 -114.35
CA LEU C 1046 -98.19 -62.26 -113.65
C LEU C 1046 -99.03 -62.30 -112.38
N LEU C 1047 -99.30 -61.13 -111.79
CA LEU C 1047 -100.18 -61.07 -110.63
C LEU C 1047 -101.63 -61.37 -111.01
N GLY C 1048 -102.02 -61.07 -112.25
CA GLY C 1048 -103.32 -61.48 -112.72
C GLY C 1048 -103.44 -62.97 -112.91
N TYR C 1049 -102.32 -63.64 -113.19
CA TYR C 1049 -102.27 -65.09 -113.30
C TYR C 1049 -101.96 -65.77 -111.97
N GLY C 1050 -101.97 -65.02 -110.86
CA GLY C 1050 -101.71 -65.60 -109.55
C GLY C 1050 -100.25 -65.71 -109.17
N TYR C 1051 -99.32 -65.29 -110.03
CA TYR C 1051 -97.90 -65.36 -109.73
C TYR C 1051 -97.51 -64.13 -108.90
N ASN C 1052 -97.30 -64.33 -107.61
CA ASN C 1052 -96.94 -63.23 -106.71
C ASN C 1052 -95.48 -62.85 -106.92
N ILE C 1053 -95.22 -61.54 -106.92
CA ILE C 1053 -93.87 -61.01 -107.10
C ILE C 1053 -93.57 -60.06 -105.94
N GLU C 1054 -92.49 -60.34 -105.21
CA GLU C 1054 -92.05 -59.48 -104.12
C GLU C 1054 -90.58 -59.13 -104.27
N ASP C 1070 -65.78 -40.81 -99.92
CA ASP C 1070 -64.48 -40.28 -100.32
C ASP C 1070 -63.89 -39.47 -99.17
N ARG C 1071 -63.90 -38.15 -99.31
CA ARG C 1071 -63.41 -37.24 -98.28
C ARG C 1071 -64.43 -36.14 -98.05
N VAL C 1072 -64.19 -35.35 -97.00
CA VAL C 1072 -65.06 -34.23 -96.63
C VAL C 1072 -64.17 -33.01 -96.46
N ARG C 1073 -64.48 -31.94 -97.19
CA ARG C 1073 -63.76 -30.68 -97.01
C ARG C 1073 -64.06 -30.08 -95.65
N ILE C 1074 -63.06 -29.42 -95.07
CA ILE C 1074 -63.18 -28.82 -93.74
C ILE C 1074 -62.76 -27.36 -93.85
N PHE C 1075 -63.55 -26.47 -93.28
CA PHE C 1075 -63.30 -25.02 -93.36
C PHE C 1075 -63.23 -24.45 -91.95
N ARG C 1076 -62.26 -23.57 -91.72
CA ARG C 1076 -62.10 -22.95 -90.41
C ARG C 1076 -61.39 -21.62 -90.55
N ALA C 1077 -61.63 -20.74 -89.57
CA ALA C 1077 -60.97 -19.46 -89.53
C ALA C 1077 -59.57 -19.61 -88.92
N GLU C 1078 -58.87 -18.50 -88.77
CA GLU C 1078 -57.50 -18.55 -88.27
C GLU C 1078 -57.52 -18.62 -86.74
N LYS C 1079 -56.43 -19.18 -86.19
CA LYS C 1079 -56.23 -19.21 -84.74
C LYS C 1079 -56.14 -17.81 -84.14
N SER C 1080 -55.70 -16.83 -84.93
CA SER C 1080 -55.66 -15.45 -84.46
C SER C 1080 -57.05 -14.86 -84.25
N TYR C 1081 -58.04 -15.30 -85.03
CA TYR C 1081 -59.41 -14.84 -84.88
C TYR C 1081 -60.20 -15.65 -83.87
N THR C 1082 -59.57 -16.58 -83.17
CA THR C 1082 -60.25 -17.42 -82.20
C THR C 1082 -60.52 -16.60 -80.94
N VAL C 1083 -61.80 -16.34 -80.67
CA VAL C 1083 -62.17 -15.61 -79.47
C VAL C 1083 -62.27 -16.57 -78.29
N GLN C 1084 -62.09 -16.02 -77.08
CA GLN C 1084 -62.12 -16.84 -75.87
C GLN C 1084 -63.13 -16.34 -74.85
N SER C 1085 -64.01 -15.42 -75.23
CA SER C 1085 -65.01 -14.90 -74.31
C SER C 1085 -66.14 -14.26 -75.11
N GLY C 1086 -67.08 -13.67 -74.37
CA GLY C 1086 -68.12 -12.86 -74.97
C GLY C 1086 -69.21 -13.66 -75.67
N ARG C 1087 -70.18 -12.91 -76.17
CA ARG C 1087 -71.27 -13.47 -76.95
C ARG C 1087 -71.00 -13.22 -78.43
N TRP C 1088 -71.01 -14.28 -79.22
CA TRP C 1088 -70.67 -14.16 -80.63
C TRP C 1088 -71.73 -14.82 -81.48
N TYR C 1089 -71.77 -14.42 -82.74
CA TYR C 1089 -72.75 -14.91 -83.70
C TYR C 1089 -72.09 -15.03 -85.06
N PHE C 1090 -72.40 -16.11 -85.76
CA PHE C 1090 -72.07 -16.25 -87.17
C PHE C 1090 -73.25 -16.94 -87.85
N GLU C 1091 -73.36 -16.75 -89.16
CA GLU C 1091 -74.57 -17.14 -89.87
C GLU C 1091 -74.19 -18.01 -91.06
N PHE C 1092 -74.96 -19.06 -91.32
CA PHE C 1092 -74.67 -19.96 -92.44
C PHE C 1092 -75.91 -20.10 -93.30
N GLU C 1093 -75.69 -20.28 -94.61
CA GLU C 1093 -76.76 -20.57 -95.56
C GLU C 1093 -76.41 -21.85 -96.31
N ALA C 1094 -77.36 -22.78 -96.35
CA ALA C 1094 -77.16 -24.10 -96.95
C ALA C 1094 -78.14 -24.26 -98.10
N VAL C 1095 -77.67 -24.00 -99.31
CA VAL C 1095 -78.50 -24.21 -100.51
C VAL C 1095 -78.80 -25.69 -100.68
N THR C 1096 -77.77 -26.52 -100.79
CA THR C 1096 -77.94 -27.95 -100.62
C THR C 1096 -78.18 -28.26 -99.15
N THR C 1097 -79.03 -29.26 -98.91
CA THR C 1097 -79.46 -29.64 -97.57
C THR C 1097 -78.94 -31.02 -97.18
N GLY C 1098 -77.89 -31.48 -97.84
CA GLY C 1098 -77.43 -32.84 -97.65
C GLY C 1098 -76.46 -32.98 -96.50
N GLU C 1099 -75.28 -33.51 -96.79
CA GLU C 1099 -74.28 -33.87 -95.78
C GLU C 1099 -73.31 -32.71 -95.60
N MET C 1100 -73.59 -31.84 -94.64
CA MET C 1100 -72.63 -30.81 -94.26
C MET C 1100 -72.84 -30.48 -92.79
N ARG C 1101 -71.87 -29.78 -92.21
CA ARG C 1101 -71.84 -29.54 -90.77
C ARG C 1101 -71.42 -28.11 -90.48
N VAL C 1102 -72.10 -27.49 -89.51
CA VAL C 1102 -71.82 -26.12 -89.09
C VAL C 1102 -71.92 -26.05 -87.57
N GLY C 1103 -70.86 -25.58 -86.93
CA GLY C 1103 -70.88 -25.41 -85.49
C GLY C 1103 -69.61 -24.77 -85.00
N TRP C 1104 -69.40 -24.85 -83.70
CA TRP C 1104 -68.19 -24.35 -83.07
C TRP C 1104 -67.19 -25.49 -82.90
N ALA C 1105 -65.91 -25.11 -82.85
CA ALA C 1105 -64.84 -26.08 -82.65
C ALA C 1105 -63.65 -25.39 -82.02
N ARG C 1106 -62.82 -26.19 -81.35
CA ARG C 1106 -61.60 -25.67 -80.76
C ARG C 1106 -60.57 -25.41 -81.87
N PRO C 1107 -59.69 -24.41 -81.70
CA PRO C 1107 -58.79 -24.03 -82.79
C PRO C 1107 -57.69 -25.05 -83.09
N GLU C 1108 -57.56 -26.12 -82.31
CA GLU C 1108 -56.59 -27.16 -82.61
C GLU C 1108 -57.24 -28.31 -83.39
N LEU C 1109 -57.69 -27.97 -84.59
CA LEU C 1109 -58.36 -28.94 -85.46
C LEU C 1109 -57.34 -29.85 -86.12
N ARG C 1110 -57.40 -31.13 -85.79
CA ARG C 1110 -56.51 -32.07 -86.45
C ARG C 1110 -57.06 -32.44 -87.81
N PRO C 1111 -56.24 -32.42 -88.86
CA PRO C 1111 -56.69 -32.88 -90.18
C PRO C 1111 -56.78 -34.42 -90.20
N ASP C 1112 -57.36 -34.93 -91.30
CA ASP C 1112 -57.71 -36.34 -91.50
C ASP C 1112 -58.65 -36.89 -90.43
N VAL C 1113 -59.41 -36.01 -89.77
CA VAL C 1113 -60.36 -36.39 -88.73
C VAL C 1113 -61.71 -35.80 -89.10
N GLU C 1114 -62.76 -36.63 -89.07
CA GLU C 1114 -64.09 -36.12 -89.36
C GLU C 1114 -64.57 -35.23 -88.22
N LEU C 1115 -65.44 -34.28 -88.58
CA LEU C 1115 -65.75 -33.16 -87.72
C LEU C 1115 -66.91 -33.52 -86.80
N GLY C 1116 -66.70 -33.37 -85.49
CA GLY C 1116 -67.75 -33.57 -84.53
C GLY C 1116 -67.89 -34.98 -84.00
N ALA C 1117 -67.01 -35.90 -84.39
CA ALA C 1117 -67.02 -37.25 -83.85
C ALA C 1117 -66.14 -37.38 -82.61
N ASP C 1118 -65.87 -36.28 -81.92
CA ASP C 1118 -64.93 -36.29 -80.81
C ASP C 1118 -65.25 -35.11 -79.88
N GLU C 1119 -64.30 -34.83 -78.99
CA GLU C 1119 -64.41 -33.77 -78.00
C GLU C 1119 -63.99 -32.42 -78.57
N LEU C 1120 -63.60 -32.37 -79.83
CA LEU C 1120 -62.94 -31.20 -80.40
C LEU C 1120 -63.92 -30.21 -81.04
N ALA C 1121 -65.03 -30.70 -81.59
CA ALA C 1121 -65.93 -29.85 -82.36
C ALA C 1121 -67.36 -30.00 -81.89
N TYR C 1122 -67.96 -28.90 -81.47
CA TYR C 1122 -69.39 -28.83 -81.14
C TYR C 1122 -70.13 -28.44 -82.42
N VAL C 1123 -70.46 -29.43 -83.24
CA VAL C 1123 -70.94 -29.16 -84.58
C VAL C 1123 -72.34 -29.76 -84.72
N PHE C 1124 -73.02 -29.38 -85.80
CA PHE C 1124 -74.40 -29.77 -86.04
C PHE C 1124 -74.59 -30.21 -87.49
N ASN C 1125 -75.26 -31.34 -87.67
CA ASN C 1125 -75.68 -31.82 -88.98
C ASN C 1125 -77.20 -31.88 -89.00
N GLY C 1126 -77.81 -31.03 -89.82
CA GLY C 1126 -79.26 -30.99 -89.89
C GLY C 1126 -79.78 -31.74 -91.08
N HIS C 1127 -79.00 -32.70 -91.55
CA HIS C 1127 -79.56 -33.66 -92.49
C HIS C 1127 -80.52 -34.60 -91.78
N ARG C 1128 -80.31 -34.82 -90.48
CA ARG C 1128 -81.23 -35.55 -89.63
C ARG C 1128 -81.67 -34.74 -88.43
N GLY C 1129 -81.20 -33.50 -88.27
CA GLY C 1129 -81.39 -32.77 -87.04
C GLY C 1129 -80.58 -33.40 -85.94
N GLN C 1130 -79.25 -33.33 -86.04
CA GLN C 1130 -78.36 -34.02 -85.14
C GLN C 1130 -77.17 -33.15 -84.78
N ARG C 1131 -76.98 -32.88 -83.50
CA ARG C 1131 -75.75 -32.27 -83.01
C ARG C 1131 -74.69 -33.36 -82.87
N TRP C 1132 -73.47 -33.06 -83.30
CA TRP C 1132 -72.40 -34.04 -83.27
C TRP C 1132 -71.26 -33.52 -82.39
N HIS C 1133 -71.12 -34.11 -81.21
CA HIS C 1133 -69.97 -33.90 -80.35
C HIS C 1133 -69.83 -35.14 -79.47
N LEU C 1134 -68.67 -35.80 -79.58
CA LEU C 1134 -68.43 -37.13 -79.00
C LEU C 1134 -69.50 -38.13 -79.42
N GLY C 1135 -69.74 -38.17 -80.73
CA GLY C 1135 -70.79 -38.98 -81.30
C GLY C 1135 -71.96 -38.13 -81.77
N SER C 1136 -72.92 -38.80 -82.38
CA SER C 1136 -74.11 -38.15 -82.92
C SER C 1136 -75.22 -38.16 -81.88
N GLU C 1137 -75.78 -36.99 -81.62
CA GLU C 1137 -76.91 -36.84 -80.73
C GLU C 1137 -78.03 -36.17 -81.51
N PRO C 1138 -79.22 -36.76 -81.56
CA PRO C 1138 -80.32 -36.17 -82.35
C PRO C 1138 -80.81 -34.86 -81.74
N PHE C 1139 -80.81 -33.81 -82.55
CA PHE C 1139 -81.05 -32.46 -82.06
C PHE C 1139 -81.99 -31.75 -83.03
N GLY C 1140 -83.28 -31.87 -82.79
CA GLY C 1140 -84.26 -31.19 -83.61
C GLY C 1140 -84.53 -31.88 -84.93
N ARG C 1141 -85.18 -31.12 -85.81
CA ARG C 1141 -85.70 -31.53 -87.11
C ARG C 1141 -84.66 -31.33 -88.20
N PRO C 1142 -84.80 -32.02 -89.34
CA PRO C 1142 -83.90 -31.75 -90.47
C PRO C 1142 -84.14 -30.43 -91.17
N TRP C 1143 -83.46 -30.24 -92.29
CA TRP C 1143 -83.35 -28.94 -92.93
C TRP C 1143 -84.44 -28.69 -93.97
N GLN C 1144 -84.53 -27.43 -94.37
CA GLN C 1144 -85.29 -26.95 -95.51
C GLN C 1144 -84.33 -26.29 -96.50
N SER C 1145 -84.84 -25.87 -97.65
CA SER C 1145 -83.98 -25.18 -98.60
C SER C 1145 -83.71 -23.75 -98.15
N GLY C 1146 -82.60 -23.20 -98.63
CA GLY C 1146 -82.13 -21.92 -98.12
C GLY C 1146 -81.33 -22.14 -96.85
N ASP C 1147 -82.04 -22.47 -95.77
CA ASP C 1147 -81.50 -23.02 -94.53
C ASP C 1147 -80.51 -22.07 -93.86
N VAL C 1148 -81.05 -20.95 -93.41
CA VAL C 1148 -80.27 -19.98 -92.65
C VAL C 1148 -79.92 -20.58 -91.30
N VAL C 1149 -78.65 -20.92 -91.13
CA VAL C 1149 -78.14 -21.46 -89.87
C VAL C 1149 -77.45 -20.33 -89.13
N GLY C 1150 -77.92 -20.04 -87.93
CA GLY C 1150 -77.23 -19.07 -87.11
C GLY C 1150 -76.79 -19.65 -85.78
N CYS C 1151 -75.49 -19.83 -85.59
CA CYS C 1151 -74.98 -20.43 -84.36
C CYS C 1151 -74.42 -19.33 -83.46
N MET C 1152 -74.66 -19.48 -82.16
CA MET C 1152 -74.25 -18.50 -81.17
C MET C 1152 -73.38 -19.18 -80.12
N ILE C 1153 -72.74 -18.34 -79.31
CA ILE C 1153 -71.92 -18.84 -78.21
C ILE C 1153 -71.96 -17.79 -77.09
N ASP C 1154 -71.82 -18.27 -75.86
CA ASP C 1154 -71.64 -17.38 -74.71
C ASP C 1154 -70.67 -18.11 -73.79
N LEU C 1155 -69.38 -17.79 -73.91
CA LEU C 1155 -68.38 -18.50 -73.11
C LEU C 1155 -68.45 -18.11 -71.64
N THR C 1156 -69.06 -16.96 -71.33
CA THR C 1156 -69.43 -16.66 -69.96
C THR C 1156 -70.47 -17.65 -69.46
N GLU C 1157 -71.55 -17.83 -70.22
CA GLU C 1157 -72.58 -18.79 -69.87
C GLU C 1157 -72.09 -20.24 -70.07
N ASN C 1158 -71.05 -20.41 -70.90
CA ASN C 1158 -70.53 -21.72 -71.33
C ASN C 1158 -71.63 -22.56 -71.97
N THR C 1159 -72.36 -21.93 -72.89
CA THR C 1159 -73.49 -22.56 -73.58
C THR C 1159 -73.55 -22.05 -75.01
N ILE C 1160 -73.44 -22.96 -75.96
CA ILE C 1160 -73.59 -22.68 -77.38
C ILE C 1160 -75.07 -22.70 -77.73
N ILE C 1161 -75.51 -21.78 -78.57
CA ILE C 1161 -76.92 -21.66 -78.96
C ILE C 1161 -77.03 -21.81 -80.48
N PHE C 1162 -77.89 -22.73 -80.91
CA PHE C 1162 -78.17 -22.96 -82.33
C PHE C 1162 -79.50 -22.32 -82.68
N THR C 1163 -79.50 -21.47 -83.71
CA THR C 1163 -80.72 -20.93 -84.30
C THR C 1163 -80.77 -21.29 -85.78
N LEU C 1164 -81.88 -21.88 -86.20
CA LEU C 1164 -82.07 -22.27 -87.60
C LEU C 1164 -83.24 -21.49 -88.18
N ASN C 1165 -82.98 -20.77 -89.28
CA ASN C 1165 -83.96 -19.94 -89.98
C ASN C 1165 -84.60 -18.92 -89.05
N GLY C 1166 -83.76 -18.25 -88.26
CA GLY C 1166 -84.23 -17.24 -87.33
C GLY C 1166 -84.93 -17.78 -86.11
N GLU C 1167 -84.88 -19.08 -85.86
CA GLU C 1167 -85.55 -19.67 -84.71
C GLU C 1167 -84.61 -20.63 -84.02
N VAL C 1168 -84.53 -20.53 -82.70
CA VAL C 1168 -83.64 -21.38 -81.91
C VAL C 1168 -84.13 -22.84 -81.95
N LEU C 1169 -83.19 -23.75 -82.19
CA LEU C 1169 -83.49 -25.17 -82.26
C LEU C 1169 -83.61 -25.77 -80.87
N MET C 1170 -84.40 -26.84 -80.79
CA MET C 1170 -84.66 -27.53 -79.54
C MET C 1170 -83.90 -28.85 -79.49
N SER C 1171 -83.84 -29.43 -78.29
CA SER C 1171 -83.17 -30.71 -78.08
C SER C 1171 -84.21 -31.82 -77.95
N ASP C 1172 -83.75 -33.02 -77.58
CA ASP C 1172 -84.66 -34.12 -77.29
C ASP C 1172 -85.42 -33.88 -76.00
N SER C 1173 -84.82 -33.17 -75.04
CA SER C 1173 -85.49 -32.81 -73.80
C SER C 1173 -86.16 -31.45 -73.87
N GLY C 1174 -86.22 -30.84 -75.05
CA GLY C 1174 -86.77 -29.51 -75.19
C GLY C 1174 -85.87 -28.40 -74.69
N SER C 1175 -84.60 -28.70 -74.42
CA SER C 1175 -83.67 -27.69 -73.96
C SER C 1175 -83.22 -26.83 -75.14
N GLU C 1176 -82.73 -25.64 -74.80
CA GLU C 1176 -82.36 -24.65 -75.81
C GLU C 1176 -80.85 -24.74 -76.07
N THR C 1177 -80.52 -25.75 -76.89
CA THR C 1177 -79.16 -26.08 -77.35
C THR C 1177 -78.23 -26.33 -76.16
N ALA C 1178 -78.54 -27.43 -75.46
CA ALA C 1178 -77.83 -27.76 -74.24
C ALA C 1178 -76.42 -28.25 -74.53
N PHE C 1179 -75.47 -27.32 -74.65
CA PHE C 1179 -74.05 -27.63 -74.57
C PHE C 1179 -73.58 -27.03 -73.25
N ARG C 1180 -73.76 -27.78 -72.18
CA ARG C 1180 -73.54 -27.26 -70.83
C ARG C 1180 -72.18 -27.69 -70.32
N GLU C 1181 -71.53 -26.77 -69.60
CA GLU C 1181 -70.19 -26.91 -69.03
C GLU C 1181 -69.17 -27.24 -70.13
N ILE C 1182 -68.96 -26.23 -70.96
CA ILE C 1182 -67.78 -26.17 -71.81
C ILE C 1182 -66.78 -25.25 -71.14
N GLU C 1183 -65.50 -25.56 -71.30
CA GLU C 1183 -64.46 -24.70 -70.74
C GLU C 1183 -63.92 -23.77 -71.80
N ILE C 1184 -63.10 -22.83 -71.36
CA ILE C 1184 -62.48 -21.89 -72.30
C ILE C 1184 -61.42 -22.60 -73.14
N GLY C 1185 -60.41 -23.14 -72.47
CA GLY C 1185 -59.31 -23.81 -73.14
C GLY C 1185 -58.48 -22.83 -73.95
N ASP C 1186 -58.63 -22.90 -75.27
CA ASP C 1186 -58.00 -21.96 -76.19
C ASP C 1186 -59.05 -21.29 -77.05
N GLY C 1187 -60.29 -21.24 -76.56
CA GLY C 1187 -61.38 -20.62 -77.28
C GLY C 1187 -62.08 -21.57 -78.22
N PHE C 1188 -62.93 -20.98 -79.07
CA PHE C 1188 -63.75 -21.73 -80.01
C PHE C 1188 -63.75 -21.01 -81.35
N LEU C 1189 -64.19 -21.71 -82.39
CA LEU C 1189 -63.99 -21.23 -83.75
C LEU C 1189 -65.16 -21.66 -84.61
N PRO C 1190 -65.67 -20.78 -85.49
CA PRO C 1190 -66.81 -21.16 -86.34
C PRO C 1190 -66.42 -22.09 -87.48
N VAL C 1191 -66.40 -23.38 -87.21
CA VAL C 1191 -65.98 -24.38 -88.18
C VAL C 1191 -67.12 -24.69 -89.13
N CYS C 1192 -66.76 -25.14 -90.34
CA CYS C 1192 -67.72 -25.66 -91.31
C CYS C 1192 -67.09 -26.83 -92.05
N SER C 1193 -67.93 -27.77 -92.46
CA SER C 1193 -67.48 -28.86 -93.31
C SER C 1193 -68.56 -29.19 -94.32
N LEU C 1194 -68.16 -29.76 -95.45
CA LEU C 1194 -69.03 -30.01 -96.59
C LEU C 1194 -68.74 -31.38 -97.18
N GLY C 1195 -69.78 -32.19 -97.31
CA GLY C 1195 -69.65 -33.49 -97.92
C GLY C 1195 -69.70 -33.45 -99.43
N PRO C 1196 -69.95 -34.59 -100.06
CA PRO C 1196 -69.87 -34.68 -101.52
C PRO C 1196 -70.98 -33.91 -102.22
N GLY C 1197 -70.59 -32.91 -103.02
CA GLY C 1197 -71.53 -32.11 -103.78
C GLY C 1197 -72.44 -31.25 -102.92
N GLN C 1198 -71.88 -30.50 -102.00
CA GLN C 1198 -72.65 -29.75 -101.02
C GLN C 1198 -72.27 -28.28 -101.10
N VAL C 1199 -73.17 -27.46 -101.65
CA VAL C 1199 -72.92 -26.04 -101.81
C VAL C 1199 -73.59 -25.28 -100.66
N GLY C 1200 -73.18 -24.03 -100.50
CA GLY C 1200 -73.69 -23.19 -99.43
C GLY C 1200 -72.60 -22.30 -98.89
N HIS C 1201 -72.97 -21.15 -98.32
CA HIS C 1201 -71.98 -20.19 -97.88
C HIS C 1201 -72.11 -19.90 -96.39
N LEU C 1202 -70.98 -19.46 -95.81
CA LEU C 1202 -70.92 -19.03 -94.43
C LEU C 1202 -70.86 -17.51 -94.39
N ASN C 1203 -71.81 -16.90 -93.71
CA ASN C 1203 -71.76 -15.47 -93.45
C ASN C 1203 -71.00 -15.24 -92.15
N LEU C 1204 -70.47 -14.04 -91.99
CA LEU C 1204 -69.56 -13.79 -90.89
C LEU C 1204 -69.86 -12.47 -90.18
N GLY C 1205 -70.76 -11.66 -90.71
CA GLY C 1205 -71.05 -10.38 -90.11
C GLY C 1205 -70.11 -9.28 -90.53
N GLN C 1206 -69.45 -9.41 -91.70
CA GLN C 1206 -68.56 -8.37 -92.18
C GLN C 1206 -69.33 -7.10 -92.53
N ASP C 1207 -70.58 -7.24 -92.94
CA ASP C 1207 -71.51 -6.12 -93.07
C ASP C 1207 -72.75 -6.41 -92.25
N VAL C 1208 -73.33 -5.35 -91.68
CA VAL C 1208 -74.54 -5.49 -90.88
C VAL C 1208 -75.70 -5.96 -91.73
N SER C 1209 -75.87 -5.37 -92.92
CA SER C 1209 -76.95 -5.79 -93.80
C SER C 1209 -76.65 -7.11 -94.50
N SER C 1210 -75.38 -7.55 -94.51
CA SER C 1210 -75.07 -8.87 -95.05
C SER C 1210 -75.57 -9.98 -94.14
N LEU C 1211 -75.74 -9.70 -92.85
CA LEU C 1211 -76.44 -10.62 -91.97
C LEU C 1211 -77.87 -10.74 -92.43
N ARG C 1212 -78.29 -11.97 -92.74
CA ARG C 1212 -79.48 -12.20 -93.55
C ARG C 1212 -80.75 -11.86 -92.78
N PHE C 1213 -80.89 -12.38 -91.56
CA PHE C 1213 -82.09 -12.07 -90.76
C PHE C 1213 -81.81 -10.91 -89.81
N PHE C 1214 -80.91 -11.12 -88.85
CA PHE C 1214 -80.41 -10.12 -87.90
C PHE C 1214 -81.54 -9.38 -87.18
N ALA C 1215 -82.51 -10.15 -86.69
CA ALA C 1215 -83.66 -9.55 -86.02
C ALA C 1215 -84.10 -10.22 -84.74
N ILE C 1216 -83.81 -11.50 -84.53
CA ILE C 1216 -84.51 -12.29 -83.52
C ILE C 1216 -83.77 -12.31 -82.20
N CYS C 1217 -82.52 -12.76 -82.20
CA CYS C 1217 -81.80 -12.96 -80.95
C CYS C 1217 -80.41 -12.32 -80.95
N GLY C 1218 -79.94 -11.78 -82.08
CA GLY C 1218 -78.63 -11.16 -82.09
C GLY C 1218 -78.61 -9.81 -81.38
N LEU C 1219 -79.63 -8.98 -81.62
CA LEU C 1219 -79.61 -7.63 -81.08
C LEU C 1219 -79.95 -7.62 -79.59
N GLN C 1220 -81.15 -8.10 -79.24
CA GLN C 1220 -81.66 -7.94 -77.89
C GLN C 1220 -81.07 -8.91 -76.87
N GLU C 1221 -80.10 -9.75 -77.27
CA GLU C 1221 -79.46 -10.68 -76.35
C GLU C 1221 -77.94 -10.55 -76.37
N GLY C 1222 -77.42 -9.45 -76.91
CA GLY C 1222 -76.00 -9.15 -76.80
C GLY C 1222 -75.07 -9.95 -77.68
N PHE C 1223 -75.61 -10.73 -78.62
CA PHE C 1223 -74.75 -11.51 -79.49
C PHE C 1223 -74.20 -10.65 -80.62
N GLU C 1224 -72.88 -10.67 -80.77
CA GLU C 1224 -72.20 -9.85 -81.74
C GLU C 1224 -71.90 -10.72 -82.96
N PRO C 1225 -72.01 -10.16 -84.17
CA PRO C 1225 -71.44 -10.85 -85.33
C PRO C 1225 -69.94 -11.04 -85.18
N PHE C 1226 -69.45 -12.13 -85.77
CA PHE C 1226 -68.14 -12.67 -85.42
C PHE C 1226 -67.02 -11.73 -85.85
N ALA C 1227 -66.92 -11.46 -87.15
CA ALA C 1227 -65.95 -10.50 -87.67
C ALA C 1227 -66.71 -9.29 -88.20
N ILE C 1228 -67.06 -8.38 -87.31
CA ILE C 1228 -67.75 -7.15 -87.68
C ILE C 1228 -66.80 -5.96 -87.77
N ASN C 1229 -65.93 -5.80 -86.77
CA ASN C 1229 -65.01 -4.66 -86.75
C ASN C 1229 -63.72 -4.99 -87.50
N MET C 1230 -63.83 -5.40 -88.75
CA MET C 1230 -62.68 -5.75 -89.55
C MET C 1230 -62.52 -4.73 -90.68
N GLN C 1231 -61.42 -4.88 -91.40
CA GLN C 1231 -61.17 -4.06 -92.59
C GLN C 1231 -61.07 -4.91 -93.85
N ARG C 1232 -61.19 -6.23 -93.73
CA ARG C 1232 -61.09 -7.20 -94.81
C ARG C 1232 -61.48 -8.56 -94.23
N PRO C 1233 -61.97 -9.49 -95.05
CA PRO C 1233 -62.44 -10.78 -94.50
C PRO C 1233 -61.33 -11.66 -93.97
N VAL C 1234 -61.75 -12.69 -93.22
CA VAL C 1234 -60.84 -13.63 -92.60
C VAL C 1234 -60.25 -14.55 -93.67
N THR C 1235 -59.01 -15.01 -93.41
CA THR C 1235 -58.26 -15.85 -94.34
C THR C 1235 -58.95 -17.20 -94.65
N THR C 1236 -59.69 -17.77 -93.69
CA THR C 1236 -60.55 -18.96 -93.85
C THR C 1236 -59.77 -20.17 -94.37
N TRP C 1237 -58.91 -20.68 -93.50
CA TRP C 1237 -58.11 -21.87 -93.79
C TRP C 1237 -58.98 -23.08 -94.08
N PHE C 1238 -58.69 -23.78 -95.16
CA PHE C 1238 -59.46 -24.97 -95.50
C PHE C 1238 -58.56 -26.17 -95.49
N SER C 1239 -59.10 -27.32 -95.90
CA SER C 1239 -58.41 -28.59 -95.86
C SER C 1239 -57.76 -28.90 -97.20
N LYS C 1240 -56.43 -29.00 -97.19
CA LYS C 1240 -55.69 -29.38 -98.38
C LYS C 1240 -55.85 -30.87 -98.63
N SER C 1241 -56.70 -31.23 -99.58
CA SER C 1241 -56.96 -32.64 -99.89
C SER C 1241 -55.88 -33.26 -100.78
N LEU C 1242 -54.65 -33.37 -100.28
CA LEU C 1242 -53.59 -34.03 -101.02
C LEU C 1242 -52.61 -34.67 -100.04
N PRO C 1243 -52.20 -35.91 -100.27
CA PRO C 1243 -51.28 -36.60 -99.35
C PRO C 1243 -49.82 -36.16 -99.49
N GLN C 1244 -49.53 -34.97 -99.00
CA GLN C 1244 -48.18 -34.45 -98.99
C GLN C 1244 -47.36 -35.13 -97.89
N PHE C 1245 -46.04 -35.05 -98.03
CA PHE C 1245 -45.15 -35.66 -97.05
C PHE C 1245 -45.16 -34.88 -95.75
N GLU C 1246 -45.05 -35.62 -94.65
CA GLU C 1246 -45.03 -35.05 -93.32
C GLU C 1246 -44.33 -36.04 -92.41
N PRO C 1247 -43.47 -35.58 -91.51
CA PRO C 1247 -42.65 -36.50 -90.71
C PRO C 1247 -43.47 -37.30 -89.70
N VAL C 1248 -42.89 -38.41 -89.29
CA VAL C 1248 -43.50 -39.29 -88.29
C VAL C 1248 -43.57 -38.55 -86.95
N PRO C 1249 -44.74 -38.51 -86.30
CA PRO C 1249 -44.83 -37.79 -85.02
C PRO C 1249 -44.02 -38.51 -83.96
N PRO C 1250 -43.43 -37.75 -83.01
CA PRO C 1250 -42.59 -38.38 -81.98
C PRO C 1250 -43.37 -39.21 -80.98
N GLU C 1251 -44.67 -38.96 -80.82
CA GLU C 1251 -45.51 -39.73 -79.92
C GLU C 1251 -46.71 -40.26 -80.70
N HIS C 1252 -46.66 -41.55 -81.02
CA HIS C 1252 -47.75 -42.29 -81.62
C HIS C 1252 -47.89 -43.61 -80.88
N PRO C 1253 -49.12 -44.11 -80.68
CA PRO C 1253 -49.30 -45.34 -79.89
C PRO C 1253 -48.67 -46.59 -80.50
N HIS C 1254 -48.45 -46.61 -81.81
CA HIS C 1254 -47.77 -47.75 -82.40
C HIS C 1254 -46.78 -47.38 -83.50
N TYR C 1255 -46.55 -46.10 -83.76
CA TYR C 1255 -45.55 -45.68 -84.73
C TYR C 1255 -44.37 -45.05 -84.01
N GLU C 1256 -43.18 -45.61 -84.22
CA GLU C 1256 -41.97 -45.11 -83.63
C GLU C 1256 -40.79 -45.50 -84.52
N VAL C 1257 -39.73 -44.70 -84.46
CA VAL C 1257 -38.54 -44.93 -85.26
C VAL C 1257 -37.37 -45.18 -84.30
N ALA C 1258 -36.52 -46.14 -84.68
CA ALA C 1258 -35.37 -46.53 -83.88
C ALA C 1258 -34.11 -45.99 -84.56
N ARG C 1259 -33.54 -44.93 -83.99
CA ARG C 1259 -32.33 -44.35 -84.54
C ARG C 1259 -31.14 -45.24 -84.25
N MET C 1260 -30.71 -45.99 -85.25
CA MET C 1260 -29.55 -46.87 -85.11
C MET C 1260 -28.27 -46.05 -85.23
N ASP C 1261 -27.17 -46.63 -84.75
CA ASP C 1261 -25.87 -45.97 -84.78
C ASP C 1261 -24.93 -46.78 -85.67
N GLY C 1262 -23.84 -46.14 -86.07
CA GLY C 1262 -22.84 -46.79 -86.89
C GLY C 1262 -21.65 -47.25 -86.08
N THR C 1263 -21.61 -48.54 -85.77
CA THR C 1263 -20.50 -49.12 -85.02
C THR C 1263 -19.36 -49.50 -85.96
N VAL C 1264 -18.40 -50.26 -85.43
CA VAL C 1264 -17.31 -50.75 -86.25
C VAL C 1264 -17.80 -51.81 -87.24
N ASP C 1265 -18.88 -52.51 -86.92
CA ASP C 1265 -19.43 -53.54 -87.79
C ASP C 1265 -20.70 -53.11 -88.50
N THR C 1266 -21.45 -52.15 -87.94
CA THR C 1266 -22.73 -51.76 -88.50
C THR C 1266 -22.64 -50.37 -89.12
N PRO C 1267 -23.30 -50.13 -90.24
CA PRO C 1267 -23.46 -48.75 -90.72
C PRO C 1267 -24.53 -48.04 -89.92
N PRO C 1268 -24.54 -46.71 -89.92
CA PRO C 1268 -25.65 -45.98 -89.26
C PRO C 1268 -26.95 -46.19 -90.03
N CYS C 1269 -27.92 -46.80 -89.35
CA CYS C 1269 -29.19 -47.19 -89.95
C CYS C 1269 -30.32 -46.37 -89.36
N LEU C 1270 -31.50 -46.52 -89.96
CA LEU C 1270 -32.74 -45.92 -89.48
C LEU C 1270 -33.77 -47.04 -89.39
N ARG C 1271 -33.90 -47.63 -88.21
CA ARG C 1271 -34.76 -48.78 -88.04
C ARG C 1271 -36.19 -48.34 -87.75
N LEU C 1272 -37.15 -48.96 -88.43
CA LEU C 1272 -38.55 -48.78 -88.12
C LEU C 1272 -38.96 -49.77 -87.04
N ALA C 1273 -39.86 -49.34 -86.17
CA ALA C 1273 -40.39 -50.18 -85.11
C ALA C 1273 -41.89 -49.94 -84.98
N HIS C 1274 -42.57 -50.90 -84.39
CA HIS C 1274 -44.02 -50.86 -84.27
C HIS C 1274 -44.42 -51.56 -82.98
N ARG C 1275 -45.47 -51.04 -82.35
CA ARG C 1275 -46.06 -51.73 -81.20
C ARG C 1275 -46.81 -52.96 -81.71
N UNK C 1276 -46.06 -54.03 -81.97
CA UNK C 1276 -46.58 -55.16 -82.72
C UNK C 1276 -47.46 -56.06 -81.87
N UNK C 1277 -48.74 -55.71 -81.80
CA UNK C 1277 -49.68 -56.47 -80.98
C UNK C 1277 -51.09 -56.39 -81.54
N UNK C 1278 -52.08 -56.58 -80.67
CA UNK C 1278 -53.47 -56.52 -81.08
C UNK C 1278 -53.97 -55.08 -81.05
N UNK C 1279 -55.02 -54.83 -80.26
CA UNK C 1279 -55.68 -53.54 -80.10
C UNK C 1279 -56.14 -52.96 -81.44
N UNK C 1280 -55.20 -52.35 -82.16
CA UNK C 1280 -55.49 -51.79 -83.47
C UNK C 1280 -54.25 -51.79 -84.36
N UNK C 1281 -54.47 -51.54 -85.65
CA UNK C 1281 -53.40 -51.46 -86.63
C UNK C 1281 -53.79 -50.47 -87.72
N UNK C 1282 -53.12 -50.54 -88.86
CA UNK C 1282 -53.42 -49.64 -89.97
C UNK C 1282 -53.05 -50.24 -91.33
N UNK C 1283 -53.02 -49.39 -92.35
CA UNK C 1283 -52.76 -49.83 -93.72
C UNK C 1283 -51.28 -49.72 -94.08
N UNK C 1284 -51.02 -49.48 -95.36
CA UNK C 1284 -49.64 -49.35 -95.85
C UNK C 1284 -49.11 -47.95 -95.62
N UNK C 1285 -48.12 -47.84 -94.74
CA UNK C 1285 -47.51 -46.55 -94.43
C UNK C 1285 -46.43 -46.20 -95.44
N UNK C 1286 -46.77 -45.30 -96.36
CA UNK C 1286 -45.82 -44.90 -97.40
C UNK C 1286 -44.78 -43.93 -96.82
N UNK C 1287 -43.68 -44.51 -96.36
CA UNK C 1287 -42.64 -43.75 -95.68
C UNK C 1287 -41.70 -43.05 -96.66
N UNK C 1288 -41.19 -41.89 -96.26
CA UNK C 1288 -40.29 -41.11 -97.11
C UNK C 1288 -39.14 -40.54 -96.30
N UNK C 1289 -37.92 -40.72 -96.80
CA UNK C 1289 -36.74 -40.15 -96.16
C UNK C 1289 -36.69 -38.65 -96.46
N UNK C 1290 -36.01 -37.90 -95.59
CA UNK C 1290 -35.91 -36.44 -95.75
C UNK C 1290 -34.74 -36.07 -96.66
N UNK C 1291 -34.69 -36.68 -97.84
CA UNK C 1291 -33.58 -36.49 -98.76
C UNK C 1291 -33.97 -35.59 -99.92
N UNK C 1292 -32.97 -35.19 -100.70
CA UNK C 1292 -33.18 -34.36 -101.88
C UNK C 1292 -32.02 -34.57 -102.85
N UNK C 1293 -31.87 -35.80 -103.33
CA UNK C 1293 -30.78 -36.12 -104.25
C UNK C 1293 -31.05 -35.54 -105.63
N UNK C 1294 -30.34 -34.47 -105.95
CA UNK C 1294 -30.50 -33.80 -107.23
C UNK C 1294 -29.55 -34.37 -108.28
N UNK C 1295 -29.98 -34.37 -109.53
CA UNK C 1295 -29.13 -34.84 -110.62
C UNK C 1295 -28.15 -33.74 -111.01
N UNK C 1296 -27.00 -34.15 -111.53
CA UNK C 1296 -25.89 -33.22 -111.76
C UNK C 1296 -25.94 -32.49 -113.10
N UNK C 1297 -27.12 -32.43 -113.71
CA UNK C 1297 -27.27 -31.75 -114.99
C UNK C 1297 -27.55 -30.27 -114.79
N UNK C 1298 -26.29 -32.08 -120.13
CA UNK C 1298 -25.35 -31.51 -119.17
C UNK C 1298 -24.71 -32.62 -118.33
N UNK C 1299 -25.47 -33.68 -118.06
CA UNK C 1299 -24.95 -34.83 -117.34
C UNK C 1299 -25.59 -36.12 -117.82
N UNK C 1300 -25.34 -37.19 -117.06
CA UNK C 1300 -25.88 -38.49 -117.40
C UNK C 1300 -26.38 -39.17 -116.14
N UNK C 1301 -27.71 -39.23 -116.00
CA UNK C 1301 -28.32 -39.88 -114.84
C UNK C 1301 -28.82 -41.26 -115.23
N UNK C 1302 -28.15 -42.29 -114.75
CA UNK C 1302 -28.53 -43.66 -115.04
C UNK C 1302 -28.58 -44.49 -113.77
N UNK C 1303 -29.66 -44.34 -113.01
CA UNK C 1303 -29.82 -45.07 -111.76
C UNK C 1303 -30.27 -46.49 -112.03
N UNK C 1304 -30.02 -47.37 -111.06
CA UNK C 1304 -30.32 -48.79 -111.23
C UNK C 1304 -30.52 -49.47 -109.88
N UNK C 1305 -31.70 -50.04 -109.67
CA UNK C 1305 -32.00 -50.76 -108.44
C UNK C 1305 -31.28 -52.11 -108.44
N UNK C 1306 -30.83 -52.52 -107.26
CA UNK C 1306 -30.08 -53.77 -107.13
C UNK C 1306 -30.51 -54.56 -105.90
N UNK C 1307 -30.68 -55.86 -106.08
CA UNK C 1307 -31.09 -56.74 -104.98
C UNK C 1307 -29.87 -57.24 -104.21
N UNK C 1308 -29.96 -58.47 -103.70
CA UNK C 1308 -28.87 -59.06 -102.93
C UNK C 1308 -27.81 -59.63 -103.86
N UNK C 1309 -28.17 -59.86 -105.11
CA UNK C 1309 -27.24 -60.40 -106.09
C UNK C 1309 -27.55 -59.86 -107.49
N UNK C 1310 -28.71 -60.22 -108.01
CA UNK C 1310 -29.11 -59.81 -109.35
C UNK C 1310 -29.64 -58.38 -109.35
N UNK C 1311 -30.04 -57.91 -110.53
CA UNK C 1311 -30.54 -56.55 -110.65
C UNK C 1311 -31.52 -56.42 -111.82
N UNK C 1312 -32.75 -56.04 -111.49
CA UNK C 1312 -33.72 -55.64 -112.49
C UNK C 1312 -33.77 -54.12 -112.50
N UNK C 1313 -32.96 -53.52 -113.36
CA UNK C 1313 -32.75 -52.08 -113.34
C UNK C 1313 -33.87 -51.31 -114.06
N UNK C 1314 -33.48 -50.52 -115.06
CA UNK C 1314 -34.37 -49.68 -115.90
C UNK C 1314 -35.21 -48.66 -115.12
N UNK C 1315 -36.07 -47.97 -115.86
CA UNK C 1315 -36.99 -46.94 -115.36
C UNK C 1315 -36.30 -45.80 -114.60
N UNK C 1316 -35.04 -45.54 -114.93
CA UNK C 1316 -34.24 -44.56 -114.21
C UNK C 1316 -33.05 -44.14 -115.05
N UNK C 1317 -33.35 -43.63 -116.25
CA UNK C 1317 -32.31 -43.16 -117.17
C UNK C 1317 -32.84 -41.95 -117.94
N UNK C 1318 -33.73 -41.20 -117.30
CA UNK C 1318 -34.34 -40.05 -117.94
C UNK C 1318 -34.31 -38.83 -117.03
N UNK C 1319 -33.13 -38.24 -116.86
CA UNK C 1319 -32.98 -37.07 -116.02
C UNK C 1319 -31.81 -36.19 -116.46
N UNK C 1320 -32.09 -34.90 -116.60
CA UNK C 1320 -31.05 -33.92 -116.90
C UNK C 1320 -30.59 -33.26 -115.60
N UNK C 1321 -31.55 -32.77 -114.83
CA UNK C 1321 -31.30 -32.25 -113.49
C UNK C 1321 -32.58 -32.34 -112.66
N UNK C 1322 -32.95 -33.56 -112.29
CA UNK C 1322 -34.13 -33.78 -111.45
C UNK C 1322 -33.73 -33.72 -109.99
N UNK C 1323 -34.62 -34.18 -109.10
CA UNK C 1323 -34.36 -34.20 -107.66
C UNK C 1323 -35.23 -35.25 -106.99
N UNK C 1324 -34.66 -36.42 -106.72
CA UNK C 1324 -35.41 -37.53 -106.13
C UNK C 1324 -35.05 -37.75 -104.67
N UNK C 1325 -35.97 -38.33 -103.92
CA UNK C 1325 -35.75 -38.62 -102.51
C UNK C 1325 -35.91 -40.12 -102.26
N UNK C 1326 -35.18 -40.65 -101.28
CA UNK C 1326 -35.29 -42.06 -100.94
C UNK C 1326 -36.63 -42.35 -100.27
N UNK C 1327 -37.24 -43.47 -100.63
CA UNK C 1327 -38.55 -43.83 -100.10
C UNK C 1327 -38.73 -45.34 -100.01
N UNK C 1328 -39.72 -45.76 -99.21
CA UNK C 1328 -40.03 -47.17 -99.05
C UNK C 1328 -41.47 -47.36 -98.60
N UNK C 1329 -42.40 -47.31 -99.56
CA UNK C 1329 -43.81 -47.45 -99.26
C UNK C 1329 -44.15 -48.90 -98.91
N UNK C 1330 -44.17 -49.21 -97.62
CA UNK C 1330 -44.40 -50.57 -97.16
C UNK C 1330 -45.67 -50.68 -96.31
N UNK C 1331 -46.03 -51.91 -95.97
CA UNK C 1331 -47.21 -52.16 -95.15
C UNK C 1331 -46.82 -52.89 -93.87
N UNK C 1332 -47.76 -52.97 -92.94
CA UNK C 1332 -47.51 -53.58 -91.64
C UNK C 1332 -47.42 -55.09 -91.73
N UNK C 1333 -46.50 -55.67 -90.97
CA UNK C 1333 -46.35 -57.12 -90.92
C UNK C 1333 -46.47 -57.62 -89.49
N UNK C 1334 -46.80 -56.69 -88.59
CA UNK C 1334 -47.01 -56.94 -87.15
C UNK C 1334 -45.81 -57.61 -86.48
N UNK C 1335 -44.62 -57.03 -86.67
CA UNK C 1335 -43.39 -57.53 -86.06
C UNK C 1335 -42.39 -56.39 -85.93
N UNK C 1336 -41.34 -56.45 -86.75
CA UNK C 1336 -40.36 -55.39 -86.83
C UNK C 1336 -40.00 -55.21 -88.30
N UNK C 1337 -40.38 -54.08 -88.88
CA UNK C 1337 -40.29 -53.89 -90.32
C UNK C 1337 -38.89 -53.48 -90.78
N UNK C 1338 -38.85 -52.51 -91.69
CA UNK C 1338 -37.62 -52.13 -92.38
C UNK C 1338 -36.62 -51.40 -91.49
N UNK C 1339 -35.40 -51.27 -92.02
CA UNK C 1339 -34.33 -50.55 -91.33
C UNK C 1339 -33.42 -49.91 -92.38
N UNK C 1340 -33.63 -48.62 -92.62
CA UNK C 1340 -32.90 -47.92 -93.67
C UNK C 1340 -31.45 -47.66 -93.29
N UNK C 1341 -30.56 -48.54 -93.76
CA UNK C 1341 -29.14 -48.40 -93.49
C UNK C 1341 -28.51 -47.42 -94.47
N UNK C 1342 -27.43 -46.77 -94.04
CA UNK C 1342 -26.68 -45.89 -94.91
C UNK C 1342 -25.26 -46.39 -95.00
N UNK C 1343 -25.03 -47.39 -95.83
CA UNK C 1343 -23.71 -48.01 -95.93
C UNK C 1343 -22.98 -47.53 -97.18
N UNK C 1344 -21.67 -47.77 -97.20
CA UNK C 1344 -20.84 -47.39 -98.33
C UNK C 1344 -20.25 -48.63 -99.01
N UNK C 1345 -19.79 -48.44 -100.24
CA UNK C 1345 -19.10 -49.50 -100.97
C UNK C 1345 -17.80 -48.94 -101.52
N UNK C 1346 -17.10 -49.72 -102.32
CA UNK C 1346 -15.87 -49.25 -102.94
C UNK C 1346 -16.19 -48.39 -104.16
N UNK C 1347 -17.42 -48.50 -104.64
CA UNK C 1347 -17.83 -47.83 -105.87
C UNK C 1347 -18.77 -46.64 -105.63
N UNK C 1348 -19.91 -46.67 -106.29
CA UNK C 1348 -20.86 -45.56 -106.27
C UNK C 1348 -21.70 -45.55 -105.00
N UNK C 1349 -22.63 -44.59 -104.94
CA UNK C 1349 -23.48 -44.41 -103.78
C UNK C 1349 -24.53 -45.51 -103.67
N UNK C 1350 -24.47 -46.29 -102.59
CA UNK C 1350 -25.43 -47.35 -102.35
C UNK C 1350 -26.27 -47.02 -101.12
N UNK C 1351 -27.58 -47.20 -101.23
CA UNK C 1351 -28.50 -46.96 -100.13
C UNK C 1351 -29.26 -48.24 -99.77
N UNK C 1352 -28.64 -49.08 -98.95
CA UNK C 1352 -29.21 -50.35 -98.58
C UNK C 1352 -30.40 -50.19 -97.63
N UNK C 1353 -31.24 -51.23 -97.56
CA UNK C 1353 -32.40 -51.22 -96.68
C UNK C 1353 -32.82 -52.63 -96.31
N UNK C 1354 -32.53 -53.04 -95.09
CA UNK C 1354 -32.87 -54.38 -94.63
C UNK C 1354 -34.32 -54.44 -94.17
N UNK C 1355 -34.87 -55.66 -94.10
CA UNK C 1355 -36.26 -55.86 -93.71
C UNK C 1355 -36.49 -57.26 -93.13
N UNK C 1356 -37.69 -57.47 -92.59
CA UNK C 1356 -38.06 -58.75 -92.00
C UNK C 1356 -39.46 -59.16 -92.43
N UNK C 1357 -40.09 -58.33 -93.25
CA UNK C 1357 -41.45 -58.59 -93.72
C UNK C 1357 -41.44 -59.39 -95.02
N UNK C 1358 -42.63 -59.74 -95.50
CA UNK C 1358 -42.77 -60.51 -96.72
C UNK C 1358 -42.67 -59.62 -97.96
N UNK C 1359 -43.83 -59.20 -98.48
CA UNK C 1359 -43.88 -58.39 -99.68
C UNK C 1359 -44.09 -56.91 -99.36
N UNK C 1360 -43.13 -56.09 -99.78
CA UNK C 1360 -43.21 -54.65 -99.57
C UNK C 1360 -42.46 -53.91 -100.67
N UNK C 1361 -43.13 -52.92 -101.28
CA UNK C 1361 -42.54 -52.19 -102.38
C UNK C 1361 -41.50 -51.17 -101.90
N UNK C 1362 -40.39 -51.10 -102.63
CA UNK C 1362 -39.32 -50.16 -102.33
C UNK C 1362 -39.03 -49.30 -103.55
N UNK C 1363 -38.64 -48.05 -103.33
CA UNK C 1363 -38.44 -47.12 -104.43
C UNK C 1363 -37.47 -45.99 -104.09
N UNK C 1364 -37.59 -44.92 -104.86
CA UNK C 1364 -36.86 -43.67 -104.63
C UNK C 1364 -37.66 -42.58 -105.32
N UNK C 1365 -38.74 -42.17 -104.66
CA UNK C 1365 -39.73 -41.27 -105.26
C UNK C 1365 -39.18 -39.87 -105.52
N UNK C 1366 -39.86 -39.15 -106.41
CA UNK C 1366 -39.46 -37.78 -106.70
C UNK C 1366 -40.09 -36.83 -105.70
N UNK C 1367 -40.10 -35.55 -106.05
CA UNK C 1367 -40.78 -34.55 -105.24
C UNK C 1367 -42.16 -34.32 -105.82
N UNK C 1368 -42.88 -35.41 -106.05
CA UNK C 1368 -44.13 -35.34 -106.77
C UNK C 1368 -45.11 -36.48 -106.48
N UNK C 1369 -44.91 -37.16 -105.36
CA UNK C 1369 -45.77 -38.28 -105.01
C UNK C 1369 -47.07 -37.80 -104.39
N UNK C 1370 -48.15 -38.54 -104.64
CA UNK C 1370 -49.46 -38.26 -104.07
C UNK C 1370 -50.29 -39.54 -104.09
N UNK C 1371 -49.98 -40.46 -103.18
CA UNK C 1371 -50.60 -41.79 -103.18
C UNK C 1371 -52.00 -41.80 -102.59
N UNK C 1372 -52.40 -42.95 -102.06
CA UNK C 1372 -53.72 -43.11 -101.47
C UNK C 1372 -53.74 -44.27 -100.47
N UNK C 1373 -54.71 -45.16 -100.63
CA UNK C 1373 -54.83 -46.33 -99.77
C UNK C 1373 -54.02 -47.50 -100.34
N UNK C 1374 -54.72 -48.60 -100.64
CA UNK C 1374 -54.07 -49.81 -101.13
C UNK C 1374 -53.74 -49.72 -102.61
N UNK C 1375 -52.44 -49.77 -102.92
CA UNK C 1375 -51.96 -49.76 -104.30
C UNK C 1375 -50.57 -50.38 -104.38
N UNK C 1376 -50.36 -51.21 -105.40
CA UNK C 1376 -49.05 -51.82 -105.63
C UNK C 1376 -48.60 -51.51 -107.05
N UNK C 1377 -49.59 -51.23 -107.91
CA UNK C 1377 -49.32 -50.84 -109.27
C UNK C 1377 -50.03 -49.51 -109.54
N UNK C 1378 -50.24 -49.22 -110.84
CA UNK C 1378 -50.85 -47.99 -111.33
C UNK C 1378 -50.14 -46.74 -110.80
N UNK C 1379 -48.84 -46.67 -111.08
CA UNK C 1379 -48.05 -45.51 -110.71
C UNK C 1379 -48.42 -44.34 -111.61
N UNK C 1380 -48.86 -44.67 -112.82
CA UNK C 1380 -49.25 -43.77 -113.91
C UNK C 1380 -48.10 -42.90 -114.38
N UNK C 1381 -47.77 -43.04 -115.66
CA UNK C 1381 -46.71 -42.26 -116.27
C UNK C 1381 -47.11 -41.88 -117.69
N UNK C 1382 -46.13 -41.75 -118.57
CA UNK C 1382 -46.37 -41.37 -119.94
C UNK C 1382 -45.23 -41.78 -120.85
N UNK C 1383 -45.19 -41.13 -122.02
CA UNK C 1383 -44.11 -41.36 -122.98
C UNK C 1383 -43.83 -40.08 -123.74
N UNK C 1384 -42.56 -39.85 -124.03
CA UNK C 1384 -42.18 -38.76 -124.91
C UNK C 1384 -42.20 -39.27 -126.34
N UNK C 1385 -42.46 -38.39 -127.30
CA UNK C 1385 -42.49 -38.74 -128.71
C UNK C 1385 -42.31 -37.49 -129.55
N UNK C 1386 -41.07 -37.03 -129.70
CA UNK C 1386 -40.79 -35.81 -130.45
C UNK C 1386 -40.11 -36.13 -131.78
N UNK C 1387 -40.92 -36.36 -132.82
CA UNK C 1387 -40.41 -36.65 -134.14
C UNK C 1387 -39.99 -35.37 -134.86
N UNK C 1388 -39.55 -35.50 -136.12
CA UNK C 1388 -39.00 -34.39 -136.87
C UNK C 1388 -40.06 -33.43 -137.40
N UNK C 1389 -40.25 -33.41 -138.71
CA UNK C 1389 -41.25 -32.53 -139.33
C UNK C 1389 -42.44 -33.36 -139.80
N UNK C 1390 -42.16 -34.34 -140.64
CA UNK C 1390 -43.19 -35.28 -141.08
C UNK C 1390 -43.44 -36.29 -139.96
N UNK C 1391 -42.61 -37.33 -139.94
CA UNK C 1391 -42.66 -38.35 -138.89
C UNK C 1391 -41.32 -39.10 -138.88
N UNK C 1392 -40.24 -38.38 -139.14
CA UNK C 1392 -38.92 -39.01 -139.30
C UNK C 1392 -38.23 -39.27 -137.96
N UNK C 1393 -37.07 -38.65 -137.77
CA UNK C 1393 -36.22 -38.89 -136.61
C UNK C 1393 -36.87 -38.40 -135.32
N UNK C 1394 -36.99 -39.31 -134.35
CA UNK C 1394 -37.74 -39.03 -133.13
C UNK C 1394 -36.85 -38.68 -131.96
N UNK C 1395 -37.50 -38.29 -130.87
CA UNK C 1395 -36.85 -38.07 -129.59
C UNK C 1395 -37.72 -38.67 -128.51
N UNK C 1396 -38.01 -39.96 -128.66
CA UNK C 1396 -38.94 -40.65 -127.77
C UNK C 1396 -38.25 -41.17 -126.52
N UNK C 1397 -38.90 -40.96 -125.38
CA UNK C 1397 -38.40 -41.43 -124.09
C UNK C 1397 -39.55 -41.55 -123.10
N UNK C 1398 -39.21 -41.81 -121.84
CA UNK C 1398 -40.22 -41.85 -120.79
C UNK C 1398 -40.48 -40.44 -120.27
N UNK C 1399 -41.39 -40.33 -119.30
CA UNK C 1399 -41.73 -39.02 -118.75
C UNK C 1399 -41.49 -38.97 -117.24
N UNK C 1400 -40.62 -39.86 -116.76
CA UNK C 1400 -40.22 -40.01 -115.35
C UNK C 1400 -41.37 -40.30 -114.39
N UNK C 1401 -41.43 -41.55 -113.94
CA UNK C 1401 -42.46 -41.99 -112.99
C UNK C 1401 -42.28 -41.32 -111.64
N UNK C 1402 -43.36 -41.27 -110.86
CA UNK C 1402 -43.38 -40.56 -109.59
C UNK C 1402 -42.52 -41.26 -108.55
N UNK C 1403 -42.31 -42.55 -108.75
CA UNK C 1403 -41.40 -43.33 -107.91
C UNK C 1403 -40.83 -44.47 -108.73
N UNK C 1404 -40.26 -45.45 -108.04
CA UNK C 1404 -39.85 -46.71 -108.65
C UNK C 1404 -40.73 -47.80 -108.08
N UNK C 1405 -40.32 -49.06 -108.23
CA UNK C 1405 -41.11 -50.17 -107.71
C UNK C 1405 -40.24 -51.39 -107.44
N UNK C 1406 -40.65 -52.17 -106.44
CA UNK C 1406 -40.00 -53.43 -106.09
C UNK C 1406 -40.98 -54.31 -105.33
N UNK C 1407 -42.24 -54.29 -105.75
CA UNK C 1407 -43.30 -55.05 -105.08
C UNK C 1407 -43.14 -56.54 -105.31
N UNK C 1408 -42.65 -57.23 -104.27
CA UNK C 1408 -42.35 -58.66 -104.26
C UNK C 1408 -41.42 -59.07 -105.41
N UNK C 1409 -40.32 -58.34 -105.54
CA UNK C 1409 -39.35 -58.60 -106.61
C UNK C 1409 -38.57 -59.87 -106.35
N UNK C 1410 -38.40 -60.21 -105.07
CA UNK C 1410 -37.71 -61.44 -104.69
C UNK C 1410 -38.61 -62.64 -104.94
N UNK C 1411 -38.01 -63.75 -105.36
CA UNK C 1411 -38.76 -64.98 -105.62
C UNK C 1411 -38.38 -66.05 -104.59
N UNK C 1412 -38.70 -65.78 -103.33
CA UNK C 1412 -38.39 -66.70 -102.25
C UNK C 1412 -39.49 -67.75 -102.07
N UNK C 1413 -39.33 -68.60 -101.07
CA UNK C 1413 -40.32 -69.63 -100.78
C UNK C 1413 -41.44 -69.07 -99.90
N UNK C 1414 -42.47 -69.86 -99.69
CA UNK C 1414 -43.60 -69.45 -98.87
C UNK C 1414 -43.25 -69.54 -97.39
N UNK C 1415 -42.24 -70.35 -97.08
CA UNK C 1415 -41.79 -70.51 -95.70
C UNK C 1415 -40.84 -69.39 -95.31
N UNK C 1416 -39.96 -69.02 -96.24
CA UNK C 1416 -38.97 -67.93 -96.09
C UNK C 1416 -38.01 -68.08 -94.90
N UNK C 1417 -37.25 -67.03 -94.64
CA UNK C 1417 -36.27 -67.04 -93.57
C UNK C 1417 -35.98 -65.62 -93.08
N UNK C 1418 -34.89 -65.04 -93.58
CA UNK C 1418 -34.48 -63.72 -93.15
C UNK C 1418 -35.08 -62.62 -94.01
N UNK C 1419 -34.48 -61.44 -93.95
CA UNK C 1419 -34.96 -60.30 -94.72
C UNK C 1419 -34.17 -60.15 -96.02
N UNK C 1420 -34.22 -58.97 -96.62
CA UNK C 1420 -33.50 -58.71 -97.86
C UNK C 1420 -32.51 -57.56 -97.71
N UNK C 1421 -31.94 -57.12 -98.82
CA UNK C 1421 -30.98 -56.03 -98.83
C UNK C 1421 -31.01 -55.29 -100.15
N UNK C 1422 -32.18 -54.78 -100.51
CA UNK C 1422 -32.37 -54.07 -101.77
C UNK C 1422 -31.74 -52.69 -101.73
N UNK C 1423 -30.63 -52.53 -102.44
CA UNK C 1423 -29.93 -51.25 -102.50
C UNK C 1423 -30.17 -50.58 -103.85
N UNK C 1424 -29.49 -49.45 -104.07
CA UNK C 1424 -29.63 -48.72 -105.32
C UNK C 1424 -28.34 -48.01 -105.68
N UNK C 1425 -28.36 -47.24 -106.76
CA UNK C 1425 -27.21 -46.47 -107.20
C UNK C 1425 -27.64 -45.22 -107.93
N UNK C 1426 -26.69 -44.33 -108.19
CA UNK C 1426 -26.96 -43.10 -108.91
C UNK C 1426 -25.72 -42.67 -109.69
N UNK C 1427 -25.79 -41.49 -110.30
CA UNK C 1427 -24.65 -40.94 -111.03
C UNK C 1427 -23.59 -40.46 -110.04
N UNK C 1428 -22.85 -41.40 -109.48
CA UNK C 1428 -21.86 -41.09 -108.46
C UNK C 1428 -20.45 -41.35 -108.97
N UNK C 1429 -19.60 -40.33 -108.90
CA UNK C 1429 -18.22 -40.45 -109.36
C UNK C 1429 -17.38 -41.22 -108.36
N UNK C 1430 -16.09 -41.36 -108.66
CA UNK C 1430 -15.19 -42.11 -107.80
C UNK C 1430 -13.87 -41.38 -107.58
N UNK C 1431 -13.16 -41.81 -106.53
CA UNK C 1431 -11.89 -41.22 -106.18
C UNK C 1431 -11.01 -42.28 -105.49
N UNK C 1432 -9.92 -42.64 -106.14
CA UNK C 1432 -8.99 -43.61 -105.60
C UNK C 1432 -7.57 -43.34 -106.08
N MET C 1433 -19.85 -42.75 -102.52
CA MET C 1433 -20.07 -44.02 -101.82
C MET C 1433 -20.91 -43.95 -100.52
N PRO C 1434 -20.81 -42.91 -99.67
CA PRO C 1434 -21.83 -42.74 -98.63
C PRO C 1434 -23.13 -42.24 -99.23
N LEU C 1435 -24.20 -42.32 -98.43
CA LEU C 1435 -25.48 -41.74 -98.81
C LEU C 1435 -25.53 -40.26 -98.42
N SER C 1436 -24.91 -39.90 -97.31
CA SER C 1436 -24.81 -38.50 -96.89
C SER C 1436 -23.83 -37.70 -97.74
N ALA C 1437 -23.00 -38.36 -98.54
CA ALA C 1437 -22.08 -37.66 -99.43
C ALA C 1437 -22.80 -36.91 -100.53
N ALA C 1438 -23.92 -37.43 -101.03
CA ALA C 1438 -24.57 -36.88 -102.21
C ALA C 1438 -25.32 -35.59 -101.94
N MET C 1439 -25.54 -35.22 -100.69
CA MET C 1439 -26.39 -34.08 -100.39
C MET C 1439 -25.71 -32.99 -99.57
N PHE C 1440 -25.01 -33.36 -98.49
CA PHE C 1440 -24.66 -32.38 -97.47
C PHE C 1440 -23.46 -31.51 -97.81
N LEU C 1441 -22.85 -31.69 -98.99
CA LEU C 1441 -21.93 -30.75 -99.65
C LEU C 1441 -20.56 -30.65 -98.96
N SER C 1442 -20.42 -31.23 -97.76
CA SER C 1442 -19.15 -31.40 -97.10
C SER C 1442 -18.86 -32.84 -96.75
N GLU C 1443 -19.90 -33.67 -96.66
CA GLU C 1443 -19.76 -35.11 -96.58
C GLU C 1443 -19.45 -35.74 -97.92
N ARG C 1444 -19.53 -34.96 -99.01
CA ARG C 1444 -19.09 -35.44 -100.31
C ARG C 1444 -17.60 -35.74 -100.32
N LYS C 1445 -16.81 -34.92 -99.62
CA LYS C 1445 -15.40 -35.19 -99.42
C LYS C 1445 -15.14 -36.12 -98.24
N ASN C 1446 -16.19 -36.58 -97.55
CA ASN C 1446 -16.03 -37.50 -96.43
C ASN C 1446 -16.49 -38.88 -96.86
N PRO C 1447 -15.58 -39.80 -97.17
CA PRO C 1447 -15.99 -41.14 -97.64
C PRO C 1447 -16.55 -42.04 -96.56
N ALA C 1448 -16.50 -41.62 -95.29
CA ALA C 1448 -17.20 -42.39 -94.27
C ALA C 1448 -18.69 -42.05 -94.28
N PRO C 1449 -19.57 -43.04 -94.10
CA PRO C 1449 -21.00 -42.73 -94.03
C PRO C 1449 -21.36 -42.11 -92.70
N GLN C 1450 -22.26 -41.13 -92.75
CA GLN C 1450 -22.63 -40.33 -91.60
C GLN C 1450 -24.15 -40.33 -91.44
N CYS C 1451 -24.61 -39.92 -90.26
CA CYS C 1451 -26.05 -39.86 -89.98
C CYS C 1451 -26.35 -38.58 -89.23
N PRO C 1452 -26.66 -37.50 -89.93
CA PRO C 1452 -27.08 -36.26 -89.27
C PRO C 1452 -28.48 -36.41 -88.71
N PRO C 1453 -28.90 -35.47 -87.82
CA PRO C 1453 -30.30 -35.48 -87.38
C PRO C 1453 -31.31 -35.07 -88.44
N ARG C 1454 -30.82 -34.59 -89.60
CA ARG C 1454 -31.70 -34.20 -90.69
C ARG C 1454 -32.40 -35.39 -91.35
N LEU C 1455 -31.87 -36.59 -91.17
CA LEU C 1455 -32.48 -37.79 -91.72
C LEU C 1455 -33.75 -38.10 -90.94
N GLU C 1456 -34.90 -37.71 -91.48
CA GLU C 1456 -36.18 -37.87 -90.82
C GLU C 1456 -37.11 -38.70 -91.68
N VAL C 1457 -37.86 -39.59 -91.04
CA VAL C 1457 -38.80 -40.45 -91.75
C VAL C 1457 -40.14 -39.74 -91.87
N GLN C 1458 -40.65 -39.61 -93.08
CA GLN C 1458 -41.95 -39.01 -93.31
C GLN C 1458 -43.05 -40.07 -93.41
N MET C 1459 -44.29 -39.60 -93.40
CA MET C 1459 -45.46 -40.43 -93.65
C MET C 1459 -46.56 -39.51 -94.15
N LEU C 1460 -47.03 -39.78 -95.37
CA LEU C 1460 -47.99 -38.88 -96.01
C LEU C 1460 -49.35 -38.92 -95.34
N MET C 1461 -49.98 -37.75 -95.24
CA MET C 1461 -51.31 -37.62 -94.69
C MET C 1461 -52.20 -36.87 -95.70
N PRO C 1462 -53.36 -37.44 -96.04
CA PRO C 1462 -54.19 -36.81 -97.08
C PRO C 1462 -55.11 -35.71 -96.58
N VAL C 1463 -54.61 -34.86 -95.68
CA VAL C 1463 -55.25 -33.60 -95.33
C VAL C 1463 -54.19 -32.69 -94.73
N SER C 1464 -54.13 -31.44 -95.19
CA SER C 1464 -53.36 -30.39 -94.56
C SER C 1464 -54.27 -29.18 -94.36
N TRP C 1465 -53.69 -28.06 -93.96
CA TRP C 1465 -54.45 -26.82 -93.82
C TRP C 1465 -53.96 -25.82 -94.85
N SER C 1466 -54.54 -25.88 -96.05
CA SER C 1466 -54.28 -24.90 -97.08
C SER C 1466 -55.02 -23.61 -96.74
N ARG C 1467 -54.59 -22.53 -97.39
CA ARG C 1467 -55.14 -21.21 -97.16
C ARG C 1467 -56.00 -20.80 -98.34
N MET C 1468 -57.22 -20.34 -98.05
CA MET C 1468 -58.04 -19.71 -99.06
C MET C 1468 -57.49 -18.32 -99.37
N PRO C 1469 -57.24 -17.99 -100.63
CA PRO C 1469 -56.88 -16.61 -100.97
C PRO C 1469 -58.06 -15.67 -100.76
N ASN C 1470 -57.74 -14.46 -100.31
CA ASN C 1470 -58.77 -13.44 -100.15
C ASN C 1470 -59.31 -12.95 -101.47
N HIS C 1471 -58.58 -13.13 -102.56
CA HIS C 1471 -59.01 -12.73 -103.88
C HIS C 1471 -58.67 -13.81 -104.89
N PHE C 1472 -59.62 -14.11 -105.76
CA PHE C 1472 -59.45 -15.04 -106.86
C PHE C 1472 -59.48 -14.25 -108.17
N LEU C 1473 -59.38 -14.98 -109.28
CA LEU C 1473 -59.58 -14.36 -110.58
C LEU C 1473 -61.06 -14.02 -110.74
N GLN C 1474 -61.36 -12.73 -110.83
CA GLN C 1474 -62.74 -12.25 -110.81
C GLN C 1474 -63.50 -12.54 -112.10
N VAL C 1475 -62.81 -12.96 -113.14
CA VAL C 1475 -63.46 -13.38 -114.38
C VAL C 1475 -62.79 -14.66 -114.87
N GLU C 1482 -70.11 -17.98 -123.01
CA GLU C 1482 -70.99 -17.11 -123.78
C GLU C 1482 -71.36 -17.76 -125.12
N ARG C 1483 -71.16 -17.02 -126.20
CA ARG C 1483 -71.41 -17.50 -127.56
C ARG C 1483 -70.08 -17.76 -128.24
N LEU C 1484 -70.17 -18.24 -129.49
CA LEU C 1484 -69.04 -18.62 -130.34
C LEU C 1484 -68.14 -19.64 -129.62
N GLY C 1485 -68.74 -20.79 -129.35
CA GLY C 1485 -68.07 -21.83 -128.61
C GLY C 1485 -67.87 -21.51 -127.14
N TRP C 1486 -68.82 -20.80 -126.52
CA TRP C 1486 -68.82 -20.46 -125.09
C TRP C 1486 -67.57 -19.66 -124.70
N ALA C 1487 -67.53 -18.43 -125.21
CA ALA C 1487 -66.44 -17.50 -124.96
C ALA C 1487 -66.25 -17.26 -123.46
N VAL C 1488 -65.09 -17.66 -122.94
CA VAL C 1488 -64.75 -17.50 -121.54
C VAL C 1488 -63.92 -16.24 -121.40
N GLN C 1489 -64.34 -15.36 -120.48
CA GLN C 1489 -63.63 -14.11 -120.23
C GLN C 1489 -62.90 -14.19 -118.90
N CYS C 1490 -61.60 -13.88 -118.93
CA CYS C 1490 -60.79 -13.76 -117.72
C CYS C 1490 -59.69 -12.75 -118.01
N GLN C 1491 -59.90 -11.49 -117.64
CA GLN C 1491 -59.01 -10.42 -118.04
C GLN C 1491 -58.42 -9.62 -116.90
N ASP C 1492 -58.85 -9.82 -115.66
CA ASP C 1492 -58.33 -9.03 -114.55
C ASP C 1492 -56.99 -9.58 -114.09
N PRO C 1493 -55.93 -8.77 -114.06
CA PRO C 1493 -54.64 -9.26 -113.58
C PRO C 1493 -54.60 -9.39 -112.07
N LEU C 1494 -53.97 -10.46 -111.60
CA LEU C 1494 -53.88 -10.73 -110.18
C LEU C 1494 -52.60 -11.50 -109.91
N THR C 1495 -51.89 -11.09 -108.86
CA THR C 1495 -50.62 -11.70 -108.49
C THR C 1495 -50.61 -11.97 -107.00
N MET C 1496 -49.56 -12.65 -106.55
CA MET C 1496 -49.30 -12.89 -105.14
C MET C 1496 -47.80 -13.17 -105.01
N MET C 1497 -47.34 -13.21 -103.76
CA MET C 1497 -45.99 -13.66 -103.47
C MET C 1497 -46.05 -14.87 -102.55
N ALA C 1498 -45.04 -15.73 -102.66
CA ALA C 1498 -45.14 -17.05 -102.08
C ALA C 1498 -43.75 -17.65 -101.95
N LEU C 1499 -43.47 -18.25 -100.79
CA LEU C 1499 -42.17 -18.89 -100.57
C LEU C 1499 -42.05 -20.19 -101.37
N HIS C 1500 -40.88 -20.81 -101.22
CA HIS C 1500 -40.56 -22.06 -101.89
C HIS C 1500 -39.46 -22.76 -101.13
N ILE C 1501 -39.77 -23.94 -100.61
CA ILE C 1501 -38.76 -24.74 -99.91
C ILE C 1501 -37.77 -25.29 -100.93
N PRO C 1502 -36.47 -25.24 -100.67
CA PRO C 1502 -35.51 -25.82 -101.62
C PRO C 1502 -35.36 -27.32 -101.47
N GLU C 1503 -35.56 -27.83 -100.25
CA GLU C 1503 -35.30 -29.24 -99.97
C GLU C 1503 -36.39 -30.13 -100.55
N GLU C 1504 -37.65 -29.85 -100.22
CA GLU C 1504 -38.74 -30.65 -100.76
C GLU C 1504 -39.13 -30.19 -102.16
N ASN C 1505 -38.68 -29.00 -102.56
CA ASN C 1505 -38.92 -28.41 -103.89
C ASN C 1505 -40.42 -28.29 -104.17
N ARG C 1506 -41.09 -27.52 -103.31
CA ARG C 1506 -42.49 -27.22 -103.51
C ARG C 1506 -42.74 -25.79 -103.06
N CYS C 1507 -43.80 -25.19 -103.59
CA CYS C 1507 -44.15 -23.82 -103.31
C CYS C 1507 -45.08 -23.77 -102.10
N MET C 1508 -45.18 -22.58 -101.52
CA MET C 1508 -46.03 -22.33 -100.36
C MET C 1508 -46.24 -20.83 -100.25
N ASP C 1509 -47.45 -20.44 -99.82
CA ASP C 1509 -47.79 -19.04 -99.72
C ASP C 1509 -46.99 -18.36 -98.61
N ILE C 1510 -46.76 -17.06 -98.78
CA ILE C 1510 -46.15 -16.27 -97.72
C ILE C 1510 -47.12 -16.12 -96.55
N LEU C 1511 -48.41 -16.25 -96.77
CA LEU C 1511 -49.41 -16.17 -95.72
C LEU C 1511 -49.70 -17.52 -95.08
N GLU C 1512 -48.91 -18.55 -95.41
CA GLU C 1512 -48.90 -19.79 -94.66
C GLU C 1512 -48.21 -19.66 -93.32
N LEU C 1513 -47.40 -18.61 -93.13
CA LEU C 1513 -46.50 -18.54 -91.98
C LEU C 1513 -47.20 -18.13 -90.70
N SER C 1514 -48.38 -17.51 -90.80
CA SER C 1514 -49.20 -17.19 -89.64
C SER C 1514 -49.99 -18.40 -89.13
N GLU C 1515 -49.77 -19.57 -89.72
CA GLU C 1515 -50.23 -20.85 -89.20
C GLU C 1515 -49.08 -21.73 -88.71
N ARG C 1516 -47.91 -21.65 -89.36
CA ARG C 1516 -46.79 -22.52 -89.05
C ARG C 1516 -46.18 -22.19 -87.70
N LEU C 1517 -45.85 -20.92 -87.46
CA LEU C 1517 -45.37 -20.36 -86.19
C LEU C 1517 -44.07 -20.96 -85.68
N ASP C 1518 -43.31 -21.59 -86.55
CA ASP C 1518 -41.91 -21.88 -86.25
C ASP C 1518 -41.00 -21.58 -87.43
N LEU C 1519 -41.52 -21.69 -88.65
CA LEU C 1519 -40.75 -21.31 -89.81
C LEU C 1519 -40.66 -19.79 -89.93
N GLN C 1520 -41.79 -19.10 -89.68
CA GLN C 1520 -41.79 -17.64 -89.55
C GLN C 1520 -40.85 -17.19 -88.44
N ARG C 1521 -40.88 -17.90 -87.32
CA ARG C 1521 -39.92 -17.70 -86.24
C ARG C 1521 -38.50 -17.91 -86.71
N PHE C 1522 -38.27 -18.91 -87.56
CA PHE C 1522 -36.96 -19.05 -88.17
C PHE C 1522 -36.74 -18.01 -89.25
N HIS C 1523 -37.80 -17.63 -89.96
CA HIS C 1523 -37.67 -16.60 -90.99
C HIS C 1523 -37.49 -15.22 -90.40
N SER C 1524 -37.95 -15.00 -89.16
CA SER C 1524 -37.69 -13.75 -88.46
C SER C 1524 -36.21 -13.55 -88.22
N HIS C 1525 -35.46 -14.64 -88.05
CA HIS C 1525 -34.00 -14.54 -88.00
C HIS C 1525 -33.40 -14.40 -89.39
N THR C 1526 -34.04 -14.97 -90.40
CA THR C 1526 -33.66 -14.67 -91.78
C THR C 1526 -34.02 -13.24 -92.13
N LEU C 1527 -35.08 -12.72 -91.52
CA LEU C 1527 -35.49 -11.33 -91.69
C LEU C 1527 -34.42 -10.37 -91.18
N ARG C 1528 -33.74 -10.74 -90.10
CA ARG C 1528 -32.78 -9.82 -89.48
C ARG C 1528 -31.34 -10.07 -89.88
N LEU C 1529 -31.01 -11.27 -90.36
CA LEU C 1529 -29.64 -11.58 -90.73
C LEU C 1529 -29.20 -10.80 -91.95
N TYR C 1530 -30.16 -10.47 -92.82
CA TYR C 1530 -29.86 -9.66 -94.00
C TYR C 1530 -29.47 -8.24 -93.61
N ARG C 1531 -30.04 -7.71 -92.53
CA ARG C 1531 -29.57 -6.45 -91.98
C ARG C 1531 -28.18 -6.59 -91.38
N ALA C 1532 -27.87 -7.77 -90.86
CA ALA C 1532 -26.59 -7.97 -90.19
C ALA C 1532 -25.46 -8.06 -91.20
N VAL C 1533 -25.67 -8.83 -92.27
CA VAL C 1533 -24.64 -8.99 -93.29
C VAL C 1533 -24.42 -7.67 -94.03
N CYS C 1534 -25.51 -6.97 -94.32
CA CYS C 1534 -25.39 -5.60 -94.84
C CYS C 1534 -25.26 -4.65 -93.65
N ALA C 1535 -24.06 -4.64 -93.08
CA ALA C 1535 -23.72 -3.85 -91.92
C ALA C 1535 -23.47 -2.39 -92.30
N LEU C 1536 -22.74 -1.67 -91.45
CA LEU C 1536 -22.17 -0.37 -91.80
C LEU C 1536 -21.49 -0.44 -93.16
N GLY C 1537 -21.63 0.66 -93.91
CA GLY C 1537 -21.89 0.66 -95.35
C GLY C 1537 -21.13 -0.30 -96.24
N ASN C 1538 -21.86 -1.29 -96.75
CA ASN C 1538 -21.28 -2.34 -97.57
C ASN C 1538 -22.19 -2.48 -98.78
N ASN C 1539 -21.97 -1.63 -99.77
CA ASN C 1539 -22.82 -1.59 -100.95
C ASN C 1539 -22.40 -2.60 -102.00
N ARG C 1540 -21.21 -3.19 -101.85
CA ARG C 1540 -20.85 -4.33 -102.68
C ARG C 1540 -21.75 -5.52 -102.39
N VAL C 1541 -22.21 -5.64 -101.14
CA VAL C 1541 -23.20 -6.66 -100.78
C VAL C 1541 -24.61 -6.13 -100.99
N ALA C 1542 -24.84 -4.83 -100.75
CA ALA C 1542 -26.18 -4.28 -100.86
C ALA C 1542 -26.65 -4.20 -102.31
N HIS C 1543 -25.71 -4.00 -103.25
CA HIS C 1543 -26.05 -4.21 -104.66
C HIS C 1543 -26.33 -5.67 -104.95
N ALA C 1544 -25.61 -6.59 -104.31
CA ALA C 1544 -25.84 -8.02 -104.48
C ALA C 1544 -27.00 -8.54 -103.65
N LEU C 1545 -27.60 -7.69 -102.81
CA LEU C 1545 -28.64 -8.13 -101.89
C LEU C 1545 -30.01 -8.23 -102.54
N CYS C 1546 -30.26 -7.46 -103.60
CA CYS C 1546 -31.59 -7.39 -104.19
C CYS C 1546 -31.95 -8.64 -104.97
N SER C 1547 -30.98 -9.49 -105.29
CA SER C 1547 -31.26 -10.73 -105.99
C SER C 1547 -31.92 -11.76 -105.10
N HIS C 1548 -31.75 -11.65 -103.79
CA HIS C 1548 -32.18 -12.72 -102.89
C HIS C 1548 -33.70 -12.75 -102.76
N VAL C 1549 -34.33 -11.59 -102.60
CA VAL C 1549 -35.79 -11.57 -102.59
C VAL C 1549 -36.30 -11.04 -103.91
N ASP C 1550 -36.11 -9.73 -104.13
CA ASP C 1550 -36.50 -9.02 -105.36
C ASP C 1550 -36.07 -7.57 -105.34
N GLN C 1551 -36.52 -6.84 -106.35
CA GLN C 1551 -36.82 -5.42 -106.26
C GLN C 1551 -38.31 -5.15 -106.23
N ALA C 1552 -39.11 -6.03 -106.85
CA ALA C 1552 -40.54 -5.78 -107.05
C ALA C 1552 -41.35 -6.09 -105.79
N GLN C 1553 -41.26 -7.33 -105.29
CA GLN C 1553 -42.12 -7.74 -104.17
C GLN C 1553 -41.68 -7.14 -102.84
N LEU C 1554 -40.55 -6.43 -102.82
CA LEU C 1554 -40.30 -5.51 -101.71
C LEU C 1554 -41.33 -4.39 -101.68
N LEU C 1555 -41.87 -4.01 -102.83
CA LEU C 1555 -42.92 -3.00 -102.87
C LEU C 1555 -44.31 -3.60 -102.78
N HIS C 1556 -44.45 -4.90 -103.06
CA HIS C 1556 -45.72 -5.60 -102.94
C HIS C 1556 -46.09 -5.91 -101.50
N ALA C 1557 -45.09 -6.19 -100.66
CA ALA C 1557 -45.37 -6.45 -99.25
C ALA C 1557 -45.82 -5.21 -98.50
N LEU C 1558 -45.41 -4.02 -98.97
CA LEU C 1558 -45.95 -2.78 -98.42
C LEU C 1558 -47.43 -2.64 -98.75
N GLU C 1559 -47.81 -3.03 -99.97
CA GLU C 1559 -49.20 -2.94 -100.41
C GLU C 1559 -50.10 -3.92 -99.67
N ASP C 1560 -49.56 -5.07 -99.25
CA ASP C 1560 -50.35 -6.09 -98.58
C ASP C 1560 -50.72 -5.63 -97.18
N ALA C 1561 -52.02 -5.64 -96.88
CA ALA C 1561 -52.50 -5.09 -95.62
C ALA C 1561 -52.59 -6.13 -94.51
N HIS C 1562 -52.87 -7.40 -94.83
CA HIS C 1562 -53.00 -8.42 -93.80
C HIS C 1562 -51.80 -9.35 -93.85
N LEU C 1563 -51.27 -9.65 -92.65
CA LEU C 1563 -49.99 -10.32 -92.40
C LEU C 1563 -49.86 -10.49 -90.90
N PRO C 1564 -49.03 -11.42 -90.41
CA PRO C 1564 -48.88 -11.54 -88.94
C PRO C 1564 -48.06 -10.43 -88.30
N GLY C 1565 -47.00 -9.93 -88.93
CA GLY C 1565 -46.28 -8.79 -88.38
C GLY C 1565 -44.83 -9.01 -88.00
N PRO C 1566 -44.50 -10.11 -87.32
CA PRO C 1566 -43.10 -10.56 -87.28
C PRO C 1566 -42.62 -11.14 -88.61
N LEU C 1567 -43.53 -11.29 -89.55
CA LEU C 1567 -43.28 -11.46 -90.97
C LEU C 1567 -43.12 -10.05 -91.56
N ARG C 1568 -43.43 -9.88 -92.85
CA ARG C 1568 -43.09 -8.76 -93.74
C ARG C 1568 -43.27 -7.35 -93.20
N ALA C 1569 -44.02 -7.17 -92.11
CA ALA C 1569 -44.01 -5.88 -91.42
C ALA C 1569 -42.65 -5.64 -90.76
N GLY C 1570 -41.94 -6.72 -90.43
CA GLY C 1570 -40.56 -6.65 -90.06
C GLY C 1570 -39.59 -6.42 -91.19
N TYR C 1571 -40.02 -6.62 -92.44
CA TYR C 1571 -39.11 -6.41 -93.58
C TYR C 1571 -38.75 -4.95 -93.76
N TYR C 1572 -39.64 -4.03 -93.38
CA TYR C 1572 -39.47 -2.63 -93.76
C TYR C 1572 -38.61 -1.85 -92.78
N ASP C 1573 -37.71 -2.54 -92.10
CA ASP C 1573 -36.44 -1.97 -91.69
C ASP C 1573 -35.28 -2.45 -92.55
N LEU C 1574 -35.39 -3.61 -93.19
CA LEU C 1574 -34.32 -4.11 -94.06
C LEU C 1574 -34.22 -3.28 -95.33
N LEU C 1575 -35.37 -2.86 -95.86
CA LEU C 1575 -35.39 -1.84 -96.90
C LEU C 1575 -34.75 -0.56 -96.41
N ILE C 1576 -34.97 -0.22 -95.15
CA ILE C 1576 -34.36 0.97 -94.58
C ILE C 1576 -32.89 0.72 -94.27
N SER C 1577 -32.54 -0.51 -93.88
CA SER C 1577 -31.16 -0.86 -93.51
C SER C 1577 -30.22 -0.91 -94.70
N ILE C 1578 -30.72 -0.88 -95.93
CA ILE C 1578 -29.86 -0.88 -97.10
C ILE C 1578 -30.01 0.40 -97.93
N HIS C 1579 -30.88 1.32 -97.53
CA HIS C 1579 -30.99 2.56 -98.31
C HIS C 1579 -30.89 3.83 -97.48
N LEU C 1580 -31.45 3.84 -96.26
CA LEU C 1580 -31.15 4.93 -95.33
C LEU C 1580 -29.71 4.88 -94.85
N GLU C 1581 -29.11 3.69 -94.86
CA GLU C 1581 -27.89 3.43 -94.11
C GLU C 1581 -26.70 4.18 -94.69
N SER C 1582 -26.53 4.13 -96.01
CA SER C 1582 -25.51 4.93 -96.65
C SER C 1582 -25.95 6.38 -96.88
N ALA C 1583 -27.23 6.68 -96.66
CA ALA C 1583 -27.79 7.99 -96.93
C ALA C 1583 -27.89 8.88 -95.70
N CYS C 1584 -28.55 8.41 -94.65
CA CYS C 1584 -28.76 9.23 -93.46
C CYS C 1584 -27.48 9.46 -92.68
N ARG C 1585 -26.60 8.45 -92.62
CA ARG C 1585 -25.35 8.58 -91.90
C ARG C 1585 -24.44 9.62 -92.54
N SER C 1586 -24.44 9.68 -93.87
CA SER C 1586 -23.84 10.83 -94.56
C SER C 1586 -24.59 12.11 -94.22
N ARG C 1587 -25.93 12.05 -94.22
CA ARG C 1587 -26.75 13.24 -94.00
C ARG C 1587 -26.66 13.75 -92.57
N ARG C 1588 -26.74 12.85 -91.58
CA ARG C 1588 -26.70 13.27 -90.19
C ARG C 1588 -25.31 13.76 -89.79
N SER C 1589 -24.26 13.32 -90.48
CA SER C 1589 -22.93 13.86 -90.26
C SER C 1589 -22.86 15.30 -90.72
N MET C 1590 -23.47 15.61 -91.86
CA MET C 1590 -23.51 16.96 -92.41
C MET C 1590 -24.65 17.78 -91.83
N LEU C 1591 -25.43 17.21 -90.91
CA LEU C 1591 -26.66 17.86 -90.46
C LEU C 1591 -26.36 19.06 -89.57
N SER C 1592 -25.50 18.88 -88.58
CA SER C 1592 -25.10 19.98 -87.71
C SER C 1592 -23.84 20.67 -88.23
N GLU C 1593 -23.86 21.00 -89.52
CA GLU C 1593 -22.77 21.73 -90.16
C GLU C 1593 -23.41 22.81 -91.01
N TYR C 1594 -23.55 24.00 -90.44
CA TYR C 1594 -24.32 25.08 -91.03
C TYR C 1594 -23.38 25.96 -91.83
N ILE C 1595 -23.67 26.11 -93.13
CA ILE C 1595 -22.79 26.82 -94.05
C ILE C 1595 -23.64 27.35 -95.19
N VAL C 1596 -23.33 28.56 -95.66
CA VAL C 1596 -24.21 29.27 -96.57
C VAL C 1596 -23.41 30.15 -97.53
N PRO C 1597 -23.79 30.21 -98.82
CA PRO C 1597 -23.19 31.20 -99.71
C PRO C 1597 -23.92 32.52 -99.65
N LEU C 1598 -23.56 33.49 -100.49
CA LEU C 1598 -24.36 34.70 -100.66
C LEU C 1598 -25.11 34.55 -101.97
N THR C 1599 -26.33 34.03 -101.89
CA THR C 1599 -27.26 33.96 -102.99
C THR C 1599 -28.37 34.99 -102.76
N PRO C 1600 -29.13 35.35 -103.79
CA PRO C 1600 -30.37 36.10 -103.54
C PRO C 1600 -31.38 35.31 -102.72
N GLU C 1601 -31.33 33.98 -102.77
CA GLU C 1601 -32.11 33.17 -101.83
C GLU C 1601 -31.61 33.38 -100.40
N THR C 1602 -30.28 33.45 -100.22
CA THR C 1602 -29.74 33.83 -98.92
C THR C 1602 -30.04 35.28 -98.59
N ARG C 1603 -29.86 36.18 -99.56
CA ARG C 1603 -30.11 37.61 -99.35
C ARG C 1603 -31.57 37.89 -99.04
N ALA C 1604 -32.49 37.10 -99.57
CA ALA C 1604 -33.89 37.21 -99.20
C ALA C 1604 -34.31 35.90 -98.57
N ILE C 1605 -34.06 35.75 -97.26
CA ILE C 1605 -34.75 34.77 -96.43
C ILE C 1605 -34.82 35.28 -94.99
N THR C 1606 -36.04 35.33 -94.46
CA THR C 1606 -36.34 35.73 -93.11
C THR C 1606 -37.71 35.15 -92.79
N LEU C 1607 -38.36 35.70 -91.76
CA LEU C 1607 -39.73 35.30 -91.41
C LEU C 1607 -40.69 35.53 -92.57
N PHE C 1608 -40.78 36.77 -93.07
CA PHE C 1608 -41.59 37.26 -94.18
C PHE C 1608 -43.04 36.76 -94.20
N PRO C 1609 -43.93 37.26 -93.34
CA PRO C 1609 -45.36 36.91 -93.50
C PRO C 1609 -46.08 37.90 -94.41
N PRO C 1610 -46.69 37.42 -95.51
CA PRO C 1610 -47.48 38.30 -96.37
C PRO C 1610 -48.87 38.51 -95.81
N GLY C 1611 -49.20 39.76 -95.51
CA GLY C 1611 -50.53 40.09 -95.03
C GLY C 1611 -50.70 41.53 -94.60
N ARG C 1612 -51.41 41.74 -93.49
CA ARG C 1612 -51.64 43.06 -92.92
C ARG C 1612 -50.76 43.29 -91.70
N LYS C 1613 -49.52 42.80 -91.74
CA LYS C 1613 -48.51 42.89 -90.69
C LYS C 1613 -48.96 42.27 -89.36
N GLY C 1614 -49.85 41.28 -89.41
CA GLY C 1614 -50.30 40.61 -88.21
C GLY C 1614 -49.62 39.27 -88.00
N GLY C 1615 -49.20 38.64 -89.11
CA GLY C 1615 -48.52 37.36 -89.03
C GLY C 1615 -47.11 37.44 -88.49
N ASN C 1616 -46.52 38.64 -88.44
CA ASN C 1616 -45.23 38.80 -87.78
C ASN C 1616 -45.37 38.65 -86.28
N ALA C 1617 -46.40 39.28 -85.70
CA ALA C 1617 -46.70 39.11 -84.28
C ALA C 1617 -47.39 37.79 -84.00
N ARG C 1618 -48.04 37.19 -84.99
CA ARG C 1618 -48.65 35.87 -84.85
C ARG C 1618 -47.61 34.80 -85.16
N ARG C 1619 -48.07 33.58 -85.40
CA ARG C 1619 -47.18 32.49 -85.80
C ARG C 1619 -46.55 32.78 -87.15
N HIS C 1620 -45.29 32.40 -87.28
CA HIS C 1620 -44.48 32.76 -88.45
C HIS C 1620 -44.71 31.84 -89.64
N GLY C 1621 -45.73 30.99 -89.60
CA GLY C 1621 -46.04 30.11 -90.69
C GLY C 1621 -45.95 28.65 -90.30
N LEU C 1622 -45.10 27.90 -91.00
CA LEU C 1622 -44.95 26.47 -90.81
C LEU C 1622 -43.48 26.11 -90.88
N PRO C 1623 -43.07 25.02 -90.22
CA PRO C 1623 -41.78 24.41 -90.55
C PRO C 1623 -41.85 23.66 -91.87
N GLY C 1624 -40.70 23.16 -92.30
CA GLY C 1624 -40.63 22.54 -93.60
C GLY C 1624 -40.75 23.56 -94.71
N VAL C 1625 -39.70 24.38 -94.87
CA VAL C 1625 -39.71 25.49 -95.80
C VAL C 1625 -38.80 25.06 -96.95
N GLY C 1626 -38.65 25.89 -97.98
CA GLY C 1626 -37.95 25.52 -99.18
C GLY C 1626 -36.44 25.55 -99.06
N VAL C 1627 -35.79 26.25 -99.98
CA VAL C 1627 -34.33 26.22 -100.07
C VAL C 1627 -33.72 26.92 -98.87
N THR C 1628 -33.09 26.13 -98.00
CA THR C 1628 -32.40 26.64 -96.82
C THR C 1628 -30.94 27.00 -97.12
N THR C 1629 -30.53 26.92 -98.38
CA THR C 1629 -29.21 27.36 -98.90
C THR C 1629 -28.04 26.72 -98.14
N SER C 1630 -28.22 25.47 -97.75
CA SER C 1630 -27.18 24.70 -97.09
C SER C 1630 -26.41 23.90 -98.14
N LEU C 1631 -25.11 23.71 -97.89
CA LEU C 1631 -24.25 23.06 -98.88
C LEU C 1631 -24.47 21.56 -98.75
N ARG C 1632 -25.37 21.04 -99.57
CA ARG C 1632 -25.85 19.65 -99.46
C ARG C 1632 -25.53 18.87 -100.73
N PRO C 1633 -24.80 17.77 -100.63
CA PRO C 1633 -24.48 16.95 -101.81
C PRO C 1633 -25.53 15.89 -102.03
N PRO C 1634 -25.60 15.29 -103.24
CA PRO C 1634 -26.55 14.19 -103.47
C PRO C 1634 -26.08 12.86 -102.92
N HIS C 1635 -26.84 11.79 -103.17
CA HIS C 1635 -26.58 10.49 -102.56
C HIS C 1635 -25.87 9.51 -103.47
N HIS C 1636 -25.94 9.72 -104.79
CA HIS C 1636 -25.18 8.97 -105.81
C HIS C 1636 -25.52 7.47 -105.78
N PHE C 1637 -26.76 7.17 -106.18
CA PHE C 1637 -27.20 5.79 -106.25
C PHE C 1637 -26.59 5.09 -107.47
N SER C 1638 -26.97 3.82 -107.64
CA SER C 1638 -26.51 2.99 -108.76
C SER C 1638 -27.51 1.86 -108.96
N PRO C 1639 -28.10 1.73 -110.14
CA PRO C 1639 -29.00 0.60 -110.41
C PRO C 1639 -28.23 -0.70 -110.50
N PRO C 1640 -28.58 -1.70 -109.70
CA PRO C 1640 -27.84 -2.96 -109.72
C PRO C 1640 -28.19 -3.84 -110.92
N CYS C 1641 -27.14 -4.43 -111.49
CA CYS C 1641 -27.31 -5.37 -112.59
C CYS C 1641 -26.24 -6.46 -112.45
N PHE C 1642 -26.52 -7.61 -113.06
CA PHE C 1642 -25.58 -8.73 -113.00
C PHE C 1642 -25.36 -9.42 -114.33
N VAL C 1643 -26.00 -8.95 -115.41
CA VAL C 1643 -25.61 -9.33 -116.77
C VAL C 1643 -24.38 -8.59 -117.23
N ALA C 1644 -23.88 -7.64 -116.45
CA ALA C 1644 -22.63 -6.97 -116.73
C ALA C 1644 -21.45 -7.92 -116.49
N ALA C 1645 -20.29 -7.54 -117.01
CA ALA C 1645 -19.10 -8.35 -116.88
C ALA C 1645 -18.47 -8.19 -115.50
N LEU C 1646 -17.37 -8.90 -115.29
CA LEU C 1646 -16.65 -8.84 -114.04
C LEU C 1646 -15.85 -7.52 -113.96
N PRO C 1647 -15.71 -6.96 -112.76
CA PRO C 1647 -14.88 -5.75 -112.62
C PRO C 1647 -13.40 -6.09 -112.73
N ALA C 1648 -12.65 -5.18 -113.34
CA ALA C 1648 -11.19 -5.26 -113.56
C ALA C 1648 -10.75 -6.54 -114.27
N GLU C 1653 -9.84 -1.32 -106.38
CA GLU C 1653 -9.39 -0.79 -107.65
C GLU C 1653 -10.11 0.52 -107.97
N ALA C 1654 -11.19 0.78 -107.24
CA ALA C 1654 -12.05 1.92 -107.49
C ALA C 1654 -12.92 2.14 -106.25
N PRO C 1655 -13.56 3.31 -106.12
CA PRO C 1655 -14.64 3.44 -105.14
C PRO C 1655 -15.85 2.63 -105.59
N ALA C 1656 -15.82 1.33 -105.29
CA ALA C 1656 -16.51 0.28 -106.03
C ALA C 1656 -18.02 0.43 -106.17
N ARG C 1657 -18.76 0.34 -105.06
CA ARG C 1657 -20.21 0.29 -105.11
C ARG C 1657 -20.76 1.44 -104.29
N LEU C 1658 -21.54 2.31 -104.92
CA LEU C 1658 -22.00 3.53 -104.25
C LEU C 1658 -23.26 3.30 -103.43
N SER C 1659 -24.38 2.94 -104.09
CA SER C 1659 -25.68 2.73 -103.45
C SER C 1659 -26.63 2.02 -104.41
N PRO C 1660 -27.36 0.99 -103.95
CA PRO C 1660 -28.43 0.44 -104.79
C PRO C 1660 -29.59 1.42 -104.92
N ALA C 1661 -30.24 1.40 -106.07
CA ALA C 1661 -31.15 2.46 -106.46
C ALA C 1661 -32.61 2.01 -106.47
N ILE C 1662 -33.49 2.91 -106.07
CA ILE C 1662 -34.94 2.74 -106.13
C ILE C 1662 -35.52 4.04 -106.69
N PRO C 1663 -36.54 3.99 -107.57
CA PRO C 1663 -37.36 5.19 -107.79
C PRO C 1663 -38.03 5.65 -106.52
N LEU C 1664 -37.67 6.85 -106.06
CA LEU C 1664 -38.01 7.27 -104.71
C LEU C 1664 -39.28 8.10 -104.61
N GLU C 1665 -39.55 8.95 -105.61
CA GLU C 1665 -40.67 9.88 -105.51
C GLU C 1665 -42.01 9.15 -105.59
N ALA C 1666 -42.10 8.11 -106.42
CA ALA C 1666 -43.30 7.28 -106.43
C ALA C 1666 -43.38 6.43 -105.16
N LEU C 1667 -42.23 5.99 -104.65
CA LEU C 1667 -42.21 5.27 -103.38
C LEU C 1667 -42.53 6.23 -102.23
N ARG C 1668 -42.17 7.50 -102.38
CA ARG C 1668 -42.54 8.52 -101.42
C ARG C 1668 -44.05 8.68 -101.33
N ASP C 1669 -44.72 8.78 -102.48
CA ASP C 1669 -46.17 8.94 -102.49
C ASP C 1669 -46.88 7.68 -102.05
N LYS C 1670 -46.26 6.51 -102.25
CA LYS C 1670 -46.85 5.27 -101.77
C LYS C 1670 -46.84 5.19 -100.25
N ALA C 1671 -45.75 5.66 -99.63
CA ALA C 1671 -45.71 5.73 -98.18
C ALA C 1671 -46.49 6.92 -97.65
N LEU C 1672 -46.64 7.98 -98.46
CA LEU C 1672 -47.38 9.16 -98.01
C LEU C 1672 -48.87 8.87 -97.89
N ARG C 1673 -49.42 8.10 -98.84
CA ARG C 1673 -50.85 7.82 -98.83
C ARG C 1673 -51.25 6.83 -97.75
N MET C 1674 -50.35 5.90 -97.38
CA MET C 1674 -50.68 4.92 -96.36
C MET C 1674 -50.60 5.51 -94.96
N LEU C 1675 -49.83 6.60 -94.81
CA LEU C 1675 -49.73 7.27 -93.53
C LEU C 1675 -51.06 7.91 -93.13
N GLY C 1676 -51.63 8.72 -94.03
CA GLY C 1676 -52.96 9.26 -93.78
C GLY C 1676 -54.05 8.22 -93.81
N GLU C 1677 -53.82 7.10 -94.51
CA GLU C 1677 -54.76 5.98 -94.46
C GLU C 1677 -54.80 5.34 -93.08
N ALA C 1678 -53.63 5.12 -92.49
CA ALA C 1678 -53.56 4.47 -91.18
C ALA C 1678 -54.11 5.35 -90.07
N VAL C 1679 -54.06 6.68 -90.26
CA VAL C 1679 -54.73 7.59 -89.33
C VAL C 1679 -56.23 7.40 -89.40
N ARG C 1680 -56.79 7.33 -90.61
CA ARG C 1680 -58.20 7.04 -90.76
C ARG C 1680 -58.53 5.60 -90.38
N ASP C 1681 -57.58 4.68 -90.57
CA ASP C 1681 -57.81 3.29 -90.20
C ASP C 1681 -57.79 3.09 -88.70
N GLY C 1682 -56.97 3.85 -87.97
CA GLY C 1682 -56.97 3.74 -86.53
C GLY C 1682 -58.18 4.39 -85.88
N GLY C 1683 -58.66 5.48 -86.47
CA GLY C 1683 -59.83 6.17 -85.96
C GLY C 1683 -61.13 5.41 -86.11
N GLN C 1684 -61.17 4.38 -86.97
CA GLN C 1684 -62.34 3.53 -87.08
C GLN C 1684 -62.47 2.58 -85.88
N HIS C 1685 -61.38 2.38 -85.13
CA HIS C 1685 -61.32 1.53 -83.94
C HIS C 1685 -61.73 0.09 -84.26
N ALA C 1686 -61.21 -0.43 -85.36
CA ALA C 1686 -61.53 -1.77 -85.80
C ALA C 1686 -60.76 -2.80 -84.97
N ARG C 1687 -61.35 -4.00 -84.89
CA ARG C 1687 -60.68 -5.17 -84.33
C ARG C 1687 -59.86 -5.91 -85.37
N ASP C 1688 -59.56 -5.26 -86.50
CA ASP C 1688 -58.82 -5.77 -87.64
C ASP C 1688 -57.30 -5.87 -87.51
N PRO C 1689 -56.61 -4.97 -86.77
CA PRO C 1689 -55.44 -4.20 -87.24
C PRO C 1689 -54.30 -4.94 -87.94
N VAL C 1690 -53.59 -4.16 -88.76
CA VAL C 1690 -52.48 -4.66 -89.57
C VAL C 1690 -51.42 -5.28 -88.69
N GLY C 1691 -51.03 -6.52 -89.01
CA GLY C 1691 -50.11 -7.25 -88.18
C GLY C 1691 -50.64 -7.67 -86.84
N GLY C 1692 -51.95 -7.80 -86.70
CA GLY C 1692 -52.53 -8.32 -85.48
C GLY C 1692 -52.84 -7.29 -84.40
N SER C 1693 -51.93 -6.35 -84.17
CA SER C 1693 -52.09 -5.40 -83.07
C SER C 1693 -51.92 -3.98 -83.58
N VAL C 1694 -51.95 -3.03 -82.64
CA VAL C 1694 -51.86 -1.62 -82.98
C VAL C 1694 -50.44 -1.25 -83.39
N GLU C 1695 -49.45 -1.78 -82.66
CA GLU C 1695 -48.05 -1.43 -82.90
C GLU C 1695 -47.58 -1.98 -84.25
N PHE C 1696 -48.10 -3.12 -84.67
CA PHE C 1696 -47.79 -3.58 -86.01
C PHE C 1696 -48.58 -2.82 -87.07
N GLN C 1697 -49.75 -2.30 -86.73
CA GLN C 1697 -50.46 -1.42 -87.65
C GLN C 1697 -49.71 -0.10 -87.80
N PHE C 1698 -49.06 0.34 -86.72
CA PHE C 1698 -48.11 1.45 -86.80
C PHE C 1698 -46.71 0.90 -87.03
N VAL C 1699 -46.62 0.22 -88.17
CA VAL C 1699 -45.47 -0.44 -88.78
C VAL C 1699 -44.32 0.55 -88.97
N PRO C 1700 -43.04 0.09 -89.07
CA PRO C 1700 -41.92 1.00 -89.40
C PRO C 1700 -41.96 1.71 -90.75
N VAL C 1701 -43.07 1.68 -91.48
CA VAL C 1701 -43.38 2.73 -92.45
C VAL C 1701 -43.34 4.11 -91.78
N LEU C 1702 -43.71 4.18 -90.49
CA LEU C 1702 -43.47 5.39 -89.69
C LEU C 1702 -41.98 5.77 -89.66
N LYS C 1703 -41.10 4.78 -89.61
CA LYS C 1703 -39.68 5.06 -89.75
C LYS C 1703 -39.33 5.40 -91.19
N LEU C 1704 -40.03 4.78 -92.14
CA LEU C 1704 -39.87 5.12 -93.56
C LEU C 1704 -40.34 6.54 -93.84
N VAL C 1705 -41.32 7.04 -93.09
CA VAL C 1705 -41.67 8.46 -93.13
C VAL C 1705 -40.47 9.31 -92.74
N SER C 1706 -39.81 8.94 -91.64
CA SER C 1706 -38.63 9.66 -91.20
C SER C 1706 -37.41 9.39 -92.07
N THR C 1707 -37.42 8.29 -92.83
CA THR C 1707 -36.30 7.94 -93.71
C THR C 1707 -36.11 8.97 -94.81
N LEU C 1708 -37.19 9.27 -95.53
CA LEU C 1708 -37.12 10.29 -96.57
C LEU C 1708 -37.14 11.69 -95.97
N LEU C 1709 -37.57 11.82 -94.72
CA LEU C 1709 -37.67 13.13 -94.09
C LEU C 1709 -36.30 13.69 -93.76
N VAL C 1710 -35.42 12.86 -93.18
CA VAL C 1710 -34.05 13.28 -92.93
C VAL C 1710 -33.28 13.47 -94.22
N MET C 1711 -33.62 12.73 -95.28
CA MET C 1711 -32.97 12.89 -96.57
C MET C 1711 -33.50 14.09 -97.36
N GLY C 1712 -34.56 14.72 -96.89
CA GLY C 1712 -35.11 15.88 -97.58
C GLY C 1712 -35.83 15.56 -98.88
N ILE C 1713 -36.54 14.44 -98.94
CA ILE C 1713 -37.15 14.01 -100.19
C ILE C 1713 -38.53 14.65 -100.37
N PHE C 1714 -39.26 14.84 -99.27
CA PHE C 1714 -40.61 15.38 -99.32
C PHE C 1714 -40.63 16.81 -99.81
N GLY C 1715 -41.57 17.09 -100.71
CA GLY C 1715 -41.83 18.45 -101.16
C GLY C 1715 -42.58 19.24 -100.10
N ASP C 1716 -42.83 20.51 -100.43
CA ASP C 1716 -43.45 21.42 -99.46
C ASP C 1716 -44.91 21.03 -99.22
N GLU C 1717 -45.61 20.58 -100.27
CA GLU C 1717 -46.94 20.04 -100.07
C GLU C 1717 -46.91 18.67 -99.44
N ASP C 1718 -45.84 17.91 -99.67
CA ASP C 1718 -45.66 16.65 -98.97
C ASP C 1718 -45.35 16.90 -97.50
N VAL C 1719 -44.59 17.96 -97.21
CA VAL C 1719 -44.48 18.47 -95.84
C VAL C 1719 -45.84 18.91 -95.32
N LYS C 1720 -46.62 19.62 -96.16
CA LYS C 1720 -47.94 20.07 -95.76
C LYS C 1720 -48.90 18.91 -95.55
N GLN C 1721 -48.69 17.80 -96.26
CA GLN C 1721 -49.59 16.67 -96.12
C GLN C 1721 -49.31 15.88 -94.86
N ILE C 1722 -48.04 15.68 -94.52
CA ILE C 1722 -47.72 14.91 -93.32
C ILE C 1722 -47.94 15.71 -92.04
N LEU C 1723 -47.99 17.04 -92.12
CA LEU C 1723 -48.44 17.83 -90.99
C LEU C 1723 -49.95 17.94 -90.90
N LYS C 1724 -50.68 17.44 -91.89
CA LYS C 1724 -52.14 17.50 -91.86
C LYS C 1724 -52.76 16.45 -90.95
N MET C 1725 -51.96 15.60 -90.31
CA MET C 1725 -52.49 14.67 -89.31
C MET C 1725 -52.77 15.35 -87.98
N ILE C 1726 -52.12 16.49 -87.72
CA ILE C 1726 -52.41 17.30 -86.54
C ILE C 1726 -52.79 18.67 -87.08
N GLU C 1727 -53.47 18.66 -88.24
CA GLU C 1727 -53.92 19.88 -88.91
C GLU C 1727 -54.71 20.88 -88.07
N PRO C 1728 -55.59 20.49 -87.12
CA PRO C 1728 -56.17 21.53 -86.24
C PRO C 1728 -55.18 22.19 -85.29
N GLU C 1729 -54.02 21.57 -85.05
CA GLU C 1729 -52.99 22.23 -84.26
C GLU C 1729 -51.88 22.79 -85.14
N VAL C 1730 -51.62 22.16 -86.29
CA VAL C 1730 -50.67 22.72 -87.25
C VAL C 1730 -51.18 24.02 -87.83
N PHE C 1731 -52.50 24.09 -88.13
CA PHE C 1731 -53.24 25.31 -88.43
C PHE C 1731 -52.67 26.03 -89.67
N THR C 1732 -52.88 25.40 -90.82
CA THR C 1732 -52.40 25.87 -92.11
C THR C 1732 -52.95 27.26 -92.46
N GLU C 1733 -52.36 27.85 -93.50
CA GLU C 1733 -52.52 29.28 -93.78
C GLU C 1733 -53.91 29.65 -94.29
N GLU C 1734 -54.74 28.69 -94.66
CA GLU C 1734 -56.09 28.98 -95.14
C GLU C 1734 -56.98 29.45 -93.99
N LEU C 1782 -65.17 12.58 -86.36
CA LEU C 1782 -64.69 13.53 -87.36
C LEU C 1782 -63.22 13.28 -87.67
N GLU C 1783 -62.56 14.29 -88.22
CA GLU C 1783 -61.13 14.22 -88.56
C GLU C 1783 -60.33 14.37 -87.28
N GLU C 1784 -60.13 13.26 -86.58
CA GLU C 1784 -59.40 13.26 -85.32
C GLU C 1784 -57.91 13.44 -85.56
N GLY C 1785 -57.26 14.14 -84.65
CA GLY C 1785 -55.84 14.40 -84.77
C GLY C 1785 -55.00 13.16 -84.53
N LEU C 1786 -53.74 13.26 -84.92
CA LEU C 1786 -52.81 12.13 -84.74
C LEU C 1786 -52.47 11.92 -83.27
N LEU C 1787 -52.40 12.99 -82.50
CA LEU C 1787 -51.89 12.90 -81.13
C LEU C 1787 -52.89 12.27 -80.18
N GLN C 1788 -54.18 12.27 -80.54
CA GLN C 1788 -55.22 11.89 -79.60
C GLN C 1788 -55.51 10.40 -79.57
N MET C 1789 -54.70 9.58 -80.22
CA MET C 1789 -54.89 8.13 -80.14
C MET C 1789 -54.01 7.54 -79.05
N LYS C 1790 -54.40 6.37 -78.56
CA LYS C 1790 -53.65 5.68 -77.52
C LYS C 1790 -52.40 5.03 -78.11
N LEU C 1791 -51.37 5.84 -78.35
CA LEU C 1791 -50.13 5.38 -78.97
C LEU C 1791 -49.18 4.96 -77.86
N PRO C 1792 -49.05 3.65 -77.56
CA PRO C 1792 -48.52 3.23 -76.25
C PRO C 1792 -47.08 3.61 -75.92
N GLU C 1793 -46.09 3.05 -76.60
CA GLU C 1793 -44.71 3.45 -76.33
C GLU C 1793 -43.92 3.68 -77.60
N SER C 1794 -44.11 2.80 -78.58
CA SER C 1794 -43.24 2.77 -79.75
C SER C 1794 -43.62 3.80 -80.79
N VAL C 1795 -44.88 4.21 -80.84
CA VAL C 1795 -45.27 5.24 -81.79
C VAL C 1795 -44.77 6.59 -81.30
N LYS C 1796 -44.70 6.79 -79.99
CA LYS C 1796 -44.27 8.08 -79.45
C LYS C 1796 -42.78 8.30 -79.66
N LEU C 1797 -41.97 7.26 -79.56
CA LEU C 1797 -40.54 7.44 -79.76
C LEU C 1797 -40.22 7.69 -81.23
N GLN C 1798 -40.98 7.07 -82.12
CA GLN C 1798 -40.94 7.47 -83.53
C GLN C 1798 -41.46 8.89 -83.71
N MET C 1799 -42.46 9.28 -82.93
CA MET C 1799 -42.94 10.66 -82.94
C MET C 1799 -41.92 11.59 -82.30
N CYS C 1800 -41.19 11.11 -81.30
CA CYS C 1800 -40.06 11.87 -80.77
C CYS C 1800 -38.94 11.98 -81.79
N ASN C 1801 -38.75 10.94 -82.60
CA ASN C 1801 -37.84 11.04 -83.73
C ASN C 1801 -38.40 11.99 -84.79
N LEU C 1802 -39.72 12.00 -84.95
CA LEU C 1802 -40.36 12.86 -85.93
C LEU C 1802 -40.24 14.33 -85.54
N LEU C 1803 -40.69 14.67 -84.33
CA LEU C 1803 -40.75 16.05 -83.91
C LEU C 1803 -39.39 16.63 -83.56
N GLU C 1804 -38.36 15.80 -83.43
CA GLU C 1804 -36.99 16.30 -83.33
C GLU C 1804 -36.56 17.00 -84.60
N TYR C 1805 -37.02 16.50 -85.76
CA TYR C 1805 -36.66 17.09 -87.03
C TYR C 1805 -37.26 18.48 -87.20
N PHE C 1806 -38.45 18.70 -86.63
CA PHE C 1806 -39.17 19.94 -86.87
C PHE C 1806 -38.60 21.10 -86.08
N CYS C 1807 -38.04 20.82 -84.89
CA CYS C 1807 -37.33 21.85 -84.15
C CYS C 1807 -36.04 22.24 -84.85
N ASP C 1808 -35.44 21.31 -85.59
CA ASP C 1808 -34.27 21.62 -86.40
C ASP C 1808 -34.63 22.54 -87.55
N GLN C 1809 -35.81 22.35 -88.14
CA GLN C 1809 -36.18 23.12 -89.34
C GLN C 1809 -36.47 24.57 -88.99
N GLU C 1810 -37.08 24.82 -87.84
CA GLU C 1810 -37.19 26.19 -87.34
C GLU C 1810 -35.82 26.76 -87.02
N LEU C 1811 -34.96 25.96 -86.40
CA LEU C 1811 -33.62 26.43 -86.05
C LEU C 1811 -32.76 26.63 -87.29
N GLN C 1812 -32.91 25.76 -88.30
CA GLN C 1812 -32.22 25.98 -89.56
C GLN C 1812 -32.79 27.19 -90.29
N HIS C 1813 -34.09 27.45 -90.12
CA HIS C 1813 -34.66 28.71 -90.57
C HIS C 1813 -34.16 29.87 -89.73
N ARG C 1814 -33.93 29.64 -88.43
CA ARG C 1814 -33.45 30.69 -87.55
C ARG C 1814 -32.00 31.03 -87.84
N VAL C 1815 -31.15 30.02 -88.04
CA VAL C 1815 -29.72 30.26 -88.20
C VAL C 1815 -29.41 30.86 -89.56
N GLU C 1816 -30.31 30.69 -90.54
CA GLU C 1816 -30.09 31.28 -91.84
C GLU C 1816 -30.58 32.73 -91.89
N SER C 1817 -31.76 32.99 -91.33
CA SER C 1817 -32.32 34.33 -91.28
C SER C 1817 -31.48 35.26 -90.41
N LEU C 1818 -30.83 34.71 -89.38
CA LEU C 1818 -29.81 35.47 -88.65
C LEU C 1818 -28.61 35.74 -89.55
N ALA C 1819 -28.14 34.73 -90.28
CA ALA C 1819 -27.01 34.91 -91.17
C ALA C 1819 -27.39 35.77 -92.37
N ALA C 1820 -28.67 35.78 -92.75
CA ALA C 1820 -29.11 36.65 -93.83
C ALA C 1820 -29.05 38.12 -93.43
N PHE C 1821 -29.55 38.43 -92.23
CA PHE C 1821 -29.59 39.82 -91.77
C PHE C 1821 -28.20 40.36 -91.50
N ALA C 1822 -27.26 39.51 -91.09
CA ALA C 1822 -25.93 39.94 -90.70
C ALA C 1822 -25.01 40.21 -91.89
N GLU C 1823 -25.48 40.04 -93.11
CA GLU C 1823 -24.61 40.21 -94.27
C GLU C 1823 -24.98 41.42 -95.12
N ARG C 1824 -26.27 41.70 -95.31
CA ARG C 1824 -26.64 42.93 -95.99
C ARG C 1824 -26.55 44.14 -95.07
N TYR C 1825 -26.49 43.91 -93.75
CA TYR C 1825 -26.33 44.99 -92.80
C TYR C 1825 -24.87 45.36 -92.58
N VAL C 1826 -23.97 44.38 -92.68
CA VAL C 1826 -22.55 44.70 -92.54
C VAL C 1826 -22.02 45.37 -93.81
N ASP C 1827 -22.72 45.23 -94.94
CA ASP C 1827 -22.32 45.94 -96.15
C ASP C 1827 -22.61 47.43 -96.04
N LYS C 1828 -23.76 47.79 -95.48
CA LYS C 1828 -24.06 49.20 -95.24
C LYS C 1828 -23.38 49.73 -93.99
N LEU C 1829 -22.74 48.85 -93.21
CA LEU C 1829 -21.94 49.26 -92.06
C LEU C 1829 -20.50 49.54 -92.45
N GLN C 1830 -19.92 48.73 -93.33
CA GLN C 1830 -18.60 49.06 -93.84
C GLN C 1830 -18.64 50.27 -94.77
N ALA C 1831 -19.77 50.49 -95.43
CA ALA C 1831 -19.98 51.70 -96.20
C ALA C 1831 -20.23 52.91 -95.31
N ASN C 1832 -20.62 52.69 -94.06
CA ASN C 1832 -20.85 53.79 -93.13
C ASN C 1832 -19.54 54.46 -92.74
N GLN C 1833 -18.54 53.66 -92.34
CA GLN C 1833 -17.22 54.21 -92.10
C GLN C 1833 -16.56 54.66 -93.39
N ARG C 1834 -16.91 54.04 -94.52
CA ARG C 1834 -16.42 54.51 -95.81
C ARG C 1834 -16.93 55.91 -96.13
N SER C 1835 -18.16 56.22 -95.76
CA SER C 1835 -18.64 57.59 -95.83
C SER C 1835 -18.00 58.46 -94.75
N ARG C 1836 -17.60 57.85 -93.64
CA ARG C 1836 -17.07 58.57 -92.51
C ARG C 1836 -15.55 58.68 -92.54
N TYR C 1837 -14.88 57.80 -93.28
CA TYR C 1837 -13.46 57.97 -93.53
C TYR C 1837 -13.21 59.19 -94.41
N ALA C 1838 -14.12 59.49 -95.32
CA ALA C 1838 -14.10 60.77 -96.02
C ALA C 1838 -14.39 61.93 -95.08
N LEU C 1839 -15.19 61.70 -94.04
CA LEU C 1839 -15.48 62.73 -93.05
C LEU C 1839 -14.31 62.99 -92.12
N LEU C 1840 -13.27 62.15 -92.13
CA LEU C 1840 -12.07 62.39 -91.36
C LEU C 1840 -10.84 62.64 -92.23
N MET C 1841 -10.97 62.52 -93.55
CA MET C 1841 -9.88 62.82 -94.46
C MET C 1841 -10.20 64.03 -95.34
N ARG C 1842 -11.31 63.99 -96.08
CA ARG C 1842 -11.73 65.15 -96.86
C ARG C 1842 -12.37 66.22 -95.99
N ALA C 1843 -12.93 65.84 -94.85
CA ALA C 1843 -13.50 66.76 -93.87
C ALA C 1843 -12.72 66.68 -92.58
N PHE C 1844 -11.38 66.66 -92.70
CA PHE C 1844 -10.51 66.33 -91.58
C PHE C 1844 -10.52 67.43 -90.52
N THR C 1845 -10.07 68.63 -90.89
CA THR C 1845 -9.84 69.77 -89.99
C THR C 1845 -9.00 69.35 -88.79
N MET C 1846 -7.75 68.99 -89.11
CA MET C 1846 -6.90 68.21 -88.21
C MET C 1846 -6.54 68.97 -86.95
N SER C 1847 -6.92 68.42 -85.81
CA SER C 1847 -6.64 68.99 -84.50
C SER C 1847 -6.26 67.84 -83.56
N ALA C 1848 -6.24 68.11 -82.26
CA ALA C 1848 -5.86 67.08 -81.30
C ALA C 1848 -6.96 66.04 -81.08
N ALA C 1849 -8.22 66.44 -81.19
CA ALA C 1849 -9.31 65.50 -81.00
C ALA C 1849 -9.49 64.60 -82.22
N GLU C 1850 -9.25 65.13 -83.41
CA GLU C 1850 -9.32 64.30 -84.63
C GLU C 1850 -8.12 63.38 -84.75
N THR C 1851 -6.99 63.72 -84.12
CA THR C 1851 -5.80 62.87 -84.18
C THR C 1851 -5.88 61.69 -83.22
N ALA C 1852 -6.91 61.62 -82.38
CA ALA C 1852 -7.05 60.50 -81.44
C ALA C 1852 -8.19 59.57 -81.79
N ARG C 1853 -9.35 60.10 -82.21
CA ARG C 1853 -10.51 59.26 -82.47
C ARG C 1853 -10.36 58.50 -83.79
N ARG C 1854 -10.09 59.22 -84.88
CA ARG C 1854 -9.95 58.62 -86.19
C ARG C 1854 -8.69 57.78 -86.33
N THR C 1855 -7.67 58.01 -85.48
CA THR C 1855 -6.47 57.19 -85.51
C THR C 1855 -6.75 55.80 -84.98
N ARG C 1856 -7.78 55.66 -84.12
CA ARG C 1856 -8.17 54.34 -83.62
C ARG C 1856 -8.73 53.44 -84.70
N GLU C 1857 -9.12 53.99 -85.84
CA GLU C 1857 -9.55 53.19 -86.96
C GLU C 1857 -8.39 52.78 -87.87
N PHE C 1858 -7.24 53.45 -87.73
CA PHE C 1858 -6.00 52.92 -88.28
C PHE C 1858 -5.46 51.79 -87.41
N ARG C 1859 -5.76 51.84 -86.11
CA ARG C 1859 -5.64 50.71 -85.21
C ARG C 1859 -6.94 49.93 -85.27
N SER C 1860 -7.19 49.05 -84.28
CA SER C 1860 -8.42 48.26 -84.11
C SER C 1860 -8.68 47.38 -85.32
N PRO C 1861 -7.99 46.24 -85.42
CA PRO C 1861 -8.34 45.26 -86.46
C PRO C 1861 -9.78 44.83 -86.34
N PRO C 1862 -10.40 44.39 -87.44
CA PRO C 1862 -11.87 44.23 -87.47
C PRO C 1862 -12.43 43.15 -86.56
N GLN C 1863 -11.60 42.34 -85.92
CA GLN C 1863 -12.06 41.60 -84.75
C GLN C 1863 -12.46 42.54 -83.62
N GLU C 1864 -11.65 43.58 -83.38
CA GLU C 1864 -11.91 44.55 -82.33
C GLU C 1864 -12.59 45.82 -82.84
N GLN C 1865 -12.57 46.07 -84.14
CA GLN C 1865 -13.18 47.28 -84.68
C GLN C 1865 -14.70 47.19 -84.63
N ILE C 1866 -15.25 45.99 -84.90
CA ILE C 1866 -16.68 45.77 -84.71
C ILE C 1866 -17.02 45.82 -83.23
N ASN C 1867 -16.11 45.30 -82.39
CA ASN C 1867 -16.33 45.28 -80.95
C ASN C 1867 -16.39 46.69 -80.37
N MET C 1868 -15.64 47.63 -80.94
CA MET C 1868 -15.81 49.03 -80.57
C MET C 1868 -17.17 49.55 -81.01
N LEU C 1869 -17.61 49.16 -82.20
CA LEU C 1869 -18.78 49.82 -82.80
C LEU C 1869 -20.10 49.15 -82.45
N LEU C 1870 -20.11 47.84 -82.16
CA LEU C 1870 -21.38 47.15 -81.96
C LEU C 1870 -22.05 47.53 -80.65
N HIS C 1871 -21.27 48.01 -79.68
CA HIS C 1871 -21.80 48.25 -78.33
C HIS C 1871 -22.77 49.42 -78.29
N PHE C 1872 -22.74 50.28 -79.31
CA PHE C 1872 -23.66 51.41 -79.36
C PHE C 1872 -25.05 50.97 -79.77
N LYS C 1873 -25.14 49.90 -80.57
CA LYS C 1873 -26.45 49.40 -81.00
C LYS C 1873 -27.17 48.68 -79.87
N ASP C 1874 -26.45 48.20 -78.86
CA ASP C 1874 -27.05 47.57 -77.69
C ASP C 1874 -26.41 48.18 -76.45
N GLU C 1875 -26.96 49.32 -76.01
CA GLU C 1875 -26.61 49.95 -74.75
C GLU C 1875 -27.74 50.89 -74.38
N ALA C 1876 -27.60 51.53 -73.23
CA ALA C 1876 -28.48 52.67 -72.92
C ALA C 1876 -27.82 53.99 -73.32
N ASP C 1877 -27.29 54.03 -74.55
CA ASP C 1877 -26.61 55.17 -75.16
C ASP C 1877 -25.49 55.72 -74.26
N GLU C 1878 -24.83 54.83 -73.53
CA GLU C 1878 -23.95 55.20 -72.43
C GLU C 1878 -22.49 55.02 -72.79
N GLU C 1879 -22.14 55.28 -74.05
CA GLU C 1879 -20.75 55.09 -74.46
C GLU C 1879 -20.26 56.16 -75.42
N ASP C 1880 -20.91 57.34 -75.42
CA ASP C 1880 -20.60 58.45 -76.34
C ASP C 1880 -20.75 57.99 -77.80
N CYS C 1881 -22.02 57.76 -78.15
CA CYS C 1881 -22.41 57.16 -79.42
C CYS C 1881 -21.94 57.99 -80.62
N PRO C 1882 -21.51 57.32 -81.69
CA PRO C 1882 -21.12 58.01 -82.93
C PRO C 1882 -22.30 58.45 -83.78
N LEU C 1883 -21.97 58.87 -85.00
CA LEU C 1883 -22.94 59.28 -86.00
C LEU C 1883 -24.13 58.32 -86.24
N PRO C 1884 -23.95 56.96 -86.44
CA PRO C 1884 -25.12 56.18 -86.88
C PRO C 1884 -26.23 55.99 -85.84
N GLU C 1885 -27.32 56.73 -86.04
CA GLU C 1885 -28.54 56.59 -85.25
C GLU C 1885 -29.63 55.83 -85.99
N ASP C 1886 -29.51 55.68 -87.31
CA ASP C 1886 -30.53 54.99 -88.09
C ASP C 1886 -30.29 53.49 -88.15
N ILE C 1887 -29.05 53.04 -88.05
CA ILE C 1887 -28.75 51.62 -88.19
C ILE C 1887 -28.42 51.02 -86.84
N ARG C 1888 -28.53 51.80 -85.78
CA ARG C 1888 -28.56 51.24 -84.44
C ARG C 1888 -29.96 50.77 -84.06
N GLN C 1889 -30.96 51.10 -84.87
CA GLN C 1889 -32.36 50.82 -84.62
C GLN C 1889 -32.85 49.53 -85.26
N ASP C 1890 -32.50 49.32 -86.54
CA ASP C 1890 -32.93 48.12 -87.25
C ASP C 1890 -32.29 46.86 -86.67
N LEU C 1891 -31.04 46.98 -86.18
CA LEU C 1891 -30.45 45.89 -85.42
C LEU C 1891 -31.22 45.62 -84.14
N GLN C 1892 -31.60 46.69 -83.43
CA GLN C 1892 -32.36 46.54 -82.19
C GLN C 1892 -33.76 46.03 -82.47
N ASP C 1893 -34.34 46.44 -83.60
CA ASP C 1893 -35.62 45.90 -84.02
C ASP C 1893 -35.50 44.44 -84.45
N PHE C 1894 -34.36 44.06 -85.05
CA PHE C 1894 -34.13 42.67 -85.40
C PHE C 1894 -33.87 41.83 -84.17
N HIS C 1895 -33.10 42.36 -83.22
CA HIS C 1895 -32.89 41.71 -81.94
C HIS C 1895 -34.20 41.56 -81.17
N GLN C 1896 -35.10 42.54 -81.30
CA GLN C 1896 -36.45 42.37 -80.81
C GLN C 1896 -37.21 41.32 -81.61
N ASP C 1897 -36.99 41.30 -82.93
CA ASP C 1897 -37.68 40.31 -83.76
C ASP C 1897 -37.09 38.92 -83.63
N LEU C 1898 -35.83 38.80 -83.23
CA LEU C 1898 -35.20 37.48 -83.13
C LEU C 1898 -35.71 36.74 -81.91
N LEU C 1899 -35.88 37.44 -80.79
CA LEU C 1899 -36.48 36.82 -79.61
C LEU C 1899 -37.97 36.55 -79.81
N ALA C 1900 -38.61 37.28 -80.73
CA ALA C 1900 -39.96 36.94 -81.14
C ALA C 1900 -39.99 35.61 -81.88
N HIS C 1901 -38.98 35.36 -82.72
CA HIS C 1901 -38.85 34.06 -83.36
C HIS C 1901 -38.30 33.01 -82.40
N CYS C 1902 -37.57 33.44 -81.38
CA CYS C 1902 -37.06 32.53 -80.36
C CYS C 1902 -38.15 32.23 -79.34
N GLY C 1903 -37.78 31.53 -78.27
CA GLY C 1903 -38.72 31.15 -77.24
C GLY C 1903 -39.10 32.25 -76.27
N ILE C 1904 -38.62 33.46 -76.47
CA ILE C 1904 -38.96 34.58 -75.59
C ILE C 1904 -40.36 35.07 -75.93
N GLN C 1905 -41.22 35.16 -74.91
CA GLN C 1905 -42.57 35.64 -75.09
C GLN C 1905 -42.66 37.17 -75.16
N LEU C 1906 -41.59 37.87 -74.75
CA LEU C 1906 -41.47 39.34 -74.81
C LEU C 1906 -42.58 40.02 -74.03
N GLU C 1907 -42.80 39.59 -72.79
CA GLU C 1907 -43.79 40.20 -71.92
C GLU C 1907 -43.21 41.51 -71.38
N GLY C 1908 -43.38 42.59 -72.13
CA GLY C 1908 -42.84 43.88 -71.75
C GLY C 1908 -41.41 44.06 -72.22
N LYS C 1949 -57.53 26.39 -74.61
CA LYS C 1949 -57.18 27.34 -75.67
C LYS C 1949 -56.53 26.62 -76.84
N LYS C 1950 -55.73 27.37 -77.61
CA LYS C 1950 -55.02 26.82 -78.75
C LYS C 1950 -53.57 27.28 -78.72
N PRO C 1951 -52.62 26.38 -78.97
CA PRO C 1951 -51.21 26.77 -79.04
C PRO C 1951 -50.92 27.64 -80.25
N GLN C 1952 -51.46 27.23 -81.40
CA GLN C 1952 -51.33 27.90 -82.71
C GLN C 1952 -49.88 28.06 -83.14
N SER C 1953 -48.98 27.21 -82.66
CA SER C 1953 -47.56 27.29 -82.95
C SER C 1953 -46.95 25.91 -82.69
N LEU C 1954 -45.62 25.86 -82.62
CA LEU C 1954 -44.89 24.65 -82.30
C LEU C 1954 -44.45 24.60 -80.85
N GLN C 1955 -44.21 25.75 -80.23
CA GLN C 1955 -43.63 25.78 -78.89
C GLN C 1955 -44.65 25.37 -77.84
N GLU C 1956 -45.82 26.02 -77.84
CA GLU C 1956 -46.85 25.68 -76.87
C GLU C 1956 -47.52 24.34 -77.15
N LEU C 1957 -47.41 23.84 -78.38
CA LEU C 1957 -48.04 22.58 -78.74
C LEU C 1957 -47.24 21.40 -78.20
N VAL C 1958 -45.96 21.34 -78.54
CA VAL C 1958 -45.15 20.16 -78.22
C VAL C 1958 -44.83 20.11 -76.73
N SER C 1959 -44.51 21.26 -76.14
CA SER C 1959 -44.13 21.30 -74.73
C SER C 1959 -45.29 20.94 -73.81
N HIS C 1960 -46.52 21.23 -74.23
CA HIS C 1960 -47.68 20.72 -73.52
C HIS C 1960 -47.87 19.22 -73.75
N MET C 1961 -47.52 18.73 -74.93
CA MET C 1961 -47.82 17.36 -75.31
C MET C 1961 -46.99 16.35 -74.52
N VAL C 1962 -45.74 16.70 -74.22
CA VAL C 1962 -44.89 15.76 -73.48
C VAL C 1962 -45.30 15.73 -72.02
N VAL C 1963 -45.79 16.86 -71.49
CA VAL C 1963 -46.26 16.92 -70.11
C VAL C 1963 -47.50 16.06 -69.92
N ARG C 1964 -48.48 16.17 -70.82
CA ARG C 1964 -49.70 15.39 -70.70
C ARG C 1964 -49.47 13.90 -70.96
N TRP C 1965 -48.35 13.55 -71.59
CA TRP C 1965 -47.96 12.14 -71.63
C TRP C 1965 -47.49 11.66 -70.26
N ALA C 1966 -46.76 12.51 -69.54
CA ALA C 1966 -46.32 12.14 -68.20
C ALA C 1966 -47.37 12.46 -67.15
N GLN C 1967 -48.32 13.35 -67.48
CA GLN C 1967 -49.51 13.52 -66.66
C GLN C 1967 -50.39 12.28 -66.70
N GLU C 1968 -50.26 11.46 -67.74
CA GLU C 1968 -50.88 10.15 -67.80
C GLU C 1968 -50.12 9.15 -66.95
N ASP C 1969 -50.36 7.86 -67.18
CA ASP C 1969 -49.83 6.79 -66.34
C ASP C 1969 -48.31 6.70 -66.41
N TYR C 1970 -47.76 5.80 -65.60
CA TYR C 1970 -46.32 5.73 -65.35
C TYR C 1970 -45.57 5.32 -66.60
N VAL C 1971 -44.72 6.20 -67.10
CA VAL C 1971 -44.04 6.00 -68.37
C VAL C 1971 -42.74 5.24 -68.10
N GLN C 1972 -42.68 4.02 -68.58
CA GLN C 1972 -41.48 3.21 -68.55
C GLN C 1972 -40.72 3.43 -69.86
N SER C 1973 -39.78 2.53 -70.20
CA SER C 1973 -38.90 2.57 -71.37
C SER C 1973 -38.10 3.85 -71.34
N PRO C 1974 -37.08 3.95 -70.47
CA PRO C 1974 -36.44 5.24 -70.16
C PRO C 1974 -35.74 5.92 -71.33
N GLU C 1975 -35.45 5.18 -72.41
CA GLU C 1975 -34.92 5.80 -73.61
C GLU C 1975 -35.92 6.76 -74.23
N LEU C 1976 -37.21 6.39 -74.23
CA LEU C 1976 -38.27 7.33 -74.55
C LEU C 1976 -38.26 8.52 -73.61
N VAL C 1977 -38.09 8.25 -72.30
CA VAL C 1977 -38.16 9.29 -71.29
C VAL C 1977 -36.99 10.25 -71.44
N ARG C 1978 -35.82 9.74 -71.83
CA ARG C 1978 -34.71 10.61 -72.19
C ARG C 1978 -35.02 11.41 -73.44
N ALA C 1979 -35.65 10.78 -74.44
CA ALA C 1979 -35.99 11.48 -75.66
C ALA C 1979 -37.14 12.46 -75.46
N MET C 1980 -38.06 12.14 -74.54
CA MET C 1980 -39.15 13.06 -74.22
C MET C 1980 -38.63 14.34 -73.59
N PHE C 1981 -37.55 14.25 -72.84
CA PHE C 1981 -37.06 15.42 -72.11
C PHE C 1981 -36.03 16.20 -72.90
N SER C 1982 -35.34 15.52 -73.82
CA SER C 1982 -34.41 16.20 -74.72
C SER C 1982 -35.12 17.21 -75.60
N LEU C 1983 -36.23 16.80 -76.23
CA LEU C 1983 -36.99 17.71 -77.07
C LEU C 1983 -37.70 18.78 -76.26
N LEU C 1984 -38.16 18.43 -75.04
CA LEU C 1984 -38.84 19.40 -74.19
C LEU C 1984 -37.89 20.48 -73.71
N HIS C 1985 -36.61 20.16 -73.55
CA HIS C 1985 -35.67 21.19 -73.11
C HIS C 1985 -35.39 22.19 -74.23
N ARG C 1986 -35.47 21.75 -75.49
CA ARG C 1986 -35.34 22.68 -76.60
C ARG C 1986 -36.60 23.53 -76.77
N GLN C 1987 -37.72 23.11 -76.21
CA GLN C 1987 -38.95 23.90 -76.28
C GLN C 1987 -38.83 25.17 -75.44
N TYR C 1988 -37.99 25.16 -74.42
CA TYR C 1988 -37.89 26.29 -73.51
C TYR C 1988 -36.53 26.96 -73.60
N ASP C 1989 -35.46 26.18 -73.53
CA ASP C 1989 -34.11 26.72 -73.63
C ASP C 1989 -33.61 26.62 -75.07
N GLY C 1990 -34.38 27.24 -75.97
CA GLY C 1990 -33.92 27.44 -77.33
C GLY C 1990 -32.91 28.56 -77.47
N LEU C 1991 -32.75 29.37 -76.43
CA LEU C 1991 -31.71 30.39 -76.38
C LEU C 1991 -30.33 29.75 -76.43
N GLY C 1992 -30.03 28.92 -75.44
CA GLY C 1992 -28.78 28.18 -75.42
C GLY C 1992 -28.68 27.12 -76.51
N GLU C 1993 -29.82 26.61 -76.97
CA GLU C 1993 -29.81 25.70 -78.11
C GLU C 1993 -29.38 26.42 -79.38
N LEU C 1994 -29.80 27.67 -79.54
CA LEU C 1994 -29.25 28.52 -80.59
C LEU C 1994 -27.78 28.80 -80.34
N LEU C 1995 -27.40 28.99 -79.08
CA LEU C 1995 -26.01 29.20 -78.73
C LEU C 1995 -25.20 27.92 -78.86
N ARG C 1996 -25.87 26.75 -78.78
CA ARG C 1996 -25.17 25.48 -78.93
C ARG C 1996 -24.72 25.26 -80.37
N ALA C 1997 -25.48 25.75 -81.35
CA ALA C 1997 -25.12 25.65 -82.74
C ALA C 1997 -24.40 26.88 -83.26
N LEU C 1998 -24.21 27.88 -82.41
CA LEU C 1998 -23.64 29.18 -82.78
C LEU C 1998 -22.20 29.13 -83.32
N PRO C 1999 -21.26 28.31 -82.81
CA PRO C 1999 -19.96 28.23 -83.50
C PRO C 1999 -19.96 27.34 -84.73
N ARG C 2000 -21.07 26.70 -85.07
CA ARG C 2000 -21.13 25.81 -86.21
C ARG C 2000 -21.80 26.43 -87.42
N ALA C 2001 -22.02 27.75 -87.41
CA ALA C 2001 -22.59 28.47 -88.54
C ALA C 2001 -21.50 29.28 -89.22
N TYR C 2002 -21.56 29.36 -90.55
CA TYR C 2002 -20.53 30.06 -91.30
C TYR C 2002 -21.10 30.51 -92.63
N THR C 2003 -20.50 31.55 -93.20
CA THR C 2003 -20.87 32.04 -94.52
C THR C 2003 -19.66 31.99 -95.43
N ILE C 2004 -19.78 31.26 -96.53
CA ILE C 2004 -18.73 31.19 -97.53
C ILE C 2004 -19.06 32.12 -98.69
N SER C 2005 -18.03 32.46 -99.47
CA SER C 2005 -18.23 33.27 -100.66
C SER C 2005 -18.95 32.45 -101.73
N PRO C 2006 -19.93 33.04 -102.43
CA PRO C 2006 -20.59 32.33 -103.51
C PRO C 2006 -19.65 32.10 -104.68
N SER C 2007 -19.95 31.04 -105.45
CA SER C 2007 -19.15 30.43 -106.53
C SER C 2007 -17.86 29.78 -106.03
N SER C 2008 -17.63 29.73 -104.72
CA SER C 2008 -16.60 28.88 -104.14
C SER C 2008 -17.20 27.57 -103.64
N VAL C 2009 -18.34 27.17 -104.18
CA VAL C 2009 -19.09 26.06 -103.61
C VAL C 2009 -18.53 24.73 -104.08
N GLU C 2010 -17.88 24.71 -105.25
CA GLU C 2010 -17.31 23.47 -105.74
C GLU C 2010 -16.04 23.12 -104.97
N ASP C 2011 -15.31 24.12 -104.49
CA ASP C 2011 -14.23 23.86 -103.55
C ASP C 2011 -14.80 23.58 -102.17
N THR C 2012 -15.98 24.10 -101.88
CA THR C 2012 -16.65 23.79 -100.62
C THR C 2012 -17.16 22.35 -100.63
N MET C 2013 -17.84 21.93 -101.71
CA MET C 2013 -18.33 20.56 -101.82
C MET C 2013 -17.20 19.56 -101.84
N SER C 2014 -16.06 19.92 -102.43
CA SER C 2014 -14.91 19.01 -102.43
C SER C 2014 -14.28 18.93 -101.06
N LEU C 2015 -14.48 19.95 -100.23
CA LEU C 2015 -14.18 19.79 -98.81
C LEU C 2015 -15.25 18.99 -98.10
N LEU C 2016 -16.51 19.20 -98.47
CA LEU C 2016 -17.66 18.75 -97.69
C LEU C 2016 -18.06 17.32 -98.03
N GLU C 2017 -18.19 17.00 -99.33
CA GLU C 2017 -18.52 15.63 -99.71
C GLU C 2017 -17.37 14.68 -99.45
N CYS C 2018 -16.14 15.18 -99.39
CA CYS C 2018 -15.01 14.37 -98.98
C CYS C 2018 -15.06 14.05 -97.49
N LEU C 2019 -15.50 15.00 -96.67
CA LEU C 2019 -15.53 14.79 -95.22
C LEU C 2019 -16.59 13.78 -94.82
N GLY C 2020 -17.69 13.70 -95.57
CA GLY C 2020 -18.65 12.63 -95.37
C GLY C 2020 -18.08 11.27 -95.67
N GLN C 2021 -17.12 11.19 -96.59
CA GLN C 2021 -16.38 9.95 -96.76
C GLN C 2021 -15.37 9.75 -95.64
N ILE C 2022 -14.83 10.84 -95.11
CA ILE C 2022 -13.90 10.73 -93.99
C ILE C 2022 -14.63 10.33 -92.72
N ARG C 2023 -15.76 11.00 -92.43
CA ARG C 2023 -16.54 10.68 -91.24
C ARG C 2023 -17.19 9.31 -91.30
N SER C 2024 -17.37 8.75 -92.49
CA SER C 2024 -17.94 7.41 -92.60
C SER C 2024 -16.95 6.36 -92.12
N LEU C 2025 -15.66 6.58 -92.38
CA LEU C 2025 -14.61 5.63 -91.99
C LEU C 2025 -14.30 5.65 -90.50
N LEU C 2026 -15.00 6.46 -89.71
CA LEU C 2026 -14.86 6.36 -88.26
C LEU C 2026 -15.39 5.02 -87.75
N ILE C 2027 -16.57 4.61 -88.22
CA ILE C 2027 -17.18 3.35 -87.79
C ILE C 2027 -16.64 2.16 -88.57
N VAL C 2028 -15.83 2.39 -89.58
CA VAL C 2028 -15.36 1.33 -90.45
C VAL C 2028 -14.09 0.73 -89.87
N GLN C 2029 -14.09 -0.58 -89.68
CA GLN C 2029 -12.89 -1.31 -89.30
C GLN C 2029 -11.87 -1.25 -90.44
N MET C 2030 -10.58 -1.27 -90.07
CA MET C 2030 -9.50 -0.93 -90.99
C MET C 2030 -9.37 -1.94 -92.12
N GLY C 2031 -9.62 -1.46 -93.33
CA GLY C 2031 -9.53 -2.26 -94.53
C GLY C 2031 -8.70 -1.57 -95.59
N PRO C 2032 -8.11 -2.35 -96.48
CA PRO C 2032 -7.31 -1.76 -97.57
C PRO C 2032 -8.14 -0.94 -98.55
N GLN C 2033 -9.41 -1.32 -98.76
CA GLN C 2033 -10.30 -0.50 -99.57
C GLN C 2033 -10.66 0.79 -98.85
N GLU C 2034 -10.63 0.77 -97.52
CA GLU C 2034 -10.70 2.01 -96.76
C GLU C 2034 -9.36 2.73 -96.69
N GLU C 2035 -8.25 2.01 -96.88
CA GLU C 2035 -6.93 2.61 -96.74
C GLU C 2035 -6.66 3.63 -97.83
N ASN C 2036 -6.73 3.20 -99.08
CA ASN C 2036 -6.57 4.11 -100.20
C ASN C 2036 -7.71 5.12 -100.31
N LEU C 2037 -8.89 4.79 -99.79
CA LEU C 2037 -9.99 5.75 -99.78
C LEU C 2037 -9.67 6.93 -98.88
N MET C 2038 -8.96 6.68 -97.78
CA MET C 2038 -8.60 7.76 -96.88
C MET C 2038 -7.46 8.59 -97.44
N ILE C 2039 -6.50 7.94 -98.10
CA ILE C 2039 -5.36 8.67 -98.66
C ILE C 2039 -5.79 9.48 -99.87
N GLN C 2040 -6.76 8.96 -100.64
CA GLN C 2040 -7.37 9.76 -101.70
C GLN C 2040 -8.20 10.91 -101.12
N SER C 2041 -8.76 10.70 -99.93
CA SER C 2041 -9.48 11.79 -99.26
C SER C 2041 -8.53 12.89 -98.81
N ILE C 2042 -7.27 12.56 -98.54
CA ILE C 2042 -6.28 13.57 -98.19
C ILE C 2042 -5.99 14.47 -99.39
N GLY C 2043 -5.90 13.88 -100.58
CA GLY C 2043 -5.54 14.66 -101.76
C GLY C 2043 -6.61 15.64 -102.19
N ASN C 2044 -7.87 15.40 -101.81
CA ASN C 2044 -8.92 16.36 -102.12
C ASN C 2044 -8.78 17.61 -101.26
N ILE C 2045 -8.77 17.43 -99.93
CA ILE C 2045 -8.67 18.55 -99.00
C ILE C 2045 -7.30 19.19 -98.96
N MET C 2046 -6.27 18.53 -99.48
CA MET C 2046 -5.01 19.21 -99.73
C MET C 2046 -5.08 20.12 -100.94
N ASN C 2047 -6.02 19.90 -101.85
CA ASN C 2047 -6.01 20.56 -103.15
C ASN C 2047 -7.38 21.15 -103.46
N ASN C 2048 -7.94 21.89 -102.51
CA ASN C 2048 -9.17 22.64 -102.76
C ASN C 2048 -9.20 24.03 -102.14
N LYS C 2049 -8.13 24.45 -101.45
CA LYS C 2049 -7.64 25.82 -101.27
C LYS C 2049 -8.56 26.78 -100.52
N VAL C 2050 -9.77 26.36 -100.16
CA VAL C 2050 -10.53 27.08 -99.16
C VAL C 2050 -10.08 26.64 -97.78
N PHE C 2051 -9.61 25.39 -97.68
CA PHE C 2051 -8.75 24.93 -96.59
C PHE C 2051 -7.60 25.89 -96.31
N TYR C 2052 -6.97 26.41 -97.35
CA TYR C 2052 -5.90 27.38 -97.21
C TYR C 2052 -6.41 28.80 -96.98
N GLN C 2053 -7.53 29.17 -97.60
CA GLN C 2053 -8.08 30.51 -97.41
C GLN C 2053 -8.66 30.70 -96.02
N HIS C 2054 -9.45 29.75 -95.54
CA HIS C 2054 -10.07 29.86 -94.21
C HIS C 2054 -9.84 28.58 -93.42
N PRO C 2055 -8.68 28.46 -92.77
CA PRO C 2055 -8.48 27.33 -91.85
C PRO C 2055 -9.28 27.45 -90.57
N ASN C 2056 -9.81 28.64 -90.26
CA ASN C 2056 -10.66 28.81 -89.08
C ASN C 2056 -11.99 28.10 -89.23
N LEU C 2057 -12.49 27.99 -90.46
CA LEU C 2057 -13.66 27.15 -90.71
C LEU C 2057 -13.35 25.68 -90.46
N MET C 2058 -12.15 25.24 -90.83
CA MET C 2058 -11.78 23.85 -90.63
C MET C 2058 -11.58 23.52 -89.14
N ARG C 2059 -11.27 24.54 -88.34
CA ARG C 2059 -11.37 24.39 -86.89
C ARG C 2059 -12.82 24.16 -86.46
N ALA C 2060 -13.75 24.89 -87.07
CA ALA C 2060 -15.17 24.72 -86.73
C ALA C 2060 -15.73 23.41 -87.26
N LEU C 2061 -15.09 22.82 -88.27
CA LEU C 2061 -15.50 21.50 -88.73
C LEU C 2061 -14.96 20.39 -87.86
N GLY C 2062 -14.02 20.70 -86.96
CA GLY C 2062 -13.35 19.66 -86.21
C GLY C 2062 -12.48 18.79 -87.09
N MET C 2063 -11.76 19.40 -88.04
CA MET C 2063 -11.05 18.63 -89.05
C MET C 2063 -9.87 17.88 -88.47
N HIS C 2064 -9.02 18.57 -87.71
CA HIS C 2064 -7.82 17.96 -87.15
C HIS C 2064 -8.15 16.90 -86.10
N GLU C 2065 -9.29 17.04 -85.44
CA GLU C 2065 -9.67 16.07 -84.41
C GLU C 2065 -10.06 14.74 -85.06
N THR C 2066 -10.93 14.78 -86.07
CA THR C 2066 -11.38 13.59 -86.76
C THR C 2066 -10.24 12.88 -87.49
N VAL C 2067 -9.21 13.63 -87.88
CA VAL C 2067 -7.98 13.00 -88.37
C VAL C 2067 -7.30 12.24 -87.24
N MET C 2068 -7.26 12.82 -86.04
CA MET C 2068 -6.61 12.15 -84.93
C MET C 2068 -7.45 11.00 -84.37
N GLU C 2069 -8.78 11.07 -84.53
CA GLU C 2069 -9.67 10.03 -84.03
C GLU C 2069 -9.40 8.68 -84.67
N VAL C 2070 -9.39 8.66 -86.01
CA VAL C 2070 -9.03 7.45 -86.74
C VAL C 2070 -7.55 7.12 -86.59
N MET C 2071 -6.72 8.10 -86.24
CA MET C 2071 -5.31 7.85 -85.98
C MET C 2071 -5.12 7.06 -84.68
N VAL C 2072 -6.05 7.18 -83.74
CA VAL C 2072 -5.98 6.37 -82.53
C VAL C 2072 -6.18 4.89 -82.84
N ASN C 2073 -7.08 4.58 -83.78
CA ASN C 2073 -7.41 3.20 -84.06
C ASN C 2073 -6.28 2.48 -84.78
N VAL C 2074 -5.53 3.19 -85.63
CA VAL C 2074 -4.39 2.55 -86.28
C VAL C 2074 -3.19 2.44 -85.36
N LEU C 2075 -3.02 3.38 -84.42
CA LEU C 2075 -2.03 3.13 -83.37
C LEU C 2075 -2.58 2.16 -82.33
N GLY C 2076 -3.90 2.05 -82.24
CA GLY C 2076 -4.50 1.00 -81.43
C GLY C 2076 -4.39 -0.35 -82.09
N GLY C 2077 -4.69 -1.38 -81.32
CA GLY C 2077 -4.62 -2.75 -81.81
C GLY C 2077 -3.27 -3.39 -81.60
N GLY C 2078 -2.26 -2.95 -82.35
CA GLY C 2078 -0.95 -3.54 -82.23
C GLY C 2078 0.11 -2.60 -81.68
N GLU C 2079 0.54 -2.83 -80.44
CA GLU C 2079 1.72 -2.16 -79.89
C GLU C 2079 2.99 -2.78 -80.45
N THR C 2080 3.18 -4.08 -80.21
CA THR C 2080 4.19 -4.87 -80.90
C THR C 2080 3.56 -6.03 -81.65
N LYS C 2081 2.23 -6.10 -81.71
CA LYS C 2081 1.53 -7.13 -82.45
C LYS C 2081 1.64 -6.87 -83.96
N GLU C 2082 1.27 -5.67 -84.39
CA GLU C 2082 1.42 -5.29 -85.78
C GLU C 2082 1.57 -3.78 -85.88
N ILE C 2083 2.18 -3.35 -86.98
CA ILE C 2083 2.28 -1.94 -87.32
C ILE C 2083 1.43 -1.75 -88.58
N ARG C 2084 0.33 -2.51 -88.63
CA ARG C 2084 -0.48 -2.71 -89.82
C ARG C 2084 -1.07 -1.40 -90.33
N PHE C 2085 -1.34 -1.38 -91.62
CA PHE C 2085 -1.59 -0.20 -92.45
C PHE C 2085 -0.58 0.91 -92.23
N PRO C 2086 0.67 0.79 -92.70
CA PRO C 2086 1.54 1.96 -92.81
C PRO C 2086 1.10 2.82 -93.99
N LYS C 2087 1.66 4.04 -94.04
CA LYS C 2087 1.53 5.05 -95.09
C LYS C 2087 0.14 5.69 -95.10
N MET C 2088 -0.79 5.15 -94.31
CA MET C 2088 -2.03 5.83 -93.94
C MET C 2088 -1.93 6.41 -92.54
N VAL C 2089 -1.24 5.70 -91.66
CA VAL C 2089 -0.85 6.24 -90.36
C VAL C 2089 0.06 7.46 -90.53
N THR C 2090 0.81 7.52 -91.64
CA THR C 2090 1.58 8.72 -91.92
C THR C 2090 0.75 9.75 -92.66
N SER C 2091 -0.17 9.31 -93.54
CA SER C 2091 -0.94 10.22 -94.38
C SER C 2091 -1.87 11.11 -93.55
N CYS C 2092 -2.45 10.56 -92.49
CA CYS C 2092 -3.17 11.40 -91.54
C CYS C 2092 -2.20 12.28 -90.77
N CYS C 2093 -1.01 11.77 -90.48
CA CYS C 2093 -0.07 12.52 -89.65
C CYS C 2093 0.65 13.58 -90.46
N ARG C 2094 0.96 13.31 -91.73
CA ARG C 2094 1.62 14.32 -92.54
C ARG C 2094 0.64 15.42 -92.96
N PHE C 2095 -0.64 15.08 -93.13
CA PHE C 2095 -1.65 16.10 -93.37
C PHE C 2095 -1.87 16.96 -92.13
N LEU C 2096 -1.69 16.38 -90.94
CA LEU C 2096 -1.90 17.13 -89.71
C LEU C 2096 -0.83 18.20 -89.52
N CYS C 2097 0.34 18.03 -90.13
CA CYS C 2097 1.34 19.08 -90.08
C CYS C 2097 0.96 20.28 -90.96
N TYR C 2098 0.22 20.04 -92.04
CA TYR C 2098 -0.26 21.15 -92.86
C TYR C 2098 -1.26 22.00 -92.11
N PHE C 2099 -2.21 21.36 -91.41
CA PHE C 2099 -3.15 22.11 -90.60
C PHE C 2099 -2.45 22.73 -89.40
N CYS C 2100 -1.38 22.10 -88.94
CA CYS C 2100 -0.49 22.72 -87.97
C CYS C 2100 0.26 23.92 -88.55
N ARG C 2101 0.57 23.86 -89.85
CA ARG C 2101 1.39 24.89 -90.47
C ARG C 2101 0.63 26.21 -90.62
N ILE C 2102 -0.51 26.19 -91.29
CA ILE C 2102 -1.17 27.45 -91.61
C ILE C 2102 -2.09 27.90 -90.48
N SER C 2103 -1.48 28.32 -89.37
CA SER C 2103 -2.02 29.11 -88.27
C SER C 2103 -0.91 29.26 -87.23
N ARG C 2104 -1.19 30.07 -86.22
CA ARG C 2104 -0.51 29.97 -84.93
C ARG C 2104 -1.48 29.53 -83.84
N GLN C 2105 -2.67 29.09 -84.23
CA GLN C 2105 -3.77 28.81 -83.32
C GLN C 2105 -4.26 27.38 -83.50
N ASN C 2106 -4.21 26.89 -84.74
CA ASN C 2106 -4.53 25.49 -85.00
C ASN C 2106 -3.53 24.56 -84.33
N GLN C 2107 -2.27 24.97 -84.30
CA GLN C 2107 -1.26 24.21 -83.56
C GLN C 2107 -1.43 24.36 -82.06
N ARG C 2108 -2.04 25.47 -81.61
CA ARG C 2108 -2.41 25.58 -80.20
C ARG C 2108 -3.57 24.65 -79.88
N SER C 2109 -4.48 24.46 -80.84
CA SER C 2109 -5.53 23.46 -80.69
C SER C 2109 -4.96 22.05 -80.67
N MET C 2110 -3.81 21.84 -81.30
CA MET C 2110 -3.10 20.57 -81.21
C MET C 2110 -2.28 20.47 -79.94
N PHE C 2111 -2.00 21.59 -79.29
CA PHE C 2111 -1.22 21.57 -78.05
C PHE C 2111 -2.01 20.96 -76.91
N ASP C 2112 -3.34 21.03 -76.98
CA ASP C 2112 -4.19 20.31 -76.03
C ASP C 2112 -4.02 18.82 -76.15
N HIS C 2113 -3.86 18.31 -77.37
CA HIS C 2113 -3.74 16.89 -77.62
C HIS C 2113 -2.29 16.44 -77.68
N LEU C 2114 -1.37 17.23 -77.10
CA LEU C 2114 0.05 16.92 -77.19
C LEU C 2114 0.38 15.67 -76.41
N SER C 2115 0.10 15.65 -75.11
CA SER C 2115 0.31 14.46 -74.30
C SER C 2115 -0.63 13.32 -74.69
N TYR C 2116 -1.74 13.63 -75.35
CA TYR C 2116 -2.66 12.60 -75.83
C TYR C 2116 -1.98 11.68 -76.83
N LEU C 2117 -1.26 12.26 -77.77
CA LEU C 2117 -0.46 11.47 -78.70
C LEU C 2117 0.90 11.10 -78.14
N LEU C 2118 1.39 11.82 -77.12
CA LEU C 2118 2.74 11.57 -76.63
C LEU C 2118 2.80 10.31 -75.80
N GLU C 2119 1.70 9.93 -75.15
CA GLU C 2119 1.62 8.60 -74.56
C GLU C 2119 1.63 7.53 -75.64
N ASN C 2120 1.02 7.82 -76.78
CA ASN C 2120 1.07 6.94 -77.93
C ASN C 2120 2.36 7.07 -78.72
N SER C 2121 3.06 8.19 -78.58
CA SER C 2121 4.33 8.39 -79.29
C SER C 2121 5.47 7.56 -78.72
N GLY C 2122 5.34 7.06 -77.50
CA GLY C 2122 6.38 6.22 -76.92
C GLY C 2122 6.21 4.75 -77.22
N ILE C 2123 5.48 4.43 -78.29
CA ILE C 2123 5.25 3.05 -78.70
C ILE C 2123 5.51 2.90 -80.19
N GLY C 2124 5.59 4.02 -80.89
CA GLY C 2124 5.75 3.99 -82.34
C GLY C 2124 7.20 3.98 -82.79
N LEU C 2125 7.58 5.02 -83.55
CA LEU C 2125 8.95 5.27 -84.02
C LEU C 2125 9.46 4.13 -84.89
N GLY C 2126 8.63 3.70 -85.84
CA GLY C 2126 9.00 2.64 -86.75
C GLY C 2126 9.39 3.16 -88.12
N MET C 2127 8.44 3.15 -89.05
CA MET C 2127 8.67 3.65 -90.39
C MET C 2127 8.88 5.17 -90.36
N GLN C 2128 9.83 5.64 -91.16
CA GLN C 2128 10.10 7.07 -91.28
C GLN C 2128 8.99 7.75 -92.08
N GLY C 2129 9.10 9.08 -92.16
CA GLY C 2129 8.06 9.88 -92.77
C GLY C 2129 7.33 10.69 -91.73
N SER C 2130 6.02 10.56 -91.69
CA SER C 2130 5.24 11.23 -90.65
C SER C 2130 5.15 10.35 -89.42
N THR C 2131 5.27 10.97 -88.25
CA THR C 2131 5.48 10.30 -86.97
C THR C 2131 4.69 11.10 -85.94
N PRO C 2132 3.99 10.45 -85.01
CA PRO C 2132 3.30 11.21 -83.94
C PRO C 2132 4.23 12.03 -83.07
N LEU C 2133 5.49 11.63 -82.91
CA LEU C 2133 6.47 12.50 -82.28
C LEU C 2133 6.79 13.71 -83.16
N ASP C 2134 6.76 13.53 -84.48
CA ASP C 2134 7.09 14.61 -85.40
C ASP C 2134 5.97 15.64 -85.48
N VAL C 2135 4.72 15.21 -85.37
CA VAL C 2135 3.62 16.17 -85.47
C VAL C 2135 3.48 16.97 -84.18
N ALA C 2136 3.93 16.43 -83.05
CA ALA C 2136 4.06 17.24 -81.85
C ALA C 2136 5.22 18.21 -81.99
N ALA C 2137 6.29 17.80 -82.67
CA ALA C 2137 7.42 18.67 -82.92
C ALA C 2137 7.06 19.83 -83.84
N ALA C 2138 6.04 19.66 -84.68
CA ALA C 2138 5.59 20.77 -85.51
C ALA C 2138 4.78 21.79 -84.72
N SER C 2139 4.07 21.35 -83.69
CA SER C 2139 3.17 22.22 -82.94
C SER C 2139 3.85 22.93 -81.79
N VAL C 2140 5.18 23.08 -81.85
CA VAL C 2140 5.93 23.75 -80.80
C VAL C 2140 6.86 24.76 -81.48
N ILE C 2141 6.87 24.72 -82.82
CA ILE C 2141 7.69 25.65 -83.59
C ILE C 2141 7.18 27.07 -83.47
N ASP C 2142 5.86 27.24 -83.39
CA ASP C 2142 5.29 28.57 -83.12
C ASP C 2142 5.56 28.89 -81.66
N ASN C 2143 6.68 29.56 -81.41
CA ASN C 2143 7.20 29.74 -80.06
C ASN C 2143 6.62 30.99 -79.42
N ASN C 2144 7.04 31.22 -78.17
CA ASN C 2144 6.70 32.36 -77.30
C ASN C 2144 5.21 32.43 -76.96
N GLU C 2145 4.47 31.37 -77.24
CA GLU C 2145 3.08 31.23 -76.89
C GLU C 2145 2.76 29.87 -76.28
N LEU C 2146 3.56 28.84 -76.61
CA LEU C 2146 3.48 27.54 -75.99
C LEU C 2146 4.78 27.14 -75.33
N ALA C 2147 5.86 27.87 -75.60
CA ALA C 2147 7.09 27.71 -74.82
C ALA C 2147 6.91 28.26 -73.42
N LEU C 2148 6.00 29.21 -73.23
CA LEU C 2148 5.55 29.62 -71.90
C LEU C 2148 4.43 28.75 -71.37
N ALA C 2149 3.64 28.12 -72.24
CA ALA C 2149 2.58 27.22 -71.81
C ALA C 2149 3.08 25.79 -71.71
N LEU C 2150 4.36 25.63 -71.40
CA LEU C 2150 5.16 24.46 -71.72
C LEU C 2150 4.78 23.28 -70.83
N GLN C 2151 5.43 22.15 -71.08
CA GLN C 2151 5.21 20.86 -70.42
C GLN C 2151 5.93 20.78 -69.09
N GLU C 2152 6.24 19.55 -68.66
CA GLU C 2152 6.32 18.90 -67.34
C GLU C 2152 4.93 18.36 -67.03
N GLN C 2153 3.96 18.62 -67.91
CA GLN C 2153 2.88 17.64 -68.06
C GLN C 2153 3.41 16.35 -68.67
N ASP C 2154 4.44 16.44 -69.52
CA ASP C 2154 4.98 15.26 -70.17
C ASP C 2154 6.50 15.29 -70.32
N LEU C 2155 7.20 16.21 -69.67
CA LEU C 2155 8.66 16.23 -69.80
C LEU C 2155 9.32 15.12 -69.01
N GLU C 2156 8.60 14.52 -68.06
CA GLU C 2156 9.13 13.33 -67.40
C GLU C 2156 9.09 12.13 -68.34
N LYS C 2157 8.15 12.13 -69.28
CA LYS C 2157 8.00 11.02 -70.21
C LYS C 2157 9.16 10.94 -71.19
N VAL C 2158 9.56 12.08 -71.73
CA VAL C 2158 10.59 12.09 -72.77
C VAL C 2158 11.97 11.80 -72.19
N VAL C 2159 12.17 12.01 -70.90
CA VAL C 2159 13.37 11.51 -70.26
C VAL C 2159 13.30 9.99 -70.13
N SER C 2160 12.13 9.47 -69.76
CA SER C 2160 11.96 8.03 -69.64
C SER C 2160 11.85 7.35 -71.00
N TYR C 2161 11.44 8.10 -72.03
CA TYR C 2161 11.42 7.54 -73.38
C TYR C 2161 12.83 7.28 -73.89
N LEU C 2162 13.75 8.21 -73.66
CA LEU C 2162 15.13 8.00 -74.07
C LEU C 2162 15.86 7.06 -73.12
N ALA C 2163 15.32 6.87 -71.91
CA ALA C 2163 15.89 5.90 -70.98
C ALA C 2163 15.75 4.47 -71.51
N GLY C 2164 14.64 4.19 -72.19
CA GLY C 2164 14.51 2.91 -72.87
C GLY C 2164 15.28 2.84 -74.17
N CYS C 2165 15.65 3.99 -74.73
CA CYS C 2165 16.42 4.01 -75.98
C CYS C 2165 17.84 3.51 -75.79
N GLY C 2166 18.53 3.99 -74.76
CA GLY C 2166 19.91 3.63 -74.51
C GLY C 2166 20.14 2.24 -73.98
N LEU C 2167 19.08 1.47 -73.72
CA LEU C 2167 19.22 0.12 -73.19
C LEU C 2167 18.61 -0.95 -74.07
N GLN C 2168 17.57 -0.65 -74.85
CA GLN C 2168 17.00 -1.62 -75.76
C GLN C 2168 17.95 -1.84 -76.93
N SER C 2169 17.81 -2.97 -77.61
CA SER C 2169 18.80 -3.39 -78.60
C SER C 2169 18.18 -3.44 -79.99
N CYS C 2170 17.31 -2.47 -80.31
CA CYS C 2170 16.60 -2.30 -81.57
C CYS C 2170 15.83 -3.56 -81.97
N PRO C 2171 14.67 -3.83 -81.34
CA PRO C 2171 13.94 -5.07 -81.64
C PRO C 2171 13.44 -5.18 -83.08
N MET C 2172 13.23 -4.06 -83.76
CA MET C 2172 12.94 -4.11 -85.19
C MET C 2172 14.16 -4.56 -85.99
N LEU C 2173 15.35 -4.29 -85.49
CA LEU C 2173 16.58 -4.67 -86.17
C LEU C 2173 17.16 -5.99 -85.70
N LEU C 2174 16.58 -6.59 -84.66
CA LEU C 2174 17.06 -7.89 -84.19
C LEU C 2174 16.73 -9.00 -85.18
N ALA C 2175 15.65 -8.86 -85.94
CA ALA C 2175 15.21 -9.88 -86.88
C ALA C 2175 15.53 -9.52 -88.33
N LYS C 2176 16.48 -8.64 -88.56
CA LYS C 2176 16.82 -8.27 -89.93
C LYS C 2176 18.34 -8.26 -90.17
N GLY C 2177 19.10 -9.07 -89.44
CA GLY C 2177 20.52 -9.18 -89.66
C GLY C 2177 21.31 -7.97 -89.20
N TYR C 2178 21.28 -7.68 -87.91
CA TYR C 2178 22.02 -6.57 -87.34
C TYR C 2178 22.70 -7.03 -86.06
N PRO C 2179 23.89 -6.47 -85.74
CA PRO C 2179 24.71 -7.05 -84.66
C PRO C 2179 24.25 -6.78 -83.23
N ASP C 2180 23.03 -6.26 -83.07
CA ASP C 2180 22.33 -6.15 -81.78
C ASP C 2180 23.09 -5.25 -80.79
N ILE C 2181 23.28 -4.00 -81.20
CA ILE C 2181 23.89 -3.01 -80.34
C ILE C 2181 22.89 -2.61 -79.27
N GLY C 2182 23.32 -2.65 -78.01
CA GLY C 2182 22.42 -2.49 -76.87
C GLY C 2182 21.92 -1.08 -76.58
N TRP C 2183 22.03 -0.18 -77.55
CA TRP C 2183 21.35 1.10 -77.54
C TRP C 2183 20.92 1.39 -78.97
N ASN C 2184 20.18 2.47 -79.17
CA ASN C 2184 19.65 2.74 -80.49
C ASN C 2184 20.36 3.93 -81.12
N PRO C 2185 21.24 3.70 -82.11
CA PRO C 2185 21.86 4.83 -82.80
C PRO C 2185 20.88 5.57 -83.69
N CYS C 2186 19.90 4.86 -84.25
CA CYS C 2186 18.90 5.49 -85.09
C CYS C 2186 17.69 5.92 -84.28
N GLY C 2187 17.26 5.07 -83.34
CA GLY C 2187 16.13 5.37 -82.48
C GLY C 2187 16.32 6.58 -81.59
N GLY C 2188 17.56 6.87 -81.22
CA GLY C 2188 17.82 8.12 -80.53
C GLY C 2188 17.62 9.33 -81.43
N GLU C 2189 17.92 9.18 -82.72
CA GLU C 2189 17.68 10.27 -83.66
C GLU C 2189 16.20 10.45 -83.97
N ARG C 2190 15.36 9.43 -83.70
CA ARG C 2190 13.92 9.65 -83.67
C ARG C 2190 13.55 10.65 -82.57
N TYR C 2191 14.24 10.59 -81.44
CA TYR C 2191 14.13 11.59 -80.40
C TYR C 2191 15.05 12.76 -80.72
N LEU C 2192 15.30 13.60 -79.72
CA LEU C 2192 16.33 14.66 -79.67
C LEU C 2192 16.03 15.85 -80.56
N ASP C 2193 15.00 15.77 -81.40
CA ASP C 2193 14.54 16.92 -82.18
C ASP C 2193 13.38 17.62 -81.51
N PHE C 2194 12.39 16.87 -81.05
CA PHE C 2194 11.32 17.41 -80.23
C PHE C 2194 11.86 17.96 -78.92
N LEU C 2195 12.91 17.35 -78.40
CA LEU C 2195 13.64 17.91 -77.26
C LEU C 2195 14.32 19.23 -77.63
N ARG C 2196 14.74 19.35 -78.88
CA ARG C 2196 15.53 20.51 -79.28
C ARG C 2196 14.66 21.73 -79.54
N PHE C 2197 13.42 21.52 -79.99
CA PHE C 2197 12.62 22.57 -80.60
C PHE C 2197 12.05 23.58 -79.62
N ALA C 2198 12.47 23.57 -78.36
CA ALA C 2198 12.07 24.63 -77.42
C ALA C 2198 13.04 25.82 -77.47
N VAL C 2199 14.33 25.57 -77.61
CA VAL C 2199 15.33 26.63 -77.51
C VAL C 2199 15.94 26.78 -78.90
N PHE C 2200 15.11 26.59 -79.93
CA PHE C 2200 15.57 26.40 -81.30
C PHE C 2200 15.14 27.52 -82.24
N VAL C 2201 13.82 27.72 -82.35
CA VAL C 2201 13.24 28.73 -83.24
C VAL C 2201 13.24 30.12 -82.63
N ASN C 2202 13.48 30.20 -81.33
CA ASN C 2202 13.43 31.42 -80.54
C ASN C 2202 14.80 31.86 -80.08
N GLY C 2203 15.77 31.90 -81.02
CA GLY C 2203 17.20 31.67 -80.86
C GLY C 2203 17.84 32.02 -79.53
N GLU C 2204 18.69 31.12 -79.05
CA GLU C 2204 18.52 30.48 -77.74
C GLU C 2204 17.88 31.34 -76.66
N SER C 2205 16.74 30.84 -76.19
CA SER C 2205 15.81 31.54 -75.33
C SER C 2205 16.14 31.23 -73.87
N VAL C 2206 15.18 31.53 -72.99
CA VAL C 2206 15.37 31.42 -71.55
C VAL C 2206 15.60 29.96 -71.12
N GLU C 2207 16.30 29.80 -69.99
CA GLU C 2207 16.56 28.49 -69.40
C GLU C 2207 15.31 27.84 -68.82
N GLU C 2208 14.19 28.58 -68.73
CA GLU C 2208 12.91 27.98 -68.35
C GLU C 2208 12.48 26.88 -69.31
N ASN C 2209 12.86 27.00 -70.58
CA ASN C 2209 12.75 25.86 -71.48
C ASN C 2209 13.65 24.72 -71.05
N ALA C 2210 14.88 25.02 -70.61
CA ALA C 2210 15.95 24.02 -70.58
C ALA C 2210 16.43 23.65 -69.18
N ASN C 2211 15.96 24.31 -68.13
CA ASN C 2211 16.32 23.89 -66.78
C ASN C 2211 15.68 22.55 -66.46
N VAL C 2212 14.40 22.39 -66.81
CA VAL C 2212 13.72 21.12 -66.66
C VAL C 2212 14.26 20.07 -67.62
N VAL C 2213 14.91 20.48 -68.70
CA VAL C 2213 15.58 19.52 -69.59
C VAL C 2213 16.81 18.94 -68.90
N VAL C 2214 17.73 19.82 -68.49
CA VAL C 2214 19.05 19.38 -68.04
C VAL C 2214 18.97 18.70 -66.68
N ARG C 2215 18.22 19.29 -65.74
CA ARG C 2215 18.19 18.79 -64.38
C ARG C 2215 17.43 17.47 -64.24
N LEU C 2216 16.65 17.09 -65.25
CA LEU C 2216 16.12 15.74 -65.33
C LEU C 2216 17.00 14.83 -66.16
N LEU C 2217 17.89 15.41 -66.99
CA LEU C 2217 18.78 14.60 -67.80
C LEU C 2217 19.97 14.11 -66.98
N ILE C 2218 20.39 14.88 -65.98
CA ILE C 2218 21.47 14.44 -65.11
C ILE C 2218 21.03 13.34 -64.15
N ARG C 2219 19.72 13.23 -63.89
CA ARG C 2219 19.21 12.17 -63.03
C ARG C 2219 19.38 10.81 -63.67
N LYS C 2220 19.30 10.73 -64.99
CA LYS C 2220 19.41 9.47 -65.71
C LYS C 2220 20.65 9.48 -66.59
N PRO C 2221 21.74 8.82 -66.19
CA PRO C 2221 22.91 8.73 -67.07
C PRO C 2221 22.71 7.80 -68.25
N GLU C 2222 21.65 6.99 -68.26
CA GLU C 2222 21.34 6.12 -69.38
C GLU C 2222 20.75 6.87 -70.56
N CYS C 2223 20.39 8.14 -70.41
CA CYS C 2223 19.95 8.95 -71.53
C CYS C 2223 21.11 9.43 -72.39
N PHE C 2224 22.34 9.32 -71.89
CA PHE C 2224 23.51 9.61 -72.69
C PHE C 2224 23.82 8.43 -73.62
N GLY C 2225 24.91 8.58 -74.37
CA GLY C 2225 25.54 7.45 -75.00
C GLY C 2225 26.27 6.64 -73.96
N PRO C 2226 26.20 5.31 -74.06
CA PRO C 2226 26.97 4.47 -73.12
C PRO C 2226 28.47 4.55 -73.33
N ALA C 2227 28.93 5.01 -74.49
CA ALA C 2227 30.34 5.35 -74.70
C ALA C 2227 30.68 6.74 -74.18
N LEU C 2228 29.74 7.41 -73.50
CA LEU C 2228 29.97 8.70 -72.87
C LEU C 2228 29.71 8.66 -71.38
N ARG C 2229 28.62 8.06 -70.94
CA ARG C 2229 28.29 7.96 -69.51
C ARG C 2229 28.57 6.58 -68.96
N GLY C 2230 29.66 5.96 -69.40
CA GLY C 2230 30.13 4.75 -68.75
C GLY C 2230 30.60 5.05 -67.33
N GLU C 2231 30.38 4.10 -66.42
CA GLU C 2231 30.68 4.33 -65.01
C GLU C 2231 32.17 4.41 -64.75
N GLY C 2232 32.99 3.77 -65.59
CA GLY C 2232 34.42 3.90 -65.48
C GLY C 2232 34.98 4.86 -66.50
N GLY C 2233 35.56 4.33 -67.56
CA GLY C 2233 36.05 5.15 -68.66
C GLY C 2233 35.16 5.05 -69.88
N SER C 2234 34.84 6.20 -70.47
CA SER C 2234 33.96 6.23 -71.64
C SER C 2234 34.48 7.33 -72.57
N GLY C 2235 35.37 6.95 -73.48
CA GLY C 2235 36.00 7.91 -74.37
C GLY C 2235 35.11 8.26 -75.54
N LEU C 2236 34.57 9.48 -75.51
CA LEU C 2236 33.65 9.92 -76.56
C LEU C 2236 34.40 10.34 -77.81
N LEU C 2237 35.56 10.97 -77.66
CA LEU C 2237 36.36 11.32 -78.83
C LEU C 2237 36.94 10.05 -79.47
N ALA C 2238 37.15 9.00 -78.67
CA ALA C 2238 37.47 7.70 -79.24
C ALA C 2238 36.23 7.04 -79.85
N ALA C 2239 35.05 7.33 -79.31
CA ALA C 2239 33.83 6.74 -79.84
C ALA C 2239 33.48 7.28 -81.22
N ILE C 2240 33.79 8.55 -81.47
CA ILE C 2240 33.58 9.12 -82.79
C ILE C 2240 34.54 8.51 -83.80
N GLU C 2241 35.81 8.33 -83.40
CA GLU C 2241 36.77 7.68 -84.28
C GLU C 2241 36.49 6.19 -84.42
N GLU C 2242 35.88 5.57 -83.41
CA GLU C 2242 35.46 4.18 -83.55
C GLU C 2242 34.28 4.04 -84.50
N ALA C 2243 33.38 5.04 -84.51
CA ALA C 2243 32.25 5.05 -85.43
C ALA C 2243 32.68 5.19 -86.88
N ILE C 2244 33.82 5.84 -87.14
CA ILE C 2244 34.38 5.88 -88.47
C ILE C 2244 34.87 4.50 -88.89
N ARG C 2245 35.38 3.73 -87.93
CA ARG C 2245 35.74 2.35 -88.20
C ARG C 2245 34.50 1.48 -88.38
N ILE C 2246 33.41 1.78 -87.66
CA ILE C 2246 32.15 1.09 -87.90
C ILE C 2246 31.56 1.51 -89.24
N SER C 2247 31.74 2.78 -89.61
CA SER C 2247 31.38 3.23 -90.95
C SER C 2247 32.28 2.60 -92.01
N GLU C 2248 33.48 2.19 -91.63
CA GLU C 2248 34.34 1.37 -92.47
C GLU C 2248 34.13 -0.12 -92.25
N ASP C 2249 33.19 -0.50 -91.37
CA ASP C 2249 32.86 -1.90 -91.13
C ASP C 2249 31.57 -2.26 -91.85
N PRO C 2250 31.62 -2.94 -93.00
CA PRO C 2250 30.37 -3.32 -93.67
C PRO C 2250 29.65 -4.48 -92.99
N ALA C 2251 30.33 -5.26 -92.17
CA ALA C 2251 29.72 -6.37 -91.45
C ALA C 2251 28.84 -5.92 -90.29
N ARG C 2252 28.88 -4.64 -89.92
CA ARG C 2252 28.00 -4.10 -88.91
C ARG C 2252 26.62 -3.75 -89.45
N ASP C 2253 26.39 -3.92 -90.75
CA ASP C 2253 25.10 -3.69 -91.38
C ASP C 2253 24.50 -5.02 -91.81
N GLY C 2254 23.34 -4.96 -92.46
CA GLY C 2254 22.71 -6.13 -93.01
C GLY C 2254 23.11 -6.34 -94.45
N PRO C 2255 24.05 -7.26 -94.70
CA PRO C 2255 24.55 -7.48 -96.06
C PRO C 2255 24.39 -8.91 -96.55
N ASN C 2274 19.17 -1.23 -93.49
CA ASN C 2274 18.98 -1.50 -94.90
C ASN C 2274 18.77 -0.21 -95.68
N ARG C 2275 18.61 0.90 -94.95
CA ARG C 2275 18.44 2.20 -95.58
C ARG C 2275 19.78 2.89 -95.79
N VAL C 2276 20.60 2.95 -94.73
CA VAL C 2276 21.93 3.54 -94.77
C VAL C 2276 22.87 2.65 -93.98
N HIS C 2277 24.12 3.09 -93.86
CA HIS C 2277 25.11 2.34 -93.10
C HIS C 2277 24.87 2.52 -91.60
N LEU C 2278 25.56 1.70 -90.80
CA LEU C 2278 25.33 1.70 -89.36
C LEU C 2278 26.35 2.53 -88.61
N GLY C 2279 27.55 2.71 -89.18
CA GLY C 2279 28.50 3.65 -88.60
C GLY C 2279 28.08 5.09 -88.73
N HIS C 2280 27.18 5.40 -89.67
CA HIS C 2280 26.65 6.74 -89.80
C HIS C 2280 25.76 7.12 -88.62
N ALA C 2281 24.96 6.18 -88.14
CA ALA C 2281 23.94 6.46 -87.13
C ALA C 2281 24.52 6.61 -85.73
N ILE C 2282 25.76 6.16 -85.49
CA ILE C 2282 26.42 6.37 -84.22
C ILE C 2282 26.68 7.86 -84.01
N MET C 2283 27.33 8.48 -84.99
CA MET C 2283 27.64 9.90 -84.93
C MET C 2283 26.44 10.75 -85.34
N SER C 2284 25.40 10.17 -85.94
CA SER C 2284 24.19 10.93 -86.21
C SER C 2284 23.41 11.19 -84.93
N PHE C 2285 23.58 10.34 -83.92
CA PHE C 2285 22.97 10.55 -82.62
C PHE C 2285 23.87 11.38 -81.71
N TYR C 2286 25.18 11.15 -81.77
CA TYR C 2286 26.10 11.82 -80.87
C TYR C 2286 26.27 13.29 -81.22
N ALA C 2287 26.27 13.63 -82.51
CA ALA C 2287 26.29 15.04 -82.89
C ALA C 2287 24.96 15.71 -82.61
N ALA C 2288 23.87 14.96 -82.64
CA ALA C 2288 22.58 15.49 -82.21
C ALA C 2288 22.54 15.68 -80.69
N LEU C 2289 23.31 14.88 -79.95
CA LEU C 2289 23.45 15.06 -78.51
C LEU C 2289 24.16 16.37 -78.20
N ILE C 2290 25.12 16.77 -79.04
CA ILE C 2290 25.83 18.02 -78.82
C ILE C 2290 24.99 19.20 -79.32
N ASP C 2291 24.27 19.00 -80.43
CA ASP C 2291 23.49 20.09 -81.03
C ASP C 2291 22.28 20.45 -80.17
N LEU C 2292 21.82 19.53 -79.32
CA LEU C 2292 20.91 19.92 -78.26
C LEU C 2292 21.60 20.82 -77.24
N LEU C 2293 22.79 20.40 -76.79
CA LEU C 2293 23.47 21.12 -75.72
C LEU C 2293 24.09 22.41 -76.21
N GLY C 2294 24.44 22.49 -77.49
CA GLY C 2294 24.84 23.77 -78.07
C GLY C 2294 23.68 24.73 -78.18
N ARG C 2295 22.47 24.19 -78.31
CA ARG C 2295 21.26 25.00 -78.25
C ARG C 2295 20.66 25.04 -76.86
N CYS C 2296 21.19 24.26 -75.93
CA CYS C 2296 20.85 24.35 -74.51
C CYS C 2296 21.88 25.19 -73.76
N ALA C 2297 22.38 26.23 -74.42
CA ALA C 2297 23.26 27.19 -73.74
C ALA C 2297 22.49 27.90 -72.64
N PRO C 2298 22.93 27.82 -71.38
CA PRO C 2298 22.10 28.31 -70.28
C PRO C 2298 22.04 29.82 -70.20
N GLU C 2299 23.15 30.49 -70.47
CA GLU C 2299 23.23 31.92 -70.23
C GLU C 2299 23.51 32.65 -71.52
N MET C 2300 22.63 33.59 -71.86
CA MET C 2300 22.91 34.55 -72.90
C MET C 2300 23.68 35.70 -72.27
N HIS C 2301 24.23 36.58 -73.11
CA HIS C 2301 25.13 37.65 -72.68
C HIS C 2301 24.49 38.63 -71.71
N LEU C 2302 23.16 38.78 -71.78
CA LEU C 2302 22.43 39.56 -70.79
C LEU C 2302 22.55 38.93 -69.40
N ILE C 2303 22.45 37.61 -69.33
CA ILE C 2303 22.46 36.90 -68.06
C ILE C 2303 23.75 36.15 -67.80
N GLN C 2304 24.62 36.01 -68.80
CA GLN C 2304 25.96 35.53 -68.51
C GLN C 2304 26.78 36.56 -67.77
N ALA C 2305 26.48 37.84 -67.95
CA ALA C 2305 27.11 38.92 -67.20
C ALA C 2305 26.19 39.52 -66.16
N GLY C 2306 25.02 38.93 -65.92
CA GLY C 2306 24.09 39.48 -64.95
C GLY C 2306 23.38 38.45 -64.10
N LYS C 2307 23.93 37.23 -64.05
CA LYS C 2307 23.36 36.15 -63.26
C LYS C 2307 24.43 35.10 -63.05
N GLY C 2308 24.51 34.58 -61.82
CA GLY C 2308 25.44 33.49 -61.53
C GLY C 2308 24.78 32.14 -61.54
N GLU C 2309 23.45 32.12 -61.46
CA GLU C 2309 22.73 30.84 -61.39
C GLU C 2309 22.71 30.14 -62.74
N ALA C 2310 22.57 30.89 -63.82
CA ALA C 2310 22.68 30.31 -65.16
C ALA C 2310 24.10 29.84 -65.45
N LEU C 2311 25.10 30.42 -64.79
CA LEU C 2311 26.47 29.99 -64.97
C LEU C 2311 26.73 28.63 -64.33
N ARG C 2312 25.97 28.31 -63.26
CA ARG C 2312 26.07 27.00 -62.63
C ARG C 2312 25.71 25.88 -63.59
N ILE C 2313 24.67 26.09 -64.39
CA ILE C 2313 24.29 25.10 -65.40
C ILE C 2313 25.36 25.01 -66.48
N ARG C 2314 25.97 26.15 -66.81
CA ARG C 2314 27.13 26.14 -67.69
C ARG C 2314 28.35 25.53 -67.00
N ALA C 2315 28.44 25.68 -65.67
CA ALA C 2315 29.50 25.01 -64.92
C ALA C 2315 29.31 23.50 -64.91
N ILE C 2316 28.06 23.04 -64.99
CA ILE C 2316 27.82 21.62 -65.20
C ILE C 2316 28.27 21.21 -66.59
N LEU C 2317 27.94 22.04 -67.59
CA LEU C 2317 28.28 21.72 -68.98
C LEU C 2317 29.77 21.74 -69.23
N ARG C 2318 30.51 22.61 -68.54
CA ARG C 2318 31.96 22.58 -68.62
C ARG C 2318 32.55 21.37 -67.93
N SER C 2319 31.81 20.76 -67.00
CA SER C 2319 32.18 19.45 -66.50
C SER C 2319 31.71 18.33 -67.42
N LEU C 2320 30.73 18.63 -68.29
CA LEU C 2320 30.26 17.61 -69.23
C LEU C 2320 31.14 17.56 -70.47
N VAL C 2321 31.22 18.65 -71.22
CA VAL C 2321 32.09 18.71 -72.40
C VAL C 2321 33.34 19.53 -72.11
N PRO C 2322 34.50 18.89 -71.97
CA PRO C 2322 35.73 19.64 -71.71
C PRO C 2322 36.25 20.28 -72.99
N LEU C 2323 37.33 21.04 -72.82
CA LEU C 2323 38.06 21.56 -73.97
C LEU C 2323 38.95 20.47 -74.55
N ASP C 2324 39.26 20.63 -75.84
CA ASP C 2324 40.11 19.75 -76.65
C ASP C 2324 39.52 18.35 -76.82
N ASP C 2325 38.24 18.18 -76.53
CA ASP C 2325 37.49 17.01 -76.98
C ASP C 2325 36.71 17.27 -78.24
N LEU C 2326 36.38 18.54 -78.49
CA LEU C 2326 35.69 18.97 -79.70
C LEU C 2326 36.64 19.39 -80.80
N VAL C 2327 37.93 19.54 -80.49
CA VAL C 2327 38.90 20.02 -81.48
C VAL C 2327 39.19 18.94 -82.51
N GLY C 2328 39.38 17.70 -82.04
CA GLY C 2328 39.57 16.58 -82.95
C GLY C 2328 38.36 16.24 -83.78
N ILE C 2329 37.16 16.63 -83.32
CA ILE C 2329 35.95 16.48 -84.12
C ILE C 2329 35.96 17.47 -85.28
N ILE C 2330 36.51 18.67 -85.06
CA ILE C 2330 36.59 19.66 -86.12
C ILE C 2330 37.57 19.21 -87.19
N SER C 2331 38.73 18.70 -86.79
CA SER C 2331 39.71 18.20 -87.76
C SER C 2331 39.54 16.71 -88.04
N LEU C 2332 38.30 16.30 -88.32
CA LEU C 2332 38.00 14.97 -88.86
C LEU C 2332 38.12 14.76 -90.37
N PRO C 2333 37.81 15.77 -91.25
CA PRO C 2333 36.94 15.61 -92.44
C PRO C 2333 37.07 14.37 -93.32
N LEU C 2334 35.92 13.94 -93.87
CA LEU C 2334 35.84 12.70 -94.63
C LEU C 2334 36.42 12.91 -96.03
N GLN C 2335 36.27 11.90 -96.89
CA GLN C 2335 36.79 11.96 -98.24
C GLN C 2335 36.01 12.99 -99.07
N ILE C 2336 36.72 13.60 -100.01
CA ILE C 2336 36.17 14.67 -100.84
C ILE C 2336 35.57 14.04 -102.09
N PRO C 2337 34.29 14.27 -102.37
CA PRO C 2337 33.67 13.67 -103.56
C PRO C 2337 34.10 14.33 -104.86
N THR C 2338 35.33 14.05 -105.30
CA THR C 2338 35.87 14.59 -106.54
C THR C 2338 36.73 13.50 -107.18
N LEU C 2339 36.16 12.83 -108.18
CA LEU C 2339 36.86 11.79 -108.92
C LEU C 2339 36.32 11.64 -110.33
N UNK C 2340 33.58 9.60 -109.12
CA UNK C 2340 33.07 8.83 -108.00
C UNK C 2340 32.99 9.68 -106.74
N UNK C 2341 31.77 9.87 -106.24
CA UNK C 2341 31.56 10.68 -105.05
C UNK C 2341 31.71 9.83 -103.78
N UNK C 2342 31.70 10.50 -102.63
CA UNK C 2342 31.77 9.81 -101.35
C UNK C 2342 30.37 9.37 -100.94
N UNK C 2343 30.29 8.54 -99.90
CA UNK C 2343 28.99 8.08 -99.41
C UNK C 2343 28.38 9.09 -98.44
N UNK C 2344 27.07 9.24 -98.53
CA UNK C 2344 26.35 10.14 -97.63
C UNK C 2344 25.81 9.35 -96.44
N UNK C 2345 26.17 8.07 -96.37
CA UNK C 2345 25.86 7.23 -95.23
C UNK C 2345 27.12 7.02 -94.40
N UNK C 2346 27.90 8.08 -94.26
CA UNK C 2346 29.16 8.02 -93.52
C UNK C 2346 29.25 9.20 -92.56
N UNK C 2347 30.48 9.63 -92.25
CA UNK C 2347 30.66 10.74 -91.32
C UNK C 2347 30.34 12.08 -91.98
N UNK C 2348 29.14 12.59 -91.71
CA UNK C 2348 28.65 13.82 -92.34
C UNK C 2348 29.42 15.06 -91.92
N UNK C 2349 29.57 16.01 -92.85
CA UNK C 2349 30.29 17.24 -92.59
C UNK C 2349 29.41 18.26 -91.88
N UNK C 2350 28.11 18.08 -91.98
CA UNK C 2350 27.15 18.97 -91.33
C UNK C 2350 27.04 18.65 -89.84
N UNK C 2351 27.45 17.44 -89.47
CA UNK C 2351 27.41 17.01 -88.08
C UNK C 2351 28.66 17.43 -87.32
N UNK C 2352 29.67 17.89 -88.08
CA UNK C 2352 30.88 18.40 -87.48
C UNK C 2352 30.62 19.79 -86.90
N UNK C 2353 29.68 20.50 -87.52
CA UNK C 2353 29.31 21.83 -87.06
C UNK C 2353 28.30 21.76 -85.91
N UNK C 2354 27.78 20.56 -85.66
CA UNK C 2354 26.89 20.33 -84.53
C UNK C 2354 27.69 20.33 -83.23
N UNK C 2355 28.97 20.00 -83.36
CA UNK C 2355 29.90 20.06 -82.23
C UNK C 2355 30.41 21.47 -82.04
N UNK C 2356 30.29 22.29 -83.08
CA UNK C 2356 30.82 23.65 -83.08
C UNK C 2356 29.94 24.61 -82.28
N UNK C 2357 28.66 24.26 -82.13
CA UNK C 2357 27.70 25.12 -81.46
C UNK C 2357 27.92 25.17 -79.96
N UNK C 2358 28.25 24.02 -79.37
CA UNK C 2358 28.49 23.94 -77.93
C UNK C 2358 29.80 24.62 -77.56
N UNK C 2359 30.78 24.52 -78.46
CA UNK C 2359 32.07 25.15 -78.25
C UNK C 2359 31.94 26.67 -78.33
N UNK C 2360 30.96 27.13 -79.09
CA UNK C 2360 30.72 28.55 -79.24
C UNK C 2360 29.71 29.08 -78.22
N UNK C 2361 29.28 28.22 -77.30
CA UNK C 2361 28.26 28.62 -76.35
C UNK C 2361 28.38 27.94 -74.99
N UNK C 2362 29.57 27.46 -74.64
CA UNK C 2362 29.81 26.91 -73.31
C UNK C 2362 31.24 27.17 -72.88
N UNK C 2363 32.18 26.56 -73.59
CA UNK C 2363 33.59 26.77 -73.33
C UNK C 2363 34.01 28.13 -73.86
N UNK C 2364 33.36 28.55 -74.94
CA UNK C 2364 33.60 29.83 -75.64
C UNK C 2364 35.05 30.01 -76.09
N UNK C 2365 35.41 31.26 -76.38
CA UNK C 2365 36.76 31.60 -76.84
C UNK C 2365 37.05 33.07 -76.58
N UNK C 2366 37.85 33.33 -75.54
CA UNK C 2366 38.18 34.70 -75.18
C UNK C 2366 39.69 34.94 -75.27
N UNK C 2367 40.47 33.86 -75.20
CA UNK C 2367 41.93 33.98 -75.23
C UNK C 2367 42.47 34.00 -76.65
N UNK C 2368 43.71 33.54 -76.80
CA UNK C 2368 44.34 33.46 -78.11
C UNK C 2368 44.46 32.01 -78.55
N UNK C 2369 43.45 31.23 -78.21
CA UNK C 2369 43.40 29.82 -78.60
C UNK C 2369 42.67 29.69 -79.93
N UNK C 2370 42.31 30.83 -80.51
CA UNK C 2370 41.71 30.89 -81.83
C UNK C 2370 42.72 30.46 -82.89
N UNK C 2371 43.98 30.79 -82.66
CA UNK C 2371 45.07 30.36 -83.52
C UNK C 2371 45.26 28.85 -83.41
N UNK C 2372 45.03 28.32 -82.21
CA UNK C 2372 45.04 26.88 -82.00
C UNK C 2372 43.79 26.26 -82.59
N UNK C 2373 42.73 27.05 -82.66
CA UNK C 2373 41.45 26.60 -83.23
C UNK C 2373 41.47 26.70 -84.76
N UNK C 2374 42.04 27.78 -85.29
CA UNK C 2374 42.10 27.96 -86.74
C UNK C 2374 43.14 27.06 -87.39
N UNK C 2375 44.00 26.44 -86.58
CA UNK C 2375 44.94 25.44 -87.06
C UNK C 2375 44.31 24.05 -87.06
N UNK C 2376 43.00 23.99 -86.80
CA UNK C 2376 42.28 22.72 -86.80
C UNK C 2376 40.94 22.89 -87.51
N UNK C 2377 40.60 24.13 -87.87
CA UNK C 2377 39.31 24.42 -88.50
C UNK C 2377 39.45 24.92 -89.93
N UNK C 2378 40.52 25.67 -90.21
CA UNK C 2378 40.71 26.25 -91.53
C UNK C 2378 41.33 25.27 -92.52
N UNK C 2379 41.62 24.06 -92.04
CA UNK C 2379 42.11 22.98 -92.90
C UNK C 2379 41.04 22.56 -93.89
N UNK C 2380 39.79 22.55 -93.43
CA UNK C 2380 38.66 22.21 -94.29
C UNK C 2380 38.22 23.43 -95.09
N UNK C 2381 38.66 24.62 -94.68
CA UNK C 2381 38.33 25.85 -95.38
C UNK C 2381 39.11 25.95 -96.68
N UNK C 2382 40.30 25.37 -96.69
CA UNK C 2382 41.11 25.30 -97.90
C UNK C 2382 40.56 24.20 -98.79
N UNK C 2383 39.94 23.20 -98.18
CA UNK C 2383 39.32 22.11 -98.91
C UNK C 2383 37.94 22.52 -99.45
N UNK C 2384 37.45 23.66 -98.99
CA UNK C 2384 36.19 24.20 -99.45
C UNK C 2384 36.36 24.79 -100.86
N UNK C 2385 37.55 25.28 -101.14
CA UNK C 2385 37.86 25.85 -102.45
C UNK C 2385 38.40 24.78 -103.40
N UNK C 2386 38.52 23.55 -102.89
CA UNK C 2386 39.07 22.45 -103.67
C UNK C 2386 38.07 21.95 -104.72
N UNK C 2387 36.88 21.57 -104.27
CA UNK C 2387 35.87 21.01 -105.17
C UNK C 2387 34.94 22.08 -105.73
N UNK C 2388 35.49 23.21 -106.13
CA UNK C 2388 34.71 24.26 -106.77
C UNK C 2388 35.00 24.27 -108.26
N UNK C 2389 35.45 23.13 -108.77
CA UNK C 2389 35.85 23.02 -110.16
C UNK C 2389 34.86 22.21 -111.00
N UNK C 2390 34.60 20.98 -110.57
CA UNK C 2390 33.73 20.07 -111.31
C UNK C 2390 32.27 20.50 -111.23
N UNK C 2391 31.59 20.07 -110.18
CA UNK C 2391 30.18 20.40 -109.99
C UNK C 2391 29.82 20.36 -108.52
N UNK C 2392 30.77 19.88 -107.70
CA UNK C 2392 30.63 19.70 -106.26
C UNK C 2392 29.42 18.86 -105.89
N UNK C 2393 29.56 17.53 -105.98
CA UNK C 2393 28.51 16.62 -105.56
C UNK C 2393 28.41 16.67 -104.05
N UNK C 2394 27.19 16.81 -103.53
CA UNK C 2394 26.89 16.96 -102.10
C UNK C 2394 27.69 18.08 -101.42
N UNK C 2395 27.25 19.32 -101.62
CA UNK C 2395 27.95 20.46 -101.03
C UNK C 2395 27.52 20.71 -99.59
N UNK C 2396 27.77 19.72 -98.73
CA UNK C 2396 27.42 19.83 -97.32
C UNK C 2396 28.43 20.71 -96.59
N UNK C 2397 29.64 20.76 -97.14
CA UNK C 2397 30.71 21.60 -96.59
C UNK C 2397 30.42 23.07 -96.84
N UNK C 2398 29.65 23.36 -97.88
CA UNK C 2398 29.20 24.71 -98.16
C UNK C 2398 28.23 25.16 -97.08
N UNK C 2399 27.45 24.22 -96.57
CA UNK C 2399 26.54 24.49 -95.46
C UNK C 2399 27.29 24.46 -94.14
N UNK C 2400 28.36 23.67 -94.08
CA UNK C 2400 29.13 23.51 -92.85
C UNK C 2400 30.15 24.62 -92.66
N UNK C 2401 30.32 25.46 -93.68
CA UNK C 2401 31.22 26.60 -93.59
C UNK C 2401 30.44 27.89 -93.72
N UNK C 2402 29.11 27.78 -93.70
CA UNK C 2402 28.25 28.95 -93.71
C UNK C 2402 27.63 29.10 -92.32
N UNK C 2403 28.07 28.25 -91.40
CA UNK C 2403 27.57 28.28 -90.03
C UNK C 2403 28.73 28.21 -89.04
N UNK C 2404 29.95 28.11 -89.58
CA UNK C 2404 31.14 28.07 -88.75
C UNK C 2404 31.96 29.33 -88.97
N UNK C 2405 31.79 29.94 -90.15
CA UNK C 2405 32.52 31.13 -90.51
C UNK C 2405 31.94 32.39 -89.86
N UNK C 2406 30.72 32.26 -89.34
CA UNK C 2406 30.06 33.36 -88.66
C UNK C 2406 30.74 33.61 -87.31
N UNK C 2407 31.24 32.54 -86.70
CA UNK C 2407 31.94 32.62 -85.43
C UNK C 2407 33.29 33.28 -85.63
N UNK C 2408 33.87 33.08 -86.81
CA UNK C 2408 35.11 33.75 -87.18
C UNK C 2408 34.86 35.25 -87.38
N UNK C 2409 33.67 35.57 -87.89
CA UNK C 2409 33.28 36.95 -88.12
C UNK C 2409 32.94 37.66 -86.81
N UNK C 2410 32.76 36.89 -85.75
CA UNK C 2410 32.54 37.43 -84.42
C UNK C 2410 33.85 37.52 -83.65
N UNK C 2411 34.97 37.34 -84.36
CA UNK C 2411 36.28 37.38 -83.74
C UNK C 2411 37.13 38.52 -84.29
N UNK C 2412 37.30 39.58 -83.51
CA UNK C 2412 38.15 40.68 -83.90
C UNK C 2412 39.44 40.63 -83.08
N UNK C 2413 39.91 39.42 -82.81
CA UNK C 2413 41.13 39.22 -82.03
C UNK C 2413 42.31 38.98 -82.96
N UNK C 2414 43.01 40.04 -83.30
CA UNK C 2414 44.17 39.95 -84.18
C UNK C 2414 45.40 40.54 -83.50
N UNK C 2415 46.55 39.87 -83.68
CA UNK C 2415 47.79 40.32 -83.06
C UNK C 2415 48.94 40.33 -84.06
N UNK C 2416 50.11 39.90 -83.62
CA UNK C 2416 51.27 39.82 -84.50
C UNK C 2416 51.55 38.37 -84.90
N UNK C 2417 52.67 38.16 -85.57
CA UNK C 2417 53.11 36.85 -86.09
C UNK C 2417 52.04 36.21 -86.98
N UNK C 2418 51.60 36.95 -87.99
CA UNK C 2418 50.56 36.48 -88.90
C UNK C 2418 51.06 35.38 -89.83
N UNK C 2419 51.27 34.20 -89.27
CA UNK C 2419 51.79 33.07 -90.04
C UNK C 2419 50.66 32.41 -90.83
N UNK C 2420 49.56 32.15 -90.16
CA UNK C 2420 48.42 31.50 -90.78
C UNK C 2420 47.27 32.48 -91.01
N UNK C 2421 47.45 33.71 -90.55
CA UNK C 2421 46.44 34.74 -90.72
C UNK C 2421 46.39 35.20 -92.17
N UNK C 2422 47.55 35.26 -92.81
CA UNK C 2422 47.64 35.63 -94.21
C UNK C 2422 47.14 34.47 -95.07
N UNK C 2423 47.39 33.26 -94.60
CA UNK C 2423 47.00 32.04 -95.31
C UNK C 2423 45.49 31.83 -95.23
N UNK C 2424 44.89 32.22 -94.12
CA UNK C 2424 43.46 32.10 -93.94
C UNK C 2424 42.73 33.12 -94.81
N UNK C 2425 43.32 34.31 -94.94
CA UNK C 2425 42.74 35.40 -95.71
C UNK C 2425 42.73 35.07 -97.20
N UNK C 2426 43.73 34.33 -97.64
CA UNK C 2426 43.80 33.87 -99.02
C UNK C 2426 42.75 32.79 -99.27
N UNK C 2427 42.59 31.90 -98.29
CA UNK C 2427 41.60 30.82 -98.39
C UNK C 2427 40.18 31.37 -98.25
N UNK C 2428 40.06 32.49 -97.53
CA UNK C 2428 38.77 33.16 -97.40
C UNK C 2428 38.41 33.88 -98.68
N UNK C 2429 39.42 34.48 -99.32
CA UNK C 2429 39.22 35.19 -100.57
C UNK C 2429 38.97 34.22 -101.72
N UNK C 2430 39.45 32.99 -101.55
CA UNK C 2430 39.30 31.93 -102.53
C UNK C 2430 37.84 31.55 -102.73
N UNK C 2431 37.14 31.30 -101.62
CA UNK C 2431 35.73 30.93 -101.67
C UNK C 2431 34.87 32.15 -102.00
N UNK C 2432 35.34 33.33 -101.62
CA UNK C 2432 34.59 34.57 -101.82
C UNK C 2432 34.54 34.95 -103.29
N UNK C 2433 35.67 34.82 -103.97
CA UNK C 2433 35.74 35.12 -105.40
C UNK C 2433 35.04 34.02 -106.19
N UNK C 2434 35.05 32.81 -105.65
CA UNK C 2434 34.37 31.69 -106.28
C UNK C 2434 32.88 31.69 -105.93
N UNK C 2435 32.14 32.63 -106.50
CA UNK C 2435 30.71 32.72 -106.27
C UNK C 2435 29.96 32.08 -107.43
N UNK C 2436 30.71 31.65 -108.44
CA UNK C 2436 30.12 31.01 -109.62
C UNK C 2436 29.75 29.57 -109.31
N UNK C 2437 30.75 28.78 -108.92
CA UNK C 2437 30.51 27.38 -108.53
C UNK C 2437 29.81 27.33 -107.18
N UNK C 2438 28.57 26.83 -107.19
CA UNK C 2438 27.65 26.80 -106.05
C UNK C 2438 27.48 28.19 -105.44
N UNK C 2439 26.54 28.96 -105.99
CA UNK C 2439 26.37 30.36 -105.62
C UNK C 2439 25.80 30.55 -104.21
N UNK C 2440 24.47 30.47 -104.11
CA UNK C 2440 23.69 30.77 -102.90
C UNK C 2440 23.99 32.17 -102.39
N UNK C 2441 23.19 33.14 -102.82
CA UNK C 2441 23.39 34.56 -102.52
C UNK C 2441 23.28 34.89 -101.03
N UNK C 2442 22.59 34.05 -100.29
CA UNK C 2442 22.58 34.14 -98.83
C UNK C 2442 23.94 33.73 -98.29
N UNK C 2443 24.44 32.59 -98.75
CA UNK C 2443 25.73 32.07 -98.31
C UNK C 2443 26.86 32.92 -98.88
N UNK C 2444 26.61 33.53 -100.02
CA UNK C 2444 27.58 34.42 -100.66
C UNK C 2444 27.77 35.68 -99.81
N UNK C 2445 26.67 36.28 -99.41
CA UNK C 2445 26.71 37.48 -98.58
C UNK C 2445 27.21 37.16 -97.18
N UNK C 2446 26.96 35.93 -96.73
CA UNK C 2446 27.43 35.47 -95.43
C UNK C 2446 28.94 35.32 -95.43
N UNK C 2447 29.47 34.89 -96.57
CA UNK C 2447 30.91 34.78 -96.74
C UNK C 2447 31.50 36.16 -96.99
N UNK C 2448 30.73 37.02 -97.61
CA UNK C 2448 31.19 38.36 -97.98
C UNK C 2448 31.32 39.27 -96.76
N UNK C 2449 30.36 39.15 -95.85
CA UNK C 2449 30.34 39.99 -94.65
C UNK C 2449 31.49 39.63 -93.71
N UNK C 2450 31.83 38.34 -93.68
CA UNK C 2450 32.91 37.86 -92.83
C UNK C 2450 34.26 38.34 -93.35
N UNK C 2451 34.35 38.51 -94.66
CA UNK C 2451 35.56 39.02 -95.29
C UNK C 2451 35.67 40.53 -95.04
N UNK C 2452 34.54 41.21 -95.05
CA UNK C 2452 34.52 42.66 -94.89
C UNK C 2452 34.82 43.07 -93.46
N UNK C 2453 34.49 42.21 -92.52
CA UNK C 2453 34.67 42.51 -91.10
C UNK C 2453 36.05 42.10 -90.60
N UNK C 2454 36.70 41.22 -91.35
CA UNK C 2454 38.01 40.72 -90.95
C UNK C 2454 39.08 41.80 -91.11
N UNK C 2455 38.86 42.71 -92.04
CA UNK C 2455 39.80 43.77 -92.34
C UNK C 2455 39.79 44.86 -91.27
N UNK C 2456 38.72 44.90 -90.48
CA UNK C 2456 38.61 45.89 -89.40
C UNK C 2456 39.16 45.36 -88.08
N UNK C 2457 40.35 44.75 -88.15
CA UNK C 2457 41.02 44.21 -86.98
C UNK C 2457 42.52 44.12 -87.23
N UNK C 2458 42.88 43.87 -88.48
CA UNK C 2458 44.29 43.75 -88.86
C UNK C 2458 44.86 45.09 -89.28
N UNK C 2459 46.18 45.22 -89.22
CA UNK C 2459 46.84 46.49 -89.54
C UNK C 2459 47.95 46.32 -90.58
N UNK C 2460 47.56 46.45 -91.85
CA UNK C 2460 48.46 46.43 -93.02
C UNK C 2460 49.35 45.20 -93.12
N UNK C 2461 48.86 44.05 -92.65
CA UNK C 2461 49.60 42.80 -92.75
C UNK C 2461 49.15 42.03 -93.97
N UNK C 2462 48.01 42.44 -94.54
CA UNK C 2462 47.48 41.80 -95.73
C UNK C 2462 47.98 42.51 -96.97
N UNK C 2463 49.11 42.06 -97.50
CA UNK C 2463 49.70 42.64 -98.69
C UNK C 2463 49.61 41.69 -99.87
N UNK C 2464 49.67 40.40 -99.59
CA UNK C 2464 49.58 39.37 -100.62
C UNK C 2464 48.16 39.29 -101.16
N UNK C 2465 47.19 39.56 -100.31
CA UNK C 2465 45.79 39.59 -100.71
C UNK C 2465 45.51 40.85 -101.53
N UNK C 2466 46.17 41.94 -101.16
CA UNK C 2466 46.02 43.20 -101.85
C UNK C 2466 46.69 43.16 -103.22
N UNK C 2467 47.76 42.37 -103.32
CA UNK C 2467 48.50 42.24 -104.57
C UNK C 2467 47.70 41.42 -105.58
N UNK C 2468 47.02 40.39 -105.10
CA UNK C 2468 46.23 39.52 -105.96
C UNK C 2468 44.93 40.21 -106.38
N UNK C 2469 44.49 41.16 -105.57
CA UNK C 2469 43.25 41.88 -105.84
C UNK C 2469 43.39 42.83 -107.02
N UNK C 2470 44.57 43.44 -107.16
CA UNK C 2470 44.81 44.39 -108.24
C UNK C 2470 44.92 43.71 -109.60
N UNK C 2471 45.25 42.42 -109.59
CA UNK C 2471 45.32 41.64 -110.81
C UNK C 2471 44.10 40.75 -110.96
N UNK C 2472 42.97 41.20 -110.41
CA UNK C 2472 41.72 40.44 -110.48
C UNK C 2472 40.51 41.35 -110.43
N UNK C 2473 40.46 42.22 -109.42
CA UNK C 2473 39.32 43.12 -109.24
C UNK C 2473 39.46 44.36 -110.11
N UNK C 2474 40.69 44.84 -110.27
CA UNK C 2474 40.95 46.00 -111.11
C UNK C 2474 40.90 45.63 -112.58
N UNK C 2475 41.07 44.35 -112.86
CA UNK C 2475 40.98 43.83 -114.22
C UNK C 2475 39.52 43.84 -114.70
N UNK C 2476 38.84 42.72 -114.51
CA UNK C 2476 37.44 42.61 -114.92
C UNK C 2476 36.54 43.32 -113.91
N UNK C 2477 36.42 44.63 -114.05
CA UNK C 2477 35.61 45.43 -113.14
C UNK C 2477 34.18 45.54 -113.62
N UNK C 2478 33.48 44.42 -113.74
CA UNK C 2478 32.10 44.39 -114.20
C UNK C 2478 31.37 43.17 -113.66
N UNK C 2479 32.10 42.31 -112.96
CA UNK C 2479 31.53 41.10 -112.39
C UNK C 2479 30.74 41.40 -111.13
N UNK C 2480 30.08 40.38 -110.60
CA UNK C 2480 29.36 40.51 -109.34
C UNK C 2480 30.36 40.53 -108.18
N UNK C 2481 31.48 39.86 -108.37
CA UNK C 2481 32.51 39.79 -107.35
C UNK C 2481 33.35 41.07 -107.31
N UNK C 2482 33.23 41.88 -108.35
CA UNK C 2482 33.96 43.14 -108.43
C UNK C 2482 33.34 44.18 -107.50
N UNK C 2483 32.04 44.10 -107.31
CA UNK C 2483 31.31 45.03 -106.44
C UNK C 2483 31.63 44.78 -104.98
N UNK C 2484 31.84 43.50 -104.65
CA UNK C 2484 32.20 43.12 -103.29
C UNK C 2484 33.63 43.52 -102.98
N UNK C 2485 34.50 43.38 -103.98
CA UNK C 2485 35.92 43.69 -103.81
C UNK C 2485 36.18 45.19 -103.77
N UNK C 2486 35.29 45.96 -104.39
CA UNK C 2486 35.44 47.41 -104.46
C UNK C 2486 35.21 48.07 -103.11
N UNK C 2487 34.32 47.48 -102.32
CA UNK C 2487 33.97 48.01 -101.01
C UNK C 2487 35.06 47.69 -99.99
N UNK C 2488 35.74 46.56 -100.18
CA UNK C 2488 36.81 46.14 -99.28
C UNK C 2488 38.04 47.02 -99.45
N UNK C 2489 38.26 47.46 -100.68
CA UNK C 2489 39.39 48.34 -101.00
C UNK C 2489 39.14 49.75 -100.48
N UNK C 2490 37.87 50.15 -100.47
CA UNK C 2490 37.49 51.47 -99.99
C UNK C 2490 37.60 51.56 -98.47
N UNK C 2491 37.53 50.41 -97.82
CA UNK C 2491 37.67 50.33 -96.37
C UNK C 2491 39.12 50.58 -95.94
N UNK C 2492 40.06 50.15 -96.78
CA UNK C 2492 41.48 50.32 -96.50
C UNK C 2492 41.92 51.77 -96.71
N UNK C 2493 41.13 52.51 -97.49
CA UNK C 2493 41.40 53.91 -97.76
C UNK C 2493 41.18 54.77 -96.51
N UNK C 2494 40.32 54.29 -95.62
CA UNK C 2494 40.04 55.00 -94.38
C UNK C 2494 40.90 54.44 -93.23
N UNK C 2495 42.09 53.96 -93.58
CA UNK C 2495 43.03 53.46 -92.59
C UNK C 2495 44.43 53.93 -92.94
N UNK C 2496 44.52 54.79 -93.94
CA UNK C 2496 45.82 55.26 -94.44
C UNK C 2496 45.83 56.75 -94.72
N UNK C 2497 44.85 57.47 -94.21
CA UNK C 2497 44.74 58.91 -94.43
C UNK C 2497 45.62 59.69 -93.45
N UNK C 2498 46.18 58.98 -92.47
CA UNK C 2498 47.09 59.59 -91.51
C UNK C 2498 48.44 58.90 -91.59
N UNK C 2499 48.46 57.63 -91.19
CA UNK C 2499 49.67 56.82 -91.27
C UNK C 2499 49.49 55.76 -92.36
N UNK C 2500 50.08 54.58 -92.13
CA UNK C 2500 49.98 53.40 -93.00
C UNK C 2500 50.36 53.64 -94.46
N UNK C 2501 51.27 54.58 -94.68
CA UNK C 2501 51.79 54.85 -96.02
C UNK C 2501 53.22 54.35 -96.08
N UNK C 2502 53.58 53.55 -95.09
CA UNK C 2502 54.93 53.00 -94.99
C UNK C 2502 55.03 51.66 -95.70
N UNK C 2503 54.79 51.67 -97.01
CA UNK C 2503 54.86 50.46 -97.83
C UNK C 2503 55.06 50.83 -99.30
N UNK C 2504 56.29 50.68 -99.78
CA UNK C 2504 56.64 51.09 -101.15
C UNK C 2504 56.08 50.13 -102.19
N UNK C 2505 56.12 48.83 -101.88
CA UNK C 2505 55.65 47.80 -102.80
C UNK C 2505 54.13 47.86 -102.94
N UNK C 2506 53.47 48.29 -101.88
CA UNK C 2506 52.02 48.50 -101.93
C UNK C 2506 51.70 49.80 -102.64
N UNK C 2507 52.61 50.78 -102.53
CA UNK C 2507 52.43 52.08 -103.15
C UNK C 2507 52.54 51.98 -104.68
N UNK C 2508 53.38 51.06 -105.14
CA UNK C 2508 53.49 50.78 -106.56
C UNK C 2508 52.26 50.03 -107.02
N UNK C 2509 51.75 49.17 -106.14
CA UNK C 2509 50.53 48.41 -106.41
C UNK C 2509 49.32 49.34 -106.38
N UNK C 2510 49.37 50.35 -105.52
CA UNK C 2510 48.29 51.32 -105.41
C UNK C 2510 48.27 52.26 -106.62
N UNK C 2511 49.45 52.47 -107.20
CA UNK C 2511 49.58 53.33 -108.37
C UNK C 2511 49.01 52.65 -109.61
N UNK C 2512 49.23 51.34 -109.70
CA UNK C 2512 48.79 50.56 -110.85
C UNK C 2512 47.28 50.35 -110.83
N UNK C 2513 46.72 50.27 -109.63
CA UNK C 2513 45.28 50.05 -109.48
C UNK C 2513 44.52 51.34 -109.79
N UNK C 2514 45.14 52.48 -109.49
CA UNK C 2514 44.53 53.78 -109.74
C UNK C 2514 44.46 54.09 -111.22
N UNK C 2515 45.44 53.56 -111.97
CA UNK C 2515 45.46 53.71 -113.41
C UNK C 2515 44.43 52.80 -114.05
N UNK C 2516 44.24 51.63 -113.46
CA UNK C 2516 43.27 50.66 -113.94
C UNK C 2516 41.85 51.13 -113.64
N UNK C 2517 41.71 51.91 -112.58
CA UNK C 2517 40.42 52.47 -112.20
C UNK C 2517 40.02 53.62 -113.12
N UNK C 2518 41.04 54.27 -113.70
CA UNK C 2518 40.80 55.37 -114.63
C UNK C 2518 40.32 54.86 -115.97
N UNK C 2519 40.60 53.59 -116.26
CA UNK C 2519 40.19 52.97 -117.51
C UNK C 2519 38.72 52.57 -117.49
N UNK C 2520 38.12 52.55 -116.31
CA UNK C 2520 36.73 52.14 -116.16
C UNK C 2520 35.76 53.29 -116.42
N UNK C 2521 36.30 54.49 -116.60
CA UNK C 2521 35.49 55.67 -116.88
C UNK C 2521 34.83 55.55 -118.26
N UNK C 2522 35.64 55.38 -119.28
CA UNK C 2522 35.13 55.24 -120.65
C UNK C 2522 34.84 53.78 -121.01
N UNK C 2523 34.57 52.96 -119.99
CA UNK C 2523 34.16 51.58 -120.22
C UNK C 2523 32.67 51.55 -120.51
N UNK C 2524 31.90 50.98 -119.58
CA UNK C 2524 30.46 50.94 -119.72
C UNK C 2524 29.84 52.23 -119.20
N UNK C 2525 28.67 52.58 -119.72
CA UNK C 2525 27.96 53.77 -119.27
C UNK C 2525 26.83 53.38 -118.33
N UNK C 2526 27.07 52.37 -117.50
CA UNK C 2526 26.08 51.91 -116.53
C UNK C 2526 26.00 52.89 -115.37
N UNK C 2527 24.95 53.70 -115.35
CA UNK C 2527 24.75 54.67 -114.27
C UNK C 2527 24.35 53.94 -112.99
N UNK C 2528 24.60 54.59 -111.85
CA UNK C 2528 24.27 54.11 -110.50
C UNK C 2528 24.88 52.75 -110.11
N UNK C 2529 24.58 51.69 -110.88
CA UNK C 2529 25.03 50.33 -110.58
C UNK C 2529 26.55 50.17 -110.61
N UNK C 2530 27.17 50.42 -111.75
CA UNK C 2530 28.62 50.33 -111.87
C UNK C 2530 29.26 51.70 -111.64
N UNK C 2531 28.48 52.75 -111.82
CA UNK C 2531 28.98 54.11 -111.70
C UNK C 2531 29.26 54.49 -110.26
N UNK C 2532 28.22 54.41 -109.42
CA UNK C 2532 28.32 54.87 -108.04
C UNK C 2532 28.97 53.84 -107.12
N UNK C 2533 29.20 52.63 -107.62
CA UNK C 2533 29.84 51.58 -106.83
C UNK C 2533 31.31 51.88 -106.61
N UNK C 2534 31.91 52.61 -107.55
CA UNK C 2534 33.32 52.94 -107.45
C UNK C 2534 33.55 54.44 -107.51
N UNK C 2535 32.47 55.22 -107.55
CA UNK C 2535 32.56 56.68 -107.56
C UNK C 2535 33.08 57.19 -106.23
N UNK C 2536 32.72 56.48 -105.17
CA UNK C 2536 33.18 56.80 -103.82
C UNK C 2536 34.42 55.99 -103.48
N UNK C 2537 34.93 55.25 -104.46
CA UNK C 2537 36.17 54.49 -104.28
C UNK C 2537 37.36 55.27 -104.82
N UNK C 2538 37.23 56.59 -104.83
CA UNK C 2538 38.30 57.47 -105.27
C UNK C 2538 39.13 57.93 -104.09
N UNK C 2539 38.80 57.40 -102.91
CA UNK C 2539 39.50 57.75 -101.68
C UNK C 2539 40.80 56.95 -101.55
N UNK C 2540 40.94 55.90 -102.36
CA UNK C 2540 42.13 55.07 -102.35
C UNK C 2540 43.32 55.84 -102.91
N UNK C 2541 43.05 56.70 -103.89
CA UNK C 2541 44.08 57.52 -104.51
C UNK C 2541 44.32 58.78 -103.69
N UNK C 2542 43.43 59.05 -102.75
CA UNK C 2542 43.54 60.22 -101.89
C UNK C 2542 44.57 59.99 -100.79
N UNK C 2543 44.83 58.72 -100.48
CA UNK C 2543 45.77 58.37 -99.42
C UNK C 2543 47.21 58.36 -99.95
N UNK C 2544 47.34 58.20 -101.26
CA UNK C 2544 48.65 58.15 -101.91
C UNK C 2544 49.32 59.53 -101.91
N UNK C 2545 50.63 59.54 -102.06
CA UNK C 2545 51.39 60.78 -102.08
C UNK C 2545 51.43 61.38 -103.48
N UNK C 2546 52.16 62.48 -103.64
CA UNK C 2546 52.28 63.14 -104.93
C UNK C 2546 53.65 62.91 -105.52
N UNK C 2547 54.51 62.25 -104.76
CA UNK C 2547 55.85 61.94 -105.24
C UNK C 2547 55.81 60.82 -106.27
N UNK C 2548 56.82 60.77 -107.12
CA UNK C 2548 56.91 59.74 -108.13
C UNK C 2548 57.84 58.62 -107.68
N UNK C 2549 57.28 57.44 -107.46
CA UNK C 2549 58.09 56.27 -107.14
C UNK C 2549 58.79 55.77 -108.41
N UNK C 2550 59.79 54.93 -108.25
CA UNK C 2550 60.55 54.42 -109.39
C UNK C 2550 59.76 53.38 -110.18
N UNK C 2551 58.78 53.85 -110.96
CA UNK C 2551 57.94 52.98 -111.75
C UNK C 2551 58.12 53.25 -113.24
N UNK C 2552 58.38 52.19 -114.00
CA UNK C 2552 58.57 52.32 -115.44
C UNK C 2552 57.23 52.25 -116.17
N UNK C 2553 57.26 51.75 -117.41
CA UNK C 2553 56.04 51.66 -118.20
C UNK C 2553 56.10 50.47 -119.17
N UNK C 2554 55.25 49.49 -118.94
CA UNK C 2554 55.17 48.31 -119.79
C UNK C 2554 53.75 47.75 -119.79
N UNK C 2555 53.35 47.16 -120.91
CA UNK C 2555 52.00 46.61 -121.04
C UNK C 2555 51.96 45.44 -122.02
N UNK C 2556 51.07 44.49 -121.76
CA UNK C 2556 50.91 43.33 -122.62
C UNK C 2556 49.44 43.04 -122.89
N ASN C 2557 41.33 33.88 -115.23
CA ASN C 2557 41.60 34.16 -116.64
C ASN C 2557 42.72 35.18 -116.80
N PHE C 2558 43.86 34.73 -117.31
CA PHE C 2558 44.98 35.62 -117.59
C PHE C 2558 45.79 35.05 -118.74
N ASP C 2559 46.26 35.94 -119.62
CA ASP C 2559 47.00 35.55 -120.81
C ASP C 2559 48.03 36.62 -121.15
N PRO C 2560 49.31 36.37 -120.87
CA PRO C 2560 50.36 37.30 -121.28
C PRO C 2560 50.72 37.12 -122.75
N ARG C 2561 51.69 37.90 -123.20
CA ARG C 2561 52.13 37.88 -124.59
C ARG C 2561 53.65 37.71 -124.67
N PRO C 2562 54.15 36.47 -124.67
CA PRO C 2562 55.56 36.25 -125.02
C PRO C 2562 55.76 36.24 -126.53
N VAL C 2563 56.99 36.02 -126.98
CA VAL C 2563 57.29 35.99 -128.41
C VAL C 2563 57.66 34.56 -128.79
N GLU C 2564 57.37 34.19 -130.03
CA GLU C 2564 57.72 32.88 -130.57
C GLU C 2564 59.23 32.82 -130.76
N THR C 2565 59.92 32.15 -129.84
CA THR C 2565 61.38 32.09 -129.90
C THR C 2565 61.89 30.96 -130.77
N LEU C 2566 61.05 29.97 -131.08
CA LEU C 2566 61.49 28.80 -131.84
C LEU C 2566 61.84 29.12 -133.28
N ASN C 2567 61.20 30.11 -133.90
CA ASN C 2567 61.49 30.52 -135.26
C ASN C 2567 62.46 31.68 -135.33
N VAL C 2568 63.23 31.91 -134.27
CA VAL C 2568 64.21 32.99 -134.24
C VAL C 2568 65.59 32.39 -134.51
N ILE C 2569 66.29 32.94 -135.50
CA ILE C 2569 67.58 32.42 -135.92
C ILE C 2569 68.68 33.16 -135.16
N ILE C 2570 69.52 32.40 -134.46
CA ILE C 2570 70.68 32.98 -133.78
C ILE C 2570 71.83 33.05 -134.78
N PRO C 2571 72.56 34.17 -134.86
CA PRO C 2571 73.78 34.20 -135.67
C PRO C 2571 74.84 33.24 -135.11
N GLU C 2572 75.63 32.68 -136.03
CA GLU C 2572 76.58 31.62 -135.68
C GLU C 2572 77.76 32.12 -134.85
N LYS C 2573 78.00 33.44 -134.83
CA LYS C 2573 79.01 33.98 -133.93
C LYS C 2573 78.54 33.96 -132.48
N LEU C 2574 77.24 33.83 -132.24
CA LEU C 2574 76.69 33.74 -130.90
C LEU C 2574 76.52 32.31 -130.41
N ASP C 2575 76.61 31.31 -131.30
CA ASP C 2575 76.31 29.93 -130.91
C ASP C 2575 77.40 29.36 -130.01
N SER C 2576 78.67 29.63 -130.32
CA SER C 2576 79.73 29.29 -129.37
C SER C 2576 79.73 30.22 -128.17
N PHE C 2577 79.23 31.45 -128.35
CA PHE C 2577 79.10 32.39 -127.23
C PHE C 2577 78.06 31.92 -126.23
N ILE C 2578 77.03 31.22 -126.70
CA ILE C 2578 76.11 30.53 -125.81
C ILE C 2578 76.83 29.38 -125.10
N ASN C 2579 77.65 28.63 -125.84
CA ASN C 2579 78.44 27.56 -125.25
C ASN C 2579 79.50 28.10 -124.30
N LYS C 2580 79.96 29.33 -124.52
CA LYS C 2580 80.81 29.99 -123.53
C LYS C 2580 80.03 30.34 -122.27
N PHE C 2581 78.73 30.62 -122.40
CA PHE C 2581 77.91 30.85 -121.21
C PHE C 2581 77.57 29.54 -120.53
N ALA C 2582 77.40 28.47 -121.32
CA ALA C 2582 77.19 27.14 -120.75
C ALA C 2582 78.43 26.64 -120.03
N GLU C 2583 79.63 27.00 -120.54
CA GLU C 2583 80.85 26.77 -119.77
C GLU C 2583 80.87 27.64 -118.52
N TYR C 2584 80.49 28.91 -118.66
CA TYR C 2584 80.40 29.81 -117.51
C TYR C 2584 79.24 29.45 -116.58
N THR C 2585 78.22 28.75 -117.08
CA THR C 2585 77.16 28.22 -116.22
C THR C 2585 77.73 27.20 -115.24
N HIS C 2586 78.48 26.22 -115.76
CA HIS C 2586 79.10 25.23 -114.89
C HIS C 2586 80.28 25.82 -114.12
N GLU C 2587 80.88 26.89 -114.64
CA GLU C 2587 82.00 27.53 -113.96
C GLU C 2587 81.54 28.27 -112.70
N LYS C 2588 80.32 28.80 -112.73
CA LYS C 2588 79.79 29.54 -111.58
C LYS C 2588 78.98 28.64 -110.65
N TRP C 2589 78.23 27.69 -111.21
CA TRP C 2589 77.36 26.84 -110.39
C TRP C 2589 78.16 25.81 -109.60
N ALA C 2590 79.13 25.16 -110.24
CA ALA C 2590 79.94 24.19 -109.54
C ALA C 2590 81.01 24.81 -108.65
N PHE C 2591 81.27 26.12 -108.78
CA PHE C 2591 82.19 26.78 -107.87
C PHE C 2591 81.58 26.89 -106.47
N ASP C 2592 80.29 27.19 -106.39
CA ASP C 2592 79.59 27.16 -105.11
C ASP C 2592 79.41 25.74 -104.58
N LYS C 2593 79.46 24.73 -105.46
CA LYS C 2593 79.51 23.35 -105.01
C LYS C 2593 80.83 23.04 -104.32
N ILE C 2594 81.91 23.70 -104.73
CA ILE C 2594 83.19 23.54 -104.04
C ILE C 2594 83.22 24.40 -102.78
N GLN C 2595 82.50 25.52 -102.78
CA GLN C 2595 82.33 26.31 -101.55
C GLN C 2595 81.53 25.54 -100.50
N ASN C 2596 80.58 24.71 -100.94
CA ASN C 2596 79.89 23.78 -100.06
C ASN C 2596 80.51 22.38 -100.11
N ASN C 2597 81.66 22.23 -100.79
CA ASN C 2597 82.49 21.02 -100.79
C ASN C 2597 81.75 19.80 -101.34
N TRP C 2598 81.19 19.94 -102.54
CA TRP C 2598 80.53 18.84 -103.23
C TRP C 2598 81.53 18.16 -104.16
N SER C 2599 81.69 16.85 -104.01
CA SER C 2599 82.73 16.10 -104.70
C SER C 2599 82.18 15.42 -105.95
N TYR C 2600 82.99 14.53 -106.53
CA TYR C 2600 82.72 13.84 -107.78
C TYR C 2600 82.21 12.43 -107.51
N GLY C 2601 81.45 11.89 -108.45
CA GLY C 2601 80.99 10.52 -108.32
C GLY C 2601 80.36 10.02 -109.60
N GLU C 2602 79.47 9.02 -109.43
CA GLU C 2602 78.75 8.42 -110.54
C GLU C 2602 77.48 9.18 -110.90
N ASN C 2603 76.69 9.57 -109.90
CA ASN C 2603 75.46 10.31 -110.10
C ASN C 2603 75.39 11.42 -109.06
N VAL C 2604 74.44 12.33 -109.26
CA VAL C 2604 74.23 13.44 -108.32
C VAL C 2604 73.57 12.87 -107.07
N ASP C 2605 74.31 12.84 -105.97
CA ASP C 2605 73.80 12.36 -104.70
C ASP C 2605 74.12 13.36 -103.60
N GLU C 2606 73.17 13.57 -102.69
CA GLU C 2606 73.34 14.55 -101.62
C GLU C 2606 73.93 13.95 -100.36
N GLU C 2607 73.73 12.65 -100.11
CA GLU C 2607 74.29 12.01 -98.93
C GLU C 2607 75.77 11.71 -99.13
N LEU C 2608 76.12 11.10 -100.25
CA LEU C 2608 77.51 10.78 -100.55
C LEU C 2608 78.28 11.97 -101.11
N LYS C 2609 77.59 13.08 -101.38
CA LYS C 2609 78.17 14.36 -101.81
C LYS C 2609 78.94 14.23 -103.12
N THR C 2610 78.26 13.65 -104.11
CA THR C 2610 78.87 13.32 -105.39
C THR C 2610 78.23 14.14 -106.51
N HIS C 2611 79.02 14.39 -107.55
CA HIS C 2611 78.53 15.12 -108.73
C HIS C 2611 79.35 14.73 -109.95
N PRO C 2612 78.76 14.03 -110.92
CA PRO C 2612 79.55 13.44 -112.01
C PRO C 2612 79.90 14.37 -113.16
N MET C 2613 79.45 15.62 -113.15
CA MET C 2613 79.70 16.54 -114.26
C MET C 2613 80.82 17.52 -113.95
N LEU C 2614 81.62 17.25 -112.93
CA LEU C 2614 82.72 18.13 -112.53
C LEU C 2614 83.90 17.96 -113.50
N ARG C 2615 83.71 18.55 -114.68
CA ARG C 2615 84.64 18.50 -115.79
C ARG C 2615 84.22 19.58 -116.80
N PRO C 2616 85.16 20.11 -117.59
CA PRO C 2616 84.84 21.28 -118.43
C PRO C 2616 83.81 20.99 -119.52
N TYR C 2617 83.30 22.08 -120.09
CA TYR C 2617 82.18 21.98 -121.03
C TYR C 2617 82.63 21.49 -122.40
N LYS C 2618 83.92 21.61 -122.71
CA LYS C 2618 84.45 21.22 -124.01
C LYS C 2618 84.66 19.71 -124.15
N THR C 2619 84.29 18.91 -123.15
CA THR C 2619 84.51 17.48 -123.16
C THR C 2619 83.24 16.64 -123.10
N PHE C 2620 82.07 17.26 -122.95
CA PHE C 2620 80.83 16.50 -122.81
C PHE C 2620 80.41 15.88 -124.14
N SER C 2621 79.44 14.98 -124.04
CA SER C 2621 78.85 14.34 -125.21
C SER C 2621 77.75 15.26 -125.77
N GLU C 2622 77.10 14.83 -126.85
CA GLU C 2622 76.08 15.65 -127.49
C GLU C 2622 74.75 15.64 -126.75
N LYS C 2623 74.58 14.79 -125.73
CA LYS C 2623 73.40 14.77 -124.91
C LYS C 2623 73.57 15.52 -123.59
N ASP C 2624 74.76 15.44 -122.98
CA ASP C 2624 75.02 16.20 -121.76
C ASP C 2624 75.14 17.69 -122.00
N LYS C 2625 75.50 18.10 -123.23
CA LYS C 2625 75.50 19.53 -123.57
C LYS C 2625 74.10 20.08 -123.76
N GLU C 2626 73.10 19.21 -123.96
CA GLU C 2626 71.71 19.64 -124.06
C GLU C 2626 71.14 20.05 -122.70
N ILE C 2627 71.77 19.63 -121.61
CA ILE C 2627 71.34 20.04 -120.28
C ILE C 2627 71.58 21.53 -120.07
N TYR C 2628 72.76 22.01 -120.52
CA TYR C 2628 73.16 23.41 -120.36
C TYR C 2628 72.96 24.20 -121.64
N ARG C 2629 71.99 23.84 -122.47
CA ARG C 2629 71.80 24.50 -123.76
C ARG C 2629 70.54 25.35 -123.82
N TRP C 2630 69.43 24.92 -123.19
CA TRP C 2630 68.22 25.73 -123.26
C TRP C 2630 67.59 26.17 -121.93
N PRO C 2631 68.35 26.54 -120.90
CA PRO C 2631 67.96 27.71 -120.10
C PRO C 2631 68.60 29.00 -120.59
N ILE C 2632 69.31 28.93 -121.72
CA ILE C 2632 70.13 30.02 -122.23
C ILE C 2632 69.63 30.51 -123.58
N LYS C 2633 69.46 29.59 -124.55
CA LYS C 2633 69.11 29.98 -125.91
C LYS C 2633 67.69 30.55 -125.99
N GLU C 2634 66.71 29.86 -125.40
CA GLU C 2634 65.32 30.29 -125.46
C GLU C 2634 65.05 31.58 -124.69
N SER C 2635 65.97 32.00 -123.83
CA SER C 2635 65.92 33.34 -123.25
C SER C 2635 66.73 34.35 -124.06
N LEU C 2636 67.72 33.90 -124.83
CA LEU C 2636 68.44 34.77 -125.74
C LEU C 2636 67.77 34.87 -127.11
N LYS C 2637 66.96 33.87 -127.50
CA LYS C 2637 66.23 33.96 -128.75
C LYS C 2637 65.13 35.02 -128.68
N ALA C 2638 64.59 35.28 -127.49
CA ALA C 2638 63.62 36.35 -127.36
C ALA C 2638 64.26 37.73 -127.45
N MET C 2639 65.58 37.83 -127.23
CA MET C 2639 66.26 39.11 -127.33
C MET C 2639 66.46 39.53 -128.79
N ILE C 2640 66.65 38.55 -129.68
CA ILE C 2640 66.79 38.87 -131.09
C ILE C 2640 65.44 39.29 -131.68
N ALA C 2641 64.37 38.61 -131.30
CA ALA C 2641 63.04 38.93 -131.79
C ALA C 2641 62.53 40.26 -131.24
N TRP C 2642 62.98 40.64 -130.05
CA TRP C 2642 62.60 41.93 -129.47
C TRP C 2642 63.53 43.06 -129.89
N GLU C 2643 64.83 42.81 -130.01
CA GLU C 2643 65.83 43.84 -130.21
C GLU C 2643 66.73 43.45 -131.38
N TRP C 2644 66.83 44.34 -132.37
CA TRP C 2644 67.77 44.16 -133.47
C TRP C 2644 69.08 44.91 -133.19
N THR C 2645 69.63 44.68 -131.99
CA THR C 2645 70.93 45.25 -131.59
C THR C 2645 71.78 44.15 -130.96
N ILE C 2646 72.46 43.36 -131.79
CA ILE C 2646 73.53 42.46 -131.35
C ILE C 2646 74.65 42.58 -132.37
N GLU C 2647 75.79 43.12 -131.95
CA GLU C 2647 76.91 43.36 -132.84
C GLU C 2647 78.22 43.04 -132.13
N LYS C 2648 79.28 42.90 -132.93
CA LYS C 2648 80.64 42.74 -132.42
C LYS C 2648 81.17 44.13 -132.07
N ALA C 2649 81.27 44.42 -130.77
CA ALA C 2649 81.60 45.76 -130.32
C ALA C 2649 82.98 45.85 -129.67
N ARG C 2650 83.24 45.04 -128.63
CA ARG C 2650 84.48 45.16 -127.88
C ARG C 2650 85.18 43.82 -127.71
N GLU C 2651 86.21 43.80 -126.87
CA GLU C 2651 86.91 42.58 -126.48
C GLU C 2651 86.63 42.30 -125.01
N GLY C 2652 86.52 41.01 -124.68
CA GLY C 2652 86.19 40.64 -123.32
C GLY C 2652 87.29 40.95 -122.32
N GLU C 2653 86.88 41.16 -121.08
CA GLU C 2653 87.80 41.55 -120.01
C GLU C 2653 88.34 40.33 -119.27
N TYR C 2678 87.47 18.68 -109.91
CA TYR C 2678 87.80 19.78 -110.82
C TYR C 2678 87.33 21.12 -110.24
N ASN C 2679 88.15 22.15 -110.40
CA ASN C 2679 87.93 23.46 -109.79
C ASN C 2679 87.96 24.54 -110.86
N PRO C 2680 86.81 24.92 -111.40
CA PRO C 2680 86.75 26.10 -112.27
C PRO C 2680 86.77 27.37 -111.43
N GLN C 2681 87.28 28.44 -112.05
CA GLN C 2681 87.44 29.74 -111.38
C GLN C 2681 86.65 30.80 -112.11
N PRO C 2682 85.41 31.06 -111.70
CA PRO C 2682 84.58 32.08 -112.37
C PRO C 2682 85.11 33.49 -112.11
N PRO C 2683 85.39 34.26 -113.17
CA PRO C 2683 86.00 35.57 -112.97
C PRO C 2683 84.97 36.66 -112.68
N ASP C 2684 85.43 37.89 -112.49
CA ASP C 2684 84.56 39.01 -112.23
C ASP C 2684 83.97 39.52 -113.54
N LEU C 2685 82.67 39.83 -113.52
CA LEU C 2685 81.98 40.39 -114.68
C LEU C 2685 81.30 41.70 -114.35
N SER C 2686 81.52 42.24 -113.15
CA SER C 2686 80.92 43.49 -112.69
C SER C 2686 81.90 44.65 -112.79
N GLY C 2687 82.73 44.68 -113.84
CA GLY C 2687 83.70 45.75 -113.99
C GLY C 2687 83.07 47.08 -114.36
N VAL C 2688 81.94 47.06 -115.06
CA VAL C 2688 81.20 48.26 -115.42
C VAL C 2688 79.77 48.09 -114.93
N THR C 2689 79.28 49.06 -114.17
CA THR C 2689 77.89 49.07 -113.72
C THR C 2689 76.96 49.23 -114.92
N LEU C 2690 75.89 48.43 -114.95
CA LEU C 2690 74.93 48.48 -116.04
C LEU C 2690 74.18 49.80 -116.02
N SER C 2691 74.17 50.49 -117.17
CA SER C 2691 73.44 51.74 -117.30
C SER C 2691 71.95 51.46 -117.42
N ARG C 2692 71.16 52.54 -117.59
CA ARG C 2692 69.70 52.40 -117.68
C ARG C 2692 69.28 51.67 -118.95
N GLU C 2693 70.09 51.77 -120.00
CA GLU C 2693 69.89 50.96 -121.20
C GLU C 2693 70.00 49.47 -120.90
N LEU C 2694 70.85 49.10 -119.93
CA LEU C 2694 70.91 47.72 -119.47
C LEU C 2694 70.22 47.50 -118.12
N GLN C 2695 69.76 48.57 -117.46
CA GLN C 2695 68.95 48.39 -116.25
C GLN C 2695 67.49 48.13 -116.60
N ALA C 2696 66.98 48.82 -117.64
CA ALA C 2696 65.63 48.57 -118.11
C ALA C 2696 65.51 47.23 -118.82
N MET C 2697 66.62 46.67 -119.29
CA MET C 2697 66.60 45.32 -119.85
C MET C 2697 66.60 44.24 -118.80
N ALA C 2698 67.06 44.55 -117.58
CA ALA C 2698 66.85 43.64 -116.45
C ALA C 2698 65.38 43.56 -116.08
N GLU C 2699 64.65 44.66 -116.24
CA GLU C 2699 63.19 44.63 -116.18
C GLU C 2699 62.62 43.80 -117.34
N GLN C 2700 63.30 43.80 -118.48
CA GLN C 2700 62.82 43.11 -119.68
C GLN C 2700 63.18 41.63 -119.67
N LEU C 2701 64.41 41.30 -119.23
CA LEU C 2701 64.82 39.90 -119.22
C LEU C 2701 64.19 39.10 -118.09
N ALA C 2702 63.93 39.73 -116.94
CA ALA C 2702 63.17 39.04 -115.91
C ALA C 2702 61.71 38.90 -116.30
N GLU C 2703 61.17 39.82 -117.10
CA GLU C 2703 59.85 39.63 -117.68
C GLU C 2703 59.89 38.56 -118.76
N ASN C 2704 61.03 38.46 -119.47
CA ASN C 2704 61.26 37.32 -120.36
C ASN C 2704 61.36 36.02 -119.55
N TYR C 2705 61.90 36.09 -118.34
CA TYR C 2705 61.89 34.95 -117.43
C TYR C 2705 60.51 34.71 -116.82
N HIS C 2706 59.59 35.67 -116.97
CA HIS C 2706 58.20 35.51 -116.56
C HIS C 2706 57.25 35.26 -117.72
N ASN C 2707 57.59 35.73 -118.92
CA ASN C 2707 56.75 35.43 -120.09
C ASN C 2707 57.04 34.03 -120.62
N THR C 2708 58.31 33.73 -120.92
CA THR C 2708 58.66 32.48 -121.59
C THR C 2708 58.54 31.30 -120.63
N TRP C 2709 59.12 31.41 -119.44
CA TRP C 2709 58.99 30.35 -118.45
C TRP C 2709 57.58 30.29 -117.88
N GLY C 2710 56.87 31.43 -117.84
CA GLY C 2710 55.50 31.43 -117.35
C GLY C 2710 54.52 30.84 -118.34
N ARG C 2711 54.77 30.99 -119.64
CA ARG C 2711 53.92 30.35 -120.65
C ARG C 2711 54.08 28.83 -120.59
N LYS C 2712 55.30 28.36 -120.33
CA LYS C 2712 55.52 26.94 -120.09
C LYS C 2712 54.81 26.47 -118.82
N LYS C 2713 54.71 27.33 -117.81
CA LYS C 2713 53.92 27.02 -116.64
C LYS C 2713 52.43 27.06 -116.94
N LYS C 2714 51.99 27.98 -117.81
CA LYS C 2714 50.58 28.02 -118.21
C LYS C 2714 50.23 26.84 -119.10
N GLN C 2715 51.15 26.42 -119.96
CA GLN C 2715 50.94 25.22 -120.75
C GLN C 2715 51.14 23.95 -119.93
N GLU C 2716 51.75 24.06 -118.75
CA GLU C 2716 51.80 22.93 -117.83
C GLU C 2716 50.44 22.69 -117.18
N LEU C 2717 49.68 23.76 -116.94
CA LEU C 2717 48.35 23.62 -116.36
C LEU C 2717 47.31 23.22 -117.40
N GLU C 2718 47.50 23.62 -118.66
CA GLU C 2718 46.57 23.32 -119.73
C GLU C 2718 46.78 21.94 -120.34
N ALA C 2719 47.69 21.14 -119.80
CA ALA C 2719 47.93 19.80 -120.29
C ALA C 2719 47.80 18.73 -119.20
N LYS C 2720 47.42 19.11 -117.98
CA LYS C 2720 47.28 18.16 -116.88
C LYS C 2720 45.88 18.18 -116.28
N GLY C 2721 44.87 18.52 -117.06
CA GLY C 2721 43.50 18.53 -116.60
C GLY C 2721 43.04 19.82 -115.95
N GLY C 2722 43.86 20.87 -115.99
CA GLY C 2722 43.51 22.12 -115.35
C GLY C 2722 44.37 22.41 -114.15
N GLY C 2723 43.74 22.86 -113.06
CA GLY C 2723 44.48 23.15 -111.85
C GLY C 2723 44.83 24.61 -111.68
N THR C 2724 44.53 25.17 -110.51
CA THR C 2724 44.82 26.57 -110.23
C THR C 2724 46.28 26.72 -109.78
N HIS C 2725 46.73 27.98 -109.78
CA HIS C 2725 48.08 28.34 -109.37
C HIS C 2725 48.08 29.81 -108.98
N PRO C 2726 48.64 30.18 -107.83
CA PRO C 2726 48.50 31.54 -107.33
C PRO C 2726 49.37 32.58 -108.04
N LEU C 2727 50.31 32.17 -108.88
CA LEU C 2727 51.26 33.10 -109.47
C LEU C 2727 51.04 33.28 -110.96
N LEU C 2728 49.78 33.28 -111.40
CA LEU C 2728 49.46 33.65 -112.77
C LEU C 2728 49.11 35.13 -112.86
N VAL C 2729 50.01 35.96 -112.35
CA VAL C 2729 49.83 37.41 -112.28
C VAL C 2729 50.90 38.04 -113.15
N PRO C 2730 50.75 39.31 -113.55
CA PRO C 2730 51.82 39.99 -114.30
C PRO C 2730 53.09 40.18 -113.47
N TYR C 2731 54.13 40.67 -114.15
CA TYR C 2731 55.42 40.89 -113.51
C TYR C 2731 55.37 42.04 -112.51
N ASP C 2732 54.47 43.00 -112.72
CA ASP C 2732 54.40 44.17 -111.84
C ASP C 2732 53.73 43.86 -110.51
N THR C 2733 52.92 42.79 -110.45
CA THR C 2733 52.28 42.36 -109.21
C THR C 2733 52.87 41.07 -108.66
N LEU C 2734 54.14 40.78 -108.99
CA LEU C 2734 54.82 39.65 -108.38
C LEU C 2734 55.36 40.03 -107.01
N THR C 2735 55.89 39.03 -106.31
CA THR C 2735 56.46 39.24 -104.99
C THR C 2735 57.88 39.80 -105.11
N ALA C 2736 58.53 39.99 -103.97
CA ALA C 2736 59.90 40.45 -103.93
C ALA C 2736 60.92 39.34 -104.13
N LYS C 2737 60.46 38.09 -104.25
CA LYS C 2737 61.38 36.95 -104.38
C LYS C 2737 61.69 36.60 -105.83
N GLU C 2738 60.69 36.57 -106.70
CA GLU C 2738 60.95 36.28 -108.11
C GLU C 2738 61.60 37.45 -108.83
N LYS C 2739 61.51 38.65 -108.27
CA LYS C 2739 62.28 39.79 -108.77
C LYS C 2739 63.71 39.80 -108.25
N ALA C 2740 64.11 38.83 -107.41
CA ALA C 2740 65.44 38.81 -106.84
C ALA C 2740 66.36 37.84 -107.57
N ARG C 2741 65.88 36.65 -107.90
CA ARG C 2741 66.69 35.65 -108.57
C ARG C 2741 66.67 35.77 -110.08
N ASP C 2742 65.54 36.18 -110.66
CA ASP C 2742 65.46 36.29 -112.11
C ASP C 2742 66.14 37.56 -112.62
N ARG C 2743 66.12 38.64 -111.83
CA ARG C 2743 66.89 39.82 -112.19
C ARG C 2743 68.38 39.60 -111.98
N GLU C 2744 68.75 38.78 -110.99
CA GLU C 2744 70.14 38.38 -110.84
C GLU C 2744 70.59 37.51 -112.02
N LYS C 2745 69.68 36.68 -112.54
CA LYS C 2745 69.96 35.96 -113.77
C LYS C 2745 69.98 36.91 -114.97
N ALA C 2746 69.21 38.00 -114.89
CA ALA C 2746 69.16 38.98 -115.98
C ALA C 2746 70.42 39.84 -116.04
N GLN C 2747 70.96 40.22 -114.88
CA GLN C 2747 72.12 41.12 -114.86
C GLN C 2747 73.39 40.39 -115.27
N GLU C 2748 73.60 39.16 -114.78
CA GLU C 2748 74.80 38.41 -115.13
C GLU C 2748 74.78 37.92 -116.57
N LEU C 2749 73.61 37.88 -117.21
CA LEU C 2749 73.55 37.56 -118.63
C LEU C 2749 73.93 38.77 -119.48
N LEU C 2750 73.50 39.97 -119.06
CA LEU C 2750 73.93 41.19 -119.73
C LEU C 2750 75.41 41.48 -119.48
N LYS C 2751 75.90 41.17 -118.28
CA LYS C 2751 77.32 41.28 -118.01
C LYS C 2751 78.13 40.23 -118.76
N PHE C 2752 77.51 39.09 -119.10
CA PHE C 2752 78.17 38.16 -120.00
C PHE C 2752 78.11 38.65 -121.44
N LEU C 2753 77.07 39.38 -121.80
CA LEU C 2753 77.04 40.05 -123.11
C LEU C 2753 78.09 41.15 -123.21
N GLN C 2754 78.50 41.72 -122.08
CA GLN C 2754 79.65 42.62 -122.07
C GLN C 2754 80.94 41.86 -122.35
N MET C 2755 81.05 40.63 -121.82
CA MET C 2755 82.16 39.76 -122.17
C MET C 2755 82.07 39.39 -123.64
N ASN C 2756 83.23 39.36 -124.30
CA ASN C 2756 83.44 39.21 -125.75
C ASN C 2756 82.86 40.37 -126.55
N GLY C 2757 82.45 41.46 -125.89
CA GLY C 2757 82.02 42.69 -126.54
C GLY C 2757 80.81 42.60 -127.44
N TYR C 2758 79.69 42.14 -126.90
CA TYR C 2758 78.43 42.06 -127.64
C TYR C 2758 77.46 43.04 -126.98
N ALA C 2759 77.54 44.31 -127.39
CA ALA C 2759 76.75 45.36 -126.77
C ALA C 2759 75.31 45.27 -127.26
N VAL C 2760 74.43 44.81 -126.37
CA VAL C 2760 73.03 44.65 -126.72
C VAL C 2760 72.27 45.83 -126.13
N THR C 2761 72.11 46.88 -126.93
CA THR C 2761 71.57 48.17 -126.48
C THR C 2761 70.47 48.60 -127.45
N ARG C 2762 69.22 48.30 -127.12
CA ARG C 2762 68.08 48.67 -127.96
C ARG C 2762 67.88 50.18 -128.00
N UNK C 2763 65.31 51.72 -126.08
CA UNK C 2763 63.92 52.03 -125.75
C UNK C 2763 63.74 52.18 -124.24
N UNK C 2764 64.16 53.33 -123.73
CA UNK C 2764 63.97 53.66 -122.32
C UNK C 2764 63.30 55.02 -122.21
N UNK C 2765 63.24 55.58 -121.01
CA UNK C 2765 62.59 56.87 -120.80
C UNK C 2765 63.54 57.88 -120.15
N UNK C 2766 62.97 59.00 -119.71
CA UNK C 2766 63.75 60.06 -119.07
C UNK C 2766 63.66 59.97 -117.56
N UNK C 2767 64.78 60.28 -116.89
CA UNK C 2767 64.88 60.13 -115.44
C UNK C 2767 64.41 61.38 -114.70
N UNK C 2768 63.19 61.81 -114.98
CA UNK C 2768 62.61 62.96 -114.30
C UNK C 2768 61.39 62.51 -113.49
N UNK C 2769 61.15 63.19 -112.37
CA UNK C 2769 59.97 62.93 -111.57
C UNK C 2769 58.74 63.49 -112.28
N UNK C 2770 58.21 62.71 -113.23
CA UNK C 2770 57.08 63.15 -114.04
C UNK C 2770 55.79 63.12 -113.23
N UNK C 2771 55.78 62.33 -112.16
CA UNK C 2771 54.66 62.11 -111.25
C UNK C 2771 53.42 61.59 -111.97
N UNK C 2772 53.23 60.27 -111.91
CA UNK C 2772 52.12 59.60 -112.57
C UNK C 2772 50.78 59.98 -111.96
N UNK C 2773 50.81 60.44 -110.71
CA UNK C 2773 49.63 61.00 -110.06
C UNK C 2773 49.30 62.36 -110.65
N UNK C 2774 50.31 63.06 -111.16
CA UNK C 2774 50.12 64.37 -111.75
C UNK C 2774 50.04 64.31 -113.28
N UNK C 2775 50.69 63.30 -113.86
CA UNK C 2775 50.71 63.14 -115.31
C UNK C 2775 49.36 62.67 -115.85
N UNK C 2776 48.66 61.88 -115.03
CA UNK C 2776 47.35 61.36 -115.41
C UNK C 2776 46.30 62.46 -115.35
N UNK C 2777 46.53 63.46 -114.49
CA UNK C 2777 45.63 64.60 -114.36
C UNK C 2777 45.77 65.54 -115.56
N UNK C 2778 46.97 65.59 -116.12
CA UNK C 2778 47.22 66.37 -117.32
C UNK C 2778 46.54 65.70 -118.52
N UNK C 2779 46.55 64.37 -118.51
CA UNK C 2779 45.90 63.59 -119.56
C UNK C 2779 44.38 63.63 -119.39
N UNK C 2780 43.93 63.77 -118.15
CA UNK C 2780 42.50 63.87 -117.87
C UNK C 2780 41.98 65.24 -118.27
N UNK C 2781 42.85 66.24 -118.20
CA UNK C 2781 42.53 67.59 -118.66
C UNK C 2781 42.50 67.58 -120.18
N UNK C 2782 43.30 66.71 -120.78
CA UNK C 2782 43.30 66.51 -122.22
C UNK C 2782 42.08 65.69 -122.61
N UNK C 2783 41.64 64.81 -121.71
CA UNK C 2783 40.44 64.02 -121.93
C UNK C 2783 39.20 64.90 -121.73
N UNK C 2784 39.34 65.92 -120.87
CA UNK C 2784 38.29 66.90 -120.67
C UNK C 2784 38.21 67.80 -121.90
N UNK C 2785 39.37 68.05 -122.50
CA UNK C 2785 39.45 68.79 -123.76
C UNK C 2785 38.86 67.95 -124.89
N UNK C 2786 39.02 66.64 -124.77
CA UNK C 2786 38.40 65.71 -125.70
C UNK C 2786 36.90 65.65 -125.44
N UNK C 2787 36.52 65.88 -124.20
CA UNK C 2787 35.11 65.91 -123.82
C UNK C 2787 34.50 67.28 -124.06
N UNK C 2788 35.37 68.27 -124.23
CA UNK C 2788 34.92 69.65 -124.49
C UNK C 2788 34.30 69.76 -125.88
N UNK C 2789 34.77 68.93 -126.79
CA UNK C 2789 34.20 68.84 -128.13
C UNK C 2789 32.83 68.15 -128.05
N UNK C 2790 32.72 67.19 -127.14
CA UNK C 2790 31.46 66.52 -126.88
C UNK C 2790 30.53 67.48 -126.14
N UNK C 2791 31.13 68.37 -125.35
CA UNK C 2791 30.38 69.43 -124.68
C UNK C 2791 29.97 70.48 -125.71
N UNK C 2792 30.79 70.66 -126.73
CA UNK C 2792 30.49 71.60 -127.81
C UNK C 2792 29.39 71.03 -128.69
N UNK C 2793 29.40 69.72 -128.88
CA UNK C 2793 28.39 69.04 -129.68
C UNK C 2793 27.06 69.00 -128.94
N UNK C 2794 27.14 68.97 -127.61
CA UNK C 2794 25.96 68.96 -126.77
C UNK C 2794 25.39 70.36 -126.64
N UNK C 2795 26.27 71.36 -126.71
CA UNK C 2795 25.84 72.76 -126.67
C UNK C 2795 25.17 73.13 -127.98
N UNK C 2796 25.58 72.47 -129.05
CA UNK C 2796 24.96 72.66 -130.36
C UNK C 2796 23.60 71.99 -130.40
N UNK C 2797 23.51 70.81 -129.79
CA UNK C 2797 22.27 70.04 -129.77
C UNK C 2797 21.26 70.66 -128.81
N UNK C 2798 28.91 61.46 -125.78
CA UNK C 2798 27.68 60.67 -125.80
C UNK C 2798 27.49 59.93 -124.49
N UNK C 2799 28.06 58.73 -124.41
CA UNK C 2799 27.96 57.91 -123.22
C UNK C 2799 29.16 58.17 -122.30
N UNK C 2800 30.18 58.82 -122.85
CA UNK C 2800 31.37 59.15 -122.09
C UNK C 2800 31.28 60.56 -121.50
N UNK C 2801 30.09 61.15 -121.56
CA UNK C 2801 29.85 62.45 -120.96
C UNK C 2801 29.51 62.29 -119.48
N UNK C 2802 29.00 61.12 -119.13
CA UNK C 2802 28.71 60.80 -117.74
C UNK C 2802 29.96 60.23 -117.08
N UNK C 2803 30.92 59.83 -117.91
CA UNK C 2803 32.21 59.34 -117.45
C UNK C 2803 32.99 60.43 -116.76
N UNK C 2804 32.93 61.63 -117.33
CA UNK C 2804 33.60 62.80 -116.76
C UNK C 2804 32.86 63.30 -115.53
N UNK C 2805 31.56 63.01 -115.46
CA UNK C 2805 30.72 63.42 -114.34
C UNK C 2805 31.10 62.68 -113.07
N UNK C 2806 31.61 61.46 -113.23
CA UNK C 2806 32.08 60.67 -112.10
C UNK C 2806 33.42 61.21 -111.61
N UNK C 2807 34.29 61.57 -112.56
CA UNK C 2807 35.63 62.07 -112.24
C UNK C 2807 35.60 63.48 -111.69
N UNK C 2808 34.57 64.25 -112.07
CA UNK C 2808 34.45 65.64 -111.63
C UNK C 2808 34.10 65.72 -110.15
N UNK C 2809 33.32 64.75 -109.67
CA UNK C 2809 32.98 64.68 -108.25
C UNK C 2809 34.17 64.18 -107.45
N UNK C 2810 34.97 63.32 -108.08
CA UNK C 2810 36.17 62.77 -107.44
C UNK C 2810 37.29 63.79 -107.42
N UNK C 2811 37.21 64.77 -108.32
CA UNK C 2811 38.22 65.82 -108.43
C UNK C 2811 38.17 66.77 -107.24
N UNK C 2812 36.96 66.97 -106.71
CA UNK C 2812 36.77 67.82 -105.54
C UNK C 2812 37.29 67.12 -104.29
N UNK C 2813 37.31 65.80 -104.33
CA UNK C 2813 37.82 65.00 -103.22
C UNK C 2813 39.34 64.89 -103.29
N UNK C 2814 39.86 64.69 -104.50
CA UNK C 2814 41.29 64.47 -104.70
C UNK C 2814 42.10 65.74 -104.47
N UNK C 2815 41.52 66.88 -104.80
CA UNK C 2815 42.20 68.16 -104.62
C UNK C 2815 42.21 68.55 -103.16
N UNK C 2816 41.11 68.27 -102.46
CA UNK C 2816 40.97 68.63 -101.06
C UNK C 2816 41.82 67.75 -100.16
N UNK C 2817 41.92 66.47 -100.50
CA UNK C 2817 42.72 65.52 -99.72
C UNK C 2817 44.21 65.79 -99.92
N UNK C 2818 44.56 66.28 -101.10
CA UNK C 2818 45.93 66.71 -101.37
C UNK C 2818 46.16 68.07 -100.73
N UNK C 2819 46.11 69.13 -101.55
CA UNK C 2819 46.22 70.53 -101.14
C UNK C 2819 47.51 70.87 -100.37
N UNK C 2820 48.57 70.11 -100.66
CA UNK C 2820 49.89 70.34 -100.08
C UNK C 2820 50.87 69.77 -101.08
N UNK C 2821 50.31 69.09 -102.08
CA UNK C 2821 51.04 68.47 -103.18
C UNK C 2821 51.71 69.52 -104.05
N UNK C 2822 50.97 70.59 -104.34
CA UNK C 2822 51.48 71.67 -105.17
C UNK C 2822 52.51 72.50 -104.43
N UNK C 2823 52.41 72.51 -103.10
CA UNK C 2823 53.36 73.23 -102.26
C UNK C 2823 54.70 72.51 -102.22
N UNK C 2824 54.66 71.19 -102.10
CA UNK C 2824 55.87 70.38 -102.04
C UNK C 2824 56.54 70.31 -103.40
N UNK C 2825 55.74 70.22 -104.44
CA UNK C 2825 56.25 70.16 -105.80
C UNK C 2825 55.53 71.18 -106.69
N UNK C 2826 56.23 72.23 -107.08
CA UNK C 2826 55.63 73.31 -107.85
C UNK C 2826 55.52 72.98 -109.34
N UNK C 2827 54.64 72.04 -109.67
CA UNK C 2827 54.37 71.72 -111.06
C UNK C 2827 53.28 72.66 -111.59
N UNK C 2828 53.52 73.26 -112.74
CA UNK C 2828 52.60 74.24 -113.30
C UNK C 2828 51.57 73.60 -114.21
N UNK C 2829 51.66 72.28 -114.38
CA UNK C 2829 50.71 71.54 -115.22
C UNK C 2829 49.33 71.51 -114.56
N UNK C 2830 49.32 71.51 -113.24
CA UNK C 2830 48.08 71.59 -112.48
C UNK C 2830 47.62 73.05 -112.42
N UNK C 2831 48.58 73.97 -112.50
CA UNK C 2831 48.28 75.39 -112.50
C UNK C 2831 47.67 75.79 -113.85
N UNK C 2832 48.06 75.08 -114.89
CA UNK C 2832 47.50 75.29 -116.21
C UNK C 2832 46.17 74.57 -116.34
N UNK C 2833 45.94 73.60 -115.47
CA UNK C 2833 44.69 72.84 -115.46
C UNK C 2833 43.56 73.67 -114.84
N UNK C 2834 43.92 74.71 -114.10
CA UNK C 2834 42.94 75.59 -113.47
C UNK C 2834 42.18 76.39 -114.51
N UNK C 2835 42.88 76.82 -115.55
CA UNK C 2835 42.26 77.58 -116.63
C UNK C 2835 41.70 76.63 -117.68
N UNK C 2836 42.24 75.41 -117.72
CA UNK C 2836 41.79 74.40 -118.66
C UNK C 2836 40.40 73.90 -118.31
N UNK C 2837 40.12 73.84 -117.01
CA UNK C 2837 38.81 73.47 -116.52
C UNK C 2837 37.87 74.67 -116.61
N UNK C 2838 38.44 75.87 -116.46
CA UNK C 2838 37.67 77.11 -116.50
C UNK C 2838 37.16 77.38 -117.92
N UNK C 2839 37.93 76.93 -118.91
CA UNK C 2839 37.53 77.06 -120.31
C UNK C 2839 36.39 76.11 -120.64
N UNK C 2840 36.43 74.93 -120.02
CA UNK C 2840 35.36 73.95 -120.17
C UNK C 2840 34.12 74.43 -119.43
N UNK C 2841 34.33 75.18 -118.35
CA UNK C 2841 33.25 75.78 -117.58
C UNK C 2841 32.76 77.05 -118.24
N UNK C 2842 33.58 77.62 -119.13
CA UNK C 2842 33.21 78.83 -119.87
C UNK C 2842 32.17 78.50 -120.93
N UNK C 2843 32.14 77.25 -121.36
CA UNK C 2843 31.11 76.77 -122.28
C UNK C 2843 29.80 76.62 -121.53
N UNK C 2844 29.90 76.42 -120.22
CA UNK C 2844 28.73 76.30 -119.35
C UNK C 2844 28.52 77.59 -118.56
N UNK C 2845 29.28 78.62 -118.90
CA UNK C 2845 29.13 79.91 -118.23
C UNK C 2845 27.85 80.60 -118.68
N UNK C 2846 27.49 80.38 -119.94
CA UNK C 2846 26.25 80.93 -120.47
C UNK C 2846 25.21 79.83 -120.67
N UNK C 2847 25.61 78.60 -120.33
CA UNK C 2847 24.74 77.45 -120.52
C UNK C 2847 24.33 76.84 -119.19
N UNK C 2848 25.22 76.03 -118.63
CA UNK C 2848 25.02 75.25 -117.39
C UNK C 2848 23.76 74.38 -117.45
N UNK C 2849 23.73 73.46 -118.40
CA UNK C 2849 22.58 72.59 -118.60
C UNK C 2849 22.75 71.27 -117.84
N UNK C 2850 23.93 71.06 -117.26
CA UNK C 2850 24.20 69.83 -116.52
C UNK C 2850 23.95 70.06 -115.03
N UNK C 2851 24.82 69.50 -114.19
CA UNK C 2851 24.70 69.65 -112.75
C UNK C 2851 25.35 70.96 -112.30
N UNK C 2852 24.81 71.54 -111.23
CA UNK C 2852 25.35 72.77 -110.66
C UNK C 2852 26.35 72.43 -109.56
N UNK C 2853 26.56 71.13 -109.33
CA UNK C 2853 27.44 70.66 -108.29
C UNK C 2853 28.91 70.75 -108.71
N UNK C 2854 29.15 70.79 -110.02
CA UNK C 2854 30.50 70.90 -110.54
C UNK C 2854 31.02 72.33 -110.36
N UNK C 2855 30.11 73.27 -110.20
CA UNK C 2855 30.46 74.67 -110.00
C UNK C 2855 31.12 74.90 -108.65
N UNK C 2856 30.80 74.05 -107.69
CA UNK C 2856 31.40 74.13 -106.35
C UNK C 2856 32.76 73.45 -106.35
N UNK C 2857 33.04 72.67 -107.39
CA UNK C 2857 34.33 72.00 -107.52
C UNK C 2857 35.37 72.94 -108.12
N UNK C 2858 34.90 74.10 -108.60
CA UNK C 2858 35.78 75.13 -109.14
C UNK C 2858 36.59 75.78 -108.03
N UNK C 2859 35.93 76.10 -106.93
CA UNK C 2859 36.58 76.73 -105.80
C UNK C 2859 37.40 75.72 -105.00
N UNK C 2860 37.05 74.45 -105.12
CA UNK C 2860 37.75 73.38 -104.43
C UNK C 2860 39.15 73.18 -105.00
N UNK C 2861 39.27 73.35 -106.31
CA UNK C 2861 40.55 73.24 -106.99
C UNK C 2861 41.28 74.59 -106.98
N UNK C 2862 40.55 75.65 -106.66
CA UNK C 2862 41.12 76.99 -106.62
C UNK C 2862 41.92 77.21 -105.34
N UNK C 2863 41.65 76.40 -104.33
CA UNK C 2863 42.30 76.55 -103.03
C UNK C 2863 43.73 76.01 -103.04
N UNK C 2864 44.01 75.11 -103.97
CA UNK C 2864 45.33 74.48 -104.05
C UNK C 2864 46.37 75.44 -104.62
N UNK C 2865 45.97 76.21 -105.64
CA UNK C 2865 46.88 77.14 -106.29
C UNK C 2865 47.12 78.37 -105.42
N UNK C 2866 46.06 78.85 -104.79
CA UNK C 2866 46.16 80.03 -103.93
C UNK C 2866 45.13 79.97 -102.81
N UNK C 2867 55.46 85.13 -111.82
CA UNK C 2867 56.69 84.37 -111.61
C UNK C 2867 56.93 83.41 -112.77
N UNK C 2868 57.68 82.35 -112.49
CA UNK C 2868 57.98 81.34 -113.49
C UNK C 2868 56.74 80.51 -113.79
N UNK C 2869 56.00 80.17 -112.74
CA UNK C 2869 54.75 79.44 -112.87
C UNK C 2869 53.66 80.37 -113.40
N UNK C 2870 53.73 81.63 -112.98
CA UNK C 2870 52.78 82.65 -113.43
C UNK C 2870 53.37 83.44 -114.58
N UNK C 2871 53.83 82.74 -115.61
CA UNK C 2871 54.45 83.37 -116.76
C UNK C 2871 53.42 83.63 -117.86
N UNK C 2872 53.34 82.70 -118.81
CA UNK C 2872 52.44 82.87 -119.95
C UNK C 2872 51.17 82.04 -119.77
N UNK C 2873 50.08 82.72 -119.43
CA UNK C 2873 48.78 82.08 -119.29
C UNK C 2873 47.66 83.07 -119.58
N UNK C 2874 47.75 84.22 -118.91
CA UNK C 2874 46.77 85.31 -118.98
C UNK C 2874 45.35 84.85 -118.68
N UNK C 2875 45.20 84.02 -117.66
CA UNK C 2875 43.90 83.49 -117.26
C UNK C 2875 43.04 84.58 -116.65
N UNK C 2876 43.68 85.49 -115.92
CA UNK C 2876 42.99 86.62 -115.32
C UNK C 2876 42.57 87.60 -116.39
N UNK C 2877 43.38 87.69 -117.45
CA UNK C 2877 43.04 88.50 -118.61
C UNK C 2877 41.92 87.83 -119.40
N UNK C 2878 41.90 86.50 -119.35
CA UNK C 2878 40.86 85.72 -120.01
C UNK C 2878 39.55 85.83 -119.24
N UNK C 2879 39.66 86.01 -117.93
CA UNK C 2879 38.49 86.17 -117.08
C UNK C 2879 38.13 87.65 -116.93
N UNK C 2880 38.96 88.51 -117.48
CA UNK C 2880 38.69 89.95 -117.47
C UNK C 2880 37.58 90.29 -118.46
N UNK C 2881 37.39 89.43 -119.45
CA UNK C 2881 36.31 89.56 -120.41
C UNK C 2881 34.97 89.32 -119.74
N UNK C 2882 34.94 88.33 -118.85
CA UNK C 2882 33.74 88.03 -118.08
C UNK C 2882 33.56 89.09 -116.99
N UNK C 2883 34.67 89.65 -116.54
CA UNK C 2883 34.64 90.73 -115.56
C UNK C 2883 34.10 92.00 -116.20
N UNK C 2884 34.36 92.16 -117.49
CA UNK C 2884 33.84 93.27 -118.26
C UNK C 2884 32.41 92.95 -118.71
N UNK C 2885 32.06 91.68 -118.66
CA UNK C 2885 30.70 91.24 -118.99
C UNK C 2885 29.78 91.46 -117.80
N UNK C 2886 30.37 91.73 -116.64
CA UNK C 2886 29.61 92.10 -115.45
C UNK C 2886 29.00 93.48 -115.65
N UNK C 2887 29.76 94.36 -116.31
CA UNK C 2887 29.27 95.68 -116.66
C UNK C 2887 28.22 95.57 -117.76
N UNK C 2888 28.37 94.54 -118.60
CA UNK C 2888 27.37 94.22 -119.61
C UNK C 2888 26.12 93.65 -118.94
N UNK C 2889 26.33 92.90 -117.86
CA UNK C 2889 25.24 92.35 -117.08
C UNK C 2889 24.58 93.47 -116.26
N UNK C 2890 25.38 94.45 -115.87
CA UNK C 2890 24.88 95.61 -115.15
C UNK C 2890 24.11 96.52 -116.11
N UNK C 2891 24.48 96.46 -117.39
CA UNK C 2891 23.81 97.23 -118.43
C UNK C 2891 22.41 96.67 -118.69
N UNK C 2892 22.27 95.36 -118.55
CA UNK C 2892 20.97 94.71 -118.68
C UNK C 2892 20.18 94.93 -117.40
N UNK C 2893 20.89 95.09 -116.29
CA UNK C 2893 20.28 95.33 -115.00
C UNK C 2893 19.84 96.78 -114.86
N UNK C 2894 20.54 97.68 -115.53
CA UNK C 2894 20.19 99.10 -115.54
C UNK C 2894 18.95 99.33 -116.39
N UNK C 2895 18.76 98.46 -117.39
CA UNK C 2895 17.59 98.55 -118.26
C UNK C 2895 16.41 97.80 -117.65
N UNK C 2896 16.66 97.06 -116.58
CA UNK C 2896 15.61 96.33 -115.89
C UNK C 2896 14.82 97.25 -114.97
N UNK C 2897 24.77 85.05 -119.99
CA UNK C 2897 25.39 86.07 -119.16
C UNK C 2897 24.58 86.28 -117.88
N UNK C 2898 24.02 85.20 -117.37
CA UNK C 2898 23.28 85.23 -116.11
C UNK C 2898 23.68 84.04 -115.26
N UNK C 2899 24.11 82.97 -115.93
CA UNK C 2899 24.60 81.77 -115.25
C UNK C 2899 26.03 81.99 -114.78
N UNK C 2900 26.73 82.92 -115.41
CA UNK C 2900 28.08 83.29 -115.01
C UNK C 2900 28.05 84.58 -114.19
N UNK C 2901 26.87 84.93 -113.69
CA UNK C 2901 26.72 86.12 -112.87
C UNK C 2901 26.71 85.73 -111.39
N UNK C 2902 26.60 84.43 -111.13
CA UNK C 2902 26.54 83.92 -109.77
C UNK C 2902 27.80 83.19 -109.38
N UNK C 2903 28.13 82.14 -110.13
CA UNK C 2903 29.25 81.26 -109.81
C UNK C 2903 30.60 81.94 -109.99
N UNK C 2904 30.72 82.75 -111.04
CA UNK C 2904 31.95 83.47 -111.32
C UNK C 2904 32.13 84.62 -110.31
N UNK C 2905 31.02 85.17 -109.86
CA UNK C 2905 31.04 86.26 -108.88
C UNK C 2905 31.42 85.73 -107.51
N UNK C 2906 31.12 84.47 -107.26
CA UNK C 2906 31.44 83.82 -106.00
C UNK C 2906 32.90 83.38 -105.98
N UNK C 2907 33.39 82.90 -107.12
CA UNK C 2907 34.77 82.41 -107.22
C UNK C 2907 35.75 83.56 -107.29
N UNK C 2908 35.27 84.75 -107.64
CA UNK C 2908 36.09 85.95 -107.65
C UNK C 2908 36.41 86.39 -106.23
N UNK C 2909 35.41 86.27 -105.35
CA UNK C 2909 35.57 86.61 -103.95
C UNK C 2909 36.45 85.58 -103.25
N UNK C 2910 36.41 84.35 -103.74
CA UNK C 2910 37.24 83.27 -103.21
C UNK C 2910 38.69 83.45 -103.67
N UNK C 2911 38.87 83.97 -104.87
CA UNK C 2911 40.20 84.18 -105.42
C UNK C 2911 40.84 85.45 -104.88
N UNK C 2912 39.99 86.42 -104.53
CA UNK C 2912 40.47 87.67 -103.95
C UNK C 2912 40.87 87.46 -102.50
N UNK C 2913 40.29 86.45 -101.88
CA UNK C 2913 40.63 86.07 -100.51
C UNK C 2913 41.74 85.02 -100.53
N UNK C 2914 42.08 84.55 -101.73
CA UNK C 2914 43.13 83.56 -101.90
C UNK C 2914 44.50 84.24 -101.97
N UNK C 2915 44.49 85.57 -102.03
CA UNK C 2915 45.73 86.35 -102.08
C UNK C 2915 46.17 86.77 -100.67
N UNK C 2916 45.98 85.89 -99.70
CA UNK C 2916 46.37 86.15 -98.33
C UNK C 2916 47.76 85.59 -98.04
N UNK C 2917 48.39 85.06 -99.08
CA UNK C 2917 49.74 84.52 -98.97
C UNK C 2917 50.49 84.74 -100.29
N UNK C 2918 49.79 84.51 -101.39
CA UNK C 2918 50.38 84.71 -102.71
C UNK C 2918 50.01 86.08 -103.26
N UNK C 2919 50.77 86.53 -104.24
CA UNK C 2919 50.53 87.82 -104.89
C UNK C 2919 51.08 87.79 -106.31
N UNK C 2920 50.96 88.91 -107.02
CA UNK C 2920 51.48 89.00 -108.39
C UNK C 2920 52.02 90.40 -108.64
N UNK C 2921 52.24 90.71 -109.92
CA UNK C 2921 52.74 92.02 -110.31
C UNK C 2921 51.61 92.83 -110.96
N UNK C 2922 50.47 92.18 -111.14
CA UNK C 2922 49.28 92.70 -111.83
C UNK C 2922 49.64 93.21 -113.23
N UNK C 2923 50.38 92.39 -113.96
CA UNK C 2923 50.80 92.70 -115.32
C UNK C 2923 49.60 92.70 -116.25
N UNK C 2924 49.18 93.91 -116.65
CA UNK C 2924 48.00 94.17 -117.47
C UNK C 2924 46.73 93.57 -116.88
N UNK C 2925 46.63 93.60 -115.55
CA UNK C 2925 45.48 93.06 -114.84
C UNK C 2925 45.01 94.06 -113.80
N UNK C 2926 45.86 95.01 -113.45
CA UNK C 2926 45.52 96.07 -112.52
C UNK C 2926 44.51 97.02 -113.15
N UNK C 2927 44.65 97.25 -114.44
CA UNK C 2927 43.72 98.09 -115.19
C UNK C 2927 42.44 97.32 -115.48
N UNK C 2928 42.59 96.02 -115.71
CA UNK C 2928 41.44 95.15 -115.99
C UNK C 2928 40.57 95.00 -114.77
N UNK C 2929 41.21 95.02 -113.60
CA UNK C 2929 40.48 94.98 -112.34
C UNK C 2929 39.83 96.33 -112.07
N UNK C 2930 40.54 97.40 -112.40
CA UNK C 2930 40.08 98.77 -112.17
C UNK C 2930 38.86 99.10 -113.02
N UNK C 2931 38.78 98.49 -114.21
CA UNK C 2931 37.63 98.66 -115.08
C UNK C 2931 36.41 97.99 -114.45
N UNK C 2932 36.65 96.82 -113.86
CA UNK C 2932 35.59 96.11 -113.15
C UNK C 2932 35.29 96.81 -111.84
N UNK C 2933 36.30 97.43 -111.25
CA UNK C 2933 36.15 98.15 -109.98
C UNK C 2933 35.36 99.43 -110.19
N UNK C 2934 35.57 100.09 -111.32
CA UNK C 2934 34.82 101.28 -111.66
C UNK C 2934 33.41 100.92 -112.07
N UNK C 2935 33.23 99.73 -112.64
CA UNK C 2935 31.92 99.23 -113.01
C UNK C 2935 31.12 98.86 -111.77
N UNK C 2936 31.82 98.41 -110.74
CA UNK C 2936 31.19 98.04 -109.48
C UNK C 2936 30.91 99.26 -108.61
N UNK C 2937 31.77 100.26 -108.71
CA UNK C 2937 31.61 101.49 -107.93
C UNK C 2937 30.48 102.34 -108.51
N UNK C 2938 30.22 102.17 -109.80
CA UNK C 2938 29.16 102.92 -110.46
C UNK C 2938 27.81 102.25 -110.26
N UNK C 2939 27.82 100.94 -110.06
CA UNK C 2939 26.59 100.18 -109.87
C UNK C 2939 26.22 100.06 -108.40
N UNK C 2940 26.92 100.81 -107.54
CA UNK C 2940 26.66 100.80 -106.12
C UNK C 2940 25.36 101.54 -105.80
N UNK C 2941 25.04 102.53 -106.63
CA UNK C 2941 23.82 103.31 -106.46
C UNK C 2941 22.87 103.10 -107.64
N UNK C 2942 23.03 101.99 -108.34
CA UNK C 2942 22.15 101.67 -109.47
C UNK C 2942 20.79 101.19 -108.96
N UNK C 2943 19.75 101.95 -109.27
CA UNK C 2943 18.41 101.64 -108.81
C UNK C 2943 17.79 100.50 -109.61
N UNK C 2944 16.71 99.94 -109.09
CA UNK C 2944 15.95 98.83 -109.68
C UNK C 2944 16.80 97.59 -109.97
N UNK C 2945 17.77 97.34 -109.12
CA UNK C 2945 18.65 96.18 -109.27
C UNK C 2945 18.89 95.54 -107.91
N UNK C 2946 17.81 95.08 -107.28
CA UNK C 2946 17.90 94.44 -105.97
C UNK C 2946 18.24 92.96 -106.12
N UNK C 2947 17.50 92.12 -105.38
CA UNK C 2947 17.68 90.66 -105.31
C UNK C 2947 19.12 90.26 -104.97
N UNK C 2948 19.46 90.44 -103.69
CA UNK C 2948 20.79 90.13 -103.12
C UNK C 2948 21.95 90.84 -103.82
N UNK C 2949 22.28 92.02 -103.33
CA UNK C 2949 23.42 92.78 -103.85
C UNK C 2949 24.68 92.48 -103.04
N UNK C 2950 24.97 91.19 -102.88
CA UNK C 2950 26.09 90.75 -102.05
C UNK C 2950 27.35 90.49 -102.87
N UNK C 2951 27.55 91.30 -103.91
CA UNK C 2951 28.75 91.19 -104.73
C UNK C 2951 29.79 92.20 -104.23
N UNK C 2952 29.46 92.88 -103.15
CA UNK C 2952 30.36 93.86 -102.54
C UNK C 2952 31.53 93.18 -101.85
N UNK C 2953 31.33 91.92 -101.46
CA UNK C 2953 32.36 91.14 -100.80
C UNK C 2953 33.44 90.68 -101.78
N UNK C 2954 33.09 90.67 -103.06
CA UNK C 2954 34.04 90.32 -104.11
C UNK C 2954 35.06 91.44 -104.30
N UNK C 2955 34.64 92.66 -103.98
CA UNK C 2955 35.52 93.82 -104.09
C UNK C 2955 36.19 94.13 -102.76
N UNK C 2956 35.53 93.75 -101.67
CA UNK C 2956 36.07 93.97 -100.34
C UNK C 2956 37.26 93.06 -100.08
N UNK C 2957 37.19 91.84 -100.63
CA UNK C 2957 38.29 90.89 -100.53
C UNK C 2957 39.37 91.25 -101.54
N UNK C 2958 38.97 92.01 -102.57
CA UNK C 2958 39.90 92.47 -103.59
C UNK C 2958 40.39 93.87 -103.26
N UNK C 2959 39.95 94.39 -102.11
CA UNK C 2959 40.40 95.69 -101.64
C UNK C 2959 41.76 95.57 -100.97
N UNK C 2960 42.14 94.34 -100.64
CA UNK C 2960 43.44 94.06 -100.05
C UNK C 2960 44.40 93.54 -101.11
N UNK C 2961 44.45 94.21 -102.25
CA UNK C 2961 45.33 93.81 -103.34
C UNK C 2961 46.66 94.55 -103.25
N UNK C 2962 47.09 95.16 -104.36
CA UNK C 2962 48.34 95.91 -104.38
C UNK C 2962 48.14 97.29 -103.77
N UNK C 2963 47.76 98.26 -104.61
CA UNK C 2963 47.50 99.61 -104.15
C UNK C 2963 46.49 100.31 -105.07
N UNK C 2964 37.72 107.28 -112.49
CA UNK C 2964 39.15 107.15 -112.75
C UNK C 2964 39.87 108.47 -112.46
N UNK C 2965 40.59 108.50 -111.34
CA UNK C 2965 41.33 109.70 -110.95
C UNK C 2965 42.61 109.83 -111.78
N UNK C 2966 43.68 109.21 -111.31
CA UNK C 2966 44.97 109.30 -111.99
C UNK C 2966 45.21 108.06 -112.86
N UNK C 2967 44.14 107.52 -113.43
CA UNK C 2967 44.23 106.32 -114.27
C UNK C 2967 44.36 106.70 -115.74
N UNK C 2968 44.31 108.00 -116.03
CA UNK C 2968 44.42 108.48 -117.40
C UNK C 2968 45.87 108.74 -117.76
N UNK C 2969 46.73 108.83 -116.76
CA UNK C 2969 48.16 109.07 -116.98
C UNK C 2969 48.94 107.76 -116.89
N UNK C 2970 48.25 106.65 -117.13
CA UNK C 2970 48.85 105.33 -117.05
C UNK C 2970 48.24 104.41 -118.09
N UNK C 2971 47.34 104.95 -118.90
CA UNK C 2971 46.62 104.18 -119.91
C UNK C 2971 47.53 103.79 -121.06
N UNK C 2972 47.64 104.68 -122.05
CA UNK C 2972 48.49 104.42 -123.21
C UNK C 2972 49.92 104.86 -122.94
N UNK C 2973 50.12 105.56 -121.83
CA UNK C 2973 51.45 106.02 -121.44
C UNK C 2973 52.33 104.84 -121.01
N UNK C 2974 51.74 103.94 -120.22
CA UNK C 2974 52.44 102.74 -119.78
C UNK C 2974 52.44 101.70 -120.90
N UNK C 2975 51.51 101.82 -121.83
CA UNK C 2975 51.42 100.90 -122.96
C UNK C 2975 52.53 101.18 -123.97
N UNK C 2976 52.91 102.45 -124.10
CA UNK C 2976 53.95 102.85 -125.03
C UNK C 2976 55.34 102.79 -124.38
N UNK C 2977 55.54 103.63 -123.37
CA UNK C 2977 56.81 103.68 -122.66
C UNK C 2977 56.89 102.57 -121.61
N UNK C 2978 55.97 100.28 -113.37
CA UNK C 2978 54.56 100.61 -113.39
C UNK C 2978 54.36 102.12 -113.31
N UNK C 2979 53.38 102.63 -114.07
CA UNK C 2979 53.07 104.05 -114.06
C UNK C 2979 52.18 104.39 -112.88
N UNK C 2980 52.78 104.43 -111.70
CA UNK C 2980 52.07 104.75 -110.46
C UNK C 2980 53.06 105.35 -109.46
N UNK C 2981 52.57 106.25 -108.62
CA UNK C 2981 53.42 106.94 -107.66
C UNK C 2981 52.83 106.89 -106.25
N UNK C 2982 52.90 108.01 -105.55
CA UNK C 2982 52.40 108.08 -104.17
C UNK C 2982 50.99 108.66 -104.12
N UNK C 2983 50.32 108.67 -105.27
CA UNK C 2983 48.96 109.18 -105.36
C UNK C 2983 48.15 108.37 -106.37
N UNK C 2984 48.19 107.06 -106.25
CA UNK C 2984 47.46 106.17 -107.14
C UNK C 2984 46.05 105.93 -106.62
N UNK C 2985 45.94 105.02 -105.65
CA UNK C 2985 44.66 104.75 -105.02
C UNK C 2985 44.55 105.55 -103.72
N UNK C 2986 45.64 106.19 -103.35
CA UNK C 2986 45.69 107.01 -102.14
C UNK C 2986 45.14 108.40 -102.43
N UNK C 2987 45.06 108.75 -103.71
CA UNK C 2987 44.53 110.04 -104.12
C UNK C 2987 43.01 110.07 -103.97
N UNK C 2988 42.39 108.91 -104.14
CA UNK C 2988 40.95 108.79 -104.01
C UNK C 2988 40.56 108.30 -102.61
N UNK C 2989 41.58 108.12 -101.76
CA UNK C 2989 41.35 107.68 -100.39
C UNK C 2989 40.81 108.82 -99.54
N UNK C 2990 41.30 110.03 -99.79
CA UNK C 2990 40.85 111.21 -99.06
C UNK C 2990 39.44 111.61 -99.50
N UNK C 2991 39.10 111.27 -100.74
CA UNK C 2991 37.77 111.53 -101.27
C UNK C 2991 36.78 110.55 -100.66
N UNK C 2992 37.28 109.38 -100.28
CA UNK C 2992 36.46 108.39 -99.59
C UNK C 2992 36.30 108.77 -98.12
N UNK C 2993 37.26 109.52 -97.61
CA UNK C 2993 37.23 109.98 -96.21
C UNK C 2993 36.15 111.04 -96.04
N UNK C 2994 35.98 111.88 -97.05
CA UNK C 2994 34.94 112.89 -97.06
C UNK C 2994 33.57 112.24 -97.28
N UNK C 2995 33.57 111.13 -98.02
CA UNK C 2995 32.36 110.39 -98.30
C UNK C 2995 31.89 109.63 -97.05
N UNK C 2996 32.84 109.26 -96.21
CA UNK C 2996 32.53 108.57 -94.96
C UNK C 2996 32.13 109.58 -93.89
N UNK C 2997 32.53 110.84 -94.10
CA UNK C 2997 32.24 111.90 -93.15
C UNK C 2997 30.79 112.37 -93.25
N UNK C 2998 30.13 112.01 -94.35
CA UNK C 2998 28.73 112.38 -94.56
C UNK C 2998 27.81 111.57 -93.66
N UNK C 2999 28.00 110.26 -93.66
CA UNK C 2999 27.14 109.37 -92.87
C UNK C 2999 27.62 109.27 -91.42
N UNK C 3000 28.75 109.89 -91.12
CA UNK C 3000 29.32 109.89 -89.77
C UNK C 3000 28.47 110.74 -88.83
N UNK C 3001 27.84 111.77 -89.36
CA UNK C 3001 26.99 112.65 -88.56
C UNK C 3001 25.51 112.41 -88.89
N UNK C 3002 25.25 112.09 -90.15
CA UNK C 3002 23.88 111.86 -90.59
C UNK C 3002 23.41 110.46 -90.23
N UNK C 3003 22.27 110.39 -89.56
CA UNK C 3003 21.69 109.11 -89.16
C UNK C 3003 20.90 108.50 -90.31
N UNK C 3004 21.61 107.89 -91.24
CA UNK C 3004 20.98 107.20 -92.36
C UNK C 3004 20.37 105.89 -91.88
N UNK C 3005 19.18 105.98 -91.28
CA UNK C 3005 18.51 104.82 -90.71
C UNK C 3005 17.94 103.94 -91.81
N UNK C 3006 17.68 104.53 -92.96
CA UNK C 3006 17.19 103.80 -94.12
C UNK C 3006 18.28 102.90 -94.69
N UNK C 3007 17.90 101.69 -95.07
CA UNK C 3007 18.82 100.74 -95.68
C UNK C 3007 19.11 101.14 -97.12
N UNK C 3008 18.17 101.84 -97.72
CA UNK C 3008 18.33 102.34 -99.10
C UNK C 3008 19.34 103.49 -99.12
N UNK C 3009 19.39 104.24 -98.02
CA UNK C 3009 20.36 105.32 -97.87
C UNK C 3009 21.74 104.72 -97.60
N UNK C 3010 21.75 103.53 -97.02
CA UNK C 3010 22.99 102.83 -96.71
C UNK C 3010 23.23 101.70 -97.72
N UNK C 3011 22.50 101.74 -98.83
CA UNK C 3011 22.65 100.73 -99.88
C UNK C 3011 23.89 101.01 -100.71
N UNK C 3012 24.30 102.27 -100.75
CA UNK C 3012 25.51 102.66 -101.46
C UNK C 3012 26.53 103.18 -100.45
N UNK C 3013 26.19 103.06 -99.17
CA UNK C 3013 27.06 103.55 -98.10
C UNK C 3013 27.60 102.40 -97.26
N UNK C 3014 26.70 101.68 -96.59
CA UNK C 3014 27.10 100.57 -95.72
C UNK C 3014 27.55 99.36 -96.54
N UNK C 3015 26.97 99.20 -97.72
CA UNK C 3015 27.36 98.11 -98.61
C UNK C 3015 28.70 98.41 -99.27
N UNK C 3016 29.03 99.70 -99.36
CA UNK C 3016 30.29 100.12 -99.94
C UNK C 3016 31.34 100.36 -98.87
N UNK C 3017 30.92 100.28 -97.61
CA UNK C 3017 31.83 100.48 -96.48
C UNK C 3017 32.67 99.22 -96.25
N UNK C 3018 32.21 98.10 -96.78
CA UNK C 3018 32.88 96.82 -96.62
C UNK C 3018 34.20 96.80 -97.41
N UNK C 3019 34.20 97.44 -98.57
CA UNK C 3019 35.41 97.54 -99.38
C UNK C 3019 36.34 98.58 -98.79
N UNK C 3020 35.78 99.54 -98.06
CA UNK C 3020 36.56 100.60 -97.44
C UNK C 3020 37.07 100.21 -96.06
N UNK C 3021 36.77 98.98 -95.66
CA UNK C 3021 37.23 98.46 -94.37
C UNK C 3021 38.70 98.05 -94.45
N UNK C 3022 39.21 97.88 -95.66
CA UNK C 3022 40.59 97.48 -95.88
C UNK C 3022 41.54 98.69 -95.89
N UNK C 3023 41.50 99.47 -94.81
CA UNK C 3023 42.32 100.67 -94.70
C UNK C 3023 43.77 100.32 -94.40
N UNK C 3024 43.96 99.42 -93.43
CA UNK C 3024 45.29 98.97 -93.05
C UNK C 3024 45.83 97.97 -94.07
N UNK C 3025 44.93 97.35 -94.83
CA UNK C 3025 45.33 96.47 -95.91
C UNK C 3025 45.86 97.29 -97.08
N UNK C 3026 45.25 98.46 -97.27
CA UNK C 3026 45.72 99.41 -98.27
C UNK C 3026 47.01 100.07 -97.76
N UNK C 3027 47.10 100.22 -96.45
CA UNK C 3027 48.30 100.75 -95.82
C UNK C 3027 49.36 99.68 -95.70
N UNK C 3028 50.56 100.08 -95.28
CA UNK C 3028 51.62 99.14 -95.02
C UNK C 3028 51.59 98.76 -93.55
N UNK C 3029 52.05 99.68 -92.71
CA UNK C 3029 51.98 99.50 -91.26
C UNK C 3029 50.70 100.14 -90.73
N UNK C 3030 50.83 100.87 -89.63
CA UNK C 3030 49.69 101.54 -89.03
C UNK C 3030 49.94 103.05 -89.03
N UNK C 3031 50.52 103.54 -90.12
CA UNK C 3031 50.83 104.96 -90.26
C UNK C 3031 49.57 105.78 -90.43
N UNK C 3032 48.63 105.25 -91.20
CA UNK C 3032 47.35 105.91 -91.41
C UNK C 3032 46.24 105.17 -90.68
N UNK C 3033 46.54 104.73 -89.46
CA UNK C 3033 45.58 103.98 -88.66
C UNK C 3033 44.76 104.90 -87.76
N UNK C 3034 45.09 106.19 -87.79
CA UNK C 3034 44.36 107.17 -87.01
C UNK C 3034 42.98 107.42 -87.63
N UNK C 3035 42.92 107.30 -88.94
CA UNK C 3035 41.66 107.44 -89.67
C UNK C 3035 40.81 106.18 -89.50
N UNK C 3036 41.48 105.04 -89.31
CA UNK C 3036 40.80 103.78 -89.08
C UNK C 3036 40.31 103.69 -87.64
N UNK C 3037 40.94 104.48 -86.76
CA UNK C 3037 40.60 104.49 -85.34
C UNK C 3037 39.26 105.18 -85.10
N UNK C 3038 38.93 106.14 -85.94
CA UNK C 3038 37.68 106.88 -85.81
C UNK C 3038 36.59 106.24 -86.67
N UNK C 3039 36.98 105.27 -87.49
CA UNK C 3039 36.04 104.57 -88.36
C UNK C 3039 35.16 103.62 -87.56
N UNK C 3040 35.69 103.15 -86.44
CA UNK C 3040 34.97 102.22 -85.58
C UNK C 3040 33.83 102.91 -84.83
N UNK C 3041 34.07 104.14 -84.40
CA UNK C 3041 33.08 104.91 -83.65
C UNK C 3041 31.91 105.32 -84.55
N UNK C 3042 32.21 105.54 -85.83
CA UNK C 3042 31.19 105.87 -86.81
C UNK C 3042 30.38 104.62 -87.16
N UNK C 3043 31.05 103.48 -87.15
CA UNK C 3043 30.39 102.20 -87.41
C UNK C 3043 29.55 101.78 -86.21
N UNK C 3044 29.98 102.20 -85.02
CA UNK C 3044 29.24 101.92 -83.80
C UNK C 3044 27.98 102.77 -83.75
N UNK C 3045 28.09 103.98 -84.30
CA UNK C 3045 26.96 104.90 -84.34
C UNK C 3045 25.94 104.47 -85.39
N UNK C 3046 26.39 103.68 -86.37
CA UNK C 3046 25.53 103.16 -87.41
C UNK C 3046 24.57 102.12 -86.85
N UNK C 3047 25.04 101.38 -85.85
CA UNK C 3047 24.20 100.39 -85.16
C UNK C 3047 23.47 101.05 -84.00
N UNK C 3048 23.90 102.26 -83.66
CA UNK C 3048 23.29 103.03 -82.58
C UNK C 3048 22.18 103.93 -83.10
N UNK C 3049 21.80 103.71 -84.36
CA UNK C 3049 20.68 104.44 -84.96
C UNK C 3049 19.39 103.66 -84.76
N UNK C 3050 19.51 102.52 -84.07
CA UNK C 3050 18.42 101.59 -83.75
C UNK C 3050 17.68 101.11 -84.99
N UNK C 3051 18.18 100.01 -85.57
CA UNK C 3051 17.58 99.44 -86.77
C UNK C 3051 16.21 98.83 -86.47
N UNK C 3052 15.40 98.71 -87.51
CA UNK C 3052 14.05 98.16 -87.36
C UNK C 3052 14.10 96.63 -87.28
N UNK C 3053 13.55 95.97 -88.29
CA UNK C 3053 13.58 94.51 -88.35
C UNK C 3053 14.89 94.06 -88.99
N UNK C 3054 14.80 93.53 -90.21
CA UNK C 3054 15.98 93.08 -90.94
C UNK C 3054 16.45 94.14 -91.92
N UNK C 3055 16.39 95.40 -91.49
CA UNK C 3055 16.86 96.50 -92.32
C UNK C 3055 18.37 96.51 -92.35
N UNK C 3056 18.98 96.44 -91.16
CA UNK C 3056 20.43 96.35 -91.04
C UNK C 3056 20.80 95.04 -90.38
N UNK C 3057 19.81 94.29 -89.95
CA UNK C 3057 20.04 92.98 -89.35
C UNK C 3057 20.34 91.95 -90.44
N UNK C 3058 19.79 92.18 -91.63
CA UNK C 3058 20.10 91.35 -92.78
C UNK C 3058 21.48 91.74 -93.30
N UNK C 3059 21.82 93.01 -93.13
CA UNK C 3059 23.13 93.52 -93.51
C UNK C 3059 24.06 93.51 -92.30
N UNK C 3060 24.15 92.34 -91.66
CA UNK C 3060 25.01 92.17 -90.49
C UNK C 3060 26.33 91.52 -90.90
N UNK C 3061 26.68 91.65 -92.18
CA UNK C 3061 27.93 91.13 -92.69
C UNK C 3061 29.04 92.16 -92.50
N UNK C 3062 28.66 93.34 -92.02
CA UNK C 3062 29.62 94.38 -91.69
C UNK C 3062 30.26 94.09 -90.34
N UNK C 3063 29.61 93.23 -89.55
CA UNK C 3063 30.16 92.79 -88.27
C UNK C 3063 31.35 91.87 -88.52
N UNK C 3064 31.31 91.15 -89.64
CA UNK C 3064 32.42 90.31 -90.07
C UNK C 3064 33.60 91.19 -90.48
N UNK C 3065 33.28 92.36 -91.00
CA UNK C 3065 34.29 93.35 -91.35
C UNK C 3065 34.70 94.14 -90.11
N UNK C 3066 33.89 94.03 -89.05
CA UNK C 3066 34.18 94.72 -87.79
C UNK C 3066 34.92 93.81 -86.81
N UNK C 3067 35.76 92.92 -87.34
CA UNK C 3067 36.56 92.04 -86.52
C UNK C 3067 38.02 92.49 -86.54
N UNK C 3068 38.47 92.95 -87.71
CA UNK C 3068 39.85 93.39 -87.88
C UNK C 3068 39.99 94.89 -87.63
N UNK C 3069 38.87 95.60 -87.67
CA UNK C 3069 38.87 97.05 -87.46
C UNK C 3069 39.05 97.40 -85.99
N UNK C 3070 38.69 96.46 -85.12
CA UNK C 3070 38.77 96.69 -83.67
C UNK C 3070 40.09 96.15 -83.10
N UNK C 3071 41.04 95.89 -83.98
CA UNK C 3071 42.34 95.36 -83.57
C UNK C 3071 43.28 96.50 -83.15
N UNK C 3072 43.66 97.34 -84.11
CA UNK C 3072 44.63 98.41 -83.88
C UNK C 3072 43.96 99.68 -83.35
N UNK C 3073 42.67 99.61 -83.04
CA UNK C 3073 41.95 100.75 -82.50
C UNK C 3073 42.36 100.99 -81.05
N UNK C 3074 42.88 102.19 -80.78
CA UNK C 3074 43.25 102.57 -79.43
C UNK C 3074 42.00 102.75 -78.59
N UNK C 3075 41.73 101.77 -77.72
CA UNK C 3075 40.53 101.77 -76.88
C UNK C 3075 40.61 102.81 -75.78
N UNK C 3076 41.82 103.28 -75.47
CA UNK C 3076 42.01 104.40 -74.57
C UNK C 3076 41.51 105.67 -75.26
N UNK C 3077 41.76 105.74 -76.56
CA UNK C 3077 41.28 106.85 -77.38
C UNK C 3077 39.84 106.63 -77.77
N UNK C 3078 39.41 105.37 -77.75
CA UNK C 3078 38.04 105.02 -78.06
C UNK C 3078 37.25 104.77 -76.78
N UNK C 3079 37.74 105.32 -75.66
CA UNK C 3079 37.10 105.16 -74.36
C UNK C 3079 35.81 105.96 -74.30
N UNK C 3080 35.78 107.10 -74.99
CA UNK C 3080 34.58 107.91 -75.10
C UNK C 3080 33.58 107.17 -75.99
N UNK C 3081 34.10 106.48 -77.00
CA UNK C 3081 33.30 105.63 -77.85
C UNK C 3081 32.86 104.40 -77.06
N UNK C 3082 33.72 103.97 -76.13
CA UNK C 3082 33.37 102.89 -75.22
C UNK C 3082 32.37 103.39 -74.20
N UNK C 3083 32.46 104.68 -73.85
CA UNK C 3083 31.48 105.32 -72.99
C UNK C 3083 30.19 105.52 -73.77
N UNK C 3084 30.32 105.72 -75.08
CA UNK C 3084 29.17 105.79 -75.96
C UNK C 3084 28.58 104.39 -76.14
N UNK C 3085 29.46 103.39 -76.13
CA UNK C 3085 29.04 102.00 -76.18
C UNK C 3085 28.45 101.60 -74.83
N UNK C 3086 28.91 102.24 -73.76
CA UNK C 3086 28.35 102.02 -72.44
C UNK C 3086 26.95 102.61 -72.38
N UNK C 3087 26.77 103.74 -73.06
CA UNK C 3087 25.45 104.36 -73.18
C UNK C 3087 24.56 103.53 -74.07
N UNK C 3088 25.17 102.89 -75.07
CA UNK C 3088 24.47 101.96 -75.94
C UNK C 3088 24.15 100.68 -75.17
N UNK C 3089 25.02 100.35 -74.22
CA UNK C 3089 24.77 99.22 -73.33
C UNK C 3089 23.70 99.59 -72.31
N UNK C 3090 23.67 100.87 -71.94
CA UNK C 3090 22.67 101.39 -71.02
C UNK C 3090 21.32 101.43 -71.69
N UNK C 3091 21.31 101.71 -72.99
CA UNK C 3091 20.09 101.71 -73.77
C UNK C 3091 19.61 100.29 -74.00
N UNK C 3092 20.56 99.36 -74.17
CA UNK C 3092 20.25 97.97 -74.41
C UNK C 3092 19.65 97.32 -73.16
N UNK C 3093 20.20 97.69 -72.00
CA UNK C 3093 19.74 97.15 -70.72
C UNK C 3093 18.36 97.72 -70.37
N UNK C 3094 18.11 98.96 -70.80
CA UNK C 3094 16.83 99.60 -70.54
C UNK C 3094 15.74 99.03 -71.45
N UNK C 3095 16.08 98.80 -72.72
CA UNK C 3095 15.12 98.31 -73.70
C UNK C 3095 14.77 96.84 -73.46
N UNK C 3096 15.72 96.08 -72.93
CA UNK C 3096 15.49 94.68 -72.62
C UNK C 3096 14.67 94.55 -71.35
N UNK C 3097 14.78 95.56 -70.48
CA UNK C 3097 14.04 95.58 -69.22
C UNK C 3097 12.56 95.77 -69.45
N UNK C 3098 12.22 96.47 -70.54
CA UNK C 3098 10.83 96.67 -70.93
C UNK C 3098 10.25 95.36 -71.47
N UNK C 3099 11.09 94.62 -72.19
CA UNK C 3099 10.70 93.32 -72.72
C UNK C 3099 10.66 92.29 -71.60
N UNK C 3100 11.50 92.51 -70.59
CA UNK C 3100 11.51 91.67 -69.40
C UNK C 3100 10.24 91.93 -68.59
N UNK C 3101 9.83 93.19 -68.53
CA UNK C 3101 8.61 93.58 -67.85
C UNK C 3101 7.39 93.13 -68.65
N UNK C 3102 7.55 93.06 -69.98
CA UNK C 3102 6.50 92.56 -70.85
C UNK C 3102 6.35 91.06 -70.66
N UNK C 3103 7.45 90.39 -70.35
CA UNK C 3103 7.43 88.97 -70.02
C UNK C 3103 6.96 88.80 -68.58
N UNK C 3104 7.17 89.83 -67.76
CA UNK C 3104 6.73 89.80 -66.37
C UNK C 3104 5.24 90.10 -66.25
N UNK C 3105 4.67 90.68 -67.30
CA UNK C 3105 3.25 91.00 -67.32
C UNK C 3105 2.48 89.96 -68.13
N UNK C 3106 2.95 88.73 -68.10
CA UNK C 3106 2.26 87.62 -68.77
C UNK C 3106 1.33 86.90 -67.81
N UNK C 3107 0.47 87.66 -67.15
CA UNK C 3107 -0.49 87.09 -66.21
C UNK C 3107 -1.85 86.91 -66.86
N UNK C 3108 -2.88 86.75 -66.03
CA UNK C 3108 -4.28 86.52 -66.44
C UNK C 3108 -4.43 85.32 -67.36
N UNK C 3109 -5.44 85.36 -68.23
CA UNK C 3109 -5.66 84.29 -69.19
C UNK C 3109 -5.50 84.84 -70.62
N UNK C 3110 -4.74 85.92 -70.72
CA UNK C 3110 -4.50 86.55 -72.02
C UNK C 3110 -3.51 85.73 -72.84
N UNK C 3111 -3.89 85.42 -74.07
CA UNK C 3111 -3.01 84.70 -74.99
C UNK C 3111 -2.35 85.69 -75.96
N UNK C 3112 -2.06 86.88 -75.46
CA UNK C 3112 -1.44 87.92 -76.26
C UNK C 3112 0.01 88.13 -75.85
N UNK C 3113 0.56 87.15 -75.14
CA UNK C 3113 1.96 87.20 -74.72
C UNK C 3113 2.84 86.47 -75.72
N UNK C 3114 2.20 85.68 -76.59
CA UNK C 3114 2.93 84.89 -77.58
C UNK C 3114 3.23 85.69 -78.83
N UNK C 3115 2.68 86.89 -78.92
CA UNK C 3115 2.90 87.74 -80.09
C UNK C 3115 3.40 89.12 -79.67
N UNK C 3116 3.85 89.24 -78.43
CA UNK C 3116 4.30 90.51 -77.90
C UNK C 3116 5.66 90.40 -77.24
N UNK C 3117 5.82 89.41 -76.36
CA UNK C 3117 7.08 89.20 -75.66
C UNK C 3117 7.96 88.22 -76.42
N UNK C 3118 7.38 87.55 -77.40
CA UNK C 3118 8.12 86.57 -78.20
C UNK C 3118 8.93 87.27 -79.28
N UNK C 3119 8.46 88.43 -79.72
CA UNK C 3119 9.14 89.18 -80.78
C UNK C 3119 10.08 90.22 -80.20
N UNK C 3120 9.77 90.71 -79.00
CA UNK C 3120 10.57 91.75 -78.35
C UNK C 3120 11.93 91.22 -77.93
N UNK C 3121 11.98 89.96 -77.53
CA UNK C 3121 13.25 89.32 -77.21
C UNK C 3121 13.98 88.96 -78.49
N UNK C 3122 13.21 88.66 -79.53
CA UNK C 3122 13.75 88.33 -80.84
C UNK C 3122 14.29 89.56 -81.54
N UNK C 3123 13.77 90.73 -81.15
CA UNK C 3123 14.20 92.01 -81.70
C UNK C 3123 15.63 92.32 -81.27
N UNK C 3124 15.95 92.01 -80.02
CA UNK C 3124 17.28 92.27 -79.48
C UNK C 3124 18.21 91.09 -79.73
N UNK C 3125 17.66 90.01 -80.27
CA UNK C 3125 18.42 88.79 -80.50
C UNK C 3125 19.42 88.94 -81.66
N UNK C 3126 19.00 89.66 -82.70
CA UNK C 3126 19.87 89.90 -83.85
C UNK C 3126 20.67 91.19 -83.66
N UNK C 3127 20.31 91.95 -82.63
CA UNK C 3127 20.99 93.21 -82.34
C UNK C 3127 22.22 92.98 -81.48
N UNK C 3128 22.05 92.16 -80.44
CA UNK C 3128 23.14 91.86 -79.51
C UNK C 3128 24.11 90.84 -80.09
N UNK C 3129 23.70 90.18 -81.17
CA UNK C 3129 24.53 89.17 -81.82
C UNK C 3129 25.70 89.81 -82.57
N UNK C 3130 25.54 91.06 -82.97
CA UNK C 3130 26.61 91.78 -83.66
C UNK C 3130 27.32 92.74 -82.70
N UNK C 3131 26.60 93.18 -81.68
CA UNK C 3131 27.14 94.12 -80.70
C UNK C 3131 28.20 93.48 -79.83
N UNK C 3132 27.90 92.29 -79.31
CA UNK C 3132 28.81 91.58 -78.43
C UNK C 3132 29.95 90.92 -79.21
N UNK C 3133 29.74 90.72 -80.51
CA UNK C 3133 30.72 90.09 -81.38
C UNK C 3133 31.90 91.02 -81.64
N UNK C 3134 31.65 92.31 -81.58
CA UNK C 3134 32.70 93.31 -81.76
C UNK C 3134 33.21 93.78 -80.41
N UNK C 3135 32.38 93.61 -79.38
CA UNK C 3135 32.74 94.00 -78.02
C UNK C 3135 33.70 92.99 -77.40
N UNK C 3136 33.74 91.79 -77.96
CA UNK C 3136 34.59 90.73 -77.46
C UNK C 3136 36.06 90.97 -77.80
N UNK C 3137 36.33 91.22 -79.08
CA UNK C 3137 37.68 91.39 -79.57
C UNK C 3137 38.29 92.71 -79.10
N UNK C 3138 37.43 93.68 -78.81
CA UNK C 3138 37.89 94.99 -78.36
C UNK C 3138 38.35 94.95 -76.91
N UNK C 3139 37.57 94.30 -76.06
CA UNK C 3139 37.87 94.23 -74.63
C UNK C 3139 39.07 93.32 -74.35
N UNK C 3140 39.21 92.28 -75.16
CA UNK C 3140 40.32 91.34 -75.01
C UNK C 3140 41.62 91.95 -75.49
N UNK C 3141 41.52 92.92 -76.40
CA UNK C 3141 42.68 93.64 -76.90
C UNK C 3141 43.24 94.56 -75.82
N UNK C 3142 42.34 95.07 -74.99
CA UNK C 3142 42.74 95.93 -73.88
C UNK C 3142 42.53 95.21 -72.56
N UNK C 3143 43.10 94.01 -72.45
CA UNK C 3143 42.95 93.19 -71.26
C UNK C 3143 43.85 93.70 -70.12
N UNK C 3144 45.16 93.68 -70.34
CA UNK C 3144 46.12 94.06 -69.32
C UNK C 3144 46.09 95.57 -69.05
N UNK C 3145 45.64 96.34 -70.03
CA UNK C 3145 45.50 97.78 -69.88
C UNK C 3145 44.37 98.12 -68.91
N UNK C 3146 43.29 97.35 -68.98
CA UNK C 3146 42.14 97.58 -68.12
C UNK C 3146 42.25 96.74 -66.84
N UNK C 3147 43.35 96.03 -66.68
CA UNK C 3147 43.56 95.22 -65.49
C UNK C 3147 44.80 95.69 -64.72
N UNK C 3148 45.47 96.71 -65.25
CA UNK C 3148 46.64 97.27 -64.57
C UNK C 3148 46.20 98.13 -63.40
N UNK C 3149 46.22 99.44 -63.59
CA UNK C 3149 45.76 100.37 -62.58
C UNK C 3149 44.39 100.90 -62.95
N UNK C 3150 44.21 101.20 -64.24
CA UNK C 3150 42.94 101.70 -64.75
C UNK C 3150 41.91 100.59 -64.79
N UNK C 3151 40.78 100.83 -64.15
CA UNK C 3151 39.69 99.85 -64.12
C UNK C 3151 38.36 100.56 -64.00
N UNK C 3152 38.42 101.88 -63.78
CA UNK C 3152 37.22 102.70 -63.63
C UNK C 3152 36.47 102.82 -64.96
N UNK C 3153 37.22 102.77 -66.05
CA UNK C 3153 36.62 102.77 -67.39
C UNK C 3153 36.01 101.40 -67.67
N UNK C 3154 36.54 100.37 -67.02
CA UNK C 3154 36.02 99.03 -67.16
C UNK C 3154 35.03 98.70 -66.05
N UNK C 3155 34.86 99.65 -65.12
CA UNK C 3155 33.97 99.44 -63.98
C UNK C 3155 32.51 99.49 -64.39
N UNK C 3156 32.20 100.31 -65.39
CA UNK C 3156 30.83 100.45 -65.86
C UNK C 3156 30.42 99.26 -66.71
N UNK C 3157 31.39 98.61 -67.35
CA UNK C 3157 31.13 97.48 -68.23
C UNK C 3157 30.73 96.24 -67.42
N UNK C 3158 31.44 96.01 -66.33
CA UNK C 3158 31.15 94.87 -65.45
C UNK C 3158 29.87 95.10 -64.67
N UNK C 3159 29.59 96.36 -64.37
CA UNK C 3159 28.38 96.73 -63.62
C UNK C 3159 27.14 96.61 -64.51
N UNK C 3160 27.34 96.74 -65.82
CA UNK C 3160 26.24 96.64 -66.77
C UNK C 3160 26.22 95.26 -67.42
N UNK C 3161 26.90 94.31 -66.82
CA UNK C 3161 26.94 92.94 -67.34
C UNK C 3161 25.91 92.05 -66.63
N UNK C 3162 24.79 92.65 -66.24
CA UNK C 3162 23.71 91.94 -65.58
C UNK C 3162 22.64 91.53 -66.60
N UNK C 3163 22.97 91.68 -67.87
CA UNK C 3163 22.05 91.33 -68.95
C UNK C 3163 21.95 89.82 -69.09
N UNK C 3164 23.06 89.13 -68.81
CA UNK C 3164 23.09 87.67 -68.86
C UNK C 3164 22.29 87.10 -67.70
N UNK C 3165 22.31 87.79 -66.58
CA UNK C 3165 21.56 87.37 -65.40
C UNK C 3165 20.06 87.65 -65.56
N UNK C 3166 19.74 88.56 -66.46
CA UNK C 3166 18.36 88.95 -66.70
C UNK C 3166 17.75 88.18 -67.87
N UNK C 3167 18.50 88.06 -68.97
CA UNK C 3167 17.99 87.41 -70.17
C UNK C 3167 18.30 85.91 -70.16
N UNK C 3168 19.58 85.59 -70.29
CA UNK C 3168 20.01 84.19 -70.39
C UNK C 3168 20.20 83.54 -69.03
N UNK C 3169 19.20 83.68 -68.16
CA UNK C 3169 19.21 83.08 -66.84
C UNK C 3169 17.78 82.92 -66.35
N UNK C 3170 17.23 84.00 -65.79
CA UNK C 3170 15.86 84.01 -65.33
C UNK C 3170 14.91 84.32 -66.48
N UNK C 3171 13.85 83.52 -66.59
CA UNK C 3171 12.81 83.63 -67.63
C UNK C 3171 13.39 83.59 -69.05
N UNK C 3172 14.25 82.62 -69.30
CA UNK C 3172 14.88 82.48 -70.61
C UNK C 3172 14.04 81.58 -71.52
N UNK C 3173 12.77 81.92 -71.67
CA UNK C 3173 11.89 81.20 -72.57
C UNK C 3173 11.96 81.82 -73.96
N UNK C 3174 11.92 83.15 -74.00
CA UNK C 3174 12.03 83.88 -75.25
C UNK C 3174 13.47 84.33 -75.47
N UNK C 3175 14.21 84.45 -74.38
CA UNK C 3175 15.61 84.87 -74.44
C UNK C 3175 16.48 83.76 -75.01
N UNK C 3176 16.12 82.51 -74.70
CA UNK C 3176 16.81 81.36 -75.26
C UNK C 3176 16.02 80.78 -76.43
N UNK C 3177 15.10 81.58 -76.97
CA UNK C 3177 14.39 81.20 -78.17
C UNK C 3177 15.07 81.82 -79.38
N UNK C 3178 16.26 82.37 -79.16
CA UNK C 3178 17.08 82.96 -80.20
C UNK C 3178 17.99 81.91 -80.81
N UNK C 3179 17.82 80.66 -80.37
CA UNK C 3179 18.58 79.53 -80.90
C UNK C 3179 18.18 79.27 -82.34
N UNK C 3180 16.90 79.48 -82.65
CA UNK C 3180 16.41 79.39 -84.01
C UNK C 3180 16.95 80.55 -84.83
N UNK C 3181 17.10 81.70 -84.19
CA UNK C 3181 17.71 82.87 -84.81
C UNK C 3181 19.21 82.67 -84.93
N UNK C 3182 19.77 81.87 -84.03
CA UNK C 3182 21.18 81.51 -84.11
C UNK C 3182 21.40 80.46 -85.20
N UNK C 3183 20.40 79.58 -85.37
CA UNK C 3183 20.47 78.55 -86.39
C UNK C 3183 20.12 79.10 -87.75
N UNK C 3184 19.47 80.26 -87.78
CA UNK C 3184 19.10 80.92 -89.02
C UNK C 3184 20.34 81.44 -89.74
N UNK C 3185 21.05 82.34 -89.07
CA UNK C 3185 22.28 82.90 -89.62
C UNK C 3185 23.41 81.88 -89.51
N UNK C 3186 25.04 74.25 -76.76
CA UNK C 3186 26.28 74.86 -76.30
C UNK C 3186 26.03 76.29 -75.84
N UNK C 3187 27.11 76.98 -75.44
CA UNK C 3187 27.01 78.36 -75.01
C UNK C 3187 26.78 79.27 -76.22
N UNK C 3188 26.19 80.44 -75.99
CA UNK C 3188 25.87 81.33 -77.08
C UNK C 3188 25.95 82.80 -76.67
N UNK C 3189 27.12 83.39 -76.89
CA UNK C 3189 27.39 84.84 -76.77
C UNK C 3189 27.05 85.45 -75.40
N UNK C 3190 25.76 85.61 -75.12
CA UNK C 3190 25.28 86.26 -73.90
C UNK C 3190 25.62 85.45 -72.66
N UNK C 3191 25.64 84.13 -72.81
CA UNK C 3191 26.04 83.25 -71.72
C UNK C 3191 27.55 83.30 -71.54
N UNK C 3192 28.26 83.58 -72.62
CA UNK C 3192 29.73 83.62 -72.61
C UNK C 3192 30.25 85.05 -72.51
N UNK C 3193 29.34 86.00 -72.33
CA UNK C 3193 29.70 87.42 -72.29
C UNK C 3193 30.44 87.78 -71.01
N UNK C 3194 29.92 87.32 -69.88
CA UNK C 3194 30.51 87.63 -68.59
C UNK C 3194 31.78 86.81 -68.35
N UNK C 3195 31.93 85.72 -69.09
CA UNK C 3195 33.07 84.81 -68.95
C UNK C 3195 34.39 85.45 -69.36
N UNK C 3196 34.33 86.35 -70.34
CA UNK C 3196 35.52 87.04 -70.81
C UNK C 3196 35.64 88.41 -70.15
N UNK C 3197 34.96 88.58 -69.01
CA UNK C 3197 34.97 89.84 -68.29
C UNK C 3197 34.95 89.64 -66.79
N UNK C 3198 34.89 88.38 -66.36
CA UNK C 3198 34.78 88.07 -64.94
C UNK C 3198 36.10 88.27 -64.20
N UNK C 3199 37.21 88.26 -64.93
CA UNK C 3199 38.53 88.41 -64.32
C UNK C 3199 38.75 89.82 -63.81
N UNK C 3200 38.42 90.81 -64.66
CA UNK C 3200 38.60 92.21 -64.30
C UNK C 3200 37.48 92.71 -63.40
N UNK C 3201 36.35 92.00 -63.41
CA UNK C 3201 35.20 92.38 -62.60
C UNK C 3201 35.47 92.12 -61.12
N UNK C 3202 36.17 91.04 -60.84
CA UNK C 3202 36.49 90.66 -59.47
C UNK C 3202 37.86 91.19 -59.07
N UNK C 3203 38.57 91.77 -60.03
CA UNK C 3203 39.91 92.29 -59.79
C UNK C 3203 39.86 93.56 -58.93
N UNK C 3204 38.89 94.42 -59.23
CA UNK C 3204 38.74 95.67 -58.49
C UNK C 3204 37.58 95.60 -57.52
N UNK C 3205 37.04 94.39 -57.32
CA UNK C 3205 35.96 94.18 -56.37
C UNK C 3205 36.49 94.30 -54.95
N UNK C 3206 37.67 93.74 -54.72
CA UNK C 3206 38.33 93.82 -53.43
C UNK C 3206 39.84 93.61 -53.58
N UNK C 3207 40.58 93.99 -52.54
CA UNK C 3207 42.02 93.74 -52.50
C UNK C 3207 42.28 92.55 -51.59
N UNK C 3208 41.51 91.47 -51.81
CA UNK C 3208 41.44 90.28 -50.96
C UNK C 3208 41.15 90.63 -49.50
N UNK C 3209 41.53 89.73 -48.59
CA UNK C 3209 41.44 89.90 -47.13
C UNK C 3209 40.03 90.26 -46.62
N UNK C 3210 39.01 89.72 -47.29
CA UNK C 3210 37.63 89.99 -46.92
C UNK C 3210 36.74 88.88 -47.46
N UNK C 3211 36.80 88.69 -48.77
CA UNK C 3211 36.02 87.70 -49.54
C UNK C 3211 34.52 87.82 -49.27
N UNK C 3212 34.01 86.93 -48.41
CA UNK C 3212 32.61 86.89 -47.97
C UNK C 3212 31.60 86.79 -49.10
N UNK C 3213 32.01 86.23 -50.24
CA UNK C 3213 31.10 86.03 -51.36
C UNK C 3213 30.34 84.75 -51.11
N UNK C 3214 30.99 83.83 -50.38
CA UNK C 3214 30.36 82.60 -49.95
C UNK C 3214 29.44 82.88 -48.77
N UNK C 3215 29.68 83.98 -48.09
CA UNK C 3215 28.82 84.44 -47.00
C UNK C 3215 27.51 84.96 -47.56
N UNK C 3216 27.56 85.48 -48.79
CA UNK C 3216 26.37 86.00 -49.44
C UNK C 3216 25.91 85.10 -50.57
N UNK C 3217 26.56 83.95 -50.72
CA UNK C 3217 26.18 82.99 -51.76
C UNK C 3217 24.88 82.30 -51.40
N UNK C 3218 24.83 81.73 -50.19
CA UNK C 3218 23.68 80.98 -49.72
C UNK C 3218 22.50 81.88 -49.43
N UNK C 3219 22.78 83.14 -49.13
CA UNK C 3219 21.74 84.14 -48.93
C UNK C 3219 21.10 84.47 -50.27
N UNK C 3220 21.88 84.37 -51.33
CA UNK C 3220 21.40 84.65 -52.68
C UNK C 3220 21.05 83.37 -53.42
N UNK C 3221 21.39 82.23 -52.84
CA UNK C 3221 21.05 80.94 -53.44
C UNK C 3221 19.57 80.64 -53.28
N UNK C 3222 18.98 81.19 -52.22
CA UNK C 3222 17.55 81.03 -51.97
C UNK C 3222 16.76 82.10 -52.73
N UNK C 3223 17.49 83.01 -53.37
CA UNK C 3223 16.96 84.13 -54.15
C UNK C 3223 16.02 85.02 -53.34
N UNK C 3224 16.39 85.26 -52.08
CA UNK C 3224 15.62 86.14 -51.21
C UNK C 3224 15.94 87.59 -51.55
N UNK C 3225 15.30 88.09 -52.61
CA UNK C 3225 15.46 89.45 -53.16
C UNK C 3225 16.91 89.81 -53.49
N UNK C 3226 17.15 91.12 -53.64
CA UNK C 3226 18.48 91.63 -53.89
C UNK C 3226 18.80 92.68 -52.85
N UNK C 3227 17.77 93.39 -52.42
CA UNK C 3227 17.89 94.37 -51.35
C UNK C 3227 18.01 93.65 -50.02
N UNK C 3228 17.33 92.51 -49.91
CA UNK C 3228 17.41 91.69 -48.71
C UNK C 3228 18.77 90.98 -48.65
N UNK C 3229 19.36 90.77 -49.81
CA UNK C 3229 20.73 90.27 -49.89
C UNK C 3229 21.68 91.39 -49.46
N UNK C 3230 21.30 92.62 -49.81
CA UNK C 3230 22.07 93.80 -49.39
C UNK C 3230 21.79 94.11 -47.93
N UNK C 3231 20.58 93.78 -47.48
CA UNK C 3231 20.22 93.97 -46.07
C UNK C 3231 20.91 92.91 -45.21
N UNK C 3232 21.18 91.76 -45.82
CA UNK C 3232 21.93 90.71 -45.15
C UNK C 3232 23.38 91.14 -44.98
N UNK C 3233 23.86 91.91 -45.95
CA UNK C 3233 25.22 92.45 -45.91
C UNK C 3233 25.32 93.58 -44.89
N UNK C 3234 24.28 94.42 -44.85
CA UNK C 3234 24.25 95.55 -43.93
C UNK C 3234 23.97 95.08 -42.50
N UNK C 3235 22.86 94.37 -42.32
CA UNK C 3235 22.49 93.84 -41.01
C UNK C 3235 23.05 92.44 -40.80
N UNK C 3236 23.74 91.93 -41.81
CA UNK C 3236 24.41 90.64 -41.71
C UNK C 3236 25.86 90.84 -41.29
N UNK C 3237 26.22 92.11 -41.04
CA UNK C 3237 27.55 92.56 -40.59
C UNK C 3237 28.68 92.12 -41.50
N UNK C 3238 29.90 92.15 -40.97
CA UNK C 3238 31.08 91.80 -41.74
C UNK C 3238 32.18 91.26 -40.84
N UNK C 3239 33.02 90.40 -41.40
CA UNK C 3239 34.15 89.83 -40.67
C UNK C 3239 35.25 89.40 -41.64
N UNK C 3240 36.49 89.67 -41.25
CA UNK C 3240 37.66 89.33 -42.05
C UNK C 3240 38.90 89.28 -41.17
N UNK C 3241 39.56 88.12 -41.09
CA UNK C 3241 40.73 87.97 -40.23
C UNK C 3241 41.98 87.64 -41.03
N UNK C 3242 43.06 87.32 -40.32
CA UNK C 3242 44.34 87.02 -40.95
C UNK C 3242 44.63 85.52 -40.93
N UNK C 3243 45.20 85.02 -42.02
CA UNK C 3243 45.53 83.61 -42.13
C UNK C 3243 46.84 83.41 -42.87
N UNK C 3244 47.02 82.22 -43.44
CA UNK C 3244 48.24 81.90 -44.18
C UNK C 3244 48.06 82.29 -45.64
N UNK C 3245 46.83 82.51 -46.05
CA UNK C 3245 46.53 82.94 -47.41
C UNK C 3245 46.52 84.46 -47.49
N UNK C 3246 46.61 85.10 -46.34
CA UNK C 3246 46.65 86.56 -46.25
C UNK C 3246 47.98 87.08 -46.77
N UNK C 3247 49.03 86.29 -46.59
CA UNK C 3247 50.36 86.65 -47.09
C UNK C 3247 50.57 86.10 -48.50
N UNK C 3248 49.54 85.45 -49.03
CA UNK C 3248 49.64 84.83 -50.34
C UNK C 3248 48.88 85.63 -51.40
N UNK C 3249 47.69 86.11 -51.03
CA UNK C 3249 46.85 86.85 -51.96
C UNK C 3249 46.75 88.32 -51.58
N UNK C 3250 46.52 88.59 -50.30
CA UNK C 3250 46.30 89.95 -49.83
C UNK C 3250 47.61 90.72 -49.61
N UNK C 3251 48.73 90.03 -49.79
CA UNK C 3251 50.04 90.66 -49.64
C UNK C 3251 50.48 91.40 -50.90
N UNK C 3252 49.68 91.28 -51.96
CA UNK C 3252 49.99 91.92 -53.24
C UNK C 3252 48.77 92.63 -53.80
N UNK C 3253 47.58 92.13 -53.44
CA UNK C 3253 46.32 92.75 -53.86
C UNK C 3253 46.15 94.10 -53.18
N UNK C 3254 46.66 94.19 -51.96
CA UNK C 3254 46.68 95.45 -51.22
C UNK C 3254 47.84 96.34 -51.67
N UNK C 3255 48.75 95.78 -52.46
CA UNK C 3255 49.91 96.53 -52.96
C UNK C 3255 49.70 96.98 -54.40
N UNK C 3256 48.86 96.26 -55.14
CA UNK C 3256 48.58 96.60 -56.53
C UNK C 3256 47.39 97.55 -56.62
N UNK C 3257 46.74 97.77 -55.49
CA UNK C 3257 45.57 98.65 -55.42
C UNK C 3257 45.98 100.11 -55.57
N UNK C 3258 46.50 100.68 -54.48
CA UNK C 3258 46.92 102.08 -54.37
C UNK C 3258 45.80 103.04 -54.76
N UNK C 3259 44.60 102.78 -54.24
CA UNK C 3259 43.43 103.58 -54.56
C UNK C 3259 42.67 103.99 -53.29
N UNK C 3260 41.37 104.20 -53.44
CA UNK C 3260 40.54 104.66 -52.33
C UNK C 3260 39.96 103.49 -51.54
N UNK C 3261 39.15 103.83 -50.55
CA UNK C 3261 38.51 102.82 -49.71
C UNK C 3261 37.18 103.34 -49.18
N UNK C 3262 36.19 102.46 -49.11
CA UNK C 3262 34.87 102.84 -48.62
C UNK C 3262 34.24 101.70 -47.83
N UNK C 3263 33.30 102.03 -46.95
CA UNK C 3263 32.59 101.04 -46.16
C UNK C 3263 31.22 100.76 -46.76
N UNK C 3264 30.72 101.71 -47.54
CA UNK C 3264 29.43 101.56 -48.21
C UNK C 3264 29.59 100.67 -49.43
N UNK C 3265 30.79 100.68 -50.02
CA UNK C 3265 31.08 99.86 -51.19
C UNK C 3265 31.52 98.46 -50.77
N UNK C 3266 31.68 98.27 -49.46
CA UNK C 3266 32.03 96.95 -48.92
C UNK C 3266 30.86 96.00 -49.04
N UNK C 3267 29.65 96.54 -48.95
CA UNK C 3267 28.44 95.75 -49.08
C UNK C 3267 27.84 95.90 -50.47
N UNK C 3268 28.25 96.95 -51.18
CA UNK C 3268 27.71 97.25 -52.49
C UNK C 3268 28.40 96.43 -53.60
N UNK C 3269 29.73 96.45 -53.59
CA UNK C 3269 30.49 95.73 -54.62
C UNK C 3269 30.45 94.22 -54.39
N UNK C 3270 30.30 93.83 -53.13
CA UNK C 3270 30.26 92.43 -52.77
C UNK C 3270 28.96 91.77 -53.18
N UNK C 3271 27.83 92.38 -52.80
CA UNK C 3271 26.51 91.83 -53.09
C UNK C 3271 26.16 91.90 -54.58
N UNK C 3272 26.83 92.79 -55.29
CA UNK C 3272 26.65 92.91 -56.73
C UNK C 3272 27.24 91.70 -57.45
N UNK C 3273 28.37 91.21 -56.96
CA UNK C 3273 29.07 90.10 -57.60
C UNK C 3273 28.77 88.77 -56.92
N UNK C 3274 28.09 88.81 -55.77
CA UNK C 3274 27.74 87.61 -55.03
C UNK C 3274 26.67 86.80 -55.75
N UNK C 3275 25.51 87.42 -55.94
CA UNK C 3275 24.38 86.77 -56.61
C UNK C 3275 24.65 86.59 -58.10
N UNK C 3276 25.48 87.45 -58.66
CA UNK C 3276 25.85 87.38 -60.07
C UNK C 3276 26.66 86.12 -60.35
N UNK C 3277 27.57 85.80 -59.42
CA UNK C 3277 28.35 84.59 -59.53
C UNK C 3277 27.50 83.38 -59.15
N UNK C 3278 26.60 83.58 -58.18
CA UNK C 3278 25.75 82.52 -57.68
C UNK C 3278 24.74 82.05 -58.72
N UNK C 3279 24.25 82.99 -59.52
CA UNK C 3279 23.35 82.67 -60.63
C UNK C 3279 24.15 82.02 -61.76
N UNK C 3280 25.39 82.46 -61.91
CA UNK C 3280 26.27 81.94 -62.95
C UNK C 3280 26.71 80.51 -62.60
N UNK C 3281 26.94 80.28 -61.31
CA UNK C 3281 27.33 78.95 -60.84
C UNK C 3281 26.14 78.01 -60.88
N UNK C 3282 24.94 78.57 -60.77
CA UNK C 3282 23.70 77.80 -60.86
C UNK C 3282 23.48 77.31 -62.27
N UNK C 3283 23.97 78.08 -63.25
CA UNK C 3283 23.89 77.68 -64.65
C UNK C 3283 25.25 77.19 -65.13
N UNK C 3284 26.03 76.64 -64.21
CA UNK C 3284 27.34 76.10 -64.56
C UNK C 3284 27.34 74.59 -64.39
N UNK C 3285 26.97 74.14 -63.19
CA UNK C 3285 26.92 72.72 -62.89
C UNK C 3285 25.64 72.08 -63.44
N UNK C 3286 24.60 72.89 -63.59
CA UNK C 3286 23.35 72.41 -64.15
C UNK C 3286 23.40 72.42 -65.67
N UNK C 3287 24.33 73.20 -66.21
CA UNK C 3287 24.54 73.26 -67.65
C UNK C 3287 25.21 71.97 -68.13
N UNK C 3288 26.09 71.44 -67.28
CA UNK C 3288 26.79 70.20 -67.59
C UNK C 3288 26.21 69.03 -66.80
N THR C 3289 -6.95 49.89 -89.62
CA THR C 3289 -7.42 49.32 -90.87
C THR C 3289 -8.88 49.71 -91.13
N PRO C 3290 -9.17 50.09 -92.37
CA PRO C 3290 -10.52 50.60 -92.70
C PRO C 3290 -11.57 49.51 -92.65
N LEU C 3291 -12.77 49.90 -92.20
CA LEU C 3291 -13.88 48.97 -92.10
C LEU C 3291 -14.38 48.53 -93.47
N TYR C 3292 -14.29 49.40 -94.47
CA TYR C 3292 -14.65 49.07 -95.84
C TYR C 3292 -13.53 48.25 -96.47
N ASN C 3293 -13.63 48.07 -97.81
CA ASN C 3293 -12.80 47.24 -98.70
C ASN C 3293 -12.45 45.86 -98.12
N LEU C 3294 -13.41 45.27 -97.40
CA LEU C 3294 -13.40 44.01 -96.72
C LEU C 3294 -14.42 43.06 -97.36
N PRO C 3295 -14.11 41.76 -97.47
CA PRO C 3295 -15.09 40.83 -98.02
C PRO C 3295 -16.29 40.67 -97.10
N THR C 3296 -17.48 40.80 -97.68
CA THR C 3296 -18.71 40.88 -96.91
C THR C 3296 -19.06 39.54 -96.26
N HIS C 3297 -18.81 38.43 -96.98
CA HIS C 3297 -18.96 37.11 -96.39
C HIS C 3297 -17.93 36.88 -95.28
N ARG C 3298 -16.74 37.47 -95.42
CA ARG C 3298 -15.78 37.47 -94.34
C ARG C 3298 -16.19 38.44 -93.25
N ALA C 3299 -16.88 39.52 -93.63
CA ALA C 3299 -17.36 40.48 -92.63
C ALA C 3299 -18.61 39.97 -91.93
N CYS C 3300 -19.43 39.18 -92.60
CA CYS C 3300 -20.62 38.60 -91.96
C CYS C 3300 -20.23 37.59 -90.89
N ASN C 3301 -19.18 36.81 -91.15
CA ASN C 3301 -18.61 35.95 -90.12
C ASN C 3301 -17.94 36.80 -89.04
N MET C 3302 -17.41 37.95 -89.41
CA MET C 3302 -16.80 38.87 -88.44
C MET C 3302 -17.84 39.59 -87.60
N PHE C 3303 -18.91 40.07 -88.22
CA PHE C 3303 -19.90 40.89 -87.52
C PHE C 3303 -20.75 40.04 -86.58
N LEU C 3304 -21.10 38.82 -87.00
CA LEU C 3304 -22.08 38.04 -86.25
C LEU C 3304 -21.47 37.44 -84.99
N GLU C 3305 -20.16 37.17 -84.99
CA GLU C 3305 -19.54 36.72 -83.75
C GLU C 3305 -19.26 37.89 -82.82
N SER C 3306 -18.90 39.04 -83.39
CA SER C 3306 -18.72 40.27 -82.62
C SER C 3306 -20.03 40.99 -82.34
N TYR C 3307 -21.15 40.29 -82.46
CA TYR C 3307 -22.48 40.73 -82.08
C TYR C 3307 -22.76 40.51 -80.57
N LYS C 3308 -21.69 40.35 -79.78
CA LYS C 3308 -21.77 39.77 -78.45
C LYS C 3308 -22.53 40.64 -77.47
N ALA C 3309 -22.58 41.96 -77.69
CA ALA C 3309 -23.34 42.83 -76.81
C ALA C 3309 -24.84 42.64 -76.96
N ALA C 3310 -25.32 42.43 -78.19
CA ALA C 3310 -26.73 42.19 -78.44
C ALA C 3310 -27.07 40.71 -78.45
N TRP C 3311 -26.39 39.90 -77.66
CA TRP C 3311 -26.71 38.50 -77.50
C TRP C 3311 -27.78 38.33 -76.42
N ILE C 3312 -27.95 37.09 -75.97
CA ILE C 3312 -29.09 36.67 -75.14
C ILE C 3312 -28.84 36.92 -73.65
N LEU C 3313 -27.80 37.68 -73.32
CA LEU C 3313 -27.39 37.88 -71.94
C LEU C 3313 -28.34 38.79 -71.15
N THR C 3314 -29.59 38.35 -71.01
CA THR C 3314 -30.64 39.07 -70.31
C THR C 3314 -31.28 38.15 -69.28
N GLU C 3315 -32.02 38.74 -68.35
CA GLU C 3315 -32.77 38.01 -67.33
C GLU C 3315 -33.95 37.34 -68.03
N ASP C 3316 -33.86 36.02 -68.23
CA ASP C 3316 -34.88 35.35 -69.00
C ASP C 3316 -36.09 34.95 -68.15
N HIS C 3317 -35.86 34.05 -67.18
CA HIS C 3317 -36.80 33.54 -66.16
C HIS C 3317 -37.92 32.69 -66.75
N SER C 3318 -37.98 32.54 -68.08
CA SER C 3318 -39.10 31.87 -68.73
C SER C 3318 -39.04 30.36 -68.62
N PHE C 3319 -37.96 29.79 -68.08
CA PHE C 3319 -37.86 28.34 -67.92
C PHE C 3319 -37.24 27.96 -66.58
N GLU C 3320 -37.22 28.87 -65.61
CA GLU C 3320 -36.60 28.61 -64.32
C GLU C 3320 -37.64 28.34 -63.24
N ASP C 3321 -38.59 29.26 -63.07
CA ASP C 3321 -39.69 29.00 -62.16
C ASP C 3321 -40.78 28.18 -62.85
N ARG C 3322 -41.09 28.54 -64.09
CA ARG C 3322 -42.26 27.97 -64.78
C ARG C 3322 -42.05 26.48 -65.10
N MET C 3323 -40.83 26.11 -65.49
CA MET C 3323 -40.57 24.75 -65.93
C MET C 3323 -40.52 23.78 -64.75
N ILE C 3324 -40.26 24.29 -63.55
CA ILE C 3324 -40.31 23.45 -62.35
C ILE C 3324 -41.76 23.22 -61.92
N ASP C 3325 -42.62 24.23 -62.11
CA ASP C 3325 -43.97 24.18 -61.54
C ASP C 3325 -44.85 23.16 -62.26
N ASP C 3326 -44.91 23.24 -63.59
CA ASP C 3326 -45.80 22.39 -64.38
C ASP C 3326 -45.40 20.92 -64.33
N LEU C 3327 -44.13 20.61 -64.12
CA LEU C 3327 -43.70 19.22 -63.96
C LEU C 3327 -44.22 18.60 -62.68
N SER C 3328 -44.48 19.40 -61.66
CA SER C 3328 -45.06 18.92 -60.41
C SER C 3328 -46.56 19.14 -60.33
N LYS C 3329 -47.09 20.16 -61.00
CA LYS C 3329 -48.50 20.50 -60.84
C LYS C 3329 -49.40 19.59 -61.67
N ALA C 3330 -48.92 19.14 -62.83
CA ALA C 3330 -49.78 18.42 -63.76
C ALA C 3330 -50.13 17.03 -63.29
N GLY C 3331 -49.16 16.29 -62.74
CA GLY C 3331 -49.40 14.93 -62.29
C GLY C 3331 -50.27 14.83 -61.05
N GLU C 3332 -50.49 15.94 -60.35
CA GLU C 3332 -51.40 16.01 -59.22
C GLU C 3332 -52.82 16.35 -59.64
N GLN C 3333 -53.19 16.07 -60.88
CA GLN C 3333 -54.54 16.31 -61.36
C GLN C 3333 -55.53 15.35 -60.69
N GLU C 3334 -56.49 15.92 -59.96
CA GLU C 3334 -57.48 15.13 -59.23
C GLU C 3334 -58.47 14.42 -60.14
N GLU C 3335 -58.60 14.84 -61.40
CA GLU C 3335 -59.43 14.13 -62.35
C GLU C 3335 -58.85 12.79 -62.73
N GLU C 3336 -57.53 12.63 -62.62
CA GLU C 3336 -56.87 11.35 -62.86
C GLU C 3336 -56.79 10.57 -61.53
N GLU C 3337 -57.97 10.27 -61.00
CA GLU C 3337 -58.08 9.53 -59.74
C GLU C 3337 -59.44 8.84 -59.72
N GLU C 3338 -59.44 7.52 -59.91
CA GLU C 3338 -60.69 6.75 -59.89
C GLU C 3338 -60.37 5.40 -59.26
N GLU C 3339 -60.59 5.30 -57.95
CA GLU C 3339 -60.29 4.11 -57.14
C GLU C 3339 -58.83 3.69 -57.28
N VAL C 3340 -57.92 4.67 -57.29
CA VAL C 3340 -56.51 4.39 -57.46
C VAL C 3340 -55.93 3.77 -56.19
N GLU C 3341 -56.12 4.46 -55.06
CA GLU C 3341 -55.59 4.08 -53.73
C GLU C 3341 -54.07 3.91 -53.76
N GLU C 3342 -53.41 4.73 -54.57
CA GLU C 3342 -51.97 4.69 -54.75
C GLU C 3342 -51.54 6.07 -55.25
N LYS C 3343 -50.32 6.16 -55.74
CA LYS C 3343 -49.82 7.43 -56.26
C LYS C 3343 -48.79 7.13 -57.33
N LYS C 3344 -49.17 7.32 -58.59
CA LYS C 3344 -48.18 7.35 -59.64
C LYS C 3344 -47.33 8.61 -59.49
N PRO C 3345 -46.03 8.52 -59.78
CA PRO C 3345 -45.14 9.65 -59.50
C PRO C 3345 -45.40 10.85 -60.40
N ASP C 3346 -44.92 11.99 -59.93
CA ASP C 3346 -45.06 13.23 -60.68
C ASP C 3346 -44.19 13.19 -61.92
N PRO C 3347 -44.56 13.94 -62.96
CA PRO C 3347 -43.62 14.15 -64.09
C PRO C 3347 -42.31 14.79 -63.66
N LEU C 3348 -42.35 15.65 -62.63
CA LEU C 3348 -41.13 16.07 -61.98
C LEU C 3348 -40.44 14.90 -61.29
N HIS C 3349 -41.22 14.03 -60.63
CA HIS C 3349 -40.63 12.91 -59.91
C HIS C 3349 -40.14 11.84 -60.87
N GLN C 3350 -40.89 11.59 -61.95
CA GLN C 3350 -40.44 10.63 -62.95
C GLN C 3350 -39.21 11.13 -63.71
N LEU C 3351 -39.02 12.46 -63.75
CA LEU C 3351 -37.79 13.00 -64.30
C LEU C 3351 -36.60 12.70 -63.40
N VAL C 3352 -36.82 12.71 -62.09
CA VAL C 3352 -35.77 12.32 -61.15
C VAL C 3352 -35.44 10.85 -61.29
N LEU C 3353 -36.46 10.02 -61.51
CA LEU C 3353 -36.29 8.57 -61.61
C LEU C 3353 -35.43 8.19 -62.81
N HIS C 3354 -35.48 8.96 -63.89
CA HIS C 3354 -34.61 8.69 -65.02
C HIS C 3354 -33.17 9.02 -64.70
N PHE C 3355 -32.93 10.18 -64.07
CA PHE C 3355 -31.60 10.54 -63.64
C PHE C 3355 -31.11 9.63 -62.54
N SER C 3356 -32.03 9.11 -61.73
CA SER C 3356 -31.68 8.13 -60.71
C SER C 3356 -31.20 6.83 -61.34
N ARG C 3357 -32.03 6.27 -62.23
CA ARG C 3357 -31.78 4.93 -62.75
C ARG C 3357 -30.56 4.90 -63.66
N THR C 3358 -30.28 6.00 -64.36
CA THR C 3358 -29.12 6.05 -65.24
C THR C 3358 -27.80 6.13 -64.47
N ALA C 3359 -27.86 6.45 -63.18
CA ALA C 3359 -26.66 6.40 -62.35
C ALA C 3359 -26.38 5.00 -61.84
N LEU C 3360 -27.35 4.09 -61.92
CA LEU C 3360 -27.15 2.74 -61.41
C LEU C 3360 -26.24 1.91 -62.28
N THR C 3361 -26.11 2.26 -63.55
CA THR C 3361 -25.25 1.51 -64.46
C THR C 3361 -23.79 1.79 -64.13
N GLU C 3362 -23.08 0.78 -63.64
CA GLU C 3362 -21.67 0.98 -63.35
C GLU C 3362 -20.87 1.01 -64.65
N LYS C 3363 -19.71 1.65 -64.57
CA LYS C 3363 -18.88 1.92 -65.72
C LYS C 3363 -17.53 2.39 -65.21
N SER C 3364 -16.49 2.12 -65.98
CA SER C 3364 -15.17 2.68 -65.68
C SER C 3364 -15.16 4.19 -65.81
N LYS C 3365 -15.99 4.74 -66.69
CA LYS C 3365 -16.08 6.17 -66.94
C LYS C 3365 -17.51 6.62 -66.65
N LEU C 3366 -17.80 7.86 -67.06
CA LEU C 3366 -19.18 8.33 -67.06
C LEU C 3366 -19.37 9.24 -68.26
N ASP C 3367 -20.53 9.12 -68.89
CA ASP C 3367 -20.84 9.87 -70.09
C ASP C 3367 -21.00 11.36 -69.77
N GLU C 3368 -20.95 12.17 -70.84
CA GLU C 3368 -21.04 13.62 -70.67
C GLU C 3368 -22.44 14.02 -70.22
N ASP C 3369 -23.45 13.73 -71.04
CA ASP C 3369 -24.87 13.94 -70.77
C ASP C 3369 -25.15 15.41 -70.44
N TYR C 3370 -25.02 16.24 -71.50
CA TYR C 3370 -25.38 17.65 -71.42
C TYR C 3370 -26.84 17.86 -71.02
N LEU C 3371 -27.71 16.89 -71.33
CA LEU C 3371 -29.09 16.91 -70.86
C LEU C 3371 -29.16 16.93 -69.33
N TYR C 3372 -28.33 16.14 -68.66
CA TYR C 3372 -28.34 16.10 -67.20
C TYR C 3372 -27.89 17.42 -66.60
N MET C 3373 -26.86 18.03 -67.19
CA MET C 3373 -26.35 19.30 -66.70
C MET C 3373 -27.34 20.43 -66.93
N ALA C 3374 -28.18 20.29 -67.95
CA ALA C 3374 -29.20 21.28 -68.25
C ALA C 3374 -30.28 21.28 -67.18
N TYR C 3375 -30.80 20.09 -66.84
CA TYR C 3375 -31.83 20.00 -65.80
C TYR C 3375 -31.24 20.17 -64.41
N ALA C 3376 -29.92 20.01 -64.26
CA ALA C 3376 -29.30 20.32 -62.98
C ALA C 3376 -29.31 21.82 -62.72
N ASP C 3377 -29.16 22.63 -63.77
CA ASP C 3377 -29.08 24.06 -63.59
C ASP C 3377 -30.45 24.67 -63.34
N ILE C 3378 -31.50 24.12 -63.95
CA ILE C 3378 -32.85 24.67 -63.81
C ILE C 3378 -33.35 24.46 -62.39
N MET C 3379 -33.07 23.29 -61.81
CA MET C 3379 -33.42 23.04 -60.42
C MET C 3379 -32.59 23.90 -59.48
N ALA C 3380 -31.34 24.18 -59.84
CA ALA C 3380 -30.50 25.04 -58.99
C ALA C 3380 -30.98 26.48 -59.03
N LYS C 3381 -31.37 26.97 -60.21
CA LYS C 3381 -31.87 28.33 -60.32
C LYS C 3381 -33.26 28.48 -59.73
N SER C 3382 -34.05 27.40 -59.67
CA SER C 3382 -35.32 27.46 -58.97
C SER C 3382 -35.12 27.63 -57.47
N CYS C 3383 -34.07 27.04 -56.93
CA CYS C 3383 -33.67 27.33 -55.56
C CYS C 3383 -32.95 28.66 -55.45
N HIS C 3384 -32.15 29.03 -56.47
CA HIS C 3384 -31.49 30.33 -56.49
C HIS C 3384 -32.46 31.47 -56.74
N LEU C 3385 -33.66 31.18 -57.26
CA LEU C 3385 -34.73 32.18 -57.24
C LEU C 3385 -35.12 32.51 -55.80
N GLU C 3386 -35.09 31.51 -54.92
CA GLU C 3386 -35.27 31.75 -53.50
C GLU C 3386 -33.95 32.13 -52.83
N GLU C 3387 -32.84 31.51 -53.24
CA GLU C 3387 -31.57 31.76 -52.55
C GLU C 3387 -30.98 33.11 -52.93
N GLY C 3388 -30.85 33.38 -54.24
CA GLY C 3388 -30.30 34.65 -54.66
C GLY C 3388 -31.30 35.78 -54.50
N GLY C 3389 -30.80 37.00 -54.69
CA GLY C 3389 -31.60 38.20 -54.54
C GLY C 3389 -31.77 38.69 -53.12
N GLU C 3390 -31.70 37.80 -52.12
CA GLU C 3390 -31.83 38.19 -50.73
C GLU C 3390 -30.51 38.17 -49.97
N ASN C 3391 -29.43 37.74 -50.60
CA ASN C 3391 -28.13 37.66 -49.95
C ASN C 3391 -27.04 38.31 -50.81
N GLU C 3397 -27.82 52.08 -49.34
CA GLU C 3397 -26.98 50.90 -49.51
C GLU C 3397 -27.13 49.94 -48.35
N GLU C 3398 -27.53 50.47 -47.19
CA GLU C 3398 -27.72 49.67 -45.98
C GLU C 3398 -29.19 49.69 -45.60
N VAL C 3399 -29.86 48.56 -45.79
CA VAL C 3399 -31.27 48.40 -45.45
C VAL C 3399 -31.41 47.17 -44.55
N GLU C 3400 -32.14 47.33 -43.45
CA GLU C 3400 -32.30 46.29 -42.44
C GLU C 3400 -33.56 45.50 -42.74
N VAL C 3401 -33.43 44.17 -42.76
CA VAL C 3401 -34.59 43.32 -42.98
C VAL C 3401 -35.41 43.23 -41.71
N SER C 3402 -36.72 43.52 -41.84
CA SER C 3402 -37.61 43.38 -40.71
C SER C 3402 -37.81 41.90 -40.37
N PHE C 3403 -38.19 41.66 -39.10
CA PHE C 3403 -38.34 40.29 -38.63
C PHE C 3403 -39.53 39.59 -39.29
N GLU C 3404 -40.53 40.37 -39.72
CA GLU C 3404 -41.58 39.83 -40.57
C GLU C 3404 -41.02 39.40 -41.92
N GLU C 3405 -40.18 40.24 -42.52
CA GLU C 3405 -39.56 39.92 -43.80
C GLU C 3405 -38.50 38.83 -43.63
N LYS C 3406 -37.94 38.72 -42.42
CA LYS C 3406 -36.88 37.76 -42.15
C LYS C 3406 -37.40 36.33 -42.19
N GLU C 3407 -38.68 36.13 -41.91
CA GLU C 3407 -39.22 34.78 -41.87
C GLU C 3407 -39.84 34.40 -43.21
N MET C 3408 -40.29 35.39 -43.98
CA MET C 3408 -40.92 35.10 -45.28
C MET C 3408 -39.91 34.60 -46.29
N GLU C 3409 -38.66 35.06 -46.19
CA GLU C 3409 -37.63 34.58 -47.09
C GLU C 3409 -37.22 33.15 -46.74
N LYS C 3410 -37.36 32.77 -45.48
CA LYS C 3410 -37.11 31.39 -45.09
C LYS C 3410 -38.16 30.45 -45.68
N GLN C 3411 -39.40 30.94 -45.78
CA GLN C 3411 -40.50 30.12 -46.31
C GLN C 3411 -40.26 29.78 -47.78
N ARG C 3412 -39.64 30.70 -48.51
CA ARG C 3412 -39.22 30.42 -49.88
C ARG C 3412 -38.15 29.33 -49.90
N LEU C 3413 -37.30 29.29 -48.88
CA LEU C 3413 -36.30 28.23 -48.81
C LEU C 3413 -36.84 27.00 -48.09
N LEU C 3414 -37.98 27.12 -47.42
CA LEU C 3414 -38.69 25.92 -47.00
C LEU C 3414 -39.45 25.30 -48.16
N TYR C 3415 -40.03 26.15 -49.02
CA TYR C 3415 -40.85 25.65 -50.11
C TYR C 3415 -39.99 25.17 -51.26
N GLN C 3416 -38.68 25.45 -51.21
CA GLN C 3416 -37.83 25.09 -52.32
C GLN C 3416 -37.48 23.61 -52.32
N GLN C 3417 -37.76 22.92 -51.21
CA GLN C 3417 -37.65 21.47 -51.21
C GLN C 3417 -39.03 20.85 -51.43
N SER C 3418 -40.08 21.62 -51.20
CA SER C 3418 -41.42 21.22 -51.60
C SER C 3418 -41.55 21.16 -53.11
N ARG C 3419 -40.88 22.08 -53.82
CA ARG C 3419 -40.84 22.00 -55.28
C ARG C 3419 -39.73 21.06 -55.75
N LEU C 3420 -38.99 20.47 -54.81
CA LEU C 3420 -37.90 19.57 -55.19
C LEU C 3420 -38.19 18.10 -54.92
N HIS C 3421 -39.30 17.76 -54.26
CA HIS C 3421 -39.68 16.37 -53.93
C HIS C 3421 -38.56 15.64 -53.19
N THR C 3422 -38.30 16.12 -51.96
CA THR C 3422 -37.13 15.89 -51.11
C THR C 3422 -36.51 14.50 -51.16
N ARG C 3423 -37.36 13.46 -51.23
CA ARG C 3423 -36.85 12.09 -51.28
C ARG C 3423 -36.32 11.73 -52.66
N GLY C 3424 -36.80 12.40 -53.71
CA GLY C 3424 -36.19 12.20 -55.01
C GLY C 3424 -34.84 12.90 -55.12
N ALA C 3425 -34.75 14.11 -54.58
CA ALA C 3425 -33.61 14.97 -54.86
C ALA C 3425 -32.36 14.53 -54.11
N ALA C 3426 -32.51 14.14 -52.84
CA ALA C 3426 -31.37 13.97 -51.95
C ALA C 3426 -30.80 12.56 -51.96
N GLU C 3427 -30.95 11.83 -53.07
CA GLU C 3427 -30.32 10.52 -53.17
C GLU C 3427 -29.52 10.41 -54.47
N MET C 3428 -30.07 10.98 -55.54
CA MET C 3428 -29.42 10.95 -56.84
C MET C 3428 -28.15 11.79 -56.86
N VAL C 3429 -28.09 12.86 -56.07
CA VAL C 3429 -26.84 13.61 -55.91
C VAL C 3429 -25.79 12.84 -55.13
N LEU C 3430 -26.21 11.85 -54.33
CA LEU C 3430 -25.28 11.05 -53.54
C LEU C 3430 -24.65 9.95 -54.36
N GLN C 3431 -25.45 9.23 -55.16
CA GLN C 3431 -24.89 8.25 -56.07
C GLN C 3431 -24.11 8.89 -57.20
N MET C 3432 -24.33 10.18 -57.47
CA MET C 3432 -23.48 10.91 -58.38
C MET C 3432 -22.08 11.08 -57.79
N ILE C 3433 -21.99 11.20 -56.47
CA ILE C 3433 -20.68 11.18 -55.84
C ILE C 3433 -20.16 9.75 -55.76
N SER C 3434 -21.06 8.79 -55.58
CA SER C 3434 -20.71 7.38 -55.66
C SER C 3434 -20.51 6.91 -57.10
N ALA C 3435 -20.77 7.78 -58.08
CA ALA C 3435 -20.36 7.62 -59.47
C ALA C 3435 -18.89 7.98 -59.62
N CYS C 3436 -18.51 8.38 -60.85
CA CYS C 3436 -17.14 8.73 -61.21
C CYS C 3436 -16.48 9.67 -60.20
N LYS C 3437 -15.20 9.43 -59.97
CA LYS C 3437 -14.57 9.77 -58.70
C LYS C 3437 -13.23 10.47 -58.83
N GLY C 3438 -12.48 10.28 -59.90
CA GLY C 3438 -11.14 10.82 -59.96
C GLY C 3438 -11.08 12.20 -60.58
N GLU C 3439 -11.94 12.44 -61.56
CA GLU C 3439 -11.84 13.67 -62.33
C GLU C 3439 -12.76 14.74 -61.76
N THR C 3440 -12.42 15.98 -62.10
CA THR C 3440 -13.27 17.13 -61.80
C THR C 3440 -14.27 17.32 -62.92
N GLY C 3441 -15.20 16.37 -63.01
CA GLY C 3441 -16.22 16.41 -64.03
C GLY C 3441 -17.20 17.54 -63.82
N ALA C 3442 -17.63 18.10 -64.95
CA ALA C 3442 -18.63 19.17 -64.91
C ALA C 3442 -19.98 18.69 -64.40
N MET C 3443 -20.32 17.43 -64.66
CA MET C 3443 -21.49 16.83 -64.04
C MET C 3443 -21.35 16.78 -62.53
N VAL C 3444 -20.17 16.37 -62.05
CA VAL C 3444 -19.87 16.42 -60.63
C VAL C 3444 -19.85 17.86 -60.15
N SER C 3445 -19.30 18.77 -60.96
CA SER C 3445 -19.28 20.17 -60.60
C SER C 3445 -20.69 20.77 -60.56
N SER C 3446 -21.57 20.33 -61.46
CA SER C 3446 -22.94 20.79 -61.42
C SER C 3446 -23.71 20.17 -60.26
N THR C 3447 -23.32 18.98 -59.84
CA THR C 3447 -24.06 18.26 -58.79
C THR C 3447 -23.84 18.91 -57.43
N LEU C 3448 -22.60 19.31 -57.14
CA LEU C 3448 -22.30 20.00 -55.89
C LEU C 3448 -22.99 21.36 -55.82
N LYS C 3449 -23.06 22.08 -56.93
CA LYS C 3449 -23.77 23.35 -56.95
C LYS C 3449 -25.25 23.16 -56.75
N LEU C 3450 -25.81 22.07 -57.28
CA LEU C 3450 -27.20 21.72 -56.98
C LEU C 3450 -27.32 21.21 -55.55
N GLY C 3451 -26.27 20.57 -55.03
CA GLY C 3451 -26.32 20.04 -53.68
C GLY C 3451 -26.33 21.11 -52.61
N ILE C 3452 -25.66 22.24 -52.85
CA ILE C 3452 -25.72 23.34 -51.91
C ILE C 3452 -27.11 23.98 -51.94
N SER C 3453 -27.78 23.90 -53.08
CA SER C 3453 -29.14 24.40 -53.18
C SER C 3453 -30.15 23.52 -52.45
N ILE C 3454 -29.75 22.33 -52.00
CA ILE C 3454 -30.64 21.50 -51.20
C ILE C 3454 -30.69 22.01 -49.77
N LEU C 3455 -29.55 21.95 -49.10
CA LEU C 3455 -29.40 22.27 -47.69
C LEU C 3455 -28.72 23.62 -47.48
N ASN C 3456 -29.11 24.58 -48.33
CA ASN C 3456 -28.66 25.97 -48.16
C ASN C 3456 -29.11 26.52 -46.81
N GLY C 3457 -30.42 26.60 -46.60
CA GLY C 3457 -30.94 27.06 -45.33
C GLY C 3457 -31.15 25.97 -44.31
N GLY C 3458 -30.07 25.39 -43.79
CA GLY C 3458 -30.20 24.38 -42.76
C GLY C 3458 -30.59 23.04 -43.32
N ASN C 3459 -31.88 22.71 -43.19
CA ASN C 3459 -32.53 21.58 -43.86
C ASN C 3459 -31.92 20.24 -43.42
N ALA C 3460 -31.97 20.00 -42.12
CA ALA C 3460 -31.43 18.76 -41.58
C ALA C 3460 -32.33 17.56 -41.87
N GLU C 3461 -33.59 17.80 -42.26
CA GLU C 3461 -34.48 16.68 -42.55
C GLU C 3461 -34.08 16.00 -43.85
N VAL C 3462 -33.69 16.78 -44.85
CA VAL C 3462 -33.16 16.14 -46.05
C VAL C 3462 -31.73 15.67 -45.81
N GLN C 3463 -31.04 16.25 -44.83
CA GLN C 3463 -29.78 15.66 -44.36
C GLN C 3463 -30.04 14.33 -43.66
N GLN C 3464 -31.15 14.25 -42.93
CA GLN C 3464 -31.55 12.99 -42.29
C GLN C 3464 -31.81 11.91 -43.33
N LYS C 3465 -32.52 12.26 -44.39
CA LYS C 3465 -32.70 11.35 -45.52
C LYS C 3465 -31.38 11.07 -46.22
N MET C 3466 -30.50 12.08 -46.26
CA MET C 3466 -29.17 11.89 -46.82
C MET C 3466 -28.34 10.95 -45.98
N LEU C 3467 -28.37 11.13 -44.66
CA LEU C 3467 -27.61 10.28 -43.77
C LEU C 3467 -28.17 8.86 -43.71
N ASP C 3468 -29.50 8.73 -43.73
CA ASP C 3468 -30.11 7.41 -43.64
C ASP C 3468 -29.84 6.60 -44.89
N TYR C 3469 -29.87 7.24 -46.06
CA TYR C 3469 -29.56 6.56 -47.32
C TYR C 3469 -28.14 6.02 -47.33
N LEU C 3470 -27.20 6.75 -46.76
CA LEU C 3470 -25.85 6.24 -46.58
C LEU C 3470 -25.82 5.12 -45.56
N LYS C 3471 -26.44 5.35 -44.40
CA LYS C 3471 -26.38 4.38 -43.31
C LYS C 3471 -27.22 3.14 -43.54
N ASP C 3472 -28.09 3.14 -44.54
CA ASP C 3472 -28.83 1.93 -44.84
C ASP C 3472 -28.14 1.09 -45.90
N LYS C 3473 -27.79 1.71 -47.03
CA LYS C 3473 -27.20 0.95 -48.13
C LYS C 3473 -25.75 0.58 -47.83
N LYS C 3474 -25.06 1.40 -47.02
CA LYS C 3474 -23.76 1.08 -46.41
C LYS C 3474 -22.68 0.80 -47.45
N GLU C 3475 -22.33 1.83 -48.20
CA GLU C 3475 -21.38 1.69 -49.28
C GLU C 3475 -20.18 2.62 -49.10
N VAL C 3476 -19.00 2.07 -49.35
CA VAL C 3476 -17.81 2.87 -49.61
C VAL C 3476 -17.86 3.25 -51.08
N GLY C 3477 -16.96 4.13 -51.50
CA GLY C 3477 -17.02 4.69 -52.83
C GLY C 3477 -17.69 6.04 -52.86
N PHE C 3478 -18.44 6.38 -51.81
CA PHE C 3478 -18.97 7.72 -51.69
C PHE C 3478 -17.88 8.68 -51.23
N PHE C 3479 -17.17 8.33 -50.16
CA PHE C 3479 -16.25 9.25 -49.51
C PHE C 3479 -14.83 9.10 -50.01
N GLN C 3480 -14.43 7.90 -50.42
CA GLN C 3480 -13.13 7.77 -51.05
C GLN C 3480 -13.12 8.38 -52.44
N SER C 3481 -14.30 8.54 -53.05
CA SER C 3481 -14.46 9.47 -54.15
C SER C 3481 -14.11 10.88 -53.74
N ILE C 3482 -14.49 11.30 -52.53
CA ILE C 3482 -14.34 12.68 -52.12
C ILE C 3482 -12.88 13.02 -51.87
N GLN C 3483 -12.15 12.11 -51.21
CA GLN C 3483 -10.73 12.34 -51.02
C GLN C 3483 -9.96 12.19 -52.32
N ALA C 3484 -10.51 11.46 -53.29
CA ALA C 3484 -9.97 11.52 -54.64
C ALA C 3484 -10.24 12.89 -55.25
N LEU C 3485 -11.43 13.43 -55.00
CA LEU C 3485 -11.72 14.80 -55.44
C LEU C 3485 -10.94 15.80 -54.62
N MET C 3486 -10.73 15.54 -53.33
CA MET C 3486 -9.98 16.46 -52.49
C MET C 3486 -8.52 16.56 -52.90
N GLN C 3487 -7.89 15.41 -53.14
CA GLN C 3487 -6.50 15.43 -53.58
C GLN C 3487 -6.36 15.94 -55.00
N THR C 3488 -7.44 15.91 -55.79
CA THR C 3488 -7.45 16.54 -57.11
C THR C 3488 -7.99 17.95 -56.96
N CYS C 3489 -7.19 18.77 -56.30
CA CYS C 3489 -7.47 20.20 -56.15
C CYS C 3489 -6.15 20.93 -56.28
N SER C 3490 -6.20 22.11 -56.89
CA SER C 3490 -4.98 22.83 -57.19
C SER C 3490 -4.74 23.95 -56.18
N VAL C 3491 -3.52 24.49 -56.23
CA VAL C 3491 -3.04 25.54 -55.34
C VAL C 3491 -2.43 26.63 -56.20
N LEU C 3492 -1.83 27.62 -55.55
CA LEU C 3492 -1.06 28.64 -56.27
C LEU C 3492 0.20 28.02 -56.84
N ASP C 3493 0.54 28.39 -58.07
CA ASP C 3493 1.75 27.95 -58.75
C ASP C 3493 2.59 29.17 -59.09
N LEU C 3494 3.74 29.31 -58.43
CA LEU C 3494 4.66 30.38 -58.77
C LEU C 3494 5.28 30.14 -60.14
N ASN C 3495 5.50 28.87 -60.48
CA ASN C 3495 6.11 28.54 -61.76
C ASN C 3495 5.20 28.87 -62.93
N ALA C 3496 3.92 28.53 -62.82
CA ALA C 3496 2.95 28.98 -63.82
C ALA C 3496 2.73 30.48 -63.74
N PHE C 3497 2.96 31.09 -62.58
CA PHE C 3497 2.86 32.54 -62.48
C PHE C 3497 3.97 33.22 -63.25
N GLU C 3498 5.18 32.65 -63.24
CA GLU C 3498 6.31 33.22 -63.98
C GLU C 3498 6.07 33.15 -65.48
N ARG C 3499 5.34 32.14 -65.93
CA ARG C 3499 5.12 31.96 -67.35
C ARG C 3499 4.16 33.00 -67.91
N GLN C 3500 2.99 33.15 -67.30
CA GLN C 3500 2.05 34.16 -67.76
C GLN C 3500 2.44 35.56 -67.32
N ASN C 3501 3.45 35.70 -66.46
CA ASN C 3501 4.07 37.00 -66.25
C ASN C 3501 4.72 37.48 -67.54
N LYS C 3502 5.40 36.57 -68.25
CA LYS C 3502 5.99 36.90 -69.53
C LYS C 3502 4.97 36.86 -70.67
N ALA C 3503 3.95 36.01 -70.57
CA ALA C 3503 2.92 36.00 -71.61
C ALA C 3503 2.03 37.22 -71.54
N GLU C 3504 1.84 37.79 -70.35
CA GLU C 3504 1.24 39.12 -70.26
C GLU C 3504 2.20 40.18 -70.77
N GLY C 3505 3.50 39.96 -70.62
CA GLY C 3505 4.48 40.82 -71.25
C GLY C 3505 4.60 40.61 -72.75
N LEU C 3506 4.17 39.44 -73.24
CA LEU C 3506 4.09 39.17 -74.68
C LEU C 3506 2.67 39.34 -75.21
N GLY C 3507 1.92 40.30 -74.65
CA GLY C 3507 0.61 40.66 -75.14
C GLY C 3507 0.60 41.56 -76.34
N MET C 3508 1.76 41.80 -76.96
CA MET C 3508 1.89 42.66 -78.11
C MET C 3508 1.81 41.89 -79.42
N VAL C 3509 1.01 40.82 -79.47
CA VAL C 3509 0.85 39.99 -80.65
C VAL C 3509 0.09 40.75 -81.74
N ASN C 3510 0.04 40.17 -82.93
CA ASN C 3510 -0.43 40.88 -84.12
C ASN C 3510 -1.95 41.01 -84.12
N GLU C 3511 -2.48 41.43 -85.28
CA GLU C 3511 -3.89 41.76 -85.42
C GLU C 3511 -4.77 40.54 -85.25
N ASP C 3512 -5.78 40.67 -84.37
CA ASP C 3512 -6.69 39.61 -83.93
C ASP C 3512 -5.96 38.41 -83.35
N GLY C 3513 -4.83 38.64 -82.67
CA GLY C 3513 -4.10 37.56 -82.05
C GLY C 3513 -3.52 37.93 -80.70
N THR C 3514 -3.77 39.15 -80.24
CA THR C 3514 -3.27 39.63 -78.96
C THR C 3514 -4.27 39.45 -77.82
N VAL C 3515 -5.32 38.66 -78.03
CA VAL C 3515 -6.32 38.42 -77.00
C VAL C 3515 -6.49 36.93 -76.79
N ILE C 3516 -5.45 36.15 -77.10
CA ILE C 3516 -5.52 34.71 -76.88
C ILE C 3516 -5.18 34.37 -75.43
N ASN C 3517 -4.36 35.19 -74.79
CA ASN C 3517 -4.02 35.01 -73.38
C ASN C 3517 -4.30 36.30 -72.62
N ARG C 3518 -5.48 36.87 -72.82
CA ARG C 3518 -5.84 38.12 -72.16
C ARG C 3518 -6.08 37.90 -70.67
N GLN C 3519 -6.78 36.83 -70.31
CA GLN C 3519 -7.03 36.51 -68.92
C GLN C 3519 -6.11 35.40 -68.41
N ASN C 3520 -6.16 34.23 -69.05
CA ASN C 3520 -5.44 33.00 -68.63
C ASN C 3520 -5.71 32.65 -67.17
N GLY C 3521 -6.97 32.83 -66.75
CA GLY C 3521 -7.35 32.60 -65.37
C GLY C 3521 -7.41 31.13 -64.98
N GLU C 3522 -7.44 30.23 -65.96
CA GLU C 3522 -7.45 28.79 -65.72
C GLU C 3522 -6.06 28.19 -65.63
N LYS C 3523 -5.06 28.99 -65.25
CA LYS C 3523 -3.68 28.56 -65.27
C LYS C 3523 -3.10 28.32 -63.89
N VAL C 3524 -3.20 29.30 -62.98
CA VAL C 3524 -2.58 29.16 -61.67
C VAL C 3524 -3.49 28.42 -60.70
N MET C 3525 -4.66 28.99 -60.42
CA MET C 3525 -5.58 28.32 -59.50
C MET C 3525 -6.50 27.36 -60.23
N ALA C 3526 -7.36 27.90 -61.11
CA ALA C 3526 -8.34 27.14 -61.91
C ALA C 3526 -9.24 26.25 -61.05
N ASP C 3527 -9.51 26.69 -59.83
CA ASP C 3527 -10.23 25.85 -58.88
C ASP C 3527 -11.22 26.65 -58.05
N ASP C 3528 -11.39 27.94 -58.35
CA ASP C 3528 -12.15 28.85 -57.49
C ASP C 3528 -13.63 28.49 -57.43
N GLU C 3529 -14.23 28.21 -58.58
CA GLU C 3529 -15.62 27.78 -58.61
C GLU C 3529 -15.79 26.30 -58.28
N PHE C 3530 -14.72 25.60 -57.93
CA PHE C 3530 -14.83 24.20 -57.57
C PHE C 3530 -14.44 23.92 -56.14
N THR C 3531 -13.22 24.27 -55.73
CA THR C 3531 -12.79 23.85 -54.39
C THR C 3531 -13.39 24.73 -53.30
N GLN C 3532 -13.75 25.97 -53.63
CA GLN C 3532 -14.54 26.75 -52.69
C GLN C 3532 -15.99 26.28 -52.71
N ASP C 3533 -16.45 25.82 -53.87
CA ASP C 3533 -17.76 25.17 -53.96
C ASP C 3533 -17.75 23.81 -53.28
N LEU C 3534 -16.58 23.18 -53.20
CA LEU C 3534 -16.45 21.85 -52.59
C LEU C 3534 -16.80 21.89 -51.11
N PHE C 3535 -16.03 22.61 -50.33
CA PHE C 3535 -16.20 22.62 -48.88
C PHE C 3535 -17.40 23.43 -48.44
N ARG C 3536 -17.93 24.30 -49.31
CA ARG C 3536 -19.19 24.97 -49.02
C ARG C 3536 -20.33 23.98 -48.92
N PHE C 3537 -20.34 22.99 -49.82
CA PHE C 3537 -21.21 21.84 -49.64
C PHE C 3537 -20.87 21.11 -48.35
N LEU C 3538 -19.58 20.89 -48.10
CA LEU C 3538 -19.16 20.04 -46.99
C LEU C 3538 -19.36 20.71 -45.65
N GLN C 3539 -19.39 22.05 -45.62
CA GLN C 3539 -19.66 22.74 -44.36
C GLN C 3539 -21.14 22.66 -44.01
N LEU C 3540 -22.00 22.90 -45.00
CA LEU C 3540 -23.43 22.97 -44.73
C LEU C 3540 -24.06 21.60 -44.50
N LEU C 3541 -23.30 20.51 -44.73
CA LEU C 3541 -23.75 19.18 -44.36
C LEU C 3541 -23.93 19.05 -42.86
N CYS C 3542 -23.00 19.58 -42.07
CA CYS C 3542 -23.04 19.51 -40.62
C CYS C 3542 -23.16 20.89 -40.01
N GLU C 3543 -23.89 21.78 -40.68
CA GLU C 3543 -24.09 23.13 -40.14
C GLU C 3543 -24.98 23.10 -38.90
N GLY C 3544 -26.14 22.45 -39.00
CA GLY C 3544 -26.83 22.02 -37.81
C GLY C 3544 -25.96 21.04 -37.05
N HIS C 3545 -25.98 21.15 -35.72
CA HIS C 3545 -25.11 20.34 -34.89
C HIS C 3545 -25.64 18.91 -34.87
N ASN C 3546 -25.28 18.13 -35.90
CA ASN C 3546 -25.91 16.84 -36.13
C ASN C 3546 -25.40 15.82 -35.12
N ASN C 3547 -24.09 15.84 -34.86
CA ASN C 3547 -23.39 15.19 -33.74
C ASN C 3547 -23.29 13.68 -33.91
N ASP C 3548 -23.95 13.13 -34.91
CA ASP C 3548 -23.78 11.75 -35.30
C ASP C 3548 -23.32 11.61 -36.74
N PHE C 3549 -23.88 12.42 -37.63
CA PHE C 3549 -23.29 12.69 -38.92
C PHE C 3549 -21.94 13.37 -38.76
N GLN C 3550 -21.78 14.20 -37.72
CA GLN C 3550 -20.48 14.74 -37.38
C GLN C 3550 -19.55 13.63 -36.89
N ASN C 3551 -20.09 12.64 -36.17
CA ASN C 3551 -19.33 11.43 -35.92
C ASN C 3551 -19.11 10.65 -37.22
N TYR C 3552 -20.05 10.76 -38.16
CA TYR C 3552 -19.98 9.93 -39.35
C TYR C 3552 -18.97 10.48 -40.35
N LEU C 3553 -18.56 11.74 -40.21
CA LEU C 3553 -17.38 12.19 -40.93
C LEU C 3553 -16.10 11.76 -40.25
N ARG C 3554 -16.16 11.27 -39.02
CA ARG C 3554 -14.96 10.75 -38.39
C ARG C 3554 -14.83 9.25 -38.62
N THR C 3555 -15.94 8.56 -38.82
CA THR C 3555 -15.88 7.12 -39.01
C THR C 3555 -17.07 6.63 -39.82
N GLN C 3556 -16.87 5.48 -40.46
CA GLN C 3556 -17.92 4.71 -41.10
C GLN C 3556 -17.75 3.30 -40.56
N THR C 3557 -18.34 3.03 -39.40
CA THR C 3557 -18.22 1.73 -38.79
C THR C 3557 -19.20 0.71 -39.36
N GLY C 3558 -20.22 1.15 -40.09
CA GLY C 3558 -21.02 0.22 -40.85
C GLY C 3558 -20.31 -0.35 -42.05
N ASN C 3559 -19.32 0.37 -42.57
CA ASN C 3559 -18.47 -0.09 -43.63
C ASN C 3559 -17.23 -0.75 -43.05
N THR C 3560 -16.58 -1.58 -43.87
CA THR C 3560 -15.36 -2.24 -43.44
C THR C 3560 -14.16 -1.31 -43.42
N THR C 3561 -14.25 -0.12 -44.02
CA THR C 3561 -13.16 0.83 -44.01
C THR C 3561 -13.66 2.17 -43.50
N THR C 3562 -12.71 3.00 -43.07
CA THR C 3562 -12.98 4.28 -42.45
C THR C 3562 -12.22 5.36 -43.21
N ILE C 3563 -12.90 6.45 -43.54
CA ILE C 3563 -12.32 7.48 -44.38
C ILE C 3563 -11.75 8.61 -43.52
N ASN C 3564 -12.63 9.23 -42.71
CA ASN C 3564 -12.32 10.36 -41.82
C ASN C 3564 -11.72 11.53 -42.62
N ILE C 3565 -12.62 12.14 -43.39
CA ILE C 3565 -12.36 13.30 -44.25
C ILE C 3565 -11.60 14.39 -43.52
N ILE C 3566 -11.95 14.62 -42.24
CA ILE C 3566 -11.48 15.76 -41.48
C ILE C 3566 -9.96 15.72 -41.28
N ILE C 3567 -9.40 14.51 -41.26
CA ILE C 3567 -7.94 14.36 -41.19
C ILE C 3567 -7.28 14.95 -42.43
N CYS C 3568 -7.65 14.45 -43.60
CA CYS C 3568 -7.05 14.94 -44.83
C CYS C 3568 -7.60 16.31 -45.25
N THR C 3569 -8.68 16.77 -44.62
CA THR C 3569 -9.12 18.14 -44.83
C THR C 3569 -8.08 19.13 -44.32
N VAL C 3570 -7.41 18.77 -43.22
CA VAL C 3570 -6.26 19.53 -42.74
C VAL C 3570 -5.12 19.45 -43.74
N ASP C 3571 -4.97 18.30 -44.40
CA ASP C 3571 -3.81 18.06 -45.26
C ASP C 3571 -3.86 18.92 -46.51
N TYR C 3572 -5.04 19.10 -47.11
CA TYR C 3572 -5.12 20.00 -48.26
C TYR C 3572 -4.93 21.44 -47.83
N LEU C 3573 -5.45 21.81 -46.66
CA LEU C 3573 -5.12 23.12 -46.10
C LEU C 3573 -3.63 23.23 -45.82
N LEU C 3574 -3.02 22.15 -45.34
CA LEU C 3574 -1.57 22.10 -45.23
C LEU C 3574 -0.89 22.22 -46.58
N ARG C 3575 -1.45 21.57 -47.62
CA ARG C 3575 -0.91 21.74 -48.96
C ARG C 3575 -1.18 23.13 -49.51
N LEU C 3576 -2.31 23.75 -49.14
CA LEU C 3576 -2.60 25.08 -49.64
C LEU C 3576 -1.76 26.13 -48.95
N GLN C 3577 -1.57 25.97 -47.63
CA GLN C 3577 -0.83 26.96 -46.83
C GLN C 3577 0.61 27.08 -47.27
N GLU C 3578 1.26 25.95 -47.54
CA GLU C 3578 2.65 25.98 -47.95
C GLU C 3578 2.80 26.60 -49.34
N SER C 3579 1.77 26.44 -50.18
CA SER C 3579 1.74 27.19 -51.43
C SER C 3579 1.50 28.67 -51.18
N ILE C 3580 0.70 29.00 -50.17
CA ILE C 3580 0.51 30.39 -49.78
C ILE C 3580 1.77 30.91 -49.07
N SER C 3581 2.45 30.05 -48.33
CA SER C 3581 3.65 30.45 -47.59
C SER C 3581 4.77 30.86 -48.53
N ASP C 3582 5.00 30.09 -49.58
CA ASP C 3582 6.08 30.40 -50.49
C ASP C 3582 5.68 31.46 -51.51
N PHE C 3583 4.41 31.86 -51.54
CA PHE C 3583 4.00 32.98 -52.36
C PHE C 3583 4.62 34.28 -51.86
N TYR C 3584 4.81 34.39 -50.55
CA TYR C 3584 5.40 35.61 -50.00
C TYR C 3584 6.88 35.71 -50.33
N TRP C 3585 7.56 34.59 -50.50
CA TRP C 3585 9.00 34.62 -50.66
C TRP C 3585 9.43 35.16 -52.01
N TYR C 3586 8.58 35.00 -53.03
CA TYR C 3586 8.83 35.69 -54.29
C TYR C 3586 8.62 37.19 -54.15
N TYR C 3587 7.78 37.60 -53.20
CA TYR C 3587 7.51 39.01 -52.96
C TYR C 3587 8.22 39.54 -51.73
N SER C 3588 9.09 38.73 -51.11
CA SER C 3588 9.89 39.22 -49.98
C SER C 3588 10.87 40.31 -50.40
N GLY C 3589 11.27 40.35 -51.66
CA GLY C 3589 12.17 41.38 -52.12
C GLY C 3589 11.51 42.73 -52.32
N LYS C 3590 10.62 42.84 -53.30
CA LYS C 3590 10.03 44.13 -53.64
C LYS C 3590 8.87 44.44 -52.72
N ASP C 3591 8.52 45.72 -52.65
CA ASP C 3591 7.53 46.24 -51.73
C ASP C 3591 6.12 46.26 -52.32
N VAL C 3592 5.99 46.49 -53.61
CA VAL C 3592 4.69 46.56 -54.26
C VAL C 3592 4.36 45.18 -54.83
N ILE C 3593 3.09 44.80 -54.74
CA ILE C 3593 2.59 43.59 -55.36
C ILE C 3593 1.91 44.02 -56.65
N GLU C 3594 2.02 43.21 -57.70
CA GLU C 3594 1.31 43.50 -58.93
C GLU C 3594 -0.18 43.28 -58.74
N GLU C 3595 -0.96 43.87 -59.66
CA GLU C 3595 -2.38 43.55 -59.75
C GLU C 3595 -2.59 42.08 -60.09
N GLN C 3596 -1.71 41.52 -60.92
CA GLN C 3596 -1.76 40.09 -61.20
C GLN C 3596 -1.40 39.28 -59.96
N GLY C 3597 -0.50 39.81 -59.13
CA GLY C 3597 -0.19 39.15 -57.88
C GLY C 3597 -1.32 39.21 -56.88
N LYS C 3598 -1.98 40.37 -56.77
CA LYS C 3598 -3.03 40.54 -55.77
C LYS C 3598 -4.32 39.84 -56.18
N ARG C 3599 -4.62 39.80 -57.47
CA ARG C 3599 -5.85 39.16 -57.93
C ARG C 3599 -5.80 37.65 -57.75
N ASN C 3600 -4.65 37.04 -58.03
CA ASN C 3600 -4.49 35.61 -57.86
C ASN C 3600 -4.41 35.19 -56.40
N PHE C 3601 -3.84 36.03 -55.54
CA PHE C 3601 -3.68 35.72 -54.13
C PHE C 3601 -4.93 35.98 -53.32
N SER C 3602 -5.80 36.89 -53.77
CA SER C 3602 -7.10 37.07 -53.14
C SER C 3602 -8.00 35.86 -53.31
N LYS C 3603 -7.75 35.03 -54.33
CA LYS C 3603 -8.58 33.85 -54.57
C LYS C 3603 -8.40 32.82 -53.46
N ALA C 3604 -7.17 32.33 -53.28
CA ALA C 3604 -6.89 31.27 -52.32
C ALA C 3604 -7.12 31.70 -50.87
N MET C 3605 -6.94 32.98 -50.58
CA MET C 3605 -7.32 33.49 -49.27
C MET C 3605 -8.82 33.39 -49.05
N SER C 3606 -9.61 33.72 -50.07
CA SER C 3606 -11.06 33.55 -49.99
C SER C 3606 -11.45 32.08 -50.00
N VAL C 3607 -10.66 31.23 -50.64
CA VAL C 3607 -10.93 29.81 -50.66
C VAL C 3607 -10.72 29.19 -49.27
N ALA C 3608 -9.60 29.56 -48.62
CA ALA C 3608 -9.28 29.03 -47.30
C ALA C 3608 -10.28 29.48 -46.24
N LYS C 3609 -10.99 30.58 -46.48
CA LYS C 3609 -12.05 31.00 -45.58
C LYS C 3609 -13.16 29.97 -45.51
N GLN C 3610 -13.48 29.34 -46.64
CA GLN C 3610 -14.39 28.21 -46.62
C GLN C 3610 -13.77 27.02 -45.90
N VAL C 3611 -12.46 26.86 -46.01
CA VAL C 3611 -11.78 25.72 -45.41
C VAL C 3611 -11.77 25.82 -43.89
N PHE C 3612 -11.50 27.02 -43.35
CA PHE C 3612 -11.57 27.21 -41.91
C PHE C 3612 -13.00 27.04 -41.40
N ASN C 3613 -13.97 27.61 -42.12
CA ASN C 3613 -15.35 27.58 -41.66
C ASN C 3613 -15.94 26.18 -41.77
N SER C 3614 -15.48 25.37 -42.72
CA SER C 3614 -15.90 23.99 -42.74
C SER C 3614 -15.32 23.22 -41.57
N LEU C 3615 -14.11 23.58 -41.14
CA LEU C 3615 -13.50 22.92 -40.00
C LEU C 3615 -14.10 23.40 -38.67
N THR C 3616 -14.79 24.55 -38.68
CA THR C 3616 -15.51 24.98 -37.49
C THR C 3616 -16.66 24.04 -37.19
N GLU C 3617 -17.48 23.74 -38.19
CA GLU C 3617 -18.68 22.94 -37.99
C GLU C 3617 -18.38 21.48 -37.69
N TYR C 3618 -17.13 21.04 -37.81
CA TYR C 3618 -16.80 19.67 -37.48
C TYR C 3618 -16.68 19.47 -35.98
N ILE C 3619 -16.51 20.56 -35.24
CA ILE C 3619 -16.31 20.48 -33.80
C ILE C 3619 -17.33 21.29 -33.00
N GLN C 3620 -18.03 22.25 -33.59
CA GLN C 3620 -19.07 22.98 -32.86
C GLN C 3620 -20.24 22.07 -32.52
N GLY C 3621 -20.86 22.32 -31.38
CA GLY C 3621 -21.84 21.41 -30.84
C GLY C 3621 -21.09 20.17 -30.42
N PRO C 3622 -20.37 20.27 -29.28
CA PRO C 3622 -19.00 19.73 -29.21
C PRO C 3622 -18.88 18.24 -29.41
N CYS C 3623 -18.30 17.91 -30.56
CA CYS C 3623 -18.07 16.55 -30.98
C CYS C 3623 -16.63 16.26 -30.58
N THR C 3624 -16.48 15.72 -29.37
CA THR C 3624 -15.17 15.62 -28.73
C THR C 3624 -14.26 14.66 -29.48
N GLY C 3625 -14.84 13.65 -30.12
CA GLY C 3625 -14.04 12.77 -30.95
C GLY C 3625 -13.41 13.49 -32.13
N ASN C 3626 -14.15 14.45 -32.70
CA ASN C 3626 -13.53 15.32 -33.69
C ASN C 3626 -12.55 16.27 -33.02
N GLN C 3627 -12.86 16.70 -31.80
CA GLN C 3627 -11.97 17.60 -31.08
C GLN C 3627 -10.69 16.90 -30.65
N GLN C 3628 -10.80 15.66 -30.16
CA GLN C 3628 -9.61 14.92 -29.77
C GLN C 3628 -8.80 14.48 -30.99
N SER C 3629 -9.44 14.38 -32.16
CA SER C 3629 -8.70 14.01 -33.35
C SER C 3629 -7.77 15.13 -33.80
N LEU C 3630 -8.19 16.39 -33.63
CA LEU C 3630 -7.34 17.51 -33.96
C LEU C 3630 -6.19 17.68 -32.97
N ALA C 3631 -6.33 17.13 -31.77
CA ALA C 3631 -5.27 17.24 -30.77
C ALA C 3631 -4.05 16.41 -31.15
N HIS C 3632 -4.25 15.35 -31.92
CA HIS C 3632 -3.13 14.52 -32.33
C HIS C 3632 -2.81 14.64 -33.81
N SER C 3633 -3.61 15.40 -34.56
CA SER C 3633 -3.25 15.71 -35.93
C SER C 3633 -2.10 16.71 -35.95
N ARG C 3634 -1.48 16.87 -37.12
CA ARG C 3634 -0.47 17.92 -37.28
C ARG C 3634 -1.09 19.22 -37.77
N LEU C 3635 -2.18 19.60 -37.12
CA LEU C 3635 -2.81 20.90 -37.35
C LEU C 3635 -1.95 22.01 -36.77
N TRP C 3636 -1.32 21.75 -35.63
CA TRP C 3636 -0.45 22.72 -35.00
C TRP C 3636 0.76 23.03 -35.87
N ASP C 3637 1.23 22.06 -36.65
CA ASP C 3637 2.26 22.32 -37.64
C ASP C 3637 1.74 23.30 -38.69
N ALA C 3638 0.46 23.20 -39.03
CA ALA C 3638 -0.10 24.11 -40.02
C ALA C 3638 -0.36 25.49 -39.41
N VAL C 3639 -0.96 25.52 -38.21
CA VAL C 3639 -1.47 26.73 -37.58
C VAL C 3639 -0.37 27.76 -37.33
N VAL C 3640 0.83 27.29 -36.99
CA VAL C 3640 1.96 28.17 -36.69
C VAL C 3640 2.38 28.96 -37.93
N GLY C 3641 2.44 28.29 -39.09
CA GLY C 3641 2.97 28.92 -40.28
C GLY C 3641 2.08 29.99 -40.89
N PHE C 3642 0.81 30.03 -40.51
CA PHE C 3642 -0.06 31.11 -40.97
C PHE C 3642 0.39 32.44 -40.42
N LEU C 3643 0.70 32.48 -39.12
CA LEU C 3643 1.12 33.69 -38.42
C LEU C 3643 2.39 34.27 -39.03
N HIS C 3644 3.29 33.41 -39.50
CA HIS C 3644 4.50 33.90 -40.16
C HIS C 3644 4.17 34.58 -41.47
N VAL C 3645 3.14 34.10 -42.16
CA VAL C 3645 2.64 34.83 -43.31
C VAL C 3645 1.76 35.99 -42.84
N PHE C 3646 1.00 35.78 -41.78
CA PHE C 3646 0.06 36.80 -41.30
C PHE C 3646 0.74 37.93 -40.56
N ALA C 3647 2.05 37.88 -40.32
CA ALA C 3647 2.76 38.98 -39.69
C ALA C 3647 3.52 39.87 -40.65
N HIS C 3648 3.85 39.38 -41.84
CA HIS C 3648 4.73 40.17 -42.69
C HIS C 3648 3.98 40.96 -43.75
N MET C 3649 3.00 40.34 -44.42
CA MET C 3649 2.09 41.11 -45.25
C MET C 3649 1.24 42.04 -44.41
N MET C 3650 1.02 41.67 -43.14
CA MET C 3650 0.59 42.62 -42.12
C MET C 3650 1.45 43.88 -42.13
N MET C 3651 2.77 43.71 -42.05
CA MET C 3651 3.66 44.85 -42.10
C MET C 3651 3.72 45.45 -43.50
N LYS C 3652 3.46 44.64 -44.52
CA LYS C 3652 3.74 45.06 -45.89
C LYS C 3652 2.57 45.80 -46.52
N LEU C 3653 1.36 45.23 -46.41
CA LEU C 3653 0.19 45.84 -47.04
C LEU C 3653 -0.22 47.13 -46.33
N ALA C 3654 0.14 47.28 -45.06
CA ALA C 3654 -0.15 48.50 -44.31
C ALA C 3654 0.68 49.70 -44.79
N GLN C 3655 1.81 49.46 -45.44
CA GLN C 3655 2.67 50.53 -45.90
C GLN C 3655 2.19 51.14 -47.22
N ASP C 3656 1.09 50.63 -47.77
CA ASP C 3656 0.53 51.18 -48.99
C ASP C 3656 -0.92 51.53 -48.74
N SER C 3657 -1.34 52.67 -49.28
CA SER C 3657 -2.76 53.02 -49.26
C SER C 3657 -3.57 52.20 -50.25
N SER C 3658 -2.93 51.67 -51.29
CA SER C 3658 -3.61 50.87 -52.29
C SER C 3658 -3.74 49.41 -51.90
N GLN C 3659 -3.11 48.99 -50.81
CA GLN C 3659 -3.08 47.60 -50.38
C GLN C 3659 -3.87 47.39 -49.10
N ILE C 3660 -4.82 48.29 -48.82
CA ILE C 3660 -5.56 48.22 -47.57
C ILE C 3660 -6.63 47.14 -47.64
N GLU C 3661 -7.35 47.07 -48.76
CA GLU C 3661 -8.50 46.18 -48.86
C GLU C 3661 -8.08 44.71 -48.94
N LEU C 3662 -6.84 44.43 -49.36
CA LEU C 3662 -6.31 43.09 -49.23
C LEU C 3662 -5.89 42.80 -47.80
N LEU C 3663 -5.33 43.80 -47.11
CA LEU C 3663 -5.04 43.65 -45.70
C LEU C 3663 -6.33 43.59 -44.89
N LYS C 3664 -7.35 44.32 -45.34
CA LYS C 3664 -8.71 44.11 -44.84
C LYS C 3664 -9.17 42.69 -45.10
N GLU C 3665 -8.90 42.18 -46.31
CA GLU C 3665 -9.22 40.80 -46.63
C GLU C 3665 -8.34 39.83 -45.86
N LEU C 3666 -7.10 40.24 -45.53
CA LEU C 3666 -6.21 39.38 -44.76
C LEU C 3666 -6.71 39.19 -43.33
N LEU C 3667 -7.31 40.21 -42.75
CA LEU C 3667 -7.82 40.07 -41.40
C LEU C 3667 -9.11 39.27 -41.38
N ASP C 3668 -9.87 39.29 -42.48
CA ASP C 3668 -11.11 38.55 -42.55
C ASP C 3668 -10.85 37.04 -42.55
N LEU C 3669 -9.80 36.61 -43.26
CA LEU C 3669 -9.34 35.23 -43.12
C LEU C 3669 -8.80 34.97 -41.73
N GLN C 3670 -8.10 35.95 -41.16
CA GLN C 3670 -7.44 35.75 -39.88
C GLN C 3670 -8.45 35.76 -38.74
N LYS C 3671 -9.53 36.52 -38.88
CA LYS C 3671 -10.64 36.45 -37.94
C LYS C 3671 -11.33 35.10 -38.04
N ASP C 3672 -11.58 34.66 -39.27
CA ASP C 3672 -12.29 33.40 -39.48
C ASP C 3672 -11.40 32.21 -39.14
N MET C 3673 -10.08 32.43 -39.16
CA MET C 3673 -9.18 31.44 -38.58
C MET C 3673 -9.34 31.38 -37.07
N VAL C 3674 -9.34 32.55 -36.41
CA VAL C 3674 -9.18 32.56 -34.97
C VAL C 3674 -10.49 32.27 -34.24
N VAL C 3675 -11.64 32.44 -34.89
CA VAL C 3675 -12.89 32.08 -34.24
C VAL C 3675 -13.04 30.57 -34.17
N MET C 3676 -12.39 29.85 -35.07
CA MET C 3676 -12.25 28.42 -34.88
C MET C 3676 -11.36 28.12 -33.69
N LEU C 3677 -10.32 28.93 -33.49
CA LEU C 3677 -9.36 28.67 -32.43
C LEU C 3677 -10.00 28.82 -31.05
N LEU C 3678 -10.94 29.75 -30.92
CA LEU C 3678 -11.80 29.77 -29.73
C LEU C 3678 -12.72 28.55 -29.71
N SER C 3679 -13.31 28.22 -30.86
CA SER C 3679 -14.23 27.09 -30.96
C SER C 3679 -13.54 25.74 -30.81
N LEU C 3680 -12.21 25.70 -30.86
CA LEU C 3680 -11.47 24.50 -30.50
C LEU C 3680 -11.68 24.11 -29.05
N LEU C 3681 -11.90 25.08 -28.16
CA LEU C 3681 -11.96 24.77 -26.74
C LEU C 3681 -13.32 24.21 -26.37
N GLU C 3682 -14.36 25.05 -26.47
CA GLU C 3682 -15.79 24.72 -26.34
C GLU C 3682 -16.07 23.87 -25.11
N GLY C 3683 -15.84 24.46 -23.94
CA GLY C 3683 -15.89 23.70 -22.72
C GLY C 3683 -14.60 22.97 -22.46
N ASN C 3684 -13.52 23.72 -22.28
CA ASN C 3684 -12.21 23.11 -22.17
C ASN C 3684 -11.87 22.87 -20.70
N VAL C 3685 -11.47 21.64 -20.38
CA VAL C 3685 -11.19 21.26 -19.00
C VAL C 3685 -9.85 21.88 -18.60
N VAL C 3686 -9.53 21.83 -17.29
CA VAL C 3686 -8.41 22.54 -16.66
C VAL C 3686 -7.06 22.25 -17.33
N ASN C 3687 -6.81 21.01 -17.76
CA ASN C 3687 -5.52 20.67 -18.33
C ASN C 3687 -5.70 19.86 -19.61
N GLY C 3688 -6.61 20.30 -20.48
CA GLY C 3688 -7.08 19.50 -21.59
C GLY C 3688 -6.19 19.42 -22.82
N MET C 3689 -4.93 19.82 -22.68
CA MET C 3689 -3.84 19.70 -23.65
C MET C 3689 -3.99 20.64 -24.85
N ILE C 3690 -5.13 21.31 -24.99
CA ILE C 3690 -5.33 22.27 -26.05
C ILE C 3690 -4.61 23.56 -25.73
N ALA C 3691 -4.93 24.10 -24.55
CA ALA C 3691 -4.18 25.22 -23.97
C ALA C 3691 -2.72 24.87 -23.81
N ARG C 3692 -2.40 23.63 -23.46
CA ARG C 3692 -1.01 23.25 -23.28
C ARG C 3692 -0.26 23.21 -24.61
N GLN C 3693 -0.99 22.97 -25.70
CA GLN C 3693 -0.42 23.18 -27.03
C GLN C 3693 -0.70 24.57 -27.57
N MET C 3694 -1.72 25.27 -27.06
CA MET C 3694 -1.83 26.69 -27.40
C MET C 3694 -0.73 27.51 -26.76
N VAL C 3695 -0.20 27.04 -25.62
CA VAL C 3695 1.07 27.56 -25.16
C VAL C 3695 2.15 27.27 -26.20
N ASP C 3696 2.15 26.08 -26.78
CA ASP C 3696 3.25 25.67 -27.65
C ASP C 3696 3.23 26.41 -28.98
N MET C 3697 2.04 26.69 -29.51
CA MET C 3697 1.99 27.42 -30.77
C MET C 3697 2.36 28.88 -30.62
N LEU C 3698 2.27 29.42 -29.40
CA LEU C 3698 2.65 30.81 -29.22
C LEU C 3698 4.13 30.95 -28.91
N VAL C 3699 4.71 29.96 -28.23
CA VAL C 3699 6.16 29.95 -28.03
C VAL C 3699 6.88 29.72 -29.35
N GLU C 3700 6.33 28.85 -30.21
CA GLU C 3700 7.00 28.46 -31.45
C GLU C 3700 6.96 29.59 -32.48
N SER C 3701 5.90 30.38 -32.47
CA SER C 3701 5.70 31.45 -33.44
C SER C 3701 5.82 32.83 -32.81
N SER C 3702 6.67 32.92 -31.78
CA SER C 3702 6.66 34.05 -30.85
C SER C 3702 7.07 35.36 -31.49
N SER C 3703 8.05 35.33 -32.38
CA SER C 3703 8.43 36.54 -33.11
C SER C 3703 7.30 37.01 -34.01
N ASN C 3704 6.58 36.06 -34.62
CA ASN C 3704 5.41 36.43 -35.39
C ASN C 3704 4.25 36.82 -34.49
N VAL C 3705 4.18 36.23 -33.30
CA VAL C 3705 3.21 36.66 -32.29
C VAL C 3705 3.50 38.10 -31.88
N GLU C 3706 4.77 38.43 -31.64
CA GLU C 3706 5.15 39.77 -31.21
C GLU C 3706 4.91 40.79 -32.32
N MET C 3707 5.10 40.38 -33.57
CA MET C 3707 4.80 41.27 -34.70
C MET C 3707 3.29 41.39 -34.90
N ILE C 3708 2.51 40.52 -34.27
CA ILE C 3708 1.08 40.76 -34.13
C ILE C 3708 0.80 41.50 -32.83
N LEU C 3709 1.61 41.24 -31.79
CA LEU C 3709 1.45 41.94 -30.52
C LEU C 3709 1.77 43.41 -30.64
N LYS C 3710 2.93 43.76 -31.23
CA LYS C 3710 3.24 45.17 -31.47
C LYS C 3710 2.27 45.79 -32.47
N PHE C 3711 1.70 44.96 -33.34
CA PHE C 3711 0.62 45.39 -34.22
C PHE C 3711 -0.66 45.62 -33.44
N PHE C 3712 -0.79 45.00 -32.28
CA PHE C 3712 -2.00 45.15 -31.49
C PHE C 3712 -1.78 45.91 -30.18
N ASP C 3713 -0.54 45.98 -29.68
CA ASP C 3713 -0.34 46.69 -28.41
C ASP C 3713 0.12 48.11 -28.67
N MET C 3714 1.19 48.30 -29.45
CA MET C 3714 1.74 49.64 -29.61
C MET C 3714 1.27 50.28 -30.91
N PHE C 3715 0.45 49.57 -31.69
CA PHE C 3715 -0.01 50.16 -32.95
C PHE C 3715 -1.51 50.36 -32.94
N LEU C 3716 -2.22 49.60 -32.12
CA LEU C 3716 -3.61 49.94 -31.82
C LEU C 3716 -3.70 51.11 -30.84
N LYS C 3717 -2.59 51.46 -30.19
CA LYS C 3717 -2.61 52.60 -29.29
C LYS C 3717 -2.47 53.92 -30.03
N LEU C 3718 -2.31 53.85 -31.36
CA LEU C 3718 -2.33 55.04 -32.21
C LEU C 3718 -3.63 55.83 -32.05
N LYS C 3719 -4.74 55.12 -31.88
CA LYS C 3719 -6.00 55.78 -31.57
C LYS C 3719 -5.98 56.36 -30.15
N ASP C 3720 -5.15 55.81 -29.27
CA ASP C 3720 -4.99 56.42 -27.95
C ASP C 3720 -3.95 57.53 -27.94
N ILE C 3721 -2.97 57.50 -28.83
CA ILE C 3721 -1.97 58.57 -28.88
C ILE C 3721 -2.60 59.84 -29.45
N VAL C 3722 -3.41 59.70 -30.50
CA VAL C 3722 -4.35 60.78 -30.77
C VAL C 3722 -5.63 60.41 -30.02
N GLY C 3723 -5.57 60.51 -28.71
CA GLY C 3723 -6.69 60.45 -27.82
C GLY C 3723 -6.30 61.37 -26.69
N SER C 3724 -5.19 62.07 -26.92
CA SER C 3724 -4.51 62.86 -25.93
C SER C 3724 -4.32 64.27 -26.48
N GLU C 3725 -4.35 65.24 -25.58
CA GLU C 3725 -4.05 66.61 -25.97
C GLU C 3725 -2.56 66.81 -26.18
N ALA C 3726 -1.72 65.90 -25.66
CA ALA C 3726 -0.28 65.99 -25.90
C ALA C 3726 0.06 65.69 -27.36
N PHE C 3727 -0.87 65.07 -28.11
CA PHE C 3727 -0.81 65.12 -29.56
C PHE C 3727 -1.32 66.45 -30.09
N GLN C 3728 -2.38 66.98 -29.47
CA GLN C 3728 -3.08 68.14 -29.99
C GLN C 3728 -2.42 69.47 -29.65
N ASP C 3729 -1.47 69.48 -28.71
CA ASP C 3729 -0.90 70.75 -28.24
C ASP C 3729 0.02 71.36 -29.29
N TYR C 3730 1.05 70.63 -29.69
CA TYR C 3730 2.11 71.17 -30.54
C TYR C 3730 1.65 71.41 -31.98
N VAL C 3731 0.64 70.69 -32.45
CA VAL C 3731 0.20 70.84 -33.83
C VAL C 3731 -0.52 72.19 -33.98
N THR C 3732 0.08 73.08 -34.78
CA THR C 3732 -0.42 74.43 -34.96
C THR C 3732 -1.24 74.47 -36.26
N ASP C 3733 -2.31 73.69 -36.29
CA ASP C 3733 -3.09 73.48 -37.51
C ASP C 3733 -4.56 73.42 -37.15
N PRO C 3734 -5.26 74.55 -37.20
CA PRO C 3734 -6.74 74.51 -37.19
C PRO C 3734 -7.33 73.86 -38.43
N ARG C 3735 -6.58 73.80 -39.53
CA ARG C 3735 -7.00 72.97 -40.66
C ARG C 3735 -6.70 71.50 -40.43
N GLY C 3736 -5.90 71.18 -39.42
CA GLY C 3736 -5.64 69.81 -39.06
C GLY C 3736 -4.74 69.05 -40.02
N LEU C 3737 -3.85 69.76 -40.71
CA LEU C 3737 -2.89 69.14 -41.61
C LEU C 3737 -1.53 69.19 -40.92
N ILE C 3738 -1.30 68.23 -40.02
CA ILE C 3738 -0.08 68.19 -39.21
C ILE C 3738 1.11 67.80 -40.08
N SER C 3739 2.25 68.42 -39.83
CA SER C 3739 3.46 68.12 -40.60
C SER C 3739 4.08 66.82 -40.09
N LYS C 3740 5.27 66.50 -40.58
CA LYS C 3740 5.94 65.27 -40.22
C LYS C 3740 6.86 65.41 -39.01
N LYS C 3741 7.62 66.50 -38.94
CA LYS C 3741 8.67 66.59 -37.93
C LYS C 3741 8.11 66.86 -36.54
N ASP C 3742 6.98 67.57 -36.46
CA ASP C 3742 6.31 67.67 -35.17
C ASP C 3742 5.67 66.35 -34.78
N PHE C 3743 5.12 65.62 -35.76
CA PHE C 3743 4.71 64.24 -35.52
C PHE C 3743 5.90 63.36 -35.17
N GLN C 3744 7.07 63.64 -35.78
CA GLN C 3744 8.27 62.90 -35.44
C GLN C 3744 8.77 63.25 -34.04
N LYS C 3745 8.53 64.47 -33.58
CA LYS C 3745 9.02 64.91 -32.28
C LYS C 3745 8.27 64.23 -31.15
N ALA C 3746 6.93 64.17 -31.24
CA ALA C 3746 6.13 63.65 -30.15
C ALA C 3746 6.21 62.13 -30.04
N MET C 3747 6.56 61.44 -31.11
CA MET C 3747 6.80 60.00 -30.99
C MET C 3747 8.10 59.73 -30.24
N ASP C 3748 8.98 60.72 -30.17
CA ASP C 3748 10.15 60.66 -29.29
C ASP C 3748 9.91 61.32 -27.95
N SER C 3749 9.01 62.32 -27.89
CA SER C 3749 8.72 62.99 -26.63
C SER C 3749 7.86 62.12 -25.73
N GLN C 3750 6.72 61.65 -26.25
CA GLN C 3750 5.94 60.66 -25.53
C GLN C 3750 6.70 59.33 -25.51
N LYS C 3751 6.56 58.60 -24.42
CA LYS C 3751 7.38 57.43 -24.19
C LYS C 3751 6.70 56.17 -24.74
N GLN C 3752 7.25 55.00 -24.38
CA GLN C 3752 6.89 53.65 -24.82
C GLN C 3752 6.67 53.52 -26.34
N PHE C 3753 7.42 54.26 -27.15
CA PHE C 3753 7.49 54.05 -28.58
C PHE C 3753 8.80 53.34 -28.94
N THR C 3754 9.06 53.23 -30.24
CA THR C 3754 10.30 52.66 -30.76
C THR C 3754 10.58 53.25 -32.13
N GLY C 3755 11.75 53.90 -32.24
CA GLY C 3755 12.21 54.62 -33.40
C GLY C 3755 12.04 54.01 -34.78
N PRO C 3756 12.49 52.76 -34.99
CA PRO C 3756 12.22 52.11 -36.29
C PRO C 3756 10.75 51.88 -36.56
N GLU C 3757 9.93 51.64 -35.52
CA GLU C 3757 8.51 51.51 -35.75
C GLU C 3757 7.82 52.87 -35.79
N ILE C 3758 8.47 53.91 -35.29
CA ILE C 3758 8.07 55.27 -35.61
C ILE C 3758 8.31 55.56 -37.09
N GLN C 3759 9.39 54.99 -37.65
CA GLN C 3759 9.59 55.08 -39.08
C GLN C 3759 8.60 54.20 -39.84
N PHE C 3760 8.08 53.15 -39.19
CA PHE C 3760 7.02 52.36 -39.79
C PHE C 3760 5.71 53.14 -39.85
N LEU C 3761 5.53 54.09 -38.92
CA LEU C 3761 4.36 54.98 -38.98
C LEU C 3761 4.39 55.86 -40.22
N LEU C 3762 5.54 56.46 -40.50
CA LEU C 3762 5.65 57.34 -41.66
C LEU C 3762 5.58 56.57 -42.97
N SER C 3763 6.09 55.34 -42.97
CA SER C 3763 5.92 54.47 -44.13
C SER C 3763 4.46 54.06 -44.33
N CYS C 3764 3.69 54.00 -43.24
CA CYS C 3764 2.26 53.76 -43.37
C CYS C 3764 1.46 55.05 -43.49
N SER C 3765 2.04 56.19 -43.14
CA SER C 3765 1.31 57.43 -43.27
C SER C 3765 1.39 57.93 -44.70
N GLU C 3766 0.61 58.98 -44.97
CA GLU C 3766 0.72 59.74 -46.20
C GLU C 3766 1.53 60.98 -45.91
N ALA C 3767 2.52 61.28 -46.78
CA ALA C 3767 3.37 62.43 -46.55
C ALA C 3767 2.67 63.72 -46.98
N ASP C 3768 1.92 63.64 -48.09
CA ASP C 3768 1.24 64.78 -48.74
C ASP C 3768 2.23 65.91 -49.02
N GLU C 3769 3.30 65.54 -49.73
CA GLU C 3769 4.45 66.41 -50.03
C GLU C 3769 5.07 67.00 -48.77
N ASN C 3770 5.19 66.16 -47.74
CA ASN C 3770 5.82 66.48 -46.44
C ASN C 3770 5.08 67.64 -45.75
N GLU C 3771 3.77 67.69 -45.93
CA GLU C 3771 2.93 68.74 -45.35
C GLU C 3771 1.88 68.19 -44.41
N MET C 3772 1.20 67.12 -44.81
CA MET C 3772 0.04 66.63 -44.07
C MET C 3772 0.14 65.13 -43.85
N ILE C 3773 0.02 64.74 -42.58
CA ILE C 3773 -0.13 63.35 -42.21
C ILE C 3773 -1.59 62.91 -42.30
N ASN C 3774 -2.51 63.86 -42.10
CA ASN C 3774 -3.96 63.63 -42.01
C ASN C 3774 -4.26 62.54 -40.97
N PHE C 3775 -3.97 62.89 -39.73
CA PHE C 3775 -3.89 61.93 -38.63
C PHE C 3775 -5.23 61.26 -38.32
N GLU C 3776 -6.33 61.85 -38.75
CA GLU C 3776 -7.61 61.14 -38.74
C GLU C 3776 -7.55 59.92 -39.64
N GLU C 3777 -7.18 60.11 -40.90
CA GLU C 3777 -7.08 58.99 -41.82
C GLU C 3777 -5.85 58.14 -41.55
N PHE C 3778 -4.88 58.67 -40.80
CA PHE C 3778 -3.78 57.82 -40.36
C PHE C 3778 -4.25 56.87 -39.25
N ALA C 3779 -5.36 57.20 -38.59
CA ALA C 3779 -6.00 56.25 -37.69
C ALA C 3779 -7.14 55.51 -38.39
N ASN C 3780 -7.89 56.20 -39.27
CA ASN C 3780 -9.12 55.63 -39.82
C ASN C 3780 -8.83 54.58 -40.88
N ARG C 3781 -7.63 54.56 -41.44
CA ARG C 3781 -7.24 53.44 -42.30
C ARG C 3781 -7.03 52.18 -41.49
N PHE C 3782 -6.55 52.32 -40.26
CA PHE C 3782 -6.12 51.14 -39.53
C PHE C 3782 -7.15 50.67 -38.51
N GLN C 3783 -7.89 51.58 -37.87
CA GLN C 3783 -8.71 51.20 -36.73
C GLN C 3783 -9.97 50.44 -37.14
N GLU C 3784 -10.42 50.56 -38.39
CA GLU C 3784 -11.73 49.99 -38.77
C GLU C 3784 -11.79 48.46 -38.85
N PRO C 3785 -10.77 47.70 -39.29
CA PRO C 3785 -10.89 46.24 -39.14
C PRO C 3785 -10.13 45.68 -37.94
N ALA C 3786 -9.50 46.54 -37.13
CA ALA C 3786 -8.56 46.04 -36.15
C ALA C 3786 -9.18 45.90 -34.76
N ARG C 3787 -10.37 46.47 -34.57
CA ARG C 3787 -10.92 46.57 -33.22
C ARG C 3787 -11.76 45.36 -32.87
N ASP C 3788 -12.20 44.58 -33.86
CA ASP C 3788 -12.94 43.37 -33.53
C ASP C 3788 -11.99 42.18 -33.37
N ILE C 3789 -10.96 42.11 -34.21
CA ILE C 3789 -9.97 41.04 -34.13
C ILE C 3789 -9.13 41.18 -32.86
N GLY C 3790 -8.93 42.41 -32.39
CA GLY C 3790 -8.11 42.65 -31.23
C GLY C 3790 -8.74 42.18 -29.93
N PHE C 3791 -10.07 42.30 -29.84
CA PHE C 3791 -10.80 41.62 -28.79
C PHE C 3791 -10.68 40.11 -28.92
N ASN C 3792 -10.75 39.61 -30.15
CA ASN C 3792 -10.78 38.17 -30.37
C ASN C 3792 -9.45 37.52 -30.03
N VAL C 3793 -8.35 38.23 -30.25
CA VAL C 3793 -7.05 37.75 -29.79
C VAL C 3793 -6.99 37.80 -28.26
N ALA C 3794 -7.43 38.92 -27.68
CA ALA C 3794 -7.36 39.09 -26.24
C ALA C 3794 -8.27 38.11 -25.51
N VAL C 3795 -9.44 37.81 -26.08
CA VAL C 3795 -10.35 36.91 -25.41
C VAL C 3795 -9.82 35.48 -25.51
N LEU C 3796 -9.00 35.19 -26.52
CA LEU C 3796 -8.34 33.89 -26.56
C LEU C 3796 -7.29 33.80 -25.48
N LEU C 3797 -6.52 34.86 -25.28
CA LEU C 3797 -5.54 34.90 -24.21
C LEU C 3797 -6.21 34.89 -22.84
N THR C 3798 -7.38 35.52 -22.75
CA THR C 3798 -8.09 35.62 -21.48
C THR C 3798 -8.61 34.26 -21.04
N ASN C 3799 -9.09 33.46 -22.00
CA ASN C 3799 -9.67 32.17 -21.67
C ASN C 3799 -8.61 31.20 -21.20
N LEU C 3800 -7.50 31.13 -21.93
CA LEU C 3800 -6.42 30.23 -21.60
C LEU C 3800 -5.70 30.63 -20.32
N SER C 3801 -5.82 31.90 -19.93
CA SER C 3801 -5.31 32.38 -18.67
C SER C 3801 -5.95 31.67 -17.49
N GLU C 3802 -7.22 31.29 -17.63
CA GLU C 3802 -7.98 30.76 -16.52
C GLU C 3802 -8.25 29.26 -16.63
N HIS C 3803 -7.95 28.63 -17.77
CA HIS C 3803 -8.06 27.18 -17.79
C HIS C 3803 -6.94 26.54 -17.00
N VAL C 3804 -5.73 27.02 -17.14
CA VAL C 3804 -4.66 26.64 -16.22
C VAL C 3804 -3.72 27.84 -16.05
N PRO C 3805 -3.54 28.31 -14.81
CA PRO C 3805 -2.50 29.30 -14.53
C PRO C 3805 -1.12 28.69 -14.40
N HIS C 3806 -0.18 29.51 -13.92
CA HIS C 3806 1.11 29.07 -13.36
C HIS C 3806 2.04 28.54 -14.44
N ASP C 3807 1.91 29.07 -15.65
CA ASP C 3807 2.93 28.92 -16.67
C ASP C 3807 3.69 30.22 -16.76
N PRO C 3808 5.01 30.20 -16.53
CA PRO C 3808 5.80 31.43 -16.75
C PRO C 3808 5.79 31.90 -18.17
N ARG C 3809 5.67 30.97 -19.13
CA ARG C 3809 5.50 31.35 -20.52
C ARG C 3809 4.16 32.04 -20.74
N LEU C 3810 3.11 31.61 -20.03
CA LEU C 3810 1.87 32.37 -20.07
C LEU C 3810 2.03 33.74 -19.44
N ARG C 3811 2.88 33.86 -18.41
CA ARG C 3811 3.18 35.17 -17.84
C ARG C 3811 3.94 36.04 -18.81
N ASN C 3812 4.64 35.46 -19.77
CA ASN C 3812 5.27 36.25 -20.82
C ASN C 3812 4.22 36.93 -21.70
N PHE C 3813 3.35 36.14 -22.32
CA PHE C 3813 2.48 36.67 -23.37
C PHE C 3813 1.38 37.56 -22.82
N LEU C 3814 0.87 37.27 -21.62
CA LEU C 3814 -0.11 38.14 -21.00
C LEU C 3814 0.50 39.49 -20.63
N GLU C 3815 1.79 39.49 -20.30
CA GLU C 3815 2.48 40.75 -20.02
C GLU C 3815 2.65 41.58 -21.27
N LEU C 3816 2.95 40.95 -22.39
CA LEU C 3816 3.16 41.70 -23.63
C LEU C 3816 1.84 42.17 -24.22
N ALA C 3817 0.75 41.48 -23.90
CA ALA C 3817 -0.57 41.86 -24.40
C ALA C 3817 -1.25 42.86 -23.48
N GLU C 3818 -0.63 44.02 -23.29
CA GLU C 3818 -1.12 44.92 -22.26
C GLU C 3818 -2.32 45.73 -22.73
N SER C 3819 -2.12 46.62 -23.70
CA SER C 3819 -3.19 47.56 -24.08
C SER C 3819 -4.26 46.87 -24.90
N ILE C 3820 -3.95 45.69 -25.45
CA ILE C 3820 -4.96 44.80 -25.97
C ILE C 3820 -5.94 44.43 -24.88
N LEU C 3821 -5.40 44.01 -23.73
CA LEU C 3821 -6.18 43.70 -22.55
C LEU C 3821 -6.45 44.92 -21.68
N GLU C 3822 -6.45 46.11 -22.26
CA GLU C 3822 -6.92 47.28 -21.53
C GLU C 3822 -8.08 47.95 -22.24
N TYR C 3823 -7.97 48.11 -23.56
CA TYR C 3823 -8.99 48.87 -24.28
C TYR C 3823 -10.25 48.04 -24.47
N PHE C 3824 -10.11 46.71 -24.51
CA PHE C 3824 -11.25 45.86 -24.82
C PHE C 3824 -11.70 45.01 -23.64
N ARG C 3825 -10.94 44.98 -22.55
CA ARG C 3825 -11.43 44.31 -21.34
C ARG C 3825 -12.69 44.91 -20.72
N PRO C 3826 -13.06 46.25 -20.88
CA PRO C 3826 -14.41 46.62 -20.44
C PRO C 3826 -15.46 46.08 -21.37
N TYR C 3827 -15.06 45.75 -22.60
CA TYR C 3827 -16.01 45.21 -23.55
C TYR C 3827 -16.26 43.73 -23.31
N LEU C 3828 -15.34 43.07 -22.61
CA LEU C 3828 -15.48 41.63 -22.35
C LEU C 3828 -16.62 41.34 -21.40
N GLY C 3829 -17.58 40.56 -21.86
CA GLY C 3829 -18.65 40.07 -21.02
C GLY C 3829 -18.39 38.63 -20.60
N ARG C 3830 -18.84 38.28 -19.41
CA ARG C 3830 -18.57 36.96 -18.84
C ARG C 3830 -19.83 36.32 -18.31
N ILE C 3831 -19.99 35.03 -18.60
CA ILE C 3831 -21.02 34.18 -18.02
C ILE C 3831 -20.34 32.88 -17.61
N GLU C 3832 -21.01 32.08 -16.80
CA GLU C 3832 -20.53 30.75 -16.45
C GLU C 3832 -21.74 29.87 -16.17
N ILE C 3833 -21.79 28.70 -16.80
CA ILE C 3833 -22.98 27.86 -16.80
C ILE C 3833 -22.62 26.40 -16.62
N MET C 3834 -23.65 25.60 -16.36
CA MET C 3834 -23.56 24.16 -16.38
C MET C 3834 -24.52 23.65 -17.46
N GLY C 3835 -23.99 23.43 -18.67
CA GLY C 3835 -24.80 22.76 -19.66
C GLY C 3835 -24.32 21.36 -19.96
N ALA C 3836 -24.96 20.36 -19.37
CA ALA C 3836 -24.84 18.92 -19.66
C ALA C 3836 -23.47 18.33 -19.35
N SER C 3837 -22.48 19.14 -18.96
CA SER C 3837 -21.18 18.65 -18.55
C SER C 3837 -21.12 18.35 -17.08
N ARG C 3838 -22.19 18.68 -16.34
CA ARG C 3838 -22.33 18.48 -14.89
C ARG C 3838 -21.28 19.29 -14.12
N ARG C 3839 -20.77 20.34 -14.75
CA ARG C 3839 -19.67 21.16 -14.26
C ARG C 3839 -19.94 22.59 -14.68
N ILE C 3840 -19.43 23.52 -13.88
CA ILE C 3840 -19.59 24.92 -14.25
C ILE C 3840 -18.55 25.28 -15.29
N GLU C 3841 -19.00 25.85 -16.39
CA GLU C 3841 -18.13 26.14 -17.52
C GLU C 3841 -18.26 27.60 -17.90
N ARG C 3842 -17.13 28.29 -17.99
CA ARG C 3842 -17.10 29.72 -18.24
C ARG C 3842 -17.15 29.99 -19.74
N ILE C 3843 -17.95 30.98 -20.14
CA ILE C 3843 -18.07 31.39 -21.52
C ILE C 3843 -17.92 32.90 -21.59
N TYR C 3844 -17.11 33.37 -22.55
CA TYR C 3844 -16.89 34.80 -22.74
C TYR C 3844 -17.69 35.28 -23.94
N PHE C 3845 -17.80 36.60 -24.06
CA PHE C 3845 -18.47 37.30 -25.14
C PHE C 3845 -18.20 38.78 -24.98
N GLU C 3846 -18.75 39.58 -25.89
CA GLU C 3846 -18.74 41.03 -25.74
C GLU C 3846 -20.12 41.60 -26.04
N ILE C 3847 -20.43 42.76 -25.47
CA ILE C 3847 -21.57 43.55 -25.93
C ILE C 3847 -21.07 44.91 -26.36
N SER C 3848 -21.95 45.69 -26.98
CA SER C 3848 -21.55 46.98 -27.52
C SER C 3848 -21.35 48.01 -26.41
N GLU C 3849 -20.61 49.06 -26.76
CA GLU C 3849 -20.47 50.21 -25.88
C GLU C 3849 -21.79 50.95 -25.74
N THR C 3850 -22.65 50.85 -26.77
CA THR C 3850 -23.96 51.50 -26.75
C THR C 3850 -24.83 50.99 -25.61
N ASN C 3851 -24.62 49.75 -25.19
CA ASN C 3851 -25.42 49.19 -24.11
C ASN C 3851 -25.02 49.78 -22.77
N ARG C 3852 -23.73 50.04 -22.57
CA ARG C 3852 -23.20 50.28 -21.23
C ARG C 3852 -23.62 51.63 -20.68
N ALA C 3853 -23.50 52.68 -21.49
CA ALA C 3853 -24.01 53.98 -21.07
C ALA C 3853 -25.53 53.96 -20.99
N GLN C 3854 -26.16 53.14 -21.84
CA GLN C 3854 -27.60 53.01 -21.79
C GLN C 3854 -28.00 51.99 -20.71
N TRP C 3855 -27.01 51.24 -20.20
CA TRP C 3855 -27.19 50.59 -18.91
C TRP C 3855 -26.99 51.57 -17.77
N GLU C 3856 -25.98 52.43 -17.87
CA GLU C 3856 -25.70 53.42 -16.82
C GLU C 3856 -26.76 54.52 -16.90
N MET C 3857 -27.93 54.20 -16.37
CA MET C 3857 -29.06 55.10 -16.29
C MET C 3857 -29.70 54.95 -14.92
N PRO C 3858 -29.97 56.05 -14.23
CA PRO C 3858 -30.65 55.97 -12.92
C PRO C 3858 -32.04 55.41 -13.02
N GLN C 3859 -32.73 55.65 -14.15
CA GLN C 3859 -34.01 55.00 -14.41
C GLN C 3859 -33.89 53.49 -14.43
N VAL C 3860 -32.86 52.98 -15.12
CA VAL C 3860 -32.60 51.55 -15.13
C VAL C 3860 -32.11 51.10 -13.75
N LYS C 3861 -31.31 51.95 -13.09
CA LYS C 3861 -30.80 51.64 -11.76
C LYS C 3861 -31.94 51.56 -10.74
N GLU C 3862 -32.91 52.47 -10.85
CA GLU C 3862 -34.05 52.46 -9.93
C GLU C 3862 -34.96 51.26 -10.18
N SER C 3863 -35.25 50.96 -11.45
CA SER C 3863 -36.03 49.78 -11.79
C SER C 3863 -35.33 48.50 -11.34
N LYS C 3864 -34.00 48.48 -11.41
CA LYS C 3864 -33.26 47.38 -10.82
C LYS C 3864 -33.40 47.38 -9.31
N ARG C 3865 -33.30 48.56 -8.69
CA ARG C 3865 -33.31 48.68 -7.23
C ARG C 3865 -34.63 48.23 -6.63
N GLN C 3866 -35.74 48.59 -7.27
CA GLN C 3866 -37.04 48.10 -6.82
C GLN C 3866 -37.15 46.59 -7.01
N PHE C 3867 -36.53 46.06 -8.06
CA PHE C 3867 -36.55 44.63 -8.30
C PHE C 3867 -35.71 43.87 -7.29
N ILE C 3868 -34.61 44.47 -6.84
CA ILE C 3868 -33.82 43.91 -5.75
C ILE C 3868 -34.66 43.81 -4.49
N PHE C 3869 -35.48 44.83 -4.24
CA PHE C 3869 -36.28 44.91 -3.02
C PHE C 3869 -37.34 43.82 -2.96
N ASP C 3870 -37.88 43.43 -4.11
CA ASP C 3870 -39.06 42.58 -4.11
C ASP C 3870 -38.71 41.11 -4.01
N VAL C 3871 -37.63 40.68 -4.66
CA VAL C 3871 -37.32 39.25 -4.77
C VAL C 3871 -36.86 38.65 -3.46
N VAL C 3872 -36.44 39.49 -2.50
CA VAL C 3872 -36.19 39.00 -1.16
C VAL C 3872 -37.30 39.39 -0.20
N ASN C 3873 -38.15 40.34 -0.59
CA ASN C 3873 -39.42 40.50 0.11
C ASN C 3873 -40.31 39.28 -0.13
N GLU C 3874 -40.23 38.70 -1.33
CA GLU C 3874 -40.94 37.47 -1.67
C GLU C 3874 -40.00 36.59 -2.49
N GLY C 3875 -39.60 35.47 -1.92
CA GLY C 3875 -38.75 34.52 -2.62
C GLY C 3875 -39.13 33.08 -2.29
N GLY C 3876 -39.21 32.26 -3.33
CA GLY C 3876 -39.62 30.88 -3.20
C GLY C 3876 -38.79 29.93 -4.04
N GLU C 3877 -39.47 29.17 -4.91
CA GLU C 3877 -38.86 28.24 -5.86
C GLU C 3877 -38.17 29.07 -6.97
N ALA C 3878 -37.69 28.42 -8.04
CA ALA C 3878 -36.99 29.05 -9.15
C ALA C 3878 -37.83 30.05 -9.96
N GLU C 3879 -39.08 30.24 -9.55
CA GLU C 3879 -39.77 31.51 -9.71
C GLU C 3879 -38.86 32.70 -9.44
N LYS C 3880 -38.15 32.64 -8.31
CA LYS C 3880 -37.12 33.60 -7.94
C LYS C 3880 -36.10 33.79 -9.06
N MET C 3881 -35.74 32.72 -9.76
CA MET C 3881 -34.94 32.88 -10.97
C MET C 3881 -35.79 33.14 -12.20
N GLU C 3882 -37.07 32.76 -12.17
CA GLU C 3882 -37.89 32.89 -13.38
C GLU C 3882 -38.25 34.35 -13.64
N LEU C 3883 -38.85 35.01 -12.64
CA LEU C 3883 -39.18 36.42 -12.82
C LEU C 3883 -37.95 37.31 -12.81
N PHE C 3884 -36.80 36.80 -12.37
CA PHE C 3884 -35.54 37.42 -12.70
C PHE C 3884 -35.38 37.51 -14.22
N VAL C 3885 -35.52 36.38 -14.90
CA VAL C 3885 -35.42 36.31 -16.35
C VAL C 3885 -36.50 37.17 -17.00
N SER C 3886 -37.70 37.19 -16.40
CA SER C 3886 -38.74 38.09 -16.88
C SER C 3886 -38.34 39.54 -16.70
N PHE C 3887 -37.73 39.89 -15.55
CA PHE C 3887 -37.22 41.23 -15.34
C PHE C 3887 -36.08 41.54 -16.30
N CYS C 3888 -35.26 40.53 -16.60
CA CYS C 3888 -34.29 40.69 -17.69
C CYS C 3888 -35.01 40.97 -18.99
N GLU C 3889 -35.99 40.12 -19.33
CA GLU C 3889 -36.69 40.20 -20.60
C GLU C 3889 -37.58 41.42 -20.69
N ASP C 3890 -38.11 41.88 -19.55
CA ASP C 3890 -38.87 43.13 -19.54
C ASP C 3890 -37.98 44.32 -19.83
N THR C 3891 -36.74 44.28 -19.37
CA THR C 3891 -35.91 45.47 -19.46
C THR C 3891 -35.29 45.61 -20.83
N ILE C 3892 -35.20 44.50 -21.59
CA ILE C 3892 -34.66 44.57 -22.95
C ILE C 3892 -35.58 45.38 -23.84
N PHE C 3893 -36.90 45.23 -23.66
CA PHE C 3893 -37.85 46.09 -24.35
C PHE C 3893 -37.78 47.52 -23.82
N GLU C 3894 -37.44 47.69 -22.54
CA GLU C 3894 -37.15 49.02 -22.03
C GLU C 3894 -35.88 49.58 -22.65
N MET C 3895 -34.90 48.72 -22.94
CA MET C 3895 -33.75 49.21 -23.71
C MET C 3895 -34.14 49.47 -25.16
N GLN C 3896 -35.19 48.81 -25.64
CA GLN C 3896 -35.62 49.04 -27.01
C GLN C 3896 -36.32 50.39 -27.14
N ILE C 3897 -37.17 50.72 -26.19
CA ILE C 3897 -37.88 52.00 -26.25
C ILE C 3897 -36.97 53.17 -25.90
N ALA C 3898 -35.87 52.91 -25.18
CA ALA C 3898 -34.95 53.99 -24.84
C ALA C 3898 -34.14 54.43 -26.05
N ALA C 3899 -34.00 53.56 -27.05
CA ALA C 3899 -33.25 53.90 -28.24
C ALA C 3899 -34.04 54.76 -29.21
N GLN C 3900 -35.36 54.58 -29.28
CA GLN C 3900 -36.17 55.19 -30.33
C GLN C 3900 -36.59 56.62 -30.02
N ILE C 3901 -36.39 57.09 -28.79
CA ILE C 3901 -36.76 58.45 -28.43
C ILE C 3901 -35.56 59.37 -28.28
N SER C 3902 -34.35 58.82 -28.32
CA SER C 3902 -33.13 59.61 -28.19
C SER C 3902 -32.84 60.29 -29.52
N GLU C 3903 -32.09 61.38 -29.45
CA GLU C 3903 -31.74 62.13 -30.66
C GLU C 3903 -30.31 62.65 -30.58
N PHE C 4190 -46.95 71.21 -44.20
CA PHE C 4190 -47.05 70.34 -45.36
C PHE C 4190 -48.06 69.23 -45.15
N TRP C 4191 -48.00 68.20 -45.98
CA TRP C 4191 -48.93 67.08 -45.92
C TRP C 4191 -48.38 65.90 -45.12
N GLY C 4192 -47.17 65.45 -45.44
CA GLY C 4192 -46.55 64.37 -44.69
C GLY C 4192 -45.36 64.83 -43.89
N GLU C 4193 -44.77 65.96 -44.27
CA GLU C 4193 -43.59 66.47 -43.57
C GLU C 4193 -43.93 67.03 -42.19
N LEU C 4194 -45.17 67.51 -42.00
CA LEU C 4194 -45.58 68.01 -40.69
C LEU C 4194 -45.81 66.86 -39.71
N GLU C 4195 -46.10 65.67 -40.22
CA GLU C 4195 -46.16 64.49 -39.37
C GLU C 4195 -44.80 64.10 -38.84
N VAL C 4196 -43.74 64.36 -39.60
CA VAL C 4196 -42.38 64.16 -39.11
C VAL C 4196 -42.08 65.16 -38.00
N GLN C 4197 -42.37 66.44 -38.25
CA GLN C 4197 -42.17 67.50 -37.26
C GLN C 4197 -43.02 67.27 -36.01
N ARG C 4198 -44.21 66.70 -36.17
CA ARG C 4198 -45.02 66.29 -35.03
C ARG C 4198 -44.30 65.22 -34.21
N VAL C 4199 -43.76 64.20 -34.87
CA VAL C 4199 -43.06 63.12 -34.17
C VAL C 4199 -41.70 63.62 -33.67
N LYS C 4200 -41.06 64.53 -34.41
CA LYS C 4200 -39.77 65.08 -33.98
C LYS C 4200 -39.92 65.91 -32.73
N PHE C 4201 -41.02 66.67 -32.61
CA PHE C 4201 -41.29 67.34 -31.35
C PHE C 4201 -41.79 66.36 -30.29
N LEU C 4202 -42.40 65.26 -30.73
CA LEU C 4202 -42.92 64.26 -29.79
C LEU C 4202 -41.80 63.54 -29.06
N ASN C 4203 -40.62 63.42 -29.70
CA ASN C 4203 -39.44 62.93 -28.99
C ASN C 4203 -39.05 63.87 -27.87
N TYR C 4204 -39.12 65.18 -28.13
CA TYR C 4204 -38.85 66.17 -27.09
C TYR C 4204 -39.93 66.15 -26.03
N LEU C 4205 -41.18 65.85 -26.42
CA LEU C 4205 -42.23 65.65 -25.43
C LEU C 4205 -41.95 64.45 -24.56
N SER C 4206 -41.53 63.34 -25.18
CA SER C 4206 -41.21 62.14 -24.43
C SER C 4206 -39.85 62.19 -23.76
N ARG C 4207 -39.03 63.19 -24.06
CA ARG C 4207 -37.69 63.23 -23.47
C ARG C 4207 -37.73 63.62 -22.01
N ASN C 4208 -38.20 64.82 -21.71
CA ASN C 4208 -38.23 65.35 -20.35
C ASN C 4208 -39.64 65.20 -19.78
N PHE C 4209 -40.03 63.95 -19.55
CA PHE C 4209 -41.33 63.69 -18.95
C PHE C 4209 -41.36 64.08 -17.49
N TYR C 4210 -40.26 63.84 -16.79
CA TYR C 4210 -40.19 64.22 -15.38
C TYR C 4210 -40.01 65.71 -15.18
N THR C 4211 -39.39 66.41 -16.14
CA THR C 4211 -39.30 67.86 -16.02
C THR C 4211 -40.68 68.50 -16.19
N LEU C 4212 -41.49 67.93 -17.09
CA LEU C 4212 -42.90 68.32 -17.16
C LEU C 4212 -43.63 67.95 -15.88
N ARG C 4213 -43.26 66.84 -15.26
CA ARG C 4213 -43.75 66.54 -13.92
C ARG C 4213 -43.15 67.50 -12.90
N PHE C 4214 -41.88 67.89 -13.10
CA PHE C 4214 -41.24 68.85 -12.21
C PHE C 4214 -41.83 70.24 -12.36
N LEU C 4215 -42.39 70.55 -13.54
CA LEU C 4215 -43.01 71.86 -13.71
C LEU C 4215 -44.42 71.87 -13.16
N ALA C 4216 -45.19 70.81 -13.41
CA ALA C 4216 -46.51 70.65 -12.80
C ALA C 4216 -46.40 70.55 -11.28
N LEU C 4217 -45.28 70.02 -10.78
CA LEU C 4217 -44.89 70.25 -9.39
C LEU C 4217 -44.81 71.74 -9.08
N PHE C 4218 -43.97 72.48 -9.81
CA PHE C 4218 -43.66 73.84 -9.42
C PHE C 4218 -44.79 74.80 -9.74
N LEU C 4219 -45.52 74.58 -10.83
CA LEU C 4219 -46.57 75.51 -11.23
C LEU C 4219 -47.74 75.47 -10.27
N ALA C 4220 -48.02 74.33 -9.64
CA ALA C 4220 -49.09 74.26 -8.67
C ALA C 4220 -48.77 75.01 -7.38
N PHE C 4221 -47.49 75.31 -7.12
CA PHE C 4221 -47.16 76.14 -5.96
C PHE C 4221 -47.62 77.58 -6.15
N ALA C 4222 -47.09 78.24 -7.18
CA ALA C 4222 -47.22 79.69 -7.28
C ALA C 4222 -48.64 80.12 -7.59
N ILE C 4223 -49.39 79.30 -8.33
CA ILE C 4223 -50.80 79.60 -8.58
C ILE C 4223 -51.62 79.38 -7.31
N ASN C 4224 -51.13 78.57 -6.38
CA ASN C 4224 -51.77 78.41 -5.09
C ASN C 4224 -51.09 79.25 -4.01
N PHE C 4225 -49.88 79.71 -4.27
CA PHE C 4225 -49.26 80.71 -3.41
C PHE C 4225 -50.00 82.05 -3.52
N ILE C 4226 -50.47 82.38 -4.71
CA ILE C 4226 -51.24 83.61 -4.91
C ILE C 4226 -52.73 83.39 -4.74
N LEU C 4227 -53.15 82.16 -4.46
CA LEU C 4227 -54.54 81.87 -4.08
C LEU C 4227 -54.84 82.32 -2.66
N LEU C 4228 -53.83 82.73 -1.91
CA LEU C 4228 -53.98 83.21 -0.54
C LEU C 4228 -54.50 84.64 -0.45
N PHE C 4229 -55.06 85.18 -1.53
CA PHE C 4229 -55.23 86.63 -1.67
C PHE C 4229 -56.67 87.02 -2.05
N TYR C 4230 -57.66 86.21 -1.69
CA TYR C 4230 -59.04 86.58 -1.99
C TYR C 4230 -59.59 87.49 -0.90
N LYS C 4231 -60.78 88.03 -1.17
CA LYS C 4231 -61.51 88.79 -0.16
C LYS C 4231 -62.99 88.68 -0.48
N VAL C 4232 -63.68 87.74 0.18
CA VAL C 4232 -65.12 87.63 -0.01
C VAL C 4232 -65.82 88.81 0.66
N SER C 4233 -66.85 89.32 0.00
CA SER C 4233 -67.57 90.49 0.51
C SER C 4233 -68.98 90.46 -0.05
N ASP C 4234 -69.89 91.08 0.69
CA ASP C 4234 -71.24 91.33 0.16
C ASP C 4234 -71.30 92.66 -0.57
N SER C 4235 -70.35 92.86 -1.48
CA SER C 4235 -70.20 94.09 -2.24
C SER C 4235 -69.38 93.79 -3.47
N PRO C 4236 -69.91 94.00 -4.67
CA PRO C 4236 -69.11 93.86 -5.88
C PRO C 4236 -68.12 95.00 -6.01
N PRO C 4237 -67.09 94.88 -6.86
CA PRO C 4237 -66.18 96.02 -7.03
C PRO C 4237 -66.80 97.15 -7.86
N ASN C 4276 -76.38 88.57 -0.95
CA ASN C 4276 -75.63 88.39 -2.19
C ASN C 4276 -74.16 88.77 -1.99
N MET C 4277 -73.34 87.76 -1.74
CA MET C 4277 -71.91 87.96 -1.52
C MET C 4277 -71.17 87.80 -2.84
N VAL C 4278 -70.21 88.70 -3.06
CA VAL C 4278 -69.41 88.73 -4.28
C VAL C 4278 -68.00 88.30 -3.92
N TYR C 4279 -67.53 87.23 -4.54
CA TYR C 4279 -66.21 86.67 -4.25
C TYR C 4279 -65.15 87.55 -4.91
N TYR C 4280 -64.87 88.66 -4.25
CA TYR C 4280 -63.87 89.60 -4.75
C TYR C 4280 -62.47 89.07 -4.49
N PHE C 4281 -61.54 89.45 -5.36
CA PHE C 4281 -60.14 89.11 -5.20
C PHE C 4281 -59.39 90.32 -4.67
N LEU C 4282 -58.84 90.20 -3.47
CA LEU C 4282 -58.04 91.26 -2.90
C LEU C 4282 -56.73 91.41 -3.66
N GLU C 4283 -56.36 92.65 -3.96
CA GLU C 4283 -55.04 92.89 -4.51
C GLU C 4283 -54.09 93.35 -3.42
N GLU C 4284 -52.82 93.04 -3.61
CA GLU C 4284 -51.76 93.54 -2.76
C GLU C 4284 -51.25 94.85 -3.34
N SER C 4285 -50.12 95.32 -2.83
CA SER C 4285 -49.56 96.60 -3.26
C SER C 4285 -48.92 96.52 -4.65
N THR C 4286 -48.71 95.32 -5.19
CA THR C 4286 -47.95 95.21 -6.42
C THR C 4286 -48.85 95.40 -7.65
N GLY C 4287 -48.20 95.64 -8.79
CA GLY C 4287 -48.88 95.86 -10.04
C GLY C 4287 -49.18 94.63 -10.86
N TYR C 4288 -48.57 93.50 -10.51
CA TYR C 4288 -48.89 92.22 -11.14
C TYR C 4288 -50.03 91.58 -10.36
N MET C 4289 -50.22 90.26 -10.55
CA MET C 4289 -51.34 89.48 -10.02
C MET C 4289 -52.64 90.00 -10.65
N GLU C 4290 -52.54 90.21 -11.95
CA GLU C 4290 -53.49 90.63 -12.96
C GLU C 4290 -54.13 89.34 -13.48
N PRO C 4291 -54.95 89.36 -14.58
CA PRO C 4291 -55.24 88.09 -15.28
C PRO C 4291 -54.05 87.34 -15.90
N ALA C 4292 -52.81 87.77 -15.64
CA ALA C 4292 -51.68 86.84 -15.69
C ALA C 4292 -51.89 85.64 -14.76
N LEU C 4293 -52.58 85.85 -13.63
CA LEU C 4293 -53.13 84.75 -12.85
C LEU C 4293 -54.00 83.84 -13.71
N TRP C 4294 -54.90 84.45 -14.49
CA TRP C 4294 -55.73 83.68 -15.42
C TRP C 4294 -54.90 83.12 -16.56
N CYS C 4295 -53.78 83.77 -16.90
CA CYS C 4295 -52.85 83.18 -17.86
C CYS C 4295 -52.14 81.97 -17.28
N LEU C 4296 -52.02 81.89 -15.96
CA LEU C 4296 -51.53 80.68 -15.31
C LEU C 4296 -52.62 79.64 -15.16
N SER C 4297 -53.88 80.05 -15.18
CA SER C 4297 -54.99 79.10 -15.09
C SER C 4297 -55.07 78.24 -16.35
N LEU C 4298 -54.94 78.87 -17.51
CA LEU C 4298 -54.86 78.13 -18.76
C LEU C 4298 -53.53 77.39 -18.88
N LEU C 4299 -52.47 77.91 -18.25
CA LEU C 4299 -51.16 77.28 -18.36
C LEU C 4299 -51.09 75.99 -17.56
N HIS C 4300 -51.77 75.95 -16.41
CA HIS C 4300 -51.80 74.72 -15.62
C HIS C 4300 -52.64 73.65 -16.31
N THR C 4301 -53.70 74.06 -17.01
CA THR C 4301 -54.46 73.12 -17.81
C THR C 4301 -53.66 72.69 -19.03
N LEU C 4302 -52.77 73.56 -19.52
CA LEU C 4302 -51.93 73.25 -20.67
C LEU C 4302 -50.91 72.17 -20.33
N VAL C 4303 -50.12 72.40 -19.28
CA VAL C 4303 -48.93 71.58 -19.05
C VAL C 4303 -49.25 70.17 -18.59
N ALA C 4304 -50.40 69.96 -17.94
CA ALA C 4304 -50.77 68.60 -17.54
C ALA C 4304 -51.23 67.80 -18.75
N PHE C 4305 -51.77 68.47 -19.77
CA PHE C 4305 -52.10 67.81 -21.02
C PHE C 4305 -50.85 67.34 -21.74
N LEU C 4306 -49.74 68.07 -21.58
CA LEU C 4306 -48.48 67.62 -22.17
C LEU C 4306 -47.95 66.38 -21.46
N CYS C 4307 -48.32 66.18 -20.19
CA CYS C 4307 -47.95 64.95 -19.51
C CYS C 4307 -48.76 63.76 -19.97
N ILE C 4308 -49.88 63.98 -20.66
CA ILE C 4308 -50.75 62.88 -21.06
C ILE C 4308 -50.13 62.10 -22.21
N ILE C 4309 -49.73 62.80 -23.27
CA ILE C 4309 -49.12 62.12 -24.41
C ILE C 4309 -47.69 61.71 -24.07
N GLY C 4310 -47.05 62.44 -23.15
CA GLY C 4310 -45.78 61.99 -22.62
C GLY C 4310 -45.89 60.71 -21.83
N TYR C 4311 -47.02 60.50 -21.16
CA TYR C 4311 -47.30 59.20 -20.56
C TYR C 4311 -47.57 58.15 -21.62
N ASN C 4312 -48.17 58.54 -22.75
CA ASN C 4312 -48.53 57.60 -23.80
C ASN C 4312 -47.31 57.07 -24.52
N CYS C 4313 -46.49 57.97 -25.07
CA CYS C 4313 -45.37 57.59 -25.92
C CYS C 4313 -44.19 57.04 -25.13
N LEU C 4314 -44.14 57.24 -23.83
CA LEU C 4314 -43.02 56.75 -23.03
C LEU C 4314 -43.43 55.62 -22.10
N LYS C 4315 -44.41 55.85 -21.23
CA LYS C 4315 -44.72 54.85 -20.21
C LYS C 4315 -45.48 53.66 -20.77
N VAL C 4316 -46.54 53.90 -21.53
CA VAL C 4316 -47.42 52.80 -21.87
C VAL C 4316 -47.35 52.41 -23.36
N PRO C 4317 -46.19 51.96 -23.84
CA PRO C 4317 -46.20 50.78 -24.71
C PRO C 4317 -45.71 49.58 -23.94
N LEU C 4318 -45.05 49.87 -22.81
CA LEU C 4318 -44.43 48.86 -21.98
C LEU C 4318 -45.48 48.00 -21.28
N VAL C 4319 -46.52 48.66 -20.75
CA VAL C 4319 -47.58 47.97 -20.03
C VAL C 4319 -48.35 47.05 -20.96
N ILE C 4320 -48.39 47.41 -22.25
CA ILE C 4320 -48.92 46.50 -23.27
C ILE C 4320 -48.04 45.27 -23.37
N PHE C 4321 -46.72 45.48 -23.51
CA PHE C 4321 -45.78 44.39 -23.69
C PHE C 4321 -45.69 43.50 -22.45
N LYS C 4322 -46.00 44.06 -21.28
CA LYS C 4322 -46.20 43.23 -20.10
C LYS C 4322 -47.36 42.27 -20.28
N ARG C 4323 -48.46 42.75 -20.86
CA ARG C 4323 -49.60 41.88 -21.11
C ARG C 4323 -49.37 41.01 -22.35
N GLU C 4324 -48.55 41.49 -23.30
CA GLU C 4324 -48.29 40.72 -24.51
C GLU C 4324 -47.50 39.46 -24.22
N LYS C 4325 -46.52 39.52 -23.33
CA LYS C 4325 -45.72 38.35 -23.03
C LYS C 4325 -46.51 37.34 -22.21
N GLU C 4326 -47.26 37.83 -21.23
CA GLU C 4326 -47.86 36.94 -20.24
C GLU C 4326 -48.99 36.11 -20.82
N LEU C 4327 -49.61 36.56 -21.91
CA LEU C 4327 -50.63 35.72 -22.53
C LEU C 4327 -50.01 34.61 -23.34
N ALA C 4328 -48.82 34.85 -23.92
CA ALA C 4328 -48.13 33.81 -24.67
C ALA C 4328 -47.67 32.69 -23.74
N ARG C 4329 -47.34 33.01 -22.50
CA ARG C 4329 -47.16 31.99 -21.49
C ARG C 4329 -48.46 31.24 -21.23
N LYS C 4330 -49.56 31.98 -21.12
CA LYS C 4330 -50.84 31.41 -20.78
C LYS C 4330 -51.57 30.79 -21.97
N LEU C 4331 -51.00 30.86 -23.16
CA LEU C 4331 -51.60 30.20 -24.30
C LEU C 4331 -50.74 29.10 -24.89
N GLU C 4332 -49.42 29.20 -24.77
CA GLU C 4332 -48.59 28.08 -25.20
C GLU C 4332 -48.39 27.09 -24.06
N PHE C 4333 -47.90 27.55 -22.92
CA PHE C 4333 -47.69 26.67 -21.80
C PHE C 4333 -48.98 26.36 -21.06
N ASP C 4334 -50.05 27.14 -21.28
CA ASP C 4334 -51.32 26.90 -20.62
C ASP C 4334 -52.41 26.80 -21.67
N GLY C 4335 -53.49 26.13 -21.29
CA GLY C 4335 -54.67 26.00 -22.12
C GLY C 4335 -55.77 26.90 -21.61
N LEU C 4336 -55.39 28.13 -21.24
CA LEU C 4336 -56.30 29.08 -20.62
C LEU C 4336 -57.46 29.41 -21.55
N TYR C 4337 -57.18 29.74 -22.80
CA TYR C 4337 -58.25 29.89 -23.77
C TYR C 4337 -58.43 28.67 -24.66
N ILE C 4338 -57.47 27.76 -24.70
CA ILE C 4338 -57.62 26.56 -25.51
C ILE C 4338 -58.32 25.47 -24.74
N THR C 4339 -57.70 25.03 -23.64
CA THR C 4339 -58.15 23.80 -22.99
C THR C 4339 -59.34 24.07 -22.09
N GLU C 4340 -59.15 24.82 -21.02
CA GLU C 4340 -60.22 24.91 -20.05
C GLU C 4340 -61.10 26.16 -20.18
N GLN C 4341 -60.58 27.30 -19.71
CA GLN C 4341 -61.42 28.45 -19.37
C GLN C 4341 -60.56 29.58 -18.82
N PRO C 4342 -61.00 30.84 -18.91
CA PRO C 4342 -60.44 31.88 -18.03
C PRO C 4342 -60.87 31.71 -16.59
N GLY C 4343 -60.51 32.66 -15.74
CA GLY C 4343 -60.88 32.52 -14.34
C GLY C 4343 -62.33 32.82 -13.99
N ASP C 4344 -63.13 33.24 -14.98
CA ASP C 4344 -64.53 33.68 -14.89
C ASP C 4344 -64.72 34.95 -14.06
N ASP C 4345 -63.65 35.51 -13.52
CA ASP C 4345 -63.59 36.80 -12.85
C ASP C 4345 -62.35 37.45 -13.40
N ASP C 4346 -61.87 38.51 -12.75
CA ASP C 4346 -60.61 39.19 -13.07
C ASP C 4346 -60.64 39.69 -14.52
N VAL C 4347 -61.53 40.67 -14.72
CA VAL C 4347 -62.13 41.00 -16.01
C VAL C 4347 -61.12 41.39 -17.09
N LYS C 4348 -59.87 41.67 -16.73
CA LYS C 4348 -58.80 41.71 -17.72
C LYS C 4348 -58.64 40.38 -18.45
N GLY C 4349 -58.83 39.25 -17.76
CA GLY C 4349 -58.85 37.97 -18.45
C GLY C 4349 -60.10 37.81 -19.27
N GLN C 4350 -61.21 38.39 -18.79
CA GLN C 4350 -62.41 38.50 -19.60
C GLN C 4350 -62.20 39.48 -20.75
N TRP C 4351 -61.37 40.50 -20.54
CA TRP C 4351 -61.11 41.50 -21.57
C TRP C 4351 -60.31 40.95 -22.72
N ASP C 4352 -59.46 39.96 -22.48
CA ASP C 4352 -58.56 39.46 -23.50
C ASP C 4352 -59.24 38.53 -24.49
N ARG C 4353 -60.49 38.14 -24.24
CA ARG C 4353 -61.27 37.40 -25.23
C ARG C 4353 -61.49 38.22 -26.49
N LEU C 4354 -61.57 39.54 -26.36
CA LEU C 4354 -61.88 40.42 -27.47
C LEU C 4354 -60.73 40.51 -28.48
N VAL C 4355 -59.50 40.19 -28.06
CA VAL C 4355 -58.34 40.41 -28.92
C VAL C 4355 -57.83 39.11 -29.54
N LEU C 4356 -58.41 37.96 -29.19
CA LEU C 4356 -57.90 36.66 -29.61
C LEU C 4356 -57.90 36.48 -31.11
N ASN C 4357 -58.88 37.01 -31.82
CA ASN C 4357 -58.96 36.83 -33.26
C ASN C 4357 -58.34 37.97 -34.03
N THR C 4358 -57.71 38.91 -33.38
CA THR C 4358 -57.07 39.98 -34.11
C THR C 4358 -55.78 39.48 -34.73
N PRO C 4359 -55.53 39.79 -36.00
CA PRO C 4359 -54.23 39.47 -36.59
C PRO C 4359 -53.10 40.33 -36.04
N SER C 4360 -53.43 41.49 -35.45
CA SER C 4360 -52.44 42.35 -34.81
C SER C 4360 -52.30 42.03 -33.34
N PHE C 4361 -52.63 40.79 -32.95
CA PHE C 4361 -52.50 40.36 -31.56
C PHE C 4361 -51.08 40.41 -31.02
N PRO C 4362 -50.03 39.78 -31.65
CA PRO C 4362 -48.73 39.77 -30.98
C PRO C 4362 -47.89 41.01 -31.28
N SER C 4363 -48.54 42.10 -31.74
CA SER C 4363 -47.88 43.22 -32.40
C SER C 4363 -46.84 43.93 -31.53
N ASN C 4364 -46.90 43.80 -30.21
CA ASN C 4364 -45.87 44.38 -29.36
C ASN C 4364 -44.86 43.35 -28.88
N TYR C 4365 -45.23 42.08 -28.85
CA TYR C 4365 -44.31 41.02 -28.45
C TYR C 4365 -43.37 40.70 -29.62
N TRP C 4366 -42.23 40.08 -29.29
CA TRP C 4366 -41.22 39.80 -30.29
C TRP C 4366 -41.64 38.68 -31.23
N ASP C 4367 -41.80 37.47 -30.69
CA ASP C 4367 -42.19 36.33 -31.51
C ASP C 4367 -43.65 36.46 -31.88
N LYS C 4368 -43.89 36.67 -33.18
CA LYS C 4368 -45.24 36.74 -33.71
C LYS C 4368 -45.65 35.45 -34.38
N PHE C 4369 -45.11 34.33 -33.89
CA PHE C 4369 -45.33 33.03 -34.52
C PHE C 4369 -45.76 32.00 -33.49
N VAL C 4370 -46.07 32.44 -32.27
CA VAL C 4370 -46.56 31.55 -31.22
C VAL C 4370 -47.93 30.99 -31.56
N LYS C 4371 -48.70 31.69 -32.41
CA LYS C 4371 -49.98 31.17 -32.88
C LYS C 4371 -49.80 29.89 -33.69
N ARG C 4372 -48.70 29.80 -34.44
CA ARG C 4372 -48.34 28.55 -35.08
C ARG C 4372 -47.98 27.49 -34.05
N LYS C 4373 -47.33 27.90 -32.97
CA LYS C 4373 -46.91 26.97 -31.94
C LYS C 4373 -48.10 26.44 -31.15
N VAL C 4374 -49.15 27.25 -31.01
CA VAL C 4374 -50.38 26.76 -30.40
C VAL C 4374 -51.04 25.74 -31.31
N LEU C 4375 -51.01 26.00 -32.63
CA LEU C 4375 -51.44 24.98 -33.60
C LEU C 4375 -50.54 23.76 -33.55
N ASP C 4376 -49.27 23.96 -33.22
CA ASP C 4376 -48.36 22.83 -33.06
C ASP C 4376 -48.70 22.02 -31.82
N LYS C 4377 -48.85 22.70 -30.68
CA LYS C 4377 -49.01 22.00 -29.42
C LYS C 4377 -50.45 21.60 -29.16
N HIS C 4378 -51.39 22.52 -29.34
CA HIS C 4378 -52.75 22.29 -28.93
C HIS C 4378 -53.70 21.99 -30.08
N GLY C 4379 -53.30 22.28 -31.32
CA GLY C 4379 -54.16 22.03 -32.46
C GLY C 4379 -54.39 20.56 -32.75
N ASP C 4380 -53.51 19.68 -32.27
CA ASP C 4380 -53.63 18.27 -32.59
C ASP C 4380 -54.74 17.62 -31.77
N ILE C 4381 -54.69 17.77 -30.44
CA ILE C 4381 -55.62 17.08 -29.56
C ILE C 4381 -57.03 17.65 -29.62
N PHE C 4382 -57.20 18.87 -30.09
CA PHE C 4382 -58.48 19.55 -30.17
C PHE C 4382 -58.76 19.86 -31.64
N GLY C 4383 -59.80 20.66 -31.88
CA GLY C 4383 -60.17 21.07 -33.22
C GLY C 4383 -59.06 21.87 -33.89
N ARG C 4384 -58.45 21.29 -34.92
CA ARG C 4384 -57.27 21.91 -35.52
C ARG C 4384 -57.67 23.17 -36.29
N GLU C 4385 -58.73 23.09 -37.08
CA GLU C 4385 -59.29 24.29 -37.68
C GLU C 4385 -59.95 25.18 -36.63
N ARG C 4386 -60.40 24.60 -35.52
CA ARG C 4386 -60.98 25.39 -34.43
C ARG C 4386 -59.93 26.30 -33.81
N ILE C 4387 -58.75 25.77 -33.52
CA ILE C 4387 -57.65 26.61 -33.04
C ILE C 4387 -57.18 27.53 -34.15
N ALA C 4388 -57.22 27.07 -35.41
CA ALA C 4388 -57.00 27.93 -36.57
C ALA C 4388 -58.18 28.86 -36.84
N GLU C 4389 -59.23 28.79 -36.03
CA GLU C 4389 -60.26 29.81 -35.96
C GLU C 4389 -60.20 30.60 -34.65
N LEU C 4390 -59.77 29.95 -33.56
CA LEU C 4390 -59.87 30.57 -32.23
C LEU C 4390 -58.88 31.71 -32.07
N LEU C 4391 -57.81 31.72 -32.85
CA LEU C 4391 -56.85 32.82 -32.83
C LEU C 4391 -57.00 33.73 -34.03
N GLY C 4392 -58.20 33.80 -34.60
CA GLY C 4392 -58.33 34.37 -35.92
C GLY C 4392 -57.71 33.38 -36.88
N MET C 4393 -56.60 33.79 -37.50
CA MET C 4393 -55.86 33.00 -38.49
C MET C 4393 -56.77 32.52 -39.62
N ASP C 4394 -57.51 33.49 -40.18
CA ASP C 4394 -58.52 33.20 -41.20
C ASP C 4394 -57.85 32.70 -42.47
N LEU C 4395 -58.16 31.45 -42.83
CA LEU C 4395 -57.59 30.70 -43.95
C LEU C 4395 -56.09 30.50 -43.83
N ALA C 4396 -55.52 30.70 -42.64
CA ALA C 4396 -54.09 30.51 -42.43
C ALA C 4396 -53.70 29.05 -42.38
N SER C 4397 -54.65 28.15 -42.11
CA SER C 4397 -54.41 26.73 -42.34
C SER C 4397 -54.18 26.44 -43.82
N LEU C 4398 -54.84 27.21 -44.69
CA LEU C 4398 -54.53 27.21 -46.11
C LEU C 4398 -53.44 28.20 -46.47
N GLU C 4399 -53.29 29.29 -45.72
CA GLU C 4399 -52.23 30.24 -45.99
C GLU C 4399 -50.94 29.91 -45.26
N ILE C 4400 -50.84 28.74 -44.63
CA ILE C 4400 -49.54 28.28 -44.15
C ILE C 4400 -48.67 27.89 -45.34
N THR C 4401 -49.17 27.01 -46.20
CA THR C 4401 -48.45 26.63 -47.40
C THR C 4401 -48.51 27.71 -48.47
N ALA C 4402 -49.57 28.52 -48.49
CA ALA C 4402 -49.67 29.59 -49.47
C ALA C 4402 -48.72 30.74 -49.18
N HIS C 4403 -48.38 30.99 -47.92
CA HIS C 4403 -47.29 31.90 -47.58
C HIS C 4403 -45.97 31.15 -47.43
N ASN C 4404 -45.67 30.32 -48.42
CA ASN C 4404 -44.37 29.68 -48.55
C ASN C 4404 -43.76 29.82 -49.93
N GLU C 4405 -44.55 29.93 -51.00
CA GLU C 4405 -44.04 30.10 -52.36
C GLU C 4405 -43.28 31.42 -52.51
N ARG C 4406 -44.00 32.53 -52.40
CA ARG C 4406 -43.41 33.86 -52.53
C ARG C 4406 -44.33 34.87 -51.88
N LYS C 4407 -43.90 36.13 -51.84
CA LYS C 4407 -44.71 37.21 -51.31
C LYS C 4407 -44.28 38.54 -51.95
N PRO C 4408 -45.05 39.07 -52.88
CA PRO C 4408 -44.74 40.39 -53.44
C PRO C 4408 -45.13 41.50 -52.48
N ASP C 4409 -44.61 42.69 -52.76
CA ASP C 4409 -44.78 43.85 -51.88
C ASP C 4409 -45.68 44.89 -52.53
N PRO C 4410 -46.80 45.25 -51.91
CA PRO C 4410 -47.65 46.32 -52.45
C PRO C 4410 -47.14 47.69 -52.02
N PRO C 4411 -47.43 48.73 -52.79
CA PRO C 4411 -46.97 50.08 -52.42
C PRO C 4411 -47.90 50.72 -51.40
N PRO C 4412 -47.38 51.62 -50.57
CA PRO C 4412 -48.22 52.27 -49.56
C PRO C 4412 -48.90 53.53 -50.10
N GLY C 4413 -50.19 53.67 -49.79
CA GLY C 4413 -50.98 54.82 -50.22
C GLY C 4413 -51.58 55.62 -49.09
N LEU C 4414 -50.77 55.93 -48.07
CA LEU C 4414 -51.25 56.33 -46.74
C LEU C 4414 -52.01 57.66 -46.76
N LEU C 4415 -52.69 57.91 -45.63
CA LEU C 4415 -53.61 59.00 -45.34
C LEU C 4415 -54.89 58.95 -46.17
N THR C 4416 -55.12 57.87 -46.93
CA THR C 4416 -56.35 57.64 -47.68
C THR C 4416 -57.01 56.33 -47.31
N TRP C 4417 -56.25 55.26 -47.10
CA TRP C 4417 -56.79 53.97 -46.71
C TRP C 4417 -56.79 53.76 -45.20
N LEU C 4418 -56.36 54.76 -44.43
CA LEU C 4418 -56.02 54.62 -43.01
C LEU C 4418 -57.20 54.21 -42.12
N MET C 4419 -58.44 54.23 -42.66
CA MET C 4419 -59.56 53.54 -42.03
C MET C 4419 -59.38 52.02 -41.98
N SER C 4420 -58.48 51.46 -42.78
CA SER C 4420 -58.18 50.03 -42.75
C SER C 4420 -57.06 49.77 -41.72
N ILE C 4421 -57.42 49.99 -40.45
CA ILE C 4421 -56.60 49.57 -39.32
C ILE C 4421 -57.47 48.67 -38.44
N ASP C 4422 -56.81 47.88 -37.61
CA ASP C 4422 -57.51 46.85 -36.82
C ASP C 4422 -58.20 47.53 -35.64
N VAL C 4423 -59.49 47.82 -35.83
CA VAL C 4423 -60.26 48.58 -34.84
C VAL C 4423 -60.51 47.73 -33.60
N LYS C 4424 -60.79 46.44 -33.80
CA LYS C 4424 -60.97 45.51 -32.68
C LYS C 4424 -59.72 45.41 -31.82
N TYR C 4425 -58.54 45.49 -32.44
CA TYR C 4425 -57.32 45.57 -31.66
C TYR C 4425 -57.20 46.91 -30.95
N GLN C 4426 -57.69 47.99 -31.58
CA GLN C 4426 -57.61 49.31 -30.95
C GLN C 4426 -58.55 49.46 -29.77
N ILE C 4427 -59.77 48.89 -29.87
CA ILE C 4427 -60.73 48.97 -28.78
C ILE C 4427 -60.24 48.15 -27.58
N TRP C 4428 -59.68 46.98 -27.86
CA TRP C 4428 -59.01 46.20 -26.83
C TRP C 4428 -57.82 46.96 -26.24
N LYS C 4429 -57.07 47.66 -27.10
CA LYS C 4429 -55.86 48.37 -26.69
C LYS C 4429 -56.17 49.43 -25.65
N PHE C 4430 -57.12 50.32 -25.97
CA PHE C 4430 -57.42 51.45 -25.09
C PHE C 4430 -58.04 50.96 -23.79
N GLY C 4431 -58.82 49.88 -23.86
CA GLY C 4431 -59.41 49.34 -22.65
C GLY C 4431 -58.40 48.65 -21.75
N VAL C 4432 -57.33 48.12 -22.34
CA VAL C 4432 -56.22 47.62 -21.55
C VAL C 4432 -55.54 48.77 -20.80
N ILE C 4433 -55.36 49.90 -21.47
CA ILE C 4433 -54.80 51.07 -20.80
C ILE C 4433 -55.81 51.62 -19.80
N PHE C 4434 -57.10 51.36 -20.03
CA PHE C 4434 -58.13 51.73 -19.06
C PHE C 4434 -58.08 50.84 -17.83
N THR C 4435 -57.55 49.62 -17.96
CA THR C 4435 -57.44 48.76 -16.79
C THR C 4435 -56.28 49.19 -15.90
N ASP C 4436 -55.29 49.87 -16.47
CA ASP C 4436 -54.15 50.32 -15.68
C ASP C 4436 -54.53 51.50 -14.79
N ASN C 4437 -54.14 51.41 -13.52
CA ASN C 4437 -54.53 52.43 -12.55
C ASN C 4437 -53.77 53.73 -12.75
N SER C 4438 -52.50 53.62 -13.16
CA SER C 4438 -51.67 54.82 -13.30
C SER C 4438 -52.11 55.68 -14.48
N PHE C 4439 -52.59 55.04 -15.56
CA PHE C 4439 -53.22 55.81 -16.63
C PHE C 4439 -54.54 56.41 -16.17
N LEU C 4440 -55.31 55.63 -15.39
CA LEU C 4440 -56.54 56.16 -14.82
C LEU C 4440 -56.26 57.27 -13.82
N TYR C 4441 -55.09 57.23 -13.18
CA TYR C 4441 -54.78 58.26 -12.20
C TYR C 4441 -54.36 59.55 -12.88
N LEU C 4442 -53.46 59.46 -13.87
CA LEU C 4442 -52.98 60.67 -14.52
C LEU C 4442 -54.05 61.25 -15.45
N GLY C 4443 -54.97 60.40 -15.92
CA GLY C 4443 -56.14 60.92 -16.60
C GLY C 4443 -57.07 61.66 -15.66
N TRP C 4444 -57.31 61.09 -14.48
CA TRP C 4444 -58.15 61.75 -13.48
C TRP C 4444 -57.46 62.96 -12.88
N TYR C 4445 -56.12 62.95 -12.90
CA TYR C 4445 -55.37 64.14 -12.49
C TYR C 4445 -55.56 65.27 -13.47
N MET C 4446 -55.81 64.95 -14.74
CA MET C 4446 -55.99 65.97 -15.77
C MET C 4446 -57.32 66.70 -15.63
N VAL C 4447 -58.32 66.02 -15.04
CA VAL C 4447 -59.70 66.50 -15.11
C VAL C 4447 -59.88 67.76 -14.25
N MET C 4448 -59.18 67.82 -13.12
CA MET C 4448 -59.34 68.96 -12.21
C MET C 4448 -58.76 70.25 -12.77
N SER C 4449 -57.86 70.15 -13.76
CA SER C 4449 -57.33 71.35 -14.40
C SER C 4449 -58.41 72.00 -15.26
N LEU C 4450 -59.28 71.19 -15.87
CA LEU C 4450 -60.43 71.73 -16.57
C LEU C 4450 -61.40 72.39 -15.59
N LEU C 4451 -61.56 71.79 -14.42
CA LEU C 4451 -62.44 72.32 -13.40
C LEU C 4451 -61.86 73.56 -12.72
N GLY C 4452 -60.55 73.80 -12.87
CA GLY C 4452 -59.95 75.02 -12.36
C GLY C 4452 -60.38 76.27 -13.09
N HIS C 4453 -60.84 76.14 -14.34
CA HIS C 4453 -61.42 77.26 -15.05
C HIS C 4453 -62.70 77.76 -14.40
N TYR C 4454 -63.47 76.87 -13.78
CA TYR C 4454 -64.50 77.30 -12.85
C TYR C 4454 -63.84 77.92 -11.62
N ASN C 4455 -64.40 79.03 -11.16
CA ASN C 4455 -63.81 79.80 -10.06
C ASN C 4455 -64.07 79.03 -8.76
N ASN C 4456 -63.24 78.02 -8.53
CA ASN C 4456 -63.47 77.06 -7.46
C ASN C 4456 -62.11 76.58 -6.94
N PHE C 4457 -62.13 75.45 -6.24
CA PHE C 4457 -60.96 74.98 -5.50
C PHE C 4457 -59.86 74.46 -6.43
N PHE C 4458 -60.22 74.05 -7.63
CA PHE C 4458 -59.59 72.95 -8.37
C PHE C 4458 -58.17 73.20 -8.82
N PHE C 4459 -57.46 74.26 -8.42
CA PHE C 4459 -56.01 74.22 -8.48
C PHE C 4459 -55.41 73.67 -7.20
N ALA C 4460 -56.26 73.45 -6.19
CA ALA C 4460 -55.77 72.88 -4.93
C ALA C 4460 -55.88 71.36 -4.94
N ALA C 4461 -56.40 70.79 -6.03
CA ALA C 4461 -56.49 69.34 -6.11
C ALA C 4461 -55.18 68.74 -6.61
N HIS C 4462 -54.41 69.51 -7.38
CA HIS C 4462 -53.21 68.97 -7.99
C HIS C 4462 -52.04 69.00 -7.01
N LEU C 4463 -52.15 69.79 -5.95
CA LEU C 4463 -51.00 69.94 -5.04
C LEU C 4463 -50.88 68.75 -4.10
N LEU C 4464 -51.89 67.89 -4.06
CA LEU C 4464 -51.81 66.69 -3.24
C LEU C 4464 -50.87 65.67 -3.86
N ASP C 4465 -50.94 65.50 -5.18
CA ASP C 4465 -50.19 64.43 -5.83
C ASP C 4465 -48.74 64.84 -6.06
N ILE C 4466 -48.47 66.14 -6.17
CA ILE C 4466 -47.09 66.59 -6.34
C ILE C 4466 -46.33 66.44 -5.02
N ALA C 4467 -47.05 66.38 -3.91
CA ALA C 4467 -46.46 65.87 -2.68
C ALA C 4467 -46.32 64.36 -2.75
N MET C 4468 -47.35 63.67 -3.26
CA MET C 4468 -47.33 62.21 -3.36
C MET C 4468 -46.32 61.75 -4.41
N GLY C 4469 -46.01 62.62 -5.38
CA GLY C 4469 -45.05 62.24 -6.41
C GLY C 4469 -43.64 62.12 -5.87
N VAL C 4470 -43.34 62.77 -4.75
CA VAL C 4470 -42.06 62.56 -4.09
C VAL C 4470 -42.11 61.21 -3.38
N LYS C 4471 -41.08 60.39 -3.61
CA LYS C 4471 -41.10 59.01 -3.15
C LYS C 4471 -40.92 58.93 -1.63
N THR C 4472 -40.19 59.88 -1.05
CA THR C 4472 -39.96 59.85 0.39
C THR C 4472 -41.21 60.24 1.15
N LEU C 4473 -42.10 60.99 0.50
CA LEU C 4473 -43.43 61.18 1.05
C LEU C 4473 -44.20 59.86 1.06
N ARG C 4474 -44.02 59.07 0.00
CA ARG C 4474 -44.77 57.83 -0.14
C ARG C 4474 -44.30 56.80 0.88
N THR C 4475 -43.04 56.89 1.30
CA THR C 4475 -42.54 56.07 2.40
C THR C 4475 -43.34 56.29 3.67
N ILE C 4476 -43.74 57.55 3.91
CA ILE C 4476 -44.57 57.84 5.07
C ILE C 4476 -45.98 57.34 4.83
N LEU C 4477 -46.46 57.47 3.59
CA LEU C 4477 -47.83 57.09 3.27
C LEU C 4477 -48.00 55.58 3.24
N SER C 4478 -47.09 54.87 2.56
CA SER C 4478 -47.27 53.45 2.32
C SER C 4478 -47.10 52.65 3.60
N SER C 4479 -46.40 53.21 4.59
CA SER C 4479 -46.35 52.64 5.92
C SER C 4479 -47.75 52.55 6.53
N VAL C 4480 -48.50 53.65 6.44
CA VAL C 4480 -49.87 53.64 6.94
C VAL C 4480 -50.76 52.80 6.02
N THR C 4481 -50.43 52.79 4.73
CA THR C 4481 -51.20 51.99 3.78
C THR C 4481 -50.91 50.50 3.97
N HIS C 4482 -49.72 50.18 4.49
CA HIS C 4482 -49.36 48.79 4.75
C HIS C 4482 -50.24 48.19 5.83
N ASN C 4483 -50.27 48.80 7.00
CA ASN C 4483 -51.04 48.29 8.12
C ASN C 4483 -52.43 48.91 8.20
N GLY C 4484 -52.92 49.50 7.11
CA GLY C 4484 -54.21 50.17 7.14
C GLY C 4484 -55.37 49.21 7.23
N LYS C 4485 -55.18 47.96 6.80
CA LYS C 4485 -56.26 46.99 6.79
C LYS C 4485 -56.60 46.55 8.21
N GLN C 4486 -55.67 46.71 9.15
CA GLN C 4486 -56.01 46.55 10.56
C GLN C 4486 -56.57 47.85 11.12
N LEU C 4487 -56.12 48.98 10.58
CA LEU C 4487 -56.57 50.28 11.06
C LEU C 4487 -58.05 50.51 10.75
N VAL C 4488 -58.51 50.04 9.60
CA VAL C 4488 -59.91 50.22 9.23
C VAL C 4488 -60.81 49.31 10.06
N MET C 4489 -60.24 48.23 10.61
CA MET C 4489 -61.01 47.42 11.55
C MET C 4489 -60.89 47.98 12.96
N THR C 4490 -59.77 48.67 13.25
CA THR C 4490 -59.53 49.20 14.58
C THR C 4490 -60.51 50.32 14.92
N VAL C 4491 -60.86 51.13 13.92
CA VAL C 4491 -61.80 52.22 14.16
C VAL C 4491 -63.22 51.68 14.31
N GLY C 4492 -63.47 50.47 13.84
CA GLY C 4492 -64.76 49.86 14.03
C GLY C 4492 -65.01 49.47 15.48
N LEU C 4493 -63.93 49.25 16.23
CA LEU C 4493 -64.07 48.94 17.64
C LEU C 4493 -64.48 50.18 18.43
N LEU C 4494 -64.07 51.36 17.94
CA LEU C 4494 -64.31 52.61 18.67
C LEU C 4494 -65.79 52.96 18.68
N ALA C 4495 -66.49 52.68 17.58
CA ALA C 4495 -67.89 53.07 17.50
C ALA C 4495 -68.77 52.12 18.30
N VAL C 4496 -68.35 50.86 18.45
CA VAL C 4496 -69.24 49.88 19.07
C VAL C 4496 -69.17 49.93 20.59
N VAL C 4497 -68.06 50.43 21.16
CA VAL C 4497 -67.94 50.48 22.61
C VAL C 4497 -68.76 51.64 23.17
N VAL C 4498 -68.70 52.79 22.50
CA VAL C 4498 -69.55 53.91 22.88
C VAL C 4498 -71.01 53.60 22.56
N TYR C 4499 -71.27 52.68 21.63
CA TYR C 4499 -72.62 52.22 21.37
C TYR C 4499 -73.16 51.42 22.55
N LEU C 4500 -72.31 50.55 23.12
CA LEU C 4500 -72.73 49.75 24.26
C LEU C 4500 -73.01 50.62 25.48
N TYR C 4501 -72.26 51.69 25.66
CA TYR C 4501 -72.43 52.52 26.84
C TYR C 4501 -73.26 53.75 26.56
N THR C 4502 -73.77 53.87 25.34
CA THR C 4502 -74.84 54.80 25.03
C THR C 4502 -76.13 54.42 25.74
N VAL C 4503 -76.55 53.15 25.60
CA VAL C 4503 -77.85 52.73 26.12
C VAL C 4503 -77.86 52.71 27.64
N VAL C 4504 -76.70 52.50 28.27
CA VAL C 4504 -76.59 52.61 29.72
C VAL C 4504 -76.78 54.06 30.14
N ALA C 4505 -76.15 54.97 29.41
CA ALA C 4505 -76.41 56.39 29.60
C ALA C 4505 -77.77 56.81 29.08
N PHE C 4506 -78.38 56.02 28.18
CA PHE C 4506 -79.71 56.36 27.72
C PHE C 4506 -80.79 55.82 28.65
N ASN C 4507 -80.67 54.57 29.08
CA ASN C 4507 -81.75 53.96 29.85
C ASN C 4507 -81.58 54.05 31.35
N PHE C 4508 -80.37 54.15 31.87
CA PHE C 4508 -80.15 54.25 33.31
C PHE C 4508 -79.67 55.63 33.73
N PHE C 4509 -78.93 56.33 32.88
CA PHE C 4509 -78.45 57.66 33.23
C PHE C 4509 -79.26 58.70 32.48
N ARG C 4510 -80.57 58.48 32.39
CA ARG C 4510 -81.42 59.17 31.44
C ARG C 4510 -81.59 60.64 31.79
N LYS C 4511 -82.16 60.91 32.96
CA LYS C 4511 -82.48 62.25 33.43
C LYS C 4511 -81.26 63.04 33.89
N PHE C 4512 -80.05 62.52 33.69
CA PHE C 4512 -78.85 63.10 34.26
C PHE C 4512 -78.12 64.02 33.29
N TYR C 4513 -78.47 64.02 32.00
CA TYR C 4513 -77.78 64.81 30.98
C TYR C 4513 -77.88 66.31 31.21
N ASN C 4514 -79.10 66.85 31.09
CA ASN C 4514 -79.46 68.21 31.50
C ASN C 4514 -78.61 69.26 30.78
N LYS C 4515 -78.89 69.43 29.49
CA LYS C 4515 -78.05 70.23 28.59
C LYS C 4515 -77.94 71.73 28.89
N SER C 4516 -78.58 72.20 29.97
CA SER C 4516 -78.18 73.40 30.71
C SER C 4516 -78.42 74.69 29.92
N GLU C 4517 -79.54 74.76 29.21
CA GLU C 4517 -80.03 76.05 28.75
C GLU C 4517 -80.74 76.74 29.92
N ASP C 4518 -80.79 78.07 29.88
CA ASP C 4518 -81.33 78.84 30.99
C ASP C 4518 -82.84 78.66 31.09
N GLU C 4519 -83.30 78.19 32.26
CA GLU C 4519 -84.68 78.10 32.73
C GLU C 4519 -85.49 77.00 32.03
N ASP C 4520 -84.94 76.44 30.96
CA ASP C 4520 -85.57 75.40 30.18
C ASP C 4520 -84.48 74.43 29.73
N GLU C 4521 -84.84 73.16 29.57
CA GLU C 4521 -83.85 72.19 29.00
C GLU C 4521 -84.51 71.43 27.84
N PRO C 4522 -84.94 72.10 26.74
CA PRO C 4522 -85.64 71.40 25.67
C PRO C 4522 -84.63 70.37 25.18
N ASP C 4523 -83.36 70.78 25.10
CA ASP C 4523 -82.30 69.87 24.70
C ASP C 4523 -82.02 68.93 25.86
N MET C 4524 -82.26 67.64 25.63
CA MET C 4524 -81.55 66.56 26.30
C MET C 4524 -81.32 65.50 25.24
N LYS C 4525 -80.15 64.86 25.29
CA LYS C 4525 -79.89 63.82 24.30
C LYS C 4525 -80.63 62.53 24.63
N CYS C 4526 -81.16 62.40 25.85
CA CYS C 4526 -82.10 61.35 26.19
C CYS C 4526 -83.54 61.80 25.90
N ASP C 4527 -83.74 62.24 24.66
CA ASP C 4527 -85.07 62.46 24.11
C ASP C 4527 -85.36 61.51 22.96
N ASP C 4528 -84.50 61.48 21.96
CA ASP C 4528 -84.52 60.46 20.93
C ASP C 4528 -83.28 59.59 21.08
N MET C 4529 -83.22 58.55 20.25
CA MET C 4529 -82.17 57.56 20.46
C MET C 4529 -81.00 57.73 19.50
N MET C 4530 -81.25 58.13 18.26
CA MET C 4530 -80.16 58.66 17.43
C MET C 4530 -79.57 59.93 18.02
N THR C 4531 -80.39 60.73 18.69
CA THR C 4531 -79.93 61.95 19.34
C THR C 4531 -78.95 61.65 20.46
N CYS C 4532 -79.11 60.50 21.12
CA CYS C 4532 -78.21 60.12 22.20
C CYS C 4532 -76.84 59.68 21.68
N TYR C 4533 -76.83 58.71 20.78
CA TYR C 4533 -75.59 58.07 20.35
C TYR C 4533 -74.74 58.98 19.47
N LEU C 4534 -75.36 59.93 18.76
CA LEU C 4534 -74.58 60.91 18.02
C LEU C 4534 -73.83 61.84 18.96
N PHE C 4535 -74.41 62.09 20.13
CA PHE C 4535 -73.75 62.90 21.14
C PHE C 4535 -72.57 62.18 21.78
N HIS C 4536 -72.69 60.86 21.97
CA HIS C 4536 -71.60 60.07 22.52
C HIS C 4536 -70.41 60.04 21.59
N MET C 4537 -70.67 59.91 20.28
CA MET C 4537 -69.58 59.87 19.30
C MET C 4537 -68.93 61.23 19.14
N TYR C 4538 -69.62 62.30 19.54
CA TYR C 4538 -69.11 63.63 19.31
C TYR C 4538 -68.24 64.13 20.45
N VAL C 4539 -68.56 63.75 21.69
CA VAL C 4539 -67.99 64.38 22.88
C VAL C 4539 -66.98 63.48 23.57
N GLY C 4540 -67.42 62.30 24.01
CA GLY C 4540 -66.67 61.56 25.01
C GLY C 4540 -65.38 60.96 24.49
N VAL C 4541 -65.34 60.69 23.18
CA VAL C 4541 -64.11 60.24 22.54
C VAL C 4541 -63.19 61.39 22.17
N ARG C 4542 -63.62 62.63 22.38
CA ARG C 4542 -62.89 63.80 21.92
C ARG C 4542 -62.54 64.75 23.05
N ALA C 4543 -63.32 64.76 24.13
CA ALA C 4543 -63.24 65.82 25.15
C ALA C 4543 -61.94 65.77 25.94
N GLY C 4544 -61.30 64.60 26.03
CA GLY C 4544 -60.09 64.51 26.81
C GLY C 4544 -60.34 64.52 28.30
N GLY C 4545 -61.01 63.49 28.78
CA GLY C 4545 -61.40 63.41 30.18
C GLY C 4545 -62.72 62.68 30.31
N GLY C 4546 -63.27 62.26 29.18
CA GLY C 4546 -64.49 61.51 29.13
C GLY C 4546 -65.67 62.40 28.77
N ILE C 4547 -66.85 61.78 28.75
CA ILE C 4547 -68.07 62.52 28.47
C ILE C 4547 -68.62 63.16 29.74
N GLY C 4548 -68.12 62.76 30.92
CA GLY C 4548 -68.56 63.32 32.18
C GLY C 4548 -68.06 64.71 32.49
N ASP C 4549 -67.25 65.30 31.61
CA ASP C 4549 -66.79 66.67 31.82
C ASP C 4549 -67.88 67.69 31.53
N GLU C 4550 -68.92 67.29 30.80
CA GLU C 4550 -69.94 68.20 30.30
C GLU C 4550 -71.31 67.94 30.88
N ILE C 4551 -71.73 66.68 30.94
CA ILE C 4551 -72.90 66.28 31.72
C ILE C 4551 -72.61 66.59 33.18
N GLU C 4552 -73.64 67.04 33.89
CA GLU C 4552 -73.51 67.80 35.13
C GLU C 4552 -72.95 66.96 36.27
N ASP C 4553 -72.79 67.62 37.41
CA ASP C 4553 -72.07 67.06 38.55
C ASP C 4553 -72.87 65.93 39.20
N PRO C 4554 -72.28 64.74 39.36
CA PRO C 4554 -72.94 63.69 40.13
C PRO C 4554 -72.71 63.81 41.63
N ALA C 4555 -72.88 65.01 42.19
CA ALA C 4555 -72.70 65.23 43.61
C ALA C 4555 -73.95 64.94 44.42
N GLY C 4556 -74.99 64.39 43.79
CA GLY C 4556 -76.23 64.06 44.46
C GLY C 4556 -76.14 62.77 45.26
N ASP C 4557 -77.31 62.20 45.52
CA ASP C 4557 -77.37 60.98 46.32
C ASP C 4557 -78.06 59.86 45.55
N GLU C 4558 -79.01 60.20 44.68
CA GLU C 4558 -79.77 59.20 43.94
C GLU C 4558 -78.88 58.54 42.89
N TYR C 4559 -78.36 57.36 43.23
CA TYR C 4559 -77.45 56.55 42.43
C TYR C 4559 -76.19 57.28 41.99
N GLU C 4560 -75.81 58.35 42.70
CA GLU C 4560 -74.71 59.22 42.26
C GLU C 4560 -73.35 58.69 42.72
N LEU C 4561 -73.30 57.40 43.03
CA LEU C 4561 -72.08 56.63 43.16
C LEU C 4561 -71.86 55.79 41.91
N TYR C 4562 -72.90 55.65 41.10
CA TYR C 4562 -72.83 54.83 39.89
C TYR C 4562 -72.72 55.71 38.65
N ARG C 4563 -73.30 56.90 38.70
CA ARG C 4563 -73.19 57.84 37.58
C ARG C 4563 -71.76 58.35 37.43
N VAL C 4564 -70.99 58.35 38.51
CA VAL C 4564 -69.69 59.01 38.51
C VAL C 4564 -68.58 58.09 38.02
N VAL C 4565 -68.40 56.93 38.66
CA VAL C 4565 -67.16 56.19 38.55
C VAL C 4565 -67.09 55.46 37.21
N PHE C 4566 -68.25 55.23 36.61
CA PHE C 4566 -68.33 54.40 35.41
C PHE C 4566 -67.69 55.08 34.21
N ASP C 4567 -67.94 56.37 34.01
CA ASP C 4567 -67.35 57.09 32.88
C ASP C 4567 -65.85 57.28 33.07
N ILE C 4568 -65.39 57.37 34.32
CA ILE C 4568 -64.00 57.69 34.57
C ILE C 4568 -63.13 56.48 34.27
N THR C 4569 -63.63 55.28 34.59
CA THR C 4569 -62.98 54.07 34.12
C THR C 4569 -63.14 53.91 32.61
N PHE C 4570 -64.24 54.43 32.06
CA PHE C 4570 -64.55 54.27 30.64
C PHE C 4570 -63.56 55.00 29.76
N PHE C 4571 -63.25 56.26 30.08
CA PHE C 4571 -62.32 57.05 29.27
C PHE C 4571 -60.92 56.45 29.30
N PHE C 4572 -60.55 55.84 30.41
CA PHE C 4572 -59.20 55.32 30.54
C PHE C 4572 -59.07 53.97 29.84
N PHE C 4573 -60.16 53.20 29.79
CA PHE C 4573 -60.03 51.82 29.36
C PHE C 4573 -60.18 51.66 27.85
N VAL C 4574 -60.66 52.69 27.15
CA VAL C 4574 -60.70 52.65 25.70
C VAL C 4574 -59.97 53.84 25.06
N ILE C 4575 -60.18 55.07 25.55
CA ILE C 4575 -59.70 56.22 24.79
C ILE C 4575 -58.20 56.38 24.98
N VAL C 4576 -57.69 55.95 26.13
CA VAL C 4576 -56.25 55.78 26.28
C VAL C 4576 -55.79 54.59 25.44
N ILE C 4577 -56.65 53.60 25.28
CA ILE C 4577 -56.21 52.31 24.80
C ILE C 4577 -56.43 52.18 23.30
N LEU C 4578 -57.61 52.53 22.81
CA LEU C 4578 -57.89 52.42 21.38
C LEU C 4578 -57.07 53.40 20.57
N LEU C 4579 -56.76 54.56 21.16
CA LEU C 4579 -55.79 55.45 20.54
C LEU C 4579 -54.40 54.84 20.56
N ALA C 4580 -54.08 54.08 21.61
CA ALA C 4580 -52.78 53.43 21.69
C ALA C 4580 -52.65 52.34 20.64
N ILE C 4581 -53.73 51.61 20.39
CA ILE C 4581 -53.73 50.60 19.33
C ILE C 4581 -53.59 51.27 17.97
N ILE C 4582 -54.14 52.48 17.83
CA ILE C 4582 -53.84 53.30 16.65
C ILE C 4582 -52.39 53.76 16.70
N GLN C 4583 -51.89 54.07 17.90
CA GLN C 4583 -50.60 54.75 18.04
C GLN C 4583 -49.44 53.88 17.60
N GLY C 4584 -49.19 52.78 18.31
CA GLY C 4584 -47.97 52.01 18.07
C GLY C 4584 -48.03 51.20 16.79
N LEU C 4585 -49.24 50.93 16.30
CA LEU C 4585 -49.36 50.18 15.06
C LEU C 4585 -48.96 51.04 13.87
N ILE C 4586 -49.10 52.36 14.00
CA ILE C 4586 -48.42 53.26 13.07
C ILE C 4586 -46.92 53.20 13.29
N ILE C 4587 -46.49 53.10 14.54
CA ILE C 4587 -45.07 53.06 14.85
C ILE C 4587 -44.48 51.72 14.45
N ASP C 4588 -45.30 50.66 14.54
CA ASP C 4588 -44.84 49.34 14.10
C ASP C 4588 -44.72 49.28 12.59
N ALA C 4589 -45.46 50.11 11.86
CA ALA C 4589 -45.22 50.26 10.43
C ALA C 4589 -43.85 50.85 10.18
N PHE C 4590 -43.52 51.95 10.84
CA PHE C 4590 -42.19 52.52 10.73
C PHE C 4590 -41.16 51.67 11.46
N GLY C 4591 -41.61 50.84 12.40
CA GLY C 4591 -40.70 49.91 13.03
C GLY C 4591 -40.30 48.77 12.10
N GLU C 4592 -41.29 48.08 11.53
CA GLU C 4592 -41.01 46.85 10.78
C GLU C 4592 -40.40 47.15 9.42
N LEU C 4593 -40.84 48.22 8.77
CA LEU C 4593 -40.43 48.47 7.38
C LEU C 4593 -38.96 48.82 7.29
N ARG C 4594 -38.44 49.59 8.25
CA ARG C 4594 -37.01 49.84 8.28
C ARG C 4594 -36.25 48.57 8.68
N ASP C 4595 -36.88 47.72 9.49
CA ASP C 4595 -36.27 46.44 9.82
C ASP C 4595 -36.36 45.50 8.62
N GLN C 4596 -37.44 45.61 7.86
CA GLN C 4596 -37.52 44.93 6.58
C GLN C 4596 -36.50 45.49 5.59
N GLN C 4597 -36.22 46.80 5.69
CA GLN C 4597 -35.31 47.41 4.74
C GLN C 4597 -33.86 47.05 5.02
N GLU C 4598 -33.50 46.91 6.30
CA GLU C 4598 -32.13 46.49 6.60
C GLU C 4598 -31.97 44.99 6.39
N GLN C 4599 -33.07 44.24 6.46
CA GLN C 4599 -33.02 42.81 6.22
C GLN C 4599 -32.69 42.51 4.77
N VAL C 4600 -33.28 43.27 3.84
CA VAL C 4600 -33.04 43.01 2.43
C VAL C 4600 -31.68 43.52 2.00
N LYS C 4601 -31.09 44.41 2.79
CA LYS C 4601 -29.77 44.91 2.47
C LYS C 4601 -28.68 43.90 2.82
N GLU C 4602 -28.76 43.30 4.01
CA GLU C 4602 -27.68 42.44 4.48
C GLU C 4602 -27.62 41.14 3.72
N ASP C 4603 -28.72 40.75 3.07
CA ASP C 4603 -28.74 39.52 2.30
C ASP C 4603 -27.86 39.64 1.06
N MET C 4604 -27.69 40.86 0.56
CA MET C 4604 -26.88 41.05 -0.64
C MET C 4604 -25.40 40.91 -0.32
N GLU C 4605 -25.00 41.18 0.92
CA GLU C 4605 -23.59 41.12 1.25
C GLU C 4605 -23.19 39.75 1.76
N THR C 4606 -24.15 38.93 2.16
CA THR C 4606 -23.82 37.61 2.70
C THR C 4606 -23.71 36.57 1.61
N LYS C 4607 -24.73 36.42 0.78
CA LYS C 4607 -24.68 35.43 -0.27
C LYS C 4607 -24.97 36.12 -1.60
N CYS C 4608 -24.42 35.56 -2.66
CA CYS C 4608 -24.77 36.01 -4.00
C CYS C 4608 -26.20 35.62 -4.31
N PHE C 4609 -26.80 36.34 -5.25
CA PHE C 4609 -28.10 35.93 -5.70
C PHE C 4609 -28.01 34.73 -6.62
N ILE C 4610 -26.97 34.69 -7.46
CA ILE C 4610 -26.90 33.66 -8.48
C ILE C 4610 -26.49 32.33 -7.87
N CYS C 4611 -25.28 32.26 -7.32
CA CYS C 4611 -24.89 31.10 -6.55
C CYS C 4611 -25.50 31.24 -5.16
N GLY C 4612 -26.14 30.18 -4.68
CA GLY C 4612 -26.82 30.27 -3.39
C GLY C 4612 -25.88 30.18 -2.21
N ILE C 4613 -24.58 29.98 -2.47
CA ILE C 4613 -23.60 29.84 -1.41
C ILE C 4613 -23.40 31.19 -0.74
N GLY C 4614 -23.25 31.18 0.59
CA GLY C 4614 -22.85 32.36 1.32
C GLY C 4614 -21.43 32.79 1.00
N SER C 4615 -20.99 33.84 1.71
CA SER C 4615 -19.67 34.37 1.45
C SER C 4615 -18.57 33.43 1.91
N ASP C 4616 -18.89 32.57 2.89
CA ASP C 4616 -17.87 31.87 3.69
C ASP C 4616 -17.01 30.93 2.86
N TYR C 4617 -17.55 30.38 1.78
CA TYR C 4617 -16.72 29.55 0.91
C TYR C 4617 -15.69 30.39 0.18
N PHE C 4618 -16.04 31.63 -0.13
CA PHE C 4618 -15.15 32.53 -0.84
C PHE C 4618 -14.36 33.42 0.09
N ASP C 4619 -14.63 33.38 1.39
CA ASP C 4619 -13.97 34.32 2.29
C ASP C 4619 -12.55 33.90 2.59
N THR C 4620 -12.15 32.69 2.19
CA THR C 4620 -10.76 32.28 2.38
C THR C 4620 -9.83 33.12 1.52
N THR C 4621 -10.23 33.38 0.29
CA THR C 4621 -9.56 34.39 -0.50
C THR C 4621 -9.94 35.77 0.00
N PRO C 4622 -9.01 36.72 -0.01
CA PRO C 4622 -9.37 38.10 0.35
C PRO C 4622 -10.23 38.74 -0.72
N HIS C 4623 -11.48 39.08 -0.32
CA HIS C 4623 -12.46 39.81 -1.14
C HIS C 4623 -12.87 39.03 -2.38
N GLY C 4624 -12.69 37.71 -2.32
CA GLY C 4624 -13.03 36.89 -3.47
C GLY C 4624 -14.53 36.75 -3.63
N PHE C 4625 -15.27 36.86 -2.54
CA PHE C 4625 -16.72 36.84 -2.63
C PHE C 4625 -17.24 38.07 -3.34
N GLU C 4626 -16.66 39.23 -3.06
CA GLU C 4626 -17.04 40.42 -3.81
C GLU C 4626 -16.55 40.31 -5.25
N THR C 4627 -15.36 39.73 -5.42
CA THR C 4627 -14.84 39.46 -6.76
C THR C 4627 -15.73 38.46 -7.49
N HIS C 4628 -16.31 37.52 -6.74
CA HIS C 4628 -17.29 36.61 -7.32
C HIS C 4628 -18.55 37.36 -7.76
N THR C 4629 -18.90 38.43 -7.06
CA THR C 4629 -20.03 39.24 -7.48
C THR C 4629 -19.60 40.31 -8.48
N LEU C 4630 -18.41 40.87 -8.32
CA LEU C 4630 -18.01 41.93 -9.22
C LEU C 4630 -17.58 41.39 -10.57
N GLU C 4631 -17.07 40.17 -10.62
CA GLU C 4631 -16.62 39.63 -11.89
C GLU C 4631 -17.28 38.31 -12.26
N GLU C 4632 -17.44 37.38 -11.32
CA GLU C 4632 -17.90 36.06 -11.71
C GLU C 4632 -19.41 36.03 -11.92
N HIS C 4633 -20.17 36.42 -10.92
CA HIS C 4633 -21.61 36.55 -11.04
C HIS C 4633 -21.96 38.04 -11.01
N ASN C 4634 -21.86 38.67 -12.18
CA ASN C 4634 -22.12 40.10 -12.28
C ASN C 4634 -23.59 40.42 -12.08
N LEU C 4635 -24.46 39.52 -12.52
CA LEU C 4635 -25.93 39.53 -12.54
C LEU C 4635 -26.44 40.49 -13.61
N ALA C 4636 -25.57 41.28 -14.24
CA ALA C 4636 -25.95 42.15 -15.34
C ALA C 4636 -25.56 41.59 -16.69
N ASN C 4637 -24.48 40.82 -16.76
CA ASN C 4637 -24.04 40.27 -18.04
C ASN C 4637 -24.97 39.18 -18.53
N TYR C 4638 -25.71 38.56 -17.60
CA TYR C 4638 -26.72 37.59 -17.98
C TYR C 4638 -27.82 38.23 -18.81
N MET C 4639 -28.18 39.48 -18.49
CA MET C 4639 -29.02 40.26 -19.38
C MET C 4639 -28.28 40.56 -20.68
N PHE C 4640 -26.99 40.83 -20.57
CA PHE C 4640 -26.23 41.35 -21.70
C PHE C 4640 -25.92 40.24 -22.68
N PHE C 4641 -25.61 39.05 -22.17
CA PHE C 4641 -25.48 37.88 -23.03
C PHE C 4641 -26.80 37.54 -23.69
N LEU C 4642 -27.91 37.73 -22.98
CA LEU C 4642 -29.23 37.52 -23.57
C LEU C 4642 -29.50 38.52 -24.67
N MET C 4643 -29.12 39.78 -24.45
CA MET C 4643 -29.23 40.78 -25.50
C MET C 4643 -28.30 40.46 -26.67
N TYR C 4644 -27.12 39.92 -26.35
CA TYR C 4644 -26.11 39.65 -27.37
C TYR C 4644 -26.56 38.58 -28.35
N LEU C 4645 -27.34 37.61 -27.87
CA LEU C 4645 -27.70 36.50 -28.74
C LEU C 4645 -28.86 36.88 -29.64
N ILE C 4646 -29.75 37.75 -29.16
CA ILE C 4646 -30.92 38.16 -29.92
C ILE C 4646 -30.49 39.01 -31.10
N ASN C 4647 -29.51 39.87 -30.88
CA ASN C 4647 -29.06 40.76 -31.95
C ASN C 4647 -28.03 40.10 -32.85
N LYS C 4648 -27.72 38.83 -32.58
CA LYS C 4648 -26.82 38.04 -33.39
C LYS C 4648 -27.63 37.09 -34.25
N ASP C 4649 -27.12 36.79 -35.44
CA ASP C 4649 -27.84 35.97 -36.41
C ASP C 4649 -27.87 34.51 -35.97
N GLU C 4650 -28.90 33.80 -36.46
CA GLU C 4650 -29.25 32.48 -35.96
C GLU C 4650 -28.24 31.42 -36.34
N THR C 4651 -27.71 31.48 -37.55
CA THR C 4651 -26.76 30.47 -38.01
C THR C 4651 -25.42 30.64 -37.31
N GLU C 4652 -25.06 31.87 -37.00
CA GLU C 4652 -23.71 32.19 -36.53
C GLU C 4652 -23.48 31.86 -35.06
N HIS C 4653 -24.44 31.22 -34.39
CA HIS C 4653 -24.20 30.90 -32.99
C HIS C 4653 -23.37 29.63 -32.88
N THR C 4654 -22.58 29.55 -31.81
CA THR C 4654 -21.70 28.40 -31.64
C THR C 4654 -22.50 27.24 -31.05
N GLY C 4655 -21.79 26.17 -30.70
CA GLY C 4655 -22.44 25.00 -30.14
C GLY C 4655 -22.91 25.18 -28.72
N GLN C 4656 -22.49 26.24 -28.05
CA GLN C 4656 -22.99 26.54 -26.71
C GLN C 4656 -23.83 27.80 -26.65
N GLU C 4657 -23.68 28.69 -27.63
CA GLU C 4657 -24.57 29.84 -27.72
C GLU C 4657 -26.00 29.41 -28.05
N SER C 4658 -26.17 28.71 -29.17
CA SER C 4658 -27.50 28.26 -29.57
C SER C 4658 -28.04 27.17 -28.64
N TYR C 4659 -27.15 26.46 -27.95
CA TYR C 4659 -27.51 25.49 -26.93
C TYR C 4659 -28.39 26.10 -25.85
N VAL C 4660 -27.88 27.12 -25.17
CA VAL C 4660 -28.66 27.76 -24.13
C VAL C 4660 -29.81 28.58 -24.72
N TRP C 4661 -29.68 29.04 -25.96
CA TRP C 4661 -30.79 29.73 -26.61
C TRP C 4661 -31.98 28.81 -26.83
N LYS C 4662 -31.72 27.54 -27.17
CA LYS C 4662 -32.80 26.58 -27.28
C LYS C 4662 -33.47 26.37 -25.94
N MET C 4663 -32.70 26.41 -24.86
CA MET C 4663 -33.27 26.31 -23.52
C MET C 4663 -34.06 27.56 -23.17
N TYR C 4664 -33.66 28.72 -23.71
CA TYR C 4664 -34.54 29.88 -23.64
C TYR C 4664 -35.82 29.64 -24.43
N GLN C 4665 -35.69 29.09 -25.64
CA GLN C 4665 -36.86 28.73 -26.42
C GLN C 4665 -37.65 27.62 -25.75
N GLU C 4666 -36.97 26.75 -25.01
CA GLU C 4666 -37.66 25.76 -24.19
C GLU C 4666 -38.33 26.39 -22.98
N ARG C 4667 -37.81 27.54 -22.53
CA ARG C 4667 -38.07 28.12 -21.21
C ARG C 4667 -37.75 27.13 -20.10
N CYS C 4668 -36.64 26.41 -20.26
CA CYS C 4668 -36.08 25.59 -19.20
C CYS C 4668 -34.88 26.30 -18.60
N TRP C 4669 -34.80 26.29 -17.27
CA TRP C 4669 -33.91 27.21 -16.55
C TRP C 4669 -32.99 26.44 -15.65
N ASP C 4670 -32.34 25.45 -16.24
CA ASP C 4670 -31.46 24.56 -15.48
C ASP C 4670 -30.01 25.03 -15.49
N PHE C 4671 -29.58 25.73 -16.53
CA PHE C 4671 -28.17 26.03 -16.78
C PHE C 4671 -27.53 26.98 -15.78
N PHE C 4672 -28.29 27.52 -14.83
CA PHE C 4672 -27.76 28.44 -13.83
C PHE C 4672 -26.80 27.72 -12.89
N PRO C 4673 -25.86 28.45 -12.25
CA PRO C 4673 -24.94 27.84 -11.29
C PRO C 4673 -25.60 27.14 -10.10
N ALA C 4674 -26.38 27.89 -9.32
CA ALA C 4674 -27.36 27.36 -8.37
C ALA C 4674 -26.77 26.40 -7.32
N GLY C 4675 -25.50 26.60 -6.97
CA GLY C 4675 -24.90 25.75 -5.97
C GLY C 4675 -23.44 25.40 -6.20
N ASP C 4676 -22.92 25.76 -7.38
CA ASP C 4676 -21.50 25.60 -7.67
C ASP C 4676 -21.16 26.64 -8.71
N CYS C 4677 -19.96 27.20 -8.64
CA CYS C 4677 -19.54 28.23 -9.59
C CYS C 4677 -18.02 28.24 -9.76
N PHE C 4678 -17.56 27.47 -10.74
CA PHE C 4678 -16.29 27.59 -11.45
C PHE C 4678 -15.05 27.27 -10.62
N ARG C 4679 -15.17 27.24 -9.31
CA ARG C 4679 -14.01 26.99 -8.47
C ARG C 4679 -14.30 26.01 -7.34
N LYS C 4680 -15.53 25.91 -6.87
CA LYS C 4680 -15.89 24.77 -6.05
C LYS C 4680 -15.87 23.50 -6.89
N GLN C 4681 -16.17 23.64 -8.19
CA GLN C 4681 -15.89 22.58 -9.12
C GLN C 4681 -14.38 22.35 -9.27
N TYR C 4682 -13.61 23.42 -9.30
CA TYR C 4682 -12.20 23.36 -9.71
C TYR C 4682 -11.24 23.68 -8.56
N GLU C 4683 -11.53 23.20 -7.35
CA GLU C 4683 -10.73 23.58 -6.20
C GLU C 4683 -9.42 22.80 -6.13
N ASP C 4684 -9.50 21.49 -5.89
CA ASP C 4684 -8.28 20.71 -5.76
C ASP C 4684 -7.66 20.39 -7.11
N GLN C 4685 -8.38 20.66 -8.19
CA GLN C 4685 -7.82 20.58 -9.52
C GLN C 4685 -6.69 21.59 -9.69
N LEU C 4686 -7.00 22.87 -9.48
CA LEU C 4686 -6.01 23.89 -9.16
C LEU C 4686 -6.73 25.01 -8.43
N SER C 4687 -6.32 25.27 -7.20
CA SER C 4687 -6.90 26.35 -6.42
C SER C 4687 -6.34 27.69 -6.87
N GLY D 1 -21.76 -21.11 -127.64
CA GLY D 1 -22.97 -21.91 -127.54
C GLY D 1 -24.19 -21.11 -127.13
N VAL D 2 -24.86 -20.53 -128.12
CA VAL D 2 -26.08 -19.74 -127.90
C VAL D 2 -27.21 -20.41 -128.67
N GLU D 3 -28.16 -20.97 -127.94
CA GLU D 3 -29.32 -21.64 -128.52
C GLU D 3 -30.51 -20.70 -128.48
N ILE D 4 -31.09 -20.43 -129.64
CA ILE D 4 -32.13 -19.43 -129.81
C ILE D 4 -33.47 -20.13 -130.06
N GLU D 5 -34.46 -19.81 -129.24
CA GLU D 5 -35.84 -20.27 -129.44
C GLU D 5 -36.72 -19.04 -129.51
N THR D 6 -37.00 -18.58 -130.72
CA THR D 6 -37.69 -17.31 -130.93
C THR D 6 -39.20 -17.51 -130.91
N ILE D 7 -39.88 -16.78 -130.05
CA ILE D 7 -41.32 -16.60 -130.17
C ILE D 7 -41.59 -15.71 -131.38
N SER D 8 -42.42 -16.20 -132.30
CA SER D 8 -42.58 -15.79 -133.69
C SER D 8 -42.66 -14.30 -134.06
N PRO D 9 -43.41 -13.40 -133.38
CA PRO D 9 -43.61 -12.06 -133.95
C PRO D 9 -42.36 -11.19 -133.88
N GLY D 10 -42.19 -10.36 -134.92
CA GLY D 10 -41.04 -9.50 -135.08
C GLY D 10 -41.00 -8.88 -136.45
N ASP D 11 -39.81 -8.65 -137.01
CA ASP D 11 -39.71 -8.24 -138.40
C ASP D 11 -38.70 -9.08 -139.17
N GLY D 12 -37.71 -9.61 -138.46
CA GLY D 12 -36.74 -10.52 -139.05
C GLY D 12 -35.62 -9.87 -139.82
N ARG D 13 -35.50 -8.54 -139.81
CA ARG D 13 -34.48 -7.86 -140.61
C ARG D 13 -33.69 -6.79 -139.87
N THR D 14 -34.23 -6.16 -138.83
CA THR D 14 -33.55 -5.05 -138.17
C THR D 14 -32.60 -5.64 -137.14
N PHE D 15 -31.41 -5.96 -137.58
CA PHE D 15 -30.41 -6.62 -136.76
C PHE D 15 -29.57 -5.58 -136.03
N PRO D 16 -29.10 -5.89 -134.83
CA PRO D 16 -28.16 -4.98 -134.16
C PRO D 16 -26.81 -4.98 -134.86
N LYS D 17 -26.27 -3.79 -135.03
CA LYS D 17 -24.95 -3.61 -135.62
C LYS D 17 -24.01 -3.05 -134.56
N LYS D 18 -22.79 -2.76 -134.97
CA LYS D 18 -21.77 -2.29 -134.03
C LYS D 18 -22.05 -0.85 -133.61
N GLY D 19 -21.94 -0.60 -132.31
CA GLY D 19 -22.17 0.72 -131.76
C GLY D 19 -23.61 1.15 -131.67
N GLN D 20 -24.56 0.26 -131.92
CA GLN D 20 -25.97 0.58 -131.84
C GLN D 20 -26.45 0.35 -130.41
N THR D 21 -26.87 1.42 -129.74
CA THR D 21 -27.48 1.31 -128.44
C THR D 21 -28.86 0.69 -128.59
N CYS D 22 -29.01 -0.54 -128.11
CA CYS D 22 -30.19 -1.35 -128.36
C CYS D 22 -30.87 -1.69 -127.04
N VAL D 23 -32.18 -1.92 -127.13
CA VAL D 23 -33.05 -2.04 -125.97
C VAL D 23 -33.61 -3.46 -125.94
N VAL D 24 -33.43 -4.15 -124.82
CA VAL D 24 -33.83 -5.55 -124.65
C VAL D 24 -34.66 -5.69 -123.39
N HIS D 25 -35.84 -6.31 -123.53
CA HIS D 25 -36.66 -6.68 -122.39
C HIS D 25 -36.24 -8.08 -121.92
N TYR D 26 -35.13 -8.12 -121.17
CA TYR D 26 -34.65 -9.41 -120.72
C TYR D 26 -35.33 -9.82 -119.42
N THR D 27 -35.33 -11.13 -119.17
CA THR D 27 -35.83 -11.68 -117.92
C THR D 27 -35.00 -12.91 -117.59
N GLY D 28 -34.15 -12.80 -116.57
CA GLY D 28 -33.23 -13.88 -116.27
C GLY D 28 -33.88 -15.04 -115.54
N MET D 29 -33.26 -16.21 -115.66
CA MET D 29 -33.76 -17.43 -115.04
C MET D 29 -32.60 -18.40 -114.90
N LEU D 30 -32.58 -19.12 -113.78
CA LEU D 30 -31.60 -20.19 -113.57
C LEU D 30 -32.24 -21.52 -113.96
N GLN D 31 -31.42 -22.41 -114.55
CA GLN D 31 -31.84 -23.78 -114.80
C GLN D 31 -32.14 -24.47 -113.48
N ASN D 32 -33.39 -24.92 -113.32
CA ASN D 32 -33.92 -25.49 -112.08
C ASN D 32 -33.75 -24.53 -110.92
N GLY D 33 -33.98 -23.24 -111.20
CA GLY D 33 -33.82 -22.18 -110.24
C GLY D 33 -34.76 -21.05 -110.57
N LYS D 34 -34.78 -20.05 -109.70
CA LYS D 34 -35.71 -18.94 -109.83
C LYS D 34 -35.07 -17.79 -110.61
N LYS D 35 -35.74 -16.64 -110.63
CA LYS D 35 -35.21 -15.44 -111.25
C LYS D 35 -34.01 -14.91 -110.48
N PHE D 36 -33.18 -14.14 -111.19
CA PHE D 36 -32.09 -13.40 -110.55
C PHE D 36 -31.99 -11.96 -111.03
N ASP D 37 -32.48 -11.62 -112.22
CA ASP D 37 -32.37 -10.26 -112.74
C ASP D 37 -33.42 -10.10 -113.83
N SER D 38 -34.06 -8.93 -113.88
CA SER D 38 -35.11 -8.70 -114.87
C SER D 38 -35.23 -7.21 -115.15
N SER D 39 -35.26 -6.87 -116.44
CA SER D 39 -35.60 -5.52 -116.87
C SER D 39 -37.08 -5.20 -116.72
N ARG D 40 -37.92 -6.22 -116.56
CA ARG D 40 -39.33 -5.98 -116.28
C ARG D 40 -39.54 -5.44 -114.86
N ASP D 41 -38.68 -5.84 -113.93
CA ASP D 41 -38.84 -5.41 -112.55
C ASP D 41 -38.49 -3.93 -112.39
N ARG D 42 -37.35 -3.52 -112.93
CA ARG D 42 -36.95 -2.12 -112.86
C ARG D 42 -37.74 -1.25 -113.83
N ASN D 43 -38.32 -1.87 -114.87
CA ASN D 43 -39.01 -1.19 -115.98
C ASN D 43 -38.12 -0.19 -116.70
N LYS D 44 -36.80 -0.43 -116.65
CA LYS D 44 -35.79 0.34 -117.37
C LYS D 44 -35.13 -0.66 -118.29
N PRO D 45 -35.59 -0.81 -119.53
CA PRO D 45 -35.21 -2.00 -120.32
C PRO D 45 -33.81 -1.98 -120.92
N PHE D 46 -32.82 -1.53 -120.14
CA PHE D 46 -31.40 -1.82 -120.29
C PHE D 46 -30.86 -1.41 -121.67
N LYS D 47 -30.80 -0.10 -121.86
CA LYS D 47 -30.30 0.47 -123.09
C LYS D 47 -28.79 0.26 -123.17
N PHE D 48 -28.37 -0.79 -123.90
CA PHE D 48 -26.96 -1.15 -123.99
C PHE D 48 -26.55 -1.15 -125.46
N ARG D 49 -25.26 -0.93 -125.69
CA ARG D 49 -24.70 -0.90 -127.02
C ARG D 49 -23.99 -2.21 -127.34
N ILE D 50 -23.85 -2.46 -128.64
CA ILE D 50 -23.26 -3.69 -129.16
C ILE D 50 -21.81 -3.40 -129.54
N GLY D 51 -20.90 -4.24 -129.08
CA GLY D 51 -19.52 -4.19 -129.51
C GLY D 51 -18.51 -3.68 -128.51
N LYS D 52 -18.89 -3.55 -127.23
CA LYS D 52 -17.97 -3.09 -126.20
C LYS D 52 -17.72 -4.14 -125.13
N GLN D 53 -18.26 -5.35 -125.31
CA GLN D 53 -18.23 -6.45 -124.32
C GLN D 53 -18.78 -6.01 -122.95
N GLU D 54 -19.77 -5.13 -122.98
CA GLU D 54 -20.45 -4.74 -121.76
C GLU D 54 -21.23 -5.89 -121.17
N VAL D 55 -22.08 -6.52 -121.99
CA VAL D 55 -22.84 -7.68 -121.59
C VAL D 55 -21.99 -8.94 -121.74
N ILE D 56 -22.46 -10.05 -121.19
CA ILE D 56 -21.76 -11.33 -121.27
C ILE D 56 -21.88 -11.89 -122.68
N LYS D 57 -21.05 -12.89 -122.99
CA LYS D 57 -21.00 -13.44 -124.34
C LYS D 57 -22.25 -14.24 -124.67
N GLY D 58 -22.87 -14.87 -123.67
CA GLY D 58 -24.11 -15.58 -123.91
C GLY D 58 -25.29 -14.66 -124.18
N PHE D 59 -25.18 -13.40 -123.77
CA PHE D 59 -26.22 -12.41 -124.03
C PHE D 59 -25.86 -11.52 -125.22
N GLU D 60 -24.57 -11.33 -125.50
CA GLU D 60 -24.16 -10.52 -126.63
C GLU D 60 -24.41 -11.23 -127.95
N GLU D 61 -24.10 -12.53 -128.02
CA GLU D 61 -24.30 -13.27 -129.25
C GLU D 61 -25.77 -13.53 -129.51
N GLY D 62 -26.59 -13.59 -128.47
CA GLY D 62 -28.03 -13.74 -128.66
C GLY D 62 -28.69 -12.47 -129.16
N ALA D 63 -28.05 -11.32 -128.97
CA ALA D 63 -28.64 -10.06 -129.40
C ALA D 63 -28.54 -9.87 -130.92
N ALA D 64 -27.36 -10.12 -131.50
CA ALA D 64 -27.18 -9.94 -132.93
C ALA D 64 -27.89 -11.01 -133.76
N GLN D 65 -28.22 -12.14 -133.15
CA GLN D 65 -28.96 -13.20 -133.82
C GLN D 65 -30.47 -12.99 -133.79
N MET D 66 -30.93 -11.84 -133.29
CA MET D 66 -32.34 -11.49 -133.27
C MET D 66 -32.58 -10.25 -134.10
N SER D 67 -33.86 -9.88 -134.23
CA SER D 67 -34.25 -8.68 -134.94
C SER D 67 -35.30 -7.94 -134.13
N LEU D 68 -35.79 -6.83 -134.68
CA LEU D 68 -36.75 -5.98 -133.99
C LEU D 68 -38.09 -6.68 -133.81
N GLY D 69 -38.61 -6.64 -132.59
CA GLY D 69 -39.85 -7.31 -132.28
C GLY D 69 -39.72 -8.75 -131.85
N GLN D 70 -38.65 -9.43 -132.24
CA GLN D 70 -38.47 -10.84 -131.96
C GLN D 70 -38.29 -11.09 -130.45
N ARG D 71 -38.68 -12.29 -130.04
CA ARG D 71 -38.71 -12.70 -128.63
C ARG D 71 -38.04 -14.06 -128.56
N ALA D 72 -36.73 -14.09 -128.33
CA ALA D 72 -36.01 -15.35 -128.26
C ALA D 72 -35.91 -15.82 -126.81
N LYS D 73 -35.12 -16.87 -126.60
CA LYS D 73 -35.00 -17.50 -125.29
C LYS D 73 -33.59 -18.06 -125.17
N LEU D 74 -32.74 -17.39 -124.41
CA LEU D 74 -31.34 -17.77 -124.34
C LEU D 74 -31.13 -18.99 -123.45
N THR D 75 -30.11 -19.76 -123.80
CA THR D 75 -29.59 -20.84 -122.96
C THR D 75 -28.08 -20.61 -122.90
N CYS D 76 -27.66 -19.78 -121.93
CA CYS D 76 -26.28 -19.35 -121.84
C CYS D 76 -25.43 -20.45 -121.21
N THR D 77 -24.30 -20.75 -121.85
CA THR D 77 -23.38 -21.72 -121.30
C THR D 77 -22.68 -21.15 -120.07
N PRO D 78 -22.17 -22.02 -119.17
CA PRO D 78 -21.44 -21.50 -118.01
C PRO D 78 -20.13 -20.82 -118.37
N ASP D 79 -19.37 -21.40 -119.31
CA ASP D 79 -18.00 -20.95 -119.57
C ASP D 79 -17.89 -19.63 -120.32
N VAL D 80 -19.01 -18.95 -120.61
CA VAL D 80 -18.95 -17.63 -121.21
C VAL D 80 -19.15 -16.50 -120.20
N ALA D 81 -19.85 -16.76 -119.09
CA ALA D 81 -20.10 -15.71 -118.11
C ALA D 81 -19.51 -16.01 -116.73
N TYR D 82 -19.93 -17.08 -116.06
CA TYR D 82 -19.56 -17.29 -114.67
C TYR D 82 -19.31 -18.75 -114.32
N GLY D 83 -18.82 -19.57 -115.26
CA GLY D 83 -18.74 -21.00 -115.01
C GLY D 83 -17.66 -21.39 -114.02
N ALA D 84 -16.51 -20.73 -114.09
CA ALA D 84 -15.43 -21.04 -113.15
C ALA D 84 -15.43 -20.06 -111.99
N THR D 85 -15.65 -18.78 -112.26
CA THR D 85 -15.64 -17.77 -111.21
C THR D 85 -16.92 -17.82 -110.37
N GLY D 86 -18.06 -17.55 -110.99
CA GLY D 86 -19.30 -17.48 -110.26
C GLY D 86 -19.48 -16.16 -109.53
N HIS D 87 -20.64 -15.57 -109.62
CA HIS D 87 -20.80 -14.33 -108.89
C HIS D 87 -21.15 -14.63 -107.43
N PRO D 88 -20.60 -13.87 -106.48
CA PRO D 88 -20.97 -14.08 -105.07
C PRO D 88 -22.38 -13.62 -104.78
N GLY D 89 -23.31 -14.56 -104.60
CA GLY D 89 -24.66 -14.27 -104.18
C GLY D 89 -25.71 -14.35 -105.26
N VAL D 90 -25.34 -14.24 -106.53
CA VAL D 90 -26.28 -14.21 -107.64
C VAL D 90 -26.12 -15.43 -108.55
N ILE D 91 -24.96 -15.58 -109.16
CA ILE D 91 -24.75 -16.67 -110.12
C ILE D 91 -23.65 -17.59 -109.60
N PRO D 92 -23.94 -18.87 -109.36
CA PRO D 92 -22.92 -19.79 -108.87
C PRO D 92 -21.97 -20.20 -109.98
N PRO D 93 -20.83 -20.78 -109.67
CA PRO D 93 -19.99 -21.39 -110.71
C PRO D 93 -20.68 -22.59 -111.35
N ASN D 94 -20.44 -22.71 -112.66
CA ASN D 94 -21.00 -23.74 -113.54
C ASN D 94 -22.54 -23.70 -113.54
N ALA D 95 -23.07 -22.57 -114.01
CA ALA D 95 -24.51 -22.35 -114.10
C ALA D 95 -24.90 -22.14 -115.56
N THR D 96 -25.95 -22.83 -116.00
CA THR D 96 -26.49 -22.65 -117.35
C THR D 96 -27.66 -21.68 -117.27
N LEU D 97 -27.45 -20.47 -117.78
CA LEU D 97 -28.37 -19.36 -117.53
C LEU D 97 -29.43 -19.30 -118.62
N ILE D 98 -30.64 -18.88 -118.21
CA ILE D 98 -31.79 -18.80 -119.10
C ILE D 98 -32.29 -17.36 -119.10
N PHE D 99 -32.59 -16.83 -120.29
CA PHE D 99 -33.00 -15.45 -120.44
C PHE D 99 -34.18 -15.36 -121.40
N ASP D 100 -35.25 -14.67 -120.97
CA ASP D 100 -36.37 -14.34 -121.85
C ASP D 100 -36.04 -13.03 -122.54
N VAL D 101 -35.47 -13.11 -123.74
CA VAL D 101 -34.92 -11.95 -124.43
C VAL D 101 -35.87 -11.56 -125.54
N GLU D 102 -36.35 -10.32 -125.49
CA GLU D 102 -37.12 -9.71 -126.55
C GLU D 102 -36.38 -8.47 -127.03
N LEU D 103 -36.17 -8.37 -128.34
CA LEU D 103 -35.41 -7.28 -128.93
C LEU D 103 -36.38 -6.25 -129.49
N LEU D 104 -36.73 -5.27 -128.66
CA LEU D 104 -37.49 -4.09 -129.07
C LEU D 104 -36.55 -2.90 -128.87
N ASN D 105 -35.71 -2.66 -129.88
CA ASN D 105 -34.52 -1.85 -129.70
C ASN D 105 -34.68 -0.46 -130.32
N LEU D 106 -33.62 0.32 -130.24
CA LEU D 106 -33.47 1.60 -130.91
C LEU D 106 -32.19 1.57 -131.73
N GLU D 107 -31.98 2.64 -132.50
CA GLU D 107 -30.85 2.84 -133.41
C GLU D 107 -30.69 1.70 -134.43
N GLN E 12 -2.87 -24.45 25.37
CA GLN E 12 -2.46 -23.67 26.53
C GLN E 12 -2.77 -24.42 27.82
N PHE E 13 -4.04 -24.45 28.19
CA PHE E 13 -4.46 -25.06 29.43
C PHE E 13 -5.55 -26.09 29.15
N LEU E 14 -5.91 -26.83 30.17
CA LEU E 14 -6.88 -27.91 30.05
C LEU E 14 -8.14 -27.53 30.82
N ARG E 15 -9.29 -27.98 30.30
CA ARG E 15 -10.58 -27.68 30.88
C ARG E 15 -11.38 -28.96 31.05
N THR E 16 -12.55 -28.83 31.67
CA THR E 16 -13.46 -29.95 31.73
C THR E 16 -14.15 -30.14 30.38
N ASP E 17 -14.78 -31.30 30.22
CA ASP E 17 -15.46 -31.73 28.99
C ASP E 17 -14.51 -31.73 27.79
N ASP E 18 -13.27 -32.14 28.04
CA ASP E 18 -12.27 -32.25 26.99
C ASP E 18 -11.87 -33.70 26.80
N GLU E 19 -11.21 -33.96 25.69
CA GLU E 19 -10.83 -35.32 25.31
C GLU E 19 -9.32 -35.42 25.26
N VAL E 20 -8.75 -36.29 26.09
CA VAL E 20 -7.32 -36.46 26.22
C VAL E 20 -6.99 -37.95 26.08
N VAL E 21 -5.70 -38.23 25.92
CA VAL E 21 -5.16 -39.57 26.05
C VAL E 21 -4.08 -39.54 27.12
N LEU E 22 -3.67 -40.72 27.56
CA LEU E 22 -2.60 -40.87 28.54
C LEU E 22 -1.37 -41.43 27.84
N GLN E 23 -0.22 -40.85 28.12
CA GLN E 23 0.98 -41.24 27.41
C GLN E 23 2.22 -41.04 28.27
N CYS E 24 3.00 -42.09 28.39
CA CYS E 24 4.33 -42.06 28.98
C CYS E 24 5.32 -42.51 27.92
N SER E 25 6.57 -42.72 28.33
CA SER E 25 7.57 -43.28 27.45
C SER E 25 8.58 -44.06 28.28
N ALA E 26 8.69 -45.36 28.01
CA ALA E 26 9.62 -46.21 28.72
C ALA E 26 10.58 -46.83 27.73
N THR E 27 11.88 -46.63 27.94
CA THR E 27 12.88 -47.16 27.03
C THR E 27 12.99 -48.68 27.18
N VAL E 28 13.27 -49.34 26.06
CA VAL E 28 13.35 -50.80 26.01
C VAL E 28 14.72 -51.23 25.52
N LEU E 29 15.04 -50.85 24.28
CA LEU E 29 16.27 -51.26 23.60
C LEU E 29 17.32 -50.17 23.70
N LYS E 30 17.37 -49.53 24.88
CA LYS E 30 17.98 -48.20 25.08
C LYS E 30 17.43 -47.21 24.06
N GLU E 31 16.12 -47.25 23.88
CA GLU E 31 15.43 -46.44 22.87
C GLU E 31 13.99 -46.27 23.30
N GLN E 32 13.46 -45.07 23.12
CA GLN E 32 12.18 -44.69 23.70
C GLN E 32 11.01 -45.40 23.04
N LEU E 33 10.12 -45.94 23.86
CA LEU E 33 8.87 -46.52 23.40
C LEU E 33 7.73 -45.77 24.08
N LYS E 34 7.10 -44.86 23.36
CA LYS E 34 5.97 -44.11 23.89
C LYS E 34 4.73 -44.99 23.88
N LEU E 35 4.19 -45.24 25.07
CA LEU E 35 3.02 -46.09 25.23
C LEU E 35 1.78 -45.23 25.49
N CYS E 36 0.64 -45.74 25.07
CA CYS E 36 -0.64 -45.09 25.34
C CYS E 36 -1.61 -46.10 25.92
N LEU E 37 -2.37 -45.67 26.91
CA LEU E 37 -3.25 -46.58 27.65
C LEU E 37 -4.48 -46.91 26.80
N ALA E 38 -4.90 -48.17 26.85
CA ALA E 38 -6.04 -48.60 26.06
C ALA E 38 -6.76 -49.73 26.78
N ALA E 39 -8.06 -49.82 26.53
CA ALA E 39 -8.92 -50.85 27.11
C ALA E 39 -10.17 -50.99 26.26
N GLU E 40 -10.59 -52.22 26.02
CA GLU E 40 -11.74 -52.43 25.14
C GLU E 40 -13.07 -52.23 25.86
N GLY E 41 -13.15 -52.60 27.13
CA GLY E 41 -14.44 -52.50 27.80
C GLY E 41 -15.17 -53.82 27.84
N PHE E 42 -16.06 -54.04 26.87
CA PHE E 42 -16.86 -55.25 26.75
C PHE E 42 -15.97 -56.47 26.59
N GLY E 43 -15.92 -57.31 27.63
CA GLY E 43 -15.00 -58.44 27.66
C GLY E 43 -13.59 -58.09 28.07
N ASN E 44 -13.28 -56.81 28.30
CA ASN E 44 -11.95 -56.39 28.68
C ASN E 44 -12.11 -55.40 29.83
N ARG E 45 -12.10 -55.92 31.05
CA ARG E 45 -12.17 -55.04 32.22
C ARG E 45 -10.89 -54.27 32.41
N LEU E 46 -9.74 -54.87 32.11
CA LEU E 46 -8.46 -54.28 32.43
C LEU E 46 -8.00 -53.36 31.31
N CYS E 47 -6.87 -52.70 31.54
CA CYS E 47 -6.34 -51.67 30.64
C CYS E 47 -4.96 -52.08 30.18
N PHE E 48 -4.77 -52.20 28.87
CA PHE E 48 -3.49 -52.53 28.29
C PHE E 48 -2.84 -51.27 27.73
N LEU E 49 -1.71 -51.45 27.02
CA LEU E 49 -0.89 -50.33 26.56
C LEU E 49 -0.66 -50.42 25.06
N GLU E 50 -1.05 -49.37 24.34
CA GLU E 50 -0.85 -49.29 22.90
C GLU E 50 0.35 -48.42 22.59
N PRO E 51 1.43 -48.97 22.03
CA PRO E 51 2.57 -48.13 21.66
C PRO E 51 2.27 -47.26 20.45
N THR E 52 2.54 -45.97 20.58
CA THR E 52 2.37 -45.01 19.50
C THR E 52 3.71 -44.41 19.08
N SER E 53 4.77 -45.20 19.22
CA SER E 53 6.09 -44.80 18.76
C SER E 53 6.35 -45.13 17.30
N ASN E 54 5.67 -46.14 16.75
CA ASN E 54 5.92 -46.61 15.40
C ASN E 54 4.86 -46.13 14.43
N ALA E 55 4.44 -44.86 14.57
CA ALA E 55 3.46 -44.29 13.65
C ALA E 55 4.02 -44.03 12.26
N GLN E 56 5.33 -44.25 12.04
CA GLN E 56 5.84 -44.32 10.69
C GLN E 56 5.48 -45.64 10.02
N ASN E 57 5.30 -46.72 10.80
CA ASN E 57 5.01 -48.01 10.20
C ASN E 57 3.75 -48.66 10.74
N VAL E 58 3.52 -48.63 12.05
CA VAL E 58 2.41 -49.33 12.67
C VAL E 58 1.30 -48.31 12.93
N PRO E 59 0.14 -48.45 12.29
CA PRO E 59 -1.00 -47.58 12.61
C PRO E 59 -1.57 -47.91 13.98
N PRO E 60 -1.53 -46.97 14.91
CA PRO E 60 -1.99 -47.24 16.28
C PRO E 60 -3.51 -47.33 16.34
N ASP E 61 -4.00 -47.96 17.41
CA ASP E 61 -5.42 -48.08 17.64
C ASP E 61 -5.86 -46.91 18.51
N LEU E 62 -6.44 -45.89 17.87
CA LEU E 62 -6.81 -44.66 18.54
C LEU E 62 -8.24 -44.67 19.06
N ALA E 63 -9.00 -45.72 18.75
CA ALA E 63 -10.41 -45.76 19.12
C ALA E 63 -10.61 -45.96 20.60
N ILE E 64 -9.75 -46.77 21.24
CA ILE E 64 -9.88 -47.07 22.66
C ILE E 64 -8.75 -46.51 23.49
N CYS E 65 -7.91 -45.65 22.92
CA CYS E 65 -6.97 -44.88 23.73
C CYS E 65 -7.55 -43.54 24.16
N CYS E 66 -8.61 -43.07 23.53
CA CYS E 66 -9.15 -41.75 23.81
C CYS E 66 -10.03 -41.78 25.06
N PHE E 67 -9.79 -40.84 25.95
CA PHE E 67 -10.56 -40.67 27.18
C PHE E 67 -11.21 -39.30 27.17
N THR E 68 -12.20 -39.12 28.03
CA THR E 68 -12.93 -37.86 28.11
C THR E 68 -12.85 -37.33 29.53
N LEU E 69 -12.48 -36.06 29.66
CA LEU E 69 -12.46 -35.42 30.96
C LEU E 69 -13.89 -35.14 31.41
N GLU E 70 -14.23 -35.58 32.63
CA GLU E 70 -15.61 -35.52 33.09
C GLU E 70 -15.81 -34.56 34.24
N GLN E 71 -15.09 -34.73 35.34
CA GLN E 71 -15.34 -33.93 36.53
C GLN E 71 -14.07 -33.85 37.35
N SER E 72 -13.72 -32.64 37.76
CA SER E 72 -12.57 -32.39 38.61
C SER E 72 -13.02 -31.54 39.79
N LEU E 73 -12.61 -31.94 40.99
CA LEU E 73 -13.05 -31.26 42.20
C LEU E 73 -11.90 -31.19 43.20
N SER E 74 -12.05 -30.27 44.13
CA SER E 74 -11.29 -30.30 45.36
C SER E 74 -11.69 -31.52 46.18
N VAL E 75 -10.79 -31.95 47.07
CA VAL E 75 -11.06 -33.10 47.91
C VAL E 75 -12.15 -32.77 48.94
N ARG E 76 -12.35 -31.50 49.24
CA ARG E 76 -13.34 -31.08 50.20
C ARG E 76 -14.75 -31.16 49.64
N ALA E 77 -14.97 -30.61 48.45
CA ALA E 77 -16.29 -30.65 47.84
C ALA E 77 -16.65 -32.06 47.39
N LEU E 78 -15.66 -32.85 46.98
CA LEU E 78 -15.92 -34.25 46.62
C LEU E 78 -16.36 -35.05 47.83
N GLN E 79 -15.70 -34.86 48.96
CA GLN E 79 -16.10 -35.51 50.20
C GLN E 79 -17.49 -35.05 50.64
N GLU E 80 -17.79 -33.76 50.45
CA GLU E 80 -19.15 -33.29 50.67
C GLU E 80 -20.10 -33.92 49.66
N MET E 81 -19.65 -34.08 48.41
CA MET E 81 -20.46 -34.78 47.42
C MET E 81 -20.60 -36.26 47.77
N LEU E 82 -19.55 -36.87 48.32
CA LEU E 82 -19.64 -38.27 48.74
C LEU E 82 -20.46 -38.45 50.00
N ALA E 83 -20.88 -37.38 50.66
CA ALA E 83 -21.89 -37.46 51.70
C ALA E 83 -23.31 -37.54 51.12
N ASN E 84 -23.46 -37.55 49.80
CA ASN E 84 -24.77 -37.62 49.17
C ASN E 84 -24.79 -38.69 48.09
N GLY E 97 -18.77 -25.38 35.10
CA GLY E 97 -18.85 -25.69 33.68
C GLY E 97 -17.53 -26.12 33.10
N HIS E 98 -16.85 -25.17 32.44
CA HIS E 98 -15.52 -25.41 31.89
C HIS E 98 -14.50 -24.73 32.80
N ARG E 99 -14.17 -25.40 33.90
CA ARG E 99 -13.20 -24.88 34.84
C ARG E 99 -11.78 -25.19 34.33
N THR E 100 -10.79 -24.98 35.18
CA THR E 100 -9.40 -25.22 34.81
C THR E 100 -8.83 -26.21 35.83
N LEU E 101 -8.02 -27.15 35.34
CA LEU E 101 -7.43 -28.16 36.22
C LEU E 101 -6.38 -27.52 37.12
N LEU E 102 -6.56 -27.68 38.43
CA LEU E 102 -5.56 -27.24 39.39
C LEU E 102 -4.99 -28.45 40.10
N TYR E 103 -3.69 -28.38 40.38
CA TYR E 103 -2.96 -29.50 40.97
C TYR E 103 -3.48 -29.79 42.37
N GLY E 104 -3.60 -31.07 42.70
CA GLY E 104 -4.23 -31.49 43.94
C GLY E 104 -5.71 -31.77 43.81
N HIS E 105 -6.28 -31.67 42.61
CA HIS E 105 -7.68 -32.02 42.42
C HIS E 105 -7.83 -33.50 42.10
N ALA E 106 -8.95 -34.06 42.54
CA ALA E 106 -9.38 -35.34 42.01
C ALA E 106 -9.87 -35.15 40.58
N ILE E 107 -10.02 -36.25 39.87
CA ILE E 107 -10.49 -36.21 38.49
C ILE E 107 -11.35 -37.43 38.24
N LEU E 108 -12.34 -37.28 37.36
CA LEU E 108 -13.21 -38.37 36.95
C LEU E 108 -12.85 -38.73 35.52
N LEU E 109 -12.30 -39.92 35.34
CA LEU E 109 -11.91 -40.38 34.02
C LEU E 109 -13.00 -41.26 33.43
N ARG E 110 -13.01 -41.31 32.09
CA ARG E 110 -14.03 -42.06 31.38
C ARG E 110 -13.44 -42.58 30.08
N HIS E 111 -13.70 -43.86 29.80
CA HIS E 111 -13.44 -44.37 28.46
C HIS E 111 -14.41 -43.72 27.49
N ALA E 112 -13.89 -43.12 26.43
CA ALA E 112 -14.73 -42.33 25.55
C ALA E 112 -15.62 -43.21 24.68
N HIS E 113 -15.10 -44.36 24.24
CA HIS E 113 -15.84 -45.18 23.28
C HIS E 113 -17.04 -45.86 23.91
N SER E 114 -16.79 -46.73 24.89
CA SER E 114 -17.86 -47.45 25.55
C SER E 114 -18.57 -46.63 26.61
N ARG E 115 -18.18 -45.36 26.78
CA ARG E 115 -18.82 -44.40 27.69
C ARG E 115 -18.76 -44.89 29.14
N MET E 116 -17.67 -45.55 29.47
CA MET E 116 -17.47 -46.21 30.74
C MET E 116 -16.41 -45.48 31.56
N TYR E 117 -16.62 -45.44 32.87
CA TYR E 117 -15.79 -44.61 33.74
C TYR E 117 -14.64 -45.42 34.33
N LEU E 118 -13.44 -44.84 34.26
CA LEU E 118 -12.24 -45.55 34.66
C LEU E 118 -12.13 -45.66 36.18
N SER E 119 -12.19 -46.88 36.68
CA SER E 119 -12.05 -47.14 38.10
C SER E 119 -10.74 -47.86 38.37
N CYS E 120 -10.51 -48.24 39.63
CA CYS E 120 -9.38 -49.06 40.02
C CYS E 120 -9.91 -50.32 40.69
N LEU E 121 -9.36 -51.46 40.33
CA LEU E 121 -9.82 -52.72 40.90
C LEU E 121 -8.98 -53.08 42.12
N THR E 122 -9.46 -54.06 42.89
CA THR E 122 -8.73 -54.58 44.03
C THR E 122 -8.11 -55.94 43.71
N THR E 123 -7.85 -56.22 42.46
CA THR E 123 -7.28 -57.50 42.04
C THR E 123 -5.79 -57.36 41.80
N SER E 124 -5.01 -58.20 42.48
CA SER E 124 -3.57 -58.27 42.30
C SER E 124 -3.28 -59.17 41.11
N ARG E 125 -2.48 -58.66 40.17
CA ARG E 125 -2.18 -59.38 38.94
C ARG E 125 -0.67 -59.45 38.77
N SER E 126 -0.25 -60.14 37.72
CA SER E 126 1.14 -60.28 37.25
C SER E 126 2.06 -60.94 38.27
N MET E 127 1.51 -61.62 39.28
CA MET E 127 2.25 -62.30 40.36
C MET E 127 3.22 -61.35 41.06
N THR E 128 2.74 -60.15 41.38
CA THR E 128 3.60 -59.16 42.02
C THR E 128 3.83 -59.47 43.51
N ASP E 129 2.98 -60.32 44.09
CA ASP E 129 3.00 -60.69 45.51
C ASP E 129 2.91 -59.45 46.40
N LYS E 130 1.97 -58.58 46.05
CA LYS E 130 1.90 -57.26 46.65
C LYS E 130 0.46 -56.79 46.63
N LEU E 131 0.27 -55.47 46.72
CA LEU E 131 -1.02 -54.79 46.72
C LEU E 131 -1.34 -54.20 45.35
N ALA E 132 -1.08 -55.00 44.32
CA ALA E 132 -0.97 -54.56 42.92
C ALA E 132 -2.17 -53.75 42.45
N PHE E 133 -3.36 -54.33 42.52
CA PHE E 133 -4.65 -53.63 42.40
C PHE E 133 -4.79 -52.92 41.06
N ASP E 134 -4.82 -53.74 40.01
CA ASP E 134 -4.63 -53.25 38.65
C ASP E 134 -5.78 -52.34 38.21
N VAL E 135 -5.45 -51.44 37.28
CA VAL E 135 -6.38 -50.41 36.86
C VAL E 135 -7.38 -51.04 35.89
N GLY E 136 -8.63 -51.13 36.31
CA GLY E 136 -9.67 -51.72 35.48
C GLY E 136 -11.01 -51.03 35.65
N LEU E 137 -11.82 -51.04 34.60
CA LEU E 137 -13.10 -50.34 34.60
C LEU E 137 -14.19 -51.24 34.00
N GLN E 138 -15.38 -51.23 34.61
CA GLN E 138 -16.59 -51.46 33.83
C GLN E 138 -17.58 -50.31 33.96
N GLU E 139 -18.10 -50.00 35.15
CA GLU E 139 -19.19 -49.04 35.19
C GLU E 139 -19.13 -48.10 36.40
N ASP E 140 -18.09 -48.19 37.23
CA ASP E 140 -18.13 -47.79 38.65
C ASP E 140 -18.25 -46.28 38.77
N ALA E 141 -19.47 -45.79 38.51
CA ALA E 141 -19.80 -44.38 38.63
C ALA E 141 -19.94 -43.93 40.08
N THR E 142 -20.06 -44.87 41.01
CA THR E 142 -20.05 -44.53 42.43
C THR E 142 -18.67 -44.02 42.81
N GLY E 143 -18.64 -42.89 43.53
CA GLY E 143 -17.43 -42.13 43.66
C GLY E 143 -16.37 -42.63 44.63
N GLU E 144 -16.06 -43.93 44.59
CA GLU E 144 -15.03 -44.43 45.48
C GLU E 144 -13.68 -44.51 44.77
N ALA E 145 -13.58 -45.36 43.74
CA ALA E 145 -12.31 -45.69 43.11
C ALA E 145 -12.16 -45.08 41.73
N CYS E 146 -13.21 -44.50 41.16
CA CYS E 146 -13.14 -43.88 39.86
C CYS E 146 -12.55 -42.47 39.91
N TRP E 147 -12.13 -42.02 41.08
CA TRP E 147 -11.55 -40.70 41.26
C TRP E 147 -10.04 -40.84 41.47
N TRP E 148 -9.29 -39.86 40.97
CA TRP E 148 -7.85 -39.96 40.90
C TRP E 148 -7.25 -38.61 41.25
N THR E 149 -6.44 -38.56 42.30
CA THR E 149 -5.79 -37.32 42.68
C THR E 149 -4.71 -36.94 41.66
N MET E 150 -4.74 -35.68 41.25
CA MET E 150 -3.83 -35.16 40.23
C MET E 150 -2.78 -34.30 40.92
N HIS E 151 -1.55 -34.79 40.97
CA HIS E 151 -0.46 -34.06 41.59
C HIS E 151 0.65 -33.82 40.58
N PRO E 152 1.36 -32.69 40.67
CA PRO E 152 2.42 -32.40 39.69
C PRO E 152 3.63 -33.26 39.95
N ALA E 153 4.52 -33.27 38.95
CA ALA E 153 5.74 -34.05 39.03
C ALA E 153 6.83 -33.33 39.81
N SER E 154 7.26 -32.17 39.33
CA SER E 154 8.48 -31.55 39.79
C SER E 154 8.19 -30.29 40.62
N LYS E 155 9.26 -29.63 41.06
CA LYS E 155 9.19 -28.38 41.79
C LYS E 155 8.96 -27.19 40.89
N GLN E 156 8.99 -27.38 39.56
CA GLN E 156 8.58 -26.35 38.63
C GLN E 156 7.12 -25.97 38.85
N ARG E 157 6.23 -26.94 38.72
CA ARG E 157 4.84 -26.74 39.07
C ARG E 157 4.67 -26.73 40.58
N SER E 158 3.47 -26.35 41.02
CA SER E 158 3.15 -26.32 42.43
C SER E 158 1.68 -26.68 42.60
N GLU E 159 1.20 -26.61 43.82
CA GLU E 159 -0.20 -26.88 44.08
C GLU E 159 -1.05 -25.66 43.76
N GLY E 160 -2.23 -25.91 43.21
CA GLY E 160 -3.12 -24.83 42.83
C GLY E 160 -2.77 -24.13 41.53
N GLU E 161 -1.72 -24.55 40.84
CA GLU E 161 -1.41 -23.92 39.56
C GLU E 161 -2.27 -24.56 38.47
N LYS E 162 -2.41 -23.83 37.37
CA LYS E 162 -3.12 -24.35 36.21
C LYS E 162 -2.31 -25.44 35.53
N VAL E 163 -3.01 -26.49 35.10
CA VAL E 163 -2.36 -27.59 34.41
C VAL E 163 -2.24 -27.23 32.94
N ARG E 164 -1.01 -27.01 32.50
CA ARG E 164 -0.77 -26.63 31.11
C ARG E 164 -0.94 -27.84 30.19
N VAL E 165 -0.99 -27.56 28.89
CA VAL E 165 -0.97 -28.61 27.90
C VAL E 165 0.42 -29.24 27.89
N GLY E 166 0.47 -30.55 28.12
CA GLY E 166 1.72 -31.26 28.15
C GLY E 166 2.52 -31.05 29.42
N ASP E 167 1.91 -31.35 30.56
CA ASP E 167 2.60 -31.37 31.84
C ASP E 167 2.96 -32.81 32.22
N ASP E 168 3.80 -32.94 33.23
CA ASP E 168 4.15 -34.23 33.80
C ASP E 168 3.43 -34.36 35.15
N LEU E 169 2.74 -35.49 35.33
CA LEU E 169 1.85 -35.65 36.47
C LEU E 169 2.24 -36.82 37.36
N ILE E 170 1.79 -36.73 38.60
CA ILE E 170 1.74 -37.86 39.52
C ILE E 170 0.27 -38.12 39.79
N LEU E 171 -0.17 -39.34 39.51
CA LEU E 171 -1.58 -39.71 39.66
C LEU E 171 -1.68 -40.77 40.76
N VAL E 172 -2.26 -40.38 41.89
CA VAL E 172 -2.45 -41.24 43.04
C VAL E 172 -3.95 -41.41 43.24
N SER E 173 -4.37 -42.58 43.73
CA SER E 173 -5.78 -42.93 43.81
C SER E 173 -6.49 -42.13 44.91
N VAL E 174 -7.79 -42.35 44.99
CA VAL E 174 -8.64 -41.76 46.02
C VAL E 174 -9.13 -42.79 47.01
N SER E 175 -9.63 -43.93 46.49
CA SER E 175 -10.11 -45.00 47.36
C SER E 175 -8.97 -45.66 48.12
N SER E 176 -7.84 -45.84 47.46
CA SER E 176 -6.71 -46.51 48.08
C SER E 176 -5.53 -45.58 48.32
N GLU E 177 -5.46 -44.49 47.55
CA GLU E 177 -4.29 -43.60 47.46
C GLU E 177 -3.04 -44.40 47.12
N ARG E 178 -3.16 -45.20 46.07
CA ARG E 178 -2.04 -45.91 45.47
C ARG E 178 -1.72 -45.26 44.14
N TYR E 179 -0.56 -45.63 43.59
CA TYR E 179 0.08 -44.88 42.52
C TYR E 179 -0.58 -45.14 41.17
N LEU E 180 0.02 -44.63 40.10
CA LEU E 180 -0.26 -45.14 38.76
C LEU E 180 1.06 -45.71 38.31
N HIS E 181 1.31 -46.97 38.64
CA HIS E 181 2.60 -47.59 38.38
C HIS E 181 2.63 -48.19 36.98
N LEU E 182 3.53 -47.69 36.15
CA LEU E 182 3.93 -48.42 34.94
C LEU E 182 4.78 -49.57 35.40
N SER E 183 4.15 -50.71 35.63
CA SER E 183 4.81 -51.87 36.23
C SER E 183 5.19 -52.84 35.13
N THR E 184 6.42 -52.77 34.66
CA THR E 184 6.99 -53.85 33.89
C THR E 184 7.42 -54.95 34.86
N ALA E 185 7.56 -56.15 34.31
CA ALA E 185 7.85 -57.32 35.13
C ALA E 185 8.63 -58.30 34.27
N SER E 186 8.65 -59.55 34.68
CA SER E 186 9.17 -60.62 33.83
C SER E 186 8.37 -60.78 32.54
N GLY E 187 7.09 -60.41 32.55
CA GLY E 187 6.31 -60.37 31.34
C GLY E 187 6.43 -59.06 30.61
N GLU E 188 5.30 -58.45 30.25
CA GLU E 188 5.32 -57.21 29.50
C GLU E 188 5.17 -56.02 30.44
N LEU E 189 5.07 -54.82 29.87
CA LEU E 189 4.88 -53.60 30.64
C LEU E 189 3.39 -53.49 30.94
N GLN E 190 3.03 -53.50 32.21
CA GLN E 190 1.63 -53.50 32.62
C GLN E 190 1.34 -52.30 33.50
N VAL E 191 0.05 -52.13 33.82
CA VAL E 191 -0.44 -50.98 34.57
C VAL E 191 -1.15 -51.50 35.82
N ASP E 192 -0.81 -50.93 36.97
CA ASP E 192 -1.48 -51.23 38.23
C ASP E 192 -1.40 -50.01 39.15
N ALA E 193 -1.85 -50.18 40.38
CA ALA E 193 -1.72 -49.14 41.40
C ALA E 193 -1.06 -49.77 42.62
N SER E 194 0.26 -49.91 42.56
CA SER E 194 0.94 -50.56 43.68
C SER E 194 2.10 -49.77 44.27
N PHE E 195 3.08 -49.44 43.42
CA PHE E 195 4.45 -49.19 43.86
C PHE E 195 4.89 -47.76 43.66
N MET E 196 4.91 -47.28 42.42
CA MET E 196 5.80 -46.20 42.04
C MET E 196 5.10 -45.21 41.14
N GLN E 197 5.63 -43.99 41.13
CA GLN E 197 5.18 -42.92 40.28
C GLN E 197 5.46 -43.25 38.81
N THR E 198 4.68 -42.63 37.93
CA THR E 198 4.95 -42.65 36.50
C THR E 198 4.49 -41.32 35.94
N LEU E 199 5.31 -40.70 35.10
CA LEU E 199 5.01 -39.39 34.56
C LEU E 199 4.13 -39.55 33.33
N TRP E 200 2.92 -39.01 33.38
CA TRP E 200 1.96 -39.15 32.29
C TRP E 200 1.67 -37.80 31.65
N ASN E 201 1.50 -37.85 30.33
CA ASN E 201 1.31 -36.65 29.51
C ASN E 201 -0.15 -36.57 29.10
N MET E 202 -0.86 -35.60 29.66
CA MET E 202 -2.21 -35.30 29.22
C MET E 202 -2.11 -34.65 27.84
N ASN E 203 -2.31 -35.46 26.80
CA ASN E 203 -2.27 -34.95 25.44
C ASN E 203 -3.70 -34.64 25.02
N PRO E 204 -4.06 -33.36 24.90
CA PRO E 204 -5.48 -33.01 24.66
C PRO E 204 -5.92 -33.36 23.25
N ILE E 205 -6.33 -34.61 23.05
CA ILE E 205 -6.52 -35.14 21.70
C ILE E 205 -7.72 -34.48 21.00
N CYS E 206 -8.67 -33.94 21.76
CA CYS E 206 -9.75 -33.16 21.19
C CYS E 206 -10.25 -32.19 22.24
N SER E 207 -11.16 -31.31 21.82
CA SER E 207 -11.71 -30.27 22.69
C SER E 207 -13.05 -29.84 22.09
N CYS E 208 -13.54 -28.66 22.49
CA CYS E 208 -14.82 -28.17 22.01
C CYS E 208 -14.76 -27.82 20.53
N CYS E 209 -15.31 -28.71 19.69
CA CYS E 209 -15.27 -28.49 18.25
C CYS E 209 -16.33 -27.49 17.82
N GLU E 210 -16.45 -27.31 16.51
CA GLU E 210 -17.52 -26.51 15.95
C GLU E 210 -18.56 -27.40 15.28
N GLU E 211 -19.73 -26.83 15.05
CA GLU E 211 -20.90 -27.59 14.60
C GLU E 211 -20.74 -27.99 13.14
N GLY E 212 -20.67 -29.31 12.90
CA GLY E 212 -20.67 -29.81 11.55
C GLY E 212 -19.36 -29.64 10.81
N TYR E 213 -18.24 -29.96 11.46
CA TYR E 213 -16.94 -29.88 10.84
C TYR E 213 -16.13 -31.15 11.12
N VAL E 214 -15.43 -31.62 10.09
CA VAL E 214 -14.78 -32.93 10.14
C VAL E 214 -13.55 -32.86 11.03
N THR E 215 -13.54 -33.67 12.08
CA THR E 215 -12.36 -33.92 12.90
C THR E 215 -12.02 -35.40 12.80
N GLY E 216 -10.98 -35.81 13.52
CA GLY E 216 -10.46 -37.16 13.41
C GLY E 216 -11.24 -38.19 14.22
N GLY E 217 -10.85 -39.45 14.03
CA GLY E 217 -11.42 -40.54 14.79
C GLY E 217 -12.86 -40.85 14.48
N HIS E 218 -13.27 -40.72 13.22
CA HIS E 218 -14.68 -40.73 12.87
C HIS E 218 -15.04 -41.96 12.04
N VAL E 219 -16.07 -42.67 12.51
CA VAL E 219 -16.62 -43.85 11.86
C VAL E 219 -17.71 -43.36 10.93
N LEU E 220 -17.35 -43.09 9.68
CA LEU E 220 -18.25 -42.41 8.76
C LEU E 220 -18.43 -43.25 7.51
N ARG E 221 -19.44 -42.88 6.72
CA ARG E 221 -19.65 -43.45 5.40
C ARG E 221 -19.14 -42.48 4.34
N LEU E 222 -18.83 -43.03 3.18
CA LEU E 222 -18.07 -42.34 2.15
C LEU E 222 -18.92 -42.28 0.88
N PHE E 223 -19.74 -41.24 0.76
CA PHE E 223 -20.76 -41.18 -0.28
C PHE E 223 -20.15 -40.86 -1.63
N HIS E 224 -20.35 -41.77 -2.58
CA HIS E 224 -19.96 -41.57 -3.97
C HIS E 224 -21.18 -41.15 -4.77
N GLY E 225 -20.95 -40.43 -5.86
CA GLY E 225 -22.04 -39.89 -6.64
C GLY E 225 -22.63 -38.67 -5.95
N HIS E 226 -23.94 -38.48 -6.11
CA HIS E 226 -24.61 -37.32 -5.53
C HIS E 226 -25.73 -37.73 -4.58
N MET E 227 -26.55 -38.72 -4.95
CA MET E 227 -27.74 -39.04 -4.19
C MET E 227 -27.56 -40.24 -3.25
N ASP E 228 -27.30 -41.44 -3.79
CA ASP E 228 -27.29 -42.65 -2.97
C ASP E 228 -26.31 -43.67 -3.55
N GLU E 229 -25.08 -43.66 -3.04
CA GLU E 229 -24.03 -44.62 -3.35
C GLU E 229 -22.91 -44.35 -2.35
N CYS E 230 -22.31 -45.42 -1.81
CA CYS E 230 -21.21 -45.24 -0.89
C CYS E 230 -20.20 -46.36 -1.05
N LEU E 231 -19.12 -46.24 -0.28
CA LEU E 231 -18.00 -47.15 -0.36
C LEU E 231 -18.33 -48.44 0.37
N THR E 232 -17.87 -49.57 -0.17
CA THR E 232 -18.01 -50.85 0.50
C THR E 232 -16.85 -51.75 0.10
N ILE E 233 -16.76 -52.88 0.81
CA ILE E 233 -15.87 -53.96 0.44
C ILE E 233 -16.74 -55.19 0.25
N SER E 234 -16.12 -56.33 -0.03
CA SER E 234 -16.86 -57.58 -0.13
C SER E 234 -17.35 -58.01 1.25
N ALA E 235 -18.45 -58.75 1.25
CA ALA E 235 -19.13 -59.12 2.48
C ALA E 235 -18.36 -60.23 3.21
N ALA E 236 -18.92 -60.66 4.34
CA ALA E 236 -18.33 -61.76 5.08
C ALA E 236 -18.54 -63.07 4.33
N ASP E 237 -17.67 -64.05 4.62
CA ASP E 237 -17.63 -65.37 3.98
C ASP E 237 -17.49 -65.26 2.46
N SER E 238 -16.73 -64.28 2.00
CA SER E 238 -16.45 -64.07 0.60
C SER E 238 -15.07 -64.62 0.25
N ASP E 239 -14.89 -64.97 -1.02
CA ASP E 239 -13.65 -65.55 -1.50
C ASP E 239 -12.49 -64.57 -1.50
N ASP E 240 -12.75 -63.26 -1.43
CA ASP E 240 -11.72 -62.25 -1.29
C ASP E 240 -10.97 -62.36 0.03
N GLN E 241 -11.61 -62.94 1.06
CA GLN E 241 -11.29 -62.69 2.48
C GLN E 241 -11.29 -61.20 2.79
N ARG E 242 -12.22 -60.47 2.16
CA ARG E 242 -12.51 -59.06 2.37
C ARG E 242 -11.26 -58.19 2.13
N ARG E 243 -10.85 -58.16 0.85
CA ARG E 243 -9.66 -57.43 0.45
C ARG E 243 -9.92 -56.39 -0.64
N LEU E 244 -11.03 -56.48 -1.37
CA LEU E 244 -11.22 -55.62 -2.52
C LEU E 244 -12.12 -54.45 -2.18
N VAL E 245 -12.06 -53.42 -3.00
CA VAL E 245 -12.71 -52.14 -2.74
C VAL E 245 -13.78 -51.92 -3.81
N TYR E 246 -15.01 -51.65 -3.36
CA TYR E 246 -16.15 -51.67 -4.25
C TYR E 246 -16.97 -50.40 -4.14
N TYR E 247 -17.97 -50.31 -5.02
CA TYR E 247 -19.02 -49.30 -4.97
C TYR E 247 -20.37 -50.00 -4.89
N GLU E 248 -21.31 -49.37 -4.19
CA GLU E 248 -22.61 -49.97 -3.98
C GLU E 248 -23.64 -48.89 -3.69
N GLY E 249 -24.84 -49.08 -4.22
CA GLY E 249 -25.93 -48.15 -4.01
C GLY E 249 -26.58 -48.27 -2.65
N GLY E 250 -27.90 -48.09 -2.60
CA GLY E 250 -28.61 -47.89 -1.35
C GLY E 250 -28.89 -49.13 -0.52
N ALA E 251 -27.90 -50.01 -0.40
CA ALA E 251 -28.03 -51.17 0.49
C ALA E 251 -27.02 -51.09 1.63
N VAL E 252 -25.73 -50.98 1.32
CA VAL E 252 -24.69 -51.00 2.35
C VAL E 252 -24.63 -49.68 3.13
N CYS E 253 -25.36 -48.65 2.68
CA CYS E 253 -25.43 -47.38 3.37
C CYS E 253 -26.16 -47.45 4.71
N THR E 254 -26.77 -48.58 5.04
CA THR E 254 -27.25 -48.85 6.39
C THR E 254 -26.50 -49.99 7.04
N HIS E 255 -25.39 -50.43 6.46
CA HIS E 255 -24.73 -51.64 6.87
C HIS E 255 -23.39 -51.32 7.53
N ALA E 256 -22.62 -52.37 7.82
CA ALA E 256 -21.36 -52.23 8.53
C ALA E 256 -20.15 -52.09 7.62
N ARG E 257 -20.25 -52.52 6.36
CA ARG E 257 -19.10 -52.45 5.47
C ARG E 257 -18.81 -51.03 5.02
N SER E 258 -19.81 -50.16 5.03
CA SER E 258 -19.63 -48.77 4.65
C SER E 258 -19.02 -47.92 5.76
N LEU E 259 -18.64 -48.52 6.88
CA LEU E 259 -18.16 -47.78 8.04
C LEU E 259 -16.64 -47.81 8.09
N TRP E 260 -16.03 -46.64 8.14
CA TRP E 260 -14.60 -46.47 8.00
C TRP E 260 -14.13 -45.45 9.02
N ARG E 261 -13.00 -45.73 9.66
CA ARG E 261 -12.42 -44.85 10.67
C ARG E 261 -11.28 -44.06 10.05
N LEU E 262 -11.31 -42.74 10.25
CA LEU E 262 -10.20 -41.87 9.86
C LEU E 262 -9.22 -41.76 11.02
N GLU E 263 -7.94 -41.93 10.73
CA GLU E 263 -6.89 -41.86 11.74
C GLU E 263 -5.73 -41.02 11.20
N PRO E 264 -5.67 -39.72 11.52
CA PRO E 264 -4.58 -38.89 11.01
C PRO E 264 -3.25 -39.22 11.68
N LEU E 265 -2.19 -38.70 11.08
CA LEU E 265 -0.82 -39.02 11.46
C LEU E 265 -0.31 -38.04 12.51
N ARG E 266 -1.09 -37.91 13.59
CA ARG E 266 -0.75 -37.01 14.68
C ARG E 266 -0.87 -37.74 16.01
N ILE E 267 0.00 -37.37 16.93
CA ILE E 267 -0.03 -37.90 18.28
C ILE E 267 -0.94 -37.07 19.18
N SER E 268 -0.85 -35.76 19.07
CA SER E 268 -1.76 -34.86 19.77
C SER E 268 -2.62 -34.11 18.77
N TRP E 269 -3.88 -33.87 19.18
CA TRP E 269 -4.91 -33.18 18.39
C TRP E 269 -5.16 -33.85 17.06
N SER E 270 -5.19 -35.20 17.07
CA SER E 270 -5.68 -35.91 15.90
C SER E 270 -7.18 -35.71 15.74
N GLY E 271 -7.87 -35.49 16.86
CA GLY E 271 -9.28 -35.17 16.84
C GLY E 271 -9.55 -33.69 16.72
N SER E 272 -8.53 -32.92 16.32
CA SER E 272 -8.76 -31.55 15.88
C SER E 272 -9.38 -31.55 14.49
N HIS E 273 -9.80 -30.36 14.05
CA HIS E 273 -10.47 -30.21 12.76
C HIS E 273 -9.55 -30.60 11.61
N LEU E 274 -9.91 -31.67 10.91
CA LEU E 274 -9.14 -32.13 9.77
C LEU E 274 -9.26 -31.14 8.62
N ARG E 275 -8.14 -30.85 7.98
CA ARG E 275 -8.03 -29.76 7.03
C ARG E 275 -7.47 -30.28 5.72
N TRP E 276 -7.40 -29.39 4.73
CA TRP E 276 -6.85 -29.78 3.44
C TRP E 276 -5.34 -29.89 3.55
N GLY E 277 -4.76 -30.70 2.67
CA GLY E 277 -3.32 -30.91 2.64
C GLY E 277 -2.81 -31.60 3.88
N GLN E 278 -3.51 -32.63 4.34
CA GLN E 278 -3.20 -33.21 5.64
C GLN E 278 -3.23 -34.73 5.53
N PRO E 279 -2.08 -35.39 5.60
CA PRO E 279 -2.03 -36.84 5.40
C PRO E 279 -2.60 -37.59 6.60
N LEU E 280 -3.02 -38.83 6.33
CA LEU E 280 -3.73 -39.61 7.34
C LEU E 280 -3.66 -41.08 7.01
N ARG E 281 -4.38 -41.87 7.80
CA ARG E 281 -4.53 -43.30 7.65
C ARG E 281 -5.99 -43.68 7.78
N ILE E 282 -6.44 -44.58 6.90
CA ILE E 282 -7.84 -44.99 6.84
C ILE E 282 -7.97 -46.39 7.41
N ARG E 283 -8.81 -46.53 8.43
CA ARG E 283 -9.15 -47.82 9.01
C ARG E 283 -10.59 -48.17 8.66
N HIS E 284 -10.84 -49.42 8.31
CA HIS E 284 -12.21 -49.92 8.34
C HIS E 284 -12.50 -50.47 9.72
N VAL E 285 -13.70 -50.20 10.21
CA VAL E 285 -13.98 -50.41 11.62
C VAL E 285 -14.33 -51.85 11.91
N THR E 286 -15.41 -52.36 11.31
CA THR E 286 -15.86 -53.71 11.61
C THR E 286 -14.93 -54.76 11.02
N THR E 287 -14.29 -54.44 9.90
CA THR E 287 -13.23 -55.29 9.39
C THR E 287 -11.97 -55.22 10.24
N GLY E 288 -11.67 -54.05 10.78
CA GLY E 288 -10.47 -53.88 11.57
C GLY E 288 -9.20 -53.80 10.75
N ARG E 289 -9.32 -53.41 9.48
CA ARG E 289 -8.17 -53.38 8.59
C ARG E 289 -7.94 -51.99 8.05
N TYR E 290 -6.94 -51.83 7.18
CA TYR E 290 -6.55 -50.52 6.67
C TYR E 290 -6.54 -50.56 5.15
N LEU E 291 -6.49 -49.39 4.54
CA LEU E 291 -6.47 -49.26 3.09
C LEU E 291 -5.10 -48.76 2.66
N ALA E 292 -4.49 -49.46 1.70
CA ALA E 292 -3.19 -49.07 1.19
C ALA E 292 -3.02 -49.62 -0.21
N LEU E 293 -2.07 -49.01 -0.95
CA LEU E 293 -1.56 -49.55 -2.20
C LEU E 293 -0.12 -49.97 -1.91
N THR E 294 0.11 -51.29 -1.80
CA THR E 294 1.38 -51.74 -1.26
C THR E 294 2.49 -51.72 -2.31
N GLU E 295 2.41 -52.59 -3.31
CA GLU E 295 3.33 -52.47 -4.43
C GLU E 295 2.68 -52.64 -5.79
N ASP E 296 1.83 -53.67 -5.93
CA ASP E 296 1.30 -54.03 -7.23
C ASP E 296 -0.16 -54.46 -7.24
N GLN E 297 -0.76 -54.76 -6.10
CA GLN E 297 -2.05 -55.43 -6.02
C GLN E 297 -3.21 -54.59 -6.51
N GLY E 298 -3.05 -53.29 -6.65
CA GLY E 298 -4.16 -52.40 -6.86
C GLY E 298 -4.71 -51.95 -5.52
N LEU E 299 -5.90 -51.36 -5.56
CA LEU E 299 -6.50 -50.81 -4.34
C LEU E 299 -7.05 -51.97 -3.52
N VAL E 300 -6.24 -52.44 -2.58
CA VAL E 300 -6.60 -53.57 -1.74
C VAL E 300 -6.64 -53.14 -0.28
N VAL E 301 -7.35 -53.92 0.53
CA VAL E 301 -7.54 -53.61 1.94
C VAL E 301 -6.41 -54.29 2.70
N VAL E 302 -5.45 -53.49 3.13
CA VAL E 302 -4.22 -54.00 3.72
C VAL E 302 -4.50 -54.35 5.18
N ASP E 303 -3.57 -55.05 5.82
CA ASP E 303 -3.74 -55.43 7.21
C ASP E 303 -3.20 -54.34 8.14
N ALA E 304 -3.12 -54.65 9.43
CA ALA E 304 -2.75 -53.70 10.47
C ALA E 304 -1.25 -53.64 10.72
N CYS E 305 -0.44 -54.12 9.79
CA CYS E 305 1.01 -54.05 9.92
C CYS E 305 1.72 -53.59 8.66
N LYS E 306 1.03 -53.53 7.53
CA LYS E 306 1.60 -53.06 6.27
C LYS E 306 0.91 -51.77 5.83
N ALA E 307 0.64 -50.89 6.78
CA ALA E 307 -0.03 -49.62 6.52
C ALA E 307 0.92 -48.49 6.86
N HIS E 308 2.16 -48.60 6.36
CA HIS E 308 3.32 -47.92 6.91
C HIS E 308 3.59 -46.53 6.34
N THR E 309 2.56 -45.67 6.26
CA THR E 309 2.62 -44.22 5.99
C THR E 309 3.11 -43.89 4.56
N LYS E 310 3.58 -44.90 3.84
CA LYS E 310 3.99 -44.82 2.44
C LYS E 310 3.04 -45.61 1.57
N ALA E 311 2.67 -46.80 2.04
CA ALA E 311 1.62 -47.57 1.40
C ALA E 311 0.26 -46.96 1.62
N THR E 312 -0.01 -46.44 2.82
CA THR E 312 -1.31 -45.84 3.07
C THR E 312 -1.40 -44.46 2.44
N SER E 313 -0.63 -43.49 2.97
CA SER E 313 -0.42 -42.14 2.45
C SER E 313 -1.64 -41.44 1.90
N PHE E 314 -2.63 -41.14 2.72
CA PHE E 314 -3.90 -40.65 2.22
C PHE E 314 -4.20 -39.26 2.73
N CYS E 315 -4.69 -38.42 1.81
CA CYS E 315 -5.11 -37.06 2.11
C CYS E 315 -6.19 -36.66 1.14
N PHE E 316 -6.77 -35.49 1.37
CA PHE E 316 -7.92 -35.01 0.63
C PHE E 316 -7.52 -33.79 -0.18
N ARG E 317 -8.08 -33.71 -1.39
CA ARG E 317 -7.76 -32.64 -2.31
C ARG E 317 -9.03 -31.89 -2.71
N VAL E 318 -8.88 -30.60 -2.97
CA VAL E 318 -10.01 -29.83 -3.49
C VAL E 318 -10.20 -30.13 -4.97
N SER E 319 -9.10 -30.23 -5.71
CA SER E 319 -9.08 -30.67 -7.09
C SER E 319 -7.73 -31.33 -7.34
N LYS E 320 -7.36 -31.50 -8.60
CA LYS E 320 -6.23 -32.36 -8.94
C LYS E 320 -5.05 -31.54 -9.47
N GLU E 321 -4.75 -30.44 -8.78
CA GLU E 321 -3.81 -29.41 -9.25
C GLU E 321 -2.37 -29.78 -8.91
N LYS E 322 -1.49 -28.78 -8.95
CA LYS E 322 -0.03 -28.88 -9.00
C LYS E 322 0.63 -28.83 -7.62
N LEU E 323 -0.06 -29.40 -6.62
CA LEU E 323 0.10 -29.16 -5.18
C LEU E 323 1.55 -29.07 -4.69
N ASP E 324 1.78 -28.12 -3.78
CA ASP E 324 3.09 -27.96 -3.15
C ASP E 324 3.24 -28.77 -1.88
N THR E 325 2.12 -29.10 -1.22
CA THR E 325 2.05 -30.06 -0.10
C THR E 325 2.90 -29.64 1.09
N ALA E 326 2.98 -28.33 1.34
CA ALA E 326 3.74 -27.84 2.49
C ALA E 326 2.85 -26.99 3.37
N PRO E 327 1.64 -27.46 3.68
CA PRO E 327 0.80 -26.80 4.68
C PRO E 327 0.75 -27.52 6.03
N LYS E 328 1.64 -28.49 6.25
CA LYS E 328 1.56 -29.38 7.41
C LYS E 328 2.40 -28.84 8.55
N ARG E 329 1.92 -27.76 9.16
CA ARG E 329 2.41 -27.30 10.45
C ARG E 329 1.34 -27.63 11.48
N ASP E 330 1.77 -28.07 12.66
CA ASP E 330 0.83 -28.59 13.65
C ASP E 330 -0.04 -27.49 14.24
N VAL E 331 -1.24 -27.87 14.65
CA VAL E 331 -2.16 -26.99 15.35
C VAL E 331 -2.49 -27.62 16.69
N GLU E 332 -2.10 -26.96 17.77
CA GLU E 332 -2.30 -27.48 19.12
C GLU E 332 -3.62 -27.01 19.73
N GLY E 333 -4.60 -26.71 18.89
CA GLY E 333 -5.97 -26.53 19.33
C GLY E 333 -6.85 -27.30 18.38
N MET E 334 -8.13 -26.97 18.34
CA MET E 334 -9.01 -27.59 17.36
C MET E 334 -8.73 -27.11 15.95
N GLY E 335 -8.20 -25.90 15.81
CA GLY E 335 -7.86 -25.36 14.52
C GLY E 335 -9.04 -24.68 13.86
N PRO E 336 -8.78 -23.92 12.79
CA PRO E 336 -9.87 -23.38 11.98
C PRO E 336 -10.64 -24.50 11.30
N PRO E 337 -11.93 -24.65 11.61
CA PRO E 337 -12.69 -25.78 11.10
C PRO E 337 -13.02 -25.61 9.63
N GLU E 338 -12.37 -26.41 8.78
CA GLU E 338 -12.52 -26.27 7.34
C GLU E 338 -13.54 -27.24 6.77
N ILE E 339 -13.31 -28.53 6.92
CA ILE E 339 -14.02 -29.54 6.13
C ILE E 339 -15.33 -29.88 6.80
N LYS E 340 -16.42 -29.71 6.06
CA LYS E 340 -17.77 -29.93 6.56
C LYS E 340 -18.29 -31.30 6.14
N TYR E 341 -19.49 -31.62 6.61
CA TYR E 341 -20.13 -32.90 6.30
C TYR E 341 -21.11 -32.72 5.17
N GLY E 342 -20.90 -33.46 4.08
CA GLY E 342 -21.79 -33.42 2.93
C GLY E 342 -21.64 -32.21 2.05
N GLU E 343 -20.82 -31.23 2.43
CA GLU E 343 -20.69 -29.98 1.70
C GLU E 343 -19.22 -29.66 1.39
N SER E 344 -18.35 -30.67 1.41
CA SER E 344 -16.93 -30.42 1.22
C SER E 344 -16.47 -30.78 -0.18
N LEU E 345 -16.97 -31.90 -0.71
CA LEU E 345 -16.63 -32.45 -2.04
C LEU E 345 -15.12 -32.73 -2.15
N CYS E 346 -14.68 -33.71 -1.36
CA CYS E 346 -13.27 -34.02 -1.21
C CYS E 346 -12.79 -34.87 -2.39
N PHE E 347 -11.48 -35.11 -2.43
CA PHE E 347 -10.86 -35.97 -3.43
C PHE E 347 -9.69 -36.68 -2.78
N VAL E 348 -9.82 -37.99 -2.58
CA VAL E 348 -8.77 -38.78 -1.95
C VAL E 348 -7.63 -38.97 -2.93
N GLN E 349 -6.47 -38.39 -2.60
CA GLN E 349 -5.26 -38.62 -3.37
C GLN E 349 -4.28 -39.37 -2.50
N HIS E 350 -3.63 -40.37 -3.07
CA HIS E 350 -2.52 -41.01 -2.41
C HIS E 350 -1.37 -40.02 -2.30
N VAL E 351 -0.85 -39.84 -1.08
CA VAL E 351 0.14 -38.80 -0.82
C VAL E 351 1.48 -39.14 -1.46
N ALA E 352 1.96 -40.35 -1.21
CA ALA E 352 3.30 -40.74 -1.65
C ALA E 352 3.36 -40.92 -3.17
N SER E 353 2.42 -41.69 -3.71
CA SER E 353 2.43 -42.00 -5.13
C SER E 353 1.78 -40.93 -5.99
N GLY E 354 1.04 -40.00 -5.39
CA GLY E 354 0.38 -38.99 -6.18
C GLY E 354 -0.88 -39.45 -6.88
N LEU E 355 -1.51 -40.53 -6.41
CA LEU E 355 -2.61 -41.15 -7.11
C LEU E 355 -3.96 -40.74 -6.54
N TRP E 356 -4.78 -40.12 -7.38
CA TRP E 356 -6.15 -39.80 -7.02
C TRP E 356 -7.02 -41.04 -7.11
N LEU E 357 -8.07 -41.06 -6.30
CA LEU E 357 -8.99 -42.18 -6.29
C LEU E 357 -10.09 -41.93 -7.31
N THR E 358 -10.44 -42.98 -8.07
CA THR E 358 -11.58 -42.93 -8.98
C THR E 358 -12.07 -44.36 -9.17
N TYR E 359 -13.21 -44.49 -9.83
CA TYR E 359 -13.73 -45.81 -10.14
C TYR E 359 -13.02 -46.39 -11.37
N ALA E 360 -12.87 -47.72 -11.35
CA ALA E 360 -12.47 -48.46 -12.54
C ALA E 360 -13.67 -48.89 -13.36
N ALA E 361 -14.65 -49.53 -12.72
CA ALA E 361 -15.92 -50.03 -13.25
C ALA E 361 -15.70 -50.94 -14.46
N PRO E 362 -14.68 -51.79 -14.45
CA PRO E 362 -14.51 -52.74 -15.54
C PRO E 362 -15.32 -54.01 -15.30
N ASP E 363 -16.28 -54.28 -16.20
CA ASP E 363 -17.12 -55.45 -16.07
C ASP E 363 -17.52 -55.99 -17.44
N PRO E 364 -17.85 -57.28 -17.54
CA PRO E 364 -18.26 -57.83 -18.84
C PRO E 364 -19.74 -57.60 -19.12
N LYS E 365 -20.23 -58.17 -20.23
CA LYS E 365 -21.65 -58.04 -20.56
C LYS E 365 -22.52 -58.85 -19.60
N ALA E 366 -22.04 -60.03 -19.21
CA ALA E 366 -22.73 -60.82 -18.19
C ALA E 366 -22.55 -60.22 -16.80
N LEU E 367 -21.44 -59.52 -16.55
CA LEU E 367 -21.26 -58.84 -15.28
C LEU E 367 -22.06 -57.55 -15.19
N ARG E 368 -22.24 -56.86 -16.32
CA ARG E 368 -23.11 -55.69 -16.35
C ARG E 368 -24.57 -56.08 -16.14
N LEU E 369 -24.96 -57.25 -16.65
CA LEU E 369 -26.25 -57.83 -16.33
C LEU E 369 -26.23 -58.63 -15.03
N GLY E 370 -25.08 -58.74 -14.37
CA GLY E 370 -24.96 -59.47 -13.14
C GLY E 370 -24.64 -58.62 -11.93
N VAL E 371 -23.37 -58.64 -11.53
CA VAL E 371 -22.94 -57.94 -10.32
C VAL E 371 -22.88 -56.44 -10.59
N LEU E 372 -23.75 -55.68 -9.92
CA LEU E 372 -23.74 -54.22 -10.01
C LEU E 372 -22.72 -53.67 -9.02
N LYS E 373 -21.45 -53.90 -9.36
CA LYS E 373 -20.33 -53.53 -8.52
C LYS E 373 -19.28 -52.81 -9.35
N LYS E 374 -18.83 -51.66 -8.86
CA LYS E 374 -17.74 -50.92 -9.47
C LYS E 374 -16.56 -50.91 -8.53
N LYS E 375 -15.36 -50.95 -9.08
CA LYS E 375 -14.14 -51.03 -8.30
C LYS E 375 -13.44 -49.69 -8.29
N ALA E 376 -12.97 -49.27 -7.12
CA ALA E 376 -12.16 -48.07 -6.99
C ALA E 376 -10.69 -48.39 -7.21
N ILE E 377 -10.02 -47.58 -8.02
CA ILE E 377 -8.60 -47.72 -8.27
C ILE E 377 -7.92 -46.36 -8.07
N LEU E 378 -6.66 -46.40 -7.66
CA LEU E 378 -5.83 -45.22 -7.51
C LEU E 378 -5.25 -44.89 -8.87
N HIS E 379 -5.70 -43.79 -9.46
CA HIS E 379 -5.37 -43.46 -10.84
C HIS E 379 -4.76 -42.06 -10.93
N GLN E 380 -3.93 -41.86 -11.96
CA GLN E 380 -3.21 -40.61 -12.11
C GLN E 380 -4.09 -39.46 -12.56
N GLU E 381 -5.21 -39.73 -13.22
CA GLU E 381 -6.07 -38.69 -13.77
C GLU E 381 -7.45 -38.70 -13.14
N GLY E 382 -8.09 -39.85 -13.09
CA GLY E 382 -9.39 -39.96 -12.48
C GLY E 382 -10.52 -39.54 -13.39
N HIS E 383 -11.73 -39.92 -13.01
CA HIS E 383 -12.92 -39.46 -13.70
C HIS E 383 -13.32 -38.11 -13.12
N MET E 384 -14.34 -37.49 -13.72
CA MET E 384 -14.76 -36.15 -13.32
C MET E 384 -15.92 -36.19 -12.34
N ASP E 385 -16.29 -37.37 -11.85
CA ASP E 385 -17.46 -37.55 -10.99
C ASP E 385 -17.13 -38.41 -9.78
N ASP E 386 -16.03 -38.08 -9.09
CA ASP E 386 -15.79 -38.67 -7.79
C ASP E 386 -16.79 -38.14 -6.77
N ALA E 387 -16.75 -36.82 -6.53
CA ALA E 387 -17.75 -36.05 -5.78
C ALA E 387 -17.94 -36.55 -4.35
N LEU E 388 -16.84 -36.94 -3.71
CA LEU E 388 -16.90 -37.60 -2.41
C LEU E 388 -17.23 -36.57 -1.33
N PHE E 389 -18.50 -36.50 -0.95
CA PHE E 389 -18.95 -35.67 0.16
C PHE E 389 -19.21 -36.59 1.36
N LEU E 390 -18.71 -36.18 2.52
CA LEU E 390 -18.58 -37.07 3.65
C LEU E 390 -19.82 -37.02 4.55
N THR E 391 -20.13 -38.16 5.16
CA THR E 391 -21.32 -38.28 6.00
C THR E 391 -20.99 -39.13 7.21
N ARG E 392 -21.08 -38.54 8.39
CA ARG E 392 -20.80 -39.18 9.67
C ARG E 392 -22.10 -39.39 10.42
N CYS E 393 -22.26 -40.55 11.04
CA CYS E 393 -23.43 -40.86 11.86
C CYS E 393 -22.94 -41.07 13.29
N GLN E 394 -22.99 -40.01 14.09
CA GLN E 394 -22.41 -40.03 15.44
C GLN E 394 -23.46 -40.61 16.39
N GLN E 395 -23.41 -41.92 16.60
CA GLN E 395 -24.31 -42.59 17.53
C GLN E 395 -23.70 -43.92 17.97
N GLU E 396 -24.53 -44.76 18.58
CA GLU E 396 -24.14 -46.09 19.01
C GLU E 396 -23.85 -47.02 17.84
N GLU E 397 -24.36 -46.68 16.64
CA GLU E 397 -23.95 -47.37 15.42
C GLU E 397 -22.44 -47.28 15.21
N SER E 398 -21.86 -46.11 15.50
CA SER E 398 -20.41 -46.01 15.55
C SER E 398 -19.84 -46.84 16.69
N GLN E 399 -20.55 -46.89 17.81
CA GLN E 399 -20.06 -47.66 18.96
C GLN E 399 -20.20 -49.16 18.73
N ALA E 400 -21.31 -49.61 18.15
CA ALA E 400 -21.53 -51.03 17.93
C ALA E 400 -20.63 -51.58 16.83
N ALA E 401 -20.13 -50.71 15.95
CA ALA E 401 -19.29 -51.16 14.85
C ALA E 401 -17.93 -51.64 15.34
N ARG E 402 -17.39 -50.97 16.36
CA ARG E 402 -16.13 -51.39 16.96
C ARG E 402 -16.29 -52.71 17.70
N MET E 403 -17.48 -52.95 18.25
CA MET E 403 -17.76 -54.20 18.95
C MET E 403 -17.69 -55.40 18.01
N ILE E 404 -18.03 -55.19 16.74
CA ILE E 404 -18.11 -56.28 15.77
C ILE E 404 -16.71 -56.81 15.44
N HIS E 405 -15.76 -55.91 15.20
CA HIS E 405 -14.37 -56.34 15.04
C HIS E 405 -13.81 -56.92 16.33
N SER E 406 -14.25 -56.39 17.47
CA SER E 406 -13.87 -56.97 18.76
C SER E 406 -14.55 -58.30 19.00
N THR E 407 -15.67 -58.55 18.33
CA THR E 407 -16.37 -59.82 18.50
C THR E 407 -15.63 -60.95 17.80
N ALA E 408 -15.43 -60.81 16.49
CA ALA E 408 -14.78 -61.87 15.71
C ALA E 408 -13.29 -61.96 16.01
N GLY E 409 -12.71 -60.89 16.54
CA GLY E 409 -11.32 -60.94 16.96
C GLY E 409 -11.07 -61.87 18.14
N LEU E 410 -12.09 -62.08 18.98
CA LEU E 410 -11.97 -62.98 20.11
C LEU E 410 -12.33 -64.42 19.75
N TYR E 411 -13.28 -64.60 18.83
CA TYR E 411 -13.75 -65.94 18.51
C TYR E 411 -12.76 -66.69 17.63
N ASN E 412 -12.33 -66.05 16.54
CA ASN E 412 -11.53 -66.74 15.54
C ASN E 412 -10.11 -67.01 16.00
N GLN E 413 -9.65 -66.36 17.07
CA GLN E 413 -8.41 -66.78 17.71
C GLN E 413 -8.63 -67.91 18.71
N PHE E 414 -9.87 -68.14 19.12
CA PHE E 414 -10.24 -69.14 20.11
C PHE E 414 -10.86 -70.38 19.50
N ILE E 415 -11.63 -70.22 18.40
CA ILE E 415 -12.20 -71.35 17.68
C ILE E 415 -11.10 -72.21 17.07
N LYS E 416 -10.00 -71.60 16.63
CA LYS E 416 -8.84 -72.37 16.19
C LYS E 416 -8.20 -73.14 17.33
N GLY E 417 -8.36 -72.66 18.57
CA GLY E 417 -7.96 -73.44 19.73
C GLY E 417 -8.81 -74.67 19.96
N LEU E 418 -10.08 -74.64 19.53
CA LEU E 418 -10.90 -75.84 19.61
C LEU E 418 -10.49 -76.89 18.59
N ASP E 419 -9.81 -76.51 17.52
CA ASP E 419 -9.38 -77.46 16.53
C ASP E 419 -8.03 -78.09 16.86
N SER E 420 -7.41 -77.67 17.97
CA SER E 420 -6.15 -78.25 18.40
C SER E 420 -6.33 -79.58 19.12
N PHE E 421 -7.50 -79.80 19.73
CA PHE E 421 -7.78 -81.01 20.49
C PHE E 421 -9.05 -81.70 19.99
N SER E 422 -9.57 -81.25 18.85
CA SER E 422 -10.84 -81.76 18.35
C SER E 422 -10.70 -83.20 17.88
N GLY E 423 -9.61 -83.51 17.18
CA GLY E 423 -9.36 -84.88 16.76
C GLY E 423 -8.18 -85.48 17.49
N LYS E 424 -7.69 -84.78 18.52
CA LYS E 424 -6.53 -85.23 19.26
C LYS E 424 -6.94 -85.48 20.72
N PRO E 425 -6.71 -86.68 21.23
CA PRO E 425 -7.08 -86.95 22.63
C PRO E 425 -6.14 -86.28 23.63
N ARG E 426 -6.39 -86.53 24.91
CA ARG E 426 -5.69 -85.89 26.00
C ARG E 426 -4.60 -86.84 26.47
N GLY E 427 -3.35 -86.55 26.10
CA GLY E 427 -2.24 -87.28 26.65
C GLY E 427 -2.06 -87.00 28.13
N SER E 428 -1.53 -87.98 28.85
CA SER E 428 -1.26 -87.85 30.27
C SER E 428 -0.12 -86.85 30.46
N GLY E 429 -0.46 -85.66 30.93
CA GLY E 429 0.47 -84.55 30.92
C GLY E 429 -0.09 -83.39 30.13
N PRO E 430 0.49 -83.11 28.97
CA PRO E 430 -0.03 -82.05 28.10
C PRO E 430 -1.35 -82.45 27.48
N PRO E 431 -2.41 -81.67 27.72
CA PRO E 431 -3.72 -82.05 27.20
C PRO E 431 -3.93 -81.67 25.73
N ALA E 432 -3.36 -80.55 25.32
CA ALA E 432 -3.58 -79.99 24.00
C ALA E 432 -2.39 -79.10 23.65
N GLY E 433 -2.58 -78.24 22.67
CA GLY E 433 -1.50 -77.39 22.19
C GLY E 433 -1.58 -76.00 22.77
N PRO E 434 -2.10 -75.05 22.01
CA PRO E 434 -2.20 -73.67 22.51
C PRO E 434 -3.23 -73.52 23.61
N ALA E 435 -3.00 -72.54 24.48
CA ALA E 435 -3.86 -72.31 25.61
C ALA E 435 -5.17 -71.66 25.17
N LEU E 436 -6.23 -71.99 25.88
CA LEU E 436 -7.57 -71.48 25.56
C LEU E 436 -7.88 -70.27 26.44
N PRO E 437 -8.10 -69.10 25.86
CA PRO E 437 -8.68 -67.99 26.63
C PRO E 437 -10.13 -68.31 26.98
N ILE E 438 -10.39 -68.55 28.27
CA ILE E 438 -11.68 -69.01 28.75
C ILE E 438 -12.41 -67.93 29.52
N GLU E 439 -11.72 -67.26 30.43
CA GLU E 439 -12.37 -66.32 31.34
C GLU E 439 -12.77 -65.04 30.60
N ALA E 440 -11.99 -64.62 29.62
CA ALA E 440 -12.31 -63.41 28.87
C ALA E 440 -13.47 -63.65 27.90
N VAL E 441 -13.63 -64.88 27.42
CA VAL E 441 -14.73 -65.18 26.51
C VAL E 441 -16.06 -65.17 27.25
N ILE E 442 -16.11 -65.84 28.40
CA ILE E 442 -17.31 -65.86 29.24
C ILE E 442 -17.64 -64.46 29.74
N LEU E 443 -16.61 -63.64 30.01
CA LEU E 443 -16.81 -62.23 30.31
C LEU E 443 -17.44 -61.48 29.15
N SER E 444 -17.05 -61.83 27.92
CA SER E 444 -17.52 -61.10 26.75
C SER E 444 -18.97 -61.46 26.41
N LEU E 445 -19.36 -62.71 26.62
CA LEU E 445 -20.73 -63.11 26.33
C LEU E 445 -21.70 -62.51 27.33
N GLN E 446 -21.28 -62.33 28.58
CA GLN E 446 -22.14 -61.67 29.57
C GLN E 446 -22.36 -60.21 29.25
N ASP E 447 -21.39 -59.57 28.59
CA ASP E 447 -21.52 -58.16 28.25
C ASP E 447 -22.50 -57.96 27.10
N LEU E 448 -22.70 -58.99 26.29
CA LEU E 448 -23.57 -58.87 25.12
C LEU E 448 -25.01 -59.25 25.43
N ILE E 449 -25.24 -60.05 26.47
CA ILE E 449 -26.62 -60.43 26.82
C ILE E 449 -27.38 -59.23 27.38
N GLY E 450 -26.77 -58.51 28.32
CA GLY E 450 -27.33 -57.26 28.78
C GLY E 450 -27.31 -56.17 27.73
N TYR E 451 -26.41 -56.28 26.75
CA TYR E 451 -26.43 -55.37 25.61
C TYR E 451 -27.69 -55.54 24.78
N PHE E 452 -28.17 -56.77 24.63
CA PHE E 452 -29.40 -57.05 23.93
C PHE E 452 -30.55 -57.34 24.90
N GLU E 453 -30.54 -56.67 26.04
CA GLU E 453 -31.61 -56.86 27.00
C GLU E 453 -32.87 -56.16 26.52
N PRO E 454 -34.04 -56.81 26.58
CA PRO E 454 -35.27 -56.14 26.18
C PRO E 454 -35.67 -55.10 27.20
N PRO E 455 -36.42 -54.07 26.79
CA PRO E 455 -36.84 -53.05 27.75
C PRO E 455 -37.91 -53.56 28.70
N SER E 456 -38.06 -52.87 29.82
CA SER E 456 -39.04 -53.26 30.83
C SER E 456 -40.45 -52.97 30.37
N GLU E 457 -41.41 -53.72 30.91
CA GLU E 457 -42.81 -53.41 30.70
C GLU E 457 -43.31 -52.35 31.67
N GLU E 458 -42.53 -52.01 32.69
CA GLU E 458 -42.82 -50.86 33.53
C GLU E 458 -42.45 -49.55 32.84
N LEU E 459 -41.72 -49.61 31.73
CA LEU E 459 -41.39 -48.43 30.95
C LEU E 459 -42.65 -47.88 30.28
N GLN E 460 -42.62 -46.57 30.03
CA GLN E 460 -43.67 -45.91 29.26
C GLN E 460 -43.78 -46.49 27.86
N HIS E 461 -45.01 -46.58 27.35
CA HIS E 461 -45.26 -47.02 25.98
C HIS E 461 -44.62 -46.10 24.95
N GLU E 462 -44.48 -44.81 25.28
CA GLU E 462 -43.73 -43.89 24.43
C GLU E 462 -42.28 -44.32 24.28
N GLU E 463 -41.60 -44.51 25.41
CA GLU E 463 -40.17 -44.81 25.40
C GLU E 463 -39.89 -46.21 24.88
N LYS E 464 -40.86 -47.12 25.02
CA LYS E 464 -40.66 -48.51 24.65
C LYS E 464 -40.53 -48.66 23.14
N GLN E 465 -41.24 -47.84 22.37
CA GLN E 465 -41.11 -47.88 20.91
C GLN E 465 -39.73 -47.41 20.48
N SER E 466 -39.19 -46.42 21.19
CA SER E 466 -37.84 -45.93 20.91
C SER E 466 -36.78 -46.97 21.26
N LYS E 467 -37.05 -47.80 22.27
CA LYS E 467 -36.10 -48.84 22.63
C LYS E 467 -36.05 -49.93 21.58
N LEU E 468 -37.21 -50.32 21.05
CA LEU E 468 -37.28 -51.45 20.13
C LEU E 468 -36.68 -51.10 18.78
N ARG E 469 -36.85 -49.85 18.34
CA ARG E 469 -36.14 -49.38 17.16
C ARG E 469 -34.64 -49.37 17.40
N SER E 470 -34.23 -49.03 18.62
CA SER E 470 -32.83 -49.15 18.99
C SER E 470 -32.41 -50.60 19.16
N LEU E 471 -33.34 -51.46 19.57
CA LEU E 471 -33.01 -52.86 19.80
C LEU E 471 -32.84 -53.60 18.50
N ARG E 472 -33.86 -53.56 17.64
CA ARG E 472 -33.87 -54.33 16.39
C ARG E 472 -32.81 -53.86 15.41
N ASN E 473 -32.42 -52.58 15.48
CA ASN E 473 -31.30 -52.12 14.69
C ASN E 473 -30.01 -52.77 15.16
N ARG E 474 -29.85 -52.90 16.48
CA ARG E 474 -28.67 -53.58 17.01
C ARG E 474 -28.73 -55.08 16.74
N GLN E 475 -29.93 -55.65 16.63
CA GLN E 475 -30.04 -56.99 16.07
C GLN E 475 -29.69 -57.00 14.60
N SER E 476 -30.01 -55.93 13.88
CA SER E 476 -29.75 -55.88 12.46
C SER E 476 -28.28 -55.64 12.14
N LEU E 477 -27.55 -54.98 13.06
CA LEU E 477 -26.13 -54.71 12.81
C LEU E 477 -25.30 -55.99 12.86
N PHE E 478 -25.76 -56.99 13.60
CA PHE E 478 -25.11 -58.30 13.62
C PHE E 478 -25.71 -59.25 12.61
N GLN E 479 -26.25 -58.73 11.52
CA GLN E 479 -26.60 -59.51 10.35
C GLN E 479 -25.67 -59.25 9.18
N GLU E 480 -25.18 -58.02 9.05
CA GLU E 480 -24.46 -57.60 7.85
C GLU E 480 -23.01 -58.07 7.84
N GLU E 481 -22.46 -58.35 9.02
CA GLU E 481 -21.17 -59.02 9.13
C GLU E 481 -21.35 -60.51 9.37
N GLY E 482 -22.53 -61.03 9.10
CA GLY E 482 -22.89 -62.41 9.36
C GLY E 482 -23.24 -62.58 10.82
N MET E 483 -22.21 -62.72 11.67
CA MET E 483 -22.25 -62.63 13.12
C MET E 483 -23.16 -63.64 13.80
N LEU E 484 -23.76 -64.57 13.05
CA LEU E 484 -24.75 -65.50 13.57
C LEU E 484 -24.31 -66.95 13.38
N SER E 485 -23.74 -67.27 12.22
CA SER E 485 -23.11 -68.57 12.05
C SER E 485 -21.89 -68.72 12.93
N LEU E 486 -21.17 -67.62 13.16
CA LEU E 486 -20.01 -67.64 14.06
C LEU E 486 -20.42 -67.98 15.48
N VAL E 487 -21.60 -67.53 15.90
CA VAL E 487 -22.18 -68.00 17.15
C VAL E 487 -22.47 -69.49 17.05
N LEU E 488 -23.02 -69.93 15.91
CA LEU E 488 -23.33 -71.33 15.72
C LEU E 488 -22.08 -72.17 15.48
N ASN E 489 -20.98 -71.56 15.02
CA ASN E 489 -19.74 -72.31 14.85
C ASN E 489 -19.15 -72.76 16.18
N CYS E 490 -19.29 -71.96 17.23
CA CYS E 490 -18.97 -72.44 18.56
C CYS E 490 -19.95 -73.53 18.98
N ILE E 491 -21.22 -73.35 18.62
CA ILE E 491 -22.24 -74.37 18.87
C ILE E 491 -21.98 -75.59 17.98
N ASP E 492 -21.39 -75.40 16.79
CA ASP E 492 -20.99 -76.53 15.95
C ASP E 492 -19.90 -77.35 16.62
N ARG E 493 -18.87 -76.69 17.15
CA ARG E 493 -17.70 -77.40 17.63
C ARG E 493 -17.80 -77.83 19.09
N LEU E 494 -18.72 -77.24 19.85
CA LEU E 494 -19.01 -77.70 21.20
C LEU E 494 -20.27 -78.55 21.25
N ASN E 495 -20.73 -79.06 20.11
CA ASN E 495 -21.96 -79.84 20.11
C ASN E 495 -21.71 -81.26 20.60
N VAL E 496 -20.67 -81.91 20.08
CA VAL E 496 -20.44 -83.33 20.38
C VAL E 496 -19.58 -83.34 21.63
N TYR E 497 -20.24 -83.15 22.78
CA TYR E 497 -19.67 -83.35 24.11
C TYR E 497 -20.85 -83.81 24.97
N THR E 498 -21.04 -85.12 25.06
CA THR E 498 -22.26 -85.66 25.62
C THR E 498 -22.29 -85.53 27.14
N THR E 499 -21.38 -86.22 27.83
CA THR E 499 -21.27 -86.06 29.27
C THR E 499 -20.29 -84.95 29.61
N ALA E 500 -19.20 -84.86 28.83
CA ALA E 500 -18.24 -83.75 28.83
C ALA E 500 -17.56 -83.55 30.17
N ALA E 501 -17.54 -84.58 31.01
CA ALA E 501 -16.79 -84.55 32.26
C ALA E 501 -15.31 -84.79 32.04
N HIS E 502 -14.97 -85.95 31.51
CA HIS E 502 -13.66 -86.18 30.90
C HIS E 502 -13.67 -85.99 29.40
N PHE E 503 -14.85 -85.83 28.80
CA PHE E 503 -14.95 -85.75 27.35
C PHE E 503 -14.78 -84.32 26.85
N ALA E 504 -15.00 -83.33 27.70
CA ALA E 504 -14.51 -81.99 27.41
C ALA E 504 -13.13 -81.76 28.01
N GLU E 505 -12.58 -82.75 28.69
CA GLU E 505 -11.22 -82.68 29.21
C GLU E 505 -10.21 -83.27 28.24
N TYR E 506 -10.29 -82.84 26.98
CA TYR E 506 -9.23 -83.07 26.01
C TYR E 506 -8.47 -81.79 25.72
N ALA E 507 -8.99 -80.65 26.17
CA ALA E 507 -8.24 -79.41 26.21
C ALA E 507 -7.54 -79.21 27.54
N GLY E 508 -7.98 -79.87 28.59
CA GLY E 508 -7.43 -79.71 29.92
C GLY E 508 -8.52 -79.82 30.97
N GLU E 509 -8.10 -80.06 32.21
CA GLU E 509 -9.01 -80.01 33.33
C GLU E 509 -9.47 -78.59 33.57
N GLU E 510 -10.68 -78.46 34.12
CA GLU E 510 -11.43 -77.24 34.45
C GLU E 510 -11.92 -76.48 33.23
N ALA E 511 -11.53 -76.87 32.01
CA ALA E 511 -12.25 -76.42 30.83
C ALA E 511 -13.52 -77.22 30.65
N ALA E 512 -13.53 -78.47 31.12
CA ALA E 512 -14.76 -79.24 31.21
C ALA E 512 -15.71 -78.65 32.23
N GLU E 513 -15.17 -78.12 33.34
CA GLU E 513 -16.00 -77.38 34.28
C GLU E 513 -16.54 -76.11 33.65
N SER E 514 -15.71 -75.44 32.85
CA SER E 514 -16.11 -74.23 32.16
C SER E 514 -16.87 -74.51 30.87
N TRP E 515 -17.01 -75.77 30.47
CA TRP E 515 -17.70 -76.10 29.23
C TRP E 515 -19.19 -75.78 29.31
N LYS E 516 -19.87 -76.33 30.32
CA LYS E 516 -21.32 -76.19 30.45
C LYS E 516 -21.73 -74.74 30.65
N GLU E 517 -20.92 -73.97 31.39
CA GLU E 517 -21.16 -72.55 31.61
C GLU E 517 -21.17 -71.78 30.29
N ILE E 518 -20.29 -72.13 29.37
CA ILE E 518 -20.31 -71.53 28.05
C ILE E 518 -21.57 -71.93 27.29
N VAL E 519 -21.90 -73.23 27.33
CA VAL E 519 -23.01 -73.77 26.53
C VAL E 519 -24.35 -73.25 27.04
N ASN E 520 -24.46 -72.97 28.34
CA ASN E 520 -25.63 -72.24 28.84
C ASN E 520 -25.71 -70.85 28.24
N LEU E 521 -24.57 -70.18 28.10
CA LEU E 521 -24.54 -68.84 27.51
C LEU E 521 -24.69 -68.86 25.99
N LEU E 522 -24.39 -69.99 25.33
CA LEU E 522 -24.38 -70.02 23.87
C LEU E 522 -25.78 -69.86 23.30
N TYR E 523 -26.72 -70.72 23.73
CA TYR E 523 -28.08 -70.63 23.23
C TYR E 523 -28.82 -69.44 23.83
N GLU E 524 -28.38 -68.99 25.00
CA GLU E 524 -29.04 -67.86 25.65
C GLU E 524 -28.74 -66.55 24.93
N LEU E 525 -27.50 -66.40 24.45
CA LEU E 525 -27.14 -65.22 23.68
C LEU E 525 -27.80 -65.24 22.31
N LEU E 526 -28.14 -66.42 21.80
CA LEU E 526 -28.77 -66.51 20.49
C LEU E 526 -30.21 -65.98 20.54
N ALA E 527 -30.94 -66.29 21.61
CA ALA E 527 -32.37 -65.98 21.65
C ALA E 527 -32.65 -64.49 21.76
N SER E 528 -31.72 -63.72 22.32
CA SER E 528 -31.87 -62.28 22.34
C SER E 528 -31.71 -61.70 20.94
N LEU E 529 -30.94 -62.35 20.09
CA LEU E 529 -30.70 -61.91 18.72
C LEU E 529 -31.88 -62.18 17.80
N ILE E 530 -32.82 -63.04 18.22
CA ILE E 530 -33.88 -63.51 17.36
C ILE E 530 -35.22 -62.84 17.67
N ARG E 531 -35.51 -62.63 18.95
CA ARG E 531 -36.79 -62.10 19.38
C ARG E 531 -36.95 -60.65 18.94
N GLY E 532 -38.20 -60.28 18.65
CA GLY E 532 -38.53 -58.97 18.14
C GLY E 532 -38.41 -58.83 16.65
N ASN E 533 -37.55 -59.61 16.01
CA ASN E 533 -37.29 -59.51 14.59
C ASN E 533 -37.89 -60.71 13.86
N ARG E 534 -38.63 -60.43 12.79
CA ARG E 534 -39.02 -61.49 11.88
C ARG E 534 -37.87 -61.92 11.01
N ALA E 535 -36.95 -61.00 10.68
CA ALA E 535 -35.86 -61.33 9.78
C ALA E 535 -34.83 -62.24 10.44
N ASN E 536 -34.70 -62.18 11.77
CA ASN E 536 -33.85 -63.13 12.45
C ASN E 536 -34.54 -64.47 12.63
N CYS E 537 -35.86 -64.50 12.50
CA CYS E 537 -36.56 -65.79 12.44
C CYS E 537 -36.50 -66.39 11.04
N ALA E 538 -35.98 -65.64 10.07
CA ALA E 538 -35.99 -66.09 8.69
C ALA E 538 -34.78 -66.95 8.34
N LEU E 539 -33.62 -66.71 8.97
CA LEU E 539 -32.40 -67.41 8.59
C LEU E 539 -32.39 -68.88 8.97
N PHE E 540 -33.24 -69.31 9.90
CA PHE E 540 -33.16 -70.65 10.45
C PHE E 540 -34.07 -71.63 9.73
N SER E 541 -34.44 -71.33 8.48
CA SER E 541 -35.22 -72.26 7.68
C SER E 541 -34.39 -73.47 7.26
N THR E 542 -33.10 -73.27 6.99
CA THR E 542 -32.26 -74.40 6.61
C THR E 542 -31.75 -75.15 7.84
N ASN E 543 -31.58 -74.44 8.96
CA ASN E 543 -31.10 -75.05 10.19
C ASN E 543 -32.23 -75.53 11.09
N LEU E 544 -33.47 -75.54 10.60
CA LEU E 544 -34.59 -76.05 11.38
C LEU E 544 -34.41 -77.54 11.67
N ASP E 545 -34.01 -78.31 10.66
CA ASP E 545 -33.66 -79.71 10.87
C ASP E 545 -32.35 -79.87 11.63
N TRP E 546 -31.57 -78.80 11.80
CA TRP E 546 -30.34 -78.86 12.56
C TRP E 546 -30.54 -78.56 14.04
N VAL E 547 -31.31 -77.52 14.39
CA VAL E 547 -31.36 -77.05 15.77
C VAL E 547 -32.10 -78.04 16.66
N VAL E 548 -33.39 -78.24 16.39
CA VAL E 548 -34.24 -78.96 17.34
C VAL E 548 -34.04 -80.47 17.25
N SER E 549 -33.37 -80.96 16.22
CA SER E 549 -33.02 -82.37 16.16
C SER E 549 -31.89 -82.74 17.11
N LYS E 550 -31.13 -81.76 17.61
CA LYS E 550 -30.09 -82.07 18.57
C LYS E 550 -30.68 -82.48 19.91
N LEU E 551 -31.39 -81.54 20.56
CA LEU E 551 -32.08 -81.73 21.84
C LEU E 551 -31.09 -82.26 22.89
N ASP E 552 -30.16 -81.38 23.28
CA ASP E 552 -28.95 -81.75 24.02
C ASP E 552 -29.22 -82.28 25.43
N ARG E 553 -30.48 -82.40 25.86
CA ARG E 553 -31.03 -83.30 26.89
C ARG E 553 -30.40 -83.22 28.28
N LEU E 554 -29.43 -82.32 28.47
CA LEU E 554 -28.94 -81.91 29.79
C LEU E 554 -28.78 -80.41 29.89
N GLU E 555 -28.67 -79.70 28.77
CA GLU E 555 -28.66 -78.25 28.70
C GLU E 555 -29.86 -77.71 27.93
N ALA E 556 -30.55 -78.58 27.16
CA ALA E 556 -31.57 -78.16 26.21
C ALA E 556 -32.80 -77.53 26.86
N SER E 557 -33.07 -77.85 28.13
CA SER E 557 -34.17 -77.19 28.83
C SER E 557 -33.86 -75.73 29.13
N SER E 558 -32.58 -75.37 29.22
CA SER E 558 -32.21 -74.00 29.55
C SER E 558 -32.40 -73.07 28.35
N GLY E 559 -31.63 -73.29 27.30
CA GLY E 559 -31.57 -72.32 26.22
C GLY E 559 -32.09 -72.79 24.88
N ILE E 560 -32.02 -74.10 24.63
CA ILE E 560 -32.46 -74.63 23.34
C ILE E 560 -33.98 -74.61 23.26
N LEU E 561 -34.65 -74.92 24.38
CA LEU E 561 -36.10 -74.93 24.41
C LEU E 561 -36.67 -73.53 24.30
N GLU E 562 -35.91 -72.51 24.73
CA GLU E 562 -36.37 -71.14 24.57
C GLU E 562 -36.25 -70.68 23.12
N VAL E 563 -35.11 -70.95 22.49
CA VAL E 563 -34.80 -70.33 21.20
C VAL E 563 -35.64 -70.94 20.08
N LEU E 564 -36.14 -72.16 20.27
CA LEU E 564 -37.10 -72.71 19.32
C LEU E 564 -38.45 -72.02 19.43
N TYR E 565 -38.84 -71.58 20.63
CA TYR E 565 -40.05 -70.79 20.77
C TYR E 565 -39.87 -69.40 20.16
N CYS E 566 -38.63 -68.93 20.09
CA CYS E 566 -38.35 -67.61 19.52
C CYS E 566 -38.60 -67.59 18.01
N VAL E 567 -38.22 -68.66 17.31
CA VAL E 567 -38.37 -68.65 15.86
C VAL E 567 -39.77 -69.04 15.42
N LEU E 568 -40.55 -69.70 16.28
CA LEU E 568 -41.88 -70.13 15.91
C LEU E 568 -42.96 -69.11 16.24
N ILE E 569 -42.60 -68.00 16.89
CA ILE E 569 -43.60 -67.01 17.23
C ILE E 569 -43.82 -66.00 16.11
N GLU E 570 -42.84 -65.84 15.20
CA GLU E 570 -42.91 -64.79 14.20
C GLU E 570 -43.03 -65.34 12.79
N SER E 571 -42.09 -66.17 12.36
CA SER E 571 -42.06 -66.55 10.95
C SER E 571 -42.96 -67.73 10.68
N PRO E 572 -43.96 -67.59 9.81
CA PRO E 572 -44.79 -68.76 9.45
C PRO E 572 -44.12 -69.71 8.48
N GLU E 573 -43.00 -69.29 7.86
CA GLU E 573 -42.34 -70.13 6.87
C GLU E 573 -41.61 -71.29 7.53
N VAL E 574 -41.13 -71.09 8.76
CA VAL E 574 -40.61 -72.20 9.54
C VAL E 574 -41.74 -73.15 9.92
N LEU E 575 -42.94 -72.61 10.17
CA LEU E 575 -44.10 -73.45 10.39
C LEU E 575 -44.57 -74.12 9.10
N ASN E 576 -44.14 -73.64 7.95
CA ASN E 576 -44.50 -74.24 6.68
C ASN E 576 -43.62 -75.44 6.33
N ILE E 577 -42.46 -75.57 6.98
CA ILE E 577 -41.48 -76.57 6.58
C ILE E 577 -41.29 -77.61 7.69
N ILE E 578 -42.37 -77.92 8.41
CA ILE E 578 -42.34 -78.98 9.40
C ILE E 578 -42.10 -80.33 8.71
N GLN E 579 -41.55 -81.26 9.49
CA GLN E 579 -41.11 -82.56 8.98
C GLN E 579 -41.80 -83.72 9.65
N GLU E 580 -42.44 -83.49 10.81
CA GLU E 580 -43.22 -84.34 11.69
C GLU E 580 -42.31 -85.27 12.53
N ASN E 581 -41.03 -85.38 12.22
CA ASN E 581 -40.12 -86.04 13.14
C ASN E 581 -39.75 -85.13 14.30
N HIS E 582 -39.76 -83.82 14.06
CA HIS E 582 -39.47 -82.85 15.10
C HIS E 582 -40.57 -82.79 16.13
N ILE E 583 -41.83 -82.79 15.68
CA ILE E 583 -42.94 -82.63 16.62
C ILE E 583 -43.15 -83.92 17.42
N LYS E 584 -42.72 -85.06 16.86
CA LYS E 584 -42.63 -86.27 17.67
C LYS E 584 -41.49 -86.17 18.67
N SER E 585 -40.39 -85.51 18.29
CA SER E 585 -39.30 -85.31 19.22
C SER E 585 -39.68 -84.32 20.32
N ILE E 586 -40.63 -83.43 20.02
CA ILE E 586 -41.23 -82.60 21.07
C ILE E 586 -41.98 -83.48 22.07
N ILE E 587 -42.72 -84.47 21.58
CA ILE E 587 -43.43 -85.40 22.45
C ILE E 587 -42.44 -86.25 23.24
N SER E 588 -41.31 -86.59 22.64
CA SER E 588 -40.26 -87.28 23.39
C SER E 588 -39.61 -86.36 24.40
N LEU E 589 -39.39 -85.09 24.03
CA LEU E 589 -38.99 -84.07 25.00
C LEU E 589 -40.03 -83.91 26.09
N LEU E 590 -41.31 -83.98 25.72
CA LEU E 590 -42.38 -84.02 26.71
C LEU E 590 -42.33 -85.31 27.51
N ASP E 591 -41.83 -86.40 26.93
CA ASP E 591 -41.73 -87.66 27.64
C ASP E 591 -40.47 -87.72 28.49
N LYS E 592 -39.31 -87.40 27.90
CA LYS E 592 -38.04 -87.59 28.57
C LYS E 592 -37.77 -86.56 29.66
N HIS E 593 -38.55 -85.48 29.73
CA HIS E 593 -38.24 -84.41 30.66
C HIS E 593 -39.40 -83.96 31.53
N GLY E 594 -40.65 -84.26 31.15
CA GLY E 594 -41.77 -84.09 32.04
C GLY E 594 -42.68 -82.97 31.61
N ARG E 595 -43.17 -82.23 32.60
CA ARG E 595 -44.28 -81.30 32.42
C ARG E 595 -43.77 -79.87 32.50
N ASN E 596 -43.82 -79.18 31.37
CA ASN E 596 -43.35 -77.80 31.30
C ASN E 596 -44.45 -76.94 30.69
N HIS E 597 -44.45 -75.67 31.10
CA HIS E 597 -45.32 -74.68 30.49
C HIS E 597 -44.90 -74.36 29.08
N LYS E 598 -43.60 -74.46 28.77
CA LYS E 598 -43.09 -74.05 27.48
C LYS E 598 -43.52 -75.01 26.38
N VAL E 599 -43.36 -76.32 26.61
CA VAL E 599 -43.53 -77.32 25.57
C VAL E 599 -44.97 -77.44 25.09
N LEU E 600 -45.94 -77.02 25.91
CA LEU E 600 -47.31 -76.93 25.46
C LEU E 600 -47.61 -75.58 24.84
N ASP E 601 -46.90 -74.54 25.26
CA ASP E 601 -47.07 -73.22 24.64
C ASP E 601 -46.42 -73.18 23.26
N VAL E 602 -45.36 -73.95 23.04
CA VAL E 602 -44.77 -74.07 21.71
C VAL E 602 -45.73 -74.75 20.76
N LEU E 603 -46.33 -75.86 21.21
CA LEU E 603 -47.35 -76.54 20.43
C LEU E 603 -48.61 -75.71 20.32
N CYS E 604 -48.86 -74.82 21.30
CA CYS E 604 -49.95 -73.86 21.16
C CYS E 604 -49.66 -72.86 20.04
N SER E 605 -48.42 -72.40 19.93
CA SER E 605 -48.05 -71.50 18.84
C SER E 605 -47.71 -72.25 17.56
N LEU E 606 -47.65 -73.58 17.61
CA LEU E 606 -47.33 -74.34 16.42
C LEU E 606 -48.52 -74.42 15.47
N CYS E 607 -49.75 -74.44 16.01
CA CYS E 607 -50.91 -74.65 15.17
C CYS E 607 -51.23 -73.42 14.34
N VAL E 608 -51.48 -72.29 14.99
CA VAL E 608 -51.74 -71.04 14.30
C VAL E 608 -50.46 -70.22 14.24
N CYS E 609 -50.13 -69.70 13.05
CA CYS E 609 -48.93 -68.89 12.90
C CYS E 609 -49.23 -67.42 13.11
N ASN E 610 -50.06 -66.86 12.23
CA ASN E 610 -50.45 -65.45 12.26
C ASN E 610 -51.85 -65.37 11.67
N GLY E 611 -52.85 -65.50 12.55
CA GLY E 611 -54.23 -65.54 12.07
C GLY E 611 -54.58 -66.85 11.40
N VAL E 612 -54.01 -67.08 10.21
CA VAL E 612 -54.24 -68.31 9.45
C VAL E 612 -53.51 -69.47 10.12
N ALA E 613 -53.89 -70.69 9.76
CA ALA E 613 -53.29 -71.87 10.35
C ALA E 613 -53.34 -73.01 9.35
N VAL E 614 -52.23 -73.73 9.26
CA VAL E 614 -52.10 -74.84 8.32
C VAL E 614 -52.82 -76.06 8.88
N ARG E 615 -53.49 -76.80 8.00
CA ARG E 615 -54.21 -78.02 8.38
C ARG E 615 -53.28 -79.18 8.73
N SER E 616 -51.99 -79.07 8.42
CA SER E 616 -51.05 -80.16 8.68
C SER E 616 -50.85 -80.37 10.17
N ASN E 617 -50.34 -79.36 10.87
CA ASN E 617 -49.96 -79.52 12.27
C ASN E 617 -51.16 -79.61 13.21
N GLN E 618 -52.34 -79.18 12.76
CA GLN E 618 -53.55 -79.38 13.55
C GLN E 618 -53.88 -80.86 13.69
N ASP E 619 -53.62 -81.63 12.64
CA ASP E 619 -53.99 -83.04 12.63
C ASP E 619 -52.84 -83.94 13.05
N LEU E 620 -51.60 -83.48 12.88
CA LEU E 620 -50.45 -84.28 13.33
C LEU E 620 -50.41 -84.37 14.84
N ILE E 621 -50.71 -83.27 15.52
CA ILE E 621 -50.75 -83.30 16.98
C ILE E 621 -51.97 -84.05 17.46
N THR E 622 -53.07 -83.99 16.71
CA THR E 622 -54.26 -84.78 17.00
C THR E 622 -53.95 -86.27 16.90
N GLU E 623 -53.18 -86.65 15.88
CA GLU E 623 -52.76 -88.04 15.74
C GLU E 623 -51.72 -88.42 16.78
N ASN E 624 -50.74 -87.54 17.01
CA ASN E 624 -49.68 -87.82 17.97
C ASN E 624 -50.04 -87.41 19.38
N LEU E 625 -51.26 -86.96 19.63
CA LEU E 625 -51.85 -87.12 20.95
C LEU E 625 -52.19 -88.60 21.02
N LEU E 626 -51.47 -89.32 21.86
CA LEU E 626 -51.68 -90.75 22.02
C LEU E 626 -53.06 -91.01 22.60
N PRO E 627 -53.91 -91.80 21.95
CA PRO E 627 -55.22 -92.13 22.53
C PRO E 627 -55.12 -92.98 23.78
N GLY E 628 -54.00 -93.67 24.00
CA GLY E 628 -53.73 -94.35 25.24
C GLY E 628 -53.53 -93.38 26.38
N ARG E 629 -53.10 -92.16 26.05
CA ARG E 629 -53.12 -90.99 26.93
C ARG E 629 -52.23 -91.17 28.15
N GLU E 630 -50.97 -91.55 27.93
CA GLU E 630 -50.05 -91.92 29.00
C GLU E 630 -49.32 -90.75 29.63
N LEU E 631 -49.34 -89.57 29.00
CA LEU E 631 -48.64 -88.41 29.52
C LEU E 631 -49.57 -87.27 29.92
N LEU E 632 -50.73 -87.16 29.29
CA LEU E 632 -51.64 -86.06 29.54
C LEU E 632 -52.46 -86.32 30.81
N LEU E 633 -53.44 -85.47 31.06
CA LEU E 633 -54.27 -85.55 32.26
C LEU E 633 -55.71 -85.87 31.87
N GLN E 634 -56.31 -86.83 32.58
CA GLN E 634 -57.63 -87.33 32.22
C GLN E 634 -58.53 -87.36 33.44
N THR E 635 -59.71 -86.75 33.28
CA THR E 635 -60.72 -86.73 34.32
C THR E 635 -61.97 -87.41 33.81
N ASN E 636 -62.76 -87.93 34.75
CA ASN E 636 -64.00 -88.63 34.41
C ASN E 636 -64.91 -88.53 35.62
N LEU E 637 -66.22 -88.64 35.35
CA LEU E 637 -67.20 -88.66 36.42
C LEU E 637 -67.14 -89.98 37.16
N ILE E 638 -66.56 -89.97 38.36
CA ILE E 638 -66.48 -91.14 39.22
C ILE E 638 -67.36 -90.82 40.44
N ASN E 639 -67.91 -91.83 41.08
CA ASN E 639 -68.87 -91.58 42.15
C ASN E 639 -68.17 -91.74 43.50
N TYR E 640 -68.89 -91.39 44.56
CA TYR E 640 -68.44 -91.57 45.93
C TYR E 640 -68.74 -93.00 46.39
N VAL E 641 -67.87 -93.51 47.26
CA VAL E 641 -67.97 -94.87 47.75
C VAL E 641 -67.86 -94.87 49.28
N THR E 642 -68.67 -95.72 49.91
CA THR E 642 -68.71 -95.83 51.37
C THR E 642 -68.77 -97.30 51.76
N SER E 643 -68.64 -97.55 53.06
CA SER E 643 -68.74 -98.90 53.62
C SER E 643 -69.17 -98.80 55.07
N ILE E 644 -70.19 -99.58 55.44
CA ILE E 644 -70.75 -99.57 56.77
C ILE E 644 -70.56 -100.96 57.38
N ARG E 645 -69.89 -101.02 58.53
CA ARG E 645 -69.68 -102.28 59.20
C ARG E 645 -70.66 -102.44 60.37
N PRO E 646 -71.10 -103.66 60.63
CA PRO E 646 -71.55 -103.99 61.98
C PRO E 646 -70.37 -104.15 62.91
N ASN E 647 -70.66 -104.07 64.21
CA ASN E 647 -69.64 -104.21 65.25
C ASN E 647 -69.42 -105.70 65.56
N ILE E 648 -68.93 -106.40 64.55
CA ILE E 648 -68.65 -107.83 64.65
C ILE E 648 -67.16 -108.03 64.43
N PHE E 649 -66.48 -108.61 65.41
CA PHE E 649 -65.04 -108.80 65.39
C PHE E 649 -64.75 -110.30 65.45
N VAL E 650 -63.94 -110.79 64.52
CA VAL E 650 -63.60 -112.21 64.46
C VAL E 650 -62.09 -112.35 64.48
N GLY E 651 -61.56 -112.95 65.55
CA GLY E 651 -60.16 -113.31 65.58
C GLY E 651 -60.02 -114.74 66.07
N ARG E 652 -58.84 -115.31 65.82
CA ARG E 652 -58.55 -116.68 66.21
C ARG E 652 -57.14 -116.75 66.76
N ALA E 653 -57.01 -116.93 68.06
CA ALA E 653 -55.71 -117.02 68.71
C ALA E 653 -55.71 -118.24 69.63
N GLU E 654 -54.57 -118.49 70.26
CA GLU E 654 -54.43 -119.59 71.20
C GLU E 654 -55.16 -119.26 72.48
N GLY E 655 -56.36 -119.80 72.64
CA GLY E 655 -57.22 -119.44 73.76
C GLY E 655 -58.61 -119.05 73.29
N SER E 656 -58.95 -117.77 73.45
CA SER E 656 -60.27 -117.29 73.02
C SER E 656 -60.30 -117.17 71.50
N THR E 657 -61.17 -117.95 70.87
CA THR E 657 -61.25 -118.01 69.42
C THR E 657 -62.60 -117.59 68.85
N GLN E 658 -63.63 -117.45 69.68
CA GLN E 658 -65.00 -117.08 69.28
C GLN E 658 -65.55 -118.04 68.22
N TYR E 659 -65.38 -119.34 68.51
CA TYR E 659 -65.87 -120.52 67.77
C TYR E 659 -65.13 -120.75 66.45
N GLY E 660 -64.32 -119.79 66.00
CA GLY E 660 -63.50 -119.95 64.81
C GLY E 660 -64.20 -120.12 63.48
N LYS E 661 -65.52 -120.01 63.45
CA LYS E 661 -66.31 -120.11 62.23
C LYS E 661 -67.47 -119.13 62.35
N TRP E 662 -67.74 -118.39 61.27
CA TRP E 662 -68.84 -117.44 61.25
C TRP E 662 -69.46 -117.47 59.85
N TYR E 663 -70.48 -116.63 59.64
CA TYR E 663 -71.32 -116.76 58.45
C TYR E 663 -72.11 -115.48 58.22
N PHE E 664 -72.34 -115.16 56.93
CA PHE E 664 -73.07 -113.98 56.51
C PHE E 664 -74.28 -114.35 55.65
N GLU E 665 -75.34 -113.54 55.77
CA GLU E 665 -76.39 -113.44 54.75
C GLU E 665 -76.74 -111.97 54.59
N VAL E 666 -76.71 -111.49 53.35
CA VAL E 666 -77.02 -110.10 53.03
C VAL E 666 -78.15 -110.08 52.01
N MET E 667 -79.25 -109.41 52.36
CA MET E 667 -80.41 -109.32 51.50
C MET E 667 -80.36 -108.02 50.69
N VAL E 668 -80.39 -108.15 49.37
CA VAL E 668 -80.28 -107.01 48.47
C VAL E 668 -81.56 -106.91 47.65
N ASP E 669 -82.29 -105.80 47.82
CA ASP E 669 -83.47 -105.49 47.02
C ASP E 669 -83.29 -104.09 46.46
N GLU E 670 -82.56 -103.98 45.35
CA GLU E 670 -82.28 -102.69 44.73
C GLU E 670 -82.23 -102.82 43.22
N VAL E 671 -82.96 -101.96 42.54
CA VAL E 671 -82.90 -101.85 41.08
C VAL E 671 -82.45 -100.43 40.78
N VAL E 672 -81.13 -100.23 40.73
CA VAL E 672 -80.53 -99.02 40.15
C VAL E 672 -79.44 -99.54 39.23
N PRO E 673 -79.76 -99.90 37.99
CA PRO E 673 -78.71 -100.47 37.12
C PRO E 673 -77.77 -99.42 36.56
N PHE E 674 -78.29 -98.25 36.22
CA PHE E 674 -77.50 -97.15 35.67
C PHE E 674 -77.66 -95.93 36.56
N LEU E 675 -76.59 -95.57 37.26
CA LEU E 675 -76.46 -94.23 37.81
C LEU E 675 -76.04 -93.32 36.66
N THR E 676 -76.31 -92.02 36.83
CA THR E 676 -76.19 -91.07 35.72
C THR E 676 -74.76 -90.85 35.24
N ALA E 677 -73.75 -91.27 36.01
CA ALA E 677 -72.36 -91.16 35.58
C ALA E 677 -71.85 -92.48 35.01
N GLN E 678 -71.88 -93.55 35.80
CA GLN E 678 -71.60 -94.89 35.31
C GLN E 678 -72.53 -95.86 36.03
N ALA E 679 -72.30 -97.17 35.85
CA ALA E 679 -73.07 -98.16 36.59
C ALA E 679 -72.70 -98.13 38.06
N THR E 680 -73.62 -98.62 38.90
CA THR E 680 -73.45 -98.51 40.34
C THR E 680 -72.42 -99.50 40.86
N HIS E 681 -71.79 -99.12 41.97
CA HIS E 681 -70.83 -99.95 42.66
C HIS E 681 -71.52 -100.61 43.85
N LEU E 682 -71.42 -101.93 43.94
CA LEU E 682 -72.05 -102.67 45.02
C LEU E 682 -71.26 -103.96 45.21
N ARG E 683 -70.58 -104.09 46.35
CA ARG E 683 -69.85 -105.31 46.66
C ARG E 683 -70.15 -105.70 48.10
N VAL E 684 -69.48 -106.75 48.56
CA VAL E 684 -69.61 -107.21 49.95
C VAL E 684 -68.37 -108.05 50.26
N GLY E 685 -68.00 -108.11 51.54
CA GLY E 685 -66.95 -109.02 51.96
C GLY E 685 -66.27 -108.76 53.29
N TRP E 686 -64.94 -108.82 53.28
CA TRP E 686 -64.15 -108.96 54.50
C TRP E 686 -63.02 -107.95 54.53
N ALA E 687 -62.47 -107.76 55.73
CA ALA E 687 -61.25 -107.01 55.98
C ALA E 687 -60.70 -107.45 57.32
N LEU E 688 -59.40 -107.22 57.53
CA LEU E 688 -58.75 -107.58 58.80
C LEU E 688 -57.95 -106.39 59.34
N THR E 689 -58.68 -105.45 59.97
CA THR E 689 -58.19 -104.21 60.59
C THR E 689 -57.26 -103.38 59.73
N GLU E 690 -57.30 -103.57 58.41
CA GLU E 690 -56.40 -102.93 57.46
C GLU E 690 -57.22 -102.50 56.25
N GLY E 691 -58.37 -101.89 56.53
CA GLY E 691 -59.42 -101.65 55.58
C GLY E 691 -59.32 -100.23 55.05
N TYR E 692 -60.05 -99.31 55.67
CA TYR E 692 -60.11 -97.88 55.30
C TYR E 692 -60.71 -97.72 53.91
N SER E 693 -61.83 -98.39 53.70
CA SER E 693 -62.74 -98.02 52.62
C SER E 693 -63.24 -96.57 52.66
N PRO E 694 -63.29 -95.85 53.82
CA PRO E 694 -63.38 -94.38 53.73
C PRO E 694 -62.12 -93.72 53.17
N TYR E 695 -62.12 -92.37 53.20
CA TYR E 695 -61.42 -91.43 52.33
C TYR E 695 -61.92 -91.60 50.90
N PRO E 696 -63.15 -91.15 50.57
CA PRO E 696 -63.68 -91.40 49.22
C PRO E 696 -63.14 -90.44 48.16
N GLY E 697 -61.82 -90.29 48.06
CA GLY E 697 -61.25 -89.39 47.09
C GLY E 697 -60.44 -90.10 46.03
N GLY E 698 -59.13 -90.09 46.16
CA GLY E 698 -58.26 -90.78 45.23
C GLY E 698 -57.55 -91.97 45.85
N GLY E 699 -57.83 -93.16 45.32
CA GLY E 699 -57.20 -94.38 45.80
C GLY E 699 -56.13 -94.88 44.86
N GLU E 700 -55.64 -96.07 45.17
CA GLU E 700 -54.57 -96.68 44.37
C GLU E 700 -55.09 -97.17 43.02
N GLY E 701 -56.40 -97.32 42.88
CA GLY E 701 -57.02 -97.57 41.59
C GLY E 701 -57.76 -96.35 41.08
N TRP E 702 -59.08 -96.43 41.02
CA TRP E 702 -59.94 -95.31 40.66
C TRP E 702 -60.77 -94.96 41.89
N GLY E 703 -60.20 -94.14 42.77
CA GLY E 703 -60.90 -93.79 43.98
C GLY E 703 -60.65 -94.78 45.11
N GLY E 704 -60.83 -94.30 46.33
CA GLY E 704 -60.66 -95.15 47.50
C GLY E 704 -61.85 -96.05 47.73
N ASN E 705 -61.96 -97.09 46.91
CA ASN E 705 -63.17 -97.91 46.85
C ASN E 705 -63.23 -98.89 48.02
N GLY E 706 -64.36 -99.60 48.11
CA GLY E 706 -64.73 -100.32 49.30
C GLY E 706 -63.93 -101.56 49.69
N VAL E 707 -64.05 -102.63 48.91
CA VAL E 707 -63.56 -103.94 49.34
C VAL E 707 -63.02 -104.69 48.12
N GLY E 708 -61.99 -105.49 48.35
CA GLY E 708 -61.47 -106.38 47.33
C GLY E 708 -60.61 -105.70 46.29
N ASP E 709 -60.13 -104.50 46.57
CA ASP E 709 -59.24 -103.82 45.67
C ASP E 709 -57.81 -103.77 46.17
N ASP E 710 -57.59 -103.81 47.47
CA ASP E 710 -56.26 -104.02 48.01
C ASP E 710 -56.07 -105.51 48.32
N LEU E 711 -54.91 -105.86 48.85
CA LEU E 711 -54.63 -107.22 49.30
C LEU E 711 -54.99 -107.42 50.76
N TYR E 712 -55.80 -106.53 51.32
CA TYR E 712 -56.27 -106.61 52.68
C TYR E 712 -57.76 -106.93 52.77
N SER E 713 -58.46 -106.97 51.63
CA SER E 713 -59.90 -107.10 51.63
C SER E 713 -60.32 -108.03 50.49
N TYR E 714 -61.50 -108.62 50.64
CA TYR E 714 -62.02 -109.59 49.68
C TYR E 714 -63.43 -109.21 49.31
N GLY E 715 -63.64 -108.80 48.05
CA GLY E 715 -64.93 -108.34 47.59
C GLY E 715 -65.51 -109.27 46.55
N PHE E 716 -66.77 -108.98 46.19
CA PHE E 716 -67.51 -109.78 45.22
C PHE E 716 -68.73 -108.99 44.76
N ASP E 717 -68.97 -108.99 43.45
CA ASP E 717 -70.14 -108.29 42.92
C ASP E 717 -70.89 -109.09 41.86
N GLY E 718 -70.72 -110.42 41.84
CA GLY E 718 -71.57 -111.27 41.04
C GLY E 718 -70.86 -112.21 40.07
N LEU E 719 -69.85 -111.74 39.34
CA LEU E 719 -68.97 -112.69 38.65
C LEU E 719 -67.54 -112.14 38.72
N HIS E 720 -66.90 -112.35 39.87
CA HIS E 720 -65.57 -111.80 40.12
C HIS E 720 -64.89 -112.57 41.24
N LEU E 721 -63.61 -112.23 41.46
CA LEU E 721 -62.86 -112.60 42.65
C LEU E 721 -62.03 -111.38 43.03
N TRP E 722 -62.62 -110.47 43.79
CA TRP E 722 -61.95 -109.21 44.08
C TRP E 722 -60.96 -109.35 45.23
N THR E 723 -59.67 -109.26 44.90
CA THR E 723 -58.59 -109.02 45.87
C THR E 723 -57.40 -108.46 45.11
N GLY E 724 -56.86 -107.35 45.60
CA GLY E 724 -55.69 -106.75 44.97
C GLY E 724 -55.94 -106.17 43.59
N HIS E 725 -57.10 -105.53 43.39
CA HIS E 725 -57.55 -104.98 42.10
C HIS E 725 -57.53 -106.02 40.99
N VAL E 726 -58.00 -107.22 41.29
CA VAL E 726 -58.05 -108.31 40.32
C VAL E 726 -59.51 -108.62 40.04
N ALA E 727 -59.95 -108.32 38.82
CA ALA E 727 -61.32 -108.60 38.37
C ALA E 727 -61.39 -109.89 37.57
N ARG E 728 -60.99 -111.02 38.14
CA ARG E 728 -61.12 -112.26 37.40
C ARG E 728 -62.45 -112.93 37.71
N PRO E 729 -63.20 -113.38 36.70
CA PRO E 729 -64.58 -113.83 36.93
C PRO E 729 -64.62 -115.25 37.50
N VAL E 730 -65.85 -115.74 37.70
CA VAL E 730 -66.09 -117.08 38.21
C VAL E 730 -66.95 -117.84 37.22
N THR E 731 -67.15 -119.12 37.51
CA THR E 731 -68.10 -119.98 36.81
C THR E 731 -69.12 -120.44 37.85
N SER E 732 -70.36 -120.02 37.67
CA SER E 732 -71.45 -120.41 38.55
C SER E 732 -72.75 -120.27 37.77
N PRO E 733 -73.76 -121.08 38.09
CA PRO E 733 -75.08 -120.90 37.46
C PRO E 733 -75.70 -119.57 37.85
N GLY E 734 -76.35 -118.94 36.88
CA GLY E 734 -76.81 -117.57 37.07
C GLY E 734 -75.67 -116.59 37.03
N GLN E 735 -74.79 -116.69 36.03
CA GLN E 735 -73.58 -115.90 35.95
C GLN E 735 -73.96 -114.48 35.54
N HIS E 736 -74.29 -113.67 36.53
CA HIS E 736 -74.59 -112.26 36.35
C HIS E 736 -74.12 -111.52 37.60
N LEU E 737 -74.27 -110.20 37.59
CA LEU E 737 -73.78 -109.39 38.69
C LEU E 737 -74.81 -109.38 39.82
N LEU E 738 -74.68 -108.44 40.75
CA LEU E 738 -75.58 -108.41 41.90
C LEU E 738 -76.95 -107.88 41.48
N ALA E 739 -77.80 -108.81 41.06
CA ALA E 739 -79.21 -108.54 40.87
C ALA E 739 -79.89 -108.36 42.23
N PRO E 740 -81.04 -107.70 42.27
CA PRO E 740 -81.84 -107.69 43.51
C PRO E 740 -82.43 -109.05 43.82
N GLU E 741 -82.98 -109.16 45.03
CA GLU E 741 -83.53 -110.38 45.60
C GLU E 741 -82.50 -111.51 45.63
N ASP E 742 -81.34 -111.20 46.20
CA ASP E 742 -80.25 -112.16 46.31
C ASP E 742 -79.72 -112.19 47.73
N VAL E 743 -79.33 -113.39 48.16
CA VAL E 743 -78.73 -113.61 49.48
C VAL E 743 -77.32 -114.15 49.25
N VAL E 744 -76.33 -113.41 49.74
CA VAL E 744 -74.93 -113.78 49.58
C VAL E 744 -74.48 -114.50 50.85
N SER E 745 -74.07 -115.76 50.69
CA SER E 745 -73.64 -116.59 51.82
C SER E 745 -72.12 -116.57 51.86
N CYS E 746 -71.57 -115.64 52.62
CA CYS E 746 -70.12 -115.54 52.82
C CYS E 746 -69.75 -116.51 53.94
N CYS E 747 -69.24 -117.67 53.56
CA CYS E 747 -68.88 -118.68 54.54
C CYS E 747 -67.48 -118.40 55.08
N LEU E 748 -67.39 -118.19 56.39
CA LEU E 748 -66.11 -117.94 57.04
C LEU E 748 -65.60 -119.23 57.69
N ASP E 749 -64.47 -119.70 57.21
CA ASP E 749 -63.78 -120.84 57.81
C ASP E 749 -62.36 -120.42 58.14
N LEU E 750 -61.90 -120.74 59.36
CA LEU E 750 -60.58 -120.32 59.81
C LEU E 750 -59.63 -121.48 60.01
N SER E 751 -59.88 -122.61 59.34
CA SER E 751 -58.95 -123.73 59.40
C SER E 751 -57.69 -123.44 58.59
N VAL E 752 -57.86 -123.06 57.33
CA VAL E 752 -56.74 -122.72 56.45
C VAL E 752 -56.18 -121.34 56.77
N PRO E 753 -56.98 -120.23 56.84
CA PRO E 753 -58.40 -119.89 56.69
C PRO E 753 -58.90 -119.86 55.25
N SER E 754 -60.19 -120.16 55.07
CA SER E 754 -60.79 -120.23 53.75
C SER E 754 -62.14 -119.53 53.78
N ILE E 755 -62.40 -118.70 52.77
CA ILE E 755 -63.65 -117.96 52.67
C ILE E 755 -64.30 -118.31 51.34
N SER E 756 -65.53 -118.81 51.39
CA SER E 756 -66.27 -119.17 50.19
C SER E 756 -67.57 -118.37 50.13
N PHE E 757 -68.00 -118.09 48.90
CA PHE E 757 -69.15 -117.23 48.65
C PHE E 757 -70.26 -118.04 48.00
N ARG E 758 -71.50 -117.59 48.17
CA ARG E 758 -72.65 -118.30 47.64
C ARG E 758 -73.82 -117.35 47.53
N ILE E 759 -74.22 -117.03 46.29
CA ILE E 759 -75.50 -116.37 46.01
C ILE E 759 -76.51 -117.51 46.00
N ASN E 760 -77.82 -117.18 45.90
CA ASN E 760 -78.98 -117.98 46.33
C ASN E 760 -78.94 -119.47 46.04
N GLY E 761 -79.02 -119.87 44.77
CA GLY E 761 -78.66 -121.23 44.45
C GLY E 761 -77.17 -121.34 44.22
N CYS E 762 -76.73 -120.81 43.07
CA CYS E 762 -75.44 -120.20 42.70
C CYS E 762 -74.23 -120.73 43.45
N PRO E 763 -73.78 -121.97 43.23
CA PRO E 763 -72.55 -122.43 43.89
C PRO E 763 -71.33 -121.70 43.36
N VAL E 764 -71.10 -120.50 43.91
CA VAL E 764 -70.03 -119.63 43.44
C VAL E 764 -68.69 -120.25 43.79
N GLN E 765 -67.96 -120.67 42.76
CA GLN E 765 -66.67 -121.33 42.93
C GLN E 765 -65.59 -120.28 43.18
N GLY E 766 -65.53 -119.85 44.43
CA GLY E 766 -64.50 -118.93 44.86
C GLY E 766 -64.07 -119.21 46.28
N VAL E 767 -62.79 -119.49 46.47
CA VAL E 767 -62.21 -119.80 47.78
C VAL E 767 -60.98 -118.92 47.97
N PHE E 768 -61.05 -118.01 48.93
CA PHE E 768 -59.93 -117.12 49.20
C PHE E 768 -59.15 -117.65 50.40
N GLU E 769 -57.89 -118.00 50.16
CA GLU E 769 -57.00 -118.50 51.20
C GLU E 769 -55.69 -117.73 51.17
N ALA E 770 -54.70 -118.22 51.94
CA ALA E 770 -53.34 -117.67 52.03
C ALA E 770 -53.36 -116.21 52.48
N PHE E 771 -53.93 -115.99 53.65
CA PHE E 771 -53.93 -114.68 54.29
C PHE E 771 -53.84 -114.85 55.80
N ASN E 772 -53.23 -113.86 56.45
CA ASN E 772 -52.96 -113.90 57.87
C ASN E 772 -54.22 -113.61 58.69
N LEU E 773 -54.21 -114.07 59.94
CA LEU E 773 -55.23 -113.74 60.92
C LEU E 773 -54.88 -112.48 61.72
N ASP E 774 -54.02 -111.63 61.15
CA ASP E 774 -53.51 -110.44 61.83
C ASP E 774 -54.62 -109.41 61.87
N GLY E 775 -55.39 -109.43 62.94
CA GLY E 775 -56.44 -108.46 63.14
C GLY E 775 -57.81 -109.12 63.18
N LEU E 776 -58.72 -108.47 63.90
CA LEU E 776 -60.11 -108.89 63.94
C LEU E 776 -60.77 -108.65 62.58
N PHE E 777 -61.78 -109.46 62.27
CA PHE E 777 -62.42 -109.41 60.97
C PHE E 777 -63.66 -108.51 61.02
N PHE E 778 -64.20 -108.23 59.83
CA PHE E 778 -65.26 -107.26 59.69
C PHE E 778 -66.30 -107.70 58.66
N PRO E 779 -67.58 -107.42 58.91
CA PRO E 779 -68.56 -107.47 57.83
C PRO E 779 -68.47 -106.23 56.96
N VAL E 780 -67.86 -106.36 55.79
CA VAL E 780 -67.59 -105.22 54.92
C VAL E 780 -68.52 -105.29 53.72
N VAL E 781 -69.32 -104.26 53.54
CA VAL E 781 -70.16 -104.10 52.36
C VAL E 781 -69.72 -102.85 51.63
N SER E 782 -69.57 -102.93 50.32
CA SER E 782 -69.25 -101.77 49.50
C SER E 782 -70.48 -101.40 48.69
N PHE E 783 -70.83 -100.12 48.67
CA PHE E 783 -72.03 -99.69 47.97
C PHE E 783 -71.87 -98.26 47.52
N SER E 784 -72.34 -97.97 46.31
CA SER E 784 -72.40 -96.62 45.80
C SER E 784 -73.73 -95.99 46.18
N ALA E 785 -74.06 -94.86 45.57
CA ALA E 785 -75.31 -94.18 45.84
C ALA E 785 -76.49 -94.96 45.29
N GLY E 786 -77.67 -94.66 45.82
CA GLY E 786 -78.89 -95.30 45.39
C GLY E 786 -79.09 -96.72 45.86
N VAL E 787 -78.24 -97.24 46.73
CA VAL E 787 -78.30 -98.63 47.17
C VAL E 787 -78.71 -98.67 48.63
N LYS E 788 -79.90 -99.20 48.89
CA LYS E 788 -80.42 -99.37 50.25
C LYS E 788 -80.35 -100.85 50.60
N VAL E 789 -79.24 -101.29 51.17
CA VAL E 789 -78.96 -102.70 51.38
C VAL E 789 -79.44 -103.09 52.78
N ARG E 790 -79.72 -104.38 52.96
CA ARG E 790 -80.17 -104.91 54.24
C ARG E 790 -79.30 -106.09 54.66
N PHE E 791 -78.74 -105.99 55.88
CA PHE E 791 -78.05 -107.11 56.50
C PHE E 791 -79.07 -108.11 57.03
N LEU E 792 -78.56 -109.23 57.55
CA LEU E 792 -79.34 -110.17 58.33
C LEU E 792 -78.53 -110.52 59.56
N LEU E 793 -79.09 -110.27 60.75
CA LEU E 793 -78.39 -110.46 62.01
C LEU E 793 -78.12 -111.92 62.35
N GLY E 794 -78.72 -112.87 61.65
CA GLY E 794 -78.57 -114.24 62.04
C GLY E 794 -79.60 -114.60 63.10
N GLY E 795 -79.21 -114.48 64.36
CA GLY E 795 -80.07 -114.80 65.47
C GLY E 795 -81.31 -113.94 65.65
N ARG E 796 -81.13 -112.64 65.90
CA ARG E 796 -82.25 -111.81 66.32
C ARG E 796 -83.18 -111.45 65.17
N HIS E 797 -82.67 -110.70 64.19
CA HIS E 797 -83.49 -110.25 63.07
C HIS E 797 -83.05 -110.86 61.75
N GLY E 798 -82.21 -111.89 61.79
CA GLY E 798 -81.81 -112.51 60.54
C GLY E 798 -82.80 -113.57 60.13
N GLU E 799 -83.73 -113.18 59.28
CA GLU E 799 -84.74 -114.11 58.76
C GLU E 799 -84.08 -114.89 57.64
N PHE E 800 -83.83 -116.17 57.88
CA PHE E 800 -83.03 -116.98 56.97
C PHE E 800 -83.85 -117.37 55.76
N LYS E 801 -83.60 -116.67 54.64
CA LYS E 801 -84.16 -117.11 53.36
C LYS E 801 -83.43 -118.33 52.82
N PHE E 802 -82.18 -118.54 53.23
CA PHE E 802 -81.43 -119.72 52.89
C PHE E 802 -80.70 -120.21 54.13
N LEU E 803 -79.88 -121.25 53.95
CA LEU E 803 -79.40 -121.79 55.21
C LEU E 803 -77.90 -121.56 55.37
N PRO E 804 -77.44 -121.41 56.61
CA PRO E 804 -76.01 -121.55 56.87
C PRO E 804 -75.56 -122.98 56.61
N PRO E 805 -74.33 -123.17 56.19
CA PRO E 805 -73.74 -124.52 56.19
C PRO E 805 -73.59 -125.01 57.62
N PRO E 806 -73.57 -126.35 57.84
CA PRO E 806 -73.61 -126.88 59.22
C PRO E 806 -72.42 -126.52 60.09
N GLY E 807 -72.69 -125.73 61.12
CA GLY E 807 -71.68 -125.34 62.08
C GLY E 807 -71.05 -123.98 61.83
N TYR E 808 -71.87 -123.00 61.41
CA TYR E 808 -71.37 -121.63 61.28
C TYR E 808 -72.35 -120.67 61.97
N ALA E 809 -72.28 -120.63 63.31
CA ALA E 809 -72.40 -119.49 64.23
C ALA E 809 -73.17 -118.29 63.68
N PRO E 810 -74.47 -118.35 63.52
CA PRO E 810 -75.19 -117.24 62.87
C PRO E 810 -75.25 -115.95 63.68
N CYS E 811 -74.07 -115.37 63.96
CA CYS E 811 -73.89 -114.11 64.69
C CYS E 811 -74.64 -114.11 66.01
N HIS E 812 -74.45 -115.18 66.78
CA HIS E 812 -75.23 -115.40 67.99
C HIS E 812 -74.38 -115.53 69.24
N GLU E 813 -73.38 -116.42 69.26
CA GLU E 813 -72.71 -116.78 70.50
C GLU E 813 -71.73 -115.70 70.96
N ALA E 814 -70.83 -115.27 70.07
CA ALA E 814 -69.81 -114.30 70.44
C ALA E 814 -69.99 -113.05 69.57
N VAL E 815 -70.91 -112.18 69.98
CA VAL E 815 -71.15 -110.91 69.30
C VAL E 815 -71.62 -109.90 70.35
N LEU E 816 -70.91 -108.75 70.39
CA LEU E 816 -71.07 -107.65 71.34
C LEU E 816 -71.03 -108.16 72.79
N PRO E 817 -69.86 -108.54 73.30
CA PRO E 817 -69.80 -109.10 74.66
C PRO E 817 -70.02 -108.07 75.75
N ARG E 818 -69.84 -106.77 75.45
CA ARG E 818 -70.13 -105.72 76.41
C ARG E 818 -70.81 -104.52 75.74
N GLU E 819 -71.43 -104.72 74.57
CA GLU E 819 -72.01 -103.62 73.81
C GLU E 819 -73.29 -104.12 73.14
N ARG E 820 -73.77 -103.35 72.19
CA ARG E 820 -74.98 -103.65 71.42
C ARG E 820 -74.61 -103.78 69.94
N LEU E 821 -75.65 -103.87 69.11
CA LEU E 821 -75.47 -104.01 67.67
C LEU E 821 -75.52 -102.63 67.00
N ARG E 822 -74.42 -102.26 66.33
CA ARG E 822 -74.31 -100.94 65.73
C ARG E 822 -73.79 -101.05 64.30
N LEU E 823 -74.48 -100.41 63.37
CA LEU E 823 -73.95 -100.23 62.03
C LEU E 823 -73.16 -98.93 61.97
N GLU E 824 -71.95 -98.99 61.41
CA GLU E 824 -71.07 -97.83 61.46
C GLU E 824 -70.09 -97.81 60.29
N PRO E 825 -69.71 -96.64 59.80
CA PRO E 825 -68.60 -96.56 58.85
C PRO E 825 -67.27 -96.84 59.54
N ILE E 826 -66.44 -97.65 58.91
CA ILE E 826 -65.22 -98.16 59.53
C ILE E 826 -64.15 -97.07 59.59
N LYS E 827 -63.92 -96.54 60.80
CA LYS E 827 -62.86 -95.59 61.13
C LYS E 827 -62.92 -94.32 60.27
N GLU E 828 -64.01 -93.58 60.44
CA GLU E 828 -64.22 -92.36 59.68
C GLU E 828 -63.40 -91.21 60.24
N TYR E 829 -63.38 -90.11 59.50
CA TYR E 829 -62.82 -88.85 59.95
C TYR E 829 -63.87 -87.78 60.19
N ARG E 830 -64.97 -87.85 59.47
CA ARG E 830 -66.09 -86.93 59.59
C ARG E 830 -67.36 -87.74 59.85
N ARG E 831 -68.28 -87.14 60.58
CA ARG E 831 -69.62 -87.68 60.75
C ARG E 831 -70.60 -86.54 60.83
N GLU E 832 -71.89 -86.88 60.87
CA GLU E 832 -72.94 -85.88 60.90
C GLU E 832 -73.12 -85.34 62.31
N GLY E 833 -74.03 -84.38 62.43
CA GLY E 833 -74.33 -83.75 63.70
C GLY E 833 -75.51 -82.81 63.61
N PRO E 834 -76.11 -82.48 64.76
CA PRO E 834 -77.25 -81.56 64.75
C PRO E 834 -76.86 -80.14 64.37
N ARG E 835 -75.83 -79.61 65.01
CA ARG E 835 -75.20 -78.37 64.59
C ARG E 835 -73.71 -78.60 64.67
N GLY E 836 -72.99 -78.37 63.57
CA GLY E 836 -71.62 -78.79 63.53
C GLY E 836 -71.50 -80.29 63.42
N PRO E 837 -71.68 -80.82 62.21
CA PRO E 837 -71.38 -82.25 61.99
C PRO E 837 -69.95 -82.58 62.39
N HIS E 838 -69.83 -83.61 63.24
CA HIS E 838 -68.64 -83.81 64.05
C HIS E 838 -67.49 -84.41 63.25
N LEU E 839 -66.28 -84.08 63.68
CA LEU E 839 -65.06 -84.69 63.18
C LEU E 839 -64.54 -85.68 64.21
N VAL E 840 -64.07 -86.82 63.72
CA VAL E 840 -63.65 -87.92 64.60
C VAL E 840 -62.23 -88.33 64.25
N GLY E 841 -61.40 -88.51 65.28
CA GLY E 841 -60.05 -88.98 65.11
C GLY E 841 -59.97 -90.47 64.81
N PRO E 842 -58.75 -91.00 64.69
CA PRO E 842 -58.61 -92.41 64.31
C PRO E 842 -58.95 -93.37 65.45
N SER E 843 -60.13 -93.97 65.37
CA SER E 843 -60.61 -94.88 66.41
C SER E 843 -59.83 -96.18 66.32
N ARG E 844 -59.04 -96.47 67.35
CA ARG E 844 -58.21 -97.68 67.37
C ARG E 844 -59.08 -98.90 67.64
N CYS E 845 -58.89 -99.94 66.84
CA CYS E 845 -59.62 -101.18 67.03
C CYS E 845 -59.11 -101.90 68.27
N LEU E 846 -60.02 -102.32 69.13
CA LEU E 846 -59.65 -102.87 70.43
C LEU E 846 -59.20 -104.32 70.28
N SER E 847 -57.91 -104.57 70.52
CA SER E 847 -57.29 -105.90 70.59
C SER E 847 -57.47 -106.68 69.29
N HIS E 848 -56.91 -106.12 68.21
CA HIS E 848 -56.88 -106.81 66.93
C HIS E 848 -56.07 -108.09 67.02
N THR E 849 -54.92 -108.02 67.67
CA THR E 849 -54.18 -109.19 68.15
C THR E 849 -54.31 -109.26 69.66
N ASP E 850 -53.80 -110.37 70.22
CA ASP E 850 -53.80 -110.65 71.65
C ASP E 850 -55.21 -110.64 72.24
N PHE E 851 -56.15 -111.27 71.54
CA PHE E 851 -57.52 -111.40 72.02
C PHE E 851 -57.73 -112.66 72.86
N VAL E 852 -56.67 -113.17 73.48
CA VAL E 852 -56.73 -114.36 74.32
C VAL E 852 -56.20 -113.98 75.70
N PRO E 853 -56.79 -114.48 76.78
CA PRO E 853 -56.36 -114.08 78.12
C PRO E 853 -55.09 -114.82 78.53
N CYS E 854 -54.41 -114.26 79.53
CA CYS E 854 -53.15 -114.80 80.00
C CYS E 854 -53.12 -114.84 81.52
N PRO E 855 -53.07 -116.02 82.14
CA PRO E 855 -53.03 -116.08 83.61
C PRO E 855 -51.67 -115.66 84.16
N VAL E 856 -51.68 -115.41 85.46
CA VAL E 856 -50.47 -115.16 86.24
C VAL E 856 -50.31 -116.33 87.19
N ASP E 857 -49.17 -117.02 87.10
CA ASP E 857 -48.92 -118.23 87.88
C ASP E 857 -48.80 -117.95 89.38
N ILE E 861 -44.44 -122.07 89.87
CA ILE E 861 -43.50 -121.51 90.83
C ILE E 861 -43.53 -122.31 92.12
N VAL E 862 -42.99 -121.73 93.19
CA VAL E 862 -42.92 -122.39 94.49
C VAL E 862 -43.73 -121.58 95.49
N LEU E 863 -43.77 -122.04 96.74
CA LEU E 863 -44.50 -121.34 97.80
C LEU E 863 -43.67 -121.41 99.07
N PRO E 864 -43.47 -120.27 99.76
CA PRO E 864 -42.71 -120.29 101.01
C PRO E 864 -43.47 -121.00 102.12
N PRO E 865 -42.78 -121.52 103.14
CA PRO E 865 -43.49 -122.28 104.18
C PRO E 865 -44.39 -121.44 105.07
N HIS E 866 -44.06 -120.17 105.30
CA HIS E 866 -44.97 -119.32 106.06
C HIS E 866 -46.21 -118.96 105.26
N LEU E 867 -46.14 -119.02 103.93
CA LEU E 867 -47.35 -118.98 103.11
C LEU E 867 -47.99 -120.36 102.98
N GLU E 868 -47.22 -121.44 103.17
CA GLU E 868 -47.84 -122.74 103.32
C GLU E 868 -48.52 -122.89 104.68
N ARG E 869 -48.09 -122.12 105.68
CA ARG E 869 -48.83 -122.07 106.94
C ARG E 869 -50.17 -121.37 106.76
N ILE E 870 -50.27 -120.45 105.78
CA ILE E 870 -51.52 -119.76 105.56
C ILE E 870 -52.31 -120.40 104.42
N ARG E 871 -51.70 -121.32 103.66
CA ARG E 871 -52.40 -122.01 102.58
C ARG E 871 -53.52 -122.88 103.12
N GLU E 872 -53.35 -123.44 104.32
CA GLU E 872 -54.46 -124.11 104.99
C GLU E 872 -55.50 -123.12 105.48
N LYS E 873 -55.05 -121.97 106.02
CA LYS E 873 -55.99 -121.02 106.61
C LYS E 873 -56.67 -120.16 105.55
N LEU E 874 -56.01 -119.88 104.42
CA LEU E 874 -56.69 -119.21 103.33
C LEU E 874 -57.72 -120.12 102.67
N ALA E 875 -57.43 -121.43 102.63
CA ALA E 875 -58.41 -122.39 102.15
C ALA E 875 -59.53 -122.63 103.16
N GLU E 876 -59.38 -122.16 104.40
CA GLU E 876 -60.49 -122.12 105.34
C GLU E 876 -61.43 -120.97 105.03
N ASN E 877 -60.90 -119.74 105.05
CA ASN E 877 -61.76 -118.55 105.04
C ASN E 877 -62.41 -118.32 103.68
N ILE E 878 -61.79 -118.81 102.60
CA ILE E 878 -62.50 -118.85 101.32
C ILE E 878 -63.63 -119.87 101.38
N HIS E 879 -63.38 -121.04 101.99
CA HIS E 879 -64.43 -122.03 102.15
C HIS E 879 -65.42 -121.63 103.24
N GLU E 880 -64.99 -120.79 104.21
CA GLU E 880 -65.93 -120.22 105.17
C GLU E 880 -66.96 -119.33 104.47
N LEU E 881 -66.51 -118.59 103.46
CA LEU E 881 -67.41 -117.72 102.72
C LEU E 881 -68.10 -118.43 101.57
N TRP E 882 -67.48 -119.47 101.01
CA TRP E 882 -68.14 -120.26 99.98
C TRP E 882 -69.27 -121.09 100.56
N ALA E 883 -69.10 -121.59 101.80
CA ALA E 883 -70.20 -122.24 102.48
C ALA E 883 -71.20 -121.23 103.02
N LEU E 884 -70.78 -119.99 103.25
CA LEU E 884 -71.71 -118.94 103.65
C LEU E 884 -72.64 -118.57 102.51
N THR E 885 -72.11 -118.57 101.27
CA THR E 885 -72.87 -118.13 100.11
C THR E 885 -74.03 -119.07 99.79
N ARG E 886 -73.85 -120.38 100.04
CA ARG E 886 -74.92 -121.34 99.81
C ARG E 886 -76.06 -121.14 100.80
N ILE E 887 -75.73 -120.88 102.06
CA ILE E 887 -76.75 -120.78 103.11
C ILE E 887 -77.59 -119.53 102.95
N GLU E 888 -77.01 -118.45 102.41
CA GLU E 888 -77.75 -117.21 102.16
C GLU E 888 -78.84 -117.38 101.12
N GLN E 889 -78.74 -118.38 100.24
CA GLN E 889 -79.78 -118.66 99.27
C GLN E 889 -80.73 -119.77 99.71
N GLY E 890 -80.41 -120.49 100.79
CA GLY E 890 -81.29 -121.52 101.28
C GLY E 890 -80.79 -122.93 101.02
N TRP E 891 -79.55 -123.05 100.57
CA TRP E 891 -78.93 -124.35 100.35
C TRP E 891 -78.57 -124.92 101.71
N THR E 892 -79.38 -125.85 102.22
CA THR E 892 -79.09 -126.51 103.47
C THR E 892 -78.04 -127.60 103.25
N TYR E 893 -77.66 -128.28 104.33
CA TYR E 893 -76.66 -129.34 104.22
C TYR E 893 -77.32 -130.68 103.94
N GLY E 894 -76.76 -131.41 102.99
CA GLY E 894 -77.21 -132.74 102.66
C GLY E 894 -76.21 -133.42 101.74
N PRO E 895 -75.93 -134.70 102.02
CA PRO E 895 -74.90 -135.40 101.22
C PRO E 895 -75.30 -135.68 99.78
N VAL E 896 -76.60 -135.71 99.48
CA VAL E 896 -77.10 -135.86 98.12
C VAL E 896 -77.26 -134.46 97.55
N ARG E 897 -76.39 -134.09 96.61
CA ARG E 897 -76.39 -132.75 96.03
C ARG E 897 -77.53 -132.65 95.03
N ASP E 898 -78.62 -132.01 95.44
CA ASP E 898 -79.77 -131.79 94.58
C ASP E 898 -80.08 -130.30 94.53
N ASP E 899 -80.40 -129.81 93.33
CA ASP E 899 -80.71 -128.40 93.16
C ASP E 899 -82.14 -128.08 93.59
N ASN E 900 -83.02 -129.09 93.63
CA ASN E 900 -84.39 -128.87 94.05
C ASN E 900 -84.58 -129.10 95.55
N LYS E 901 -83.79 -130.00 96.14
CA LYS E 901 -83.85 -130.22 97.58
C LYS E 901 -83.06 -129.19 98.36
N ARG E 902 -82.21 -128.41 97.66
CA ARG E 902 -81.33 -127.39 98.24
C ARG E 902 -80.40 -127.98 99.29
N LEU E 903 -79.67 -129.02 98.88
CA LEU E 903 -78.75 -129.74 99.75
C LEU E 903 -77.35 -129.60 99.19
N HIS E 904 -76.49 -128.87 99.91
CA HIS E 904 -75.12 -128.64 99.48
C HIS E 904 -74.20 -129.54 100.29
N PRO E 905 -73.45 -130.45 99.65
CA PRO E 905 -72.70 -131.45 100.42
C PRO E 905 -71.40 -130.96 101.02
N CYS E 906 -70.93 -129.77 100.64
CA CYS E 906 -69.68 -129.24 101.18
C CYS E 906 -69.91 -128.09 102.15
N LEU E 907 -70.97 -128.17 102.95
CA LEU E 907 -71.17 -127.24 104.07
C LEU E 907 -70.60 -127.85 105.34
N VAL E 908 -69.30 -128.12 105.28
CA VAL E 908 -68.59 -128.88 106.31
C VAL E 908 -67.44 -128.03 106.85
N ASN E 909 -66.81 -128.54 107.91
CA ASN E 909 -65.58 -127.96 108.44
C ASN E 909 -64.44 -128.10 107.44
N PHE E 910 -63.33 -127.41 107.73
CA PHE E 910 -62.14 -127.55 106.92
C PHE E 910 -61.52 -128.93 107.10
N HIS E 911 -61.64 -129.50 108.30
CA HIS E 911 -61.22 -130.86 108.55
C HIS E 911 -62.28 -131.88 108.11
N SER E 912 -63.55 -131.47 108.09
CA SER E 912 -64.63 -132.32 107.62
C SER E 912 -64.83 -132.24 106.11
N LEU E 913 -63.91 -131.58 105.40
CA LEU E 913 -63.93 -131.61 103.95
C LEU E 913 -63.66 -133.01 103.43
N PRO E 914 -64.39 -133.43 102.39
CA PRO E 914 -64.03 -134.66 101.68
C PRO E 914 -62.66 -134.55 101.03
N GLU E 915 -62.05 -135.71 100.80
CA GLU E 915 -60.70 -135.76 100.24
C GLU E 915 -60.57 -135.14 98.84
N PRO E 916 -61.57 -135.17 97.95
CA PRO E 916 -61.51 -134.23 96.81
C PRO E 916 -61.67 -132.78 97.24
N GLU E 917 -62.64 -132.48 98.12
CA GLU E 917 -62.94 -131.10 98.47
C GLU E 917 -61.89 -130.47 99.39
N ARG E 918 -61.10 -131.30 100.09
CA ARG E 918 -60.03 -130.74 100.92
C ARG E 918 -58.88 -130.22 100.06
N ASN E 919 -58.50 -130.99 99.04
CA ASN E 919 -57.48 -130.56 98.09
C ASN E 919 -58.05 -129.67 96.98
N TYR E 920 -59.34 -129.37 97.04
CA TYR E 920 -59.98 -128.42 96.13
C TYR E 920 -59.85 -126.99 96.62
N ASN E 921 -60.01 -126.77 97.92
CA ASN E 921 -59.80 -125.45 98.49
C ASN E 921 -58.32 -125.14 98.61
N LEU E 922 -57.50 -126.15 98.91
CA LEU E 922 -56.04 -125.94 98.98
C LEU E 922 -55.46 -125.66 97.59
N GLN E 923 -56.10 -126.15 96.54
CA GLN E 923 -55.64 -125.84 95.19
C GLN E 923 -55.96 -124.40 94.81
N MET E 924 -57.14 -123.91 95.22
CA MET E 924 -57.46 -122.50 95.02
C MET E 924 -56.63 -121.60 95.92
N SER E 925 -56.29 -122.08 97.12
CA SER E 925 -55.42 -121.31 98.00
C SER E 925 -53.97 -121.40 97.57
N GLY E 926 -53.60 -122.45 96.83
CA GLY E 926 -52.22 -122.58 96.37
C GLY E 926 -51.90 -121.63 95.24
N GLU E 927 -52.85 -121.43 94.32
CA GLU E 927 -52.61 -120.56 93.18
C GLU E 927 -52.87 -119.10 93.48
N THR E 928 -53.67 -118.80 94.51
CA THR E 928 -53.93 -117.40 94.87
C THR E 928 -52.68 -116.75 95.45
N LEU E 929 -51.95 -117.49 96.28
CA LEU E 929 -50.70 -116.99 96.85
C LEU E 929 -49.60 -116.91 95.79
N LYS E 930 -49.57 -117.88 94.86
CA LYS E 930 -48.55 -117.86 93.81
C LYS E 930 -48.84 -116.81 92.75
N THR E 931 -50.10 -116.38 92.60
CA THR E 931 -50.40 -115.32 91.64
C THR E 931 -49.88 -113.98 92.13
N LEU E 932 -50.07 -113.69 93.42
CA LEU E 932 -49.62 -112.44 94.01
C LEU E 932 -48.10 -112.33 94.12
N LEU E 933 -47.38 -113.44 93.95
CA LEU E 933 -45.92 -113.38 93.87
C LEU E 933 -45.48 -112.65 92.61
N ALA E 934 -46.03 -113.04 91.45
CA ALA E 934 -45.66 -112.45 90.17
C ALA E 934 -46.62 -111.31 89.79
N LEU E 935 -46.81 -110.39 90.73
CA LEU E 935 -47.56 -109.17 90.46
C LEU E 935 -46.93 -107.93 91.05
N GLY E 936 -45.72 -108.02 91.61
CA GLY E 936 -45.10 -106.87 92.23
C GLY E 936 -45.69 -106.48 93.57
N CYS E 937 -46.49 -107.37 94.17
CA CYS E 937 -47.09 -107.12 95.46
C CYS E 937 -46.14 -107.63 96.55
N HIS E 938 -45.79 -106.74 97.49
CA HIS E 938 -44.89 -107.08 98.59
C HIS E 938 -45.69 -107.89 99.60
N VAL E 939 -45.59 -109.21 99.51
CA VAL E 939 -46.35 -110.13 100.35
C VAL E 939 -45.44 -110.63 101.47
N GLY E 940 -45.84 -110.40 102.72
CA GLY E 940 -45.05 -110.84 103.84
C GLY E 940 -45.76 -110.56 105.15
N MET E 941 -45.35 -111.32 106.17
CA MET E 941 -45.90 -111.17 107.52
C MET E 941 -45.49 -109.84 108.13
N ALA E 942 -46.46 -109.12 108.70
CA ALA E 942 -46.21 -107.81 109.30
C ALA E 942 -46.00 -107.88 110.81
N ASP E 943 -46.98 -108.38 111.56
CA ASP E 943 -47.00 -108.13 113.01
C ASP E 943 -47.26 -109.36 113.88
N GLU E 944 -47.91 -110.42 113.37
CA GLU E 944 -48.24 -111.66 114.09
C GLU E 944 -49.11 -111.45 115.33
N LYS E 945 -49.78 -110.30 115.44
CA LYS E 945 -50.78 -110.09 116.49
C LYS E 945 -52.16 -109.81 115.95
N ALA E 946 -52.29 -109.40 114.69
CA ALA E 946 -53.60 -109.29 114.07
C ALA E 946 -54.22 -110.65 113.83
N GLU E 947 -53.40 -111.69 113.67
CA GLU E 947 -53.90 -113.05 113.59
C GLU E 947 -54.45 -113.52 114.93
N ASP E 948 -53.84 -113.09 116.03
CA ASP E 948 -54.38 -113.36 117.36
C ASP E 948 -55.58 -112.48 117.68
N ASN E 949 -55.72 -111.34 117.01
CA ASN E 949 -56.86 -110.46 117.19
C ASN E 949 -58.06 -110.86 116.33
N LEU E 950 -58.00 -111.98 115.63
CA LEU E 950 -59.08 -112.39 114.75
C LEU E 950 -60.30 -112.86 115.54
N LYS E 951 -61.46 -112.38 115.13
CA LYS E 951 -62.74 -112.77 115.70
C LYS E 951 -63.55 -113.46 114.63
N LYS E 952 -64.67 -114.05 115.03
CA LYS E 952 -65.52 -114.81 114.13
C LYS E 952 -66.86 -114.11 113.98
N THR E 953 -67.44 -114.20 112.78
CA THR E 953 -68.73 -113.59 112.51
C THR E 953 -69.83 -114.36 113.21
N LYS E 954 -70.47 -113.72 114.20
CA LYS E 954 -71.51 -114.35 114.99
C LYS E 954 -72.79 -114.44 114.18
N LEU E 955 -73.23 -115.66 113.90
CA LEU E 955 -74.41 -115.92 113.09
C LEU E 955 -75.42 -116.77 113.87
N PRO E 956 -76.71 -116.65 113.56
CA PRO E 956 -77.71 -117.49 114.24
C PRO E 956 -77.71 -118.92 113.69
N LYS E 957 -78.69 -119.70 114.16
CA LYS E 957 -78.81 -121.10 113.79
C LYS E 957 -79.36 -121.30 112.38
N THR E 958 -79.81 -120.24 111.72
CA THR E 958 -80.15 -120.35 110.30
C THR E 958 -78.91 -120.56 109.45
N TYR E 959 -77.75 -120.10 109.93
CA TYR E 959 -76.49 -120.39 109.28
C TYR E 959 -75.86 -121.68 109.76
N MET E 960 -76.23 -122.17 110.93
CA MET E 960 -75.80 -123.48 111.39
C MET E 960 -76.57 -124.55 110.63
N MET E 961 -75.86 -125.57 110.16
CA MET E 961 -76.43 -126.58 109.28
C MET E 961 -76.69 -127.88 110.03
N SER E 962 -77.16 -128.88 109.29
CA SER E 962 -77.51 -130.17 109.87
C SER E 962 -76.29 -130.96 110.33
N ASN E 963 -75.11 -130.64 109.81
CA ASN E 963 -73.86 -131.15 110.36
C ASN E 963 -73.30 -130.27 111.47
N GLY E 964 -74.02 -129.21 111.85
CA GLY E 964 -73.55 -128.29 112.86
C GLY E 964 -72.55 -127.27 112.39
N TYR E 965 -72.14 -127.32 111.12
CA TYR E 965 -71.15 -126.39 110.59
C TYR E 965 -71.83 -125.04 110.33
N LYS E 966 -71.61 -124.10 111.25
CA LYS E 966 -71.96 -122.71 110.99
C LYS E 966 -70.73 -122.01 110.45
N PRO E 967 -70.78 -121.41 109.26
CA PRO E 967 -69.61 -120.75 108.70
C PRO E 967 -69.27 -119.48 109.49
N ALA E 968 -68.07 -119.45 110.06
CA ALA E 968 -67.60 -118.34 110.88
C ALA E 968 -66.38 -117.72 110.20
N PRO E 969 -66.57 -116.76 109.30
CA PRO E 969 -65.42 -116.06 108.71
C PRO E 969 -64.82 -115.07 109.69
N LEU E 970 -63.72 -114.46 109.27
CA LEU E 970 -62.98 -113.55 110.13
C LEU E 970 -63.66 -112.18 110.16
N ASP E 971 -63.71 -111.58 111.34
CA ASP E 971 -64.26 -110.24 111.50
C ASP E 971 -63.26 -109.24 110.95
N LEU E 972 -63.38 -108.91 109.67
CA LEU E 972 -62.42 -108.05 108.98
C LEU E 972 -63.12 -106.90 108.28
N SER E 973 -64.05 -106.25 108.97
CA SER E 973 -64.71 -105.08 108.41
C SER E 973 -63.83 -103.84 108.49
N HIS E 974 -62.91 -103.81 109.45
CA HIS E 974 -62.02 -102.67 109.67
C HIS E 974 -60.81 -102.68 108.75
N VAL E 975 -60.65 -103.69 107.91
CA VAL E 975 -59.43 -103.87 107.14
C VAL E 975 -59.60 -103.24 105.76
N ARG E 976 -58.77 -102.25 105.47
CA ARG E 976 -58.57 -101.79 104.11
C ARG E 976 -57.46 -102.59 103.47
N LEU E 977 -57.60 -102.85 102.16
CA LEU E 977 -56.69 -103.79 101.52
C LEU E 977 -55.32 -103.15 101.26
N THR E 978 -55.26 -102.12 100.38
CA THR E 978 -54.29 -101.04 100.16
C THR E 978 -54.76 -100.18 98.98
N PRO E 979 -54.17 -99.00 98.77
CA PRO E 979 -54.24 -98.41 97.43
C PRO E 979 -53.44 -99.19 96.39
N ALA E 980 -52.45 -99.99 96.82
CA ALA E 980 -51.58 -100.71 95.90
C ALA E 980 -52.26 -101.95 95.35
N GLN E 981 -52.87 -102.77 96.22
CA GLN E 981 -53.47 -104.02 95.76
C GLN E 981 -54.87 -103.85 95.19
N THR E 982 -55.38 -102.62 95.08
CA THR E 982 -56.63 -102.39 94.38
C THR E 982 -56.47 -102.65 92.89
N THR E 983 -55.26 -102.46 92.36
CA THR E 983 -54.95 -102.87 91.00
C THR E 983 -54.39 -104.28 90.94
N LEU E 984 -53.75 -104.76 92.02
CA LEU E 984 -53.23 -106.12 92.03
C LEU E 984 -54.35 -107.14 92.19
N VAL E 985 -55.44 -106.76 92.87
CA VAL E 985 -56.64 -107.60 92.86
C VAL E 985 -57.43 -107.39 91.57
N ASP E 986 -57.06 -106.39 90.77
CA ASP E 986 -57.57 -106.31 89.40
C ASP E 986 -56.61 -106.95 88.41
N ARG E 987 -55.30 -106.95 88.71
CA ARG E 987 -54.35 -107.62 87.84
C ARG E 987 -54.46 -109.13 87.95
N LEU E 988 -54.71 -109.63 89.17
CA LEU E 988 -55.02 -111.04 89.32
C LEU E 988 -56.44 -111.36 88.87
N ALA E 989 -57.31 -110.35 88.77
CA ALA E 989 -58.63 -110.56 88.19
C ALA E 989 -58.53 -110.77 86.69
N GLU E 990 -57.58 -110.10 86.04
CA GLU E 990 -57.25 -110.43 84.66
C GLU E 990 -56.56 -111.79 84.57
N ASN E 991 -55.97 -112.25 85.68
CA ASN E 991 -55.40 -113.59 85.73
C ASN E 991 -56.44 -114.62 86.15
N GLY E 992 -57.45 -114.20 86.91
CA GLY E 992 -58.41 -115.15 87.46
C GLY E 992 -59.38 -115.68 86.43
N HIS E 993 -59.92 -114.81 85.58
CA HIS E 993 -60.80 -115.25 84.51
C HIS E 993 -60.00 -115.82 83.35
N ASN E 994 -58.70 -115.54 83.31
CA ASN E 994 -57.82 -116.13 82.32
C ASN E 994 -57.65 -117.62 82.55
N VAL E 995 -57.37 -118.03 83.80
CA VAL E 995 -57.18 -119.44 84.09
C VAL E 995 -58.50 -120.20 83.98
N TRP E 996 -59.62 -119.50 84.17
CA TRP E 996 -60.92 -120.10 83.87
C TRP E 996 -61.14 -120.23 82.37
N ALA E 997 -60.52 -119.36 81.58
CA ALA E 997 -60.69 -119.42 80.12
C ALA E 997 -59.59 -120.25 79.47
N ARG E 998 -58.37 -120.22 80.03
CA ARG E 998 -57.28 -121.03 79.47
C ARG E 998 -57.45 -122.52 79.76
N ASP E 999 -58.35 -122.87 80.68
CA ASP E 999 -58.64 -124.28 80.94
C ASP E 999 -59.91 -124.74 80.24
N ARG E 1000 -60.84 -123.81 79.96
CA ARG E 1000 -62.11 -124.19 79.35
C ARG E 1000 -62.12 -124.05 77.84
N VAL E 1001 -61.26 -123.20 77.27
CA VAL E 1001 -61.19 -122.96 75.84
C VAL E 1001 -59.94 -123.59 75.23
N ALA E 1002 -58.79 -123.39 75.87
CA ALA E 1002 -57.56 -123.99 75.37
C ALA E 1002 -57.45 -125.45 75.77
N GLN E 1003 -57.49 -125.72 77.07
CA GLN E 1003 -57.42 -127.10 77.56
C GLN E 1003 -58.74 -127.83 77.41
N GLY E 1004 -59.86 -127.14 77.57
CA GLY E 1004 -61.16 -127.76 77.45
C GLY E 1004 -61.60 -127.96 76.02
N TRP E 1005 -61.62 -126.85 75.26
CA TRP E 1005 -62.13 -126.80 73.88
C TRP E 1005 -63.57 -127.29 73.80
N SER E 1006 -64.37 -126.95 74.81
CA SER E 1006 -65.76 -127.37 74.89
C SER E 1006 -66.62 -126.42 74.07
N TYR E 1007 -67.19 -126.93 72.98
CA TYR E 1007 -68.08 -126.15 72.13
C TYR E 1007 -69.47 -126.13 72.78
N SER E 1008 -69.59 -125.34 73.85
CA SER E 1008 -70.83 -125.23 74.60
C SER E 1008 -71.67 -124.10 74.04
N ALA E 1009 -72.97 -124.37 73.91
CA ALA E 1009 -73.90 -123.37 73.40
C ALA E 1009 -74.31 -122.38 74.49
N ARG E 1020 -68.97 -118.92 75.42
CA ARG E 1020 -68.71 -117.90 76.43
C ARG E 1020 -67.24 -117.87 76.81
N LEU E 1021 -66.37 -117.72 75.81
CA LEU E 1021 -64.92 -117.71 76.01
C LEU E 1021 -64.34 -116.53 75.25
N VAL E 1022 -64.09 -115.42 75.96
CA VAL E 1022 -63.43 -114.26 75.39
C VAL E 1022 -62.33 -113.84 76.36
N PRO E 1023 -61.47 -112.88 75.99
CA PRO E 1023 -60.30 -112.58 76.81
C PRO E 1023 -60.67 -111.81 78.08
N TYR E 1024 -59.96 -112.12 79.16
CA TYR E 1024 -60.27 -111.68 80.52
C TYR E 1024 -60.16 -110.17 80.73
N ARG E 1025 -59.68 -109.42 79.73
CA ARG E 1025 -59.77 -107.97 79.73
C ARG E 1025 -61.03 -107.45 79.03
N LEU E 1026 -61.66 -108.26 78.18
CA LEU E 1026 -62.86 -107.84 77.48
C LEU E 1026 -63.87 -108.97 77.34
N LEU E 1027 -63.89 -109.91 78.28
CA LEU E 1027 -64.81 -111.03 78.18
C LEU E 1027 -66.22 -110.62 78.58
N ASP E 1028 -66.40 -110.22 79.84
CA ASP E 1028 -67.73 -109.97 80.38
C ASP E 1028 -67.57 -109.15 81.65
N GLU E 1029 -68.51 -108.22 81.84
CA GLU E 1029 -68.46 -107.34 83.01
C GLU E 1029 -68.92 -108.07 84.28
N ALA E 1030 -69.93 -108.93 84.17
CA ALA E 1030 -70.36 -109.70 85.32
C ALA E 1030 -69.37 -110.79 85.70
N THR E 1031 -68.56 -111.24 84.74
CA THR E 1031 -67.45 -112.13 85.06
C THR E 1031 -66.40 -111.41 85.89
N LYS E 1032 -66.07 -110.17 85.52
CA LYS E 1032 -65.05 -109.41 86.24
C LYS E 1032 -65.51 -108.98 87.63
N ARG E 1033 -66.80 -108.69 87.78
CA ARG E 1033 -67.32 -108.33 89.11
C ARG E 1033 -67.35 -109.52 90.04
N SER E 1034 -67.65 -110.72 89.52
CA SER E 1034 -67.43 -111.93 90.28
C SER E 1034 -65.95 -112.21 90.49
N ASN E 1035 -65.12 -111.77 89.54
CA ASN E 1035 -63.68 -111.92 89.69
C ASN E 1035 -63.12 -110.85 90.61
N ARG E 1036 -63.76 -109.68 90.68
CA ARG E 1036 -63.50 -108.73 91.75
C ARG E 1036 -63.93 -109.32 93.10
N ASP E 1037 -65.05 -110.04 93.11
CA ASP E 1037 -65.52 -110.68 94.33
C ASP E 1037 -64.66 -111.89 94.68
N SER E 1038 -64.04 -112.52 93.69
CA SER E 1038 -63.17 -113.66 93.94
C SER E 1038 -61.87 -113.26 94.63
N LEU E 1039 -61.50 -111.98 94.58
CA LEU E 1039 -60.28 -111.48 95.17
C LEU E 1039 -60.53 -110.43 96.25
N CYS E 1040 -61.78 -110.06 96.50
CA CYS E 1040 -62.07 -109.09 97.55
C CYS E 1040 -61.93 -109.69 98.93
N GLN E 1041 -62.06 -111.02 99.04
CA GLN E 1041 -61.93 -111.71 100.32
C GLN E 1041 -60.76 -112.68 100.34
N ALA E 1042 -59.76 -112.46 99.49
CA ALA E 1042 -58.49 -113.19 99.56
C ALA E 1042 -57.31 -112.28 99.84
N VAL E 1043 -57.36 -111.04 99.38
CA VAL E 1043 -56.34 -110.06 99.72
C VAL E 1043 -56.54 -109.54 101.13
N ARG E 1044 -57.79 -109.23 101.49
CA ARG E 1044 -58.10 -108.74 102.82
C ARG E 1044 -58.06 -109.84 103.87
N THR E 1045 -58.18 -111.10 103.46
CA THR E 1045 -58.10 -112.22 104.39
C THR E 1045 -56.71 -112.36 104.98
N LEU E 1046 -55.68 -112.24 104.13
CA LEU E 1046 -54.31 -112.39 104.58
C LEU E 1046 -53.86 -111.24 105.48
N LEU E 1047 -54.49 -110.07 105.32
CA LEU E 1047 -54.20 -108.95 106.20
C LEU E 1047 -54.72 -109.20 107.61
N GLY E 1048 -55.78 -109.99 107.75
CA GLY E 1048 -56.23 -110.39 109.07
C GLY E 1048 -55.28 -111.38 109.73
N TYR E 1049 -54.53 -112.13 108.95
CA TYR E 1049 -53.50 -113.02 109.46
C TYR E 1049 -52.14 -112.36 109.55
N GLY E 1050 -52.06 -111.04 109.36
CA GLY E 1050 -50.81 -110.32 109.45
C GLY E 1050 -49.98 -110.30 108.19
N TYR E 1051 -50.43 -110.91 107.11
CA TYR E 1051 -49.68 -110.92 105.86
C TYR E 1051 -50.00 -109.63 105.09
N ASN E 1052 -49.03 -108.71 105.09
CA ASN E 1052 -49.21 -107.43 104.42
C ASN E 1052 -49.07 -107.61 102.91
N ILE E 1053 -49.94 -106.94 102.16
CA ILE E 1053 -49.94 -107.00 100.70
C ILE E 1053 -49.88 -105.57 100.16
N GLU E 1054 -48.86 -105.30 99.34
CA GLU E 1054 -48.72 -103.99 98.69
C GLU E 1054 -48.52 -104.15 97.19
N ASP E 1070 -50.51 -94.36 67.71
CA ASP E 1070 -50.67 -94.60 66.27
C ASP E 1070 -50.39 -93.30 65.51
N ARG E 1071 -51.45 -92.68 65.00
CA ARG E 1071 -51.36 -91.42 64.28
C ARG E 1071 -52.42 -90.47 64.81
N VAL E 1072 -52.32 -89.21 64.39
CA VAL E 1072 -53.26 -88.16 64.76
C VAL E 1072 -53.73 -87.49 63.49
N ARG E 1073 -55.05 -87.44 63.30
CA ARG E 1073 -55.62 -86.72 62.17
C ARG E 1073 -55.41 -85.22 62.33
N ILE E 1074 -55.20 -84.53 61.20
CA ILE E 1074 -54.93 -83.10 61.19
C ILE E 1074 -55.92 -82.45 60.23
N PHE E 1075 -56.55 -81.37 60.66
CA PHE E 1075 -57.55 -80.68 59.87
C PHE E 1075 -57.17 -79.21 59.70
N ARG E 1076 -57.32 -78.70 58.49
CA ARG E 1076 -56.99 -77.31 58.20
C ARG E 1076 -57.80 -76.80 57.03
N ALA E 1077 -57.97 -75.48 57.00
CA ALA E 1077 -58.66 -74.83 55.89
C ALA E 1077 -57.69 -74.64 54.73
N GLU E 1078 -58.18 -74.01 53.66
CA GLU E 1078 -57.35 -73.84 52.48
C GLU E 1078 -56.44 -72.63 52.65
N LYS E 1079 -55.31 -72.65 51.92
CA LYS E 1079 -54.40 -71.50 51.88
C LYS E 1079 -55.06 -70.26 51.30
N SER E 1080 -56.07 -70.43 50.43
CA SER E 1080 -56.83 -69.30 49.91
C SER E 1080 -57.64 -68.59 50.98
N TYR E 1081 -58.11 -69.31 51.99
CA TYR E 1081 -58.88 -68.72 53.08
C TYR E 1081 -58.00 -68.22 54.21
N THR E 1082 -56.68 -68.26 54.05
CA THR E 1082 -55.76 -67.81 55.09
C THR E 1082 -55.75 -66.29 55.12
N VAL E 1083 -56.25 -65.72 56.21
CA VAL E 1083 -56.25 -64.28 56.38
C VAL E 1083 -54.92 -63.83 56.94
N GLN E 1084 -54.58 -62.56 56.68
CA GLN E 1084 -53.30 -62.01 57.11
C GLN E 1084 -53.45 -60.75 57.94
N SER E 1085 -54.67 -60.41 58.36
CA SER E 1085 -54.91 -59.21 59.15
C SER E 1085 -56.24 -59.34 59.87
N GLY E 1086 -56.61 -58.27 60.58
CA GLY E 1086 -57.93 -58.15 61.16
C GLY E 1086 -58.14 -59.00 62.40
N ARG E 1087 -59.32 -58.84 62.96
CA ARG E 1087 -59.76 -59.63 64.12
C ARG E 1087 -60.68 -60.73 63.64
N TRP E 1088 -60.34 -61.97 63.99
CA TRP E 1088 -61.10 -63.11 63.51
C TRP E 1088 -61.48 -64.01 64.68
N TYR E 1089 -62.51 -64.82 64.44
CA TYR E 1089 -63.04 -65.73 65.45
C TYR E 1089 -63.48 -67.00 64.77
N PHE E 1090 -63.19 -68.13 65.41
CA PHE E 1090 -63.77 -69.41 65.04
C PHE E 1090 -64.06 -70.16 66.32
N GLU E 1091 -64.99 -71.12 66.24
CA GLU E 1091 -65.55 -71.73 67.44
C GLU E 1091 -65.44 -73.24 67.32
N PHE E 1092 -65.10 -73.92 68.42
CA PHE E 1092 -64.96 -75.36 68.40
C PHE E 1092 -65.79 -75.97 69.52
N GLU E 1093 -66.31 -77.17 69.28
CA GLU E 1093 -67.03 -77.94 70.29
C GLU E 1093 -66.38 -79.31 70.41
N ALA E 1094 -66.06 -79.71 71.63
CA ALA E 1094 -65.36 -80.97 71.91
C ALA E 1094 -66.25 -81.84 72.77
N VAL E 1095 -66.95 -82.78 72.13
CA VAL E 1095 -67.77 -83.74 72.87
C VAL E 1095 -66.89 -84.64 73.72
N THR E 1096 -65.96 -85.34 73.07
CA THR E 1096 -64.87 -85.97 73.80
C THR E 1096 -63.89 -84.90 74.27
N THR E 1097 -63.34 -85.13 75.47
CA THR E 1097 -62.46 -84.16 76.12
C THR E 1097 -61.02 -84.67 76.21
N GLY E 1098 -60.68 -85.64 75.37
CA GLY E 1098 -59.39 -86.29 75.49
C GLY E 1098 -58.27 -85.58 74.76
N GLU E 1099 -57.62 -86.30 73.85
CA GLU E 1099 -56.42 -85.82 73.17
C GLU E 1099 -56.82 -85.19 71.84
N MET E 1100 -57.02 -83.87 71.84
CA MET E 1100 -57.21 -83.15 70.59
C MET E 1100 -56.71 -81.72 70.79
N ARG E 1101 -56.54 -81.02 69.67
CA ARG E 1101 -55.89 -79.72 69.69
C ARG E 1101 -56.64 -78.75 68.77
N VAL E 1102 -56.79 -77.52 69.23
CA VAL E 1102 -57.46 -76.45 68.49
C VAL E 1102 -56.69 -75.15 68.68
N GLY E 1103 -56.29 -74.54 67.58
CA GLY E 1103 -55.61 -73.27 67.65
C GLY E 1103 -55.34 -72.70 66.28
N TRP E 1104 -54.47 -71.71 66.24
CA TRP E 1104 -54.03 -71.10 64.99
C TRP E 1104 -52.74 -71.76 64.52
N ALA E 1105 -52.52 -71.69 63.20
CA ALA E 1105 -51.30 -72.24 62.62
C ALA E 1105 -51.02 -71.53 61.32
N ARG E 1106 -49.75 -71.54 60.92
CA ARG E 1106 -49.36 -70.97 59.65
C ARG E 1106 -49.79 -71.89 58.51
N PRO E 1107 -50.11 -71.34 57.33
CA PRO E 1107 -50.66 -72.16 56.26
C PRO E 1107 -49.69 -73.14 55.62
N GLU E 1108 -48.41 -73.12 55.97
CA GLU E 1108 -47.44 -74.09 55.48
C GLU E 1108 -47.28 -75.25 56.46
N LEU E 1109 -48.38 -75.99 56.62
CA LEU E 1109 -48.40 -77.12 57.55
C LEU E 1109 -47.72 -78.32 56.90
N ARG E 1110 -46.61 -78.74 57.48
CA ARG E 1110 -45.96 -79.94 56.97
C ARG E 1110 -46.66 -81.18 57.50
N PRO E 1111 -46.97 -82.16 56.65
CA PRO E 1111 -47.53 -83.43 57.13
C PRO E 1111 -46.45 -84.28 57.81
N ASP E 1112 -46.90 -85.36 58.45
CA ASP E 1112 -46.10 -86.25 59.31
C ASP E 1112 -45.44 -85.53 60.47
N VAL E 1113 -45.99 -84.39 60.88
CA VAL E 1113 -45.47 -83.60 61.99
C VAL E 1113 -46.61 -83.37 62.96
N GLU E 1114 -46.37 -83.63 64.25
CA GLU E 1114 -47.39 -83.39 65.24
C GLU E 1114 -47.59 -81.88 65.44
N LEU E 1115 -48.81 -81.52 65.83
CA LEU E 1115 -49.26 -80.15 65.75
C LEU E 1115 -48.91 -79.41 67.04
N GLY E 1116 -48.21 -78.29 66.91
CA GLY E 1116 -47.89 -77.44 68.04
C GLY E 1116 -46.61 -77.77 68.76
N ALA E 1117 -45.82 -78.73 68.28
CA ALA E 1117 -44.51 -79.03 68.85
C ALA E 1117 -43.40 -78.23 68.21
N ASP E 1118 -43.72 -77.10 67.59
CA ASP E 1118 -42.75 -76.34 66.83
C ASP E 1118 -43.19 -74.88 66.74
N GLU E 1119 -42.56 -74.14 65.85
CA GLU E 1119 -42.84 -72.73 65.61
C GLU E 1119 -44.00 -72.51 64.65
N LEU E 1120 -44.61 -73.58 64.16
CA LEU E 1120 -45.55 -73.50 63.06
C LEU E 1120 -46.99 -73.34 63.52
N ALA E 1121 -47.35 -73.88 64.68
CA ALA E 1121 -48.75 -73.91 65.11
C ALA E 1121 -48.89 -73.39 66.52
N TYR E 1122 -49.69 -72.34 66.68
CA TYR E 1122 -50.07 -71.80 67.99
C TYR E 1122 -51.36 -72.51 68.40
N VAL E 1123 -51.21 -73.69 69.02
CA VAL E 1123 -52.34 -74.58 69.25
C VAL E 1123 -52.50 -74.79 70.75
N PHE E 1124 -53.64 -75.37 71.13
CA PHE E 1124 -53.99 -75.56 72.53
C PHE E 1124 -54.55 -76.96 72.74
N ASN E 1125 -54.06 -77.62 73.78
CA ASN E 1125 -54.60 -78.90 74.24
C ASN E 1125 -55.13 -78.71 75.66
N GLY E 1126 -56.44 -78.83 75.81
CA GLY E 1126 -57.04 -78.63 77.12
C GLY E 1126 -57.36 -79.94 77.79
N HIS E 1127 -56.62 -80.98 77.41
CA HIS E 1127 -56.65 -82.19 78.21
C HIS E 1127 -55.91 -81.97 79.52
N ARG E 1128 -54.94 -81.06 79.52
CA ARG E 1128 -54.26 -80.63 80.73
C ARG E 1128 -54.33 -79.13 80.92
N GLY E 1129 -54.98 -78.39 80.02
CA GLY E 1129 -54.90 -76.95 80.02
C GLY E 1129 -53.51 -76.51 79.62
N GLN E 1130 -53.14 -76.76 78.37
CA GLN E 1130 -51.78 -76.54 77.89
C GLN E 1130 -51.79 -75.96 76.48
N ARG E 1131 -51.20 -74.79 76.33
CA ARG E 1131 -50.93 -74.25 75.00
C ARG E 1131 -49.65 -74.89 74.46
N TRP E 1132 -49.67 -75.27 73.19
CA TRP E 1132 -48.54 -75.96 72.59
C TRP E 1132 -48.01 -75.12 71.43
N HIS E 1133 -46.84 -74.50 71.63
CA HIS E 1133 -46.09 -73.86 70.56
C HIS E 1133 -44.64 -73.84 70.99
N LEU E 1134 -43.77 -74.47 70.18
CA LEU E 1134 -42.37 -74.76 70.52
C LEU E 1134 -42.28 -75.49 71.86
N GLY E 1135 -43.07 -76.55 71.98
CA GLY E 1135 -43.19 -77.30 73.20
C GLY E 1135 -44.51 -77.04 73.90
N SER E 1136 -44.71 -77.76 75.00
CA SER E 1136 -45.92 -77.66 75.78
C SER E 1136 -45.74 -76.64 76.91
N GLU E 1137 -46.66 -75.69 76.97
CA GLU E 1137 -46.68 -74.70 78.04
C GLU E 1137 -48.03 -74.80 78.74
N PRO E 1138 -48.06 -74.97 80.06
CA PRO E 1138 -49.34 -75.14 80.76
C PRO E 1138 -50.13 -73.84 80.76
N PHE E 1139 -51.37 -73.92 80.28
CA PHE E 1139 -52.19 -72.74 80.02
C PHE E 1139 -53.61 -73.01 80.52
N GLY E 1140 -53.86 -72.67 81.77
CA GLY E 1140 -55.18 -72.82 82.32
C GLY E 1140 -55.52 -74.23 82.74
N ARG E 1141 -56.81 -74.44 82.96
CA ARG E 1141 -57.43 -75.65 83.48
C ARG E 1141 -57.82 -76.59 82.35
N PRO E 1142 -58.01 -77.89 82.66
CA PRO E 1142 -58.51 -78.81 81.63
C PRO E 1142 -59.97 -78.62 81.28
N TRP E 1143 -60.50 -79.53 80.47
CA TRP E 1143 -61.78 -79.36 79.81
C TRP E 1143 -62.95 -79.92 80.62
N GLN E 1144 -64.14 -79.54 80.19
CA GLN E 1144 -65.43 -80.09 80.60
C GLN E 1144 -66.10 -80.68 79.38
N SER E 1145 -67.26 -81.31 79.58
CA SER E 1145 -67.99 -81.85 78.45
C SER E 1145 -68.69 -80.73 77.69
N GLY E 1146 -68.97 -80.99 76.41
CA GLY E 1146 -69.44 -79.95 75.51
C GLY E 1146 -68.28 -79.15 74.98
N ASP E 1147 -67.69 -78.33 75.85
CA ASP E 1147 -66.38 -77.71 75.69
C ASP E 1147 -66.34 -76.79 74.46
N VAL E 1148 -67.12 -75.72 74.56
CA VAL E 1148 -67.12 -74.69 73.54
C VAL E 1148 -65.78 -73.96 73.57
N VAL E 1149 -64.96 -74.20 72.55
CA VAL E 1149 -63.66 -73.55 72.40
C VAL E 1149 -63.83 -72.42 71.39
N GLY E 1150 -63.53 -71.20 71.81
CA GLY E 1150 -63.54 -70.10 70.86
C GLY E 1150 -62.20 -69.40 70.81
N CYS E 1151 -61.47 -69.55 69.71
CA CYS E 1151 -60.16 -68.95 69.58
C CYS E 1151 -60.26 -67.70 68.72
N MET E 1152 -59.49 -66.68 69.10
CA MET E 1152 -59.51 -65.38 68.44
C MET E 1152 -58.10 -65.03 67.99
N ILE E 1153 -58.02 -64.01 67.15
CA ILE E 1153 -56.73 -63.51 66.69
C ILE E 1153 -56.89 -62.02 66.42
N ASP E 1154 -55.79 -61.28 66.58
CA ASP E 1154 -55.73 -59.88 66.17
C ASP E 1154 -54.31 -59.67 65.64
N LEU E 1155 -54.15 -59.80 64.32
CA LEU E 1155 -52.81 -59.69 63.74
C LEU E 1155 -52.28 -58.27 63.79
N THR E 1156 -53.18 -57.28 63.92
CA THR E 1156 -52.77 -55.93 64.27
C THR E 1156 -52.13 -55.89 65.66
N GLU E 1157 -52.83 -56.46 66.64
CA GLU E 1157 -52.29 -56.55 68.00
C GLU E 1157 -51.16 -57.56 68.09
N ASN E 1158 -51.12 -58.51 67.14
CA ASN E 1158 -50.20 -59.66 67.13
C ASN E 1158 -50.35 -60.49 68.40
N THR E 1159 -51.60 -60.77 68.76
CA THR E 1159 -51.93 -61.52 69.97
C THR E 1159 -53.15 -62.39 69.71
N ILE E 1160 -52.97 -63.69 69.88
CA ILE E 1160 -54.04 -64.68 69.77
C ILE E 1160 -54.76 -64.75 71.12
N ILE E 1161 -56.08 -64.86 71.09
CA ILE E 1161 -56.90 -64.90 72.29
C ILE E 1161 -57.69 -66.20 72.33
N PHE E 1162 -57.58 -66.94 73.43
CA PHE E 1162 -58.30 -68.18 73.66
C PHE E 1162 -59.47 -67.91 74.60
N THR E 1163 -60.68 -68.29 74.19
CA THR E 1163 -61.85 -68.28 75.04
C THR E 1163 -62.44 -69.69 75.09
N LEU E 1164 -62.66 -70.19 76.31
CA LEU E 1164 -63.22 -71.52 76.52
C LEU E 1164 -64.55 -71.38 77.24
N ASN E 1165 -65.61 -71.93 76.62
CA ASN E 1165 -66.99 -71.90 77.13
C ASN E 1165 -67.45 -70.47 77.41
N GLY E 1166 -67.20 -69.58 76.44
CA GLY E 1166 -67.59 -68.19 76.57
C GLY E 1166 -66.75 -67.37 77.52
N GLU E 1167 -65.63 -67.91 78.01
CA GLU E 1167 -64.79 -67.18 78.95
C GLU E 1167 -63.34 -67.30 78.51
N VAL E 1168 -62.63 -66.16 78.52
CA VAL E 1168 -61.24 -66.12 78.11
C VAL E 1168 -60.36 -66.88 79.10
N LEU E 1169 -59.48 -67.72 78.59
CA LEU E 1169 -58.59 -68.52 79.40
C LEU E 1169 -57.40 -67.69 79.88
N MET E 1170 -56.85 -68.08 81.02
CA MET E 1170 -55.73 -67.40 81.63
C MET E 1170 -54.45 -68.21 81.45
N SER E 1171 -53.33 -67.55 81.73
CA SER E 1171 -52.02 -68.18 81.63
C SER E 1171 -51.49 -68.52 83.03
N ASP E 1172 -50.23 -68.96 83.10
CA ASP E 1172 -49.59 -69.18 84.39
C ASP E 1172 -49.32 -67.87 85.11
N SER E 1173 -49.07 -66.79 84.37
CA SER E 1173 -48.88 -65.47 84.94
C SER E 1173 -50.18 -64.67 85.03
N GLY E 1174 -51.32 -65.30 84.73
CA GLY E 1174 -52.58 -64.59 84.71
C GLY E 1174 -52.79 -63.72 83.51
N SER E 1175 -51.95 -63.86 82.48
CA SER E 1175 -52.09 -63.07 81.27
C SER E 1175 -53.23 -63.62 80.42
N GLU E 1176 -53.74 -62.78 79.54
CA GLU E 1176 -54.90 -63.11 78.72
C GLU E 1176 -54.44 -63.61 77.35
N THR E 1177 -54.03 -64.89 77.37
CA THR E 1177 -53.56 -65.65 76.21
C THR E 1177 -52.35 -64.97 75.57
N ALA E 1178 -51.26 -64.95 76.33
CA ALA E 1178 -50.07 -64.24 75.92
C ALA E 1178 -49.35 -64.98 74.79
N PHE E 1179 -49.75 -64.70 73.55
CA PHE E 1179 -48.95 -65.03 72.37
C PHE E 1179 -48.49 -63.69 71.81
N ARG E 1180 -47.40 -63.18 72.37
CA ARG E 1180 -46.94 -61.84 72.09
C ARG E 1180 -45.82 -61.86 71.05
N GLU E 1181 -45.86 -60.87 70.16
CA GLU E 1181 -44.94 -60.70 69.04
C GLU E 1181 -44.95 -61.93 68.12
N ILE E 1182 -46.08 -62.09 67.46
CA ILE E 1182 -46.17 -62.94 66.29
C ILE E 1182 -46.12 -62.03 65.07
N GLU E 1183 -45.51 -62.54 64.00
CA GLU E 1183 -45.44 -61.76 62.77
C GLU E 1183 -46.53 -62.21 61.82
N ILE E 1184 -46.68 -61.46 60.73
CA ILE E 1184 -47.68 -61.81 59.72
C ILE E 1184 -47.24 -63.04 58.96
N GLY E 1185 -46.09 -62.95 58.29
CA GLY E 1185 -45.57 -64.04 57.49
C GLY E 1185 -46.46 -64.30 56.28
N ASP E 1186 -47.20 -65.39 56.32
CA ASP E 1186 -48.18 -65.73 55.31
C ASP E 1186 -49.55 -65.90 55.93
N GLY E 1187 -49.76 -65.29 57.09
CA GLY E 1187 -51.02 -65.37 57.78
C GLY E 1187 -51.12 -66.55 58.72
N PHE E 1188 -52.34 -66.79 59.19
CA PHE E 1188 -52.62 -67.85 60.15
C PHE E 1188 -53.91 -68.55 59.76
N LEU E 1189 -54.14 -69.72 60.35
CA LEU E 1189 -55.18 -70.60 59.86
C LEU E 1189 -55.80 -71.37 61.02
N PRO E 1190 -57.11 -71.52 61.08
CA PRO E 1190 -57.74 -72.24 62.19
C PRO E 1190 -57.56 -73.75 62.10
N VAL E 1191 -56.44 -74.24 62.60
CA VAL E 1191 -56.09 -75.65 62.51
C VAL E 1191 -56.83 -76.43 63.60
N CYS E 1192 -57.05 -77.73 63.35
CA CYS E 1192 -57.56 -78.66 64.34
C CYS E 1192 -56.87 -80.00 64.16
N SER E 1193 -56.73 -80.73 65.26
CA SER E 1193 -56.23 -82.10 65.20
C SER E 1193 -56.97 -82.94 66.22
N LEU E 1194 -57.03 -84.24 65.97
CA LEU E 1194 -57.81 -85.18 66.78
C LEU E 1194 -57.03 -86.47 66.99
N GLY E 1195 -56.88 -86.86 68.25
CA GLY E 1195 -56.21 -88.10 68.58
C GLY E 1195 -57.13 -89.30 68.48
N PRO E 1196 -56.72 -90.40 69.11
CA PRO E 1196 -57.46 -91.68 68.94
C PRO E 1196 -58.83 -91.65 69.60
N GLY E 1197 -59.86 -91.80 68.78
CA GLY E 1197 -61.23 -91.85 69.27
C GLY E 1197 -61.72 -90.54 69.84
N GLN E 1198 -61.54 -89.44 69.11
CA GLN E 1198 -61.83 -88.10 69.61
C GLN E 1198 -62.83 -87.43 68.69
N VAL E 1199 -64.07 -87.28 69.15
CA VAL E 1199 -65.12 -86.67 68.35
C VAL E 1199 -65.28 -85.21 68.77
N GLY E 1200 -65.96 -84.45 67.92
CA GLY E 1200 -66.15 -83.04 68.15
C GLY E 1200 -66.12 -82.27 66.85
N HIS E 1201 -66.78 -81.11 66.80
CA HIS E 1201 -66.87 -80.37 65.55
C HIS E 1201 -66.29 -78.97 65.70
N LEU E 1202 -65.89 -78.43 64.55
CA LEU E 1202 -65.39 -77.07 64.44
C LEU E 1202 -66.48 -76.22 63.79
N ASN E 1203 -66.88 -75.16 64.49
CA ASN E 1203 -67.78 -74.18 63.91
C ASN E 1203 -66.93 -73.11 63.23
N LEU E 1204 -67.54 -72.40 62.29
CA LEU E 1204 -66.76 -71.49 61.47
C LEU E 1204 -67.45 -70.14 61.28
N GLY E 1205 -68.68 -69.98 61.75
CA GLY E 1205 -69.40 -68.76 61.56
C GLY E 1205 -70.10 -68.64 60.24
N GLN E 1206 -70.42 -69.76 59.60
CA GLN E 1206 -71.14 -69.73 58.32
C GLN E 1206 -72.56 -69.19 58.50
N ASP E 1207 -73.14 -69.42 59.67
CA ASP E 1207 -74.38 -68.77 60.07
C ASP E 1207 -74.16 -68.06 61.40
N VAL E 1208 -74.82 -66.91 61.57
CA VAL E 1208 -74.72 -66.15 62.80
C VAL E 1208 -75.28 -66.92 63.98
N SER E 1209 -76.45 -67.54 63.80
CA SER E 1209 -77.03 -68.33 64.88
C SER E 1209 -76.35 -69.68 65.04
N SER E 1210 -75.56 -70.13 64.06
CA SER E 1210 -74.78 -71.34 64.24
C SER E 1210 -73.63 -71.14 65.20
N LEU E 1211 -73.16 -69.90 65.36
CA LEU E 1211 -72.24 -69.57 66.44
C LEU E 1211 -72.94 -69.79 67.77
N ARG E 1212 -72.35 -70.66 68.60
CA ARG E 1212 -73.09 -71.26 69.71
C ARG E 1212 -73.37 -70.25 70.81
N PHE E 1213 -72.35 -69.51 71.24
CA PHE E 1213 -72.56 -68.50 72.30
C PHE E 1213 -72.78 -67.12 71.67
N PHE E 1214 -71.75 -66.59 71.01
CA PHE E 1214 -71.77 -65.34 70.24
C PHE E 1214 -72.32 -64.17 71.06
N ALA E 1215 -71.83 -64.04 72.29
CA ALA E 1215 -72.32 -62.97 73.16
C ALA E 1215 -71.26 -62.23 73.95
N ILE E 1216 -70.09 -62.81 74.19
CA ILE E 1216 -69.20 -62.30 75.23
C ILE E 1216 -68.16 -61.34 74.68
N CYS E 1217 -67.37 -61.79 73.70
CA CYS E 1217 -66.26 -60.98 73.22
C CYS E 1217 -66.22 -60.85 71.71
N GLY E 1218 -67.07 -61.55 70.97
CA GLY E 1218 -67.06 -61.42 69.52
C GLY E 1218 -67.65 -60.10 69.03
N LEU E 1219 -68.77 -59.68 69.63
CA LEU E 1219 -69.45 -58.49 69.14
C LEU E 1219 -68.75 -57.22 69.58
N GLN E 1220 -68.63 -57.01 70.89
CA GLN E 1220 -68.18 -55.73 71.43
C GLN E 1220 -66.67 -55.53 71.33
N GLU E 1221 -65.92 -56.47 70.74
CA GLU E 1221 -64.48 -56.31 70.59
C GLU E 1221 -64.03 -56.50 69.15
N GLY E 1222 -64.95 -56.41 68.19
CA GLY E 1222 -64.59 -56.38 66.78
C GLY E 1222 -64.16 -57.69 66.18
N PHE E 1223 -64.31 -58.81 66.88
CA PHE E 1223 -63.91 -60.09 66.32
C PHE E 1223 -64.98 -60.63 65.39
N GLU E 1224 -64.57 -60.96 64.18
CA GLU E 1224 -65.48 -61.41 63.15
C GLU E 1224 -65.41 -62.93 63.10
N PRO E 1225 -66.55 -63.61 62.87
CA PRO E 1225 -66.48 -65.03 62.53
C PRO E 1225 -65.72 -65.24 61.23
N PHE E 1226 -65.05 -66.40 61.16
CA PHE E 1226 -63.98 -66.61 60.20
C PHE E 1226 -64.51 -66.63 58.76
N ALA E 1227 -65.41 -67.56 58.46
CA ALA E 1227 -66.05 -67.61 57.15
C ALA E 1227 -67.52 -67.26 57.33
N ILE E 1228 -67.83 -65.97 57.37
CA ILE E 1228 -69.19 -65.49 57.50
C ILE E 1228 -69.77 -65.06 56.16
N ASN E 1229 -69.02 -64.28 55.37
CA ASN E 1229 -69.51 -63.79 54.09
C ASN E 1229 -69.21 -64.78 52.98
N MET E 1230 -69.66 -66.01 53.13
CA MET E 1230 -69.44 -67.05 52.13
C MET E 1230 -70.76 -67.43 51.50
N GLN E 1231 -70.66 -68.28 50.48
CA GLN E 1231 -71.83 -68.85 49.83
C GLN E 1231 -71.89 -70.36 49.97
N ARG E 1232 -70.89 -70.97 50.59
CA ARG E 1232 -70.74 -72.40 50.79
C ARG E 1232 -69.56 -72.62 51.73
N PRO E 1233 -69.52 -73.73 52.47
CA PRO E 1233 -68.42 -73.91 53.45
C PRO E 1233 -67.06 -74.13 52.81
N VAL E 1234 -66.03 -74.01 53.66
CA VAL E 1234 -64.65 -74.17 53.25
C VAL E 1234 -64.35 -75.65 52.96
N THR E 1235 -63.43 -75.88 52.04
CA THR E 1235 -63.05 -77.22 51.59
C THR E 1235 -62.49 -78.10 52.72
N THR E 1236 -61.79 -77.52 53.70
CA THR E 1236 -61.32 -78.17 54.95
C THR E 1236 -60.43 -79.38 54.66
N TRP E 1237 -59.23 -79.08 54.13
CA TRP E 1237 -58.24 -80.11 53.84
C TRP E 1237 -57.83 -80.86 55.10
N PHE E 1238 -57.81 -82.19 55.00
CA PHE E 1238 -57.43 -83.00 56.14
C PHE E 1238 -56.17 -83.80 55.78
N SER E 1239 -55.77 -84.68 56.69
CA SER E 1239 -54.55 -85.45 56.56
C SER E 1239 -54.84 -86.82 55.96
N LYS E 1240 -54.28 -87.08 54.77
CA LYS E 1240 -54.39 -88.38 54.13
C LYS E 1240 -53.49 -89.38 54.85
N SER E 1241 -54.07 -90.23 55.69
CA SER E 1241 -53.31 -91.21 56.44
C SER E 1241 -52.96 -92.44 55.62
N LEU E 1242 -52.14 -92.29 54.57
CA LEU E 1242 -51.69 -93.43 53.79
C LEU E 1242 -50.30 -93.13 53.22
N PRO E 1243 -49.36 -94.07 53.31
CA PRO E 1243 -47.99 -93.83 52.81
C PRO E 1243 -47.86 -93.94 51.30
N GLN E 1244 -48.35 -92.92 50.61
CA GLN E 1244 -48.23 -92.83 49.17
C GLN E 1244 -46.82 -92.44 48.78
N PHE E 1245 -46.47 -92.71 47.52
CA PHE E 1245 -45.14 -92.39 47.03
C PHE E 1245 -44.99 -90.89 46.84
N GLU E 1246 -43.78 -90.41 47.13
CA GLU E 1246 -43.43 -89.00 47.00
C GLU E 1246 -41.93 -88.91 46.82
N PRO E 1247 -41.45 -88.05 45.93
CA PRO E 1247 -40.02 -88.03 45.61
C PRO E 1247 -39.16 -87.51 46.76
N VAL E 1248 -37.88 -87.88 46.70
CA VAL E 1248 -36.90 -87.45 47.70
C VAL E 1248 -36.72 -85.94 47.57
N PRO E 1249 -36.81 -85.19 48.69
CA PRO E 1249 -36.65 -83.75 48.60
C PRO E 1249 -35.22 -83.37 48.23
N PRO E 1250 -35.02 -82.29 47.48
CA PRO E 1250 -33.67 -81.92 47.05
C PRO E 1250 -32.78 -81.42 48.17
N GLU E 1251 -33.36 -80.95 49.28
CA GLU E 1251 -32.58 -80.52 50.42
C GLU E 1251 -33.07 -81.26 51.67
N HIS E 1252 -32.28 -82.24 52.10
CA HIS E 1252 -32.47 -82.96 53.33
C HIS E 1252 -31.13 -83.06 54.03
N PRO E 1253 -31.09 -82.98 55.38
CA PRO E 1253 -29.80 -82.99 56.09
C PRO E 1253 -29.00 -84.27 55.94
N HIS E 1254 -29.65 -85.40 55.63
CA HIS E 1254 -28.88 -86.61 55.41
C HIS E 1254 -29.41 -87.47 54.26
N TYR E 1255 -30.42 -87.01 53.52
CA TYR E 1255 -30.92 -87.73 52.36
C TYR E 1255 -30.54 -86.97 51.09
N GLU E 1256 -29.82 -87.65 50.21
CA GLU E 1256 -29.39 -87.07 48.94
C GLU E 1256 -29.18 -88.20 47.94
N VAL E 1257 -29.36 -87.87 46.67
CA VAL E 1257 -29.19 -88.84 45.59
C VAL E 1257 -28.04 -88.38 44.70
N ALA E 1258 -27.24 -89.35 44.26
CA ALA E 1258 -26.08 -89.08 43.42
C ALA E 1258 -26.39 -89.54 42.00
N ARG E 1259 -26.65 -88.57 41.11
CA ARG E 1259 -26.96 -88.89 39.73
C ARG E 1259 -25.68 -89.33 39.01
N MET E 1260 -25.54 -90.64 38.82
CA MET E 1260 -24.39 -91.18 38.11
C MET E 1260 -24.59 -91.03 36.61
N ASP E 1261 -23.49 -91.13 35.87
CA ASP E 1261 -23.52 -91.00 34.42
C ASP E 1261 -23.08 -92.31 33.78
N GLY E 1262 -23.39 -92.45 32.50
CA GLY E 1262 -23.00 -93.64 31.77
C GLY E 1262 -21.76 -93.42 30.93
N THR E 1263 -20.61 -93.88 31.41
CA THR E 1263 -19.35 -93.75 30.69
C THR E 1263 -19.20 -94.91 29.72
N VAL E 1264 -17.98 -95.04 29.18
CA VAL E 1264 -17.68 -96.16 28.29
C VAL E 1264 -17.63 -97.48 29.06
N ASP E 1265 -17.33 -97.43 30.35
CA ASP E 1265 -17.28 -98.63 31.18
C ASP E 1265 -18.46 -98.77 32.13
N THR E 1266 -19.11 -97.68 32.49
CA THR E 1266 -20.19 -97.72 33.46
C THR E 1266 -21.53 -97.47 32.78
N PRO E 1267 -22.60 -98.15 33.20
CA PRO E 1267 -23.94 -97.77 32.76
C PRO E 1267 -24.40 -96.55 33.54
N PRO E 1268 -25.39 -95.82 33.04
CA PRO E 1268 -25.96 -94.71 33.83
C PRO E 1268 -26.72 -95.25 35.04
N CYS E 1269 -26.23 -94.88 36.22
CA CYS E 1269 -26.76 -95.39 37.48
C CYS E 1269 -27.45 -94.27 38.26
N LEU E 1270 -28.11 -94.67 39.35
CA LEU E 1270 -28.74 -93.75 40.29
C LEU E 1270 -28.23 -94.13 41.67
N ARG E 1271 -27.17 -93.47 42.12
CA ARG E 1271 -26.54 -93.83 43.38
C ARG E 1271 -27.23 -93.12 44.54
N LEU E 1272 -27.51 -93.88 45.60
CA LEU E 1272 -27.99 -93.31 46.85
C LEU E 1272 -26.79 -92.90 47.69
N ALA E 1273 -26.95 -91.81 48.44
CA ALA E 1273 -25.92 -91.33 49.35
C ALA E 1273 -26.58 -90.86 50.63
N HIS E 1274 -25.78 -90.78 51.69
CA HIS E 1274 -26.27 -90.44 53.00
C HIS E 1274 -25.18 -89.71 53.76
N ARG E 1275 -25.58 -88.74 54.58
CA ARG E 1275 -24.64 -88.10 55.48
C ARG E 1275 -24.29 -89.06 56.60
N UNK E 1276 -23.34 -89.94 56.31
CA UNK E 1276 -23.00 -91.05 57.18
C UNK E 1276 -22.15 -90.63 58.36
N UNK E 1277 -22.80 -90.14 59.40
CA UNK E 1277 -22.09 -89.67 60.58
C UNK E 1277 -22.93 -89.87 61.83
N UNK E 1278 -22.65 -89.07 62.85
CA UNK E 1278 -23.40 -89.13 64.10
C UNK E 1278 -24.66 -88.28 63.98
N UNK E 1279 -24.81 -87.31 64.90
CA UNK E 1279 -25.94 -86.39 64.99
C UNK E 1279 -27.29 -87.12 65.05
N UNK E 1280 -27.78 -87.54 63.89
CA UNK E 1280 -29.02 -88.29 63.82
C UNK E 1280 -29.07 -89.20 62.59
N UNK E 1281 -30.06 -90.09 62.59
CA UNK E 1281 -30.29 -90.99 61.47
C UNK E 1281 -31.79 -91.32 61.41
N UNK E 1282 -32.14 -92.40 60.71
CA UNK E 1282 -33.54 -92.79 60.59
C UNK E 1282 -33.70 -94.28 60.33
N UNK E 1283 -34.88 -94.66 59.87
CA UNK E 1283 -35.23 -96.07 59.65
C UNK E 1283 -34.98 -96.52 58.22
N UNK E 1284 -35.77 -97.48 57.75
CA UNK E 1284 -35.63 -98.01 56.41
C UNK E 1284 -36.35 -97.14 55.39
N UNK E 1285 -35.59 -96.52 54.50
CA UNK E 1285 -36.16 -95.67 53.47
C UNK E 1285 -36.64 -96.48 52.27
N UNK E 1286 -37.95 -96.60 52.14
CA UNK E 1286 -38.53 -97.36 51.04
C UNK E 1286 -38.43 -96.57 49.74
N UNK E 1287 -37.31 -96.75 49.06
CA UNK E 1287 -37.00 -96.01 47.83
C UNK E 1287 -37.78 -96.56 46.64
N UNK E 1288 -38.28 -95.67 45.79
CA UNK E 1288 -39.03 -96.07 44.61
C UNK E 1288 -38.64 -95.22 43.41
N UNK E 1289 -38.26 -95.88 42.32
CA UNK E 1289 -37.95 -95.17 41.08
C UNK E 1289 -39.23 -94.66 40.45
N UNK E 1290 -39.13 -93.59 39.67
CA UNK E 1290 -40.31 -93.01 39.00
C UNK E 1290 -40.59 -93.71 37.67
N UNK E 1291 -40.79 -95.02 37.74
CA UNK E 1291 -41.00 -95.83 36.56
C UNK E 1291 -42.46 -96.25 36.45
N UNK E 1292 -42.81 -96.80 35.30
CA UNK E 1292 -44.16 -97.31 35.06
C UNK E 1292 -44.12 -98.37 33.97
N UNK E 1293 -43.40 -99.46 34.23
CA UNK E 1293 -43.25 -100.53 33.25
C UNK E 1293 -44.54 -101.34 33.13
N UNK E 1294 -45.25 -101.14 32.04
CA UNK E 1294 -46.51 -101.84 31.79
C UNK E 1294 -46.27 -103.14 31.04
N UNK E 1295 -47.08 -104.15 31.33
CA UNK E 1295 -46.99 -105.42 30.62
C UNK E 1295 -47.75 -105.33 29.29
N UNK E 1296 -47.31 -106.11 28.31
CA UNK E 1296 -47.78 -105.95 26.94
C UNK E 1296 -49.08 -106.69 26.62
N UNK E 1297 -49.89 -106.99 27.63
CA UNK E 1297 -51.13 -107.70 27.42
C UNK E 1297 -52.28 -106.75 27.12
N UNK E 1298 -53.46 -112.12 26.19
CA UNK E 1298 -52.99 -111.22 25.14
C UNK E 1298 -51.47 -111.25 25.04
N UNK E 1299 -50.81 -111.49 26.17
CA UNK E 1299 -49.35 -111.62 26.18
C UNK E 1299 -48.90 -112.60 27.25
N UNK E 1300 -47.60 -112.61 27.51
CA UNK E 1300 -47.02 -113.50 28.50
C UNK E 1300 -46.00 -112.74 29.33
N UNK E 1301 -46.37 -112.45 30.58
CA UNK E 1301 -45.46 -111.77 31.49
C UNK E 1301 -44.85 -112.79 32.44
N UNK E 1302 -43.55 -113.01 32.28
CA UNK E 1302 -42.83 -113.96 33.13
C UNK E 1302 -41.53 -113.34 33.62
N UNK E 1303 -41.61 -112.51 34.65
CA UNK E 1303 -40.44 -111.85 35.19
C UNK E 1303 -39.69 -112.78 36.13
N UNK E 1304 -38.41 -112.50 36.32
CA UNK E 1304 -37.56 -113.36 37.14
C UNK E 1304 -36.36 -112.60 37.70
N UNK E 1305 -36.27 -112.53 39.03
CA UNK E 1305 -35.16 -111.87 39.69
C UNK E 1305 -33.89 -112.71 39.56
N UNK E 1306 -32.76 -112.04 39.43
CA UNK E 1306 -31.49 -112.73 39.23
C UNK E 1306 -30.36 -112.10 40.05
N UNK E 1307 -29.55 -112.92 40.69
CA UNK E 1307 -28.44 -112.44 41.50
C UNK E 1307 -27.19 -112.27 40.64
N UNK E 1308 -26.04 -112.51 41.24
CA UNK E 1308 -24.76 -112.37 40.55
C UNK E 1308 -24.46 -113.62 39.72
N UNK E 1309 -25.14 -114.71 40.03
CA UNK E 1309 -24.93 -115.96 39.30
C UNK E 1309 -26.23 -116.77 39.24
N UNK E 1310 -26.69 -117.23 40.40
CA UNK E 1310 -27.90 -118.04 40.47
C UNK E 1310 -29.15 -117.18 40.40
N UNK E 1311 -30.31 -117.83 40.50
CA UNK E 1311 -31.57 -117.12 40.41
C UNK E 1311 -32.68 -117.85 41.18
N UNK E 1312 -33.24 -117.17 42.16
CA UNK E 1312 -34.46 -117.62 42.83
C UNK E 1312 -35.60 -116.78 42.27
N UNK E 1313 -36.23 -117.28 41.22
CA UNK E 1313 -37.22 -116.51 40.46
C UNK E 1313 -38.59 -116.51 41.13
N UNK E 1314 -39.60 -116.97 40.38
CA UNK E 1314 -41.01 -117.06 40.80
C UNK E 1314 -41.64 -115.73 41.23
N UNK E 1315 -42.89 -115.84 41.70
CA UNK E 1315 -43.72 -114.72 42.17
C UNK E 1315 -43.89 -113.58 41.16
N UNK E 1316 -43.80 -113.92 39.87
CA UNK E 1316 -43.82 -112.92 38.81
C UNK E 1316 -44.16 -113.57 37.48
N UNK E 1317 -45.33 -114.20 37.44
CA UNK E 1317 -45.81 -114.85 36.23
C UNK E 1317 -47.33 -114.73 36.17
N UNK E 1318 -47.85 -113.65 36.73
CA UNK E 1318 -49.30 -113.46 36.81
C UNK E 1318 -49.68 -112.05 36.37
N UNK E 1319 -49.62 -111.80 35.07
CA UNK E 1319 -49.98 -110.50 34.54
C UNK E 1319 -50.46 -110.56 33.09
N UNK E 1320 -51.60 -109.95 32.83
CA UNK E 1320 -52.11 -109.78 31.47
C UNK E 1320 -51.56 -108.46 30.93
N UNK E 1321 -51.82 -107.38 31.67
CA UNK E 1321 -51.19 -106.09 31.44
C UNK E 1321 -51.24 -105.26 32.70
N UNK E 1322 -50.28 -105.51 33.60
CA UNK E 1322 -50.15 -104.71 34.81
C UNK E 1322 -49.27 -103.51 34.55
N UNK E 1323 -48.77 -102.89 35.62
CA UNK E 1323 -47.85 -101.75 35.50
C UNK E 1323 -47.00 -101.64 36.75
N UNK E 1324 -45.79 -102.19 36.69
CA UNK E 1324 -44.91 -102.22 37.85
C UNK E 1324 -43.80 -101.19 37.74
N UNK E 1325 -43.32 -100.73 38.89
CA UNK E 1325 -42.23 -99.76 38.95
C UNK E 1325 -41.04 -100.36 39.69
N UNK E 1326 -39.83 -99.96 39.31
CA UNK E 1326 -38.62 -100.44 39.97
C UNK E 1326 -38.52 -99.84 41.37
N UNK E 1327 -38.12 -100.66 42.34
CA UNK E 1327 -38.03 -100.22 43.72
C UNK E 1327 -36.93 -100.94 44.49
N UNK E 1328 -36.54 -100.36 45.62
CA UNK E 1328 -35.51 -100.95 46.47
C UNK E 1328 -35.66 -100.44 47.90
N UNK E 1329 -36.58 -101.04 48.65
CA UNK E 1329 -36.82 -100.64 50.04
C UNK E 1329 -35.67 -101.11 50.93
N UNK E 1330 -34.73 -100.22 51.18
CA UNK E 1330 -33.54 -100.56 51.97
C UNK E 1330 -33.45 -99.74 53.24
N UNK E 1331 -32.48 -100.09 54.09
CA UNK E 1331 -32.26 -99.36 55.33
C UNK E 1331 -30.87 -98.76 55.37
N UNK E 1332 -30.63 -97.90 56.35
CA UNK E 1332 -29.36 -97.20 56.46
C UNK E 1332 -28.26 -98.12 56.98
N UNK E 1333 -27.06 -97.99 56.41
CA UNK E 1333 -25.93 -98.78 56.85
C UNK E 1333 -24.80 -97.87 57.31
N UNK E 1334 -25.09 -96.56 57.33
CA UNK E 1334 -24.17 -95.50 57.73
C UNK E 1334 -22.85 -95.51 56.96
N UNK E 1335 -22.95 -95.50 55.63
CA UNK E 1335 -21.78 -95.47 54.76
C UNK E 1335 -22.16 -94.88 53.41
N UNK E 1336 -22.27 -95.75 52.41
CA UNK E 1336 -22.73 -95.36 51.08
C UNK E 1336 -23.52 -96.53 50.52
N UNK E 1337 -24.83 -96.33 50.37
CA UNK E 1337 -25.72 -97.45 50.06
C UNK E 1337 -25.78 -97.80 48.59
N UNK E 1338 -27.00 -98.00 48.08
CA UNK E 1338 -27.22 -98.58 46.76
C UNK E 1338 -26.88 -97.66 45.59
N UNK E 1339 -26.84 -98.25 44.41
CA UNK E 1339 -26.60 -97.53 43.17
C UNK E 1339 -27.37 -98.19 42.03
N UNK E 1340 -28.53 -97.65 41.72
CA UNK E 1340 -29.44 -98.25 40.75
C UNK E 1340 -28.96 -98.09 39.31
N UNK E 1341 -28.20 -99.06 38.82
CA UNK E 1341 -27.65 -99.01 37.47
C UNK E 1341 -28.71 -99.27 36.40
N UNK E 1342 -28.49 -98.71 35.22
CA UNK E 1342 -29.33 -99.03 34.08
C UNK E 1342 -28.44 -99.58 32.99
N UNK E 1343 -28.22 -100.89 33.03
CA UNK E 1343 -27.33 -101.55 32.08
C UNK E 1343 -28.13 -102.36 31.08
N UNK E 1344 -27.51 -102.64 29.94
CA UNK E 1344 -28.12 -103.51 28.94
C UNK E 1344 -27.29 -104.78 28.80
N UNK E 1345 -27.91 -105.83 28.28
CA UNK E 1345 -27.21 -107.06 27.99
C UNK E 1345 -27.42 -107.41 26.53
N UNK E 1346 -27.02 -108.60 26.13
CA UNK E 1346 -27.26 -109.06 24.77
C UNK E 1346 -28.70 -109.55 24.63
N UNK E 1347 -29.33 -109.82 25.78
CA UNK E 1347 -30.66 -110.43 25.80
C UNK E 1347 -31.75 -109.44 26.19
N UNK E 1348 -32.46 -109.76 27.27
CA UNK E 1348 -33.64 -109.01 27.68
C UNK E 1348 -33.31 -107.85 28.60
N UNK E 1349 -34.35 -107.21 29.11
CA UNK E 1349 -34.20 -106.00 29.92
C UNK E 1349 -33.67 -106.30 31.31
N UNK E 1350 -32.45 -105.87 31.58
CA UNK E 1350 -31.84 -106.05 32.89
C UNK E 1350 -31.77 -104.71 33.62
N UNK E 1351 -32.08 -104.72 34.92
CA UNK E 1351 -32.01 -103.52 35.74
C UNK E 1351 -31.15 -103.79 36.96
N UNK E 1352 -29.84 -103.67 36.80
CA UNK E 1352 -28.88 -103.98 37.86
C UNK E 1352 -28.92 -102.93 38.98
N UNK E 1353 -28.41 -103.31 40.14
CA UNK E 1353 -28.36 -102.40 41.29
C UNK E 1353 -27.25 -102.81 42.25
N UNK E 1354 -26.16 -102.05 42.23
CA UNK E 1354 -25.02 -102.34 43.10
C UNK E 1354 -25.27 -101.79 44.50
N UNK E 1355 -24.53 -102.31 45.48
CA UNK E 1355 -24.68 -101.90 46.87
C UNK E 1355 -23.40 -102.15 47.68
N UNK E 1356 -23.38 -101.62 48.90
CA UNK E 1356 -22.24 -101.79 49.79
C UNK E 1356 -22.70 -102.15 51.20
N UNK E 1357 -24.01 -102.28 51.38
CA UNK E 1357 -24.59 -102.60 52.68
C UNK E 1357 -24.72 -104.10 52.87
N UNK E 1358 -25.16 -104.50 54.06
CA UNK E 1358 -25.32 -105.90 54.39
C UNK E 1358 -26.64 -106.45 53.85
N UNK E 1359 -27.67 -106.48 54.69
CA UNK E 1359 -28.96 -107.02 54.30
C UNK E 1359 -29.95 -105.91 53.95
N UNK E 1360 -30.46 -105.96 52.72
CA UNK E 1360 -31.43 -104.97 52.25
C UNK E 1360 -32.33 -105.59 51.18
N UNK E 1361 -33.64 -105.45 51.35
CA UNK E 1361 -34.60 -106.04 50.44
C UNK E 1361 -34.69 -105.26 49.13
N UNK E 1362 -34.74 -105.98 48.02
CA UNK E 1362 -34.89 -105.38 46.70
C UNK E 1362 -36.09 -105.97 45.98
N UNK E 1363 -36.75 -105.17 45.16
CA UNK E 1363 -37.98 -105.60 44.51
C UNK E 1363 -38.28 -104.85 43.22
N UNK E 1364 -39.55 -104.88 42.84
CA UNK E 1364 -40.07 -104.12 41.72
C UNK E 1364 -41.56 -103.95 41.98
N UNK E 1365 -41.89 -103.02 42.87
CA UNK E 1365 -43.24 -102.87 43.40
C UNK E 1365 -44.26 -102.42 42.35
N UNK E 1366 -45.52 -102.65 42.66
CA UNK E 1366 -46.60 -102.26 41.76
C UNK E 1366 -47.00 -100.82 42.03
N UNK E 1367 -48.16 -100.44 41.51
CA UNK E 1367 -48.69 -99.11 41.71
C UNK E 1367 -49.71 -99.10 42.83
N UNK E 1368 -49.37 -99.79 43.93
CA UNK E 1368 -50.33 -99.97 45.02
C UNK E 1368 -49.66 -100.25 46.36
N UNK E 1369 -48.38 -99.90 46.49
CA UNK E 1369 -47.65 -100.16 47.73
C UNK E 1369 -48.06 -99.16 48.81
N UNK E 1370 -48.05 -99.62 50.06
CA UNK E 1370 -48.35 -98.79 51.21
C UNK E 1370 -47.71 -99.40 52.45
N UNK E 1371 -46.41 -99.19 52.61
CA UNK E 1371 -45.64 -99.82 53.69
C UNK E 1371 -45.85 -99.14 55.05
N UNK E 1372 -44.83 -99.25 55.90
CA UNK E 1372 -44.90 -98.65 57.23
C UNK E 1372 -43.49 -98.45 57.79
N UNK E 1373 -43.26 -98.91 59.01
CA UNK E 1373 -41.95 -98.81 59.65
C UNK E 1373 -41.12 -100.04 59.34
N UNK E 1374 -40.74 -100.78 60.36
CA UNK E 1374 -39.89 -101.96 60.21
C UNK E 1374 -40.67 -103.18 59.73
N UNK E 1375 -40.32 -103.65 58.53
CA UNK E 1375 -40.94 -104.83 57.96
C UNK E 1375 -40.01 -105.46 56.93
N UNK E 1376 -39.89 -106.78 56.96
CA UNK E 1376 -39.09 -107.50 55.98
C UNK E 1376 -39.94 -108.58 55.34
N UNK E 1377 -41.00 -108.96 56.03
CA UNK E 1377 -41.96 -109.92 55.51
C UNK E 1377 -43.36 -109.33 55.60
N UNK E 1378 -44.37 -110.20 55.58
CA UNK E 1378 -45.79 -109.84 55.59
C UNK E 1378 -46.13 -108.87 54.48
N UNK E 1379 -45.88 -109.29 53.24
CA UNK E 1379 -46.25 -108.51 52.06
C UNK E 1379 -47.77 -108.52 51.93
N UNK E 1380 -48.37 -109.61 52.40
CA UNK E 1380 -49.81 -109.87 52.42
C UNK E 1380 -50.40 -109.92 51.02
N UNK E 1381 -50.76 -111.12 50.59
CA UNK E 1381 -51.37 -111.31 49.28
C UNK E 1381 -52.61 -112.18 49.41
N UNK E 1382 -52.94 -112.90 48.35
CA UNK E 1382 -54.07 -113.80 48.35
C UNK E 1382 -53.86 -114.89 47.31
N UNK E 1383 -54.93 -115.62 47.01
CA UNK E 1383 -54.88 -116.65 45.99
C UNK E 1383 -56.15 -116.63 45.17
N UNK E 1384 -56.07 -117.18 43.96
CA UNK E 1384 -57.24 -117.30 43.10
C UNK E 1384 -57.74 -118.74 43.12
N UNK E 1385 -59.06 -118.89 43.00
CA UNK E 1385 -59.67 -120.22 42.98
C UNK E 1385 -61.01 -120.14 42.26
N UNK E 1386 -61.00 -120.35 40.96
CA UNK E 1386 -62.23 -120.34 40.18
C UNK E 1386 -62.46 -121.72 39.55
N UNK E 1387 -63.19 -122.56 40.27
CA UNK E 1387 -63.46 -123.91 39.79
C UNK E 1387 -64.56 -123.92 38.73
N UNK E 1388 -64.96 -125.11 38.30
CA UNK E 1388 -65.97 -125.23 37.26
C UNK E 1388 -67.37 -125.01 37.82
N UNK E 1389 -68.19 -126.06 37.82
CA UNK E 1389 -69.55 -125.97 38.36
C UNK E 1389 -69.60 -126.65 39.73
N UNK E 1390 -69.20 -127.91 39.77
CA UNK E 1390 -69.13 -128.65 41.02
C UNK E 1390 -67.86 -128.25 41.77
N UNK E 1391 -66.76 -128.91 41.42
CA UNK E 1391 -65.44 -128.61 41.98
C UNK E 1391 -64.37 -129.18 41.06
N UNK E 1392 -64.66 -129.23 39.77
CA UNK E 1392 -63.78 -129.88 38.80
C UNK E 1392 -62.62 -128.99 38.37
N UNK E 1393 -62.61 -128.60 37.10
CA UNK E 1393 -61.51 -127.84 36.52
C UNK E 1393 -61.44 -126.42 37.09
N UNK E 1394 -60.33 -126.12 37.74
CA UNK E 1394 -60.14 -124.84 38.38
C UNK E 1394 -59.33 -123.89 37.51
N UNK E 1395 -59.09 -122.70 38.04
CA UNK E 1395 -58.26 -121.70 37.40
C UNK E 1395 -57.51 -120.96 38.50
N UNK E 1396 -56.73 -121.71 39.27
CA UNK E 1396 -56.06 -121.17 40.44
C UNK E 1396 -54.77 -120.44 40.09
N UNK E 1397 -54.57 -119.29 40.73
CA UNK E 1397 -53.36 -118.50 40.54
C UNK E 1397 -53.13 -117.60 41.76
N UNK E 1398 -52.14 -116.73 41.67
CA UNK E 1398 -51.88 -115.76 42.73
C UNK E 1398 -52.73 -114.52 42.50
N UNK E 1399 -52.73 -113.61 43.48
CA UNK E 1399 -53.49 -112.38 43.36
C UNK E 1399 -52.57 -111.17 43.25
N UNK E 1400 -51.31 -111.44 42.90
CA UNK E 1400 -50.25 -110.45 42.69
C UNK E 1400 -49.93 -109.58 43.91
N UNK E 1401 -48.80 -109.88 44.55
CA UNK E 1401 -48.33 -109.12 45.71
C UNK E 1401 -47.94 -107.70 45.33
N UNK E 1402 -47.88 -106.82 46.32
CA UNK E 1402 -47.63 -105.39 46.10
C UNK E 1402 -46.20 -105.12 45.62
N UNK E 1403 -45.30 -106.06 45.91
CA UNK E 1403 -43.92 -105.96 45.44
C UNK E 1403 -43.30 -107.35 45.30
N UNK E 1404 -41.98 -107.38 45.24
CA UNK E 1404 -41.23 -108.62 45.30
C UNK E 1404 -40.40 -108.60 46.57
N UNK E 1405 -39.40 -109.48 46.66
CA UNK E 1405 -38.56 -109.53 47.85
C UNK E 1405 -37.18 -110.11 47.55
N UNK E 1406 -36.20 -109.67 48.33
CA UNK E 1406 -34.83 -110.17 48.25
C UNK E 1406 -34.11 -109.89 49.56
N UNK E 1407 -34.82 -110.02 50.67
CA UNK E 1407 -34.28 -109.72 51.99
C UNK E 1407 -33.24 -110.75 52.42
N UNK E 1408 -31.97 -110.35 52.33
CA UNK E 1408 -30.79 -111.17 52.63
C UNK E 1408 -30.78 -112.48 51.83
N UNK E 1409 -30.99 -112.37 50.52
CA UNK E 1409 -31.05 -113.54 49.65
C UNK E 1409 -29.67 -114.14 49.46
N UNK E 1410 -28.64 -113.30 49.53
CA UNK E 1410 -27.27 -113.76 49.41
C UNK E 1410 -26.84 -114.48 50.68
N UNK E 1411 -26.03 -115.52 50.51
CA UNK E 1411 -25.53 -116.28 51.66
C UNK E 1411 -24.02 -116.09 51.82
N UNK E 1412 -23.63 -114.86 52.14
CA UNK E 1412 -22.22 -114.52 52.31
C UNK E 1412 -21.76 -114.78 53.74
N UNK E 1413 -20.51 -114.44 54.02
CA UNK E 1413 -19.94 -114.61 55.35
C UNK E 1413 -20.26 -113.41 56.22
N UNK E 1414 -19.95 -113.51 57.51
CA UNK E 1414 -20.21 -112.44 58.45
C UNK E 1414 -19.18 -111.31 58.29
N UNK E 1415 -18.03 -111.66 57.72
CA UNK E 1415 -16.98 -110.68 57.48
C UNK E 1415 -17.24 -109.89 56.20
N UNK E 1416 -17.71 -110.60 55.18
CA UNK E 1416 -18.07 -110.05 53.85
C UNK E 1416 -16.94 -109.30 53.13
N UNK E 1417 -17.30 -108.62 52.05
CA UNK E 1417 -16.32 -107.89 51.24
C UNK E 1417 -16.99 -106.76 50.47
N UNK E 1418 -17.30 -107.02 49.21
CA UNK E 1418 -17.89 -106.01 48.33
C UNK E 1418 -19.41 -106.03 48.40
N UNK E 1419 -20.03 -105.42 47.39
CA UNK E 1419 -21.48 -105.35 47.31
C UNK E 1419 -22.03 -106.47 46.41
N UNK E 1420 -23.26 -106.30 45.95
CA UNK E 1420 -23.88 -107.30 45.08
C UNK E 1420 -24.27 -106.69 43.74
N UNK E 1421 -25.01 -107.46 42.95
CA UNK E 1421 -25.46 -107.00 41.64
C UNK E 1421 -26.77 -107.68 41.27
N UNK E 1422 -27.78 -107.50 42.10
CA UNK E 1422 -29.09 -108.13 41.89
C UNK E 1422 -29.86 -107.43 40.77
N UNK E 1423 -29.98 -108.11 39.63
CA UNK E 1423 -30.71 -107.58 38.49
C UNK E 1423 -32.05 -108.28 38.34
N UNK E 1424 -32.76 -107.95 37.26
CA UNK E 1424 -34.07 -108.54 37.01
C UNK E 1424 -34.32 -108.68 35.51
N UNK E 1425 -35.51 -109.17 35.16
CA UNK E 1425 -35.89 -109.34 33.77
C UNK E 1425 -37.39 -109.15 33.59
N UNK E 1426 -37.83 -109.02 32.35
CA UNK E 1426 -39.24 -108.87 32.05
C UNK E 1426 -39.55 -109.46 30.68
N UNK E 1427 -40.79 -109.31 30.23
CA UNK E 1427 -41.18 -109.78 28.90
C UNK E 1427 -40.59 -108.86 27.84
N UNK E 1428 -39.31 -109.06 27.55
CA UNK E 1428 -38.58 -108.20 26.63
C UNK E 1428 -38.16 -108.98 25.40
N UNK E 1429 -38.56 -108.47 24.23
CA UNK E 1429 -38.22 -109.12 22.97
C UNK E 1429 -36.77 -108.87 22.59
N UNK E 1430 -36.38 -109.37 21.42
CA UNK E 1430 -35.01 -109.23 20.97
C UNK E 1430 -34.93 -108.84 19.50
N UNK E 1431 -33.78 -108.34 19.10
CA UNK E 1431 -33.54 -107.92 17.73
C UNK E 1431 -32.06 -108.05 17.39
N UNK E 1432 -31.75 -108.93 16.45
CA UNK E 1432 -30.37 -109.14 16.04
C UNK E 1432 -30.31 -109.58 14.58
N MET E 1433 -33.71 -104.71 26.10
CA MET E 1433 -32.46 -104.79 26.85
C MET E 1433 -32.08 -103.56 27.71
N PRO E 1434 -32.34 -102.31 27.29
CA PRO E 1434 -32.26 -101.20 28.25
C PRO E 1434 -33.45 -101.22 29.20
N LEU E 1435 -33.32 -100.44 30.28
CA LEU E 1435 -34.44 -100.23 31.19
C LEU E 1435 -35.33 -99.09 30.70
N SER E 1436 -34.73 -98.07 30.08
CA SER E 1436 -35.49 -96.98 29.48
C SER E 1436 -36.21 -97.39 28.20
N ALA E 1437 -35.87 -98.54 27.63
CA ALA E 1437 -36.56 -99.01 26.43
C ALA E 1437 -38.00 -99.40 26.71
N ALA E 1438 -38.30 -99.91 27.89
CA ALA E 1438 -39.60 -100.49 28.18
C ALA E 1438 -40.69 -99.44 28.39
N MET E 1439 -40.34 -98.18 28.57
CA MET E 1439 -41.32 -97.16 28.91
C MET E 1439 -41.40 -96.01 27.94
N PHE E 1440 -40.28 -95.43 27.53
CA PHE E 1440 -40.29 -94.10 26.92
C PHE E 1440 -40.69 -94.09 25.46
N LEU E 1441 -41.00 -95.26 24.86
CA LEU E 1441 -41.72 -95.42 23.59
C LEU E 1441 -40.91 -95.02 22.36
N SER E 1442 -39.76 -94.38 22.56
CA SER E 1442 -38.79 -94.11 21.52
C SER E 1442 -37.41 -94.68 21.85
N GLU E 1443 -37.14 -94.90 23.13
CA GLU E 1443 -35.97 -95.64 23.57
C GLU E 1443 -36.15 -97.14 23.40
N ARG E 1444 -37.37 -97.59 23.09
CA ARG E 1444 -37.59 -98.99 22.75
C ARG E 1444 -36.84 -99.40 21.50
N LYS E 1445 -36.74 -98.50 20.52
CA LYS E 1445 -35.91 -98.69 19.35
C LYS E 1445 -34.47 -98.28 19.57
N ASN E 1446 -34.13 -97.81 20.78
CA ASN E 1446 -32.77 -97.42 21.08
C ASN E 1446 -32.15 -98.46 22.01
N PRO E 1447 -31.31 -99.37 21.51
CA PRO E 1447 -30.74 -100.42 22.36
C PRO E 1447 -29.67 -99.94 23.32
N ALA E 1448 -29.25 -98.68 23.23
CA ALA E 1448 -28.36 -98.15 24.25
C ALA E 1448 -29.15 -97.75 25.47
N PRO E 1449 -28.64 -98.00 26.67
CA PRO E 1449 -29.36 -97.56 27.88
C PRO E 1449 -29.19 -96.06 28.09
N GLN E 1450 -30.28 -95.42 28.54
CA GLN E 1450 -30.36 -93.97 28.66
C GLN E 1450 -30.81 -93.62 30.06
N CYS E 1451 -30.63 -92.35 30.44
CA CYS E 1451 -31.04 -91.86 31.75
C CYS E 1451 -31.67 -90.49 31.60
N PRO E 1452 -32.99 -90.43 31.40
CA PRO E 1452 -33.68 -89.14 31.36
C PRO E 1452 -33.76 -88.54 32.75
N PRO E 1453 -34.11 -87.25 32.85
CA PRO E 1453 -34.37 -86.66 34.18
C PRO E 1453 -35.63 -87.15 34.84
N ARG E 1454 -36.47 -87.91 34.12
CA ARG E 1454 -37.70 -88.45 34.68
C ARG E 1454 -37.46 -89.54 35.72
N LEU E 1455 -36.26 -90.13 35.72
CA LEU E 1455 -35.92 -91.16 36.71
C LEU E 1455 -35.69 -90.49 38.05
N GLU E 1456 -36.71 -90.54 38.91
CA GLU E 1456 -36.70 -89.88 40.20
C GLU E 1456 -36.91 -90.90 41.30
N VAL E 1457 -36.18 -90.75 42.39
CA VAL E 1457 -36.28 -91.66 43.53
C VAL E 1457 -37.36 -91.14 44.47
N GLN E 1458 -38.33 -92.01 44.78
CA GLN E 1458 -39.37 -91.66 45.72
C GLN E 1458 -39.05 -92.16 47.13
N MET E 1459 -39.85 -91.69 48.08
CA MET E 1459 -39.80 -92.17 49.45
C MET E 1459 -41.17 -91.90 50.07
N LEU E 1460 -41.84 -92.98 50.50
CA LEU E 1460 -43.21 -92.86 50.97
C LEU E 1460 -43.30 -92.11 52.30
N MET E 1461 -44.34 -91.30 52.42
CA MET E 1461 -44.63 -90.57 53.64
C MET E 1461 -46.06 -90.85 54.08
N PRO E 1462 -46.26 -91.26 55.34
CA PRO E 1462 -47.61 -91.63 55.77
C PRO E 1462 -48.49 -90.48 56.22
N VAL E 1463 -48.42 -89.35 55.51
CA VAL E 1463 -49.39 -88.27 55.64
C VAL E 1463 -49.33 -87.43 54.37
N SER E 1464 -50.49 -87.14 53.79
CA SER E 1464 -50.63 -86.16 52.73
C SER E 1464 -51.75 -85.19 53.11
N TRP E 1465 -52.14 -84.34 52.17
CA TRP E 1465 -53.25 -83.42 52.40
C TRP E 1465 -54.40 -83.79 51.47
N SER E 1466 -55.23 -84.72 51.92
CA SER E 1466 -56.46 -85.07 51.22
C SER E 1466 -57.49 -83.96 51.42
N ARG E 1467 -58.48 -83.97 50.55
CA ARG E 1467 -59.55 -82.97 50.57
C ARG E 1467 -60.84 -83.57 51.10
N MET E 1468 -61.45 -82.90 52.06
CA MET E 1468 -62.80 -83.25 52.48
C MET E 1468 -63.79 -82.83 51.41
N PRO E 1469 -64.65 -83.72 50.94
CA PRO E 1469 -65.73 -83.29 50.05
C PRO E 1469 -66.74 -82.43 50.78
N ASN E 1470 -67.26 -81.44 50.06
CA ASN E 1470 -68.29 -80.57 50.61
C ASN E 1470 -69.61 -81.31 50.82
N HIS E 1471 -69.82 -82.42 50.12
CA HIS E 1471 -71.03 -83.21 50.24
C HIS E 1471 -70.68 -84.68 50.26
N PHE E 1472 -71.29 -85.41 51.17
CA PHE E 1472 -71.17 -86.85 51.27
C PHE E 1472 -72.50 -87.50 50.90
N LEU E 1473 -72.55 -88.81 50.98
CA LEU E 1473 -73.82 -89.52 50.82
C LEU E 1473 -74.70 -89.23 52.03
N GLN E 1474 -75.82 -88.54 51.80
CA GLN E 1474 -76.67 -88.05 52.87
C GLN E 1474 -77.45 -89.14 53.57
N VAL E 1475 -77.49 -90.35 53.01
CA VAL E 1475 -78.10 -91.49 53.66
C VAL E 1475 -77.20 -92.70 53.50
N GLU E 1482 -82.02 -100.07 60.80
CA GLU E 1482 -83.42 -100.08 61.20
C GLU E 1482 -83.84 -101.47 61.68
N ARG E 1483 -84.93 -101.99 61.12
CA ARG E 1483 -85.43 -103.33 61.41
C ARG E 1483 -85.14 -104.24 60.23
N LEU E 1484 -85.52 -105.52 60.40
CA LEU E 1484 -85.30 -106.60 59.43
C LEU E 1484 -83.83 -106.71 59.07
N GLY E 1485 -83.04 -107.03 60.09
CA GLY E 1485 -81.60 -107.08 59.94
C GLY E 1485 -80.94 -105.75 59.76
N TRP E 1486 -81.46 -104.70 60.40
CA TRP E 1486 -80.90 -103.34 60.40
C TRP E 1486 -80.81 -102.77 58.98
N ALA E 1487 -81.99 -102.52 58.42
CA ALA E 1487 -82.13 -101.98 57.08
C ALA E 1487 -81.40 -100.64 56.95
N VAL E 1488 -80.39 -100.61 56.08
CA VAL E 1488 -79.58 -99.44 55.82
C VAL E 1488 -80.14 -98.74 54.59
N GLN E 1489 -80.43 -97.45 54.71
CA GLN E 1489 -80.95 -96.66 53.60
C GLN E 1489 -79.86 -95.73 53.07
N CYS E 1490 -79.63 -95.78 51.76
CA CYS E 1490 -78.74 -94.86 51.07
C CYS E 1490 -79.24 -94.71 49.64
N GLN E 1491 -80.05 -93.68 49.38
CA GLN E 1491 -80.74 -93.56 48.11
C GLN E 1491 -80.47 -92.27 47.36
N ASP E 1492 -79.77 -91.29 47.94
CA ASP E 1492 -79.54 -90.03 47.25
C ASP E 1492 -78.38 -90.17 46.28
N PRO E 1493 -78.58 -89.86 45.00
CA PRO E 1493 -77.48 -89.94 44.04
C PRO E 1493 -76.51 -88.77 44.18
N LEU E 1494 -75.22 -89.08 44.07
CA LEU E 1494 -74.19 -88.07 44.21
C LEU E 1494 -72.99 -88.47 43.37
N THR E 1495 -72.45 -87.50 42.64
CA THR E 1495 -71.32 -87.74 41.75
C THR E 1495 -70.27 -86.66 41.97
N MET E 1496 -69.14 -86.83 41.31
CA MET E 1496 -68.06 -85.85 41.28
C MET E 1496 -67.23 -86.11 40.03
N MET E 1497 -66.33 -85.19 39.72
CA MET E 1497 -65.34 -85.42 38.69
C MET E 1497 -63.95 -85.32 39.30
N ALA E 1498 -63.00 -86.03 38.69
CA ALA E 1498 -61.73 -86.27 39.35
C ALA E 1498 -60.70 -86.71 38.32
N LEU E 1499 -59.51 -86.13 38.39
CA LEU E 1499 -58.43 -86.50 37.48
C LEU E 1499 -57.87 -87.89 37.80
N HIS E 1500 -56.91 -88.29 36.98
CA HIS E 1500 -56.26 -89.58 37.12
C HIS E 1500 -54.90 -89.51 36.45
N ILE E 1501 -53.84 -89.68 37.23
CA ILE E 1501 -52.49 -89.70 36.67
C ILE E 1501 -52.29 -91.01 35.89
N PRO E 1502 -51.70 -90.97 34.71
CA PRO E 1502 -51.47 -92.22 33.97
C PRO E 1502 -50.21 -92.95 34.42
N GLU E 1503 -49.22 -92.18 34.90
CA GLU E 1503 -47.93 -92.78 35.24
C GLU E 1503 -48.00 -93.58 36.54
N GLU E 1504 -48.48 -92.96 37.61
CA GLU E 1504 -48.59 -93.67 38.88
C GLU E 1504 -49.86 -94.51 38.94
N ASN E 1505 -50.81 -94.25 38.02
CA ASN E 1505 -52.09 -94.97 37.90
C ASN E 1505 -52.88 -94.90 39.21
N ARG E 1506 -53.20 -93.67 39.60
CA ARG E 1506 -54.06 -93.45 40.76
C ARG E 1506 -54.95 -92.25 40.46
N CYS E 1507 -56.08 -92.20 41.16
CA CYS E 1507 -57.06 -91.15 40.98
C CYS E 1507 -56.76 -89.99 41.90
N MET E 1508 -57.34 -88.84 41.58
CA MET E 1508 -57.19 -87.62 42.37
C MET E 1508 -58.31 -86.67 41.99
N ASP E 1509 -58.79 -85.93 42.98
CA ASP E 1509 -59.90 -85.01 42.77
C ASP E 1509 -59.48 -83.86 41.87
N ILE E 1510 -60.46 -83.31 41.14
CA ILE E 1510 -60.22 -82.11 40.37
C ILE E 1510 -60.02 -80.91 41.28
N LEU E 1511 -60.53 -80.97 42.51
CA LEU E 1511 -60.36 -79.90 43.49
C LEU E 1511 -59.10 -80.07 44.32
N GLU E 1512 -58.24 -81.04 43.97
CA GLU E 1512 -56.90 -81.10 44.52
C GLU E 1512 -55.98 -80.04 43.93
N LEU E 1513 -56.35 -79.44 42.81
CA LEU E 1513 -55.43 -78.59 42.06
C LEU E 1513 -55.26 -77.21 42.65
N SER E 1514 -56.21 -76.77 43.48
CA SER E 1514 -56.08 -75.52 44.21
C SER E 1514 -55.19 -75.64 45.45
N GLU E 1515 -54.58 -76.80 45.66
CA GLU E 1515 -53.51 -77.00 46.60
C GLU E 1515 -52.17 -77.27 45.95
N ARG E 1516 -52.16 -77.94 44.78
CA ARG E 1516 -50.93 -78.33 44.13
C ARG E 1516 -50.18 -77.14 43.55
N LEU E 1517 -50.87 -76.30 42.77
CA LEU E 1517 -50.39 -75.02 42.23
C LEU E 1517 -49.18 -75.14 41.31
N ASP E 1518 -48.92 -76.30 40.78
CA ASP E 1518 -48.03 -76.43 39.64
C ASP E 1518 -48.58 -77.38 38.58
N LEU E 1519 -49.38 -78.36 39.00
CA LEU E 1519 -50.04 -79.22 38.04
C LEU E 1519 -51.19 -78.51 37.36
N GLN E 1520 -51.98 -77.74 38.15
CA GLN E 1520 -52.98 -76.85 37.59
C GLN E 1520 -52.34 -75.83 36.65
N ARG E 1521 -51.19 -75.29 37.05
CA ARG E 1521 -50.39 -74.44 36.19
C ARG E 1521 -49.97 -75.17 34.93
N PHE E 1522 -49.63 -76.45 35.03
CA PHE E 1522 -49.40 -77.23 33.83
C PHE E 1522 -50.70 -77.57 33.13
N HIS E 1523 -51.77 -77.80 33.90
CA HIS E 1523 -53.06 -78.08 33.29
C HIS E 1523 -53.68 -76.86 32.64
N SER E 1524 -53.31 -75.66 33.09
CA SER E 1524 -53.75 -74.44 32.42
C SER E 1524 -53.21 -74.35 31.00
N HIS E 1525 -52.04 -74.94 30.74
CA HIS E 1525 -51.55 -75.07 29.39
C HIS E 1525 -52.20 -76.23 28.65
N THR E 1526 -52.61 -77.27 29.38
CA THR E 1526 -53.46 -78.30 28.79
C THR E 1526 -54.85 -77.74 28.53
N LEU E 1527 -55.27 -76.79 29.37
CA LEU E 1527 -56.55 -76.10 29.18
C LEU E 1527 -56.58 -75.33 27.87
N ARG E 1528 -55.45 -74.74 27.48
CA ARG E 1528 -55.43 -73.87 26.30
C ARG E 1528 -54.94 -74.57 25.04
N LEU E 1529 -54.20 -75.67 25.17
CA LEU E 1529 -53.67 -76.36 23.99
C LEU E 1529 -54.79 -77.00 23.18
N TYR E 1530 -55.87 -77.38 23.85
CA TYR E 1530 -57.02 -77.95 23.16
C TYR E 1530 -57.72 -76.91 22.29
N ARG E 1531 -57.70 -75.63 22.71
CA ARG E 1531 -58.16 -74.57 21.82
C ARG E 1531 -57.20 -74.37 20.66
N ALA E 1532 -55.92 -74.64 20.88
CA ALA E 1532 -54.92 -74.40 19.85
C ALA E 1532 -55.02 -75.46 18.76
N VAL E 1533 -55.14 -76.73 19.15
CA VAL E 1533 -55.20 -77.81 18.18
C VAL E 1533 -56.52 -77.73 17.40
N CYS E 1534 -57.61 -77.41 18.09
CA CYS E 1534 -58.87 -77.09 17.41
C CYS E 1534 -58.84 -75.62 17.03
N ALA E 1535 -58.09 -75.33 15.98
CA ALA E 1535 -57.90 -73.99 15.45
C ALA E 1535 -59.10 -73.55 14.64
N LEU E 1536 -58.88 -72.57 13.75
CA LEU E 1536 -59.83 -72.23 12.69
C LEU E 1536 -60.30 -73.49 11.97
N GLY E 1537 -61.59 -73.48 11.61
CA GLY E 1537 -62.49 -74.61 11.73
C GLY E 1537 -62.01 -75.99 11.32
N ASN E 1538 -61.83 -76.84 12.34
CA ASN E 1538 -61.31 -78.18 12.14
C ASN E 1538 -62.23 -79.11 12.93
N ASN E 1539 -63.33 -79.49 12.30
CA ASN E 1539 -64.34 -80.31 12.97
C ASN E 1539 -64.03 -81.78 12.88
N ARG E 1540 -63.07 -82.17 12.04
CA ARG E 1540 -62.56 -83.53 12.07
C ARG E 1540 -61.86 -83.81 13.39
N VAL E 1541 -61.23 -82.79 13.97
CA VAL E 1541 -60.63 -82.89 15.29
C VAL E 1541 -61.66 -82.55 16.38
N ALA E 1542 -62.56 -81.61 16.10
CA ALA E 1542 -63.54 -81.19 17.10
C ALA E 1542 -64.58 -82.27 17.37
N HIS E 1543 -64.91 -83.08 16.36
CA HIS E 1543 -65.68 -84.28 16.62
C HIS E 1543 -64.88 -85.29 17.43
N ALA E 1544 -63.57 -85.37 17.18
CA ALA E 1544 -62.69 -86.27 17.93
C ALA E 1544 -62.26 -85.69 19.27
N LEU E 1545 -62.63 -84.44 19.56
CA LEU E 1545 -62.17 -83.76 20.77
C LEU E 1545 -62.97 -84.15 22.00
N CYS E 1546 -64.24 -84.55 21.83
CA CYS E 1546 -65.10 -84.78 22.99
C CYS E 1546 -64.75 -86.06 23.74
N SER E 1547 -63.94 -86.94 23.15
CA SER E 1547 -63.52 -88.16 23.82
C SER E 1547 -62.50 -87.89 24.92
N HIS E 1548 -61.78 -86.77 24.83
CA HIS E 1548 -60.64 -86.56 25.71
C HIS E 1548 -61.10 -86.24 27.13
N VAL E 1549 -62.10 -85.38 27.27
CA VAL E 1549 -62.63 -85.12 28.60
C VAL E 1549 -63.97 -85.83 28.75
N ASP E 1550 -65.00 -85.33 28.05
CA ASP E 1550 -66.35 -85.89 28.02
C ASP E 1550 -67.26 -85.14 27.07
N GLN E 1551 -68.53 -85.50 27.12
CA GLN E 1551 -69.63 -84.59 26.84
C GLN E 1551 -70.37 -84.18 28.10
N ALA E 1552 -70.37 -85.05 29.13
CA ALA E 1552 -71.18 -84.85 30.32
C ALA E 1552 -70.54 -83.86 31.29
N GLN E 1553 -69.31 -84.15 31.75
CA GLN E 1553 -68.69 -83.33 32.78
C GLN E 1553 -68.22 -81.97 32.27
N LEU E 1554 -68.32 -81.73 30.95
CA LEU E 1554 -68.28 -80.37 30.46
C LEU E 1554 -69.47 -79.56 30.97
N LEU E 1555 -70.60 -80.21 31.23
CA LEU E 1555 -71.75 -79.53 31.78
C LEU E 1555 -71.77 -79.57 33.31
N HIS E 1556 -71.02 -80.49 33.92
CA HIS E 1556 -70.89 -80.59 35.36
C HIS E 1556 -69.99 -79.51 35.94
N ALA E 1557 -68.94 -79.13 35.21
CA ALA E 1557 -68.05 -78.09 35.70
C ALA E 1557 -68.72 -76.71 35.69
N LEU E 1558 -69.70 -76.50 34.81
CA LEU E 1558 -70.51 -75.29 34.87
C LEU E 1558 -71.33 -75.26 36.14
N GLU E 1559 -71.88 -76.41 36.55
CA GLU E 1559 -72.70 -76.50 37.74
C GLU E 1559 -71.88 -76.29 39.01
N ASP E 1560 -70.60 -76.67 39.00
CA ASP E 1560 -69.77 -76.55 40.18
C ASP E 1560 -69.44 -75.10 40.45
N ALA E 1561 -69.75 -74.66 41.68
CA ALA E 1561 -69.62 -73.25 42.02
C ALA E 1561 -68.26 -72.88 42.61
N HIS E 1562 -67.60 -73.79 43.32
CA HIS E 1562 -66.31 -73.51 43.93
C HIS E 1562 -65.20 -74.24 43.18
N LEU E 1563 -64.12 -73.52 42.92
CA LEU E 1563 -63.02 -73.87 42.04
C LEU E 1563 -61.98 -72.75 42.10
N PRO E 1564 -60.71 -72.99 41.75
CA PRO E 1564 -59.74 -71.88 41.78
C PRO E 1564 -59.91 -70.86 40.66
N GLY E 1565 -60.24 -71.27 39.43
CA GLY E 1565 -60.51 -70.31 38.38
C GLY E 1565 -59.60 -70.35 37.17
N PRO E 1566 -58.28 -70.44 37.35
CA PRO E 1566 -57.41 -70.88 36.24
C PRO E 1566 -57.55 -72.35 35.92
N LEU E 1567 -58.32 -73.08 36.73
CA LEU E 1567 -58.91 -74.37 36.44
C LEU E 1567 -60.22 -74.10 35.69
N ARG E 1568 -61.19 -75.01 35.80
CA ARG E 1568 -62.40 -75.19 34.98
C ARG E 1568 -63.20 -73.93 34.64
N ALA E 1569 -62.99 -72.82 35.35
CA ALA E 1569 -63.54 -71.55 34.90
C ALA E 1569 -62.85 -71.10 33.62
N GLY E 1570 -61.61 -71.53 33.42
CA GLY E 1570 -60.94 -71.40 32.15
C GLY E 1570 -61.41 -72.35 31.08
N TYR E 1571 -62.11 -73.43 31.44
CA TYR E 1571 -62.59 -74.37 30.43
C TYR E 1571 -63.63 -73.78 29.51
N TYR E 1572 -64.43 -72.82 30.00
CA TYR E 1572 -65.61 -72.39 29.26
C TYR E 1572 -65.32 -71.29 28.25
N ASP E 1573 -64.09 -71.26 27.76
CA ASP E 1573 -63.81 -70.79 26.41
C ASP E 1573 -63.53 -71.95 25.46
N LEU E 1574 -63.06 -73.10 25.96
CA LEU E 1574 -62.79 -74.25 25.09
C LEU E 1574 -64.10 -74.85 24.57
N LEU E 1575 -65.12 -74.88 25.41
CA LEU E 1575 -66.47 -75.17 24.94
C LEU E 1575 -66.91 -74.16 23.89
N ILE E 1576 -66.53 -72.90 24.08
CA ILE E 1576 -66.86 -71.87 23.11
C ILE E 1576 -65.96 -71.99 21.88
N SER E 1577 -64.70 -72.39 22.08
CA SER E 1577 -63.74 -72.50 20.99
C SER E 1577 -64.02 -73.65 20.04
N ILE E 1578 -64.93 -74.57 20.38
CA ILE E 1578 -65.28 -75.66 19.48
C ILE E 1578 -66.74 -75.61 19.05
N HIS E 1579 -67.52 -74.64 19.53
CA HIS E 1579 -68.91 -74.59 19.08
C HIS E 1579 -69.33 -73.22 18.57
N LEU E 1580 -68.86 -72.13 19.17
CA LEU E 1580 -69.03 -70.81 18.57
C LEU E 1580 -68.20 -70.67 17.31
N GLU E 1581 -67.11 -71.42 17.21
CA GLU E 1581 -66.04 -71.14 16.26
C GLU E 1581 -66.49 -71.39 14.83
N SER E 1582 -67.14 -72.53 14.58
CA SER E 1582 -67.72 -72.77 13.27
C SER E 1582 -69.07 -72.09 13.10
N ALA E 1583 -69.65 -71.54 14.17
CA ALA E 1583 -70.98 -70.96 14.15
C ALA E 1583 -70.97 -69.45 14.00
N CYS E 1584 -70.26 -68.74 14.89
CA CYS E 1584 -70.28 -67.27 14.86
C CYS E 1584 -69.54 -66.71 13.66
N ARG E 1585 -68.44 -67.36 13.26
CA ARG E 1585 -67.67 -66.89 12.12
C ARG E 1585 -68.47 -66.98 10.83
N SER E 1586 -69.27 -68.03 10.69
CA SER E 1586 -70.28 -68.06 9.64
C SER E 1586 -71.31 -66.97 9.85
N ARG E 1587 -71.76 -66.80 11.10
CA ARG E 1587 -72.81 -65.83 11.42
C ARG E 1587 -72.35 -64.39 11.27
N ARG E 1588 -71.15 -64.06 11.77
CA ARG E 1588 -70.65 -62.69 11.68
C ARG E 1588 -70.28 -62.31 10.26
N SER E 1589 -69.97 -63.29 9.40
CA SER E 1589 -69.76 -63.02 7.99
C SER E 1589 -71.06 -62.60 7.32
N MET E 1590 -72.15 -63.29 7.67
CA MET E 1590 -73.48 -62.99 7.14
C MET E 1590 -74.17 -61.88 7.91
N LEU E 1591 -73.52 -61.31 8.94
CA LEU E 1591 -74.20 -60.40 9.84
C LEU E 1591 -74.46 -59.06 9.18
N SER E 1592 -73.46 -58.48 8.55
CA SER E 1592 -73.63 -57.21 7.83
C SER E 1592 -73.98 -57.45 6.36
N GLU E 1593 -74.95 -58.33 6.14
CA GLU E 1593 -75.45 -58.63 4.80
C GLU E 1593 -76.96 -58.63 4.89
N TYR E 1594 -77.58 -57.49 4.60
CA TYR E 1594 -78.99 -57.26 4.85
C TYR E 1594 -79.76 -57.57 3.57
N ILE E 1595 -80.71 -58.50 3.67
CA ILE E 1595 -81.43 -59.01 2.51
C ILE E 1595 -82.78 -59.53 2.98
N VAL E 1596 -83.81 -59.29 2.18
CA VAL E 1596 -85.18 -59.51 2.64
C VAL E 1596 -86.08 -59.94 1.48
N PRO E 1597 -86.99 -60.90 1.69
CA PRO E 1597 -88.02 -61.19 0.66
C PRO E 1597 -89.23 -60.29 0.83
N LEU E 1598 -90.27 -60.51 0.05
CA LEU E 1598 -91.56 -59.86 0.31
C LEU E 1598 -92.47 -60.90 0.94
N THR E 1599 -92.48 -60.92 2.26
CA THR E 1599 -93.39 -61.72 3.05
C THR E 1599 -94.42 -60.80 3.68
N PRO E 1600 -95.55 -61.32 4.16
CA PRO E 1600 -96.42 -60.51 5.03
C PRO E 1600 -95.75 -60.12 6.34
N GLU E 1601 -94.78 -60.89 6.80
CA GLU E 1601 -93.93 -60.45 7.90
C GLU E 1601 -93.10 -59.25 7.49
N THR E 1602 -92.57 -59.26 6.27
CA THR E 1602 -91.91 -58.08 5.73
C THR E 1602 -92.90 -56.96 5.46
N ARG E 1603 -94.05 -57.28 4.86
CA ARG E 1603 -95.08 -56.28 4.56
C ARG E 1603 -95.65 -55.64 5.82
N ALA E 1604 -95.70 -56.37 6.93
CA ALA E 1604 -96.09 -55.78 8.20
C ALA E 1604 -94.91 -55.93 9.16
N ILE E 1605 -93.97 -54.98 9.08
CA ILE E 1605 -93.03 -54.73 10.17
C ILE E 1605 -92.61 -53.26 10.17
N THR E 1606 -92.80 -52.62 11.31
CA THR E 1606 -92.45 -51.22 11.55
C THR E 1606 -92.34 -51.07 13.06
N LEU E 1607 -92.41 -49.83 13.54
CA LEU E 1607 -92.40 -49.54 14.97
C LEU E 1607 -93.58 -50.22 15.67
N PHE E 1608 -94.81 -49.93 15.21
CA PHE E 1608 -96.10 -50.44 15.69
C PHE E 1608 -96.28 -50.51 17.21
N PRO E 1609 -96.49 -49.40 17.91
CA PRO E 1609 -96.85 -49.50 19.33
C PRO E 1609 -98.35 -49.60 19.53
N PRO E 1610 -98.84 -50.66 20.18
CA PRO E 1610 -100.27 -50.76 20.48
C PRO E 1610 -100.61 -49.96 21.73
N GLY E 1611 -101.50 -48.98 21.58
CA GLY E 1611 -101.95 -48.21 22.71
C GLY E 1611 -102.83 -47.03 22.34
N ARG E 1612 -102.62 -45.90 23.00
CA ARG E 1612 -103.36 -44.66 22.75
C ARG E 1612 -102.51 -43.67 21.97
N LYS E 1613 -101.72 -44.17 21.01
CA LYS E 1613 -100.83 -43.41 20.14
C LYS E 1613 -99.79 -42.60 20.92
N GLY E 1614 -99.40 -43.04 22.11
CA GLY E 1614 -98.39 -42.35 22.88
C GLY E 1614 -97.04 -43.03 22.80
N GLY E 1615 -97.04 -44.34 22.57
CA GLY E 1615 -95.80 -45.09 22.45
C GLY E 1615 -95.04 -44.83 21.17
N ASN E 1616 -95.69 -44.21 20.17
CA ASN E 1616 -94.96 -43.80 18.98
C ASN E 1616 -94.05 -42.61 19.29
N ALA E 1617 -94.57 -41.63 20.03
CA ALA E 1617 -93.75 -40.52 20.51
C ALA E 1617 -92.86 -40.90 21.69
N ARG E 1618 -93.22 -41.95 22.42
CA ARG E 1618 -92.39 -42.47 23.51
C ARG E 1618 -91.40 -43.47 22.93
N ARG E 1619 -90.79 -44.27 23.82
CA ARG E 1619 -89.88 -45.33 23.39
C ARG E 1619 -90.64 -46.38 22.58
N HIS E 1620 -89.97 -46.90 21.55
CA HIS E 1620 -90.60 -47.77 20.57
C HIS E 1620 -90.67 -49.22 21.04
N GLY E 1621 -90.40 -49.49 22.31
CA GLY E 1621 -90.47 -50.84 22.85
C GLY E 1621 -89.14 -51.33 23.36
N LEU E 1622 -88.67 -52.45 22.82
CA LEU E 1622 -87.45 -53.09 23.25
C LEU E 1622 -86.68 -53.59 22.04
N PRO E 1623 -85.36 -53.72 22.14
CA PRO E 1623 -84.62 -54.51 21.16
C PRO E 1623 -84.84 -56.00 21.40
N GLY E 1624 -84.29 -56.80 20.50
CA GLY E 1624 -84.55 -58.23 20.57
C GLY E 1624 -85.97 -58.56 20.18
N VAL E 1625 -86.28 -58.39 18.90
CA VAL E 1625 -87.64 -58.55 18.39
C VAL E 1625 -87.63 -59.87 17.62
N GLY E 1626 -88.78 -60.28 17.07
CA GLY E 1626 -88.92 -61.58 16.47
C GLY E 1626 -88.32 -61.70 15.08
N VAL E 1627 -89.12 -62.17 14.13
CA VAL E 1627 -88.62 -62.49 12.79
C VAL E 1627 -88.23 -61.21 12.07
N THR E 1628 -86.92 -61.03 11.88
CA THR E 1628 -86.38 -59.90 11.15
C THR E 1628 -86.28 -60.16 9.65
N THR E 1629 -86.79 -61.32 9.18
CA THR E 1629 -86.92 -61.69 7.77
C THR E 1629 -85.59 -61.60 7.00
N SER E 1630 -84.50 -61.95 7.69
CA SER E 1630 -83.18 -61.99 7.09
C SER E 1630 -82.90 -63.40 6.61
N LEU E 1631 -82.15 -63.52 5.51
CA LEU E 1631 -81.91 -64.81 4.89
C LEU E 1631 -80.81 -65.51 5.67
N ARG E 1632 -81.22 -66.32 6.64
CA ARG E 1632 -80.31 -66.91 7.62
C ARG E 1632 -80.33 -68.44 7.52
N PRO E 1633 -79.19 -69.08 7.29
CA PRO E 1633 -79.14 -70.55 7.21
C PRO E 1633 -78.86 -71.15 8.58
N PRO E 1634 -79.12 -72.46 8.76
CA PRO E 1634 -78.79 -73.11 10.05
C PRO E 1634 -77.32 -73.46 10.18
N HIS E 1635 -76.96 -74.14 11.28
CA HIS E 1635 -75.56 -74.39 11.58
C HIS E 1635 -75.08 -75.80 11.24
N HIS E 1636 -76.01 -76.75 11.10
CA HIS E 1636 -75.76 -78.11 10.61
C HIS E 1636 -74.75 -78.86 11.50
N PHE E 1637 -75.21 -79.16 12.71
CA PHE E 1637 -74.40 -79.91 13.66
C PHE E 1637 -74.34 -81.39 13.27
N SER E 1638 -73.64 -82.18 14.09
CA SER E 1638 -73.50 -83.61 13.90
C SER E 1638 -73.14 -84.25 15.23
N PRO E 1639 -73.92 -85.20 15.72
CA PRO E 1639 -73.57 -85.89 16.96
C PRO E 1639 -72.38 -86.81 16.75
N PRO E 1640 -71.32 -86.64 17.54
CA PRO E 1640 -70.12 -87.48 17.34
C PRO E 1640 -70.28 -88.89 17.90
N CYS E 1641 -69.78 -89.85 17.13
CA CYS E 1641 -69.77 -91.24 17.54
C CYS E 1641 -68.50 -91.89 17.01
N PHE E 1642 -68.09 -92.98 17.65
CA PHE E 1642 -66.88 -93.69 17.23
C PHE E 1642 -67.06 -95.20 17.17
N VAL E 1643 -68.25 -95.72 17.49
CA VAL E 1643 -68.58 -97.11 17.17
C VAL E 1643 -68.93 -97.28 15.71
N ALA E 1644 -69.02 -96.18 14.94
CA ALA E 1644 -69.21 -96.25 13.51
C ALA E 1644 -67.94 -96.75 12.82
N ALA E 1645 -68.10 -97.15 11.56
CA ALA E 1645 -66.99 -97.68 10.80
C ALA E 1645 -66.10 -96.54 10.28
N LEU E 1646 -65.04 -96.95 9.57
CA LEU E 1646 -64.12 -95.99 8.99
C LEU E 1646 -64.76 -95.33 7.76
N PRO E 1647 -64.44 -94.06 7.50
CA PRO E 1647 -64.95 -93.40 6.29
C PRO E 1647 -64.22 -93.91 5.05
N ALA E 1648 -64.97 -94.02 3.95
CA ALA E 1648 -64.49 -94.48 2.63
C ALA E 1648 -63.78 -95.83 2.66
N GLU E 1653 -62.84 -86.63 0.49
CA GLU E 1653 -63.80 -87.44 -0.25
C GLU E 1653 -65.21 -86.88 -0.12
N ALA E 1654 -65.38 -85.97 0.84
CA ALA E 1654 -66.68 -85.40 1.16
C ALA E 1654 -66.45 -84.14 1.98
N PRO E 1655 -67.48 -83.28 2.11
CA PRO E 1655 -67.43 -82.25 3.15
C PRO E 1655 -67.53 -82.87 4.53
N ALA E 1656 -66.39 -83.35 5.04
CA ALA E 1656 -66.28 -84.43 6.01
C ALA E 1656 -67.02 -84.22 7.33
N ARG E 1657 -66.60 -83.25 8.13
CA ARG E 1657 -67.13 -83.09 9.48
C ARG E 1657 -67.70 -81.70 9.62
N LEU E 1658 -69.00 -81.62 9.94
CA LEU E 1658 -69.69 -80.33 9.94
C LEU E 1658 -69.52 -79.58 11.25
N SER E 1659 -70.03 -80.14 12.36
CA SER E 1659 -69.99 -79.53 13.70
C SER E 1659 -70.36 -80.56 14.77
N PRO E 1660 -69.61 -80.64 15.87
CA PRO E 1660 -70.06 -81.46 17.00
C PRO E 1660 -71.28 -80.85 17.66
N ALA E 1661 -72.16 -81.70 18.17
CA ALA E 1661 -73.50 -81.30 18.56
C ALA E 1661 -73.71 -81.33 20.07
N ILE E 1662 -74.48 -80.36 20.56
CA ILE E 1662 -74.91 -80.29 21.95
C ILE E 1662 -76.40 -79.94 21.93
N PRO E 1663 -77.23 -80.53 22.81
CA PRO E 1663 -78.55 -79.93 23.08
C PRO E 1663 -78.41 -78.51 23.63
N LEU E 1664 -78.90 -77.54 22.87
CA LEU E 1664 -78.58 -76.15 23.13
C LEU E 1664 -79.60 -75.42 23.98
N GLU E 1665 -80.89 -75.73 23.82
CA GLU E 1665 -81.93 -74.96 24.50
C GLU E 1665 -81.94 -75.21 26.00
N ALA E 1666 -81.67 -76.46 26.41
CA ALA E 1666 -81.49 -76.73 27.83
C ALA E 1666 -80.18 -76.15 28.34
N LEU E 1667 -79.15 -76.15 27.51
CA LEU E 1667 -77.90 -75.50 27.87
C LEU E 1667 -78.06 -73.98 27.89
N ARG E 1668 -78.96 -73.47 27.06
CA ARG E 1668 -79.31 -72.04 27.09
C ARG E 1668 -79.93 -71.66 28.42
N ASP E 1669 -80.89 -72.45 28.89
CA ASP E 1669 -81.56 -72.14 30.16
C ASP E 1669 -80.63 -72.37 31.35
N LYS E 1670 -79.65 -73.27 31.21
CA LYS E 1670 -78.68 -73.47 32.28
C LYS E 1670 -77.76 -72.26 32.43
N ALA E 1671 -77.36 -71.67 31.31
CA ALA E 1671 -76.58 -70.44 31.35
C ALA E 1671 -77.44 -69.23 31.66
N LEU E 1672 -78.74 -69.29 31.33
CA LEU E 1672 -79.63 -68.16 31.58
C LEU E 1672 -79.89 -67.99 33.07
N ARG E 1673 -80.05 -69.11 33.78
CA ARG E 1673 -80.37 -69.02 35.21
C ARG E 1673 -79.16 -68.62 36.05
N MET E 1674 -77.95 -68.97 35.62
CA MET E 1674 -76.77 -68.63 36.40
C MET E 1674 -76.38 -67.17 36.20
N LEU E 1675 -76.83 -66.56 35.11
CA LEU E 1675 -76.55 -65.15 34.85
C LEU E 1675 -77.29 -64.27 35.86
N GLY E 1676 -78.60 -64.47 36.00
CA GLY E 1676 -79.35 -63.77 37.03
C GLY E 1676 -79.00 -64.19 38.43
N GLU E 1677 -78.49 -65.42 38.59
CA GLU E 1677 -77.97 -65.85 39.89
C GLU E 1677 -76.74 -65.06 40.30
N ALA E 1678 -75.81 -64.87 39.37
CA ALA E 1678 -74.56 -64.18 39.67
C ALA E 1678 -74.80 -62.70 39.92
N VAL E 1679 -75.86 -62.13 39.34
CA VAL E 1679 -76.25 -60.75 39.68
C VAL E 1679 -76.70 -60.68 41.13
N ARG E 1680 -77.53 -61.63 41.57
CA ARG E 1680 -77.93 -61.69 42.96
C ARG E 1680 -76.77 -62.13 43.85
N ASP E 1681 -75.85 -62.94 43.32
CA ASP E 1681 -74.69 -63.37 44.10
C ASP E 1681 -73.68 -62.24 44.30
N GLY E 1682 -73.54 -61.36 43.31
CA GLY E 1682 -72.64 -60.23 43.48
C GLY E 1682 -73.20 -59.15 44.39
N GLY E 1683 -74.52 -58.96 44.35
CA GLY E 1683 -75.17 -57.99 45.21
C GLY E 1683 -75.17 -58.32 46.69
N GLN E 1684 -74.91 -59.58 47.04
CA GLN E 1684 -74.76 -59.95 48.44
C GLN E 1684 -73.44 -59.48 49.02
N HIS E 1685 -72.47 -59.16 48.17
CA HIS E 1685 -71.14 -58.65 48.55
C HIS E 1685 -70.41 -59.63 49.46
N ALA E 1686 -70.46 -60.90 49.08
CA ALA E 1686 -69.83 -61.95 49.86
C ALA E 1686 -68.32 -61.97 49.63
N ARG E 1687 -67.60 -62.46 50.64
CA ARG E 1687 -66.18 -62.75 50.54
C ARG E 1687 -65.91 -64.13 49.97
N ASP E 1688 -66.92 -64.75 49.35
CA ASP E 1688 -66.92 -66.08 48.77
C ASP E 1688 -66.22 -66.28 47.43
N PRO E 1689 -66.21 -65.28 46.51
CA PRO E 1689 -66.60 -65.43 45.10
C PRO E 1689 -66.04 -66.58 44.28
N VAL E 1690 -66.82 -66.94 43.25
CA VAL E 1690 -66.51 -68.05 42.36
C VAL E 1690 -65.15 -67.83 41.70
N GLY E 1691 -64.29 -68.83 41.80
CA GLY E 1691 -62.94 -68.70 41.30
C GLY E 1691 -62.06 -67.75 42.08
N GLY E 1692 -62.36 -67.49 43.34
CA GLY E 1692 -61.51 -66.69 44.18
C GLY E 1692 -61.78 -65.20 44.16
N SER E 1693 -62.01 -64.63 42.97
CA SER E 1693 -62.14 -63.18 42.85
C SER E 1693 -63.43 -62.85 42.09
N VAL E 1694 -63.61 -61.55 41.85
CA VAL E 1694 -64.80 -61.06 41.17
C VAL E 1694 -64.78 -61.43 39.70
N GLU E 1695 -63.62 -61.26 39.06
CA GLU E 1695 -63.50 -61.49 37.62
C GLU E 1695 -63.69 -62.96 37.28
N PHE E 1696 -63.28 -63.86 38.17
CA PHE E 1696 -63.58 -65.26 37.94
C PHE E 1696 -65.02 -65.60 38.27
N GLN E 1697 -65.64 -64.84 39.18
CA GLN E 1697 -67.07 -65.00 39.41
C GLN E 1697 -67.86 -64.51 38.20
N PHE E 1698 -67.34 -63.49 37.52
CA PHE E 1698 -67.86 -63.08 36.22
C PHE E 1698 -67.07 -63.80 35.12
N VAL E 1699 -67.18 -65.13 35.20
CA VAL E 1699 -66.61 -66.18 34.36
C VAL E 1699 -67.02 -65.95 32.90
N PRO E 1700 -66.27 -66.49 31.90
CA PRO E 1700 -66.72 -66.44 30.49
C PRO E 1700 -68.02 -67.14 30.12
N VAL E 1701 -68.82 -67.58 31.10
CA VAL E 1701 -70.27 -67.75 30.89
C VAL E 1701 -70.90 -66.45 30.38
N LEU E 1702 -70.35 -65.29 30.80
CA LEU E 1702 -70.69 -64.02 30.18
C LEU E 1702 -70.42 -64.01 28.68
N LYS E 1703 -69.33 -64.65 28.25
CA LYS E 1703 -69.11 -64.83 26.82
C LYS E 1703 -70.05 -65.88 26.25
N LEU E 1704 -70.37 -66.90 27.05
CA LEU E 1704 -71.37 -67.89 26.64
C LEU E 1704 -72.75 -67.28 26.49
N VAL E 1705 -73.05 -66.23 27.26
CA VAL E 1705 -74.25 -65.43 27.04
C VAL E 1705 -74.22 -64.82 25.64
N SER E 1706 -73.09 -64.23 25.27
CA SER E 1706 -72.94 -63.65 23.94
C SER E 1706 -72.79 -64.71 22.86
N THR E 1707 -72.40 -65.94 23.23
CA THR E 1707 -72.23 -67.03 22.26
C THR E 1707 -73.55 -67.38 21.60
N LEU E 1708 -74.57 -67.65 22.40
CA LEU E 1708 -75.88 -67.95 21.85
C LEU E 1708 -76.59 -66.68 21.39
N LEU E 1709 -76.13 -65.52 21.83
CA LEU E 1709 -76.78 -64.26 21.47
C LEU E 1709 -76.51 -63.90 20.02
N VAL E 1710 -75.25 -64.03 19.58
CA VAL E 1710 -74.91 -63.80 18.19
C VAL E 1710 -75.51 -64.87 17.29
N MET E 1711 -75.69 -66.09 17.81
CA MET E 1711 -76.28 -67.16 17.04
C MET E 1711 -77.80 -67.07 16.99
N GLY E 1712 -78.41 -66.18 17.76
CA GLY E 1712 -79.85 -66.01 17.75
C GLY E 1712 -80.61 -67.14 18.41
N ILE E 1713 -80.07 -67.70 19.50
CA ILE E 1713 -80.69 -68.86 20.12
C ILE E 1713 -81.76 -68.45 21.12
N PHE E 1714 -81.56 -67.33 21.81
CA PHE E 1714 -82.47 -66.86 22.84
C PHE E 1714 -83.82 -66.47 22.25
N GLY E 1715 -84.89 -66.91 22.93
CA GLY E 1715 -86.23 -66.49 22.61
C GLY E 1715 -86.50 -65.08 23.08
N ASP E 1716 -87.71 -64.60 22.78
CA ASP E 1716 -88.06 -63.21 23.09
C ASP E 1716 -88.18 -63.01 24.60
N GLU E 1717 -88.68 -64.01 25.31
CA GLU E 1717 -88.68 -63.93 26.77
C GLU E 1717 -87.29 -64.18 27.33
N ASP E 1718 -86.47 -64.95 26.61
CA ASP E 1718 -85.07 -65.09 27.00
C ASP E 1718 -84.31 -63.80 26.75
N VAL E 1719 -84.65 -63.08 25.67
CA VAL E 1719 -84.22 -61.71 25.49
C VAL E 1719 -84.75 -60.83 26.61
N LYS E 1720 -86.02 -61.01 26.97
CA LYS E 1720 -86.62 -60.22 28.04
C LYS E 1720 -85.99 -60.54 29.40
N GLN E 1721 -85.51 -61.77 29.58
CA GLN E 1721 -84.92 -62.14 30.86
C GLN E 1721 -83.51 -61.58 31.01
N ILE E 1722 -82.71 -61.59 29.95
CA ILE E 1722 -81.35 -61.09 30.05
C ILE E 1722 -81.29 -59.57 30.06
N LEU E 1723 -82.34 -58.90 29.59
CA LEU E 1723 -82.45 -57.45 29.79
C LEU E 1723 -83.03 -57.09 31.14
N LYS E 1724 -83.49 -58.07 31.93
CA LYS E 1724 -84.05 -57.79 33.24
C LYS E 1724 -82.99 -57.52 34.29
N MET E 1725 -81.71 -57.59 33.94
CA MET E 1725 -80.65 -57.19 34.88
C MET E 1725 -80.51 -55.69 34.98
N ILE E 1726 -80.96 -54.94 33.97
CA ILE E 1726 -80.99 -53.48 34.02
C ILE E 1726 -82.46 -53.12 33.80
N GLU E 1727 -83.35 -53.96 34.31
CA GLU E 1727 -84.80 -53.78 34.20
C GLU E 1727 -85.35 -52.41 34.61
N PRO E 1728 -84.85 -51.71 35.64
CA PRO E 1728 -85.33 -50.33 35.86
C PRO E 1728 -84.92 -49.35 34.77
N GLU E 1729 -83.91 -49.66 33.98
CA GLU E 1729 -83.56 -48.82 32.84
C GLU E 1729 -84.06 -49.40 31.53
N VAL E 1730 -84.16 -50.73 31.43
CA VAL E 1730 -84.76 -51.35 30.26
C VAL E 1730 -86.25 -51.04 30.18
N PHE E 1731 -86.94 -51.04 31.33
CA PHE E 1731 -88.30 -50.50 31.50
C PHE E 1731 -89.31 -51.21 30.59
N THR E 1732 -89.57 -52.47 30.94
CA THR E 1732 -90.47 -53.35 30.20
C THR E 1732 -91.90 -52.78 30.14
N GLU E 1733 -92.71 -53.40 29.28
CA GLU E 1733 -93.98 -52.82 28.84
C GLU E 1733 -95.06 -52.82 29.92
N GLU E 1734 -94.86 -53.51 31.03
CA GLU E 1734 -95.84 -53.53 32.11
C GLU E 1734 -95.86 -52.21 32.86
N LEU E 1782 -82.08 -53.95 47.58
CA LEU E 1782 -83.17 -54.32 46.68
C LEU E 1782 -82.63 -54.95 45.40
N GLU E 1783 -83.45 -54.94 44.35
CA GLU E 1783 -83.06 -55.48 43.05
C GLU E 1783 -82.15 -54.47 42.36
N GLU E 1784 -80.86 -54.54 42.67
CA GLU E 1784 -79.89 -53.62 42.11
C GLU E 1784 -79.60 -53.96 40.65
N GLY E 1785 -79.38 -52.92 39.86
CA GLY E 1785 -79.11 -53.11 38.45
C GLY E 1785 -77.75 -53.71 38.19
N LEU E 1786 -77.58 -54.17 36.95
CA LEU E 1786 -76.32 -54.78 36.56
C LEU E 1786 -75.20 -53.76 36.46
N LEU E 1787 -75.53 -52.54 36.03
CA LEU E 1787 -74.50 -51.55 35.73
C LEU E 1787 -73.86 -50.96 36.98
N GLN E 1788 -74.53 -51.06 38.13
CA GLN E 1788 -74.11 -50.33 39.31
C GLN E 1788 -73.10 -51.08 40.16
N MET E 1789 -72.56 -52.19 39.68
CA MET E 1789 -71.51 -52.89 40.42
C MET E 1789 -70.14 -52.47 39.93
N LYS E 1790 -69.13 -52.64 40.79
CA LYS E 1790 -67.76 -52.29 40.45
C LYS E 1790 -67.16 -53.32 39.51
N LEU E 1791 -67.51 -53.23 38.23
CA LEU E 1791 -67.08 -54.18 37.23
C LEU E 1791 -65.79 -53.66 36.60
N PRO E 1792 -64.60 -54.15 37.02
CA PRO E 1792 -63.36 -53.39 36.81
C PRO E 1792 -62.92 -53.13 35.37
N GLU E 1793 -62.54 -54.16 34.62
CA GLU E 1793 -62.17 -53.93 33.23
C GLU E 1793 -62.77 -54.97 32.30
N SER E 1794 -62.74 -56.23 32.73
CA SER E 1794 -63.06 -57.34 31.84
C SER E 1794 -64.55 -57.56 31.70
N VAL E 1795 -65.34 -57.17 32.69
CA VAL E 1795 -66.78 -57.34 32.57
C VAL E 1795 -67.33 -56.27 31.63
N LYS E 1796 -66.71 -55.09 31.60
CA LYS E 1796 -67.19 -54.01 30.76
C LYS E 1796 -66.93 -54.29 29.28
N LEU E 1797 -65.80 -54.90 28.95
CA LEU E 1797 -65.53 -55.20 27.55
C LEU E 1797 -66.43 -56.31 27.03
N GLN E 1798 -66.76 -57.27 27.90
CA GLN E 1798 -67.83 -58.21 27.57
C GLN E 1798 -69.17 -57.49 27.48
N MET E 1799 -69.38 -56.48 28.33
CA MET E 1799 -70.58 -55.66 28.23
C MET E 1799 -70.55 -54.79 26.99
N CYS E 1800 -69.35 -54.34 26.58
CA CYS E 1800 -69.21 -53.66 25.31
C CYS E 1800 -69.44 -54.62 24.15
N ASN E 1801 -69.06 -55.88 24.31
CA ASN E 1801 -69.45 -56.89 23.33
C ASN E 1801 -70.95 -57.14 23.37
N LEU E 1802 -71.54 -57.07 24.58
CA LEU E 1802 -72.96 -57.30 24.74
C LEU E 1802 -73.78 -56.20 24.10
N LEU E 1803 -73.50 -54.95 24.48
CA LEU E 1803 -74.32 -53.82 24.03
C LEU E 1803 -74.05 -53.43 22.59
N GLU E 1804 -72.98 -53.95 21.98
CA GLU E 1804 -72.79 -53.80 20.55
C GLU E 1804 -73.87 -54.53 19.77
N TYR E 1805 -74.32 -55.67 20.28
CA TYR E 1805 -75.35 -56.46 19.62
C TYR E 1805 -76.70 -55.73 19.62
N PHE E 1806 -76.97 -54.96 20.67
CA PHE E 1806 -78.29 -54.36 20.82
C PHE E 1806 -78.48 -53.16 19.91
N CYS E 1807 -77.40 -52.43 19.61
CA CYS E 1807 -77.49 -51.37 18.63
C CYS E 1807 -77.70 -51.93 17.23
N ASP E 1808 -77.20 -53.14 16.98
CA ASP E 1808 -77.46 -53.81 15.71
C ASP E 1808 -78.93 -54.19 15.59
N GLN E 1809 -79.56 -54.59 16.70
CA GLN E 1809 -80.93 -55.10 16.63
C GLN E 1809 -81.93 -53.98 16.36
N GLU E 1810 -81.67 -52.79 16.92
CA GLU E 1810 -82.44 -51.62 16.54
C GLU E 1810 -82.19 -51.25 15.09
N LEU E 1811 -80.92 -51.32 14.66
CA LEU E 1811 -80.58 -50.99 13.28
C LEU E 1811 -81.11 -52.03 12.31
N GLN E 1812 -81.10 -53.30 12.70
CA GLN E 1812 -81.72 -54.32 11.87
C GLN E 1812 -83.24 -54.17 11.85
N HIS E 1813 -83.81 -53.69 12.96
CA HIS E 1813 -85.20 -53.27 12.97
C HIS E 1813 -85.41 -52.02 12.12
N ARG E 1814 -84.41 -51.12 12.11
CA ARG E 1814 -84.52 -49.89 11.33
C ARG E 1814 -84.40 -50.17 9.85
N VAL E 1815 -83.46 -51.03 9.45
CA VAL E 1815 -83.20 -51.25 8.03
C VAL E 1815 -84.29 -52.09 7.39
N GLU E 1816 -85.07 -52.83 8.20
CA GLU E 1816 -86.16 -53.61 7.66
C GLU E 1816 -87.42 -52.78 7.54
N SER E 1817 -87.73 -51.99 8.57
CA SER E 1817 -88.90 -51.12 8.56
C SER E 1817 -88.78 -50.03 7.51
N LEU E 1818 -87.56 -49.59 7.21
CA LEU E 1818 -87.33 -48.75 6.05
C LEU E 1818 -87.61 -49.50 4.77
N ALA E 1819 -87.10 -50.73 4.66
CA ALA E 1819 -87.33 -51.55 3.48
C ALA E 1819 -88.78 -52.00 3.38
N ALA E 1820 -89.47 -52.10 4.53
CA ALA E 1820 -90.89 -52.45 4.50
C ALA E 1820 -91.72 -51.31 3.92
N PHE E 1821 -91.45 -50.07 4.35
CA PHE E 1821 -92.23 -48.93 3.88
C PHE E 1821 -91.98 -48.63 2.41
N ALA E 1822 -90.77 -48.91 1.93
CA ALA E 1822 -90.38 -48.55 0.57
C ALA E 1822 -90.91 -49.53 -0.48
N GLU E 1823 -91.66 -50.56 -0.09
CA GLU E 1823 -92.11 -51.54 -1.05
C GLU E 1823 -93.62 -51.52 -1.27
N ARG E 1824 -94.41 -51.32 -0.20
CA ARG E 1824 -95.84 -51.14 -0.40
C ARG E 1824 -96.17 -49.73 -0.86
N TYR E 1825 -95.24 -48.78 -0.72
CA TYR E 1825 -95.45 -47.43 -1.20
C TYR E 1825 -95.05 -47.29 -2.66
N VAL E 1826 -94.06 -48.05 -3.12
CA VAL E 1826 -93.70 -47.98 -4.53
C VAL E 1826 -94.72 -48.72 -5.39
N ASP E 1827 -95.50 -49.62 -4.80
CA ASP E 1827 -96.57 -50.29 -5.54
C ASP E 1827 -97.71 -49.33 -5.84
N LYS E 1828 -98.09 -48.49 -4.89
CA LYS E 1828 -99.11 -47.47 -5.13
C LYS E 1828 -98.53 -46.26 -5.85
N LEU E 1829 -97.22 -46.21 -6.03
CA LEU E 1829 -96.57 -45.16 -6.81
C LEU E 1829 -96.47 -45.54 -8.29
N GLN E 1830 -96.16 -46.81 -8.58
CA GLN E 1830 -96.20 -47.26 -9.97
C GLN E 1830 -97.64 -47.34 -10.48
N ALA E 1831 -98.59 -47.59 -9.58
CA ALA E 1831 -100.00 -47.51 -9.94
C ALA E 1831 -100.47 -46.08 -10.10
N ASN E 1832 -99.75 -45.12 -9.54
CA ASN E 1832 -100.12 -43.71 -9.68
C ASN E 1832 -99.92 -43.24 -11.11
N GLN E 1833 -98.73 -43.51 -11.68
CA GLN E 1833 -98.52 -43.20 -13.09
C GLN E 1833 -99.34 -44.12 -13.98
N ARG E 1834 -99.65 -45.33 -13.51
CA ARG E 1834 -100.56 -46.21 -14.25
C ARG E 1834 -101.95 -45.63 -14.36
N SER E 1835 -102.42 -44.95 -13.31
CA SER E 1835 -103.65 -44.19 -13.42
C SER E 1835 -103.44 -42.92 -14.25
N ARG E 1836 -102.21 -42.41 -14.27
CA ARG E 1836 -101.93 -41.16 -14.95
C ARG E 1836 -101.46 -41.36 -16.38
N TYR E 1837 -100.98 -42.56 -16.73
CA TYR E 1837 -100.73 -42.88 -18.13
C TYR E 1837 -102.04 -42.98 -18.90
N ALA E 1838 -103.12 -43.42 -18.25
CA ALA E 1838 -104.44 -43.30 -18.83
C ALA E 1838 -104.86 -41.84 -18.95
N LEU E 1839 -104.41 -41.00 -18.02
CA LEU E 1839 -104.72 -39.57 -18.07
C LEU E 1839 -103.95 -38.83 -19.16
N LEU E 1840 -102.96 -39.47 -19.79
CA LEU E 1840 -102.26 -38.90 -20.92
C LEU E 1840 -102.48 -39.66 -22.21
N MET E 1841 -103.20 -40.79 -22.17
CA MET E 1841 -103.53 -41.55 -23.37
C MET E 1841 -105.04 -41.55 -23.62
N ARG E 1842 -105.84 -42.00 -22.65
CA ARG E 1842 -107.28 -41.94 -22.78
C ARG E 1842 -107.82 -40.54 -22.54
N ALA E 1843 -107.11 -39.73 -21.77
CA ALA E 1843 -107.43 -38.33 -21.52
C ALA E 1843 -106.35 -37.43 -22.09
N PHE E 1844 -105.92 -37.76 -23.32
CA PHE E 1844 -104.73 -37.15 -23.91
C PHE E 1844 -104.95 -35.68 -24.23
N THR E 1845 -105.88 -35.38 -25.13
CA THR E 1845 -106.13 -34.06 -25.72
C THR E 1845 -104.83 -33.43 -26.22
N MET E 1846 -104.29 -34.09 -27.25
CA MET E 1846 -102.89 -33.92 -27.64
C MET E 1846 -102.61 -32.52 -28.16
N SER E 1847 -101.69 -31.83 -27.51
CA SER E 1847 -101.27 -30.48 -27.87
C SER E 1847 -99.75 -30.40 -27.69
N ALA E 1848 -99.21 -29.19 -27.69
CA ALA E 1848 -97.76 -29.02 -27.57
C ALA E 1848 -97.28 -29.24 -26.15
N ALA E 1849 -98.10 -28.92 -25.14
CA ALA E 1849 -97.69 -29.11 -23.75
C ALA E 1849 -97.77 -30.59 -23.35
N GLU E 1850 -98.76 -31.31 -23.88
CA GLU E 1850 -98.86 -32.74 -23.61
C GLU E 1850 -97.81 -33.56 -24.35
N THR E 1851 -97.30 -33.02 -25.46
CA THR E 1851 -96.27 -33.71 -26.23
C THR E 1851 -94.88 -33.57 -25.62
N ALA E 1852 -94.72 -32.76 -24.58
CA ALA E 1852 -93.43 -32.58 -23.93
C ALA E 1852 -93.34 -33.20 -22.54
N ARG E 1853 -94.39 -33.08 -21.73
CA ARG E 1853 -94.35 -33.58 -20.37
C ARG E 1853 -94.48 -35.09 -20.31
N ARG E 1854 -95.53 -35.63 -20.94
CA ARG E 1854 -95.78 -37.07 -20.95
C ARG E 1854 -94.77 -37.84 -21.80
N THR E 1855 -94.09 -37.17 -22.74
CA THR E 1855 -93.06 -37.83 -23.54
C THR E 1855 -91.83 -38.12 -22.69
N ARG E 1856 -91.62 -37.34 -21.61
CA ARG E 1856 -90.51 -37.58 -20.70
C ARG E 1856 -90.66 -38.87 -19.93
N GLU E 1857 -91.85 -39.46 -19.88
CA GLU E 1857 -92.05 -40.76 -19.28
C GLU E 1857 -91.85 -41.89 -20.26
N PHE E 1858 -91.83 -41.60 -21.56
CA PHE E 1858 -91.29 -42.53 -22.55
C PHE E 1858 -89.77 -42.52 -22.52
N ARG E 1859 -89.18 -41.38 -22.16
CA ARG E 1859 -87.80 -41.29 -21.76
C ARG E 1859 -87.73 -41.56 -20.25
N SER E 1860 -86.61 -41.18 -19.60
CA SER E 1860 -86.38 -41.30 -18.15
C SER E 1860 -86.51 -42.73 -17.67
N PRO E 1861 -85.48 -43.56 -17.87
CA PRO E 1861 -85.46 -44.88 -17.27
C PRO E 1861 -85.60 -44.80 -15.76
N PRO E 1862 -86.13 -45.86 -15.12
CA PRO E 1862 -86.57 -45.73 -13.71
C PRO E 1862 -85.47 -45.48 -12.70
N GLN E 1863 -84.18 -45.55 -13.09
CA GLN E 1863 -83.16 -44.92 -12.27
C GLN E 1863 -83.36 -43.42 -12.18
N GLU E 1864 -83.69 -42.77 -13.30
CA GLU E 1864 -83.91 -41.33 -13.34
C GLU E 1864 -85.38 -40.95 -13.27
N GLN E 1865 -86.30 -41.89 -13.50
CA GLN E 1865 -87.72 -41.55 -13.45
C GLN E 1865 -88.19 -41.33 -12.02
N ILE E 1866 -87.67 -42.13 -11.07
CA ILE E 1866 -87.90 -41.87 -9.66
C ILE E 1866 -87.23 -40.58 -9.24
N ASN E 1867 -86.04 -40.31 -9.78
CA ASN E 1867 -85.30 -39.11 -9.46
C ASN E 1867 -86.03 -37.86 -9.90
N MET E 1868 -86.77 -37.92 -11.00
CA MET E 1868 -87.66 -36.82 -11.37
C MET E 1868 -88.79 -36.68 -10.36
N LEU E 1869 -89.35 -37.80 -9.90
CA LEU E 1869 -90.59 -37.75 -9.14
C LEU E 1869 -90.39 -37.63 -7.64
N LEU E 1870 -89.26 -38.11 -7.10
CA LEU E 1870 -89.09 -38.13 -5.65
C LEU E 1870 -88.88 -36.74 -5.07
N HIS E 1871 -88.40 -35.79 -5.88
CA HIS E 1871 -88.01 -34.49 -5.37
C HIS E 1871 -89.21 -33.64 -4.95
N PHE E 1872 -90.41 -34.01 -5.38
CA PHE E 1872 -91.60 -33.30 -4.98
C PHE E 1872 -92.03 -33.66 -3.57
N LYS E 1873 -91.73 -34.88 -3.14
CA LYS E 1873 -92.07 -35.32 -1.79
C LYS E 1873 -91.17 -34.66 -0.74
N ASP E 1874 -89.98 -34.23 -1.13
CA ASP E 1874 -89.07 -33.51 -0.24
C ASP E 1874 -88.59 -32.25 -0.95
N GLU E 1875 -89.38 -31.18 -0.85
CA GLU E 1875 -89.01 -29.85 -1.32
C GLU E 1875 -89.91 -28.87 -0.60
N ALA E 1876 -89.69 -27.59 -0.89
CA ALA E 1876 -90.67 -26.57 -0.49
C ALA E 1876 -91.63 -26.28 -1.64
N ASP E 1877 -92.16 -27.35 -2.24
CA ASP E 1877 -93.09 -27.32 -3.38
C ASP E 1877 -92.59 -26.46 -4.54
N GLU E 1878 -91.27 -26.45 -4.73
CA GLU E 1878 -90.60 -25.48 -5.59
C GLU E 1878 -90.14 -26.10 -6.89
N GLU E 1879 -90.91 -27.04 -7.42
CA GLU E 1879 -90.49 -27.70 -8.65
C GLU E 1879 -91.66 -27.97 -9.60
N ASP E 1880 -92.75 -27.23 -9.47
CA ASP E 1880 -93.98 -27.42 -10.25
C ASP E 1880 -94.53 -28.84 -10.07
N CYS E 1881 -95.02 -29.06 -8.85
CA CYS E 1881 -95.44 -30.36 -8.37
C CYS E 1881 -96.56 -30.98 -9.22
N PRO E 1882 -96.51 -32.29 -9.45
CA PRO E 1882 -97.57 -32.99 -10.19
C PRO E 1882 -98.80 -33.25 -9.34
N LEU E 1883 -99.68 -34.08 -9.92
CA LEU E 1883 -100.92 -34.53 -9.27
C LEU E 1883 -100.78 -35.06 -7.84
N PRO E 1884 -99.83 -36.00 -7.48
CA PRO E 1884 -99.92 -36.60 -6.14
C PRO E 1884 -99.60 -35.69 -4.96
N GLU E 1885 -100.67 -35.27 -4.26
CA GLU E 1885 -100.55 -34.51 -3.03
C GLU E 1885 -100.82 -35.36 -1.79
N ASP E 1886 -101.41 -36.56 -1.96
CA ASP E 1886 -101.71 -37.42 -0.83
C ASP E 1886 -100.55 -38.32 -0.46
N ILE E 1887 -99.70 -38.68 -1.43
CA ILE E 1887 -98.63 -39.63 -1.16
C ILE E 1887 -97.29 -38.91 -1.12
N ARG E 1888 -97.31 -37.58 -1.22
CA ARG E 1888 -96.15 -36.79 -0.85
C ARG E 1888 -96.10 -36.52 0.64
N GLN E 1889 -97.17 -36.86 1.36
CA GLN E 1889 -97.34 -36.57 2.78
C GLN E 1889 -96.93 -37.75 3.66
N ASP E 1890 -97.36 -38.96 3.32
CA ASP E 1890 -97.03 -40.14 4.12
C ASP E 1890 -95.55 -40.45 4.06
N LEU E 1891 -94.90 -40.18 2.93
CA LEU E 1891 -93.44 -40.25 2.87
C LEU E 1891 -92.82 -39.22 3.79
N GLN E 1892 -93.34 -38.00 3.78
CA GLN E 1892 -92.79 -36.95 4.64
C GLN E 1892 -93.10 -37.24 6.11
N ASP E 1893 -94.26 -37.85 6.39
CA ASP E 1893 -94.55 -38.29 7.74
C ASP E 1893 -93.66 -39.47 8.15
N PHE E 1894 -93.32 -40.34 7.19
CA PHE E 1894 -92.40 -41.44 7.50
C PHE E 1894 -90.99 -40.92 7.69
N HIS E 1895 -90.57 -39.97 6.86
CA HIS E 1895 -89.28 -39.31 7.03
C HIS E 1895 -89.22 -38.56 8.36
N GLN E 1896 -90.34 -37.99 8.79
CA GLN E 1896 -90.44 -37.46 10.14
C GLN E 1896 -90.39 -38.59 11.17
N ASP E 1897 -91.03 -39.72 10.88
CA ASP E 1897 -91.04 -40.84 11.81
C ASP E 1897 -89.72 -41.59 11.82
N LEU E 1898 -88.94 -41.51 10.74
CA LEU E 1898 -87.68 -42.26 10.69
C LEU E 1898 -86.62 -41.59 11.56
N LEU E 1899 -86.57 -40.25 11.53
CA LEU E 1899 -85.67 -39.53 12.43
C LEU E 1899 -86.13 -39.62 13.87
N ALA E 1900 -87.42 -39.87 14.10
CA ALA E 1900 -87.90 -40.18 15.44
C ALA E 1900 -87.36 -41.52 15.92
N HIS E 1901 -87.26 -42.50 15.02
CA HIS E 1901 -86.61 -43.76 15.35
C HIS E 1901 -85.10 -43.63 15.34
N CYS E 1902 -84.57 -42.67 14.59
CA CYS E 1902 -83.14 -42.42 14.56
C CYS E 1902 -82.74 -41.59 15.77
N GLY E 1903 -81.48 -41.15 15.78
CA GLY E 1903 -80.96 -40.36 16.89
C GLY E 1903 -81.35 -38.90 16.90
N ILE E 1904 -82.20 -38.47 15.96
CA ILE E 1904 -82.66 -37.09 15.93
C ILE E 1904 -83.72 -36.88 16.99
N GLN E 1905 -83.52 -35.86 17.82
CA GLN E 1905 -84.48 -35.52 18.87
C GLN E 1905 -85.67 -34.74 18.34
N LEU E 1906 -85.57 -34.18 17.14
CA LEU E 1906 -86.64 -33.44 16.45
C LEU E 1906 -87.12 -32.24 17.26
N GLU E 1907 -86.17 -31.43 17.74
CA GLU E 1907 -86.49 -30.22 18.49
C GLU E 1907 -86.94 -29.15 17.50
N GLY E 1908 -88.23 -29.15 17.17
CA GLY E 1908 -88.77 -28.21 16.20
C GLY E 1908 -88.66 -28.71 14.78
N LYS E 1949 -82.85 -37.90 36.23
CA LYS E 1949 -84.02 -38.30 35.44
C LYS E 1949 -83.92 -39.76 35.02
N LYS E 1950 -84.61 -40.10 33.93
CA LYS E 1950 -84.59 -41.45 33.39
C LYS E 1950 -84.39 -41.40 31.89
N PRO E 1951 -83.50 -42.26 31.35
CA PRO E 1951 -83.32 -42.31 29.89
C PRO E 1951 -84.54 -42.87 29.18
N GLN E 1952 -85.09 -43.96 29.74
CA GLN E 1952 -86.27 -44.68 29.25
C GLN E 1952 -86.11 -45.18 27.82
N SER E 1953 -84.87 -45.39 27.37
CA SER E 1953 -84.57 -45.80 26.01
C SER E 1953 -83.17 -46.43 26.00
N LEU E 1954 -82.63 -46.62 24.80
CA LEU E 1954 -81.27 -47.13 24.64
C LEU E 1954 -80.25 -46.04 24.38
N GLN E 1955 -80.67 -44.93 23.76
CA GLN E 1955 -79.72 -43.91 23.33
C GLN E 1955 -79.19 -43.12 24.53
N GLU E 1956 -80.11 -42.58 25.34
CA GLU E 1956 -79.69 -41.80 26.50
C GLU E 1956 -79.11 -42.67 27.61
N LEU E 1957 -79.39 -43.97 27.59
CA LEU E 1957 -78.89 -44.86 28.64
C LEU E 1957 -77.42 -45.20 28.41
N VAL E 1958 -77.10 -45.71 27.23
CA VAL E 1958 -75.75 -46.22 26.98
C VAL E 1958 -74.75 -45.08 26.83
N SER E 1959 -75.15 -44.00 26.15
CA SER E 1959 -74.25 -42.88 25.89
C SER E 1959 -73.89 -42.16 27.18
N HIS E 1960 -74.79 -42.15 28.16
CA HIS E 1960 -74.44 -41.66 29.50
C HIS E 1960 -73.52 -42.63 30.23
N MET E 1961 -73.70 -43.93 29.99
CA MET E 1961 -73.01 -44.96 30.77
C MET E 1961 -71.52 -44.99 30.46
N VAL E 1962 -71.15 -44.75 29.21
CA VAL E 1962 -69.73 -44.79 28.86
C VAL E 1962 -69.03 -43.54 29.38
N VAL E 1963 -69.74 -42.42 29.44
CA VAL E 1963 -69.17 -41.17 29.95
C VAL E 1963 -68.89 -41.29 31.44
N ARG E 1964 -69.84 -41.82 32.21
CA ARG E 1964 -69.63 -41.96 33.65
C ARG E 1964 -68.61 -43.03 34.00
N TRP E 1965 -68.28 -43.92 33.05
CA TRP E 1965 -67.13 -44.79 33.24
C TRP E 1965 -65.82 -44.00 33.12
N ALA E 1966 -65.77 -43.06 32.17
CA ALA E 1966 -64.59 -42.23 32.03
C ALA E 1966 -64.61 -41.03 32.97
N GLN E 1967 -65.80 -40.66 33.46
CA GLN E 1967 -65.91 -39.70 34.56
C GLN E 1967 -65.33 -40.28 35.85
N GLU E 1968 -65.26 -41.61 35.95
CA GLU E 1968 -64.57 -42.29 37.03
C GLU E 1968 -63.06 -42.26 36.78
N ASP E 1969 -62.33 -43.12 37.50
CA ASP E 1969 -60.87 -43.10 37.49
C ASP E 1969 -60.29 -43.45 36.12
N TYR E 1970 -58.96 -43.36 36.04
CA TYR E 1970 -58.24 -43.41 34.78
C TYR E 1970 -58.36 -44.79 34.13
N VAL E 1971 -58.99 -44.84 32.97
CA VAL E 1971 -59.32 -46.10 32.31
C VAL E 1971 -58.13 -46.50 31.44
N GLN E 1972 -57.46 -47.57 31.82
CA GLN E 1972 -56.41 -48.18 31.03
C GLN E 1972 -57.04 -49.26 30.13
N SER E 1973 -56.22 -50.18 29.60
CA SER E 1973 -56.59 -51.24 28.67
C SER E 1973 -57.23 -50.64 27.43
N PRO E 1974 -56.43 -50.04 26.54
CA PRO E 1974 -56.98 -49.17 25.48
C PRO E 1974 -57.87 -49.87 24.47
N GLU E 1975 -57.84 -51.20 24.39
CA GLU E 1975 -58.78 -51.93 23.57
C GLU E 1975 -60.21 -51.75 24.06
N LEU E 1976 -60.40 -51.76 25.38
CA LEU E 1976 -61.67 -51.34 25.97
C LEU E 1976 -62.01 -49.91 25.58
N VAL E 1977 -61.02 -49.02 25.64
CA VAL E 1977 -61.24 -47.60 25.39
C VAL E 1977 -61.59 -47.37 23.92
N ARG E 1978 -61.01 -48.17 23.03
CA ARG E 1978 -61.45 -48.14 21.63
C ARG E 1978 -62.87 -48.68 21.49
N ALA E 1979 -63.20 -49.74 22.23
CA ALA E 1979 -64.53 -50.31 22.16
C ALA E 1979 -65.56 -49.43 22.85
N MET E 1980 -65.15 -48.72 23.91
CA MET E 1980 -66.04 -47.77 24.58
C MET E 1980 -66.45 -46.63 23.66
N PHE E 1981 -65.56 -46.23 22.76
CA PHE E 1981 -65.82 -45.07 21.93
C PHE E 1981 -66.47 -45.46 20.61
N SER E 1982 -66.25 -46.69 20.16
CA SER E 1982 -66.91 -47.20 18.96
C SER E 1982 -68.41 -47.25 19.15
N LEU E 1983 -68.87 -47.82 20.27
CA LEU E 1983 -70.29 -47.89 20.54
C LEU E 1983 -70.88 -46.52 20.85
N LEU E 1984 -70.11 -45.66 21.51
CA LEU E 1984 -70.60 -44.32 21.84
C LEU E 1984 -70.78 -43.46 20.59
N HIS E 1985 -69.98 -43.70 19.54
CA HIS E 1985 -70.15 -42.94 18.32
C HIS E 1985 -71.42 -43.35 17.57
N ARG E 1986 -71.83 -44.60 17.72
CA ARG E 1986 -73.10 -45.03 17.14
C ARG E 1986 -74.28 -44.51 17.94
N GLN E 1987 -74.06 -44.10 19.19
CA GLN E 1987 -75.14 -43.53 20.00
C GLN E 1987 -75.57 -42.16 19.47
N TYR E 1988 -74.66 -41.46 18.79
CA TYR E 1988 -74.95 -40.11 18.34
C TYR E 1988 -75.01 -40.03 16.82
N ASP E 1989 -73.99 -40.56 16.15
CA ASP E 1989 -73.96 -40.57 14.69
C ASP E 1989 -74.52 -41.88 14.15
N GLY E 1990 -75.76 -42.15 14.54
CA GLY E 1990 -76.50 -43.23 13.91
C GLY E 1990 -77.05 -42.88 12.55
N LEU E 1991 -77.00 -41.60 12.18
CA LEU E 1991 -77.34 -41.17 10.83
C LEU E 1991 -76.39 -41.78 9.81
N GLY E 1992 -75.10 -41.47 9.94
CA GLY E 1992 -74.09 -42.06 9.08
C GLY E 1992 -73.89 -43.54 9.30
N GLU E 1993 -74.18 -44.03 10.52
CA GLU E 1993 -74.15 -45.47 10.76
C GLU E 1993 -75.25 -46.18 9.98
N LEU E 1994 -76.42 -45.56 9.86
CA LEU E 1994 -77.43 -46.04 8.93
C LEU E 1994 -76.97 -45.90 7.50
N LEU E 1995 -76.26 -44.82 7.19
CA LEU E 1995 -75.71 -44.64 5.86
C LEU E 1995 -74.53 -45.57 5.60
N ARG E 1996 -73.88 -46.05 6.67
CA ARG E 1996 -72.77 -46.98 6.52
C ARG E 1996 -73.25 -48.35 6.06
N ALA E 1997 -74.44 -48.76 6.49
CA ALA E 1997 -75.01 -50.02 6.07
C ALA E 1997 -75.97 -49.88 4.89
N LEU E 1998 -76.15 -48.66 4.40
CA LEU E 1998 -77.11 -48.34 3.34
C LEU E 1998 -76.85 -49.03 2.00
N PRO E 1999 -75.61 -49.22 1.50
CA PRO E 1999 -75.47 -50.03 0.27
C PRO E 1999 -75.49 -51.53 0.51
N ARG E 2000 -75.63 -51.98 1.75
CA ARG E 2000 -75.64 -53.40 2.05
C ARG E 2000 -77.03 -53.94 2.33
N ALA E 2001 -78.07 -53.17 2.01
CA ALA E 2001 -79.45 -53.61 2.15
C ALA E 2001 -80.04 -53.90 0.78
N TYR E 2002 -80.87 -54.94 0.70
CA TYR E 2002 -81.43 -55.33 -0.59
C TYR E 2002 -82.73 -56.08 -0.35
N THR E 2003 -83.60 -56.06 -1.36
CA THR E 2003 -84.84 -56.81 -1.33
C THR E 2003 -84.88 -57.78 -2.50
N ILE E 2004 -85.00 -59.07 -2.20
CA ILE E 2004 -85.13 -60.09 -3.22
C ILE E 2004 -86.60 -60.48 -3.38
N SER E 2005 -86.91 -61.10 -4.52
CA SER E 2005 -88.25 -61.60 -4.76
C SER E 2005 -88.52 -62.81 -3.87
N PRO E 2006 -89.71 -62.90 -3.28
CA PRO E 2006 -90.04 -64.09 -2.47
C PRO E 2006 -90.17 -65.33 -3.35
N SER E 2007 -89.94 -66.48 -2.73
CA SER E 2007 -89.81 -67.83 -3.32
C SER E 2007 -88.58 -67.97 -4.21
N SER E 2008 -87.72 -66.97 -4.29
CA SER E 2008 -86.38 -67.12 -4.85
C SER E 2008 -85.35 -67.34 -3.75
N VAL E 2009 -85.78 -67.82 -2.59
CA VAL E 2009 -84.91 -67.85 -1.42
C VAL E 2009 -83.98 -69.06 -1.46
N GLU E 2010 -84.39 -70.12 -2.16
CA GLU E 2010 -83.55 -71.30 -2.25
C GLU E 2010 -82.38 -71.06 -3.21
N ASP E 2011 -82.60 -70.22 -4.22
CA ASP E 2011 -81.48 -69.76 -5.02
C ASP E 2011 -80.69 -68.69 -4.28
N THR E 2012 -81.35 -67.99 -3.37
CA THR E 2012 -80.64 -67.03 -2.51
C THR E 2012 -79.77 -67.74 -1.49
N MET E 2013 -80.33 -68.75 -0.81
CA MET E 2013 -79.56 -69.52 0.16
C MET E 2013 -78.41 -70.27 -0.48
N SER E 2014 -78.59 -70.74 -1.72
CA SER E 2014 -77.50 -71.41 -2.42
C SER E 2014 -76.42 -70.43 -2.85
N LEU E 2015 -76.78 -69.16 -2.99
CA LEU E 2015 -75.77 -68.12 -3.09
C LEU E 2015 -75.17 -67.82 -1.71
N LEU E 2016 -76.01 -67.81 -0.68
CA LEU E 2016 -75.63 -67.24 0.61
C LEU E 2016 -74.92 -68.24 1.51
N GLU E 2017 -75.46 -69.46 1.63
CA GLU E 2017 -74.80 -70.48 2.45
C GLU E 2017 -73.52 -70.97 1.78
N CYS E 2018 -73.41 -70.83 0.46
CA CYS E 2018 -72.16 -71.12 -0.22
C CYS E 2018 -71.10 -70.06 0.07
N LEU E 2019 -71.50 -68.80 0.18
CA LEU E 2019 -70.54 -67.73 0.41
C LEU E 2019 -69.95 -67.79 1.81
N GLY E 2020 -70.72 -68.27 2.79
CA GLY E 2020 -70.17 -68.54 4.10
C GLY E 2020 -69.11 -69.63 4.08
N GLN E 2021 -69.23 -70.58 3.15
CA GLN E 2021 -68.14 -71.53 2.95
C GLN E 2021 -66.99 -70.88 2.19
N ILE E 2022 -67.29 -69.92 1.31
CA ILE E 2022 -66.24 -69.20 0.60
C ILE E 2022 -65.50 -68.26 1.54
N ARG E 2023 -66.24 -67.49 2.34
CA ARG E 2023 -65.62 -66.55 3.28
C ARG E 2023 -64.88 -67.26 4.41
N SER E 2024 -65.20 -68.52 4.69
CA SER E 2024 -64.48 -69.25 5.72
C SER E 2024 -63.07 -69.60 5.26
N LEU E 2025 -62.91 -69.90 3.97
CA LEU E 2025 -61.61 -70.26 3.41
C LEU E 2025 -60.66 -69.08 3.25
N LEU E 2026 -61.06 -67.87 3.64
CA LEU E 2026 -60.12 -66.75 3.68
C LEU E 2026 -59.04 -66.99 4.73
N ILE E 2027 -59.44 -67.43 5.93
CA ILE E 2027 -58.48 -67.66 7.02
C ILE E 2027 -57.84 -69.04 6.91
N VAL E 2028 -58.30 -69.87 5.99
CA VAL E 2028 -57.83 -71.25 5.90
C VAL E 2028 -56.60 -71.29 5.02
N GLN E 2029 -55.51 -71.85 5.54
CA GLN E 2029 -54.32 -72.15 4.76
C GLN E 2029 -54.64 -73.20 3.70
N MET E 2030 -53.94 -73.10 2.56
CA MET E 2030 -54.30 -73.84 1.35
C MET E 2030 -54.17 -75.35 1.53
N GLY E 2031 -55.29 -76.03 1.47
CA GLY E 2031 -55.34 -77.48 1.59
C GLY E 2031 -56.15 -78.09 0.48
N PRO E 2032 -55.86 -79.35 0.16
CA PRO E 2032 -56.63 -80.03 -0.91
C PRO E 2032 -58.08 -80.26 -0.54
N GLN E 2033 -58.39 -80.44 0.75
CA GLN E 2033 -59.78 -80.52 1.18
C GLN E 2033 -60.46 -79.16 1.07
N GLU E 2034 -59.69 -78.09 1.16
CA GLU E 2034 -60.20 -76.77 0.81
C GLU E 2034 -60.19 -76.53 -0.68
N GLU E 2035 -59.36 -77.25 -1.45
CA GLU E 2035 -59.24 -77.01 -2.88
C GLU E 2035 -60.51 -77.39 -3.62
N ASN E 2036 -60.93 -78.64 -3.49
CA ASN E 2036 -62.18 -79.08 -4.09
C ASN E 2036 -63.40 -78.43 -3.45
N LEU E 2037 -63.30 -78.01 -2.18
CA LEU E 2037 -64.40 -77.30 -1.55
C LEU E 2037 -64.64 -75.96 -2.23
N MET E 2038 -63.59 -75.31 -2.68
CA MET E 2038 -63.74 -74.03 -3.36
C MET E 2038 -64.25 -74.21 -4.77
N ILE E 2039 -63.79 -75.26 -5.46
CA ILE E 2039 -64.22 -75.49 -6.83
C ILE E 2039 -65.67 -75.98 -6.85
N GLN E 2040 -66.08 -76.74 -5.83
CA GLN E 2040 -67.49 -77.08 -5.68
C GLN E 2040 -68.32 -75.84 -5.32
N SER E 2041 -67.70 -74.89 -4.61
CA SER E 2041 -68.38 -73.63 -4.32
C SER E 2041 -68.60 -72.80 -5.58
N ILE E 2042 -67.73 -72.96 -6.59
CA ILE E 2042 -67.91 -72.28 -7.86
C ILE E 2042 -69.15 -72.80 -8.58
N GLY E 2043 -69.36 -74.12 -8.53
CA GLY E 2043 -70.48 -74.71 -9.26
C GLY E 2043 -71.84 -74.36 -8.70
N ASN E 2044 -71.91 -73.98 -7.43
CA ASN E 2044 -73.18 -73.55 -6.86
C ASN E 2044 -73.56 -72.17 -7.40
N ILE E 2045 -72.68 -71.19 -7.22
CA ILE E 2045 -72.93 -69.82 -7.66
C ILE E 2045 -72.89 -69.65 -9.17
N MET E 2046 -72.30 -70.60 -9.90
CA MET E 2046 -72.50 -70.63 -11.34
C MET E 2046 -73.89 -71.11 -11.74
N ASN E 2047 -74.58 -71.83 -10.87
CA ASN E 2047 -75.80 -72.53 -11.25
C ASN E 2047 -76.91 -72.25 -10.25
N ASN E 2048 -77.12 -70.98 -9.94
CA ASN E 2048 -78.27 -70.58 -9.13
C ASN E 2048 -78.95 -69.31 -9.58
N LYS E 2049 -78.48 -68.67 -10.66
CA LYS E 2049 -79.20 -67.84 -11.63
C LYS E 2049 -79.83 -66.55 -11.10
N VAL E 2050 -79.77 -66.31 -9.79
CA VAL E 2050 -80.02 -64.96 -9.29
C VAL E 2050 -78.74 -64.15 -9.41
N PHE E 2051 -77.58 -64.83 -9.35
CA PHE E 2051 -76.31 -64.32 -9.86
C PHE E 2051 -76.44 -63.74 -11.26
N TYR E 2052 -77.19 -64.41 -12.14
CA TYR E 2052 -77.44 -63.92 -13.49
C TYR E 2052 -78.54 -62.87 -13.55
N GLN E 2053 -79.58 -63.01 -12.71
CA GLN E 2053 -80.66 -62.03 -12.72
C GLN E 2053 -80.24 -60.69 -12.13
N HIS E 2054 -79.54 -60.69 -11.00
CA HIS E 2054 -79.11 -59.45 -10.37
C HIS E 2054 -77.63 -59.53 -10.01
N PRO E 2055 -76.74 -59.26 -10.98
CA PRO E 2055 -75.31 -59.15 -10.64
C PRO E 2055 -74.98 -57.91 -9.83
N ASN E 2056 -75.87 -56.92 -9.78
CA ASN E 2056 -75.64 -55.73 -8.98
C ASN E 2056 -75.70 -56.04 -7.49
N LEU E 2057 -76.49 -57.03 -7.08
CA LEU E 2057 -76.44 -57.51 -5.71
C LEU E 2057 -75.10 -58.16 -5.41
N MET E 2058 -74.54 -58.90 -6.36
CA MET E 2058 -73.25 -59.55 -6.15
C MET E 2058 -72.11 -58.54 -6.07
N ARG E 2059 -72.29 -57.37 -6.68
CA ARG E 2059 -71.39 -56.25 -6.41
C ARG E 2059 -71.51 -55.81 -4.95
N ALA E 2060 -72.74 -55.76 -4.43
CA ALA E 2060 -72.94 -55.35 -3.05
C ALA E 2060 -72.49 -56.42 -2.06
N LEU E 2061 -72.39 -57.67 -2.51
CA LEU E 2061 -71.82 -58.71 -1.66
C LEU E 2061 -70.30 -58.69 -1.65
N GLY E 2062 -69.67 -57.93 -2.55
CA GLY E 2062 -68.24 -57.98 -2.70
C GLY E 2062 -67.78 -59.33 -3.23
N MET E 2063 -68.50 -59.88 -4.21
CA MET E 2063 -68.25 -61.24 -4.66
C MET E 2063 -66.93 -61.36 -5.39
N HIS E 2064 -66.69 -60.48 -6.38
CA HIS E 2064 -65.49 -60.56 -7.19
C HIS E 2064 -64.24 -60.24 -6.39
N GLU E 2065 -64.38 -59.43 -5.34
CA GLU E 2065 -63.23 -59.07 -4.52
C GLU E 2065 -62.75 -60.26 -3.71
N THR E 2066 -63.67 -60.93 -3.01
CA THR E 2066 -63.34 -62.09 -2.20
C THR E 2066 -62.81 -63.25 -3.02
N VAL E 2067 -63.21 -63.33 -4.29
CA VAL E 2067 -62.57 -64.25 -5.22
C VAL E 2067 -61.12 -63.85 -5.46
N MET E 2068 -60.86 -62.56 -5.61
CA MET E 2068 -59.49 -62.12 -5.85
C MET E 2068 -58.65 -62.16 -4.59
N GLU E 2069 -59.27 -62.06 -3.40
CA GLU E 2069 -58.55 -62.07 -2.14
C GLU E 2069 -57.82 -63.38 -1.92
N VAL E 2070 -58.55 -64.50 -2.03
CA VAL E 2070 -57.95 -65.82 -1.95
C VAL E 2070 -57.06 -66.10 -3.17
N MET E 2071 -57.29 -65.41 -4.29
CA MET E 2071 -56.44 -65.55 -5.46
C MET E 2071 -55.05 -64.95 -5.22
N VAL E 2072 -54.95 -63.97 -4.32
CA VAL E 2072 -53.63 -63.42 -3.98
C VAL E 2072 -52.80 -64.47 -3.25
N ASN E 2073 -53.43 -65.26 -2.39
CA ASN E 2073 -52.69 -66.22 -1.56
C ASN E 2073 -52.15 -67.38 -2.39
N VAL E 2074 -52.87 -67.80 -3.42
CA VAL E 2074 -52.36 -68.86 -4.27
C VAL E 2074 -51.31 -68.35 -5.26
N LEU E 2075 -51.41 -67.09 -5.70
CA LEU E 2075 -50.28 -66.51 -6.40
C LEU E 2075 -49.17 -66.11 -5.44
N GLY E 2076 -49.51 -65.89 -4.18
CA GLY E 2076 -48.51 -65.72 -3.15
C GLY E 2076 -47.84 -67.01 -2.79
N GLY E 2077 -46.75 -66.90 -2.04
CA GLY E 2077 -46.00 -68.07 -1.62
C GLY E 2077 -44.90 -68.46 -2.58
N GLY E 2078 -45.28 -68.99 -3.75
CA GLY E 2078 -44.30 -69.42 -4.72
C GLY E 2078 -44.30 -68.62 -6.00
N GLU E 2079 -43.26 -67.80 -6.20
CA GLU E 2079 -43.03 -67.16 -7.48
C GLU E 2079 -42.41 -68.16 -8.46
N THR E 2080 -41.25 -68.71 -8.11
CA THR E 2080 -40.69 -69.86 -8.78
C THR E 2080 -40.49 -71.02 -7.82
N LYS E 2081 -40.95 -70.89 -6.59
CA LYS E 2081 -40.87 -71.97 -5.61
C LYS E 2081 -41.86 -73.08 -5.94
N GLU E 2082 -43.14 -72.71 -6.11
CA GLU E 2082 -44.15 -73.67 -6.52
C GLU E 2082 -45.27 -72.94 -7.25
N ILE E 2083 -45.98 -73.70 -8.07
CA ILE E 2083 -47.18 -73.22 -8.74
C ILE E 2083 -48.35 -74.01 -8.14
N ARG E 2084 -48.21 -74.30 -6.84
CA ARG E 2084 -49.04 -75.26 -6.12
C ARG E 2084 -50.51 -74.86 -6.13
N PHE E 2085 -51.36 -75.87 -6.01
CA PHE E 2085 -52.78 -75.88 -6.31
C PHE E 2085 -53.11 -75.23 -7.65
N PRO E 2086 -52.83 -75.88 -8.78
CA PRO E 2086 -53.43 -75.46 -10.04
C PRO E 2086 -54.89 -75.88 -10.09
N LYS E 2087 -55.62 -75.35 -11.07
CA LYS E 2087 -57.01 -75.64 -11.44
C LYS E 2087 -58.00 -75.07 -10.41
N MET E 2088 -57.51 -74.57 -9.29
CA MET E 2088 -58.24 -73.70 -8.38
C MET E 2088 -57.86 -72.26 -8.57
N VAL E 2089 -56.57 -72.02 -8.86
CA VAL E 2089 -56.09 -70.73 -9.31
C VAL E 2089 -56.75 -70.34 -10.64
N THR E 2090 -57.15 -71.32 -11.43
CA THR E 2090 -57.91 -71.02 -12.64
C THR E 2090 -59.40 -70.93 -12.34
N SER E 2091 -59.90 -71.75 -11.40
CA SER E 2091 -61.34 -71.81 -11.13
C SER E 2091 -61.86 -70.51 -10.55
N CYS E 2092 -61.07 -69.85 -9.71
CA CYS E 2092 -61.42 -68.50 -9.29
C CYS E 2092 -61.28 -67.52 -10.45
N CYS E 2093 -60.31 -67.75 -11.32
CA CYS E 2093 -60.05 -66.82 -12.40
C CYS E 2093 -61.03 -67.00 -13.55
N ARG E 2094 -61.42 -68.24 -13.83
CA ARG E 2094 -62.39 -68.45 -14.90
C ARG E 2094 -63.80 -68.04 -14.47
N PHE E 2095 -64.11 -68.16 -13.17
CA PHE E 2095 -65.37 -67.65 -12.67
C PHE E 2095 -65.39 -66.13 -12.70
N LEU E 2096 -64.23 -65.50 -12.53
CA LEU E 2096 -64.15 -64.05 -12.52
C LEU E 2096 -64.45 -63.46 -13.89
N CYS E 2097 -64.23 -64.23 -14.96
CA CYS E 2097 -64.62 -63.77 -16.29
C CYS E 2097 -66.13 -63.77 -16.47
N TYR E 2098 -66.84 -64.67 -15.80
CA TYR E 2098 -68.30 -64.66 -15.86
C TYR E 2098 -68.88 -63.43 -15.21
N PHE E 2099 -68.35 -63.05 -14.03
CA PHE E 2099 -68.80 -61.83 -13.39
C PHE E 2099 -68.32 -60.61 -14.17
N CYS E 2100 -67.20 -60.75 -14.86
CA CYS E 2100 -66.78 -59.75 -15.84
C CYS E 2100 -67.73 -59.69 -17.03
N ARG E 2101 -68.30 -60.83 -17.42
CA ARG E 2101 -69.11 -60.90 -18.63
C ARG E 2101 -70.44 -60.17 -18.45
N ILE E 2102 -71.24 -60.57 -17.45
CA ILE E 2102 -72.58 -60.02 -17.37
C ILE E 2102 -72.62 -58.71 -16.59
N SER E 2103 -72.08 -57.67 -17.22
CA SER E 2103 -72.23 -56.24 -16.94
C SER E 2103 -71.35 -55.49 -17.92
N ARG E 2104 -71.48 -54.16 -17.90
CA ARG E 2104 -70.43 -53.26 -18.37
C ARG E 2104 -69.85 -52.46 -17.22
N GLN E 2105 -70.17 -52.84 -15.98
CA GLN E 2105 -69.85 -52.07 -14.79
C GLN E 2105 -69.08 -52.93 -13.81
N ASN E 2106 -69.41 -54.23 -13.77
CA ASN E 2106 -68.64 -55.16 -12.95
C ASN E 2106 -67.21 -55.27 -13.44
N GLN E 2107 -67.02 -55.22 -14.76
CA GLN E 2107 -65.68 -55.19 -15.32
C GLN E 2107 -65.00 -53.85 -15.10
N ARG E 2108 -65.78 -52.78 -14.93
CA ARG E 2108 -65.21 -51.51 -14.51
C ARG E 2108 -64.76 -51.57 -13.05
N SER E 2109 -65.49 -52.33 -12.23
CA SER E 2109 -65.06 -52.59 -10.87
C SER E 2109 -63.79 -53.43 -10.84
N MET E 2110 -63.58 -54.25 -11.87
CA MET E 2110 -62.34 -54.98 -12.01
C MET E 2110 -61.24 -54.13 -12.62
N PHE E 2111 -61.60 -53.01 -13.26
CA PHE E 2111 -60.60 -52.14 -13.85
C PHE E 2111 -59.80 -51.40 -12.80
N ASP E 2112 -60.37 -51.23 -11.61
CA ASP E 2112 -59.62 -50.70 -10.47
C ASP E 2112 -58.51 -51.66 -10.06
N HIS E 2113 -58.78 -52.96 -10.11
CA HIS E 2113 -57.82 -53.97 -9.69
C HIS E 2113 -56.99 -54.48 -10.85
N LEU E 2114 -56.91 -53.72 -11.95
CA LEU E 2114 -56.20 -54.18 -13.14
C LEU E 2114 -54.71 -54.29 -12.89
N SER E 2115 -54.08 -53.17 -12.51
CA SER E 2115 -52.66 -53.19 -12.16
C SER E 2115 -52.37 -54.00 -10.91
N TYR E 2116 -53.39 -54.20 -10.06
CA TYR E 2116 -53.24 -55.02 -8.86
C TYR E 2116 -52.88 -56.46 -9.21
N LEU E 2117 -53.57 -57.02 -10.19
CA LEU E 2117 -53.22 -58.34 -10.68
C LEU E 2117 -52.13 -58.30 -11.75
N LEU E 2118 -51.92 -57.14 -12.38
CA LEU E 2118 -50.95 -57.08 -13.48
C LEU E 2118 -49.52 -57.11 -12.98
N GLU E 2119 -49.28 -56.60 -11.76
CA GLU E 2119 -47.99 -56.84 -11.12
C GLU E 2119 -47.81 -58.32 -10.81
N ASN E 2120 -48.89 -59.00 -10.46
CA ASN E 2120 -48.87 -60.44 -10.26
C ASN E 2120 -48.94 -61.21 -11.57
N SER E 2121 -49.44 -60.59 -12.64
CA SER E 2121 -49.52 -61.26 -13.93
C SER E 2121 -48.17 -61.42 -14.61
N GLY E 2122 -47.15 -60.69 -14.19
CA GLY E 2122 -45.84 -60.83 -14.76
C GLY E 2122 -44.97 -61.86 -14.07
N ILE E 2123 -45.61 -62.80 -13.36
CA ILE E 2123 -44.90 -63.86 -12.66
C ILE E 2123 -45.54 -65.21 -12.95
N GLY E 2124 -46.74 -65.19 -13.54
CA GLY E 2124 -47.47 -66.41 -13.80
C GLY E 2124 -47.19 -67.01 -15.16
N LEU E 2125 -48.24 -67.12 -15.98
CA LEU E 2125 -48.20 -67.58 -17.37
C LEU E 2125 -47.65 -69.01 -17.48
N GLY E 2126 -48.19 -69.89 -16.63
CA GLY E 2126 -47.78 -71.27 -16.63
C GLY E 2126 -48.79 -72.17 -17.32
N MET E 2127 -49.65 -72.79 -16.52
CA MET E 2127 -50.70 -73.65 -17.05
C MET E 2127 -51.73 -72.82 -17.81
N GLN E 2128 -52.18 -73.37 -18.95
CA GLN E 2128 -53.21 -72.72 -19.75
C GLN E 2128 -54.58 -72.83 -19.08
N GLY E 2129 -55.55 -72.19 -19.69
CA GLY E 2129 -56.88 -72.09 -19.11
C GLY E 2129 -57.16 -70.67 -18.66
N SER E 2130 -57.52 -70.50 -17.40
CA SER E 2130 -57.72 -69.17 -16.87
C SER E 2130 -56.39 -68.62 -16.32
N THR E 2131 -56.14 -67.34 -16.58
CA THR E 2131 -54.86 -66.70 -16.40
C THR E 2131 -55.16 -65.29 -15.90
N PRO E 2132 -54.40 -64.77 -14.92
CA PRO E 2132 -54.61 -63.37 -14.49
C PRO E 2132 -54.38 -62.34 -15.59
N LEU E 2133 -53.54 -62.64 -16.58
CA LEU E 2133 -53.47 -61.79 -17.75
C LEU E 2133 -54.74 -61.89 -18.59
N ASP E 2134 -55.36 -63.08 -18.61
CA ASP E 2134 -56.56 -63.29 -19.42
C ASP E 2134 -57.78 -62.61 -18.80
N VAL E 2135 -57.86 -62.56 -17.47
CA VAL E 2135 -59.03 -61.94 -16.85
C VAL E 2135 -58.95 -60.43 -16.92
N ALA E 2136 -57.74 -59.86 -17.01
CA ALA E 2136 -57.61 -58.46 -17.36
C ALA E 2136 -57.98 -58.21 -18.81
N ALA E 2137 -57.67 -59.17 -19.67
CA ALA E 2137 -58.04 -59.07 -21.08
C ALA E 2137 -59.54 -59.12 -21.28
N ALA E 2138 -60.28 -59.74 -20.35
CA ALA E 2138 -61.73 -59.76 -20.44
C ALA E 2138 -62.33 -58.42 -20.04
N SER E 2139 -61.69 -57.69 -19.11
CA SER E 2139 -62.23 -56.47 -18.56
C SER E 2139 -61.86 -55.24 -19.37
N VAL E 2140 -61.52 -55.41 -20.65
CA VAL E 2140 -61.15 -54.30 -21.51
C VAL E 2140 -61.93 -54.45 -22.81
N ILE E 2141 -62.66 -55.56 -22.92
CA ILE E 2141 -63.47 -55.82 -24.10
C ILE E 2141 -64.65 -54.85 -24.17
N ASP E 2142 -65.21 -54.49 -23.02
CA ASP E 2142 -66.24 -53.46 -22.99
C ASP E 2142 -65.57 -52.11 -23.23
N ASN E 2143 -65.50 -51.72 -24.50
CA ASN E 2143 -64.68 -50.59 -24.93
C ASN E 2143 -65.46 -49.29 -24.82
N ASN E 2144 -64.77 -48.20 -25.20
CA ASN E 2144 -65.25 -46.81 -25.24
C ASN E 2144 -65.65 -46.26 -23.89
N GLU E 2145 -65.29 -46.96 -22.82
CA GLU E 2145 -65.50 -46.53 -21.45
C GLU E 2145 -64.27 -46.74 -20.58
N LEU E 2146 -63.41 -47.69 -20.95
CA LEU E 2146 -62.13 -47.88 -20.31
C LEU E 2146 -60.98 -47.76 -21.30
N ALA E 2147 -61.27 -47.75 -22.59
CA ALA E 2147 -60.27 -47.39 -23.59
C ALA E 2147 -59.94 -45.91 -23.51
N LEU E 2148 -60.88 -45.10 -23.02
CA LEU E 2148 -60.59 -43.72 -22.66
C LEU E 2148 -60.06 -43.57 -21.25
N ALA E 2149 -60.37 -44.51 -20.36
CA ALA E 2149 -59.84 -44.49 -18.99
C ALA E 2149 -58.55 -45.28 -18.89
N LEU E 2150 -57.79 -45.31 -19.98
CA LEU E 2150 -56.82 -46.33 -20.28
C LEU E 2150 -55.57 -46.20 -19.39
N GLN E 2151 -54.65 -47.13 -19.58
CA GLN E 2151 -53.41 -47.26 -18.81
C GLN E 2151 -52.33 -46.32 -19.34
N GLU E 2152 -51.06 -46.70 -19.10
CA GLU E 2152 -49.81 -45.98 -18.81
C GLU E 2152 -49.74 -45.82 -17.30
N GLN E 2153 -50.78 -46.25 -16.58
CA GLN E 2153 -50.54 -46.73 -15.23
C GLN E 2153 -49.74 -48.02 -15.26
N ASP E 2154 -49.91 -48.84 -16.31
CA ASP E 2154 -49.21 -50.11 -16.41
C ASP E 2154 -48.75 -50.46 -17.82
N LEU E 2155 -48.81 -49.52 -18.78
CA LEU E 2155 -48.37 -49.83 -20.13
C LEU E 2155 -46.85 -49.90 -20.23
N GLU E 2156 -46.14 -49.34 -19.26
CA GLU E 2156 -44.69 -49.54 -19.23
C GLU E 2156 -44.35 -50.96 -18.80
N LYS E 2157 -45.23 -51.59 -18.02
CA LYS E 2157 -44.99 -52.94 -17.53
C LYS E 2157 -45.05 -53.96 -18.65
N VAL E 2158 -46.07 -53.85 -19.51
CA VAL E 2158 -46.28 -54.85 -20.55
C VAL E 2158 -45.23 -54.76 -21.65
N VAL E 2159 -44.58 -53.61 -21.80
CA VAL E 2159 -43.40 -53.54 -22.66
C VAL E 2159 -42.24 -54.27 -21.99
N SER E 2160 -42.08 -54.06 -20.68
CA SER E 2160 -41.01 -54.73 -19.95
C SER E 2160 -41.31 -56.20 -19.72
N TYR E 2161 -42.59 -56.57 -19.71
CA TYR E 2161 -42.95 -57.98 -19.60
C TYR E 2161 -42.54 -58.77 -20.83
N LEU E 2162 -42.74 -58.21 -22.02
CA LEU E 2162 -42.33 -58.88 -23.25
C LEU E 2162 -40.82 -58.73 -23.46
N ALA E 2163 -40.20 -57.76 -22.78
CA ALA E 2163 -38.75 -57.62 -22.85
C ALA E 2163 -38.05 -58.81 -22.21
N GLY E 2164 -38.62 -59.36 -21.15
CA GLY E 2164 -38.12 -60.60 -20.59
C GLY E 2164 -38.51 -61.83 -21.38
N CYS E 2165 -39.55 -61.71 -22.22
CA CYS E 2165 -39.99 -62.84 -23.03
C CYS E 2165 -38.99 -63.18 -24.13
N GLY E 2166 -38.51 -62.18 -24.86
CA GLY E 2166 -37.60 -62.40 -25.97
C GLY E 2166 -36.17 -62.75 -25.59
N LEU E 2167 -35.86 -62.81 -24.29
CA LEU E 2167 -34.50 -63.13 -23.85
C LEU E 2167 -34.44 -64.34 -22.95
N GLN E 2168 -35.48 -64.65 -22.18
CA GLN E 2168 -35.48 -65.85 -21.36
C GLN E 2168 -35.64 -67.08 -22.26
N SER E 2169 -35.24 -68.24 -21.74
CA SER E 2169 -35.13 -69.43 -22.57
C SER E 2169 -36.09 -70.51 -22.10
N CYS E 2170 -37.32 -70.09 -21.71
CA CYS E 2170 -38.41 -70.92 -21.23
C CYS E 2170 -37.99 -71.83 -20.08
N PRO E 2171 -37.86 -71.28 -18.86
CA PRO E 2171 -37.38 -72.11 -17.72
C PRO E 2171 -38.30 -73.26 -17.35
N MET E 2172 -39.59 -73.17 -17.66
CA MET E 2172 -40.47 -74.33 -17.49
C MET E 2172 -40.14 -75.41 -18.49
N LEU E 2173 -39.61 -75.05 -19.66
CA LEU E 2173 -39.28 -76.00 -20.70
C LEU E 2173 -37.81 -76.43 -20.66
N LEU E 2174 -36.99 -75.81 -19.82
CA LEU E 2174 -35.60 -76.22 -19.71
C LEU E 2174 -35.45 -77.60 -19.06
N ALA E 2175 -36.38 -77.97 -18.19
CA ALA E 2175 -36.33 -79.23 -17.48
C ALA E 2175 -37.28 -80.28 -18.03
N LYS E 2176 -37.73 -80.13 -19.28
CA LYS E 2176 -38.65 -81.10 -19.85
C LYS E 2176 -38.23 -81.54 -21.25
N GLY E 2177 -36.94 -81.50 -21.57
CA GLY E 2177 -36.46 -81.96 -22.86
C GLY E 2177 -36.82 -81.04 -24.01
N TYR E 2178 -36.30 -79.81 -23.99
CA TYR E 2178 -36.54 -78.86 -25.05
C TYR E 2178 -35.23 -78.16 -25.38
N PRO E 2179 -35.01 -77.78 -26.67
CA PRO E 2179 -33.68 -77.34 -27.11
C PRO E 2179 -33.24 -75.95 -26.65
N ASP E 2180 -33.97 -75.33 -25.72
CA ASP E 2180 -33.59 -74.10 -25.01
C ASP E 2180 -33.41 -72.93 -25.97
N ILE E 2181 -34.50 -72.60 -26.67
CA ILE E 2181 -34.52 -71.44 -27.54
C ILE E 2181 -34.58 -70.18 -26.68
N GLY E 2182 -33.68 -69.24 -26.95
CA GLY E 2182 -33.49 -68.09 -26.09
C GLY E 2182 -34.54 -67.00 -26.15
N TRP E 2183 -35.72 -67.31 -26.69
CA TRP E 2183 -36.90 -66.49 -26.56
C TRP E 2183 -38.08 -67.43 -26.39
N ASN E 2184 -39.27 -66.89 -26.17
CA ASN E 2184 -40.42 -67.74 -25.90
C ASN E 2184 -41.39 -67.71 -27.07
N PRO E 2185 -41.45 -68.78 -27.87
CA PRO E 2185 -42.45 -68.83 -28.94
C PRO E 2185 -43.85 -68.99 -28.41
N CYS E 2186 -44.01 -69.69 -27.28
CA CYS E 2186 -45.32 -69.89 -26.68
C CYS E 2186 -45.61 -68.79 -25.66
N GLY E 2187 -44.62 -68.42 -24.86
CA GLY E 2187 -44.77 -67.38 -23.86
C GLY E 2187 -45.09 -66.01 -24.42
N GLY E 2188 -44.65 -65.75 -25.65
CA GLY E 2188 -45.08 -64.53 -26.32
C GLY E 2188 -46.56 -64.57 -26.68
N GLU E 2189 -47.07 -65.76 -27.00
CA GLU E 2189 -48.49 -65.90 -27.29
C GLU E 2189 -49.34 -65.81 -26.03
N ARG E 2190 -48.74 -66.02 -24.85
CA ARG E 2190 -49.42 -65.65 -23.60
C ARG E 2190 -49.67 -64.15 -23.55
N TYR E 2191 -48.74 -63.37 -24.07
CA TYR E 2191 -48.93 -61.94 -24.27
C TYR E 2191 -49.64 -61.71 -25.59
N LEU E 2192 -49.60 -60.46 -26.06
CA LEU E 2192 -49.96 -59.99 -27.40
C LEU E 2192 -51.46 -60.03 -27.68
N ASP E 2193 -52.27 -60.60 -26.78
CA ASP E 2193 -53.71 -60.54 -26.87
C ASP E 2193 -54.28 -59.42 -26.03
N PHE E 2194 -53.83 -59.30 -24.77
CA PHE E 2194 -54.16 -58.16 -23.93
C PHE E 2194 -53.64 -56.87 -24.53
N LEU E 2195 -52.49 -56.94 -25.22
CA LEU E 2195 -52.00 -55.81 -25.99
C LEU E 2195 -52.93 -55.49 -27.16
N ARG E 2196 -53.58 -56.51 -27.72
CA ARG E 2196 -54.37 -56.33 -28.92
C ARG E 2196 -55.74 -55.74 -28.61
N PHE E 2197 -56.29 -56.02 -27.43
CA PHE E 2197 -57.71 -55.83 -27.16
C PHE E 2197 -58.11 -54.37 -26.94
N ALA E 2198 -57.24 -53.41 -27.21
CA ALA E 2198 -57.63 -52.00 -27.19
C ALA E 2198 -58.19 -51.53 -28.53
N VAL E 2199 -57.61 -51.99 -29.64
CA VAL E 2199 -57.97 -51.47 -30.96
C VAL E 2199 -58.64 -52.64 -31.69
N PHE E 2200 -59.38 -53.45 -30.95
CA PHE E 2200 -59.85 -54.75 -31.42
C PHE E 2200 -61.36 -54.84 -31.54
N VAL E 2201 -62.07 -54.61 -30.42
CA VAL E 2201 -63.52 -54.69 -30.36
C VAL E 2201 -64.20 -53.43 -30.84
N ASN E 2202 -63.44 -52.35 -30.98
CA ASN E 2202 -63.91 -51.03 -31.34
C ASN E 2202 -63.47 -50.64 -32.73
N GLY E 2203 -63.68 -51.52 -33.71
CA GLY E 2203 -62.89 -51.74 -34.92
C GLY E 2203 -62.17 -50.56 -35.54
N GLU E 2204 -60.92 -50.79 -35.92
CA GLU E 2204 -59.77 -50.04 -35.39
C GLU E 2204 -60.04 -48.59 -35.06
N SER E 2205 -59.81 -48.31 -33.78
CA SER E 2205 -60.18 -47.07 -33.12
C SER E 2205 -59.01 -46.09 -33.17
N VAL E 2206 -59.08 -45.06 -32.33
CA VAL E 2206 -58.12 -43.96 -32.33
C VAL E 2206 -56.72 -44.44 -31.95
N GLU E 2207 -55.71 -43.72 -32.43
CA GLU E 2207 -54.31 -43.99 -32.11
C GLU E 2207 -53.96 -43.68 -30.66
N GLU E 2208 -54.86 -43.03 -29.90
CA GLU E 2208 -54.67 -42.84 -28.47
C GLU E 2208 -54.56 -44.17 -27.73
N ASN E 2209 -55.21 -45.20 -28.24
CA ASN E 2209 -54.93 -46.55 -27.78
C ASN E 2209 -53.51 -46.98 -28.12
N ALA E 2210 -53.04 -46.64 -29.33
CA ALA E 2210 -51.89 -47.32 -29.91
C ALA E 2210 -50.65 -46.46 -30.10
N ASN E 2211 -50.72 -45.15 -29.82
CA ASN E 2211 -49.52 -44.34 -29.87
C ASN E 2211 -48.57 -44.72 -28.73
N VAL E 2212 -49.13 -44.89 -27.52
CA VAL E 2212 -48.35 -45.36 -26.40
C VAL E 2212 -47.91 -46.81 -26.57
N VAL E 2213 -48.60 -47.58 -27.42
CA VAL E 2213 -48.14 -48.92 -27.74
C VAL E 2213 -46.88 -48.87 -28.58
N VAL E 2214 -46.95 -48.20 -29.73
CA VAL E 2214 -45.89 -48.27 -30.73
C VAL E 2214 -44.65 -47.51 -30.27
N ARG E 2215 -44.83 -46.31 -29.73
CA ARG E 2215 -43.69 -45.47 -29.39
C ARG E 2215 -42.92 -45.96 -28.18
N LEU E 2216 -43.50 -46.88 -27.40
CA LEU E 2216 -42.75 -47.60 -26.40
C LEU E 2216 -42.22 -48.92 -26.93
N LEU E 2217 -42.79 -49.42 -28.02
CA LEU E 2217 -42.32 -50.66 -28.61
C LEU E 2217 -41.06 -50.46 -29.44
N ILE E 2218 -40.90 -49.28 -30.03
CA ILE E 2218 -39.69 -48.97 -30.78
C ILE E 2218 -38.51 -48.72 -29.87
N ARG E 2219 -38.75 -48.36 -28.61
CA ARG E 2219 -37.67 -48.15 -27.65
C ARG E 2219 -36.96 -49.46 -27.32
N LYS E 2220 -37.69 -50.58 -27.33
CA LYS E 2220 -37.11 -51.87 -27.01
C LYS E 2220 -37.17 -52.79 -28.23
N PRO E 2221 -36.05 -52.99 -28.93
CA PRO E 2221 -36.06 -53.94 -30.05
C PRO E 2221 -36.11 -55.39 -29.61
N GLU E 2222 -35.90 -55.68 -28.33
CA GLU E 2222 -36.01 -57.03 -27.80
C GLU E 2222 -37.44 -57.50 -27.65
N CYS E 2223 -38.43 -56.61 -27.81
CA CYS E 2223 -39.82 -57.02 -27.80
C CYS E 2223 -40.24 -57.64 -29.14
N PHE E 2224 -39.42 -57.48 -30.18
CA PHE E 2224 -39.66 -58.17 -31.44
C PHE E 2224 -39.20 -59.61 -31.34
N GLY E 2225 -39.34 -60.32 -32.46
CA GLY E 2225 -38.63 -61.56 -32.65
C GLY E 2225 -37.17 -61.26 -32.92
N PRO E 2226 -36.27 -62.07 -32.35
CA PRO E 2226 -34.84 -61.89 -32.64
C PRO E 2226 -34.46 -62.25 -34.07
N ALA E 2227 -35.30 -63.01 -34.78
CA ALA E 2227 -35.14 -63.22 -36.21
C ALA E 2227 -35.76 -62.08 -37.03
N LEU E 2228 -36.21 -61.02 -36.36
CA LEU E 2228 -36.73 -59.82 -37.02
C LEU E 2228 -35.95 -58.58 -36.65
N ARG E 2229 -35.65 -58.37 -35.36
CA ARG E 2229 -34.90 -57.21 -34.91
C ARG E 2229 -33.46 -57.56 -34.57
N GLY E 2230 -32.85 -58.44 -35.37
CA GLY E 2230 -31.41 -58.63 -35.27
C GLY E 2230 -30.67 -57.37 -35.70
N GLU E 2231 -29.53 -57.13 -35.05
CA GLU E 2231 -28.79 -55.88 -35.28
C GLU E 2231 -28.15 -55.86 -36.67
N GLY E 2232 -27.86 -57.02 -37.24
CA GLY E 2232 -27.36 -57.08 -38.61
C GLY E 2232 -28.46 -57.48 -39.57
N GLY E 2233 -28.45 -58.74 -40.00
CA GLY E 2233 -29.48 -59.26 -40.85
C GLY E 2233 -30.44 -60.17 -40.10
N SER E 2234 -31.74 -59.98 -40.31
CA SER E 2234 -32.74 -60.79 -39.62
C SER E 2234 -33.89 -61.03 -40.60
N GLY E 2235 -33.80 -62.12 -41.35
CA GLY E 2235 -34.78 -62.43 -42.37
C GLY E 2235 -36.03 -63.06 -41.79
N LEU E 2236 -37.11 -62.27 -41.76
CA LEU E 2236 -38.36 -62.75 -41.18
C LEU E 2236 -39.11 -63.65 -42.15
N LEU E 2237 -39.07 -63.36 -43.45
CA LEU E 2237 -39.68 -64.26 -44.42
C LEU E 2237 -38.91 -65.57 -44.51
N ALA E 2238 -37.61 -65.52 -44.22
CA ALA E 2238 -36.84 -66.75 -44.07
C ALA E 2238 -37.15 -67.43 -42.73
N ALA E 2239 -37.49 -66.64 -41.71
CA ALA E 2239 -37.80 -67.21 -40.40
C ALA E 2239 -39.11 -67.99 -40.41
N ILE E 2240 -40.08 -67.54 -41.21
CA ILE E 2240 -41.33 -68.28 -41.35
C ILE E 2240 -41.09 -69.60 -42.08
N GLU E 2241 -40.27 -69.57 -43.15
CA GLU E 2241 -39.92 -70.79 -43.85
C GLU E 2241 -39.01 -71.69 -43.03
N GLU E 2242 -38.20 -71.11 -42.14
CA GLU E 2242 -37.41 -71.92 -41.23
C GLU E 2242 -38.29 -72.59 -40.17
N ALA E 2243 -39.35 -71.91 -39.74
CA ALA E 2243 -40.29 -72.49 -38.78
C ALA E 2243 -41.06 -73.67 -39.36
N ILE E 2244 -41.26 -73.68 -40.67
CA ILE E 2244 -41.85 -74.85 -41.33
C ILE E 2244 -40.88 -76.03 -41.27
N ARG E 2245 -39.59 -75.74 -41.36
CA ARG E 2245 -38.58 -76.79 -41.17
C ARG E 2245 -38.49 -77.22 -39.71
N ILE E 2246 -38.72 -76.29 -38.77
CA ILE E 2246 -38.79 -76.67 -37.36
C ILE E 2246 -40.08 -77.45 -37.10
N SER E 2247 -41.17 -77.08 -37.79
CA SER E 2247 -42.39 -77.88 -37.76
C SER E 2247 -42.19 -79.23 -38.42
N GLU E 2248 -41.23 -79.34 -39.34
CA GLU E 2248 -40.79 -80.60 -39.88
C GLU E 2248 -39.64 -81.21 -39.08
N ASP E 2249 -39.21 -80.56 -38.00
CA ASP E 2249 -38.16 -81.09 -37.15
C ASP E 2249 -38.77 -81.66 -35.88
N PRO E 2250 -38.90 -82.99 -35.75
CA PRO E 2250 -39.45 -83.55 -34.52
C PRO E 2250 -38.48 -83.53 -33.36
N ALA E 2251 -37.18 -83.38 -33.61
CA ALA E 2251 -36.17 -83.31 -32.55
C ALA E 2251 -36.18 -81.97 -31.82
N ARG E 2252 -36.91 -80.98 -32.32
CA ARG E 2252 -37.05 -79.71 -31.63
C ARG E 2252 -38.13 -79.75 -30.55
N ASP E 2253 -38.81 -80.87 -30.38
CA ASP E 2253 -39.81 -81.06 -29.35
C ASP E 2253 -39.29 -82.07 -28.32
N GLY E 2254 -40.13 -82.37 -27.33
CA GLY E 2254 -39.81 -83.37 -26.34
C GLY E 2254 -40.32 -84.73 -26.76
N PRO E 2255 -39.44 -85.59 -27.28
CA PRO E 2255 -39.87 -86.91 -27.78
C PRO E 2255 -39.14 -88.07 -27.11
N ASN E 2274 -45.00 -80.51 -25.04
CA ASN E 2274 -45.67 -81.80 -24.89
C ASN E 2274 -47.14 -81.69 -25.26
N ARG E 2275 -47.59 -80.46 -25.48
CA ARG E 2275 -48.98 -80.24 -25.89
C ARG E 2275 -49.11 -80.23 -27.41
N VAL E 2276 -48.27 -79.46 -28.09
CA VAL E 2276 -48.24 -79.38 -29.53
C VAL E 2276 -46.79 -79.35 -29.99
N HIS E 2277 -46.59 -79.21 -31.30
CA HIS E 2277 -45.24 -79.15 -31.84
C HIS E 2277 -44.62 -77.79 -31.56
N LEU E 2278 -43.31 -77.69 -31.81
CA LEU E 2278 -42.57 -76.48 -31.48
C LEU E 2278 -42.39 -75.56 -32.67
N GLY E 2279 -42.40 -76.11 -33.89
CA GLY E 2279 -42.42 -75.27 -35.07
C GLY E 2279 -43.71 -74.52 -35.26
N HIS E 2280 -44.80 -74.99 -34.63
CA HIS E 2280 -46.07 -74.27 -34.67
C HIS E 2280 -46.00 -72.95 -33.91
N ALA E 2281 -45.33 -72.95 -32.75
CA ALA E 2281 -45.34 -71.80 -31.87
C ALA E 2281 -44.43 -70.67 -32.33
N ILE E 2282 -43.53 -70.92 -33.26
CA ILE E 2282 -42.72 -69.84 -33.84
C ILE E 2282 -43.61 -68.91 -34.65
N MET E 2283 -44.38 -69.47 -35.57
CA MET E 2283 -45.30 -68.68 -36.39
C MET E 2283 -46.59 -68.36 -35.66
N SER E 2284 -46.87 -69.02 -34.54
CA SER E 2284 -48.02 -68.64 -33.73
C SER E 2284 -47.79 -67.32 -33.01
N PHE E 2285 -46.52 -66.99 -32.75
CA PHE E 2285 -46.17 -65.70 -32.16
C PHE E 2285 -45.94 -64.64 -33.23
N TYR E 2286 -45.32 -65.03 -34.35
CA TYR E 2286 -44.97 -64.05 -35.38
C TYR E 2286 -46.20 -63.56 -36.14
N ALA E 2287 -47.18 -64.43 -36.37
CA ALA E 2287 -48.42 -63.97 -36.98
C ALA E 2287 -49.25 -63.16 -36.00
N ALA E 2288 -49.11 -63.44 -34.70
CA ALA E 2288 -49.72 -62.58 -33.69
C ALA E 2288 -49.03 -61.23 -33.61
N LEU E 2289 -47.73 -61.20 -33.93
CA LEU E 2289 -47.01 -59.94 -33.99
C LEU E 2289 -47.53 -59.07 -35.14
N ILE E 2290 -47.95 -59.69 -36.23
CA ILE E 2290 -48.49 -58.92 -37.35
C ILE E 2290 -49.95 -58.55 -37.09
N ASP E 2291 -50.70 -59.46 -36.45
CA ASP E 2291 -52.12 -59.23 -36.21
C ASP E 2291 -52.36 -58.14 -35.16
N LEU E 2292 -51.36 -57.88 -34.31
CA LEU E 2292 -51.39 -56.65 -33.54
C LEU E 2292 -51.22 -55.44 -34.44
N LEU E 2293 -50.22 -55.47 -35.31
CA LEU E 2293 -49.89 -54.31 -36.13
C LEU E 2293 -50.91 -54.09 -37.24
N GLY E 2294 -51.56 -55.16 -37.71
CA GLY E 2294 -52.67 -54.99 -38.62
C GLY E 2294 -53.88 -54.38 -37.94
N ARG E 2295 -54.00 -54.58 -36.63
CA ARG E 2295 -55.00 -53.91 -35.82
C ARG E 2295 -54.47 -52.64 -35.18
N CYS E 2296 -53.17 -52.39 -35.28
CA CYS E 2296 -52.57 -51.13 -34.88
C CYS E 2296 -52.38 -50.22 -36.08
N ALA E 2297 -53.34 -50.24 -37.00
CA ALA E 2297 -53.34 -49.31 -38.12
C ALA E 2297 -53.52 -47.90 -37.59
N PRO E 2298 -52.59 -46.98 -37.86
CA PRO E 2298 -52.64 -45.68 -37.19
C PRO E 2298 -53.72 -44.77 -37.72
N GLU E 2299 -53.97 -44.79 -39.02
CA GLU E 2299 -54.86 -43.81 -39.62
C GLU E 2299 -56.03 -44.52 -40.29
N MET E 2300 -57.23 -44.15 -39.86
CA MET E 2300 -58.44 -44.51 -40.58
C MET E 2300 -58.65 -43.48 -41.69
N HIS E 2301 -59.57 -43.78 -42.61
CA HIS E 2301 -59.78 -42.97 -43.81
C HIS E 2301 -60.20 -41.54 -43.50
N LEU E 2302 -60.84 -41.30 -42.37
CA LEU E 2302 -61.11 -39.95 -41.91
C LEU E 2302 -59.83 -39.18 -41.66
N ILE E 2303 -58.84 -39.83 -41.04
CA ILE E 2303 -57.60 -39.18 -40.66
C ILE E 2303 -56.43 -39.58 -41.54
N GLN E 2304 -56.57 -40.62 -42.37
CA GLN E 2304 -55.56 -40.86 -43.39
C GLN E 2304 -55.60 -39.80 -44.48
N ALA E 2305 -56.75 -39.20 -44.71
CA ALA E 2305 -56.90 -38.09 -45.65
C ALA E 2305 -57.09 -36.76 -44.94
N GLY E 2306 -56.96 -36.71 -43.62
CA GLY E 2306 -57.16 -35.47 -42.89
C GLY E 2306 -56.17 -35.22 -41.77
N LYS E 2307 -55.05 -35.94 -41.79
CA LYS E 2307 -54.00 -35.80 -40.78
C LYS E 2307 -52.71 -36.36 -41.35
N GLY E 2308 -51.61 -35.67 -41.11
CA GLY E 2308 -50.30 -36.17 -41.51
C GLY E 2308 -49.53 -36.82 -40.38
N GLU E 2309 -49.98 -36.56 -39.14
CA GLU E 2309 -49.26 -37.08 -37.98
C GLU E 2309 -49.49 -38.57 -37.82
N ALA E 2310 -50.73 -39.03 -38.07
CA ALA E 2310 -51.00 -40.46 -38.06
C ALA E 2310 -50.30 -41.18 -39.20
N LEU E 2311 -49.99 -40.47 -40.29
CA LEU E 2311 -49.27 -41.08 -41.40
C LEU E 2311 -47.82 -41.33 -41.04
N ARG E 2312 -47.25 -40.53 -40.14
CA ARG E 2312 -45.89 -40.74 -39.66
C ARG E 2312 -45.74 -42.09 -38.99
N ILE E 2313 -46.72 -42.46 -38.17
CA ILE E 2313 -46.70 -43.77 -37.53
C ILE E 2313 -46.86 -44.87 -38.58
N ARG E 2314 -47.66 -44.62 -39.61
CA ARG E 2314 -47.73 -45.53 -40.74
C ARG E 2314 -46.44 -45.48 -41.55
N ALA E 2315 -45.77 -44.33 -41.59
CA ALA E 2315 -44.46 -44.25 -42.24
C ALA E 2315 -43.41 -45.04 -41.48
N ILE E 2316 -43.57 -45.17 -40.16
CA ILE E 2316 -42.73 -46.08 -39.40
C ILE E 2316 -43.05 -47.52 -39.77
N LEU E 2317 -44.35 -47.84 -39.88
CA LEU E 2317 -44.77 -49.20 -40.18
C LEU E 2317 -44.38 -49.62 -41.58
N ARG E 2318 -44.36 -48.69 -42.54
CA ARG E 2318 -43.85 -49.00 -43.87
C ARG E 2318 -42.35 -49.19 -43.88
N SER E 2319 -41.64 -48.64 -42.88
CA SER E 2319 -40.26 -49.01 -42.68
C SER E 2319 -40.13 -50.31 -41.88
N LEU E 2320 -41.19 -50.72 -41.18
CA LEU E 2320 -41.15 -51.97 -40.43
C LEU E 2320 -41.49 -53.15 -41.33
N VAL E 2321 -42.69 -53.18 -41.88
CA VAL E 2321 -43.08 -54.25 -42.81
C VAL E 2321 -43.06 -53.75 -44.25
N PRO E 2322 -42.08 -54.17 -45.05
CA PRO E 2322 -42.05 -53.74 -46.46
C PRO E 2322 -43.05 -54.51 -47.29
N LEU E 2323 -43.11 -54.13 -48.56
CA LEU E 2323 -43.88 -54.89 -49.53
C LEU E 2323 -43.09 -56.11 -49.98
N ASP E 2324 -43.82 -57.12 -50.44
CA ASP E 2324 -43.31 -58.42 -50.94
C ASP E 2324 -42.58 -59.23 -49.88
N ASP E 2325 -42.77 -58.89 -48.60
CA ASP E 2325 -42.43 -59.78 -47.51
C ASP E 2325 -43.63 -60.55 -47.00
N LEU E 2326 -44.83 -60.01 -47.21
CA LEU E 2326 -46.08 -60.65 -46.85
C LEU E 2326 -46.66 -61.48 -47.98
N VAL E 2327 -46.13 -61.34 -49.20
CA VAL E 2327 -46.68 -62.04 -50.35
C VAL E 2327 -46.36 -63.52 -50.29
N GLY E 2328 -45.11 -63.86 -49.94
CA GLY E 2328 -44.73 -65.24 -49.77
C GLY E 2328 -45.39 -65.92 -48.59
N ILE E 2329 -45.85 -65.14 -47.60
CA ILE E 2329 -46.64 -65.70 -46.50
C ILE E 2329 -48.03 -66.09 -47.00
N ILE E 2330 -48.58 -65.35 -47.96
CA ILE E 2330 -49.89 -65.68 -48.50
C ILE E 2330 -49.81 -66.96 -49.33
N SER E 2331 -48.77 -67.10 -50.15
CA SER E 2331 -48.60 -68.31 -50.94
C SER E 2331 -47.72 -69.34 -50.23
N LEU E 2332 -48.02 -69.61 -48.96
CA LEU E 2332 -47.46 -70.73 -48.20
C LEU E 2332 -48.12 -72.11 -48.37
N PRO E 2333 -49.46 -72.23 -48.55
CA PRO E 2333 -50.34 -73.15 -47.80
C PRO E 2333 -49.87 -74.58 -47.51
N LEU E 2334 -50.28 -75.08 -46.34
CA LEU E 2334 -49.84 -76.37 -45.84
C LEU E 2334 -50.57 -77.50 -46.58
N GLN E 2335 -50.35 -78.74 -46.12
CA GLN E 2335 -50.98 -79.89 -46.75
C GLN E 2335 -52.49 -79.88 -46.50
N ILE E 2336 -53.22 -80.43 -47.47
CA ILE E 2336 -54.68 -80.44 -47.45
C ILE E 2336 -55.14 -81.72 -46.76
N PRO E 2337 -55.94 -81.62 -45.71
CA PRO E 2337 -56.39 -82.83 -45.01
C PRO E 2337 -57.46 -83.60 -45.77
N THR E 2338 -57.04 -84.31 -46.82
CA THR E 2338 -57.95 -85.11 -47.65
C THR E 2338 -57.20 -86.38 -48.06
N LEU E 2339 -57.47 -87.47 -47.37
CA LEU E 2339 -56.85 -88.76 -47.68
C LEU E 2339 -57.75 -89.91 -47.23
N UNK E 2340 -56.41 -89.59 -43.79
CA UNK E 2340 -55.28 -88.99 -43.07
C UNK E 2340 -55.28 -87.48 -43.23
N UNK E 2341 -55.51 -86.79 -42.13
CA UNK E 2341 -55.55 -85.32 -42.13
C UNK E 2341 -54.16 -84.74 -41.90
N UNK E 2342 -54.04 -83.43 -42.08
CA UNK E 2342 -52.79 -82.73 -41.79
C UNK E 2342 -52.74 -82.40 -40.31
N UNK E 2343 -51.57 -82.00 -39.83
CA UNK E 2343 -51.41 -81.66 -38.42
C UNK E 2343 -51.85 -80.23 -38.16
N UNK E 2344 -52.50 -80.02 -37.02
CA UNK E 2344 -52.93 -78.68 -36.61
C UNK E 2344 -51.88 -78.04 -35.71
N UNK E 2345 -50.80 -78.78 -35.47
CA UNK E 2345 -49.65 -78.24 -34.75
C UNK E 2345 -48.56 -77.90 -35.75
N UNK E 2346 -48.96 -77.30 -36.87
CA UNK E 2346 -48.03 -76.91 -37.91
C UNK E 2346 -48.32 -75.48 -38.35
N UNK E 2347 -48.08 -75.19 -39.63
CA UNK E 2347 -48.30 -73.86 -40.17
C UNK E 2347 -49.78 -73.62 -40.50
N UNK E 2348 -50.48 -72.95 -39.59
CA UNK E 2348 -51.92 -72.72 -39.72
C UNK E 2348 -52.28 -71.80 -40.89
N UNK E 2349 -53.45 -72.03 -41.48
CA UNK E 2349 -53.92 -71.24 -42.62
C UNK E 2349 -54.59 -69.96 -42.16
N UNK E 2350 -55.02 -69.94 -40.90
CA UNK E 2350 -55.67 -68.76 -40.33
C UNK E 2350 -54.64 -67.70 -39.96
N UNK E 2351 -53.38 -68.12 -39.86
CA UNK E 2351 -52.30 -67.22 -39.49
C UNK E 2351 -51.69 -66.56 -40.73
N UNK E 2352 -52.06 -67.06 -41.89
CA UNK E 2352 -51.65 -66.46 -43.16
C UNK E 2352 -52.45 -65.18 -43.39
N UNK E 2353 -53.67 -65.16 -42.86
CA UNK E 2353 -54.56 -64.01 -43.00
C UNK E 2353 -54.25 -62.97 -41.93
N UNK E 2354 -53.43 -63.34 -40.95
CA UNK E 2354 -52.95 -62.39 -39.94
C UNK E 2354 -51.95 -61.44 -40.58
N UNK E 2355 -51.25 -61.94 -41.58
CA UNK E 2355 -50.32 -61.13 -42.37
C UNK E 2355 -51.08 -60.26 -43.38
N UNK E 2356 -52.31 -60.67 -43.70
CA UNK E 2356 -53.10 -59.99 -44.71
C UNK E 2356 -53.67 -58.66 -44.22
N UNK E 2357 -53.84 -58.54 -42.91
CA UNK E 2357 -54.45 -57.36 -42.32
C UNK E 2357 -53.52 -56.16 -42.37
N UNK E 2358 -52.23 -56.40 -42.18
CA UNK E 2358 -51.23 -55.35 -42.21
C UNK E 2358 -51.06 -54.83 -43.62
N UNK E 2359 -51.11 -55.74 -44.59
CA UNK E 2359 -50.98 -55.37 -46.00
C UNK E 2359 -52.19 -54.60 -46.49
N UNK E 2360 -53.33 -54.83 -45.84
CA UNK E 2360 -54.57 -54.15 -46.21
C UNK E 2360 -54.77 -52.87 -45.40
N UNK E 2361 -53.78 -52.50 -44.59
CA UNK E 2361 -53.92 -51.33 -43.73
C UNK E 2361 -52.60 -50.60 -43.47
N UNK E 2362 -51.62 -50.81 -44.33
CA UNK E 2362 -50.37 -50.05 -44.23
C UNK E 2362 -49.81 -49.79 -45.62
N UNK E 2363 -49.39 -50.85 -46.29
CA UNK E 2363 -48.88 -50.74 -47.64
C UNK E 2363 -50.02 -50.49 -48.61
N UNK E 2364 -51.20 -51.04 -48.28
CA UNK E 2364 -52.44 -50.93 -49.06
C UNK E 2364 -52.30 -51.41 -50.51
N UNK E 2365 -53.25 -51.01 -51.34
CA UNK E 2365 -53.27 -51.39 -52.75
C UNK E 2365 -54.09 -50.41 -53.57
N UNK E 2366 -53.41 -49.54 -54.31
CA UNK E 2366 -54.08 -48.55 -55.12
C UNK E 2366 -53.79 -48.74 -56.60
N UNK E 2367 -52.66 -49.39 -56.89
CA UNK E 2367 -52.23 -49.58 -58.29
C UNK E 2367 -52.85 -50.83 -58.90
N UNK E 2368 -52.15 -51.40 -59.88
CA UNK E 2368 -52.60 -52.61 -60.54
C UNK E 2368 -51.72 -53.78 -60.13
N UNK E 2369 -51.33 -53.78 -58.86
CA UNK E 2369 -50.53 -54.87 -58.30
C UNK E 2369 -51.44 -55.93 -57.70
N UNK E 2370 -52.75 -55.73 -57.87
CA UNK E 2370 -53.75 -56.70 -57.46
C UNK E 2370 -53.65 -57.95 -58.31
N UNK E 2371 -53.30 -57.77 -59.58
CA UNK E 2371 -53.04 -58.88 -60.49
C UNK E 2371 -51.81 -59.65 -60.05
N UNK E 2372 -50.83 -58.92 -59.52
CA UNK E 2372 -49.64 -59.52 -58.94
C UNK E 2372 -49.99 -60.16 -57.60
N UNK E 2373 -51.01 -59.62 -56.95
CA UNK E 2373 -51.46 -60.13 -55.67
C UNK E 2373 -52.38 -61.33 -55.83
N UNK E 2374 -53.26 -61.29 -56.83
CA UNK E 2374 -54.19 -62.39 -57.07
C UNK E 2374 -53.50 -63.58 -57.74
N UNK E 2375 -52.26 -63.37 -58.19
CA UNK E 2375 -51.44 -64.46 -58.70
C UNK E 2375 -50.63 -65.10 -57.57
N UNK E 2376 -50.97 -64.77 -56.33
CA UNK E 2376 -50.29 -65.32 -55.16
C UNK E 2376 -51.28 -65.54 -54.02
N UNK E 2377 -52.55 -65.23 -54.26
CA UNK E 2377 -53.58 -65.37 -53.24
C UNK E 2377 -54.74 -66.26 -53.70
N UNK E 2378 -55.04 -66.23 -55.00
CA UNK E 2378 -56.15 -67.01 -55.54
C UNK E 2378 -55.74 -68.46 -55.82
N UNK E 2379 -54.47 -68.78 -55.58
CA UNK E 2379 -53.98 -70.14 -55.70
C UNK E 2379 -54.61 -71.04 -54.64
N UNK E 2380 -54.83 -70.47 -53.45
CA UNK E 2380 -55.47 -71.20 -52.37
C UNK E 2380 -56.99 -71.12 -52.50
N UNK E 2381 -57.46 -70.21 -53.35
CA UNK E 2381 -58.90 -70.05 -53.57
C UNK E 2381 -59.42 -71.18 -54.43
N UNK E 2382 -58.55 -71.70 -55.31
CA UNK E 2382 -58.90 -72.86 -56.12
C UNK E 2382 -58.78 -74.11 -55.27
N UNK E 2383 -57.92 -74.05 -54.26
CA UNK E 2383 -57.75 -75.15 -53.32
C UNK E 2383 -58.87 -75.16 -52.28
N UNK E 2384 -59.62 -74.06 -52.22
CA UNK E 2384 -60.76 -73.96 -51.31
C UNK E 2384 -61.91 -74.82 -51.82
N UNK E 2385 -61.99 -74.98 -53.15
CA UNK E 2385 -63.04 -75.78 -53.75
C UNK E 2385 -62.58 -77.23 -53.91
N UNK E 2386 -61.35 -77.51 -53.50
CA UNK E 2386 -60.78 -78.84 -53.63
C UNK E 2386 -61.37 -79.82 -52.62
N UNK E 2387 -61.27 -79.48 -51.33
CA UNK E 2387 -61.74 -80.37 -50.28
C UNK E 2387 -63.18 -80.09 -49.88
N UNK E 2388 -64.05 -79.88 -50.87
CA UNK E 2388 -65.47 -79.69 -50.61
C UNK E 2388 -66.22 -80.96 -51.01
N UNK E 2389 -65.49 -82.08 -51.02
CA UNK E 2389 -66.05 -83.34 -51.48
C UNK E 2389 -66.28 -84.31 -50.32
N UNK E 2390 -65.22 -84.61 -49.58
CA UNK E 2390 -65.27 -85.58 -48.49
C UNK E 2390 -66.09 -85.06 -47.31
N UNK E 2391 -65.43 -84.35 -46.40
CA UNK E 2391 -66.11 -83.80 -45.23
C UNK E 2391 -65.40 -82.55 -44.76
N UNK E 2392 -64.21 -82.31 -45.33
CA UNK E 2392 -63.32 -81.20 -45.00
C UNK E 2392 -62.99 -81.12 -43.51
N UNK E 2393 -62.06 -81.96 -43.07
CA UNK E 2393 -61.56 -81.90 -41.70
C UNK E 2393 -60.80 -80.60 -41.54
N UNK E 2394 -61.01 -79.91 -40.42
CA UNK E 2394 -60.37 -78.62 -40.09
C UNK E 2394 -60.50 -77.56 -41.19
N UNK E 2395 -61.70 -77.00 -41.34
CA UNK E 2395 -61.94 -76.01 -42.39
C UNK E 2395 -61.45 -74.63 -41.98
N UNK E 2396 -60.14 -74.49 -41.77
CA UNK E 2396 -59.54 -73.23 -41.38
C UNK E 2396 -59.42 -72.32 -42.59
N UNK E 2397 -59.32 -72.94 -43.76
CA UNK E 2397 -59.22 -72.20 -45.02
C UNK E 2397 -60.57 -71.55 -45.36
N UNK E 2398 -61.65 -72.12 -44.84
CA UNK E 2398 -62.97 -71.54 -44.99
C UNK E 2398 -63.05 -70.25 -44.18
N UNK E 2399 -62.35 -70.23 -43.06
CA UNK E 2399 -62.26 -69.03 -42.23
C UNK E 2399 -61.22 -68.07 -42.80
N UNK E 2400 -60.20 -68.63 -43.45
CA UNK E 2400 -59.11 -67.81 -43.98
C UNK E 2400 -59.45 -67.21 -45.34
N UNK E 2401 -60.58 -67.62 -45.91
CA UNK E 2401 -61.03 -67.05 -47.17
C UNK E 2401 -62.36 -66.32 -46.97
N UNK E 2402 -62.76 -66.18 -45.71
CA UNK E 2402 -63.94 -65.40 -45.37
C UNK E 2402 -63.50 -64.09 -44.76
N UNK E 2403 -62.19 -63.87 -44.73
CA UNK E 2403 -61.63 -62.65 -44.17
C UNK E 2403 -60.59 -62.06 -45.12
N UNK E 2404 -60.38 -62.74 -46.24
CA UNK E 2404 -59.44 -62.27 -47.25
C UNK E 2404 -60.18 -61.89 -48.51
N UNK E 2405 -61.37 -62.48 -48.69
CA UNK E 2405 -62.19 -62.24 -49.86
C UNK E 2405 -62.97 -60.92 -49.75
N UNK E 2406 -63.02 -60.38 -48.55
CA UNK E 2406 -63.69 -59.10 -48.31
C UNK E 2406 -62.86 -57.97 -48.90
N UNK E 2407 -61.54 -58.15 -48.90
CA UNK E 2407 -60.63 -57.18 -49.49
C UNK E 2407 -60.74 -57.18 -51.01
N UNK E 2408 -61.05 -58.34 -51.55
CA UNK E 2408 -61.31 -58.49 -52.98
C UNK E 2408 -62.62 -57.80 -53.35
N UNK E 2409 -63.58 -57.84 -52.42
CA UNK E 2409 -64.87 -57.21 -52.61
C UNK E 2409 -64.78 -55.69 -52.47
N UNK E 2410 -63.67 -55.22 -51.91
CA UNK E 2410 -63.41 -53.79 -51.80
C UNK E 2410 -62.58 -53.31 -52.99
N UNK E 2411 -62.40 -54.17 -53.97
CA UNK E 2411 -61.60 -53.84 -55.14
C UNK E 2411 -62.44 -53.79 -56.41
N UNK E 2412 -62.72 -52.59 -56.91
CA UNK E 2412 -63.44 -52.43 -58.16
C UNK E 2412 -62.48 -51.97 -59.24
N UNK E 2413 -61.25 -52.49 -59.19
CA UNK E 2413 -60.22 -52.16 -60.17
C UNK E 2413 -60.13 -53.24 -61.23
N UNK E 2414 -60.88 -53.05 -62.32
CA UNK E 2414 -60.87 -54.01 -63.43
C UNK E 2414 -60.46 -53.32 -64.72
N UNK E 2415 -59.65 -54.00 -65.53
CA UNK E 2415 -59.18 -53.44 -66.79
C UNK E 2415 -59.32 -54.45 -67.93
N UNK E 2416 -58.34 -54.50 -68.81
CA UNK E 2416 -58.34 -55.44 -69.92
C UNK E 2416 -57.40 -56.59 -69.62
N UNK E 2417 -57.20 -57.46 -70.62
CA UNK E 2417 -56.37 -58.67 -70.54
C UNK E 2417 -56.78 -59.57 -69.39
N UNK E 2418 -58.06 -59.93 -69.36
CA UNK E 2418 -58.61 -60.78 -68.31
C UNK E 2418 -58.14 -62.22 -68.44
N UNK E 2419 -56.86 -62.45 -68.13
CA UNK E 2419 -56.28 -63.78 -68.24
C UNK E 2419 -56.65 -64.63 -67.04
N UNK E 2420 -56.47 -64.05 -65.85
CA UNK E 2420 -56.77 -64.75 -64.61
C UNK E 2420 -58.04 -64.20 -63.95
N UNK E 2421 -58.61 -63.15 -64.54
CA UNK E 2421 -59.83 -62.57 -64.02
C UNK E 2421 -61.01 -63.48 -64.28
N UNK E 2422 -60.99 -64.15 -65.43
CA UNK E 2422 -62.02 -65.11 -65.78
C UNK E 2422 -61.83 -66.38 -64.96
N UNK E 2423 -60.58 -66.71 -64.68
CA UNK E 2423 -60.24 -67.91 -63.91
C UNK E 2423 -60.59 -67.74 -62.44
N UNK E 2424 -60.48 -66.51 -61.95
CA UNK E 2424 -60.82 -66.21 -60.58
C UNK E 2424 -62.33 -66.27 -60.38
N UNK E 2425 -63.05 -65.82 -61.40
CA UNK E 2425 -64.51 -65.76 -61.36
C UNK E 2425 -65.12 -67.16 -61.35
N UNK E 2426 -64.45 -68.10 -62.01
CA UNK E 2426 -64.86 -69.49 -62.00
C UNK E 2426 -64.60 -70.11 -60.65
N UNK E 2427 -63.44 -69.78 -60.06
CA UNK E 2427 -63.06 -70.30 -58.75
C UNK E 2427 -63.91 -69.66 -57.66
N UNK E 2428 -64.37 -68.44 -57.91
CA UNK E 2428 -65.27 -67.76 -56.98
C UNK E 2428 -66.67 -68.36 -57.05
N UNK E 2429 -67.09 -68.71 -58.25
CA UNK E 2429 -68.40 -69.32 -58.46
C UNK E 2429 -68.41 -70.76 -57.97
N UNK E 2430 -67.23 -71.35 -57.90
CA UNK E 2430 -67.07 -72.73 -57.44
C UNK E 2430 -67.43 -72.86 -55.96
N UNK E 2431 -66.87 -71.99 -55.14
CA UNK E 2431 -67.15 -72.01 -53.71
C UNK E 2431 -68.55 -71.48 -53.41
N UNK E 2432 -69.03 -70.59 -54.27
CA UNK E 2432 -70.34 -69.96 -54.09
C UNK E 2432 -71.48 -70.95 -54.31
N UNK E 2433 -71.35 -71.76 -55.36
CA UNK E 2433 -72.34 -72.77 -55.66
C UNK E 2433 -72.24 -73.92 -54.66
N UNK E 2434 -71.04 -74.15 -54.14
CA UNK E 2434 -70.81 -75.18 -53.14
C UNK E 2434 -71.16 -74.66 -51.74
N UNK E 2435 -72.45 -74.48 -51.49
CA UNK E 2435 -72.91 -74.03 -50.19
C UNK E 2435 -73.38 -75.22 -49.35
N UNK E 2436 -73.35 -76.40 -49.96
CA UNK E 2436 -73.75 -77.63 -49.27
C UNK E 2436 -72.65 -78.11 -48.34
N UNK E 2437 -71.47 -78.38 -48.91
CA UNK E 2437 -70.31 -78.79 -48.13
C UNK E 2437 -69.77 -77.60 -47.34
N UNK E 2438 -69.87 -77.69 -46.01
CA UNK E 2438 -69.53 -76.62 -45.06
C UNK E 2438 -70.28 -75.33 -45.39
N UNK E 2439 -71.50 -75.21 -44.88
CA UNK E 2439 -72.40 -74.12 -45.23
C UNK E 2439 -71.96 -72.77 -44.67
N UNK E 2440 -72.31 -72.52 -43.39
CA UNK E 2440 -72.12 -71.24 -42.70
C UNK E 2440 -72.77 -70.09 -43.47
N UNK E 2441 -74.03 -69.80 -43.14
CA UNK E 2441 -74.84 -68.80 -43.86
C UNK E 2441 -74.28 -67.39 -43.77
N UNK E 2442 -73.49 -67.13 -42.73
CA UNK E 2442 -72.76 -65.88 -42.63
C UNK E 2442 -71.64 -65.85 -43.67
N UNK E 2443 -70.87 -66.94 -43.72
CA UNK E 2443 -69.77 -67.06 -44.67
C UNK E 2443 -70.29 -67.26 -46.09
N UNK E 2444 -71.49 -67.82 -46.19
CA UNK E 2444 -72.14 -68.01 -47.48
C UNK E 2444 -72.53 -66.66 -48.07
N UNK E 2445 -73.14 -65.81 -47.26
CA UNK E 2445 -73.55 -64.48 -47.69
C UNK E 2445 -72.34 -63.59 -47.91
N UNK E 2446 -71.28 -63.85 -47.17
CA UNK E 2446 -70.03 -63.10 -47.30
C UNK E 2446 -69.37 -63.42 -48.63
N UNK E 2447 -69.49 -64.67 -49.05
CA UNK E 2447 -68.98 -65.10 -50.34
C UNK E 2447 -69.92 -64.64 -51.45
N UNK E 2448 -71.21 -64.56 -51.12
CA UNK E 2448 -72.23 -64.21 -52.10
C UNK E 2448 -72.18 -62.73 -52.47
N UNK E 2449 -71.92 -61.89 -51.46
CA UNK E 2449 -71.88 -60.45 -51.67
C UNK E 2449 -70.66 -60.05 -52.49
N UNK E 2450 -69.56 -60.78 -52.30
CA UNK E 2450 -68.33 -60.52 -53.03
C UNK E 2450 -68.48 -60.89 -54.51
N UNK E 2451 -69.31 -61.89 -54.77
CA UNK E 2451 -69.60 -62.31 -56.13
C UNK E 2451 -70.53 -61.30 -56.80
N UNK E 2452 -71.45 -60.76 -56.02
CA UNK E 2452 -72.45 -59.83 -56.56
C UNK E 2452 -71.83 -58.47 -56.88
N UNK E 2453 -70.78 -58.11 -56.14
CA UNK E 2453 -70.16 -56.81 -56.31
C UNK E 2453 -69.08 -56.83 -57.37
N UNK E 2454 -68.57 -58.02 -57.69
CA UNK E 2454 -67.50 -58.17 -58.67
C UNK E 2454 -67.99 -57.88 -60.07
N UNK E 2455 -69.29 -58.13 -60.30
CA UNK E 2455 -69.89 -57.93 -61.61
C UNK E 2455 -70.10 -56.46 -61.93
N UNK E 2456 -70.10 -55.61 -60.91
CA UNK E 2456 -70.26 -54.19 -61.10
C UNK E 2456 -68.92 -53.48 -61.28
N UNK E 2457 -68.08 -54.04 -62.15
CA UNK E 2457 -66.77 -53.48 -62.44
C UNK E 2457 -66.30 -53.97 -63.82
N UNK E 2458 -66.66 -55.20 -64.16
CA UNK E 2458 -66.27 -55.80 -65.43
C UNK E 2458 -67.30 -55.50 -66.51
N UNK E 2459 -66.88 -55.55 -67.77
CA UNK E 2459 -67.76 -55.23 -68.89
C UNK E 2459 -67.82 -56.34 -69.92
N UNK E 2460 -68.76 -57.27 -69.71
CA UNK E 2460 -69.08 -58.37 -70.63
C UNK E 2460 -67.89 -59.27 -70.99
N UNK E 2461 -66.97 -59.44 -70.06
CA UNK E 2461 -65.83 -60.32 -70.27
C UNK E 2461 -66.11 -61.69 -69.67
N UNK E 2462 -67.13 -61.74 -68.82
CA UNK E 2462 -67.53 -62.99 -68.18
C UNK E 2462 -68.58 -63.70 -69.02
N UNK E 2463 -68.12 -64.56 -69.93
CA UNK E 2463 -69.00 -65.31 -70.80
C UNK E 2463 -69.01 -66.79 -70.44
N UNK E 2464 -67.86 -67.29 -69.98
CA UNK E 2464 -67.73 -68.68 -69.59
C UNK E 2464 -68.49 -68.94 -68.29
N UNK E 2465 -68.56 -67.92 -67.44
CA UNK E 2465 -69.32 -68.02 -66.20
C UNK E 2465 -70.82 -67.95 -66.51
N UNK E 2466 -71.17 -67.16 -67.50
CA UNK E 2466 -72.56 -67.01 -67.92
C UNK E 2466 -73.04 -68.26 -68.64
N UNK E 2467 -72.13 -68.95 -69.32
CA UNK E 2467 -72.46 -70.16 -70.04
C UNK E 2467 -72.72 -71.32 -69.08
N UNK E 2468 -71.93 -71.38 -68.02
CA UNK E 2468 -72.05 -72.44 -67.03
C UNK E 2468 -73.28 -72.22 -66.14
N UNK E 2469 -73.70 -70.95 -66.04
CA UNK E 2469 -74.84 -70.58 -65.20
C UNK E 2469 -76.16 -71.06 -65.81
N UNK E 2470 -76.25 -71.03 -67.14
CA UNK E 2470 -77.47 -71.42 -67.84
C UNK E 2470 -77.70 -72.93 -67.77
N UNK E 2471 -76.62 -73.69 -67.58
CA UNK E 2471 -76.71 -75.13 -67.46
C UNK E 2471 -76.58 -75.55 -65.99
N UNK E 2472 -77.02 -74.68 -65.09
CA UNK E 2472 -76.95 -74.96 -63.66
C UNK E 2472 -78.05 -74.23 -62.89
N UNK E 2473 -78.14 -72.92 -63.09
CA UNK E 2473 -79.12 -72.10 -62.38
C UNK E 2473 -80.48 -72.16 -63.06
N UNK E 2474 -80.48 -72.22 -64.39
CA UNK E 2474 -81.71 -72.31 -65.16
C UNK E 2474 -82.28 -73.72 -65.10
N UNK E 2475 -81.43 -74.68 -64.78
CA UNK E 2475 -81.84 -76.06 -64.62
C UNK E 2475 -82.65 -76.24 -63.34
N UNK E 2476 -81.97 -76.58 -62.25
CA UNK E 2476 -82.63 -76.77 -60.97
C UNK E 2476 -82.92 -75.42 -60.31
N UNK E 2477 -84.01 -74.79 -60.74
CA UNK E 2477 -84.39 -73.48 -60.23
C UNK E 2477 -85.29 -73.60 -59.01
N UNK E 2478 -84.75 -74.18 -57.94
CA UNK E 2478 -85.51 -74.36 -56.70
C UNK E 2478 -84.57 -74.46 -55.50
N UNK E 2479 -83.27 -74.48 -55.78
CA UNK E 2479 -82.26 -74.59 -54.74
C UNK E 2479 -82.05 -73.26 -54.02
N UNK E 2480 -81.23 -73.29 -52.97
CA UNK E 2480 -80.88 -72.08 -52.25
C UNK E 2480 -79.89 -71.27 -53.06
N UNK E 2481 -79.09 -71.96 -53.86
CA UNK E 2481 -78.08 -71.31 -54.69
C UNK E 2481 -78.71 -70.70 -55.94
N UNK E 2482 -79.93 -71.10 -56.24
CA UNK E 2482 -80.65 -70.59 -57.40
C UNK E 2482 -81.12 -69.16 -57.17
N UNK E 2483 -81.45 -68.84 -55.91
CA UNK E 2483 -81.91 -67.51 -55.56
C UNK E 2483 -80.77 -66.50 -55.62
N UNK E 2484 -79.57 -66.98 -55.29
CA UNK E 2484 -78.38 -66.14 -55.34
C UNK E 2484 -77.97 -65.88 -56.79
N UNK E 2485 -78.11 -66.91 -57.62
CA UNK E 2485 -77.72 -66.82 -59.02
C UNK E 2485 -78.71 -66.00 -59.84
N UNK E 2486 -79.96 -65.95 -59.39
CA UNK E 2486 -81.01 -65.24 -60.10
C UNK E 2486 -80.82 -63.72 -60.01
N UNK E 2487 -80.29 -63.27 -58.89
CA UNK E 2487 -80.07 -61.84 -58.67
C UNK E 2487 -78.85 -61.35 -59.45
N UNK E 2488 -77.88 -62.22 -59.65
CA UNK E 2488 -76.67 -61.87 -60.38
C UNK E 2488 -76.96 -61.72 -61.87
N UNK E 2489 -77.90 -62.53 -62.35
CA UNK E 2489 -78.31 -62.48 -63.75
C UNK E 2489 -79.15 -61.25 -64.04
N UNK E 2490 -79.91 -60.83 -63.04
CA UNK E 2490 -80.77 -59.66 -63.16
C UNK E 2490 -79.94 -58.37 -63.16
N UNK E 2491 -78.74 -58.44 -62.60
CA UNK E 2491 -77.82 -57.31 -62.57
C UNK E 2491 -77.24 -57.06 -63.96
N UNK E 2492 -77.04 -58.12 -64.73
CA UNK E 2492 -76.48 -58.02 -66.07
C UNK E 2492 -77.52 -57.48 -67.05
N UNK E 2493 -78.79 -57.59 -66.68
CA UNK E 2493 -79.88 -57.08 -67.49
C UNK E 2493 -79.89 -55.55 -67.53
N UNK E 2494 -79.35 -54.94 -66.47
CA UNK E 2494 -79.27 -53.49 -66.39
C UNK E 2494 -77.89 -53.00 -66.86
N UNK E 2495 -77.29 -53.74 -67.79
CA UNK E 2495 -76.01 -53.35 -68.36
C UNK E 2495 -76.05 -53.58 -69.87
N UNK E 2496 -77.22 -53.96 -70.37
CA UNK E 2496 -77.37 -54.29 -71.78
C UNK E 2496 -78.63 -53.70 -72.40
N UNK E 2497 -79.23 -52.73 -71.72
CA UNK E 2497 -80.46 -52.10 -72.20
C UNK E 2497 -80.16 -51.02 -73.24
N UNK E 2498 -78.89 -50.68 -73.39
CA UNK E 2498 -78.47 -49.71 -74.40
C UNK E 2498 -77.50 -50.39 -75.36
N UNK E 2499 -76.31 -50.71 -74.85
CA UNK E 2499 -75.30 -51.41 -75.63
C UNK E 2499 -75.20 -52.86 -75.15
N UNK E 2500 -74.00 -53.43 -75.22
CA UNK E 2500 -73.66 -54.77 -74.73
C UNK E 2500 -74.53 -55.89 -75.30
N UNK E 2501 -75.02 -55.69 -76.52
CA UNK E 2501 -75.78 -56.72 -77.21
C UNK E 2501 -74.90 -57.27 -78.33
N UNK E 2502 -73.62 -56.95 -78.24
CA UNK E 2502 -72.65 -57.37 -79.25
C UNK E 2502 -72.04 -58.71 -78.88
N UNK E 2503 -72.87 -59.75 -78.81
CA UNK E 2503 -72.42 -61.10 -78.48
C UNK E 2503 -73.44 -62.13 -78.95
N UNK E 2504 -73.15 -62.80 -80.07
CA UNK E 2504 -74.09 -63.75 -80.67
C UNK E 2504 -74.17 -65.05 -79.87
N UNK E 2505 -73.02 -65.51 -79.38
CA UNK E 2505 -72.94 -66.74 -78.61
C UNK E 2505 -73.64 -66.61 -77.27
N UNK E 2506 -73.61 -65.39 -76.72
CA UNK E 2506 -74.32 -65.11 -75.48
C UNK E 2506 -75.80 -64.94 -75.76
N UNK E 2507 -76.13 -64.44 -76.96
CA UNK E 2507 -77.52 -64.20 -77.35
C UNK E 2507 -78.25 -65.53 -77.55
N UNK E 2508 -77.52 -66.54 -78.01
CA UNK E 2508 -78.06 -67.89 -78.13
C UNK E 2508 -78.22 -68.48 -76.74
N UNK E 2509 -77.28 -68.16 -75.86
CA UNK E 2509 -77.33 -68.62 -74.48
C UNK E 2509 -78.45 -67.90 -73.72
N UNK E 2510 -78.69 -66.65 -74.08
CA UNK E 2510 -79.75 -65.85 -73.46
C UNK E 2510 -81.12 -66.32 -73.92
N UNK E 2511 -81.17 -66.86 -75.13
CA UNK E 2511 -82.42 -67.36 -75.69
C UNK E 2511 -82.82 -68.68 -75.02
N UNK E 2512 -81.83 -69.50 -74.71
CA UNK E 2512 -82.07 -70.81 -74.09
C UNK E 2512 -82.45 -70.67 -72.63
N UNK E 2513 -81.92 -69.65 -71.97
CA UNK E 2513 -82.21 -69.40 -70.57
C UNK E 2513 -83.61 -68.84 -70.39
N UNK E 2514 -84.05 -68.07 -71.37
CA UNK E 2514 -85.38 -67.45 -71.34
C UNK E 2514 -86.47 -68.50 -71.53
N UNK E 2515 -86.14 -69.54 -72.28
CA UNK E 2515 -87.06 -70.66 -72.49
C UNK E 2515 -87.12 -71.53 -71.25
N UNK E 2516 -85.98 -71.66 -70.57
CA UNK E 2516 -85.90 -72.44 -69.34
C UNK E 2516 -86.61 -71.72 -68.20
N UNK E 2517 -86.64 -70.39 -68.28
CA UNK E 2517 -87.31 -69.58 -67.27
C UNK E 2517 -88.82 -69.65 -67.44
N UNK E 2518 -89.26 -69.92 -68.68
CA UNK E 2518 -90.68 -70.03 -68.98
C UNK E 2518 -91.25 -71.34 -68.45
N UNK E 2519 -90.36 -72.32 -68.24
CA UNK E 2519 -90.76 -73.62 -67.73
C UNK E 2519 -91.00 -73.60 -66.22
N UNK E 2520 -90.52 -72.54 -65.57
CA UNK E 2520 -90.65 -72.42 -64.12
C UNK E 2520 -92.00 -71.85 -63.70
N UNK E 2521 -92.81 -71.44 -64.69
CA UNK E 2521 -94.14 -70.91 -64.42
C UNK E 2521 -95.06 -72.01 -63.88
N UNK E 2522 -95.22 -73.07 -64.65
CA UNK E 2522 -96.07 -74.19 -64.24
C UNK E 2522 -95.31 -75.23 -63.42
N UNK E 2523 -94.21 -74.82 -62.80
CA UNK E 2523 -93.46 -75.69 -61.90
C UNK E 2523 -94.14 -75.71 -60.54
N UNK E 2524 -93.48 -75.12 -59.54
CA UNK E 2524 -94.06 -75.04 -58.21
C UNK E 2524 -94.95 -73.81 -58.10
N UNK E 2525 -95.92 -73.87 -57.20
CA UNK E 2525 -96.80 -72.72 -56.97
C UNK E 2525 -96.39 -71.99 -55.69
N UNK E 2526 -95.09 -71.91 -55.46
CA UNK E 2526 -94.56 -71.22 -54.29
C UNK E 2526 -94.65 -69.72 -54.49
N UNK E 2527 -95.64 -69.09 -53.85
CA UNK E 2527 -95.82 -67.65 -53.95
C UNK E 2527 -94.71 -66.93 -53.19
N UNK E 2528 -94.45 -65.68 -53.57
CA UNK E 2528 -93.45 -64.78 -52.97
C UNK E 2528 -92.01 -65.31 -52.94
N UNK E 2529 -91.78 -66.46 -52.34
CA UNK E 2529 -90.44 -67.05 -52.21
C UNK E 2529 -89.80 -67.38 -53.55
N UNK E 2530 -90.40 -68.30 -54.30
CA UNK E 2530 -89.88 -68.67 -55.61
C UNK E 2530 -90.52 -67.83 -56.71
N UNK E 2531 -91.69 -67.27 -56.41
CA UNK E 2531 -92.44 -66.50 -57.39
C UNK E 2531 -91.81 -65.15 -57.66
N UNK E 2532 -91.65 -64.35 -56.62
CA UNK E 2532 -91.17 -62.98 -56.76
C UNK E 2532 -89.65 -62.88 -56.88
N UNK E 2533 -88.96 -64.00 -56.68
CA UNK E 2533 -87.50 -64.02 -56.79
C UNK E 2533 -87.05 -63.90 -58.24
N UNK E 2534 -87.90 -64.37 -59.15
CA UNK E 2534 -87.57 -64.33 -60.57
C UNK E 2534 -88.63 -63.58 -61.37
N UNK E 2535 -89.62 -63.02 -60.67
CA UNK E 2535 -90.67 -62.24 -61.32
C UNK E 2535 -90.11 -60.92 -61.86
N UNK E 2536 -89.10 -60.40 -61.16
CA UNK E 2536 -88.41 -59.19 -61.58
C UNK E 2536 -87.18 -59.55 -62.40
N UNK E 2537 -86.99 -60.84 -62.65
CA UNK E 2537 -85.88 -61.30 -63.48
C UNK E 2537 -86.33 -61.52 -64.92
N UNK E 2538 -87.36 -60.77 -65.33
CA UNK E 2538 -87.86 -60.83 -66.69
C UNK E 2538 -87.23 -59.72 -67.53
N UNK E 2539 -86.30 -58.99 -66.92
CA UNK E 2539 -85.61 -57.91 -67.59
C UNK E 2539 -84.47 -58.42 -68.46
N UNK E 2540 -84.10 -59.69 -68.26
CA UNK E 2540 -83.03 -60.32 -69.03
C UNK E 2540 -83.49 -60.54 -70.47
N UNK E 2541 -84.77 -60.84 -70.63
CA UNK E 2541 -85.34 -61.05 -71.96
C UNK E 2541 -85.73 -59.73 -72.60
N UNK E 2542 -85.73 -58.66 -71.80
CA UNK E 2542 -86.07 -57.34 -72.28
C UNK E 2542 -84.91 -56.71 -73.04
N UNK E 2543 -83.70 -57.20 -72.75
CA UNK E 2543 -82.49 -56.68 -73.39
C UNK E 2543 -82.27 -57.33 -74.75
N UNK E 2544 -82.83 -58.52 -74.94
CA UNK E 2544 -82.68 -59.27 -76.18
C UNK E 2544 -83.47 -58.63 -77.32
N UNK E 2545 -83.07 -58.96 -78.55
CA UNK E 2545 -83.72 -58.41 -79.72
C UNK E 2545 -84.95 -59.22 -80.11
N UNK E 2546 -85.58 -58.84 -81.22
CA UNK E 2546 -86.77 -59.54 -81.71
C UNK E 2546 -86.44 -60.39 -82.92
N UNK E 2547 -85.20 -60.27 -83.39
CA UNK E 2547 -84.76 -61.05 -84.53
C UNK E 2547 -84.52 -62.49 -84.11
N UNK E 2548 -84.60 -63.40 -85.08
CA UNK E 2548 -84.36 -64.81 -84.82
C UNK E 2548 -82.94 -65.18 -85.24
N UNK E 2549 -82.13 -65.58 -84.26
CA UNK E 2549 -80.79 -66.08 -84.54
C UNK E 2549 -80.88 -67.49 -85.09
N UNK E 2550 -79.79 -67.98 -85.67
CA UNK E 2550 -79.77 -69.31 -86.27
C UNK E 2550 -79.74 -70.41 -85.21
N UNK E 2551 -80.89 -70.64 -84.56
CA UNK E 2551 -80.99 -71.64 -83.52
C UNK E 2551 -81.97 -72.74 -83.91
N UNK E 2552 -81.52 -73.98 -83.81
CA UNK E 2552 -82.35 -75.13 -84.15
C UNK E 2552 -83.21 -75.56 -82.96
N UNK E 2553 -83.53 -76.85 -82.91
CA UNK E 2553 -84.36 -77.38 -81.82
C UNK E 2553 -84.00 -78.83 -81.51
N UNK E 2554 -83.45 -79.04 -80.31
CA UNK E 2554 -83.08 -80.38 -79.86
C UNK E 2554 -83.19 -80.47 -78.34
N UNK E 2555 -83.54 -81.65 -77.84
CA UNK E 2555 -83.70 -81.84 -76.40
C UNK E 2555 -83.40 -83.29 -75.99
N UNK E 2556 -82.88 -83.44 -74.78
CA UNK E 2556 -82.56 -84.76 -74.25
C UNK E 2556 -83.04 -84.91 -72.81
N ASN E 2557 -75.11 -82.47 -60.90
CA ASN E 2557 -76.02 -83.52 -61.38
C ASN E 2557 -76.45 -83.26 -62.81
N PHE E 2558 -76.00 -84.11 -63.73
CA PHE E 2558 -76.39 -84.02 -65.12
C PHE E 2558 -76.33 -85.41 -65.75
N ASP E 2559 -77.32 -85.70 -66.59
CA ASP E 2559 -77.42 -87.02 -67.23
C ASP E 2559 -78.03 -86.86 -68.62
N PRO E 2560 -77.22 -86.96 -69.67
CA PRO E 2560 -77.76 -86.95 -71.04
C PRO E 2560 -78.31 -88.32 -71.42
N ARG E 2561 -78.80 -88.41 -72.65
CA ARG E 2561 -79.40 -89.64 -73.17
C ARG E 2561 -78.77 -90.02 -74.50
N PRO E 2562 -77.67 -90.79 -74.48
CA PRO E 2562 -77.19 -91.41 -75.72
C PRO E 2562 -77.96 -92.68 -76.03
N VAL E 2563 -77.60 -93.37 -77.12
CA VAL E 2563 -78.28 -94.60 -77.51
C VAL E 2563 -77.29 -95.76 -77.32
N GLU E 2564 -77.84 -96.94 -77.03
CA GLU E 2564 -77.04 -98.15 -76.88
C GLU E 2564 -76.56 -98.58 -78.26
N THR E 2565 -75.28 -98.31 -78.55
CA THR E 2565 -74.74 -98.60 -79.87
C THR E 2565 -74.21 -100.03 -79.99
N LEU E 2566 -73.96 -100.70 -78.86
CA LEU E 2566 -73.36 -102.03 -78.87
C LEU E 2566 -74.29 -103.09 -79.43
N ASN E 2567 -75.60 -102.95 -79.27
CA ASN E 2567 -76.57 -103.90 -79.82
C ASN E 2567 -77.11 -103.45 -81.17
N VAL E 2568 -76.40 -102.58 -81.88
CA VAL E 2568 -76.81 -102.12 -83.20
C VAL E 2568 -76.02 -102.87 -84.25
N ILE E 2569 -76.73 -103.50 -85.19
CA ILE E 2569 -76.11 -104.33 -86.22
C ILE E 2569 -75.83 -103.47 -87.44
N ILE E 2570 -74.56 -103.44 -87.85
CA ILE E 2570 -74.18 -102.76 -89.08
C ILE E 2570 -74.37 -103.71 -90.25
N PRO E 2571 -74.98 -103.28 -91.36
CA PRO E 2571 -75.01 -104.11 -92.57
C PRO E 2571 -73.61 -104.35 -93.11
N GLU E 2572 -73.42 -105.53 -93.71
CA GLU E 2572 -72.09 -105.98 -94.13
C GLU E 2572 -71.56 -105.20 -95.34
N LYS E 2573 -72.42 -104.50 -96.07
CA LYS E 2573 -71.96 -103.61 -97.12
C LYS E 2573 -71.28 -102.36 -96.56
N LEU E 2574 -71.54 -102.04 -95.30
CA LEU E 2574 -70.91 -100.90 -94.63
C LEU E 2574 -69.64 -101.26 -93.89
N ASP E 2575 -69.37 -102.55 -93.66
CA ASP E 2575 -68.24 -102.95 -92.82
C ASP E 2575 -66.91 -102.69 -93.51
N SER E 2576 -66.82 -102.99 -94.80
CA SER E 2576 -65.65 -102.57 -95.57
C SER E 2576 -65.66 -101.07 -95.82
N PHE E 2577 -66.84 -100.46 -95.86
CA PHE E 2577 -66.96 -99.01 -96.01
C PHE E 2577 -66.43 -98.29 -94.78
N ILE E 2578 -66.55 -98.90 -93.61
CA ILE E 2578 -65.87 -98.41 -92.42
C ILE E 2578 -64.36 -98.57 -92.57
N ASN E 2579 -63.93 -99.71 -93.10
CA ASN E 2579 -62.51 -99.94 -93.35
C ASN E 2579 -61.98 -99.03 -94.45
N LYS E 2580 -62.84 -98.61 -95.38
CA LYS E 2580 -62.46 -97.56 -96.33
C LYS E 2580 -62.30 -96.22 -95.63
N PHE E 2581 -63.06 -95.96 -94.56
CA PHE E 2581 -62.85 -94.73 -93.80
C PHE E 2581 -61.62 -94.84 -92.93
N ALA E 2582 -61.33 -96.05 -92.42
CA ALA E 2582 -60.12 -96.30 -91.66
C ALA E 2582 -58.88 -96.16 -92.54
N GLU E 2583 -59.00 -96.57 -93.81
CA GLU E 2583 -57.95 -96.26 -94.78
C GLU E 2583 -57.87 -94.76 -95.02
N TYR E 2584 -59.03 -94.11 -95.19
CA TYR E 2584 -59.08 -92.66 -95.35
C TYR E 2584 -58.71 -91.92 -94.07
N THR E 2585 -58.85 -92.57 -92.90
CA THR E 2585 -58.36 -91.97 -91.66
C THR E 2585 -56.85 -91.82 -91.70
N HIS E 2586 -56.15 -92.90 -92.05
CA HIS E 2586 -54.68 -92.83 -92.16
C HIS E 2586 -54.26 -92.05 -93.40
N GLU E 2587 -55.13 -91.98 -94.41
CA GLU E 2587 -54.80 -91.25 -95.64
C GLU E 2587 -54.80 -89.74 -95.38
N LYS E 2588 -55.67 -89.28 -94.49
CA LYS E 2588 -55.75 -87.86 -94.17
C LYS E 2588 -54.86 -87.46 -93.01
N TRP E 2589 -54.74 -88.32 -91.99
CA TRP E 2589 -53.97 -87.98 -90.79
C TRP E 2589 -52.47 -88.02 -91.07
N ALA E 2590 -52.01 -89.06 -91.76
CA ALA E 2590 -50.59 -89.15 -92.06
C ALA E 2590 -50.16 -88.25 -93.21
N PHE E 2591 -51.10 -87.66 -93.96
CA PHE E 2591 -50.73 -86.69 -94.97
C PHE E 2591 -50.25 -85.39 -94.35
N ASP E 2592 -50.90 -84.96 -93.27
CA ASP E 2592 -50.40 -83.82 -92.51
C ASP E 2592 -49.12 -84.14 -91.74
N LYS E 2593 -48.86 -85.43 -91.48
CA LYS E 2593 -47.57 -85.82 -90.94
C LYS E 2593 -46.46 -85.64 -91.97
N ILE E 2594 -46.78 -85.77 -93.27
CA ILE E 2594 -45.81 -85.49 -94.31
C ILE E 2594 -45.72 -83.99 -94.56
N GLN E 2595 -46.81 -83.26 -94.35
CA GLN E 2595 -46.76 -81.79 -94.38
C GLN E 2595 -45.90 -81.23 -93.26
N ASN E 2596 -45.87 -81.91 -92.11
CA ASN E 2596 -44.94 -81.59 -91.03
C ASN E 2596 -43.71 -82.49 -91.06
N ASN E 2597 -43.56 -83.31 -92.10
CA ASN E 2597 -42.36 -84.11 -92.41
C ASN E 2597 -42.04 -85.11 -91.30
N TRP E 2598 -43.03 -85.94 -90.95
CA TRP E 2598 -42.84 -87.01 -89.98
C TRP E 2598 -42.51 -88.30 -90.71
N SER E 2599 -41.39 -88.92 -90.34
CA SER E 2599 -40.85 -90.06 -91.05
C SER E 2599 -41.26 -91.38 -90.39
N TYR E 2600 -40.64 -92.46 -90.84
CA TYR E 2600 -40.93 -93.83 -90.44
C TYR E 2600 -39.91 -94.30 -89.40
N GLY E 2601 -40.33 -95.26 -88.57
CA GLY E 2601 -39.42 -95.83 -87.61
C GLY E 2601 -39.99 -97.06 -86.94
N GLU E 2602 -39.50 -97.32 -85.73
CA GLU E 2602 -39.93 -98.46 -84.92
C GLU E 2602 -41.17 -98.13 -84.09
N ASN E 2603 -41.18 -96.98 -83.43
CA ASN E 2603 -42.30 -96.55 -82.61
C ASN E 2603 -42.55 -95.07 -82.87
N VAL E 2604 -43.68 -94.57 -82.39
CA VAL E 2604 -44.06 -93.17 -82.54
C VAL E 2604 -43.17 -92.36 -81.60
N ASP E 2605 -42.26 -91.58 -82.17
CA ASP E 2605 -41.36 -90.72 -81.41
C ASP E 2605 -41.37 -89.32 -82.01
N GLU E 2606 -41.35 -88.33 -81.13
CA GLU E 2606 -41.41 -86.93 -81.56
C GLU E 2606 -40.03 -86.32 -81.77
N GLU E 2607 -39.02 -86.79 -81.05
CA GLU E 2607 -37.67 -86.26 -81.23
C GLU E 2607 -37.02 -86.82 -82.48
N LEU E 2608 -37.07 -88.14 -82.67
CA LEU E 2608 -36.49 -88.78 -83.84
C LEU E 2608 -37.40 -88.70 -85.05
N LYS E 2609 -38.64 -88.20 -84.88
CA LYS E 2609 -39.60 -87.93 -85.95
C LYS E 2609 -39.95 -89.21 -86.71
N THR E 2610 -40.34 -90.23 -85.96
CA THR E 2610 -40.61 -91.56 -86.50
C THR E 2610 -42.07 -91.91 -86.32
N HIS E 2611 -42.57 -92.77 -87.23
CA HIS E 2611 -43.95 -93.25 -87.18
C HIS E 2611 -44.05 -94.60 -87.88
N PRO E 2612 -44.29 -95.69 -87.15
CA PRO E 2612 -44.19 -97.03 -87.73
C PRO E 2612 -45.39 -97.51 -88.52
N MET E 2613 -46.48 -96.74 -88.59
CA MET E 2613 -47.69 -97.19 -89.28
C MET E 2613 -47.83 -96.57 -90.66
N LEU E 2614 -46.75 -96.00 -91.19
CA LEU E 2614 -46.78 -95.37 -92.51
C LEU E 2614 -46.78 -96.44 -93.61
N ARG E 2615 -47.94 -97.05 -93.77
CA ARG E 2615 -48.20 -98.13 -94.71
C ARG E 2615 -49.71 -98.30 -94.82
N PRO E 2616 -50.21 -98.81 -95.96
CA PRO E 2616 -51.67 -98.81 -96.19
C PRO E 2616 -52.44 -99.69 -95.22
N TYR E 2617 -53.76 -99.49 -95.24
CA TYR E 2617 -54.63 -100.13 -94.26
C TYR E 2617 -54.88 -101.60 -94.59
N LYS E 2618 -54.68 -101.99 -95.85
CA LYS E 2618 -54.92 -103.36 -96.29
C LYS E 2618 -53.80 -104.33 -95.92
N THR E 2619 -52.79 -103.88 -95.17
CA THR E 2619 -51.65 -104.72 -94.83
C THR E 2619 -51.47 -104.93 -93.33
N PHE E 2620 -52.27 -104.29 -92.49
CA PHE E 2620 -52.08 -104.39 -91.04
C PHE E 2620 -52.53 -105.76 -90.53
N SER E 2621 -52.16 -106.04 -89.28
CA SER E 2621 -52.57 -107.25 -88.59
C SER E 2621 -53.96 -107.03 -87.99
N GLU E 2622 -54.49 -108.05 -87.32
CA GLU E 2622 -55.84 -107.97 -86.76
C GLU E 2622 -55.90 -107.14 -85.47
N LYS E 2623 -54.76 -106.77 -84.90
CA LYS E 2623 -54.71 -105.92 -83.72
C LYS E 2623 -54.46 -104.45 -84.07
N ASP E 2624 -53.63 -104.18 -85.07
CA ASP E 2624 -53.40 -102.80 -85.50
C ASP E 2624 -54.60 -102.20 -86.21
N LYS E 2625 -55.46 -103.03 -86.80
CA LYS E 2625 -56.69 -102.53 -87.39
C LYS E 2625 -57.73 -102.17 -86.34
N GLU E 2626 -57.57 -102.65 -85.10
CA GLU E 2626 -58.46 -102.27 -84.00
C GLU E 2626 -58.20 -100.85 -83.52
N ILE E 2627 -57.04 -100.28 -83.85
CA ILE E 2627 -56.74 -98.90 -83.48
C ILE E 2627 -57.64 -97.94 -84.28
N TYR E 2628 -57.81 -98.23 -85.58
CA TYR E 2628 -58.61 -97.40 -86.47
C TYR E 2628 -60.00 -97.97 -86.70
N ARG E 2629 -60.55 -98.71 -85.75
CA ARG E 2629 -61.84 -99.38 -85.93
C ARG E 2629 -62.96 -98.75 -85.12
N TRP E 2630 -62.70 -98.30 -83.90
CA TRP E 2630 -63.78 -97.73 -83.10
C TRP E 2630 -63.58 -96.29 -82.57
N PRO E 2631 -63.00 -95.37 -83.32
CA PRO E 2631 -63.55 -94.01 -83.35
C PRO E 2631 -64.56 -93.80 -84.48
N ILE E 2632 -64.88 -94.88 -85.21
CA ILE E 2632 -65.66 -94.82 -86.42
C ILE E 2632 -66.97 -95.58 -86.28
N LYS E 2633 -66.89 -96.85 -85.85
CA LYS E 2633 -68.09 -97.70 -85.78
C LYS E 2633 -69.08 -97.23 -84.72
N GLU E 2634 -68.59 -96.98 -83.51
CA GLU E 2634 -69.46 -96.57 -82.39
C GLU E 2634 -70.08 -95.19 -82.59
N SER E 2635 -69.56 -94.39 -83.51
CA SER E 2635 -70.23 -93.17 -83.95
C SER E 2635 -71.15 -93.41 -85.14
N LEU E 2636 -70.88 -94.44 -85.95
CA LEU E 2636 -71.78 -94.83 -87.03
C LEU E 2636 -72.87 -95.78 -86.57
N LYS E 2637 -72.65 -96.52 -85.48
CA LYS E 2637 -73.69 -97.39 -84.94
C LYS E 2637 -74.84 -96.59 -84.34
N ALA E 2638 -74.57 -95.38 -83.84
CA ALA E 2638 -75.64 -94.53 -83.36
C ALA E 2638 -76.47 -93.94 -84.50
N MET E 2639 -75.92 -93.92 -85.72
CA MET E 2639 -76.69 -93.40 -86.85
C MET E 2639 -77.74 -94.39 -87.33
N ILE E 2640 -77.46 -95.70 -87.19
CA ILE E 2640 -78.44 -96.71 -87.57
C ILE E 2640 -79.58 -96.74 -86.55
N ALA E 2641 -79.25 -96.63 -85.26
CA ALA E 2641 -80.26 -96.65 -84.22
C ALA E 2641 -81.12 -95.40 -84.22
N TRP E 2642 -80.56 -94.27 -84.68
CA TRP E 2642 -81.33 -93.03 -84.78
C TRP E 2642 -82.06 -92.90 -86.11
N GLU E 2643 -81.45 -93.35 -87.21
CA GLU E 2643 -81.96 -93.10 -88.54
C GLU E 2643 -82.01 -94.41 -89.32
N TRP E 2644 -83.18 -94.75 -89.83
CA TRP E 2644 -83.34 -95.90 -90.73
C TRP E 2644 -83.25 -95.45 -92.19
N THR E 2645 -82.20 -94.67 -92.51
CA THR E 2645 -81.92 -94.24 -93.89
C THR E 2645 -80.44 -94.46 -94.18
N ILE E 2646 -80.07 -95.68 -94.58
CA ILE E 2646 -78.77 -95.98 -95.17
C ILE E 2646 -79.02 -96.93 -96.33
N GLU E 2647 -78.76 -96.46 -97.55
CA GLU E 2647 -79.04 -97.24 -98.76
C GLU E 2647 -77.92 -97.03 -99.76
N LYS E 2648 -77.88 -97.94 -100.75
CA LYS E 2648 -76.98 -97.82 -101.89
C LYS E 2648 -77.61 -96.84 -102.89
N ALA E 2649 -77.06 -95.64 -102.98
CA ALA E 2649 -77.67 -94.57 -103.77
C ALA E 2649 -76.85 -94.21 -105.01
N ARG E 2650 -75.59 -93.85 -104.84
CA ARG E 2650 -74.79 -93.35 -105.96
C ARG E 2650 -73.45 -94.05 -106.06
N GLU E 2651 -72.59 -93.55 -106.93
CA GLU E 2651 -71.21 -94.01 -107.06
C GLU E 2651 -70.27 -92.91 -106.58
N GLY E 2652 -69.17 -93.32 -105.96
CA GLY E 2652 -68.24 -92.36 -105.37
C GLY E 2652 -67.50 -91.54 -106.42
N GLU E 2653 -67.11 -90.35 -106.02
CA GLU E 2653 -66.46 -89.40 -106.92
C GLU E 2653 -64.94 -89.55 -106.88
N TYR E 2678 -43.97 -93.65 -96.87
CA TYR E 2678 -45.17 -93.83 -97.66
C TYR E 2678 -46.00 -92.56 -97.70
N ASN E 2679 -46.55 -92.26 -98.88
CA ASN E 2679 -47.26 -90.99 -99.13
C ASN E 2679 -48.65 -91.28 -99.66
N PRO E 2680 -49.66 -91.33 -98.80
CA PRO E 2680 -51.05 -91.39 -99.28
C PRO E 2680 -51.51 -90.00 -99.73
N GLN E 2681 -52.47 -90.00 -100.66
CA GLN E 2681 -52.97 -88.77 -101.25
C GLN E 2681 -54.47 -88.66 -101.01
N PRO E 2682 -54.89 -87.99 -99.93
CA PRO E 2682 -56.32 -87.85 -99.64
C PRO E 2682 -57.02 -86.95 -100.64
N PRO E 2683 -58.07 -87.43 -101.29
CA PRO E 2683 -58.73 -86.64 -102.34
C PRO E 2683 -59.74 -85.64 -101.79
N ASP E 2684 -60.37 -84.89 -102.68
CA ASP E 2684 -61.37 -83.91 -102.29
C ASP E 2684 -62.71 -84.62 -102.05
N LEU E 2685 -63.40 -84.22 -100.99
CA LEU E 2685 -64.71 -84.76 -100.67
C LEU E 2685 -65.75 -83.65 -100.53
N SER E 2686 -65.39 -82.42 -100.84
CA SER E 2686 -66.28 -81.26 -100.73
C SER E 2686 -66.84 -80.85 -102.09
N GLY E 2687 -67.13 -81.83 -102.95
CA GLY E 2687 -67.66 -81.52 -104.26
C GLY E 2687 -69.08 -80.99 -104.24
N VAL E 2688 -69.87 -81.41 -103.26
CA VAL E 2688 -71.24 -80.92 -103.08
C VAL E 2688 -71.36 -80.39 -101.65
N THR E 2689 -71.83 -79.15 -101.52
CA THR E 2689 -72.09 -78.57 -100.21
C THR E 2689 -73.23 -79.32 -99.52
N LEU E 2690 -73.04 -79.61 -98.24
CA LEU E 2690 -74.04 -80.33 -97.46
C LEU E 2690 -75.30 -79.47 -97.29
N SER E 2691 -76.45 -80.03 -97.64
CA SER E 2691 -77.72 -79.33 -97.48
C SER E 2691 -78.13 -79.36 -96.01
N ARG E 2692 -79.31 -78.78 -95.71
CA ARG E 2692 -79.78 -78.70 -94.34
C ARG E 2692 -80.13 -80.08 -93.78
N GLU E 2693 -80.49 -81.02 -94.65
CA GLU E 2693 -80.65 -82.41 -94.25
C GLU E 2693 -79.34 -83.00 -93.75
N LEU E 2694 -78.20 -82.55 -94.29
CA LEU E 2694 -76.90 -82.93 -93.78
C LEU E 2694 -76.23 -81.84 -92.95
N GLN E 2695 -76.81 -80.64 -92.87
CA GLN E 2695 -76.29 -79.63 -91.96
C GLN E 2695 -76.84 -79.82 -90.55
N ALA E 2696 -78.11 -80.22 -90.44
CA ALA E 2696 -78.70 -80.53 -89.14
C ALA E 2696 -78.15 -81.83 -88.58
N MET E 2697 -77.59 -82.70 -89.42
CA MET E 2697 -76.93 -83.90 -88.92
C MET E 2697 -75.53 -83.62 -88.41
N ALA E 2698 -74.89 -82.53 -88.85
CA ALA E 2698 -73.67 -82.08 -88.20
C ALA E 2698 -73.94 -81.58 -86.80
N GLU E 2699 -75.12 -81.00 -86.57
CA GLU E 2699 -75.59 -80.74 -85.21
C GLU E 2699 -75.84 -82.05 -84.47
N GLN E 2700 -76.23 -83.10 -85.19
CA GLN E 2700 -76.58 -84.38 -84.58
C GLN E 2700 -75.35 -85.25 -84.34
N LEU E 2701 -74.40 -85.26 -85.29
CA LEU E 2701 -73.21 -86.09 -85.13
C LEU E 2701 -72.21 -85.50 -84.15
N ALA E 2702 -72.13 -84.17 -84.05
CA ALA E 2702 -71.31 -83.59 -83.00
C ALA E 2702 -71.96 -83.76 -81.63
N GLU E 2703 -73.30 -83.83 -81.58
CA GLU E 2703 -73.97 -84.20 -80.34
C GLU E 2703 -73.77 -85.68 -80.05
N ASN E 2704 -73.68 -86.50 -81.11
CA ASN E 2704 -73.26 -87.88 -80.97
C ASN E 2704 -71.81 -87.95 -80.48
N TYR E 2705 -70.97 -87.00 -80.90
CA TYR E 2705 -69.62 -86.89 -80.36
C TYR E 2705 -69.61 -86.30 -78.96
N HIS E 2706 -70.74 -85.77 -78.49
CA HIS E 2706 -70.89 -85.29 -77.12
C HIS E 2706 -71.71 -86.24 -76.25
N ASN E 2707 -72.62 -87.02 -76.85
CA ASN E 2707 -73.35 -88.01 -76.08
C ASN E 2707 -72.51 -89.26 -75.83
N THR E 2708 -72.00 -89.86 -76.91
CA THR E 2708 -71.33 -91.15 -76.80
C THR E 2708 -69.96 -91.01 -76.15
N TRP E 2709 -69.15 -90.05 -76.63
CA TRP E 2709 -67.86 -89.80 -76.00
C TRP E 2709 -68.01 -89.15 -74.63
N GLY E 2710 -69.08 -88.38 -74.44
CA GLY E 2710 -69.31 -87.77 -73.13
C GLY E 2710 -69.79 -88.74 -72.08
N ARG E 2711 -70.55 -89.77 -72.48
CA ARG E 2711 -70.95 -90.81 -71.55
C ARG E 2711 -69.74 -91.63 -71.10
N LYS E 2712 -68.79 -91.86 -72.01
CA LYS E 2712 -67.54 -92.49 -71.63
C LYS E 2712 -66.73 -91.60 -70.69
N LYS E 2713 -66.84 -90.27 -70.86
CA LYS E 2713 -66.23 -89.36 -69.90
C LYS E 2713 -66.98 -89.36 -68.57
N LYS E 2714 -68.31 -89.49 -68.61
CA LYS E 2714 -69.07 -89.58 -67.36
C LYS E 2714 -68.84 -90.91 -66.66
N GLN E 2715 -68.68 -91.99 -67.42
CA GLN E 2715 -68.31 -93.27 -66.83
C GLN E 2715 -66.84 -93.31 -66.44
N GLU E 2716 -66.03 -92.39 -66.94
CA GLU E 2716 -64.65 -92.26 -66.48
C GLU E 2716 -64.60 -91.64 -65.08
N LEU E 2717 -65.54 -90.74 -64.78
CA LEU E 2717 -65.60 -90.14 -63.44
C LEU E 2717 -66.27 -91.06 -62.43
N GLU E 2718 -67.20 -91.89 -62.87
CA GLU E 2718 -67.94 -92.79 -61.99
C GLU E 2718 -67.19 -94.08 -61.70
N ALA E 2719 -65.95 -94.22 -62.17
CA ALA E 2719 -65.14 -95.39 -61.92
C ALA E 2719 -63.80 -95.07 -61.28
N LYS E 2720 -63.52 -93.81 -60.99
CA LYS E 2720 -62.25 -93.40 -60.40
C LYS E 2720 -62.43 -92.67 -59.07
N GLY E 2721 -63.51 -92.98 -58.34
CA GLY E 2721 -63.75 -92.39 -57.05
C GLY E 2721 -64.51 -91.08 -57.07
N GLY E 2722 -65.00 -90.65 -58.24
CA GLY E 2722 -65.70 -89.39 -58.33
C GLY E 2722 -64.92 -88.37 -59.14
N GLY E 2723 -64.86 -87.13 -58.65
CA GLY E 2723 -64.12 -86.09 -59.33
C GLY E 2723 -64.98 -85.21 -60.20
N THR E 2724 -64.84 -83.89 -60.04
CA THR E 2724 -65.60 -82.95 -60.83
C THR E 2724 -64.93 -82.71 -62.18
N HIS E 2725 -65.70 -82.09 -63.09
CA HIS E 2725 -65.23 -81.77 -64.43
C HIS E 2725 -66.10 -80.64 -64.96
N PRO E 2726 -65.52 -79.58 -65.52
CA PRO E 2726 -66.31 -78.39 -65.88
C PRO E 2726 -67.14 -78.54 -67.14
N LEU E 2727 -66.96 -79.60 -67.92
CA LEU E 2727 -67.64 -79.72 -69.21
C LEU E 2727 -68.70 -80.82 -69.20
N LEU E 2728 -69.40 -80.97 -68.08
CA LEU E 2728 -70.58 -81.85 -68.05
C LEU E 2728 -71.86 -81.05 -68.32
N VAL E 2729 -71.85 -80.31 -69.42
CA VAL E 2729 -72.95 -79.43 -69.81
C VAL E 2729 -73.51 -79.97 -71.11
N PRO E 2730 -74.73 -79.57 -71.51
CA PRO E 2730 -75.26 -79.98 -72.82
C PRO E 2730 -74.46 -79.39 -73.98
N TYR E 2731 -74.84 -79.84 -75.18
CA TYR E 2731 -74.16 -79.40 -76.39
C TYR E 2731 -74.46 -77.94 -76.71
N ASP E 2732 -75.63 -77.43 -76.28
CA ASP E 2732 -76.01 -76.06 -76.59
C ASP E 2732 -75.27 -75.04 -75.73
N THR E 2733 -74.74 -75.44 -74.58
CA THR E 2733 -73.97 -74.57 -73.72
C THR E 2733 -72.49 -74.92 -73.71
N LEU E 2734 -71.99 -75.54 -74.79
CA LEU E 2734 -70.57 -75.78 -74.92
C LEU E 2734 -69.88 -74.52 -75.44
N THR E 2735 -68.54 -74.58 -75.48
CA THR E 2735 -67.74 -73.47 -75.97
C THR E 2735 -67.72 -73.49 -77.50
N ALA E 2736 -66.96 -72.55 -78.07
CA ALA E 2736 -66.78 -72.46 -79.51
C ALA E 2736 -65.70 -73.42 -80.02
N LYS E 2737 -65.01 -74.13 -79.14
CA LYS E 2737 -63.91 -75.00 -79.54
C LYS E 2737 -64.35 -76.42 -79.82
N GLU E 2738 -65.18 -77.02 -78.96
CA GLU E 2738 -65.67 -78.36 -79.21
C GLU E 2738 -66.70 -78.41 -80.33
N LYS E 2739 -67.31 -77.28 -80.67
CA LYS E 2739 -68.15 -77.18 -81.85
C LYS E 2739 -67.33 -76.97 -83.13
N ALA E 2740 -66.01 -76.87 -83.03
CA ALA E 2740 -65.19 -76.63 -84.20
C ALA E 2740 -64.54 -77.90 -84.74
N ARG E 2741 -64.03 -78.76 -83.85
CA ARG E 2741 -63.36 -79.98 -84.28
C ARG E 2741 -64.33 -81.15 -84.44
N ASP E 2742 -65.36 -81.22 -83.60
CA ASP E 2742 -66.30 -82.34 -83.70
C ASP E 2742 -67.26 -82.16 -84.87
N ARG E 2743 -67.62 -80.92 -85.19
CA ARG E 2743 -68.42 -80.69 -86.39
C ARG E 2743 -67.59 -80.87 -87.65
N GLU E 2744 -66.29 -80.56 -87.59
CA GLU E 2744 -65.40 -80.88 -88.70
C GLU E 2744 -65.27 -82.39 -88.87
N LYS E 2745 -65.28 -83.13 -87.76
CA LYS E 2745 -65.34 -84.58 -87.84
C LYS E 2745 -66.71 -85.05 -88.34
N ALA E 2746 -67.76 -84.26 -88.05
CA ALA E 2746 -69.10 -84.61 -88.47
C ALA E 2746 -69.32 -84.38 -89.97
N GLN E 2747 -68.74 -83.30 -90.51
CA GLN E 2747 -68.97 -82.97 -91.92
C GLN E 2747 -68.20 -83.90 -92.84
N GLU E 2748 -66.95 -84.21 -92.51
CA GLU E 2748 -66.14 -85.09 -93.34
C GLU E 2748 -66.61 -86.55 -93.27
N LEU E 2749 -67.36 -86.91 -92.23
CA LEU E 2749 -67.95 -88.25 -92.18
C LEU E 2749 -69.19 -88.34 -93.08
N LEU E 2750 -69.99 -87.27 -93.11
CA LEU E 2750 -71.12 -87.21 -94.04
C LEU E 2750 -70.65 -87.08 -95.48
N LYS E 2751 -69.55 -86.35 -95.70
CA LYS E 2751 -68.97 -86.28 -97.04
C LYS E 2751 -68.32 -87.60 -97.42
N PHE E 2752 -67.89 -88.40 -96.44
CA PHE E 2752 -67.47 -89.76 -96.76
C PHE E 2752 -68.67 -90.65 -97.04
N LEU E 2753 -69.81 -90.40 -96.39
CA LEU E 2753 -71.04 -91.09 -96.74
C LEU E 2753 -71.52 -90.73 -98.14
N GLN E 2754 -71.16 -89.55 -98.63
CA GLN E 2754 -71.40 -89.24 -100.03
C GLN E 2754 -70.51 -90.08 -100.95
N MET E 2755 -69.27 -90.34 -100.53
CA MET E 2755 -68.42 -91.28 -101.23
C MET E 2755 -69.01 -92.68 -101.13
N ASN E 2756 -68.94 -93.41 -102.25
CA ASN E 2756 -69.57 -94.71 -102.51
C ASN E 2756 -71.09 -94.65 -102.50
N GLY E 2757 -71.67 -93.45 -102.49
CA GLY E 2757 -73.10 -93.24 -102.63
C GLY E 2757 -73.99 -93.83 -101.56
N TYR E 2758 -73.76 -93.46 -100.30
CA TYR E 2758 -74.58 -93.92 -99.18
C TYR E 2758 -75.28 -92.68 -98.62
N ALA E 2759 -76.42 -92.34 -99.23
CA ALA E 2759 -77.15 -91.13 -98.86
C ALA E 2759 -77.87 -91.35 -97.55
N VAL E 2760 -77.36 -90.74 -96.48
CA VAL E 2760 -77.95 -90.89 -95.15
C VAL E 2760 -78.77 -89.65 -94.87
N THR E 2761 -80.06 -89.70 -95.19
CA THR E 2761 -80.95 -88.55 -95.17
C THR E 2761 -82.22 -88.93 -94.41
N ARG E 2762 -82.27 -88.62 -93.11
CA ARG E 2762 -83.44 -88.94 -92.29
C ARG E 2762 -84.65 -88.10 -92.69
N UNK E 2763 -85.56 -85.22 -91.11
CA UNK E 2763 -86.12 -84.55 -89.94
C UNK E 2763 -85.41 -83.22 -89.68
N UNK E 2764 -85.83 -82.19 -90.43
CA UNK E 2764 -85.36 -80.83 -90.21
C UNK E 2764 -86.57 -79.93 -90.12
N UNK E 2765 -86.36 -78.61 -90.18
CA UNK E 2765 -87.47 -77.66 -90.09
C UNK E 2765 -87.48 -76.72 -91.27
N UNK E 2766 -88.28 -75.66 -91.17
CA UNK E 2766 -88.40 -74.67 -92.25
C UNK E 2766 -87.51 -73.46 -91.98
N UNK E 2767 -86.88 -72.97 -93.04
CA UNK E 2767 -85.91 -71.87 -92.92
C UNK E 2767 -86.59 -70.50 -92.97
N UNK E 2768 -87.46 -70.26 -92.00
CA UNK E 2768 -88.14 -68.98 -91.89
C UNK E 2768 -87.83 -68.36 -90.53
N UNK E 2769 -87.81 -67.03 -90.48
CA UNK E 2769 -87.61 -66.31 -89.23
C UNK E 2769 -88.88 -66.40 -88.38
N UNK E 2770 -89.02 -67.52 -87.67
CA UNK E 2770 -90.21 -67.78 -86.87
C UNK E 2770 -90.21 -66.93 -85.61
N UNK E 2771 -89.02 -66.48 -85.22
CA UNK E 2771 -88.76 -65.68 -84.02
C UNK E 2771 -89.23 -66.36 -82.74
N UNK E 2772 -88.28 -67.02 -82.06
CA UNK E 2772 -88.56 -67.75 -80.82
C UNK E 2772 -88.98 -66.82 -79.68
N UNK E 2773 -88.61 -65.55 -79.78
CA UNK E 2773 -89.09 -64.53 -78.86
C UNK E 2773 -90.57 -64.22 -79.12
N UNK E 2774 -91.00 -64.42 -80.37
CA UNK E 2774 -92.38 -64.15 -80.75
C UNK E 2774 -93.22 -65.43 -80.77
N UNK E 2775 -92.56 -66.56 -81.03
CA UNK E 2775 -93.26 -67.85 -81.12
C UNK E 2775 -93.69 -68.34 -79.74
N UNK E 2776 -92.90 -68.00 -78.73
CA UNK E 2776 -93.21 -68.41 -77.36
C UNK E 2776 -94.37 -67.59 -76.81
N UNK E 2777 -94.53 -66.37 -77.32
CA UNK E 2777 -95.63 -65.50 -76.92
C UNK E 2777 -96.95 -65.98 -77.50
N UNK E 2778 -96.87 -66.60 -78.67
CA UNK E 2778 -98.05 -67.20 -79.30
C UNK E 2778 -98.46 -68.43 -78.52
N UNK E 2779 -97.47 -69.16 -78.02
CA UNK E 2779 -97.72 -70.36 -77.22
C UNK E 2779 -98.20 -69.97 -75.82
N UNK E 2780 -97.77 -68.80 -75.35
CA UNK E 2780 -98.20 -68.30 -74.05
C UNK E 2780 -99.63 -67.78 -74.14
N UNK E 2781 -100.00 -67.32 -75.32
CA UNK E 2781 -101.39 -66.91 -75.57
C UNK E 2781 -102.26 -68.15 -75.66
N UNK E 2782 -101.66 -69.24 -76.15
CA UNK E 2782 -102.31 -70.53 -76.17
C UNK E 2782 -102.37 -71.12 -74.77
N UNK E 2783 -101.38 -70.80 -73.96
CA UNK E 2783 -101.34 -71.22 -72.57
C UNK E 2783 -102.34 -70.39 -71.76
N UNK E 2784 -102.56 -69.15 -72.19
CA UNK E 2784 -103.56 -68.28 -71.59
C UNK E 2784 -104.96 -68.79 -71.96
N UNK E 2785 -105.07 -69.32 -73.17
CA UNK E 2785 -106.30 -69.96 -73.63
C UNK E 2785 -106.52 -71.26 -72.86
N UNK E 2786 -105.43 -71.91 -72.49
CA UNK E 2786 -105.48 -73.10 -71.66
C UNK E 2786 -105.83 -72.69 -70.23
N UNK E 2787 -105.45 -71.47 -69.86
CA UNK E 2787 -105.75 -70.94 -68.54
C UNK E 2787 -107.13 -70.27 -68.55
N UNK E 2788 -107.66 -70.01 -69.74
CA UNK E 2788 -108.97 -69.40 -69.89
C UNK E 2788 -110.06 -70.39 -69.46
N UNK E 2789 -109.80 -71.67 -69.66
CA UNK E 2789 -110.70 -72.72 -69.20
C UNK E 2789 -110.63 -72.83 -67.69
N UNK E 2790 -109.44 -72.59 -67.14
CA UNK E 2790 -109.26 -72.55 -65.70
C UNK E 2790 -109.88 -71.28 -65.15
N UNK E 2791 -109.88 -70.23 -65.97
CA UNK E 2791 -110.56 -68.98 -65.64
C UNK E 2791 -112.06 -69.18 -65.75
N UNK E 2792 -112.49 -70.05 -66.66
CA UNK E 2792 -113.90 -70.38 -66.82
C UNK E 2792 -114.37 -71.25 -65.67
N UNK E 2793 -113.49 -72.13 -65.19
CA UNK E 2793 -113.81 -73.01 -64.08
C UNK E 2793 -113.85 -72.21 -62.78
N UNK E 2794 -113.04 -71.16 -62.71
CA UNK E 2794 -112.99 -70.30 -61.54
C UNK E 2794 -114.16 -69.32 -61.55
N UNK E 2795 -114.63 -68.97 -62.74
CA UNK E 2795 -115.79 -68.10 -62.89
C UNK E 2795 -117.06 -68.86 -62.52
N UNK E 2796 -117.04 -70.17 -62.75
CA UNK E 2796 -118.14 -71.02 -62.35
C UNK E 2796 -118.14 -71.23 -60.85
N UNK E 2797 -116.95 -71.34 -60.26
CA UNK E 2797 -116.79 -71.55 -58.83
C UNK E 2797 -117.09 -70.27 -58.06
N UNK E 2798 -105.81 -74.00 -61.30
CA UNK E 2798 -105.67 -74.28 -59.88
C UNK E 2798 -104.44 -73.59 -59.32
N UNK E 2799 -103.31 -74.30 -59.37
CA UNK E 2799 -102.06 -73.77 -58.87
C UNK E 2799 -101.30 -73.06 -59.98
N UNK E 2800 -101.73 -73.27 -61.21
CA UNK E 2800 -101.12 -72.65 -62.38
C UNK E 2800 -101.86 -71.37 -62.76
N UNK E 2801 -102.76 -70.92 -61.90
CA UNK E 2801 -103.48 -69.68 -62.10
C UNK E 2801 -102.64 -68.50 -61.61
N UNK E 2802 -101.76 -68.78 -60.66
CA UNK E 2802 -100.83 -67.78 -60.16
C UNK E 2802 -99.60 -67.73 -61.05
N UNK E 2803 -99.44 -68.78 -61.86
CA UNK E 2803 -98.35 -68.87 -62.82
C UNK E 2803 -98.50 -67.81 -63.91
N UNK E 2804 -99.73 -67.62 -64.35
CA UNK E 2804 -100.05 -66.63 -65.36
C UNK E 2804 -100.00 -65.23 -64.77
N UNK E 2805 -100.20 -65.13 -63.46
CA UNK E 2805 -100.17 -63.85 -62.77
C UNK E 2805 -98.75 -63.27 -62.73
N UNK E 2806 -97.77 -64.16 -62.75
CA UNK E 2806 -96.37 -63.75 -62.77
C UNK E 2806 -95.99 -63.25 -64.15
N UNK E 2807 -96.48 -63.94 -65.18
CA UNK E 2807 -96.15 -63.59 -66.56
C UNK E 2807 -96.93 -62.36 -67.04
N UNK E 2808 -98.07 -62.10 -66.42
CA UNK E 2808 -98.91 -60.96 -66.80
C UNK E 2808 -98.27 -59.65 -66.38
N UNK E 2809 -97.57 -59.67 -65.25
CA UNK E 2809 -96.84 -58.49 -64.78
C UNK E 2809 -95.58 -58.28 -65.61
N UNK E 2810 -95.00 -59.40 -66.07
CA UNK E 2810 -93.80 -59.35 -66.90
C UNK E 2810 -94.14 -58.95 -68.34
N UNK E 2811 -95.40 -59.13 -68.72
CA UNK E 2811 -95.86 -58.80 -70.06
C UNK E 2811 -95.92 -57.28 -70.27
N UNK E 2812 -96.21 -56.56 -69.20
CA UNK E 2812 -96.25 -55.10 -69.25
C UNK E 2812 -94.84 -54.53 -69.34
N UNK E 2813 -93.87 -55.30 -68.86
CA UNK E 2813 -92.47 -54.91 -68.93
C UNK E 2813 -91.87 -55.26 -70.30
N UNK E 2814 -92.21 -56.44 -70.79
CA UNK E 2814 -91.65 -56.95 -72.04
C UNK E 2814 -92.17 -56.18 -73.26
N UNK E 2815 -93.43 -55.74 -73.19
CA UNK E 2815 -94.03 -55.00 -74.28
C UNK E 2815 -93.49 -53.57 -74.32
N UNK E 2816 -93.27 -53.00 -73.14
CA UNK E 2816 -92.81 -51.63 -73.02
C UNK E 2816 -91.33 -51.50 -73.39
N UNK E 2817 -90.55 -52.51 -73.04
CA UNK E 2817 -89.11 -52.51 -73.34
C UNK E 2817 -88.89 -52.75 -74.82
N UNK E 2818 -89.81 -53.49 -75.44
CA UNK E 2818 -89.78 -53.69 -76.88
C UNK E 2818 -90.34 -52.45 -77.57
N UNK E 2819 -91.61 -52.54 -77.99
CA UNK E 2819 -92.38 -51.45 -78.62
C UNK E 2819 -91.72 -50.84 -79.87
N UNK E 2820 -90.95 -51.66 -80.57
CA UNK E 2820 -90.31 -51.27 -81.82
C UNK E 2820 -90.09 -52.55 -82.60
N UNK E 2821 -90.34 -53.66 -81.91
CA UNK E 2821 -90.23 -55.00 -82.44
C UNK E 2821 -91.27 -55.25 -83.53
N UNK E 2822 -92.48 -54.78 -83.28
CA UNK E 2822 -93.59 -54.93 -84.21
C UNK E 2822 -93.40 -54.03 -85.42
N UNK E 2823 -92.69 -52.93 -85.22
CA UNK E 2823 -92.41 -51.99 -86.30
C UNK E 2823 -91.38 -52.56 -87.26
N UNK E 2824 -90.34 -53.17 -86.73
CA UNK E 2824 -89.27 -53.76 -87.53
C UNK E 2824 -89.75 -55.02 -88.23
N UNK E 2825 -90.55 -55.81 -87.53
CA UNK E 2825 -91.10 -57.04 -88.09
C UNK E 2825 -92.62 -57.08 -87.89
N UNK E 2826 -93.36 -56.96 -88.98
CA UNK E 2826 -94.82 -56.90 -88.91
C UNK E 2826 -95.45 -58.28 -88.81
N UNK E 2827 -95.25 -58.94 -87.67
CA UNK E 2827 -95.90 -60.22 -87.40
C UNK E 2827 -97.28 -59.96 -86.80
N UNK E 2828 -98.29 -60.61 -87.36
CA UNK E 2828 -99.67 -60.38 -86.93
C UNK E 2828 -100.08 -61.33 -85.81
N UNK E 2829 -99.16 -62.20 -85.40
CA UNK E 2829 -99.43 -63.15 -84.33
C UNK E 2829 -99.53 -62.42 -82.99
N UNK E 2830 -98.78 -61.33 -82.87
CA UNK E 2830 -98.88 -60.48 -81.69
C UNK E 2830 -100.10 -59.56 -81.82
N UNK E 2831 -100.47 -59.26 -83.06
CA UNK E 2831 -101.64 -58.44 -83.34
C UNK E 2831 -102.92 -59.23 -83.05
N UNK E 2832 -102.83 -60.55 -83.21
CA UNK E 2832 -103.93 -61.43 -82.89
C UNK E 2832 -103.97 -61.73 -81.40
N UNK E 2833 -102.83 -61.49 -80.74
CA UNK E 2833 -102.72 -61.71 -79.31
C UNK E 2833 -103.39 -60.58 -78.53
N UNK E 2834 -103.62 -59.45 -79.19
CA UNK E 2834 -104.27 -58.30 -78.59
C UNK E 2834 -105.73 -58.60 -78.28
N UNK E 2835 -106.39 -59.32 -79.20
CA UNK E 2835 -107.77 -59.70 -79.01
C UNK E 2835 -107.87 -60.99 -78.20
N UNK E 2836 -106.79 -61.78 -78.24
CA UNK E 2836 -106.73 -63.04 -77.52
C UNK E 2836 -106.67 -62.80 -76.02
N UNK E 2837 -105.99 -61.73 -75.63
CA UNK E 2837 -105.92 -61.34 -74.23
C UNK E 2837 -107.19 -60.60 -73.83
N UNK E 2838 -107.80 -59.92 -74.81
CA UNK E 2838 -109.01 -59.16 -74.57
C UNK E 2838 -110.19 -60.09 -74.33
N UNK E 2839 -110.15 -61.27 -74.94
CA UNK E 2839 -111.18 -62.29 -74.75
C UNK E 2839 -111.07 -62.91 -73.36
N UNK E 2840 -109.83 -63.05 -72.89
CA UNK E 2840 -109.60 -63.54 -71.54
C UNK E 2840 -109.98 -62.48 -70.53
N UNK E 2841 -109.85 -61.22 -70.92
CA UNK E 2841 -110.25 -60.10 -70.08
C UNK E 2841 -111.75 -59.85 -70.18
N UNK E 2842 -112.37 -60.40 -71.23
CA UNK E 2842 -113.81 -60.29 -71.42
C UNK E 2842 -114.54 -61.17 -70.42
N UNK E 2843 -113.87 -62.22 -69.96
CA UNK E 2843 -114.39 -63.08 -68.91
C UNK E 2843 -114.34 -62.34 -67.58
N UNK E 2844 -113.40 -61.40 -67.46
CA UNK E 2844 -113.26 -60.59 -66.27
C UNK E 2844 -113.83 -59.20 -66.49
N UNK E 2845 -114.49 -59.00 -67.63
CA UNK E 2845 -115.11 -57.71 -67.93
C UNK E 2845 -116.34 -57.50 -67.06
N UNK E 2846 -117.04 -58.60 -66.76
CA UNK E 2846 -118.20 -58.54 -65.89
C UNK E 2846 -117.88 -59.18 -64.55
N UNK E 2847 -116.63 -59.63 -64.39
CA UNK E 2847 -116.21 -60.29 -63.17
C UNK E 2847 -115.14 -59.48 -62.43
N UNK E 2848 -113.90 -59.60 -62.90
CA UNK E 2848 -112.71 -58.97 -62.32
C UNK E 2848 -112.54 -59.29 -60.84
N UNK E 2849 -112.43 -60.58 -60.53
CA UNK E 2849 -112.29 -61.05 -59.16
C UNK E 2849 -110.82 -61.17 -58.75
N UNK E 2850 -109.93 -61.02 -59.71
CA UNK E 2850 -108.49 -61.12 -59.44
C UNK E 2850 -107.91 -59.73 -59.16
N UNK E 2851 -106.71 -59.48 -59.69
CA UNK E 2851 -106.05 -58.20 -59.50
C UNK E 2851 -106.53 -57.19 -60.54
N UNK E 2852 -106.55 -55.92 -60.17
CA UNK E 2852 -106.93 -54.86 -61.08
C UNK E 2852 -105.70 -54.29 -61.78
N UNK E 2853 -104.54 -54.85 -61.45
CA UNK E 2853 -103.28 -54.40 -62.01
C UNK E 2853 -103.07 -54.92 -63.43
N UNK E 2854 -103.75 -56.00 -63.77
CA UNK E 2854 -103.65 -56.57 -65.11
C UNK E 2854 -104.42 -55.71 -66.12
N UNK E 2855 -105.36 -54.92 -65.62
CA UNK E 2855 -106.17 -54.04 -66.46
C UNK E 2855 -105.32 -52.90 -67.03
N UNK E 2856 -104.27 -52.53 -66.31
CA UNK E 2856 -103.36 -51.49 -66.76
C UNK E 2856 -102.36 -52.05 -67.76
N UNK E 2857 -102.25 -53.38 -67.81
CA UNK E 2857 -101.37 -54.06 -68.74
C UNK E 2857 -102.03 -54.21 -70.11
N UNK E 2858 -103.31 -53.89 -70.18
CA UNK E 2858 -104.07 -53.92 -71.42
C UNK E 2858 -103.64 -52.79 -72.34
N UNK E 2859 -103.50 -51.59 -71.77
CA UNK E 2859 -103.10 -50.42 -72.53
C UNK E 2859 -101.61 -50.44 -72.85
N UNK E 2860 -100.85 -51.16 -72.03
CA UNK E 2860 -99.41 -51.29 -72.20
C UNK E 2860 -99.07 -52.09 -73.46
N UNK E 2861 -99.90 -53.09 -73.74
CA UNK E 2861 -99.72 -53.90 -74.94
C UNK E 2861 -100.44 -53.27 -76.12
N UNK E 2862 -101.32 -52.32 -75.83
CA UNK E 2862 -102.09 -51.65 -76.86
C UNK E 2862 -101.26 -50.58 -77.57
N UNK E 2863 -100.18 -50.15 -76.92
CA UNK E 2863 -99.32 -49.11 -77.46
C UNK E 2863 -98.43 -49.64 -78.58
N UNK E 2864 -98.17 -50.93 -78.57
CA UNK E 2864 -97.29 -51.55 -79.56
C UNK E 2864 -97.94 -51.65 -80.93
N UNK E 2865 -99.23 -52.00 -80.94
CA UNK E 2865 -99.96 -52.16 -82.19
C UNK E 2865 -100.31 -50.80 -82.82
N UNK E 2866 -100.68 -49.85 -81.96
CA UNK E 2866 -101.04 -48.52 -82.44
C UNK E 2866 -100.72 -47.47 -81.38
N UNK E 2867 -105.87 -53.59 -93.60
CA UNK E 2867 -104.73 -54.03 -94.41
C UNK E 2867 -104.60 -55.54 -94.39
N UNK E 2868 -103.39 -56.03 -94.64
CA UNK E 2868 -103.12 -57.46 -94.62
C UNK E 2868 -103.10 -57.96 -93.18
N UNK E 2869 -102.54 -57.16 -92.29
CA UNK E 2869 -102.53 -57.49 -90.87
C UNK E 2869 -103.90 -57.24 -90.27
N UNK E 2870 -104.59 -56.23 -90.79
CA UNK E 2870 -105.94 -55.89 -90.34
C UNK E 2870 -106.97 -56.50 -91.28
N UNK E 2871 -106.85 -57.79 -91.53
CA UNK E 2871 -107.75 -58.50 -92.43
C UNK E 2871 -108.92 -59.10 -91.66
N UNK E 2872 -108.79 -60.37 -91.31
CA UNK E 2872 -109.87 -61.08 -90.64
C UNK E 2872 -109.63 -61.20 -89.14
N UNK E 2873 -110.34 -60.38 -88.37
CA UNK E 2873 -110.24 -60.41 -86.93
C UNK E 2873 -111.54 -59.93 -86.30
N UNK E 2874 -112.00 -58.76 -86.77
CA UNK E 2874 -113.21 -58.07 -86.30
C UNK E 2874 -113.22 -57.86 -84.78
N UNK E 2875 -112.06 -57.45 -84.25
CA UNK E 2875 -111.92 -57.23 -82.81
C UNK E 2875 -112.69 -55.98 -82.39
N UNK E 2876 -112.73 -54.98 -83.27
CA UNK E 2876 -113.48 -53.76 -83.03
C UNK E 2876 -114.97 -54.05 -83.09
N UNK E 2877 -115.34 -54.99 -83.97
CA UNK E 2877 -116.72 -55.45 -84.06
C UNK E 2877 -117.06 -56.30 -82.84
N UNK E 2878 -116.05 -56.98 -82.31
CA UNK E 2878 -116.21 -57.80 -81.11
C UNK E 2878 -116.35 -56.90 -79.88
N UNK E 2879 -115.70 -55.75 -79.93
CA UNK E 2879 -115.77 -54.78 -78.84
C UNK E 2879 -116.91 -53.80 -79.05
N UNK E 2880 -117.56 -53.90 -80.21
CA UNK E 2880 -118.72 -53.05 -80.52
C UNK E 2880 -119.93 -53.50 -79.71
N UNK E 2881 -119.92 -54.76 -79.29
CA UNK E 2881 -120.97 -55.31 -78.43
C UNK E 2881 -120.89 -54.68 -77.05
N UNK E 2882 -119.67 -54.50 -76.56
CA UNK E 2882 -119.45 -53.84 -75.28
C UNK E 2882 -119.68 -52.34 -75.42
N UNK E 2883 -119.44 -51.83 -76.62
CA UNK E 2883 -119.71 -50.43 -76.93
C UNK E 2883 -121.22 -50.19 -76.99
N UNK E 2884 -121.95 -51.20 -77.40
CA UNK E 2884 -123.41 -51.15 -77.41
C UNK E 2884 -123.95 -51.47 -76.02
N UNK E 2885 -123.10 -52.08 -75.19
CA UNK E 2885 -123.45 -52.38 -73.80
C UNK E 2885 -123.28 -51.14 -72.93
N UNK E 2886 -122.61 -50.13 -73.48
CA UNK E 2886 -122.48 -48.84 -72.82
C UNK E 2886 -123.84 -48.13 -72.82
N UNK E 2887 -124.58 -48.32 -73.90
CA UNK E 2887 -125.94 -47.80 -73.99
C UNK E 2887 -126.85 -48.61 -73.06
N UNK E 2888 -126.53 -49.88 -72.89
CA UNK E 2888 -127.22 -50.73 -71.93
C UNK E 2888 -126.86 -50.31 -70.51
N UNK E 2889 -125.62 -49.86 -70.34
CA UNK E 2889 -125.17 -49.36 -69.04
C UNK E 2889 -125.76 -47.98 -68.79
N UNK E 2890 -125.98 -47.24 -69.87
CA UNK E 2890 -126.62 -45.93 -69.79
C UNK E 2890 -128.11 -46.10 -69.52
N UNK E 2891 -128.65 -47.24 -69.95
CA UNK E 2891 -130.05 -47.57 -69.71
C UNK E 2891 -130.29 -47.87 -68.24
N UNK E 2892 -129.29 -48.46 -67.59
CA UNK E 2892 -129.36 -48.71 -66.16
C UNK E 2892 -129.10 -47.43 -65.40
N UNK E 2893 -128.32 -46.54 -66.02
CA UNK E 2893 -127.99 -45.25 -65.42
C UNK E 2893 -129.15 -44.28 -65.56
N UNK E 2894 -129.94 -44.45 -66.62
CA UNK E 2894 -131.12 -43.62 -66.83
C UNK E 2894 -132.23 -44.01 -65.86
N UNK E 2895 -132.21 -45.27 -65.43
CA UNK E 2895 -133.18 -45.77 -64.48
C UNK E 2895 -132.73 -45.50 -63.05
N UNK E 2896 -131.48 -45.08 -62.90
CA UNK E 2896 -130.93 -44.77 -61.59
C UNK E 2896 -131.39 -43.41 -61.11
N UNK E 2897 -121.55 -55.71 -66.08
CA UNK E 2897 -121.63 -54.55 -66.97
C UNK E 2897 -121.37 -53.27 -66.19
N UNK E 2898 -120.47 -53.35 -65.21
CA UNK E 2898 -120.07 -52.18 -64.43
C UNK E 2898 -118.56 -52.20 -64.26
N UNK E 2899 -117.99 -53.39 -64.31
CA UNK E 2899 -116.54 -53.55 -64.23
C UNK E 2899 -115.90 -53.27 -65.58
N UNK E 2900 -116.69 -53.39 -66.65
CA UNK E 2900 -116.23 -53.05 -67.98
C UNK E 2900 -116.72 -51.66 -68.38
N UNK E 2901 -117.14 -50.89 -67.38
CA UNK E 2901 -117.60 -49.52 -67.62
C UNK E 2901 -116.48 -48.53 -67.33
N UNK E 2902 -115.40 -49.03 -66.75
CA UNK E 2902 -114.27 -48.18 -66.38
C UNK E 2902 -113.05 -48.47 -67.22
N UNK E 2903 -112.60 -49.73 -67.19
CA UNK E 2903 -111.36 -50.14 -67.86
C UNK E 2903 -111.48 -50.10 -69.37
N UNK E 2904 -112.63 -50.52 -69.88
CA UNK E 2904 -112.89 -50.53 -71.31
C UNK E 2904 -113.11 -49.11 -71.83
N UNK E 2905 -113.67 -48.26 -70.98
CA UNK E 2905 -113.93 -46.87 -71.35
C UNK E 2905 -112.63 -46.07 -71.37
N UNK E 2906 -111.66 -46.54 -70.60
CA UNK E 2906 -110.35 -45.89 -70.53
C UNK E 2906 -109.48 -46.34 -71.70
N UNK E 2907 -109.58 -47.60 -72.06
CA UNK E 2907 -108.78 -48.17 -73.14
C UNK E 2907 -109.31 -47.74 -74.51
N UNK E 2908 -110.55 -47.30 -74.54
CA UNK E 2908 -111.16 -46.78 -75.76
C UNK E 2908 -110.57 -45.42 -76.09
N UNK E 2909 -110.36 -44.61 -75.06
CA UNK E 2909 -109.76 -43.29 -75.22
C UNK E 2909 -108.28 -43.41 -75.59
N UNK E 2910 -107.65 -44.48 -75.09
CA UNK E 2910 -106.25 -44.75 -75.40
C UNK E 2910 -106.11 -45.26 -76.83
N UNK E 2911 -107.11 -46.00 -77.31
CA UNK E 2911 -107.09 -46.55 -78.66
C UNK E 2911 -107.50 -45.50 -79.68
N UNK E 2912 -108.32 -44.54 -79.25
CA UNK E 2912 -108.76 -43.46 -80.12
C UNK E 2912 -107.64 -42.44 -80.30
N UNK E 2913 -106.74 -42.40 -79.32
CA UNK E 2913 -105.57 -41.54 -79.38
C UNK E 2913 -104.40 -42.29 -80.00
N UNK E 2914 -104.61 -43.59 -80.22
CA UNK E 2914 -103.60 -44.45 -80.83
C UNK E 2914 -103.64 -44.35 -82.35
N UNK E 2915 -104.66 -43.66 -82.86
CA UNK E 2915 -104.82 -43.46 -84.29
C UNK E 2915 -104.20 -42.14 -84.75
N UNK E 2916 -103.05 -41.80 -84.14
CA UNK E 2916 -102.35 -40.58 -84.49
C UNK E 2916 -101.26 -40.86 -85.52
N UNK E 2917 -101.23 -42.10 -85.99
CA UNK E 2917 -100.27 -42.52 -87.01
C UNK E 2917 -100.90 -43.58 -87.89
N UNK E 2918 -101.59 -44.52 -87.26
CA UNK E 2918 -102.28 -45.58 -87.98
C UNK E 2918 -103.73 -45.21 -88.22
N UNK E 2919 -104.36 -45.90 -89.17
CA UNK E 2919 -105.76 -45.69 -89.50
C UNK E 2919 -106.33 -46.95 -90.11
N UNK E 2920 -107.60 -46.90 -90.50
CA UNK E 2920 -108.25 -48.05 -91.13
C UNK E 2920 -109.25 -47.58 -92.18
N UNK E 2921 -110.11 -48.49 -92.62
CA UNK E 2921 -111.13 -48.16 -93.61
C UNK E 2921 -112.51 -48.08 -92.95
N UNK E 2922 -112.54 -48.43 -91.66
CA UNK E 2922 -113.75 -48.52 -90.84
C UNK E 2922 -114.79 -49.45 -91.49
N UNK E 2923 -114.32 -50.62 -91.91
CA UNK E 2923 -115.18 -51.62 -92.53
C UNK E 2923 -116.13 -52.20 -91.50
N UNK E 2924 -117.40 -51.82 -91.62
CA UNK E 2924 -118.49 -52.17 -90.69
C UNK E 2924 -118.17 -51.81 -89.24
N UNK E 2925 -117.49 -50.68 -89.06
CA UNK E 2925 -117.10 -50.22 -87.74
C UNK E 2925 -117.43 -48.74 -87.60
N UNK E 2926 -117.64 -48.08 -88.73
CA UNK E 2926 -118.02 -46.67 -88.75
C UNK E 2926 -119.44 -46.50 -88.24
N UNK E 2927 -120.29 -47.48 -88.55
CA UNK E 2927 -121.66 -47.49 -88.07
C UNK E 2927 -121.72 -47.97 -86.64
N UNK E 2928 -120.82 -48.87 -86.28
CA UNK E 2928 -120.74 -49.41 -84.93
C UNK E 2928 -120.26 -48.34 -83.96
N UNK E 2929 -119.39 -47.46 -84.45
CA UNK E 2929 -118.91 -46.33 -83.67
C UNK E 2929 -120.00 -45.28 -83.56
N UNK E 2930 -120.74 -45.08 -84.66
CA UNK E 2930 -121.78 -44.07 -84.73
C UNK E 2930 -122.96 -44.40 -83.81
N UNK E 2931 -123.19 -45.70 -83.60
CA UNK E 2931 -124.23 -46.15 -82.68
C UNK E 2931 -123.82 -45.81 -81.25
N UNK E 2932 -122.54 -45.99 -80.96
CA UNK E 2932 -122.00 -45.65 -79.66
C UNK E 2932 -121.87 -44.13 -79.53
N UNK E 2933 -121.62 -43.47 -80.66
CA UNK E 2933 -121.51 -42.01 -80.68
C UNK E 2933 -122.86 -41.35 -80.46
N UNK E 2934 -123.91 -41.95 -81.01
CA UNK E 2934 -125.27 -41.45 -80.82
C UNK E 2934 -125.74 -41.78 -79.41
N UNK E 2935 -125.24 -42.87 -78.85
CA UNK E 2935 -125.55 -43.25 -77.48
C UNK E 2935 -124.86 -42.31 -76.50
N UNK E 2936 -123.69 -41.82 -76.89
CA UNK E 2936 -122.93 -40.89 -76.07
C UNK E 2936 -123.46 -39.46 -76.21
N UNK E 2937 -123.96 -39.14 -77.40
CA UNK E 2937 -124.50 -37.80 -77.65
C UNK E 2937 -125.85 -37.63 -76.97
N UNK E 2938 -126.55 -38.75 -76.77
CA UNK E 2938 -127.86 -38.71 -76.13
C UNK E 2938 -127.73 -38.71 -74.61
N UNK E 2939 -126.64 -39.27 -74.11
CA UNK E 2939 -126.41 -39.35 -72.67
C UNK E 2939 -125.63 -38.15 -72.16
N UNK E 2940 -125.44 -37.14 -73.02
CA UNK E 2940 -124.73 -35.92 -72.65
C UNK E 2940 -125.58 -35.06 -71.71
N UNK E 2941 -126.90 -35.17 -71.85
CA UNK E 2941 -127.82 -34.41 -71.02
C UNK E 2941 -128.68 -35.34 -70.16
N UNK E 2942 -128.20 -36.56 -69.97
CA UNK E 2942 -128.91 -37.52 -69.13
C UNK E 2942 -128.74 -37.15 -67.65
N UNK E 2943 -129.86 -36.81 -67.01
CA UNK E 2943 -129.84 -36.40 -65.61
C UNK E 2943 -129.68 -37.58 -64.68
N UNK E 2944 -129.35 -37.28 -63.42
CA UNK E 2944 -129.14 -38.26 -62.33
C UNK E 2944 -128.09 -39.32 -62.67
N UNK E 2945 -127.06 -38.92 -63.41
CA UNK E 2945 -125.99 -39.83 -63.78
C UNK E 2945 -124.65 -39.11 -63.64
N UNK E 2946 -124.35 -38.67 -62.44
CA UNK E 2946 -123.11 -37.96 -62.17
C UNK E 2946 -121.97 -38.94 -61.92
N UNK E 2947 -121.19 -38.68 -60.86
CA UNK E 2947 -120.02 -39.46 -60.45
C UNK E 2947 -118.99 -39.62 -61.59
N UNK E 2948 -118.27 -38.53 -61.86
CA UNK E 2948 -117.24 -38.44 -62.89
C UNK E 2948 -117.73 -38.80 -64.30
N UNK E 2949 -118.21 -37.80 -65.03
CA UNK E 2949 -118.66 -37.99 -66.40
C UNK E 2949 -117.53 -37.68 -67.38
N UNK E 2950 -116.37 -38.30 -67.15
CA UNK E 2950 -115.18 -38.02 -67.94
C UNK E 2950 -115.00 -39.03 -69.07
N UNK E 2951 -116.11 -39.47 -69.65
CA UNK E 2951 -116.07 -40.39 -70.79
C UNK E 2951 -116.15 -39.60 -72.08
N UNK E 2952 -116.17 -38.27 -71.95
CA UNK E 2952 -116.23 -37.37 -73.09
C UNK E 2952 -114.92 -37.36 -73.86
N UNK E 2953 -113.83 -37.70 -73.17
CA UNK E 2953 -112.51 -37.74 -73.77
C UNK E 2953 -112.33 -38.96 -74.66
N UNK E 2954 -113.17 -39.97 -74.44
CA UNK E 2954 -113.15 -41.17 -75.26
C UNK E 2954 -113.73 -40.87 -76.64
N UNK E 2955 -114.61 -39.88 -76.70
CA UNK E 2955 -115.21 -39.46 -77.96
C UNK E 2955 -114.45 -38.30 -78.58
N UNK E 2956 -113.79 -37.52 -77.73
CA UNK E 2956 -113.01 -36.37 -78.19
C UNK E 2956 -111.75 -36.84 -78.91
N UNK E 2957 -111.19 -37.94 -78.44
CA UNK E 2957 -110.03 -38.55 -79.08
C UNK E 2957 -110.47 -39.35 -80.30
N UNK E 2958 -111.74 -39.73 -80.31
CA UNK E 2958 -112.32 -40.45 -81.44
C UNK E 2958 -113.00 -39.49 -82.39
N UNK E 2959 -112.91 -38.20 -82.10
CA UNK E 2959 -113.45 -37.17 -82.97
C UNK E 2959 -112.48 -36.89 -84.12
N UNK E 2960 -111.25 -37.34 -83.96
CA UNK E 2960 -110.23 -37.21 -84.98
C UNK E 2960 -110.09 -38.50 -85.77
N UNK E 2961 -111.23 -39.09 -86.16
CA UNK E 2961 -111.22 -40.34 -86.91
C UNK E 2961 -111.22 -40.06 -88.42
N UNK E 2962 -112.15 -40.68 -89.13
CA UNK E 2962 -112.27 -40.48 -90.57
C UNK E 2962 -113.04 -39.20 -90.87
N UNK E 2963 -114.36 -39.30 -90.95
CA UNK E 2963 -115.21 -38.14 -91.20
C UNK E 2963 -116.61 -38.38 -90.63
N UNK E 2964 -129.10 -39.30 -85.83
CA UNK E 2964 -128.66 -39.81 -87.13
C UNK E 2964 -129.20 -38.94 -88.27
N UNK E 2965 -128.33 -38.13 -88.85
CA UNK E 2965 -128.73 -37.26 -89.95
C UNK E 2965 -128.84 -38.03 -91.25
N UNK E 2966 -127.73 -38.18 -91.96
CA UNK E 2966 -127.71 -38.88 -93.23
C UNK E 2966 -127.22 -40.31 -93.07
N UNK E 2967 -127.51 -40.91 -91.93
CA UNK E 2967 -127.08 -42.27 -91.62
C UNK E 2967 -128.14 -43.30 -92.00
N UNK E 2968 -129.27 -42.81 -92.49
CA UNK E 2968 -130.37 -43.70 -92.88
C UNK E 2968 -130.25 -44.08 -94.35
N UNK E 2969 -129.43 -43.33 -95.10
CA UNK E 2969 -129.22 -43.60 -96.51
C UNK E 2969 -127.91 -44.36 -96.72
N UNK E 2970 -127.47 -45.06 -95.68
CA UNK E 2970 -126.23 -45.82 -95.73
C UNK E 2970 -126.35 -47.08 -94.88
N UNK E 2971 -127.53 -47.29 -94.33
CA UNK E 2971 -127.78 -48.45 -93.46
C UNK E 2971 -127.82 -49.74 -94.25
N UNK E 2972 -128.99 -50.08 -94.78
CA UNK E 2972 -129.15 -51.31 -95.55
C UNK E 2972 -128.81 -51.07 -97.02
N UNK E 2973 -128.62 -49.80 -97.38
CA UNK E 2973 -128.28 -49.43 -98.75
C UNK E 2973 -126.84 -49.87 -99.07
N UNK E 2974 -125.94 -49.62 -98.13
CA UNK E 2974 -124.55 -50.03 -98.28
C UNK E 2974 -124.40 -51.52 -97.96
N UNK E 2975 -125.36 -52.07 -97.24
CA UNK E 2975 -125.35 -53.48 -96.89
C UNK E 2975 -125.73 -54.33 -98.09
N UNK E 2976 -126.59 -53.80 -98.95
CA UNK E 2976 -127.06 -54.51 -100.12
C UNK E 2976 -126.16 -54.23 -101.33
N UNK E 2977 -126.12 -52.97 -101.74
CA UNK E 2977 -125.29 -52.57 -102.87
C UNK E 2977 -123.85 -52.33 -102.42
N UNK E 2978 -117.81 -46.65 -100.01
CA UNK E 2978 -118.60 -46.28 -98.84
C UNK E 2978 -119.75 -45.36 -99.23
N UNK E 2979 -120.90 -45.55 -98.60
CA UNK E 2979 -122.07 -44.72 -98.87
C UNK E 2979 -121.98 -43.41 -98.08
N UNK E 2980 -121.12 -42.51 -98.54
CA UNK E 2980 -120.91 -41.22 -97.91
C UNK E 2980 -120.44 -40.22 -98.96
N UNK E 2981 -120.81 -38.96 -98.78
CA UNK E 2981 -120.47 -37.92 -99.75
C UNK E 2981 -119.86 -36.70 -99.06
N UNK E 2982 -120.28 -35.51 -99.49
CA UNK E 2982 -119.75 -34.27 -98.97
C UNK E 2982 -120.64 -33.71 -97.85
N UNK E 2983 -121.56 -34.52 -97.37
CA UNK E 2983 -122.46 -34.12 -96.30
C UNK E 2983 -122.72 -35.27 -95.33
N UNK E 2984 -121.64 -35.89 -94.86
CA UNK E 2984 -121.76 -37.01 -93.93
C UNK E 2984 -121.80 -36.49 -92.49
N UNK E 2985 -120.63 -36.19 -91.94
CA UNK E 2985 -120.53 -35.62 -90.61
C UNK E 2985 -120.43 -34.11 -90.70
N UNK E 2986 -120.31 -33.61 -91.93
CA UNK E 2986 -120.22 -32.18 -92.17
C UNK E 2986 -121.61 -31.56 -92.23
N UNK E 2987 -122.63 -32.41 -92.39
CA UNK E 2987 -124.01 -31.94 -92.43
C UNK E 2987 -124.48 -31.57 -91.03
N UNK E 2988 -123.95 -32.27 -90.02
CA UNK E 2988 -124.30 -32.00 -88.64
C UNK E 2988 -123.28 -31.06 -88.00
N UNK E 2989 -122.31 -30.62 -88.78
CA UNK E 2989 -121.29 -29.69 -88.30
C UNK E 2989 -121.86 -28.29 -88.16
N UNK E 2990 -122.72 -27.90 -89.10
CA UNK E 2990 -123.35 -26.59 -89.08
C UNK E 2990 -124.41 -26.52 -87.98
N UNK E 2991 -124.98 -27.67 -87.65
CA UNK E 2991 -125.96 -27.75 -86.56
C UNK E 2991 -125.24 -27.64 -85.22
N UNK E 2992 -123.98 -28.04 -85.19
CA UNK E 2992 -123.16 -27.90 -84.00
C UNK E 2992 -122.65 -26.46 -83.87
N UNK E 2993 -122.57 -25.76 -85.01
CA UNK E 2993 -122.13 -24.38 -85.04
C UNK E 2993 -123.20 -23.48 -84.43
N UNK E 2994 -124.46 -23.82 -84.69
CA UNK E 2994 -125.60 -23.10 -84.12
C UNK E 2994 -125.73 -23.44 -82.64
N UNK E 2995 -125.33 -24.66 -82.28
CA UNK E 2995 -125.36 -25.11 -80.89
C UNK E 2995 -124.28 -24.42 -80.08
N UNK E 2996 -123.17 -24.08 -80.73
CA UNK E 2996 -122.08 -23.38 -80.08
C UNK E 2996 -122.36 -21.89 -80.01
N UNK E 2997 -123.27 -21.43 -80.87
CA UNK E 2997 -123.64 -20.02 -80.94
C UNK E 2997 -124.55 -19.62 -79.79
N UNK E 2998 -125.16 -20.62 -79.15
CA UNK E 2998 -126.06 -20.39 -78.02
C UNK E 2998 -125.27 -19.94 -76.78
N UNK E 2999 -124.24 -20.70 -76.44
CA UNK E 2999 -123.44 -20.41 -75.25
C UNK E 2999 -122.38 -19.34 -75.53
N UNK E 3000 -122.26 -18.94 -76.79
CA UNK E 3000 -121.30 -17.91 -77.20
C UNK E 3000 -121.69 -16.54 -76.66
N UNK E 3001 -123.01 -16.32 -76.51
CA UNK E 3001 -123.50 -15.06 -75.99
C UNK E 3001 -124.05 -15.24 -74.57
N UNK E 3002 -124.63 -16.41 -74.31
CA UNK E 3002 -125.20 -16.70 -73.00
C UNK E 3002 -124.13 -17.09 -72.00
N UNK E 3003 -124.11 -16.39 -70.88
CA UNK E 3003 -123.14 -16.66 -69.82
C UNK E 3003 -123.61 -17.83 -68.95
N UNK E 3004 -123.43 -19.04 -69.47
CA UNK E 3004 -123.77 -20.24 -68.72
C UNK E 3004 -122.74 -20.47 -67.62
N UNK E 3005 -122.89 -19.74 -66.51
CA UNK E 3005 -121.96 -19.81 -65.39
C UNK E 3005 -122.12 -21.12 -64.63
N UNK E 3006 -123.32 -21.70 -64.73
CA UNK E 3006 -123.62 -22.98 -64.09
C UNK E 3006 -122.88 -24.11 -64.80
N UNK E 3007 -122.33 -25.02 -64.01
CA UNK E 3007 -121.63 -26.18 -64.55
C UNK E 3007 -122.64 -27.19 -65.09
N UNK E 3008 -123.84 -27.16 -64.54
CA UNK E 3008 -124.93 -28.03 -64.99
C UNK E 3008 -125.43 -27.58 -66.35
N UNK E 3009 -125.35 -26.27 -66.61
CA UNK E 3009 -125.72 -25.72 -67.91
C UNK E 3009 -124.63 -26.03 -68.92
N UNK E 3010 -123.41 -26.21 -68.42
CA UNK E 3010 -122.27 -26.53 -69.28
C UNK E 3010 -121.92 -28.01 -69.16
N UNK E 3011 -122.82 -28.80 -68.58
CA UNK E 3011 -122.61 -30.23 -68.43
C UNK E 3011 -122.85 -30.95 -69.74
N UNK E 3012 -123.66 -30.35 -70.59
CA UNK E 3012 -123.91 -30.89 -71.93
C UNK E 3012 -123.36 -29.94 -72.98
N UNK E 3013 -122.68 -28.90 -72.51
CA UNK E 3013 -122.12 -27.89 -73.40
C UNK E 3013 -120.59 -27.92 -73.39
N UNK E 3014 -120.01 -27.61 -72.23
CA UNK E 3014 -118.55 -27.57 -72.10
C UNK E 3014 -117.95 -28.98 -72.12
N UNK E 3015 -118.70 -29.95 -71.61
CA UNK E 3015 -118.26 -31.33 -71.60
C UNK E 3015 -118.37 -31.93 -73.01
N UNK E 3016 -119.25 -31.34 -73.82
CA UNK E 3016 -119.44 -31.79 -75.20
C UNK E 3016 -118.62 -30.93 -76.16
N UNK E 3017 -118.01 -29.88 -75.64
CA UNK E 3017 -117.20 -28.98 -76.46
C UNK E 3017 -115.83 -29.60 -76.74
N UNK E 3018 -115.45 -30.58 -75.92
CA UNK E 3018 -114.16 -31.25 -76.06
C UNK E 3018 -114.11 -32.11 -77.31
N UNK E 3019 -115.25 -32.71 -77.66
CA UNK E 3019 -115.34 -33.52 -78.87
C UNK E 3019 -115.44 -32.61 -80.09
N UNK E 3020 -115.94 -31.39 -79.87
CA UNK E 3020 -116.11 -30.42 -80.95
C UNK E 3020 -114.85 -29.59 -81.15
N UNK E 3021 -113.83 -29.88 -80.36
CA UNK E 3021 -112.54 -29.19 -80.48
C UNK E 3021 -111.76 -29.69 -81.69
N UNK E 3022 -112.13 -30.88 -82.17
CA UNK E 3022 -111.46 -31.49 -83.33
C UNK E 3022 -112.02 -30.97 -84.65
N UNK E 3023 -112.00 -29.65 -84.83
CA UNK E 3023 -112.54 -29.02 -86.03
C UNK E 3023 -111.57 -29.19 -87.20
N UNK E 3024 -110.29 -28.94 -86.94
CA UNK E 3024 -109.26 -29.07 -87.96
C UNK E 3024 -108.90 -30.53 -88.17
N UNK E 3025 -109.22 -31.36 -87.18
CA UNK E 3025 -109.02 -32.80 -87.30
C UNK E 3025 -110.10 -33.37 -88.20
N UNK E 3026 -111.30 -32.80 -88.11
CA UNK E 3026 -112.39 -33.16 -89.00
C UNK E 3026 -112.12 -32.57 -90.38
N UNK E 3027 -111.46 -31.42 -90.40
CA UNK E 3027 -111.07 -30.79 -91.66
C UNK E 3027 -109.81 -31.46 -92.21
N UNK E 3028 -109.43 -31.07 -93.42
CA UNK E 3028 -108.19 -31.54 -94.01
C UNK E 3028 -107.09 -30.54 -93.71
N UNK E 3029 -107.13 -29.41 -94.42
CA UNK E 3029 -106.21 -28.31 -94.16
C UNK E 3029 -106.85 -27.33 -93.19
N UNK E 3030 -106.72 -26.04 -93.49
CA UNK E 3030 -107.30 -25.00 -92.67
C UNK E 3030 -108.33 -24.22 -93.47
N UNK E 3031 -109.11 -24.93 -94.27
CA UNK E 3031 -110.13 -24.32 -95.12
C UNK E 3031 -111.27 -23.80 -94.26
N UNK E 3032 -111.69 -24.59 -93.29
CA UNK E 3032 -112.76 -24.20 -92.38
C UNK E 3032 -112.19 -23.83 -91.01
N UNK E 3033 -111.08 -23.10 -91.03
CA UNK E 3033 -110.40 -22.71 -89.80
C UNK E 3033 -110.87 -21.35 -89.30
N UNK E 3034 -111.70 -20.69 -90.10
CA UNK E 3034 -112.26 -19.40 -89.72
C UNK E 3034 -113.29 -19.58 -88.61
N UNK E 3035 -113.97 -20.72 -88.62
CA UNK E 3035 -114.94 -21.06 -87.58
C UNK E 3035 -114.23 -21.50 -86.32
N UNK E 3036 -113.03 -22.05 -86.49
CA UNK E 3036 -112.21 -22.45 -85.35
C UNK E 3036 -111.50 -21.24 -84.76
N UNK E 3037 -111.38 -20.19 -85.55
CA UNK E 3037 -110.72 -18.96 -85.13
C UNK E 3037 -111.58 -18.18 -84.14
N UNK E 3038 -112.89 -18.31 -84.27
CA UNK E 3038 -113.82 -17.61 -83.39
C UNK E 3038 -114.20 -18.49 -82.21
N UNK E 3039 -113.81 -19.76 -82.27
CA UNK E 3039 -114.11 -20.71 -81.20
C UNK E 3039 -113.27 -20.44 -79.96
N UNK E 3040 -112.11 -19.85 -80.17
CA UNK E 3040 -111.18 -19.54 -79.09
C UNK E 3040 -111.68 -18.38 -78.24
N UNK E 3041 -112.28 -17.38 -78.89
CA UNK E 3041 -112.78 -16.19 -78.21
C UNK E 3041 -114.01 -16.54 -77.38
N UNK E 3042 -114.80 -17.50 -77.85
CA UNK E 3042 -115.97 -17.95 -77.12
C UNK E 3042 -115.54 -18.81 -75.93
N UNK E 3043 -114.44 -19.54 -76.10
CA UNK E 3043 -113.89 -20.36 -75.04
C UNK E 3043 -113.20 -19.48 -74.00
N UNK E 3044 -112.68 -18.34 -74.45
CA UNK E 3044 -112.05 -17.39 -73.56
C UNK E 3044 -113.10 -16.67 -72.72
N UNK E 3045 -114.27 -16.47 -73.32
CA UNK E 3045 -115.38 -15.83 -72.63
C UNK E 3045 -116.03 -16.77 -71.63
N UNK E 3046 -115.84 -18.08 -71.83
CA UNK E 3046 -116.35 -19.09 -70.93
C UNK E 3046 -115.61 -19.06 -69.60
N UNK E 3047 -114.33 -18.72 -69.66
CA UNK E 3047 -113.52 -18.57 -68.46
C UNK E 3047 -113.61 -17.15 -67.94
N UNK E 3048 -114.15 -16.26 -68.77
CA UNK E 3048 -114.32 -14.85 -68.40
C UNK E 3048 -115.69 -14.62 -67.76
N UNK E 3049 -116.39 -15.70 -67.45
CA UNK E 3049 -117.66 -15.62 -66.74
C UNK E 3049 -117.43 -15.69 -65.24
N UNK E 3050 -116.16 -15.77 -64.85
CA UNK E 3050 -115.67 -15.85 -63.46
C UNK E 3050 -116.29 -17.02 -62.71
N UNK E 3051 -115.63 -18.18 -62.80
CA UNK E 3051 -116.10 -19.39 -62.13
C UNK E 3051 -115.96 -19.27 -60.61
N UNK E 3052 -116.75 -20.06 -59.90
CA UNK E 3052 -116.74 -20.04 -58.44
C UNK E 3052 -115.56 -20.83 -57.90
N UNK E 3053 -115.84 -21.94 -57.22
CA UNK E 3053 -114.78 -22.79 -56.70
C UNK E 3053 -114.33 -23.76 -57.77
N UNK E 3054 -114.65 -25.04 -57.60
CA UNK E 3054 -114.30 -26.06 -58.58
C UNK E 3054 -115.48 -26.36 -59.49
N UNK E 3055 -116.19 -25.31 -59.90
CA UNK E 3055 -117.31 -25.45 -60.83
C UNK E 3055 -116.77 -25.71 -62.23
N UNK E 3056 -115.84 -24.87 -62.65
CA UNK E 3056 -115.19 -25.03 -63.94
C UNK E 3056 -113.70 -25.27 -63.73
N UNK E 3057 -113.26 -25.17 -62.48
CA UNK E 3057 -111.87 -25.43 -62.13
C UNK E 3057 -111.62 -26.94 -62.11
N UNK E 3058 -112.65 -27.70 -61.79
CA UNK E 3058 -112.57 -29.15 -61.87
C UNK E 3058 -112.64 -29.57 -63.33
N UNK E 3059 -113.38 -28.79 -64.11
CA UNK E 3059 -113.49 -29.02 -65.55
C UNK E 3059 -112.47 -28.18 -66.29
N UNK E 3060 -111.20 -28.30 -65.87
CA UNK E 3060 -110.12 -27.56 -66.50
C UNK E 3060 -109.38 -28.45 -67.49
N UNK E 3061 -110.07 -29.49 -67.96
CA UNK E 3061 -109.52 -30.40 -68.96
C UNK E 3061 -109.77 -29.84 -70.36
N UNK E 3062 -110.52 -28.75 -70.43
CA UNK E 3062 -110.77 -28.05 -71.68
C UNK E 3062 -109.55 -27.20 -72.05
N UNK E 3063 -108.71 -26.93 -71.06
CA UNK E 3063 -107.45 -26.21 -71.29
C UNK E 3063 -106.48 -27.11 -72.04
N UNK E 3064 -106.61 -28.42 -71.83
CA UNK E 3064 -105.83 -29.41 -72.56
C UNK E 3064 -106.28 -29.44 -74.02
N UNK E 3065 -107.56 -29.16 -74.23
CA UNK E 3065 -108.11 -29.04 -75.57
C UNK E 3065 -107.83 -27.65 -76.13
N UNK E 3066 -107.44 -26.73 -75.25
CA UNK E 3066 -107.14 -25.36 -75.67
C UNK E 3066 -105.64 -25.17 -75.92
N UNK E 3067 -104.99 -26.23 -76.39
CA UNK E 3067 -103.58 -26.16 -76.73
C UNK E 3067 -103.40 -26.16 -78.25
N UNK E 3068 -104.26 -26.93 -78.93
CA UNK E 3068 -104.19 -27.06 -80.38
C UNK E 3068 -105.11 -26.04 -81.06
N UNK E 3069 -106.07 -25.51 -80.30
CA UNK E 3069 -107.02 -24.54 -80.82
C UNK E 3069 -106.37 -23.18 -81.01
N UNK E 3070 -105.32 -22.91 -80.23
CA UNK E 3070 -104.63 -21.63 -80.29
C UNK E 3070 -103.45 -21.65 -81.24
N UNK E 3071 -103.40 -22.67 -82.10
CA UNK E 3071 -102.32 -22.81 -83.07
C UNK E 3071 -102.59 -21.96 -84.31
N UNK E 3072 -103.59 -22.37 -85.09
CA UNK E 3072 -103.90 -21.71 -86.36
C UNK E 3072 -104.81 -20.49 -86.20
N UNK E 3073 -105.03 -20.06 -84.96
CA UNK E 3073 -105.83 -18.88 -84.68
C UNK E 3073 -105.05 -17.62 -85.04
N UNK E 3074 -105.59 -16.83 -85.95
CA UNK E 3074 -104.98 -15.56 -86.33
C UNK E 3074 -105.11 -14.58 -85.16
N UNK E 3075 -103.99 -14.36 -84.47
CA UNK E 3075 -103.97 -13.50 -83.30
C UNK E 3075 -104.08 -12.03 -83.67
N UNK E 3076 -103.81 -11.71 -84.94
CA UNK E 3076 -104.07 -10.38 -85.46
C UNK E 3076 -105.58 -10.18 -85.55
N UNK E 3077 -106.28 -11.24 -85.91
CA UNK E 3077 -107.74 -11.22 -85.97
C UNK E 3077 -108.31 -11.47 -84.58
N UNK E 3078 -107.51 -12.07 -83.71
CA UNK E 3078 -107.91 -12.30 -82.33
C UNK E 3078 -107.29 -11.26 -81.41
N UNK E 3079 -106.90 -10.13 -81.98
CA UNK E 3079 -106.29 -9.04 -81.23
C UNK E 3079 -107.31 -8.36 -80.34
N UNK E 3080 -108.54 -8.28 -80.81
CA UNK E 3080 -109.64 -7.75 -80.01
C UNK E 3080 -109.96 -8.72 -78.90
N UNK E 3081 -109.82 -10.01 -79.21
CA UNK E 3081 -109.96 -11.06 -78.21
C UNK E 3081 -108.77 -11.02 -77.28
N UNK E 3082 -107.61 -10.63 -77.81
CA UNK E 3082 -106.42 -10.43 -77.00
C UNK E 3082 -106.59 -9.15 -76.18
N UNK E 3083 -107.31 -8.18 -76.74
CA UNK E 3083 -107.66 -6.97 -76.01
C UNK E 3083 -108.72 -7.30 -74.97
N UNK E 3084 -109.55 -8.28 -75.28
CA UNK E 3084 -110.52 -8.80 -74.31
C UNK E 3084 -109.78 -9.61 -73.25
N UNK E 3085 -108.72 -10.29 -73.68
CA UNK E 3085 -107.87 -11.03 -72.76
C UNK E 3085 -107.01 -10.05 -71.95
N UNK E 3086 -106.73 -8.88 -72.53
CA UNK E 3086 -106.02 -7.83 -71.82
C UNK E 3086 -106.93 -7.25 -70.75
N UNK E 3087 -108.22 -7.15 -71.08
CA UNK E 3087 -109.23 -6.71 -70.12
C UNK E 3087 -109.44 -7.77 -69.05
N UNK E 3088 -109.31 -9.02 -69.45
CA UNK E 3088 -109.38 -10.14 -68.51
C UNK E 3088 -108.10 -10.18 -67.68
N UNK E 3089 -107.00 -9.70 -68.26
CA UNK E 3089 -105.75 -9.57 -67.52
C UNK E 3089 -105.84 -8.37 -66.59
N UNK E 3090 -106.59 -7.35 -67.03
CA UNK E 3090 -106.81 -6.16 -66.22
C UNK E 3090 -107.70 -6.48 -65.04
N UNK E 3091 -108.64 -7.39 -65.26
CA UNK E 3091 -109.54 -7.85 -64.21
C UNK E 3091 -108.78 -8.75 -63.24
N UNK E 3092 -107.86 -9.53 -63.77
CA UNK E 3092 -107.05 -10.45 -62.98
C UNK E 3092 -106.09 -9.69 -62.07
N UNK E 3093 -105.51 -8.62 -62.61
CA UNK E 3093 -104.57 -7.79 -61.86
C UNK E 3093 -105.29 -6.99 -60.79
N UNK E 3094 -106.53 -6.62 -61.07
CA UNK E 3094 -107.32 -5.86 -60.12
C UNK E 3094 -107.80 -6.75 -58.98
N UNK E 3095 -108.24 -7.96 -59.31
CA UNK E 3095 -108.78 -8.90 -58.32
C UNK E 3095 -107.68 -9.44 -57.41
N UNK E 3096 -106.48 -9.59 -57.96
CA UNK E 3096 -105.34 -10.06 -57.17
C UNK E 3096 -104.82 -8.96 -56.26
N UNK E 3097 -105.05 -7.71 -56.68
CA UNK E 3097 -104.62 -6.54 -55.91
C UNK E 3097 -105.44 -6.39 -54.63
N UNK E 3098 -106.69 -6.85 -54.69
CA UNK E 3098 -107.55 -6.86 -53.51
C UNK E 3098 -107.10 -7.93 -52.54
N UNK E 3099 -106.66 -9.06 -53.08
CA UNK E 3099 -106.13 -10.15 -52.28
C UNK E 3099 -104.76 -9.78 -51.75
N UNK E 3100 -104.02 -8.97 -52.52
CA UNK E 3100 -102.74 -8.45 -52.10
C UNK E 3100 -102.93 -7.45 -50.96
N UNK E 3101 -103.99 -6.66 -51.06
CA UNK E 3101 -104.34 -5.69 -50.02
C UNK E 3101 -104.89 -6.41 -48.80
N UNK E 3102 -105.52 -7.56 -49.03
CA UNK E 3102 -106.02 -8.40 -47.95
C UNK E 3102 -104.85 -9.04 -47.22
N UNK E 3103 -103.80 -9.33 -47.95
CA UNK E 3103 -102.56 -9.82 -47.36
C UNK E 3103 -101.79 -8.66 -46.73
N UNK E 3104 -102.02 -7.45 -47.26
CA UNK E 3104 -101.38 -6.25 -46.73
C UNK E 3104 -102.08 -5.76 -45.47
N UNK E 3105 -103.30 -6.24 -45.25
CA UNK E 3105 -104.07 -5.86 -44.06
C UNK E 3105 -104.03 -6.97 -43.02
N UNK E 3106 -102.91 -7.69 -42.98
CA UNK E 3106 -102.73 -8.74 -41.99
C UNK E 3106 -101.98 -8.20 -40.77
N UNK E 3107 -102.49 -7.11 -40.20
CA UNK E 3107 -101.87 -6.50 -39.04
C UNK E 3107 -102.60 -6.94 -37.77
N UNK E 3108 -102.38 -6.18 -36.69
CA UNK E 3108 -102.95 -6.44 -35.35
C UNK E 3108 -102.63 -7.85 -34.84
N UNK E 3109 -103.50 -8.38 -33.99
CA UNK E 3109 -103.35 -9.73 -33.46
C UNK E 3109 -104.49 -10.61 -33.93
N UNK E 3110 -105.11 -10.21 -35.04
CA UNK E 3110 -106.22 -10.97 -35.62
C UNK E 3110 -105.72 -12.23 -36.30
N UNK E 3111 -106.29 -13.36 -35.92
CA UNK E 3111 -105.96 -14.64 -36.54
C UNK E 3111 -107.00 -15.00 -37.59
N UNK E 3112 -107.50 -13.98 -38.29
CA UNK E 3112 -108.51 -14.17 -39.31
C UNK E 3112 -107.91 -13.94 -40.69
N UNK E 3113 -106.58 -13.99 -40.77
CA UNK E 3113 -105.89 -13.83 -42.04
C UNK E 3113 -105.59 -15.18 -42.65
N UNK E 3114 -105.72 -16.23 -41.85
CA UNK E 3114 -105.42 -17.58 -42.29
C UNK E 3114 -106.61 -18.23 -43.00
N UNK E 3115 -107.76 -17.56 -42.94
CA UNK E 3115 -108.97 -18.08 -43.56
C UNK E 3115 -109.56 -17.06 -44.52
N UNK E 3116 -108.78 -16.04 -44.87
CA UNK E 3116 -109.26 -14.97 -45.72
C UNK E 3116 -108.32 -14.70 -46.89
N UNK E 3117 -107.03 -14.54 -46.59
CA UNK E 3117 -106.03 -14.27 -47.61
C UNK E 3117 -105.43 -15.57 -48.13
N UNK E 3118 -105.67 -16.66 -47.40
CA UNK E 3118 -105.14 -17.96 -47.78
C UNK E 3118 -105.98 -18.61 -48.89
N UNK E 3119 -107.26 -18.23 -48.94
CA UNK E 3119 -108.18 -18.80 -49.92
C UNK E 3119 -108.30 -17.90 -51.14
N UNK E 3120 -108.08 -16.60 -50.94
CA UNK E 3120 -108.19 -15.61 -52.01
C UNK E 3120 -107.06 -15.77 -53.04
N UNK E 3121 -105.88 -16.14 -52.56
CA UNK E 3121 -104.77 -16.42 -53.45
C UNK E 3121 -104.96 -17.79 -54.08
N UNK E 3122 -105.60 -18.68 -53.35
CA UNK E 3122 -105.89 -20.03 -53.84
C UNK E 3122 -107.02 -20.00 -54.87
N UNK E 3123 -107.84 -18.97 -54.81
CA UNK E 3123 -108.93 -18.77 -55.75
C UNK E 3123 -108.41 -18.48 -57.15
N UNK E 3124 -107.37 -17.67 -57.22
CA UNK E 3124 -106.79 -17.29 -58.50
C UNK E 3124 -105.70 -18.28 -58.92
N UNK E 3125 -105.41 -19.24 -58.04
CA UNK E 3125 -104.36 -20.21 -58.29
C UNK E 3125 -104.75 -21.23 -59.36
N UNK E 3126 -106.01 -21.63 -59.35
CA UNK E 3126 -106.52 -22.58 -60.33
C UNK E 3126 -107.11 -21.83 -61.54
N UNK E 3127 -107.22 -20.52 -61.42
CA UNK E 3127 -107.75 -19.70 -62.49
C UNK E 3127 -106.64 -19.30 -63.46
N UNK E 3128 -105.51 -18.87 -62.91
CA UNK E 3128 -104.37 -18.45 -63.71
C UNK E 3128 -103.58 -19.64 -64.26
N UNK E 3129 -103.85 -20.82 -63.72
CA UNK E 3129 -103.18 -22.05 -64.14
C UNK E 3129 -103.66 -22.50 -65.52
N UNK E 3130 -104.85 -22.07 -65.91
CA UNK E 3130 -105.39 -22.42 -67.21
C UNK E 3130 -105.31 -21.22 -68.15
N UNK E 3131 -105.31 -20.02 -67.58
CA UNK E 3131 -105.28 -18.79 -68.36
C UNK E 3131 -103.92 -18.58 -69.03
N UNK E 3132 -102.86 -18.76 -68.24
CA UNK E 3132 -101.49 -18.57 -68.73
C UNK E 3132 -101.03 -19.75 -69.60
N UNK E 3133 -101.69 -20.89 -69.44
CA UNK E 3133 -101.35 -22.10 -70.18
C UNK E 3133 -101.77 -21.99 -71.64
N UNK E 3134 -102.81 -21.20 -71.89
CA UNK E 3134 -103.26 -20.95 -73.25
C UNK E 3134 -102.66 -19.66 -73.78
N UNK E 3135 -102.26 -18.79 -72.88
CA UNK E 3135 -101.65 -17.51 -73.25
C UNK E 3135 -100.21 -17.71 -73.71
N UNK E 3136 -99.62 -18.83 -73.31
CA UNK E 3136 -98.24 -19.14 -73.65
C UNK E 3136 -98.08 -19.52 -75.12
N UNK E 3137 -98.90 -20.47 -75.57
CA UNK E 3137 -98.80 -20.99 -76.93
C UNK E 3137 -99.29 -19.98 -77.96
N UNK E 3138 -100.16 -19.08 -77.53
CA UNK E 3138 -100.71 -18.05 -78.41
C UNK E 3138 -99.68 -16.96 -78.70
N UNK E 3139 -99.02 -16.48 -77.66
CA UNK E 3139 -98.06 -15.39 -77.79
C UNK E 3139 -96.79 -15.83 -78.51
N UNK E 3140 -96.40 -17.09 -78.31
CA UNK E 3140 -95.22 -17.63 -78.93
C UNK E 3140 -95.46 -17.89 -80.42
N UNK E 3141 -96.72 -18.12 -80.77
CA UNK E 3141 -97.11 -18.31 -82.15
C UNK E 3141 -97.00 -17.00 -82.92
N UNK E 3142 -97.25 -15.90 -82.23
CA UNK E 3142 -97.14 -14.58 -82.82
C UNK E 3142 -95.93 -13.85 -82.24
N UNK E 3143 -94.78 -14.50 -82.28
CA UNK E 3143 -93.55 -13.94 -81.73
C UNK E 3143 -92.97 -12.88 -82.65
N UNK E 3144 -92.60 -13.29 -83.86
CA UNK E 3144 -91.96 -12.38 -84.82
C UNK E 3144 -92.92 -11.33 -85.36
N UNK E 3145 -94.21 -11.63 -85.32
CA UNK E 3145 -95.24 -10.71 -85.75
C UNK E 3145 -95.37 -9.55 -84.76
N UNK E 3146 -95.22 -9.86 -83.48
CA UNK E 3146 -95.32 -8.86 -82.43
C UNK E 3146 -93.94 -8.27 -82.09
N UNK E 3147 -92.91 -8.71 -82.81
CA UNK E 3147 -91.57 -8.21 -82.58
C UNK E 3147 -91.03 -7.50 -83.83
N UNK E 3148 -91.83 -7.50 -84.89
CA UNK E 3148 -91.43 -6.81 -86.12
C UNK E 3148 -91.59 -5.31 -85.95
N UNK E 3149 -92.67 -4.76 -86.49
CA UNK E 3149 -92.95 -3.34 -86.35
C UNK E 3149 -94.05 -3.14 -85.31
N UNK E 3150 -95.07 -3.99 -85.38
CA UNK E 3150 -96.19 -3.93 -84.45
C UNK E 3150 -95.77 -4.43 -83.08
N UNK E 3151 -95.98 -3.59 -82.06
CA UNK E 3151 -95.63 -3.94 -80.70
C UNK E 3151 -96.58 -3.25 -79.73
N UNK E 3152 -97.41 -2.36 -80.26
CA UNK E 3152 -98.36 -1.60 -79.46
C UNK E 3152 -99.47 -2.51 -78.94
N UNK E 3153 -99.79 -3.55 -79.71
CA UNK E 3153 -100.74 -4.55 -79.28
C UNK E 3153 -100.12 -5.46 -78.21
N UNK E 3154 -98.79 -5.55 -78.25
CA UNK E 3154 -98.06 -6.34 -77.26
C UNK E 3154 -97.57 -5.44 -76.12
N UNK E 3155 -97.79 -4.14 -76.25
CA UNK E 3155 -97.32 -3.18 -75.27
C UNK E 3155 -98.13 -3.25 -73.98
N UNK E 3156 -99.40 -3.60 -74.10
CA UNK E 3156 -100.27 -3.70 -72.93
C UNK E 3156 -100.02 -4.99 -72.17
N UNK E 3157 -99.53 -6.01 -72.87
CA UNK E 3157 -99.27 -7.31 -72.26
C UNK E 3157 -98.06 -7.25 -71.34
N UNK E 3158 -97.01 -6.60 -71.82
CA UNK E 3158 -95.78 -6.47 -71.05
C UNK E 3158 -95.96 -5.49 -69.90
N UNK E 3159 -96.84 -4.51 -70.09
CA UNK E 3159 -97.13 -3.52 -69.06
C UNK E 3159 -98.00 -4.12 -67.96
N UNK E 3160 -98.75 -5.16 -68.29
CA UNK E 3160 -99.60 -5.83 -67.32
C UNK E 3160 -98.97 -7.12 -66.83
N UNK E 3161 -97.67 -7.27 -67.04
CA UNK E 3161 -96.95 -8.46 -66.59
C UNK E 3161 -96.27 -8.20 -65.25
N UNK E 3162 -96.90 -7.36 -64.43
CA UNK E 3162 -96.39 -7.05 -63.10
C UNK E 3162 -97.04 -7.94 -62.04
N UNK E 3163 -97.76 -8.96 -62.51
CA UNK E 3163 -98.43 -9.90 -61.62
C UNK E 3163 -97.41 -10.81 -60.95
N UNK E 3164 -96.35 -11.14 -61.68
CA UNK E 3164 -95.28 -11.98 -61.16
C UNK E 3164 -94.49 -11.23 -60.09
N UNK E 3165 -94.36 -9.92 -60.28
CA UNK E 3165 -93.65 -9.07 -59.34
C UNK E 3165 -94.50 -8.82 -58.09
N UNK E 3166 -95.79 -9.00 -58.22
CA UNK E 3166 -96.72 -8.78 -57.11
C UNK E 3166 -97.03 -10.07 -56.36
N UNK E 3167 -97.29 -11.14 -57.10
CA UNK E 3167 -97.66 -12.41 -56.48
C UNK E 3167 -96.44 -13.28 -56.19
N UNK E 3168 -95.81 -13.78 -57.25
CA UNK E 3168 -94.67 -14.69 -57.12
C UNK E 3168 -93.35 -13.96 -56.92
N UNK E 3169 -93.32 -13.00 -55.99
CA UNK E 3169 -92.13 -12.25 -55.66
C UNK E 3169 -92.27 -11.71 -54.25
N UNK E 3170 -92.95 -10.58 -54.12
CA UNK E 3170 -93.20 -9.98 -52.82
C UNK E 3170 -94.41 -10.62 -52.16
N UNK E 3171 -94.27 -10.98 -50.88
CA UNK E 3171 -95.30 -11.62 -50.06
C UNK E 3171 -95.86 -12.88 -50.69
N UNK E 3172 -94.97 -13.76 -51.15
CA UNK E 3172 -95.37 -15.01 -51.77
C UNK E 3172 -95.52 -16.12 -50.74
N UNK E 3173 -96.32 -15.86 -49.71
CA UNK E 3173 -96.60 -16.86 -48.70
C UNK E 3173 -97.82 -17.68 -49.12
N UNK E 3174 -98.84 -16.99 -49.59
CA UNK E 3174 -100.05 -17.63 -50.08
C UNK E 3174 -99.98 -17.79 -51.59
N UNK E 3175 -99.20 -16.92 -52.23
CA UNK E 3175 -99.04 -16.96 -53.68
C UNK E 3175 -98.21 -18.17 -54.11
N UNK E 3176 -97.26 -18.55 -53.27
CA UNK E 3176 -96.46 -19.74 -53.52
C UNK E 3176 -96.97 -20.91 -52.67
N UNK E 3177 -98.20 -20.77 -52.17
CA UNK E 3177 -98.87 -21.86 -51.46
C UNK E 3177 -99.76 -22.63 -52.44
N UNK E 3178 -99.61 -22.30 -53.72
CA UNK E 3178 -100.35 -22.96 -54.78
C UNK E 3178 -99.58 -24.18 -55.28
N UNK E 3179 -98.46 -24.47 -54.63
CA UNK E 3179 -97.65 -25.64 -54.94
C UNK E 3179 -98.40 -26.91 -54.58
N UNK E 3180 -99.19 -26.84 -53.51
CA UNK E 3180 -100.06 -27.95 -53.12
C UNK E 3180 -101.19 -28.07 -54.15
N UNK E 3181 -101.63 -26.94 -54.66
CA UNK E 3181 -102.64 -26.90 -55.71
C UNK E 3181 -102.02 -27.34 -57.04
N UNK E 3182 -100.71 -27.12 -57.17
CA UNK E 3182 -99.98 -27.59 -58.34
C UNK E 3182 -99.74 -29.09 -58.23
N UNK E 3183 -99.54 -29.57 -57.01
CA UNK E 3183 -99.32 -30.99 -56.76
C UNK E 3183 -100.62 -31.76 -56.76
N UNK E 3184 -101.74 -31.04 -56.60
CA UNK E 3184 -103.06 -31.64 -56.61
C UNK E 3184 -103.41 -32.13 -58.01
N UNK E 3185 -103.45 -31.20 -58.96
CA UNK E 3185 -103.72 -31.54 -60.34
C UNK E 3185 -102.50 -32.18 -60.98
N UNK E 3186 -89.10 -26.15 -58.46
CA UNK E 3186 -88.83 -25.65 -59.80
C UNK E 3186 -89.70 -24.42 -60.10
N UNK E 3187 -89.58 -23.89 -61.32
CA UNK E 3187 -90.39 -22.76 -61.73
C UNK E 3187 -91.82 -23.20 -61.97
N UNK E 3188 -92.76 -22.28 -61.85
CA UNK E 3188 -94.17 -22.62 -61.98
C UNK E 3188 -95.00 -21.50 -62.59
N UNK E 3189 -95.16 -21.54 -63.91
CA UNK E 3189 -96.07 -20.69 -64.68
C UNK E 3189 -95.88 -19.18 -64.52
N UNK E 3190 -96.30 -18.66 -63.37
CA UNK E 3190 -96.27 -17.22 -63.09
C UNK E 3190 -94.85 -16.70 -62.98
N UNK E 3191 -93.95 -17.55 -62.51
CA UNK E 3191 -92.54 -17.21 -62.45
C UNK E 3191 -91.92 -17.29 -63.83
N UNK E 3192 -92.49 -18.14 -64.68
CA UNK E 3192 -91.99 -18.34 -66.04
C UNK E 3192 -92.77 -17.54 -67.06
N UNK E 3193 -93.72 -16.73 -66.59
CA UNK E 3193 -94.61 -15.98 -67.46
C UNK E 3193 -93.90 -14.83 -68.17
N UNK E 3194 -93.11 -14.07 -67.41
CA UNK E 3194 -92.40 -12.93 -67.96
C UNK E 3194 -91.20 -13.36 -68.79
N UNK E 3195 -90.74 -14.58 -68.57
CA UNK E 3195 -89.57 -15.12 -69.26
C UNK E 3195 -89.81 -15.33 -70.75
N UNK E 3196 -91.04 -15.65 -71.11
CA UNK E 3196 -91.40 -15.84 -72.51
C UNK E 3196 -92.01 -14.57 -73.09
N UNK E 3197 -91.72 -13.43 -72.46
CA UNK E 3197 -92.25 -12.15 -72.91
C UNK E 3197 -91.26 -11.02 -72.67
N UNK E 3198 -90.11 -11.34 -72.09
CA UNK E 3198 -89.12 -10.33 -71.75
C UNK E 3198 -88.37 -9.81 -72.97
N UNK E 3199 -88.37 -10.59 -74.03
CA UNK E 3199 -87.67 -10.22 -75.26
C UNK E 3199 -88.36 -9.06 -75.96
N UNK E 3200 -89.68 -9.15 -76.10
CA UNK E 3200 -90.45 -8.12 -76.78
C UNK E 3200 -90.72 -6.93 -75.86
N UNK E 3201 -90.60 -7.16 -74.55
CA UNK E 3201 -90.84 -6.11 -73.57
C UNK E 3201 -89.72 -5.08 -73.59
N UNK E 3202 -88.50 -5.56 -73.81
CA UNK E 3202 -87.33 -4.69 -73.85
C UNK E 3202 -87.02 -4.26 -75.28
N UNK E 3203 -87.73 -4.85 -76.24
CA UNK E 3203 -87.51 -4.57 -77.66
C UNK E 3203 -88.00 -3.18 -78.02
N UNK E 3204 -89.13 -2.78 -77.46
CA UNK E 3204 -89.71 -1.48 -77.74
C UNK E 3204 -89.52 -0.53 -76.55
N UNK E 3205 -88.71 -0.96 -75.59
CA UNK E 3205 -88.40 -0.13 -74.42
C UNK E 3205 -87.50 1.02 -74.84
N UNK E 3206 -86.52 0.72 -75.69
CA UNK E 3206 -85.61 1.72 -76.22
C UNK E 3206 -85.00 1.25 -77.54
N UNK E 3207 -84.43 2.20 -78.27
CA UNK E 3207 -83.69 1.89 -79.49
C UNK E 3207 -82.21 1.94 -79.20
N UNK E 3208 -81.80 1.28 -78.10
CA UNK E 3208 -80.46 1.34 -77.51
C UNK E 3208 -80.02 2.78 -77.24
N UNK E 3209 -78.69 2.97 -77.18
CA UNK E 3209 -78.04 4.28 -77.03
C UNK E 3209 -78.52 5.11 -75.84
N UNK E 3210 -78.87 4.43 -74.75
CA UNK E 3210 -79.35 5.10 -73.54
C UNK E 3210 -79.16 4.18 -72.34
N UNK E 3211 -79.72 2.98 -72.45
CA UNK E 3211 -79.68 1.93 -71.43
C UNK E 3211 -80.17 2.42 -70.08
N UNK E 3212 -79.23 2.72 -69.18
CA UNK E 3212 -79.45 3.28 -67.85
C UNK E 3212 -80.39 2.46 -66.96
N UNK E 3213 -80.48 1.16 -67.23
CA UNK E 3213 -81.28 0.25 -66.42
C UNK E 3213 -80.46 -0.12 -65.20
N UNK E 3214 -79.14 -0.13 -65.39
CA UNK E 3214 -78.21 -0.35 -64.31
C UNK E 3214 -78.08 0.91 -63.46
N UNK E 3215 -78.43 2.05 -64.06
CA UNK E 3215 -78.47 3.31 -63.34
C UNK E 3215 -79.65 3.34 -62.38
N UNK E 3216 -80.71 2.61 -62.73
CA UNK E 3216 -81.90 2.54 -61.91
C UNK E 3216 -82.04 1.18 -61.24
N UNK E 3217 -81.04 0.33 -61.39
CA UNK E 3217 -81.06 -0.99 -60.76
C UNK E 3217 -80.80 -0.88 -59.27
N UNK E 3218 -79.72 -0.18 -58.92
CA UNK E 3218 -79.31 -0.05 -57.52
C UNK E 3218 -80.24 0.87 -56.75
N UNK E 3219 -80.90 1.77 -57.47
CA UNK E 3219 -81.91 2.64 -56.86
C UNK E 3219 -83.15 1.83 -56.51
N UNK E 3220 -83.38 0.77 -57.29
CA UNK E 3220 -84.52 -0.11 -57.07
C UNK E 3220 -84.11 -1.38 -56.31
N UNK E 3221 -82.80 -1.56 -56.13
CA UNK E 3221 -82.30 -2.71 -55.38
C UNK E 3221 -82.56 -2.52 -53.89
N UNK E 3222 -82.57 -1.26 -53.47
CA UNK E 3222 -82.83 -0.92 -52.07
C UNK E 3222 -84.34 -0.83 -51.83
N UNK E 3223 -85.11 -0.96 -52.91
CA UNK E 3223 -86.57 -0.88 -52.94
C UNK E 3223 -87.10 0.42 -52.34
N UNK E 3224 -86.45 1.52 -52.67
CA UNK E 3224 -86.89 2.84 -52.23
C UNK E 3224 -88.05 3.29 -53.10
N UNK E 3225 -89.24 2.80 -52.79
CA UNK E 3225 -90.50 3.07 -53.50
C UNK E 3225 -90.45 2.77 -55.00
N UNK E 3226 -91.41 3.32 -55.73
CA UNK E 3226 -91.45 3.19 -57.18
C UNK E 3226 -91.51 4.58 -57.79
N UNK E 3227 -92.17 5.48 -57.06
CA UNK E 3227 -92.25 6.88 -57.46
C UNK E 3227 -90.91 7.55 -57.18
N UNK E 3228 -90.25 7.13 -56.10
CA UNK E 3228 -88.93 7.65 -55.76
C UNK E 3228 -87.89 7.11 -56.73
N UNK E 3229 -88.16 5.93 -57.29
CA UNK E 3229 -87.34 5.40 -58.37
C UNK E 3229 -87.60 6.21 -59.63
N UNK E 3230 -88.84 6.66 -59.79
CA UNK E 3230 -89.20 7.51 -60.91
C UNK E 3230 -88.72 8.94 -60.66
N UNK E 3231 -88.66 9.33 -59.39
CA UNK E 3231 -88.13 10.64 -59.02
C UNK E 3231 -86.62 10.66 -59.17
N UNK E 3232 -86.00 9.49 -59.03
CA UNK E 3232 -84.57 9.35 -59.25
C UNK E 3232 -84.28 9.49 -60.75
N UNK E 3233 -85.23 9.04 -61.56
CA UNK E 3233 -85.11 9.16 -63.01
C UNK E 3233 -85.34 10.61 -63.44
N UNK E 3234 -86.31 11.26 -62.82
CA UNK E 3234 -86.64 12.64 -63.14
C UNK E 3234 -85.59 13.60 -62.58
N UNK E 3235 -85.36 13.53 -61.27
CA UNK E 3235 -84.37 14.38 -60.63
C UNK E 3235 -83.01 13.70 -60.59
N UNK E 3236 -82.95 12.47 -61.09
CA UNK E 3236 -81.69 11.75 -61.21
C UNK E 3236 -81.09 11.98 -62.59
N UNK E 3237 -81.76 12.83 -63.39
CA UNK E 3237 -81.35 13.25 -64.73
C UNK E 3237 -81.13 12.08 -65.70
N UNK E 3238 -80.42 12.36 -66.78
CA UNK E 3238 -80.16 11.34 -67.80
C UNK E 3238 -78.86 11.62 -68.53
N UNK E 3239 -78.23 10.56 -69.02
CA UNK E 3239 -76.99 10.68 -69.77
C UNK E 3239 -76.81 9.49 -70.70
N UNK E 3240 -76.34 9.76 -71.91
CA UNK E 3240 -76.11 8.73 -72.92
C UNK E 3240 -75.13 9.24 -73.97
N UNK E 3241 -74.00 8.55 -74.11
CA UNK E 3241 -72.96 8.99 -75.05
C UNK E 3241 -72.72 7.96 -76.15
N UNK E 3242 -71.68 8.21 -76.96
CA UNK E 3242 -71.36 7.33 -78.08
C UNK E 3242 -70.12 6.48 -77.77
N UNK E 3243 -70.17 5.22 -78.18
CA UNK E 3243 -69.05 4.31 -77.96
C UNK E 3243 -68.86 3.38 -79.16
N UNK E 3244 -68.22 2.24 -78.92
CA UNK E 3244 -67.98 1.27 -79.97
C UNK E 3244 -69.15 0.30 -80.08
N UNK E 3245 -69.98 0.27 -79.04
CA UNK E 3245 -71.16 -0.57 -79.02
C UNK E 3245 -72.35 0.17 -79.62
N UNK E 3246 -72.16 1.46 -79.88
CA UNK E 3246 -73.19 2.29 -80.49
C UNK E 3246 -73.37 1.91 -81.96
N UNK E 3247 -72.29 1.44 -82.57
CA UNK E 3247 -72.33 1.03 -83.97
C UNK E 3247 -72.69 -0.44 -84.13
N UNK E 3248 -72.85 -1.12 -82.99
CA UNK E 3248 -73.19 -2.54 -83.01
C UNK E 3248 -74.65 -2.78 -82.65
N UNK E 3249 -75.16 -2.01 -81.70
CA UNK E 3249 -76.52 -2.19 -81.23
C UNK E 3249 -77.44 -1.06 -81.68
N UNK E 3250 -77.00 0.18 -81.48
CA UNK E 3250 -77.82 1.34 -81.78
C UNK E 3250 -77.81 1.71 -83.27
N UNK E 3251 -77.00 1.01 -84.06
CA UNK E 3251 -76.93 1.25 -85.49
C UNK E 3251 -78.04 0.53 -86.23
N UNK E 3252 -78.70 -0.40 -85.54
CA UNK E 3252 -79.80 -1.16 -86.14
C UNK E 3252 -81.09 -0.94 -85.36
N UNK E 3253 -80.97 -0.68 -84.06
CA UNK E 3253 -82.13 -0.45 -83.20
C UNK E 3253 -82.80 0.87 -83.53
N UNK E 3254 -81.99 1.83 -83.97
CA UNK E 3254 -82.52 3.14 -84.37
C UNK E 3254 -83.04 3.10 -85.81
N UNK E 3255 -82.76 2.01 -86.51
CA UNK E 3255 -83.20 1.85 -87.89
C UNK E 3255 -84.41 0.93 -87.98
N UNK E 3256 -84.59 0.07 -86.98
CA UNK E 3256 -85.71 -0.86 -86.95
C UNK E 3256 -86.90 -0.23 -86.23
N UNK E 3257 -86.68 0.93 -85.62
CA UNK E 3257 -87.71 1.64 -84.88
C UNK E 3257 -88.72 2.26 -85.83
N UNK E 3258 -88.32 3.39 -86.44
CA UNK E 3258 -89.14 4.19 -87.35
C UNK E 3258 -90.49 4.58 -86.74
N UNK E 3259 -90.44 5.04 -85.49
CA UNK E 3259 -91.65 5.40 -84.76
C UNK E 3259 -91.52 6.78 -84.12
N UNK E 3260 -92.24 6.98 -83.02
CA UNK E 3260 -92.26 8.26 -82.32
C UNK E 3260 -91.16 8.35 -81.28
N UNK E 3261 -91.13 9.47 -80.57
CA UNK E 3261 -90.15 9.70 -79.53
C UNK E 3261 -90.71 10.63 -78.46
N UNK E 3262 -90.37 10.36 -77.20
CA UNK E 3262 -90.84 11.18 -76.10
C UNK E 3262 -89.79 11.28 -75.01
N UNK E 3263 -89.88 12.34 -74.21
CA UNK E 3263 -88.95 12.56 -73.10
C UNK E 3263 -89.59 12.12 -71.79
N UNK E 3264 -90.91 12.08 -71.77
CA UNK E 3264 -91.64 11.64 -70.58
C UNK E 3264 -91.62 10.13 -70.48
N UNK E 3265 -91.51 9.47 -71.63
CA UNK E 3265 -91.47 8.02 -71.68
C UNK E 3265 -90.04 7.52 -71.52
N UNK E 3266 -89.10 8.46 -71.48
CA UNK E 3266 -87.69 8.13 -71.26
C UNK E 3266 -87.47 7.68 -69.83
N UNK E 3267 -88.26 8.24 -68.91
CA UNK E 3267 -88.18 7.88 -67.50
C UNK E 3267 -89.30 6.91 -67.14
N UNK E 3268 -90.32 6.85 -67.97
CA UNK E 3268 -91.49 6.01 -67.71
C UNK E 3268 -91.25 4.56 -68.12
N UNK E 3269 -90.78 4.35 -69.35
CA UNK E 3269 -90.56 3.01 -69.86
C UNK E 3269 -89.31 2.38 -69.22
N UNK E 3270 -88.38 3.22 -68.82
CA UNK E 3270 -87.14 2.75 -68.21
C UNK E 3270 -87.36 2.25 -66.79
N UNK E 3271 -88.01 3.07 -65.96
CA UNK E 3271 -88.24 2.73 -64.56
C UNK E 3271 -89.26 1.61 -64.39
N UNK E 3272 -90.08 1.40 -65.41
CA UNK E 3272 -91.04 0.31 -65.41
C UNK E 3272 -90.33 -1.03 -65.56
N UNK E 3273 -89.28 -1.07 -66.38
CA UNK E 3273 -88.57 -2.32 -66.64
C UNK E 3273 -87.29 -2.43 -65.80
N UNK E 3274 -86.94 -1.37 -65.08
CA UNK E 3274 -85.75 -1.37 -64.25
C UNK E 3274 -85.93 -2.25 -63.02
N UNK E 3275 -86.90 -1.89 -62.19
CA UNK E 3275 -87.20 -2.63 -60.96
C UNK E 3275 -87.80 -4.00 -61.26
N UNK E 3276 -88.49 -4.10 -62.39
CA UNK E 3276 -89.11 -5.35 -62.82
C UNK E 3276 -88.05 -6.40 -63.13
N UNK E 3277 -86.95 -5.96 -63.75
CA UNK E 3277 -85.83 -6.83 -64.02
C UNK E 3277 -85.03 -7.06 -62.75
N UNK E 3278 -84.95 -6.01 -61.92
CA UNK E 3278 -84.18 -6.05 -60.68
C UNK E 3278 -84.79 -6.99 -59.66
N UNK E 3279 -86.13 -7.05 -59.65
CA UNK E 3279 -86.83 -8.00 -58.79
C UNK E 3279 -86.69 -9.39 -59.36
N UNK E 3280 -86.66 -9.48 -60.69
CA UNK E 3280 -86.53 -10.76 -61.37
C UNK E 3280 -85.13 -11.33 -61.21
N UNK E 3281 -84.14 -10.44 -61.22
CA UNK E 3281 -82.76 -10.83 -61.04
C UNK E 3281 -82.49 -11.21 -59.59
N UNK E 3282 -83.28 -10.63 -58.69
CA UNK E 3282 -83.19 -10.92 -57.27
C UNK E 3282 -83.69 -12.33 -56.98
N UNK E 3283 -84.65 -12.79 -57.79
CA UNK E 3283 -85.18 -14.14 -57.68
C UNK E 3283 -84.61 -15.00 -58.81
N UNK E 3284 -83.39 -14.68 -59.24
CA UNK E 3284 -82.72 -15.46 -60.27
C UNK E 3284 -81.50 -16.14 -59.68
N UNK E 3285 -80.63 -15.35 -59.05
CA UNK E 3285 -79.42 -15.87 -58.45
C UNK E 3285 -79.71 -16.46 -57.08
N UNK E 3286 -80.77 -16.00 -56.44
CA UNK E 3286 -81.17 -16.53 -55.14
C UNK E 3286 -82.04 -17.77 -55.33
N UNK E 3287 -82.59 -17.93 -56.52
CA UNK E 3287 -83.36 -19.12 -56.85
C UNK E 3287 -82.44 -20.31 -57.03
N UNK E 3288 -81.27 -20.06 -57.58
CA UNK E 3288 -80.27 -21.10 -57.79
C UNK E 3288 -79.18 -21.02 -56.74
N THR E 3289 -90.16 -45.15 -20.62
CA THR E 3289 -90.62 -46.41 -20.06
C THR E 3289 -91.60 -46.18 -18.90
N PRO E 3290 -92.69 -46.94 -18.88
CA PRO E 3290 -93.73 -46.72 -17.88
C PRO E 3290 -93.28 -47.13 -16.49
N LEU E 3291 -93.77 -46.36 -15.50
CA LEU E 3291 -93.43 -46.61 -14.11
C LEU E 3291 -94.06 -47.90 -13.59
N TYR E 3292 -95.23 -48.25 -14.10
CA TYR E 3292 -95.89 -49.50 -13.77
C TYR E 3292 -95.23 -50.65 -14.52
N ASN E 3293 -95.89 -51.82 -14.48
CA ASN E 3293 -95.48 -53.14 -14.99
C ASN E 3293 -94.01 -53.48 -14.72
N LEU E 3294 -93.53 -53.07 -13.56
CA LEU E 3294 -92.18 -53.21 -13.02
C LEU E 3294 -92.23 -54.09 -11.78
N PRO E 3295 -91.23 -54.94 -11.57
CA PRO E 3295 -91.19 -55.76 -10.34
C PRO E 3295 -91.00 -54.89 -9.11
N THR E 3296 -91.86 -55.14 -8.11
CA THR E 3296 -91.93 -54.25 -6.95
C THR E 3296 -90.71 -54.41 -6.06
N HIS E 3297 -90.21 -55.64 -5.92
CA HIS E 3297 -88.95 -55.86 -5.21
C HIS E 3297 -87.77 -55.25 -5.97
N ARG E 3298 -87.86 -55.22 -7.30
CA ARG E 3298 -86.89 -54.48 -8.09
C ARG E 3298 -87.14 -52.99 -8.00
N ALA E 3299 -88.41 -52.58 -7.82
CA ALA E 3299 -88.73 -51.18 -7.67
C ALA E 3299 -88.41 -50.68 -6.26
N CYS E 3300 -88.50 -51.55 -5.24
CA CYS E 3300 -88.16 -51.14 -3.90
C CYS E 3300 -86.66 -50.90 -3.76
N ASN E 3301 -85.85 -51.71 -4.44
CA ASN E 3301 -84.43 -51.41 -4.54
C ASN E 3301 -84.18 -50.17 -5.38
N MET E 3302 -85.06 -49.92 -6.36
CA MET E 3302 -84.96 -48.72 -7.18
C MET E 3302 -85.40 -47.47 -6.44
N PHE E 3303 -86.51 -47.55 -5.70
CA PHE E 3303 -87.06 -46.36 -5.05
C PHE E 3303 -86.23 -45.93 -3.86
N LEU E 3304 -85.70 -46.89 -3.10
CA LEU E 3304 -85.05 -46.55 -1.83
C LEU E 3304 -83.67 -45.95 -2.05
N GLU E 3305 -82.99 -46.30 -3.15
CA GLU E 3305 -81.73 -45.62 -3.43
C GLU E 3305 -81.97 -44.26 -4.07
N SER E 3306 -83.01 -44.15 -4.89
CA SER E 3306 -83.41 -42.87 -5.47
C SER E 3306 -84.27 -42.04 -4.52
N TYR E 3307 -84.22 -42.35 -3.22
CA TYR E 3307 -84.82 -41.58 -2.14
C TYR E 3307 -83.92 -40.43 -1.68
N LYS E 3308 -82.96 -40.03 -2.53
CA LYS E 3308 -81.80 -39.25 -2.11
C LYS E 3308 -82.18 -37.84 -1.66
N ALA E 3309 -83.29 -37.29 -2.16
CA ALA E 3309 -83.72 -35.97 -1.72
C ALA E 3309 -84.21 -35.97 -0.28
N ALA E 3310 -84.92 -37.02 0.13
CA ALA E 3310 -85.41 -37.13 1.50
C ALA E 3310 -84.44 -37.92 2.39
N TRP E 3311 -83.14 -37.81 2.13
CA TRP E 3311 -82.14 -38.40 3.01
C TRP E 3311 -81.79 -37.44 4.14
N ILE E 3312 -80.69 -37.72 4.83
CA ILE E 3312 -80.33 -37.09 6.09
C ILE E 3312 -79.58 -35.78 5.90
N LEU E 3313 -79.57 -35.26 4.67
CA LEU E 3313 -78.78 -34.07 4.34
C LEU E 3313 -79.36 -32.78 4.93
N THR E 3314 -79.41 -32.71 6.27
CA THR E 3314 -79.93 -31.57 6.99
C THR E 3314 -78.91 -31.14 8.04
N GLU E 3315 -79.09 -29.93 8.56
CA GLU E 3315 -78.25 -29.39 9.63
C GLU E 3315 -78.58 -30.14 10.91
N ASP E 3316 -77.69 -31.04 11.31
CA ASP E 3316 -77.99 -31.90 12.46
C ASP E 3316 -77.66 -31.23 13.79
N HIS E 3317 -76.37 -30.95 14.02
CA HIS E 3317 -75.76 -30.27 15.16
C HIS E 3317 -75.88 -31.04 16.48
N SER E 3318 -76.54 -32.20 16.47
CA SER E 3318 -76.82 -32.92 17.70
C SER E 3318 -75.62 -33.67 18.24
N PHE E 3319 -74.50 -33.71 17.52
CA PHE E 3319 -73.30 -34.39 18.00
C PHE E 3319 -72.04 -33.61 17.70
N GLU E 3320 -72.15 -32.31 17.40
CA GLU E 3320 -71.00 -31.49 17.06
C GLU E 3320 -70.58 -30.59 18.21
N ASP E 3321 -71.51 -29.80 18.73
CA ASP E 3321 -71.21 -29.02 19.93
C ASP E 3321 -71.39 -29.87 21.18
N ARG E 3322 -72.47 -30.66 21.22
CA ARG E 3322 -72.86 -31.35 22.45
C ARG E 3322 -71.88 -32.46 22.81
N MET E 3323 -71.37 -33.16 21.81
CA MET E 3323 -70.52 -34.32 22.06
C MET E 3323 -69.11 -33.89 22.49
N ILE E 3324 -68.71 -32.66 22.16
CA ILE E 3324 -67.45 -32.14 22.64
C ILE E 3324 -67.56 -31.69 24.09
N ASP E 3325 -68.71 -31.16 24.47
CA ASP E 3325 -68.85 -30.51 25.77
C ASP E 3325 -68.84 -31.51 26.91
N ASP E 3326 -69.68 -32.55 26.82
CA ASP E 3326 -69.81 -33.53 27.90
C ASP E 3326 -68.55 -34.36 28.12
N LEU E 3327 -67.74 -34.56 27.09
CA LEU E 3327 -66.47 -35.26 27.25
C LEU E 3327 -65.47 -34.47 28.07
N SER E 3328 -65.58 -33.16 28.09
CA SER E 3328 -64.74 -32.30 28.92
C SER E 3328 -65.40 -31.88 30.22
N LYS E 3329 -66.73 -31.79 30.25
CA LYS E 3329 -67.41 -31.25 31.42
C LYS E 3329 -67.52 -32.28 32.53
N ALA E 3330 -67.68 -33.57 32.16
CA ALA E 3330 -68.00 -34.59 33.15
C ALA E 3330 -66.82 -34.91 34.05
N GLY E 3331 -65.61 -35.03 33.50
CA GLY E 3331 -64.44 -35.36 34.29
C GLY E 3331 -63.98 -34.26 35.23
N GLU E 3332 -64.50 -33.05 35.06
CA GLU E 3332 -64.23 -31.94 35.97
C GLU E 3332 -65.23 -31.87 37.11
N GLN E 3333 -65.87 -32.99 37.45
CA GLN E 3333 -66.81 -33.04 38.55
C GLN E 3333 -66.08 -32.87 39.88
N GLU E 3334 -66.45 -31.81 40.61
CA GLU E 3334 -65.81 -31.49 41.89
C GLU E 3334 -66.17 -32.47 42.99
N GLU E 3335 -67.24 -33.25 42.84
CA GLU E 3335 -67.56 -34.30 43.79
C GLU E 3335 -66.56 -35.44 43.75
N GLU E 3336 -65.90 -35.65 42.61
CA GLU E 3336 -64.83 -36.64 42.49
C GLU E 3336 -63.50 -35.99 42.83
N GLU E 3337 -63.40 -35.54 44.08
CA GLU E 3337 -62.18 -34.90 44.57
C GLU E 3337 -62.17 -35.05 46.08
N GLU E 3338 -61.30 -35.93 46.59
CA GLU E 3338 -61.18 -36.13 48.03
C GLU E 3338 -59.70 -36.42 48.32
N GLU E 3339 -58.97 -35.36 48.68
CA GLU E 3339 -57.52 -35.39 48.92
C GLU E 3339 -56.75 -35.97 47.74
N VAL E 3340 -57.15 -35.59 46.53
CA VAL E 3340 -56.52 -36.10 45.32
C VAL E 3340 -55.13 -35.49 45.14
N GLU E 3341 -55.07 -34.15 45.14
CA GLU E 3341 -53.84 -33.36 44.92
C GLU E 3341 -53.18 -33.71 43.59
N GLU E 3342 -54.01 -34.02 42.60
CA GLU E 3342 -53.56 -34.42 41.28
C GLU E 3342 -54.69 -34.14 40.31
N LYS E 3343 -54.59 -34.67 39.10
CA LYS E 3343 -55.64 -34.48 38.11
C LYS E 3343 -55.65 -35.69 37.19
N LYS E 3344 -56.64 -36.55 37.36
CA LYS E 3344 -56.89 -37.55 36.34
C LYS E 3344 -57.42 -36.87 35.09
N PRO E 3345 -57.05 -37.36 33.90
CA PRO E 3345 -57.39 -36.65 32.67
C PRO E 3345 -58.88 -36.68 32.37
N ASP E 3346 -59.30 -35.74 31.53
CA ASP E 3346 -60.67 -35.66 31.10
C ASP E 3346 -61.03 -36.83 30.21
N PRO E 3347 -62.31 -37.21 30.17
CA PRO E 3347 -62.76 -38.16 29.14
C PRO E 3347 -62.50 -37.66 27.73
N LEU E 3348 -62.58 -36.35 27.52
CA LEU E 3348 -62.08 -35.77 26.28
C LEU E 3348 -60.57 -35.94 26.16
N HIS E 3349 -59.84 -35.77 27.27
CA HIS E 3349 -58.40 -35.88 27.23
C HIS E 3349 -57.96 -37.34 27.12
N GLN E 3350 -58.67 -38.24 27.81
CA GLN E 3350 -58.35 -39.67 27.69
C GLN E 3350 -58.69 -40.19 26.30
N LEU E 3351 -59.63 -39.55 25.60
CA LEU E 3351 -59.90 -39.88 24.21
C LEU E 3351 -58.72 -39.50 23.31
N VAL E 3352 -58.06 -38.38 23.62
CA VAL E 3352 -56.87 -37.98 22.89
C VAL E 3352 -55.74 -38.96 23.16
N LEU E 3353 -55.63 -39.44 24.40
CA LEU E 3353 -54.55 -40.35 24.79
C LEU E 3353 -54.62 -41.67 24.05
N HIS E 3354 -55.83 -42.13 23.70
CA HIS E 3354 -55.94 -43.34 22.91
C HIS E 3354 -55.48 -43.11 21.48
N PHE E 3355 -55.90 -42.01 20.87
CA PHE E 3355 -55.43 -41.66 19.54
C PHE E 3355 -53.95 -41.32 19.55
N SER E 3356 -53.45 -40.80 20.66
CA SER E 3356 -52.02 -40.58 20.81
C SER E 3356 -51.25 -41.88 20.83
N ARG E 3357 -51.64 -42.78 21.71
CA ARG E 3357 -50.85 -43.99 21.96
C ARG E 3357 -50.89 -44.94 20.78
N THR E 3358 -52.00 -44.94 20.03
CA THR E 3358 -52.11 -45.82 18.88
C THR E 3358 -51.25 -45.35 17.71
N ALA E 3359 -50.78 -44.11 17.74
CA ALA E 3359 -49.84 -43.65 16.74
C ALA E 3359 -48.41 -44.04 17.06
N LEU E 3360 -48.13 -44.46 18.30
CA LEU E 3360 -46.77 -44.81 18.68
C LEU E 3360 -46.32 -46.13 18.09
N THR E 3361 -47.25 -47.00 17.73
CA THR E 3361 -46.90 -48.29 17.16
C THR E 3361 -46.38 -48.09 15.74
N GLU E 3362 -45.10 -48.35 15.52
CA GLU E 3362 -44.56 -48.23 14.18
C GLU E 3362 -45.02 -49.40 13.32
N LYS E 3363 -45.02 -49.16 12.02
CA LYS E 3363 -45.58 -50.09 11.04
C LYS E 3363 -45.13 -49.61 9.67
N SER E 3364 -44.99 -50.56 8.75
CA SER E 3364 -44.75 -50.21 7.35
C SER E 3364 -45.95 -49.49 6.74
N LYS E 3365 -47.15 -49.78 7.22
CA LYS E 3365 -48.38 -49.18 6.72
C LYS E 3365 -49.08 -48.47 7.87
N LEU E 3366 -50.33 -48.09 7.64
CA LEU E 3366 -51.18 -47.61 8.72
C LEU E 3366 -52.59 -48.07 8.44
N ASP E 3367 -53.29 -48.46 9.50
CA ASP E 3367 -54.64 -49.00 9.37
C ASP E 3367 -55.62 -47.89 8.98
N GLU E 3368 -56.80 -48.31 8.53
CA GLU E 3368 -57.81 -47.37 8.05
C GLU E 3368 -58.37 -46.56 9.22
N ASP E 3369 -58.99 -47.25 10.19
CA ASP E 3369 -59.51 -46.68 11.43
C ASP E 3369 -60.52 -45.56 11.15
N TYR E 3370 -61.67 -45.99 10.61
CA TYR E 3370 -62.81 -45.10 10.40
C TYR E 3370 -63.27 -44.42 11.69
N LEU E 3371 -63.04 -45.07 12.85
CA LEU E 3371 -63.30 -44.46 14.15
C LEU E 3371 -62.48 -43.19 14.34
N TYR E 3372 -61.20 -43.20 13.93
CA TYR E 3372 -60.35 -42.02 14.09
C TYR E 3372 -60.83 -40.87 13.21
N MET E 3373 -61.24 -41.18 11.98
CA MET E 3373 -61.71 -40.16 11.06
C MET E 3373 -63.04 -39.58 11.51
N ALA E 3374 -63.82 -40.37 12.24
CA ALA E 3374 -65.10 -39.89 12.77
C ALA E 3374 -64.88 -38.85 13.85
N TYR E 3375 -64.00 -39.14 14.82
CA TYR E 3375 -63.73 -38.20 15.89
C TYR E 3375 -62.85 -37.04 15.41
N ALA E 3376 -62.17 -37.21 14.28
CA ALA E 3376 -61.44 -36.09 13.69
C ALA E 3376 -62.41 -35.05 13.14
N ASP E 3377 -63.54 -35.49 12.60
CA ASP E 3377 -64.47 -34.57 11.98
C ASP E 3377 -65.29 -33.81 13.04
N ILE E 3378 -65.61 -34.46 14.15
CA ILE E 3378 -66.42 -33.83 15.19
C ILE E 3378 -65.65 -32.69 15.85
N MET E 3379 -64.36 -32.91 16.09
CA MET E 3379 -63.51 -31.85 16.63
C MET E 3379 -63.32 -30.73 15.63
N ALA E 3380 -63.27 -31.06 14.34
CA ALA E 3380 -63.12 -30.04 13.31
C ALA E 3380 -64.38 -29.20 13.19
N LYS E 3381 -65.55 -29.84 13.26
CA LYS E 3381 -66.80 -29.10 13.17
C LYS E 3381 -67.09 -28.32 14.44
N SER E 3382 -66.54 -28.74 15.58
CA SER E 3382 -66.65 -27.94 16.79
C SER E 3382 -65.86 -26.64 16.67
N CYS E 3383 -64.73 -26.68 15.99
CA CYS E 3383 -64.03 -25.46 15.62
C CYS E 3383 -64.69 -24.76 14.45
N HIS E 3384 -65.24 -25.52 13.50
CA HIS E 3384 -65.97 -24.91 12.39
C HIS E 3384 -67.32 -24.34 12.81
N LEU E 3385 -67.83 -24.74 13.97
CA LEU E 3385 -68.95 -24.01 14.57
C LEU E 3385 -68.53 -22.60 14.91
N GLU E 3386 -67.29 -22.42 15.36
CA GLU E 3386 -66.72 -21.09 15.55
C GLU E 3386 -66.14 -20.54 14.26
N GLU E 3387 -65.50 -21.38 13.43
CA GLU E 3387 -64.84 -20.89 12.24
C GLU E 3387 -65.84 -20.54 11.15
N GLY E 3388 -66.71 -21.49 10.80
CA GLY E 3388 -67.70 -21.22 9.77
C GLY E 3388 -68.81 -20.32 10.25
N GLY E 3389 -69.63 -19.88 9.30
CA GLY E 3389 -70.73 -18.97 9.59
C GLY E 3389 -70.35 -17.51 9.69
N GLU E 3390 -69.10 -17.19 10.05
CA GLU E 3390 -68.65 -15.81 10.14
C GLU E 3390 -67.72 -15.41 9.00
N ASN E 3391 -67.37 -16.33 8.11
CA ASN E 3391 -66.46 -16.03 7.01
C ASN E 3391 -67.02 -16.56 5.69
N GLU E 3397 -76.66 -7.65 1.18
CA GLU E 3397 -75.59 -8.57 0.85
C GLU E 3397 -74.27 -8.12 1.47
N GLU E 3398 -74.15 -6.82 1.73
CA GLU E 3398 -72.95 -6.24 2.32
C GLU E 3398 -73.28 -5.69 3.69
N VAL E 3399 -72.80 -6.36 4.73
CA VAL E 3399 -73.00 -5.94 6.11
C VAL E 3399 -71.65 -5.86 6.79
N GLU E 3400 -71.41 -4.76 7.50
CA GLU E 3400 -70.12 -4.49 8.14
C GLU E 3400 -70.16 -4.97 9.58
N VAL E 3401 -69.15 -5.73 9.98
CA VAL E 3401 -69.07 -6.21 11.34
C VAL E 3401 -68.59 -5.09 12.25
N SER E 3402 -69.35 -4.83 13.31
CA SER E 3402 -68.95 -3.83 14.29
C SER E 3402 -67.73 -4.33 15.08
N PHE E 3403 -66.98 -3.38 15.63
CA PHE E 3403 -65.74 -3.71 16.34
C PHE E 3403 -66.05 -4.46 17.64
N GLU E 3404 -67.23 -4.23 18.22
CA GLU E 3404 -67.69 -5.06 19.32
C GLU E 3404 -67.94 -6.49 18.86
N GLU E 3405 -68.59 -6.64 17.71
CA GLU E 3405 -68.84 -7.97 17.15
C GLU E 3405 -67.56 -8.59 16.62
N LYS E 3406 -66.59 -7.75 16.25
CA LYS E 3406 -65.34 -8.24 15.67
C LYS E 3406 -64.49 -8.98 16.71
N GLU E 3407 -64.66 -8.64 17.99
CA GLU E 3407 -63.83 -9.28 19.00
C GLU E 3407 -64.53 -10.49 19.61
N MET E 3408 -65.87 -10.51 19.56
CA MET E 3408 -66.62 -11.63 20.15
C MET E 3408 -66.45 -12.89 19.33
N GLU E 3409 -66.28 -12.75 18.01
CA GLU E 3409 -66.05 -13.92 17.17
C GLU E 3409 -64.66 -14.48 17.38
N LYS E 3410 -63.71 -13.63 17.77
CA LYS E 3410 -62.37 -14.11 18.12
C LYS E 3410 -62.40 -14.94 19.39
N GLN E 3411 -63.26 -14.56 20.34
CA GLN E 3411 -63.37 -15.28 21.60
C GLN E 3411 -63.86 -16.71 21.39
N ARG E 3412 -64.73 -16.90 20.41
CA ARG E 3412 -65.13 -18.25 20.01
C ARG E 3412 -63.96 -19.03 19.46
N LEU E 3413 -63.03 -18.34 18.78
CA LEU E 3413 -61.84 -19.02 18.27
C LEU E 3413 -60.73 -19.02 19.31
N LEU E 3414 -60.85 -18.23 20.37
CA LEU E 3414 -59.99 -18.44 21.53
C LEU E 3414 -60.48 -19.62 22.35
N TYR E 3415 -61.80 -19.76 22.49
CA TYR E 3415 -62.34 -20.80 23.34
C TYR E 3415 -62.31 -22.15 22.64
N GLN E 3416 -62.02 -22.15 21.34
CA GLN E 3416 -62.07 -23.40 20.59
C GLN E 3416 -60.85 -24.26 20.86
N GLN E 3417 -59.82 -23.69 21.46
CA GLN E 3417 -58.71 -24.51 21.93
C GLN E 3417 -58.87 -24.82 23.40
N SER E 3418 -59.70 -24.03 24.10
CA SER E 3418 -60.11 -24.38 25.44
C SER E 3418 -60.98 -25.63 25.45
N ARG E 3419 -61.81 -25.81 24.43
CA ARG E 3419 -62.56 -27.06 24.30
C ARG E 3419 -61.72 -28.13 23.61
N LEU E 3420 -60.49 -27.80 23.24
CA LEU E 3420 -59.63 -28.77 22.56
C LEU E 3420 -58.50 -29.32 23.41
N HIS E 3421 -58.28 -28.79 24.63
CA HIS E 3421 -57.21 -29.23 25.53
C HIS E 3421 -55.84 -29.19 24.86
N THR E 3422 -55.41 -27.96 24.55
CA THR E 3422 -54.33 -27.57 23.63
C THR E 3422 -53.10 -28.49 23.60
N ARG E 3423 -52.68 -28.97 24.77
CA ARG E 3423 -51.52 -29.85 24.83
C ARG E 3423 -51.83 -31.26 24.37
N GLY E 3424 -53.10 -31.68 24.45
CA GLY E 3424 -53.46 -32.94 23.86
C GLY E 3424 -53.55 -32.87 22.35
N ALA E 3425 -54.11 -31.76 21.84
CA ALA E 3425 -54.48 -31.71 20.43
C ALA E 3425 -53.28 -31.52 19.52
N ALA E 3426 -52.32 -30.67 19.92
CA ALA E 3426 -51.28 -30.21 19.02
C ALA E 3426 -50.03 -31.09 19.04
N GLU E 3427 -50.18 -32.38 19.36
CA GLU E 3427 -49.03 -33.29 19.29
C GLU E 3427 -49.39 -34.52 18.49
N MET E 3428 -50.62 -35.00 18.68
CA MET E 3428 -51.08 -36.18 17.98
C MET E 3428 -51.27 -35.95 16.49
N VAL E 3429 -51.58 -34.72 16.08
CA VAL E 3429 -51.59 -34.37 14.66
C VAL E 3429 -50.19 -34.31 14.07
N LEU E 3430 -49.16 -34.14 14.90
CA LEU E 3430 -47.79 -34.08 14.44
C LEU E 3430 -47.21 -35.46 14.21
N GLN E 3431 -47.42 -36.37 15.14
CA GLN E 3431 -47.00 -37.76 14.94
C GLN E 3431 -47.83 -38.45 13.88
N MET E 3432 -49.01 -37.92 13.56
CA MET E 3432 -49.75 -38.40 12.41
C MET E 3432 -49.04 -38.04 11.11
N ILE E 3433 -48.34 -36.90 11.10
CA ILE E 3433 -47.49 -36.60 9.96
C ILE E 3433 -46.20 -37.40 10.05
N SER E 3434 -45.71 -37.65 11.25
CA SER E 3434 -44.59 -38.54 11.48
C SER E 3434 -44.99 -40.02 11.36
N ALA E 3435 -46.28 -40.30 11.16
CA ALA E 3435 -46.79 -41.59 10.73
C ALA E 3435 -46.62 -41.75 9.23
N CYS E 3436 -47.46 -42.60 8.62
CA CYS E 3436 -47.43 -42.91 7.19
C CYS E 3436 -47.31 -41.66 6.32
N LYS E 3437 -46.53 -41.81 5.26
CA LYS E 3437 -45.83 -40.68 4.65
C LYS E 3437 -45.94 -40.60 3.14
N GLY E 3438 -46.12 -41.71 2.43
CA GLY E 3438 -46.06 -41.67 1.00
C GLY E 3438 -47.40 -41.42 0.35
N GLU E 3439 -48.46 -41.96 0.95
CA GLU E 3439 -49.76 -41.93 0.33
C GLU E 3439 -50.57 -40.73 0.79
N THR E 3440 -51.56 -40.38 -0.02
CA THR E 3440 -52.53 -39.36 0.33
C THR E 3440 -53.69 -40.02 1.09
N GLY E 3441 -53.37 -40.48 2.30
CA GLY E 3441 -54.35 -41.14 3.12
C GLY E 3441 -55.43 -40.20 3.61
N ALA E 3442 -56.65 -40.74 3.69
CA ALA E 3442 -57.77 -39.96 4.18
C ALA E 3442 -57.62 -39.61 5.66
N MET E 3443 -56.96 -40.46 6.44
CA MET E 3443 -56.61 -40.10 7.80
C MET E 3443 -55.67 -38.91 7.82
N VAL E 3444 -54.66 -38.92 6.94
CA VAL E 3444 -53.78 -37.77 6.78
C VAL E 3444 -54.55 -36.59 6.23
N SER E 3445 -55.48 -36.84 5.30
CA SER E 3445 -56.32 -35.77 4.77
C SER E 3445 -57.25 -35.20 5.83
N SER E 3446 -57.75 -36.04 6.73
CA SER E 3446 -58.58 -35.54 7.82
C SER E 3446 -57.75 -34.80 8.87
N THR E 3447 -56.47 -35.18 9.01
CA THR E 3447 -55.64 -34.60 10.04
C THR E 3447 -55.27 -33.16 9.71
N LEU E 3448 -54.95 -32.90 8.44
CA LEU E 3448 -54.64 -31.54 8.01
C LEU E 3448 -55.84 -30.63 8.12
N LYS E 3449 -57.04 -31.14 7.81
CA LYS E 3449 -58.25 -30.33 7.97
C LYS E 3449 -58.54 -30.05 9.43
N LEU E 3450 -58.23 -30.99 10.31
CA LEU E 3450 -58.31 -30.73 11.73
C LEU E 3450 -57.18 -29.82 12.18
N GLY E 3451 -56.03 -29.90 11.51
CA GLY E 3451 -54.89 -29.08 11.87
C GLY E 3451 -55.07 -27.61 11.57
N ILE E 3452 -55.80 -27.29 10.50
CA ILE E 3452 -56.11 -25.90 10.19
C ILE E 3452 -57.10 -25.36 11.21
N SER E 3453 -57.94 -26.24 11.77
CA SER E 3453 -58.87 -25.83 12.82
C SER E 3453 -58.18 -25.56 14.15
N ILE E 3454 -56.89 -25.90 14.28
CA ILE E 3454 -56.15 -25.57 15.49
C ILE E 3454 -55.73 -24.11 15.45
N LEU E 3455 -54.89 -23.77 14.49
CA LEU E 3455 -54.27 -22.46 14.35
C LEU E 3455 -54.91 -21.66 13.22
N ASN E 3456 -56.24 -21.76 13.14
CA ASN E 3456 -57.01 -20.93 12.20
C ASN E 3456 -56.82 -19.45 12.51
N GLY E 3457 -57.23 -19.03 13.70
CA GLY E 3457 -57.05 -17.65 14.11
C GLY E 3457 -55.74 -17.38 14.82
N GLY E 3458 -54.62 -17.44 14.10
CA GLY E 3458 -53.35 -17.13 14.70
C GLY E 3458 -52.82 -18.27 15.52
N ASN E 3459 -52.97 -18.15 16.85
CA ASN E 3459 -52.75 -19.21 17.83
C ASN E 3459 -51.29 -19.68 17.82
N ALA E 3460 -50.39 -18.73 18.08
CA ALA E 3460 -48.97 -19.07 18.11
C ALA E 3460 -48.58 -19.82 19.38
N GLU E 3461 -49.43 -19.81 20.41
CA GLU E 3461 -49.10 -20.53 21.63
C GLU E 3461 -49.18 -22.03 21.42
N VAL E 3462 -50.19 -22.49 20.67
CA VAL E 3462 -50.21 -23.90 20.33
C VAL E 3462 -49.20 -24.19 19.23
N GLN E 3463 -48.80 -23.17 18.45
CA GLN E 3463 -47.65 -23.31 17.58
C GLN E 3463 -46.36 -23.42 18.37
N GLN E 3464 -46.29 -22.70 19.49
CA GLN E 3464 -45.16 -22.80 20.40
C GLN E 3464 -45.03 -24.21 20.97
N LYS E 3465 -46.16 -24.78 21.40
CA LYS E 3465 -46.18 -26.17 21.82
C LYS E 3465 -45.89 -27.10 20.65
N MET E 3466 -46.34 -26.73 19.45
CA MET E 3466 -46.04 -27.50 18.25
C MET E 3466 -44.55 -27.45 17.94
N LEU E 3467 -43.95 -26.26 18.01
CA LEU E 3467 -42.53 -26.13 17.72
C LEU E 3467 -41.67 -26.77 18.78
N ASP E 3468 -42.07 -26.65 20.05
CA ASP E 3468 -41.27 -27.21 21.13
C ASP E 3468 -41.27 -28.73 21.09
N TYR E 3469 -42.42 -29.33 20.76
CA TYR E 3469 -42.53 -30.78 20.64
C TYR E 3469 -41.60 -31.31 19.55
N LEU E 3470 -41.47 -30.58 18.44
CA LEU E 3470 -40.50 -30.93 17.42
C LEU E 3470 -39.09 -30.71 17.92
N LYS E 3471 -38.83 -29.53 18.51
CA LYS E 3471 -37.47 -29.18 18.91
C LYS E 3471 -37.00 -29.92 20.14
N ASP E 3472 -37.88 -30.61 20.86
CA ASP E 3472 -37.43 -31.41 21.99
C ASP E 3472 -37.15 -32.85 21.57
N LYS E 3473 -38.12 -33.49 20.93
CA LYS E 3473 -37.97 -34.89 20.58
C LYS E 3473 -37.00 -35.07 19.42
N LYS E 3474 -36.90 -34.07 18.54
CA LYS E 3474 -35.84 -33.94 17.53
C LYS E 3474 -35.82 -35.13 16.56
N GLU E 3475 -36.87 -35.21 15.76
CA GLU E 3475 -37.03 -36.34 14.85
C GLU E 3475 -37.17 -35.85 13.41
N VAL E 3476 -36.48 -36.55 12.52
CA VAL E 3476 -36.78 -36.51 11.09
C VAL E 3476 -37.90 -37.50 10.86
N GLY E 3477 -38.47 -37.50 9.67
CA GLY E 3477 -39.66 -38.26 9.38
C GLY E 3477 -40.91 -37.45 9.47
N PHE E 3478 -40.84 -36.29 10.11
CA PHE E 3478 -41.96 -35.36 10.09
C PHE E 3478 -42.01 -34.64 8.76
N PHE E 3479 -40.90 -34.05 8.34
CA PHE E 3479 -40.86 -33.17 7.20
C PHE E 3479 -40.52 -33.87 5.91
N GLN E 3480 -39.73 -34.93 5.97
CA GLN E 3480 -39.50 -35.72 4.76
C GLN E 3480 -40.73 -36.53 4.41
N SER E 3481 -41.62 -36.76 5.38
CA SER E 3481 -42.99 -37.13 5.06
C SER E 3481 -43.68 -36.06 4.22
N ILE E 3482 -43.44 -34.79 4.53
CA ILE E 3482 -44.19 -33.72 3.88
C ILE E 3482 -43.75 -33.55 2.44
N GLN E 3483 -42.45 -33.62 2.18
CA GLN E 3483 -41.99 -33.56 0.80
C GLN E 3483 -42.34 -34.83 0.04
N ALA E 3484 -42.53 -35.94 0.74
CA ALA E 3484 -43.14 -37.10 0.10
C ALA E 3484 -44.60 -36.81 -0.23
N LEU E 3485 -45.29 -36.11 0.68
CA LEU E 3485 -46.65 -35.68 0.37
C LEU E 3485 -46.66 -34.57 -0.67
N MET E 3486 -45.65 -33.69 -0.65
CA MET E 3486 -45.58 -32.61 -1.61
C MET E 3486 -45.36 -33.13 -3.02
N GLN E 3487 -44.41 -34.05 -3.19
CA GLN E 3487 -44.16 -34.62 -4.50
C GLN E 3487 -45.29 -35.53 -4.95
N THR E 3488 -46.10 -36.02 -4.02
CA THR E 3488 -47.32 -36.75 -4.37
C THR E 3488 -48.49 -35.77 -4.41
N CYS E 3489 -48.42 -34.89 -5.40
CA CYS E 3489 -49.49 -33.95 -5.69
C CYS E 3489 -49.62 -33.86 -7.20
N SER E 3490 -50.86 -33.71 -7.66
CA SER E 3490 -51.12 -33.74 -9.09
C SER E 3490 -51.28 -32.34 -9.66
N VAL E 3491 -51.26 -32.28 -10.99
CA VAL E 3491 -51.37 -31.04 -11.76
C VAL E 3491 -52.44 -31.23 -12.82
N LEU E 3492 -52.57 -30.24 -13.71
CA LEU E 3492 -53.45 -30.39 -14.87
C LEU E 3492 -52.85 -31.40 -15.83
N ASP E 3493 -53.69 -32.26 -16.38
CA ASP E 3493 -53.31 -33.24 -17.39
C ASP E 3493 -54.09 -32.99 -18.66
N LEU E 3494 -53.40 -32.54 -19.71
CA LEU E 3494 -54.05 -32.39 -21.00
C LEU E 3494 -54.42 -33.73 -21.59
N ASN E 3495 -53.60 -34.76 -21.34
CA ASN E 3495 -53.85 -36.08 -21.89
C ASN E 3495 -55.08 -36.71 -21.27
N ALA E 3496 -55.25 -36.60 -19.94
CA ALA E 3496 -56.49 -37.03 -19.32
C ALA E 3496 -57.65 -36.11 -19.70
N PHE E 3497 -57.35 -34.85 -20.05
CA PHE E 3497 -58.41 -33.96 -20.51
C PHE E 3497 -58.94 -34.39 -21.88
N GLU E 3498 -58.06 -34.88 -22.75
CA GLU E 3498 -58.49 -35.35 -24.07
C GLU E 3498 -59.38 -36.58 -23.95
N ARG E 3499 -59.15 -37.39 -22.93
CA ARG E 3499 -59.90 -38.63 -22.78
C ARG E 3499 -61.34 -38.36 -22.36
N GLN E 3500 -61.53 -37.59 -21.29
CA GLN E 3500 -62.89 -37.27 -20.86
C GLN E 3500 -63.53 -36.20 -21.72
N ASN E 3501 -62.77 -35.57 -22.62
CA ASN E 3501 -63.40 -34.78 -23.68
C ASN E 3501 -64.23 -35.67 -24.57
N LYS E 3502 -63.71 -36.85 -24.90
CA LYS E 3502 -64.46 -37.83 -25.68
C LYS E 3502 -65.45 -38.62 -24.84
N ALA E 3503 -65.16 -38.86 -23.56
CA ALA E 3503 -66.10 -39.55 -22.70
C ALA E 3503 -67.29 -38.68 -22.36
N GLU E 3504 -67.11 -37.36 -22.30
CA GLU E 3504 -68.26 -36.47 -22.26
C GLU E 3504 -68.98 -36.45 -23.59
N GLY E 3505 -68.25 -36.65 -24.69
CA GLY E 3505 -68.90 -36.85 -25.98
C GLY E 3505 -69.54 -38.21 -26.13
N LEU E 3506 -69.12 -39.19 -25.33
CA LEU E 3506 -69.75 -40.51 -25.27
C LEU E 3506 -70.70 -40.62 -24.08
N GLY E 3507 -71.37 -39.52 -23.73
CA GLY E 3507 -72.39 -39.52 -22.70
C GLY E 3507 -73.75 -40.01 -23.14
N MET E 3508 -73.84 -40.56 -24.35
CA MET E 3508 -75.08 -41.07 -24.91
C MET E 3508 -75.27 -42.55 -24.66
N VAL E 3509 -74.81 -43.05 -23.51
CA VAL E 3509 -74.92 -44.46 -23.13
C VAL E 3509 -76.38 -44.80 -22.84
N ASN E 3510 -76.65 -46.09 -22.67
CA ASN E 3510 -78.01 -46.61 -22.61
C ASN E 3510 -78.66 -46.30 -21.26
N GLU E 3511 -79.82 -46.93 -21.04
CA GLU E 3511 -80.66 -46.65 -19.89
C GLU E 3511 -79.98 -47.04 -18.59
N ASP E 3512 -79.96 -46.09 -17.64
CA ASP E 3512 -79.26 -46.18 -16.36
C ASP E 3512 -77.77 -46.47 -16.51
N GLY E 3513 -77.15 -45.96 -17.58
CA GLY E 3513 -75.73 -46.17 -17.79
C GLY E 3513 -75.01 -44.94 -18.33
N THR E 3514 -75.77 -43.86 -18.53
CA THR E 3514 -75.21 -42.62 -19.07
C THR E 3514 -74.80 -41.63 -17.99
N VAL E 3515 -74.72 -42.07 -16.74
CA VAL E 3515 -74.32 -41.20 -15.64
C VAL E 3515 -73.17 -41.83 -14.87
N ILE E 3516 -72.38 -42.67 -15.55
CA ILE E 3516 -71.22 -43.27 -14.91
C ILE E 3516 -70.03 -42.32 -14.97
N ASN E 3517 -69.97 -41.47 -15.99
CA ASN E 3517 -68.92 -40.47 -16.10
C ASN E 3517 -69.54 -39.09 -16.28
N ARG E 3518 -70.51 -38.77 -15.43
CA ARG E 3518 -71.19 -37.47 -15.55
C ARG E 3518 -70.27 -36.33 -15.11
N GLN E 3519 -69.53 -36.52 -14.01
CA GLN E 3519 -68.60 -35.51 -13.54
C GLN E 3519 -67.16 -35.85 -13.91
N ASN E 3520 -66.67 -37.01 -13.46
CA ASN E 3520 -65.27 -37.46 -13.61
C ASN E 3520 -64.28 -36.41 -13.09
N GLY E 3521 -64.64 -35.77 -11.98
CA GLY E 3521 -63.82 -34.71 -11.42
C GLY E 3521 -62.55 -35.18 -10.76
N GLU E 3522 -62.44 -36.48 -10.47
CA GLU E 3522 -61.24 -37.07 -9.87
C GLU E 3522 -60.24 -37.54 -10.91
N LYS E 3523 -60.26 -36.94 -12.11
CA LYS E 3523 -59.44 -37.42 -13.22
C LYS E 3523 -58.26 -36.50 -13.53
N VAL E 3524 -58.52 -35.21 -13.73
CA VAL E 3524 -57.44 -34.31 -14.14
C VAL E 3524 -56.69 -33.78 -12.93
N MET E 3525 -57.37 -33.05 -12.05
CA MET E 3525 -56.69 -32.52 -10.88
C MET E 3525 -56.74 -33.51 -9.72
N ALA E 3526 -57.94 -33.80 -9.21
CA ALA E 3526 -58.20 -34.72 -8.09
C ALA E 3526 -57.39 -34.36 -6.85
N ASP E 3527 -57.12 -33.08 -6.65
CA ASP E 3527 -56.22 -32.65 -5.59
C ASP E 3527 -56.71 -31.37 -4.93
N ASP E 3528 -57.90 -30.89 -5.29
CA ASP E 3528 -58.36 -29.55 -4.88
C ASP E 3528 -58.60 -29.49 -3.38
N GLU E 3529 -59.27 -30.48 -2.82
CA GLU E 3529 -59.48 -30.52 -1.37
C GLU E 3529 -58.25 -31.04 -0.62
N PHE E 3530 -57.15 -31.31 -1.30
CA PHE E 3530 -55.95 -31.77 -0.62
C PHE E 3530 -54.78 -30.81 -0.74
N THR E 3531 -54.37 -30.47 -1.96
CA THR E 3531 -53.15 -29.68 -2.07
C THR E 3531 -53.40 -28.20 -1.78
N GLN E 3532 -54.64 -27.73 -1.95
CA GLN E 3532 -54.97 -26.41 -1.45
C GLN E 3532 -55.16 -26.46 0.06
N ASP E 3533 -55.65 -27.59 0.57
CA ASP E 3533 -55.70 -27.82 2.00
C ASP E 3533 -54.31 -28.01 2.58
N LEU E 3534 -53.36 -28.48 1.76
CA LEU E 3534 -51.99 -28.72 2.21
C LEU E 3534 -51.31 -27.44 2.65
N PHE E 3535 -51.13 -26.51 1.72
CA PHE E 3535 -50.38 -25.30 2.00
C PHE E 3535 -51.17 -24.30 2.83
N ARG E 3536 -52.49 -24.46 2.90
CA ARG E 3536 -53.29 -23.65 3.82
C ARG E 3536 -52.91 -23.94 5.26
N PHE E 3537 -52.69 -25.22 5.58
CA PHE E 3537 -52.07 -25.57 6.84
C PHE E 3537 -50.67 -24.97 6.93
N LEU E 3538 -49.89 -25.09 5.85
CA LEU E 3538 -48.49 -24.71 5.89
C LEU E 3538 -48.30 -23.20 5.93
N GLN E 3539 -49.28 -22.44 5.44
CA GLN E 3539 -49.18 -20.99 5.53
C GLN E 3539 -49.47 -20.51 6.94
N LEU E 3540 -50.51 -21.06 7.55
CA LEU E 3540 -50.93 -20.58 8.86
C LEU E 3540 -50.02 -21.04 9.99
N LEU E 3541 -49.07 -21.94 9.70
CA LEU E 3541 -48.05 -22.30 10.66
C LEU E 3541 -47.16 -21.12 11.02
N CYS E 3542 -46.77 -20.33 10.02
CA CYS E 3542 -45.91 -19.17 10.21
C CYS E 3542 -46.63 -17.89 9.84
N GLU E 3543 -47.94 -17.83 10.09
CA GLU E 3543 -48.70 -16.61 9.80
C GLU E 3543 -48.30 -15.49 10.74
N GLY E 3544 -48.31 -15.75 12.04
CA GLY E 3544 -47.56 -14.89 12.95
C GLY E 3544 -46.09 -14.93 12.60
N HIS E 3545 -45.43 -13.79 12.69
CA HIS E 3545 -44.04 -13.69 12.29
C HIS E 3545 -43.17 -14.38 13.33
N ASN E 3546 -43.04 -15.70 13.20
CA ASN E 3546 -42.45 -16.50 14.25
C ASN E 3546 -40.94 -16.33 14.28
N ASN E 3547 -40.32 -16.29 13.10
CA ASN E 3547 -38.96 -15.84 12.80
C ASN E 3547 -37.89 -16.83 13.28
N ASP E 3548 -38.30 -17.85 14.02
CA ASP E 3548 -37.43 -18.96 14.36
C ASP E 3548 -37.99 -20.28 13.87
N PHE E 3549 -39.28 -20.48 14.00
CA PHE E 3549 -40.00 -21.48 13.23
C PHE E 3549 -39.92 -21.19 11.74
N GLN E 3550 -39.89 -19.91 11.37
CA GLN E 3550 -39.61 -19.54 10.00
C GLN E 3550 -38.18 -19.88 9.61
N ASN E 3551 -37.25 -19.75 10.55
CA ASN E 3551 -35.92 -20.34 10.35
C ASN E 3551 -35.99 -21.85 10.34
N TYR E 3552 -36.96 -22.43 11.08
CA TYR E 3552 -36.99 -23.88 11.23
C TYR E 3552 -37.59 -24.55 10.01
N LEU E 3553 -38.29 -23.81 9.16
CA LEU E 3553 -38.61 -24.32 7.83
C LEU E 3553 -37.43 -24.22 6.88
N ARG E 3554 -36.40 -23.46 7.24
CA ARG E 3554 -35.21 -23.42 6.40
C ARG E 3554 -34.19 -24.46 6.84
N THR E 3555 -34.19 -24.82 8.11
CA THR E 3555 -33.22 -25.78 8.59
C THR E 3555 -33.75 -26.53 9.80
N GLN E 3556 -33.19 -27.72 10.00
CA GLN E 3556 -33.36 -28.50 11.22
C GLN E 3556 -31.95 -28.87 11.66
N THR E 3557 -31.32 -27.96 12.40
CA THR E 3557 -29.96 -28.20 12.85
C THR E 3557 -29.89 -29.08 14.09
N GLY E 3558 -31.01 -29.28 14.80
CA GLY E 3558 -31.05 -30.29 15.83
C GLY E 3558 -31.05 -31.69 15.29
N ASN E 3559 -31.50 -31.87 14.07
CA ASN E 3559 -31.46 -33.14 13.38
C ASN E 3559 -30.19 -33.22 12.54
N THR E 3560 -29.80 -34.44 12.20
CA THR E 3560 -28.62 -34.64 11.37
C THR E 3560 -28.85 -34.30 9.90
N THR E 3561 -30.10 -34.13 9.48
CA THR E 3561 -30.41 -33.76 8.11
C THR E 3561 -31.29 -32.53 8.09
N THR E 3562 -31.31 -31.88 6.94
CA THR E 3562 -32.01 -30.61 6.74
C THR E 3562 -32.94 -30.76 5.55
N ILE E 3563 -34.19 -30.33 5.73
CA ILE E 3563 -35.22 -30.54 4.72
C ILE E 3563 -35.36 -29.30 3.84
N ASN E 3564 -35.68 -28.16 4.47
CA ASN E 3564 -35.90 -26.86 3.83
C ASN E 3564 -36.99 -26.96 2.75
N ILE E 3565 -38.21 -27.13 3.27
CA ILE E 3565 -39.47 -27.23 2.51
C ILE E 3565 -39.59 -26.14 1.45
N ILE E 3566 -39.16 -24.91 1.79
CA ILE E 3566 -39.39 -23.73 0.99
C ILE E 3566 -38.69 -23.83 -0.37
N ILE E 3567 -37.57 -24.56 -0.42
CA ILE E 3567 -36.89 -24.81 -1.69
C ILE E 3567 -37.78 -25.61 -2.64
N CYS E 3568 -38.21 -26.79 -2.20
CA CYS E 3568 -39.06 -27.62 -3.05
C CYS E 3568 -40.50 -27.14 -3.11
N THR E 3569 -40.89 -26.19 -2.25
CA THR E 3569 -42.18 -25.54 -2.39
C THR E 3569 -42.24 -24.75 -3.70
N VAL E 3570 -41.11 -24.14 -4.07
CA VAL E 3570 -40.97 -23.50 -5.37
C VAL E 3570 -41.06 -24.55 -6.48
N ASP E 3571 -40.54 -25.75 -6.23
CA ASP E 3571 -40.42 -26.76 -7.27
C ASP E 3571 -41.78 -27.31 -7.67
N TYR E 3572 -42.67 -27.52 -6.71
CA TYR E 3572 -44.02 -27.94 -7.08
C TYR E 3572 -44.78 -26.83 -7.79
N LEU E 3573 -44.58 -25.59 -7.35
CA LEU E 3573 -45.11 -24.45 -8.11
C LEU E 3573 -44.49 -24.40 -9.49
N LEU E 3574 -43.20 -24.70 -9.59
CA LEU E 3574 -42.56 -24.87 -10.90
C LEU E 3574 -43.16 -26.02 -11.69
N ARG E 3575 -43.48 -27.13 -11.00
CA ARG E 3575 -44.17 -28.23 -11.67
C ARG E 3575 -45.61 -27.87 -12.02
N LEU E 3576 -46.26 -27.05 -11.20
CA LEU E 3576 -47.64 -26.68 -11.49
C LEU E 3576 -47.71 -25.66 -12.62
N GLN E 3577 -46.79 -24.70 -12.61
CA GLN E 3577 -46.79 -23.62 -13.60
C GLN E 3577 -46.60 -24.13 -15.00
N GLU E 3578 -45.68 -25.07 -15.19
CA GLU E 3578 -45.42 -25.61 -16.51
C GLU E 3578 -46.61 -26.44 -17.00
N SER E 3579 -47.35 -27.05 -16.08
CA SER E 3579 -48.62 -27.66 -16.44
C SER E 3579 -49.66 -26.60 -16.78
N ILE E 3580 -49.62 -25.47 -16.08
CA ILE E 3580 -50.49 -24.35 -16.42
C ILE E 3580 -50.03 -23.68 -17.70
N SER E 3581 -48.71 -23.65 -17.94
CA SER E 3581 -48.16 -23.01 -19.12
C SER E 3581 -48.59 -23.74 -20.40
N ASP E 3582 -48.51 -25.06 -20.40
CA ASP E 3582 -48.87 -25.81 -21.59
C ASP E 3582 -50.37 -25.99 -21.73
N PHE E 3583 -51.15 -25.61 -20.71
CA PHE E 3583 -52.60 -25.59 -20.85
C PHE E 3583 -53.04 -24.57 -21.88
N TYR E 3584 -52.32 -23.46 -21.99
CA TYR E 3584 -52.68 -22.42 -22.94
C TYR E 3584 -52.42 -22.86 -24.38
N TRP E 3585 -51.43 -23.74 -24.58
CA TRP E 3585 -51.00 -24.06 -25.93
C TRP E 3585 -52.02 -24.94 -26.65
N TYR E 3586 -52.78 -25.73 -25.90
CA TYR E 3586 -53.91 -26.43 -26.51
C TYR E 3586 -55.03 -25.46 -26.88
N TYR E 3587 -55.10 -24.33 -26.18
CA TYR E 3587 -56.10 -23.31 -26.46
C TYR E 3587 -55.53 -22.12 -27.22
N SER E 3588 -54.28 -22.19 -27.65
CA SER E 3588 -53.71 -21.12 -28.47
C SER E 3588 -54.37 -21.02 -29.83
N GLY E 3589 -54.97 -22.09 -30.32
CA GLY E 3589 -55.68 -22.04 -31.60
C GLY E 3589 -57.02 -21.35 -31.52
N LYS E 3590 -57.98 -21.96 -30.84
CA LYS E 3590 -59.35 -21.45 -30.82
C LYS E 3590 -59.48 -20.33 -29.80
N ASP E 3591 -60.52 -19.53 -29.98
CA ASP E 3591 -60.75 -18.32 -29.19
C ASP E 3591 -61.61 -18.57 -27.96
N VAL E 3592 -62.55 -19.49 -28.03
CA VAL E 3592 -63.44 -19.78 -26.92
C VAL E 3592 -62.86 -20.95 -26.13
N ILE E 3593 -63.01 -20.90 -24.81
CA ILE E 3593 -62.65 -22.00 -23.94
C ILE E 3593 -63.95 -22.71 -23.59
N GLU E 3594 -63.89 -24.04 -23.47
CA GLU E 3594 -65.06 -24.77 -23.04
C GLU E 3594 -65.35 -24.51 -21.57
N GLU E 3595 -66.59 -24.82 -21.17
CA GLU E 3595 -66.92 -24.84 -19.74
C GLU E 3595 -66.10 -25.90 -19.01
N GLN E 3596 -65.84 -27.02 -19.67
CA GLN E 3596 -64.96 -28.03 -19.09
C GLN E 3596 -63.53 -27.50 -19.00
N GLY E 3597 -63.11 -26.69 -19.96
CA GLY E 3597 -61.80 -26.07 -19.89
C GLY E 3597 -61.70 -25.04 -18.78
N LYS E 3598 -62.74 -24.21 -18.62
CA LYS E 3598 -62.68 -23.14 -17.63
C LYS E 3598 -62.87 -23.65 -16.22
N ARG E 3599 -63.68 -24.70 -16.04
CA ARG E 3599 -63.92 -25.23 -14.70
C ARG E 3599 -62.68 -25.92 -14.15
N ASN E 3600 -61.96 -26.66 -14.99
CA ASN E 3600 -60.75 -27.33 -14.56
C ASN E 3600 -59.60 -26.38 -14.35
N PHE E 3601 -59.52 -25.30 -15.11
CA PHE E 3601 -58.43 -24.34 -15.01
C PHE E 3601 -58.62 -23.33 -13.90
N SER E 3602 -59.87 -23.07 -13.50
CA SER E 3602 -60.12 -22.25 -12.32
C SER E 3602 -59.65 -22.91 -11.03
N LYS E 3603 -59.53 -24.25 -11.04
CA LYS E 3603 -59.10 -24.97 -9.85
C LYS E 3603 -57.64 -24.66 -9.51
N ALA E 3604 -56.72 -24.96 -10.43
CA ALA E 3604 -55.29 -24.80 -10.19
C ALA E 3604 -54.88 -23.35 -10.02
N MET E 3605 -55.59 -22.43 -10.66
CA MET E 3605 -55.37 -21.01 -10.40
C MET E 3605 -55.72 -20.65 -8.96
N SER E 3606 -56.84 -21.19 -8.45
CA SER E 3606 -57.19 -20.99 -7.06
C SER E 3606 -56.26 -21.74 -6.12
N VAL E 3607 -55.70 -22.86 -6.58
CA VAL E 3607 -54.75 -23.62 -5.77
C VAL E 3607 -53.45 -22.85 -5.61
N ALA E 3608 -52.94 -22.28 -6.72
CA ALA E 3608 -51.68 -21.55 -6.69
C ALA E 3608 -51.77 -20.27 -5.86
N LYS E 3609 -52.98 -19.75 -5.66
CA LYS E 3609 -53.18 -18.62 -4.77
C LYS E 3609 -52.79 -18.96 -3.34
N GLN E 3610 -53.08 -20.18 -2.91
CA GLN E 3610 -52.56 -20.64 -1.62
C GLN E 3610 -51.05 -20.81 -1.67
N VAL E 3611 -50.51 -21.18 -2.83
CA VAL E 3611 -49.08 -21.42 -2.95
C VAL E 3611 -48.30 -20.12 -2.87
N PHE E 3612 -48.78 -19.07 -3.54
CA PHE E 3612 -48.13 -17.77 -3.42
C PHE E 3612 -48.24 -17.23 -2.00
N ASN E 3613 -49.42 -17.36 -1.39
CA ASN E 3613 -49.64 -16.78 -0.07
C ASN E 3613 -48.89 -17.54 1.01
N SER E 3614 -48.66 -18.83 0.81
CA SER E 3614 -47.80 -19.56 1.74
C SER E 3614 -46.36 -19.10 1.61
N LEU E 3615 -45.94 -18.75 0.39
CA LEU E 3615 -44.58 -18.26 0.19
C LEU E 3615 -44.41 -16.82 0.67
N THR E 3616 -45.51 -16.09 0.84
CA THR E 3616 -45.42 -14.75 1.45
C THR E 3616 -44.99 -14.85 2.90
N GLU E 3617 -45.62 -15.72 3.67
CA GLU E 3617 -45.36 -15.80 5.10
C GLU E 3617 -44.00 -16.40 5.42
N TYR E 3618 -43.29 -16.94 4.44
CA TYR E 3618 -41.96 -17.48 4.69
C TYR E 3618 -40.93 -16.37 4.79
N ILE E 3619 -41.26 -15.19 4.27
CA ILE E 3619 -40.31 -14.08 4.24
C ILE E 3619 -40.82 -12.83 4.95
N GLN E 3620 -42.12 -12.67 5.17
CA GLN E 3620 -42.63 -11.51 5.89
C GLN E 3620 -42.20 -11.55 7.35
N GLY E 3621 -41.97 -10.36 7.92
CA GLY E 3621 -41.34 -10.29 9.22
C GLY E 3621 -39.92 -10.73 9.04
N PRO E 3622 -39.08 -9.86 8.45
CA PRO E 3622 -38.15 -10.31 7.41
C PRO E 3622 -37.11 -11.32 7.85
N CYS E 3623 -37.30 -12.53 7.35
CA CYS E 3623 -36.45 -13.67 7.63
C CYS E 3623 -35.49 -13.72 6.47
N THR E 3624 -34.35 -13.04 6.64
CA THR E 3624 -33.43 -12.78 5.53
C THR E 3624 -32.81 -14.06 5.00
N GLY E 3625 -32.64 -15.07 5.87
CA GLY E 3625 -32.17 -16.35 5.41
C GLY E 3625 -33.13 -17.01 4.46
N ASN E 3626 -34.43 -16.84 4.69
CA ASN E 3626 -35.41 -17.26 3.70
C ASN E 3626 -35.38 -16.35 2.50
N GLN E 3627 -35.12 -15.06 2.72
CA GLN E 3627 -35.06 -14.11 1.62
C GLN E 3627 -33.82 -14.35 0.76
N GLN E 3628 -32.67 -14.61 1.39
CA GLN E 3628 -31.46 -14.88 0.61
C GLN E 3628 -31.54 -16.25 -0.07
N SER E 3629 -32.35 -17.15 0.46
CA SER E 3629 -32.49 -18.46 -0.18
C SER E 3629 -33.23 -18.35 -1.50
N LEU E 3630 -34.21 -17.45 -1.59
CA LEU E 3630 -34.91 -17.25 -2.84
C LEU E 3630 -34.06 -16.53 -3.87
N ALA E 3631 -33.03 -15.81 -3.43
CA ALA E 3631 -32.16 -15.11 -4.35
C ALA E 3631 -31.31 -16.06 -5.19
N HIS E 3632 -31.03 -17.24 -4.67
CA HIS E 3632 -30.24 -18.21 -5.39
C HIS E 3632 -31.06 -19.40 -5.87
N SER E 3633 -32.33 -19.48 -5.50
CA SER E 3633 -33.21 -20.48 -6.06
C SER E 3633 -33.53 -20.13 -7.52
N ARG E 3634 -34.08 -21.10 -8.24
CA ARG E 3634 -34.57 -20.82 -9.59
C ARG E 3634 -36.05 -20.40 -9.57
N LEU E 3635 -36.35 -19.49 -8.65
CA LEU E 3635 -37.67 -18.88 -8.61
C LEU E 3635 -37.86 -17.92 -9.78
N TRP E 3636 -36.79 -17.22 -10.16
CA TRP E 3636 -36.83 -16.29 -11.29
C TRP E 3636 -37.11 -17.02 -12.58
N ASP E 3637 -36.65 -18.27 -12.69
CA ASP E 3637 -37.03 -19.10 -13.83
C ASP E 3637 -38.54 -19.36 -13.84
N ALA E 3638 -39.14 -19.49 -12.65
CA ALA E 3638 -40.57 -19.70 -12.57
C ALA E 3638 -41.34 -18.41 -12.81
N VAL E 3639 -40.89 -17.32 -12.17
CA VAL E 3639 -41.63 -16.05 -12.12
C VAL E 3639 -41.84 -15.46 -13.51
N VAL E 3640 -40.85 -15.62 -14.40
CA VAL E 3640 -40.93 -15.07 -15.75
C VAL E 3640 -42.05 -15.72 -16.55
N GLY E 3641 -42.20 -17.04 -16.44
CA GLY E 3641 -43.14 -17.75 -17.28
C GLY E 3641 -44.60 -17.52 -16.94
N PHE E 3642 -44.89 -16.99 -15.75
CA PHE E 3642 -46.27 -16.64 -15.41
C PHE E 3642 -46.77 -15.52 -16.29
N LEU E 3643 -45.94 -14.49 -16.48
CA LEU E 3643 -46.30 -13.32 -17.28
C LEU E 3643 -46.60 -13.70 -18.72
N HIS E 3644 -45.90 -14.69 -19.25
CA HIS E 3644 -46.19 -15.16 -20.61
C HIS E 3644 -47.56 -15.81 -20.68
N VAL E 3645 -47.97 -16.47 -19.61
CA VAL E 3645 -49.34 -16.93 -19.53
C VAL E 3645 -50.25 -15.78 -19.13
N PHE E 3646 -49.78 -14.90 -18.26
CA PHE E 3646 -50.59 -13.81 -17.76
C PHE E 3646 -50.78 -12.67 -18.76
N ALA E 3647 -50.13 -12.72 -19.92
CA ALA E 3647 -50.31 -11.70 -20.94
C ALA E 3647 -51.25 -12.11 -22.06
N HIS E 3648 -51.43 -13.41 -22.29
CA HIS E 3648 -52.17 -13.82 -23.47
C HIS E 3648 -53.63 -14.13 -23.18
N MET E 3649 -53.90 -14.87 -22.09
CA MET E 3649 -55.29 -14.98 -21.64
C MET E 3649 -55.81 -13.65 -21.14
N MET E 3650 -54.90 -12.78 -20.69
CA MET E 3650 -55.19 -11.35 -20.58
C MET E 3650 -55.80 -10.80 -21.86
N MET E 3651 -55.15 -11.04 -22.99
CA MET E 3651 -55.69 -10.59 -24.26
C MET E 3651 -56.90 -11.42 -24.68
N LYS E 3652 -56.98 -12.65 -24.21
CA LYS E 3652 -57.96 -13.59 -24.75
C LYS E 3652 -59.28 -13.51 -24.00
N LEU E 3653 -59.25 -13.56 -22.67
CA LEU E 3653 -60.49 -13.55 -21.90
C LEU E 3653 -61.19 -12.19 -21.94
N ALA E 3654 -60.45 -11.12 -22.22
CA ALA E 3654 -61.04 -9.80 -22.37
C ALA E 3654 -61.88 -9.66 -23.63
N GLN E 3655 -61.66 -10.50 -24.64
CA GLN E 3655 -62.40 -10.44 -25.89
C GLN E 3655 -63.77 -11.09 -25.80
N ASP E 3656 -64.11 -11.65 -24.64
CA ASP E 3656 -65.41 -12.27 -24.45
C ASP E 3656 -66.06 -11.65 -23.23
N SER E 3657 -67.36 -11.39 -23.33
CA SER E 3657 -68.13 -10.97 -22.17
C SER E 3657 -68.37 -12.11 -21.20
N SER E 3658 -68.34 -13.35 -21.66
CA SER E 3658 -68.57 -14.50 -20.80
C SER E 3658 -67.31 -14.97 -20.08
N GLN E 3659 -66.15 -14.41 -20.42
CA GLN E 3659 -64.88 -14.83 -19.86
C GLN E 3659 -64.28 -13.76 -18.94
N ILE E 3660 -65.14 -12.89 -18.41
CA ILE E 3660 -64.66 -11.78 -17.59
C ILE E 3660 -64.29 -12.27 -16.19
N GLU E 3661 -65.14 -13.12 -15.60
CA GLU E 3661 -64.94 -13.51 -14.21
C GLU E 3661 -63.76 -14.45 -14.03
N LEU E 3662 -63.34 -15.13 -15.10
CA LEU E 3662 -62.08 -15.86 -15.04
C LEU E 3662 -60.90 -14.91 -15.19
N LEU E 3663 -61.04 -13.89 -16.04
CA LEU E 3663 -60.03 -12.84 -16.12
C LEU E 3663 -60.00 -12.02 -14.86
N LYS E 3664 -61.17 -11.83 -14.24
CA LYS E 3664 -61.23 -11.32 -12.87
C LYS E 3664 -60.50 -12.24 -11.91
N GLU E 3665 -60.70 -13.55 -12.06
CA GLU E 3665 -59.98 -14.53 -11.26
C GLU E 3665 -58.50 -14.57 -11.64
N LEU E 3666 -58.17 -14.26 -12.89
CA LEU E 3666 -56.77 -14.25 -13.31
C LEU E 3666 -56.01 -13.11 -12.65
N LEU E 3667 -56.65 -11.96 -12.45
CA LEU E 3667 -55.96 -10.86 -11.81
C LEU E 3667 -55.84 -11.08 -10.31
N ASP E 3668 -56.76 -11.85 -9.73
CA ASP E 3668 -56.69 -12.13 -8.30
C ASP E 3668 -55.49 -13.00 -7.95
N LEU E 3669 -55.18 -13.97 -8.81
CA LEU E 3669 -53.92 -14.70 -8.68
C LEU E 3669 -52.74 -13.77 -8.95
N GLN E 3670 -52.89 -12.89 -9.93
CA GLN E 3670 -51.78 -12.04 -10.35
C GLN E 3670 -51.51 -10.95 -9.33
N LYS E 3671 -52.55 -10.48 -8.64
CA LYS E 3671 -52.37 -9.57 -7.51
C LYS E 3671 -51.69 -10.29 -6.37
N ASP E 3672 -52.15 -11.51 -6.07
CA ASP E 3672 -51.60 -12.26 -4.95
C ASP E 3672 -50.20 -12.77 -5.28
N MET E 3673 -49.88 -12.87 -6.57
CA MET E 3673 -48.50 -13.08 -6.96
C MET E 3673 -47.66 -11.85 -6.66
N VAL E 3674 -48.15 -10.67 -7.06
CA VAL E 3674 -47.28 -9.50 -7.09
C VAL E 3674 -47.13 -8.86 -5.71
N VAL E 3675 -48.06 -9.12 -4.78
CA VAL E 3675 -47.87 -8.58 -3.44
C VAL E 3675 -46.78 -9.34 -2.70
N MET E 3676 -46.51 -10.59 -3.10
CA MET E 3676 -45.29 -11.24 -2.65
C MET E 3676 -44.07 -10.56 -3.24
N LEU E 3677 -44.17 -10.11 -4.51
CA LEU E 3677 -43.03 -9.52 -5.19
C LEU E 3677 -42.60 -8.22 -4.55
N LEU E 3678 -43.56 -7.45 -4.04
CA LEU E 3678 -43.22 -6.34 -3.15
C LEU E 3678 -42.64 -6.84 -1.83
N SER E 3679 -43.26 -7.88 -1.26
CA SER E 3679 -42.82 -8.44 0.01
C SER E 3679 -41.49 -9.16 -0.07
N LEU E 3680 -41.00 -9.44 -1.29
CA LEU E 3680 -39.64 -9.91 -1.47
C LEU E 3680 -38.61 -8.92 -1.01
N LEU E 3681 -38.90 -7.62 -1.10
CA LEU E 3681 -37.90 -6.61 -0.80
C LEU E 3681 -37.77 -6.41 0.70
N GLU E 3682 -38.82 -5.86 1.32
CA GLU E 3682 -39.03 -5.72 2.77
C GLU E 3682 -37.81 -5.13 3.46
N GLY E 3683 -37.51 -3.88 3.13
CA GLY E 3683 -36.27 -3.29 3.57
C GLY E 3683 -35.10 -3.67 2.69
N ASN E 3684 -35.17 -3.28 1.43
CA ASN E 3684 -34.17 -3.74 0.47
C ASN E 3684 -33.04 -2.72 0.39
N VAL E 3685 -31.80 -3.20 0.52
CA VAL E 3685 -30.64 -2.32 0.53
C VAL E 3685 -30.39 -1.85 -0.90
N VAL E 3686 -29.49 -0.86 -1.06
CA VAL E 3686 -29.25 -0.13 -2.31
C VAL E 3686 -28.92 -1.03 -3.50
N ASN E 3687 -28.15 -2.11 -3.28
CA ASN E 3687 -27.75 -2.97 -4.39
C ASN E 3687 -27.94 -4.44 -4.02
N GLY E 3688 -29.09 -4.77 -3.42
CA GLY E 3688 -29.29 -6.05 -2.78
C GLY E 3688 -29.61 -7.23 -3.66
N MET E 3689 -29.37 -7.10 -4.97
CA MET E 3689 -29.43 -8.13 -6.01
C MET E 3689 -30.85 -8.57 -6.34
N ILE E 3690 -31.84 -8.15 -5.56
CA ILE E 3690 -33.23 -8.45 -5.84
C ILE E 3690 -33.74 -7.59 -6.97
N ALA E 3691 -33.58 -6.27 -6.80
CA ALA E 3691 -33.80 -5.31 -7.87
C ALA E 3691 -32.93 -5.59 -9.07
N ARG E 3692 -31.69 -6.04 -8.84
CA ARG E 3692 -30.80 -6.30 -9.96
C ARG E 3692 -31.25 -7.54 -10.73
N GLN E 3693 -31.96 -8.45 -10.07
CA GLN E 3693 -32.65 -9.51 -10.79
C GLN E 3693 -34.09 -9.15 -11.12
N MET E 3694 -34.69 -8.18 -10.42
CA MET E 3694 -35.98 -7.67 -10.89
C MET E 3694 -35.81 -6.86 -12.16
N VAL E 3695 -34.63 -6.27 -12.37
CA VAL E 3695 -34.29 -5.81 -13.70
C VAL E 3695 -34.27 -6.98 -14.67
N ASP E 3696 -33.72 -8.11 -14.25
CA ASP E 3696 -33.49 -9.22 -15.18
C ASP E 3696 -34.80 -9.90 -15.56
N MET E 3697 -35.75 -10.01 -14.62
CA MET E 3697 -37.02 -10.63 -14.97
C MET E 3697 -37.88 -9.75 -15.86
N LEU E 3698 -37.62 -8.44 -15.89
CA LEU E 3698 -38.41 -7.59 -16.76
C LEU E 3698 -37.79 -7.49 -18.14
N VAL E 3699 -36.47 -7.57 -18.24
CA VAL E 3699 -35.81 -7.63 -19.54
C VAL E 3699 -36.13 -8.97 -20.23
N GLU E 3700 -36.16 -10.05 -19.46
CA GLU E 3700 -36.34 -11.38 -20.03
C GLU E 3700 -37.76 -11.61 -20.52
N SER E 3701 -38.74 -11.00 -19.86
CA SER E 3701 -40.14 -11.18 -20.18
C SER E 3701 -40.76 -9.92 -20.77
N SER E 3702 -39.93 -9.16 -21.50
CA SER E 3702 -40.25 -7.77 -21.83
C SER E 3702 -41.43 -7.64 -22.78
N SER E 3703 -41.55 -8.54 -23.75
CA SER E 3703 -42.72 -8.52 -24.62
C SER E 3703 -43.98 -8.82 -23.84
N ASN E 3704 -43.90 -9.73 -22.87
CA ASN E 3704 -45.03 -9.99 -22.01
C ASN E 3704 -45.24 -8.86 -21.02
N VAL E 3705 -44.15 -8.19 -20.62
CA VAL E 3705 -44.26 -6.98 -19.82
C VAL E 3705 -44.99 -5.89 -20.60
N GLU E 3706 -44.62 -5.72 -21.87
CA GLU E 3706 -45.24 -4.68 -22.71
C GLU E 3706 -46.70 -4.99 -22.98
N MET E 3707 -47.03 -6.28 -23.11
CA MET E 3707 -48.43 -6.66 -23.27
C MET E 3707 -49.20 -6.53 -21.96
N ILE E 3708 -48.48 -6.36 -20.84
CA ILE E 3708 -49.11 -5.89 -19.62
C ILE E 3708 -49.02 -4.38 -19.53
N LEU E 3709 -47.94 -3.80 -20.08
CA LEU E 3709 -47.80 -2.35 -20.10
C LEU E 3709 -48.84 -1.68 -20.97
N LYS E 3710 -49.01 -2.16 -22.21
CA LYS E 3710 -50.07 -1.63 -23.07
C LYS E 3710 -51.45 -1.96 -22.51
N PHE E 3711 -51.53 -3.04 -21.74
CA PHE E 3711 -52.75 -3.36 -21.00
C PHE E 3711 -52.96 -2.39 -19.85
N PHE E 3712 -51.89 -1.76 -19.37
CA PHE E 3712 -52.00 -0.83 -18.26
C PHE E 3712 -51.72 0.62 -18.65
N ASP E 3713 -51.05 0.89 -19.76
CA ASP E 3713 -50.78 2.27 -20.12
C ASP E 3713 -51.81 2.78 -21.12
N MET E 3714 -51.99 2.07 -22.23
CA MET E 3714 -52.87 2.59 -23.27
C MET E 3714 -54.26 1.96 -23.21
N PHE E 3715 -54.47 1.04 -22.26
CA PHE E 3715 -55.79 0.41 -22.16
C PHE E 3715 -56.49 0.76 -20.86
N LEU E 3716 -55.72 1.12 -19.84
CA LEU E 3716 -56.31 1.77 -18.68
C LEU E 3716 -56.64 3.23 -18.96
N LYS E 3717 -56.14 3.79 -20.07
CA LYS E 3717 -56.47 5.17 -20.41
C LYS E 3717 -57.81 5.26 -21.11
N LEU E 3718 -58.46 4.11 -21.35
CA LEU E 3718 -59.82 4.06 -21.86
C LEU E 3718 -60.79 4.83 -20.98
N LYS E 3719 -60.58 4.75 -19.66
CA LYS E 3719 -61.35 5.57 -18.73
C LYS E 3719 -60.97 7.04 -18.85
N ASP E 3720 -59.77 7.34 -19.32
CA ASP E 3720 -59.40 8.72 -19.59
C ASP E 3720 -59.84 9.19 -20.98
N ILE E 3721 -59.97 8.29 -21.94
CA ILE E 3721 -60.41 8.69 -23.27
C ILE E 3721 -61.91 9.01 -23.25
N VAL E 3722 -62.70 8.20 -22.54
CA VAL E 3722 -64.00 8.71 -22.12
C VAL E 3722 -63.76 9.32 -20.74
N GLY E 3723 -63.08 10.45 -20.72
CA GLY E 3723 -62.93 11.32 -19.58
C GLY E 3723 -62.84 12.70 -20.20
N SER E 3724 -63.09 12.71 -21.51
CA SER E 3724 -62.86 13.86 -22.35
C SER E 3724 -64.14 14.15 -23.13
N GLU E 3725 -64.36 15.43 -23.40
CA GLU E 3725 -65.47 15.81 -24.24
C GLU E 3725 -65.20 15.53 -25.71
N ALA E 3726 -63.92 15.32 -26.08
CA ALA E 3726 -63.60 14.95 -27.44
C ALA E 3726 -64.07 13.53 -27.77
N PHE E 3727 -64.38 12.72 -26.75
CA PHE E 3727 -65.21 11.55 -26.95
C PHE E 3727 -66.69 11.93 -27.04
N GLN E 3728 -67.11 12.90 -26.22
CA GLN E 3728 -68.53 13.22 -26.08
C GLN E 3728 -69.07 14.12 -27.17
N ASP E 3729 -68.20 14.75 -27.97
CA ASP E 3729 -68.67 15.73 -28.94
C ASP E 3729 -69.38 15.08 -30.11
N TYR E 3730 -68.68 14.18 -30.81
CA TYR E 3730 -69.18 13.62 -32.06
C TYR E 3730 -70.33 12.64 -31.87
N VAL E 3731 -70.44 12.03 -30.69
CA VAL E 3731 -71.50 11.03 -30.46
C VAL E 3731 -72.83 11.77 -30.34
N THR E 3732 -73.72 11.50 -31.31
CA THR E 3732 -75.02 12.18 -31.39
C THR E 3732 -76.08 11.27 -30.77
N ASP E 3733 -75.91 10.98 -29.49
CA ASP E 3733 -76.72 9.99 -28.80
C ASP E 3733 -77.02 10.46 -27.39
N PRO E 3734 -78.15 11.16 -27.18
CA PRO E 3734 -78.64 11.38 -25.82
C PRO E 3734 -79.08 10.10 -25.13
N ARG E 3735 -79.39 9.04 -25.89
CA ARG E 3735 -79.58 7.73 -25.29
C ARG E 3735 -78.24 7.07 -24.97
N GLY E 3736 -77.14 7.59 -25.49
CA GLY E 3736 -75.81 7.09 -25.17
C GLY E 3736 -75.48 5.75 -25.78
N LEU E 3737 -76.07 5.43 -26.92
CA LEU E 3737 -75.75 4.20 -27.64
C LEU E 3737 -74.92 4.58 -28.86
N ILE E 3738 -73.60 4.76 -28.62
CA ILE E 3738 -72.68 5.22 -29.65
C ILE E 3738 -72.45 4.09 -30.66
N SER E 3739 -72.34 4.46 -31.93
CA SER E 3739 -72.12 3.49 -32.98
C SER E 3739 -70.64 3.09 -33.00
N LYS E 3740 -70.25 2.33 -34.02
CA LYS E 3740 -68.88 1.84 -34.13
C LYS E 3740 -67.97 2.76 -34.91
N LYS E 3741 -68.45 3.31 -36.03
CA LYS E 3741 -67.56 4.02 -36.94
C LYS E 3741 -67.19 5.39 -36.41
N ASP E 3742 -68.08 6.03 -35.65
CA ASP E 3742 -67.67 7.25 -34.97
C ASP E 3742 -66.70 6.94 -33.82
N PHE E 3743 -66.92 5.82 -33.13
CA PHE E 3743 -65.92 5.32 -32.19
C PHE E 3743 -64.64 4.94 -32.91
N GLN E 3744 -64.75 4.40 -34.13
CA GLN E 3744 -63.57 4.09 -34.93
C GLN E 3744 -62.86 5.35 -35.39
N LYS E 3745 -63.60 6.44 -35.61
CA LYS E 3745 -62.99 7.67 -36.12
C LYS E 3745 -62.13 8.35 -35.06
N ALA E 3746 -62.64 8.45 -33.83
CA ALA E 3746 -61.92 9.18 -32.80
C ALA E 3746 -60.71 8.42 -32.26
N MET E 3747 -60.67 7.10 -32.41
CA MET E 3747 -59.46 6.38 -32.06
C MET E 3747 -58.35 6.64 -33.08
N ASP E 3748 -58.72 7.10 -34.28
CA ASP E 3748 -57.75 7.61 -35.24
C ASP E 3748 -57.57 9.12 -35.15
N SER E 3749 -58.60 9.85 -34.73
CA SER E 3749 -58.50 11.30 -34.62
C SER E 3749 -57.66 11.69 -33.40
N GLN E 3750 -58.02 11.19 -32.22
CA GLN E 3750 -57.16 11.34 -31.05
C GLN E 3750 -55.90 10.52 -31.24
N LYS E 3751 -54.79 11.03 -30.72
CA LYS E 3751 -53.50 10.45 -31.01
C LYS E 3751 -53.13 9.42 -29.95
N GLN E 3752 -51.86 8.98 -29.96
CA GLN E 3752 -51.24 7.92 -29.14
C GLN E 3752 -52.08 6.65 -29.01
N PHE E 3753 -52.80 6.28 -30.07
CA PHE E 3753 -53.45 4.97 -30.18
C PHE E 3753 -52.64 4.09 -31.13
N THR E 3754 -53.21 2.91 -31.44
CA THR E 3754 -52.62 1.98 -32.39
C THR E 3754 -53.72 1.14 -33.01
N GLY E 3755 -53.84 1.22 -34.33
CA GLY E 3755 -54.86 0.59 -35.14
C GLY E 3755 -55.25 -0.84 -34.87
N PRO E 3756 -54.28 -1.77 -34.82
CA PRO E 3756 -54.62 -3.16 -34.43
C PRO E 3756 -55.15 -3.28 -33.01
N GLU E 3757 -54.69 -2.43 -32.09
CA GLU E 3757 -55.25 -2.47 -30.74
C GLU E 3757 -56.53 -1.65 -30.65
N ILE E 3758 -56.77 -0.76 -31.60
CA ILE E 3758 -58.11 -0.22 -31.80
C ILE E 3758 -59.07 -1.31 -32.25
N GLN E 3759 -58.57 -2.24 -33.07
CA GLN E 3759 -59.36 -3.41 -33.41
C GLN E 3759 -59.52 -4.35 -32.23
N PHE E 3760 -58.56 -4.31 -31.29
CA PHE E 3760 -58.70 -5.08 -30.05
C PHE E 3760 -59.79 -4.49 -29.17
N LEU E 3761 -60.04 -3.18 -29.29
CA LEU E 3761 -61.15 -2.56 -28.57
C LEU E 3761 -62.49 -3.10 -29.04
N LEU E 3762 -62.68 -3.18 -30.35
CA LEU E 3762 -63.94 -3.66 -30.91
C LEU E 3762 -64.13 -5.15 -30.65
N SER E 3763 -63.04 -5.92 -30.64
CA SER E 3763 -63.12 -7.31 -30.25
C SER E 3763 -63.46 -7.47 -28.77
N CYS E 3764 -63.09 -6.50 -27.94
CA CYS E 3764 -63.50 -6.51 -26.54
C CYS E 3764 -64.82 -5.77 -26.32
N SER E 3765 -65.25 -4.94 -27.27
CA SER E 3765 -66.52 -4.26 -27.09
C SER E 3765 -67.66 -5.17 -27.48
N GLU E 3766 -68.87 -4.69 -27.20
CA GLU E 3766 -70.08 -5.30 -27.70
C GLU E 3766 -70.55 -4.50 -28.91
N ALA E 3767 -70.89 -5.21 -29.99
CA ALA E 3767 -71.30 -4.51 -31.21
C ALA E 3767 -72.75 -4.05 -31.10
N ASP E 3768 -73.61 -4.88 -30.49
CA ASP E 3768 -75.06 -4.70 -30.36
C ASP E 3768 -75.69 -4.45 -31.74
N GLU E 3769 -75.42 -5.41 -32.64
CA GLU E 3769 -75.81 -5.35 -34.05
C GLU E 3769 -75.31 -4.09 -34.75
N ASN E 3770 -74.06 -3.72 -34.43
CA ASN E 3770 -73.34 -2.58 -35.03
C ASN E 3770 -74.07 -1.26 -34.74
N GLU E 3771 -74.70 -1.17 -33.56
CA GLU E 3771 -75.44 0.00 -33.16
C GLU E 3771 -74.89 0.64 -31.89
N MET E 3772 -74.57 -0.17 -30.89
CA MET E 3772 -74.23 0.34 -29.57
C MET E 3772 -72.96 -0.31 -29.06
N ILE E 3773 -72.00 0.53 -28.69
CA ILE E 3773 -70.81 0.10 -27.97
C ILE E 3773 -71.08 0.00 -26.48
N ASN E 3774 -72.00 0.83 -25.98
CA ASN E 3774 -72.32 1.01 -24.56
C ASN E 3774 -71.04 1.30 -23.77
N PHE E 3775 -70.48 2.47 -24.06
CA PHE E 3775 -69.12 2.83 -23.66
C PHE E 3775 -68.93 2.93 -22.16
N GLU E 3776 -70.02 3.07 -21.41
CA GLU E 3776 -69.96 2.89 -19.95
C GLU E 3776 -69.54 1.46 -19.62
N GLU E 3777 -70.26 0.48 -20.15
CA GLU E 3777 -69.92 -0.91 -19.88
C GLU E 3777 -68.68 -1.34 -20.65
N PHE E 3778 -68.30 -0.59 -21.68
CA PHE E 3778 -67.01 -0.86 -22.32
C PHE E 3778 -65.86 -0.40 -21.43
N ALA E 3779 -66.14 0.49 -20.48
CA ALA E 3779 -65.17 0.80 -19.45
C ALA E 3779 -65.43 0.01 -18.17
N ASN E 3780 -66.70 -0.22 -17.84
CA ASN E 3780 -67.05 -0.80 -16.53
C ASN E 3780 -66.77 -2.30 -16.47
N ARG E 3781 -66.62 -2.95 -17.62
CA ARG E 3781 -66.15 -4.33 -17.62
C ARG E 3781 -64.68 -4.39 -17.25
N PHE E 3782 -63.91 -3.38 -17.63
CA PHE E 3782 -62.47 -3.49 -17.51
C PHE E 3782 -61.92 -2.76 -16.29
N GLN E 3783 -62.51 -1.62 -15.92
CA GLN E 3783 -61.89 -0.77 -14.91
C GLN E 3783 -62.01 -1.32 -13.49
N GLU E 3784 -62.98 -2.21 -13.24
CA GLU E 3784 -63.24 -2.63 -11.86
C GLU E 3784 -62.19 -3.53 -11.20
N PRO E 3785 -61.50 -4.47 -11.89
CA PRO E 3785 -60.37 -5.14 -11.19
C PRO E 3785 -59.01 -4.57 -11.57
N ALA E 3786 -58.95 -3.53 -12.40
CA ALA E 3786 -57.68 -3.15 -13.00
C ALA E 3786 -57.04 -1.99 -12.25
N ARG E 3787 -57.78 -1.34 -11.36
CA ARG E 3787 -57.29 -0.10 -10.78
C ARG E 3787 -56.49 -0.34 -9.51
N ASP E 3788 -56.65 -1.51 -8.90
CA ASP E 3788 -55.84 -1.80 -7.72
C ASP E 3788 -54.52 -2.46 -8.12
N ILE E 3789 -54.56 -3.35 -9.10
CA ILE E 3789 -53.37 -4.02 -9.59
C ILE E 3789 -52.44 -3.04 -10.29
N GLY E 3790 -53.01 -2.01 -10.92
CA GLY E 3790 -52.24 -1.05 -11.66
C GLY E 3790 -51.39 -0.14 -10.79
N PHE E 3791 -51.91 0.20 -9.62
CA PHE E 3791 -51.08 0.81 -8.59
C PHE E 3791 -50.00 -0.15 -8.12
N ASN E 3792 -50.34 -1.43 -7.97
CA ASN E 3792 -49.41 -2.40 -7.41
C ASN E 3792 -48.26 -2.68 -8.34
N VAL E 3793 -48.49 -2.64 -9.64
CA VAL E 3793 -47.41 -2.73 -10.61
C VAL E 3793 -46.56 -1.46 -10.55
N ALA E 3794 -47.22 -0.31 -10.54
CA ALA E 3794 -46.51 0.97 -10.53
C ALA E 3794 -45.70 1.17 -9.26
N VAL E 3795 -46.24 0.72 -8.12
CA VAL E 3795 -45.52 0.91 -6.88
C VAL E 3795 -44.33 -0.03 -6.81
N LEU E 3796 -44.38 -1.15 -7.54
CA LEU E 3796 -43.21 -2.01 -7.64
C LEU E 3796 -42.14 -1.33 -8.47
N LEU E 3797 -42.53 -0.71 -9.58
CA LEU E 3797 -41.59 0.04 -10.40
C LEU E 3797 -41.06 1.26 -9.67
N THR E 3798 -41.91 1.87 -8.83
CA THR E 3798 -41.52 3.07 -8.11
C THR E 3798 -40.46 2.76 -7.06
N ASN E 3799 -40.58 1.61 -6.39
CA ASN E 3799 -39.66 1.26 -5.32
C ASN E 3799 -38.29 0.95 -5.88
N LEU E 3800 -38.24 0.15 -6.94
CA LEU E 3800 -36.99 -0.25 -7.56
C LEU E 3800 -36.30 0.90 -8.25
N SER E 3801 -37.06 1.94 -8.60
CA SER E 3801 -36.51 3.17 -9.16
C SER E 3801 -35.56 3.84 -8.19
N GLU E 3802 -35.82 3.71 -6.89
CA GLU E 3802 -35.08 4.45 -5.89
C GLU E 3802 -34.14 3.59 -5.07
N HIS E 3803 -34.20 2.26 -5.20
CA HIS E 3803 -33.19 1.45 -4.53
C HIS E 3803 -31.84 1.58 -5.24
N VAL E 3804 -31.85 1.54 -6.56
CA VAL E 3804 -30.66 1.91 -7.30
C VAL E 3804 -31.09 2.57 -8.62
N PRO E 3805 -30.68 3.81 -8.86
CA PRO E 3805 -30.87 4.44 -10.18
C PRO E 3805 -29.84 3.98 -11.19
N HIS E 3806 -29.83 4.68 -12.34
CA HIS E 3806 -28.71 4.69 -13.29
C HIS E 3806 -28.60 3.37 -14.04
N ASP E 3807 -29.72 2.70 -14.23
CA ASP E 3807 -29.81 1.61 -15.19
C ASP E 3807 -30.54 2.15 -16.41
N PRO E 3808 -29.92 2.12 -17.59
CA PRO E 3808 -30.65 2.50 -18.81
C PRO E 3808 -31.82 1.58 -19.11
N ARG E 3809 -31.71 0.31 -18.73
CA ARG E 3809 -32.84 -0.60 -18.82
C ARG E 3809 -33.97 -0.20 -17.88
N LEU E 3810 -33.64 0.32 -16.71
CA LEU E 3810 -34.67 0.90 -15.85
C LEU E 3810 -35.27 2.14 -16.48
N ARG E 3811 -34.46 2.92 -17.21
CA ARG E 3811 -34.99 4.06 -17.95
C ARG E 3811 -35.92 3.64 -19.07
N ASN E 3812 -35.77 2.41 -19.57
CA ASN E 3812 -36.71 1.89 -20.55
C ASN E 3812 -38.10 1.71 -19.93
N PHE E 3813 -38.19 0.88 -18.88
CA PHE E 3813 -39.48 0.46 -18.37
C PHE E 3813 -40.24 1.57 -17.67
N LEU E 3814 -39.53 2.47 -16.98
CA LEU E 3814 -40.19 3.62 -16.36
C LEU E 3814 -40.75 4.56 -17.41
N GLU E 3815 -40.09 4.63 -18.57
CA GLU E 3815 -40.60 5.46 -19.66
C GLU E 3815 -41.87 4.87 -20.25
N LEU E 3816 -41.92 3.54 -20.39
CA LEU E 3816 -43.11 2.91 -20.97
C LEU E 3816 -44.27 2.88 -19.99
N ALA E 3817 -43.97 2.94 -18.70
CA ALA E 3817 -45.02 2.94 -17.68
C ALA E 3817 -45.48 4.37 -17.37
N GLU E 3818 -46.02 5.06 -18.38
CA GLU E 3818 -46.28 6.47 -18.18
C GLU E 3818 -47.58 6.71 -17.44
N SER E 3819 -48.72 6.38 -18.05
CA SER E 3819 -50.02 6.75 -17.47
C SER E 3819 -50.36 5.86 -16.28
N ILE E 3820 -49.68 4.72 -16.17
CA ILE E 3820 -49.69 3.96 -14.93
C ILE E 3820 -49.16 4.81 -13.80
N LEU E 3821 -48.01 5.43 -14.03
CA LEU E 3821 -47.38 6.35 -13.09
C LEU E 3821 -47.90 7.77 -13.24
N GLU E 3822 -49.12 7.96 -13.76
CA GLU E 3822 -49.74 9.27 -13.71
C GLU E 3822 -51.06 9.24 -12.98
N TYR E 3823 -51.88 8.22 -13.24
CA TYR E 3823 -53.21 8.21 -12.67
C TYR E 3823 -53.18 7.78 -11.20
N PHE E 3824 -52.18 7.01 -10.82
CA PHE E 3824 -52.12 6.46 -9.48
C PHE E 3824 -51.00 7.03 -8.63
N ARG E 3825 -50.09 7.80 -9.22
CA ARG E 3825 -49.09 8.48 -8.42
C ARG E 3825 -49.65 9.54 -7.43
N PRO E 3826 -50.85 10.19 -7.63
CA PRO E 3826 -51.37 10.97 -6.49
C PRO E 3826 -51.89 10.07 -5.40
N TYR E 3827 -52.20 8.82 -5.74
CA TYR E 3827 -52.68 7.88 -4.74
C TYR E 3827 -51.54 7.31 -3.92
N LEU E 3828 -50.31 7.38 -4.44
CA LEU E 3828 -49.16 6.82 -3.75
C LEU E 3828 -48.83 7.62 -2.50
N GLY E 3829 -48.86 6.96 -1.35
CA GLY E 3829 -48.41 7.56 -0.11
C GLY E 3829 -47.03 7.05 0.25
N ARG E 3830 -46.25 7.90 0.90
CA ARG E 3830 -44.86 7.61 1.20
C ARG E 3830 -44.55 7.88 2.67
N ILE E 3831 -43.81 6.96 3.29
CA ILE E 3831 -43.23 7.13 4.61
C ILE E 3831 -41.79 6.64 4.53
N GLU E 3832 -40.99 6.98 5.53
CA GLU E 3832 -39.64 6.45 5.64
C GLU E 3832 -39.27 6.39 7.11
N ILE E 3833 -38.78 5.24 7.56
CA ILE E 3833 -38.60 4.96 8.97
C ILE E 3833 -37.28 4.24 9.23
N MET E 3834 -36.92 4.18 10.51
CA MET E 3834 -35.84 3.35 10.98
C MET E 3834 -36.41 2.34 11.96
N GLY E 3835 -36.74 1.15 11.47
CA GLY E 3835 -37.11 0.10 12.38
C GLY E 3835 -36.08 -1.01 12.44
N ALA E 3836 -35.23 -0.97 13.48
CA ALA E 3836 -34.30 -2.02 13.91
C ALA E 3836 -33.18 -2.30 12.90
N SER E 3837 -33.19 -1.68 11.72
CA SER E 3837 -32.12 -1.83 10.75
C SER E 3837 -31.04 -0.79 10.94
N ARG E 3838 -31.26 0.16 11.86
CA ARG E 3838 -30.35 1.26 12.19
C ARG E 3838 -30.13 2.17 10.98
N ARG E 3839 -31.08 2.15 10.04
CA ARG E 3839 -31.00 2.83 8.77
C ARG E 3839 -32.38 3.33 8.42
N ILE E 3840 -32.44 4.42 7.65
CA ILE E 3840 -33.73 4.91 7.23
C ILE E 3840 -34.21 4.09 6.04
N GLU E 3841 -35.42 3.56 6.14
CA GLU E 3841 -35.96 2.66 5.13
C GLU E 3841 -37.30 3.17 4.65
N ARG E 3842 -37.43 3.31 3.33
CA ARG E 3842 -38.63 3.89 2.73
C ARG E 3842 -39.70 2.81 2.54
N ILE E 3843 -40.94 3.15 2.86
CA ILE E 3843 -42.08 2.27 2.69
C ILE E 3843 -43.18 3.02 1.96
N TYR E 3844 -43.76 2.37 0.95
CA TYR E 3844 -44.84 2.95 0.18
C TYR E 3844 -46.17 2.36 0.62
N PHE E 3845 -47.25 3.01 0.20
CA PHE E 3845 -48.63 2.61 0.46
C PHE E 3845 -49.54 3.52 -0.35
N GLU E 3846 -50.85 3.30 -0.25
CA GLU E 3846 -51.83 4.21 -0.80
C GLU E 3846 -52.92 4.50 0.22
N ILE E 3847 -53.57 5.66 0.09
CA ILE E 3847 -54.83 5.88 0.80
C ILE E 3847 -55.90 6.21 -0.23
N SER E 3848 -57.15 6.26 0.22
CA SER E 3848 -58.26 6.46 -0.69
C SER E 3848 -58.33 7.91 -1.17
N GLU E 3849 -59.02 8.09 -2.30
CA GLU E 3849 -59.32 9.42 -2.80
C GLU E 3849 -60.28 10.14 -1.86
N THR E 3850 -61.10 9.38 -1.13
CA THR E 3850 -62.05 9.96 -0.17
C THR E 3850 -61.34 10.75 0.91
N ASN E 3851 -60.11 10.37 1.25
CA ASN E 3851 -59.39 11.08 2.29
C ASN E 3851 -58.92 12.44 1.82
N ARG E 3852 -58.53 12.55 0.55
CA ARG E 3852 -57.75 13.70 0.08
C ARG E 3852 -58.59 14.95 -0.02
N ALA E 3853 -59.78 14.85 -0.61
CA ALA E 3853 -60.69 16.00 -0.60
C ALA E 3853 -61.19 16.28 0.81
N GLN E 3854 -61.29 15.24 1.63
CA GLN E 3854 -61.69 15.43 3.02
C GLN E 3854 -60.48 15.82 3.86
N TRP E 3855 -59.28 15.68 3.29
CA TRP E 3855 -58.13 16.39 3.82
C TRP E 3855 -58.13 17.84 3.36
N GLU E 3856 -58.46 18.07 2.09
CA GLU E 3856 -58.50 19.43 1.55
C GLU E 3856 -59.74 20.14 2.07
N MET E 3857 -59.63 20.57 3.32
CA MET E 3857 -60.67 21.31 4.02
C MET E 3857 -60.02 22.45 4.77
N PRO E 3858 -60.54 23.67 4.66
CA PRO E 3858 -59.99 24.80 5.42
C PRO E 3858 -60.14 24.63 6.91
N GLN E 3859 -61.20 23.94 7.36
CA GLN E 3859 -61.35 23.57 8.76
C GLN E 3859 -60.20 22.70 9.22
N VAL E 3860 -59.83 21.70 8.43
CA VAL E 3860 -58.68 20.87 8.75
C VAL E 3860 -57.40 21.67 8.58
N LYS E 3861 -57.35 22.55 7.58
CA LYS E 3861 -56.19 23.40 7.35
C LYS E 3861 -55.98 24.37 8.50
N GLU E 3862 -57.06 24.93 9.04
CA GLU E 3862 -56.94 25.85 10.17
C GLU E 3862 -56.53 25.13 11.44
N SER E 3863 -57.14 23.98 11.72
CA SER E 3863 -56.74 23.16 12.87
C SER E 3863 -55.30 22.71 12.75
N LYS E 3864 -54.83 22.44 11.54
CA LYS E 3864 -53.41 22.21 11.34
C LYS E 3864 -52.60 23.46 11.60
N ARG E 3865 -53.09 24.61 11.10
CA ARG E 3865 -52.37 25.87 11.19
C ARG E 3865 -52.16 26.32 12.63
N GLN E 3866 -53.20 26.17 13.45
CA GLN E 3866 -53.06 26.46 14.87
C GLN E 3866 -52.10 25.50 15.54
N PHE E 3867 -52.07 24.26 15.08
CA PHE E 3867 -51.15 23.28 15.64
C PHE E 3867 -49.72 23.55 15.26
N ILE E 3868 -49.50 24.08 14.04
CA ILE E 3868 -48.18 24.55 13.64
C ILE E 3868 -47.70 25.65 14.55
N PHE E 3869 -48.62 26.54 14.94
CA PHE E 3869 -48.28 27.71 15.74
C PHE E 3869 -47.83 27.32 17.15
N ASP E 3870 -48.40 26.26 17.69
CA ASP E 3870 -48.19 25.97 19.10
C ASP E 3870 -46.92 25.19 19.37
N VAL E 3871 -46.57 24.25 18.49
CA VAL E 3871 -45.47 23.33 18.75
C VAL E 3871 -44.12 24.00 18.67
N VAL E 3872 -44.04 25.18 18.05
CA VAL E 3872 -42.83 25.98 18.12
C VAL E 3872 -42.98 27.15 19.06
N ASN E 3873 -44.21 27.48 19.45
CA ASN E 3873 -44.39 28.34 20.62
C ASN E 3873 -43.95 27.61 21.88
N GLU E 3874 -44.18 26.29 21.92
CA GLU E 3874 -43.72 25.45 23.03
C GLU E 3874 -43.20 24.15 22.44
N GLY E 3875 -41.89 23.93 22.56
CA GLY E 3875 -41.28 22.70 22.09
C GLY E 3875 -40.18 22.26 23.01
N GLY E 3876 -40.18 20.96 23.32
CA GLY E 3876 -39.24 20.36 24.26
C GLY E 3876 -38.70 19.03 23.78
N GLU E 3877 -38.89 18.00 24.62
CA GLU E 3877 -38.52 16.61 24.34
C GLU E 3877 -39.50 16.05 23.30
N ALA E 3878 -39.45 14.74 23.01
CA ALA E 3878 -40.29 14.07 22.02
C ALA E 3878 -41.79 14.08 22.33
N GLU E 3879 -42.16 14.72 23.44
CA GLU E 3879 -43.45 15.39 23.58
C GLU E 3879 -43.83 16.12 22.31
N LYS E 3880 -42.88 16.92 21.77
CA LYS E 3880 -43.02 17.58 20.48
C LYS E 3880 -43.42 16.61 19.38
N MET E 3881 -42.88 15.40 19.40
CA MET E 3881 -43.40 14.37 18.51
C MET E 3881 -44.59 13.63 19.08
N GLU E 3882 -44.77 13.64 20.40
CA GLU E 3882 -45.85 12.86 20.99
C GLU E 3882 -47.20 13.50 20.74
N LEU E 3883 -47.35 14.77 21.10
CA LEU E 3883 -48.61 15.46 20.86
C LEU E 3883 -48.81 15.76 19.38
N PHE E 3884 -47.76 15.68 18.57
CA PHE E 3884 -47.94 15.53 17.13
C PHE E 3884 -48.81 14.32 16.83
N VAL E 3885 -48.40 13.16 17.34
CA VAL E 3885 -49.15 11.91 17.14
C VAL E 3885 -50.55 12.02 17.74
N SER E 3886 -50.66 12.70 18.88
CA SER E 3886 -51.98 12.98 19.45
C SER E 3886 -52.80 13.86 18.53
N PHE E 3887 -52.19 14.90 17.95
CA PHE E 3887 -52.88 15.72 16.96
C PHE E 3887 -53.22 14.93 15.72
N CYS E 3888 -52.35 14.00 15.33
CA CYS E 3888 -52.72 13.05 14.29
C CYS E 3888 -53.94 12.24 14.73
N GLU E 3889 -53.85 11.65 15.92
CA GLU E 3889 -54.88 10.76 16.44
C GLU E 3889 -56.16 11.51 16.76
N ASP E 3890 -56.06 12.78 17.17
CA ASP E 3890 -57.25 13.59 17.38
C ASP E 3890 -57.97 13.86 16.08
N THR E 3891 -57.23 14.03 14.99
CA THR E 3891 -57.84 14.48 13.76
C THR E 3891 -58.51 13.32 13.02
N ILE E 3892 -58.09 12.09 13.30
CA ILE E 3892 -58.71 10.93 12.65
C ILE E 3892 -60.15 10.78 13.11
N PHE E 3893 -60.41 11.05 14.40
CA PHE E 3893 -61.78 11.11 14.88
C PHE E 3893 -62.52 12.32 14.30
N GLU E 3894 -61.79 13.41 14.03
CA GLU E 3894 -62.38 14.52 13.30
C GLU E 3894 -62.68 14.11 11.86
N MET E 3895 -61.86 13.25 11.27
CA MET E 3895 -62.22 12.71 9.97
C MET E 3895 -63.38 11.74 10.08
N GLN E 3896 -63.54 11.13 11.26
CA GLN E 3896 -64.65 10.20 11.45
C GLN E 3896 -65.98 10.94 11.56
N ILE E 3897 -66.00 12.05 12.30
CA ILE E 3897 -67.25 12.81 12.45
C ILE E 3897 -67.57 13.60 11.19
N ALA E 3898 -66.58 13.88 10.34
CA ALA E 3898 -66.84 14.60 9.11
C ALA E 3898 -67.54 13.73 8.09
N ALA E 3899 -67.41 12.41 8.21
CA ALA E 3899 -68.07 11.49 7.29
C ALA E 3899 -69.55 11.30 7.59
N GLN E 3900 -69.94 11.35 8.86
CA GLN E 3900 -71.27 10.95 9.28
C GLN E 3900 -72.32 12.06 9.14
N ILE E 3901 -71.90 13.29 8.87
CA ILE E 3901 -72.83 14.40 8.72
C ILE E 3901 -72.98 14.83 7.27
N SER E 3902 -72.15 14.32 6.38
CA SER E 3902 -72.21 14.66 4.97
C SER E 3902 -73.37 13.91 4.32
N GLU E 3903 -73.86 14.44 3.21
CA GLU E 3903 -74.96 13.81 2.49
C GLU E 3903 -74.79 13.94 0.98
N PHE E 4190 -94.91 10.08 11.75
CA PHE E 4190 -94.95 8.64 12.06
C PHE E 4190 -94.38 8.37 13.45
N TRP E 4191 -94.07 7.11 13.72
CA TRP E 4191 -93.55 6.69 15.01
C TRP E 4191 -92.03 6.62 15.03
N GLY E 4192 -91.43 5.91 14.07
CA GLY E 4192 -89.98 5.84 13.99
C GLY E 4192 -89.42 6.56 12.79
N GLU E 4193 -90.26 6.78 11.77
CA GLU E 4193 -89.81 7.47 10.56
C GLU E 4193 -89.58 8.96 10.78
N LEU E 4194 -90.28 9.56 11.74
CA LEU E 4194 -90.05 10.97 12.03
C LEU E 4194 -88.74 11.18 12.77
N GLU E 4195 -88.26 10.15 13.46
CA GLU E 4195 -86.92 10.21 14.06
C GLU E 4195 -85.84 10.22 13.00
N VAL E 4196 -86.07 9.56 11.86
CA VAL E 4196 -85.14 9.65 10.73
C VAL E 4196 -85.14 11.06 10.16
N GLN E 4197 -86.33 11.62 9.91
CA GLN E 4197 -86.49 12.97 9.40
C GLN E 4197 -85.93 14.01 10.37
N ARG E 4198 -86.03 13.75 11.68
CA ARG E 4198 -85.37 14.58 12.67
C ARG E 4198 -83.86 14.56 12.50
N VAL E 4199 -83.28 13.37 12.35
CA VAL E 4199 -81.83 13.24 12.18
C VAL E 4199 -81.42 13.71 10.79
N LYS E 4200 -82.28 13.50 9.79
CA LYS E 4200 -81.97 13.95 8.43
C LYS E 4200 -81.93 15.48 8.35
N PHE E 4201 -82.82 16.15 9.07
CA PHE E 4201 -82.71 17.60 9.16
C PHE E 4201 -81.57 18.00 10.10
N LEU E 4202 -81.22 17.14 11.06
CA LEU E 4202 -80.15 17.43 11.99
C LEU E 4202 -78.80 17.46 11.31
N ASN E 4203 -78.63 16.69 10.23
CA ASN E 4203 -77.43 16.82 9.40
C ASN E 4203 -77.36 18.20 8.77
N TYR E 4204 -78.49 18.71 8.29
CA TYR E 4204 -78.53 20.06 7.76
C TYR E 4204 -78.32 21.10 8.85
N LEU E 4205 -78.77 20.80 10.07
CA LEU E 4205 -78.47 21.67 11.20
C LEU E 4205 -76.97 21.68 11.48
N SER E 4206 -76.35 20.49 11.47
CA SER E 4206 -74.92 20.41 11.73
C SER E 4206 -74.08 20.77 10.51
N ARG E 4207 -74.68 20.95 9.33
CA ARG E 4207 -73.90 21.24 8.15
C ARG E 4207 -73.37 22.67 8.15
N ASN E 4208 -74.26 23.64 8.14
CA ASN E 4208 -73.89 25.05 8.09
C ASN E 4208 -73.98 25.65 9.49
N PHE E 4209 -73.07 25.22 10.36
CA PHE E 4209 -73.02 25.76 11.70
C PHE E 4209 -72.49 27.18 11.70
N TYR E 4210 -71.52 27.46 10.84
CA TYR E 4210 -70.97 28.80 10.76
C TYR E 4210 -71.89 29.77 10.03
N THR E 4211 -72.72 29.27 9.11
CA THR E 4211 -73.70 30.14 8.48
C THR E 4211 -74.77 30.58 9.47
N LEU E 4212 -75.16 29.66 10.36
CA LEU E 4212 -75.99 30.03 11.50
C LEU E 4212 -75.27 30.99 12.42
N ARG E 4213 -73.96 30.83 12.58
CA ARG E 4213 -73.17 31.84 13.25
C ARG E 4213 -73.08 33.11 12.41
N PHE E 4214 -73.02 32.96 11.08
CA PHE E 4214 -72.98 34.12 10.20
C PHE E 4214 -74.32 34.85 10.19
N LEU E 4215 -75.41 34.15 10.47
CA LEU E 4215 -76.71 34.81 10.52
C LEU E 4215 -76.93 35.50 11.86
N ALA E 4216 -76.56 34.83 12.95
CA ALA E 4216 -76.57 35.45 14.27
C ALA E 4216 -75.61 36.62 14.35
N LEU E 4217 -74.52 36.57 13.57
CA LEU E 4217 -73.77 37.77 13.24
C LEU E 4217 -74.66 38.84 12.62
N PHE E 4218 -75.31 38.51 11.50
CA PHE E 4218 -75.98 39.54 10.72
C PHE E 4218 -77.29 39.98 11.35
N LEU E 4219 -78.00 39.06 12.01
CA LEU E 4219 -79.30 39.42 12.58
C LEU E 4219 -79.17 40.37 13.76
N ALA E 4220 -78.07 40.30 14.50
CA ALA E 4220 -77.86 41.23 15.61
C ALA E 4220 -77.57 42.65 15.12
N PHE E 4221 -77.18 42.83 13.86
CA PHE E 4221 -77.01 44.18 13.34
C PHE E 4221 -78.35 44.88 13.19
N ALA E 4222 -79.23 44.33 12.35
CA ALA E 4222 -80.40 45.06 11.89
C ALA E 4222 -81.41 45.27 13.01
N ILE E 4223 -81.50 44.32 13.95
CA ILE E 4223 -82.38 44.51 15.10
C ILE E 4223 -81.80 45.55 16.05
N ASN E 4224 -80.49 45.80 16.00
CA ASN E 4224 -79.88 46.86 16.76
C ASN E 4224 -79.64 48.10 15.91
N PHE E 4225 -79.70 47.95 14.58
CA PHE E 4225 -79.72 49.11 13.70
C PHE E 4225 -81.02 49.87 13.86
N ILE E 4226 -82.13 49.15 14.05
CA ILE E 4226 -83.43 49.80 14.27
C ILE E 4226 -83.72 50.04 15.73
N LEU E 4227 -82.80 49.66 16.63
CA LEU E 4227 -82.90 50.02 18.03
C LEU E 4227 -82.53 51.48 18.27
N LEU E 4228 -82.03 52.17 17.25
CA LEU E 4228 -81.67 53.58 17.31
C LEU E 4228 -82.87 54.52 17.25
N PHE E 4229 -84.08 54.03 17.46
CA PHE E 4229 -85.29 54.73 17.05
C PHE E 4229 -86.32 54.85 18.17
N TYR E 4230 -85.88 54.85 19.43
CA TYR E 4230 -86.83 55.03 20.51
C TYR E 4230 -87.09 56.51 20.77
N LYS E 4231 -88.08 56.77 21.63
CA LYS E 4231 -88.35 58.13 22.10
C LYS E 4231 -88.98 58.04 23.47
N VAL E 4232 -88.17 58.17 24.52
CA VAL E 4232 -88.72 58.17 25.86
C VAL E 4232 -89.46 59.49 26.11
N SER E 4233 -90.59 59.40 26.80
CA SER E 4233 -91.44 60.54 27.04
C SER E 4233 -92.24 60.30 28.30
N ASP E 4234 -92.63 61.39 28.97
CA ASP E 4234 -93.59 61.32 30.06
C ASP E 4234 -95.02 61.45 29.54
N SER E 4235 -95.34 60.66 28.50
CA SER E 4235 -96.61 60.70 27.83
C SER E 4235 -96.79 59.40 27.08
N PRO E 4236 -97.82 58.61 27.38
CA PRO E 4236 -98.10 57.41 26.59
C PRO E 4236 -98.66 57.79 25.22
N PRO E 4237 -98.66 56.86 24.26
CA PRO E 4237 -99.27 57.21 22.96
C PRO E 4237 -100.81 57.24 23.02
N ASN E 4276 -94.07 59.67 35.75
CA ASN E 4276 -94.37 58.44 35.02
C ASN E 4276 -94.00 58.58 33.55
N MET E 4277 -92.80 58.12 33.20
CA MET E 4277 -92.31 58.18 31.84
C MET E 4277 -92.67 56.90 31.10
N VAL E 4278 -93.10 57.05 29.85
CA VAL E 4278 -93.51 55.95 29.01
C VAL E 4278 -92.49 55.80 27.90
N TYR E 4279 -91.86 54.62 27.84
CA TYR E 4279 -90.80 54.34 26.87
C TYR E 4279 -91.44 54.12 25.50
N TYR E 4280 -91.79 55.22 24.86
CA TYR E 4280 -92.40 55.18 23.55
C TYR E 4280 -91.35 54.89 22.49
N PHE E 4281 -91.77 54.24 21.42
CA PHE E 4281 -90.92 53.96 20.28
C PHE E 4281 -91.25 54.94 19.16
N LEU E 4282 -90.27 55.78 18.81
CA LEU E 4282 -90.45 56.71 17.70
C LEU E 4282 -90.51 55.96 16.38
N GLU E 4283 -91.45 56.34 15.53
CA GLU E 4283 -91.46 55.81 14.18
C GLU E 4283 -90.84 56.81 13.23
N GLU E 4284 -90.24 56.29 12.17
CA GLU E 4284 -89.75 57.09 11.08
C GLU E 4284 -90.86 57.26 10.04
N SER E 4285 -90.50 57.76 8.87
CA SER E 4285 -91.48 58.02 7.83
C SER E 4285 -91.98 56.75 7.15
N THR E 4286 -91.32 55.61 7.37
CA THR E 4286 -91.66 54.42 6.62
C THR E 4286 -92.81 53.66 7.26
N GLY E 4287 -93.40 52.75 6.46
CA GLY E 4287 -94.53 51.96 6.90
C GLY E 4287 -94.17 50.66 7.58
N TYR E 4288 -92.92 50.22 7.49
CA TYR E 4288 -92.46 49.06 8.22
C TYR E 4288 -91.96 49.52 9.60
N MET E 4289 -91.16 48.66 10.27
CA MET E 4289 -90.70 48.84 11.65
C MET E 4289 -91.91 48.82 12.58
N GLU E 4290 -92.76 47.85 12.29
CA GLU E 4290 -93.99 47.40 12.91
C GLU E 4290 -93.58 46.36 13.95
N PRO E 4291 -94.50 45.61 14.60
CA PRO E 4291 -94.07 44.38 15.29
C PRO E 4291 -93.43 43.27 14.44
N ALA E 4292 -93.15 43.51 13.15
CA ALA E 4292 -92.08 42.80 12.47
C ALA E 4292 -90.74 42.93 13.22
N LEU E 4293 -90.50 44.07 13.87
CA LEU E 4293 -89.45 44.20 14.87
C LEU E 4293 -89.59 43.12 15.95
N TRP E 4294 -90.81 42.96 16.48
CA TRP E 4294 -91.07 41.91 17.44
C TRP E 4294 -90.99 40.53 16.80
N CYS E 4295 -91.27 40.43 15.50
CA CYS E 4295 -91.02 39.18 14.79
C CYS E 4295 -89.54 38.88 14.65
N LEU E 4296 -88.69 39.90 14.69
CA LEU E 4296 -87.26 39.69 14.76
C LEU E 4296 -86.79 39.42 16.19
N SER E 4297 -87.57 39.81 17.18
CA SER E 4297 -87.23 39.54 18.57
C SER E 4297 -87.33 38.05 18.87
N LEU E 4298 -88.42 37.42 18.42
CA LEU E 4298 -88.53 35.98 18.52
C LEU E 4298 -87.57 35.27 17.58
N LEU E 4299 -87.21 35.90 16.46
CA LEU E 4299 -86.33 35.26 15.49
C LEU E 4299 -84.90 35.20 16.00
N HIS E 4300 -84.46 36.22 16.73
CA HIS E 4300 -83.13 36.19 17.31
C HIS E 4300 -83.03 35.17 18.44
N THR E 4301 -84.11 34.99 19.18
CA THR E 4301 -84.15 33.93 20.18
C THR E 4301 -84.23 32.57 19.50
N LEU E 4302 -84.83 32.52 18.30
CA LEU E 4302 -84.94 31.27 17.56
C LEU E 4302 -83.57 30.80 17.08
N VAL E 4303 -82.85 31.66 16.35
CA VAL E 4303 -81.68 31.21 15.59
C VAL E 4303 -80.50 30.86 16.49
N ALA E 4304 -80.40 31.46 17.67
CA ALA E 4304 -79.31 31.09 18.57
C ALA E 4304 -79.57 29.73 19.20
N PHE E 4305 -80.84 29.36 19.35
CA PHE E 4305 -81.17 28.01 19.80
C PHE E 4305 -80.78 26.96 18.77
N LEU E 4306 -80.82 27.32 17.49
CA LEU E 4306 -80.35 26.40 16.46
C LEU E 4306 -78.85 26.22 16.51
N CYS E 4307 -78.12 27.20 17.04
CA CYS E 4307 -76.69 27.04 17.23
C CYS E 4307 -76.36 26.13 18.40
N ILE E 4308 -77.33 25.86 19.29
CA ILE E 4308 -77.06 25.05 20.48
C ILE E 4308 -76.91 23.58 20.10
N ILE E 4309 -77.88 23.04 19.37
CA ILE E 4309 -77.80 21.64 18.99
C ILE E 4309 -76.77 21.47 17.86
N GLY E 4310 -76.56 22.52 17.07
CA GLY E 4310 -75.46 22.51 16.12
C GLY E 4310 -74.11 22.47 16.79
N TYR E 4311 -73.99 23.08 17.97
CA TYR E 4311 -72.80 22.90 18.78
C TYR E 4311 -72.71 21.49 19.35
N ASN E 4312 -73.87 20.88 19.64
CA ASN E 4312 -73.90 19.56 20.26
C ASN E 4312 -73.46 18.48 19.26
N CYS E 4313 -74.14 18.41 18.13
CA CYS E 4313 -73.92 17.33 17.18
C CYS E 4313 -72.64 17.47 16.38
N LEU E 4314 -72.04 18.66 16.35
CA LEU E 4314 -70.81 18.86 15.60
C LEU E 4314 -69.60 19.08 16.49
N LYS E 4315 -69.64 20.06 17.38
CA LYS E 4315 -68.44 20.39 18.13
C LYS E 4315 -68.15 19.39 19.24
N VAL E 4316 -69.15 19.06 20.06
CA VAL E 4316 -68.85 18.32 21.27
C VAL E 4316 -69.38 16.88 21.22
N PRO E 4317 -68.89 16.05 20.28
CA PRO E 4317 -68.52 14.70 20.69
C PRO E 4317 -67.01 14.59 20.77
N LEU E 4318 -66.34 15.57 20.14
CA LEU E 4318 -64.89 15.61 20.05
C LEU E 4318 -64.26 15.87 21.40
N VAL E 4319 -64.81 16.83 22.14
CA VAL E 4319 -64.29 17.20 23.45
C VAL E 4319 -64.43 16.04 24.43
N ILE E 4320 -65.44 15.20 24.22
CA ILE E 4320 -65.53 13.95 24.96
C ILE E 4320 -64.36 13.04 24.62
N PHE E 4321 -64.11 12.85 23.33
CA PHE E 4321 -63.05 11.95 22.86
C PHE E 4321 -61.67 12.46 23.24
N LYS E 4322 -61.53 13.78 23.41
CA LYS E 4322 -60.32 14.33 24.02
C LYS E 4322 -60.15 13.82 25.45
N ARG E 4323 -61.24 13.79 26.22
CA ARG E 4323 -61.15 13.28 27.57
C ARG E 4323 -61.13 11.75 27.60
N GLU E 4324 -61.72 11.10 26.58
CA GLU E 4324 -61.74 9.65 26.52
C GLU E 4324 -60.35 9.06 26.31
N LYS E 4325 -59.53 9.69 25.47
CA LYS E 4325 -58.20 9.15 25.22
C LYS E 4325 -57.29 9.39 26.40
N GLU E 4326 -57.36 10.58 27.00
CA GLU E 4326 -56.37 11.00 27.98
C GLU E 4326 -56.50 10.24 29.28
N LEU E 4327 -57.67 9.70 29.58
CA LEU E 4327 -57.78 8.89 30.78
C LEU E 4327 -57.18 7.52 30.58
N ALA E 4328 -57.25 6.99 29.35
CA ALA E 4328 -56.66 5.70 29.05
C ALA E 4328 -55.13 5.75 29.15
N ARG E 4329 -54.55 6.90 28.82
CA ARG E 4329 -53.15 7.14 29.14
C ARG E 4329 -52.93 7.15 30.65
N LYS E 4330 -53.82 7.82 31.38
CA LYS E 4330 -53.67 7.98 32.81
C LYS E 4330 -54.17 6.78 33.61
N LEU E 4331 -54.68 5.75 32.96
CA LEU E 4331 -55.05 4.53 33.67
C LEU E 4331 -54.26 3.32 33.25
N GLU E 4332 -53.78 3.27 32.02
CA GLU E 4332 -52.89 2.18 31.65
C GLU E 4332 -51.45 2.52 31.95
N PHE E 4333 -50.97 3.64 31.42
CA PHE E 4333 -49.60 4.05 31.68
C PHE E 4333 -49.43 4.68 33.05
N ASP E 4334 -50.51 5.10 33.69
CA ASP E 4334 -50.43 5.70 35.01
C ASP E 4334 -51.35 4.96 35.97
N GLY E 4335 -51.04 5.08 37.25
CA GLY E 4335 -51.84 4.50 38.30
C GLY E 4335 -52.61 5.59 39.01
N LEU E 4336 -53.18 6.50 38.20
CA LEU E 4336 -53.87 7.67 38.73
C LEU E 4336 -55.07 7.28 39.59
N TYR E 4337 -55.91 6.38 39.10
CA TYR E 4337 -56.96 5.85 39.94
C TYR E 4337 -56.64 4.47 40.50
N ILE E 4338 -55.62 3.79 39.97
CA ILE E 4338 -55.26 2.48 40.51
C ILE E 4338 -54.26 2.64 41.64
N THR E 4339 -53.09 3.18 41.33
CA THR E 4339 -51.99 3.11 42.28
C THR E 4339 -52.11 4.19 43.35
N GLU E 4340 -52.00 5.46 42.96
CA GLU E 4340 -51.90 6.46 44.01
C GLU E 4340 -53.21 7.17 44.30
N GLN E 4341 -53.61 8.11 43.43
CA GLN E 4341 -54.57 9.16 43.79
C GLN E 4341 -54.78 10.09 42.60
N PRO E 4342 -55.93 10.77 42.51
CA PRO E 4342 -55.99 11.98 41.67
C PRO E 4342 -55.20 13.15 42.26
N GLY E 4343 -55.29 14.31 41.62
CA GLY E 4343 -54.53 15.43 42.15
C GLY E 4343 -55.09 16.10 43.38
N ASP E 4344 -56.26 15.66 43.87
CA ASP E 4344 -57.05 16.19 45.00
C ASP E 4344 -57.59 17.59 44.74
N ASP E 4345 -57.30 18.19 43.59
CA ASP E 4345 -57.85 19.44 43.10
C ASP E 4345 -58.19 19.14 41.66
N ASP E 4346 -58.42 20.20 40.85
CA ASP E 4346 -58.65 20.10 39.41
C ASP E 4346 -59.86 19.20 39.12
N VAL E 4347 -61.01 19.71 39.55
CA VAL E 4347 -62.21 18.92 39.85
C VAL E 4347 -62.73 18.09 38.69
N LYS E 4348 -62.28 18.35 37.46
CA LYS E 4348 -62.47 17.40 36.38
C LYS E 4348 -61.85 16.05 36.68
N GLY E 4349 -60.69 16.02 37.35
CA GLY E 4349 -60.14 14.75 37.81
C GLY E 4349 -60.96 14.18 38.94
N GLN E 4350 -61.51 15.07 39.77
CA GLN E 4350 -62.49 14.65 40.77
C GLN E 4350 -63.79 14.23 40.09
N TRP E 4351 -64.12 14.82 38.95
CA TRP E 4351 -65.35 14.49 38.24
C TRP E 4351 -65.30 13.11 37.61
N ASP E 4352 -64.12 12.63 37.24
CA ASP E 4352 -64.01 11.38 36.53
C ASP E 4352 -64.12 10.16 37.43
N ARG E 4353 -64.15 10.35 38.75
CA ARG E 4353 -64.45 9.24 39.66
C ARG E 4353 -65.84 8.69 39.44
N LEU E 4354 -66.77 9.55 39.01
CA LEU E 4354 -68.16 9.16 38.85
C LEU E 4354 -68.38 8.21 37.68
N VAL E 4355 -67.46 8.18 36.71
CA VAL E 4355 -67.67 7.42 35.48
C VAL E 4355 -66.88 6.11 35.46
N LEU E 4356 -66.05 5.87 36.47
CA LEU E 4356 -65.13 4.73 36.48
C LEU E 4356 -65.85 3.39 36.41
N ASN E 4357 -67.01 3.26 37.06
CA ASN E 4357 -67.70 1.99 37.07
C ASN E 4357 -68.77 1.88 35.99
N THR E 4358 -68.86 2.85 35.11
CA THR E 4358 -69.84 2.74 34.04
C THR E 4358 -69.34 1.74 32.99
N PRO E 4359 -70.19 0.83 32.54
CA PRO E 4359 -69.82 -0.03 31.40
C PRO E 4359 -69.73 0.73 30.09
N SER E 4360 -70.37 1.89 29.99
CA SER E 4360 -70.28 2.74 28.81
C SER E 4360 -69.15 3.75 28.93
N PHE E 4361 -68.14 3.43 29.75
CA PHE E 4361 -66.99 4.32 29.92
C PHE E 4361 -66.20 4.57 28.63
N PRO E 4362 -65.71 3.54 27.87
CA PRO E 4362 -64.85 3.88 26.73
C PRO E 4362 -65.63 4.19 25.46
N SER E 4363 -66.93 4.51 25.60
CA SER E 4363 -67.89 4.49 24.49
C SER E 4363 -67.54 5.43 23.34
N ASN E 4364 -66.72 6.46 23.56
CA ASN E 4364 -66.30 7.31 22.46
C ASN E 4364 -64.89 6.97 21.98
N TYR E 4365 -64.07 6.36 22.83
CA TYR E 4365 -62.73 5.96 22.42
C TYR E 4365 -62.80 4.67 21.58
N TRP E 4366 -61.74 4.43 20.80
CA TRP E 4366 -61.73 3.30 19.89
C TRP E 4366 -61.58 1.98 20.63
N ASP E 4367 -60.44 1.79 21.30
CA ASP E 4367 -60.20 0.55 22.03
C ASP E 4367 -61.05 0.53 23.29
N LYS E 4368 -62.02 -0.38 23.31
CA LYS E 4368 -62.87 -0.56 24.47
C LYS E 4368 -62.45 -1.76 25.29
N PHE E 4369 -61.14 -2.07 25.28
CA PHE E 4369 -60.62 -3.25 25.93
C PHE E 4369 -59.43 -2.92 26.81
N VAL E 4370 -59.18 -1.62 27.04
CA VAL E 4370 -58.12 -1.17 27.92
C VAL E 4370 -58.40 -1.55 29.37
N LYS E 4371 -59.68 -1.74 29.73
CA LYS E 4371 -60.02 -2.22 31.06
C LYS E 4371 -59.47 -3.61 31.32
N ARG E 4372 -59.43 -4.45 30.29
CA ARG E 4372 -58.73 -5.72 30.39
C ARG E 4372 -57.23 -5.50 30.57
N LYS E 4373 -56.69 -4.49 29.89
CA LYS E 4373 -55.26 -4.23 29.97
C LYS E 4373 -54.86 -3.68 31.32
N VAL E 4374 -55.77 -2.97 31.99
CA VAL E 4374 -55.51 -2.55 33.36
C VAL E 4374 -55.52 -3.75 34.28
N LEU E 4375 -56.44 -4.70 34.04
CA LEU E 4375 -56.40 -5.98 34.74
C LEU E 4375 -55.13 -6.75 34.40
N ASP E 4376 -54.62 -6.57 33.18
CA ASP E 4376 -53.37 -7.20 32.80
C ASP E 4376 -52.20 -6.58 33.54
N LYS E 4377 -52.11 -5.25 33.51
CA LYS E 4377 -50.93 -4.56 34.03
C LYS E 4377 -51.01 -4.35 35.54
N HIS E 4378 -52.15 -3.84 36.02
CA HIS E 4378 -52.24 -3.43 37.41
C HIS E 4378 -53.02 -4.39 38.29
N GLY E 4379 -53.79 -5.30 37.70
CA GLY E 4379 -54.56 -6.25 38.49
C GLY E 4379 -53.72 -7.26 39.24
N ASP E 4380 -52.48 -7.49 38.82
CA ASP E 4380 -51.66 -8.51 39.45
C ASP E 4380 -51.12 -8.02 40.79
N ILE E 4381 -50.48 -6.85 40.79
CA ILE E 4381 -49.82 -6.36 42.00
C ILE E 4381 -50.77 -5.89 43.06
N PHE E 4382 -52.01 -5.57 42.70
CA PHE E 4382 -53.02 -5.06 43.61
C PHE E 4382 -54.18 -6.05 43.63
N GLY E 4383 -55.29 -5.65 44.23
CA GLY E 4383 -56.49 -6.46 44.29
C GLY E 4383 -57.04 -6.74 42.92
N ARG E 4384 -56.98 -8.00 42.49
CA ARG E 4384 -57.35 -8.33 41.12
C ARG E 4384 -58.86 -8.22 40.92
N GLU E 4385 -59.63 -8.74 41.86
CA GLU E 4385 -61.07 -8.48 41.87
C GLU E 4385 -61.38 -7.03 42.21
N ARG E 4386 -60.48 -6.37 42.95
CA ARG E 4386 -60.67 -4.96 43.26
C ARG E 4386 -60.60 -4.11 42.00
N ILE E 4387 -59.61 -4.36 41.14
CA ILE E 4387 -59.56 -3.66 39.86
C ILE E 4387 -60.69 -4.14 38.96
N ALA E 4388 -61.07 -5.41 39.08
CA ALA E 4388 -62.28 -5.93 38.44
C ALA E 4388 -63.56 -5.47 39.13
N GLU E 4389 -63.44 -4.67 40.19
CA GLU E 4389 -64.53 -3.88 40.75
C GLU E 4389 -64.36 -2.39 40.50
N LEU E 4390 -63.11 -1.91 40.45
CA LEU E 4390 -62.85 -0.47 40.42
C LEU E 4390 -63.23 0.14 39.09
N LEU E 4391 -63.28 -0.66 38.03
CA LEU E 4391 -63.73 -0.20 36.72
C LEU E 4391 -65.14 -0.66 36.41
N GLY E 4392 -65.95 -0.89 37.43
CA GLY E 4392 -67.17 -1.65 37.21
C GLY E 4392 -66.75 -3.07 36.95
N MET E 4393 -66.99 -3.53 35.71
CA MET E 4393 -66.70 -4.90 35.26
C MET E 4393 -67.33 -5.93 36.18
N ASP E 4394 -68.62 -5.76 36.43
CA ASP E 4394 -69.36 -6.58 37.38
C ASP E 4394 -69.46 -8.00 36.85
N LEU E 4395 -68.86 -8.94 37.60
CA LEU E 4395 -68.73 -10.37 37.27
C LEU E 4395 -67.96 -10.61 35.97
N ALA E 4396 -67.23 -9.61 35.48
CA ALA E 4396 -66.45 -9.76 34.26
C ALA E 4396 -65.20 -10.59 34.47
N SER E 4397 -64.73 -10.72 35.72
CA SER E 4397 -63.72 -11.73 36.03
C SER E 4397 -64.26 -13.13 35.80
N LEU E 4398 -65.56 -13.33 36.03
CA LEU E 4398 -66.24 -14.54 35.63
C LEU E 4398 -66.78 -14.47 34.20
N GLU E 4399 -67.11 -13.26 33.72
CA GLU E 4399 -67.58 -13.13 32.35
C GLU E 4399 -66.44 -12.92 31.36
N ILE E 4400 -65.19 -13.05 31.77
CA ILE E 4400 -64.10 -13.12 30.81
C ILE E 4400 -64.16 -14.44 30.05
N THR E 4401 -64.18 -15.55 30.79
CA THR E 4401 -64.32 -16.86 30.16
C THR E 4401 -65.74 -17.14 29.71
N ALA E 4402 -66.74 -16.54 30.36
CA ALA E 4402 -68.12 -16.74 29.95
C ALA E 4402 -68.46 -16.02 28.65
N HIS E 4403 -67.80 -14.90 28.37
CA HIS E 4403 -67.89 -14.29 27.04
C HIS E 4403 -66.76 -14.78 26.13
N ASN E 4404 -66.61 -16.10 26.09
CA ASN E 4404 -65.73 -16.76 25.14
C ASN E 4404 -66.39 -17.91 24.39
N GLU E 4405 -67.36 -18.60 25.00
CA GLU E 4405 -68.06 -19.70 24.34
C GLU E 4405 -68.85 -19.21 23.12
N ARG E 4406 -69.87 -18.40 23.35
CA ARG E 4406 -70.71 -17.87 22.28
C ARG E 4406 -71.43 -16.64 22.80
N LYS E 4407 -72.18 -15.99 21.92
CA LYS E 4407 -72.98 -14.82 22.27
C LYS E 4407 -74.16 -14.69 21.32
N PRO E 4408 -75.37 -15.04 21.74
CA PRO E 4408 -76.54 -14.82 20.88
C PRO E 4408 -76.97 -13.36 20.90
N ASP E 4409 -77.81 -13.02 19.94
CA ASP E 4409 -78.23 -11.63 19.72
C ASP E 4409 -79.70 -11.45 20.09
N PRO E 4410 -80.03 -10.56 21.02
CA PRO E 4410 -81.43 -10.29 21.34
C PRO E 4410 -82.01 -9.26 20.38
N PRO E 4411 -83.33 -9.27 20.17
CA PRO E 4411 -83.94 -8.31 19.26
C PRO E 4411 -84.18 -6.97 19.94
N PRO E 4412 -84.18 -5.87 19.19
CA PRO E 4412 -84.40 -4.55 19.80
C PRO E 4412 -85.89 -4.20 19.88
N GLY E 4413 -86.29 -3.67 21.04
CA GLY E 4413 -87.67 -3.28 21.28
C GLY E 4413 -87.85 -1.81 21.62
N LEU E 4414 -87.20 -0.92 20.85
CA LEU E 4414 -86.92 0.45 21.24
C LEU E 4414 -88.19 1.29 21.44
N LEU E 4415 -87.99 2.47 22.04
CA LEU E 4415 -88.98 3.45 22.50
C LEU E 4415 -89.87 2.93 23.63
N THR E 4416 -89.57 1.75 24.18
CA THR E 4416 -90.29 1.21 25.34
C THR E 4416 -89.36 0.89 26.49
N TRP E 4417 -88.16 0.36 26.21
CA TRP E 4417 -87.19 0.05 27.25
C TRP E 4417 -86.19 1.17 27.47
N LEU E 4418 -86.33 2.30 26.74
CA LEU E 4418 -85.29 3.33 26.61
C LEU E 4418 -84.93 4.01 27.94
N MET E 4419 -85.69 3.77 29.00
CA MET E 4419 -85.24 4.09 30.36
C MET E 4419 -84.03 3.27 30.79
N SER E 4420 -83.73 2.15 30.11
CA SER E 4420 -82.55 1.35 30.40
C SER E 4420 -81.37 1.88 29.57
N ILE E 4421 -80.94 3.09 29.92
CA ILE E 4421 -79.69 3.66 29.44
C ILE E 4421 -78.85 4.03 30.65
N ASP E 4422 -77.55 4.17 30.43
CA ASP E 4422 -76.62 4.36 31.54
C ASP E 4422 -76.69 5.81 32.01
N VAL E 4423 -77.48 6.01 33.06
CA VAL E 4423 -77.77 7.36 33.55
C VAL E 4423 -76.54 7.95 34.22
N LYS E 4424 -75.79 7.12 34.97
CA LYS E 4424 -74.54 7.55 35.59
C LYS E 4424 -73.53 8.01 34.55
N TYR E 4425 -73.50 7.37 33.39
CA TYR E 4425 -72.66 7.86 32.31
C TYR E 4425 -73.21 9.15 31.73
N GLN E 4426 -74.54 9.31 31.71
CA GLN E 4426 -75.14 10.54 31.18
C GLN E 4426 -74.93 11.74 32.09
N ILE E 4427 -75.00 11.53 33.41
CA ILE E 4427 -74.80 12.62 34.36
C ILE E 4427 -73.35 13.07 34.34
N TRP E 4428 -72.43 12.12 34.25
CA TRP E 4428 -71.02 12.43 34.02
C TRP E 4428 -70.82 13.14 32.70
N LYS E 4429 -71.54 12.70 31.65
CA LYS E 4429 -71.39 13.25 30.31
C LYS E 4429 -71.71 14.73 30.26
N PHE E 4430 -72.88 15.11 30.76
CA PHE E 4430 -73.32 16.49 30.69
C PHE E 4430 -72.47 17.39 31.55
N GLY E 4431 -72.00 16.87 32.68
CA GLY E 4431 -71.13 17.65 33.55
C GLY E 4431 -69.75 17.85 32.96
N VAL E 4432 -69.29 16.90 32.13
CA VAL E 4432 -68.06 17.10 31.37
C VAL E 4432 -68.24 18.24 30.38
N ILE E 4433 -69.39 18.29 29.72
CA ILE E 4433 -69.67 19.39 28.81
C ILE E 4433 -69.89 20.68 29.60
N PHE E 4434 -70.29 20.54 30.86
CA PHE E 4434 -70.40 21.71 31.75
C PHE E 4434 -69.02 22.22 32.16
N THR E 4435 -68.00 21.35 32.14
CA THR E 4435 -66.66 21.83 32.46
C THR E 4435 -66.05 22.62 31.31
N ASP E 4436 -66.52 22.37 30.09
CA ASP E 4436 -65.99 23.09 28.94
C ASP E 4436 -66.49 24.52 28.90
N ASN E 4437 -65.56 25.46 28.69
CA ASN E 4437 -65.91 26.87 28.74
C ASN E 4437 -66.70 27.30 27.51
N SER E 4438 -66.40 26.71 26.36
CA SER E 4438 -67.06 27.13 25.12
C SER E 4438 -68.52 26.70 25.09
N PHE E 4439 -68.84 25.55 25.67
CA PHE E 4439 -70.23 25.19 25.87
C PHE E 4439 -70.90 26.09 26.89
N LEU E 4440 -70.18 26.43 27.96
CA LEU E 4440 -70.69 27.38 28.94
C LEU E 4440 -70.83 28.76 28.34
N TYR E 4441 -70.02 29.08 27.33
CA TYR E 4441 -70.12 30.41 26.73
C TYR E 4441 -71.30 30.50 25.79
N LEU E 4442 -71.47 29.50 24.91
CA LEU E 4442 -72.56 29.55 23.95
C LEU E 4442 -73.89 29.28 24.61
N GLY E 4443 -73.86 28.57 25.75
CA GLY E 4443 -75.06 28.48 26.57
C GLY E 4443 -75.42 29.80 27.22
N TRP E 4444 -74.42 30.49 27.77
CA TRP E 4444 -74.65 31.80 28.37
C TRP E 4444 -74.95 32.85 27.31
N TYR E 4445 -74.47 32.63 26.08
CA TYR E 4445 -74.83 33.49 24.96
C TYR E 4445 -76.31 33.35 24.61
N MET E 4446 -76.88 32.17 24.86
CA MET E 4446 -78.28 31.91 24.54
C MET E 4446 -79.22 32.62 25.50
N VAL E 4447 -78.76 32.90 26.71
CA VAL E 4447 -79.65 33.33 27.79
C VAL E 4447 -80.16 34.75 27.53
N MET E 4448 -79.32 35.61 26.97
CA MET E 4448 -79.70 37.00 26.76
C MET E 4448 -80.76 37.15 25.67
N SER E 4449 -80.90 36.15 24.80
CA SER E 4449 -81.97 36.20 23.81
C SER E 4449 -83.33 36.02 24.46
N LEU E 4450 -83.39 35.22 25.52
CA LEU E 4450 -84.62 35.12 26.31
C LEU E 4450 -84.90 36.43 27.02
N LEU E 4451 -83.85 37.09 27.50
CA LEU E 4451 -84.00 38.36 28.19
C LEU E 4451 -84.32 39.50 27.23
N GLY E 4452 -84.09 39.31 25.93
CA GLY E 4452 -84.48 40.31 24.95
C GLY E 4452 -85.98 40.46 24.80
N HIS E 4453 -86.75 39.43 25.16
CA HIS E 4453 -88.20 39.56 25.20
C HIS E 4453 -88.67 40.57 26.24
N TYR E 4454 -87.94 40.70 27.33
CA TYR E 4454 -88.12 41.86 28.19
C TYR E 4454 -87.63 43.10 27.46
N ASN E 4455 -88.40 44.18 27.57
CA ASN E 4455 -88.13 45.43 26.84
C ASN E 4455 -86.93 46.10 27.49
N ASN E 4456 -85.75 45.61 27.14
CA ASN E 4456 -84.51 46.00 27.81
C ASN E 4456 -83.37 45.95 26.80
N PHE E 4457 -82.14 45.90 27.31
CA PHE E 4457 -80.95 46.06 26.48
C PHE E 4457 -80.68 44.85 25.60
N PHE E 4458 -81.20 43.69 25.99
CA PHE E 4458 -80.56 42.39 25.78
C PHE E 4458 -80.49 41.92 24.32
N PHE E 4459 -80.78 42.73 23.31
CA PHE E 4459 -80.27 42.44 21.99
C PHE E 4459 -78.91 43.09 21.77
N ALA E 4460 -78.48 43.94 22.71
CA ALA E 4460 -77.17 44.57 22.59
C ALA E 4460 -76.09 43.74 23.28
N ALA E 4461 -76.47 42.62 23.88
CA ALA E 4461 -75.48 41.77 24.52
C ALA E 4461 -74.84 40.82 23.51
N HIS E 4462 -75.57 40.50 22.45
CA HIS E 4462 -75.07 39.52 21.49
C HIS E 4462 -74.11 40.14 20.50
N LEU E 4463 -74.14 41.47 20.37
CA LEU E 4463 -73.32 42.13 19.36
C LEU E 4463 -71.86 42.22 19.78
N LEU E 4464 -71.57 41.93 21.05
CA LEU E 4464 -70.19 41.94 21.51
C LEU E 4464 -69.44 40.72 20.99
N ASP E 4465 -70.09 39.55 21.01
CA ASP E 4465 -69.40 38.32 20.67
C ASP E 4465 -69.30 38.12 19.17
N ILE E 4466 -70.22 38.71 18.41
CA ILE E 4466 -70.13 38.60 16.95
C ILE E 4466 -69.01 39.48 16.42
N ALA E 4467 -68.60 40.49 17.22
CA ALA E 4467 -67.31 41.12 16.97
C ALA E 4467 -66.18 40.20 17.42
N MET E 4468 -66.34 39.56 18.59
CA MET E 4468 -65.30 38.68 19.12
C MET E 4468 -65.20 37.40 18.30
N GLY E 4469 -66.26 37.04 17.59
CA GLY E 4469 -66.22 35.84 16.76
C GLY E 4469 -65.31 35.98 15.56
N VAL E 4470 -65.04 37.23 15.13
CA VAL E 4470 -64.05 37.45 14.10
C VAL E 4470 -62.67 37.30 14.73
N LYS E 4471 -61.82 36.49 14.08
CA LYS E 4471 -60.54 36.13 14.68
C LYS E 4471 -59.56 37.28 14.67
N THR E 4472 -59.66 38.18 13.69
CA THR E 4472 -58.74 39.31 13.61
C THR E 4472 -59.06 40.34 14.68
N LEU E 4473 -60.30 40.37 15.14
CA LEU E 4473 -60.62 41.12 16.35
C LEU E 4473 -59.93 40.52 17.55
N ARG E 4474 -59.88 39.19 17.61
CA ARG E 4474 -59.31 38.51 18.76
C ARG E 4474 -57.81 38.70 18.82
N THR E 4475 -57.17 38.90 17.66
CA THR E 4475 -55.76 39.27 17.62
C THR E 4475 -55.50 40.57 18.38
N ILE E 4476 -56.43 41.51 18.28
CA ILE E 4476 -56.30 42.75 19.03
C ILE E 4476 -56.58 42.50 20.50
N LEU E 4477 -57.56 41.64 20.78
CA LEU E 4477 -57.96 41.37 22.16
C LEU E 4477 -56.91 40.54 22.90
N SER E 4478 -56.45 39.45 22.27
CA SER E 4478 -55.59 38.50 22.97
C SER E 4478 -54.22 39.10 23.24
N SER E 4479 -53.83 40.10 22.46
CA SER E 4479 -52.62 40.87 22.76
C SER E 4479 -52.73 41.54 24.12
N VAL E 4480 -53.87 42.18 24.39
CA VAL E 4480 -54.07 42.80 25.69
C VAL E 4480 -54.30 41.72 26.75
N THR E 4481 -54.90 40.61 26.34
CA THR E 4481 -55.14 39.51 27.28
C THR E 4481 -53.83 38.79 27.60
N HIS E 4482 -52.85 38.86 26.68
CA HIS E 4482 -51.54 38.26 26.91
C HIS E 4482 -50.81 38.94 28.05
N ASN E 4483 -50.61 40.25 27.94
CA ASN E 4483 -49.89 41.01 28.94
C ASN E 4483 -50.81 41.63 29.98
N GLY E 4484 -52.04 41.14 30.11
CA GLY E 4484 -52.99 41.73 31.03
C GLY E 4484 -52.66 41.46 32.48
N LYS E 4485 -51.90 40.39 32.74
CA LYS E 4485 -51.59 40.02 34.12
C LYS E 4485 -50.59 40.99 34.73
N GLN E 4486 -49.84 41.70 33.90
CA GLN E 4486 -49.05 42.82 34.38
C GLN E 4486 -49.89 44.08 34.44
N LEU E 4487 -50.88 44.20 33.55
CA LEU E 4487 -51.73 45.38 33.49
C LEU E 4487 -52.61 45.49 34.73
N VAL E 4488 -53.07 44.35 35.24
CA VAL E 4488 -53.93 44.36 36.42
C VAL E 4488 -53.12 44.68 37.67
N MET E 4489 -51.81 44.44 37.61
CA MET E 4489 -50.96 44.90 38.71
C MET E 4489 -50.53 46.34 38.51
N THR E 4490 -50.47 46.78 37.24
CA THR E 4490 -50.02 48.13 36.94
C THR E 4490 -51.02 49.17 37.43
N VAL E 4491 -52.31 48.86 37.35
CA VAL E 4491 -53.33 49.80 37.81
C VAL E 4491 -53.37 49.85 39.33
N GLY E 4492 -52.82 48.82 39.99
CA GLY E 4492 -52.74 48.86 41.44
C GLY E 4492 -51.72 49.87 41.94
N LEU E 4493 -50.74 50.20 41.10
CA LEU E 4493 -49.76 51.22 41.47
C LEU E 4493 -50.39 52.60 41.43
N LEU E 4494 -51.39 52.78 40.55
CA LEU E 4494 -51.97 54.10 40.35
C LEU E 4494 -52.78 54.54 41.56
N ALA E 4495 -53.45 53.59 42.22
CA ALA E 4495 -54.29 53.96 43.36
C ALA E 4495 -53.47 54.23 44.60
N VAL E 4496 -52.29 53.60 44.72
CA VAL E 4496 -51.55 53.70 45.97
C VAL E 4496 -50.69 54.95 46.01
N VAL E 4497 -50.33 55.53 44.85
CA VAL E 4497 -49.51 56.73 44.86
C VAL E 4497 -50.36 57.95 45.20
N VAL E 4498 -51.56 58.03 44.64
CA VAL E 4498 -52.48 59.08 45.02
C VAL E 4498 -52.98 58.88 46.45
N TYR E 4499 -52.92 57.65 46.96
CA TYR E 4499 -53.22 57.39 48.36
C TYR E 4499 -52.16 58.00 49.26
N LEU E 4500 -50.88 57.88 48.87
CA LEU E 4500 -49.80 58.42 49.66
C LEU E 4500 -49.85 59.94 49.69
N TYR E 4501 -50.25 60.56 48.61
CA TYR E 4501 -50.27 62.02 48.55
C TYR E 4501 -51.64 62.59 48.80
N THR E 4502 -52.61 61.75 49.12
CA THR E 4502 -53.86 62.17 49.71
C THR E 4502 -53.66 62.73 51.10
N VAL E 4503 -52.95 62.00 51.97
CA VAL E 4503 -52.82 62.38 53.37
C VAL E 4503 -51.95 63.63 53.52
N VAL E 4504 -51.01 63.83 52.60
CA VAL E 4504 -50.24 65.07 52.58
C VAL E 4504 -51.15 66.24 52.22
N ALA E 4505 -52.00 66.05 51.22
CA ALA E 4505 -53.03 67.03 50.93
C ALA E 4505 -54.14 67.05 51.97
N PHE E 4506 -54.28 65.97 52.75
CA PHE E 4506 -55.29 65.98 53.81
C PHE E 4506 -54.75 66.62 55.08
N ASN E 4507 -53.55 66.27 55.52
CA ASN E 4507 -53.05 66.73 56.80
C ASN E 4507 -52.21 67.99 56.74
N PHE E 4508 -51.53 68.27 55.62
CA PHE E 4508 -50.73 69.47 55.51
C PHE E 4508 -51.33 70.51 54.57
N PHE E 4509 -52.06 70.07 53.55
CA PHE E 4509 -52.66 71.03 52.62
C PHE E 4509 -54.15 71.11 52.88
N ARG E 4510 -54.51 71.12 54.17
CA ARG E 4510 -55.89 70.85 54.60
C ARG E 4510 -56.83 71.98 54.22
N LYS E 4511 -56.58 73.18 54.74
CA LYS E 4511 -57.42 74.35 54.55
C LYS E 4511 -57.29 74.97 53.16
N PHE E 4512 -56.59 74.33 52.24
CA PHE E 4512 -56.26 74.93 50.96
C PHE E 4512 -57.21 74.52 49.85
N TYR E 4513 -58.06 73.52 50.07
CA TYR E 4513 -58.97 73.02 49.04
C TYR E 4513 -59.99 74.05 48.57
N ASN E 4514 -60.91 74.42 49.46
CA ASN E 4514 -61.81 75.57 49.30
C ASN E 4514 -62.68 75.44 48.05
N LYS E 4515 -63.64 74.51 48.13
CA LYS E 4515 -64.44 74.08 46.97
C LYS E 4515 -65.33 75.13 46.31
N SER E 4516 -65.30 76.38 46.80
CA SER E 4516 -65.62 77.58 46.03
C SER E 4516 -67.11 77.69 45.69
N GLU E 4517 -67.98 77.31 46.62
CA GLU E 4517 -69.37 77.72 46.54
C GLU E 4517 -69.48 79.17 47.02
N ASP E 4518 -70.50 79.87 46.54
CA ASP E 4518 -70.63 81.30 46.85
C ASP E 4518 -71.01 81.51 48.30
N GLU E 4519 -70.16 82.28 49.01
CA GLU E 4519 -70.34 82.83 50.36
C GLU E 4519 -70.22 81.78 51.46
N ASP E 4520 -70.21 80.51 51.08
CA ASP E 4520 -70.11 79.39 51.99
C ASP E 4520 -69.25 78.32 51.34
N GLU E 4521 -68.50 77.56 52.14
CA GLU E 4521 -67.75 76.42 51.55
C GLU E 4521 -68.08 75.16 52.36
N PRO E 4522 -69.34 74.67 52.40
CA PRO E 4522 -69.69 73.53 53.24
C PRO E 4522 -68.84 72.39 52.65
N ASP E 4523 -68.76 72.33 51.33
CA ASP E 4523 -67.92 71.35 50.67
C ASP E 4523 -66.46 71.74 50.88
N MET E 4524 -65.73 70.89 51.58
CA MET E 4524 -64.30 70.72 51.40
C MET E 4524 -64.02 69.23 51.52
N LYS E 4525 -63.10 68.74 50.69
CA LYS E 4525 -62.80 67.33 50.78
C LYS E 4525 -61.92 66.99 51.98
N CYS E 4526 -61.33 68.01 52.62
CA CYS E 4526 -60.71 67.84 53.93
C CYS E 4526 -61.74 68.09 55.04
N ASP E 4527 -62.83 67.34 54.95
CA ASP E 4527 -63.80 67.22 56.04
C ASP E 4527 -63.85 65.80 56.58
N ASP E 4528 -64.08 64.83 55.71
CA ASP E 4528 -63.91 63.43 56.05
C ASP E 4528 -62.73 62.87 55.25
N MET E 4529 -62.40 61.61 55.52
CA MET E 4529 -61.17 61.07 54.97
C MET E 4529 -61.42 60.20 53.74
N MET E 4530 -62.51 59.44 53.71
CA MET E 4530 -62.97 58.88 52.44
C MET E 4530 -63.35 59.97 51.45
N THR E 4531 -63.87 61.10 51.95
CA THR E 4531 -64.23 62.23 51.11
C THR E 4531 -63.01 62.82 50.43
N CYS E 4532 -61.84 62.75 51.08
CA CYS E 4532 -60.63 63.30 50.48
C CYS E 4532 -60.10 62.41 49.37
N TYR E 4533 -59.89 61.13 49.65
CA TYR E 4533 -59.21 60.24 48.71
C TYR E 4533 -60.06 59.89 47.51
N LEU E 4534 -61.39 59.92 47.65
CA LEU E 4534 -62.26 59.73 46.49
C LEU E 4534 -62.12 60.91 45.52
N PHE E 4535 -61.88 62.09 46.06
CA PHE E 4535 -61.66 63.27 45.22
C PHE E 4535 -60.33 63.20 44.48
N HIS E 4536 -59.29 62.66 45.12
CA HIS E 4536 -57.98 62.51 44.47
C HIS E 4536 -58.06 61.53 43.30
N MET E 4537 -58.79 60.42 43.49
CA MET E 4537 -58.92 59.44 42.42
C MET E 4537 -59.78 59.97 41.28
N TYR E 4538 -60.60 60.97 41.54
CA TYR E 4538 -61.53 61.45 40.53
C TYR E 4538 -60.93 62.52 39.63
N VAL E 4539 -60.07 63.37 40.18
CA VAL E 4539 -59.66 64.61 39.53
C VAL E 4539 -58.23 64.52 39.00
N GLY E 4540 -57.26 64.30 39.91
CA GLY E 4540 -55.87 64.60 39.58
C GLY E 4540 -55.26 63.64 38.60
N VAL E 4541 -55.78 62.41 38.54
CA VAL E 4541 -55.37 61.44 37.53
C VAL E 4541 -56.08 61.63 36.21
N ARG E 4542 -57.04 62.56 36.15
CA ARG E 4542 -57.90 62.71 34.99
C ARG E 4542 -57.83 64.11 34.38
N ALA E 4543 -57.52 65.12 35.19
CA ALA E 4543 -57.68 66.52 34.79
C ALA E 4543 -56.73 66.94 33.69
N GLY E 4544 -55.58 66.28 33.58
CA GLY E 4544 -54.63 66.67 32.56
C GLY E 4544 -53.89 67.94 32.92
N GLY E 4545 -53.09 67.88 33.98
CA GLY E 4545 -52.39 69.03 34.49
C GLY E 4545 -52.27 68.95 35.99
N GLY E 4546 -52.79 67.87 36.55
CA GLY E 4546 -52.71 67.61 37.97
C GLY E 4546 -54.00 67.99 38.66
N ILE E 4547 -53.99 67.81 39.99
CA ILE E 4547 -55.14 68.18 40.79
C ILE E 4547 -55.10 69.66 41.16
N GLY E 4548 -53.95 70.33 40.97
CA GLY E 4548 -53.82 71.74 41.26
C GLY E 4548 -54.48 72.67 40.28
N ASP E 4549 -55.13 72.16 39.23
CA ASP E 4549 -55.85 73.02 38.30
C ASP E 4549 -57.16 73.50 38.88
N GLU E 4550 -57.67 72.85 39.92
CA GLU E 4550 -59.01 73.09 40.46
C GLU E 4550 -58.98 73.65 41.87
N ILE E 4551 -58.16 73.07 42.74
CA ILE E 4551 -57.86 73.67 44.04
C ILE E 4551 -57.15 74.99 43.78
N GLU E 4552 -57.47 75.99 44.62
CA GLU E 4552 -57.28 77.40 44.31
C GLU E 4552 -55.81 77.78 44.23
N ASP E 4553 -55.59 79.06 43.93
CA ASP E 4553 -54.27 79.57 43.58
C ASP E 4553 -53.37 79.60 44.80
N PRO E 4554 -52.18 79.00 44.74
CA PRO E 4554 -51.20 79.15 45.83
C PRO E 4554 -50.35 80.40 45.70
N ALA E 4555 -50.98 81.55 45.43
CA ALA E 4555 -50.28 82.81 45.30
C ALA E 4555 -50.07 83.51 46.65
N GLY E 4556 -50.41 82.85 47.75
CA GLY E 4556 -50.24 83.42 49.07
C GLY E 4556 -48.80 83.35 49.56
N ASP E 4557 -48.65 83.43 50.87
CA ASP E 4557 -47.33 83.43 51.48
C ASP E 4557 -47.18 82.29 52.48
N GLU E 4558 -48.28 81.90 53.14
CA GLU E 4558 -48.24 80.86 54.16
C GLU E 4558 -48.02 79.51 53.51
N TYR E 4559 -46.76 79.06 53.52
CA TYR E 4559 -46.28 77.81 52.94
C TYR E 4559 -46.62 77.65 51.46
N GLU E 4560 -46.86 78.76 50.75
CA GLU E 4560 -47.34 78.70 49.37
C GLU E 4560 -46.20 78.60 48.38
N LEU E 4561 -45.05 78.13 48.85
CA LEU E 4561 -43.95 77.62 48.04
C LEU E 4561 -43.96 76.09 48.05
N TYR E 4562 -44.70 75.51 48.99
CA TYR E 4562 -44.75 74.07 49.15
C TYR E 4562 -46.05 73.50 48.60
N ARG E 4563 -47.13 74.30 48.67
CA ARG E 4563 -48.41 73.88 48.09
C ARG E 4563 -48.36 73.82 46.58
N VAL E 4564 -47.44 74.58 45.97
CA VAL E 4564 -47.47 74.74 44.51
C VAL E 4564 -46.66 73.66 43.82
N VAL E 4565 -45.37 73.52 44.15
CA VAL E 4565 -44.43 72.83 43.29
C VAL E 4565 -44.63 71.31 43.39
N PHE E 4566 -45.22 70.87 44.50
CA PHE E 4566 -45.33 69.44 44.79
C PHE E 4566 -46.27 68.73 43.83
N ASP E 4567 -47.42 69.32 43.55
CA ASP E 4567 -48.37 68.70 42.63
C ASP E 4567 -47.86 68.72 41.20
N ILE E 4568 -47.05 69.73 40.85
CA ILE E 4568 -46.63 69.89 39.47
C ILE E 4568 -45.59 68.84 39.12
N THR E 4569 -44.71 68.53 40.07
CA THR E 4569 -43.84 67.37 39.91
C THR E 4569 -44.64 66.07 39.97
N PHE E 4570 -45.73 66.07 40.75
CA PHE E 4570 -46.53 64.87 40.96
C PHE E 4570 -47.21 64.40 39.69
N PHE E 4571 -47.84 65.31 38.95
CA PHE E 4571 -48.54 64.94 37.73
C PHE E 4571 -47.57 64.40 36.67
N PHE E 4572 -46.35 64.93 36.66
CA PHE E 4572 -45.40 64.54 35.64
C PHE E 4572 -44.76 63.21 35.99
N PHE E 4573 -44.62 62.91 37.28
CA PHE E 4573 -43.79 61.77 37.65
C PHE E 4573 -44.58 60.47 37.73
N VAL E 4574 -45.91 60.55 37.70
CA VAL E 4574 -46.72 59.33 37.63
C VAL E 4574 -47.69 59.35 36.44
N ILE E 4575 -48.39 60.45 36.20
CA ILE E 4575 -49.51 60.40 35.25
C ILE E 4575 -48.96 60.40 33.83
N VAL E 4576 -47.80 61.03 33.63
CA VAL E 4576 -47.07 60.83 32.39
C VAL E 4576 -46.49 59.43 32.35
N ILE E 4577 -46.17 58.89 33.52
CA ILE E 4577 -45.32 57.70 33.58
C ILE E 4577 -46.15 56.43 33.68
N LEU E 4578 -47.13 56.41 34.60
CA LEU E 4578 -47.95 55.21 34.77
C LEU E 4578 -48.83 54.97 33.56
N LEU E 4579 -49.25 56.04 32.89
CA LEU E 4579 -49.90 55.88 31.59
C LEU E 4579 -48.93 55.34 30.56
N ALA E 4580 -47.65 55.73 30.65
CA ALA E 4580 -46.66 55.23 29.71
C ALA E 4580 -46.40 53.75 29.93
N ILE E 4581 -46.39 53.32 31.19
CA ILE E 4581 -46.25 51.89 31.48
C ILE E 4581 -47.46 51.12 30.98
N ILE E 4582 -48.63 51.75 31.00
CA ILE E 4582 -49.79 51.20 30.30
C ILE E 4582 -49.58 51.26 28.79
N GLN E 4583 -48.94 52.35 28.32
CA GLN E 4583 -48.90 52.63 26.88
C GLN E 4583 -48.07 51.62 26.11
N GLY E 4584 -46.76 51.56 26.38
CA GLY E 4584 -45.89 50.74 25.54
C GLY E 4584 -46.04 49.25 25.80
N LEU E 4585 -46.56 48.89 26.97
CA LEU E 4585 -46.76 47.49 27.27
C LEU E 4585 -47.91 46.91 26.47
N ILE E 4586 -48.86 47.77 26.09
CA ILE E 4586 -49.81 47.40 25.04
C ILE E 4586 -49.08 47.31 23.69
N ILE E 4587 -48.14 48.22 23.46
CA ILE E 4587 -47.42 48.23 22.19
C ILE E 4587 -46.44 47.06 22.14
N ASP E 4588 -45.91 46.68 23.30
CA ASP E 4588 -45.01 45.53 23.36
C ASP E 4588 -45.77 44.23 23.14
N ALA E 4589 -47.08 44.22 23.44
CA ALA E 4589 -47.90 43.09 23.04
C ALA E 4589 -47.97 42.99 21.52
N PHE E 4590 -48.30 44.09 20.86
CA PHE E 4590 -48.30 44.10 19.40
C PHE E 4590 -46.88 44.07 18.85
N GLY E 4591 -45.90 44.46 19.67
CA GLY E 4591 -44.52 44.31 19.25
C GLY E 4591 -44.06 42.86 19.24
N GLU E 4592 -44.23 42.17 20.37
CA GLU E 4592 -43.65 40.84 20.53
C GLU E 4592 -44.41 39.80 19.73
N LEU E 4593 -45.74 39.92 19.66
CA LEU E 4593 -46.54 38.85 19.07
C LEU E 4593 -46.32 38.74 17.58
N ARG E 4594 -46.16 39.87 16.89
CA ARG E 4594 -45.79 39.81 15.47
C ARG E 4594 -44.37 39.31 15.32
N ASP E 4595 -43.51 39.61 16.30
CA ASP E 4595 -42.15 39.08 16.26
C ASP E 4595 -42.16 37.61 16.61
N GLN E 4596 -43.08 37.21 17.47
CA GLN E 4596 -43.31 35.79 17.71
C GLN E 4596 -43.92 35.13 16.47
N GLN E 4597 -44.73 35.89 15.71
CA GLN E 4597 -45.39 35.31 14.55
C GLN E 4597 -44.42 35.11 13.39
N GLU E 4598 -43.47 36.02 13.22
CA GLU E 4598 -42.49 35.83 12.16
C GLU E 4598 -41.44 34.81 12.57
N GLN E 4599 -41.25 34.63 13.88
CA GLN E 4599 -40.32 33.64 14.37
C GLN E 4599 -40.80 32.22 14.06
N VAL E 4600 -42.09 31.97 14.22
CA VAL E 4600 -42.61 30.63 13.99
C VAL E 4600 -42.72 30.35 12.50
N LYS E 4601 -42.72 31.40 11.68
CA LYS E 4601 -42.79 31.21 10.24
C LYS E 4601 -41.45 30.76 9.68
N GLU E 4602 -40.36 31.42 10.08
CA GLU E 4602 -39.06 31.18 9.46
C GLU E 4602 -38.51 29.81 9.85
N ASP E 4603 -39.00 29.25 10.96
CA ASP E 4603 -38.54 27.94 11.39
C ASP E 4603 -38.99 26.86 10.43
N MET E 4604 -40.12 27.09 9.75
CA MET E 4604 -40.64 26.09 8.82
C MET E 4604 -39.81 26.02 7.55
N GLU E 4605 -39.17 27.13 7.19
CA GLU E 4605 -38.41 27.16 5.94
C GLU E 4605 -36.96 26.76 6.16
N THR E 4606 -36.49 26.78 7.40
CA THR E 4606 -35.09 26.46 7.65
C THR E 4606 -34.89 24.97 7.86
N LYS E 4607 -35.63 24.37 8.78
CA LYS E 4607 -35.48 22.95 9.03
C LYS E 4607 -36.83 22.28 8.92
N CYS E 4608 -36.82 21.01 8.53
CA CYS E 4608 -38.03 20.22 8.56
C CYS E 4608 -38.45 19.97 9.99
N PHE E 4609 -39.73 19.69 10.17
CA PHE E 4609 -40.16 19.30 11.50
C PHE E 4609 -39.77 17.87 11.80
N ILE E 4610 -39.83 17.00 10.79
CA ILE E 4610 -39.61 15.58 11.04
C ILE E 4610 -38.14 15.29 11.22
N CYS E 4611 -37.33 15.52 10.20
CA CYS E 4611 -35.89 15.45 10.36
C CYS E 4611 -35.44 16.77 10.98
N GLY E 4612 -34.61 16.68 12.02
CA GLY E 4612 -34.21 17.88 12.73
C GLY E 4612 -33.12 18.66 12.00
N ILE E 4613 -32.65 18.13 10.87
CA ILE E 4613 -31.59 18.77 10.11
C ILE E 4613 -32.14 20.03 9.46
N GLY E 4614 -31.32 21.09 9.45
CA GLY E 4614 -31.63 22.28 8.69
C GLY E 4614 -31.61 22.04 7.18
N SER E 4615 -31.82 23.12 6.43
CA SER E 4615 -31.88 22.99 4.98
C SER E 4615 -30.52 22.69 4.38
N ASP E 4616 -29.45 23.06 5.09
CA ASP E 4616 -28.11 23.17 4.51
C ASP E 4616 -27.56 21.85 4.00
N TYR E 4617 -27.97 20.74 4.62
CA TYR E 4617 -27.53 19.45 4.12
C TYR E 4617 -28.20 19.14 2.78
N PHE E 4618 -29.42 19.63 2.59
CA PHE E 4618 -30.15 19.40 1.36
C PHE E 4618 -30.01 20.53 0.37
N ASP E 4619 -29.34 21.62 0.74
CA ASP E 4619 -29.28 22.77 -0.15
C ASP E 4619 -28.27 22.57 -1.26
N THR E 4620 -27.46 21.51 -1.19
CA THR E 4620 -26.53 21.22 -2.28
C THR E 4620 -27.30 20.82 -3.54
N THR E 4621 -28.35 20.04 -3.38
CA THR E 4621 -29.29 19.83 -4.46
C THR E 4621 -30.18 21.06 -4.61
N PRO E 4622 -30.53 21.44 -5.82
CA PRO E 4622 -31.48 22.54 -5.99
C PRO E 4622 -32.89 22.16 -5.56
N HIS E 4623 -33.36 22.85 -4.50
CA HIS E 4623 -34.72 22.75 -3.96
C HIS E 4623 -35.00 21.37 -3.39
N GLY E 4624 -33.93 20.65 -3.04
CA GLY E 4624 -34.09 19.32 -2.50
C GLY E 4624 -34.63 19.33 -1.09
N PHE E 4625 -34.35 20.41 -0.36
CA PHE E 4625 -34.93 20.55 0.97
C PHE E 4625 -36.43 20.73 0.92
N GLU E 4626 -36.92 21.50 -0.05
CA GLU E 4626 -38.35 21.60 -0.23
C GLU E 4626 -38.90 20.29 -0.77
N THR E 4627 -38.14 19.64 -1.65
CA THR E 4627 -38.50 18.31 -2.13
C THR E 4627 -38.51 17.30 -0.99
N HIS E 4628 -37.60 17.48 -0.02
CA HIS E 4628 -37.62 16.67 1.19
C HIS E 4628 -38.87 16.91 2.00
N THR E 4629 -39.40 18.13 1.96
CA THR E 4629 -40.66 18.40 2.66
C THR E 4629 -41.86 18.12 1.77
N LEU E 4630 -41.74 18.36 0.46
CA LEU E 4630 -42.89 18.15 -0.40
C LEU E 4630 -43.09 16.68 -0.70
N GLU E 4631 -42.03 15.88 -0.70
CA GLU E 4631 -42.19 14.47 -1.00
C GLU E 4631 -41.67 13.54 0.07
N GLU E 4632 -40.51 13.83 0.67
CA GLU E 4632 -39.91 12.85 1.58
C GLU E 4632 -40.57 12.90 2.94
N HIS E 4633 -40.56 14.06 3.58
CA HIS E 4633 -41.26 14.25 4.85
C HIS E 4633 -42.46 15.15 4.59
N ASN E 4634 -43.57 14.53 4.15
CA ASN E 4634 -44.77 15.27 3.82
C ASN E 4634 -45.43 15.84 5.06
N LEU E 4635 -45.33 15.11 6.17
CA LEU E 4635 -45.89 15.33 7.51
C LEU E 4635 -47.40 15.07 7.51
N ALA E 4636 -48.02 14.85 6.36
CA ALA E 4636 -49.42 14.48 6.26
C ALA E 4636 -49.63 13.00 6.01
N ASN E 4637 -48.70 12.35 5.31
CA ASN E 4637 -48.86 10.94 5.01
C ASN E 4637 -48.67 10.09 6.26
N TYR E 4638 -47.96 10.62 7.26
CA TYR E 4638 -47.82 9.93 8.53
C TYR E 4638 -49.18 9.77 9.21
N MET E 4639 -50.04 10.78 9.08
CA MET E 4639 -51.44 10.61 9.47
C MET E 4639 -52.11 9.59 8.57
N PHE E 4640 -51.78 9.63 7.28
CA PHE E 4640 -52.53 8.88 6.29
C PHE E 4640 -52.15 7.40 6.35
N PHE E 4641 -50.87 7.13 6.59
CA PHE E 4641 -50.44 5.75 6.84
C PHE E 4641 -51.05 5.22 8.12
N LEU E 4642 -51.19 6.09 9.12
CA LEU E 4642 -51.84 5.70 10.37
C LEU E 4642 -53.31 5.39 10.13
N MET E 4643 -53.98 6.20 9.31
CA MET E 4643 -55.36 5.90 8.93
C MET E 4643 -55.44 4.64 8.10
N TYR E 4644 -54.42 4.39 7.26
CA TYR E 4644 -54.42 3.26 6.35
C TYR E 4644 -54.35 1.94 7.09
N LEU E 4645 -53.65 1.91 8.22
CA LEU E 4645 -53.46 0.65 8.91
C LEU E 4645 -54.68 0.30 9.75
N ILE E 4646 -55.37 1.31 10.27
CA ILE E 4646 -56.54 1.10 11.12
C ILE E 4646 -57.67 0.54 10.30
N ASN E 4647 -57.82 1.03 9.07
CA ASN E 4647 -58.92 0.58 8.22
C ASN E 4647 -58.56 -0.70 7.46
N LYS E 4648 -57.36 -1.21 7.69
CA LYS E 4648 -56.91 -2.45 7.10
C LYS E 4648 -56.98 -3.56 8.14
N ASP E 4649 -57.25 -4.78 7.69
CA ASP E 4649 -57.45 -5.91 8.58
C ASP E 4649 -56.14 -6.35 9.22
N GLU E 4650 -56.28 -6.98 10.38
CA GLU E 4650 -55.14 -7.24 11.26
C GLU E 4650 -54.20 -8.29 10.72
N THR E 4651 -54.74 -9.34 10.11
CA THR E 4651 -53.89 -10.42 9.59
C THR E 4651 -53.14 -9.96 8.36
N GLU E 4652 -53.74 -9.08 7.57
CA GLU E 4652 -53.22 -8.73 6.26
C GLU E 4652 -52.06 -7.74 6.30
N HIS E 4653 -51.55 -7.39 7.48
CA HIS E 4653 -50.44 -6.46 7.51
C HIS E 4653 -49.13 -7.20 7.25
N THR E 4654 -48.19 -6.49 6.65
CA THR E 4654 -46.91 -7.11 6.31
C THR E 4654 -46.02 -7.14 7.54
N GLY E 4655 -44.77 -7.56 7.34
CA GLY E 4655 -43.82 -7.64 8.43
C GLY E 4655 -43.33 -6.31 8.92
N GLN E 4656 -43.58 -5.22 8.17
CA GLN E 4656 -43.22 -3.90 8.63
C GLN E 4656 -44.43 -3.02 8.91
N GLU E 4657 -45.58 -3.36 8.36
CA GLU E 4657 -46.81 -2.66 8.72
C GLU E 4657 -47.20 -2.95 10.16
N SER E 4658 -47.39 -4.23 10.51
CA SER E 4658 -47.77 -4.59 11.86
C SER E 4658 -46.63 -4.34 12.85
N TYR E 4659 -45.39 -4.31 12.37
CA TYR E 4659 -44.23 -3.95 13.17
C TYR E 4659 -44.40 -2.59 13.83
N VAL E 4660 -44.58 -1.55 13.03
CA VAL E 4660 -44.74 -0.21 13.59
C VAL E 4660 -46.10 -0.08 14.28
N TRP E 4661 -47.10 -0.87 13.87
CA TRP E 4661 -48.38 -0.84 14.56
C TRP E 4661 -48.26 -1.36 15.98
N LYS E 4662 -47.43 -2.37 16.21
CA LYS E 4662 -47.17 -2.82 17.57
C LYS E 4662 -46.50 -1.73 18.39
N MET E 4663 -45.63 -0.94 17.75
CA MET E 4663 -45.02 0.20 18.44
C MET E 4663 -46.04 1.29 18.70
N TYR E 4664 -47.05 1.44 17.84
CA TYR E 4664 -48.19 2.26 18.20
C TYR E 4664 -48.92 1.68 19.40
N GLN E 4665 -49.16 0.36 19.38
CA GLN E 4665 -49.76 -0.30 20.54
C GLN E 4665 -48.86 -0.22 21.75
N GLU E 4666 -47.53 -0.21 21.53
CA GLU E 4666 -46.60 0.02 22.63
C GLU E 4666 -46.63 1.47 23.09
N ARG E 4667 -47.03 2.38 22.20
CA ARG E 4667 -46.82 3.83 22.33
C ARG E 4667 -45.33 4.15 22.52
N CYS E 4668 -44.49 3.45 21.77
CA CYS E 4668 -43.07 3.77 21.66
C CYS E 4668 -42.82 4.47 20.34
N TRP E 4669 -42.04 5.55 20.39
CA TRP E 4669 -41.98 6.50 19.28
C TRP E 4669 -40.56 6.67 18.81
N ASP E 4670 -39.92 5.54 18.55
CA ASP E 4670 -38.51 5.55 18.15
C ASP E 4670 -38.33 5.57 16.65
N PHE E 4671 -39.29 5.04 15.88
CA PHE E 4671 -39.13 4.77 14.45
C PHE E 4671 -39.03 6.02 13.58
N PHE E 4672 -39.18 7.22 14.15
CA PHE E 4672 -39.09 8.46 13.39
C PHE E 4672 -37.68 8.68 12.87
N PRO E 4673 -37.52 9.46 11.78
CA PRO E 4673 -36.18 9.78 11.26
C PRO E 4673 -35.25 10.46 12.24
N ALA E 4674 -35.63 11.63 12.73
CA ALA E 4674 -35.06 12.29 13.93
C ALA E 4674 -33.54 12.52 13.84
N GLY E 4675 -33.04 12.72 12.63
CA GLY E 4675 -31.61 12.98 12.49
C GLY E 4675 -30.96 12.37 11.28
N ASP E 4676 -31.70 11.53 10.55
CA ASP E 4676 -31.22 10.98 9.29
C ASP E 4676 -32.46 10.64 8.48
N CYS E 4677 -32.39 10.83 7.17
CA CYS E 4677 -33.54 10.55 6.30
C CYS E 4677 -33.08 10.18 4.90
N PHE E 4678 -32.89 8.88 4.67
CA PHE E 4678 -32.92 8.17 3.41
C PHE E 4678 -31.76 8.47 2.46
N ARG E 4679 -31.04 9.55 2.70
CA ARG E 4679 -29.95 9.93 1.82
C ARG E 4679 -28.70 10.36 2.54
N LYS E 4680 -28.80 10.88 3.76
CA LYS E 4680 -27.63 10.98 4.60
C LYS E 4680 -27.17 9.58 5.01
N GLN E 4681 -28.11 8.65 5.11
CA GLN E 4681 -27.76 7.24 5.19
C GLN E 4681 -27.11 6.77 3.89
N TYR E 4682 -27.64 7.20 2.75
CA TYR E 4682 -27.31 6.63 1.45
C TYR E 4682 -26.54 7.59 0.54
N GLU E 4683 -25.62 8.36 1.10
CA GLU E 4683 -24.95 9.39 0.32
C GLU E 4683 -23.86 8.81 -0.58
N ASP E 4684 -22.78 8.30 0.03
CA ASP E 4684 -21.68 7.80 -0.77
C ASP E 4684 -21.98 6.42 -1.34
N GLN E 4685 -23.05 5.79 -0.88
CA GLN E 4685 -23.55 4.55 -1.48
C GLN E 4685 -23.97 4.81 -2.92
N LEU E 4686 -24.92 5.73 -3.11
CA LEU E 4686 -25.11 6.40 -4.39
C LEU E 4686 -25.80 7.73 -4.11
N SER E 4687 -25.15 8.82 -4.47
CA SER E 4687 -25.72 10.14 -4.29
C SER E 4687 -26.75 10.42 -5.36
N GLY F 1 -64.52 -112.59 15.85
CA GLY F 1 -64.27 -112.87 17.25
C GLY F 1 -65.06 -111.96 18.18
N VAL F 2 -66.29 -112.37 18.49
CA VAL F 2 -67.16 -111.63 19.40
C VAL F 2 -67.50 -112.54 20.56
N GLU F 3 -66.99 -112.19 21.74
CA GLU F 3 -67.23 -112.96 22.96
C GLU F 3 -68.30 -112.27 23.78
N ILE F 4 -69.37 -113.00 24.08
CA ILE F 4 -70.57 -112.46 24.70
C ILE F 4 -70.65 -112.96 26.13
N GLU F 5 -70.78 -112.02 27.08
CA GLU F 5 -71.00 -112.34 28.49
C GLU F 5 -72.27 -111.60 28.91
N THR F 6 -73.40 -112.29 28.85
CA THR F 6 -74.70 -111.65 29.05
C THR F 6 -75.06 -111.63 30.52
N ILE F 7 -75.35 -110.43 31.04
CA ILE F 7 -76.04 -110.32 32.32
C ILE F 7 -77.48 -110.75 32.11
N SER F 8 -77.93 -111.70 32.92
CA SER F 8 -79.11 -112.57 32.75
C SER F 8 -80.45 -111.99 32.28
N PRO F 9 -80.98 -110.86 32.78
CA PRO F 9 -82.37 -110.53 32.45
C PRO F 9 -82.55 -110.07 31.01
N GLY F 10 -83.70 -110.44 30.44
CA GLY F 10 -84.04 -110.16 29.06
C GLY F 10 -85.28 -110.92 28.63
N ASP F 11 -85.35 -111.34 27.37
CA ASP F 11 -86.43 -112.23 26.96
C ASP F 11 -85.90 -113.43 26.17
N GLY F 12 -84.75 -113.26 25.53
CA GLY F 12 -84.09 -114.34 24.84
C GLY F 12 -84.62 -114.69 23.46
N ARG F 13 -85.56 -113.92 22.93
CA ARG F 13 -86.18 -114.25 21.65
C ARG F 13 -86.28 -113.10 20.65
N THR F 14 -86.34 -111.85 21.09
CA THR F 14 -86.56 -110.72 20.18
C THR F 14 -85.19 -110.32 19.63
N PHE F 15 -84.80 -110.96 18.56
CA PHE F 15 -83.50 -110.77 17.94
C PHE F 15 -83.57 -109.65 16.92
N PRO F 16 -82.49 -108.89 16.75
CA PRO F 16 -82.45 -107.91 15.67
C PRO F 16 -82.39 -108.58 14.31
N LYS F 17 -83.19 -108.08 13.39
CA LYS F 17 -83.21 -108.56 12.01
C LYS F 17 -82.69 -107.46 11.10
N LYS F 18 -82.72 -107.73 9.80
CA LYS F 18 -82.19 -106.79 8.82
C LYS F 18 -83.11 -105.59 8.67
N GLY F 19 -82.51 -104.40 8.67
CA GLY F 19 -83.26 -103.17 8.51
C GLY F 19 -84.03 -102.72 9.74
N GLN F 20 -83.83 -103.37 10.88
CA GLN F 20 -84.50 -102.98 12.11
C GLN F 20 -83.68 -101.92 12.83
N THR F 21 -84.24 -100.73 12.96
CA THR F 21 -83.63 -99.67 13.74
C THR F 21 -83.72 -100.04 15.22
N CYS F 22 -82.58 -100.35 15.82
CA CYS F 22 -82.52 -100.92 17.15
C CYS F 22 -81.75 -100.00 18.08
N VAL F 23 -82.07 -100.10 19.37
CA VAL F 23 -81.63 -99.15 20.38
C VAL F 23 -80.75 -99.90 21.38
N VAL F 24 -79.52 -99.41 21.58
CA VAL F 24 -78.53 -100.06 22.44
C VAL F 24 -77.99 -99.05 23.44
N HIS F 25 -78.01 -99.42 24.72
CA HIS F 25 -77.36 -98.65 25.77
C HIS F 25 -75.91 -99.12 25.89
N TYR F 26 -75.08 -98.63 24.98
CA TYR F 26 -73.69 -99.07 25.01
C TYR F 26 -72.87 -98.20 25.96
N THR F 27 -71.75 -98.75 26.40
CA THR F 27 -70.79 -98.02 27.23
C THR F 27 -69.41 -98.54 26.90
N GLY F 28 -68.60 -97.73 26.22
CA GLY F 28 -67.32 -98.19 25.74
C GLY F 28 -66.27 -98.22 26.84
N MET F 29 -65.25 -99.05 26.62
CA MET F 29 -64.16 -99.21 27.56
C MET F 29 -62.96 -99.77 26.82
N LEU F 30 -61.77 -99.29 27.18
CA LEU F 30 -60.52 -99.82 26.66
C LEU F 30 -59.96 -100.86 27.62
N GLN F 31 -59.38 -101.93 27.08
CA GLN F 31 -58.63 -102.89 27.88
C GLN F 31 -57.47 -102.20 28.57
N ASN F 32 -57.47 -102.23 29.91
CA ASN F 32 -56.51 -101.51 30.76
C ASN F 32 -56.50 -100.02 30.44
N GLY F 33 -57.70 -99.49 30.19
CA GLY F 33 -57.89 -98.10 29.82
C GLY F 33 -59.25 -97.63 30.29
N LYS F 34 -59.50 -96.34 30.11
CA LYS F 34 -60.73 -95.72 30.60
C LYS F 34 -61.80 -95.73 29.52
N LYS F 35 -62.89 -95.03 29.76
CA LYS F 35 -63.96 -94.87 28.80
C LYS F 35 -63.51 -94.04 27.60
N PHE F 36 -64.20 -94.25 26.48
CA PHE F 36 -64.02 -93.39 25.31
C PHE F 36 -65.32 -92.94 24.67
N ASP F 37 -66.43 -93.66 24.84
CA ASP F 37 -67.70 -93.31 24.24
C ASP F 37 -68.80 -94.01 25.02
N SER F 38 -69.91 -93.30 25.22
CA SER F 38 -71.01 -93.88 25.99
C SER F 38 -72.33 -93.23 25.58
N SER F 39 -73.33 -94.07 25.33
CA SER F 39 -74.70 -93.61 25.14
C SER F 39 -75.35 -93.17 26.44
N ARG F 40 -74.79 -93.55 27.59
CA ARG F 40 -75.30 -93.06 28.86
C ARG F 40 -74.96 -91.60 29.08
N ASP F 41 -73.83 -91.14 28.52
CA ASP F 41 -73.41 -89.76 28.72
C ASP F 41 -74.31 -88.81 27.94
N ARG F 42 -74.54 -89.11 26.66
CA ARG F 42 -75.39 -88.27 25.84
C ARG F 42 -76.86 -88.47 26.16
N ASN F 43 -77.21 -89.62 26.76
CA ASN F 43 -78.58 -90.06 27.03
C ASN F 43 -79.43 -90.15 25.77
N LYS F 44 -78.78 -90.36 24.64
CA LYS F 44 -79.41 -90.58 23.34
C LYS F 44 -78.96 -91.96 22.92
N PRO F 45 -79.73 -93.01 23.22
CA PRO F 45 -79.16 -94.37 23.16
C PRO F 45 -79.04 -94.96 21.77
N PHE F 46 -78.59 -94.16 20.80
CA PHE F 46 -77.96 -94.58 19.54
C PHE F 46 -78.88 -95.50 18.72
N LYS F 47 -79.94 -94.89 18.20
CA LYS F 47 -80.91 -95.60 17.38
C LYS F 47 -80.27 -95.92 16.03
N PHE F 48 -79.77 -97.15 15.88
CA PHE F 48 -79.07 -97.56 14.67
C PHE F 48 -79.76 -98.78 14.08
N ARG F 49 -79.62 -98.94 12.77
CA ARG F 49 -80.22 -100.07 12.06
C ARG F 49 -79.18 -101.15 11.78
N ILE F 50 -79.68 -102.36 11.56
CA ILE F 50 -78.87 -103.54 11.33
C ILE F 50 -78.80 -103.80 9.83
N GLY F 51 -77.60 -104.00 9.32
CA GLY F 51 -77.40 -104.44 7.95
C GLY F 51 -76.87 -103.41 6.98
N LYS F 52 -76.36 -102.28 7.46
CA LYS F 52 -75.80 -101.26 6.58
C LYS F 52 -74.31 -101.02 6.84
N GLN F 53 -73.70 -101.82 7.73
CA GLN F 53 -72.31 -101.66 8.19
C GLN F 53 -72.04 -100.26 8.75
N GLU F 54 -73.05 -99.69 9.39
CA GLU F 54 -72.89 -98.40 10.06
C GLU F 54 -71.94 -98.54 11.24
N VAL F 55 -72.24 -99.49 12.12
CA VAL F 55 -71.41 -99.79 13.28
C VAL F 55 -70.28 -100.71 12.87
N ILE F 56 -69.29 -100.87 13.76
CA ILE F 56 -68.14 -101.74 13.50
C ILE F 56 -68.57 -103.20 13.61
N LYS F 57 -67.72 -104.10 13.11
CA LYS F 57 -68.08 -105.51 13.06
C LYS F 57 -68.08 -106.15 14.46
N GLY F 58 -67.26 -105.64 15.38
CA GLY F 58 -67.30 -106.14 16.74
C GLY F 58 -68.55 -105.73 17.49
N PHE F 59 -69.21 -104.66 17.04
CA PHE F 59 -70.46 -104.21 17.65
C PHE F 59 -71.68 -104.68 16.87
N GLU F 60 -71.52 -104.91 15.56
CA GLU F 60 -72.64 -105.39 14.75
C GLU F 60 -72.95 -106.85 15.04
N GLU F 61 -71.92 -107.69 15.17
CA GLU F 61 -72.14 -109.10 15.43
C GLU F 61 -72.61 -109.35 16.86
N GLY F 62 -72.25 -108.45 17.79
CA GLY F 62 -72.74 -108.57 19.15
C GLY F 62 -74.20 -108.18 19.29
N ALA F 63 -74.72 -107.42 18.33
CA ALA F 63 -76.12 -106.99 18.41
C ALA F 63 -77.08 -108.11 18.06
N ALA F 64 -76.83 -108.82 16.96
CA ALA F 64 -77.73 -109.89 16.53
C ALA F 64 -77.64 -111.12 17.44
N GLN F 65 -76.57 -111.25 18.20
CA GLN F 65 -76.42 -112.35 19.14
C GLN F 65 -77.07 -112.06 20.49
N MET F 66 -77.80 -110.95 20.62
CA MET F 66 -78.52 -110.62 21.83
C MET F 66 -80.02 -110.54 21.53
N SER F 67 -80.80 -110.32 22.58
CA SER F 67 -82.25 -110.17 22.46
C SER F 67 -82.68 -108.99 23.31
N LEU F 68 -84.00 -108.74 23.33
CA LEU F 68 -84.56 -107.60 24.04
C LEU F 68 -84.40 -107.75 25.55
N GLY F 69 -83.90 -106.70 26.19
CA GLY F 69 -83.66 -106.73 27.61
C GLY F 69 -82.29 -107.23 28.01
N GLN F 70 -81.64 -108.04 27.17
CA GLN F 70 -80.37 -108.65 27.52
C GLN F 70 -79.27 -107.60 27.64
N ARG F 71 -78.26 -107.92 28.45
CA ARG F 71 -77.17 -107.02 28.80
C ARG F 71 -75.88 -107.81 28.63
N ALA F 72 -75.28 -107.75 27.44
CA ALA F 72 -74.05 -108.50 27.20
C ALA F 72 -72.84 -107.62 27.45
N LYS F 73 -71.67 -108.12 27.08
CA LYS F 73 -70.41 -107.44 27.36
C LYS F 73 -69.44 -107.79 26.24
N LEU F 74 -69.21 -106.85 25.34
CA LEU F 74 -68.40 -107.14 24.16
C LEU F 74 -66.91 -107.15 24.48
N THR F 75 -66.18 -107.98 23.73
CA THR F 75 -64.72 -107.97 23.71
C THR F 75 -64.34 -107.90 22.24
N CYS F 76 -64.26 -106.69 21.71
CA CYS F 76 -64.05 -106.49 20.28
C CYS F 76 -62.59 -106.68 19.93
N THR F 77 -62.33 -107.47 18.89
CA THR F 77 -60.98 -107.69 18.42
C THR F 77 -60.46 -106.41 17.74
N PRO F 78 -59.13 -106.23 17.68
CA PRO F 78 -58.61 -105.05 16.98
C PRO F 78 -58.86 -105.07 15.48
N ASP F 79 -58.71 -106.23 14.82
CA ASP F 79 -58.72 -106.30 13.36
C ASP F 79 -60.10 -106.15 12.73
N VAL F 80 -61.15 -105.89 13.52
CA VAL F 80 -62.46 -105.60 12.94
C VAL F 80 -62.78 -104.12 12.90
N ALA F 81 -62.21 -103.30 13.79
CA ALA F 81 -62.50 -101.88 13.82
C ALA F 81 -61.30 -100.99 13.55
N TYR F 82 -60.26 -101.04 14.39
CA TYR F 82 -59.17 -100.07 14.30
C TYR F 82 -57.79 -100.66 14.59
N GLY F 83 -57.56 -101.93 14.27
CA GLY F 83 -56.32 -102.58 14.70
C GLY F 83 -55.10 -102.10 13.95
N ALA F 84 -55.23 -101.86 12.64
CA ALA F 84 -54.09 -101.38 11.86
C ALA F 84 -54.15 -99.87 11.70
N THR F 85 -55.35 -99.33 11.46
CA THR F 85 -55.48 -97.88 11.26
C THR F 85 -55.40 -97.13 12.58
N GLY F 86 -56.35 -97.38 13.48
CA GLY F 86 -56.42 -96.64 14.71
C GLY F 86 -57.03 -95.27 14.55
N HIS F 87 -57.93 -94.89 15.43
CA HIS F 87 -58.50 -93.56 15.27
C HIS F 87 -57.56 -92.53 15.90
N PRO F 88 -57.37 -91.37 15.26
CA PRO F 88 -56.54 -90.33 15.87
C PRO F 88 -57.21 -89.68 17.08
N GLY F 89 -56.72 -90.02 18.28
CA GLY F 89 -57.16 -89.39 19.50
C GLY F 89 -58.09 -90.22 20.36
N VAL F 90 -58.76 -91.22 19.80
CA VAL F 90 -59.74 -92.01 20.53
C VAL F 90 -59.29 -93.46 20.66
N ILE F 91 -59.14 -94.15 19.53
CA ILE F 91 -58.80 -95.58 19.55
C ILE F 91 -57.45 -95.80 18.91
N PRO F 92 -56.46 -96.32 19.63
CA PRO F 92 -55.15 -96.54 19.03
C PRO F 92 -55.16 -97.76 18.14
N PRO F 93 -54.14 -97.94 17.31
CA PRO F 93 -54.00 -99.21 16.58
C PRO F 93 -53.72 -100.37 17.52
N ASN F 94 -54.29 -101.53 17.16
CA ASN F 94 -54.22 -102.79 17.91
C ASN F 94 -54.77 -102.63 19.33
N ALA F 95 -56.07 -102.32 19.39
CA ALA F 95 -56.78 -102.13 20.65
C ALA F 95 -57.91 -103.15 20.75
N THR F 96 -58.01 -103.82 21.90
CA THR F 96 -59.09 -104.75 22.17
C THR F 96 -60.17 -104.03 22.95
N LEU F 97 -61.30 -103.74 22.30
CA LEU F 97 -62.29 -102.83 22.82
C LEU F 97 -63.33 -103.57 23.65
N ILE F 98 -63.82 -102.90 24.69
CA ILE F 98 -64.79 -103.46 25.63
C ILE F 98 -66.03 -102.59 25.61
N PHE F 99 -67.21 -103.22 25.56
CA PHE F 99 -68.47 -102.50 25.47
C PHE F 99 -69.49 -103.12 26.42
N ASP F 100 -70.12 -102.28 27.25
CA ASP F 100 -71.25 -102.70 28.07
C ASP F 100 -72.51 -102.52 27.24
N VAL F 101 -72.94 -103.58 26.58
CA VAL F 101 -74.00 -103.52 25.59
C VAL F 101 -75.27 -104.10 26.19
N GLU F 102 -76.32 -103.29 26.25
CA GLU F 102 -77.65 -103.74 26.62
C GLU F 102 -78.60 -103.47 25.46
N LEU F 103 -79.35 -104.49 25.06
CA LEU F 103 -80.23 -104.40 23.90
C LEU F 103 -81.66 -104.16 24.39
N LEU F 104 -82.03 -102.89 24.52
CA LEU F 104 -83.40 -102.46 24.79
C LEU F 104 -83.85 -101.71 23.54
N ASN F 105 -84.31 -102.44 22.54
CA ASN F 105 -84.42 -101.93 21.19
C ASN F 105 -85.86 -101.62 20.80
N LEU F 106 -86.02 -101.18 19.56
CA LEU F 106 -87.30 -100.99 18.91
C LEU F 106 -87.31 -101.77 17.61
N GLU F 107 -88.48 -101.78 16.96
CA GLU F 107 -88.76 -102.51 15.71
C GLU F 107 -88.44 -104.01 15.80
N GLN G 12 31.32 8.01 14.28
CA GLN G 12 31.55 9.33 13.70
C GLN G 12 32.71 10.01 14.38
N PHE G 13 32.48 10.51 15.60
CA PHE G 13 33.49 11.26 16.34
C PHE G 13 33.68 10.62 17.70
N LEU G 14 34.68 11.11 18.42
CA LEU G 14 35.05 10.57 19.72
C LEU G 14 34.75 11.60 20.80
N ARG G 15 34.37 11.11 21.97
CA ARG G 15 34.00 11.95 23.09
C ARG G 15 34.74 11.51 24.33
N THR G 16 34.57 12.27 25.42
CA THR G 16 35.10 11.84 26.70
C THR G 16 34.22 10.74 27.28
N ASP G 17 34.77 10.07 28.30
CA ASP G 17 34.14 8.92 28.98
C ASP G 17 33.82 7.79 28.00
N ASP G 18 34.71 7.58 27.04
CA ASP G 18 34.56 6.50 26.07
C ASP G 18 35.68 5.50 26.25
N GLU G 19 35.49 4.33 25.65
CA GLU G 19 36.42 3.22 25.79
C GLU G 19 37.02 2.88 24.44
N VAL G 20 38.34 3.00 24.34
CA VAL G 20 39.07 2.79 23.10
C VAL G 20 40.21 1.81 23.36
N VAL G 21 40.80 1.33 22.27
CA VAL G 21 42.06 0.61 22.31
C VAL G 21 43.03 1.35 21.40
N LEU G 22 44.31 0.99 21.51
CA LEU G 22 45.36 1.55 20.69
C LEU G 22 45.83 0.48 19.72
N GLN G 23 45.99 0.85 18.45
CA GLN G 23 46.31 -0.13 17.44
C GLN G 23 47.10 0.50 16.30
N CYS G 24 48.24 -0.10 16.01
CA CYS G 24 49.03 0.19 14.82
C CYS G 24 49.13 -1.08 14.00
N SER G 25 49.98 -1.05 12.96
CA SER G 25 50.26 -2.25 12.19
C SER G 25 51.68 -2.14 11.63
N ALA G 26 52.52 -3.08 12.02
CA ALA G 26 53.91 -3.11 11.55
C ALA G 26 54.15 -4.43 10.82
N THR G 27 54.60 -4.33 9.58
CA THR G 27 54.84 -5.52 8.79
C THR G 27 56.08 -6.25 9.28
N VAL G 28 56.05 -7.58 9.18
CA VAL G 28 57.13 -8.43 9.68
C VAL G 28 57.68 -9.28 8.55
N LEU G 29 56.82 -10.14 7.99
CA LEU G 29 57.19 -11.11 6.96
C LEU G 29 56.82 -10.60 5.58
N LYS G 30 57.03 -9.28 5.39
CA LYS G 30 56.38 -8.48 4.33
C LYS G 30 54.86 -8.69 4.36
N GLU G 31 54.31 -8.66 5.57
CA GLU G 31 52.90 -8.94 5.79
C GLU G 31 52.49 -8.27 7.10
N GLN G 32 51.30 -7.67 7.10
CA GLN G 32 50.88 -6.79 8.18
C GLN G 32 50.59 -7.54 9.47
N LEU G 33 51.14 -7.03 10.57
CA LEU G 33 50.85 -7.54 11.91
C LEU G 33 50.26 -6.38 12.71
N LYS G 34 48.94 -6.40 12.87
CA LYS G 34 48.28 -5.37 13.66
C LYS G 34 48.48 -5.67 15.15
N LEU G 35 49.13 -4.75 15.84
CA LEU G 35 49.42 -4.89 17.27
C LEU G 35 48.48 -4.02 18.07
N CYS G 36 48.20 -4.47 19.30
CA CYS G 36 47.40 -3.70 20.24
C CYS G 36 48.13 -3.62 21.57
N LEU G 37 48.08 -2.46 22.19
CA LEU G 37 48.85 -2.22 23.41
C LEU G 37 48.16 -2.90 24.58
N ALA G 38 48.97 -3.49 25.47
CA ALA G 38 48.43 -4.20 26.62
C ALA G 38 49.41 -4.11 27.78
N ALA G 39 48.86 -4.17 28.99
CA ALA G 39 49.64 -4.14 30.22
C ALA G 39 48.79 -4.71 31.34
N GLU G 40 49.41 -5.52 32.20
CA GLU G 40 48.65 -6.18 33.24
C GLU G 40 48.42 -5.28 34.46
N GLY G 41 49.38 -4.42 34.79
CA GLY G 41 49.23 -3.63 35.99
C GLY G 41 49.96 -4.19 37.18
N PHE G 42 49.24 -4.97 37.99
CA PHE G 42 49.78 -5.62 39.18
C PHE G 42 50.92 -6.56 38.83
N GLY G 43 52.14 -6.18 39.20
CA GLY G 43 53.33 -6.91 38.80
C GLY G 43 53.83 -6.60 37.40
N ASN G 44 53.11 -5.77 36.64
CA ASN G 44 53.51 -5.42 35.29
C ASN G 44 53.37 -3.91 35.15
N ARG G 45 54.45 -3.18 35.45
CA ARG G 45 54.42 -1.74 35.28
C ARG G 45 54.43 -1.34 33.82
N LEU G 46 55.12 -2.11 32.98
CA LEU G 46 55.34 -1.71 31.59
C LEU G 46 54.19 -2.21 30.71
N CYS G 47 54.25 -1.82 29.44
CA CYS G 47 53.18 -2.08 28.49
C CYS G 47 53.73 -2.90 27.34
N PHE G 48 53.13 -4.06 27.10
CA PHE G 48 53.54 -4.92 25.99
C PHE G 48 52.52 -4.80 24.86
N LEU G 49 52.66 -5.64 23.84
CA LEU G 49 51.88 -5.53 22.61
C LEU G 49 51.19 -6.85 22.30
N GLU G 50 49.86 -6.80 22.19
CA GLU G 50 49.07 -7.98 21.84
C GLU G 50 48.69 -7.93 20.38
N PRO G 51 49.17 -8.86 19.55
CA PRO G 51 48.75 -8.88 18.14
C PRO G 51 47.32 -9.36 17.98
N THR G 52 46.53 -8.58 17.24
CA THR G 52 45.15 -8.90 16.93
C THR G 52 44.97 -9.13 15.44
N SER G 53 46.02 -9.62 14.78
CA SER G 53 45.95 -9.98 13.37
C SER G 53 45.47 -11.40 13.14
N ASN G 54 45.65 -12.29 14.11
CA ASN G 54 45.33 -13.71 13.94
C ASN G 54 44.03 -14.07 14.64
N ALA G 55 43.02 -13.20 14.54
CA ALA G 55 41.72 -13.49 15.15
C ALA G 55 40.95 -14.58 14.41
N GLN G 56 41.47 -15.07 13.29
CA GLN G 56 40.94 -16.31 12.72
C GLN G 56 41.42 -17.52 13.50
N ASN G 57 42.59 -17.44 14.15
CA ASN G 57 43.10 -18.60 14.86
C ASN G 57 43.43 -18.32 16.32
N VAL G 58 44.05 -17.19 16.63
CA VAL G 58 44.52 -16.89 17.98
C VAL G 58 43.50 -15.97 18.63
N PRO G 59 42.82 -16.38 19.69
CA PRO G 59 41.94 -15.47 20.42
C PRO G 59 42.75 -14.43 21.19
N PRO G 60 42.59 -13.15 20.86
CA PRO G 60 43.39 -12.11 21.53
C PRO G 60 42.94 -11.88 22.95
N ASP G 61 43.84 -11.27 23.73
CA ASP G 61 43.52 -10.92 25.12
C ASP G 61 42.98 -9.50 25.13
N LEU G 62 41.66 -9.38 25.21
CA LEU G 62 40.99 -8.09 25.14
C LEU G 62 40.77 -7.45 26.51
N ALA G 63 41.10 -8.17 27.58
CA ALA G 63 40.81 -7.67 28.92
C ALA G 63 41.74 -6.53 29.31
N ILE G 64 43.00 -6.58 28.88
CA ILE G 64 43.96 -5.57 29.26
C ILE G 64 44.44 -4.75 28.07
N CYS G 65 43.79 -4.87 26.92
CA CYS G 65 44.02 -3.93 25.83
C CYS G 65 43.06 -2.74 25.87
N CYS G 66 41.97 -2.85 26.61
CA CYS G 66 40.95 -1.81 26.62
C CYS G 66 41.36 -0.67 27.55
N PHE G 67 41.25 0.55 27.04
CA PHE G 67 41.53 1.76 27.79
C PHE G 67 40.27 2.62 27.85
N THR G 68 40.28 3.58 28.77
CA THR G 68 39.12 4.44 28.96
C THR G 68 39.55 5.89 28.81
N LEU G 69 38.82 6.63 27.98
CA LEU G 69 39.08 8.06 27.83
C LEU G 69 38.61 8.79 29.08
N GLU G 70 39.49 9.60 29.65
CA GLU G 70 39.21 10.24 30.94
C GLU G 70 39.06 11.73 30.85
N GLN G 71 40.08 12.43 30.35
CA GLN G 71 40.06 13.88 30.38
C GLN G 71 40.93 14.41 29.26
N SER G 72 40.39 15.36 28.50
CA SER G 72 41.11 16.01 27.42
C SER G 72 40.99 17.52 27.61
N LEU G 73 42.11 18.22 27.49
CA LEU G 73 42.13 19.66 27.73
C LEU G 73 43.05 20.34 26.75
N SER G 74 42.84 21.64 26.61
CA SER G 74 43.84 22.51 26.02
C SER G 74 45.06 22.56 26.94
N VAL G 75 46.20 22.93 26.35
CA VAL G 75 47.45 23.04 27.12
C VAL G 75 47.37 24.22 28.08
N ARG G 76 46.53 25.20 27.79
CA ARG G 76 46.40 26.37 28.64
C ARG G 76 45.61 26.08 29.91
N ALA G 77 44.45 25.45 29.79
CA ALA G 77 43.66 25.12 30.97
C ALA G 77 44.31 24.04 31.81
N LEU G 78 45.04 23.12 31.17
CA LEU G 78 45.76 22.09 31.90
C LEU G 78 46.89 22.70 32.73
N GLN G 79 47.62 23.65 32.15
CA GLN G 79 48.66 24.36 32.89
C GLN G 79 48.06 25.19 34.01
N GLU G 80 46.89 25.79 33.78
CA GLU G 80 46.16 26.43 34.87
C GLU G 80 45.70 25.42 35.89
N MET G 81 45.29 24.23 35.44
CA MET G 81 44.96 23.15 36.36
C MET G 81 46.19 22.64 37.09
N LEU G 82 47.34 22.61 36.41
CA LEU G 82 48.58 22.19 37.08
C LEU G 82 49.13 23.26 38.01
N ALA G 83 48.54 24.45 38.03
CA ALA G 83 48.82 25.41 39.10
C ALA G 83 48.04 25.12 40.36
N ASN G 84 47.25 24.05 40.39
CA ASN G 84 46.46 23.69 41.56
C ASN G 84 46.65 22.22 41.91
N GLY G 97 31.66 17.93 30.09
CA GLY G 97 31.07 16.61 30.16
C GLY G 97 31.54 15.70 29.05
N HIS G 98 30.73 15.57 28.01
CA HIS G 98 31.08 14.78 26.83
C HIS G 98 31.46 15.75 25.72
N ARG G 99 32.69 16.23 25.77
CA ARG G 99 33.20 17.14 24.75
C ARG G 99 33.65 16.34 23.54
N THR G 100 34.35 17.00 22.62
CA THR G 100 34.82 16.35 21.40
C THR G 100 36.33 16.55 21.34
N LEU G 101 37.06 15.51 20.93
CA LEU G 101 38.50 15.58 20.86
C LEU G 101 38.94 16.51 19.72
N LEU G 102 39.73 17.53 20.06
CA LEU G 102 40.29 18.41 19.06
C LEU G 102 41.81 18.24 19.07
N TYR G 103 42.39 18.30 17.87
CA TYR G 103 43.82 18.06 17.70
C TYR G 103 44.64 19.14 18.40
N GLY G 104 45.72 18.72 19.04
CA GLY G 104 46.50 19.60 19.90
C GLY G 104 46.09 19.57 21.34
N HIS G 105 45.14 18.73 21.72
CA HIS G 105 44.78 18.60 23.12
C HIS G 105 45.63 17.54 23.80
N ALA G 106 45.88 17.77 25.09
CA ALA G 106 46.38 16.70 25.92
C ALA G 106 45.25 15.70 26.19
N ILE G 107 45.62 14.53 26.69
CA ILE G 107 44.63 13.51 26.99
C ILE G 107 45.09 12.76 28.23
N LEU G 108 44.11 12.26 28.99
CA LEU G 108 44.36 11.47 30.19
C LEU G 108 43.96 10.04 29.87
N LEU G 109 44.94 9.16 29.81
CA LEU G 109 44.68 7.76 29.51
C LEU G 109 44.60 6.94 30.80
N ARG G 110 43.87 5.83 30.72
CA ARG G 110 43.66 4.99 31.88
C ARG G 110 43.52 3.55 31.44
N HIS G 111 44.22 2.66 32.13
CA HIS G 111 43.94 1.24 31.98
C HIS G 111 42.57 0.94 32.54
N ALA G 112 41.71 0.32 31.72
CA ALA G 112 40.32 0.15 32.12
C ALA G 112 40.15 -0.91 33.19
N HIS G 113 40.94 -1.98 33.13
CA HIS G 113 40.75 -3.10 34.04
C HIS G 113 41.16 -2.77 35.46
N SER G 114 42.44 -2.48 35.66
CA SER G 114 42.97 -2.17 36.98
C SER G 114 42.69 -0.74 37.40
N ARG G 115 41.99 0.04 36.57
CA ARG G 115 41.55 1.41 36.86
C ARG G 115 42.76 2.32 37.12
N MET G 116 43.84 2.06 36.40
CA MET G 116 45.11 2.72 36.58
C MET G 116 45.42 3.62 35.40
N TYR G 117 46.05 4.75 35.69
CA TYR G 117 46.24 5.80 34.69
C TYR G 117 47.58 5.65 34.00
N LEU G 118 47.55 5.75 32.67
CA LEU G 118 48.75 5.49 31.87
C LEU G 118 49.72 6.67 31.95
N SER G 119 50.89 6.41 32.53
CA SER G 119 51.94 7.42 32.62
C SER G 119 53.10 7.05 31.72
N CYS G 120 54.17 7.83 31.77
CA CYS G 120 55.42 7.52 31.08
C CYS G 120 56.52 7.46 32.12
N LEU G 121 57.38 6.45 32.02
CA LEU G 121 58.46 6.31 32.98
C LEU G 121 59.72 6.99 32.46
N THR G 122 60.70 7.15 33.34
CA THR G 122 62.01 7.68 32.97
C THR G 122 63.06 6.59 32.90
N THR G 123 62.65 5.35 32.66
CA THR G 123 63.56 4.23 32.60
C THR G 123 63.88 3.87 31.15
N SER G 124 65.17 3.86 30.83
CA SER G 124 65.64 3.45 29.53
C SER G 124 65.74 1.93 29.50
N ARG G 125 65.14 1.31 28.48
CA ARG G 125 65.08 -0.14 28.39
C ARG G 125 65.59 -0.54 27.01
N SER G 126 65.66 -1.86 26.79
CA SER G 126 66.01 -2.53 25.54
C SER G 126 67.42 -2.20 25.03
N MET G 127 68.28 -1.66 25.89
CA MET G 127 69.66 -1.26 25.57
C MET G 127 69.72 -0.31 24.37
N THR G 128 68.83 0.68 24.37
CA THR G 128 68.78 1.63 23.26
C THR G 128 69.92 2.63 23.29
N ASP G 129 70.57 2.78 24.46
CA ASP G 129 71.66 3.75 24.70
C ASP G 129 71.20 5.17 24.40
N LYS G 130 70.01 5.50 24.88
CA LYS G 130 69.35 6.74 24.48
C LYS G 130 68.47 7.20 25.63
N LEU G 131 67.48 8.03 25.29
CA LEU G 131 66.50 8.61 26.21
C LEU G 131 65.17 7.86 26.15
N ALA G 132 65.27 6.51 26.15
CA ALA G 132 64.20 5.59 25.74
C ALA G 132 62.90 5.83 26.48
N PHE G 133 62.93 5.76 27.82
CA PHE G 133 61.87 6.25 28.72
C PHE G 133 60.53 5.56 28.45
N ASP G 134 60.54 4.25 28.70
CA ASP G 134 59.49 3.37 28.22
C ASP G 134 58.14 3.68 28.89
N VAL G 135 57.07 3.37 28.16
CA VAL G 135 55.73 3.73 28.58
C VAL G 135 55.28 2.74 29.65
N GLY G 136 55.13 3.23 30.88
CA GLY G 136 54.72 2.39 31.98
C GLY G 136 53.81 3.11 32.95
N LEU G 137 52.93 2.36 33.61
CA LEU G 137 51.95 2.94 34.52
C LEU G 137 51.87 2.13 35.81
N GLN G 138 51.78 2.81 36.95
CA GLN G 138 51.06 2.24 38.09
C GLN G 138 49.92 3.12 38.56
N GLU G 139 50.18 4.35 39.03
CA GLU G 139 49.08 5.09 39.65
C GLU G 139 49.09 6.58 39.33
N ASP G 140 50.01 7.06 38.48
CA ASP G 140 50.50 8.44 38.49
C ASP G 140 49.41 9.40 38.04
N ALA G 141 48.45 9.63 38.94
CA ALA G 141 47.35 10.56 38.70
C ALA G 141 47.77 12.01 38.79
N THR G 142 48.95 12.28 39.34
CA THR G 142 49.50 13.64 39.33
C THR G 142 49.86 14.02 37.90
N GLY G 143 49.44 15.21 37.50
CA GLY G 143 49.39 15.56 36.09
C GLY G 143 50.69 15.91 35.41
N GLU G 144 51.74 15.13 35.62
CA GLU G 144 52.99 15.43 34.94
C GLU G 144 53.16 14.59 33.67
N ALA G 145 53.23 13.26 33.83
CA ALA G 145 53.58 12.37 32.74
C ALA G 145 52.41 11.54 32.23
N CYS G 146 51.28 11.56 32.92
CA CYS G 146 50.11 10.82 32.51
C CYS G 146 49.31 11.55 31.43
N TRP G 147 49.79 12.69 30.96
CA TRP G 147 49.13 13.47 29.94
C TRP G 147 49.91 13.34 28.63
N TRP G 148 49.17 13.34 27.52
CA TRP G 148 49.73 13.01 26.21
C TRP G 148 49.14 13.95 25.17
N THR G 149 50.00 14.72 24.51
CA THR G 149 49.52 15.62 23.47
C THR G 149 49.08 14.82 22.24
N MET G 150 47.90 15.17 21.75
CA MET G 150 47.29 14.48 20.62
C MET G 150 47.42 15.36 19.39
N HIS G 151 48.25 14.94 18.45
CA HIS G 151 48.46 15.69 17.22
C HIS G 151 48.13 14.82 16.01
N PRO G 152 47.59 15.40 14.94
CA PRO G 152 47.23 14.60 13.78
C PRO G 152 48.44 14.15 13.00
N ALA G 153 48.22 13.18 12.11
CA ALA G 153 49.29 12.63 11.30
C ALA G 153 49.59 13.51 10.09
N SER G 154 48.61 13.67 9.21
CA SER G 154 48.86 14.21 7.88
C SER G 154 48.30 15.62 7.73
N LYS G 155 48.45 16.18 6.54
CA LYS G 155 47.91 17.48 6.18
C LYS G 155 46.43 17.43 5.84
N GLN G 156 45.84 16.23 5.78
CA GLN G 156 44.39 16.10 5.67
C GLN G 156 43.71 16.72 6.88
N ARG G 157 44.03 16.20 8.07
CA ARG G 157 43.56 16.82 9.30
C ARG G 157 44.34 18.09 9.58
N SER G 158 43.87 18.84 10.57
CA SER G 158 44.53 20.07 10.98
C SER G 158 44.34 20.24 12.47
N GLU G 159 44.82 21.36 13.00
CA GLU G 159 44.65 21.63 14.41
C GLU G 159 43.25 22.17 14.68
N GLY G 160 42.68 21.76 15.82
CA GLY G 160 41.35 22.18 16.18
C GLY G 160 40.23 21.44 15.48
N GLU G 161 40.53 20.49 14.62
CA GLU G 161 39.47 19.73 13.99
C GLU G 161 39.00 18.62 14.92
N LYS G 162 37.79 18.13 14.66
CA LYS G 162 37.27 17.01 15.43
C LYS G 162 37.99 15.73 15.04
N VAL G 163 38.27 14.90 16.05
CA VAL G 163 38.93 13.62 15.83
C VAL G 163 37.87 12.60 15.44
N ARG G 164 37.91 12.17 14.19
CA ARG G 164 36.95 11.21 13.71
C ARG G 164 37.26 9.81 14.25
N VAL G 165 36.30 8.91 14.06
CA VAL G 165 36.53 7.51 14.37
C VAL G 165 37.50 6.94 13.35
N GLY G 166 38.61 6.40 13.83
CA GLY G 166 39.61 5.84 12.95
C GLY G 166 40.46 6.89 12.25
N ASP G 167 41.12 7.75 13.03
CA ASP G 167 42.10 8.68 12.52
C ASP G 167 43.50 8.15 12.78
N ASP G 168 44.48 8.78 12.15
CA ASP G 168 45.89 8.49 12.37
C ASP G 168 46.48 9.62 13.21
N LEU G 169 47.17 9.27 14.28
CA LEU G 169 47.60 10.24 15.27
C LEU G 169 49.11 10.27 15.42
N ILE G 170 49.58 11.42 15.93
CA ILE G 170 50.92 11.55 16.49
C ILE G 170 50.73 11.86 17.96
N LEU G 171 51.30 11.04 18.82
CA LEU G 171 51.16 11.17 20.26
C LEU G 171 52.51 11.50 20.87
N VAL G 172 52.65 12.73 21.34
CA VAL G 172 53.87 13.24 21.94
C VAL G 172 53.56 13.54 23.41
N SER G 173 54.54 13.36 24.29
CA SER G 173 54.33 13.46 25.73
C SER G 173 54.09 14.91 26.16
N VAL G 174 53.83 15.05 27.46
CA VAL G 174 53.66 16.35 28.10
C VAL G 174 54.81 16.66 29.03
N SER G 175 55.17 15.70 29.89
CA SER G 175 56.28 15.90 30.82
C SER G 175 57.61 15.98 30.10
N SER G 176 57.78 15.18 29.06
CA SER G 176 59.05 15.14 28.34
C SER G 176 58.93 15.66 26.92
N GLU G 177 57.71 15.62 26.36
CA GLU G 177 57.43 15.85 24.94
C GLU G 177 58.28 14.94 24.07
N ARG G 178 58.25 13.66 24.40
CA ARG G 178 58.85 12.60 23.61
C ARG G 178 57.72 11.82 22.94
N TYR G 179 58.11 10.98 21.97
CA TYR G 179 57.19 10.42 20.99
C TYR G 179 56.39 9.27 21.59
N LEU G 180 55.63 8.57 20.75
CA LEU G 180 55.14 7.24 21.09
C LEU G 180 55.79 6.35 20.05
N HIS G 181 57.01 5.90 20.34
CA HIS G 181 57.78 5.14 19.37
C HIS G 181 57.46 3.66 19.46
N LEU G 182 56.95 3.12 18.36
CA LEU G 182 56.95 1.67 18.17
C LEU G 182 58.38 1.28 17.87
N SER G 183 59.12 0.93 18.92
CA SER G 183 60.56 0.69 18.81
C SER G 183 60.79 -0.82 18.75
N THR G 184 60.92 -1.34 17.55
CA THR G 184 61.51 -2.66 17.38
C THR G 184 63.02 -2.54 17.51
N ALA G 185 63.66 -3.66 17.79
CA ALA G 185 65.08 -3.67 18.05
C ALA G 185 65.61 -5.04 17.62
N SER G 186 66.78 -5.40 18.14
CA SER G 186 67.28 -6.76 18.00
C SER G 186 66.38 -7.78 18.68
N GLY G 187 65.64 -7.38 19.71
CA GLY G 187 64.64 -8.23 20.32
C GLY G 187 63.30 -8.13 19.62
N GLU G 188 62.24 -7.92 20.39
CA GLU G 188 60.89 -7.86 19.83
C GLU G 188 60.50 -6.41 19.59
N LEU G 189 59.25 -6.20 19.17
CA LEU G 189 58.71 -4.87 18.94
C LEU G 189 58.25 -4.33 20.29
N GLN G 190 58.85 -3.23 20.73
CA GLN G 190 58.56 -2.69 22.05
C GLN G 190 58.06 -1.26 21.93
N VAL G 191 57.65 -0.70 23.07
CA VAL G 191 57.04 0.62 23.14
C VAL G 191 57.86 1.46 24.10
N ASP G 192 58.21 2.68 23.67
CA ASP G 192 58.90 3.65 24.52
C ASP G 192 58.55 5.05 24.05
N ALA G 193 59.20 6.05 24.63
CA ALA G 193 59.06 7.44 24.20
C ALA G 193 60.45 7.99 23.94
N SER G 194 61.02 7.67 22.79
CA SER G 194 62.37 8.12 22.51
C SER G 194 62.55 8.86 21.18
N PHE G 195 62.18 8.19 20.10
CA PHE G 195 62.74 8.48 18.79
C PHE G 195 61.72 9.03 17.80
N MET G 196 60.69 8.27 17.48
CA MET G 196 60.00 8.42 16.21
C MET G 196 58.50 8.34 16.40
N GLN G 197 57.80 8.92 15.43
CA GLN G 197 56.35 8.87 15.35
C GLN G 197 55.87 7.44 15.11
N THR G 198 54.62 7.18 15.51
CA THR G 198 53.93 5.95 15.14
C THR G 198 52.46 6.30 14.99
N LEU G 199 51.84 5.81 13.93
CA LEU G 199 50.45 6.14 13.65
C LEU G 199 49.55 5.17 14.41
N TRP G 200 48.73 5.70 15.32
CA TRP G 200 47.87 4.88 16.15
C TRP G 200 46.41 5.13 15.84
N ASN G 201 45.63 4.04 15.91
CA ASN G 201 44.22 4.07 15.54
C ASN G 201 43.39 4.00 16.81
N MET G 202 42.74 5.10 17.14
CA MET G 202 41.76 5.12 18.22
C MET G 202 40.54 4.31 17.76
N ASN G 203 40.48 3.05 18.16
CA ASN G 203 39.35 2.21 17.82
C ASN G 203 38.36 2.26 18.96
N PRO G 204 37.22 2.91 18.79
CA PRO G 204 36.30 3.12 19.93
C PRO G 204 35.60 1.84 20.35
N ILE G 205 36.27 1.06 21.20
CA ILE G 205 35.83 -0.30 21.46
C ILE G 205 34.51 -0.35 22.24
N CYS G 206 34.19 0.71 22.97
CA CYS G 206 32.89 0.85 23.61
C CYS G 206 32.58 2.33 23.79
N SER G 207 31.36 2.61 24.23
CA SER G 207 30.88 3.97 24.42
C SER G 207 29.73 3.91 25.43
N CYS G 208 28.92 4.96 25.45
CA CYS G 208 27.80 5.04 26.39
C CYS G 208 26.73 4.00 26.08
N CYS G 209 26.72 2.92 26.85
CA CYS G 209 25.75 1.85 26.61
C CYS G 209 24.38 2.21 27.16
N GLU G 210 23.48 1.25 27.08
CA GLU G 210 22.16 1.39 27.70
C GLU G 210 22.07 0.52 28.95
N GLU G 211 21.08 0.83 29.78
CA GLU G 211 20.97 0.21 31.10
C GLU G 211 20.51 -1.24 30.99
N GLY G 212 21.37 -2.16 31.41
CA GLY G 212 20.98 -3.56 31.49
C GLY G 212 20.92 -4.26 30.16
N TYR G 213 21.93 -4.08 29.31
CA TYR G 213 21.99 -4.76 28.02
C TYR G 213 23.38 -5.33 27.81
N VAL G 214 23.42 -6.55 27.26
CA VAL G 214 24.64 -7.33 27.17
C VAL G 214 25.55 -6.74 26.10
N THR G 215 26.75 -6.32 26.50
CA THR G 215 27.83 -5.97 25.59
C THR G 215 29.00 -6.93 25.83
N GLY G 216 30.09 -6.71 25.11
CA GLY G 216 31.21 -7.62 25.14
C GLY G 216 32.15 -7.40 26.31
N GLY G 217 33.11 -8.32 26.43
CA GLY G 217 34.14 -8.20 27.44
C GLY G 217 33.67 -8.40 28.86
N HIS G 218 32.71 -9.30 29.08
CA HIS G 218 32.00 -9.39 30.34
C HIS G 218 32.31 -10.68 31.08
N VAL G 219 32.73 -10.53 32.34
CA VAL G 219 33.04 -11.63 33.24
C VAL G 219 31.75 -11.96 33.98
N LEU G 220 30.97 -12.89 33.43
CA LEU G 220 29.63 -13.14 33.91
C LEU G 220 29.47 -14.60 34.29
N ARG G 221 28.38 -14.88 35.01
CA ARG G 221 27.98 -16.25 35.31
C ARG G 221 26.86 -16.66 34.38
N LEU G 222 26.72 -17.97 34.20
CA LEU G 222 25.90 -18.55 33.14
C LEU G 222 24.84 -19.42 33.79
N PHE G 223 23.71 -18.83 34.13
CA PHE G 223 22.70 -19.50 34.95
C PHE G 223 21.92 -20.53 34.15
N HIS G 224 21.99 -21.78 34.60
CA HIS G 224 21.21 -22.87 34.05
C HIS G 224 19.98 -23.10 34.93
N GLY G 225 18.93 -23.64 34.34
CA GLY G 225 17.69 -23.81 35.07
C GLY G 225 16.96 -22.50 35.20
N HIS G 226 16.23 -22.31 36.31
CA HIS G 226 15.47 -21.09 36.53
C HIS G 226 15.90 -20.37 37.79
N MET G 227 16.13 -21.09 38.90
CA MET G 227 16.36 -20.45 40.19
C MET G 227 17.83 -20.38 40.56
N ASP G 228 18.51 -21.52 40.74
CA ASP G 228 19.88 -21.51 41.28
C ASP G 228 20.66 -22.70 40.73
N GLU G 229 21.39 -22.46 39.64
CA GLU G 229 22.32 -23.40 39.00
C GLU G 229 23.09 -22.61 37.97
N CYS G 230 24.39 -22.84 37.88
CA CYS G 230 25.20 -22.15 36.89
C CYS G 230 26.30 -23.05 36.37
N LEU G 231 27.04 -22.53 35.41
CA LEU G 231 28.09 -23.26 34.72
C LEU G 231 29.33 -23.32 35.60
N THR G 232 30.02 -24.46 35.56
CA THR G 232 31.30 -24.59 36.24
C THR G 232 32.16 -25.59 35.50
N ILE G 233 33.42 -25.64 35.91
CA ILE G 233 34.36 -26.68 35.48
C ILE G 233 34.84 -27.38 36.74
N SER G 234 35.75 -28.33 36.59
CA SER G 234 36.35 -28.98 37.74
C SER G 234 37.26 -28.01 38.48
N ALA G 235 37.42 -28.25 39.78
CA ALA G 235 38.13 -27.34 40.65
C ALA G 235 39.64 -27.46 40.44
N ALA G 236 40.39 -26.68 41.21
CA ALA G 236 41.85 -26.77 41.17
C ALA G 236 42.31 -28.08 41.80
N ASP G 237 43.52 -28.51 41.40
CA ASP G 237 44.15 -29.76 41.82
C ASP G 237 43.26 -30.98 41.52
N SER G 238 42.56 -30.93 40.40
CA SER G 238 41.72 -32.01 39.94
C SER G 238 42.44 -32.80 38.87
N ASP G 239 42.03 -34.07 38.73
CA ASP G 239 42.66 -34.98 37.76
C ASP G 239 42.35 -34.61 36.32
N ASP G 240 41.32 -33.80 36.06
CA ASP G 240 41.05 -33.29 34.73
C ASP G 240 42.14 -32.38 34.20
N GLN G 241 42.91 -31.75 35.11
CA GLN G 241 43.64 -30.50 34.84
C GLN G 241 42.71 -29.42 34.28
N ARG G 242 41.47 -29.40 34.81
CA ARG G 242 40.45 -28.40 34.54
C ARG G 242 40.12 -28.32 33.04
N ARG G 243 39.54 -29.41 32.54
CA ARG G 243 39.20 -29.52 31.13
C ARG G 243 37.73 -29.81 30.87
N LEU G 244 36.98 -30.30 31.85
CA LEU G 244 35.62 -30.74 31.60
C LEU G 244 34.62 -29.67 32.00
N VAL G 245 33.41 -29.80 31.47
CA VAL G 245 32.37 -28.78 31.60
C VAL G 245 31.22 -29.36 32.40
N TYR G 246 30.82 -28.65 33.46
CA TYR G 246 29.91 -29.23 34.43
C TYR G 246 28.72 -28.31 34.70
N TYR G 247 27.81 -28.83 35.52
CA TYR G 247 26.71 -28.08 36.09
C TYR G 247 26.78 -28.19 37.60
N GLU G 248 26.35 -27.13 38.29
CA GLU G 248 26.45 -27.09 39.73
C GLU G 248 25.44 -26.09 40.27
N GLY G 249 24.82 -26.44 41.41
CA GLY G 249 23.86 -25.59 42.06
C GLY G 249 24.48 -24.44 42.83
N GLY G 250 23.88 -24.10 43.98
CA GLY G 250 24.18 -22.86 44.66
C GLY G 250 25.46 -22.81 45.47
N ALA G 251 26.55 -23.35 44.92
CA ALA G 251 27.87 -23.24 45.55
C ALA G 251 28.81 -22.41 44.71
N VAL G 252 29.03 -22.80 43.44
CA VAL G 252 30.00 -22.12 42.60
C VAL G 252 29.49 -20.77 42.09
N CYS G 253 28.21 -20.46 42.33
CA CYS G 253 27.62 -19.18 41.96
C CYS G 253 28.16 -18.01 42.77
N THR G 254 28.97 -18.26 43.80
CA THR G 254 29.75 -17.23 44.47
C THR G 254 31.24 -17.44 44.28
N HIS G 255 31.64 -18.33 43.38
CA HIS G 255 33.01 -18.76 43.27
C HIS G 255 33.64 -18.25 41.97
N ALA G 256 34.86 -18.70 41.70
CA ALA G 256 35.62 -18.24 40.56
C ALA G 256 35.46 -19.09 39.32
N ARG G 257 35.02 -20.35 39.46
CA ARG G 257 34.89 -21.22 38.30
C ARG G 257 33.69 -20.86 37.44
N SER G 258 32.69 -20.21 38.02
CA SER G 258 31.52 -19.79 37.28
C SER G 258 31.73 -18.50 36.49
N LEU G 259 32.94 -17.97 36.48
CA LEU G 259 33.22 -16.69 35.85
C LEU G 259 33.83 -16.91 34.48
N TRP G 260 33.21 -16.30 33.46
CA TRP G 260 33.54 -16.54 32.07
C TRP G 260 33.53 -15.22 31.33
N ARG G 261 34.52 -15.02 30.46
CA ARG G 261 34.64 -13.80 29.67
C ARG G 261 34.12 -14.05 28.27
N LEU G 262 33.25 -13.16 27.79
CA LEU G 262 32.79 -13.18 26.41
C LEU G 262 33.72 -12.30 25.57
N GLU G 263 34.15 -12.84 24.43
CA GLU G 263 35.05 -12.13 23.53
C GLU G 263 34.55 -12.29 22.10
N PRO G 264 33.79 -11.32 21.57
CA PRO G 264 33.29 -11.45 20.20
C PRO G 264 34.40 -11.29 19.17
N LEU G 265 34.06 -11.67 17.94
CA LEU G 265 35.02 -11.74 16.84
C LEU G 265 35.07 -10.41 16.09
N ARG G 266 35.30 -9.33 16.84
CA ARG G 266 35.36 -7.99 16.28
C ARG G 266 36.62 -7.29 16.79
N ILE G 267 37.18 -6.46 15.92
CA ILE G 267 38.33 -5.64 16.28
C ILE G 267 37.89 -4.31 16.87
N SER G 268 36.88 -3.68 16.26
CA SER G 268 36.28 -2.49 16.82
C SER G 268 34.85 -2.75 17.23
N TRP G 269 34.44 -2.10 18.32
CA TRP G 269 33.11 -2.20 18.93
C TRP G 269 32.76 -3.64 19.31
N SER G 270 33.75 -4.35 19.86
CA SER G 270 33.45 -5.63 20.47
C SER G 270 32.66 -5.42 21.76
N GLY G 271 32.86 -4.28 22.42
CA GLY G 271 32.11 -3.90 23.58
C GLY G 271 30.83 -3.15 23.24
N SER G 272 30.42 -3.21 21.98
CA SER G 272 29.08 -2.78 21.61
C SER G 272 28.07 -3.83 22.06
N HIS G 273 26.77 -3.47 21.94
CA HIS G 273 25.70 -4.35 22.40
C HIS G 273 25.67 -5.64 21.59
N LEU G 274 25.93 -6.75 22.28
CA LEU G 274 25.92 -8.06 21.65
C LEU G 274 24.49 -8.44 21.29
N ARG G 275 24.33 -8.98 20.08
CA ARG G 275 23.03 -9.17 19.48
C ARG G 275 22.87 -10.62 19.05
N TRP G 276 21.69 -10.96 18.56
CA TRP G 276 21.45 -12.32 18.09
C TRP G 276 22.14 -12.53 16.76
N GLY G 277 22.46 -13.79 16.45
CA GLY G 277 23.13 -14.14 15.22
C GLY G 277 24.53 -13.58 15.13
N GLN G 278 25.29 -13.66 16.21
CA GLN G 278 26.57 -12.96 16.26
C GLN G 278 27.63 -13.87 16.88
N PRO G 279 28.57 -14.35 16.07
CA PRO G 279 29.55 -15.33 16.57
C PRO G 279 30.57 -14.68 17.49
N LEU G 280 31.18 -15.50 18.34
CA LEU G 280 32.06 -15.00 19.37
C LEU G 280 33.00 -16.10 19.86
N ARG G 281 33.77 -15.75 20.89
CA ARG G 281 34.69 -16.64 21.57
C ARG G 281 34.50 -16.53 23.07
N ILE G 282 34.51 -17.66 23.76
CA ILE G 282 34.26 -17.73 25.19
C ILE G 282 35.57 -18.01 25.90
N ARG G 283 35.94 -17.13 26.82
CA ARG G 283 37.10 -17.30 27.68
C ARG G 283 36.64 -17.56 29.10
N HIS G 284 37.28 -18.49 29.79
CA HIS G 284 37.16 -18.54 31.24
C HIS G 284 38.24 -17.66 31.84
N VAL G 285 37.87 -16.92 32.87
CA VAL G 285 38.72 -15.84 33.35
C VAL G 285 39.82 -16.34 34.25
N THR G 286 39.45 -16.94 35.39
CA THR G 286 40.46 -17.37 36.35
C THR G 286 41.25 -18.56 35.85
N THR G 287 40.63 -19.41 35.04
CA THR G 287 41.35 -20.47 34.35
C THR G 287 42.24 -19.92 33.24
N GLY G 288 41.78 -18.88 32.56
CA GLY G 288 42.55 -18.32 31.46
C GLY G 288 42.49 -19.14 30.20
N ARG G 289 41.44 -19.96 30.05
CA ARG G 289 41.34 -20.85 28.90
C ARG G 289 40.08 -20.57 28.10
N TYR G 290 39.85 -21.35 27.05
CA TYR G 290 38.74 -21.10 26.14
C TYR G 290 37.92 -22.37 26.01
N LEU G 291 36.72 -22.23 25.46
CA LEU G 291 35.81 -23.36 25.25
C LEU G 291 35.70 -23.66 23.78
N ALA G 292 35.90 -24.92 23.41
CA ALA G 292 35.80 -25.33 22.01
C ALA G 292 35.48 -26.82 21.94
N LEU G 293 34.97 -27.22 20.78
CA LEU G 293 34.85 -28.62 20.40
C LEU G 293 35.85 -28.84 19.28
N THR G 294 36.97 -29.51 19.59
CA THR G 294 38.09 -29.51 18.64
C THR G 294 37.86 -30.53 17.52
N GLU G 295 37.93 -31.82 17.85
CA GLU G 295 37.54 -32.81 16.85
C GLU G 295 36.66 -33.93 17.41
N ASP G 296 37.03 -34.48 18.57
CA ASP G 296 36.37 -35.66 19.08
C ASP G 296 36.15 -35.69 20.58
N GLN G 297 36.79 -34.80 21.35
CA GLN G 297 36.87 -34.92 22.80
C GLN G 297 35.54 -34.68 23.50
N GLY G 298 34.56 -34.10 22.82
CA GLY G 298 33.38 -33.61 23.49
C GLY G 298 33.59 -32.18 23.93
N LEU G 299 32.70 -31.71 24.80
CA LEU G 299 32.77 -30.32 25.23
C LEU G 299 33.88 -30.20 26.27
N VAL G 300 35.06 -29.80 25.80
CA VAL G 300 36.24 -29.68 26.64
C VAL G 300 36.72 -28.23 26.63
N VAL G 301 37.49 -27.89 27.65
CA VAL G 301 38.00 -26.53 27.83
C VAL G 301 39.34 -26.45 27.12
N VAL G 302 39.35 -25.82 25.97
CA VAL G 302 40.50 -25.79 25.09
C VAL G 302 41.49 -24.75 25.62
N ASP G 303 42.70 -24.75 25.09
CA ASP G 303 43.71 -23.79 25.50
C ASP G 303 43.62 -22.51 24.67
N ALA G 304 44.61 -21.63 24.82
CA ALA G 304 44.62 -20.32 24.22
C ALA G 304 45.27 -20.30 22.84
N CYS G 305 45.39 -21.46 22.19
CA CYS G 305 45.95 -21.54 20.85
C CYS G 305 45.15 -22.42 19.91
N LYS G 306 44.22 -23.22 20.42
CA LYS G 306 43.37 -24.08 19.61
C LYS G 306 41.92 -23.63 19.70
N ALA G 307 41.70 -22.32 19.69
CA ALA G 307 40.37 -21.74 19.79
C ALA G 307 40.08 -20.98 18.51
N HIS G 308 40.33 -21.64 17.38
CA HIS G 308 40.55 -21.00 16.10
C HIS G 308 39.31 -20.74 15.25
N THR G 309 38.25 -20.18 15.86
CA THR G 309 37.05 -19.61 15.22
C THR G 309 36.18 -20.68 14.52
N LYS G 310 36.69 -21.91 14.42
CA LYS G 310 36.00 -23.06 13.88
C LYS G 310 35.74 -24.07 14.99
N ALA G 311 36.74 -24.28 15.83
CA ALA G 311 36.58 -25.07 17.04
C ALA G 311 35.74 -24.34 18.07
N THR G 312 35.95 -23.03 18.22
CA THR G 312 35.16 -22.30 19.20
C THR G 312 33.76 -22.04 18.69
N SER G 313 33.62 -21.19 17.67
CA SER G 313 32.41 -20.91 16.90
C SER G 313 31.12 -20.79 17.69
N PHE G 314 31.00 -19.80 18.56
CA PHE G 314 29.89 -19.74 19.49
C PHE G 314 29.02 -18.51 19.27
N CYS G 315 27.71 -18.74 19.32
CA CYS G 315 26.73 -17.67 19.19
C CYS G 315 25.49 -18.09 19.96
N PHE G 316 24.54 -17.16 20.06
CA PHE G 316 23.35 -17.33 20.85
C PHE G 316 22.12 -17.40 19.95
N ARG G 317 21.18 -18.25 20.31
CA ARG G 317 19.99 -18.47 19.53
C ARG G 317 18.75 -18.20 20.37
N VAL G 318 17.70 -17.72 19.71
CA VAL G 318 16.43 -17.55 20.40
C VAL G 318 15.74 -18.91 20.56
N SER G 319 15.80 -19.73 19.53
CA SER G 319 15.36 -21.12 19.57
C SER G 319 16.20 -21.88 18.55
N LYS G 320 15.75 -23.07 18.17
CA LYS G 320 16.61 -24.00 17.44
C LYS G 320 16.13 -24.17 15.99
N GLU G 321 15.81 -23.05 15.35
CA GLU G 321 15.13 -23.01 14.06
C GLU G 321 16.13 -23.15 12.90
N LYS G 322 15.69 -22.77 11.70
CA LYS G 322 16.28 -23.09 10.40
C LYS G 322 17.25 -22.03 9.90
N LEU G 323 17.98 -21.42 10.84
CA LEU G 323 18.68 -20.13 10.71
C LEU G 323 19.42 -19.89 9.40
N ASP G 324 19.31 -18.67 8.89
CA ASP G 324 20.02 -18.26 7.69
C ASP G 324 21.40 -17.68 7.97
N THR G 325 21.61 -17.16 9.19
CA THR G 325 22.92 -16.75 9.72
C THR G 325 23.59 -15.67 8.88
N ALA G 326 22.80 -14.76 8.32
CA ALA G 326 23.35 -13.67 7.54
C ALA G 326 22.89 -12.34 8.10
N PRO G 327 22.97 -12.15 9.42
CA PRO G 327 22.75 -10.83 10.03
C PRO G 327 24.02 -10.12 10.47
N LYS G 328 25.20 -10.60 10.04
CA LYS G 328 26.47 -10.14 10.57
C LYS G 328 27.02 -9.03 9.68
N ARG G 329 26.39 -7.87 9.76
CA ARG G 329 26.96 -6.63 9.24
C ARG G 329 27.39 -5.79 10.44
N ASP G 330 28.54 -5.13 10.32
CA ASP G 330 29.13 -4.47 11.47
C ASP G 330 28.34 -3.24 11.89
N VAL G 331 28.41 -2.93 13.18
CA VAL G 331 27.81 -1.73 13.74
C VAL G 331 28.92 -0.93 14.40
N GLU G 332 29.18 0.26 13.88
CA GLU G 332 30.25 1.13 14.39
C GLU G 332 29.77 2.08 15.48
N GLY G 333 28.71 1.72 16.18
CA GLY G 333 28.32 2.38 17.41
C GLY G 333 28.04 1.30 18.42
N MET G 334 27.30 1.66 19.47
CA MET G 334 26.88 0.65 20.45
C MET G 334 25.84 -0.29 19.87
N GLY G 335 25.05 0.18 18.91
CA GLY G 335 24.05 -0.64 18.28
C GLY G 335 22.74 -0.62 19.03
N PRO G 336 21.67 -1.12 18.40
CA PRO G 336 20.42 -1.33 19.12
C PRO G 336 20.58 -2.38 20.20
N PRO G 337 20.39 -2.00 21.47
CA PRO G 337 20.67 -2.94 22.57
C PRO G 337 19.58 -4.00 22.67
N GLU G 338 19.93 -5.24 22.32
CA GLU G 338 18.97 -6.32 22.28
C GLU G 338 18.98 -7.17 23.54
N ILE G 339 20.12 -7.79 23.84
CA ILE G 339 20.16 -8.88 24.81
C ILE G 339 20.30 -8.31 26.21
N LYS G 340 19.36 -8.65 27.08
CA LYS G 340 19.31 -8.16 28.44
C LYS G 340 19.90 -9.18 29.42
N TYR G 341 19.97 -8.78 30.68
CA TYR G 341 20.51 -9.64 31.73
C TYR G 341 19.37 -10.33 32.47
N GLY G 342 19.39 -11.66 32.46
CA GLY G 342 18.39 -12.43 33.16
C GLY G 342 17.04 -12.52 32.48
N GLU G 343 16.83 -11.80 31.38
CA GLU G 343 15.54 -11.73 30.71
C GLU G 343 15.68 -12.03 29.22
N SER G 344 16.75 -12.70 28.81
CA SER G 344 16.98 -12.94 27.39
C SER G 344 16.63 -14.36 26.98
N LEU G 345 16.97 -15.34 27.84
CA LEU G 345 16.76 -16.78 27.62
C LEU G 345 17.45 -17.25 26.35
N CYS G 346 18.78 -17.21 26.38
CA CYS G 346 19.61 -17.48 25.22
C CYS G 346 19.75 -18.99 25.01
N PHE G 347 20.40 -19.36 23.89
CA PHE G 347 20.70 -20.75 23.58
C PHE G 347 22.02 -20.79 22.83
N VAL G 348 23.05 -21.32 23.47
CA VAL G 348 24.37 -21.39 22.87
C VAL G 348 24.38 -22.48 21.80
N GLN G 349 24.55 -22.07 20.56
CA GLN G 349 24.73 -23.01 19.46
C GLN G 349 26.14 -22.86 18.93
N HIS G 350 26.80 -23.99 18.67
CA HIS G 350 28.05 -23.96 17.96
C HIS G 350 27.80 -23.51 16.52
N VAL G 351 28.54 -22.48 16.09
CA VAL G 351 28.28 -21.84 14.80
C VAL G 351 28.67 -22.77 13.65
N ALA G 352 29.89 -23.30 13.69
CA ALA G 352 30.40 -24.08 12.57
C ALA G 352 29.71 -25.44 12.46
N SER G 353 29.62 -26.16 13.57
CA SER G 353 29.07 -27.50 13.55
C SER G 353 27.54 -27.52 13.68
N GLY G 354 26.92 -26.40 14.04
CA GLY G 354 25.48 -26.39 14.20
C GLY G 354 24.98 -27.03 15.46
N LEU G 355 25.81 -27.13 16.49
CA LEU G 355 25.47 -27.88 17.68
C LEU G 355 25.00 -26.98 18.82
N TRP G 356 23.76 -27.21 19.25
CA TRP G 356 23.23 -26.52 20.42
C TRP G 356 23.77 -27.15 21.70
N LEU G 357 23.86 -26.33 22.73
CA LEU G 357 24.35 -26.80 24.01
C LEU G 357 23.19 -27.34 24.84
N THR G 358 23.41 -28.47 25.50
CA THR G 358 22.46 -29.02 26.45
C THR G 358 23.22 -29.89 27.43
N TYR G 359 22.53 -30.31 28.47
CA TYR G 359 23.14 -31.23 29.43
C TYR G 359 23.14 -32.66 28.90
N ALA G 360 24.18 -33.40 29.28
CA ALA G 360 24.22 -34.84 29.10
C ALA G 360 23.63 -35.57 30.29
N ALA G 361 24.11 -35.23 31.49
CA ALA G 361 23.71 -35.75 32.80
C ALA G 361 23.77 -37.28 32.85
N PRO G 362 24.79 -37.89 32.23
CA PRO G 362 24.94 -39.35 32.36
C PRO G 362 25.71 -39.71 33.63
N ASP G 363 25.07 -40.46 34.52
CA ASP G 363 25.70 -40.86 35.77
C ASP G 363 25.17 -42.22 36.21
N PRO G 364 25.95 -42.96 37.01
CA PRO G 364 25.48 -44.26 37.49
C PRO G 364 24.61 -44.15 38.73
N LYS G 365 24.23 -45.29 39.31
CA LYS G 365 23.42 -45.28 40.53
C LYS G 365 24.24 -44.80 41.72
N ALA G 366 25.52 -45.21 41.79
CA ALA G 366 26.42 -44.68 42.80
C ALA G 366 26.83 -43.25 42.53
N LEU G 367 26.84 -42.83 41.27
CA LEU G 367 27.14 -41.44 40.95
C LEU G 367 25.93 -40.54 41.19
N ARG G 368 24.72 -41.06 40.97
CA ARG G 368 23.52 -40.30 41.32
C ARG G 368 23.39 -40.12 42.83
N LEU G 369 23.82 -41.12 43.61
CA LEU G 369 23.97 -40.98 45.04
C LEU G 369 25.29 -40.35 45.45
N GLY G 370 26.16 -40.05 44.48
CA GLY G 370 27.45 -39.45 44.78
C GLY G 370 27.62 -38.04 44.26
N VAL G 371 28.32 -37.91 43.13
CA VAL G 371 28.65 -36.61 42.57
C VAL G 371 27.40 -36.02 41.91
N LEU G 372 26.91 -34.91 42.47
CA LEU G 372 25.78 -34.20 41.90
C LEU G 372 26.30 -33.24 40.82
N LYS G 373 26.74 -33.84 39.72
CA LYS G 373 27.36 -33.11 38.62
C LYS G 373 26.74 -33.57 37.31
N LYS G 374 26.33 -32.60 36.50
CA LYS G 374 25.83 -32.86 35.16
C LYS G 374 26.79 -32.26 34.15
N LYS G 375 26.95 -32.93 33.01
CA LYS G 375 27.91 -32.51 32.00
C LYS G 375 27.16 -31.87 30.83
N ALA G 376 27.69 -30.76 30.33
CA ALA G 376 27.16 -30.12 29.15
C ALA G 376 27.82 -30.70 27.90
N ILE G 377 27.01 -31.01 26.90
CA ILE G 377 27.48 -31.52 25.62
C ILE G 377 26.84 -30.71 24.50
N LEU G 378 27.57 -30.60 23.39
CA LEU G 378 27.09 -29.94 22.18
C LEU G 378 26.28 -30.98 21.40
N HIS G 379 24.97 -30.79 21.34
CA HIS G 379 24.07 -31.78 20.79
C HIS G 379 23.21 -31.19 19.68
N GLN G 380 22.78 -32.06 18.76
CA GLN G 380 22.04 -31.60 17.58
C GLN G 380 20.61 -31.21 17.92
N GLU G 381 20.04 -31.73 19.00
CA GLU G 381 18.64 -31.48 19.33
C GLU G 381 18.48 -30.75 20.65
N GLY G 382 19.13 -31.23 21.70
CA GLY G 382 19.09 -30.59 22.98
C GLY G 382 17.85 -30.94 23.77
N HIS G 383 17.90 -30.65 25.06
CA HIS G 383 16.74 -30.79 25.91
C HIS G 383 15.91 -29.50 25.82
N MET G 384 14.74 -29.49 26.44
CA MET G 384 13.83 -28.37 26.35
C MET G 384 13.98 -27.40 27.52
N ASP G 385 14.99 -27.60 28.37
CA ASP G 385 15.17 -26.81 29.58
C ASP G 385 16.62 -26.34 29.71
N ASP G 386 17.17 -25.76 28.63
CA ASP G 386 18.44 -25.05 28.76
C ASP G 386 18.24 -23.76 29.56
N ALA G 387 17.40 -22.85 29.03
CA ALA G 387 16.90 -21.65 29.72
C ALA G 387 18.01 -20.74 30.21
N LEU G 388 19.07 -20.59 29.41
CA LEU G 388 20.26 -19.87 29.84
C LEU G 388 19.99 -18.37 29.83
N PHE G 389 19.68 -17.82 31.00
CA PHE G 389 19.53 -16.39 31.19
C PHE G 389 20.78 -15.86 31.89
N LEU G 390 21.32 -14.77 31.38
CA LEU G 390 22.67 -14.35 31.70
C LEU G 390 22.68 -13.40 32.89
N THR G 391 23.76 -13.47 33.67
CA THR G 391 23.88 -12.66 34.88
C THR G 391 25.32 -12.19 35.02
N ARG G 392 25.50 -10.87 34.98
CA ARG G 392 26.80 -10.22 35.07
C ARG G 392 26.91 -9.51 36.42
N CYS G 393 28.06 -9.62 37.06
CA CYS G 393 28.33 -8.94 38.33
C CYS G 393 29.47 -7.95 38.09
N GLN G 394 29.11 -6.71 37.81
CA GLN G 394 30.09 -5.70 37.40
C GLN G 394 30.68 -5.07 38.66
N GLN G 395 31.80 -5.63 39.14
CA GLN G 395 32.48 -5.09 40.31
C GLN G 395 33.93 -5.55 40.31
N GLU G 396 34.59 -5.39 41.45
CA GLU G 396 35.97 -5.83 41.64
C GLU G 396 36.09 -7.35 41.63
N GLU G 397 34.99 -8.07 41.86
CA GLU G 397 34.96 -9.51 41.64
C GLU G 397 35.32 -9.86 40.21
N SER G 398 34.84 -9.07 39.25
CA SER G 398 35.32 -9.20 37.89
C SER G 398 36.79 -8.80 37.78
N GLN G 399 37.21 -7.79 38.55
CA GLN G 399 38.59 -7.36 38.50
C GLN G 399 39.53 -8.36 39.19
N ALA G 400 39.12 -8.90 40.33
CA ALA G 400 39.97 -9.83 41.06
C ALA G 400 40.09 -11.18 40.36
N ALA G 401 39.13 -11.50 39.48
CA ALA G 401 39.15 -12.78 38.79
C ALA G 401 40.28 -12.84 37.77
N ARG G 402 40.56 -11.72 37.10
CA ARG G 402 41.67 -11.67 36.16
C ARG G 402 43.01 -11.75 36.88
N MET G 403 43.07 -11.24 38.12
CA MET G 403 44.27 -11.32 38.93
C MET G 403 44.66 -12.75 39.25
N ILE G 404 43.67 -13.64 39.37
CA ILE G 404 43.90 -15.01 39.77
C ILE G 404 44.61 -15.79 38.67
N HIS G 405 44.16 -15.64 37.43
CA HIS G 405 44.90 -16.22 36.30
C HIS G 405 46.25 -15.56 36.12
N SER G 406 46.35 -14.27 36.42
CA SER G 406 47.63 -13.59 36.41
C SER G 406 48.51 -14.01 37.58
N THR G 407 47.91 -14.53 38.64
CA THR G 407 48.68 -14.98 39.79
C THR G 407 49.40 -16.29 39.48
N ALA G 408 48.64 -17.33 39.14
CA ALA G 408 49.22 -18.64 38.88
C ALA G 408 50.00 -18.68 37.57
N GLY G 409 49.71 -17.74 36.67
CA GLY G 409 50.50 -17.63 35.46
C GLY G 409 51.94 -17.23 35.69
N LEU G 410 52.20 -16.49 36.77
CA LEU G 410 53.55 -16.08 37.12
C LEU G 410 54.28 -17.11 37.97
N TYR G 411 53.55 -17.82 38.83
CA TYR G 411 54.20 -18.73 39.76
C TYR G 411 54.60 -20.02 39.06
N ASN G 412 53.69 -20.64 38.32
CA ASN G 412 53.92 -21.96 37.77
C ASN G 412 54.90 -21.96 36.61
N GLN G 413 55.19 -20.79 36.04
CA GLN G 413 56.32 -20.67 35.11
C GLN G 413 57.63 -20.45 35.84
N PHE G 414 57.58 -20.04 37.10
CA PHE G 414 58.74 -19.73 37.91
C PHE G 414 59.08 -20.81 38.91
N ILE G 415 58.07 -21.50 39.46
CA ILE G 415 58.30 -22.63 40.36
C ILE G 415 58.99 -23.78 39.63
N LYS G 416 58.69 -23.96 38.34
CA LYS G 416 59.43 -24.93 37.54
C LYS G 416 60.89 -24.51 37.35
N GLY G 417 61.17 -23.21 37.42
CA GLY G 417 62.55 -22.76 37.45
C GLY G 417 63.27 -23.11 38.73
N LEU G 418 62.55 -23.24 39.84
CA LEU G 418 63.17 -23.71 41.08
C LEU G 418 63.53 -25.18 41.02
N ASP G 419 62.89 -25.96 40.14
CA ASP G 419 63.19 -27.37 40.04
C ASP G 419 64.34 -27.64 39.07
N SER G 420 64.89 -26.60 38.44
CA SER G 420 66.02 -26.76 37.54
C SER G 420 67.34 -26.87 38.29
N PHE G 421 67.43 -26.31 39.49
CA PHE G 421 68.65 -26.31 40.29
C PHE G 421 68.41 -26.91 41.67
N SER G 422 67.24 -27.52 41.88
CA SER G 422 66.88 -28.01 43.21
C SER G 422 67.72 -29.21 43.60
N GLY G 423 67.96 -30.11 42.66
CA GLY G 423 68.83 -31.25 42.92
C GLY G 423 70.12 -31.16 42.13
N LYS G 424 70.35 -30.01 41.51
CA LYS G 424 71.54 -29.82 40.68
C LYS G 424 72.38 -28.71 41.28
N PRO G 425 73.65 -28.97 41.58
CA PRO G 425 74.51 -27.92 42.13
C PRO G 425 74.92 -26.88 41.10
N ARG G 426 75.74 -25.93 41.55
CA ARG G 426 76.13 -24.78 40.74
C ARG G 426 77.50 -25.09 40.15
N GLY G 427 77.53 -25.43 38.87
CA GLY G 427 78.79 -25.55 38.17
C GLY G 427 79.48 -24.19 38.03
N SER G 428 80.80 -24.23 37.99
CA SER G 428 81.61 -23.03 37.81
C SER G 428 81.40 -22.51 36.41
N GLY G 429 80.64 -21.42 36.28
CA GLY G 429 80.17 -20.95 35.01
C GLY G 429 78.66 -20.89 35.00
N PRO G 430 78.01 -21.77 34.25
CA PRO G 430 76.55 -21.82 34.24
C PRO G 430 76.00 -22.34 35.57
N PRO G 431 75.18 -21.56 36.26
CA PRO G 431 74.68 -22.00 37.56
C PRO G 431 73.51 -22.96 37.47
N ALA G 432 72.64 -22.77 36.48
CA ALA G 432 71.40 -23.52 36.35
C ALA G 432 70.99 -23.49 34.89
N GLY G 433 69.72 -23.80 34.63
CA GLY G 433 69.22 -23.89 33.28
C GLY G 433 68.49 -22.63 32.85
N PRO G 434 67.16 -22.66 32.91
CA PRO G 434 66.39 -21.48 32.49
C PRO G 434 66.52 -20.34 33.49
N ALA G 435 66.38 -19.12 32.97
CA ALA G 435 66.53 -17.92 33.77
C ALA G 435 65.31 -17.73 34.68
N LEU G 436 65.57 -17.16 35.86
CA LEU G 436 64.53 -16.93 36.84
C LEU G 436 64.02 -15.51 36.74
N PRO G 437 62.74 -15.30 36.44
CA PRO G 437 62.14 -13.97 36.62
C PRO G 437 62.04 -13.64 38.10
N ILE G 438 62.85 -12.68 38.54
CA ILE G 438 62.98 -12.34 39.95
C ILE G 438 62.35 -10.99 40.27
N GLU G 439 62.63 -9.98 39.45
CA GLU G 439 62.20 -8.62 39.76
C GLU G 439 60.70 -8.46 39.58
N ALA G 440 60.12 -9.16 38.59
CA ALA G 440 58.68 -9.07 38.36
C ALA G 440 57.89 -9.81 39.43
N VAL G 441 58.46 -10.85 40.01
CA VAL G 441 57.76 -11.60 41.06
C VAL G 441 57.69 -10.78 42.34
N ILE G 442 58.82 -10.20 42.74
CA ILE G 442 58.87 -9.33 43.93
C ILE G 442 58.00 -8.09 43.73
N LEU G 443 57.93 -7.60 42.49
CA LEU G 443 56.98 -6.54 42.16
C LEU G 443 55.53 -6.99 42.34
N SER G 444 55.23 -8.25 42.00
CA SER G 444 53.86 -8.73 42.06
C SER G 444 53.41 -8.97 43.49
N LEU G 445 54.31 -9.45 44.36
CA LEU G 445 53.94 -9.69 45.75
C LEU G 445 53.69 -8.39 46.50
N GLN G 446 54.42 -7.32 46.15
CA GLN G 446 54.19 -6.03 46.77
C GLN G 446 52.84 -5.45 46.37
N ASP G 447 52.36 -5.79 45.18
CA ASP G 447 51.06 -5.27 44.72
C ASP G 447 49.92 -5.96 45.44
N LEU G 448 50.15 -7.16 45.95
CA LEU G 448 49.09 -7.91 46.61
C LEU G 448 49.01 -7.66 48.10
N ILE G 449 50.09 -7.21 48.72
CA ILE G 449 50.08 -6.91 50.14
C ILE G 449 49.22 -5.68 50.42
N GLY G 450 49.45 -4.60 49.68
CA GLY G 450 48.57 -3.44 49.75
C GLY G 450 47.18 -3.71 49.22
N TYR G 451 47.04 -4.72 48.35
CA TYR G 451 45.71 -5.14 47.91
C TYR G 451 44.91 -5.74 49.06
N PHE G 452 45.57 -6.45 49.96
CA PHE G 452 44.92 -6.99 51.16
C PHE G 452 45.27 -6.19 52.39
N GLU G 453 45.42 -4.89 52.23
CA GLU G 453 45.71 -4.04 53.37
C GLU G 453 44.46 -3.83 54.21
N PRO G 454 44.54 -3.97 55.54
CA PRO G 454 43.37 -3.75 56.37
C PRO G 454 43.02 -2.27 56.42
N PRO G 455 41.77 -1.93 56.68
CA PRO G 455 41.39 -0.52 56.76
C PRO G 455 41.91 0.15 58.02
N SER G 456 41.97 1.47 57.99
CA SER G 456 42.47 2.24 59.12
C SER G 456 41.48 2.23 60.27
N GLU G 457 42.00 2.42 61.47
CA GLU G 457 41.14 2.63 62.63
C GLU G 457 40.71 4.08 62.76
N GLU G 458 41.32 4.99 62.01
CA GLU G 458 40.83 6.35 61.89
C GLU G 458 39.62 6.45 60.99
N LEU G 459 39.30 5.39 60.25
CA LEU G 459 38.10 5.35 59.43
C LEU G 459 36.86 5.30 60.30
N GLN G 460 35.76 5.79 59.75
CA GLN G 460 34.45 5.70 60.38
C GLN G 460 34.06 4.24 60.58
N HIS G 461 33.38 3.97 61.70
CA HIS G 461 32.84 2.64 61.99
C HIS G 461 31.81 2.19 60.95
N GLU G 462 31.10 3.15 60.35
CA GLU G 462 30.21 2.86 59.24
C GLU G 462 30.98 2.27 58.06
N GLU G 463 32.01 2.98 57.60
CA GLU G 463 32.74 2.59 56.41
C GLU G 463 33.60 1.36 56.65
N LYS G 464 33.98 1.12 57.91
CA LYS G 464 34.88 0.01 58.23
C LYS G 464 34.20 -1.33 58.03
N GLN G 465 32.89 -1.40 58.31
CA GLN G 465 32.14 -2.64 58.07
C GLN G 465 32.05 -2.95 56.59
N SER G 466 31.92 -1.91 55.76
CA SER G 466 31.89 -2.07 54.31
C SER G 466 33.25 -2.52 53.78
N LYS G 467 34.34 -2.10 54.42
CA LYS G 467 35.67 -2.53 53.99
C LYS G 467 35.90 -4.00 54.28
N LEU G 468 35.46 -4.47 55.46
CA LEU G 468 35.75 -5.83 55.87
C LEU G 468 34.95 -6.84 55.07
N ARG G 469 33.72 -6.49 54.70
CA ARG G 469 32.96 -7.31 53.76
C ARG G 469 33.64 -7.34 52.41
N SER G 470 34.22 -6.21 52.00
CA SER G 470 35.03 -6.19 50.79
C SER G 470 36.36 -6.91 50.99
N LEU G 471 36.88 -6.90 52.22
CA LEU G 471 38.17 -7.53 52.47
C LEU G 471 38.05 -9.04 52.49
N ARG G 472 37.16 -9.57 53.34
CA ARG G 472 37.02 -11.00 53.53
C ARG G 472 36.51 -11.71 52.29
N ASN G 473 35.74 -11.01 51.45
CA ASN G 473 35.37 -11.59 50.17
C ASN G 473 36.59 -11.75 49.28
N ARG G 474 37.49 -10.77 49.30
CA ARG G 474 38.72 -10.88 48.53
C ARG G 474 39.66 -11.92 49.13
N GLN G 475 39.57 -12.15 50.45
CA GLN G 475 40.22 -13.31 51.02
C GLN G 475 39.52 -14.59 50.58
N SER G 476 38.20 -14.54 50.39
CA SER G 476 37.46 -15.73 50.00
C SER G 476 37.65 -16.07 48.54
N LEU G 477 37.94 -15.08 47.68
CA LEU G 477 38.13 -15.34 46.27
C LEU G 477 39.40 -16.14 46.00
N PHE G 478 40.39 -16.01 46.87
CA PHE G 478 41.61 -16.80 46.79
C PHE G 478 41.53 -18.08 47.63
N GLN G 479 40.32 -18.60 47.82
CA GLN G 479 40.11 -19.94 48.34
C GLN G 479 39.60 -20.90 47.28
N GLU G 480 38.80 -20.40 46.35
CA GLU G 480 38.08 -21.27 45.43
C GLU G 480 38.95 -21.76 44.27
N GLU G 481 40.03 -21.03 43.97
CA GLU G 481 41.06 -21.50 43.07
C GLU G 481 42.24 -22.09 43.83
N GLY G 482 42.03 -22.42 45.09
CA GLY G 482 43.07 -22.91 45.98
C GLY G 482 43.88 -21.75 46.49
N MET G 483 44.84 -21.30 45.68
CA MET G 483 45.58 -20.03 45.81
C MET G 483 46.38 -19.91 47.10
N LEU G 484 46.42 -20.93 47.93
CA LEU G 484 47.05 -20.86 49.25
C LEU G 484 48.17 -21.88 49.39
N SER G 485 47.96 -23.10 48.88
CA SER G 485 49.06 -24.06 48.80
C SER G 485 50.12 -23.60 47.81
N LEU G 486 49.69 -22.91 46.74
CA LEU G 486 50.64 -22.37 45.76
C LEU G 486 51.54 -21.31 46.39
N VAL G 487 51.01 -20.56 47.35
CA VAL G 487 51.85 -19.70 48.17
C VAL G 487 52.79 -20.55 49.02
N LEU G 488 52.27 -21.64 49.59
CA LEU G 488 53.09 -22.53 50.40
C LEU G 488 54.04 -23.36 49.55
N ASN G 489 53.72 -23.58 48.26
CA ASN G 489 54.64 -24.32 47.40
C ASN G 489 55.94 -23.57 47.15
N CYS G 490 55.88 -22.24 47.06
CA CYS G 490 57.11 -21.46 47.07
C CYS G 490 57.79 -21.57 48.43
N ILE G 491 57.00 -21.57 49.50
CA ILE G 491 57.52 -21.78 50.84
C ILE G 491 58.02 -23.22 51.00
N ASP G 492 57.41 -24.17 50.28
CA ASP G 492 57.93 -25.54 50.28
C ASP G 492 59.32 -25.61 49.65
N ARG G 493 59.50 -24.98 48.50
CA ARG G 493 60.73 -25.16 47.74
C ARG G 493 61.83 -24.18 48.14
N LEU G 494 61.48 -23.08 48.81
CA LEU G 494 62.47 -22.17 49.37
C LEU G 494 62.67 -22.41 50.87
N ASN G 495 62.24 -23.56 51.39
CA ASN G 495 62.38 -23.80 52.82
C ASN G 495 63.78 -24.21 53.17
N VAL G 496 64.36 -25.16 52.44
CA VAL G 496 65.67 -25.72 52.80
C VAL G 496 66.70 -24.83 52.13
N TYR G 497 66.94 -23.68 52.75
CA TYR G 497 68.05 -22.79 52.43
C TYR G 497 68.45 -22.15 53.76
N THR G 498 69.41 -22.77 54.45
CA THR G 498 69.67 -22.42 55.84
C THR G 498 70.42 -21.10 55.94
N THR G 499 71.65 -21.06 55.43
CA THR G 499 72.39 -19.79 55.40
C THR G 499 72.11 -19.06 54.09
N ALA G 500 72.01 -19.81 52.99
CA ALA G 500 71.53 -19.36 51.68
C ALA G 500 72.40 -18.24 51.09
N ALA G 501 73.65 -18.12 51.54
CA ALA G 501 74.60 -17.19 50.97
C ALA G 501 75.19 -17.74 49.67
N HIS G 502 75.89 -18.88 49.76
CA HIS G 502 76.19 -19.69 48.60
C HIS G 502 75.20 -20.82 48.41
N PHE G 503 74.31 -21.05 49.37
CA PHE G 503 73.40 -22.17 49.30
C PHE G 503 72.12 -21.82 48.56
N ALA G 504 71.78 -20.55 48.45
CA ALA G 504 70.81 -20.12 47.45
C ALA G 504 71.47 -19.72 46.14
N GLU G 505 72.80 -19.80 46.08
CA GLU G 505 73.54 -19.53 44.86
C GLU G 505 73.79 -20.82 44.08
N TYR G 506 72.74 -21.60 43.88
CA TYR G 506 72.76 -22.68 42.90
C TYR G 506 71.91 -22.34 41.68
N ALA G 507 71.14 -21.27 41.77
CA ALA G 507 70.52 -20.65 40.60
C ALA G 507 71.37 -19.56 39.99
N GLY G 508 72.30 -18.99 40.74
CA GLY G 508 73.12 -17.90 40.28
C GLY G 508 73.39 -16.93 41.43
N GLU G 509 74.43 -16.12 41.24
CA GLU G 509 74.70 -15.03 42.16
C GLU G 509 73.60 -13.97 42.05
N GLU G 510 73.38 -13.26 43.16
CA GLU G 510 72.38 -12.21 43.41
C GLU G 510 70.94 -12.72 43.45
N ALA G 511 70.70 -13.99 43.13
CA ALA G 511 69.44 -14.61 43.52
C ALA G 511 69.46 -15.01 44.98
N ALA G 512 70.65 -15.29 45.52
CA ALA G 512 70.81 -15.46 46.95
C ALA G 512 70.62 -14.15 47.68
N GLU G 513 71.04 -13.04 47.08
CA GLU G 513 70.72 -11.72 47.63
C GLU G 513 69.23 -11.46 47.57
N SER G 514 68.58 -11.88 46.49
CA SER G 514 67.14 -11.72 46.33
C SER G 514 66.35 -12.81 47.02
N TRP G 515 67.02 -13.81 47.61
CA TRP G 515 66.31 -14.91 48.26
C TRP G 515 65.57 -14.44 49.50
N LYS G 516 66.30 -13.80 50.43
CA LYS G 516 65.73 -13.40 51.72
C LYS G 516 64.62 -12.37 51.55
N GLU G 517 64.77 -11.47 50.57
CA GLU G 517 63.74 -10.48 50.27
C GLU G 517 62.43 -11.11 49.85
N ILE G 518 62.50 -12.22 49.10
CA ILE G 518 61.30 -12.97 48.78
C ILE G 518 60.71 -13.61 50.02
N VAL G 519 61.56 -14.25 50.83
CA VAL G 519 61.11 -15.03 51.99
C VAL G 519 60.52 -14.12 53.06
N ASN G 520 61.01 -12.88 53.17
CA ASN G 520 60.33 -11.89 54.00
C ASN G 520 58.93 -11.60 53.48
N LEU G 521 58.76 -11.53 52.16
CA LEU G 521 57.46 -11.28 51.57
C LEU G 521 56.56 -12.52 51.57
N LEU G 522 57.13 -13.72 51.68
CA LEU G 522 56.33 -14.93 51.56
C LEU G 522 55.38 -15.10 52.73
N TYR G 523 55.92 -15.08 53.97
CA TYR G 523 55.07 -15.24 55.14
C TYR G 523 54.26 -13.98 55.41
N GLU G 524 54.74 -12.83 54.93
CA GLU G 524 54.03 -11.58 55.15
C GLU G 524 52.76 -11.51 54.30
N LEU G 525 52.84 -12.00 53.07
CA LEU G 525 51.66 -12.03 52.22
C LEU G 525 50.66 -13.07 52.71
N LEU G 526 51.12 -14.09 53.43
CA LEU G 526 50.22 -15.11 53.94
C LEU G 526 49.33 -14.56 55.05
N ALA G 527 49.88 -13.74 55.94
CA ALA G 527 49.17 -13.32 57.14
C ALA G 527 48.02 -12.37 56.82
N SER G 528 48.11 -11.63 55.72
CA SER G 528 46.99 -10.80 55.30
C SER G 528 45.83 -11.65 54.81
N LEU G 529 46.11 -12.83 54.28
CA LEU G 529 45.10 -13.74 53.77
C LEU G 529 44.36 -14.46 54.87
N ILE G 530 44.88 -14.45 56.10
CA ILE G 530 44.36 -15.26 57.19
C ILE G 530 43.55 -14.43 58.18
N ARG G 531 44.02 -13.21 58.47
CA ARG G 531 43.39 -12.37 59.48
C ARG G 531 42.01 -11.92 59.04
N GLY G 532 41.12 -11.76 60.01
CA GLY G 532 39.74 -11.40 59.76
C GLY G 532 38.84 -12.58 59.46
N ASN G 533 39.38 -13.66 58.92
CA ASN G 533 38.59 -14.81 58.52
C ASN G 533 38.84 -15.97 59.47
N ARG G 534 37.77 -16.59 59.96
CA ARG G 534 37.88 -17.85 60.65
C ARG G 534 38.15 -18.99 59.67
N ALA G 535 37.61 -18.89 58.45
CA ALA G 535 37.75 -19.97 57.48
C ALA G 535 39.17 -20.09 56.96
N ASN G 536 39.92 -18.99 56.93
CA ASN G 536 41.33 -19.08 56.57
C ASN G 536 42.17 -19.56 57.75
N CYS G 537 41.63 -19.49 58.97
CA CYS G 537 42.29 -20.13 60.10
C CYS G 537 41.97 -21.62 60.15
N ALA G 538 41.05 -22.08 59.30
CA ALA G 538 40.61 -23.47 59.37
C ALA G 538 41.50 -24.41 58.56
N LEU G 539 42.10 -23.95 57.46
CA LEU G 539 42.85 -24.82 56.58
C LEU G 539 44.16 -25.32 57.17
N PHE G 540 44.69 -24.66 58.19
CA PHE G 540 46.02 -24.96 58.69
C PHE G 540 46.01 -25.96 59.84
N SER G 541 44.94 -26.75 59.96
CA SER G 541 44.90 -27.80 60.96
C SER G 541 45.86 -28.94 60.64
N THR G 542 46.03 -29.26 59.35
CA THR G 542 46.96 -30.31 58.98
C THR G 542 48.39 -29.79 58.91
N ASN G 543 48.56 -28.52 58.58
CA ASN G 543 49.88 -27.91 58.48
C ASN G 543 50.33 -27.26 59.79
N LEU G 544 49.59 -27.48 60.88
CA LEU G 544 50.02 -26.95 62.18
C LEU G 544 51.35 -27.55 62.61
N ASP G 545 51.49 -28.86 62.46
CA ASP G 545 52.78 -29.51 62.70
C ASP G 545 53.81 -29.18 61.62
N TRP G 546 53.39 -28.58 60.50
CA TRP G 546 54.31 -28.17 59.47
C TRP G 546 54.85 -26.76 59.66
N VAL G 547 54.00 -25.79 60.00
CA VAL G 547 54.41 -24.38 59.98
C VAL G 547 55.37 -24.07 61.13
N VAL G 548 54.90 -24.21 62.37
CA VAL G 548 55.66 -23.71 63.49
C VAL G 548 56.79 -24.64 63.90
N SER G 549 56.82 -25.85 63.37
CA SER G 549 57.96 -26.73 63.61
C SER G 549 59.18 -26.33 62.79
N LYS G 550 59.02 -25.49 61.77
CA LYS G 550 60.18 -25.04 61.01
C LYS G 550 61.01 -24.06 61.83
N LEU G 551 60.43 -22.90 62.17
CA LEU G 551 61.04 -21.86 62.98
C LEU G 551 62.38 -21.44 62.38
N ASP G 552 62.28 -20.79 61.21
CA ASP G 552 63.43 -20.56 60.32
C ASP G 552 64.51 -19.66 60.89
N ARG G 553 64.38 -19.16 62.13
CA ARG G 553 65.43 -18.73 63.07
C ARG G 553 66.38 -17.64 62.58
N LEU G 554 66.18 -17.15 61.36
CA LEU G 554 66.79 -15.92 60.87
C LEU G 554 65.80 -15.02 60.16
N GLU G 555 64.69 -15.57 59.68
CA GLU G 555 63.58 -14.83 59.11
C GLU G 555 62.31 -14.99 59.93
N ALA G 556 62.26 -15.99 60.82
CA ALA G 556 61.05 -16.38 61.52
C ALA G 556 60.50 -15.32 62.46
N SER G 557 61.34 -14.41 62.94
CA SER G 557 60.85 -13.30 63.75
C SER G 557 60.05 -12.30 62.93
N SER G 558 60.30 -12.23 61.62
CA SER G 558 59.61 -11.25 60.79
C SER G 558 58.18 -11.71 60.49
N GLY G 559 58.02 -12.82 59.78
CA GLY G 559 56.73 -13.17 59.26
C GLY G 559 56.13 -14.45 59.79
N ILE G 560 56.98 -15.39 60.21
CA ILE G 560 56.48 -16.66 60.71
C ILE G 560 55.86 -16.48 62.09
N LEU G 561 56.49 -15.64 62.93
CA LEU G 561 55.97 -15.39 64.27
C LEU G 561 54.66 -14.61 64.23
N GLU G 562 54.44 -13.83 63.19
CA GLU G 562 53.16 -13.14 63.06
C GLU G 562 52.05 -14.10 62.65
N VAL G 563 52.31 -14.94 61.65
CA VAL G 563 51.24 -15.71 61.01
C VAL G 563 50.76 -16.83 61.92
N LEU G 564 51.59 -17.27 62.86
CA LEU G 564 51.09 -18.19 63.87
C LEU G 564 50.16 -17.52 64.86
N TYR G 565 50.36 -16.24 65.15
CA TYR G 565 49.41 -15.50 65.97
C TYR G 565 48.11 -15.26 65.21
N CYS G 566 48.17 -15.26 63.88
CA CYS G 566 46.98 -15.04 63.07
C CYS G 566 46.02 -16.22 63.16
N VAL G 567 46.55 -17.45 63.16
CA VAL G 567 45.69 -18.62 63.17
C VAL G 567 45.21 -18.98 64.56
N LEU G 568 45.89 -18.51 65.61
CA LEU G 568 45.52 -18.84 66.97
C LEU G 568 44.55 -17.85 67.58
N ILE G 569 44.23 -16.77 66.88
CA ILE G 569 43.32 -15.78 67.46
C ILE G 569 41.86 -16.12 67.16
N GLU G 570 41.59 -16.92 66.13
CA GLU G 570 40.22 -17.16 65.68
C GLU G 570 39.78 -18.61 65.89
N SER G 571 40.50 -19.57 65.32
CA SER G 571 40.00 -20.93 65.30
C SER G 571 40.40 -21.66 66.58
N PRO G 572 39.44 -22.14 67.37
CA PRO G 572 39.79 -22.95 68.54
C PRO G 572 40.20 -24.38 68.20
N GLU G 573 39.95 -24.82 66.97
CA GLU G 573 40.25 -26.20 66.60
C GLU G 573 41.74 -26.41 66.43
N VAL G 574 42.47 -25.36 66.03
CA VAL G 574 43.92 -25.41 66.05
C VAL G 574 44.42 -25.45 67.49
N LEU G 575 43.73 -24.76 68.40
CA LEU G 575 44.05 -24.87 69.81
C LEU G 575 43.65 -26.22 70.39
N ASN G 576 42.79 -26.97 69.70
CA ASN G 576 42.39 -28.30 70.16
C ASN G 576 43.41 -29.36 69.78
N ILE G 577 44.30 -29.09 68.83
CA ILE G 577 45.17 -30.11 68.28
C ILE G 577 46.63 -29.81 68.60
N ILE G 578 46.87 -29.22 69.78
CA ILE G 578 48.24 -28.99 70.25
C ILE G 578 48.93 -30.33 70.49
N GLN G 579 50.26 -30.29 70.41
CA GLN G 579 51.09 -31.50 70.46
C GLN G 579 52.09 -31.46 71.62
N GLU G 580 52.32 -30.29 72.21
CA GLU G 580 53.17 -29.90 73.33
C GLU G 580 54.65 -29.88 72.94
N ASN G 581 55.03 -30.39 71.77
CA ASN G 581 56.38 -30.13 71.28
C ASN G 581 56.49 -28.73 70.68
N HIS G 582 55.39 -28.21 70.17
CA HIS G 582 55.36 -26.87 69.61
C HIS G 582 55.49 -25.81 70.70
N ILE G 583 54.78 -25.99 71.81
CA ILE G 583 54.78 -24.98 72.85
C ILE G 583 56.10 -24.99 73.60
N LYS G 584 56.80 -26.13 73.61
CA LYS G 584 58.18 -26.14 74.07
C LYS G 584 59.08 -25.45 73.07
N SER G 585 58.78 -25.57 71.78
CA SER G 585 59.57 -24.86 70.77
C SER G 585 59.31 -23.36 70.83
N ILE G 586 58.14 -22.96 71.34
CA ILE G 586 57.88 -21.56 71.66
C ILE G 586 58.82 -21.10 72.77
N ILE G 587 59.01 -21.94 73.80
CA ILE G 587 59.93 -21.62 74.89
C ILE G 587 61.37 -21.59 74.37
N SER G 588 61.70 -22.45 73.41
CA SER G 588 63.02 -22.38 72.78
C SER G 588 63.14 -21.14 71.91
N LEU G 589 62.07 -20.78 71.20
CA LEU G 589 62.01 -19.48 70.51
C LEU G 589 62.13 -18.34 71.51
N LEU G 590 61.50 -18.48 72.68
CA LEU G 590 61.70 -17.53 73.75
C LEU G 590 63.14 -17.58 74.28
N ASP G 591 63.78 -18.75 74.18
CA ASP G 591 65.16 -18.86 74.65
C ASP G 591 66.15 -18.40 73.58
N LYS G 592 66.00 -18.89 72.35
CA LYS G 592 66.99 -18.63 71.31
C LYS G 592 66.93 -17.21 70.76
N HIS G 593 65.89 -16.44 71.06
CA HIS G 593 65.74 -15.13 70.44
C HIS G 593 65.46 -14.00 71.42
N GLY G 594 65.02 -14.27 72.65
CA GLY G 594 64.99 -13.28 73.68
C GLY G 594 63.58 -12.87 74.05
N ARG G 595 63.40 -11.58 74.31
CA ARG G 595 62.22 -11.05 74.94
C ARG G 595 61.38 -10.28 73.93
N ASN G 596 60.22 -10.82 73.60
CA ASN G 596 59.33 -10.19 72.63
C ASN G 596 57.95 -10.05 73.25
N HIS G 597 57.24 -9.02 72.79
CA HIS G 597 55.85 -8.84 73.16
C HIS G 597 54.96 -9.89 72.53
N LYS G 598 55.33 -10.40 71.35
CA LYS G 598 54.49 -11.32 70.60
C LYS G 598 54.43 -12.68 71.27
N VAL G 599 55.59 -13.22 71.66
CA VAL G 599 55.68 -14.61 72.11
C VAL G 599 54.97 -14.84 73.44
N LEU G 600 54.77 -13.80 74.23
CA LEU G 600 53.94 -13.91 75.42
C LEU G 600 52.48 -13.64 75.11
N ASP G 601 52.21 -12.82 74.10
CA ASP G 601 50.83 -12.58 73.68
C ASP G 601 50.25 -13.79 72.97
N VAL G 602 51.09 -14.55 72.26
CA VAL G 602 50.64 -15.79 71.65
C VAL G 602 50.26 -16.81 72.72
N LEU G 603 51.12 -16.96 73.73
CA LEU G 603 50.81 -17.82 74.87
C LEU G 603 49.66 -17.25 75.70
N CYS G 604 49.46 -15.93 75.66
CA CYS G 604 48.28 -15.34 76.27
C CYS G 604 47.02 -15.76 75.53
N SER G 605 47.06 -15.79 74.20
CA SER G 605 45.92 -16.24 73.42
C SER G 605 45.88 -17.76 73.28
N LEU G 606 46.91 -18.45 73.74
CA LEU G 606 46.91 -19.90 73.64
C LEU G 606 46.01 -20.54 74.69
N CYS G 607 45.88 -19.92 75.87
CA CYS G 607 45.14 -20.54 76.95
C CYS G 607 43.64 -20.51 76.69
N VAL G 608 43.08 -19.31 76.53
CA VAL G 608 41.67 -19.15 76.22
C VAL G 608 41.50 -18.95 74.72
N CYS G 609 40.57 -19.69 74.13
CA CYS G 609 40.32 -19.55 72.70
C CYS G 609 39.23 -18.53 72.42
N ASN G 610 38.02 -18.82 72.88
CA ASN G 610 36.85 -17.96 72.69
C ASN G 610 35.95 -18.18 73.90
N GLY G 611 36.17 -17.38 74.95
CA GLY G 611 35.44 -17.58 76.18
C GLY G 611 35.89 -18.80 76.95
N VAL G 612 35.61 -19.99 76.42
CA VAL G 612 35.99 -21.25 77.03
C VAL G 612 37.50 -21.45 76.88
N ALA G 613 38.06 -22.35 77.67
CA ALA G 613 39.49 -22.62 77.62
C ALA G 613 39.75 -24.06 78.03
N VAL G 614 40.64 -24.70 77.29
CA VAL G 614 40.98 -26.09 77.51
C VAL G 614 41.94 -26.19 78.69
N ARG G 615 41.75 -27.22 79.53
CA ARG G 615 42.60 -27.46 80.68
C ARG G 615 43.99 -27.95 80.31
N SER G 616 44.21 -28.36 79.06
CA SER G 616 45.50 -28.88 78.64
C SER G 616 46.58 -27.80 78.68
N ASN G 617 46.41 -26.76 77.86
CA ASN G 617 47.45 -25.76 77.70
C ASN G 617 47.61 -24.86 78.92
N GLN G 618 46.61 -24.80 79.80
CA GLN G 618 46.76 -24.07 81.05
C GLN G 618 47.81 -24.73 81.94
N ASP G 619 47.89 -26.05 81.92
CA ASP G 619 48.78 -26.77 82.80
C ASP G 619 50.12 -27.10 82.12
N LEU G 620 50.13 -27.18 80.79
CA LEU G 620 51.39 -27.43 80.09
C LEU G 620 52.33 -26.23 80.21
N ILE G 621 51.79 -25.02 80.13
CA ILE G 621 52.61 -23.83 80.30
C ILE G 621 53.00 -23.66 81.76
N THR G 622 52.12 -24.08 82.68
CA THR G 622 52.45 -24.09 84.11
C THR G 622 53.60 -25.04 84.39
N GLU G 623 53.59 -26.20 83.74
CA GLU G 623 54.69 -27.14 83.89
C GLU G 623 55.94 -26.66 83.16
N ASN G 624 55.78 -26.14 81.95
CA ASN G 624 56.91 -25.68 81.16
C ASN G 624 57.28 -24.23 81.45
N LEU G 625 56.63 -23.60 82.43
CA LEU G 625 57.28 -22.51 83.15
C LEU G 625 58.29 -23.21 84.04
N LEU G 626 59.57 -23.02 83.72
CA LEU G 626 60.64 -23.65 84.49
C LEU G 626 60.64 -23.10 85.90
N PRO G 627 60.56 -23.94 86.94
CA PRO G 627 60.65 -23.44 88.31
C PRO G 627 62.02 -22.89 88.67
N GLY G 628 63.06 -23.27 87.92
CA GLY G 628 64.36 -22.66 88.04
C GLY G 628 64.37 -21.22 87.59
N ARG G 629 63.43 -20.89 86.69
CA ARG G 629 63.05 -19.53 86.33
C ARG G 629 64.21 -18.75 85.69
N GLU G 630 64.82 -19.34 84.66
CA GLU G 630 66.03 -18.81 84.05
C GLU G 630 65.78 -17.76 82.98
N LEU G 631 64.54 -17.63 82.50
CA LEU G 631 64.24 -16.67 81.45
C LEU G 631 63.29 -15.57 81.89
N LEU G 632 62.42 -15.84 82.86
CA LEU G 632 61.40 -14.90 83.29
C LEU G 632 62.02 -13.87 84.25
N LEU G 633 61.17 -13.05 84.85
CA LEU G 633 61.60 -11.98 85.74
C LEU G 633 61.10 -12.26 87.16
N GLN G 634 61.99 -12.10 88.14
CA GLN G 634 61.67 -12.48 89.51
C GLN G 634 62.04 -11.35 90.46
N THR G 635 61.09 -10.97 91.29
CA THR G 635 61.29 -9.94 92.30
C THR G 635 61.04 -10.54 93.67
N ASN G 636 61.66 -9.94 94.67
CA ASN G 636 61.53 -10.41 96.04
C ASN G 636 61.81 -9.22 96.96
N LEU G 637 61.26 -9.30 98.18
CA LEU G 637 61.52 -8.27 99.17
C LEU G 637 62.93 -8.40 99.70
N ILE G 638 63.81 -7.51 99.26
CA ILE G 638 65.19 -7.45 99.72
C ILE G 638 65.32 -6.15 100.50
N ASN G 639 66.24 -6.08 101.47
CA ASN G 639 66.30 -4.92 102.35
C ASN G 639 67.43 -4.01 101.88
N TYR G 640 67.51 -2.84 102.50
CA TYR G 640 68.57 -1.89 102.27
C TYR G 640 69.78 -2.24 103.13
N VAL G 641 70.97 -1.93 102.62
CA VAL G 641 72.22 -2.27 103.28
C VAL G 641 73.11 -1.04 103.32
N THR G 642 73.81 -0.85 104.43
CA THR G 642 74.70 0.29 104.65
C THR G 642 75.99 -0.19 105.31
N SER G 643 76.95 0.73 105.41
CA SER G 643 78.22 0.45 106.06
C SER G 643 78.81 1.77 106.54
N ILE G 644 79.22 1.80 107.81
CA ILE G 644 79.77 2.98 108.44
C ILE G 644 81.20 2.70 108.86
N ARG G 645 82.13 3.50 108.36
CA ARG G 645 83.54 3.33 108.72
C ARG G 645 83.94 4.35 109.78
N PRO G 646 84.83 3.97 110.69
CA PRO G 646 85.67 4.96 111.36
C PRO G 646 86.75 5.45 110.40
N ASN G 647 87.32 6.61 110.75
CA ASN G 647 88.38 7.23 109.96
C ASN G 647 89.74 6.64 110.36
N ILE G 648 89.89 5.34 110.10
CA ILE G 648 91.09 4.60 110.40
C ILE G 648 91.65 4.08 109.09
N PHE G 649 92.89 4.46 108.79
CA PHE G 649 93.55 4.12 107.54
C PHE G 649 94.79 3.32 107.85
N VAL G 650 94.93 2.15 107.22
CA VAL G 650 96.07 1.27 107.45
C VAL G 650 96.73 0.97 106.11
N GLY G 651 97.98 1.43 105.96
CA GLY G 651 98.79 1.05 104.82
C GLY G 651 100.17 0.64 105.28
N ARG G 652 100.88 -0.06 104.39
CA ARG G 652 102.22 -0.53 104.71
C ARG G 652 103.10 -0.35 103.48
N ALA G 653 104.02 0.61 103.55
CA ALA G 653 104.92 0.90 102.45
C ALA G 653 106.33 0.98 103.00
N GLU G 654 107.30 1.19 102.10
CA GLU G 654 108.69 1.33 102.49
C GLU G 654 108.91 2.68 103.14
N GLY G 655 108.95 2.70 104.47
CA GLY G 655 109.00 3.95 105.21
C GLY G 655 107.94 4.00 106.29
N SER G 656 106.96 4.88 106.13
CA SER G 656 105.88 4.99 107.11
C SER G 656 104.92 3.82 106.96
N THR G 657 104.83 3.00 108.01
CA THR G 657 104.03 1.78 107.98
C THR G 657 102.90 1.75 109.00
N GLN G 658 102.88 2.68 109.96
CA GLN G 658 101.89 2.77 111.04
C GLN G 658 101.80 1.45 111.82
N TYR G 659 102.99 0.94 112.20
CA TYR G 659 103.26 -0.23 113.05
C TYR G 659 102.96 -1.57 112.35
N GLY G 660 102.30 -1.52 111.19
CA GLY G 660 102.04 -2.71 110.39
C GLY G 660 101.16 -3.79 110.98
N LYS G 661 100.57 -3.55 112.15
CA LYS G 661 99.67 -4.49 112.80
C LYS G 661 98.59 -3.69 113.49
N TRP G 662 97.33 -4.11 113.37
CA TRP G 662 96.21 -3.44 114.01
C TRP G 662 95.22 -4.50 114.47
N TYR G 663 94.11 -4.07 115.05
CA TYR G 663 93.22 -4.98 115.77
C TYR G 663 91.85 -4.36 115.99
N PHE G 664 90.82 -5.19 115.96
CA PHE G 664 89.43 -4.78 116.14
C PHE G 664 88.78 -5.51 117.31
N GLU G 665 87.86 -4.80 117.98
CA GLU G 665 86.83 -5.41 118.82
C GLU G 665 85.51 -4.69 118.56
N VAL G 666 84.47 -5.45 118.24
CA VAL G 666 83.15 -4.90 117.95
C VAL G 666 82.14 -5.56 118.89
N MET G 667 81.45 -4.73 119.67
CA MET G 667 80.47 -5.21 120.63
C MET G 667 79.08 -5.17 120.01
N VAL G 668 78.41 -6.32 119.97
CA VAL G 668 77.10 -6.45 119.34
C VAL G 668 76.10 -6.87 120.40
N ASP G 669 75.11 -6.01 120.66
CA ASP G 669 73.99 -6.32 121.56
C ASP G 669 72.70 -6.04 120.80
N GLU G 670 72.27 -7.00 119.98
CA GLU G 670 71.07 -6.84 119.17
C GLU G 670 70.32 -8.16 119.06
N VAL G 671 69.03 -8.14 119.34
CA VAL G 671 68.15 -9.28 119.11
C VAL G 671 67.10 -8.82 118.11
N VAL G 672 67.40 -8.95 116.82
CA VAL G 672 66.41 -8.85 115.75
C VAL G 672 66.67 -10.06 114.86
N PRO G 673 66.13 -11.24 115.20
CA PRO G 673 66.44 -12.42 114.38
C PRO G 673 65.68 -12.45 113.06
N PHE G 674 64.44 -12.00 113.05
CA PHE G 674 63.61 -11.98 111.86
C PHE G 674 63.15 -10.55 111.61
N LEU G 675 63.67 -9.93 110.55
CA LEU G 675 63.03 -8.78 109.96
C LEU G 675 61.86 -9.28 109.12
N THR G 676 60.89 -8.39 108.87
CA THR G 676 59.61 -8.81 108.29
C THR G 676 59.70 -9.29 106.85
N ALA G 677 60.82 -9.04 106.15
CA ALA G 677 61.00 -9.55 104.81
C ALA G 677 61.85 -10.83 104.80
N GLN G 678 63.07 -10.76 105.31
CA GLN G 678 63.89 -11.95 105.53
C GLN G 678 64.68 -11.74 106.82
N ALA G 679 65.61 -12.64 107.11
CA ALA G 679 66.48 -12.45 108.27
C ALA G 679 67.44 -11.28 108.03
N THR G 680 67.94 -10.73 109.14
CA THR G 680 68.72 -9.51 109.08
C THR G 680 70.13 -9.78 108.56
N HIS G 681 70.70 -8.76 107.92
CA HIS G 681 72.07 -8.79 107.43
C HIS G 681 72.96 -8.08 108.43
N LEU G 682 74.03 -8.75 108.85
CA LEU G 682 74.96 -8.18 109.81
C LEU G 682 76.31 -8.84 109.61
N ARG G 683 77.30 -8.09 109.12
CA ARG G 683 78.64 -8.61 108.96
C ARG G 683 79.63 -7.60 109.51
N VAL G 684 80.93 -7.90 109.34
CA VAL G 684 81.99 -6.99 109.75
C VAL G 684 83.24 -7.38 108.98
N GLY G 685 84.15 -6.42 108.77
CA GLY G 685 85.43 -6.75 108.19
C GLY G 685 86.25 -5.62 107.59
N TRP G 686 86.78 -5.86 106.38
CA TRP G 686 87.85 -5.06 105.82
C TRP G 686 87.53 -4.64 104.39
N ALA G 687 88.27 -3.64 103.93
CA ALA G 687 88.30 -3.22 102.53
C ALA G 687 89.59 -2.44 102.32
N LEU G 688 90.02 -2.33 101.06
CA LEU G 688 91.23 -1.60 100.71
C LEU G 688 90.95 -0.62 99.57
N THR G 689 90.34 0.52 99.92
CA THR G 689 89.97 1.65 99.04
C THR G 689 89.19 1.25 97.79
N GLU G 690 88.58 0.07 97.79
CA GLU G 690 87.90 -0.50 96.64
C GLU G 690 86.59 -1.12 97.12
N GLY G 691 85.89 -0.38 97.97
CA GLY G 691 84.78 -0.88 98.75
C GLY G 691 83.47 -0.55 98.06
N TYR G 692 82.87 0.59 98.42
CA TYR G 692 81.58 1.07 97.90
C TYR G 692 80.46 0.10 98.26
N SER G 693 80.43 -0.27 99.54
CA SER G 693 79.21 -0.80 100.13
C SER G 693 77.97 0.10 100.03
N PRO G 694 78.08 1.46 99.89
CA PRO G 694 76.91 2.20 99.40
C PRO G 694 76.56 1.92 97.94
N TYR G 695 75.58 2.68 97.43
CA TYR G 695 74.65 2.38 96.33
C TYR G 695 73.79 1.19 96.73
N PRO G 696 72.82 1.35 97.66
CA PRO G 696 72.05 0.18 98.12
C PRO G 696 70.94 -0.23 97.16
N GLY G 697 71.26 -0.44 95.89
CA GLY G 697 70.26 -0.84 94.93
C GLY G 697 70.48 -2.22 94.38
N GLY G 698 71.02 -2.31 93.17
CA GLY G 698 71.33 -3.58 92.56
C GLY G 698 72.80 -3.84 92.43
N GLY G 699 73.30 -4.88 93.09
CA GLY G 699 74.69 -5.26 93.04
C GLY G 699 74.92 -6.47 92.17
N GLU G 700 76.17 -6.95 92.19
CA GLU G 700 76.55 -8.10 91.39
C GLU G 700 75.98 -9.40 91.93
N GLY G 701 75.53 -9.39 93.19
CA GLY G 701 74.76 -10.50 93.74
C GLY G 701 73.30 -10.13 93.90
N TRP G 702 72.84 -10.03 95.14
CA TRP G 702 71.48 -9.57 95.46
C TRP G 702 71.61 -8.24 96.20
N GLY G 703 71.72 -7.16 95.44
CA GLY G 703 71.89 -5.85 96.04
C GLY G 703 73.34 -5.52 96.30
N GLY G 704 73.62 -4.22 96.37
CA GLY G 704 74.97 -3.75 96.65
C GLY G 704 75.31 -3.87 98.12
N ASN G 705 75.59 -5.10 98.55
CA ASN G 705 75.73 -5.40 99.98
C ASN G 705 77.09 -4.97 100.51
N GLY G 706 77.24 -5.13 101.83
CA GLY G 706 78.32 -4.49 102.56
C GLY G 706 79.74 -4.98 102.34
N VAL G 707 80.05 -6.19 102.80
CA VAL G 707 81.44 -6.62 102.89
C VAL G 707 81.51 -8.12 102.58
N GLY G 708 82.61 -8.53 101.97
CA GLY G 708 82.88 -9.94 101.74
C GLY G 708 82.10 -10.55 100.59
N ASP G 709 81.56 -9.72 99.72
CA ASP G 709 80.86 -10.24 98.55
C ASP G 709 81.64 -10.02 97.27
N ASP G 710 82.49 -9.01 97.20
CA ASP G 710 83.43 -8.88 96.11
C ASP G 710 84.77 -9.47 96.54
N LEU G 711 85.77 -9.42 95.65
CA LEU G 711 87.11 -9.84 95.97
C LEU G 711 87.96 -8.69 96.50
N TYR G 712 87.31 -7.62 96.95
CA TYR G 712 87.97 -6.47 97.53
C TYR G 712 87.71 -6.34 99.02
N SER G 713 86.85 -7.18 99.59
CA SER G 713 86.42 -7.05 100.96
C SER G 713 86.31 -8.43 101.60
N TYR G 714 86.40 -8.45 102.93
CA TYR G 714 86.40 -9.68 103.69
C TYR G 714 85.37 -9.56 104.81
N GLY G 715 84.29 -10.33 104.73
CA GLY G 715 83.21 -10.27 105.69
C GLY G 715 83.10 -11.55 106.50
N PHE G 716 82.23 -11.48 107.51
CA PHE G 716 82.00 -12.60 108.42
C PHE G 716 80.72 -12.36 109.19
N ASP G 717 79.88 -13.40 109.29
CA ASP G 717 78.64 -13.27 110.05
C ASP G 717 78.36 -14.47 110.95
N GLY G 718 79.38 -15.24 111.31
CA GLY G 718 79.27 -16.24 112.36
C GLY G 718 79.67 -17.65 111.99
N LEU G 719 79.27 -18.15 110.80
CA LEU G 719 79.92 -19.38 110.31
C LEU G 719 80.08 -19.23 108.79
N HIS G 720 81.11 -18.50 108.38
CA HIS G 720 81.33 -18.20 106.97
C HIS G 720 82.78 -17.81 106.75
N LEU G 721 83.12 -17.65 105.47
CA LEU G 721 84.35 -16.97 105.02
C LEU G 721 83.95 -16.14 103.82
N TRP G 722 83.50 -14.91 104.06
CA TRP G 722 82.96 -14.08 102.99
C TRP G 722 84.10 -13.38 102.24
N THR G 723 84.31 -13.78 100.99
CA THR G 723 85.06 -13.03 100.00
C THR G 723 84.67 -13.53 98.62
N GLY G 724 84.32 -12.60 97.72
CA GLY G 724 83.95 -12.97 96.37
C GLY G 724 82.65 -13.74 96.26
N HIS G 725 81.63 -13.38 97.06
CA HIS G 725 80.34 -14.06 97.14
C HIS G 725 80.48 -15.55 97.44
N VAL G 726 81.38 -15.90 98.35
CA VAL G 726 81.62 -17.29 98.74
C VAL G 726 81.15 -17.46 100.18
N ALA G 727 80.08 -18.22 100.35
CA ALA G 727 79.52 -18.54 101.68
C ALA G 727 80.00 -19.90 102.18
N ARG G 728 81.30 -20.10 102.30
CA ARG G 728 81.77 -21.38 102.83
C ARG G 728 81.95 -21.28 104.35
N PRO G 729 81.44 -22.24 105.12
CA PRO G 729 81.40 -22.08 106.57
C PRO G 729 82.75 -22.40 107.21
N VAL G 730 82.78 -22.31 108.54
CA VAL G 730 83.97 -22.58 109.33
C VAL G 730 83.65 -23.69 110.34
N THR G 731 84.71 -24.12 111.03
CA THR G 731 84.60 -25.03 112.17
C THR G 731 85.15 -24.27 113.38
N SER G 732 84.28 -23.99 114.34
CA SER G 732 84.67 -23.31 115.57
C SER G 732 83.65 -23.68 116.64
N PRO G 733 84.05 -23.71 117.92
CA PRO G 733 83.08 -23.92 119.00
C PRO G 733 82.10 -22.77 119.09
N GLY G 734 80.85 -23.13 119.35
CA GLY G 734 79.76 -22.16 119.26
C GLY G 734 79.42 -21.82 117.82
N GLN G 735 79.27 -22.83 116.98
CA GLN G 735 79.08 -22.64 115.54
C GLN G 735 77.66 -22.15 115.30
N HIS G 736 77.49 -20.83 115.38
CA HIS G 736 76.24 -20.17 115.10
C HIS G 736 76.57 -18.80 114.49
N LEU G 737 75.53 -18.07 114.12
CA LEU G 737 75.72 -16.79 113.45
C LEU G 737 75.99 -15.69 114.49
N LEU G 738 75.86 -14.44 114.09
CA LEU G 738 76.16 -13.34 115.01
C LEU G 738 75.03 -13.18 116.01
N ALA G 739 75.16 -13.90 117.12
CA ALA G 739 74.35 -13.70 118.30
C ALA G 739 74.72 -12.38 118.97
N PRO G 740 73.84 -11.80 119.77
CA PRO G 740 74.23 -10.66 120.60
C PRO G 740 75.20 -11.06 121.70
N GLU G 741 75.76 -10.04 122.35
CA GLU G 741 76.80 -10.15 123.39
C GLU G 741 78.02 -10.91 122.88
N ASP G 742 78.54 -10.46 121.74
CA ASP G 742 79.71 -11.06 121.13
C ASP G 742 80.73 -9.99 120.77
N VAL G 743 82.00 -10.35 120.91
CA VAL G 743 83.12 -9.49 120.57
C VAL G 743 83.91 -10.18 119.47
N VAL G 744 84.00 -9.53 118.31
CA VAL G 744 84.71 -10.07 117.16
C VAL G 744 86.10 -9.50 117.15
N SER G 745 87.10 -10.38 117.24
CA SER G 745 88.51 -9.98 117.25
C SER G 745 89.07 -10.18 115.86
N CYS G 746 89.02 -9.12 115.05
CA CYS G 746 89.59 -9.12 113.71
C CYS G 746 91.07 -8.79 113.84
N CYS G 747 91.90 -9.82 113.79
CA CYS G 747 93.33 -9.63 113.94
C CYS G 747 93.95 -9.24 112.60
N LEU G 748 94.57 -8.07 112.54
CA LEU G 748 95.22 -7.60 111.33
C LEU G 748 96.71 -7.85 111.41
N ASP G 749 97.22 -8.67 110.51
CA ASP G 749 98.65 -8.90 110.38
C ASP G 749 99.04 -8.62 108.95
N LEU G 750 100.13 -7.88 108.75
CA LEU G 750 100.56 -7.48 107.42
C LEU G 750 101.89 -8.10 107.01
N SER G 751 102.25 -9.23 107.62
CA SER G 751 103.46 -9.94 107.21
C SER G 751 103.24 -10.64 105.87
N VAL G 752 102.18 -11.43 105.77
CA VAL G 752 101.86 -12.15 104.53
C VAL G 752 101.22 -11.21 103.50
N PRO G 753 100.14 -10.43 103.81
CA PRO G 753 99.29 -10.13 104.98
C PRO G 753 98.27 -11.22 105.31
N SER G 754 97.92 -11.33 106.58
CA SER G 754 97.00 -12.37 107.05
C SER G 754 96.02 -11.75 108.02
N ILE G 755 94.74 -12.09 107.84
CA ILE G 755 93.67 -11.57 108.69
C ILE G 755 92.94 -12.77 109.31
N SER G 756 92.89 -12.80 110.64
CA SER G 756 92.20 -13.87 111.35
C SER G 756 91.10 -13.28 112.23
N PHE G 757 90.04 -14.07 112.40
CA PHE G 757 88.85 -13.62 113.11
C PHE G 757 88.67 -14.44 114.38
N ARG G 758 87.98 -13.85 115.36
CA ARG G 758 87.78 -14.51 116.65
C ARG G 758 86.59 -13.89 117.35
N ILE G 759 85.51 -14.67 117.48
CA ILE G 759 84.40 -14.34 118.37
C ILE G 759 84.86 -14.82 119.75
N ASN G 760 84.09 -14.52 120.80
CA ASN G 760 84.50 -14.43 122.21
C ASN G 760 85.45 -15.50 122.74
N GLY G 761 84.99 -16.75 122.85
CA GLY G 761 85.97 -17.81 123.02
C GLY G 761 86.46 -18.29 121.67
N CYS G 762 85.57 -19.01 120.96
CA CYS G 762 85.38 -19.18 119.52
C CYS G 762 86.64 -19.03 118.67
N PRO G 763 87.60 -19.98 118.72
CA PRO G 763 88.76 -19.86 117.83
C PRO G 763 88.37 -20.10 116.38
N VAL G 764 87.88 -19.02 115.75
CA VAL G 764 87.37 -19.08 114.39
C VAL G 764 88.51 -19.35 113.43
N GLN G 765 88.51 -20.55 112.84
CA GLN G 765 89.57 -20.97 111.93
C GLN G 765 89.33 -20.34 110.55
N GLY G 766 89.73 -19.08 110.44
CA GLY G 766 89.67 -18.39 109.17
C GLY G 766 90.84 -17.44 109.01
N VAL G 767 91.62 -17.64 107.96
CA VAL G 767 92.80 -16.83 107.66
C VAL G 767 92.72 -16.38 106.22
N PHE G 768 92.55 -15.07 106.00
CA PHE G 768 92.45 -14.53 104.66
C PHE G 768 93.80 -13.96 104.25
N GLU G 769 94.39 -14.54 103.20
CA GLU G 769 95.67 -14.10 102.67
C GLU G 769 95.57 -13.90 101.17
N ALA G 770 96.73 -13.69 100.52
CA ALA G 770 96.87 -13.52 99.07
C ALA G 770 96.04 -12.35 98.55
N PHE G 771 96.33 -11.17 99.10
CA PHE G 771 95.71 -9.93 98.65
C PHE G 771 96.72 -8.80 98.77
N ASN G 772 96.58 -7.83 97.87
CA ASN G 772 97.51 -6.72 97.77
C ASN G 772 97.29 -5.69 98.89
N LEU G 773 98.34 -4.92 99.16
CA LEU G 773 98.28 -3.77 100.05
C LEU G 773 97.93 -2.49 99.31
N ASP G 774 97.29 -2.61 98.14
CA ASP G 774 96.98 -1.48 97.27
C ASP G 774 95.83 -0.71 97.89
N GLY G 775 96.17 0.28 98.70
CA GLY G 775 95.18 1.14 99.31
C GLY G 775 95.19 1.02 100.83
N LEU G 776 94.77 2.10 101.47
CA LEU G 776 94.60 2.11 102.91
C LEU G 776 93.42 1.23 103.31
N PHE G 777 93.47 0.70 104.52
CA PHE G 777 92.47 -0.26 104.97
C PHE G 777 91.38 0.47 105.77
N PHE G 778 90.30 -0.26 106.05
CA PHE G 778 89.11 0.32 106.65
C PHE G 778 88.47 -0.61 107.67
N PRO G 779 87.95 -0.05 108.75
CA PRO G 779 87.01 -0.82 109.58
C PRO G 779 85.64 -0.86 108.94
N VAL G 780 85.29 -2.00 108.34
CA VAL G 780 84.06 -2.13 107.57
C VAL G 780 83.10 -3.00 108.35
N VAL G 781 81.93 -2.46 108.67
CA VAL G 781 80.85 -3.22 109.27
C VAL G 781 79.67 -3.19 108.31
N SER G 782 79.05 -4.33 108.09
CA SER G 782 77.84 -4.43 107.28
C SER G 782 76.66 -4.69 108.21
N PHE G 783 75.58 -3.95 108.02
CA PHE G 783 74.42 -4.11 108.89
C PHE G 783 73.17 -3.72 108.14
N SER G 784 72.11 -4.48 108.36
CA SER G 784 70.80 -4.15 107.84
C SER G 784 70.06 -3.28 108.86
N ALA G 785 68.75 -3.12 108.67
CA ALA G 785 67.94 -2.33 109.57
C ALA G 785 67.77 -3.03 110.92
N GLY G 786 67.42 -2.25 111.94
CA GLY G 786 67.20 -2.76 113.27
C GLY G 786 68.45 -3.13 114.04
N VAL G 787 69.63 -2.82 113.53
CA VAL G 787 70.89 -3.23 114.17
C VAL G 787 71.60 -1.99 114.68
N LYS G 788 71.70 -1.88 116.01
CA LYS G 788 72.40 -0.77 116.66
C LYS G 788 73.71 -1.31 117.22
N VAL G 789 74.76 -1.25 116.41
CA VAL G 789 76.03 -1.90 116.72
C VAL G 789 76.94 -0.89 117.43
N ARG G 790 77.89 -1.40 118.21
CA ARG G 790 78.84 -0.58 118.93
C ARG G 790 80.27 -1.00 118.62
N PHE G 791 81.09 -0.04 118.19
CA PHE G 791 82.51 -0.26 118.04
C PHE G 791 83.19 -0.22 119.41
N LEU G 792 84.49 -0.48 119.41
CA LEU G 792 85.34 -0.22 120.57
C LEU G 792 86.60 0.46 120.06
N LEU G 793 86.86 1.67 120.58
CA LEU G 793 87.98 2.49 120.13
C LEU G 793 89.35 1.93 120.49
N GLY G 794 89.44 0.91 121.33
CA GLY G 794 90.73 0.47 121.77
C GLY G 794 91.21 1.29 122.94
N GLY G 795 91.98 2.33 122.64
CA GLY G 795 92.53 3.21 123.65
C GLY G 795 91.53 4.01 124.47
N ARG G 796 90.78 4.90 123.83
CA ARG G 796 89.99 5.88 124.58
C ARG G 796 88.73 5.28 125.19
N HIS G 797 87.81 4.81 124.34
CA HIS G 797 86.56 4.26 124.82
C HIS G 797 86.43 2.76 124.53
N GLY G 798 87.51 2.11 124.17
CA GLY G 798 87.42 0.68 123.93
C GLY G 798 87.61 -0.09 125.21
N GLU G 799 86.50 -0.44 125.86
CA GLU G 799 86.53 -1.21 127.09
C GLU G 799 86.71 -2.66 126.69
N PHE G 800 87.89 -3.21 126.97
CA PHE G 800 88.27 -4.52 126.47
C PHE G 800 87.57 -5.60 127.27
N LYS G 801 86.52 -6.18 126.68
CA LYS G 801 85.91 -7.38 127.24
C LYS G 801 86.77 -8.61 127.00
N PHE G 802 87.62 -8.57 125.97
CA PHE G 802 88.58 -9.63 125.71
C PHE G 802 89.91 -8.98 125.34
N LEU G 803 90.88 -9.83 124.98
CA LEU G 803 92.17 -9.17 124.85
C LEU G 803 92.64 -9.15 123.40
N PRO G 804 93.39 -8.12 123.03
CA PRO G 804 94.16 -8.19 121.79
C PRO G 804 95.24 -9.26 121.91
N PRO G 805 95.60 -9.91 120.81
CA PRO G 805 96.81 -10.73 120.82
C PRO G 805 98.04 -9.84 120.99
N PRO G 806 99.16 -10.41 121.50
CA PRO G 806 100.31 -9.56 121.87
C PRO G 806 100.97 -8.83 120.72
N GLY G 807 100.87 -7.50 120.74
CA GLY G 807 101.50 -6.66 119.74
C GLY G 807 100.58 -6.22 118.63
N TYR G 808 99.32 -5.90 118.95
CA TYR G 808 98.41 -5.33 117.95
C TYR G 808 97.73 -4.10 118.53
N ALA G 809 98.48 -2.97 118.59
CA ALA G 809 98.10 -1.58 118.33
C ALA G 809 96.63 -1.25 118.51
N PRO G 810 96.10 -1.21 119.73
CA PRO G 810 94.65 -1.02 119.90
C PRO G 810 94.14 0.36 119.52
N CYS G 811 94.30 0.72 118.24
CA CYS G 811 93.84 1.99 117.64
C CYS G 811 94.31 3.20 118.46
N HIS G 812 95.61 3.21 118.77
CA HIS G 812 96.17 4.19 119.67
C HIS G 812 97.28 5.03 119.04
N GLU G 813 98.31 4.38 118.48
CA GLU G 813 99.52 5.12 118.12
C GLU G 813 99.34 5.93 116.83
N ALA G 814 98.86 5.30 115.76
CA ALA G 814 98.71 5.99 114.48
C ALA G 814 97.24 5.98 114.09
N VAL G 815 96.49 6.94 114.63
CA VAL G 815 95.08 7.11 114.30
C VAL G 815 94.74 8.60 114.43
N LEU G 816 94.18 9.15 113.34
CA LEU G 816 93.84 10.56 113.15
C LEU G 816 95.04 11.46 113.42
N PRO G 817 96.06 11.49 112.54
CA PRO G 817 97.25 12.30 112.83
C PRO G 817 97.02 13.79 112.73
N ARG G 818 95.96 14.23 112.03
CA ARG G 818 95.61 15.65 111.98
C ARG G 818 94.10 15.85 112.07
N GLU G 819 93.37 14.89 112.62
CA GLU G 819 91.91 14.95 112.66
C GLU G 819 91.43 14.33 113.96
N ARG G 820 90.13 14.04 114.02
CA ARG G 820 89.49 13.43 115.18
C ARG G 820 88.88 12.09 114.77
N LEU G 821 88.11 11.51 115.68
CA LEU G 821 87.46 10.23 115.44
C LEU G 821 86.05 10.45 114.90
N ARG G 822 85.79 9.93 113.70
CA ARG G 822 84.51 10.14 113.02
C ARG G 822 83.99 8.83 112.46
N LEU G 823 82.74 8.52 112.76
CA LEU G 823 82.04 7.43 112.09
C LEU G 823 81.33 7.98 110.85
N GLU G 824 81.51 7.31 109.72
CA GLU G 824 81.00 7.84 108.47
C GLU G 824 80.69 6.75 107.46
N PRO G 825 79.68 6.92 106.61
CA PRO G 825 79.50 6.01 105.48
C PRO G 825 80.58 6.23 104.43
N ILE G 826 81.13 5.14 103.93
CA ILE G 826 82.31 5.17 103.06
C ILE G 826 81.92 5.66 101.67
N LYS G 827 82.29 6.92 101.35
CA LYS G 827 82.17 7.54 100.04
C LYS G 827 80.72 7.54 99.53
N GLU G 828 79.87 8.26 100.25
CA GLU G 828 78.46 8.33 99.91
C GLU G 828 78.23 9.30 98.76
N TYR G 829 77.00 9.29 98.25
CA TYR G 829 76.53 10.27 97.28
C TYR G 829 75.49 11.21 97.85
N ARG G 830 74.73 10.75 98.83
CA ARG G 830 73.70 11.52 99.51
C ARG G 830 73.98 11.49 101.01
N ARG G 831 73.62 12.57 101.69
CA ARG G 831 73.63 12.61 103.14
C ARG G 831 72.46 13.47 103.61
N GLU G 832 72.26 13.49 104.93
CA GLU G 832 71.15 14.23 105.51
C GLU G 832 71.48 15.72 105.58
N GLY G 833 70.50 16.49 106.06
CA GLY G 833 70.65 17.91 106.19
C GLY G 833 69.47 18.54 106.90
N PRO G 834 69.65 19.76 107.43
CA PRO G 834 68.55 20.43 108.13
C PRO G 834 67.42 20.84 107.19
N ARG G 835 67.76 21.50 106.09
CA ARG G 835 66.83 21.73 104.99
C ARG G 835 67.60 21.44 103.72
N GLY G 836 67.07 20.57 102.87
CA GLY G 836 67.86 20.10 101.77
C GLY G 836 68.96 19.15 102.24
N PRO G 837 68.61 17.89 102.50
CA PRO G 837 69.65 16.88 102.76
C PRO G 837 70.65 16.81 101.62
N HIS G 838 71.92 16.92 101.97
CA HIS G 838 72.97 17.30 101.03
C HIS G 838 73.38 16.14 100.14
N LEU G 839 73.83 16.48 98.94
CA LEU G 839 74.45 15.54 98.02
C LEU G 839 75.95 15.76 98.01
N VAL G 840 76.70 14.67 97.97
CA VAL G 840 78.15 14.73 98.09
C VAL G 840 78.78 13.99 96.91
N GLY G 841 79.80 14.61 96.31
CA GLY G 841 80.54 14.01 95.24
C GLY G 841 81.50 12.94 95.72
N PRO G 842 82.28 12.36 94.80
CA PRO G 842 83.17 11.25 95.18
C PRO G 842 84.38 11.70 95.97
N SER G 843 84.35 11.50 97.28
CA SER G 843 85.44 11.93 98.15
C SER G 843 86.64 11.02 97.94
N ARG G 844 87.73 11.58 97.42
CA ARG G 844 88.93 10.80 97.12
C ARG G 844 89.67 10.49 98.42
N CYS G 845 90.06 9.23 98.58
CA CYS G 845 90.82 8.81 99.75
C CYS G 845 92.24 9.36 99.66
N LEU G 846 92.70 9.98 100.73
CA LEU G 846 93.97 10.69 100.72
C LEU G 846 95.12 9.70 100.87
N SER G 847 95.91 9.57 99.79
CA SER G 847 97.17 8.80 99.76
C SER G 847 96.95 7.32 100.10
N HIS G 848 96.13 6.66 99.27
CA HIS G 848 95.92 5.22 99.41
C HIS G 848 97.22 4.47 99.16
N THR G 849 97.97 4.87 98.14
CA THR G 849 99.36 4.50 97.96
C THR G 849 100.23 5.72 98.23
N ASP G 850 101.54 5.49 98.24
CA ASP G 850 102.57 6.52 98.48
C ASP G 850 102.38 7.23 99.82
N PHE G 851 102.10 6.45 100.86
CA PHE G 851 101.97 6.98 102.22
C PHE G 851 103.28 7.01 102.97
N VAL G 852 104.41 7.07 102.25
CA VAL G 852 105.73 7.12 102.84
C VAL G 852 106.43 8.39 102.33
N PRO G 853 107.19 9.09 103.16
CA PRO G 853 107.81 10.34 102.73
C PRO G 853 109.06 10.07 101.88
N CYS G 854 109.46 11.10 101.13
CA CYS G 854 110.59 10.99 100.22
C CYS G 854 111.48 12.22 100.34
N PRO G 855 112.72 12.07 100.81
CA PRO G 855 113.61 13.24 100.92
C PRO G 855 114.10 13.72 99.56
N VAL G 856 114.64 14.93 99.58
CA VAL G 856 115.35 15.51 98.44
C VAL G 856 116.81 15.62 98.83
N ASP G 857 117.69 15.00 98.05
CA ASP G 857 119.10 14.93 98.36
C ASP G 857 119.78 16.30 98.27
N ILE G 861 124.71 13.76 95.91
CA ILE G 861 125.18 14.72 94.91
C ILE G 861 126.49 15.34 95.36
N VAL G 862 126.87 16.45 94.74
CA VAL G 862 128.11 17.16 95.04
C VAL G 862 127.78 18.54 95.56
N LEU G 863 128.82 19.33 95.88
CA LEU G 863 128.62 20.69 96.37
C LEU G 863 129.70 21.58 95.75
N PRO G 864 129.31 22.74 95.18
CA PRO G 864 130.32 23.63 94.60
C PRO G 864 131.18 24.26 95.68
N PRO G 865 132.40 24.71 95.33
CA PRO G 865 133.29 25.26 96.37
C PRO G 865 132.84 26.59 96.95
N HIS G 866 132.15 27.43 96.17
CA HIS G 866 131.61 28.66 96.75
C HIS G 866 130.44 28.40 97.67
N LEU G 867 129.76 27.26 97.52
CA LEU G 867 128.83 26.78 98.54
C LEU G 867 129.53 26.02 99.65
N GLU G 868 130.71 25.46 99.38
CA GLU G 868 131.56 24.97 100.46
C GLU G 868 132.18 26.11 101.27
N ARG G 869 132.33 27.29 100.66
CA ARG G 869 132.72 28.46 101.43
C ARG G 869 131.62 28.91 102.37
N ILE G 870 130.37 28.62 102.02
CA ILE G 870 129.26 29.01 102.88
C ILE G 870 128.79 27.85 103.75
N ARG G 871 129.27 26.63 103.48
CA ARG G 871 128.92 25.47 104.29
C ARG G 871 129.45 25.61 105.72
N GLU G 872 130.60 26.26 105.88
CA GLU G 872 131.08 26.61 107.21
C GLU G 872 130.24 27.72 107.83
N LYS G 873 129.86 28.72 107.02
CA LYS G 873 129.14 29.87 107.56
C LYS G 873 127.66 29.58 107.76
N LEU G 874 127.06 28.71 106.95
CA LEU G 874 125.69 28.29 107.22
C LEU G 874 125.63 27.39 108.46
N ALA G 875 126.67 26.60 108.69
CA ALA G 875 126.75 25.84 109.93
C ALA G 875 127.09 26.71 111.14
N GLU G 876 127.51 27.95 110.92
CA GLU G 876 127.59 28.91 112.01
C GLU G 876 126.21 29.43 112.39
N ASN G 877 125.51 30.04 111.43
CA ASN G 877 124.32 30.83 111.76
C ASN G 877 123.14 29.94 112.15
N ILE G 878 123.12 28.69 111.68
CA ILE G 878 122.18 27.72 112.23
C ILE G 878 122.54 27.39 113.67
N HIS G 879 123.84 27.21 113.94
CA HIS G 879 124.29 26.96 115.30
C HIS G 879 124.24 28.22 116.15
N GLU G 880 124.32 29.41 115.53
CA GLU G 880 124.09 30.66 116.25
C GLU G 880 122.67 30.72 116.78
N LEU G 881 121.71 30.23 116.00
CA LEU G 881 120.32 30.26 116.42
C LEU G 881 119.94 29.02 117.23
N TRP G 882 120.63 27.90 117.02
CA TRP G 882 120.38 26.72 117.84
C TRP G 882 120.93 26.91 119.25
N ALA G 883 122.04 27.62 119.39
CA ALA G 883 122.51 28.00 120.71
C ALA G 883 121.71 29.15 121.30
N LEU G 884 121.07 29.95 120.44
CA LEU G 884 120.18 31.00 120.92
C LEU G 884 118.91 30.41 121.52
N THR G 885 118.42 29.31 120.94
CA THR G 885 117.15 28.72 121.37
C THR G 885 117.25 28.12 122.77
N ARG G 886 118.42 27.58 123.13
CA ARG G 886 118.61 27.03 124.46
C ARG G 886 118.60 28.12 125.52
N ILE G 887 119.25 29.26 125.23
CA ILE G 887 119.39 30.32 126.22
C ILE G 887 118.06 31.01 126.48
N GLU G 888 117.18 31.07 125.48
CA GLU G 888 115.85 31.66 125.66
C GLU G 888 114.98 30.88 126.64
N GLN G 889 115.26 29.59 126.85
CA GLN G 889 114.55 28.79 127.84
C GLN G 889 115.26 28.71 129.18
N GLY G 890 116.52 29.15 129.26
CA GLY G 890 117.24 29.12 130.51
C GLY G 890 118.31 28.05 130.58
N TRP G 891 118.60 27.42 129.44
CA TRP G 891 119.67 26.43 129.36
C TRP G 891 120.99 27.18 129.36
N THR G 892 121.67 27.21 130.51
CA THR G 892 122.98 27.83 130.61
C THR G 892 124.04 26.90 130.06
N TYR G 893 125.30 27.34 130.07
CA TYR G 893 126.38 26.52 129.55
C TYR G 893 126.98 25.66 130.65
N GLY G 894 127.18 24.39 130.33
CA GLY G 894 127.81 23.45 131.23
C GLY G 894 128.17 22.17 130.50
N PRO G 895 129.37 21.65 130.76
CA PRO G 895 129.82 20.45 130.02
C PRO G 895 129.06 19.18 130.37
N VAL G 896 128.44 19.13 131.55
CA VAL G 896 127.61 18.00 131.95
C VAL G 896 126.19 18.32 131.50
N ARG G 897 125.71 17.61 130.48
CA ARG G 897 124.39 17.88 129.91
C ARG G 897 123.33 17.29 130.83
N ASP G 898 122.70 18.15 131.61
CA ASP G 898 121.62 17.73 132.51
C ASP G 898 120.38 18.56 132.21
N ASP G 899 119.22 17.89 132.20
CA ASP G 899 117.97 18.58 131.93
C ASP G 899 117.45 19.33 133.16
N ASN G 900 117.90 18.94 134.36
CA ASN G 900 117.47 19.62 135.58
C ASN G 900 118.41 20.75 135.95
N LYS G 901 119.70 20.62 135.65
CA LYS G 901 120.65 21.69 135.91
C LYS G 901 120.62 22.78 134.84
N ARG G 902 119.96 22.50 133.70
CA ARG G 902 119.85 23.40 132.54
C ARG G 902 121.23 23.80 132.03
N LEU G 903 122.03 22.78 131.72
CA LEU G 903 123.40 22.96 131.24
C LEU G 903 123.48 22.36 129.83
N HIS G 904 123.66 23.21 128.83
CA HIS G 904 123.76 22.77 127.45
C HIS G 904 125.22 22.80 127.01
N PRO G 905 125.81 21.66 126.64
CA PRO G 905 127.26 21.63 126.40
C PRO G 905 127.70 22.20 125.06
N CYS G 906 126.79 22.46 124.14
CA CYS G 906 127.15 23.00 122.84
C CYS G 906 126.77 24.46 122.69
N LEU G 907 126.89 25.24 123.76
CA LEU G 907 126.75 26.70 123.69
C LEU G 907 128.13 27.32 123.50
N VAL G 908 128.78 26.93 122.41
CA VAL G 908 130.17 27.25 122.14
C VAL G 908 130.27 27.98 120.81
N ASN G 909 131.48 28.48 120.52
CA ASN G 909 131.80 29.04 119.22
C ASN G 909 131.76 27.97 118.14
N PHE G 910 131.80 28.42 116.88
CA PHE G 910 131.90 27.48 115.77
C PHE G 910 133.25 26.78 115.75
N HIS G 911 134.30 27.48 116.18
CA HIS G 911 135.61 26.86 116.35
C HIS G 911 135.72 26.11 117.68
N SER G 912 134.94 26.51 118.68
CA SER G 912 134.91 25.82 119.96
C SER G 912 133.93 24.66 119.98
N LEU G 913 133.38 24.30 118.82
CA LEU G 913 132.57 23.10 118.71
C LEU G 913 133.41 21.85 118.98
N PRO G 914 132.87 20.88 119.71
CA PRO G 914 133.53 19.57 119.80
C PRO G 914 133.56 18.89 118.44
N GLU G 915 134.52 17.97 118.31
CA GLU G 915 134.74 17.26 117.04
C GLU G 915 133.54 16.45 116.55
N PRO G 916 132.69 15.83 117.41
CA PRO G 916 131.38 15.43 116.89
C PRO G 916 130.48 16.60 116.51
N GLU G 917 130.41 17.62 117.37
CA GLU G 917 129.47 18.73 117.13
C GLU G 917 129.92 19.66 116.01
N ARG G 918 131.20 19.66 115.66
CA ARG G 918 131.65 20.48 114.54
C ARG G 918 131.21 19.88 113.21
N ASN G 919 131.33 18.56 113.06
CA ASN G 919 130.85 17.86 111.88
C ASN G 919 129.37 17.53 111.97
N TYR G 920 128.69 17.94 113.04
CA TYR G 920 127.25 17.81 113.18
C TYR G 920 126.51 18.98 112.55
N ASN G 921 127.04 20.20 112.72
CA ASN G 921 126.45 21.36 112.07
C ASN G 921 126.83 21.41 110.60
N LEU G 922 128.05 20.96 110.25
CA LEU G 922 128.45 20.91 108.86
C LEU G 922 127.69 19.85 108.08
N GLN G 923 127.22 18.80 108.77
CA GLN G 923 126.39 17.79 108.11
C GLN G 923 125.01 18.33 107.82
N MET G 924 124.44 19.11 108.74
CA MET G 924 123.16 19.77 108.48
C MET G 924 123.31 20.87 107.45
N SER G 925 124.46 21.55 107.42
CA SER G 925 124.72 22.55 106.40
C SER G 925 125.06 21.93 105.06
N GLY G 926 125.57 20.69 105.07
CA GLY G 926 125.90 20.03 103.83
C GLY G 926 124.69 19.56 103.05
N GLU G 927 123.67 19.06 103.76
CA GLU G 927 122.47 18.57 103.11
C GLU G 927 121.46 19.67 102.80
N THR G 928 121.52 20.80 103.51
CA THR G 928 120.60 21.90 103.25
C THR G 928 120.90 22.55 101.90
N LEU G 929 122.18 22.70 101.58
CA LEU G 929 122.59 23.25 100.29
C LEU G 929 122.35 22.26 99.16
N LYS G 930 122.55 20.96 99.42
CA LYS G 930 122.31 19.96 98.40
C LYS G 930 120.83 19.69 98.15
N THR G 931 119.97 20.00 99.13
CA THR G 931 118.53 19.84 98.92
C THR G 931 118.01 20.90 97.96
N LEU G 932 118.44 22.15 98.14
CA LEU G 932 118.02 23.26 97.29
C LEU G 932 118.57 23.18 95.87
N LEU G 933 119.55 22.30 95.61
CA LEU G 933 119.99 22.05 94.24
C LEU G 933 118.89 21.35 93.46
N ALA G 934 118.34 20.27 94.00
CA ALA G 934 117.31 19.49 93.33
C ALA G 934 115.91 19.94 93.74
N LEU G 935 115.68 21.25 93.63
CA LEU G 935 114.35 21.82 93.82
C LEU G 935 113.99 22.89 92.80
N GLY G 936 114.83 23.11 91.79
CA GLY G 936 114.55 24.16 90.82
C GLY G 936 114.81 25.55 91.34
N CYS G 937 115.51 25.69 92.46
CA CYS G 937 115.84 26.99 93.03
C CYS G 937 117.16 27.46 92.45
N HIS G 938 117.16 28.66 91.88
CA HIS G 938 118.37 29.23 91.28
C HIS G 938 119.24 29.75 92.41
N VAL G 939 120.22 28.93 92.81
CA VAL G 939 121.09 29.24 93.94
C VAL G 939 122.42 29.73 93.40
N GLY G 940 122.80 30.94 93.79
CA GLY G 940 124.05 31.50 93.34
C GLY G 940 124.33 32.85 93.99
N MET G 941 125.61 33.20 93.99
CA MET G 941 126.05 34.48 94.56
C MET G 941 125.57 35.65 93.72
N ALA G 942 125.01 36.66 94.38
CA ALA G 942 124.47 37.83 93.70
C ALA G 942 125.44 39.00 93.67
N ASP G 943 125.87 39.50 94.84
CA ASP G 943 126.49 40.82 94.88
C ASP G 943 127.81 40.91 95.67
N GLU G 944 128.07 40.00 96.63
CA GLU G 944 129.27 39.96 97.48
C GLU G 944 129.49 41.23 98.30
N LYS G 945 128.46 42.06 98.48
CA LYS G 945 128.54 43.19 99.40
C LYS G 945 127.52 43.11 100.52
N ALA G 946 126.45 42.32 100.36
CA ALA G 946 125.54 42.08 101.47
C ALA G 946 126.18 41.23 102.55
N GLU G 947 127.17 40.40 102.18
CA GLU G 947 127.94 39.65 103.17
C GLU G 947 128.84 40.59 103.97
N ASP G 948 129.37 41.63 103.34
CA ASP G 948 130.11 42.65 104.05
C ASP G 948 129.21 43.59 104.85
N ASN G 949 127.94 43.69 104.47
CA ASN G 949 126.97 44.50 105.19
C ASN G 949 126.33 43.77 106.37
N LEU G 950 126.80 42.56 106.68
CA LEU G 950 126.21 41.77 107.77
C LEU G 950 126.55 42.35 109.12
N LYS G 951 125.54 42.46 109.97
CA LYS G 951 125.68 42.91 111.35
C LYS G 951 125.29 41.77 112.27
N LYS G 952 125.56 41.95 113.56
CA LYS G 952 125.28 40.93 114.56
C LYS G 952 124.20 41.39 115.51
N THR G 953 123.37 40.45 115.96
CA THR G 953 122.30 40.76 116.89
C THR G 953 122.87 41.08 118.26
N LYS G 954 122.70 42.34 118.68
CA LYS G 954 123.25 42.81 119.95
C LYS G 954 122.38 42.29 121.09
N LEU G 955 122.96 41.46 121.94
CA LEU G 955 122.27 40.82 123.05
C LEU G 955 122.97 41.16 124.37
N PRO G 956 122.24 41.16 125.49
CA PRO G 956 122.87 41.42 126.79
C PRO G 956 123.62 40.19 127.30
N LYS G 957 124.10 40.30 128.54
CA LYS G 957 124.89 39.25 129.16
C LYS G 957 124.05 38.06 129.62
N THR G 958 122.71 38.16 129.57
CA THR G 958 121.88 36.99 129.80
C THR G 958 122.01 35.98 128.66
N TYR G 959 122.37 36.45 127.47
CA TYR G 959 122.67 35.57 126.36
C TYR G 959 124.13 35.15 126.32
N MET G 960 125.01 35.91 126.96
CA MET G 960 126.40 35.49 127.11
C MET G 960 126.48 34.40 128.17
N MET G 961 127.24 33.34 127.86
CA MET G 961 127.27 32.16 128.70
C MET G 961 128.56 32.11 129.52
N SER G 962 128.71 31.01 130.27
CA SER G 962 129.87 30.84 131.15
C SER G 962 131.16 30.60 130.37
N ASN G 963 131.06 30.16 129.12
CA ASN G 963 132.20 30.14 128.22
C ASN G 963 132.39 31.44 127.46
N GLY G 964 131.56 32.45 127.74
CA GLY G 964 131.61 33.71 127.05
C GLY G 964 130.97 33.73 125.68
N TYR G 965 130.43 32.61 125.21
CA TYR G 965 129.80 32.53 123.90
C TYR G 965 128.41 33.16 123.98
N LYS G 966 128.31 34.40 123.49
CA LYS G 966 127.01 35.01 123.26
C LYS G 966 126.64 34.75 121.81
N PRO G 967 125.51 34.11 121.53
CA PRO G 967 125.13 33.84 120.13
C PRO G 967 124.76 35.13 119.40
N ALA G 968 125.51 35.42 118.34
CA ALA G 968 125.31 36.63 117.54
C ALA G 968 124.92 36.23 116.13
N PRO G 969 123.63 36.04 115.85
CA PRO G 969 123.20 35.77 114.49
C PRO G 969 123.23 37.03 113.63
N LEU G 970 122.95 36.85 112.34
CA LEU G 970 123.04 37.94 111.39
C LEU G 970 121.80 38.82 111.49
N ASP G 971 122.00 40.13 111.40
CA ASP G 971 120.89 41.08 111.41
C ASP G 971 120.21 41.03 110.04
N LEU G 972 119.19 40.18 109.92
CA LEU G 972 118.52 39.92 108.65
C LEU G 972 117.02 40.09 108.78
N SER G 973 116.58 41.17 109.44
CA SER G 973 115.16 41.45 109.55
C SER G 973 114.61 42.06 108.26
N HIS G 974 115.48 42.73 107.49
CA HIS G 974 115.08 43.38 106.25
C HIS G 974 115.00 42.45 105.06
N VAL G 975 115.35 41.17 105.24
CA VAL G 975 115.49 40.25 104.12
C VAL G 975 114.18 39.50 103.91
N ARG G 976 113.58 39.68 102.73
CA ARG G 976 112.55 38.78 102.26
C ARG G 976 113.18 37.64 101.49
N LEU G 977 112.59 36.45 101.61
CA LEU G 977 113.26 35.26 101.08
C LEU G 977 113.14 35.19 99.56
N THR G 978 111.91 35.02 99.03
CA THR G 978 111.34 35.27 97.69
C THR G 978 109.87 34.87 97.68
N PRO G 979 109.09 35.25 96.67
CA PRO G 979 107.86 34.47 96.39
C PRO G 979 108.16 33.08 95.86
N ALA G 980 109.35 32.85 95.30
CA ALA G 980 109.68 31.55 94.71
C ALA G 980 110.05 30.52 95.77
N GLN G 981 110.91 30.87 96.71
CA GLN G 981 111.37 29.92 97.71
C GLN G 981 110.40 29.75 98.88
N THR G 982 109.25 30.42 98.86
CA THR G 982 108.22 30.15 99.86
C THR G 982 107.63 28.77 99.69
N THR G 983 107.63 28.25 98.45
CA THR G 983 107.29 26.86 98.20
C THR G 983 108.50 25.95 98.23
N LEU G 984 109.69 26.47 97.93
CA LEU G 984 110.91 25.66 97.98
C LEU G 984 111.35 25.41 99.42
N VAL G 985 111.05 26.34 100.33
CA VAL G 985 111.21 26.05 101.75
C VAL G 985 110.05 25.23 102.28
N ASP G 986 108.99 25.06 101.49
CA ASP G 986 107.98 24.07 101.80
C ASP G 986 108.24 22.74 101.09
N ARG G 987 108.89 22.79 99.91
CA ARG G 987 109.25 21.56 99.22
C ARG G 987 110.39 20.85 99.93
N LEU G 988 111.35 21.61 100.44
CA LEU G 988 112.37 21.00 101.30
C LEU G 988 111.83 20.68 102.68
N ALA G 989 110.70 21.29 103.07
CA ALA G 989 110.05 20.89 104.32
C ALA G 989 109.40 19.53 104.18
N GLU G 990 108.87 19.22 102.99
CA GLU G 990 108.47 17.85 102.69
C GLU G 990 109.68 16.93 102.58
N ASN G 991 110.86 17.50 102.32
CA ASN G 991 112.08 16.71 102.32
C ASN G 991 112.71 16.65 103.71
N GLY G 992 112.45 17.66 104.54
CA GLY G 992 113.12 17.75 105.83
C GLY G 992 112.58 16.74 106.84
N HIS G 993 111.25 16.62 106.92
CA HIS G 993 110.65 15.63 107.81
C HIS G 993 110.71 14.24 107.21
N ASN G 994 110.96 14.16 105.89
CA ASN G 994 111.16 12.90 105.23
C ASN G 994 112.46 12.23 105.66
N VAL G 995 113.56 12.98 105.67
CA VAL G 995 114.85 12.43 106.08
C VAL G 995 114.86 12.12 107.57
N TRP G 996 114.04 12.83 108.35
CA TRP G 996 113.84 12.47 109.74
C TRP G 996 113.00 11.19 109.86
N ALA G 997 112.13 10.92 108.89
CA ALA G 997 111.31 9.72 108.94
C ALA G 997 111.96 8.57 108.20
N ARG G 998 112.70 8.84 107.12
CA ARG G 998 113.37 7.78 106.39
C ARG G 998 114.58 7.23 107.14
N ASP G 999 115.03 7.92 108.18
CA ASP G 999 116.11 7.41 109.02
C ASP G 999 115.60 6.78 110.30
N ARG G 1000 114.41 7.19 110.77
CA ARG G 1000 113.89 6.68 112.03
C ARG G 1000 112.92 5.52 111.84
N VAL G 1001 112.29 5.39 110.68
CA VAL G 1001 111.33 4.33 110.41
C VAL G 1001 111.91 3.29 109.44
N ALA G 1002 112.55 3.75 108.37
CA ALA G 1002 113.16 2.83 107.42
C ALA G 1002 114.51 2.33 107.93
N GLN G 1003 115.43 3.26 108.18
CA GLN G 1003 116.74 2.89 108.69
C GLN G 1003 116.72 2.58 110.18
N GLY G 1004 115.89 3.27 110.95
CA GLY G 1004 115.81 3.02 112.37
C GLY G 1004 114.98 1.81 112.74
N TRP G 1005 113.73 1.78 112.25
CA TRP G 1005 112.72 0.77 112.57
C TRP G 1005 112.51 0.65 114.08
N SER G 1006 112.53 1.79 114.77
CA SER G 1006 112.39 1.84 116.22
C SER G 1006 110.90 1.81 116.56
N TYR G 1007 110.46 0.73 117.19
CA TYR G 1007 109.07 0.60 117.64
C TYR G 1007 108.92 1.35 118.96
N SER G 1008 108.89 2.68 118.85
CA SER G 1008 108.79 3.55 120.02
C SER G 1008 107.33 3.85 120.31
N ALA G 1009 106.96 3.80 121.59
CA ALA G 1009 105.60 4.06 122.02
C ALA G 1009 105.33 5.56 122.10
N ARG G 1020 105.26 7.40 115.93
CA ARG G 1020 105.16 8.76 115.39
C ARG G 1020 105.89 8.85 114.05
N LEU G 1021 105.53 7.98 113.12
CA LEU G 1021 106.17 7.93 111.80
C LEU G 1021 105.08 7.87 110.74
N VAL G 1022 104.76 9.01 110.16
CA VAL G 1022 103.81 9.09 109.04
C VAL G 1022 104.45 9.94 107.95
N PRO G 1023 103.85 10.03 106.76
CA PRO G 1023 104.52 10.70 105.64
C PRO G 1023 104.52 12.21 105.79
N TYR G 1024 105.64 12.82 105.36
CA TYR G 1024 105.96 14.23 105.58
C TYR G 1024 104.99 15.21 104.91
N ARG G 1025 104.05 14.73 104.10
CA ARG G 1025 102.94 15.54 103.63
C ARG G 1025 101.72 15.45 104.52
N LEU G 1026 101.60 14.40 105.33
CA LEU G 1026 100.44 14.24 106.21
C LEU G 1026 100.83 13.66 107.57
N LEU G 1027 102.06 13.92 108.03
CA LEU G 1027 102.49 13.36 109.30
C LEU G 1027 101.90 14.13 110.48
N ASP G 1028 102.24 15.41 110.59
CA ASP G 1028 101.89 16.21 111.76
C ASP G 1028 102.04 17.68 111.41
N GLU G 1029 101.12 18.49 111.92
CA GLU G 1029 101.16 19.92 111.65
C GLU G 1029 102.23 20.63 112.45
N ALA G 1030 102.44 20.23 113.70
CA ALA G 1030 103.51 20.82 114.51
C ALA G 1030 104.88 20.37 114.05
N THR G 1031 104.97 19.21 113.40
CA THR G 1031 106.22 18.82 112.75
C THR G 1031 106.54 19.74 111.59
N LYS G 1032 105.53 20.06 110.76
CA LYS G 1032 105.75 20.91 109.60
C LYS G 1032 106.04 22.35 109.97
N ARG G 1033 105.44 22.85 111.07
CA ARG G 1033 105.72 24.21 111.51
C ARG G 1033 107.13 24.32 112.08
N SER G 1034 107.60 23.28 112.77
CA SER G 1034 109.02 23.21 113.12
C SER G 1034 109.87 23.01 111.88
N ASN G 1035 109.33 22.34 110.86
CA ASN G 1035 110.04 22.16 109.61
C ASN G 1035 109.99 23.42 108.77
N ARG G 1036 108.92 24.21 108.92
CA ARG G 1036 108.92 25.57 108.40
C ARG G 1036 109.95 26.42 109.13
N ASP G 1037 110.08 26.20 110.44
CA ASP G 1037 111.07 26.93 111.23
C ASP G 1037 112.48 26.43 110.94
N SER G 1038 112.62 25.16 110.52
CA SER G 1038 113.92 24.61 110.18
C SER G 1038 114.48 25.20 108.90
N LEU G 1039 113.65 25.81 108.07
CA LEU G 1039 114.06 26.38 106.80
C LEU G 1039 113.80 27.88 106.71
N CYS G 1040 113.21 28.48 107.74
CA CYS G 1040 112.96 29.91 107.72
C CYS G 1040 114.25 30.70 107.95
N GLN G 1041 115.24 30.09 108.58
CA GLN G 1041 116.52 30.73 108.86
C GLN G 1041 117.68 30.04 108.15
N ALA G 1042 117.42 29.30 107.08
CA ALA G 1042 118.46 28.77 106.21
C ALA G 1042 118.38 29.31 104.79
N VAL G 1043 117.17 29.63 104.32
CA VAL G 1043 117.01 30.29 103.03
C VAL G 1043 117.36 31.77 103.14
N ARG G 1044 116.87 32.42 104.19
CA ARG G 1044 117.14 33.84 104.40
C ARG G 1044 118.57 34.09 104.89
N THR G 1045 119.22 33.07 105.45
CA THR G 1045 120.61 33.21 105.90
C THR G 1045 121.54 33.40 104.72
N LEU G 1046 121.35 32.61 103.65
CA LEU G 1046 122.23 32.68 102.49
C LEU G 1046 122.05 33.98 101.72
N LEU G 1047 120.86 34.60 101.83
CA LEU G 1047 120.63 35.90 101.21
C LEU G 1047 121.42 37.00 101.90
N GLY G 1048 121.69 36.83 103.20
CA GLY G 1048 122.58 37.76 103.88
C GLY G 1048 124.02 37.63 103.45
N TYR G 1049 124.41 36.45 102.98
CA TYR G 1049 125.73 36.22 102.43
C TYR G 1049 125.80 36.46 100.93
N GLY G 1050 124.74 37.02 100.33
CA GLY G 1050 124.72 37.29 98.91
C GLY G 1050 124.31 36.14 98.02
N TYR G 1051 123.98 34.98 98.59
CA TYR G 1051 123.55 33.84 97.80
C TYR G 1051 122.05 33.96 97.51
N ASN G 1052 121.71 34.31 96.28
CA ASN G 1052 120.33 34.49 95.88
C ASN G 1052 119.67 33.13 95.69
N ILE G 1053 118.42 33.02 96.16
CA ILE G 1053 117.65 31.78 96.06
C ILE G 1053 116.31 32.11 95.40
N GLU G 1054 116.02 31.44 94.29
CA GLU G 1054 114.74 31.60 93.60
C GLU G 1054 114.09 30.25 93.35
N ASP G 1070 89.48 11.72 88.81
CA ASP G 1070 88.80 10.43 88.91
C ASP G 1070 87.51 10.48 88.09
N ARG G 1071 86.38 10.55 88.77
CA ARG G 1071 85.07 10.64 88.14
C ARG G 1071 84.28 11.77 88.79
N VAL G 1072 83.14 12.09 88.18
CA VAL G 1072 82.23 13.13 88.66
C VAL G 1072 80.84 12.53 88.72
N ARG G 1073 80.22 12.60 89.90
CA ARG G 1073 78.84 12.15 90.05
C ARG G 1073 77.90 13.07 89.29
N ILE G 1074 76.83 12.50 88.73
CA ILE G 1074 75.86 13.23 87.92
C ILE G 1074 74.48 12.95 88.49
N PHE G 1075 73.69 14.00 88.70
CA PHE G 1075 72.36 13.88 89.28
C PHE G 1075 71.32 14.48 88.35
N ARG G 1076 70.20 13.79 88.18
CA ARG G 1076 69.14 14.28 87.31
C ARG G 1076 67.79 13.72 87.75
N ALA G 1077 66.74 14.44 87.39
CA ALA G 1077 65.39 14.00 87.68
C ALA G 1077 64.94 12.99 86.61
N GLU G 1078 63.69 12.54 86.71
CA GLU G 1078 63.21 11.54 85.80
C GLU G 1078 62.74 12.19 84.50
N LYS G 1079 62.75 11.41 83.42
CA LYS G 1079 62.22 11.86 82.13
C LYS G 1079 60.73 12.18 82.20
N SER G 1080 60.00 11.54 83.12
CA SER G 1080 58.59 11.83 83.33
C SER G 1080 58.36 13.23 83.89
N TYR G 1081 59.29 13.74 84.69
CA TYR G 1081 59.20 15.06 85.26
C TYR G 1081 59.78 16.14 84.36
N THR G 1082 60.20 15.78 83.15
CA THR G 1082 60.80 16.74 82.22
C THR G 1082 59.69 17.60 81.63
N VAL G 1083 59.70 18.89 81.97
CA VAL G 1083 58.72 19.82 81.43
C VAL G 1083 59.20 20.33 80.07
N GLN G 1084 58.24 20.75 79.24
CA GLN G 1084 58.55 21.22 77.90
C GLN G 1084 58.02 22.61 77.62
N SER G 1085 57.55 23.32 78.65
CA SER G 1085 57.03 24.67 78.47
C SER G 1085 57.05 25.40 79.80
N GLY G 1086 56.52 26.62 79.78
CA GLY G 1086 56.27 27.37 80.99
C GLY G 1086 57.52 27.95 81.62
N ARG G 1087 57.29 28.69 82.71
CA ARG G 1087 58.35 29.26 83.51
C ARG G 1087 58.57 28.41 84.74
N TRP G 1088 59.81 27.96 84.94
CA TRP G 1088 60.10 27.07 86.04
C TRP G 1088 61.29 27.59 86.84
N TYR G 1089 61.38 27.10 88.07
CA TYR G 1089 62.42 27.52 89.00
C TYR G 1089 62.83 26.33 89.84
N PHE G 1090 64.13 26.19 90.07
CA PHE G 1090 64.65 25.27 91.07
C PHE G 1090 65.82 25.96 91.74
N GLU G 1091 66.15 25.51 92.95
CA GLU G 1091 67.07 26.25 93.80
C GLU G 1091 68.17 25.30 94.27
N PHE G 1092 69.41 25.78 94.32
CA PHE G 1092 70.52 24.95 94.75
C PHE G 1092 71.29 25.66 95.86
N GLU G 1093 71.85 24.88 96.78
CA GLU G 1093 72.73 25.39 97.82
C GLU G 1093 74.05 24.63 97.77
N ALA G 1094 75.16 25.38 97.73
CA ALA G 1094 76.50 24.81 97.60
C ALA G 1094 77.31 25.17 98.83
N VAL G 1095 77.38 24.25 99.78
CA VAL G 1095 78.20 24.45 100.98
C VAL G 1095 79.67 24.51 100.59
N THR G 1096 80.17 23.45 99.95
CA THR G 1096 81.45 23.55 99.26
C THR G 1096 81.28 24.37 97.98
N THR G 1097 82.32 25.14 97.67
CA THR G 1097 82.30 26.07 96.55
C THR G 1097 83.26 25.64 95.44
N GLY G 1098 83.63 24.36 95.42
CA GLY G 1098 84.66 23.91 94.50
C GLY G 1098 84.12 23.52 93.15
N GLU G 1099 84.38 22.28 92.74
CA GLU G 1099 84.08 21.80 91.40
C GLU G 1099 82.71 21.12 91.40
N MET G 1100 81.67 21.87 91.07
CA MET G 1100 80.35 21.28 90.86
C MET G 1100 79.60 22.14 89.86
N ARG G 1101 78.51 21.58 89.34
CA ARG G 1101 77.78 22.22 88.24
C ARG G 1101 76.29 22.10 88.46
N VAL G 1102 75.57 23.19 88.16
CA VAL G 1102 74.12 23.27 88.31
C VAL G 1102 73.55 24.02 87.11
N GLY G 1103 72.62 23.39 86.40
CA GLY G 1103 71.96 24.05 85.30
C GLY G 1103 70.87 23.18 84.72
N TRP G 1104 70.44 23.55 83.53
CA TRP G 1104 69.44 22.79 82.78
C TRP G 1104 70.13 21.86 81.81
N ALA G 1105 69.44 20.78 81.47
CA ALA G 1105 69.95 19.81 80.50
C ALA G 1105 68.80 19.08 79.85
N ARG G 1106 69.04 18.56 78.66
CA ARG G 1106 68.05 17.77 77.97
C ARG G 1106 67.93 16.40 78.62
N PRO G 1107 66.74 15.78 78.59
CA PRO G 1107 66.54 14.52 79.35
C PRO G 1107 67.26 13.32 78.77
N GLU G 1108 67.92 13.43 77.62
CA GLU G 1108 68.70 12.33 77.06
C GLU G 1108 70.17 12.47 77.44
N LEU G 1109 70.41 12.38 78.75
CA LEU G 1109 71.77 12.51 79.29
C LEU G 1109 72.54 11.23 79.09
N ARG G 1110 73.59 11.30 78.27
CA ARG G 1110 74.43 10.12 78.10
C ARG G 1110 75.39 9.98 79.27
N PRO G 1111 75.52 8.80 79.85
CA PRO G 1111 76.52 8.58 80.91
C PRO G 1111 77.93 8.50 80.30
N ASP G 1112 78.93 8.51 81.19
CA ASP G 1112 80.36 8.58 80.88
C ASP G 1112 80.73 9.84 80.10
N VAL G 1113 79.91 10.89 80.19
CA VAL G 1113 80.14 12.16 79.51
C VAL G 1113 80.10 13.26 80.55
N GLU G 1114 81.12 14.13 80.54
CA GLU G 1114 81.12 15.24 81.47
C GLU G 1114 80.04 16.26 81.09
N LEU G 1115 79.55 16.97 82.10
CA LEU G 1115 78.33 17.74 81.98
C LEU G 1115 78.64 19.14 81.48
N GLY G 1116 77.98 19.53 80.38
CA GLY G 1116 78.11 20.88 79.87
C GLY G 1116 79.23 21.10 78.88
N ALA G 1117 79.96 20.05 78.49
CA ALA G 1117 80.98 20.16 77.46
C ALA G 1117 80.43 19.90 76.07
N ASP G 1118 79.12 20.06 75.86
CA ASP G 1118 78.49 19.71 74.61
C ASP G 1118 77.20 20.50 74.46
N GLU G 1119 76.38 20.08 73.50
CA GLU G 1119 75.10 20.70 73.19
C GLU G 1119 73.98 20.21 74.08
N LEU G 1120 74.27 19.31 75.01
CA LEU G 1120 73.24 18.59 75.76
C LEU G 1120 72.85 19.29 77.06
N ALA G 1121 73.77 20.00 77.69
CA ALA G 1121 73.52 20.55 79.03
C ALA G 1121 73.88 22.02 79.08
N TYR G 1122 72.90 22.85 79.43
CA TYR G 1122 73.11 24.27 79.69
C TYR G 1122 73.40 24.42 81.18
N VAL G 1123 74.67 24.26 81.55
CA VAL G 1123 75.03 24.13 82.95
C VAL G 1123 75.98 25.27 83.31
N PHE G 1124 76.21 25.45 84.61
CA PHE G 1124 77.02 26.53 85.13
C PHE G 1124 77.97 26.03 86.21
N ASN G 1125 79.22 26.44 86.11
CA ASN G 1125 80.23 26.21 87.13
C ASN G 1125 80.68 27.55 87.67
N GLY G 1126 80.38 27.83 88.93
CA GLY G 1126 80.75 29.09 89.51
C GLY G 1126 81.98 28.97 90.38
N HIS G 1127 82.81 27.97 90.07
CA HIS G 1127 84.15 27.98 90.64
C HIS G 1127 85.00 29.06 89.99
N ARG G 1128 84.68 29.40 88.74
CA ARG G 1128 85.29 30.53 88.05
C ARG G 1128 84.25 31.53 87.55
N GLY G 1129 82.96 31.29 87.79
CA GLY G 1129 81.93 32.06 87.15
C GLY G 1129 81.89 31.76 85.67
N GLN G 1130 81.49 30.54 85.32
CA GLN G 1130 81.56 30.06 83.95
C GLN G 1130 80.34 29.23 83.61
N ARG G 1131 79.59 29.66 82.60
CA ARG G 1131 78.55 28.82 82.03
C ARG G 1131 79.19 27.83 81.06
N TRP G 1132 78.75 26.58 81.11
CA TRP G 1132 79.34 25.53 80.28
C TRP G 1132 78.26 24.96 79.37
N HIS G 1133 78.34 25.28 78.09
CA HIS G 1133 77.53 24.64 77.04
C HIS G 1133 78.29 24.78 75.75
N LEU G 1134 78.62 23.64 75.12
CA LEU G 1134 79.54 23.54 73.98
C LEU G 1134 80.87 24.23 74.30
N GLY G 1135 81.44 23.86 75.44
CA GLY G 1135 82.64 24.48 75.95
C GLY G 1135 82.35 25.39 77.12
N SER G 1136 83.44 25.93 77.68
CA SER G 1136 83.36 26.83 78.82
C SER G 1136 83.30 28.27 78.36
N GLU G 1137 82.30 28.99 78.84
CA GLU G 1137 82.16 30.41 78.57
C GLU G 1137 82.13 31.13 79.91
N PRO G 1138 82.99 32.13 80.12
CA PRO G 1138 83.04 32.81 81.42
C PRO G 1138 81.79 33.65 81.64
N PHE G 1139 81.13 33.40 82.77
CA PHE G 1139 79.81 33.97 83.03
C PHE G 1139 79.76 34.44 84.48
N GLY G 1140 80.14 35.70 84.69
CA GLY G 1140 80.07 36.28 86.01
C GLY G 1140 81.23 35.89 86.91
N ARG G 1141 81.03 36.16 88.19
CA ARG G 1141 81.99 36.02 89.27
C ARG G 1141 81.91 34.63 89.90
N PRO G 1142 82.97 34.19 90.60
CA PRO G 1142 82.90 32.92 91.33
C PRO G 1142 82.02 32.97 92.57
N TRP G 1143 82.04 31.88 93.34
CA TRP G 1143 81.08 31.64 94.39
C TRP G 1143 81.52 32.18 95.74
N GLN G 1144 80.55 32.21 96.65
CA GLN G 1144 80.72 32.44 98.08
C GLN G 1144 80.22 31.21 98.83
N SER G 1145 80.39 31.22 100.15
CA SER G 1145 79.87 30.10 100.93
C SER G 1145 78.36 30.19 101.07
N GLY G 1146 77.73 29.05 101.31
CA GLY G 1146 76.28 28.95 101.27
C GLY G 1146 75.82 28.78 99.84
N ASP G 1147 75.92 29.86 99.07
CA ASP G 1147 75.84 29.85 97.60
C ASP G 1147 74.49 29.35 97.10
N VAL G 1148 73.47 30.15 97.41
CA VAL G 1148 72.12 29.87 96.93
C VAL G 1148 72.10 30.08 95.42
N VAL G 1149 72.00 28.99 94.67
CA VAL G 1149 71.91 29.03 93.21
C VAL G 1149 70.45 28.84 92.85
N GLY G 1150 69.88 29.81 92.14
CA GLY G 1150 68.53 29.64 91.63
C GLY G 1150 68.48 29.77 90.13
N CYS G 1151 68.23 28.67 89.42
CA CYS G 1151 68.20 28.69 87.97
C CYS G 1151 66.75 28.70 87.49
N MET G 1152 66.49 29.45 86.43
CA MET G 1152 65.15 29.61 85.89
C MET G 1152 65.16 29.23 84.42
N ILE G 1153 63.95 29.09 83.88
CA ILE G 1153 63.78 28.79 82.46
C ILE G 1153 62.47 29.41 82.00
N ASP G 1154 62.43 29.77 80.72
CA ASP G 1154 61.18 30.19 80.09
C ASP G 1154 61.25 29.66 78.66
N LEU G 1155 60.67 28.48 78.44
CA LEU G 1155 60.75 27.86 77.13
C LEU G 1155 59.91 28.60 76.09
N THR G 1156 58.93 29.39 76.55
CA THR G 1156 58.27 30.35 75.67
C THR G 1156 59.26 31.41 75.20
N GLU G 1157 59.98 32.02 76.14
CA GLU G 1157 61.00 32.99 75.81
C GLU G 1157 62.22 32.34 75.17
N ASN G 1158 62.40 31.03 75.42
CA ASN G 1158 63.58 30.25 75.02
C ASN G 1158 64.86 30.87 75.58
N THR G 1159 64.81 31.19 76.88
CA THR G 1159 65.92 31.84 77.57
C THR G 1159 65.98 31.33 79.00
N ILE G 1160 67.10 30.72 79.36
CA ILE G 1160 67.39 30.26 80.71
C ILE G 1160 67.93 31.44 81.51
N ILE G 1161 67.51 31.55 82.78
CA ILE G 1161 67.92 32.65 83.65
C ILE G 1161 68.62 32.08 84.88
N PHE G 1162 69.82 32.57 85.16
CA PHE G 1162 70.60 32.19 86.33
C PHE G 1162 70.51 33.29 87.38
N THR G 1163 70.11 32.92 88.59
CA THR G 1163 70.16 33.81 89.74
C THR G 1163 71.01 33.17 90.82
N LEU G 1164 71.99 33.93 91.33
CA LEU G 1164 72.88 33.46 92.38
C LEU G 1164 72.69 34.32 93.61
N ASN G 1165 72.38 33.68 94.75
CA ASN G 1165 72.13 34.33 96.04
C ASN G 1165 71.06 35.41 95.92
N GLY G 1166 69.96 35.07 95.27
CA GLY G 1166 68.86 35.99 95.09
C GLY G 1166 69.09 37.10 94.10
N GLU G 1167 70.16 37.03 93.32
CA GLU G 1167 70.47 38.08 92.35
C GLU G 1167 70.84 37.44 91.03
N VAL G 1168 70.26 37.96 89.94
CA VAL G 1168 70.51 37.43 88.61
C VAL G 1168 71.95 37.70 88.19
N LEU G 1169 72.61 36.66 87.66
CA LEU G 1169 73.98 36.76 87.21
C LEU G 1169 74.08 37.42 85.84
N MET G 1170 75.21 38.06 85.60
CA MET G 1170 75.46 38.77 84.36
C MET G 1170 76.43 37.98 83.48
N SER G 1171 76.51 38.39 82.21
CA SER G 1171 77.40 37.77 81.26
C SER G 1171 78.63 38.65 81.03
N ASP G 1172 79.46 38.27 80.04
CA ASP G 1172 80.59 39.11 79.66
C ASP G 1172 80.12 40.38 78.96
N SER G 1173 78.99 40.32 78.25
CA SER G 1173 78.41 41.49 77.61
C SER G 1173 77.39 42.19 78.50
N GLY G 1174 77.27 41.79 79.76
CA GLY G 1174 76.28 42.36 80.64
C GLY G 1174 74.87 41.88 80.39
N SER G 1175 74.70 40.83 79.59
CA SER G 1175 73.38 40.30 79.32
C SER G 1175 72.90 39.46 80.49
N GLU G 1176 71.59 39.28 80.55
CA GLU G 1176 70.95 38.60 81.68
C GLU G 1176 70.72 37.14 81.33
N THR G 1177 71.82 36.38 81.46
CA THR G 1177 71.92 34.94 81.21
C THR G 1177 71.48 34.60 79.78
N ALA G 1178 72.31 35.07 78.85
CA ALA G 1178 71.98 34.94 77.44
C ALA G 1178 72.15 33.50 76.96
N PHE G 1179 71.10 32.69 77.12
CA PHE G 1179 70.97 31.41 76.41
C PHE G 1179 69.84 31.62 75.42
N ARG G 1180 70.18 32.19 74.26
CA ARG G 1180 69.19 32.63 73.30
C ARG G 1180 69.03 31.59 72.19
N GLU G 1181 67.78 31.41 71.77
CA GLU G 1181 67.34 30.44 70.76
C GLU G 1181 67.74 29.02 71.16
N ILE G 1182 67.08 28.56 72.20
CA ILE G 1182 67.02 27.15 72.52
C ILE G 1182 65.68 26.62 72.01
N GLU G 1183 65.67 25.38 71.55
CA GLU G 1183 64.43 24.78 71.08
C GLU G 1183 63.82 23.93 72.17
N ILE G 1184 62.60 23.47 71.92
CA ILE G 1184 61.92 22.60 72.89
C ILE G 1184 62.57 21.22 72.90
N GLY G 1185 62.55 20.55 71.75
CA GLY G 1185 63.09 19.22 71.64
C GLY G 1185 62.28 18.22 72.43
N ASP G 1186 62.84 17.76 73.54
CA ASP G 1186 62.15 16.90 74.48
C ASP G 1186 62.12 17.53 75.86
N GLY G 1187 62.25 18.85 75.92
CA GLY G 1187 62.25 19.57 77.17
C GLY G 1187 63.62 19.70 77.79
N PHE G 1188 63.60 20.15 79.05
CA PHE G 1188 64.83 20.40 79.80
C PHE G 1188 64.65 19.89 81.22
N LEU G 1189 65.78 19.76 81.94
CA LEU G 1189 65.76 19.04 83.20
C LEU G 1189 66.75 19.67 84.16
N PRO G 1190 66.42 19.83 85.43
CA PRO G 1190 67.36 20.44 86.38
C PRO G 1190 68.49 19.51 86.79
N VAL G 1191 69.54 19.49 86.00
CA VAL G 1191 70.67 18.59 86.22
C VAL G 1191 71.59 19.16 87.28
N CYS G 1192 72.32 18.27 87.97
CA CYS G 1192 73.38 18.66 88.89
C CYS G 1192 74.53 17.66 88.76
N SER G 1193 75.74 18.15 89.01
CA SER G 1193 76.89 17.27 89.08
C SER G 1193 77.83 17.77 90.18
N LEU G 1194 78.64 16.85 90.72
CA LEU G 1194 79.49 17.12 91.86
C LEU G 1194 80.85 16.47 91.66
N GLY G 1195 81.91 17.26 91.79
CA GLY G 1195 83.26 16.75 91.68
C GLY G 1195 83.75 16.15 92.98
N PRO G 1196 85.07 15.99 93.09
CA PRO G 1196 85.64 15.27 94.24
C PRO G 1196 85.50 16.04 95.55
N GLY G 1197 84.77 15.44 96.49
CA GLY G 1197 84.58 16.03 97.80
C GLY G 1197 83.75 17.29 97.79
N GLN G 1198 82.59 17.27 97.14
CA GLN G 1198 81.78 18.46 96.93
C GLN G 1198 80.40 18.23 97.50
N VAL G 1199 80.09 18.88 98.62
CA VAL G 1199 78.80 18.72 99.28
C VAL G 1199 77.90 19.89 98.89
N GLY G 1200 76.61 19.72 99.15
CA GLY G 1200 75.62 20.71 98.81
C GLY G 1200 74.33 20.06 98.37
N HIS G 1201 73.21 20.75 98.51
CA HIS G 1201 71.92 20.15 98.21
C HIS G 1201 71.18 20.94 97.14
N LEU G 1202 70.27 20.23 96.46
CA LEU G 1202 69.39 20.82 95.47
C LEU G 1202 68.00 20.92 96.08
N ASN G 1203 67.46 22.13 96.10
CA ASN G 1203 66.08 22.34 96.49
C ASN G 1203 65.22 22.25 95.24
N LEU G 1204 63.94 21.95 95.45
CA LEU G 1204 63.08 21.65 94.31
C LEU G 1204 61.74 22.35 94.39
N GLY G 1205 61.43 23.01 95.51
CA GLY G 1205 60.15 23.65 95.67
C GLY G 1205 59.05 22.73 96.15
N GLN G 1206 59.41 21.62 96.82
CA GLN G 1206 58.41 20.72 97.36
C GLN G 1206 57.59 21.37 98.47
N ASP G 1207 58.19 22.30 99.20
CA ASP G 1207 57.49 23.18 100.11
C ASP G 1207 57.80 24.62 99.75
N VAL G 1208 56.80 25.48 99.94
CA VAL G 1208 56.96 26.91 99.64
C VAL G 1208 58.00 27.54 100.57
N SER G 1209 57.92 27.23 101.86
CA SER G 1209 58.91 27.77 102.80
C SER G 1209 60.26 27.06 102.70
N SER G 1210 60.32 25.89 102.07
CA SER G 1210 61.60 25.24 101.84
C SER G 1210 62.42 25.97 100.79
N LEU G 1211 61.76 26.71 99.89
CA LEU G 1211 62.45 27.64 99.02
C LEU G 1211 63.11 28.71 99.86
N ARG G 1212 64.44 28.83 99.73
CA ARG G 1212 65.24 29.52 100.73
C ARG G 1212 65.02 31.03 100.70
N PHE G 1213 65.08 31.64 99.51
CA PHE G 1213 64.85 33.08 99.41
C PHE G 1213 63.40 33.36 99.02
N PHE G 1214 63.01 32.96 97.81
CA PHE G 1214 61.64 33.01 97.28
C PHE G 1214 61.03 34.41 97.40
N ALA G 1215 61.80 35.42 97.01
CA ALA G 1215 61.33 36.79 97.13
C ALA G 1215 61.62 37.68 95.93
N ILE G 1216 62.61 37.38 95.10
CA ILE G 1216 63.15 38.38 94.18
C ILE G 1216 62.50 38.29 92.80
N CYS G 1217 62.57 37.12 92.17
CA CYS G 1217 62.11 37.01 90.79
C CYS G 1217 61.18 35.83 90.57
N GLY G 1218 60.96 34.97 91.57
CA GLY G 1218 60.06 33.85 91.37
C GLY G 1218 58.59 34.26 91.36
N LEU G 1219 58.21 35.15 92.28
CA LEU G 1219 56.80 35.51 92.41
C LEU G 1219 56.36 36.46 91.30
N GLN G 1220 56.99 37.63 91.23
CA GLN G 1220 56.51 38.70 90.36
C GLN G 1220 56.86 38.51 88.89
N GLU G 1221 57.50 37.40 88.52
CA GLU G 1221 57.83 37.13 87.12
C GLU G 1221 57.31 35.78 86.65
N GLY G 1222 56.37 35.17 87.39
CA GLY G 1222 55.69 33.99 86.92
C GLY G 1222 56.48 32.69 86.98
N PHE G 1223 57.64 32.69 87.61
CA PHE G 1223 58.42 31.46 87.69
C PHE G 1223 57.90 30.57 88.81
N GLU G 1224 57.62 29.32 88.44
CA GLU G 1224 57.04 28.37 89.37
C GLU G 1224 58.15 27.48 89.90
N PRO G 1225 58.13 27.11 91.17
CA PRO G 1225 59.00 26.04 91.64
C PRO G 1225 58.71 24.73 90.90
N PHE G 1226 59.77 23.94 90.74
CA PHE G 1226 59.77 22.86 89.75
C PHE G 1226 58.78 21.76 90.12
N ALA G 1227 58.97 21.14 91.28
CA ALA G 1227 58.04 20.13 91.77
C ALA G 1227 57.34 20.70 93.00
N ILE G 1228 56.30 21.48 92.78
CA ILE G 1228 55.51 22.06 93.86
C ILE G 1228 54.22 21.29 94.10
N ASN G 1229 53.48 20.95 93.05
CA ASN G 1229 52.22 20.25 93.19
C ASN G 1229 52.43 18.75 93.20
N MET G 1230 53.27 18.26 94.11
CA MET G 1230 53.56 16.84 94.22
C MET G 1230 53.00 16.31 95.53
N GLN G 1231 53.09 14.99 95.68
CA GLN G 1231 52.71 14.33 96.91
C GLN G 1231 53.88 13.62 97.57
N ARG G 1232 55.06 13.65 96.94
CA ARG G 1232 56.29 12.99 97.38
C ARG G 1232 57.41 13.47 96.46
N PRO G 1233 58.66 13.46 96.91
CA PRO G 1233 59.74 13.99 96.07
C PRO G 1233 60.05 13.14 94.85
N VAL G 1234 60.82 13.74 93.94
CA VAL G 1234 61.21 13.10 92.69
C VAL G 1234 62.25 12.02 92.96
N THR G 1235 62.24 10.98 92.12
CA THR G 1235 63.12 9.83 92.26
C THR G 1235 64.61 10.18 92.18
N THR G 1236 64.99 11.20 91.40
CA THR G 1236 66.34 11.79 91.33
C THR G 1236 67.41 10.75 90.96
N TRP G 1237 67.33 10.31 89.70
CA TRP G 1237 68.28 9.35 89.16
C TRP G 1237 69.71 9.89 89.18
N PHE G 1238 70.64 9.09 89.67
CA PHE G 1238 72.03 9.52 89.72
C PHE G 1238 72.87 8.59 88.87
N SER G 1239 74.18 8.80 88.91
CA SER G 1239 75.13 8.07 88.08
C SER G 1239 75.70 6.87 88.83
N LYS G 1240 75.43 5.68 88.31
CA LYS G 1240 75.99 4.46 88.87
C LYS G 1240 77.46 4.35 88.49
N SER G 1241 78.35 4.67 89.43
CA SER G 1241 79.78 4.63 89.17
C SER G 1241 80.36 3.22 89.24
N LEU G 1242 79.96 2.32 88.34
CA LEU G 1242 80.52 0.98 88.30
C LEU G 1242 80.48 0.48 86.86
N PRO G 1243 81.58 -0.13 86.38
CA PRO G 1243 81.63 -0.62 84.99
C PRO G 1243 80.90 -1.94 84.77
N GLN G 1244 79.57 -1.86 84.78
CA GLN G 1244 78.75 -3.02 84.51
C GLN G 1244 78.75 -3.34 83.02
N PHE G 1245 78.37 -4.57 82.69
CA PHE G 1245 78.34 -5.00 81.31
C PHE G 1245 77.18 -4.36 80.57
N GLU G 1246 77.43 -4.06 79.29
CA GLU G 1246 76.44 -3.43 78.42
C GLU G 1246 76.83 -3.76 77.00
N PRO G 1247 75.86 -4.10 76.14
CA PRO G 1247 76.19 -4.57 74.79
C PRO G 1247 76.77 -3.47 73.90
N VAL G 1248 77.48 -3.92 72.88
CA VAL G 1248 78.07 -3.02 71.89
C VAL G 1248 76.96 -2.31 71.12
N PRO G 1249 77.00 -0.98 71.01
CA PRO G 1249 75.94 -0.27 70.29
C PRO G 1249 75.98 -0.60 68.81
N PRO G 1250 74.83 -0.65 68.15
CA PRO G 1250 74.81 -1.01 66.72
C PRO G 1250 75.39 0.04 65.81
N GLU G 1251 75.46 1.30 66.26
CA GLU G 1251 76.07 2.37 65.48
C GLU G 1251 77.14 3.06 66.32
N HIS G 1252 78.39 2.75 66.00
CA HIS G 1252 79.55 3.39 66.57
C HIS G 1252 80.53 3.71 65.44
N PRO G 1253 81.23 4.85 65.49
CA PRO G 1253 82.10 5.24 64.38
C PRO G 1253 83.27 4.28 64.12
N HIS G 1254 83.70 3.51 65.12
CA HIS G 1254 84.74 2.54 64.88
C HIS G 1254 84.53 1.21 65.59
N TYR G 1255 83.41 1.02 66.28
CA TYR G 1255 83.10 -0.26 66.91
C TYR G 1255 81.97 -0.94 66.16
N GLU G 1256 82.24 -2.16 65.68
CA GLU G 1256 81.25 -2.94 64.97
C GLU G 1256 81.59 -4.42 65.11
N VAL G 1257 80.58 -5.26 65.04
CA VAL G 1257 80.74 -6.69 65.17
C VAL G 1257 80.32 -7.35 63.86
N ALA G 1258 81.08 -8.37 63.45
CA ALA G 1258 80.84 -9.09 62.21
C ALA G 1258 80.26 -10.46 62.56
N ARG G 1259 78.96 -10.62 62.34
CA ARG G 1259 78.30 -11.89 62.63
C ARG G 1259 78.68 -12.92 61.56
N MET G 1260 79.60 -13.81 61.92
CA MET G 1260 80.01 -14.87 61.02
C MET G 1260 78.99 -15.99 61.01
N ASP G 1261 79.05 -16.82 59.98
CA ASP G 1261 78.13 -17.93 59.82
C ASP G 1261 78.90 -19.24 59.88
N GLY G 1262 78.17 -20.32 60.10
CA GLY G 1262 78.78 -21.63 60.14
C GLY G 1262 78.59 -22.39 58.84
N THR G 1263 79.62 -22.44 58.01
CA THR G 1263 79.59 -23.14 56.75
C THR G 1263 79.95 -24.61 56.96
N VAL G 1264 80.19 -25.31 55.85
CA VAL G 1264 80.63 -26.69 55.93
C VAL G 1264 82.05 -26.80 56.46
N ASP G 1265 82.87 -25.75 56.28
CA ASP G 1265 84.23 -25.74 56.77
C ASP G 1265 84.45 -24.86 57.99
N THR G 1266 83.59 -23.87 58.21
CA THR G 1266 83.77 -22.92 59.29
C THR G 1266 82.72 -23.13 60.37
N PRO G 1267 83.07 -23.00 61.64
CA PRO G 1267 82.05 -22.94 62.69
C PRO G 1267 81.41 -21.56 62.71
N PRO G 1268 80.22 -21.42 63.29
CA PRO G 1268 79.64 -20.08 63.45
C PRO G 1268 80.45 -19.27 64.45
N CYS G 1269 81.02 -18.16 63.98
CA CYS G 1269 81.91 -17.33 64.76
C CYS G 1269 81.28 -15.98 65.04
N LEU G 1270 81.93 -15.20 65.89
CA LEU G 1270 81.55 -13.82 66.19
C LEU G 1270 82.81 -12.97 66.00
N ARG G 1271 82.96 -12.40 64.81
CA ARG G 1271 84.16 -11.66 64.48
C ARG G 1271 84.05 -10.21 64.93
N LEU G 1272 85.10 -9.72 65.57
CA LEU G 1272 85.21 -8.30 65.90
C LEU G 1272 85.82 -7.57 64.72
N ALA G 1273 85.37 -6.33 64.51
CA ALA G 1273 85.90 -5.48 63.46
C ALA G 1273 86.04 -4.06 63.99
N HIS G 1274 86.87 -3.28 63.32
CA HIS G 1274 87.18 -1.92 63.75
C HIS G 1274 87.45 -1.08 62.52
N ARG G 1275 87.06 0.19 62.59
CA ARG G 1275 87.43 1.14 61.56
C ARG G 1275 88.91 1.48 61.72
N UNK G 1276 89.74 0.61 61.15
CA UNK G 1276 91.18 0.65 61.35
C UNK G 1276 91.84 1.67 60.43
N UNK G 1277 91.89 2.92 60.88
CA UNK G 1277 92.49 3.98 60.09
C UNK G 1277 93.07 5.06 60.99
N UNK G 1278 93.12 6.28 60.47
CA UNK G 1278 93.60 7.42 61.24
C UNK G 1278 92.46 7.99 62.07
N UNK G 1279 92.22 9.30 61.92
CA UNK G 1279 91.16 10.05 62.61
C UNK G 1279 91.25 9.92 64.13
N UNK G 1280 90.73 8.81 64.65
CA UNK G 1280 90.76 8.54 66.08
C UNK G 1280 90.74 7.04 66.38
N UNK G 1281 91.05 6.72 67.62
CA UNK G 1281 91.02 5.34 68.10
C UNK G 1281 90.67 5.34 69.59
N UNK G 1282 90.94 4.24 70.28
CA UNK G 1282 90.63 4.14 71.70
C UNK G 1282 91.54 3.14 72.43
N UNK G 1283 91.11 2.75 73.63
CA UNK G 1283 91.91 1.88 74.49
C UNK G 1283 91.53 0.41 74.32
N UNK G 1284 91.70 -0.37 75.39
CA UNK G 1284 91.39 -1.79 75.36
C UNK G 1284 89.92 -2.04 75.61
N UNK G 1285 89.24 -2.60 74.61
CA UNK G 1285 87.81 -2.87 74.71
C UNK G 1285 87.55 -4.20 75.40
N UNK G 1286 87.07 -4.15 76.64
CA UNK G 1286 86.75 -5.34 77.40
C UNK G 1286 85.48 -6.02 76.88
N UNK G 1287 85.65 -6.83 75.84
CA UNK G 1287 84.51 -7.47 75.18
C UNK G 1287 84.00 -8.66 75.98
N UNK G 1288 82.68 -8.81 76.03
CA UNK G 1288 82.05 -9.89 76.79
C UNK G 1288 80.87 -10.48 76.05
N UNK G 1289 80.89 -11.80 75.85
CA UNK G 1289 79.78 -12.48 75.19
C UNK G 1289 78.56 -12.52 76.12
N UNK G 1290 77.37 -12.61 75.54
CA UNK G 1290 76.14 -12.67 76.34
C UNK G 1290 75.80 -14.10 76.75
N UNK G 1291 76.75 -14.76 77.39
CA UNK G 1291 76.58 -16.13 77.83
C UNK G 1291 76.32 -16.17 79.33
N UNK G 1292 75.96 -17.36 79.82
CA UNK G 1292 75.74 -17.58 81.23
C UNK G 1292 75.92 -19.07 81.54
N UNK G 1293 77.12 -19.57 81.27
CA UNK G 1293 77.43 -20.98 81.48
C UNK G 1293 77.50 -21.32 82.96
N UNK G 1294 76.45 -21.98 83.44
CA UNK G 1294 76.35 -22.33 84.85
C UNK G 1294 77.02 -23.68 85.13
N UNK G 1295 77.53 -23.84 86.35
CA UNK G 1295 78.11 -25.11 86.74
C UNK G 1295 77.01 -26.06 87.17
N UNK G 1296 77.24 -27.36 87.02
CA UNK G 1296 76.20 -28.36 87.21
C UNK G 1296 76.02 -28.82 88.66
N UNK G 1297 76.49 -28.02 89.61
CA UNK G 1297 76.36 -28.35 91.01
C UNK G 1297 75.03 -27.87 91.57
N UNK G 1298 78.25 -31.58 94.84
CA UNK G 1298 77.16 -31.88 93.93
C UNK G 1298 77.69 -32.17 92.53
N UNK G 1299 78.74 -31.47 92.12
CA UNK G 1299 79.37 -31.73 90.84
C UNK G 1299 80.88 -31.54 90.90
N UNK G 1300 81.50 -31.57 89.73
CA UNK G 1300 82.94 -31.40 89.62
C UNK G 1300 83.25 -30.44 88.49
N UNK G 1301 83.62 -29.22 88.83
CA UNK G 1301 83.95 -28.22 87.83
C UNK G 1301 85.46 -28.07 87.71
N UNK G 1302 86.02 -28.55 86.61
CA UNK G 1302 87.45 -28.46 86.38
C UNK G 1302 87.73 -27.93 84.98
N UNK G 1303 87.68 -26.62 84.81
CA UNK G 1303 87.91 -26.01 83.51
C UNK G 1303 89.41 -25.85 83.27
N UNK G 1304 89.79 -25.74 82.00
CA UNK G 1304 91.20 -25.68 81.62
C UNK G 1304 91.37 -25.00 80.28
N UNK G 1305 92.12 -23.90 80.27
CA UNK G 1305 92.41 -23.17 79.04
C UNK G 1305 93.42 -23.94 78.20
N UNK G 1306 93.27 -23.87 76.88
CA UNK G 1306 94.15 -24.61 75.98
C UNK G 1306 94.53 -23.78 74.76
N UNK G 1307 95.80 -23.82 74.40
CA UNK G 1307 96.29 -23.08 73.25
C UNK G 1307 96.15 -23.90 71.98
N UNK G 1308 97.10 -23.72 71.05
CA UNK G 1308 97.06 -24.43 69.78
C UNK G 1308 97.63 -25.84 69.92
N UNK G 1309 98.36 -26.07 71.00
CA UNK G 1309 98.94 -27.39 71.25
C UNK G 1309 99.05 -27.66 72.76
N UNK G 1310 99.86 -26.87 73.43
CA UNK G 1310 100.08 -27.05 74.86
C UNK G 1310 98.95 -26.43 75.67
N UNK G 1311 99.06 -26.52 76.99
CA UNK G 1311 98.03 -26.00 77.88
C UNK G 1311 98.59 -25.59 79.23
N UNK G 1312 98.41 -24.31 79.56
CA UNK G 1312 98.68 -23.83 80.90
C UNK G 1312 97.32 -23.63 81.58
N UNK G 1313 96.86 -24.68 82.27
CA UNK G 1313 95.51 -24.70 82.82
C UNK G 1313 95.39 -23.93 84.14
N UNK G 1314 94.93 -24.64 85.18
CA UNK G 1314 94.72 -24.12 86.53
C UNK G 1314 93.75 -22.94 86.63
N UNK G 1315 93.63 -22.41 87.84
CA UNK G 1315 92.76 -21.27 88.20
C UNK G 1315 91.28 -21.47 87.82
N UNK G 1316 90.84 -22.72 87.76
CA UNK G 1316 89.50 -23.05 87.31
C UNK G 1316 89.10 -24.44 87.77
N UNK G 1317 89.14 -24.64 89.08
CA UNK G 1317 88.78 -25.90 89.69
C UNK G 1317 88.10 -25.64 91.03
N UNK G 1318 87.42 -24.51 91.12
CA UNK G 1318 86.79 -24.10 92.37
C UNK G 1318 85.36 -23.62 92.13
N UNK G 1319 84.47 -24.56 91.81
CA UNK G 1319 83.08 -24.21 91.58
C UNK G 1319 82.14 -25.36 91.91
N UNK G 1320 81.10 -25.06 92.67
CA UNK G 1320 80.05 -26.02 92.98
C UNK G 1320 78.86 -25.79 92.06
N UNK G 1321 78.43 -24.53 91.99
CA UNK G 1321 77.40 -24.11 91.04
C UNK G 1321 77.54 -22.62 90.74
N UNK G 1322 78.58 -22.27 90.00
CA UNK G 1322 78.81 -20.88 89.61
C UNK G 1322 78.10 -20.59 88.28
N UNK G 1323 78.44 -19.48 87.65
CA UNK G 1323 77.87 -19.11 86.36
C UNK G 1323 78.80 -18.13 85.64
N UNK G 1324 79.63 -18.65 84.75
CA UNK G 1324 80.62 -17.82 84.05
C UNK G 1324 80.21 -17.54 82.61
N UNK G 1325 80.71 -16.43 82.08
CA UNK G 1325 80.43 -16.04 80.70
C UNK G 1325 81.73 -15.93 79.92
N UNK G 1326 81.67 -16.26 78.63
CA UNK G 1326 82.85 -16.16 77.77
C UNK G 1326 83.22 -14.70 77.53
N UNK G 1327 84.52 -14.41 77.54
CA UNK G 1327 84.99 -13.04 77.39
C UNK G 1327 86.37 -12.98 76.73
N UNK G 1328 86.73 -11.80 76.24
CA UNK G 1328 88.02 -11.58 75.61
C UNK G 1328 88.40 -10.11 75.66
N UNK G 1329 88.92 -9.66 76.80
CA UNK G 1329 89.31 -8.27 76.97
C UNK G 1329 90.58 -7.97 76.18
N UNK G 1330 90.41 -7.42 74.98
CA UNK G 1330 91.53 -7.16 74.09
C UNK G 1330 91.68 -5.68 73.78
N UNK G 1331 92.79 -5.33 73.12
CA UNK G 1331 93.05 -3.95 72.74
C UNK G 1331 93.12 -3.83 71.22
N UNK G 1332 93.11 -2.60 70.73
CA UNK G 1332 93.12 -2.33 69.30
C UNK G 1332 94.50 -2.59 68.70
N UNK G 1333 94.51 -3.18 67.51
CA UNK G 1333 95.77 -3.44 66.81
C UNK G 1333 95.77 -2.71 65.47
N UNK G 1334 94.71 -1.94 65.22
CA UNK G 1334 94.50 -1.16 63.99
C UNK G 1334 94.57 -2.01 62.73
N UNK G 1335 93.77 -3.08 62.69
CA UNK G 1335 93.67 -3.94 61.52
C UNK G 1335 92.33 -4.68 61.54
N UNK G 1336 92.38 -5.95 61.93
CA UNK G 1336 91.19 -6.77 62.08
C UNK G 1336 91.43 -7.73 63.24
N UNK G 1337 90.69 -7.56 64.33
CA UNK G 1337 90.98 -8.25 65.57
C UNK G 1337 90.42 -9.67 65.63
N UNK G 1338 89.82 -10.02 66.77
CA UNK G 1338 89.46 -11.39 67.07
C UNK G 1338 88.23 -11.89 66.32
N UNK G 1339 88.00 -13.19 66.42
CA UNK G 1339 86.84 -13.84 65.82
C UNK G 1339 86.42 -15.02 66.70
N UNK G 1340 85.42 -14.78 67.56
CA UNK G 1340 85.01 -15.77 68.55
C UNK G 1340 84.24 -16.94 67.94
N UNK G 1341 84.96 -17.99 67.57
CA UNK G 1341 84.37 -19.16 66.94
C UNK G 1341 83.58 -20.01 67.93
N UNK G 1342 82.62 -20.76 67.42
CA UNK G 1342 81.90 -21.75 68.23
C UNK G 1342 82.00 -23.09 67.56
N UNK G 1343 83.12 -23.77 67.78
CA UNK G 1343 83.35 -25.07 67.16
C UNK G 1343 83.13 -26.19 68.16
N UNK G 1344 82.87 -27.38 67.64
CA UNK G 1344 82.75 -28.57 68.47
C UNK G 1344 83.92 -29.50 68.19
N UNK G 1345 84.17 -30.41 69.12
CA UNK G 1345 85.18 -31.44 68.92
C UNK G 1345 84.53 -32.79 69.12
N UNK G 1346 85.32 -33.84 69.19
CA UNK G 1346 84.78 -35.16 69.48
C UNK G 1346 84.53 -35.30 70.98
N UNK G 1347 85.17 -34.44 71.76
CA UNK G 1347 85.12 -34.53 73.21
C UNK G 1347 84.21 -33.48 73.85
N UNK G 1348 84.78 -32.68 74.76
CA UNK G 1348 84.01 -31.74 75.56
C UNK G 1348 83.81 -30.42 74.85
N UNK G 1349 83.26 -29.45 75.58
CA UNK G 1349 82.90 -28.16 75.02
C UNK G 1349 84.10 -27.26 74.79
N UNK G 1350 84.40 -27.00 73.53
CA UNK G 1350 85.50 -26.12 73.17
C UNK G 1350 84.95 -24.79 72.64
N UNK G 1351 85.57 -23.69 73.04
CA UNK G 1351 85.17 -22.37 72.56
C UNK G 1351 86.37 -21.65 71.98
N UNK G 1352 86.67 -21.95 70.72
CA UNK G 1352 87.85 -21.38 70.05
C UNK G 1352 87.68 -19.90 69.75
N UNK G 1353 88.80 -19.21 69.53
CA UNK G 1353 88.78 -17.78 69.22
C UNK G 1353 90.04 -17.40 68.44
N UNK G 1354 89.88 -17.19 67.14
CA UNK G 1354 91.00 -16.81 66.29
C UNK G 1354 91.30 -15.31 66.40
N UNK G 1355 92.50 -14.91 66.02
CA UNK G 1355 92.92 -13.52 66.10
C UNK G 1355 94.02 -13.20 65.09
N UNK G 1356 94.33 -11.91 64.97
CA UNK G 1356 95.37 -11.45 64.05
C UNK G 1356 96.26 -10.41 64.72
N UNK G 1357 95.99 -10.13 65.99
CA UNK G 1357 96.75 -9.14 66.74
C UNK G 1357 97.94 -9.78 67.45
N UNK G 1358 98.72 -8.96 68.14
CA UNK G 1358 99.89 -9.45 68.87
C UNK G 1358 99.50 -9.98 70.24
N UNK G 1359 99.61 -9.13 71.26
CA UNK G 1359 99.31 -9.54 72.63
C UNK G 1359 97.93 -9.05 73.06
N UNK G 1360 97.08 -10.00 73.45
CA UNK G 1360 95.73 -9.69 73.92
C UNK G 1360 95.26 -10.76 74.89
N UNK G 1361 94.76 -10.32 76.04
CA UNK G 1361 94.34 -11.25 77.09
C UNK G 1361 92.99 -11.88 76.76
N UNK G 1362 92.88 -13.19 77.03
CA UNK G 1362 91.65 -13.92 76.81
C UNK G 1362 91.24 -14.64 78.09
N UNK G 1363 89.94 -14.77 78.32
CA UNK G 1363 89.44 -15.35 79.56
C UNK G 1363 88.05 -15.95 79.43
N UNK G 1364 87.39 -16.06 80.58
CA UNK G 1364 86.00 -16.47 80.66
C UNK G 1364 85.48 -15.93 81.98
N UNK G 1365 85.17 -14.64 82.00
CA UNK G 1365 84.87 -13.92 83.23
C UNK G 1365 83.57 -14.36 83.89
N UNK G 1366 83.44 -14.01 85.16
CA UNK G 1366 82.24 -14.35 85.91
C UNK G 1366 81.18 -13.28 85.71
N UNK G 1367 80.17 -13.32 86.55
CA UNK G 1367 79.10 -12.33 86.51
C UNK G 1367 79.36 -11.25 87.56
N UNK G 1368 80.60 -10.79 87.62
CA UNK G 1368 81.01 -9.88 88.69
C UNK G 1368 82.20 -9.01 88.31
N UNK G 1369 82.57 -8.99 87.02
CA UNK G 1369 83.72 -8.23 86.58
C UNK G 1369 83.45 -6.73 86.61
N UNK G 1370 84.49 -5.95 86.91
CA UNK G 1370 84.38 -4.50 86.96
C UNK G 1370 85.75 -3.87 86.69
N UNK G 1371 86.16 -3.87 85.43
CA UNK G 1371 87.50 -3.41 85.05
C UNK G 1371 87.64 -1.89 85.01
N UNK G 1372 88.61 -1.40 84.24
CA UNK G 1372 88.85 0.03 84.13
C UNK G 1372 89.56 0.37 82.82
N UNK G 1373 90.66 1.11 82.92
CA UNK G 1373 91.44 1.48 81.76
C UNK G 1373 92.48 0.40 81.45
N UNK G 1374 93.76 0.79 81.46
CA UNK G 1374 94.84 -0.12 81.12
C UNK G 1374 95.20 -1.05 82.27
N UNK G 1375 95.02 -2.35 82.06
CA UNK G 1375 95.37 -3.36 83.05
C UNK G 1375 95.59 -4.70 82.36
N UNK G 1376 96.62 -5.42 82.80
CA UNK G 1376 96.90 -6.75 82.26
C UNK G 1376 97.03 -7.74 83.41
N UNK G 1377 97.24 -7.19 84.61
CA UNK G 1377 97.32 -7.99 85.82
C UNK G 1377 96.40 -7.39 86.87
N UNK G 1378 96.67 -7.73 88.13
CA UNK G 1378 95.89 -7.32 89.30
C UNK G 1378 94.41 -7.66 89.15
N UNK G 1379 94.14 -8.95 88.96
CA UNK G 1379 92.77 -9.45 88.90
C UNK G 1379 92.14 -9.33 90.28
N UNK G 1380 92.99 -9.45 91.30
CA UNK G 1380 92.68 -9.30 92.73
C UNK G 1380 91.65 -10.32 93.19
N UNK G 1381 92.15 -11.35 93.89
CA UNK G 1381 91.30 -12.40 94.42
C UNK G 1381 91.51 -12.52 95.91
N UNK G 1382 91.39 -13.74 96.42
CA UNK G 1382 91.61 -14.03 97.83
C UNK G 1382 91.96 -15.51 98.00
N UNK G 1383 91.84 -16.00 99.23
CA UNK G 1383 92.10 -17.40 99.51
C UNK G 1383 91.18 -17.89 100.62
N UNK G 1384 90.84 -19.16 100.57
CA UNK G 1384 90.06 -19.79 101.62
C UNK G 1384 91.00 -20.48 102.60
N UNK G 1385 90.61 -20.52 103.87
CA UNK G 1385 91.33 -21.26 104.90
C UNK G 1385 90.40 -21.55 106.05
N UNK G 1386 89.83 -22.75 106.07
CA UNK G 1386 88.93 -23.15 107.14
C UNK G 1386 89.49 -24.37 107.86
N UNK G 1387 90.25 -24.13 108.92
CA UNK G 1387 90.89 -25.22 109.66
C UNK G 1387 89.93 -25.87 110.65
N UNK G 1388 90.45 -26.81 111.42
CA UNK G 1388 89.64 -27.61 112.34
C UNK G 1388 89.22 -26.81 113.58
N UNK G 1389 89.86 -27.10 114.72
CA UNK G 1389 89.54 -26.40 115.95
C UNK G 1389 90.76 -25.64 116.44
N UNK G 1390 91.88 -26.33 116.53
CA UNK G 1390 93.14 -25.70 116.90
C UNK G 1390 93.76 -25.05 115.66
N UNK G 1391 94.40 -25.89 114.83
CA UNK G 1391 94.97 -25.47 113.55
C UNK G 1391 95.25 -26.71 112.72
N UNK G 1392 94.44 -27.75 112.91
CA UNK G 1392 94.70 -29.04 112.29
C UNK G 1392 94.23 -29.12 110.84
N UNK G 1393 93.23 -29.95 110.58
CA UNK G 1393 92.76 -30.22 109.22
C UNK G 1393 92.08 -29.01 108.61
N UNK G 1394 92.71 -28.48 107.55
CA UNK G 1394 92.19 -27.29 106.90
C UNK G 1394 91.27 -27.65 105.76
N UNK G 1395 90.78 -26.60 105.08
CA UNK G 1395 89.95 -26.75 103.90
C UNK G 1395 90.25 -25.55 103.01
N UNK G 1396 91.51 -25.42 102.64
CA UNK G 1396 91.98 -24.25 101.91
C UNK G 1396 91.71 -24.34 100.42
N UNK G 1397 91.30 -23.22 99.84
CA UNK G 1397 91.05 -23.12 98.40
C UNK G 1397 91.16 -21.67 97.95
N UNK G 1398 90.88 -21.43 96.67
CA UNK G 1398 90.86 -20.07 96.15
C UNK G 1398 89.49 -19.46 96.40
N UNK G 1399 89.34 -18.17 96.12
CA UNK G 1399 88.06 -17.51 96.29
C UNK G 1399 87.47 -17.08 94.94
N UNK G 1400 87.96 -17.73 93.89
CA UNK G 1400 87.50 -17.56 92.49
C UNK G 1400 87.62 -16.14 91.95
N UNK G 1401 88.65 -15.92 91.13
CA UNK G 1401 88.90 -14.62 90.51
C UNK G 1401 87.79 -14.21 89.54
N UNK G 1402 87.72 -12.92 89.24
CA UNK G 1402 86.65 -12.36 88.43
C UNK G 1402 86.70 -12.81 86.98
N UNK G 1403 87.89 -13.25 86.55
CA UNK G 1403 88.07 -13.79 85.21
C UNK G 1403 89.24 -14.77 85.19
N UNK G 1404 89.72 -15.06 83.98
CA UNK G 1404 90.95 -15.81 83.80
C UNK G 1404 91.95 -14.89 83.13
N UNK G 1405 93.01 -15.44 82.56
CA UNK G 1405 94.03 -14.64 81.91
C UNK G 1405 94.78 -15.41 80.83
N UNK G 1406 95.26 -14.68 79.82
CA UNK G 1406 96.08 -15.24 78.76
C UNK G 1406 96.87 -14.13 78.09
N UNK G 1407 97.33 -13.17 78.90
CA UNK G 1407 98.06 -12.00 78.38
C UNK G 1407 99.44 -12.39 77.86
N UNK G 1408 99.56 -12.45 76.53
CA UNK G 1408 100.77 -12.85 75.79
C UNK G 1408 101.29 -14.21 76.25
N UNK G 1409 100.40 -15.20 76.30
CA UNK G 1409 100.76 -16.54 76.74
C UNK G 1409 101.60 -17.25 75.69
N UNK G 1410 101.40 -16.90 74.43
CA UNK G 1410 102.18 -17.48 73.34
C UNK G 1410 103.57 -16.89 73.33
N UNK G 1411 104.56 -17.71 72.99
CA UNK G 1411 105.95 -17.27 72.92
C UNK G 1411 106.44 -17.27 71.49
N UNK G 1412 105.85 -16.41 70.66
CA UNK G 1412 106.21 -16.32 69.25
C UNK G 1412 107.38 -15.36 69.04
N UNK G 1413 107.75 -15.16 67.78
CA UNK G 1413 108.84 -14.24 67.44
C UNK G 1413 108.31 -12.82 67.32
N UNK G 1414 109.23 -11.87 67.19
CA UNK G 1414 108.86 -10.46 67.09
C UNK G 1414 108.33 -10.15 65.68
N UNK G 1415 108.69 -10.99 64.72
CA UNK G 1415 108.22 -10.83 63.35
C UNK G 1415 106.83 -11.40 63.18
N UNK G 1416 106.60 -12.57 63.80
CA UNK G 1416 105.32 -13.29 63.82
C UNK G 1416 104.77 -13.65 62.43
N UNK G 1417 103.53 -14.12 62.41
CA UNK G 1417 102.89 -14.54 61.17
C UNK G 1417 101.37 -14.46 61.27
N UNK G 1418 100.74 -15.59 61.55
CA UNK G 1418 99.28 -15.66 61.62
C UNK G 1418 98.77 -15.37 63.02
N UNK G 1419 97.53 -15.76 63.27
CA UNK G 1419 96.90 -15.56 64.57
C UNK G 1419 97.02 -16.82 65.43
N UNK G 1420 96.18 -16.91 66.45
CA UNK G 1420 96.21 -18.06 67.36
C UNK G 1420 94.85 -18.77 67.37
N UNK G 1421 94.71 -19.73 68.27
CA UNK G 1421 93.46 -20.48 68.41
C UNK G 1421 93.28 -20.95 69.84
N UNK G 1422 93.25 -20.00 70.77
CA UNK G 1422 93.11 -20.31 72.18
C UNK G 1422 91.69 -20.72 72.54
N UNK G 1423 91.51 -22.01 72.81
CA UNK G 1423 90.19 -22.54 73.17
C UNK G 1423 90.13 -22.82 74.66
N UNK G 1424 89.02 -23.41 75.11
CA UNK G 1424 88.84 -23.73 76.51
C UNK G 1424 88.00 -24.99 76.69
N UNK G 1425 87.73 -25.36 77.93
CA UNK G 1425 86.92 -26.54 78.22
C UNK G 1425 86.13 -26.33 79.50
N UNK G 1426 85.16 -27.20 79.75
CA UNK G 1426 84.35 -27.13 80.95
C UNK G 1426 83.92 -28.53 81.36
N UNK G 1427 83.09 -28.62 82.41
CA UNK G 1427 82.56 -29.91 82.84
C UNK G 1427 81.49 -30.39 81.87
N UNK G 1428 81.94 -30.92 80.74
CA UNK G 1428 81.03 -31.34 79.68
C UNK G 1428 81.08 -32.85 79.51
N UNK G 1429 79.92 -33.49 79.60
CA UNK G 1429 79.83 -34.93 79.45
C UNK G 1429 79.95 -35.34 77.98
N UNK G 1430 79.82 -36.64 77.72
CA UNK G 1430 79.94 -37.14 76.37
C UNK G 1430 78.86 -38.15 76.03
N UNK G 1431 78.69 -38.40 74.73
CA UNK G 1431 77.70 -39.33 74.25
C UNK G 1431 78.14 -39.92 72.91
N UNK G 1432 78.39 -41.23 72.90
CA UNK G 1432 78.81 -41.90 71.69
C UNK G 1432 78.37 -43.36 71.71
N MET G 1433 79.84 -30.72 73.77
CA MET G 1433 80.80 -30.35 72.73
C MET G 1433 80.51 -29.02 71.97
N PRO G 1434 79.24 -28.63 71.68
CA PRO G 1434 79.01 -27.25 71.25
C PRO G 1434 79.11 -26.30 72.43
N LEU G 1435 79.19 -25.01 72.12
CA LEU G 1435 79.13 -23.97 73.14
C LEU G 1435 77.70 -23.61 73.47
N SER G 1436 76.81 -23.65 72.47
CA SER G 1436 75.38 -23.43 72.69
C SER G 1436 74.70 -24.59 73.40
N ALA G 1437 75.35 -25.76 73.49
CA ALA G 1437 74.78 -26.89 74.19
C ALA G 1437 74.70 -26.65 75.70
N ALA G 1438 75.63 -25.91 76.27
CA ALA G 1438 75.73 -25.79 77.72
C ALA G 1438 74.69 -24.87 78.33
N MET G 1439 73.98 -24.10 77.52
CA MET G 1439 73.07 -23.10 78.07
C MET G 1439 71.62 -23.25 77.61
N PHE G 1440 71.38 -23.44 76.32
CA PHE G 1440 70.06 -23.22 75.76
C PHE G 1440 69.07 -24.36 75.99
N LEU G 1441 69.49 -25.43 76.67
CA LEU G 1441 68.62 -26.46 77.30
C LEU G 1441 67.93 -27.37 76.29
N SER G 1442 68.00 -27.02 75.00
CA SER G 1442 67.57 -27.89 73.91
C SER G 1442 68.67 -28.14 72.91
N GLU G 1443 69.65 -27.25 72.85
CA GLU G 1443 70.88 -27.48 72.11
C GLU G 1443 71.83 -28.41 72.83
N ARG G 1444 71.55 -28.73 74.11
CA ARG G 1444 72.31 -29.74 74.82
C ARG G 1444 72.18 -31.10 74.17
N LYS G 1445 71.00 -31.43 73.65
CA LYS G 1445 70.79 -32.63 72.87
C LYS G 1445 71.13 -32.44 71.40
N ASN G 1446 71.59 -31.25 71.02
CA ASN G 1446 71.97 -30.98 69.64
C ASN G 1446 73.49 -30.89 69.55
N PRO G 1447 74.18 -31.94 69.09
CA PRO G 1447 75.65 -31.91 69.05
C PRO G 1447 76.24 -31.02 67.96
N ALA G 1448 75.40 -30.47 67.08
CA ALA G 1448 75.92 -29.47 66.15
C ALA G 1448 76.01 -28.11 66.83
N PRO G 1449 77.07 -27.34 66.57
CA PRO G 1449 77.15 -26.01 67.15
C PRO G 1449 76.23 -25.03 66.44
N GLN G 1450 75.61 -24.16 67.23
CA GLN G 1450 74.58 -23.25 66.75
C GLN G 1450 74.94 -21.82 67.15
N CYS G 1451 74.28 -20.85 66.53
CA CYS G 1451 74.51 -19.44 66.83
C CYS G 1451 73.17 -18.70 66.86
N PRO G 1452 72.54 -18.65 68.03
CA PRO G 1452 71.31 -17.87 68.16
C PRO G 1452 71.60 -16.38 68.13
N PRO G 1453 70.58 -15.53 67.94
CA PRO G 1453 70.80 -14.08 68.07
C PRO G 1453 71.08 -13.60 69.49
N ARG G 1454 70.92 -14.49 70.48
CA ARG G 1454 71.19 -14.13 71.87
C ARG G 1454 72.68 -13.91 72.16
N LEU G 1455 73.55 -14.43 71.30
CA LEU G 1455 74.99 -14.23 71.46
C LEU G 1455 75.33 -12.79 71.13
N GLU G 1456 75.48 -11.96 72.15
CA GLU G 1456 75.73 -10.54 71.99
C GLU G 1456 77.03 -10.17 72.68
N VAL G 1457 77.79 -9.30 72.04
CA VAL G 1457 79.07 -8.85 72.58
C VAL G 1457 78.82 -7.64 73.46
N GLN G 1458 79.29 -7.70 74.71
CA GLN G 1458 79.18 -6.57 75.61
C GLN G 1458 80.46 -5.74 75.63
N MET G 1459 80.35 -4.58 76.27
CA MET G 1459 81.49 -3.72 76.54
C MET G 1459 81.15 -2.86 77.74
N LEU G 1460 81.95 -2.99 78.80
CA LEU G 1460 81.62 -2.33 80.06
C LEU G 1460 81.78 -0.82 79.97
N MET G 1461 80.87 -0.11 80.62
CA MET G 1461 80.91 1.35 80.70
C MET G 1461 80.84 1.77 82.16
N PRO G 1462 81.78 2.61 82.62
CA PRO G 1462 81.80 2.97 84.05
C PRO G 1462 80.88 4.10 84.44
N VAL G 1463 79.67 4.13 83.88
CA VAL G 1463 78.58 4.98 84.36
C VAL G 1463 77.27 4.39 83.87
N SER G 1464 76.31 4.26 84.77
CA SER G 1464 74.93 3.93 84.43
C SER G 1464 74.02 4.96 85.11
N TRP G 1465 72.72 4.71 85.06
CA TRP G 1465 71.76 5.58 85.74
C TRP G 1465 71.09 4.79 86.85
N SER G 1466 71.72 4.77 88.03
CA SER G 1466 71.14 4.20 89.22
C SER G 1466 70.05 5.12 89.76
N ARG G 1467 69.20 4.56 90.59
CA ARG G 1467 68.08 5.28 91.18
C ARG G 1467 68.35 5.59 92.65
N MET G 1468 68.18 6.84 93.03
CA MET G 1468 68.18 7.20 94.43
C MET G 1468 66.90 6.71 95.10
N PRO G 1469 66.97 5.97 96.19
CA PRO G 1469 65.76 5.63 96.94
C PRO G 1469 65.16 6.86 97.59
N ASN G 1470 63.82 6.90 97.63
CA ASN G 1470 63.13 7.99 98.29
C ASN G 1470 63.29 7.95 99.80
N HIS G 1471 63.66 6.80 100.36
CA HIS G 1471 63.87 6.66 101.78
C HIS G 1471 65.10 5.80 102.03
N PHE G 1472 65.94 6.25 102.96
CA PHE G 1472 67.10 5.52 103.41
C PHE G 1472 66.87 5.06 104.85
N LEU G 1473 67.87 4.42 105.42
CA LEU G 1473 67.84 4.09 106.83
C LEU G 1473 67.99 5.38 107.65
N GLN G 1474 66.93 5.73 108.38
CA GLN G 1474 66.87 7.02 109.07
C GLN G 1474 67.79 7.11 110.27
N VAL G 1475 68.35 6.00 110.71
CA VAL G 1475 69.32 6.00 111.79
C VAL G 1475 70.48 5.07 111.40
N GLU G 1482 78.27 7.76 119.34
CA GLU G 1482 78.00 8.30 120.66
C GLU G 1482 79.15 7.99 121.62
N ARG G 1483 78.82 7.41 122.77
CA ARG G 1483 79.79 7.00 123.76
C ARG G 1483 79.90 5.48 123.76
N LEU G 1484 80.80 4.98 124.61
CA LEU G 1484 81.13 3.55 124.75
C LEU G 1484 81.56 2.96 123.41
N GLY G 1485 82.65 3.51 122.90
CA GLY G 1485 83.14 3.13 121.59
C GLY G 1485 82.29 3.62 120.44
N TRP G 1486 81.69 4.81 120.57
CA TRP G 1486 80.88 5.46 119.54
C TRP G 1486 79.70 4.59 119.11
N ALA G 1487 78.76 4.45 120.05
CA ALA G 1487 77.55 3.67 119.84
C ALA G 1487 76.74 4.18 118.65
N VAL G 1488 76.61 3.33 117.64
CA VAL G 1488 75.89 3.64 116.41
C VAL G 1488 74.48 3.09 116.55
N GLN G 1489 73.48 3.95 116.32
CA GLN G 1489 72.09 3.55 116.40
C GLN G 1489 71.50 3.46 114.99
N CYS G 1490 70.89 2.32 114.68
CA CYS G 1490 70.13 2.13 113.45
C CYS G 1490 69.03 1.11 113.72
N GLN G 1491 67.84 1.58 114.03
CA GLN G 1491 66.77 0.72 114.52
C GLN G 1491 65.48 0.76 113.71
N ASP G 1492 65.36 1.67 112.75
CA ASP G 1492 64.11 1.76 111.98
C ASP G 1492 64.09 0.72 110.88
N PRO G 1493 63.07 -0.15 110.83
CA PRO G 1493 63.00 -1.15 109.76
C PRO G 1493 62.57 -0.53 108.44
N LEU G 1494 63.20 -1.00 107.37
CA LEU G 1494 62.91 -0.49 106.04
C LEU G 1494 63.17 -1.58 105.02
N THR G 1495 62.24 -1.74 104.08
CA THR G 1495 62.33 -2.77 103.06
C THR G 1495 62.04 -2.15 101.70
N MET G 1496 62.20 -2.96 100.67
CA MET G 1496 61.86 -2.61 99.30
C MET G 1496 61.65 -3.91 98.54
N MET G 1497 61.13 -3.80 97.33
CA MET G 1497 61.07 -4.92 96.41
C MET G 1497 61.85 -4.58 95.15
N ALA G 1498 62.39 -5.60 94.50
CA ALA G 1498 63.40 -5.41 93.48
C ALA G 1498 63.53 -6.65 92.62
N LEU G 1499 63.58 -6.46 91.30
CA LEU G 1499 63.73 -7.57 90.39
C LEU G 1499 65.14 -8.16 90.44
N HIS G 1500 65.33 -9.21 89.64
CA HIS G 1500 66.61 -9.90 89.55
C HIS G 1500 66.67 -10.62 88.22
N ILE G 1501 67.64 -10.24 87.39
CA ILE G 1501 67.82 -10.92 86.10
C ILE G 1501 68.43 -12.30 86.36
N PRO G 1502 67.94 -13.34 85.70
CA PRO G 1502 68.53 -14.67 85.90
C PRO G 1502 69.79 -14.89 85.08
N GLU G 1503 69.86 -14.23 83.91
CA GLU G 1503 70.96 -14.47 82.98
C GLU G 1503 72.26 -13.84 83.47
N GLU G 1504 72.22 -12.55 83.76
CA GLU G 1504 73.42 -11.88 84.26
C GLU G 1504 73.61 -12.10 85.75
N ASN G 1505 72.57 -12.55 86.44
CA ASN G 1505 72.56 -12.85 87.88
C ASN G 1505 72.96 -11.62 88.69
N ARG G 1506 72.14 -10.58 88.55
CA ARG G 1506 72.31 -9.38 89.35
C ARG G 1506 70.94 -8.82 89.68
N CYS G 1507 70.88 -8.05 90.76
CA CYS G 1507 69.64 -7.47 91.23
C CYS G 1507 69.42 -6.11 90.59
N MET G 1508 68.17 -5.65 90.65
CA MET G 1508 67.77 -4.36 90.10
C MET G 1508 66.44 -3.99 90.74
N ASP G 1509 66.27 -2.69 90.97
CA ASP G 1509 65.06 -2.19 91.62
C ASP G 1509 63.86 -2.37 90.70
N ILE G 1510 62.68 -2.51 91.33
CA ILE G 1510 61.44 -2.52 90.57
C ILE G 1510 61.14 -1.14 90.00
N LEU G 1511 61.70 -0.08 90.59
CA LEU G 1511 61.53 1.28 90.12
C LEU G 1511 62.58 1.68 89.11
N GLU G 1512 63.40 0.73 88.65
CA GLU G 1512 64.26 0.93 87.50
C GLU G 1512 63.48 0.90 86.19
N LEU G 1513 62.27 0.37 86.20
CA LEU G 1513 61.56 0.06 84.96
C LEU G 1513 60.94 1.29 84.32
N SER G 1514 60.72 2.35 85.09
CA SER G 1514 60.25 3.63 84.56
C SER G 1514 61.36 4.44 83.90
N GLU G 1515 62.56 3.87 83.81
CA GLU G 1515 63.64 4.38 82.98
C GLU G 1515 63.96 3.48 81.79
N ARG G 1516 63.80 2.16 81.96
CA ARG G 1516 64.17 1.21 80.91
C ARG G 1516 63.24 1.28 79.71
N LEU G 1517 61.92 1.22 79.96
CA LEU G 1517 60.85 1.40 78.97
C LEU G 1517 60.86 0.39 77.83
N ASP G 1518 61.52 -0.73 78.00
CA ASP G 1518 61.30 -1.87 77.13
C ASP G 1518 61.21 -3.18 77.91
N LEU G 1519 61.88 -3.25 79.06
CA LEU G 1519 61.73 -4.42 79.91
C LEU G 1519 60.39 -4.40 80.63
N GLN G 1520 60.00 -3.21 81.13
CA GLN G 1520 58.64 -3.02 81.65
C GLN G 1520 57.60 -3.33 80.60
N ARG G 1521 57.85 -2.88 79.36
CA ARG G 1521 57.03 -3.25 78.22
C ARG G 1521 57.00 -4.75 78.01
N PHE G 1522 58.13 -5.42 78.20
CA PHE G 1522 58.12 -6.87 78.18
C PHE G 1522 57.50 -7.44 79.46
N HIS G 1523 57.71 -6.76 80.58
CA HIS G 1523 57.11 -7.22 81.83
C HIS G 1523 55.60 -7.00 81.86
N SER G 1524 55.11 -6.02 81.09
CA SER G 1524 53.66 -5.83 80.97
C SER G 1524 52.99 -7.03 80.32
N HIS G 1525 53.72 -7.74 79.45
CA HIS G 1525 53.22 -9.01 78.93
C HIS G 1525 53.43 -10.15 79.92
N THR G 1526 54.46 -10.05 80.75
CA THR G 1526 54.58 -10.97 81.88
C THR G 1526 53.51 -10.66 82.92
N LEU G 1527 53.12 -9.39 83.01
CA LEU G 1527 52.04 -8.97 83.90
C LEU G 1527 50.71 -9.62 83.51
N ARG G 1528 50.47 -9.79 82.21
CA ARG G 1528 49.18 -10.28 81.76
C ARG G 1528 49.16 -11.77 81.47
N LEU G 1529 50.32 -12.39 81.23
CA LEU G 1529 50.35 -13.81 80.92
C LEU G 1529 49.97 -14.66 82.11
N TYR G 1530 50.23 -14.15 83.32
CA TYR G 1530 49.84 -14.86 84.53
C TYR G 1530 48.33 -14.90 84.68
N ARG G 1531 47.63 -13.86 84.22
CA ARG G 1531 46.16 -13.92 84.14
C ARG G 1531 45.73 -14.92 83.08
N ALA G 1532 46.52 -15.08 82.04
CA ALA G 1532 46.12 -15.96 80.93
C ALA G 1532 46.25 -17.41 81.34
N VAL G 1533 47.37 -17.77 81.97
CA VAL G 1533 47.59 -19.15 82.37
C VAL G 1533 46.62 -19.54 83.48
N CYS G 1534 46.38 -18.63 84.42
CA CYS G 1534 45.29 -18.82 85.39
C CYS G 1534 44.00 -18.33 84.75
N ALA G 1535 43.47 -19.16 83.86
CA ALA G 1535 42.25 -18.88 83.12
C ALA G 1535 41.02 -19.13 83.98
N LEU G 1536 39.88 -19.34 83.32
CA LEU G 1536 38.68 -19.88 83.97
C LEU G 1536 39.03 -21.09 84.83
N GLY G 1537 38.35 -21.17 85.98
CA GLY G 1537 38.93 -21.58 87.25
C GLY G 1537 39.89 -22.73 87.31
N ASN G 1538 41.15 -22.40 87.57
CA ASN G 1538 42.23 -23.38 87.58
C ASN G 1538 43.03 -23.10 88.85
N ASN G 1539 42.55 -23.65 89.98
CA ASN G 1539 43.17 -23.39 91.26
C ASN G 1539 44.32 -24.33 91.55
N ARG G 1540 44.49 -25.38 90.75
CA ARG G 1540 45.70 -26.17 90.81
C ARG G 1540 46.90 -25.35 90.38
N VAL G 1541 46.70 -24.41 89.46
CA VAL G 1541 47.74 -23.48 89.07
C VAL G 1541 47.73 -22.24 89.97
N ALA G 1542 46.54 -21.82 90.42
CA ALA G 1542 46.44 -20.61 91.23
C ALA G 1542 47.00 -20.81 92.63
N HIS G 1543 46.91 -22.04 93.16
CA HIS G 1543 47.67 -22.36 94.36
C HIS G 1543 49.17 -22.38 94.08
N ALA G 1544 49.57 -22.83 92.90
CA ALA G 1544 50.97 -22.85 92.50
C ALA G 1544 51.46 -21.50 92.00
N LEU G 1545 50.57 -20.52 91.88
CA LEU G 1545 50.91 -19.22 91.30
C LEU G 1545 51.60 -18.30 92.29
N CYS G 1546 51.34 -18.46 93.58
CA CYS G 1546 51.84 -17.52 94.58
C CYS G 1546 53.34 -17.65 94.82
N SER G 1547 53.95 -18.74 94.36
CA SER G 1547 55.39 -18.92 94.51
C SER G 1547 56.18 -18.03 93.56
N HIS G 1548 55.57 -17.60 92.46
CA HIS G 1548 56.32 -16.93 91.41
C HIS G 1548 56.72 -15.52 91.84
N VAL G 1549 55.79 -14.78 92.43
CA VAL G 1549 56.17 -13.46 92.94
C VAL G 1549 56.29 -13.52 94.45
N ASP G 1550 55.14 -13.67 95.13
CA ASP G 1550 55.05 -13.79 96.59
C ASP G 1550 53.61 -14.01 97.04
N GLN G 1551 53.44 -13.98 98.36
CA GLN G 1551 52.21 -13.55 99.00
C GLN G 1551 52.36 -12.16 99.62
N ALA G 1552 53.57 -11.80 100.05
CA ALA G 1552 53.80 -10.59 100.82
C ALA G 1552 53.85 -9.35 99.94
N GLN G 1553 54.77 -9.32 98.95
CA GLN G 1553 54.97 -8.11 98.17
C GLN G 1553 53.86 -7.87 97.16
N LEU G 1554 52.91 -8.79 97.04
CA LEU G 1554 51.62 -8.46 96.43
C LEU G 1554 50.88 -7.42 97.25
N LEU G 1555 51.09 -7.40 98.56
CA LEU G 1555 50.48 -6.38 99.40
C LEU G 1555 51.36 -5.14 99.57
N HIS G 1556 52.66 -5.27 99.29
CA HIS G 1556 53.59 -4.15 99.33
C HIS G 1556 53.45 -3.23 98.14
N ALA G 1557 53.15 -3.77 96.96
CA ALA G 1557 52.97 -2.94 95.79
C ALA G 1557 51.71 -2.08 95.87
N LEU G 1558 50.69 -2.54 96.62
CA LEU G 1558 49.54 -1.70 96.89
C LEU G 1558 49.93 -0.51 97.76
N GLU G 1559 50.81 -0.74 98.73
CA GLU G 1559 51.24 0.33 99.63
C GLU G 1559 52.10 1.36 98.91
N ASP G 1560 52.84 0.94 97.88
CA ASP G 1560 53.73 1.85 97.17
C ASP G 1560 52.93 2.83 96.33
N ALA G 1561 53.18 4.11 96.55
CA ALA G 1561 52.38 5.16 95.91
C ALA G 1561 52.94 5.63 94.57
N HIS G 1562 54.26 5.61 94.39
CA HIS G 1562 54.86 6.07 93.15
C HIS G 1562 55.39 4.89 92.34
N LEU G 1563 55.10 4.90 91.05
CA LEU G 1563 55.26 3.81 90.09
C LEU G 1563 54.85 4.32 88.72
N PRO G 1564 55.29 3.71 87.61
CA PRO G 1564 54.85 4.19 86.29
C PRO G 1564 53.40 3.85 85.95
N GLY G 1565 52.89 2.67 86.31
CA GLY G 1565 51.49 2.38 86.10
C GLY G 1565 51.15 1.22 85.17
N PRO G 1566 51.83 1.12 84.01
CA PRO G 1566 51.84 -0.17 83.29
C PRO G 1566 52.69 -1.22 83.96
N LEU G 1567 53.41 -0.84 85.01
CA LEU G 1567 53.98 -1.69 86.03
C LEU G 1567 52.88 -1.96 87.06
N ARG G 1568 53.27 -2.23 88.32
CA ARG G 1568 52.49 -2.81 89.42
C ARG G 1568 51.07 -2.27 89.64
N ALA G 1569 50.73 -1.11 89.08
CA ALA G 1569 49.33 -0.70 89.05
C ALA G 1569 48.53 -1.60 88.13
N GLY G 1570 49.19 -2.20 87.14
CA GLY G 1570 48.62 -3.27 86.36
C GLY G 1570 48.56 -4.61 87.07
N TYR G 1571 49.29 -4.80 88.17
CA TYR G 1571 49.26 -6.07 88.88
C TYR G 1571 47.91 -6.33 89.53
N TYR G 1572 47.18 -5.29 89.93
CA TYR G 1572 46.02 -5.47 90.78
C TYR G 1572 44.75 -5.74 90.01
N ASP G 1573 44.89 -6.32 88.81
CA ASP G 1573 43.90 -7.21 88.27
C ASP G 1573 44.31 -8.67 88.37
N LEU G 1574 45.61 -8.96 88.44
CA LEU G 1574 46.08 -10.35 88.56
C LEU G 1574 45.75 -10.91 89.93
N LEU G 1575 45.87 -10.07 90.97
CA LEU G 1575 45.33 -10.41 92.27
C LEU G 1575 43.83 -10.64 92.20
N ILE G 1576 43.14 -9.86 91.37
CA ILE G 1576 41.71 -10.04 91.19
C ILE G 1576 41.44 -11.26 90.31
N SER G 1577 42.30 -11.51 89.33
CA SER G 1577 42.12 -12.62 88.39
C SER G 1577 42.33 -13.99 89.01
N ILE G 1578 42.88 -14.07 90.22
CA ILE G 1578 43.05 -15.35 90.89
C ILE G 1578 42.24 -15.46 92.18
N HIS G 1579 41.51 -14.41 92.56
CA HIS G 1579 40.70 -14.54 93.77
C HIS G 1579 39.24 -14.13 93.59
N LEU G 1580 38.95 -13.11 92.79
CA LEU G 1580 37.56 -12.86 92.38
C LEU G 1580 37.06 -13.95 91.45
N GLU G 1581 37.97 -14.60 90.73
CA GLU G 1581 37.61 -15.40 89.56
C GLU G 1581 36.81 -16.64 89.95
N SER G 1582 37.28 -17.37 90.96
CA SER G 1582 36.51 -18.49 91.48
C SER G 1582 35.42 -18.04 92.44
N ALA G 1583 35.42 -16.78 92.84
CA ALA G 1583 34.48 -16.27 93.84
C ALA G 1583 33.28 -15.56 93.23
N CYS G 1584 33.50 -14.56 92.38
CA CYS G 1584 32.40 -13.77 91.84
C CYS G 1584 31.59 -14.56 90.82
N ARG G 1585 32.24 -15.41 90.03
CA ARG G 1585 31.53 -16.21 89.04
C ARG G 1585 30.58 -17.20 89.70
N SER G 1586 30.99 -17.77 90.83
CA SER G 1586 30.04 -18.50 91.68
C SER G 1586 28.98 -17.56 92.22
N ARG G 1587 29.39 -16.36 92.67
CA ARG G 1587 28.47 -15.42 93.29
C ARG G 1587 27.49 -14.83 92.29
N ARG G 1588 27.97 -14.41 91.11
CA ARG G 1588 27.08 -13.81 90.12
C ARG G 1588 26.13 -14.83 89.51
N SER G 1589 26.50 -16.11 89.52
CA SER G 1589 25.58 -17.16 89.10
C SER G 1589 24.41 -17.27 90.07
N MET G 1590 24.71 -17.20 91.37
CA MET G 1590 23.71 -17.27 92.42
C MET G 1590 23.06 -15.92 92.69
N LEU G 1591 23.47 -14.87 91.97
CA LEU G 1591 23.05 -13.52 92.31
C LEU G 1591 21.59 -13.28 91.99
N SER G 1592 21.17 -13.63 90.78
CA SER G 1592 19.77 -13.51 90.39
C SER G 1592 19.00 -14.79 90.68
N GLU G 1593 19.16 -15.31 91.88
CA GLU G 1593 18.44 -16.49 92.34
C GLU G 1593 17.94 -16.18 93.75
N TYR G 1594 16.70 -15.69 93.83
CA TYR G 1594 16.15 -15.16 95.07
C TYR G 1594 15.38 -16.26 95.78
N ILE G 1595 15.78 -16.55 97.02
CA ILE G 1595 15.23 -17.67 97.77
C ILE G 1595 15.39 -17.35 99.26
N VAL G 1596 14.39 -17.72 100.04
CA VAL G 1596 14.31 -17.25 101.43
C VAL G 1596 13.64 -18.31 102.31
N PRO G 1597 14.14 -18.52 103.54
CA PRO G 1597 13.40 -19.36 104.50
C PRO G 1597 12.39 -18.54 105.28
N LEU G 1598 11.72 -19.14 106.26
CA LEU G 1598 10.91 -18.38 107.21
C LEU G 1598 11.70 -18.28 108.51
N THR G 1599 12.47 -17.22 108.64
CA THR G 1599 13.16 -16.86 109.86
C THR G 1599 12.46 -15.67 110.50
N PRO G 1600 12.71 -15.40 111.78
CA PRO G 1600 12.27 -14.11 112.34
C PRO G 1600 12.96 -12.92 111.69
N GLU G 1601 14.16 -13.12 111.14
CA GLU G 1601 14.76 -12.09 110.28
C GLU G 1601 13.95 -11.90 109.01
N THR G 1602 13.46 -13.00 108.43
CA THR G 1602 12.52 -12.90 107.31
C THR G 1602 11.18 -12.34 107.77
N ARG G 1603 10.66 -12.83 108.90
CA ARG G 1603 9.38 -12.37 109.42
C ARG G 1603 9.40 -10.90 109.80
N ALA G 1604 10.55 -10.40 110.23
CA ALA G 1604 10.69 -8.96 110.47
C ALA G 1604 11.77 -8.44 109.53
N ILE G 1605 11.36 -8.12 108.30
CA ILE G 1605 12.14 -7.23 107.44
C ILE G 1605 11.20 -6.49 106.47
N THR G 1606 11.30 -5.17 106.50
CA THR G 1606 10.53 -4.26 105.66
C THR G 1606 11.31 -2.95 105.63
N LEU G 1607 10.64 -1.87 105.25
CA LEU G 1607 11.23 -0.54 105.27
C LEU G 1607 11.70 -0.15 106.67
N PHE G 1608 10.78 -0.18 107.65
CA PHE G 1608 10.95 0.12 109.07
C PHE G 1608 11.79 1.36 109.39
N PRO G 1609 11.29 2.59 109.22
CA PRO G 1609 12.03 3.75 109.71
C PRO G 1609 11.66 4.09 111.14
N PRO G 1610 12.64 4.12 112.06
CA PRO G 1610 12.36 4.53 113.44
C PRO G 1610 12.35 6.04 113.55
N GLY G 1611 11.21 6.59 113.97
CA GLY G 1611 11.10 8.02 114.18
C GLY G 1611 9.70 8.50 114.50
N ARG G 1612 9.32 9.64 113.94
CA ARG G 1612 8.00 10.22 114.11
C ARG G 1612 7.12 10.00 112.88
N LYS G 1613 7.24 8.81 112.26
CA LYS G 1613 6.52 8.37 111.07
C LYS G 1613 6.74 9.29 109.86
N GLY G 1614 7.88 9.97 109.79
CA GLY G 1614 8.17 10.83 108.66
C GLY G 1614 9.12 10.18 107.69
N GLY G 1615 9.97 9.27 108.17
CA GLY G 1615 10.90 8.57 107.31
C GLY G 1615 10.27 7.54 106.40
N ASN G 1616 9.02 7.16 106.67
CA ASN G 1616 8.30 6.31 105.74
C ASN G 1616 7.93 7.07 104.48
N ALA G 1617 7.44 8.30 104.63
CA ALA G 1617 7.18 9.17 103.49
C ALA G 1617 8.45 9.79 102.93
N ARG G 1618 9.52 9.88 103.72
CA ARG G 1618 10.81 10.35 103.25
C ARG G 1618 11.60 9.18 102.68
N ARG G 1619 12.90 9.38 102.51
CA ARG G 1619 13.78 8.30 102.06
C ARG G 1619 13.83 7.18 103.09
N HIS G 1620 13.87 5.95 102.59
CA HIS G 1620 13.75 4.76 103.41
C HIS G 1620 15.04 4.35 104.08
N GLY G 1621 16.07 5.21 104.05
CA GLY G 1621 17.33 4.92 104.68
C GLY G 1621 18.48 4.88 103.70
N LEU G 1622 19.17 3.73 103.65
CA LEU G 1622 20.34 3.55 102.82
C LEU G 1622 20.30 2.16 102.20
N PRO G 1623 20.94 1.97 101.05
CA PRO G 1623 21.25 0.62 100.59
C PRO G 1623 22.41 0.04 101.40
N GLY G 1624 22.69 -1.23 101.12
CA GLY G 1624 23.70 -1.92 101.92
C GLY G 1624 23.19 -2.21 103.31
N VAL G 1625 22.24 -3.12 103.42
CA VAL G 1625 21.58 -3.42 104.68
C VAL G 1625 22.12 -4.77 105.12
N GLY G 1626 21.69 -5.26 106.28
CA GLY G 1626 22.27 -6.45 106.87
C GLY G 1626 21.79 -7.75 106.24
N VAL G 1627 21.31 -8.68 107.07
CA VAL G 1627 20.98 -10.02 106.62
C VAL G 1627 19.76 -9.97 105.70
N THR G 1628 20.00 -10.23 104.42
CA THR G 1628 18.95 -10.29 103.42
C THR G 1628 18.34 -11.68 103.29
N THR G 1629 18.74 -12.63 104.17
CA THR G 1629 18.18 -13.98 104.31
C THR G 1629 18.17 -14.75 102.99
N SER G 1630 19.21 -14.55 102.19
CA SER G 1630 19.38 -15.27 100.94
C SER G 1630 20.26 -16.48 101.19
N LEU G 1631 20.00 -17.56 100.45
CA LEU G 1631 20.69 -18.82 100.68
C LEU G 1631 22.06 -18.73 100.00
N ARG G 1632 23.05 -18.32 100.78
CA ARG G 1632 24.38 -17.98 100.26
C ARG G 1632 25.45 -18.89 100.86
N PRO G 1633 26.20 -19.61 100.04
CA PRO G 1633 27.26 -20.49 100.56
C PRO G 1633 28.58 -19.75 100.65
N PRO G 1634 29.57 -20.26 101.42
CA PRO G 1634 30.88 -19.62 101.48
C PRO G 1634 31.76 -19.93 100.28
N HIS G 1635 33.02 -19.46 100.30
CA HIS G 1635 33.89 -19.56 99.14
C HIS G 1635 34.91 -20.69 99.22
N HIS G 1636 35.20 -21.18 100.43
CA HIS G 1636 36.03 -22.37 100.69
C HIS G 1636 37.44 -22.20 100.13
N PHE G 1637 38.19 -21.30 100.78
CA PHE G 1637 39.57 -21.07 100.41
C PHE G 1637 40.47 -22.21 100.89
N SER G 1638 41.77 -22.07 100.62
CA SER G 1638 42.78 -23.04 101.03
C SER G 1638 44.13 -22.35 101.06
N PRO G 1639 44.83 -22.35 102.20
CA PRO G 1639 46.17 -21.76 102.25
C PRO G 1639 47.16 -22.62 101.51
N PRO G 1640 47.87 -22.06 100.53
CA PRO G 1640 48.82 -22.85 99.74
C PRO G 1640 50.11 -23.14 100.48
N CYS G 1641 50.58 -24.38 100.32
CA CYS G 1641 51.84 -24.81 100.89
C CYS G 1641 52.48 -25.80 99.92
N PHE G 1642 53.81 -25.94 100.02
CA PHE G 1642 54.53 -26.86 99.16
C PHE G 1642 55.55 -27.70 99.90
N VAL G 1643 55.69 -27.55 101.22
CA VAL G 1643 56.41 -28.52 102.04
C VAL G 1643 55.58 -29.76 102.30
N ALA G 1644 54.31 -29.78 101.89
CA ALA G 1644 53.49 -30.96 101.97
C ALA G 1644 53.94 -31.99 100.94
N ALA G 1645 53.46 -33.22 101.12
CA ALA G 1645 53.83 -34.31 100.23
C ALA G 1645 53.02 -34.26 98.94
N LEU G 1646 53.31 -35.22 98.07
CA LEU G 1646 52.60 -35.32 96.80
C LEU G 1646 51.19 -35.87 97.02
N PRO G 1647 50.23 -35.42 96.21
CA PRO G 1647 48.87 -35.99 96.32
C PRO G 1647 48.81 -37.39 95.74
N ALA G 1648 48.01 -38.24 96.38
CA ALA G 1648 47.77 -39.64 96.00
C ALA G 1648 49.05 -40.46 95.88
N GLU G 1653 41.36 -37.35 91.25
CA GLU G 1653 41.20 -38.26 92.38
C GLU G 1653 40.33 -37.63 93.47
N ALA G 1654 40.13 -36.31 93.35
CA ALA G 1654 39.42 -35.53 94.36
C ALA G 1654 39.02 -34.21 93.74
N PRO G 1655 38.09 -33.46 94.36
CA PRO G 1655 37.93 -32.05 93.99
C PRO G 1655 39.13 -31.25 94.45
N ALA G 1656 40.19 -31.27 93.63
CA ALA G 1656 41.58 -31.08 94.04
C ALA G 1656 41.90 -29.77 94.75
N ARG G 1657 41.78 -28.63 94.06
CA ARG G 1657 42.23 -27.36 94.60
C ARG G 1657 41.06 -26.39 94.60
N LEU G 1658 40.72 -25.89 95.78
CA LEU G 1658 39.51 -25.08 95.92
C LEU G 1658 39.76 -23.61 95.58
N SER G 1659 40.61 -22.93 96.37
CA SER G 1659 40.93 -21.51 96.21
C SER G 1659 42.16 -21.13 97.05
N PRO G 1660 43.11 -20.39 96.48
CA PRO G 1660 44.19 -19.84 97.32
C PRO G 1660 43.66 -18.77 98.25
N ALA G 1661 44.27 -18.68 99.44
CA ALA G 1661 43.69 -17.94 100.54
C ALA G 1661 44.49 -16.68 100.88
N ILE G 1662 43.77 -15.63 101.25
CA ILE G 1662 44.34 -14.38 101.74
C ILE G 1662 43.52 -13.98 102.98
N PRO G 1663 44.15 -13.45 104.05
CA PRO G 1663 43.37 -12.69 105.04
C PRO G 1663 42.69 -11.49 104.41
N LEU G 1664 41.36 -11.50 104.43
CA LEU G 1664 40.59 -10.58 103.60
C LEU G 1664 40.15 -9.32 104.34
N GLU G 1665 39.82 -9.42 105.63
CA GLU G 1665 39.25 -8.28 106.34
C GLU G 1665 40.29 -7.19 106.58
N ALA G 1666 41.53 -7.57 106.85
CA ALA G 1666 42.61 -6.59 106.92
C ALA G 1666 42.94 -6.05 105.54
N LEU G 1667 42.85 -6.89 104.51
CA LEU G 1667 43.04 -6.43 103.14
C LEU G 1667 41.87 -5.56 102.71
N ARG G 1668 40.69 -5.82 103.26
CA ARG G 1668 39.52 -4.96 103.03
C ARG G 1668 39.76 -3.56 103.57
N ASP G 1669 40.26 -3.45 104.80
CA ASP G 1669 40.50 -2.15 105.40
C ASP G 1669 41.68 -1.43 104.74
N LYS G 1670 42.62 -2.19 104.18
CA LYS G 1670 43.73 -1.57 103.46
C LYS G 1670 43.25 -0.93 102.16
N ALA G 1671 42.34 -1.59 101.47
CA ALA G 1671 41.74 -0.99 100.28
C ALA G 1671 40.70 0.05 100.63
N LEU G 1672 40.08 -0.05 101.80
CA LEU G 1672 39.06 0.91 102.21
C LEU G 1672 39.68 2.27 102.52
N ARG G 1673 40.85 2.27 103.16
CA ARG G 1673 41.47 3.53 103.54
C ARG G 1673 42.10 4.26 102.35
N MET G 1674 42.55 3.53 101.34
CA MET G 1674 43.17 4.17 100.18
C MET G 1674 42.13 4.76 99.25
N LEU G 1675 40.89 4.25 99.33
CA LEU G 1675 39.80 4.78 98.51
C LEU G 1675 39.45 6.21 98.93
N GLY G 1676 39.19 6.40 100.22
CA GLY G 1676 38.98 7.75 100.73
C GLY G 1676 40.21 8.62 100.69
N GLU G 1677 41.40 8.01 100.71
CA GLU G 1677 42.64 8.75 100.53
C GLU G 1677 42.74 9.33 99.12
N ALA G 1678 42.41 8.52 98.11
CA ALA G 1678 42.53 8.97 96.73
C ALA G 1678 41.48 10.02 96.38
N VAL G 1679 40.34 10.03 97.09
CA VAL G 1679 39.38 11.11 96.94
C VAL G 1679 39.97 12.42 97.46
N ARG G 1680 40.62 12.38 98.63
CA ARG G 1680 41.31 13.55 99.13
C ARG G 1680 42.56 13.86 98.31
N ASP G 1681 43.20 12.84 97.74
CA ASP G 1681 44.37 13.07 96.92
C ASP G 1681 44.02 13.70 95.58
N GLY G 1682 42.87 13.34 95.01
CA GLY G 1682 42.46 13.97 93.76
C GLY G 1682 41.96 15.39 93.94
N GLY G 1683 41.32 15.67 95.08
CA GLY G 1683 40.84 17.01 95.36
C GLY G 1683 41.92 18.04 95.62
N GLN G 1684 43.15 17.60 95.90
CA GLN G 1684 44.27 18.52 96.04
C GLN G 1684 44.74 19.06 94.69
N HIS G 1685 44.36 18.39 93.60
CA HIS G 1685 44.69 18.77 92.21
C HIS G 1685 46.21 18.87 92.00
N ALA G 1686 46.91 17.86 92.51
CA ALA G 1686 48.36 17.84 92.41
C ALA G 1686 48.79 17.41 91.01
N ARG G 1687 49.99 17.84 90.62
CA ARG G 1687 50.67 17.39 89.42
C ARG G 1687 51.48 16.12 89.67
N ASP G 1688 51.21 15.43 90.77
CA ASP G 1688 51.87 14.22 91.24
C ASP G 1688 51.51 12.90 90.56
N PRO G 1689 50.25 12.70 90.08
CA PRO G 1689 49.42 11.51 90.38
C PRO G 1689 50.02 10.13 90.25
N VAL G 1690 49.42 9.19 91.01
CA VAL G 1690 49.86 7.81 91.08
C VAL G 1690 49.82 7.18 89.69
N GLY G 1691 50.94 6.58 89.29
CA GLY G 1691 51.05 6.03 87.95
C GLY G 1691 51.11 7.05 86.85
N GLY G 1692 51.52 8.28 87.15
CA GLY G 1692 51.72 9.28 86.11
C GLY G 1692 50.50 10.12 85.78
N SER G 1693 49.32 9.50 85.66
CA SER G 1693 48.13 10.21 85.22
C SER G 1693 46.99 9.98 86.20
N VAL G 1694 45.83 10.51 85.84
CA VAL G 1694 44.64 10.42 86.70
C VAL G 1694 44.08 9.00 86.68
N GLU G 1695 44.04 8.38 85.50
CA GLU G 1695 43.44 7.06 85.36
C GLU G 1695 44.26 6.00 86.06
N PHE G 1696 45.58 6.18 86.12
CA PHE G 1696 46.39 5.27 86.91
C PHE G 1696 46.28 5.58 88.39
N GLN G 1697 46.01 6.84 88.75
CA GLN G 1697 45.73 7.15 90.15
C GLN G 1697 44.41 6.54 90.57
N PHE G 1698 43.45 6.47 89.65
CA PHE G 1698 42.23 5.70 89.85
C PHE G 1698 42.43 4.29 89.30
N VAL G 1699 43.41 3.65 89.92
CA VAL G 1699 43.93 2.28 89.74
C VAL G 1699 42.79 1.27 89.91
N PRO G 1700 42.89 0.04 89.33
CA PRO G 1700 41.90 -1.02 89.60
C PRO G 1700 41.73 -1.51 91.04
N VAL G 1701 42.32 -0.83 92.03
CA VAL G 1701 41.79 -0.86 93.40
C VAL G 1701 40.31 -0.47 93.42
N LEU G 1702 39.90 0.42 92.52
CA LEU G 1702 38.47 0.66 92.29
C LEU G 1702 37.73 -0.61 91.89
N LYS G 1703 38.36 -1.48 91.11
CA LYS G 1703 37.76 -2.79 90.85
C LYS G 1703 37.88 -3.69 92.07
N LEU G 1704 38.96 -3.54 92.84
CA LEU G 1704 39.10 -4.27 94.09
C LEU G 1704 38.06 -3.84 95.12
N VAL G 1705 37.60 -2.58 95.05
CA VAL G 1705 36.44 -2.15 95.83
C VAL G 1705 35.22 -2.97 95.44
N SER G 1706 34.99 -3.12 94.13
CA SER G 1706 33.87 -3.92 93.66
C SER G 1706 34.09 -5.41 93.83
N THR G 1707 35.35 -5.84 93.98
CA THR G 1707 35.67 -7.26 94.16
C THR G 1707 35.09 -7.80 95.46
N LEU G 1708 35.36 -7.12 96.57
CA LEU G 1708 34.79 -7.54 97.84
C LEU G 1708 33.33 -7.12 97.97
N LEU G 1709 32.88 -6.17 97.13
CA LEU G 1709 31.51 -5.69 97.20
C LEU G 1709 30.53 -6.72 96.68
N VAL G 1710 30.84 -7.34 95.55
CA VAL G 1710 30.01 -8.41 95.02
C VAL G 1710 30.09 -9.65 95.91
N MET G 1711 31.21 -9.87 96.59
CA MET G 1711 31.35 -11.00 97.48
C MET G 1711 30.69 -10.76 98.84
N GLY G 1712 30.25 -9.53 99.11
CA GLY G 1712 29.59 -9.24 100.38
C GLY G 1712 30.52 -9.20 101.57
N ILE G 1713 31.74 -8.69 101.39
CA ILE G 1713 32.72 -8.73 102.46
C ILE G 1713 32.60 -7.51 103.37
N PHE G 1714 32.23 -6.36 102.80
CA PHE G 1714 32.12 -5.11 103.56
C PHE G 1714 31.02 -5.17 104.60
N GLY G 1715 31.33 -4.70 105.79
CA GLY G 1715 30.35 -4.52 106.84
C GLY G 1715 29.47 -3.32 106.57
N ASP G 1716 28.50 -3.11 107.48
CA ASP G 1716 27.53 -2.04 107.28
C ASP G 1716 28.17 -0.68 107.45
N GLU G 1717 29.13 -0.56 108.37
CA GLU G 1717 29.90 0.68 108.46
C GLU G 1717 30.91 0.79 107.33
N ASP G 1718 31.37 -0.34 106.81
CA ASP G 1718 32.21 -0.33 105.62
C ASP G 1718 31.39 0.07 104.39
N VAL G 1719 30.13 -0.38 104.34
CA VAL G 1719 29.17 0.16 103.38
C VAL G 1719 28.96 1.65 103.63
N LYS G 1720 28.82 2.04 104.90
CA LYS G 1720 28.62 3.45 105.23
C LYS G 1720 29.85 4.28 104.91
N GLN G 1721 31.04 3.68 104.95
CA GLN G 1721 32.25 4.44 104.67
C GLN G 1721 32.44 4.66 103.17
N ILE G 1722 32.15 3.65 102.35
CA ILE G 1722 32.34 3.80 100.91
C ILE G 1722 31.24 4.64 100.27
N LEU G 1723 30.09 4.78 100.94
CA LEU G 1723 29.09 5.76 100.49
C LEU G 1723 29.37 7.16 101.01
N LYS G 1724 30.36 7.34 101.88
CA LYS G 1724 30.69 8.66 102.39
C LYS G 1724 31.48 9.50 101.41
N MET G 1725 31.80 8.99 100.22
CA MET G 1725 32.42 9.80 99.19
C MET G 1725 31.42 10.70 98.48
N ILE G 1726 30.13 10.35 98.52
CA ILE G 1726 29.07 11.19 97.98
C ILE G 1726 28.14 11.43 99.16
N GLU G 1727 28.72 11.53 100.36
CA GLU G 1727 27.99 11.76 101.61
C GLU G 1727 27.01 12.94 101.62
N PRO G 1728 27.25 14.09 100.98
CA PRO G 1728 26.18 15.10 100.91
C PRO G 1728 24.99 14.69 100.05
N GLU G 1729 25.15 13.70 99.17
CA GLU G 1729 24.01 13.18 98.43
C GLU G 1729 23.51 11.86 99.00
N VAL G 1730 24.41 11.07 99.60
CA VAL G 1730 23.99 9.85 100.29
C VAL G 1730 23.16 10.19 101.52
N PHE G 1731 23.57 11.24 102.26
CA PHE G 1731 22.77 11.89 103.31
C PHE G 1731 22.40 10.91 104.43
N THR G 1732 23.44 10.53 105.19
CA THR G 1732 23.34 9.59 106.30
C THR G 1732 22.36 10.06 107.39
N GLU G 1733 22.04 9.15 108.30
CA GLU G 1733 20.89 9.31 109.19
C GLU G 1733 21.10 10.36 110.28
N GLU G 1734 22.32 10.85 110.46
CA GLU G 1734 22.59 11.87 111.46
C GLU G 1734 22.02 13.23 111.04
N LEU G 1782 36.66 22.23 100.35
CA LEU G 1782 36.02 21.46 101.42
C LEU G 1782 35.96 19.98 101.05
N GLU G 1783 35.06 19.25 101.70
CA GLU G 1783 34.88 17.82 101.44
C GLU G 1783 34.07 17.68 100.16
N GLU G 1784 34.78 17.69 99.04
CA GLU G 1784 34.14 17.59 97.73
C GLU G 1784 33.68 16.16 97.48
N GLY G 1785 32.54 16.04 96.80
CA GLY G 1785 31.97 14.74 96.50
C GLY G 1785 32.78 14.00 95.47
N LEU G 1786 32.48 12.69 95.38
CA LEU G 1786 33.17 11.83 94.42
C LEU G 1786 32.77 12.14 92.99
N LEU G 1787 31.51 12.52 92.78
CA LEU G 1787 30.98 12.66 91.43
C LEU G 1787 31.48 13.90 90.72
N GLN G 1788 31.95 14.90 91.48
CA GLN G 1788 32.23 16.21 90.91
C GLN G 1788 33.65 16.34 90.34
N MET G 1789 34.39 15.25 90.24
CA MET G 1789 35.71 15.30 89.62
C MET G 1789 35.62 14.93 88.14
N LYS G 1790 36.61 15.38 87.37
CA LYS G 1790 36.66 15.09 85.95
C LYS G 1790 37.11 13.66 85.71
N LEU G 1791 36.20 12.71 85.89
CA LEU G 1791 36.49 11.29 85.77
C LEU G 1791 36.22 10.87 84.33
N PRO G 1792 37.25 10.77 83.47
CA PRO G 1792 37.03 10.82 82.01
C PRO G 1792 36.20 9.71 81.38
N GLU G 1793 36.67 8.47 81.36
CA GLU G 1793 35.85 7.39 80.82
C GLU G 1793 35.88 6.15 81.69
N SER G 1794 37.06 5.81 82.19
CA SER G 1794 37.26 4.53 82.84
C SER G 1794 36.81 4.51 84.28
N VAL G 1795 36.80 5.66 84.94
CA VAL G 1795 36.31 5.70 86.31
C VAL G 1795 34.79 5.59 86.32
N LYS G 1796 34.14 6.12 85.28
CA LYS G 1796 32.68 6.10 85.24
C LYS G 1796 32.14 4.69 84.99
N LEU G 1797 32.83 3.91 84.16
CA LEU G 1797 32.36 2.55 83.89
C LEU G 1797 32.56 1.65 85.11
N GLN G 1798 33.64 1.89 85.86
CA GLN G 1798 33.76 1.28 87.17
C GLN G 1798 32.68 1.80 88.12
N MET G 1799 32.34 3.08 88.00
CA MET G 1799 31.23 3.63 88.77
C MET G 1799 29.90 3.09 88.29
N CYS G 1800 29.78 2.83 86.98
CA CYS G 1800 28.61 2.12 86.47
C CYS G 1800 28.58 0.68 86.97
N ASN G 1801 29.74 0.05 87.12
CA ASN G 1801 29.79 -1.24 87.78
C ASN G 1801 29.47 -1.11 89.26
N LEU G 1802 29.87 0.00 89.87
CA LEU G 1802 29.61 0.23 91.29
C LEU G 1802 28.13 0.44 91.55
N LEU G 1803 27.52 1.40 90.86
CA LEU G 1803 26.14 1.77 91.12
C LEU G 1803 25.13 0.76 90.60
N GLU G 1804 25.57 -0.18 89.77
CA GLU G 1804 24.72 -1.31 89.41
C GLU G 1804 24.42 -2.18 90.62
N TYR G 1805 25.39 -2.33 91.51
CA TYR G 1805 25.21 -3.15 92.70
C TYR G 1805 24.19 -2.54 93.66
N PHE G 1806 24.11 -1.21 93.70
CA PHE G 1806 23.28 -0.55 94.69
C PHE G 1806 21.80 -0.61 94.32
N CYS G 1807 21.49 -0.62 93.02
CA CYS G 1807 20.11 -0.84 92.61
C CYS G 1807 19.66 -2.26 92.90
N ASP G 1808 20.60 -3.20 92.88
CA ASP G 1808 20.29 -4.57 93.28
C ASP G 1808 19.97 -4.66 94.76
N GLN G 1809 20.65 -3.88 95.59
CA GLN G 1809 20.48 -3.99 97.04
C GLN G 1809 19.15 -3.44 97.48
N GLU G 1810 18.67 -2.37 96.86
CA GLU G 1810 17.30 -1.91 97.06
C GLU G 1810 16.32 -2.95 96.56
N LEU G 1811 16.58 -3.54 95.39
CA LEU G 1811 15.69 -4.54 94.83
C LEU G 1811 15.71 -5.82 95.64
N GLN G 1812 16.88 -6.20 96.15
CA GLN G 1812 16.94 -7.36 97.04
C GLN G 1812 16.25 -7.05 98.37
N HIS G 1813 16.32 -5.78 98.81
CA HIS G 1813 15.50 -5.34 99.93
C HIS G 1813 14.02 -5.31 99.55
N ARG G 1814 13.72 -4.98 98.30
CA ARG G 1814 12.33 -4.93 97.86
C ARG G 1814 11.73 -6.32 97.72
N VAL G 1815 12.49 -7.27 97.15
CA VAL G 1815 11.95 -8.60 96.87
C VAL G 1815 11.82 -9.40 98.15
N GLU G 1816 12.54 -9.03 99.21
CA GLU G 1816 12.41 -9.74 100.47
C GLU G 1816 11.26 -9.19 101.30
N SER G 1817 11.15 -7.85 101.37
CA SER G 1817 10.07 -7.21 102.11
C SER G 1817 8.71 -7.49 101.48
N LEU G 1818 8.67 -7.68 100.16
CA LEU G 1818 7.47 -8.20 99.52
C LEU G 1818 7.20 -9.64 99.95
N ALA G 1819 8.25 -10.47 99.95
CA ALA G 1819 8.10 -11.86 100.38
C ALA G 1819 7.85 -11.96 101.88
N ALA G 1820 8.32 -10.98 102.65
CA ALA G 1820 8.03 -10.96 104.09
C ALA G 1820 6.56 -10.70 104.36
N PHE G 1821 5.98 -9.70 103.68
CA PHE G 1821 4.60 -9.34 103.91
C PHE G 1821 3.64 -10.42 103.43
N ALA G 1822 4.01 -11.15 102.37
CA ALA G 1822 3.13 -12.13 101.76
C ALA G 1822 3.06 -13.45 102.54
N GLU G 1823 3.77 -13.58 103.66
CA GLU G 1823 3.79 -14.84 104.37
C GLU G 1823 3.10 -14.77 105.73
N ARG G 1824 3.26 -13.67 106.46
CA ARG G 1824 2.50 -13.51 107.69
C ARG G 1824 1.06 -13.07 107.42
N TYR G 1825 0.79 -12.59 106.20
CA TYR G 1825 -0.56 -12.19 105.83
C TYR G 1825 -1.35 -13.37 105.28
N VAL G 1826 -0.69 -14.33 104.62
CA VAL G 1826 -1.39 -15.50 104.14
C VAL G 1826 -1.70 -16.46 105.30
N ASP G 1827 -0.99 -16.34 106.41
CA ASP G 1827 -1.30 -17.15 107.59
C ASP G 1827 -2.61 -16.71 108.24
N LYS G 1828 -2.82 -15.40 108.34
CA LYS G 1828 -4.08 -14.88 108.86
C LYS G 1828 -5.18 -14.89 107.80
N LEU G 1829 -4.84 -15.21 106.56
CA LEU G 1829 -5.82 -15.39 105.49
C LEU G 1829 -6.32 -16.82 105.42
N GLN G 1830 -5.44 -17.81 105.59
CA GLN G 1830 -5.91 -19.19 105.69
C GLN G 1830 -6.66 -19.43 106.99
N ALA G 1831 -6.32 -18.68 108.05
CA ALA G 1831 -7.09 -18.71 109.28
C ALA G 1831 -8.42 -17.99 109.14
N ASN G 1832 -8.55 -17.11 108.15
CA ASN G 1832 -9.81 -16.40 107.95
C ASN G 1832 -10.89 -17.34 107.44
N GLN G 1833 -10.58 -18.13 106.41
CA GLN G 1833 -11.51 -19.16 105.97
C GLN G 1833 -11.64 -20.27 107.01
N ARG G 1834 -10.59 -20.51 107.81
CA ARG G 1834 -10.69 -21.46 108.90
C ARG G 1834 -11.69 -21.01 109.95
N SER G 1835 -11.77 -19.70 110.21
CA SER G 1835 -12.86 -19.19 111.03
C SER G 1835 -14.18 -19.20 110.28
N ARG G 1836 -14.12 -19.13 108.96
CA ARG G 1836 -15.32 -19.04 108.14
C ARG G 1836 -15.82 -20.41 107.67
N TYR G 1837 -14.94 -21.42 107.66
CA TYR G 1837 -15.39 -22.79 107.44
C TYR G 1837 -16.25 -23.27 108.60
N ALA G 1838 -15.94 -22.82 109.82
CA ALA G 1838 -16.85 -23.02 110.94
C ALA G 1838 -18.15 -22.25 110.76
N LEU G 1839 -18.08 -21.09 110.09
CA LEU G 1839 -19.29 -20.31 109.81
C LEU G 1839 -20.16 -20.92 108.73
N LEU G 1840 -19.68 -21.94 108.02
CA LEU G 1840 -20.50 -22.65 107.06
C LEU G 1840 -20.74 -24.10 107.44
N MET G 1841 -20.14 -24.58 108.53
CA MET G 1841 -20.37 -25.92 109.04
C MET G 1841 -21.06 -25.90 110.39
N ARG G 1842 -20.48 -25.23 111.38
CA ARG G 1842 -21.12 -25.08 112.68
C ARG G 1842 -22.23 -24.03 112.64
N ALA G 1843 -22.13 -23.06 111.74
CA ALA G 1843 -23.14 -22.03 111.53
C ALA G 1843 -23.73 -22.19 110.13
N PHE G 1844 -24.03 -23.44 109.76
CA PHE G 1844 -24.37 -23.76 108.38
C PHE G 1844 -25.72 -23.19 107.98
N THR G 1845 -26.79 -23.63 108.64
CA THR G 1845 -28.19 -23.34 108.31
C THR G 1845 -28.46 -23.62 106.83
N MET G 1846 -28.35 -24.91 106.49
CA MET G 1846 -28.20 -25.35 105.11
C MET G 1846 -29.43 -25.05 104.26
N SER G 1847 -29.22 -24.27 103.21
CA SER G 1847 -30.27 -23.90 102.27
C SER G 1847 -29.67 -23.95 100.87
N ALA G 1848 -30.37 -23.36 99.89
CA ALA G 1848 -29.89 -23.38 98.52
C ALA G 1848 -28.75 -22.41 98.28
N ALA G 1849 -28.73 -21.28 99.00
CA ALA G 1849 -27.65 -20.32 98.82
C ALA G 1849 -26.37 -20.78 99.50
N GLU G 1850 -26.49 -21.45 100.64
CA GLU G 1850 -25.31 -22.00 101.31
C GLU G 1850 -24.74 -23.22 100.59
N THR G 1851 -25.57 -23.93 99.82
CA THR G 1851 -25.13 -25.10 99.07
C THR G 1851 -24.37 -24.73 97.79
N ALA G 1852 -24.33 -23.45 97.43
CA ALA G 1852 -23.63 -23.01 96.23
C ALA G 1852 -22.35 -22.23 96.52
N ARG G 1853 -22.37 -21.34 97.51
CA ARG G 1853 -21.21 -20.50 97.78
C ARG G 1853 -20.12 -21.26 98.49
N ARG G 1854 -20.46 -21.92 99.60
CA ARG G 1854 -19.48 -22.68 100.38
C ARG G 1854 -19.02 -23.95 99.69
N THR G 1855 -19.80 -24.46 98.73
CA THR G 1855 -19.38 -25.63 97.97
C THR G 1855 -18.24 -25.29 97.02
N ARG G 1856 -18.14 -24.01 96.62
CA ARG G 1856 -17.04 -23.55 95.78
C ARG G 1856 -15.69 -23.61 96.48
N GLU G 1857 -15.68 -23.71 97.81
CA GLU G 1857 -14.45 -23.89 98.55
C GLU G 1857 -14.08 -25.36 98.71
N PHE G 1858 -15.03 -26.27 98.46
CA PHE G 1858 -14.69 -27.67 98.26
C PHE G 1858 -14.13 -27.88 96.86
N ARG G 1859 -14.55 -27.05 95.91
CA ARG G 1859 -13.89 -26.88 94.63
C ARG G 1859 -12.82 -25.80 94.81
N SER G 1860 -12.32 -25.24 93.69
CA SER G 1860 -11.34 -24.14 93.65
C SER G 1860 -10.04 -24.52 94.37
N PRO G 1861 -9.17 -25.29 93.72
CA PRO G 1861 -7.85 -25.53 94.28
C PRO G 1861 -7.10 -24.23 94.50
N PRO G 1862 -6.16 -24.19 95.45
CA PRO G 1862 -5.61 -22.91 95.93
C PRO G 1862 -4.82 -22.10 94.90
N GLN G 1863 -4.54 -22.65 93.72
CA GLN G 1863 -4.16 -21.80 92.61
C GLN G 1863 -5.29 -20.86 92.23
N GLU G 1864 -6.53 -21.39 92.18
CA GLU G 1864 -7.69 -20.59 91.83
C GLU G 1864 -8.47 -20.09 93.02
N GLN G 1865 -8.25 -20.66 94.22
CA GLN G 1865 -8.99 -20.21 95.39
C GLN G 1865 -8.51 -18.84 95.86
N ILE G 1866 -7.20 -18.58 95.77
CA ILE G 1866 -6.68 -17.25 96.02
C ILE G 1866 -7.16 -16.29 94.94
N ASN G 1867 -7.23 -16.78 93.69
CA ASN G 1867 -7.66 -15.97 92.56
C ASN G 1867 -9.10 -15.53 92.72
N MET G 1868 -9.95 -16.36 93.33
CA MET G 1868 -11.28 -15.92 93.67
C MET G 1868 -11.24 -14.84 94.75
N LEU G 1869 -10.36 -14.99 95.73
CA LEU G 1869 -10.42 -14.15 96.93
C LEU G 1869 -9.59 -12.87 96.82
N LEU G 1870 -8.52 -12.87 96.02
CA LEU G 1870 -7.62 -11.71 96.00
C LEU G 1870 -8.25 -10.50 95.32
N HIS G 1871 -9.23 -10.72 94.44
CA HIS G 1871 -9.77 -9.65 93.62
C HIS G 1871 -10.59 -8.66 94.44
N PHE G 1872 -11.00 -9.04 95.64
CA PHE G 1872 -11.75 -8.12 96.50
C PHE G 1872 -10.84 -7.10 97.15
N LYS G 1873 -9.58 -7.46 97.39
CA LYS G 1873 -8.62 -6.54 97.98
C LYS G 1873 -8.18 -5.46 97.00
N ASP G 1874 -8.29 -5.73 95.70
CA ASP G 1874 -7.99 -4.74 94.67
C ASP G 1874 -9.15 -4.71 93.67
N GLU G 1875 -10.17 -3.92 93.99
CA GLU G 1875 -11.27 -3.62 93.10
C GLU G 1875 -11.94 -2.36 93.60
N ALA G 1876 -12.97 -1.92 92.88
CA ALA G 1876 -13.85 -0.89 93.42
C ALA G 1876 -15.07 -1.51 94.08
N ASP G 1877 -14.80 -2.52 94.93
CA ASP G 1877 -15.82 -3.30 95.68
C ASP G 1877 -16.91 -3.85 94.78
N GLU G 1878 -16.56 -4.22 93.55
CA GLU G 1878 -17.51 -4.49 92.49
C GLU G 1878 -17.62 -5.97 92.19
N GLU G 1879 -17.49 -6.81 93.22
CA GLU G 1879 -17.55 -8.24 92.98
C GLU G 1879 -18.31 -8.99 94.07
N ASP G 1880 -19.19 -8.31 94.81
CA ASP G 1880 -19.94 -8.86 95.94
C ASP G 1880 -18.98 -9.41 97.00
N CYS G 1881 -18.32 -8.45 97.65
CA CYS G 1881 -17.23 -8.71 98.58
C CYS G 1881 -17.67 -9.57 99.77
N PRO G 1882 -16.81 -10.49 100.20
CA PRO G 1882 -17.09 -11.31 101.39
C PRO G 1882 -16.88 -10.58 102.70
N LEU G 1883 -16.91 -11.37 103.78
CA LEU G 1883 -16.66 -10.89 105.14
C LEU G 1883 -15.41 -10.03 105.35
N PRO G 1884 -14.17 -10.40 104.87
CA PRO G 1884 -13.00 -9.62 105.31
C PRO G 1884 -12.90 -8.19 104.77
N GLU G 1885 -13.20 -7.24 105.63
CA GLU G 1885 -13.02 -5.82 105.35
C GLU G 1885 -11.79 -5.23 106.03
N ASP G 1886 -11.22 -5.92 107.01
CA ASP G 1886 -10.06 -5.43 107.72
C ASP G 1886 -8.75 -5.80 107.04
N ILE G 1887 -8.73 -6.92 106.32
CA ILE G 1887 -7.48 -7.39 105.73
C ILE G 1887 -7.50 -7.16 104.22
N ARG G 1888 -8.55 -6.52 103.73
CA ARG G 1888 -8.50 -5.96 102.38
C ARG G 1888 -7.84 -4.59 102.36
N GLN G 1889 -7.59 -4.01 103.54
CA GLN G 1889 -7.05 -2.67 103.70
C GLN G 1889 -5.54 -2.65 103.86
N ASP G 1890 -4.99 -3.53 104.71
CA ASP G 1890 -3.55 -3.58 104.92
C ASP G 1890 -2.79 -4.02 103.67
N LEU G 1891 -3.40 -4.90 102.87
CA LEU G 1891 -2.86 -5.22 101.56
C LEU G 1891 -2.86 -3.99 100.66
N GLN G 1892 -3.96 -3.24 100.67
CA GLN G 1892 -4.05 -2.04 99.85
C GLN G 1892 -3.12 -0.96 100.35
N ASP G 1893 -2.94 -0.88 101.68
CA ASP G 1893 -1.96 0.03 102.24
C ASP G 1893 -0.54 -0.41 101.92
N PHE G 1894 -0.31 -1.73 101.87
CA PHE G 1894 1.02 -2.23 101.48
C PHE G 1894 1.26 -2.00 99.99
N HIS G 1895 0.25 -2.23 99.16
CA HIS G 1895 0.33 -1.91 97.74
C HIS G 1895 0.55 -0.44 97.51
N GLN G 1896 -0.05 0.40 98.36
CA GLN G 1896 0.29 1.82 98.36
C GLN G 1896 1.72 2.05 98.85
N ASP G 1897 2.15 1.29 99.85
CA ASP G 1897 3.51 1.44 100.36
C ASP G 1897 4.55 0.83 99.44
N LEU G 1898 4.18 -0.13 98.61
CA LEU G 1898 5.16 -0.78 97.74
C LEU G 1898 5.54 0.14 96.59
N LEU G 1899 4.56 0.84 96.01
CA LEU G 1899 4.86 1.83 94.98
C LEU G 1899 5.57 3.05 95.56
N ALA G 1900 5.41 3.29 96.87
CA ALA G 1900 6.22 4.30 97.54
C ALA G 1900 7.68 3.87 97.60
N HIS G 1901 7.93 2.58 97.82
CA HIS G 1901 9.29 2.07 97.75
C HIS G 1901 9.74 1.88 96.30
N CYS G 1902 8.80 1.71 95.38
CA CYS G 1902 9.13 1.60 93.96
C CYS G 1902 9.34 2.99 93.38
N GLY G 1903 9.48 3.06 92.05
CA GLY G 1903 9.71 4.32 91.37
C GLY G 1903 8.49 5.19 91.17
N ILE G 1904 7.34 4.79 91.70
CA ILE G 1904 6.12 5.59 91.57
C ILE G 1904 6.18 6.75 92.57
N GLN G 1905 5.96 7.96 92.06
CA GLN G 1905 5.95 9.14 92.90
C GLN G 1905 4.64 9.33 93.65
N LEU G 1906 3.58 8.62 93.23
CA LEU G 1906 2.25 8.63 93.86
C LEU G 1906 1.66 10.03 93.90
N GLU G 1907 1.67 10.73 92.77
CA GLU G 1907 1.07 12.05 92.66
C GLU G 1907 -0.43 11.89 92.57
N GLY G 1908 -1.09 11.83 93.73
CA GLY G 1908 -2.53 11.63 93.77
C GLY G 1908 -2.92 10.16 93.73
N LYS G 1949 18.09 21.85 93.85
CA LYS G 1949 17.52 21.16 95.01
C LYS G 1949 18.40 20.00 95.44
N LYS G 1950 17.79 19.02 96.10
CA LYS G 1950 18.49 17.84 96.57
C LYS G 1950 17.68 16.60 96.22
N PRO G 1951 18.32 15.55 95.70
CA PRO G 1951 17.62 14.30 95.43
C PRO G 1951 17.19 13.59 96.71
N GLN G 1952 18.10 13.53 97.68
CA GLN G 1952 17.92 12.92 99.00
C GLN G 1952 17.55 11.43 98.92
N SER G 1953 17.90 10.77 97.83
CA SER G 1953 17.56 9.37 97.59
C SER G 1953 18.52 8.81 96.56
N LEU G 1954 18.19 7.64 96.02
CA LEU G 1954 18.98 7.01 94.96
C LEU G 1954 18.39 7.24 93.58
N GLN G 1955 17.07 7.41 93.48
CA GLN G 1955 16.42 7.48 92.18
C GLN G 1955 16.70 8.81 91.49
N GLU G 1956 16.43 9.92 92.18
CA GLU G 1956 16.66 11.23 91.60
C GLU G 1956 18.15 11.57 91.50
N LEU G 1957 18.99 10.89 92.27
CA LEU G 1957 20.42 11.18 92.24
C LEU G 1957 21.08 10.58 91.00
N VAL G 1958 20.92 9.28 90.80
CA VAL G 1958 21.65 8.59 89.74
C VAL G 1958 21.07 8.93 88.37
N SER G 1959 19.75 9.02 88.26
CA SER G 1959 19.11 9.30 86.97
C SER G 1959 19.43 10.70 86.48
N HIS G 1960 19.65 11.65 87.39
CA HIS G 1960 20.16 12.95 86.99
C HIS G 1960 21.63 12.88 86.60
N MET G 1961 22.39 12.00 87.25
CA MET G 1961 23.85 11.97 87.07
C MET G 1961 24.25 11.48 85.69
N VAL G 1962 23.50 10.52 85.15
CA VAL G 1962 23.85 9.99 83.84
C VAL G 1962 23.48 10.99 82.75
N VAL G 1963 22.41 11.77 82.97
CA VAL G 1963 21.99 12.79 82.01
C VAL G 1963 23.03 13.90 81.92
N ARG G 1964 23.50 14.39 83.08
CA ARG G 1964 24.50 15.47 83.06
C ARG G 1964 25.86 15.00 82.57
N TRP G 1965 26.10 13.69 82.53
CA TRP G 1965 27.27 13.19 81.82
C TRP G 1965 27.10 13.32 80.33
N ALA G 1966 25.89 13.06 79.82
CA ALA G 1966 25.63 13.21 78.39
C ALA G 1966 25.26 14.64 78.04
N GLN G 1967 24.81 15.43 79.02
CA GLN G 1967 24.70 16.88 78.84
C GLN G 1967 26.06 17.53 78.66
N GLU G 1968 27.13 16.87 79.12
CA GLU G 1968 28.49 17.28 78.83
C GLU G 1968 28.90 16.86 77.42
N ASP G 1969 30.20 16.87 77.14
CA ASP G 1969 30.72 16.65 75.80
C ASP G 1969 30.41 15.24 75.28
N TYR G 1970 30.79 15.02 74.02
CA TYR G 1970 30.37 13.84 73.26
C TYR G 1970 30.99 12.58 73.86
N VAL G 1971 30.13 11.69 74.35
CA VAL G 1971 30.58 10.51 75.08
C VAL G 1971 30.82 9.39 74.06
N GLN G 1972 32.08 9.01 73.92
CA GLN G 1972 32.47 7.87 73.11
C GLN G 1972 32.53 6.64 74.02
N SER G 1973 33.21 5.56 73.57
CA SER G 1973 33.33 4.27 74.26
C SER G 1973 31.96 3.67 74.51
N PRO G 1974 31.30 3.17 73.45
CA PRO G 1974 29.86 2.85 73.53
C PRO G 1974 29.48 1.77 74.54
N GLU G 1975 30.43 0.98 75.01
CA GLU G 1975 30.16 0.04 76.08
C GLU G 1975 29.79 0.76 77.38
N LEU G 1976 30.46 1.87 77.66
CA LEU G 1976 30.02 2.77 78.72
C LEU G 1976 28.62 3.30 78.44
N VAL G 1977 28.36 3.68 77.20
CA VAL G 1977 27.09 4.29 76.82
C VAL G 1977 25.96 3.27 76.94
N ARG G 1978 26.25 2.00 76.63
CA ARG G 1978 25.30 0.94 76.90
C ARG G 1978 25.09 0.75 78.40
N ALA G 1979 26.18 0.81 79.18
CA ALA G 1979 26.07 0.65 80.62
C ALA G 1979 25.42 1.87 81.27
N MET G 1980 25.65 3.06 80.71
CA MET G 1980 25.00 4.26 81.23
C MET G 1980 23.49 4.20 81.08
N PHE G 1981 23.01 3.54 80.02
CA PHE G 1981 21.58 3.54 79.75
C PHE G 1981 20.88 2.34 80.38
N SER G 1982 21.63 1.26 80.61
CA SER G 1982 21.09 0.10 81.31
C SER G 1982 20.68 0.46 82.73
N LEU G 1983 21.57 1.14 83.46
CA LEU G 1983 21.25 1.54 84.82
C LEU G 1983 20.20 2.64 84.86
N LEU G 1984 20.21 3.53 83.86
CA LEU G 1984 19.23 4.61 83.82
C LEU G 1984 17.83 4.09 83.55
N HIS G 1985 17.71 2.97 82.83
CA HIS G 1985 16.38 2.42 82.59
C HIS G 1985 15.81 1.78 83.83
N ARG G 1986 16.66 1.26 84.71
CA ARG G 1986 16.19 0.75 85.99
C ARG G 1986 15.81 1.88 86.95
N GLN G 1987 16.30 3.10 86.69
CA GLN G 1987 15.94 4.24 87.53
C GLN G 1987 14.48 4.63 87.35
N TYR G 1988 13.90 4.30 86.19
CA TYR G 1988 12.55 4.73 85.89
C TYR G 1988 11.61 3.53 85.78
N ASP G 1989 12.00 2.54 85.00
CA ASP G 1989 11.19 1.33 84.83
C ASP G 1989 11.65 0.25 85.81
N GLY G 1990 11.61 0.60 87.09
CA GLY G 1990 11.78 -0.38 88.14
C GLY G 1990 10.56 -1.23 88.39
N LEU G 1991 9.43 -0.84 87.81
CA LEU G 1991 8.22 -1.66 87.84
C LEU G 1991 8.44 -2.97 87.11
N GLY G 1992 8.76 -2.90 85.82
CA GLY G 1992 9.08 -4.09 85.05
C GLY G 1992 10.38 -4.75 85.46
N GLU G 1993 11.32 -3.98 86.03
CA GLU G 1993 12.53 -4.57 86.57
C GLU G 1993 12.21 -5.43 87.78
N LEU G 1994 11.26 -5.00 88.60
CA LEU G 1994 10.72 -5.87 89.64
C LEU G 1994 9.98 -7.06 89.03
N LEU G 1995 9.27 -6.82 87.94
CA LEU G 1995 8.58 -7.90 87.24
C LEU G 1995 9.57 -8.80 86.50
N ARG G 1996 10.76 -8.28 86.18
CA ARG G 1996 11.77 -9.10 85.51
C ARG G 1996 12.35 -10.15 86.44
N ALA G 1997 12.45 -9.84 87.74
CA ALA G 1997 12.94 -10.79 88.72
C ALA G 1997 11.82 -11.53 89.43
N LEU G 1998 10.57 -11.24 89.09
CA LEU G 1998 9.39 -11.78 89.75
C LEU G 1998 9.24 -13.31 89.66
N PRO G 1999 9.55 -14.00 88.56
CA PRO G 1999 9.51 -15.49 88.63
C PRO G 1999 10.75 -16.11 89.26
N ARG G 2000 11.73 -15.32 89.66
CA ARG G 2000 12.95 -15.85 90.25
C ARG G 2000 13.00 -15.70 91.76
N ALA G 2001 11.87 -15.38 92.39
CA ALA G 2001 11.77 -15.30 93.84
C ALA G 2001 10.99 -16.49 94.37
N TYR G 2002 11.41 -17.00 95.53
CA TYR G 2002 10.77 -18.19 96.08
C TYR G 2002 10.98 -18.20 97.59
N THR G 2003 10.08 -18.89 98.29
CA THR G 2003 10.20 -19.09 99.73
C THR G 2003 10.24 -20.58 100.03
N ILE G 2004 11.32 -21.02 100.67
CA ILE G 2004 11.45 -22.40 101.09
C ILE G 2004 11.12 -22.52 102.57
N SER G 2005 10.82 -23.74 103.01
CA SER G 2005 10.56 -24.01 104.41
C SER G 2005 11.86 -23.89 105.20
N PRO G 2006 11.83 -23.27 106.39
CA PRO G 2006 13.03 -23.21 107.22
C PRO G 2006 13.40 -24.60 107.74
N SER G 2007 14.69 -24.76 108.03
CA SER G 2007 15.42 -26.00 108.37
C SER G 2007 15.47 -27.01 107.23
N SER G 2008 15.00 -26.65 106.04
CA SER G 2008 15.28 -27.40 104.83
C SER G 2008 16.43 -26.78 104.06
N VAL G 2009 17.30 -26.02 104.74
CA VAL G 2009 18.30 -25.21 104.05
C VAL G 2009 19.51 -26.05 103.68
N GLU G 2010 19.75 -27.14 104.40
CA GLU G 2010 20.89 -27.99 104.07
C GLU G 2010 20.59 -28.82 102.83
N ASP G 2011 19.32 -29.16 102.60
CA ASP G 2011 18.93 -29.76 101.33
C ASP G 2011 18.85 -28.68 100.26
N THR G 2012 18.61 -27.43 100.68
CA THR G 2012 18.63 -26.32 99.73
C THR G 2012 20.05 -26.01 99.29
N MET G 2013 20.99 -25.91 100.25
CA MET G 2013 22.39 -25.66 99.93
C MET G 2013 22.99 -26.77 99.10
N SER G 2014 22.58 -28.01 99.34
CA SER G 2014 23.08 -29.13 98.56
C SER G 2014 22.51 -29.10 97.15
N LEU G 2015 21.35 -28.47 96.97
CA LEU G 2015 20.90 -28.13 95.63
C LEU G 2015 21.68 -26.94 95.08
N LEU G 2016 21.94 -25.95 95.93
CA LEU G 2016 22.38 -24.63 95.48
C LEU G 2016 23.90 -24.55 95.30
N GLU G 2017 24.67 -25.04 96.28
CA GLU G 2017 26.12 -25.04 96.13
C GLU G 2017 26.58 -26.05 95.09
N CYS G 2018 25.78 -27.07 94.82
CA CYS G 2018 26.07 -27.98 93.72
C CYS G 2018 25.84 -27.32 92.37
N LEU G 2019 24.81 -26.48 92.26
CA LEU G 2019 24.50 -25.84 90.98
C LEU G 2019 25.55 -24.82 90.58
N GLY G 2020 26.18 -24.17 91.56
CA GLY G 2020 27.32 -23.32 91.28
C GLY G 2020 28.51 -24.09 90.74
N GLN G 2021 28.64 -25.36 91.13
CA GLN G 2021 29.62 -26.22 90.47
C GLN G 2021 29.13 -26.67 89.10
N ILE G 2022 27.82 -26.80 88.94
CA ILE G 2022 27.27 -27.16 87.63
C ILE G 2022 27.38 -26.00 86.66
N ARG G 2023 26.98 -24.79 87.11
CA ARG G 2023 27.06 -23.61 86.27
C ARG G 2023 28.48 -23.18 85.96
N SER G 2024 29.45 -23.60 86.76
CA SER G 2024 30.84 -23.26 86.48
C SER G 2024 31.36 -24.04 85.28
N LEU G 2025 30.90 -25.28 85.13
CA LEU G 2025 31.33 -26.15 84.03
C LEU G 2025 30.71 -25.78 82.68
N LEU G 2026 29.89 -24.74 82.62
CA LEU G 2026 29.44 -24.23 81.33
C LEU G 2026 30.61 -23.67 80.52
N ILE G 2027 31.46 -22.86 81.16
CA ILE G 2027 32.59 -22.25 80.47
C ILE G 2027 33.79 -23.18 80.41
N VAL G 2028 33.72 -24.33 81.06
CA VAL G 2028 34.86 -25.23 81.16
C VAL G 2028 34.84 -26.17 79.97
N GLN G 2029 35.95 -26.21 79.24
CA GLN G 2029 36.16 -27.20 78.19
C GLN G 2029 36.22 -28.60 78.79
N MET G 2030 35.77 -29.59 78.02
CA MET G 2030 35.50 -30.93 78.54
C MET G 2030 36.77 -31.64 79.01
N GLY G 2031 36.84 -31.89 80.31
CA GLY G 2031 37.95 -32.57 80.92
C GLY G 2031 37.48 -33.70 81.80
N PRO G 2032 38.34 -34.71 82.00
CA PRO G 2032 37.96 -35.83 82.87
C PRO G 2032 37.81 -35.43 84.32
N GLN G 2033 38.56 -34.42 84.78
CA GLN G 2033 38.35 -33.91 86.13
C GLN G 2033 37.03 -33.14 86.22
N GLU G 2034 36.57 -32.60 85.10
CA GLU G 2034 35.22 -32.08 85.03
C GLU G 2034 34.19 -33.17 84.80
N GLU G 2035 34.60 -34.32 84.25
CA GLU G 2035 33.66 -35.39 83.92
C GLU G 2035 33.05 -36.01 85.16
N ASN G 2036 33.90 -36.53 86.05
CA ASN G 2036 33.43 -37.07 87.32
C ASN G 2036 32.86 -36.01 88.24
N LEU G 2037 33.31 -34.74 88.10
CA LEU G 2037 32.73 -33.66 88.88
C LEU G 2037 31.27 -33.44 88.54
N MET G 2038 30.92 -33.62 87.27
CA MET G 2038 29.54 -33.45 86.85
C MET G 2038 28.69 -34.63 87.27
N ILE G 2039 29.24 -35.84 87.20
CA ILE G 2039 28.47 -37.04 87.56
C ILE G 2039 28.29 -37.10 89.07
N GLN G 2040 29.28 -36.61 89.84
CA GLN G 2040 29.10 -36.45 91.27
C GLN G 2040 28.09 -35.36 91.58
N SER G 2041 28.01 -34.34 90.71
CA SER G 2041 26.99 -33.31 90.88
C SER G 2041 25.59 -33.85 90.65
N ILE G 2042 25.46 -34.90 89.83
CA ILE G 2042 24.17 -35.54 89.61
C ILE G 2042 23.70 -36.23 90.89
N GLY G 2043 24.62 -36.89 91.59
CA GLY G 2043 24.24 -37.64 92.78
C GLY G 2043 23.80 -36.78 93.95
N ASN G 2044 24.22 -35.51 93.98
CA ASN G 2044 23.74 -34.62 95.02
C ASN G 2044 22.28 -34.24 94.79
N ILE G 2045 21.98 -33.69 93.61
CA ILE G 2045 20.63 -33.26 93.28
C ILE G 2045 19.66 -34.41 93.05
N MET G 2046 20.16 -35.63 92.81
CA MET G 2046 19.30 -36.80 92.87
C MET G 2046 18.92 -37.17 94.30
N ASN G 2047 19.69 -36.75 95.29
CA ASN G 2047 19.56 -37.25 96.64
C ASN G 2047 19.51 -36.10 97.65
N ASN G 2048 18.65 -35.12 97.38
CA ASN G 2048 18.40 -34.07 98.35
C ASN G 2048 16.96 -33.63 98.44
N LYS G 2049 16.04 -34.24 97.66
CA LYS G 2049 14.62 -34.47 97.93
C LYS G 2049 13.74 -33.23 98.05
N VAL G 2050 14.32 -32.03 98.01
CA VAL G 2050 13.52 -30.84 97.76
C VAL G 2050 13.31 -30.69 96.26
N PHE G 2051 14.27 -31.19 95.47
CA PHE G 2051 14.06 -31.52 94.06
C PHE G 2051 12.80 -32.34 93.83
N TYR G 2052 12.53 -33.32 94.70
CA TYR G 2052 11.32 -34.12 94.62
C TYR G 2052 10.11 -33.42 95.22
N GLN G 2053 10.30 -32.64 96.30
CA GLN G 2053 9.17 -31.95 96.92
C GLN G 2053 8.67 -30.80 96.06
N HIS G 2054 9.56 -29.97 95.52
CA HIS G 2054 9.16 -28.84 94.69
C HIS G 2054 9.97 -28.82 93.40
N PRO G 2055 9.54 -29.59 92.40
CA PRO G 2055 10.18 -29.48 91.07
C PRO G 2055 9.84 -28.19 90.35
N ASN G 2056 8.81 -27.47 90.79
CA ASN G 2056 8.46 -26.19 90.19
C ASN G 2056 9.51 -25.13 90.49
N LEU G 2057 10.17 -25.21 91.63
CA LEU G 2057 11.32 -24.36 91.90
C LEU G 2057 12.46 -24.67 90.95
N MET G 2058 12.68 -25.95 90.63
CA MET G 2058 13.76 -26.33 89.73
C MET G 2058 13.48 -25.89 88.29
N ARG G 2059 12.19 -25.72 87.95
CA ARG G 2059 11.85 -25.02 86.72
C ARG G 2059 12.30 -23.56 86.78
N ALA G 2060 12.11 -22.91 87.94
CA ALA G 2060 12.51 -21.52 88.08
C ALA G 2060 14.03 -21.37 88.17
N LEU G 2061 14.74 -22.44 88.52
CA LEU G 2061 16.19 -22.40 88.48
C LEU G 2061 16.74 -22.62 87.07
N GLY G 2062 15.90 -23.03 86.14
CA GLY G 2062 16.38 -23.41 84.82
C GLY G 2062 17.24 -24.66 84.87
N MET G 2063 16.83 -25.64 85.66
CA MET G 2063 17.69 -26.81 85.92
C MET G 2063 17.84 -27.67 84.68
N HIS G 2064 16.72 -28.04 84.06
CA HIS G 2064 16.76 -28.94 82.90
C HIS G 2064 17.42 -28.29 81.69
N GLU G 2065 17.37 -26.96 81.60
CA GLU G 2065 17.99 -26.26 80.49
C GLU G 2065 19.51 -26.33 80.58
N THR G 2066 20.05 -25.99 81.75
CA THR G 2066 21.50 -26.00 81.96
C THR G 2066 22.08 -27.41 81.86
N VAL G 2067 21.27 -28.43 82.14
CA VAL G 2067 21.67 -29.79 81.83
C VAL G 2067 21.78 -29.99 80.32
N MET G 2068 20.83 -29.45 79.57
CA MET G 2068 20.87 -29.61 78.12
C MET G 2068 21.92 -28.73 77.47
N GLU G 2069 22.28 -27.61 78.11
CA GLU G 2069 23.27 -26.68 77.56
C GLU G 2069 24.64 -27.33 77.43
N VAL G 2070 25.12 -27.94 78.50
CA VAL G 2070 26.37 -28.68 78.47
C VAL G 2070 26.22 -29.97 77.67
N MET G 2071 24.99 -30.47 77.51
CA MET G 2071 24.75 -31.65 76.68
C MET G 2071 24.94 -31.33 75.20
N VAL G 2072 24.77 -30.07 74.79
CA VAL G 2072 25.04 -29.69 73.42
C VAL G 2072 26.53 -29.79 73.12
N ASN G 2073 27.38 -29.43 74.08
CA ASN G 2073 28.82 -29.38 73.84
C ASN G 2073 29.41 -30.79 73.73
N VAL G 2074 28.86 -31.75 74.46
CA VAL G 2074 29.36 -33.12 74.32
C VAL G 2074 28.81 -33.80 73.09
N LEU G 2075 27.59 -33.46 72.64
CA LEU G 2075 27.18 -33.90 71.31
C LEU G 2075 27.84 -33.06 70.24
N GLY G 2076 28.26 -31.84 70.57
CA GLY G 2076 29.07 -31.06 69.67
C GLY G 2076 30.50 -31.58 69.59
N GLY G 2077 31.22 -31.07 68.61
CA GLY G 2077 32.60 -31.47 68.41
C GLY G 2077 32.75 -32.65 67.48
N GLY G 2078 32.35 -33.83 67.93
CA GLY G 2078 32.47 -35.02 67.11
C GLY G 2078 31.15 -35.65 66.69
N GLU G 2079 30.82 -35.51 65.41
CA GLU G 2079 29.71 -36.25 64.82
C GLU G 2079 30.13 -37.71 64.56
N THR G 2080 31.15 -37.89 63.74
CA THR G 2080 31.84 -39.17 63.60
C THR G 2080 33.31 -39.06 63.96
N LYS G 2081 33.74 -37.89 64.44
CA LYS G 2081 35.11 -37.69 64.88
C LYS G 2081 35.38 -38.42 66.18
N GLU G 2082 34.55 -38.16 67.20
CA GLU G 2082 34.66 -38.86 68.47
C GLU G 2082 33.30 -38.89 69.13
N ILE G 2083 33.13 -39.87 70.01
CA ILE G 2083 31.97 -39.97 70.89
C ILE G 2083 32.46 -39.74 72.30
N ARG G 2084 33.46 -38.85 72.41
CA ARG G 2084 34.28 -38.65 73.60
C ARG G 2084 33.43 -38.22 74.80
N PHE G 2085 33.94 -38.55 75.98
CA PHE G 2085 33.25 -38.58 77.26
C PHE G 2085 31.90 -39.28 77.19
N PRO G 2086 31.85 -40.61 77.09
CA PRO G 2086 30.59 -41.32 77.37
C PRO G 2086 30.36 -41.36 78.87
N LYS G 2087 29.13 -41.76 79.24
CA LYS G 2087 28.64 -42.01 80.59
C LYS G 2087 28.43 -40.70 81.38
N MET G 2088 28.88 -39.58 80.83
CA MET G 2088 28.48 -38.25 81.25
C MET G 2088 27.45 -37.67 80.31
N VAL G 2089 27.58 -37.97 79.02
CA VAL G 2089 26.53 -37.71 78.04
C VAL G 2089 25.26 -38.47 78.38
N THR G 2090 25.39 -39.62 79.05
CA THR G 2090 24.21 -40.31 79.53
C THR G 2090 23.76 -39.79 80.89
N SER G 2091 24.71 -39.39 81.75
CA SER G 2091 24.39 -38.99 83.11
C SER G 2091 23.55 -37.72 83.14
N CYS G 2092 23.83 -36.78 82.23
CA CYS G 2092 22.94 -35.64 82.06
C CYS G 2092 21.62 -36.08 81.45
N CYS G 2093 21.65 -37.07 80.58
CA CYS G 2093 20.45 -37.48 79.88
C CYS G 2093 19.57 -38.38 80.75
N ARG G 2094 20.18 -39.23 81.57
CA ARG G 2094 19.38 -40.08 82.45
C ARG G 2094 18.82 -39.28 83.62
N PHE G 2095 19.52 -38.24 84.06
CA PHE G 2095 18.96 -37.35 85.06
C PHE G 2095 17.81 -36.53 84.49
N LEU G 2096 17.86 -36.23 83.19
CA LEU G 2096 16.82 -35.43 82.57
C LEU G 2096 15.51 -36.20 82.49
N CYS G 2097 15.56 -37.53 82.49
CA CYS G 2097 14.32 -38.30 82.56
C CYS G 2097 13.67 -38.22 83.92
N TYR G 2098 14.46 -38.06 85.00
CA TYR G 2098 13.88 -37.88 86.32
C TYR G 2098 13.12 -36.57 86.42
N PHE G 2099 13.70 -35.48 85.90
CA PHE G 2099 12.99 -34.22 85.89
C PHE G 2099 11.83 -34.25 84.92
N CYS G 2100 11.95 -35.08 83.87
CA CYS G 2100 10.82 -35.39 83.02
C CYS G 2100 9.75 -36.20 83.76
N ARG G 2101 10.17 -37.05 84.69
CA ARG G 2101 9.23 -37.95 85.37
C ARG G 2101 8.32 -37.21 86.32
N ILE G 2102 8.87 -36.48 87.28
CA ILE G 2102 8.03 -35.92 88.32
C ILE G 2102 7.48 -34.55 87.91
N SER G 2103 6.54 -34.57 86.96
CA SER G 2103 5.59 -33.53 86.57
C SER G 2103 4.80 -34.06 85.38
N ARG G 2104 3.80 -33.30 84.97
CA ARG G 2104 3.24 -33.35 83.63
C ARG G 2104 3.52 -32.05 82.89
N GLN G 2105 4.38 -31.20 83.45
CA GLN G 2105 4.59 -29.85 82.96
C GLN G 2105 6.07 -29.63 82.67
N ASN G 2106 6.94 -30.26 83.47
CA ASN G 2106 8.37 -30.22 83.20
C ASN G 2106 8.69 -30.91 81.88
N GLN G 2107 7.98 -31.99 81.58
CA GLN G 2107 8.14 -32.64 80.29
C GLN G 2107 7.51 -31.82 79.17
N ARG G 2108 6.53 -30.97 79.49
CA ARG G 2108 6.03 -30.01 78.49
C ARG G 2108 7.07 -28.93 78.25
N SER G 2109 7.82 -28.56 79.28
CA SER G 2109 8.95 -27.64 79.09
C SER G 2109 10.05 -28.28 78.27
N MET G 2110 10.14 -29.60 78.30
CA MET G 2110 11.07 -30.31 77.43
C MET G 2110 10.50 -30.52 76.03
N PHE G 2111 9.18 -30.37 75.88
CA PHE G 2111 8.56 -30.53 74.57
C PHE G 2111 8.90 -29.39 73.63
N ASP G 2112 9.23 -28.22 74.20
CA ASP G 2112 9.76 -27.13 73.40
C ASP G 2112 11.11 -27.48 72.79
N HIS G 2113 11.94 -28.18 73.55
CA HIS G 2113 13.28 -28.55 73.09
C HIS G 2113 13.32 -29.92 72.43
N LEU G 2114 12.16 -30.41 71.97
CA LEU G 2114 12.08 -31.74 71.39
C LEU G 2114 12.85 -31.83 70.09
N SER G 2115 12.48 -31.00 69.11
CA SER G 2115 13.20 -30.95 67.85
C SER G 2115 14.62 -30.40 68.01
N TYR G 2116 14.87 -29.66 69.09
CA TYR G 2116 16.21 -29.14 69.37
C TYR G 2116 17.21 -30.28 69.56
N LEU G 2117 16.82 -31.29 70.34
CA LEU G 2117 17.65 -32.47 70.48
C LEU G 2117 17.41 -33.49 69.37
N LEU G 2118 16.27 -33.41 68.66
CA LEU G 2118 15.96 -34.43 67.67
C LEU G 2118 16.80 -34.25 66.41
N GLU G 2119 17.20 -33.01 66.11
CA GLU G 2119 18.21 -32.81 65.07
C GLU G 2119 19.54 -33.39 65.50
N ASN G 2120 19.85 -33.32 66.78
CA ASN G 2120 21.04 -33.95 67.34
C ASN G 2120 20.84 -35.44 67.59
N SER G 2121 19.59 -35.90 67.71
CA SER G 2121 19.32 -37.32 67.94
C SER G 2121 19.57 -38.17 66.71
N GLY G 2122 19.64 -37.57 65.52
CA GLY G 2122 19.89 -38.32 64.31
C GLY G 2122 21.36 -38.45 63.98
N ILE G 2123 22.22 -38.30 64.99
CA ILE G 2123 23.67 -38.40 64.81
C ILE G 2123 24.26 -39.29 65.90
N GLY G 2124 23.48 -39.57 66.94
CA GLY G 2124 23.98 -40.35 68.06
C GLY G 2124 23.75 -41.84 67.92
N LEU G 2125 22.98 -42.41 68.86
CA LEU G 2125 22.56 -43.81 68.87
C LEU G 2125 23.75 -44.76 68.92
N GLY G 2126 24.69 -44.47 69.81
CA GLY G 2126 25.85 -45.30 69.98
C GLY G 2126 25.76 -46.19 71.20
N MET G 2127 26.36 -45.75 72.30
CA MET G 2127 26.32 -46.49 73.55
C MET G 2127 24.89 -46.51 74.11
N GLN G 2128 24.49 -47.67 74.63
CA GLN G 2128 23.19 -47.83 75.25
C GLN G 2128 23.15 -47.12 76.61
N GLY G 2129 21.96 -47.12 77.21
CA GLY G 2129 21.74 -46.38 78.43
C GLY G 2129 20.83 -45.19 78.18
N SER G 2130 21.29 -44.00 78.56
CA SER G 2130 20.53 -42.80 78.26
C SER G 2130 20.91 -42.27 76.88
N THR G 2131 19.90 -41.81 76.14
CA THR G 2131 20.01 -41.50 74.72
C THR G 2131 19.13 -40.28 74.49
N PRO G 2132 19.58 -39.30 73.69
CA PRO G 2132 18.71 -38.15 73.37
C PRO G 2132 17.41 -38.52 72.67
N LEU G 2133 17.39 -39.63 71.93
CA LEU G 2133 16.12 -40.14 71.42
C LEU G 2133 15.26 -40.68 72.57
N ASP G 2134 15.90 -41.25 73.59
CA ASP G 2134 15.16 -41.85 74.70
C ASP G 2134 14.56 -40.78 75.61
N VAL G 2135 15.24 -39.65 75.78
CA VAL G 2135 14.71 -38.62 76.67
C VAL G 2135 13.58 -37.85 75.99
N ALA G 2136 13.54 -37.81 74.67
CA ALA G 2136 12.36 -37.34 73.97
C ALA G 2136 11.22 -38.34 74.09
N ALA G 2137 11.55 -39.62 74.09
CA ALA G 2137 10.56 -40.67 74.28
C ALA G 2137 9.93 -40.63 75.66
N ALA G 2138 10.64 -40.10 76.66
CA ALA G 2138 10.07 -39.95 77.99
C ALA G 2138 9.10 -38.79 78.05
N SER G 2139 9.32 -37.74 77.26
CA SER G 2139 8.51 -36.53 77.34
C SER G 2139 7.28 -36.58 76.45
N VAL G 2140 6.82 -37.77 76.10
CA VAL G 2140 5.65 -37.92 75.24
C VAL G 2140 4.74 -38.95 75.91
N ILE G 2141 5.24 -39.54 76.99
CA ILE G 2141 4.46 -40.53 77.74
C ILE G 2141 3.27 -39.87 78.43
N ASP G 2142 3.44 -38.64 78.92
CA ASP G 2142 2.32 -37.89 79.46
C ASP G 2142 1.44 -37.46 78.30
N ASN G 2143 0.46 -38.30 77.97
CA ASN G 2143 -0.32 -38.15 76.75
C ASN G 2143 -1.51 -37.23 76.96
N ASN G 2144 -2.27 -37.04 75.88
CA ASN G 2144 -3.51 -36.26 75.78
C ASN G 2144 -3.30 -34.77 76.05
N GLU G 2145 -2.04 -34.34 76.09
CA GLU G 2145 -1.66 -32.94 76.23
C GLU G 2145 -0.58 -32.53 75.26
N LEU G 2146 0.24 -33.48 74.80
CA LEU G 2146 1.21 -33.27 73.76
C LEU G 2146 0.99 -34.19 72.57
N ALA G 2147 0.15 -35.20 72.73
CA ALA G 2147 -0.31 -35.97 71.57
C ALA G 2147 -1.25 -35.15 70.70
N LEU G 2148 -1.93 -34.16 71.29
CA LEU G 2148 -2.64 -33.15 70.53
C LEU G 2148 -1.75 -31.99 70.11
N ALA G 2149 -0.66 -31.72 70.83
CA ALA G 2149 0.28 -30.67 70.47
C ALA G 2149 1.39 -31.22 69.59
N LEU G 2150 1.08 -32.25 68.81
CA LEU G 2150 2.03 -33.21 68.28
C LEU G 2150 2.87 -32.60 67.17
N GLN G 2151 3.81 -33.40 66.66
CA GLN G 2151 4.80 -33.04 65.65
C GLN G 2151 4.20 -33.12 64.25
N GLU G 2152 5.08 -33.33 63.25
CA GLU G 2152 5.16 -32.88 61.84
C GLU G 2152 5.92 -31.56 61.85
N GLN G 2153 6.26 -31.06 63.04
CA GLN G 2153 7.46 -30.25 63.13
C GLN G 2153 8.70 -31.10 62.89
N ASP G 2154 8.65 -32.39 63.27
CA ASP G 2154 9.79 -33.28 63.11
C ASP G 2154 9.41 -34.69 62.70
N LEU G 2155 8.17 -34.95 62.31
CA LEU G 2155 7.80 -36.31 61.91
C LEU G 2155 8.34 -36.67 60.54
N GLU G 2156 8.74 -35.67 59.74
CA GLU G 2156 9.44 -35.96 58.50
C GLU G 2156 10.85 -36.46 58.77
N LYS G 2157 11.43 -36.03 59.90
CA LYS G 2157 12.80 -36.40 60.23
C LYS G 2157 12.90 -37.87 60.59
N VAL G 2158 11.97 -38.36 61.40
CA VAL G 2158 12.04 -39.73 61.90
C VAL G 2158 11.74 -40.74 60.80
N VAL G 2159 11.03 -40.34 59.75
CA VAL G 2159 10.94 -41.18 58.56
C VAL G 2159 12.28 -41.21 57.84
N SER G 2160 12.92 -40.05 57.73
CA SER G 2160 14.22 -39.99 57.06
C SER G 2160 15.33 -40.55 57.93
N TYR G 2161 15.14 -40.55 59.25
CA TYR G 2161 16.11 -41.18 60.15
C TYR G 2161 16.15 -42.68 59.96
N LEU G 2162 15.00 -43.32 59.82
CA LEU G 2162 14.95 -44.76 59.59
C LEU G 2162 15.27 -45.09 58.14
N ALA G 2163 15.17 -44.10 57.25
CA ALA G 2163 15.55 -44.30 55.86
C ALA G 2163 17.05 -44.54 55.73
N GLY G 2164 17.85 -43.87 56.56
CA GLY G 2164 19.27 -44.17 56.63
C GLY G 2164 19.58 -45.43 57.40
N CYS G 2165 18.64 -45.90 58.23
CA CYS G 2165 18.87 -47.13 59.00
C CYS G 2165 18.86 -48.36 58.12
N GLY G 2166 17.89 -48.49 57.22
CA GLY G 2166 17.75 -49.65 56.38
C GLY G 2166 18.76 -49.76 55.25
N LEU G 2167 19.64 -48.77 55.08
CA LEU G 2167 20.62 -48.79 54.01
C LEU G 2167 22.06 -48.73 54.49
N GLN G 2168 22.34 -48.11 55.64
CA GLN G 2168 23.68 -48.10 56.19
C GLN G 2168 24.03 -49.48 56.73
N SER G 2169 25.32 -49.76 56.85
CA SER G 2169 25.78 -51.11 57.14
C SER G 2169 26.49 -51.17 58.48
N CYS G 2170 25.95 -50.43 59.48
CA CYS G 2170 26.44 -50.32 60.85
C CYS G 2170 27.91 -49.94 60.92
N PRO G 2171 28.25 -48.66 60.69
CA PRO G 2171 29.67 -48.25 60.67
C PRO G 2171 30.40 -48.43 61.99
N MET G 2172 29.69 -48.43 63.12
CA MET G 2172 30.32 -48.80 64.38
C MET G 2172 30.67 -50.29 64.42
N LEU G 2173 29.93 -51.12 63.69
CA LEU G 2173 30.19 -52.55 63.66
C LEU G 2173 31.05 -52.98 62.48
N LEU G 2174 31.38 -52.07 61.57
CA LEU G 2174 32.26 -52.42 60.45
C LEU G 2174 33.69 -52.66 60.91
N ALA G 2175 34.12 -52.01 61.99
CA ALA G 2175 35.48 -52.13 62.49
C ALA G 2175 35.58 -53.00 63.72
N LYS G 2176 34.60 -53.88 63.96
CA LYS G 2176 34.67 -54.74 65.13
C LYS G 2176 34.34 -56.20 64.79
N GLY G 2177 34.62 -56.64 63.57
CA GLY G 2177 34.40 -58.03 63.19
C GLY G 2177 32.95 -58.41 63.06
N TYR G 2178 32.25 -57.80 62.11
CA TYR G 2178 30.84 -58.11 61.87
C TYR G 2178 30.62 -58.20 60.37
N PRO G 2179 29.69 -59.07 59.91
CA PRO G 2179 29.62 -59.40 58.48
C PRO G 2179 29.00 -58.33 57.57
N ASP G 2180 28.80 -57.12 58.10
CA ASP G 2180 28.43 -55.92 57.33
C ASP G 2180 27.07 -56.08 56.62
N ILE G 2181 26.05 -56.31 57.44
CA ILE G 2181 24.69 -56.40 56.93
C ILE G 2181 24.23 -54.99 56.57
N GLY G 2182 23.70 -54.83 55.35
CA GLY G 2182 23.40 -53.52 54.81
C GLY G 2182 22.17 -52.80 55.35
N TRP G 2183 21.68 -53.24 56.49
CA TRP G 2183 20.70 -52.50 57.28
C TRP G 2183 21.07 -52.71 58.75
N ASN G 2184 20.35 -52.03 59.64
CA ASN G 2184 20.72 -52.11 61.04
C ASN G 2184 19.69 -52.90 61.82
N PRO G 2185 20.00 -54.13 62.23
CA PRO G 2185 19.06 -54.89 63.07
C PRO G 2185 18.97 -54.33 64.47
N CYS G 2186 20.07 -53.76 64.97
CA CYS G 2186 20.07 -53.17 66.31
C CYS G 2186 19.73 -51.69 66.25
N GLY G 2187 20.27 -50.98 65.26
CA GLY G 2187 20.01 -49.56 65.08
C GLY G 2187 18.56 -49.23 64.80
N GLY G 2188 17.83 -50.15 64.18
CA GLY G 2188 16.40 -49.96 64.04
C GLY G 2188 15.69 -50.05 65.38
N GLU G 2189 16.19 -50.90 66.28
CA GLU G 2189 15.61 -50.99 67.62
C GLU G 2189 15.95 -49.78 68.48
N ARG G 2190 16.98 -49.01 68.11
CA ARG G 2190 17.16 -47.68 68.70
C ARG G 2190 15.99 -46.78 68.35
N TYR G 2191 15.46 -46.92 67.14
CA TYR G 2191 14.23 -46.26 66.75
C TYR G 2191 13.04 -47.12 67.20
N LEU G 2192 11.87 -46.83 66.63
CA LEU G 2192 10.64 -47.62 66.67
C LEU G 2192 9.97 -47.63 68.04
N ASP G 2193 10.59 -47.08 69.08
CA ASP G 2193 9.96 -46.89 70.37
C ASP G 2193 9.40 -45.50 70.54
N PHE G 2194 10.19 -44.49 70.18
CA PHE G 2194 9.69 -43.11 70.12
C PHE G 2194 8.59 -42.98 69.08
N LEU G 2195 8.68 -43.75 68.00
CA LEU G 2195 7.59 -43.84 67.04
C LEU G 2195 6.35 -44.48 67.67
N ARG G 2196 6.56 -45.41 68.61
CA ARG G 2196 5.45 -46.16 69.16
C ARG G 2196 4.68 -45.39 70.22
N PHE G 2197 5.36 -44.49 70.94
CA PHE G 2197 4.85 -43.93 72.19
C PHE G 2197 3.75 -42.90 72.00
N ALA G 2198 3.20 -42.72 70.81
CA ALA G 2198 2.03 -41.87 70.63
C ALA G 2198 0.73 -42.63 70.83
N VAL G 2199 0.65 -43.88 70.38
CA VAL G 2199 -0.61 -44.62 70.40
C VAL G 2199 -0.40 -45.76 71.41
N PHE G 2200 0.34 -45.48 72.47
CA PHE G 2200 0.88 -46.51 73.36
C PHE G 2200 0.32 -46.42 74.77
N VAL G 2201 0.52 -45.27 75.43
CA VAL G 2201 0.08 -45.05 76.80
C VAL G 2201 -1.37 -44.64 76.89
N ASN G 2202 -1.97 -44.28 75.76
CA ASN G 2202 -3.33 -43.78 75.66
C ASN G 2202 -4.25 -44.77 74.97
N GLY G 2203 -4.22 -46.04 75.42
CA GLY G 2203 -4.45 -47.28 74.68
C GLY G 2203 -5.40 -47.24 73.51
N GLU G 2204 -4.99 -47.86 72.42
CA GLU G 2204 -4.82 -47.21 71.13
C GLU G 2204 -5.81 -46.08 70.82
N SER G 2205 -5.22 -44.92 70.62
CA SER G 2205 -5.91 -43.64 70.54
C SER G 2205 -6.24 -43.32 69.08
N VAL G 2206 -6.54 -42.05 68.81
CA VAL G 2206 -7.00 -41.61 67.52
C VAL G 2206 -5.90 -41.77 66.45
N GLU G 2207 -6.35 -41.92 65.20
CA GLU G 2207 -5.45 -42.02 64.06
C GLU G 2207 -4.73 -40.71 63.73
N GLU G 2208 -5.12 -39.60 64.37
CA GLU G 2208 -4.38 -38.34 64.24
C GLU G 2208 -2.95 -38.48 64.72
N ASN G 2209 -2.70 -39.37 65.69
CA ASN G 2209 -1.34 -39.77 65.99
C ASN G 2209 -0.71 -40.51 64.82
N ALA G 2210 -1.46 -41.38 64.15
CA ALA G 2210 -0.86 -42.42 63.31
C ALA G 2210 -1.15 -42.29 61.82
N ASN G 2211 -1.99 -41.33 61.41
CA ASN G 2211 -2.17 -41.11 59.98
C ASN G 2211 -0.91 -40.53 59.36
N VAL G 2212 -0.31 -39.55 60.04
CA VAL G 2212 0.97 -39.00 59.61
C VAL G 2212 2.10 -40.00 59.76
N VAL G 2213 1.93 -41.02 60.60
CA VAL G 2213 2.93 -42.09 60.68
C VAL G 2213 2.87 -42.95 59.43
N VAL G 2214 1.70 -43.51 59.13
CA VAL G 2214 1.57 -44.54 58.10
C VAL G 2214 1.73 -43.94 56.70
N ARG G 2215 1.08 -42.81 56.45
CA ARG G 2215 1.06 -42.24 55.11
C ARG G 2215 2.39 -41.63 54.70
N LEU G 2216 3.29 -41.40 55.66
CA LEU G 2216 4.67 -41.09 55.33
C LEU G 2216 5.55 -42.33 55.31
N LEU G 2217 5.09 -43.42 55.93
CA LEU G 2217 5.85 -44.66 55.94
C LEU G 2217 5.69 -45.42 54.63
N ILE G 2218 4.53 -45.28 53.97
CA ILE G 2218 4.34 -45.92 52.67
C ILE G 2218 5.10 -45.21 51.57
N ARG G 2219 5.46 -43.93 51.77
CA ARG G 2219 6.23 -43.21 50.78
C ARG G 2219 7.65 -43.76 50.66
N LYS G 2220 8.20 -44.26 51.76
CA LYS G 2220 9.56 -44.80 51.77
C LYS G 2220 9.52 -46.30 52.06
N PRO G 2221 9.69 -47.16 51.05
CA PRO G 2221 9.75 -48.60 51.33
C PRO G 2221 11.07 -49.04 51.99
N GLU G 2222 12.07 -48.16 52.02
CA GLU G 2222 13.34 -48.46 52.68
C GLU G 2222 13.25 -48.37 54.20
N CYS G 2223 12.13 -47.85 54.74
CA CYS G 2223 11.93 -47.87 56.18
C CYS G 2223 11.48 -49.24 56.69
N PHE G 2224 11.08 -50.14 55.78
CA PHE G 2224 10.78 -51.51 56.16
C PHE G 2224 12.08 -52.30 56.31
N GLY G 2225 11.92 -53.58 56.62
CA GLY G 2225 12.99 -54.53 56.42
C GLY G 2225 13.16 -54.82 54.95
N PRO G 2226 14.41 -54.93 54.48
CA PRO G 2226 14.63 -55.28 53.08
C PRO G 2226 14.23 -56.71 52.74
N ALA G 2227 14.09 -57.59 53.73
CA ALA G 2227 13.49 -58.89 53.56
C ALA G 2227 11.96 -58.85 53.61
N LEU G 2228 11.38 -57.66 53.67
CA LEU G 2228 9.94 -57.45 53.62
C LEU G 2228 9.51 -56.58 52.45
N ARG G 2229 10.19 -55.46 52.21
CA ARG G 2229 9.86 -54.56 51.11
C ARG G 2229 10.84 -54.70 49.96
N GLY G 2230 11.26 -55.93 49.66
CA GLY G 2230 11.99 -56.18 48.44
C GLY G 2230 11.09 -55.96 47.23
N GLU G 2231 11.69 -55.47 46.14
CA GLU G 2231 10.91 -55.10 44.97
C GLU G 2231 10.35 -56.31 44.24
N GLY G 2232 11.00 -57.47 44.38
CA GLY G 2232 10.45 -58.69 43.83
C GLY G 2232 9.80 -59.53 44.90
N GLY G 2233 10.49 -60.58 45.33
CA GLY G 2233 10.01 -61.41 46.42
C GLY G 2233 10.76 -61.14 47.71
N SER G 2234 10.03 -61.01 48.82
CA SER G 2234 10.64 -60.73 50.12
C SER G 2234 9.86 -61.50 51.18
N GLY G 2235 10.27 -62.73 51.44
CA GLY G 2235 9.56 -63.59 52.37
C GLY G 2235 9.90 -63.26 53.82
N LEU G 2236 8.94 -62.64 54.50
CA LEU G 2236 9.16 -62.24 55.89
C LEU G 2236 9.02 -63.41 56.84
N LEU G 2237 8.08 -64.32 56.57
CA LEU G 2237 7.97 -65.52 57.40
C LEU G 2237 9.17 -66.43 57.19
N ALA G 2238 9.78 -66.37 56.01
CA ALA G 2238 11.06 -67.03 55.79
C ALA G 2238 12.20 -66.26 56.45
N ALA G 2239 12.07 -64.93 56.56
CA ALA G 2239 13.12 -64.12 57.18
C ALA G 2239 13.20 -64.36 58.68
N ILE G 2240 12.06 -64.63 59.32
CA ILE G 2240 12.08 -64.96 60.75
C ILE G 2240 12.72 -66.32 60.97
N GLU G 2241 12.41 -67.30 60.11
CA GLU G 2241 13.04 -68.60 60.21
C GLU G 2241 14.50 -68.56 59.79
N GLU G 2242 14.86 -67.63 58.90
CA GLU G 2242 16.27 -67.45 58.57
C GLU G 2242 17.05 -66.82 59.72
N ALA G 2243 16.40 -65.93 60.47
CA ALA G 2243 17.02 -65.31 61.64
C ALA G 2243 17.28 -66.31 62.75
N ILE G 2244 16.48 -67.37 62.85
CA ILE G 2244 16.76 -68.46 63.78
C ILE G 2244 18.02 -69.20 63.35
N ARG G 2245 18.23 -69.33 62.03
CA ARG G 2245 19.48 -69.90 61.53
C ARG G 2245 20.66 -68.95 61.74
N ILE G 2246 20.42 -67.63 61.68
CA ILE G 2246 21.46 -66.67 62.02
C ILE G 2246 21.71 -66.69 63.52
N SER G 2247 20.65 -66.89 64.31
CA SER G 2247 20.82 -67.11 65.76
C SER G 2247 21.52 -68.43 66.04
N GLU G 2248 21.42 -69.39 65.12
CA GLU G 2248 22.22 -70.60 65.16
C GLU G 2248 23.54 -70.45 64.40
N ASP G 2249 23.84 -69.26 63.85
CA ASP G 2249 25.09 -69.02 63.17
C ASP G 2249 26.00 -68.20 64.06
N PRO G 2250 27.01 -68.80 64.70
CA PRO G 2250 27.92 -68.01 65.54
C PRO G 2250 28.92 -67.20 64.74
N ALA G 2251 29.14 -67.52 63.47
CA ALA G 2251 30.05 -66.77 62.62
C ALA G 2251 29.47 -65.43 62.17
N ARG G 2252 28.18 -65.19 62.40
CA ARG G 2252 27.57 -63.90 62.10
C ARG G 2252 27.83 -62.87 63.20
N ASP G 2253 28.50 -63.24 64.27
CA ASP G 2253 28.85 -62.34 65.35
C ASP G 2253 30.37 -62.12 65.36
N GLY G 2254 30.84 -61.36 66.34
CA GLY G 2254 32.27 -61.15 66.51
C GLY G 2254 32.84 -62.15 67.48
N PRO G 2255 33.51 -63.20 66.95
CA PRO G 2255 34.05 -64.25 67.81
C PRO G 2255 35.55 -64.46 67.65
N ASN G 2274 28.98 -57.71 70.28
CA ASN G 2274 29.77 -58.18 71.41
C ASN G 2274 28.94 -58.21 72.68
N ARG G 2275 27.74 -57.64 72.60
CA ARG G 2275 26.84 -57.64 73.75
C ARG G 2275 25.93 -58.86 73.74
N VAL G 2276 25.28 -59.13 72.60
CA VAL G 2276 24.41 -60.28 72.42
C VAL G 2276 24.67 -60.86 71.04
N HIS G 2277 23.91 -61.88 70.68
CA HIS G 2277 24.05 -62.52 69.38
C HIS G 2277 23.42 -61.64 68.30
N LEU G 2278 23.69 -61.98 67.05
CA LEU G 2278 23.26 -61.15 65.93
C LEU G 2278 21.97 -61.65 65.30
N GLY G 2279 21.69 -62.95 65.42
CA GLY G 2279 20.39 -63.47 65.00
C GLY G 2279 19.24 -63.00 65.88
N HIS G 2280 19.55 -62.58 67.12
CA HIS G 2280 18.53 -62.03 67.99
C HIS G 2280 18.02 -60.69 67.49
N ALA G 2281 18.91 -59.84 66.98
CA ALA G 2281 18.56 -58.48 66.62
C ALA G 2281 17.78 -58.37 65.31
N ILE G 2282 17.78 -59.42 64.49
CA ILE G 2282 16.95 -59.43 63.28
C ILE G 2282 15.48 -59.44 63.67
N MET G 2283 15.10 -60.39 64.51
CA MET G 2283 13.72 -60.49 64.97
C MET G 2283 13.41 -59.51 66.10
N SER G 2284 14.43 -58.90 66.71
CA SER G 2284 14.17 -57.86 67.70
C SER G 2284 13.70 -56.58 67.02
N PHE G 2285 14.06 -56.38 65.76
CA PHE G 2285 13.57 -55.24 64.99
C PHE G 2285 12.27 -55.58 64.27
N TYR G 2286 12.15 -56.80 63.75
CA TYR G 2286 10.97 -57.17 62.97
C TYR G 2286 9.74 -57.33 63.84
N ALA G 2287 9.89 -57.85 65.06
CA ALA G 2287 8.75 -57.91 65.96
C ALA G 2287 8.40 -56.52 66.50
N ALA G 2288 9.39 -55.63 66.59
CA ALA G 2288 9.10 -54.24 66.91
C ALA G 2288 8.40 -53.53 65.76
N LEU G 2289 8.67 -53.98 64.52
CA LEU G 2289 7.95 -53.45 63.36
C LEU G 2289 6.49 -53.83 63.40
N ILE G 2290 6.17 -55.01 63.95
CA ILE G 2290 4.77 -55.43 64.05
C ILE G 2290 4.12 -54.78 65.26
N ASP G 2291 4.88 -54.64 66.35
CA ASP G 2291 4.31 -54.10 67.59
C ASP G 2291 4.02 -52.60 67.47
N LEU G 2292 4.66 -51.91 66.54
CA LEU G 2292 4.18 -50.59 66.15
C LEU G 2292 2.84 -50.69 65.44
N LEU G 2293 2.73 -51.58 64.47
CA LEU G 2293 1.53 -51.67 63.64
C LEU G 2293 0.38 -52.31 64.39
N GLY G 2294 0.67 -53.18 65.36
CA GLY G 2294 -0.38 -53.66 66.24
C GLY G 2294 -0.90 -52.59 67.17
N ARG G 2295 -0.05 -51.60 67.47
CA ARG G 2295 -0.47 -50.41 68.20
C ARG G 2295 -0.84 -49.27 67.28
N CYS G 2296 -0.61 -49.41 65.98
CA CYS G 2296 -1.10 -48.49 64.97
C CYS G 2296 -2.38 -49.00 64.34
N ALA G 2297 -3.22 -49.62 65.16
CA ALA G 2297 -4.55 -50.03 64.69
C ALA G 2297 -5.37 -48.79 64.36
N PRO G 2298 -5.85 -48.65 63.13
CA PRO G 2298 -6.46 -47.37 62.72
C PRO G 2298 -7.82 -47.15 63.32
N GLU G 2299 -8.63 -48.19 63.44
CA GLU G 2299 -10.02 -48.01 63.83
C GLU G 2299 -10.30 -48.76 65.12
N MET G 2300 -10.77 -48.03 66.11
CA MET G 2300 -11.35 -48.63 67.30
C MET G 2300 -12.82 -48.95 66.99
N HIS G 2301 -13.46 -49.72 67.87
CA HIS G 2301 -14.81 -50.24 67.65
C HIS G 2301 -15.86 -49.13 67.50
N LEU G 2302 -15.61 -47.96 68.10
CA LEU G 2302 -16.46 -46.81 67.87
C LEU G 2302 -16.42 -46.37 66.40
N ILE G 2303 -15.23 -46.39 65.81
CA ILE G 2303 -15.04 -45.90 64.45
C ILE G 2303 -14.81 -47.02 63.45
N GLN G 2304 -14.56 -48.25 63.91
CA GLN G 2304 -14.59 -49.37 62.99
C GLN G 2304 -16.01 -49.69 62.53
N ALA G 2305 -17.00 -49.36 63.34
CA ALA G 2305 -18.40 -49.50 62.96
C ALA G 2305 -19.06 -48.17 62.68
N GLY G 2306 -18.31 -47.07 62.64
CA GLY G 2306 -18.89 -45.76 62.41
C GLY G 2306 -18.07 -44.85 61.51
N LYS G 2307 -17.15 -45.44 60.75
CA LYS G 2307 -16.30 -44.69 59.84
C LYS G 2307 -15.72 -45.66 58.81
N GLY G 2308 -15.70 -45.26 57.54
CA GLY G 2308 -15.09 -46.06 56.51
C GLY G 2308 -13.68 -45.60 56.16
N GLU G 2309 -13.33 -44.39 56.57
CA GLU G 2309 -12.03 -43.82 56.22
C GLU G 2309 -10.92 -44.47 57.03
N ALA G 2310 -11.17 -44.75 58.31
CA ALA G 2310 -10.21 -45.48 59.12
C ALA G 2310 -10.07 -46.92 58.66
N LEU G 2311 -11.10 -47.47 58.01
CA LEU G 2311 -11.00 -48.82 57.49
C LEU G 2311 -10.08 -48.91 56.28
N ARG G 2312 -9.96 -47.79 55.53
CA ARG G 2312 -9.03 -47.73 54.40
C ARG G 2312 -7.60 -47.95 54.85
N ILE G 2313 -7.22 -47.32 55.97
CA ILE G 2313 -5.88 -47.53 56.51
C ILE G 2313 -5.72 -48.97 56.98
N ARG G 2314 -6.78 -49.55 57.54
CA ARG G 2314 -6.77 -50.98 57.85
C ARG G 2314 -6.78 -51.82 56.58
N ALA G 2315 -7.42 -51.31 55.51
CA ALA G 2315 -7.36 -51.99 54.23
C ALA G 2315 -5.97 -51.96 53.64
N ILE G 2316 -5.19 -50.93 53.94
CA ILE G 2316 -3.78 -50.93 53.59
C ILE G 2316 -3.03 -51.98 54.41
N LEU G 2317 -3.34 -52.05 55.72
CA LEU G 2317 -2.66 -52.99 56.60
C LEU G 2317 -2.99 -54.44 56.28
N ARG G 2318 -4.21 -54.70 55.82
CA ARG G 2318 -4.55 -56.04 55.36
C ARG G 2318 -3.86 -56.38 54.06
N SER G 2319 -3.44 -55.38 53.29
CA SER G 2319 -2.55 -55.63 52.18
C SER G 2319 -1.10 -55.70 52.63
N LEU G 2320 -0.78 -55.17 53.82
CA LEU G 2320 0.58 -55.26 54.33
C LEU G 2320 0.83 -56.59 55.02
N VAL G 2321 0.09 -56.89 56.09
CA VAL G 2321 0.23 -58.17 56.78
C VAL G 2321 -0.95 -59.09 56.45
N PRO G 2322 -0.74 -60.13 55.64
CA PRO G 2322 -1.83 -61.05 55.31
C PRO G 2322 -2.10 -62.00 56.47
N LEU G 2323 -3.12 -62.83 56.26
CA LEU G 2323 -3.39 -63.92 57.19
C LEU G 2323 -2.44 -65.08 56.89
N ASP G 2324 -2.22 -65.91 57.91
CA ASP G 2324 -1.36 -67.10 57.90
C ASP G 2324 0.11 -66.79 57.64
N ASP G 2325 0.51 -65.53 57.79
CA ASP G 2325 1.91 -65.17 57.92
C ASP G 2325 2.32 -64.99 59.37
N LEU G 2326 1.36 -64.69 60.24
CA LEU G 2326 1.59 -64.54 61.66
C LEU G 2326 1.35 -65.84 62.42
N VAL G 2327 0.75 -66.85 61.76
CA VAL G 2327 0.41 -68.09 62.45
C VAL G 2327 1.67 -68.90 62.74
N GLY G 2328 2.57 -69.00 61.75
CA GLY G 2328 3.84 -69.67 61.95
C GLY G 2328 4.76 -68.97 62.93
N ILE G 2329 4.57 -67.67 63.13
CA ILE G 2329 5.30 -66.94 64.16
C ILE G 2329 4.82 -67.36 65.55
N ILE G 2330 3.52 -67.64 65.69
CA ILE G 2330 2.98 -68.08 66.96
C ILE G 2330 3.50 -69.47 67.31
N SER G 2331 3.51 -70.38 66.35
CA SER G 2331 4.03 -71.73 66.59
C SER G 2331 5.51 -71.84 66.24
N LEU G 2332 6.31 -70.90 66.73
CA LEU G 2332 7.78 -70.99 66.72
C LEU G 2332 8.46 -71.78 67.84
N PRO G 2333 7.95 -71.78 69.11
CA PRO G 2333 8.74 -71.53 70.34
C PRO G 2333 10.14 -72.15 70.48
N LEU G 2334 11.01 -71.41 71.16
CA LEU G 2334 12.42 -71.77 71.30
C LEU G 2334 12.57 -72.89 72.34
N GLN G 2335 13.82 -73.22 72.66
CA GLN G 2335 14.09 -74.27 73.63
C GLN G 2335 13.67 -73.84 75.04
N ILE G 2336 13.26 -74.81 75.84
CA ILE G 2336 12.74 -74.59 77.18
C ILE G 2336 13.91 -74.65 78.15
N PRO G 2337 14.15 -73.61 78.94
CA PRO G 2337 15.26 -73.63 79.89
C PRO G 2337 15.02 -74.51 81.10
N THR G 2338 15.10 -75.83 80.90
CA THR G 2338 14.90 -76.81 81.97
C THR G 2338 15.87 -77.96 81.73
N LEU G 2339 16.97 -77.95 82.47
CA LEU G 2339 17.98 -79.00 82.37
C LEU G 2339 18.76 -79.13 83.69
N UNK G 2340 20.94 -76.34 82.70
CA UNK G 2340 21.34 -75.60 81.51
C UNK G 2340 20.15 -74.88 80.87
N UNK G 2341 20.14 -73.57 80.96
CA UNK G 2341 19.06 -72.77 80.40
C UNK G 2341 19.28 -72.46 78.93
N UNK G 2342 18.27 -71.90 78.27
CA UNK G 2342 18.40 -71.48 76.89
C UNK G 2342 19.02 -70.08 76.84
N UNK G 2343 19.42 -69.65 75.66
CA UNK G 2343 20.03 -68.33 75.50
C UNK G 2343 18.95 -67.26 75.36
N UNK G 2344 19.20 -66.10 75.97
CA UNK G 2344 18.28 -64.97 75.89
C UNK G 2344 18.69 -64.06 74.74
N UNK G 2345 19.76 -64.43 74.05
CA UNK G 2345 20.18 -63.72 72.85
C UNK G 2345 19.74 -64.52 71.62
N UNK G 2346 18.53 -65.05 71.68
CA UNK G 2346 17.99 -65.83 70.57
C UNK G 2346 16.57 -65.36 70.26
N UNK G 2347 15.74 -66.28 69.78
CA UNK G 2347 14.36 -65.95 69.42
C UNK G 2347 13.48 -65.87 70.66
N UNK G 2348 13.22 -64.65 71.14
CA UNK G 2348 12.46 -64.41 72.36
C UNK G 2348 10.99 -64.82 72.23
N UNK G 2349 10.42 -65.26 73.35
CA UNK G 2349 9.02 -65.69 73.39
C UNK G 2349 8.09 -64.50 73.55
N UNK G 2350 8.62 -63.39 74.05
CA UNK G 2350 7.83 -62.18 74.23
C UNK G 2350 7.63 -61.45 72.91
N UNK G 2351 8.46 -61.77 71.93
CA UNK G 2351 8.38 -61.14 70.62
C UNK G 2351 7.44 -61.91 69.69
N UNK G 2352 7.01 -63.08 70.15
CA UNK G 2352 6.01 -63.86 69.43
C UNK G 2352 4.64 -63.24 69.64
N UNK G 2353 4.47 -62.60 70.78
CA UNK G 2353 3.23 -61.93 71.13
C UNK G 2353 3.16 -60.53 70.52
N UNK G 2354 4.30 -60.07 69.99
CA UNK G 2354 4.33 -58.80 69.28
C UNK G 2354 3.63 -58.93 67.93
N UNK G 2355 3.67 -60.15 67.39
CA UNK G 2355 2.98 -60.47 66.16
C UNK G 2355 1.49 -60.73 66.43
N UNK G 2356 1.17 -61.03 67.68
CA UNK G 2356 -0.19 -61.38 68.07
C UNK G 2356 -1.10 -60.16 68.11
N UNK G 2357 -0.51 -58.99 68.33
CA UNK G 2357 -1.28 -57.76 68.48
C UNK G 2357 -1.88 -57.28 67.15
N UNK G 2358 -1.12 -57.46 66.07
CA UNK G 2358 -1.59 -57.06 64.74
C UNK G 2358 -2.70 -57.98 64.27
N UNK G 2359 -2.57 -59.27 64.60
CA UNK G 2359 -3.58 -60.25 64.22
C UNK G 2359 -4.88 -60.03 64.99
N UNK G 2360 -4.76 -59.46 66.18
CA UNK G 2360 -5.91 -59.18 67.01
C UNK G 2360 -6.49 -57.79 66.75
N UNK G 2361 -5.92 -57.08 65.79
CA UNK G 2361 -6.35 -55.71 65.53
C UNK G 2361 -6.26 -55.29 64.06
N UNK G 2362 -6.24 -56.27 63.15
CA UNK G 2362 -6.29 -55.96 61.73
C UNK G 2362 -7.05 -57.05 60.99
N UNK G 2363 -6.49 -58.25 60.97
CA UNK G 2363 -7.14 -59.38 60.34
C UNK G 2363 -8.30 -59.86 61.20
N UNK G 2364 -8.15 -59.70 62.52
CA UNK G 2364 -9.12 -60.09 63.55
C UNK G 2364 -9.52 -61.57 63.49
N UNK G 2365 -10.65 -61.89 64.13
CA UNK G 2365 -11.15 -63.25 64.18
C UNK G 2365 -12.64 -63.26 64.48
N UNK G 2366 -13.46 -63.50 63.46
CA UNK G 2366 -14.90 -63.51 63.63
C UNK G 2366 -15.48 -64.88 63.30
N UNK G 2367 -14.75 -65.65 62.49
CA UNK G 2367 -15.23 -66.96 62.06
C UNK G 2367 -14.87 -68.06 63.07
N UNK G 2368 -14.74 -69.28 62.56
CA UNK G 2368 -14.38 -70.41 63.38
C UNK G 2368 -12.96 -70.85 63.06
N UNK G 2369 -12.09 -69.88 62.83
CA UNK G 2369 -10.69 -70.15 62.56
C UNK G 2369 -9.90 -70.09 63.86
N UNK G 2370 -10.62 -69.92 64.96
CA UNK G 2370 -10.05 -69.95 66.31
C UNK G 2370 -9.56 -71.35 66.63
N UNK G 2371 -10.28 -72.36 66.12
CA UNK G 2371 -9.88 -73.75 66.25
C UNK G 2371 -8.60 -74.00 65.45
N UNK G 2372 -8.48 -73.32 64.31
CA UNK G 2372 -7.27 -73.36 63.51
C UNK G 2372 -6.18 -72.55 64.19
N UNK G 2373 -6.59 -71.55 64.97
CA UNK G 2373 -5.65 -70.70 65.69
C UNK G 2373 -5.19 -71.36 66.99
N UNK G 2374 -6.11 -72.01 67.70
CA UNK G 2374 -5.77 -72.67 68.97
C UNK G 2374 -5.02 -73.98 68.73
N UNK G 2375 -4.97 -74.44 67.47
CA UNK G 2375 -4.15 -75.58 67.10
C UNK G 2375 -2.74 -75.12 66.71
N UNK G 2376 -2.42 -73.87 66.99
CA UNK G 2376 -1.10 -73.33 66.69
C UNK G 2376 -0.66 -72.35 67.77
N UNK G 2377 -1.50 -72.18 68.79
CA UNK G 2377 -1.21 -71.25 69.88
C UNK G 2377 -1.21 -71.94 71.24
N UNK G 2378 -2.08 -72.94 71.40
CA UNK G 2378 -2.21 -73.64 72.67
C UNK G 2378 -1.14 -74.72 72.84
N UNK G 2379 -0.31 -74.90 71.82
CA UNK G 2379 0.81 -75.83 71.89
C UNK G 2379 1.84 -75.35 72.91
N UNK G 2380 2.02 -74.03 72.98
CA UNK G 2380 2.94 -73.45 73.95
C UNK G 2380 2.25 -73.26 75.29
N UNK G 2381 0.92 -73.38 75.31
CA UNK G 2381 0.16 -73.25 76.54
C UNK G 2381 0.31 -74.49 77.40
N UNK G 2382 0.52 -75.63 76.74
CA UNK G 2382 0.79 -76.87 77.44
C UNK G 2382 2.24 -76.88 77.89
N UNK G 2383 3.08 -76.16 77.17
CA UNK G 2383 4.48 -76.02 77.51
C UNK G 2383 4.67 -74.98 78.62
N UNK G 2384 3.61 -74.22 78.90
CA UNK G 2384 3.64 -73.25 79.98
C UNK G 2384 3.55 -73.94 81.33
N UNK G 2385 2.90 -75.10 81.34
CA UNK G 2385 2.77 -75.88 82.57
C UNK G 2385 3.91 -76.88 82.69
N UNK G 2386 4.80 -76.89 81.70
CA UNK G 2386 5.92 -77.82 81.68
C UNK G 2386 7.00 -77.43 82.69
N UNK G 2387 7.52 -76.20 82.58
CA UNK G 2387 8.60 -75.75 83.44
C UNK G 2387 8.08 -75.03 84.68
N UNK G 2388 7.06 -75.61 85.32
CA UNK G 2388 6.55 -75.07 86.58
C UNK G 2388 6.98 -75.98 87.72
N UNK G 2389 8.07 -76.71 87.50
CA UNK G 2389 8.55 -77.70 88.46
C UNK G 2389 9.83 -77.25 89.15
N UNK G 2390 10.85 -76.95 88.35
CA UNK G 2390 12.17 -76.57 88.88
C UNK G 2390 12.14 -75.19 89.52
N UNK G 2391 12.38 -74.17 88.71
CA UNK G 2391 12.37 -72.80 89.22
C UNK G 2391 11.98 -71.83 88.11
N UNK G 2392 11.92 -72.35 86.89
CA UNK G 2392 11.60 -71.61 85.66
C UNK G 2392 12.51 -70.41 85.45
N UNK G 2393 13.72 -70.64 84.95
CA UNK G 2393 14.63 -69.56 84.61
C UNK G 2393 14.06 -68.83 83.40
N UNK G 2394 14.07 -67.50 83.45
CA UNK G 2394 13.54 -66.61 82.40
C UNK G 2394 12.10 -66.92 82.00
N UNK G 2395 11.15 -66.57 82.86
CA UNK G 2395 9.74 -66.85 82.60
C UNK G 2395 9.12 -65.82 81.65
N UNK G 2396 9.63 -65.79 80.42
CA UNK G 2396 9.13 -64.87 79.41
C UNK G 2396 7.81 -65.38 78.83
N UNK G 2397 7.66 -66.70 78.89
CA UNK G 2397 6.44 -67.34 78.40
C UNK G 2397 5.28 -67.06 79.36
N UNK G 2398 5.60 -66.79 80.61
CA UNK G 2398 4.59 -66.37 81.59
C UNK G 2398 4.06 -64.99 81.23
N UNK G 2399 4.94 -64.16 80.68
CA UNK G 2399 4.55 -62.85 80.20
C UNK G 2399 3.89 -62.95 78.83
N UNK G 2400 4.30 -63.94 78.04
CA UNK G 2400 3.80 -64.11 76.68
C UNK G 2400 2.47 -64.84 76.65
N UNK G 2401 2.05 -65.36 77.79
CA UNK G 2401 0.74 -66.02 77.89
C UNK G 2401 -0.16 -65.26 78.84
N UNK G 2402 0.29 -64.07 79.25
CA UNK G 2402 -0.53 -63.18 80.05
C UNK G 2402 -0.99 -62.02 79.19
N UNK G 2403 -0.66 -62.09 77.90
CA UNK G 2403 -1.04 -61.05 76.95
C UNK G 2403 -1.64 -61.66 75.69
N UNK G 2404 -1.68 -62.99 75.66
CA UNK G 2404 -2.26 -63.70 74.54
C UNK G 2404 -3.54 -64.41 74.97
N UNK G 2405 -3.62 -64.71 76.27
CA UNK G 2405 -4.76 -65.41 76.83
C UNK G 2405 -5.94 -64.48 77.05
N UNK G 2406 -5.69 -63.18 76.99
CA UNK G 2406 -6.75 -62.19 77.13
C UNK G 2406 -7.62 -62.17 75.88
N UNK G 2407 -7.01 -62.47 74.74
CA UNK G 2407 -7.73 -62.56 73.47
C UNK G 2407 -8.62 -63.79 73.45
N UNK G 2408 -8.18 -64.83 74.14
CA UNK G 2408 -8.96 -66.04 74.31
C UNK G 2408 -10.17 -65.76 75.20
N UNK G 2409 -9.97 -64.88 76.18
CA UNK G 2409 -11.02 -64.49 77.11
C UNK G 2409 -12.02 -63.53 76.46
N UNK G 2410 -11.66 -63.00 75.29
CA UNK G 2410 -12.55 -62.17 74.49
C UNK G 2410 -13.27 -63.02 73.45
N UNK G 2411 -13.13 -64.34 73.55
CA UNK G 2411 -13.73 -65.24 72.59
C UNK G 2411 -14.79 -66.13 73.24
N UNK G 2412 -16.06 -65.84 72.98
CA UNK G 2412 -17.14 -66.67 73.47
C UNK G 2412 -17.74 -67.46 72.30
N UNK G 2413 -16.87 -67.88 71.39
CA UNK G 2413 -17.30 -68.66 70.23
C UNK G 2413 -17.07 -70.13 70.46
N UNK G 2414 -18.08 -70.82 71.00
CA UNK G 2414 -18.01 -72.24 71.27
C UNK G 2414 -19.09 -73.01 70.52
N UNK G 2415 -18.74 -74.17 69.97
CA UNK G 2415 -19.68 -74.98 69.21
C UNK G 2415 -19.63 -76.44 69.65
N UNK G 2416 -19.75 -77.34 68.68
CA UNK G 2416 -19.67 -78.77 68.96
C UNK G 2416 -18.30 -79.32 68.57
N UNK G 2417 -18.15 -80.64 68.64
CA UNK G 2417 -16.91 -81.37 68.37
C UNK G 2417 -15.74 -80.85 69.19
N UNK G 2418 -15.93 -80.83 70.51
CA UNK G 2418 -14.91 -80.33 71.43
C UNK G 2418 -13.74 -81.31 71.54
N UNK G 2419 -12.93 -81.38 70.49
CA UNK G 2419 -11.79 -82.28 70.46
C UNK G 2419 -10.62 -81.68 71.22
N UNK G 2420 -10.34 -80.42 70.95
CA UNK G 2420 -9.22 -79.73 71.59
C UNK G 2420 -9.72 -78.68 72.57
N UNK G 2421 -11.03 -78.52 72.65
CA UNK G 2421 -11.64 -77.57 73.59
C UNK G 2421 -11.53 -78.11 75.01
N UNK G 2422 -11.67 -79.42 75.15
CA UNK G 2422 -11.53 -80.07 76.43
C UNK G 2422 -10.06 -80.13 76.83
N UNK G 2423 -9.20 -80.28 75.83
CA UNK G 2423 -7.76 -80.37 76.05
C UNK G 2423 -7.17 -79.02 76.44
N UNK G 2424 -7.75 -77.95 75.91
CA UNK G 2424 -7.32 -76.61 76.23
C UNK G 2424 -7.73 -76.24 77.65
N UNK G 2425 -8.91 -76.73 78.05
CA UNK G 2425 -9.47 -76.43 79.37
C UNK G 2425 -8.66 -77.09 80.47
N UNK G 2426 -8.08 -78.25 80.17
CA UNK G 2426 -7.21 -78.94 81.10
C UNK G 2426 -5.88 -78.20 81.20
N UNK G 2427 -5.37 -77.73 80.07
CA UNK G 2427 -4.12 -76.98 80.03
C UNK G 2427 -4.29 -75.60 80.64
N UNK G 2428 -5.51 -75.07 80.58
CA UNK G 2428 -5.82 -73.80 81.20
C UNK G 2428 -5.92 -73.96 82.71
N UNK G 2429 -6.49 -75.08 83.14
CA UNK G 2429 -6.63 -75.38 84.56
C UNK G 2429 -5.29 -75.75 85.17
N UNK G 2430 -4.37 -76.21 84.32
CA UNK G 2430 -3.03 -76.60 84.73
C UNK G 2430 -2.24 -75.41 85.26
N UNK G 2431 -2.21 -74.34 84.48
CA UNK G 2431 -1.50 -73.12 84.87
C UNK G 2431 -2.24 -72.38 85.97
N UNK G 2432 -3.56 -72.52 86.00
CA UNK G 2432 -4.40 -71.82 86.97
C UNK G 2432 -4.21 -72.38 88.37
N UNK G 2433 -4.15 -73.71 88.48
CA UNK G 2433 -3.94 -74.36 89.76
C UNK G 2433 -2.49 -74.19 90.21
N UNK G 2434 -1.59 -74.06 89.23
CA UNK G 2434 -0.18 -73.84 89.52
C UNK G 2434 0.09 -72.35 89.74
N UNK G 2435 -0.37 -71.84 90.88
CA UNK G 2435 -0.14 -70.45 91.24
C UNK G 2435 1.04 -70.34 92.20
N UNK G 2436 1.59 -71.50 92.57
CA UNK G 2436 2.73 -71.55 93.47
C UNK G 2436 4.02 -71.21 92.73
N UNK G 2437 4.33 -72.01 91.71
CA UNK G 2437 5.50 -71.77 90.88
C UNK G 2437 5.26 -70.56 89.98
N UNK G 2438 6.05 -69.50 90.22
CA UNK G 2438 5.91 -68.18 89.58
C UNK G 2438 4.50 -67.63 89.73
N UNK G 2439 4.26 -66.96 90.85
CA UNK G 2439 2.91 -66.51 91.22
C UNK G 2439 2.40 -65.38 90.33
N UNK G 2440 2.80 -64.14 90.66
CA UNK G 2440 2.31 -62.90 90.07
C UNK G 2440 0.78 -62.80 90.14
N UNK G 2441 0.29 -62.17 91.20
CA UNK G 2441 -1.13 -62.07 91.50
C UNK G 2441 -1.94 -61.32 90.45
N UNK G 2442 -1.25 -60.45 89.70
CA UNK G 2442 -1.86 -59.80 88.55
C UNK G 2442 -2.04 -60.82 87.43
N UNK G 2443 -0.98 -61.58 87.14
CA UNK G 2443 -1.03 -62.60 86.10
C UNK G 2443 -1.89 -63.78 86.53
N UNK G 2444 -1.96 -63.99 87.84
CA UNK G 2444 -2.80 -65.04 88.41
C UNK G 2444 -4.27 -64.73 88.18
N UNK G 2445 -4.66 -63.50 88.50
CA UNK G 2445 -6.05 -63.07 88.31
C UNK G 2445 -6.38 -62.94 86.83
N UNK G 2446 -5.37 -62.64 86.02
CA UNK G 2446 -5.54 -62.54 84.57
C UNK G 2446 -5.82 -63.91 83.98
N UNK G 2447 -5.18 -64.92 84.55
CA UNK G 2447 -5.41 -66.30 84.14
C UNK G 2447 -6.70 -66.82 84.74
N UNK G 2448 -7.05 -66.30 85.90
CA UNK G 2448 -8.24 -66.74 86.63
C UNK G 2448 -9.52 -66.26 85.98
N UNK G 2449 -9.50 -65.02 85.50
CA UNK G 2449 -10.66 -64.41 84.88
C UNK G 2449 -10.97 -65.05 83.55
N UNK G 2450 -9.92 -65.46 82.84
CA UNK G 2450 -10.07 -66.12 81.54
C UNK G 2450 -10.67 -67.51 81.71
N UNK G 2451 -10.38 -68.14 82.84
CA UNK G 2451 -10.95 -69.44 83.16
C UNK G 2451 -12.42 -69.29 83.55
N UNK G 2452 -12.73 -68.20 84.24
CA UNK G 2452 -14.08 -67.97 84.74
C UNK G 2452 -15.04 -67.59 83.62
N UNK G 2453 -14.51 -66.96 82.57
CA UNK G 2453 -15.34 -66.48 81.48
C UNK G 2453 -15.52 -67.55 80.40
N UNK G 2454 -14.63 -68.53 80.39
CA UNK G 2454 -14.67 -69.58 79.39
C UNK G 2454 -15.86 -70.50 79.60
N UNK G 2455 -16.28 -70.63 80.86
CA UNK G 2455 -17.38 -71.50 81.23
C UNK G 2455 -18.74 -70.93 80.82
N UNK G 2456 -18.78 -69.63 80.58
CA UNK G 2456 -20.01 -68.97 80.15
C UNK G 2456 -20.14 -68.94 78.63
N UNK G 2457 -19.91 -70.10 78.01
CA UNK G 2457 -20.01 -70.23 76.56
C UNK G 2457 -20.25 -71.69 76.20
N UNK G 2458 -19.66 -72.60 76.97
CA UNK G 2458 -19.80 -74.03 76.73
C UNK G 2458 -20.99 -74.59 77.48
N UNK G 2459 -21.51 -75.73 77.01
CA UNK G 2459 -22.71 -76.33 77.60
C UNK G 2459 -22.48 -77.78 78.02
N UNK G 2460 -22.02 -77.97 79.25
CA UNK G 2460 -21.82 -79.27 79.90
C UNK G 2460 -20.93 -80.25 79.13
N UNK G 2461 -19.95 -79.71 78.43
CA UNK G 2461 -19.00 -80.56 77.70
C UNK G 2461 -17.75 -80.76 78.55
N UNK G 2462 -17.60 -79.94 79.59
CA UNK G 2462 -16.46 -80.04 80.48
C UNK G 2462 -16.79 -80.97 81.64
N UNK G 2463 -16.50 -82.25 81.47
CA UNK G 2463 -16.78 -83.25 82.50
C UNK G 2463 -15.48 -83.76 83.12
N UNK G 2464 -14.43 -83.83 82.30
CA UNK G 2464 -13.12 -84.29 82.77
C UNK G 2464 -12.48 -83.25 83.67
N UNK G 2465 -12.78 -81.98 83.41
CA UNK G 2465 -12.30 -80.89 84.24
C UNK G 2465 -13.06 -80.85 85.55
N UNK G 2466 -14.34 -81.20 85.49
CA UNK G 2466 -15.19 -81.24 86.67
C UNK G 2466 -14.84 -82.44 87.55
N UNK G 2467 -14.38 -83.51 86.91
CA UNK G 2467 -14.01 -84.73 87.64
C UNK G 2467 -12.71 -84.53 88.40
N UNK G 2468 -11.77 -83.82 87.78
CA UNK G 2468 -10.48 -83.56 88.41
C UNK G 2468 -10.61 -82.52 89.52
N UNK G 2469 -11.62 -81.67 89.41
CA UNK G 2469 -11.86 -80.61 90.39
C UNK G 2469 -12.33 -81.16 91.73
N UNK G 2470 -13.13 -82.22 91.69
CA UNK G 2470 -13.68 -82.82 92.91
C UNK G 2470 -12.61 -83.56 93.71
N UNK G 2471 -11.54 -83.98 93.03
CA UNK G 2471 -10.44 -84.66 93.69
C UNK G 2471 -9.26 -83.70 93.86
N UNK G 2472 -9.56 -82.42 94.00
CA UNK G 2472 -8.52 -81.41 94.16
C UNK G 2472 -9.02 -80.21 94.95
N UNK G 2473 -10.14 -79.64 94.49
CA UNK G 2473 -10.70 -78.44 95.14
C UNK G 2473 -11.55 -78.83 96.36
N UNK G 2474 -12.25 -79.96 96.25
CA UNK G 2474 -13.07 -80.43 97.36
C UNK G 2474 -12.20 -81.07 98.44
N UNK G 2475 -10.99 -81.47 98.05
CA UNK G 2475 -10.02 -82.03 98.99
C UNK G 2475 -9.48 -80.93 99.91
N UNK G 2476 -8.36 -80.34 99.53
CA UNK G 2476 -7.74 -79.29 100.31
C UNK G 2476 -8.49 -77.97 100.10
N UNK G 2477 -9.59 -77.80 100.82
CA UNK G 2477 -10.41 -76.60 100.69
C UNK G 2477 -9.97 -75.52 101.67
N UNK G 2478 -8.73 -75.04 101.50
CA UNK G 2478 -8.18 -74.00 102.36
C UNK G 2478 -7.09 -73.23 101.64
N UNK G 2479 -6.75 -73.67 100.44
CA UNK G 2479 -5.70 -73.02 99.65
C UNK G 2479 -6.21 -71.74 99.00
N UNK G 2480 -5.31 -71.02 98.34
CA UNK G 2480 -5.67 -69.82 97.62
C UNK G 2480 -6.36 -70.20 96.31
N UNK G 2481 -5.99 -71.36 95.78
CA UNK G 2481 -6.58 -71.85 94.54
C UNK G 2481 -7.96 -72.45 94.77
N UNK G 2482 -8.28 -72.73 96.03
CA UNK G 2482 -9.58 -73.29 96.39
C UNK G 2482 -10.68 -72.24 96.28
N UNK G 2483 -10.33 -70.98 96.56
CA UNK G 2483 -11.29 -69.89 96.49
C UNK G 2483 -11.66 -69.57 95.05
N UNK G 2484 -10.68 -69.73 94.16
CA UNK G 2484 -10.89 -69.50 92.74
C UNK G 2484 -11.75 -70.61 92.14
N UNK G 2485 -11.51 -71.84 92.60
CA UNK G 2485 -12.23 -73.00 92.09
C UNK G 2485 -13.65 -73.07 92.61
N UNK G 2486 -13.90 -72.46 93.77
CA UNK G 2486 -15.21 -72.48 94.40
C UNK G 2486 -16.21 -71.63 93.63
N UNK G 2487 -15.73 -70.54 93.06
CA UNK G 2487 -16.59 -69.62 92.32
C UNK G 2487 -16.95 -70.18 90.95
N UNK G 2488 -16.04 -70.97 90.38
CA UNK G 2488 -16.27 -71.58 89.07
C UNK G 2488 -17.32 -72.69 89.16
N UNK G 2489 -17.34 -73.37 90.30
CA UNK G 2489 -18.31 -74.43 90.53
C UNK G 2489 -19.69 -73.84 90.80
N UNK G 2490 -19.72 -72.68 91.43
CA UNK G 2490 -20.99 -72.00 91.74
C UNK G 2490 -21.63 -71.43 90.48
N UNK G 2491 -20.81 -71.20 89.45
CA UNK G 2491 -21.30 -70.71 88.17
C UNK G 2491 -22.05 -71.79 87.41
N UNK G 2492 -21.62 -73.04 87.60
CA UNK G 2492 -22.25 -74.17 86.92
C UNK G 2492 -23.58 -74.53 87.58
N UNK G 2493 -23.76 -74.08 88.82
CA UNK G 2493 -24.99 -74.31 89.56
C UNK G 2493 -26.14 -73.49 88.97
N UNK G 2494 -25.81 -72.39 88.33
CA UNK G 2494 -26.80 -71.54 87.69
C UNK G 2494 -26.91 -71.86 86.20
N UNK G 2495 -26.68 -73.13 85.86
CA UNK G 2495 -26.81 -73.59 84.49
C UNK G 2495 -27.51 -74.93 84.47
N UNK G 2496 -27.95 -75.38 85.65
CA UNK G 2496 -28.56 -76.70 85.79
C UNK G 2496 -29.80 -76.69 86.67
N UNK G 2497 -30.36 -75.50 86.90
CA UNK G 2497 -31.54 -75.37 87.75
C UNK G 2497 -32.83 -75.66 86.97
N UNK G 2498 -32.69 -75.80 85.65
CA UNK G 2498 -33.82 -76.17 84.80
C UNK G 2498 -33.51 -77.48 84.08
N UNK G 2499 -32.54 -77.42 83.18
CA UNK G 2499 -32.08 -78.60 82.46
C UNK G 2499 -30.72 -79.02 82.97
N UNK G 2500 -29.89 -79.57 82.08
CA UNK G 2500 -28.49 -79.97 82.34
C UNK G 2500 -28.31 -80.92 83.52
N UNK G 2501 -29.32 -81.74 83.79
CA UNK G 2501 -29.25 -82.75 84.83
C UNK G 2501 -29.14 -84.10 84.15
N UNK G 2502 -28.85 -84.06 82.86
CA UNK G 2502 -28.75 -85.27 82.04
C UNK G 2502 -27.32 -85.80 82.04
N UNK G 2503 -26.82 -86.18 83.21
CA UNK G 2503 -25.47 -86.72 83.36
C UNK G 2503 -25.35 -87.51 84.65
N UNK G 2504 -25.38 -88.84 84.56
CA UNK G 2504 -25.34 -89.69 85.74
C UNK G 2504 -23.96 -89.74 86.38
N UNK G 2505 -22.93 -89.75 85.55
CA UNK G 2505 -21.55 -89.82 86.01
C UNK G 2505 -21.15 -88.53 86.71
N UNK G 2506 -21.74 -87.42 86.26
CA UNK G 2506 -21.51 -86.14 86.90
C UNK G 2506 -22.33 -86.05 88.17
N UNK G 2507 -23.49 -86.70 88.18
CA UNK G 2507 -24.40 -86.68 89.34
C UNK G 2507 -23.79 -87.45 90.50
N UNK G 2508 -23.05 -88.50 90.19
CA UNK G 2508 -22.32 -89.25 91.21
C UNK G 2508 -21.14 -88.42 91.71
N UNK G 2509 -20.54 -87.67 90.80
CA UNK G 2509 -19.44 -86.78 91.13
C UNK G 2509 -19.95 -85.60 91.94
N UNK G 2510 -21.17 -85.15 91.63
CA UNK G 2510 -21.79 -84.04 92.36
C UNK G 2510 -22.20 -84.46 93.76
N UNK G 2511 -22.52 -85.74 93.91
CA UNK G 2511 -22.91 -86.28 95.21
C UNK G 2511 -21.72 -86.39 96.14
N UNK G 2512 -20.56 -86.73 95.57
CA UNK G 2512 -19.35 -86.91 96.36
C UNK G 2512 -18.75 -85.57 96.78
N UNK G 2513 -18.94 -84.56 95.94
CA UNK G 2513 -18.42 -83.23 96.23
C UNK G 2513 -19.26 -82.56 97.32
N UNK G 2514 -20.55 -82.86 97.34
CA UNK G 2514 -21.47 -82.29 98.32
C UNK G 2514 -21.21 -82.85 99.71
N UNK G 2515 -20.74 -84.10 99.75
CA UNK G 2515 -20.37 -84.74 101.01
C UNK G 2515 -19.04 -84.17 101.51
N UNK G 2516 -18.15 -83.87 100.58
CA UNK G 2516 -16.85 -83.29 100.90
C UNK G 2516 -16.99 -81.84 101.36
N UNK G 2517 -18.04 -81.18 100.87
CA UNK G 2517 -18.32 -79.80 101.26
C UNK G 2517 -18.92 -79.75 102.65
N UNK G 2518 -19.58 -80.83 103.05
CA UNK G 2518 -20.20 -80.92 104.37
C UNK G 2518 -19.13 -81.12 105.46
N UNK G 2519 -17.96 -81.62 105.04
CA UNK G 2519 -16.86 -81.85 105.96
C UNK G 2519 -16.12 -80.56 106.30
N UNK G 2520 -16.36 -79.52 105.51
CA UNK G 2520 -15.68 -78.25 105.69
C UNK G 2520 -16.36 -77.39 106.76
N UNK G 2521 -17.51 -77.84 107.24
CA UNK G 2521 -18.25 -77.12 108.28
C UNK G 2521 -17.48 -77.13 109.59
N UNK G 2522 -17.17 -78.31 110.10
CA UNK G 2522 -16.43 -78.45 111.34
C UNK G 2522 -14.92 -78.47 111.12
N UNK G 2523 -14.48 -77.91 110.00
CA UNK G 2523 -13.05 -77.76 109.72
C UNK G 2523 -12.51 -76.56 110.47
N UNK G 2524 -12.14 -75.52 109.72
CA UNK G 2524 -11.66 -74.28 110.33
C UNK G 2524 -12.84 -73.39 110.69
N UNK G 2525 -12.64 -72.52 111.67
CA UNK G 2525 -13.67 -71.57 112.07
C UNK G 2525 -13.35 -70.19 111.52
N UNK G 2526 -12.80 -70.15 110.31
CA UNK G 2526 -12.46 -68.90 109.66
C UNK G 2526 -13.73 -68.22 109.14
N UNK G 2527 -14.19 -67.20 109.86
CA UNK G 2527 -15.38 -66.46 109.46
C UNK G 2527 -15.08 -65.62 108.23
N UNK G 2528 -16.13 -65.29 107.47
CA UNK G 2528 -16.09 -64.46 106.25
C UNK G 2528 -15.17 -64.95 105.13
N UNK G 2529 -13.88 -65.12 105.40
CA UNK G 2529 -12.89 -65.54 104.41
C UNK G 2529 -13.16 -66.93 103.84
N UNK G 2530 -13.12 -67.95 104.69
CA UNK G 2530 -13.38 -69.31 104.25
C UNK G 2530 -14.86 -69.66 104.42
N UNK G 2531 -15.53 -68.93 105.30
CA UNK G 2531 -16.93 -69.19 105.61
C UNK G 2531 -17.86 -68.78 104.48
N UNK G 2532 -17.80 -67.51 104.10
CA UNK G 2532 -18.73 -66.96 103.11
C UNK G 2532 -18.30 -67.25 101.68
N UNK G 2533 -17.11 -67.80 101.49
CA UNK G 2533 -16.63 -68.12 100.16
C UNK G 2533 -17.37 -69.32 99.57
N UNK G 2534 -17.85 -70.20 100.45
CA UNK G 2534 -18.56 -71.39 100.02
C UNK G 2534 -19.95 -71.47 100.63
N UNK G 2535 -20.34 -70.43 101.37
CA UNK G 2535 -21.67 -70.36 101.98
C UNK G 2535 -22.73 -70.17 100.91
N UNK G 2536 -22.34 -69.47 99.84
CA UNK G 2536 -23.22 -69.26 98.70
C UNK G 2536 -22.98 -70.33 97.64
N UNK G 2537 -22.09 -71.27 97.95
CA UNK G 2537 -21.82 -72.38 97.04
C UNK G 2537 -22.64 -73.61 97.42
N UNK G 2538 -23.80 -73.37 98.03
CA UNK G 2538 -24.71 -74.44 98.41
C UNK G 2538 -25.76 -74.63 97.32
N UNK G 2539 -25.62 -73.89 96.24
CA UNK G 2539 -26.55 -73.95 95.12
C UNK G 2539 -26.23 -75.12 94.20
N UNK G 2540 -25.04 -75.70 94.38
CA UNK G 2540 -24.61 -76.84 93.59
C UNK G 2540 -25.43 -78.08 93.95
N UNK G 2541 -25.76 -78.18 95.24
CA UNK G 2541 -26.57 -79.30 95.73
C UNK G 2541 -28.05 -79.03 95.52
N UNK G 2542 -28.38 -77.80 95.17
CA UNK G 2542 -29.76 -77.41 94.93
C UNK G 2542 -30.23 -77.86 93.55
N UNK G 2543 -29.27 -78.09 92.66
CA UNK G 2543 -29.57 -78.53 91.30
C UNK G 2543 -29.77 -80.04 91.23
N UNK G 2544 -29.20 -80.74 92.20
CA UNK G 2544 -29.29 -82.20 92.24
C UNK G 2544 -30.69 -82.67 92.62
N UNK G 2545 -31.00 -83.92 92.30
CA UNK G 2545 -32.32 -84.48 92.57
C UNK G 2545 -32.38 -85.06 93.98
N UNK G 2546 -33.52 -85.66 94.31
CA UNK G 2546 -33.72 -86.26 95.62
C UNK G 2546 -33.63 -87.78 95.54
N UNK G 2547 -33.55 -88.29 94.33
CA UNK G 2547 -33.44 -89.73 94.11
C UNK G 2547 -32.04 -90.21 94.49
N UNK G 2548 -31.95 -91.49 94.85
CA UNK G 2548 -30.67 -92.08 95.19
C UNK G 2548 -30.10 -92.83 94.00
N UNK G 2549 -28.96 -92.39 93.50
CA UNK G 2549 -28.25 -93.10 92.45
C UNK G 2549 -27.56 -94.32 93.05
N UNK G 2550 -27.12 -95.23 92.18
CA UNK G 2550 -26.47 -96.46 92.64
C UNK G 2550 -25.05 -96.20 93.14
N UNK G 2551 -24.94 -95.61 94.32
CA UNK G 2551 -23.65 -95.28 94.91
C UNK G 2551 -23.41 -96.07 96.19
N UNK G 2552 -22.25 -96.72 96.27
CA UNK G 2552 -21.89 -97.51 97.45
C UNK G 2552 -21.23 -96.62 98.51
N UNK G 2553 -20.35 -97.23 99.31
CA UNK G 2553 -19.67 -96.50 100.37
C UNK G 2553 -18.28 -97.08 100.62
N UNK G 2554 -17.25 -96.30 100.29
CA UNK G 2554 -15.87 -96.72 100.51
C UNK G 2554 -14.99 -95.50 100.78
N UNK G 2555 -13.96 -95.69 101.60
CA UNK G 2555 -13.07 -94.59 101.95
C UNK G 2555 -11.66 -95.09 102.27
N UNK G 2556 -10.66 -94.26 101.97
CA UNK G 2556 -9.26 -94.60 102.23
C UNK G 2556 -8.53 -93.42 102.86
N ASN G 2557 -0.82 -83.61 95.54
CA ASN G 2557 -0.64 -84.43 96.74
C ASN G 2557 -1.80 -85.40 96.91
N PHE G 2558 -1.52 -86.69 96.74
CA PHE G 2558 -2.53 -87.73 96.95
C PHE G 2558 -1.82 -89.01 97.37
N ASP G 2559 -2.44 -89.73 98.31
CA ASP G 2559 -1.86 -90.95 98.87
C ASP G 2559 -2.99 -91.92 99.25
N PRO G 2560 -3.21 -92.95 98.45
CA PRO G 2560 -4.18 -93.98 98.82
C PRO G 2560 -3.59 -94.96 99.83
N ARG G 2561 -4.39 -95.96 100.19
CA ARG G 2561 -4.00 -96.96 101.19
C ARG G 2561 -4.24 -98.36 100.64
N PRO G 2562 -3.25 -98.94 99.92
CA PRO G 2562 -3.31 -100.37 99.62
C PRO G 2562 -2.83 -101.21 100.80
N VAL G 2563 -2.80 -102.52 100.64
CA VAL G 2563 -2.36 -103.42 101.70
C VAL G 2563 -1.04 -104.05 101.25
N GLU G 2564 -0.20 -104.37 102.24
CA GLU G 2564 1.08 -105.05 102.00
C GLU G 2564 0.79 -106.48 101.59
N THR G 2565 0.89 -106.77 100.29
CA THR G 2565 0.57 -108.09 99.80
C THR G 2565 1.76 -109.05 99.85
N LEU G 2566 2.97 -108.54 99.98
CA LEU G 2566 4.17 -109.38 99.95
C LEU G 2566 4.31 -110.28 101.16
N ASN G 2567 3.80 -109.87 102.32
CA ASN G 2567 3.84 -110.69 103.53
C ASN G 2567 2.56 -111.48 103.73
N VAL G 2568 1.78 -111.68 102.68
CA VAL G 2568 0.53 -112.45 102.77
C VAL G 2568 0.79 -113.85 102.24
N ILE G 2569 0.47 -114.86 103.06
CA ILE G 2569 0.73 -116.24 102.72
C ILE G 2569 -0.50 -116.83 102.02
N ILE G 2570 -0.29 -117.34 100.82
CA ILE G 2570 -1.35 -118.04 100.09
C ILE G 2570 -1.36 -119.50 100.53
N PRO G 2571 -2.54 -120.07 100.82
CA PRO G 2571 -2.61 -121.52 101.07
C PRO G 2571 -2.22 -122.31 99.83
N GLU G 2572 -1.61 -123.48 100.06
CA GLU G 2572 -1.05 -124.27 98.98
C GLU G 2572 -2.10 -124.92 98.08
N LYS G 2573 -3.35 -125.00 98.55
CA LYS G 2573 -4.43 -125.46 97.67
C LYS G 2573 -4.79 -124.41 96.63
N LEU G 2574 -4.40 -123.15 96.84
CA LEU G 2574 -4.65 -122.09 95.89
C LEU G 2574 -3.49 -121.86 94.92
N ASP G 2575 -2.31 -122.43 95.20
CA ASP G 2575 -1.13 -122.13 94.39
C ASP G 2575 -1.22 -122.75 93.00
N SER G 2576 -1.70 -124.00 92.92
CA SER G 2576 -2.01 -124.57 91.62
C SER G 2576 -3.26 -123.97 91.03
N PHE G 2577 -4.17 -123.48 91.87
CA PHE G 2577 -5.37 -122.78 91.40
C PHE G 2577 -5.04 -121.46 90.75
N ILE G 2578 -3.95 -120.81 91.20
CA ILE G 2578 -3.40 -119.66 90.49
C ILE G 2578 -2.81 -120.12 89.15
N ASN G 2579 -2.10 -121.25 89.15
CA ASN G 2579 -1.56 -121.79 87.91
C ASN G 2579 -2.66 -122.28 86.98
N LYS G 2580 -3.81 -122.68 87.53
CA LYS G 2580 -4.98 -122.94 86.69
C LYS G 2580 -5.52 -121.65 86.08
N PHE G 2581 -5.38 -120.52 86.77
CA PHE G 2581 -5.79 -119.26 86.17
C PHE G 2581 -4.76 -118.78 85.16
N ALA G 2582 -3.48 -119.07 85.41
CA ALA G 2582 -2.43 -118.77 84.45
C ALA G 2582 -2.56 -119.61 83.19
N GLU G 2583 -3.03 -120.86 83.34
CA GLU G 2583 -3.42 -121.65 82.17
C GLU G 2583 -4.64 -121.03 81.50
N TYR G 2584 -5.64 -120.63 82.30
CA TYR G 2584 -6.82 -119.96 81.77
C TYR G 2584 -6.51 -118.55 81.26
N THR G 2585 -5.43 -117.93 81.74
CA THR G 2585 -4.98 -116.67 81.17
C THR G 2585 -4.56 -116.85 79.72
N HIS G 2586 -3.70 -117.84 79.46
CA HIS G 2586 -3.29 -118.11 78.07
C HIS G 2586 -4.41 -118.78 77.28
N GLU G 2587 -5.34 -119.43 77.96
CA GLU G 2587 -6.45 -120.08 77.27
C GLU G 2587 -7.42 -119.05 76.71
N LYS G 2588 -7.58 -117.92 77.41
CA LYS G 2588 -8.50 -116.88 76.95
C LYS G 2588 -7.79 -115.83 76.08
N TRP G 2589 -6.55 -115.49 76.41
CA TRP G 2589 -5.85 -114.44 75.67
C TRP G 2589 -5.42 -114.91 74.28
N ALA G 2590 -4.86 -116.12 74.19
CA ALA G 2590 -4.45 -116.64 72.90
C ALA G 2590 -5.61 -117.15 72.05
N PHE G 2591 -6.81 -117.30 72.63
CA PHE G 2591 -7.97 -117.67 71.82
C PHE G 2591 -8.40 -116.51 70.94
N ASP G 2592 -8.34 -115.28 71.45
CA ASP G 2592 -8.58 -114.10 70.62
C ASP G 2592 -7.45 -113.86 69.65
N LYS G 2593 -6.25 -114.39 69.93
CA LYS G 2593 -5.18 -114.36 68.93
C LYS G 2593 -5.50 -115.27 67.76
N ILE G 2594 -6.24 -116.36 68.00
CA ILE G 2594 -6.68 -117.22 66.91
C ILE G 2594 -7.90 -116.61 66.22
N GLN G 2595 -8.72 -115.86 66.96
CA GLN G 2595 -9.80 -115.09 66.34
C GLN G 2595 -9.27 -114.00 65.42
N ASN G 2596 -8.11 -113.43 65.77
CA ASN G 2596 -7.40 -112.51 64.88
C ASN G 2596 -6.29 -113.22 64.09
N ASN G 2597 -6.22 -114.55 64.19
CA ASN G 2597 -5.36 -115.42 63.37
C ASN G 2597 -3.87 -115.11 63.56
N TRP G 2598 -3.44 -115.13 64.82
CA TRP G 2598 -2.03 -114.94 65.15
C TRP G 2598 -1.36 -116.30 65.28
N SER G 2599 -0.28 -116.51 64.53
CA SER G 2599 0.36 -117.81 64.40
C SER G 2599 1.56 -117.93 65.35
N TYR G 2600 2.33 -118.99 65.16
CA TYR G 2600 3.47 -119.36 66.00
C TYR G 2600 4.78 -118.92 65.34
N GLY G 2601 5.79 -118.70 66.16
CA GLY G 2601 7.10 -118.38 65.63
C GLY G 2601 8.17 -118.41 66.69
N GLU G 2602 9.23 -117.64 66.44
CA GLU G 2602 10.37 -117.53 67.36
C GLU G 2602 10.15 -116.48 68.44
N ASN G 2603 9.66 -115.30 68.06
CA ASN G 2603 9.39 -114.22 68.99
C ASN G 2603 8.05 -113.58 68.62
N VAL G 2604 7.55 -112.73 69.51
CA VAL G 2604 6.29 -112.03 69.31
C VAL G 2604 6.54 -110.95 68.25
N ASP G 2605 5.97 -111.14 67.06
CA ASP G 2605 6.10 -110.18 65.98
C ASP G 2605 4.73 -109.90 65.39
N GLU G 2606 4.48 -108.63 65.06
CA GLU G 2606 3.19 -108.21 64.53
C GLU G 2606 3.12 -108.25 63.01
N GLU G 2607 4.25 -108.09 62.33
CA GLU G 2607 4.25 -108.14 60.87
C GLU G 2607 4.19 -109.58 60.38
N LEU G 2608 5.05 -110.44 60.92
CA LEU G 2608 5.07 -111.86 60.53
C LEU G 2608 3.99 -112.67 61.23
N LYS G 2609 3.28 -112.06 62.18
CA LYS G 2609 2.12 -112.64 62.88
C LYS G 2609 2.50 -113.91 63.64
N THR G 2610 3.55 -113.80 64.45
CA THR G 2610 4.12 -114.93 65.16
C THR G 2610 3.96 -114.76 66.66
N HIS G 2611 3.89 -115.88 67.37
CA HIS G 2611 3.77 -115.90 68.81
C HIS G 2611 4.34 -117.21 69.37
N PRO G 2612 5.46 -117.17 70.09
CA PRO G 2612 6.17 -118.40 70.46
C PRO G 2612 5.62 -119.13 71.69
N MET G 2613 4.63 -118.60 72.38
CA MET G 2613 4.13 -119.22 73.61
C MET G 2613 2.84 -119.99 73.37
N LEU G 2614 2.51 -120.28 72.11
CA LEU G 2614 1.29 -121.01 71.77
C LEU G 2614 1.46 -122.50 72.10
N ARG G 2615 1.40 -122.79 73.39
CA ARG G 2615 1.59 -124.11 73.96
C ARG G 2615 1.08 -124.07 75.41
N PRO G 2616 0.63 -125.21 75.96
CA PRO G 2616 -0.03 -125.17 77.28
C PRO G 2616 0.89 -124.74 78.42
N TYR G 2617 0.25 -124.44 79.55
CA TYR G 2617 0.96 -123.85 80.68
C TYR G 2617 1.77 -124.89 81.45
N LYS G 2618 1.41 -126.17 81.30
CA LYS G 2618 2.09 -127.25 82.02
C LYS G 2618 3.43 -127.65 81.40
N THR G 2619 3.90 -126.95 80.36
CA THR G 2619 5.13 -127.30 79.67
C THR G 2619 6.20 -126.22 79.72
N PHE G 2620 5.90 -125.04 80.28
CA PHE G 2620 6.85 -123.94 80.28
C PHE G 2620 8.00 -124.21 81.26
N SER G 2621 9.04 -123.39 81.13
CA SER G 2621 10.17 -123.43 82.05
C SER G 2621 9.84 -122.60 83.29
N GLU G 2622 10.79 -122.52 84.23
CA GLU G 2622 10.55 -121.82 85.47
C GLU G 2622 10.65 -120.29 85.33
N LYS G 2623 11.10 -119.80 84.19
CA LYS G 2623 11.14 -118.37 83.91
C LYS G 2623 9.96 -117.88 83.09
N ASP G 2624 9.50 -118.69 82.13
CA ASP G 2624 8.32 -118.32 81.34
C ASP G 2624 7.04 -118.38 82.15
N LYS G 2625 7.00 -119.20 83.22
CA LYS G 2625 5.85 -119.21 84.11
C LYS G 2625 5.79 -117.98 85.00
N GLU G 2626 6.90 -117.26 85.16
CA GLU G 2626 6.93 -116.02 85.91
C GLU G 2626 6.25 -114.88 85.17
N ILE G 2627 6.05 -115.01 83.85
CA ILE G 2627 5.35 -114.01 83.08
C ILE G 2627 3.86 -114.00 83.46
N TYR G 2628 3.28 -115.18 83.61
CA TYR G 2628 1.87 -115.34 83.95
C TYR G 2628 1.65 -115.64 85.43
N ARG G 2629 2.53 -115.17 86.30
CA ARG G 2629 2.45 -115.49 87.72
C ARG G 2629 2.04 -114.31 88.59
N TRP G 2630 2.49 -113.09 88.28
CA TRP G 2630 2.11 -111.96 89.11
C TRP G 2630 1.43 -110.77 88.43
N PRO G 2631 0.53 -110.97 87.46
CA PRO G 2631 -0.69 -110.17 87.44
C PRO G 2631 -1.85 -110.82 88.19
N ILE G 2632 -1.58 -111.95 88.83
CA ILE G 2632 -2.60 -112.81 89.42
C ILE G 2632 -2.43 -112.89 90.94
N LYS G 2633 -1.22 -113.26 91.40
CA LYS G 2633 -0.99 -113.49 92.82
C LYS G 2633 -1.11 -112.21 93.64
N GLU G 2634 -0.43 -111.14 93.20
CA GLU G 2634 -0.42 -109.87 93.94
C GLU G 2634 -1.78 -109.18 93.97
N SER G 2635 -2.71 -109.58 93.09
CA SER G 2635 -4.10 -109.16 93.21
C SER G 2635 -4.93 -110.13 94.03
N LEU G 2636 -4.52 -111.41 94.11
CA LEU G 2636 -5.18 -112.37 94.99
C LEU G 2636 -4.61 -112.35 96.40
N LYS G 2637 -3.36 -111.89 96.58
CA LYS G 2637 -2.80 -111.76 97.93
C LYS G 2637 -3.48 -110.65 98.71
N ALA G 2638 -3.99 -109.63 98.03
CA ALA G 2638 -4.75 -108.59 98.74
C ALA G 2638 -6.12 -109.08 99.17
N MET G 2639 -6.64 -110.15 98.56
CA MET G 2639 -7.93 -110.67 98.96
C MET G 2639 -7.84 -111.45 100.26
N ILE G 2640 -6.71 -112.10 100.52
CA ILE G 2640 -6.54 -112.81 101.78
C ILE G 2640 -6.36 -111.82 102.93
N ALA G 2641 -5.58 -110.75 102.69
CA ALA G 2641 -5.34 -109.75 103.72
C ALA G 2641 -6.59 -108.94 104.02
N TRP G 2642 -7.48 -108.78 103.03
CA TRP G 2642 -8.73 -108.06 103.25
C TRP G 2642 -9.85 -108.96 103.76
N GLU G 2643 -9.92 -110.21 103.27
CA GLU G 2643 -11.05 -111.09 103.53
C GLU G 2643 -10.53 -112.43 104.02
N TRP G 2644 -10.99 -112.87 105.18
CA TRP G 2644 -10.71 -114.21 105.69
C TRP G 2644 -11.83 -115.19 105.30
N THR G 2645 -12.20 -115.18 104.01
CA THR G 2645 -13.19 -116.12 103.47
C THR G 2645 -12.65 -116.71 102.16
N ILE G 2646 -11.84 -117.76 102.27
CA ILE G 2646 -11.47 -118.61 101.14
C ILE G 2646 -11.51 -120.04 101.64
N GLU G 2647 -12.46 -120.84 101.11
CA GLU G 2647 -12.66 -122.20 101.57
C GLU G 2647 -12.98 -123.09 100.37
N LYS G 2648 -12.85 -124.40 100.59
CA LYS G 2648 -13.25 -125.41 99.62
C LYS G 2648 -14.76 -125.60 99.74
N ALA G 2649 -15.50 -125.10 98.76
CA ALA G 2649 -16.96 -125.06 98.84
C ALA G 2649 -17.63 -126.01 97.84
N ARG G 2650 -17.34 -125.87 96.54
CA ARG G 2650 -18.05 -126.64 95.52
C ARG G 2650 -17.09 -127.33 94.56
N GLU G 2651 -17.64 -127.89 93.49
CA GLU G 2651 -16.87 -128.46 92.40
C GLU G 2651 -17.06 -127.60 91.15
N GLY G 2652 -16.00 -127.48 90.36
CA GLY G 2652 -16.04 -126.62 89.18
C GLY G 2652 -16.97 -127.15 88.10
N GLU G 2653 -17.50 -126.22 87.31
CA GLU G 2653 -18.46 -126.54 86.27
C GLU G 2653 -17.77 -126.82 84.93
N TYR G 2678 -1.40 -124.08 68.16
CA TYR G 2678 -2.15 -124.65 69.26
C TYR G 2678 -3.43 -123.86 69.52
N ASN G 2679 -4.52 -124.57 69.81
CA ASN G 2679 -5.85 -123.98 69.95
C ASN G 2679 -6.45 -124.36 71.29
N PRO G 2680 -6.29 -123.52 72.32
CA PRO G 2680 -7.04 -123.73 73.56
C PRO G 2680 -8.48 -123.27 73.41
N GLN G 2681 -9.35 -123.88 74.20
CA GLN G 2681 -10.79 -123.61 74.14
C GLN G 2681 -11.28 -123.12 75.50
N PRO G 2682 -11.32 -121.81 75.71
CA PRO G 2682 -11.78 -121.27 76.99
C PRO G 2682 -13.28 -121.48 77.20
N PRO G 2683 -13.67 -122.12 78.31
CA PRO G 2683 -15.09 -122.45 78.50
C PRO G 2683 -15.88 -121.30 79.09
N ASP G 2684 -17.18 -121.51 79.30
CA ASP G 2684 -18.04 -120.50 79.88
C ASP G 2684 -17.88 -120.50 81.39
N LEU G 2685 -17.82 -119.29 81.97
CA LEU G 2685 -17.73 -119.13 83.42
C LEU G 2685 -18.85 -118.24 83.95
N SER G 2686 -19.81 -117.87 83.11
CA SER G 2686 -20.93 -117.01 83.49
C SER G 2686 -22.20 -117.82 83.73
N GLY G 2687 -22.07 -119.02 84.30
CA GLY G 2687 -23.23 -119.85 84.55
C GLY G 2687 -24.13 -119.32 85.64
N VAL G 2688 -23.57 -118.62 86.61
CA VAL G 2688 -24.32 -117.99 87.70
C VAL G 2688 -23.96 -116.52 87.73
N THR G 2689 -24.97 -115.65 87.70
CA THR G 2689 -24.76 -114.22 87.82
C THR G 2689 -24.23 -113.88 89.22
N LEU G 2690 -23.22 -113.02 89.27
CA LEU G 2690 -22.63 -112.62 90.54
C LEU G 2690 -23.63 -111.82 91.36
N SER G 2691 -23.82 -112.24 92.61
CA SER G 2691 -24.71 -111.53 93.52
C SER G 2691 -24.02 -110.26 94.04
N ARG G 2692 -24.71 -109.53 94.92
CA ARG G 2692 -24.17 -108.27 95.45
C ARG G 2692 -22.95 -108.52 96.34
N GLU G 2693 -22.89 -109.71 96.97
CA GLU G 2693 -21.70 -110.11 97.68
C GLU G 2693 -20.49 -110.23 96.75
N LEU G 2694 -20.72 -110.60 95.49
CA LEU G 2694 -19.67 -110.60 94.49
C LEU G 2694 -19.76 -109.41 93.52
N GLN G 2695 -20.83 -108.60 93.60
CA GLN G 2695 -20.87 -107.37 92.81
C GLN G 2695 -20.13 -106.24 93.51
N ALA G 2696 -20.24 -106.16 94.84
CA ALA G 2696 -19.48 -105.19 95.60
C ALA G 2696 -18.00 -105.52 95.66
N MET G 2697 -17.64 -106.77 95.41
CA MET G 2697 -16.22 -107.12 95.31
C MET G 2697 -15.62 -106.77 93.96
N ALA G 2698 -16.44 -106.62 92.93
CA ALA G 2698 -15.97 -106.04 91.68
C ALA G 2698 -15.64 -104.56 91.86
N GLU G 2699 -16.38 -103.88 92.73
CA GLU G 2699 -15.97 -102.55 93.19
C GLU G 2699 -14.68 -102.62 93.98
N GLN G 2700 -14.45 -103.73 94.69
CA GLN G 2700 -13.29 -103.88 95.55
C GLN G 2700 -12.06 -104.35 94.78
N LEU G 2701 -12.24 -105.28 93.84
CA LEU G 2701 -11.10 -105.79 93.09
C LEU G 2701 -10.62 -104.81 92.02
N ALA G 2702 -11.51 -104.02 91.44
CA ALA G 2702 -11.05 -102.96 90.56
C ALA G 2702 -10.40 -101.82 91.34
N GLU G 2703 -10.80 -101.61 92.59
CA GLU G 2703 -10.08 -100.70 93.46
C GLU G 2703 -8.74 -101.31 93.88
N ASN G 2704 -8.71 -102.64 94.03
CA ASN G 2704 -7.44 -103.35 94.18
C ASN G 2704 -6.59 -103.20 92.92
N TYR G 2705 -7.21 -103.16 91.75
CA TYR G 2705 -6.50 -102.86 90.51
C TYR G 2705 -6.14 -101.39 90.40
N HIS G 2706 -6.69 -100.54 91.26
CA HIS G 2706 -6.32 -99.13 91.34
C HIS G 2706 -5.43 -98.81 92.54
N ASN G 2707 -5.53 -99.58 93.61
CA ASN G 2707 -4.62 -99.38 94.75
C ASN G 2707 -3.26 -100.00 94.48
N THR G 2708 -3.24 -101.29 94.16
CA THR G 2708 -1.96 -102.01 94.05
C THR G 2708 -1.20 -101.61 92.79
N TRP G 2709 -1.88 -101.61 91.63
CA TRP G 2709 -1.25 -101.16 90.40
C TRP G 2709 -1.01 -99.65 90.41
N GLY G 2710 -1.86 -98.89 91.11
CA GLY G 2710 -1.66 -97.46 91.20
C GLY G 2710 -0.53 -97.06 92.11
N ARG G 2711 -0.28 -97.83 93.17
CA ARG G 2711 0.89 -97.57 94.03
C ARG G 2711 2.18 -97.84 93.27
N LYS G 2712 2.18 -98.86 92.41
CA LYS G 2712 3.33 -99.09 91.53
C LYS G 2712 3.49 -97.95 90.53
N LYS G 2713 2.38 -97.34 90.10
CA LYS G 2713 2.47 -96.15 89.28
C LYS G 2713 2.93 -94.94 90.08
N LYS G 2714 2.53 -94.84 91.35
CA LYS G 2714 3.00 -93.75 92.19
C LYS G 2714 4.48 -93.93 92.56
N GLN G 2715 4.91 -95.18 92.76
CA GLN G 2715 6.32 -95.44 92.97
C GLN G 2715 7.12 -95.38 91.67
N GLU G 2716 6.45 -95.42 90.52
CA GLU G 2716 7.12 -95.17 89.26
C GLU G 2716 7.46 -93.69 89.09
N LEU G 2717 6.63 -92.80 89.63
CA LEU G 2717 6.91 -91.38 89.56
C LEU G 2717 7.91 -90.94 90.62
N GLU G 2718 7.94 -91.61 91.76
CA GLU G 2718 8.84 -91.27 92.86
C GLU G 2718 10.23 -91.86 92.70
N ALA G 2719 10.52 -92.51 91.58
CA ALA G 2719 11.83 -93.08 91.31
C ALA G 2719 12.44 -92.59 90.00
N LYS G 2720 11.77 -91.68 89.28
CA LYS G 2720 12.27 -91.18 88.01
C LYS G 2720 12.42 -89.65 88.02
N GLY G 2721 12.66 -89.06 89.19
CA GLY G 2721 12.85 -87.63 89.30
C GLY G 2721 11.60 -86.81 89.48
N GLY G 2722 10.45 -87.46 89.67
CA GLY G 2722 9.20 -86.74 89.80
C GLY G 2722 8.28 -86.96 88.63
N GLY G 2723 7.65 -85.89 88.14
CA GLY G 2723 6.77 -85.99 86.99
C GLY G 2723 5.31 -86.10 87.36
N THR G 2724 4.48 -85.27 86.73
CA THR G 2724 3.06 -85.27 87.00
C THR G 2724 2.36 -86.36 86.18
N HIS G 2725 1.11 -86.64 86.56
CA HIS G 2725 0.29 -87.64 85.89
C HIS G 2725 -1.16 -87.32 86.21
N PRO G 2726 -2.05 -87.29 85.21
CA PRO G 2726 -3.42 -86.82 85.44
C PRO G 2726 -4.33 -87.80 86.16
N LEU G 2727 -3.92 -89.05 86.34
CA LEU G 2727 -4.80 -90.07 86.88
C LEU G 2727 -4.37 -90.50 88.29
N LEU G 2728 -3.88 -89.56 89.09
CA LEU G 2728 -3.65 -89.83 90.52
C LEU G 2728 -4.85 -89.42 91.35
N VAL G 2729 -6.02 -89.92 90.96
CA VAL G 2729 -7.30 -89.59 91.60
C VAL G 2729 -7.84 -90.87 92.20
N PRO G 2730 -8.80 -90.78 93.13
CA PRO G 2730 -9.43 -92.00 93.67
C PRO G 2730 -10.24 -92.75 92.61
N TYR G 2731 -10.71 -93.93 93.02
CA TYR G 2731 -11.47 -94.79 92.12
C TYR G 2731 -12.85 -94.19 91.80
N ASP G 2732 -13.40 -93.39 92.71
CA ASP G 2732 -14.73 -92.84 92.50
C ASP G 2732 -14.74 -91.68 91.51
N THR G 2733 -13.60 -91.04 91.29
CA THR G 2733 -13.48 -89.97 90.31
C THR G 2733 -12.66 -90.39 89.09
N LEU G 2734 -12.63 -91.68 88.79
CA LEU G 2734 -12.02 -92.14 87.55
C LEU G 2734 -12.98 -91.99 86.38
N THR G 2735 -12.47 -92.27 85.18
CA THR G 2735 -13.28 -92.19 83.97
C THR G 2735 -14.11 -93.44 83.82
N ALA G 2736 -14.85 -93.51 82.72
CA ALA G 2736 -15.66 -94.68 82.39
C ALA G 2736 -14.85 -95.79 81.72
N LYS G 2737 -13.57 -95.56 81.45
CA LYS G 2737 -12.76 -96.53 80.73
C LYS G 2737 -12.02 -97.48 81.67
N GLU G 2738 -11.40 -96.97 82.73
CA GLU G 2738 -10.72 -97.84 83.69
C GLU G 2738 -11.69 -98.62 84.56
N LYS G 2739 -12.95 -98.19 84.65
CA LYS G 2739 -14.00 -98.98 85.28
C LYS G 2739 -14.57 -100.04 84.34
N ALA G 2740 -14.10 -100.11 83.08
CA ALA G 2740 -14.64 -101.06 82.13
C ALA G 2740 -13.76 -102.30 81.99
N ARG G 2741 -12.44 -102.12 81.92
CA ARG G 2741 -11.54 -103.25 81.75
C ARG G 2741 -11.11 -103.87 83.07
N ASP G 2742 -10.97 -103.07 84.13
CA ASP G 2742 -10.53 -103.61 85.41
C ASP G 2742 -11.67 -104.33 86.12
N ARG G 2743 -12.91 -103.86 85.94
CA ARG G 2743 -14.05 -104.59 86.49
C ARG G 2743 -14.33 -105.85 85.68
N GLU G 2744 -14.04 -105.83 84.38
CA GLU G 2744 -14.10 -107.06 83.59
C GLU G 2744 -13.03 -108.05 84.03
N LYS G 2745 -11.87 -107.54 84.43
CA LYS G 2745 -10.86 -108.39 85.04
C LYS G 2745 -11.29 -108.84 86.42
N ALA G 2746 -12.09 -108.02 87.11
CA ALA G 2746 -12.58 -108.35 88.45
C ALA G 2746 -13.66 -109.41 88.42
N GLN G 2747 -14.56 -109.36 87.44
CA GLN G 2747 -15.68 -110.30 87.39
C GLN G 2747 -15.23 -111.70 86.97
N GLU G 2748 -14.35 -111.78 85.96
CA GLU G 2748 -13.88 -113.08 85.50
C GLU G 2748 -12.93 -113.74 86.48
N LEU G 2749 -12.35 -112.97 87.41
CA LEU G 2749 -11.55 -113.57 88.47
C LEU G 2749 -12.44 -114.16 89.56
N LEU G 2750 -13.54 -113.49 89.89
CA LEU G 2750 -14.52 -114.04 90.81
C LEU G 2750 -15.26 -115.22 90.21
N LYS G 2751 -15.52 -115.17 88.90
CA LYS G 2751 -16.12 -116.31 88.22
C LYS G 2751 -15.12 -117.46 88.10
N PHE G 2752 -13.82 -117.16 88.11
CA PHE G 2752 -12.84 -118.24 88.23
C PHE G 2752 -12.76 -118.77 89.64
N LEU G 2753 -13.01 -117.93 90.65
CA LEU G 2753 -13.15 -118.40 92.02
C LEU G 2753 -14.37 -119.28 92.20
N GLN G 2754 -15.40 -119.10 91.37
CA GLN G 2754 -16.52 -120.04 91.34
C GLN G 2754 -16.07 -121.39 90.77
N MET G 2755 -15.19 -121.37 89.77
CA MET G 2755 -14.59 -122.60 89.29
C MET G 2755 -13.71 -123.20 90.38
N ASN G 2756 -13.77 -124.53 90.50
CA ASN G 2756 -13.18 -125.36 91.57
C ASN G 2756 -13.78 -125.08 92.95
N GLY G 2757 -14.88 -124.32 93.01
CA GLY G 2757 -15.63 -124.09 94.23
C GLY G 2757 -14.91 -123.41 95.37
N TYR G 2758 -14.40 -122.22 95.12
CA TYR G 2758 -13.73 -121.41 96.15
C TYR G 2758 -14.58 -120.17 96.37
N ALA G 2759 -15.59 -120.31 97.22
CA ALA G 2759 -16.56 -119.23 97.45
C ALA G 2759 -15.91 -118.16 98.31
N VAL G 2760 -15.57 -117.03 97.70
CA VAL G 2760 -14.92 -115.93 98.42
C VAL G 2760 -15.99 -114.88 98.72
N THR G 2761 -16.61 -114.99 99.89
CA THR G 2761 -17.78 -114.18 100.27
C THR G 2761 -17.53 -113.58 101.64
N ARG G 2762 -17.04 -112.34 101.68
CA ARG G 2762 -16.77 -111.66 102.94
C ARG G 2762 -18.06 -111.34 103.70
N UNK G 2763 -19.43 -108.10 103.73
CA UNK G 2763 -19.49 -106.69 104.08
C UNK G 2763 -20.08 -105.88 102.93
N UNK G 2764 -21.40 -105.91 102.80
CA UNK G 2764 -22.12 -105.08 101.84
C UNK G 2764 -23.20 -104.31 102.59
N UNK G 2765 -24.11 -103.69 101.85
CA UNK G 2765 -25.16 -102.89 102.48
C UNK G 2765 -26.55 -103.35 102.06
N UNK G 2766 -27.56 -102.55 102.38
CA UNK G 2766 -28.95 -102.87 102.05
C UNK G 2766 -29.39 -102.13 100.79
N UNK G 2767 -30.18 -102.81 99.95
CA UNK G 2767 -30.57 -102.28 98.66
C UNK G 2767 -31.83 -101.43 98.74
N UNK G 2768 -31.77 -100.39 99.56
CA UNK G 2768 -32.89 -99.47 99.70
C UNK G 2768 -32.45 -98.08 99.26
N UNK G 2769 -33.39 -97.32 98.71
CA UNK G 2769 -33.12 -95.93 98.35
C UNK G 2769 -33.05 -95.09 99.60
N UNK G 2770 -31.88 -95.09 100.24
CA UNK G 2770 -31.68 -94.40 101.51
C UNK G 2770 -31.59 -92.89 101.29
N UNK G 2771 -31.26 -92.51 100.05
CA UNK G 2771 -31.07 -91.12 99.60
C UNK G 2771 -30.02 -90.38 100.41
N UNK G 2772 -28.81 -90.31 99.85
CA UNK G 2772 -27.68 -89.66 100.51
C UNK G 2772 -27.88 -88.16 100.63
N UNK G 2773 -28.74 -87.60 99.79
CA UNK G 2773 -29.16 -86.21 99.92
C UNK G 2773 -30.07 -86.04 101.13
N UNK G 2774 -30.80 -87.10 101.49
CA UNK G 2774 -31.72 -87.07 102.62
C UNK G 2774 -31.09 -87.67 103.88
N UNK G 2775 -30.16 -88.59 103.70
CA UNK G 2775 -29.50 -89.26 104.82
C UNK G 2775 -28.54 -88.33 105.54
N UNK G 2776 -27.91 -87.43 104.78
CA UNK G 2776 -26.97 -86.47 105.33
C UNK G 2776 -27.69 -85.41 106.14
N UNK G 2777 -28.94 -85.13 105.77
CA UNK G 2777 -29.76 -84.16 106.47
C UNK G 2777 -30.22 -84.69 107.82
N UNK G 2778 -30.39 -86.02 107.88
CA UNK G 2778 -30.73 -86.68 109.13
C UNK G 2778 -29.54 -86.65 110.08
N UNK G 2779 -28.35 -86.79 109.49
CA UNK G 2779 -27.11 -86.74 110.25
C UNK G 2779 -26.79 -85.30 110.67
N UNK G 2780 -27.23 -84.36 109.86
CA UNK G 2780 -27.04 -82.94 110.17
C UNK G 2780 -28.00 -82.50 111.26
N UNK G 2781 -29.14 -83.17 111.34
CA UNK G 2781 -30.10 -82.95 112.41
C UNK G 2781 -29.55 -83.57 113.70
N UNK G 2782 -28.79 -84.64 113.52
CA UNK G 2782 -28.09 -85.28 114.63
C UNK G 2782 -26.89 -84.43 115.04
N UNK G 2783 -26.30 -83.74 114.07
CA UNK G 2783 -25.20 -82.82 114.33
C UNK G 2783 -25.72 -81.56 114.99
N UNK G 2784 -26.97 -81.20 114.66
CA UNK G 2784 -27.65 -80.09 115.30
C UNK G 2784 -28.00 -80.45 116.74
N UNK G 2785 -28.31 -81.73 116.95
CA UNK G 2785 -28.56 -82.26 118.28
C UNK G 2785 -27.25 -82.30 119.05
N UNK G 2786 -26.15 -82.52 118.33
CA UNK G 2786 -24.83 -82.47 118.92
C UNK G 2786 -24.46 -81.03 119.22
N UNK G 2787 -25.00 -80.11 118.42
CA UNK G 2787 -24.76 -78.69 118.62
C UNK G 2787 -25.76 -78.12 119.63
N UNK G 2788 -26.82 -78.88 119.90
CA UNK G 2788 -27.84 -78.46 120.86
C UNK G 2788 -27.28 -78.48 122.28
N UNK G 2789 -26.34 -79.40 122.52
CA UNK G 2789 -25.63 -79.46 123.79
C UNK G 2789 -24.68 -78.28 123.91
N UNK G 2790 -24.12 -77.88 122.78
CA UNK G 2790 -23.27 -76.69 122.72
C UNK G 2790 -24.14 -75.46 122.84
N UNK G 2791 -25.38 -75.56 122.36
CA UNK G 2791 -26.36 -74.50 122.53
C UNK G 2791 -26.83 -74.47 123.97
N UNK G 2792 -26.87 -75.63 124.61
CA UNK G 2792 -27.24 -75.73 126.02
C UNK G 2792 -26.12 -75.19 126.90
N UNK G 2793 -24.87 -75.41 126.47
CA UNK G 2793 -23.71 -74.92 127.20
C UNK G 2793 -23.58 -73.42 127.04
N UNK G 2794 -24.03 -72.90 125.90
CA UNK G 2794 -23.99 -71.47 125.63
C UNK G 2794 -25.15 -70.76 126.33
N UNK G 2795 -26.26 -71.48 126.49
CA UNK G 2795 -27.42 -70.95 127.21
C UNK G 2795 -27.11 -70.87 128.70
N UNK G 2796 -26.26 -71.77 129.16
CA UNK G 2796 -25.81 -71.77 130.54
C UNK G 2796 -24.81 -70.64 130.77
N UNK G 2797 -23.96 -70.42 129.78
CA UNK G 2797 -22.94 -69.37 129.87
C UNK G 2797 -23.56 -67.99 129.70
N UNK G 2798 -18.46 -74.42 120.49
CA UNK G 2798 -17.41 -73.41 120.61
C UNK G 2798 -17.15 -72.76 119.26
N UNK G 2799 -16.24 -73.33 118.49
CA UNK G 2799 -15.89 -72.83 117.17
C UNK G 2799 -16.75 -73.47 116.10
N UNK G 2800 -17.45 -74.54 116.48
CA UNK G 2800 -18.33 -75.25 115.57
C UNK G 2800 -19.77 -74.76 115.71
N UNK G 2801 -19.94 -73.67 116.44
CA UNK G 2801 -21.26 -73.07 116.61
C UNK G 2801 -21.56 -72.14 115.43
N UNK G 2802 -20.50 -71.63 114.81
CA UNK G 2802 -20.62 -70.82 113.61
C UNK G 2802 -20.69 -71.71 112.38
N UNK G 2803 -20.31 -72.97 112.57
CA UNK G 2803 -20.36 -73.98 111.52
C UNK G 2803 -21.81 -74.29 111.16
N UNK G 2804 -22.66 -74.34 112.18
CA UNK G 2804 -24.08 -74.60 111.99
C UNK G 2804 -24.78 -73.36 111.46
N UNK G 2805 -24.18 -72.19 111.71
CA UNK G 2805 -24.74 -70.92 111.24
C UNK G 2805 -24.62 -70.80 109.73
N UNK G 2806 -23.62 -71.45 109.17
CA UNK G 2806 -23.42 -71.46 107.72
C UNK G 2806 -24.44 -72.39 107.05
N UNK G 2807 -24.68 -73.53 107.68
CA UNK G 2807 -25.60 -74.53 107.13
C UNK G 2807 -27.06 -74.13 107.32
N UNK G 2808 -27.31 -73.30 108.33
CA UNK G 2808 -28.68 -72.85 108.63
C UNK G 2808 -29.18 -71.89 107.54
N UNK G 2809 -28.27 -71.08 107.02
CA UNK G 2809 -28.61 -70.15 105.95
C UNK G 2809 -28.76 -70.92 104.63
N UNK G 2810 -27.98 -71.99 104.49
CA UNK G 2810 -28.04 -72.83 103.30
C UNK G 2810 -29.26 -73.74 103.31
N UNK G 2811 -29.80 -73.97 104.51
CA UNK G 2811 -30.97 -74.82 104.67
C UNK G 2811 -32.24 -74.16 104.12
N UNK G 2812 -32.28 -72.83 104.21
CA UNK G 2812 -33.39 -72.06 103.67
C UNK G 2812 -33.36 -72.05 102.15
N UNK G 2813 -32.16 -72.21 101.60
CA UNK G 2813 -31.97 -72.28 100.16
C UNK G 2813 -32.26 -73.68 99.63
N UNK G 2814 -31.79 -74.68 100.36
CA UNK G 2814 -31.92 -76.07 99.94
C UNK G 2814 -33.34 -76.58 100.01
N UNK G 2815 -34.09 -76.09 100.99
CA UNK G 2815 -35.50 -76.49 101.16
C UNK G 2815 -36.37 -75.82 100.11
N UNK G 2816 -36.06 -74.57 99.79
CA UNK G 2816 -36.83 -73.80 98.84
C UNK G 2816 -36.60 -74.26 97.41
N UNK G 2817 -35.35 -74.63 97.10
CA UNK G 2817 -35.00 -75.09 95.76
C UNK G 2817 -35.56 -76.48 95.52
N UNK G 2818 -35.70 -77.26 96.59
CA UNK G 2818 -36.34 -78.55 96.52
C UNK G 2818 -37.86 -78.35 96.50
N UNK G 2819 -38.49 -78.56 97.65
CA UNK G 2819 -39.93 -78.37 97.88
C UNK G 2819 -40.83 -79.16 96.93
N UNK G 2820 -40.34 -80.30 96.48
CA UNK G 2820 -41.09 -81.22 95.63
C UNK G 2820 -40.50 -82.60 95.87
N UNK G 2821 -39.38 -82.58 96.59
CA UNK G 2821 -38.64 -83.78 96.98
C UNK G 2821 -39.45 -84.64 97.92
N UNK G 2822 -40.12 -84.00 98.87
CA UNK G 2822 -40.93 -84.70 99.86
C UNK G 2822 -42.21 -85.22 99.22
N UNK G 2823 -42.65 -84.56 98.16
CA UNK G 2823 -43.86 -84.97 97.44
C UNK G 2823 -43.60 -86.24 96.62
N UNK G 2824 -42.46 -86.29 95.95
CA UNK G 2824 -42.09 -87.43 95.13
C UNK G 2824 -41.72 -88.63 95.99
N UNK G 2825 -41.04 -88.35 97.10
CA UNK G 2825 -40.63 -89.40 98.03
C UNK G 2825 -41.05 -89.03 99.45
N UNK G 2826 -42.03 -89.75 99.99
CA UNK G 2826 -42.57 -89.44 101.31
C UNK G 2826 -41.73 -90.03 102.44
N UNK G 2827 -40.53 -89.49 102.62
CA UNK G 2827 -39.68 -89.87 103.75
C UNK G 2827 -40.04 -89.03 104.96
N UNK G 2828 -40.24 -89.68 106.10
CA UNK G 2828 -40.68 -88.99 107.30
C UNK G 2828 -39.50 -88.52 108.15
N UNK G 2829 -38.28 -88.80 107.69
CA UNK G 2829 -37.07 -88.39 108.40
C UNK G 2829 -36.90 -86.88 108.33
N UNK G 2830 -37.36 -86.30 107.23
CA UNK G 2830 -37.37 -84.85 107.07
C UNK G 2830 -38.57 -84.27 107.82
N UNK G 2831 -39.63 -85.07 107.94
CA UNK G 2831 -40.82 -84.66 108.66
C UNK G 2831 -40.54 -84.67 110.16
N UNK G 2832 -39.64 -85.53 110.58
CA UNK G 2832 -39.21 -85.59 111.97
C UNK G 2832 -38.16 -84.51 112.24
N UNK G 2833 -37.55 -84.02 111.18
CA UNK G 2833 -36.54 -82.97 111.28
C UNK G 2833 -37.18 -81.61 111.53
N UNK G 2834 -38.48 -81.51 111.24
CA UNK G 2834 -39.23 -80.28 111.46
C UNK G 2834 -39.37 -79.97 112.94
N UNK G 2835 -39.60 -81.01 113.73
CA UNK G 2835 -39.72 -80.86 115.17
C UNK G 2835 -38.34 -80.88 115.83
N UNK G 2836 -37.39 -81.51 115.15
CA UNK G 2836 -36.02 -81.62 115.64
C UNK G 2836 -35.32 -80.26 115.62
N UNK G 2837 -35.67 -79.45 114.63
CA UNK G 2837 -35.15 -78.10 114.52
C UNK G 2837 -35.94 -77.17 115.43
N UNK G 2838 -37.21 -77.50 115.64
CA UNK G 2838 -38.09 -76.70 116.49
C UNK G 2838 -37.69 -76.83 117.95
N UNK G 2839 -37.17 -77.99 118.32
CA UNK G 2839 -36.69 -78.24 119.67
C UNK G 2839 -35.41 -77.46 119.94
N UNK G 2840 -34.58 -77.34 118.91
CA UNK G 2840 -33.36 -76.56 119.00
C UNK G 2840 -33.71 -75.07 119.02
N UNK G 2841 -34.81 -74.72 118.38
CA UNK G 2841 -35.32 -73.36 118.38
C UNK G 2841 -36.12 -73.07 119.65
N UNK G 2842 -36.54 -74.13 120.33
CA UNK G 2842 -37.25 -74.01 121.59
C UNK G 2842 -36.31 -73.56 122.69
N UNK G 2843 -35.03 -73.86 122.53
CA UNK G 2843 -33.99 -73.37 123.44
C UNK G 2843 -33.78 -71.88 123.22
N UNK G 2844 -34.05 -71.42 122.01
CA UNK G 2844 -33.94 -70.01 121.68
C UNK G 2844 -35.31 -69.35 121.63
N UNK G 2845 -36.34 -70.07 122.06
CA UNK G 2845 -37.69 -69.53 122.09
C UNK G 2845 -37.81 -68.52 123.23
N UNK G 2846 -37.08 -68.75 124.31
CA UNK G 2846 -37.06 -67.83 125.44
C UNK G 2846 -35.72 -67.12 125.52
N UNK G 2847 -34.84 -67.42 124.56
CA UNK G 2847 -33.51 -66.84 124.54
C UNK G 2847 -33.30 -65.95 123.32
N UNK G 2848 -33.02 -66.60 122.18
CA UNK G 2848 -32.73 -65.94 120.89
C UNK G 2848 -31.58 -64.93 121.00
N UNK G 2849 -30.42 -65.40 121.42
CA UNK G 2849 -29.25 -64.54 121.59
C UNK G 2849 -28.38 -64.52 120.35
N UNK G 2850 -28.72 -65.35 119.36
CA UNK G 2850 -27.96 -65.40 118.12
C UNK G 2850 -28.60 -64.51 117.06
N UNK G 2851 -28.65 -65.00 115.83
CA UNK G 2851 -29.25 -64.25 114.73
C UNK G 2851 -30.75 -64.48 114.68
N UNK G 2852 -31.50 -63.47 114.25
CA UNK G 2852 -32.95 -63.58 114.11
C UNK G 2852 -33.31 -64.03 112.70
N UNK G 2853 -32.29 -64.24 111.87
CA UNK G 2853 -32.48 -64.65 110.49
C UNK G 2853 -32.82 -66.13 110.38
N UNK G 2854 -32.45 -66.90 111.39
CA UNK G 2854 -32.72 -68.33 111.41
C UNK G 2854 -34.20 -68.59 111.70
N UNK G 2855 -34.87 -67.60 112.30
CA UNK G 2855 -36.29 -67.69 112.61
C UNK G 2855 -37.14 -67.65 111.33
N UNK G 2856 -36.60 -67.02 110.30
CA UNK G 2856 -37.28 -66.95 109.01
C UNK G 2856 -37.07 -68.24 108.23
N UNK G 2857 -36.08 -69.03 108.65
CA UNK G 2857 -35.78 -70.31 108.01
C UNK G 2857 -36.70 -71.40 108.56
N UNK G 2858 -37.45 -71.08 109.61
CA UNK G 2858 -38.40 -72.01 110.20
C UNK G 2858 -39.59 -72.21 109.29
N UNK G 2859 -40.11 -71.12 108.74
CA UNK G 2859 -41.26 -71.17 107.85
C UNK G 2859 -40.87 -71.67 106.46
N UNK G 2860 -39.59 -71.52 106.12
CA UNK G 2860 -39.05 -71.94 104.83
C UNK G 2860 -39.04 -73.46 104.73
N UNK G 2861 -38.77 -74.11 105.85
CA UNK G 2861 -38.77 -75.57 105.91
C UNK G 2861 -40.16 -76.10 106.21
N UNK G 2862 -41.04 -75.20 106.68
CA UNK G 2862 -42.40 -75.57 107.02
C UNK G 2862 -43.27 -75.68 105.77
N UNK G 2863 -42.82 -75.07 104.68
CA UNK G 2863 -43.56 -75.07 103.43
C UNK G 2863 -43.48 -76.42 102.72
N UNK G 2864 -42.41 -77.17 102.99
CA UNK G 2864 -42.19 -78.45 102.34
C UNK G 2864 -43.13 -79.53 102.86
N UNK G 2865 -43.36 -79.54 104.17
CA UNK G 2865 -44.21 -80.54 104.79
C UNK G 2865 -45.69 -80.25 104.53
N UNK G 2866 -46.05 -78.98 104.55
CA UNK G 2866 -47.44 -78.57 104.33
C UNK G 2866 -47.50 -77.18 103.73
N UNK G 2867 -51.73 -89.81 109.77
CA UNK G 2867 -51.44 -90.88 108.81
C UNK G 2867 -50.26 -91.71 109.27
N UNK G 2868 -49.59 -92.36 108.31
CA UNK G 2868 -48.41 -93.17 108.60
C UNK G 2868 -47.23 -92.27 108.94
N UNK G 2869 -47.10 -91.18 108.20
CA UNK G 2869 -46.05 -90.19 108.44
C UNK G 2869 -46.42 -89.36 109.67
N UNK G 2870 -47.72 -89.12 109.84
CA UNK G 2870 -48.22 -88.37 110.99
C UNK G 2870 -48.68 -89.32 112.09
N UNK G 2871 -47.81 -90.24 112.46
CA UNK G 2871 -48.12 -91.23 113.48
C UNK G 2871 -47.69 -90.76 114.86
N UNK G 2872 -46.50 -91.18 115.28
CA UNK G 2872 -46.01 -90.87 116.61
C UNK G 2872 -44.98 -89.74 116.57
N UNK G 2873 -45.41 -88.54 116.96
CA UNK G 2873 -44.53 -87.39 117.02
C UNK G 2873 -45.02 -86.42 118.07
N UNK G 2874 -46.31 -86.09 117.99
CA UNK G 2874 -47.01 -85.14 118.87
C UNK G 2874 -46.32 -83.78 118.93
N UNK G 2875 -45.90 -83.29 117.76
CA UNK G 2875 -45.21 -82.00 117.67
C UNK G 2875 -46.18 -80.85 117.93
N UNK G 2876 -47.43 -81.04 117.49
CA UNK G 2876 -48.48 -80.05 117.73
C UNK G 2876 -48.85 -80.04 119.20
N UNK G 2877 -48.79 -81.21 119.82
CA UNK G 2877 -49.00 -81.34 121.25
C UNK G 2877 -47.82 -80.74 122.01
N UNK G 2878 -46.64 -80.83 121.40
CA UNK G 2878 -45.43 -80.26 121.98
C UNK G 2878 -45.46 -78.74 121.86
N UNK G 2879 -46.11 -78.25 120.81
CA UNK G 2879 -46.23 -76.81 120.59
C UNK G 2879 -47.50 -76.27 121.24
N UNK G 2880 -48.32 -77.18 121.77
CA UNK G 2880 -49.53 -76.79 122.48
C UNK G 2880 -49.20 -76.18 123.83
N UNK G 2881 -48.03 -76.53 124.36
CA UNK G 2881 -47.53 -75.98 125.60
C UNK G 2881 -47.19 -74.50 125.42
N UNK G 2882 -46.59 -74.19 124.28
CA UNK G 2882 -46.27 -72.81 123.93
C UNK G 2882 -47.55 -72.07 123.55
N UNK G 2883 -48.53 -72.81 123.01
CA UNK G 2883 -49.83 -72.25 122.69
C UNK G 2883 -50.60 -71.93 123.96
N UNK G 2884 -50.35 -72.73 125.00
CA UNK G 2884 -50.94 -72.48 126.31
C UNK G 2884 -50.13 -71.42 127.05
N UNK G 2885 -48.89 -71.21 126.59
CA UNK G 2885 -48.03 -70.17 127.16
C UNK G 2885 -48.38 -68.80 126.58
N UNK G 2886 -49.19 -68.80 125.53
CA UNK G 2886 -49.73 -67.57 124.97
C UNK G 2886 -50.74 -66.98 125.94
N UNK G 2887 -51.49 -67.85 126.59
CA UNK G 2887 -52.44 -67.44 127.63
C UNK G 2887 -51.66 -66.97 128.86
N UNK G 2888 -50.49 -67.58 129.07
CA UNK G 2888 -49.59 -67.15 130.13
C UNK G 2888 -48.96 -65.81 129.76
N UNK G 2889 -48.72 -65.61 128.48
CA UNK G 2889 -48.21 -64.34 127.98
C UNK G 2889 -49.31 -63.28 128.01
N UNK G 2890 -50.55 -63.73 127.81
CA UNK G 2890 -51.70 -62.84 127.90
C UNK G 2890 -51.98 -62.50 129.36
N UNK G 2891 -51.58 -63.39 130.26
CA UNK G 2891 -51.73 -63.17 131.70
C UNK G 2891 -50.76 -62.09 132.17
N UNK G 2892 -49.59 -62.04 131.54
CA UNK G 2892 -48.61 -60.98 131.83
C UNK G 2892 -49.05 -59.70 131.16
N UNK G 2893 -49.76 -59.84 130.03
CA UNK G 2893 -50.26 -58.69 129.28
C UNK G 2893 -51.50 -58.09 129.94
N UNK G 2894 -52.25 -58.94 130.64
CA UNK G 2894 -53.42 -58.48 131.38
C UNK G 2894 -52.99 -57.72 132.63
N UNK G 2895 -51.82 -58.06 133.15
CA UNK G 2895 -51.27 -57.40 134.33
C UNK G 2895 -50.51 -56.14 133.92
N UNK G 2896 -50.26 -56.00 132.63
CA UNK G 2896 -49.56 -54.82 132.11
C UNK G 2896 -50.50 -53.62 132.05
N UNK G 2897 -40.52 -65.90 127.39
CA UNK G 2897 -41.90 -66.01 126.92
C UNK G 2897 -42.33 -64.72 126.24
N UNK G 2898 -41.39 -64.09 125.54
CA UNK G 2898 -41.68 -62.88 124.79
C UNK G 2898 -41.00 -62.96 123.43
N UNK G 2899 -39.94 -63.75 123.37
CA UNK G 2899 -39.22 -63.98 122.11
C UNK G 2899 -39.95 -65.04 121.29
N UNK G 2900 -40.75 -65.86 121.96
CA UNK G 2900 -41.58 -66.85 121.27
C UNK G 2900 -43.01 -66.34 121.16
N UNK G 2901 -43.18 -65.03 121.34
CA UNK G 2901 -44.50 -64.41 121.23
C UNK G 2901 -44.66 -63.79 119.84
N UNK G 2902 -43.57 -63.76 119.09
CA UNK G 2902 -43.57 -63.16 117.76
C UNK G 2902 -43.38 -64.20 116.67
N UNK G 2903 -42.27 -64.92 116.74
CA UNK G 2903 -41.89 -65.88 115.71
C UNK G 2903 -42.80 -67.10 115.67
N UNK G 2904 -43.21 -67.56 116.85
CA UNK G 2904 -44.09 -68.71 116.96
C UNK G 2904 -45.51 -68.32 116.57
N UNK G 2905 -45.88 -67.07 116.82
CA UNK G 2905 -47.20 -66.57 116.48
C UNK G 2905 -47.34 -66.37 114.97
N UNK G 2906 -46.20 -66.11 114.33
CA UNK G 2906 -46.17 -65.93 112.88
C UNK G 2906 -46.16 -67.26 112.15
N UNK G 2907 -45.45 -68.24 112.72
CA UNK G 2907 -45.35 -69.56 112.12
C UNK G 2907 -46.62 -70.36 112.32
N UNK G 2908 -47.43 -69.96 113.29
CA UNK G 2908 -48.72 -70.59 113.53
C UNK G 2908 -49.70 -70.21 112.42
N UNK G 2909 -49.66 -68.96 112.01
CA UNK G 2909 -50.49 -68.46 110.93
C UNK G 2909 -50.06 -69.06 109.59
N UNK G 2910 -48.77 -69.33 109.47
CA UNK G 2910 -48.22 -69.95 108.28
C UNK G 2910 -48.59 -71.42 108.21
N UNK G 2911 -48.68 -72.06 109.38
CA UNK G 2911 -49.02 -73.47 109.45
C UNK G 2911 -50.52 -73.68 109.34
N UNK G 2912 -51.29 -72.67 109.76
CA UNK G 2912 -52.74 -72.74 109.66
C UNK G 2912 -53.18 -72.49 108.22
N UNK G 2913 -52.34 -71.79 107.47
CA UNK G 2913 -52.58 -71.56 106.06
C UNK G 2913 -51.92 -72.65 105.23
N UNK G 2914 -51.18 -73.53 105.90
CA UNK G 2914 -50.51 -74.64 105.25
C UNK G 2914 -51.46 -75.84 105.13
N UNK G 2915 -52.63 -75.72 105.73
CA UNK G 2915 -53.64 -76.76 105.68
C UNK G 2915 -54.64 -76.51 104.54
N UNK G 2916 -54.13 -76.00 103.42
CA UNK G 2916 -54.97 -75.72 102.26
C UNK G 2916 -54.94 -76.90 101.29
N UNK G 2917 -54.25 -77.96 101.69
CA UNK G 2917 -54.16 -79.17 100.88
C UNK G 2917 -54.11 -80.38 101.79
N UNK G 2918 -53.31 -80.28 102.85
CA UNK G 2918 -53.19 -81.35 103.83
C UNK G 2918 -54.14 -81.11 105.00
N UNK G 2919 -54.39 -82.17 105.76
CA UNK G 2919 -55.24 -82.11 106.93
C UNK G 2919 -54.86 -83.23 107.90
N UNK G 2920 -55.60 -83.33 109.00
CA UNK G 2920 -55.33 -84.38 109.98
C UNK G 2920 -56.63 -84.84 110.62
N UNK G 2921 -56.52 -85.56 111.73
CA UNK G 2921 -57.69 -86.06 112.45
C UNK G 2921 -57.88 -85.27 113.74
N UNK G 2922 -56.94 -84.38 114.02
CA UNK G 2922 -56.86 -83.58 115.25
C UNK G 2922 -56.92 -84.45 116.50
N UNK G 2923 -56.12 -85.51 116.50
CA UNK G 2923 -56.04 -86.44 117.62
C UNK G 2923 -55.38 -85.75 118.80
N UNK G 2924 -56.20 -85.44 119.81
CA UNK G 2924 -55.82 -84.71 121.03
C UNK G 2924 -55.15 -83.36 120.73
N UNK G 2925 -55.63 -82.71 119.67
CA UNK G 2925 -55.09 -81.42 119.25
C UNK G 2925 -56.22 -80.45 118.99
N UNK G 2926 -57.43 -80.99 118.82
CA UNK G 2926 -58.62 -80.17 118.61
C UNK G 2926 -58.99 -79.45 119.90
N UNK G 2927 -58.74 -80.11 121.03
CA UNK G 2927 -58.97 -79.53 122.34
C UNK G 2927 -57.83 -78.60 122.71
N UNK G 2928 -56.63 -78.93 122.26
CA UNK G 2928 -55.44 -78.13 122.52
C UNK G 2928 -55.52 -76.81 121.76
N UNK G 2929 -56.11 -76.86 120.58
CA UNK G 2929 -56.33 -75.67 119.78
C UNK G 2929 -57.45 -74.84 120.37
N UNK G 2930 -58.49 -75.53 120.87
CA UNK G 2930 -59.66 -74.88 121.43
C UNK G 2930 -59.34 -74.12 122.71
N UNK G 2931 -58.36 -74.62 123.45
CA UNK G 2931 -57.89 -73.94 124.65
C UNK G 2931 -57.19 -72.64 124.28
N UNK G 2932 -56.42 -72.70 123.20
CA UNK G 2932 -55.75 -71.51 122.67
C UNK G 2932 -56.77 -70.61 121.98
N UNK G 2933 -57.80 -71.21 121.41
CA UNK G 2933 -58.86 -70.47 120.74
C UNK G 2933 -59.73 -69.72 121.75
N UNK G 2934 -59.95 -70.34 122.90
CA UNK G 2934 -60.70 -69.71 123.97
C UNK G 2934 -59.85 -68.65 124.65
N UNK G 2935 -58.54 -68.86 124.64
CA UNK G 2935 -57.61 -67.89 125.21
C UNK G 2935 -57.51 -66.67 124.30
N UNK G 2936 -57.66 -66.91 123.00
CA UNK G 2936 -57.60 -65.83 122.01
C UNK G 2936 -58.92 -65.08 121.93
N UNK G 2937 -60.02 -65.79 122.13
CA UNK G 2937 -61.35 -65.19 122.08
C UNK G 2937 -61.59 -64.33 123.32
N UNK G 2938 -60.93 -64.68 124.42
CA UNK G 2938 -61.08 -63.93 125.66
C UNK G 2938 -60.17 -62.70 125.68
N UNK G 2939 -59.08 -62.76 124.93
CA UNK G 2939 -58.13 -61.65 124.88
C UNK G 2939 -58.45 -60.70 123.74
N UNK G 2940 -59.61 -60.88 123.11
CA UNK G 2940 -60.04 -60.02 122.01
C UNK G 2940 -60.45 -58.65 122.54
N UNK G 2941 -60.93 -58.62 123.77
CA UNK G 2941 -61.37 -57.37 124.39
C UNK G 2941 -60.52 -57.05 125.62
N UNK G 2942 -59.32 -57.62 125.68
CA UNK G 2942 -58.40 -57.35 126.77
C UNK G 2942 -57.79 -55.95 126.63
N UNK G 2943 -58.09 -55.08 127.57
CA UNK G 2943 -57.61 -53.70 127.53
C UNK G 2943 -56.14 -53.62 127.92
N UNK G 2944 -55.53 -52.47 127.62
CA UNK G 2944 -54.13 -52.15 127.90
C UNK G 2944 -53.14 -53.16 127.32
N UNK G 2945 -53.49 -53.70 126.15
CA UNK G 2945 -52.63 -54.66 125.48
C UNK G 2945 -52.61 -54.37 123.99
N UNK G 2946 -52.14 -53.18 123.64
CA UNK G 2946 -52.05 -52.76 122.24
C UNK G 2946 -50.76 -53.26 121.61
N UNK G 2947 -50.07 -52.37 120.89
CA UNK G 2947 -48.82 -52.65 120.16
C UNK G 2947 -48.97 -53.82 119.18
N UNK G 2948 -49.66 -53.57 118.08
CA UNK G 2948 -49.93 -54.53 117.00
C UNK G 2948 -50.63 -55.80 117.47
N UNK G 2949 -51.96 -55.77 117.44
CA UNK G 2949 -52.76 -56.93 117.81
C UNK G 2949 -53.12 -57.75 116.56
N UNK G 2950 -52.10 -58.07 115.76
CA UNK G 2950 -52.31 -58.76 114.49
C UNK G 2950 -52.13 -60.26 114.62
N UNK G 2951 -52.53 -60.81 115.76
CA UNK G 2951 -52.49 -62.25 115.97
C UNK G 2951 -53.83 -62.87 115.63
N UNK G 2952 -54.75 -62.04 115.14
CA UNK G 2952 -56.07 -62.49 114.75
C UNK G 2952 -56.02 -63.31 113.47
N UNK G 2953 -54.99 -63.08 112.66
CA UNK G 2953 -54.81 -63.80 111.40
C UNK G 2953 -54.33 -65.23 111.65
N UNK G 2954 -53.78 -65.47 112.83
CA UNK G 2954 -53.34 -66.81 113.21
C UNK G 2954 -54.55 -67.69 113.49
N UNK G 2955 -55.65 -67.07 113.92
CA UNK G 2955 -56.88 -67.78 114.21
C UNK G 2955 -57.82 -67.77 113.00
N UNK G 2956 -57.67 -66.75 112.16
CA UNK G 2956 -58.48 -66.62 110.96
C UNK G 2956 -58.08 -67.68 109.94
N UNK G 2957 -56.78 -67.97 109.89
CA UNK G 2957 -56.27 -69.00 109.00
C UNK G 2957 -56.53 -70.37 109.61
N UNK G 2958 -56.71 -70.41 110.92
CA UNK G 2958 -57.03 -71.64 111.63
C UNK G 2958 -58.53 -71.79 111.81
N UNK G 2959 -59.29 -70.85 111.24
CA UNK G 2959 -60.74 -70.91 111.26
C UNK G 2959 -61.23 -71.86 110.16
N UNK G 2960 -60.35 -72.15 109.21
CA UNK G 2960 -60.65 -73.09 108.14
C UNK G 2960 -60.08 -74.46 108.44
N UNK G 2961 -60.28 -74.93 109.68
CA UNK G 2961 -59.77 -76.23 110.09
C UNK G 2961 -60.83 -77.32 109.85
N UNK G 2962 -61.11 -78.11 110.88
CA UNK G 2962 -62.10 -79.16 110.79
C UNK G 2962 -63.51 -78.59 110.96
N UNK G 2963 -63.96 -78.50 112.21
CA UNK G 2963 -65.28 -77.94 112.51
C UNK G 2963 -65.30 -77.37 113.92
N UNK G 2964 -66.54 -72.06 126.18
CA UNK G 2964 -66.72 -73.46 125.85
C UNK G 2964 -68.21 -73.85 125.92
N UNK G 2965 -68.81 -74.01 124.76
CA UNK G 2965 -70.22 -74.39 124.67
C UNK G 2965 -70.40 -75.87 124.99
N UNK G 2966 -70.30 -76.69 123.95
CA UNK G 2966 -70.49 -78.14 124.10
C UNK G 2966 -69.15 -78.85 124.21
N UNK G 2967 -68.17 -78.19 124.81
CA UNK G 2967 -66.84 -78.76 124.96
C UNK G 2967 -66.69 -79.47 126.30
N UNK G 2968 -67.74 -79.44 127.11
CA UNK G 2968 -67.73 -80.07 128.42
C UNK G 2968 -68.20 -81.52 128.33
N UNK G 2969 -68.89 -81.85 127.24
CA UNK G 2969 -69.39 -83.20 127.03
C UNK G 2969 -68.46 -83.98 126.10
N UNK G 2970 -67.20 -83.56 126.06
CA UNK G 2970 -66.21 -84.20 125.20
C UNK G 2970 -64.84 -84.17 125.88
N UNK G 2971 -64.80 -83.66 127.11
CA UNK G 2971 -63.56 -83.54 127.86
C UNK G 2971 -63.04 -84.90 128.32
N UNK G 2972 -63.52 -85.33 129.48
CA UNK G 2972 -63.11 -86.62 130.04
C UNK G 2972 -63.98 -87.74 129.51
N UNK G 2973 -65.05 -87.37 128.81
CA UNK G 2973 -65.97 -88.35 128.22
C UNK G 2973 -65.29 -89.06 127.06
N UNK G 2974 -64.62 -88.29 126.20
CA UNK G 2974 -63.89 -88.85 125.07
C UNK G 2974 -62.56 -89.43 125.54
N UNK G 2975 -62.09 -89.00 126.71
CA UNK G 2975 -60.84 -89.50 127.27
C UNK G 2975 -61.04 -90.89 127.86
N UNK G 2976 -62.24 -91.16 128.35
CA UNK G 2976 -62.54 -92.45 128.97
C UNK G 2976 -63.09 -93.42 127.93
N UNK G 2977 -64.23 -93.07 127.34
CA UNK G 2977 -64.87 -93.91 126.33
C UNK G 2977 -64.26 -93.65 124.96
N UNK G 2978 -64.88 -89.46 117.43
CA UNK G 2978 -64.78 -88.18 118.13
C UNK G 2978 -66.11 -87.81 118.77
N UNK G 2979 -66.04 -87.23 119.97
CA UNK G 2979 -67.23 -86.81 120.69
C UNK G 2979 -67.72 -85.46 120.16
N UNK G 2980 -68.32 -85.49 118.96
CA UNK G 2980 -68.85 -84.30 118.33
C UNK G 2980 -70.02 -84.67 117.43
N UNK G 2981 -70.98 -83.77 117.29
CA UNK G 2981 -72.18 -84.06 116.51
C UNK G 2981 -72.47 -82.93 115.51
N UNK G 2982 -73.75 -82.57 115.40
CA UNK G 2982 -74.19 -81.54 114.47
C UNK G 2982 -74.31 -80.19 115.16
N UNK G 2983 -73.77 -80.09 116.36
CA UNK G 2983 -73.81 -78.85 117.12
C UNK G 2983 -72.50 -78.65 117.89
N UNK G 2984 -71.38 -78.76 117.18
CA UNK G 2984 -70.07 -78.59 117.78
C UNK G 2984 -69.66 -77.12 117.78
N UNK G 2985 -69.15 -76.67 116.63
CA UNK G 2985 -68.79 -75.27 116.46
C UNK G 2985 -69.93 -74.54 115.77
N UNK G 2986 -70.94 -75.31 115.36
CA UNK G 2986 -72.11 -74.75 114.70
C UNK G 2986 -73.12 -74.25 115.73
N UNK G 2987 -72.95 -74.69 116.97
CA UNK G 2987 -73.82 -74.25 118.06
C UNK G 2987 -73.49 -72.82 118.47
N UNK G 2988 -72.22 -72.47 118.34
CA UNK G 2988 -71.76 -71.11 118.69
C UNK G 2988 -71.72 -70.22 117.45
N UNK G 2989 -72.14 -70.77 116.32
CA UNK G 2989 -72.17 -70.02 115.07
C UNK G 2989 -73.33 -69.04 115.04
N UNK G 2990 -74.46 -69.47 115.61
CA UNK G 2990 -75.65 -68.64 115.68
C UNK G 2990 -75.48 -67.53 116.72
N UNK G 2991 -74.65 -67.80 117.73
CA UNK G 2991 -74.33 -66.81 118.75
C UNK G 2991 -73.41 -65.75 118.16
N UNK G 2992 -72.63 -66.15 117.15
CA UNK G 2992 -71.77 -65.20 116.44
C UNK G 2992 -72.58 -64.40 115.44
N UNK G 2993 -73.70 -64.97 114.99
CA UNK G 2993 -74.59 -64.29 114.05
C UNK G 2993 -75.31 -63.15 114.74
N UNK G 2994 -75.67 -63.37 116.00
CA UNK G 2994 -76.30 -62.32 116.81
C UNK G 2994 -75.27 -61.27 117.20
N UNK G 2995 -74.02 -61.71 117.33
CA UNK G 2995 -72.93 -60.80 117.67
C UNK G 2995 -72.57 -59.92 116.48
N UNK G 2996 -72.78 -60.44 115.28
CA UNK G 2996 -72.52 -59.69 114.07
C UNK G 2996 -73.69 -58.77 113.75
N UNK G 2997 -74.85 -59.09 114.33
CA UNK G 2997 -76.06 -58.31 114.11
C UNK G 2997 -76.04 -57.00 114.90
N UNK G 2998 -75.17 -56.93 115.90
CA UNK G 2998 -75.04 -55.74 116.72
C UNK G 2998 -74.39 -54.60 115.95
N UNK G 2999 -73.25 -54.88 115.32
CA UNK G 2999 -72.51 -53.87 114.58
C UNK G 2999 -73.06 -53.67 113.17
N UNK G 3000 -74.03 -54.51 112.79
CA UNK G 3000 -74.66 -54.42 111.48
C UNK G 3000 -75.53 -53.18 111.36
N UNK G 3001 -76.09 -52.74 112.48
CA UNK G 3001 -76.92 -51.55 112.50
C UNK G 3001 -76.20 -50.40 113.19
N UNK G 3002 -75.39 -50.73 114.19
CA UNK G 3002 -74.67 -49.72 114.94
C UNK G 3002 -73.42 -49.28 114.20
N UNK G 3003 -73.29 -47.97 114.00
CA UNK G 3003 -72.14 -47.41 113.32
C UNK G 3003 -70.96 -47.25 114.28
N UNK G 3004 -70.28 -48.36 114.54
CA UNK G 3004 -69.10 -48.34 115.40
C UNK G 3004 -67.94 -47.71 114.64
N UNK G 3005 -67.91 -46.39 114.60
CA UNK G 3005 -66.88 -45.65 113.87
C UNK G 3005 -65.55 -45.71 114.60
N UNK G 3006 -65.61 -45.93 115.91
CA UNK G 3006 -64.41 -46.06 116.72
C UNK G 3006 -63.69 -47.37 116.43
N UNK G 3007 -62.37 -47.31 116.36
CA UNK G 3007 -61.56 -48.50 116.12
C UNK G 3007 -61.48 -49.34 117.38
N UNK G 3008 -61.64 -48.68 118.53
CA UNK G 3008 -61.65 -49.37 119.82
C UNK G 3008 -62.93 -50.16 119.98
N UNK G 3009 -64.01 -49.67 119.38
CA UNK G 3009 -65.29 -50.37 119.39
C UNK G 3009 -65.23 -51.54 118.42
N UNK G 3010 -64.37 -51.43 117.41
CA UNK G 3010 -64.18 -52.47 116.42
C UNK G 3010 -62.89 -53.24 116.68
N UNK G 3011 -62.32 -53.05 117.85
CA UNK G 3011 -61.09 -53.75 118.24
C UNK G 3011 -61.38 -55.18 118.63
N UNK G 3012 -62.61 -55.44 119.05
CA UNK G 3012 -63.05 -56.79 119.38
C UNK G 3012 -64.14 -57.22 118.41
N UNK G 3013 -64.40 -56.37 117.42
CA UNK G 3013 -65.44 -56.64 116.43
C UNK G 3013 -64.83 -56.87 115.04
N UNK G 3014 -64.20 -55.84 114.49
CA UNK G 3014 -63.62 -55.93 113.15
C UNK G 3014 -62.37 -56.80 113.15
N UNK G 3015 -61.65 -56.81 114.26
CA UNK G 3015 -60.46 -57.64 114.40
C UNK G 3015 -60.85 -59.10 114.61
N UNK G 3016 -62.05 -59.31 115.10
CA UNK G 3016 -62.56 -60.66 115.33
C UNK G 3016 -63.44 -61.11 114.17
N UNK G 3017 -63.71 -60.21 113.24
CA UNK G 3017 -64.53 -60.51 112.07
C UNK G 3017 -63.73 -61.28 111.03
N UNK G 3018 -62.40 -61.20 111.14
CA UNK G 3018 -61.51 -61.88 110.21
C UNK G 3018 -61.55 -63.40 110.39
N UNK G 3019 -61.72 -63.83 111.63
CA UNK G 3019 -61.85 -65.26 111.91
C UNK G 3019 -63.25 -65.75 111.55
N UNK G 3020 -64.20 -64.82 111.56
CA UNK G 3020 -65.59 -65.14 111.24
C UNK G 3020 -65.85 -65.06 109.74
N UNK G 3021 -64.82 -64.73 108.99
CA UNK G 3021 -64.93 -64.64 107.53
C UNK G 3021 -64.93 -66.04 106.91
N UNK G 3022 -64.47 -67.03 107.66
CA UNK G 3022 -64.42 -68.40 107.19
C UNK G 3022 -65.76 -69.12 107.39
N UNK G 3023 -66.83 -68.56 106.83
CA UNK G 3023 -68.17 -69.12 106.97
C UNK G 3023 -68.34 -70.32 106.06
N UNK G 3024 -67.91 -70.16 104.81
CA UNK G 3024 -68.01 -71.23 103.82
C UNK G 3024 -66.91 -72.26 104.04
N UNK G 3025 -65.86 -71.85 104.74
CA UNK G 3025 -64.78 -72.76 105.11
C UNK G 3025 -65.26 -73.65 106.26
N UNK G 3026 -66.09 -73.08 107.12
CA UNK G 3026 -66.72 -73.83 108.19
C UNK G 3026 -67.83 -74.70 107.60
N UNK G 3027 -68.44 -74.20 106.53
CA UNK G 3027 -69.46 -74.95 105.80
C UNK G 3027 -68.81 -75.96 104.87
N UNK G 3028 -69.64 -76.80 104.25
CA UNK G 3028 -69.16 -77.73 103.24
C UNK G 3028 -69.34 -77.09 101.87
N UNK G 3029 -70.58 -77.06 101.41
CA UNK G 3029 -70.92 -76.38 100.17
C UNK G 3029 -71.33 -74.95 100.47
N UNK G 3030 -72.40 -74.50 99.82
CA UNK G 3030 -72.92 -73.16 100.03
C UNK G 3030 -74.33 -73.24 100.58
N UNK G 3031 -74.54 -74.18 101.50
CA UNK G 3031 -75.84 -74.39 102.12
C UNK G 3031 -76.19 -73.24 103.04
N UNK G 3032 -75.21 -72.80 103.82
CA UNK G 3032 -75.39 -71.68 104.73
C UNK G 3032 -74.68 -70.43 104.19
N UNK G 3033 -74.81 -70.21 102.89
CA UNK G 3033 -74.16 -69.08 102.24
C UNK G 3033 -75.07 -67.87 102.18
N UNK G 3034 -76.32 -68.04 102.62
CA UNK G 3034 -77.27 -66.93 102.67
C UNK G 3034 -76.89 -65.96 103.77
N UNK G 3035 -76.29 -66.49 104.83
CA UNK G 3035 -75.82 -65.66 105.94
C UNK G 3035 -74.52 -64.97 105.56
N UNK G 3036 -73.76 -65.59 104.67
CA UNK G 3036 -72.52 -65.01 104.17
C UNK G 3036 -72.83 -63.96 103.10
N UNK G 3037 -74.01 -64.07 102.50
CA UNK G 3037 -74.44 -63.15 101.47
C UNK G 3037 -74.78 -61.77 102.04
N UNK G 3038 -75.25 -61.75 103.28
CA UNK G 3038 -75.62 -60.51 103.94
C UNK G 3038 -74.44 -59.95 104.73
N UNK G 3039 -73.39 -60.75 104.87
CA UNK G 3039 -72.19 -60.35 105.62
C UNK G 3039 -71.39 -59.31 104.85
N UNK G 3040 -71.51 -59.33 103.52
CA UNK G 3040 -70.79 -58.41 102.66
C UNK G 3040 -71.37 -57.01 102.74
N UNK G 3041 -72.70 -56.92 102.85
CA UNK G 3041 -73.38 -55.63 102.91
C UNK G 3041 -73.10 -54.94 104.23
N UNK G 3042 -72.94 -55.73 105.29
CA UNK G 3042 -72.61 -55.21 106.61
C UNK G 3042 -71.15 -54.76 106.64
N UNK G 3043 -70.32 -55.47 105.90
CA UNK G 3043 -68.90 -55.12 105.80
C UNK G 3043 -68.71 -53.89 104.93
N UNK G 3044 -69.61 -53.72 103.97
CA UNK G 3044 -69.60 -52.55 103.10
C UNK G 3044 -70.04 -51.32 103.86
N UNK G 3045 -70.96 -51.53 104.80
CA UNK G 3045 -71.47 -50.45 105.64
C UNK G 3045 -70.45 -50.03 106.69
N UNK G 3046 -69.52 -50.94 107.00
CA UNK G 3046 -68.45 -50.66 107.96
C UNK G 3046 -67.45 -49.66 107.38
N UNK G 3047 -67.27 -49.73 106.07
CA UNK G 3047 -66.39 -48.77 105.37
C UNK G 3047 -67.20 -47.56 104.94
N UNK G 3048 -68.51 -47.67 105.02
CA UNK G 3048 -69.42 -46.58 104.66
C UNK G 3048 -69.74 -45.72 105.87
N UNK G 3049 -69.02 -45.95 106.97
CA UNK G 3049 -69.16 -45.14 108.17
C UNK G 3049 -68.18 -43.97 108.12
N UNK G 3050 -67.43 -43.89 107.01
CA UNK G 3050 -66.42 -42.86 106.74
C UNK G 3050 -65.35 -42.79 107.82
N UNK G 3051 -64.30 -43.59 107.66
CA UNK G 3051 -63.20 -43.63 108.61
C UNK G 3051 -62.39 -42.34 108.58
N UNK G 3052 -61.69 -42.07 109.68
CA UNK G 3052 -60.89 -40.87 109.78
C UNK G 3052 -59.56 -41.03 109.05
N UNK G 3053 -58.46 -41.02 109.79
CA UNK G 3053 -57.15 -41.22 109.21
C UNK G 3053 -56.87 -42.72 109.08
N UNK G 3054 -55.93 -43.21 109.89
CA UNK G 3054 -55.60 -44.64 109.88
C UNK G 3054 -56.33 -45.37 111.00
N UNK G 3055 -57.59 -45.02 111.20
CA UNK G 3055 -58.41 -45.69 112.21
C UNK G 3055 -58.81 -47.06 111.69
N UNK G 3056 -59.33 -47.09 110.46
CA UNK G 3056 -59.69 -48.34 109.81
C UNK G 3056 -58.85 -48.53 108.56
N UNK G 3057 -58.05 -47.51 108.23
CA UNK G 3057 -57.16 -47.59 107.08
C UNK G 3057 -55.94 -48.43 107.43
N UNK G 3058 -55.57 -48.43 108.71
CA UNK G 3058 -54.51 -49.29 109.19
C UNK G 3058 -55.04 -50.71 109.30
N UNK G 3059 -56.33 -50.82 109.61
CA UNK G 3059 -56.99 -52.11 109.67
C UNK G 3059 -57.66 -52.42 108.33
N UNK G 3060 -56.87 -52.34 107.26
CA UNK G 3060 -57.36 -52.62 105.92
C UNK G 3060 -56.99 -54.04 105.50
N UNK G 3061 -56.75 -54.88 106.50
CA UNK G 3061 -56.44 -56.29 106.27
C UNK G 3061 -57.74 -57.09 106.13
N UNK G 3062 -58.86 -56.43 106.40
CA UNK G 3062 -60.18 -57.03 106.23
C UNK G 3062 -60.56 -57.05 104.75
N UNK G 3063 -59.89 -56.22 103.96
CA UNK G 3063 -60.09 -56.21 102.51
C UNK G 3063 -59.50 -57.47 101.90
N UNK G 3064 -58.45 -58.00 102.54
CA UNK G 3064 -57.85 -59.26 102.14
C UNK G 3064 -58.82 -60.41 102.45
N UNK G 3065 -59.60 -60.24 103.50
CA UNK G 3065 -60.65 -61.19 103.85
C UNK G 3065 -61.89 -60.95 103.01
N UNK G 3066 -61.95 -59.78 102.37
CA UNK G 3066 -63.08 -59.41 101.53
C UNK G 3066 -62.83 -59.76 100.06
N UNK G 3067 -62.04 -60.80 99.82
CA UNK G 3067 -61.76 -61.26 98.46
C UNK G 3067 -62.54 -62.54 98.17
N UNK G 3068 -62.67 -63.39 99.19
CA UNK G 3068 -63.38 -64.66 99.04
C UNK G 3068 -64.84 -64.52 99.43
N UNK G 3069 -65.16 -63.46 100.17
CA UNK G 3069 -66.52 -63.21 100.62
C UNK G 3069 -67.40 -62.71 99.48
N UNK G 3070 -66.78 -62.10 98.48
CA UNK G 3070 -67.50 -61.53 97.34
C UNK G 3070 -67.58 -62.53 96.18
N UNK G 3071 -67.31 -63.80 96.47
CA UNK G 3071 -67.34 -64.83 95.45
C UNK G 3071 -68.76 -65.36 95.26
N UNK G 3072 -69.27 -66.06 96.27
CA UNK G 3072 -70.58 -66.70 96.19
C UNK G 3072 -71.73 -65.76 96.55
N UNK G 3073 -71.42 -64.47 96.72
CA UNK G 3073 -72.44 -63.48 97.02
C UNK G 3073 -73.28 -63.20 95.78
N UNK G 3074 -74.58 -63.44 95.89
CA UNK G 3074 -75.50 -63.14 94.80
C UNK G 3074 -75.63 -61.63 94.63
N UNK G 3075 -74.98 -61.11 93.59
CA UNK G 3075 -74.95 -59.68 93.33
C UNK G 3075 -76.29 -59.16 92.82
N UNK G 3076 -77.13 -60.08 92.34
CA UNK G 3076 -78.51 -59.74 92.01
C UNK G 3076 -79.28 -59.49 93.30
N UNK G 3077 -78.95 -60.26 94.32
CA UNK G 3077 -79.55 -60.08 95.65
C UNK G 3077 -78.81 -58.98 96.40
N UNK G 3078 -77.57 -58.71 95.98
CA UNK G 3078 -76.78 -57.63 96.57
C UNK G 3078 -76.81 -56.40 95.67
N UNK G 3079 -77.83 -56.31 94.82
CA UNK G 3079 -77.97 -55.18 93.90
C UNK G 3079 -78.34 -53.92 94.65
N UNK G 3080 -79.12 -54.08 95.71
CA UNK G 3080 -79.47 -52.96 96.58
C UNK G 3080 -78.24 -52.54 97.37
N UNK G 3081 -77.41 -53.52 97.71
CA UNK G 3081 -76.12 -53.26 98.34
C UNK G 3081 -75.18 -52.65 97.31
N UNK G 3082 -75.35 -53.05 96.04
CA UNK G 3082 -74.61 -52.44 94.94
C UNK G 3082 -75.16 -51.05 94.67
N UNK G 3083 -76.45 -50.87 94.91
CA UNK G 3083 -77.07 -49.55 94.82
C UNK G 3083 -76.62 -48.70 96.01
N UNK G 3084 -76.39 -49.37 97.13
CA UNK G 3084 -75.82 -48.71 98.31
C UNK G 3084 -74.36 -48.40 98.03
N UNK G 3085 -73.70 -49.28 97.29
CA UNK G 3085 -72.31 -49.06 96.88
C UNK G 3085 -72.26 -47.99 95.79
N UNK G 3086 -73.35 -47.87 95.02
CA UNK G 3086 -73.47 -46.82 94.02
C UNK G 3086 -73.65 -45.48 94.72
N UNK G 3087 -74.37 -45.50 95.84
CA UNK G 3087 -74.54 -44.31 96.67
C UNK G 3087 -73.23 -43.98 97.38
N UNK G 3088 -72.48 -45.02 97.71
CA UNK G 3088 -71.15 -44.85 98.29
C UNK G 3088 -70.18 -44.37 97.20
N UNK G 3089 -70.45 -44.77 95.96
CA UNK G 3089 -69.69 -44.27 94.82
C UNK G 3089 -70.08 -42.84 94.51
N UNK G 3090 -71.35 -42.52 94.77
CA UNK G 3090 -71.86 -41.17 94.58
C UNK G 3090 -71.29 -40.24 95.64
N UNK G 3091 -71.09 -40.77 96.83
CA UNK G 3091 -70.50 -40.02 97.92
C UNK G 3091 -69.00 -39.84 97.67
N UNK G 3092 -68.38 -40.85 97.07
CA UNK G 3092 -66.95 -40.81 96.77
C UNK G 3092 -66.65 -39.81 95.67
N UNK G 3093 -67.54 -39.75 94.67
CA UNK G 3093 -67.38 -38.83 93.56
C UNK G 3093 -67.64 -37.40 93.99
N UNK G 3094 -68.53 -37.23 94.97
CA UNK G 3094 -68.85 -35.91 95.49
C UNK G 3094 -67.73 -35.38 96.37
N UNK G 3095 -67.17 -36.26 97.21
CA UNK G 3095 -66.13 -35.87 98.15
C UNK G 3095 -64.81 -35.60 97.43
N UNK G 3096 -64.56 -36.30 96.34
CA UNK G 3096 -63.35 -36.09 95.55
C UNK G 3096 -63.48 -34.82 94.73
N UNK G 3097 -64.72 -34.44 94.42
CA UNK G 3097 -64.99 -33.24 93.64
C UNK G 3097 -64.67 -31.98 94.45
N UNK G 3098 -64.83 -32.09 95.77
CA UNK G 3098 -64.49 -30.99 96.66
C UNK G 3098 -62.98 -30.85 96.75
N UNK G 3099 -62.29 -31.98 96.74
CA UNK G 3099 -60.83 -31.99 96.75
C UNK G 3099 -60.29 -31.56 95.39
N UNK G 3100 -61.07 -31.86 94.34
CA UNK G 3100 -60.73 -31.43 92.99
C UNK G 3100 -60.91 -29.92 92.88
N UNK G 3101 -61.96 -29.40 93.53
CA UNK G 3101 -62.21 -27.97 93.57
C UNK G 3101 -61.19 -27.28 94.46
N UNK G 3102 -60.72 -28.00 95.47
CA UNK G 3102 -59.67 -27.49 96.36
C UNK G 3102 -58.34 -27.41 95.60
N UNK G 3103 -58.17 -28.34 94.67
CA UNK G 3103 -57.01 -28.31 93.78
C UNK G 3103 -57.23 -27.28 92.67
N UNK G 3104 -58.50 -27.01 92.38
CA UNK G 3104 -58.85 -26.02 91.37
C UNK G 3104 -58.76 -24.60 91.92
N UNK G 3105 -58.74 -24.50 93.26
CA UNK G 3105 -58.64 -23.21 93.91
C UNK G 3105 -57.22 -22.96 94.41
N UNK G 3106 -56.24 -23.48 93.67
CA UNK G 3106 -54.84 -23.28 94.00
C UNK G 3106 -54.28 -22.10 93.22
N UNK G 3107 -54.96 -20.96 93.30
CA UNK G 3107 -54.53 -19.75 92.61
C UNK G 3107 -53.77 -18.84 93.56
N UNK G 3108 -53.64 -17.56 93.16
CA UNK G 3108 -52.92 -16.52 93.89
C UNK G 3108 -51.46 -16.90 94.20
N UNK G 3109 -50.94 -16.36 95.28
CA UNK G 3109 -49.57 -16.68 95.70
C UNK G 3109 -49.61 -17.38 97.05
N UNK G 3110 -50.74 -17.99 97.36
CA UNK G 3110 -50.91 -18.72 98.61
C UNK G 3110 -50.16 -20.04 98.58
N UNK G 3111 -49.34 -20.26 99.61
CA UNK G 3111 -48.61 -21.52 99.74
C UNK G 3111 -49.31 -22.43 100.73
N UNK G 3112 -50.65 -22.36 100.73
CA UNK G 3112 -51.46 -23.17 101.64
C UNK G 3112 -52.19 -24.27 100.87
N UNK G 3113 -51.70 -24.57 99.68
CA UNK G 3113 -52.28 -25.63 98.86
C UNK G 3113 -51.50 -26.92 99.05
N UNK G 3114 -50.32 -26.81 99.65
CA UNK G 3114 -49.46 -27.96 99.87
C UNK G 3114 -49.81 -28.71 101.14
N UNK G 3115 -50.71 -28.13 101.93
CA UNK G 3115 -51.12 -28.75 103.19
C UNK G 3115 -52.63 -28.87 103.26
N UNK G 3116 -53.30 -28.73 102.11
CA UNK G 3116 -54.75 -28.77 102.06
C UNK G 3116 -55.25 -29.73 101.00
N UNK G 3117 -54.73 -29.58 99.78
CA UNK G 3117 -55.14 -30.43 98.66
C UNK G 3117 -54.23 -31.64 98.57
N UNK G 3118 -53.12 -31.61 99.28
CA UNK G 3118 -52.15 -32.71 99.28
C UNK G 3118 -52.61 -33.84 100.20
N UNK G 3119 -53.37 -33.48 101.22
CA UNK G 3119 -53.85 -34.46 102.19
C UNK G 3119 -55.24 -34.97 101.84
N UNK G 3120 -56.02 -34.13 101.15
CA UNK G 3120 -57.39 -34.45 100.78
C UNK G 3120 -57.44 -35.56 99.72
N UNK G 3121 -56.46 -35.55 98.83
CA UNK G 3121 -56.34 -36.60 97.83
C UNK G 3121 -55.76 -37.84 98.47
N UNK G 3122 -54.92 -37.63 99.49
CA UNK G 3122 -54.30 -38.72 100.23
C UNK G 3122 -55.32 -39.39 101.15
N UNK G 3123 -56.36 -38.65 101.52
CA UNK G 3123 -57.42 -39.16 102.38
C UNK G 3123 -58.24 -40.22 101.66
N UNK G 3124 -58.49 -39.99 100.37
CA UNK G 3124 -59.28 -40.92 99.57
C UNK G 3124 -58.37 -41.98 98.93
N UNK G 3125 -57.07 -41.82 99.11
CA UNK G 3125 -56.10 -42.72 98.50
C UNK G 3125 -56.09 -44.10 99.17
N UNK G 3126 -56.26 -44.11 100.49
CA UNK G 3126 -56.30 -45.36 101.24
C UNK G 3126 -57.73 -45.86 101.38
N UNK G 3127 -58.68 -45.03 100.97
CA UNK G 3127 -60.10 -45.38 101.04
C UNK G 3127 -60.52 -46.13 99.78
N UNK G 3128 -60.11 -45.62 98.62
CA UNK G 3128 -60.46 -46.22 97.35
C UNK G 3128 -59.59 -47.44 97.05
N UNK G 3129 -58.51 -47.59 97.80
CA UNK G 3129 -57.60 -48.72 97.63
C UNK G 3129 -58.20 -50.03 98.11
N UNK G 3130 -59.17 -49.93 99.01
CA UNK G 3130 -59.86 -51.12 99.52
C UNK G 3130 -61.24 -51.25 98.88
N UNK G 3131 -61.82 -50.12 98.48
CA UNK G 3131 -63.15 -50.09 97.90
C UNK G 3131 -63.17 -50.72 96.51
N UNK G 3132 -62.20 -50.34 95.68
CA UNK G 3132 -62.12 -50.84 94.31
C UNK G 3132 -61.57 -52.27 94.27
N UNK G 3133 -60.87 -52.66 95.32
CA UNK G 3133 -60.27 -53.99 95.41
C UNK G 3133 -61.32 -55.07 95.62
N UNK G 3134 -62.43 -54.68 96.25
CA UNK G 3134 -63.54 -55.60 96.45
C UNK G 3134 -64.58 -55.43 95.35
N UNK G 3135 -64.57 -54.26 94.72
CA UNK G 3135 -65.50 -53.97 93.63
C UNK G 3135 -65.07 -54.67 92.35
N UNK G 3136 -63.80 -55.04 92.28
CA UNK G 3136 -63.26 -55.70 91.10
C UNK G 3136 -63.74 -57.14 90.99
N UNK G 3137 -63.60 -57.91 92.06
CA UNK G 3137 -63.94 -59.33 92.06
C UNK G 3137 -65.45 -59.53 92.03
N UNK G 3138 -66.20 -58.55 92.51
CA UNK G 3138 -67.65 -58.63 92.54
C UNK G 3138 -68.24 -58.43 91.15
N UNK G 3139 -67.76 -57.41 90.44
CA UNK G 3139 -68.29 -57.07 89.12
C UNK G 3139 -67.90 -58.11 88.07
N UNK G 3140 -66.71 -58.68 88.24
CA UNK G 3140 -66.21 -59.69 87.32
C UNK G 3140 -66.95 -61.01 87.51
N UNK G 3141 -67.45 -61.23 88.72
CA UNK G 3141 -68.23 -62.42 89.02
C UNK G 3141 -69.59 -62.36 88.33
N UNK G 3142 -70.12 -61.15 88.19
CA UNK G 3142 -71.39 -60.94 87.50
C UNK G 3142 -71.15 -60.23 86.18
N UNK G 3143 -70.26 -60.81 85.38
CA UNK G 3143 -69.91 -60.24 84.08
C UNK G 3143 -71.00 -60.49 83.05
N UNK G 3144 -71.25 -61.76 82.75
CA UNK G 3144 -72.22 -62.16 81.74
C UNK G 3144 -73.65 -61.86 82.16
N UNK G 3145 -73.88 -61.81 83.47
CA UNK G 3145 -75.20 -61.49 84.00
C UNK G 3145 -75.55 -60.03 83.76
N UNK G 3146 -74.53 -59.17 83.85
CA UNK G 3146 -74.73 -57.74 83.64
C UNK G 3146 -74.45 -57.36 82.19
N UNK G 3147 -74.17 -58.35 81.36
CA UNK G 3147 -73.93 -58.10 79.94
C UNK G 3147 -74.94 -58.81 79.08
N UNK G 3148 -75.84 -59.56 79.71
CA UNK G 3148 -76.90 -60.26 78.99
C UNK G 3148 -77.97 -59.28 78.54
N UNK G 3149 -79.08 -59.25 79.27
CA UNK G 3149 -80.15 -58.32 78.99
C UNK G 3149 -80.12 -57.19 80.02
N UNK G 3150 -79.89 -57.56 81.27
CA UNK G 3150 -79.83 -56.60 82.37
C UNK G 3150 -78.54 -55.80 82.29
N UNK G 3151 -78.67 -54.48 82.26
CA UNK G 3151 -77.51 -53.60 82.19
C UNK G 3151 -77.83 -52.28 82.87
N UNK G 3152 -79.10 -52.10 83.24
CA UNK G 3152 -79.56 -50.88 83.89
C UNK G 3152 -79.00 -50.78 85.30
N UNK G 3153 -78.77 -51.93 85.93
CA UNK G 3153 -78.15 -51.97 87.24
C UNK G 3153 -76.66 -51.68 87.11
N UNK G 3154 -76.11 -51.97 85.95
CA UNK G 3154 -74.71 -51.70 85.66
C UNK G 3154 -74.55 -50.35 84.95
N UNK G 3155 -75.67 -49.71 84.64
CA UNK G 3155 -75.65 -48.44 83.92
C UNK G 3155 -75.17 -47.30 84.80
N UNK G 3156 -75.45 -47.39 86.09
CA UNK G 3156 -75.05 -46.36 87.03
C UNK G 3156 -73.57 -46.47 87.38
N UNK G 3157 -73.03 -47.68 87.27
CA UNK G 3157 -71.63 -47.94 87.59
C UNK G 3157 -70.71 -47.33 86.55
N UNK G 3158 -71.07 -47.53 85.28
CA UNK G 3158 -70.29 -47.01 84.16
C UNK G 3158 -70.43 -45.50 84.06
N UNK G 3159 -71.59 -44.99 84.46
CA UNK G 3159 -71.85 -43.55 84.43
C UNK G 3159 -71.09 -42.84 85.55
N UNK G 3160 -70.80 -43.57 86.63
CA UNK G 3160 -70.07 -43.01 87.75
C UNK G 3160 -68.60 -43.42 87.73
N UNK G 3161 -68.13 -43.85 86.56
CA UNK G 3161 -66.74 -44.24 86.40
C UNK G 3161 -65.92 -43.09 85.80
N UNK G 3162 -66.32 -41.86 86.12
CA UNK G 3162 -65.61 -40.68 85.65
C UNK G 3162 -64.60 -40.20 86.69
N UNK G 3163 -64.38 -41.03 87.70
CA UNK G 3163 -63.42 -40.71 88.76
C UNK G 3163 -62.00 -40.82 88.24
N UNK G 3164 -61.77 -41.76 87.33
CA UNK G 3164 -60.46 -41.96 86.72
C UNK G 3164 -60.12 -40.79 85.80
N UNK G 3165 -61.15 -40.25 85.16
CA UNK G 3165 -61.00 -39.11 84.27
C UNK G 3165 -60.79 -37.82 85.04
N UNK G 3166 -61.20 -37.82 86.30
CA UNK G 3166 -61.09 -36.64 87.16
C UNK G 3166 -59.83 -36.70 88.01
N UNK G 3167 -59.54 -37.85 88.60
CA UNK G 3167 -58.39 -37.99 89.50
C UNK G 3167 -57.14 -38.41 88.73
N UNK G 3168 -57.13 -39.64 88.25
CA UNK G 3168 -55.96 -40.20 87.58
C UNK G 3168 -55.90 -39.85 86.10
N UNK G 3169 -56.08 -38.57 85.79
CA UNK G 3169 -56.01 -38.06 84.43
C UNK G 3169 -55.67 -36.58 84.47
N UNK G 3170 -56.69 -35.75 84.66
CA UNK G 3170 -56.49 -34.31 84.76
C UNK G 3170 -56.10 -33.94 86.19
N UNK G 3171 -55.06 -33.11 86.30
CA UNK G 3171 -54.51 -32.62 87.57
C UNK G 3171 -54.13 -33.76 88.53
N UNK G 3172 -53.41 -34.74 88.02
CA UNK G 3172 -52.98 -35.88 88.82
C UNK G 3172 -51.64 -35.61 89.48
N UNK G 3173 -51.54 -34.50 90.21
CA UNK G 3173 -50.34 -34.17 90.94
C UNK G 3173 -50.41 -34.77 92.34
N UNK G 3174 -51.57 -34.62 92.97
CA UNK G 3174 -51.81 -35.20 94.28
C UNK G 3174 -52.53 -36.54 94.15
N UNK G 3175 -53.23 -36.71 93.04
CA UNK G 3175 -53.96 -37.95 92.77
C UNK G 3175 -53.00 -39.08 92.44
N UNK G 3176 -51.89 -38.75 91.80
CA UNK G 3176 -50.85 -39.73 91.51
C UNK G 3176 -49.70 -39.58 92.51
N UNK G 3177 -49.98 -38.92 93.62
CA UNK G 3177 -49.02 -38.83 94.72
C UNK G 3177 -49.33 -39.91 95.74
N UNK G 3178 -50.24 -40.81 95.37
CA UNK G 3178 -50.61 -41.94 96.22
C UNK G 3178 -49.70 -43.12 95.94
N UNK G 3179 -48.71 -42.91 95.08
CA UNK G 3179 -47.71 -43.93 94.76
C UNK G 3179 -46.85 -44.23 95.99
N UNK G 3180 -46.59 -43.19 96.78
CA UNK G 3180 -45.88 -43.34 98.04
C UNK G 3180 -46.77 -44.08 99.04
N UNK G 3181 -48.07 -43.81 98.95
CA UNK G 3181 -49.06 -44.50 99.76
C UNK G 3181 -49.24 -45.93 99.25
N UNK G 3182 -49.01 -46.12 97.95
CA UNK G 3182 -49.04 -47.45 97.36
C UNK G 3182 -47.78 -48.22 97.73
N UNK G 3183 -46.67 -47.51 97.85
CA UNK G 3183 -45.39 -48.10 98.22
C UNK G 3183 -45.30 -48.33 99.72
N UNK G 3184 -46.15 -47.63 100.47
CA UNK G 3184 -46.20 -47.78 101.92
C UNK G 3184 -46.75 -49.15 102.30
N UNK G 3185 -47.98 -49.42 101.87
CA UNK G 3185 -48.62 -50.70 102.13
C UNK G 3185 -48.06 -51.76 101.19
N UNK G 3186 -46.15 -48.43 86.80
CA UNK G 3186 -47.19 -49.30 86.26
C UNK G 3186 -48.57 -48.74 86.56
N UNK G 3187 -49.61 -49.47 86.14
CA UNK G 3187 -50.98 -49.07 86.39
C UNK G 3187 -51.31 -49.29 87.87
N UNK G 3188 -52.29 -48.54 88.38
CA UNK G 3188 -52.63 -48.62 89.79
C UNK G 3188 -54.11 -48.38 90.06
N UNK G 3189 -54.88 -49.47 90.09
CA UNK G 3189 -56.28 -49.51 90.52
C UNK G 3189 -57.23 -48.57 89.78
N UNK G 3190 -57.13 -47.27 90.07
CA UNK G 3190 -58.02 -46.27 89.50
C UNK G 3190 -57.82 -46.10 88.01
N UNK G 3191 -56.59 -46.31 87.55
CA UNK G 3191 -56.29 -46.29 86.12
C UNK G 3191 -56.80 -47.57 85.47
N UNK G 3192 -56.86 -48.64 86.25
CA UNK G 3192 -57.29 -49.95 85.73
C UNK G 3192 -58.74 -50.24 86.07
N UNK G 3193 -59.42 -49.26 86.67
CA UNK G 3193 -60.80 -49.43 87.12
C UNK G 3193 -61.78 -49.50 85.95
N UNK G 3194 -61.62 -48.58 85.01
CA UNK G 3194 -62.52 -48.51 83.86
C UNK G 3194 -62.22 -49.62 82.85
N UNK G 3195 -61.01 -50.17 82.94
CA UNK G 3195 -60.55 -51.21 82.01
C UNK G 3195 -61.33 -52.51 82.17
N UNK G 3196 -61.76 -52.79 83.39
CA UNK G 3196 -62.54 -53.99 83.67
C UNK G 3196 -64.03 -53.69 83.68
N UNK G 3197 -64.40 -52.57 83.04
CA UNK G 3197 -65.80 -52.16 82.99
C UNK G 3197 -66.14 -51.50 81.66
N UNK G 3198 -65.15 -51.38 80.78
CA UNK G 3198 -65.33 -50.70 79.51
C UNK G 3198 -66.14 -51.53 78.52
N UNK G 3199 -66.18 -52.84 78.74
CA UNK G 3199 -66.90 -53.74 77.85
C UNK G 3199 -68.41 -53.55 77.97
N UNK G 3200 -68.90 -53.54 79.20
CA UNK G 3200 -70.32 -53.41 79.46
C UNK G 3200 -70.78 -51.96 79.34
N UNK G 3201 -69.83 -51.03 79.42
CA UNK G 3201 -70.14 -49.61 79.32
C UNK G 3201 -70.52 -49.23 77.89
N UNK G 3202 -69.84 -49.83 76.94
CA UNK G 3202 -70.10 -49.56 75.53
C UNK G 3202 -71.06 -50.57 74.94
N UNK G 3203 -71.43 -51.57 75.74
CA UNK G 3203 -72.33 -52.63 75.29
C UNK G 3203 -73.76 -52.11 75.13
N UNK G 3204 -74.17 -51.26 76.07
CA UNK G 3204 -75.51 -50.69 76.04
C UNK G 3204 -75.48 -49.23 75.62
N UNK G 3205 -74.32 -48.78 75.13
CA UNK G 3205 -74.19 -47.42 74.62
C UNK G 3205 -74.94 -47.28 73.31
N UNK G 3206 -74.82 -48.30 72.45
CA UNK G 3206 -75.52 -48.33 71.18
C UNK G 3206 -75.67 -49.76 70.68
N UNK G 3207 -76.57 -49.95 69.73
CA UNK G 3207 -76.74 -51.25 69.08
C UNK G 3207 -76.07 -51.20 67.71
N UNK G 3208 -74.83 -50.71 67.70
CA UNK G 3208 -74.04 -50.39 66.50
C UNK G 3208 -74.79 -49.45 65.56
N UNK G 3209 -74.41 -49.48 64.28
CA UNK G 3209 -75.06 -48.74 63.18
C UNK G 3209 -75.18 -47.24 63.41
N UNK G 3210 -74.20 -46.66 64.09
CA UNK G 3210 -74.20 -45.24 64.39
C UNK G 3210 -72.77 -44.78 64.68
N UNK G 3211 -72.15 -45.44 65.65
CA UNK G 3211 -70.78 -45.17 66.11
C UNK G 3211 -70.56 -43.71 66.49
N UNK G 3212 -69.93 -42.96 65.57
CA UNK G 3212 -69.67 -41.53 65.68
C UNK G 3212 -68.91 -41.11 66.94
N UNK G 3213 -68.14 -42.03 67.51
CA UNK G 3213 -67.32 -41.72 68.66
C UNK G 3213 -66.05 -41.04 68.17
N UNK G 3214 -65.66 -41.41 66.95
CA UNK G 3214 -64.54 -40.78 66.27
C UNK G 3214 -64.96 -39.42 65.75
N UNK G 3215 -66.26 -39.23 65.56
CA UNK G 3215 -66.82 -37.95 65.17
C UNK G 3215 -66.73 -36.97 66.33
N UNK G 3216 -66.78 -37.50 67.55
CA UNK G 3216 -66.71 -36.66 68.74
C UNK G 3216 -65.38 -36.83 69.47
N UNK G 3217 -64.46 -37.59 68.87
CA UNK G 3217 -63.14 -37.79 69.46
C UNK G 3217 -62.29 -36.54 69.31
N UNK G 3218 -62.21 -36.03 68.08
CA UNK G 3218 -61.38 -34.88 67.76
C UNK G 3218 -61.97 -33.59 68.31
N UNK G 3219 -63.28 -33.58 68.51
CA UNK G 3219 -63.96 -32.46 69.15
C UNK G 3219 -63.61 -32.42 70.63
N UNK G 3220 -63.35 -33.61 71.19
CA UNK G 3220 -63.00 -33.73 72.59
C UNK G 3220 -61.49 -33.86 72.78
N UNK G 3221 -60.77 -34.03 71.68
CA UNK G 3221 -59.30 -34.11 71.74
C UNK G 3221 -58.70 -32.74 72.02
N UNK G 3222 -59.41 -31.71 71.58
CA UNK G 3222 -58.97 -30.33 71.82
C UNK G 3222 -59.45 -29.85 73.19
N UNK G 3223 -60.25 -30.69 73.84
CA UNK G 3223 -60.85 -30.44 75.16
C UNK G 3223 -61.66 -29.15 75.20
N UNK G 3224 -62.43 -28.92 74.13
CA UNK G 3224 -63.32 -27.76 74.07
C UNK G 3224 -64.58 -28.06 74.87
N UNK G 3225 -64.48 -27.88 76.19
CA UNK G 3225 -65.55 -28.13 77.16
C UNK G 3225 -66.14 -29.55 77.11
N UNK G 3226 -67.32 -29.70 77.70
CA UNK G 3226 -68.04 -30.96 77.65
C UNK G 3226 -69.45 -30.69 77.12
N UNK G 3227 -69.95 -29.50 77.45
CA UNK G 3227 -71.24 -29.05 76.93
C UNK G 3227 -71.10 -28.67 75.48
N UNK G 3228 -69.93 -28.11 75.12
CA UNK G 3228 -69.64 -27.75 73.75
C UNK G 3228 -69.40 -29.00 72.92
N UNK G 3229 -68.94 -30.06 73.58
CA UNK G 3229 -68.84 -31.37 72.94
C UNK G 3229 -70.24 -31.92 72.74
N UNK G 3230 -71.14 -31.62 73.68
CA UNK G 3230 -72.53 -32.01 73.58
C UNK G 3230 -73.26 -31.10 72.61
N UNK G 3231 -72.81 -29.84 72.52
CA UNK G 3231 -73.38 -28.90 71.57
C UNK G 3231 -72.92 -29.24 70.16
N UNK G 3232 -71.74 -29.85 70.05
CA UNK G 3232 -71.25 -30.34 68.77
C UNK G 3232 -72.08 -31.54 68.33
N UNK G 3233 -72.55 -32.31 69.30
CA UNK G 3233 -73.42 -33.45 69.02
C UNK G 3233 -74.81 -32.98 68.63
N UNK G 3234 -75.30 -31.96 69.31
CA UNK G 3234 -76.62 -31.42 69.04
C UNK G 3234 -76.63 -30.60 67.76
N UNK G 3235 -75.76 -29.60 67.69
CA UNK G 3235 -75.66 -28.75 66.50
C UNK G 3235 -74.62 -29.30 65.53
N UNK G 3236 -73.98 -30.40 65.91
CA UNK G 3236 -73.04 -31.08 65.02
C UNK G 3236 -73.77 -32.18 64.26
N UNK G 3237 -75.08 -32.27 64.48
CA UNK G 3237 -76.00 -33.22 63.82
C UNK G 3237 -75.59 -34.68 63.98
N UNK G 3238 -76.16 -35.53 63.14
CA UNK G 3238 -75.89 -36.96 63.20
C UNK G 3238 -76.02 -37.61 61.83
N UNK G 3239 -75.28 -38.68 61.62
CA UNK G 3239 -75.34 -39.44 60.37
C UNK G 3239 -74.91 -40.88 60.60
N UNK G 3240 -75.61 -41.80 59.95
CA UNK G 3240 -75.32 -43.22 60.04
C UNK G 3240 -75.94 -43.96 58.85
N UNK G 3241 -75.10 -44.64 58.06
CA UNK G 3241 -75.57 -45.32 56.87
C UNK G 3241 -75.34 -46.83 56.95
N UNK G 3242 -75.59 -47.52 55.83
CA UNK G 3242 -75.44 -48.97 55.77
C UNK G 3242 -74.19 -49.37 55.00
N UNK G 3243 -73.50 -50.40 55.49
CA UNK G 3243 -72.29 -50.88 54.85
C UNK G 3243 -72.20 -52.39 54.92
N UNK G 3244 -70.99 -52.92 54.81
CA UNK G 3244 -70.76 -54.36 54.87
C UNK G 3244 -70.53 -54.80 56.31
N UNK G 3245 -70.25 -53.84 57.18
CA UNK G 3245 -70.05 -54.12 58.59
C UNK G 3245 -71.37 -54.00 59.33
N UNK G 3246 -72.40 -53.54 58.62
CA UNK G 3246 -73.74 -53.42 59.17
C UNK G 3246 -74.36 -54.80 59.37
N UNK G 3247 -73.97 -55.74 58.51
CA UNK G 3247 -74.47 -57.10 58.59
C UNK G 3247 -73.58 -57.97 59.47
N UNK G 3248 -72.52 -57.38 60.00
CA UNK G 3248 -71.58 -58.11 60.83
C UNK G 3248 -71.74 -57.75 62.30
N UNK G 3249 -71.94 -56.47 62.58
CA UNK G 3249 -72.06 -55.99 63.95
C UNK G 3249 -73.49 -55.61 64.29
N UNK G 3250 -74.12 -54.82 63.43
CA UNK G 3250 -75.46 -54.29 63.70
C UNK G 3250 -76.56 -55.31 63.40
N UNK G 3251 -76.19 -56.46 62.85
CA UNK G 3251 -77.15 -57.51 62.55
C UNK G 3251 -77.46 -58.35 63.79
N UNK G 3252 -76.67 -58.18 64.84
CA UNK G 3252 -76.83 -58.93 66.07
C UNK G 3252 -77.01 -57.98 67.26
N UNK G 3253 -76.41 -56.80 67.16
CA UNK G 3253 -76.52 -55.80 68.22
C UNK G 3253 -77.93 -55.23 68.30
N UNK G 3254 -78.59 -55.18 67.15
CA UNK G 3254 -79.98 -54.73 67.09
C UNK G 3254 -80.95 -55.85 67.46
N UNK G 3255 -80.42 -57.08 67.54
CA UNK G 3255 -81.24 -58.23 67.89
C UNK G 3255 -81.06 -58.61 69.36
N UNK G 3256 -79.92 -58.25 69.93
CA UNK G 3256 -79.64 -58.56 71.33
C UNK G 3256 -80.15 -57.44 72.24
N UNK G 3257 -80.56 -56.33 71.63
CA UNK G 3257 -81.06 -55.18 72.38
C UNK G 3257 -82.43 -55.48 72.97
N UNK G 3258 -83.46 -55.40 72.12
CA UNK G 3258 -84.87 -55.59 72.48
C UNK G 3258 -85.31 -54.66 73.61
N UNK G 3259 -84.94 -53.40 73.51
CA UNK G 3259 -85.24 -52.42 74.53
C UNK G 3259 -85.85 -51.15 73.93
N UNK G 3260 -85.66 -50.03 74.62
CA UNK G 3260 -86.22 -48.76 74.19
C UNK G 3260 -85.30 -48.02 73.24
N UNK G 3261 -85.72 -46.82 72.84
CA UNK G 3261 -84.93 -45.99 71.94
C UNK G 3261 -85.23 -44.51 72.19
N UNK G 3262 -84.21 -43.68 72.10
CA UNK G 3262 -84.36 -42.25 72.32
C UNK G 3262 -83.44 -41.45 71.41
N UNK G 3263 -83.82 -40.19 71.15
CA UNK G 3263 -83.02 -39.30 70.32
C UNK G 3263 -82.19 -38.37 71.19
N UNK G 3264 -82.63 -38.18 72.43
CA UNK G 3264 -81.91 -37.33 73.37
C UNK G 3264 -80.73 -38.09 73.95
N UNK G 3265 -80.84 -39.41 74.00
CA UNK G 3265 -79.78 -40.25 74.52
C UNK G 3265 -78.79 -40.62 73.42
N UNK G 3266 -79.11 -40.21 72.19
CA UNK G 3266 -78.23 -40.42 71.05
C UNK G 3266 -77.01 -39.51 71.15
N UNK G 3267 -77.20 -38.34 71.73
CA UNK G 3267 -76.12 -37.38 71.92
C UNK G 3267 -75.61 -37.44 73.36
N UNK G 3268 -76.41 -38.02 74.25
CA UNK G 3268 -76.06 -38.08 75.66
C UNK G 3268 -75.13 -39.25 75.98
N UNK G 3269 -75.50 -40.44 75.52
CA UNK G 3269 -74.71 -41.64 75.79
C UNK G 3269 -73.43 -41.65 74.96
N UNK G 3270 -73.47 -41.00 73.80
CA UNK G 3270 -72.33 -40.96 72.90
C UNK G 3270 -71.24 -40.03 73.43
N UNK G 3271 -71.63 -38.80 73.78
CA UNK G 3271 -70.68 -37.79 74.24
C UNK G 3271 -70.12 -38.12 75.63
N UNK G 3272 -70.84 -38.94 76.37
CA UNK G 3272 -70.39 -39.39 77.68
C UNK G 3272 -69.21 -40.34 77.54
N UNK G 3273 -69.25 -41.19 76.52
CA UNK G 3273 -68.20 -42.19 76.33
C UNK G 3273 -67.18 -41.76 75.28
N UNK G 3274 -67.44 -40.66 74.60
CA UNK G 3274 -66.53 -40.14 73.58
C UNK G 3274 -65.25 -39.58 74.21
N UNK G 3275 -65.42 -38.56 75.04
CA UNK G 3275 -64.30 -37.91 75.70
C UNK G 3275 -63.68 -38.81 76.76
N UNK G 3276 -64.49 -39.70 77.32
CA UNK G 3276 -64.03 -40.65 78.33
C UNK G 3276 -63.04 -41.64 77.74
N UNK G 3277 -63.31 -42.07 76.51
CA UNK G 3277 -62.39 -42.94 75.80
C UNK G 3277 -61.22 -42.13 75.27
N UNK G 3278 -61.50 -40.89 74.85
CA UNK G 3278 -60.49 -40.01 74.28
C UNK G 3278 -59.45 -39.61 75.31
N UNK G 3279 -59.88 -39.41 76.55
CA UNK G 3279 -58.96 -39.12 77.64
C UNK G 3279 -58.19 -40.38 78.02
N UNK G 3280 -58.87 -41.51 77.90
CA UNK G 3280 -58.25 -42.80 78.23
C UNK G 3280 -57.22 -43.19 77.17
N UNK G 3281 -57.53 -42.86 75.92
CA UNK G 3281 -56.62 -43.13 74.81
C UNK G 3281 -55.44 -42.18 74.85
N UNK G 3282 -55.66 -41.01 75.42
CA UNK G 3282 -54.60 -40.02 75.59
C UNK G 3282 -53.58 -40.49 76.62
N UNK G 3283 -54.06 -41.24 77.60
CA UNK G 3283 -53.18 -41.83 78.60
C UNK G 3283 -52.97 -43.31 78.32
N UNK G 3284 -53.01 -43.67 77.05
CA UNK G 3284 -52.76 -45.05 76.63
C UNK G 3284 -51.47 -45.13 75.83
N UNK G 3285 -51.38 -44.30 74.80
CA UNK G 3285 -50.20 -44.27 73.94
C UNK G 3285 -49.10 -43.43 74.55
N UNK G 3286 -49.49 -42.48 75.41
CA UNK G 3286 -48.51 -41.65 76.10
C UNK G 3286 -48.02 -42.35 77.36
N UNK G 3287 -48.77 -43.34 77.81
CA UNK G 3287 -48.37 -44.15 78.96
C UNK G 3287 -47.25 -45.08 78.56
N UNK G 3288 -47.30 -45.57 77.33
CA UNK G 3288 -46.27 -46.47 76.81
C UNK G 3288 -45.34 -45.72 75.87
N THR G 3289 -11.26 -27.71 98.40
CA THR G 3289 -10.18 -27.87 99.36
C THR G 3289 -10.05 -26.64 100.26
N PRO G 3290 -9.88 -26.88 101.57
CA PRO G 3290 -9.86 -25.77 102.52
C PRO G 3290 -8.61 -24.92 102.40
N LEU G 3291 -8.80 -23.61 102.62
CA LEU G 3291 -7.71 -22.65 102.54
C LEU G 3291 -6.69 -22.85 103.66
N TYR G 3292 -7.14 -23.27 104.82
CA TYR G 3292 -6.27 -23.58 105.95
C TYR G 3292 -5.62 -24.94 105.72
N ASN G 3293 -4.96 -25.45 106.78
CA ASN G 3293 -4.12 -26.66 106.87
C ASN G 3293 -3.18 -26.85 105.67
N LEU G 3294 -2.65 -25.74 105.17
CA LEU G 3294 -1.75 -25.57 104.05
C LEU G 3294 -0.41 -25.03 104.54
N PRO G 3295 0.71 -25.48 103.95
CA PRO G 3295 2.01 -24.93 104.35
C PRO G 3295 2.13 -23.47 103.95
N THR G 3296 2.57 -22.66 104.92
CA THR G 3296 2.53 -21.21 104.74
C THR G 3296 3.61 -20.75 103.77
N HIS G 3297 4.78 -21.38 103.79
CA HIS G 3297 5.80 -21.12 102.78
C HIS G 3297 5.35 -21.58 101.41
N ARG G 3298 4.55 -22.65 101.35
CA ARG G 3298 3.90 -23.05 100.11
C ARG G 3298 2.76 -22.11 99.77
N ALA G 3299 2.11 -21.55 100.79
CA ALA G 3299 1.04 -20.59 100.55
C ALA G 3299 1.57 -19.22 100.18
N CYS G 3300 2.75 -18.85 100.69
CA CYS G 3300 3.34 -17.56 100.34
C CYS G 3300 3.78 -17.55 98.89
N ASN G 3301 4.29 -18.68 98.40
CA ASN G 3301 4.54 -18.82 96.97
C ASN G 3301 3.24 -18.86 96.19
N MET G 3302 2.18 -19.39 96.80
CA MET G 3302 0.86 -19.43 96.18
C MET G 3302 0.19 -18.06 96.16
N PHE G 3303 0.26 -17.33 97.28
CA PHE G 3303 -0.45 -16.06 97.39
C PHE G 3303 0.21 -14.97 96.55
N LEU G 3304 1.54 -14.95 96.51
CA LEU G 3304 2.24 -13.84 95.89
C LEU G 3304 2.18 -13.88 94.37
N GLU G 3305 2.06 -15.08 93.79
CA GLU G 3305 1.87 -15.14 92.34
C GLU G 3305 0.42 -14.89 91.98
N SER G 3306 -0.51 -15.33 92.81
CA SER G 3306 -1.93 -15.05 92.65
C SER G 3306 -2.33 -13.68 93.19
N TYR G 3307 -1.35 -12.79 93.38
CA TYR G 3307 -1.53 -11.39 93.74
C TYR G 3307 -1.79 -10.51 92.50
N LYS G 3308 -2.21 -11.14 91.39
CA LYS G 3308 -2.12 -10.55 90.05
C LYS G 3308 -3.06 -9.35 89.89
N ALA G 3309 -4.15 -9.29 90.66
CA ALA G 3309 -5.04 -8.13 90.57
C ALA G 3309 -4.41 -6.88 91.15
N ALA G 3310 -3.67 -7.00 92.26
CA ALA G 3310 -2.98 -5.86 92.85
C ALA G 3310 -1.55 -5.71 92.36
N TRP G 3311 -1.29 -6.06 91.11
CA TRP G 3311 0.00 -5.83 90.47
C TRP G 3311 0.06 -4.42 89.89
N ILE G 3312 1.06 -4.18 89.05
CA ILE G 3312 1.44 -2.85 88.58
C ILE G 3312 0.63 -2.40 87.37
N LEU G 3313 -0.44 -3.12 87.05
CA LEU G 3313 -1.23 -2.87 85.85
C LEU G 3313 -2.05 -1.59 85.93
N THR G 3314 -1.38 -0.45 86.06
CA THR G 3314 -1.99 0.86 86.17
C THR G 3314 -1.35 1.80 85.14
N GLU G 3315 -2.02 2.92 84.88
CA GLU G 3315 -1.51 3.96 84.00
C GLU G 3315 -0.36 4.66 84.70
N ASP G 3316 0.87 4.35 84.27
CA ASP G 3316 2.04 4.88 84.98
C ASP G 3316 2.41 6.28 84.54
N HIS G 3317 2.80 6.42 83.26
CA HIS G 3317 3.16 7.65 82.54
C HIS G 3317 4.44 8.32 83.06
N SER G 3318 5.05 7.78 84.11
CA SER G 3318 6.18 8.43 84.76
C SER G 3318 7.48 8.28 84.00
N PHE G 3319 7.51 7.49 82.92
CA PHE G 3319 8.72 7.34 82.13
C PHE G 3319 8.44 7.33 80.64
N GLU G 3320 7.27 7.81 80.21
CA GLU G 3320 6.88 7.80 78.82
C GLU G 3320 7.03 9.17 78.18
N ASP G 3321 6.40 10.18 78.77
CA ASP G 3321 6.60 11.54 78.30
C ASP G 3321 7.87 12.14 78.89
N ARG G 3322 8.08 11.91 80.20
CA ARG G 3322 9.14 12.59 80.93
C ARG G 3322 10.52 12.13 80.49
N MET G 3323 10.67 10.83 80.20
CA MET G 3323 11.97 10.28 79.89
C MET G 3323 12.41 10.64 78.49
N ILE G 3324 11.47 10.99 77.62
CA ILE G 3324 11.82 11.48 76.29
C ILE G 3324 12.26 12.93 76.34
N ASP G 3325 11.66 13.73 77.23
CA ASP G 3325 11.86 15.17 77.21
C ASP G 3325 13.26 15.55 77.70
N ASP G 3326 13.66 15.03 78.86
CA ASP G 3326 14.95 15.40 79.45
C ASP G 3326 16.15 14.92 78.64
N LEU G 3327 16.01 13.84 77.88
CA LEU G 3327 17.09 13.40 77.00
C LEU G 3327 17.33 14.36 75.84
N SER G 3328 16.32 15.12 75.44
CA SER G 3328 16.47 16.13 74.42
C SER G 3328 16.65 17.53 74.97
N LYS G 3329 16.10 17.82 76.15
CA LYS G 3329 16.12 19.18 76.68
C LYS G 3329 17.47 19.53 77.29
N ALA G 3330 18.15 18.56 77.88
CA ALA G 3330 19.35 18.86 78.65
C ALA G 3330 20.54 19.24 77.78
N GLY G 3331 20.75 18.53 76.66
CA GLY G 3331 21.87 18.82 75.80
C GLY G 3331 21.76 20.12 75.03
N GLU G 3332 20.57 20.73 75.01
CA GLU G 3332 20.35 22.04 74.42
C GLU G 3332 20.58 23.16 75.42
N GLN G 3333 21.37 22.93 76.46
CA GLN G 3333 21.69 23.96 77.44
C GLN G 3333 22.57 25.03 76.82
N GLU G 3334 22.07 26.28 76.82
CA GLU G 3334 22.78 27.39 76.22
C GLU G 3334 24.00 27.82 77.02
N GLU G 3335 24.10 27.43 78.29
CA GLU G 3335 25.29 27.69 79.08
C GLU G 3335 26.48 26.87 78.60
N GLU G 3336 26.23 25.72 77.97
CA GLU G 3336 27.29 24.91 77.37
C GLU G 3336 27.50 25.34 75.92
N GLU G 3337 27.90 26.59 75.76
CA GLU G 3337 28.15 27.17 74.44
C GLU G 3337 29.13 28.32 74.62
N GLU G 3338 30.37 28.12 74.21
CA GLU G 3338 31.38 29.17 74.30
C GLU G 3338 32.30 29.03 73.08
N GLU G 3339 31.99 29.79 72.02
CA GLU G 3339 32.68 29.75 70.73
C GLU G 3339 32.73 28.34 70.15
N VAL G 3340 31.60 27.63 70.26
CA VAL G 3340 31.53 26.26 69.77
C VAL G 3340 31.49 26.23 68.25
N GLU G 3341 30.52 26.96 67.67
CA GLU G 3341 30.26 27.02 66.22
C GLU G 3341 30.02 25.63 65.64
N GLU G 3342 29.39 24.78 66.43
CA GLU G 3342 29.10 23.40 66.05
C GLU G 3342 27.93 22.94 66.90
N LYS G 3343 27.68 21.63 66.91
CA LYS G 3343 26.59 21.08 67.71
C LYS G 3343 26.97 19.66 68.11
N LYS G 3344 27.34 19.48 69.37
CA LYS G 3344 27.41 18.13 69.90
C LYS G 3344 26.01 17.56 70.00
N PRO G 3345 25.84 16.26 69.75
CA PRO G 3345 24.49 15.69 69.68
C PRO G 3345 23.80 15.65 71.04
N ASP G 3346 22.47 15.55 70.98
CA ASP G 3346 21.67 15.46 72.17
C ASP G 3346 21.91 14.13 72.88
N PRO G 3347 21.70 14.09 74.20
CA PRO G 3347 21.65 12.79 74.89
C PRO G 3347 20.59 11.87 74.34
N LEU G 3348 19.47 12.42 73.88
CA LEU G 3348 18.53 11.64 73.09
C LEU G 3348 19.15 11.23 71.76
N HIS G 3349 19.89 12.12 71.12
CA HIS G 3349 20.50 11.80 69.83
C HIS G 3349 21.66 10.84 69.99
N GLN G 3350 22.47 11.02 71.04
CA GLN G 3350 23.56 10.08 71.30
C GLN G 3350 23.04 8.71 71.70
N LEU G 3351 21.83 8.64 72.25
CA LEU G 3351 21.20 7.36 72.50
C LEU G 3351 20.84 6.65 71.20
N VAL G 3352 20.43 7.41 70.18
CA VAL G 3352 20.16 6.85 68.87
C VAL G 3352 21.45 6.35 68.23
N LEU G 3353 22.54 7.10 68.42
CA LEU G 3353 23.83 6.76 67.83
C LEU G 3353 24.36 5.43 68.33
N HIS G 3354 24.06 5.08 69.59
CA HIS G 3354 24.47 3.78 70.10
C HIS G 3354 23.66 2.66 69.46
N PHE G 3355 22.35 2.83 69.36
CA PHE G 3355 21.52 1.85 68.69
C PHE G 3355 21.81 1.82 67.19
N SER G 3356 22.24 2.94 66.63
CA SER G 3356 22.67 2.97 65.24
C SER G 3356 23.94 2.15 65.04
N ARG G 3357 24.97 2.44 65.82
CA ARG G 3357 26.29 1.86 65.59
C ARG G 3357 26.31 0.37 65.90
N THR G 3358 25.49 -0.08 66.84
CA THR G 3358 25.45 -1.49 67.18
C THR G 3358 24.76 -2.32 66.11
N ALA G 3359 24.02 -1.68 65.20
CA ALA G 3359 23.46 -2.40 64.08
C ALA G 3359 24.46 -2.57 62.94
N LEU G 3360 25.56 -1.81 62.96
CA LEU G 3360 26.54 -1.91 61.88
C LEU G 3360 27.35 -3.19 61.93
N THR G 3361 27.45 -3.82 63.10
CA THR G 3361 28.21 -5.05 63.21
C THR G 3361 27.45 -6.19 62.53
N GLU G 3362 28.00 -6.72 61.44
CA GLU G 3362 27.34 -7.83 60.79
C GLU G 3362 27.55 -9.11 61.58
N LYS G 3363 26.65 -10.04 61.39
CA LYS G 3363 26.58 -11.26 62.16
C LYS G 3363 25.62 -12.21 61.45
N SER G 3364 25.85 -13.51 61.62
CA SER G 3364 24.89 -14.49 61.13
C SER G 3364 23.57 -14.42 61.89
N LYS G 3365 23.61 -14.01 63.15
CA LYS G 3365 22.45 -13.88 64.00
C LYS G 3365 22.31 -12.45 64.48
N LEU G 3366 21.44 -12.24 65.45
CA LEU G 3366 21.38 -10.95 66.13
C LEU G 3366 21.04 -11.22 67.59
N ASP G 3367 21.68 -10.47 68.48
CA ASP G 3367 21.50 -10.65 69.91
C ASP G 3367 20.11 -10.21 70.35
N GLU G 3368 19.74 -10.63 71.55
CA GLU G 3368 18.41 -10.34 72.08
C GLU G 3368 18.25 -8.86 72.38
N ASP G 3369 19.08 -8.35 73.29
CA ASP G 3369 19.17 -6.93 73.65
C ASP G 3369 17.81 -6.39 74.13
N TYR G 3370 17.41 -6.89 75.31
CA TYR G 3370 16.21 -6.41 75.98
C TYR G 3370 16.27 -4.90 76.25
N LEU G 3371 17.48 -4.35 76.40
CA LEU G 3371 17.68 -2.91 76.51
C LEU G 3371 17.13 -2.18 75.29
N TYR G 3372 17.39 -2.71 74.08
CA TYR G 3372 16.91 -2.07 72.86
C TYR G 3372 15.39 -2.09 72.77
N MET G 3373 14.78 -3.19 73.16
CA MET G 3373 13.33 -3.32 73.12
C MET G 3373 12.67 -2.42 74.15
N ALA G 3374 13.37 -2.13 75.24
CA ALA G 3374 12.86 -1.24 76.27
C ALA G 3374 12.78 0.19 75.77
N TYR G 3375 13.86 0.67 75.16
CA TYR G 3375 13.85 2.04 74.64
C TYR G 3375 13.06 2.14 73.34
N ALA G 3376 12.79 1.01 72.68
CA ALA G 3376 11.89 1.03 71.53
C ALA G 3376 10.46 1.30 71.96
N ASP G 3377 10.07 0.79 73.13
CA ASP G 3377 8.70 0.94 73.57
C ASP G 3377 8.43 2.34 74.11
N ILE G 3378 9.42 2.95 74.76
CA ILE G 3378 9.24 4.28 75.35
C ILE G 3378 9.05 5.32 74.26
N MET G 3379 9.82 5.20 73.18
CA MET G 3379 9.66 6.10 72.05
C MET G 3379 8.33 5.85 71.34
N ALA G 3380 7.87 4.60 71.31
CA ALA G 3380 6.59 4.30 70.69
C ALA G 3380 5.44 4.85 71.51
N LYS G 3381 5.51 4.75 72.83
CA LYS G 3381 4.47 5.27 73.69
C LYS G 3381 4.49 6.79 73.76
N SER G 3382 5.65 7.41 73.52
CA SER G 3382 5.71 8.87 73.42
C SER G 3382 4.96 9.36 72.19
N CYS G 3383 5.02 8.59 71.10
CA CYS G 3383 4.17 8.86 69.96
C CYS G 3383 2.75 8.38 70.18
N HIS G 3384 2.56 7.27 70.90
CA HIS G 3384 1.23 6.79 71.24
C HIS G 3384 0.55 7.66 72.29
N LEU G 3385 1.31 8.48 73.01
CA LEU G 3385 0.70 9.54 73.82
C LEU G 3385 0.00 10.54 72.90
N GLU G 3386 0.58 10.81 71.73
CA GLU G 3386 -0.10 11.61 70.72
C GLU G 3386 -1.02 10.76 69.85
N GLU G 3387 -0.62 9.52 69.53
CA GLU G 3387 -1.42 8.71 68.63
C GLU G 3387 -2.66 8.16 69.32
N GLY G 3388 -2.48 7.49 70.45
CA GLY G 3388 -3.61 6.94 71.16
C GLY G 3388 -4.42 8.01 71.87
N GLY G 3389 -5.58 7.60 72.38
CA GLY G 3389 -6.49 8.49 73.05
C GLY G 3389 -7.38 9.32 72.15
N GLU G 3390 -6.95 9.60 70.91
CA GLU G 3390 -7.75 10.36 69.96
C GLU G 3390 -8.36 9.50 68.85
N ASN G 3391 -8.04 8.21 68.81
CA ASN G 3391 -8.56 7.34 67.78
C ASN G 3391 -9.11 6.04 68.38
N GLU G 3397 -21.79 8.71 73.37
CA GLU G 3397 -20.90 7.77 72.72
C GLU G 3397 -20.39 8.33 71.38
N GLU G 3398 -21.17 9.24 70.80
CA GLU G 3398 -20.83 9.85 69.52
C GLU G 3398 -20.58 11.34 69.74
N VAL G 3399 -19.32 11.75 69.64
CA VAL G 3399 -18.93 13.15 69.79
C VAL G 3399 -18.11 13.54 68.57
N GLU G 3400 -18.44 14.69 67.98
CA GLU G 3400 -17.81 15.16 66.75
C GLU G 3400 -16.66 16.09 67.11
N VAL G 3401 -15.50 15.85 66.51
CA VAL G 3401 -14.34 16.68 66.74
C VAL G 3401 -14.48 17.98 65.94
N SER G 3402 -14.36 19.11 66.63
CA SER G 3402 -14.39 20.39 65.96
C SER G 3402 -13.13 20.58 65.12
N PHE G 3403 -13.25 21.44 64.10
CA PHE G 3403 -12.15 21.67 63.16
C PHE G 3403 -10.98 22.37 63.83
N GLU G 3404 -11.26 23.15 64.88
CA GLU G 3404 -10.19 23.66 65.72
C GLU G 3404 -9.48 22.53 66.47
N GLU G 3405 -10.26 21.61 67.02
CA GLU G 3405 -9.67 20.46 67.71
C GLU G 3405 -9.05 19.48 66.73
N LYS G 3406 -9.53 19.49 65.48
CA LYS G 3406 -9.04 18.56 64.47
C LYS G 3406 -7.59 18.88 64.08
N GLU G 3407 -7.18 20.13 64.21
CA GLU G 3407 -5.83 20.50 63.80
C GLU G 3407 -4.85 20.44 64.95
N MET G 3408 -5.35 20.60 66.19
CA MET G 3408 -4.48 20.57 67.36
C MET G 3408 -3.93 19.18 67.62
N GLU G 3409 -4.72 18.15 67.30
CA GLU G 3409 -4.24 16.78 67.46
C GLU G 3409 -3.20 16.43 66.42
N LYS G 3410 -3.26 17.08 65.24
CA LYS G 3410 -2.22 16.88 64.25
C LYS G 3410 -0.89 17.48 64.70
N GLN G 3411 -0.96 18.59 65.44
CA GLN G 3411 0.24 19.26 65.93
C GLN G 3411 1.00 18.38 66.90
N ARG G 3412 0.28 17.59 67.69
CA ARG G 3412 0.88 16.59 68.55
C ARG G 3412 1.59 15.53 67.72
N LEU G 3413 1.04 15.20 66.55
CA LEU G 3413 1.69 14.24 65.68
C LEU G 3413 2.69 14.90 64.75
N LEU G 3414 2.65 16.24 64.65
CA LEU G 3414 3.78 16.94 64.04
C LEU G 3414 4.93 17.05 65.01
N TYR G 3415 4.64 17.28 66.29
CA TYR G 3415 5.69 17.50 67.27
C TYR G 3415 6.30 16.17 67.70
N GLN G 3416 5.67 15.06 67.32
CA GLN G 3416 6.16 13.76 67.79
C GLN G 3416 7.39 13.32 67.02
N GLN G 3417 7.69 13.97 65.90
CA GLN G 3417 8.96 13.74 65.24
C GLN G 3417 9.97 14.81 65.65
N SER G 3418 9.47 15.93 66.16
CA SER G 3418 10.34 16.92 66.79
C SER G 3418 10.95 16.37 68.07
N ARG G 3419 10.21 15.56 68.82
CA ARG G 3419 10.78 14.89 69.98
C ARG G 3419 11.48 13.60 69.57
N LEU G 3420 11.49 13.28 68.27
CA LEU G 3420 12.14 12.05 67.81
C LEU G 3420 13.44 12.29 67.05
N HIS G 3421 13.81 13.54 66.75
CA HIS G 3421 15.04 13.88 66.02
C HIS G 3421 15.13 13.13 64.69
N THR G 3422 14.21 13.49 63.79
CA THR G 3422 13.81 12.78 62.57
C THR G 3422 14.91 12.07 61.79
N ARG G 3423 16.08 12.69 61.70
CA ARG G 3423 17.19 12.09 60.98
C ARG G 3423 17.86 10.98 61.77
N GLY G 3424 17.76 11.01 63.10
CA GLY G 3424 18.22 9.88 63.88
C GLY G 3424 17.28 8.70 63.79
N ALA G 3425 15.97 8.97 63.84
CA ALA G 3425 14.99 7.91 64.03
C ALA G 3425 14.79 7.07 62.77
N ALA G 3426 14.74 7.72 61.60
CA ALA G 3426 14.27 7.07 60.38
C ALA G 3426 15.39 6.42 59.59
N GLU G 3427 16.47 6.00 60.24
CA GLU G 3427 17.52 5.27 59.54
C GLU G 3427 17.85 3.98 60.28
N MET G 3428 17.86 4.06 61.61
CA MET G 3428 18.18 2.91 62.43
C MET G 3428 17.10 1.84 62.38
N VAL G 3429 15.83 2.23 62.15
CA VAL G 3429 14.78 1.26 61.90
C VAL G 3429 14.92 0.59 60.54
N LEU G 3430 15.63 1.21 59.61
CA LEU G 3430 15.82 0.65 58.28
C LEU G 3430 16.94 -0.39 58.26
N GLN G 3431 18.07 -0.09 58.90
CA GLN G 3431 19.13 -1.08 59.02
C GLN G 3431 18.73 -2.21 59.97
N MET G 3432 17.73 -1.99 60.82
CA MET G 3432 17.17 -3.09 61.58
C MET G 3432 16.42 -4.06 60.68
N ILE G 3433 15.84 -3.56 59.59
CA ILE G 3433 15.28 -4.45 58.59
C ILE G 3433 16.40 -5.03 57.73
N SER G 3434 17.44 -4.24 57.48
CA SER G 3434 18.64 -4.72 56.82
C SER G 3434 19.51 -5.57 57.75
N ALA G 3435 19.14 -5.69 59.02
CA ALA G 3435 19.67 -6.66 59.96
C ALA G 3435 19.00 -8.02 59.72
N CYS G 3436 18.98 -8.85 60.77
CA CYS G 3436 18.41 -10.21 60.74
C CYS G 3436 17.05 -10.26 60.07
N LYS G 3437 16.84 -11.33 59.31
CA LYS G 3437 15.92 -11.31 58.19
C LYS G 3437 14.97 -12.50 58.12
N GLY G 3438 15.32 -13.66 58.67
CA GLY G 3438 14.51 -14.83 58.47
C GLY G 3438 13.47 -15.02 59.54
N GLU G 3439 13.83 -14.65 60.78
CA GLU G 3439 12.96 -14.95 61.90
C GLU G 3439 12.05 -13.79 62.22
N THR G 3440 10.96 -14.11 62.92
CA THR G 3440 10.05 -13.10 63.45
C THR G 3440 10.54 -12.67 64.84
N GLY G 3441 11.68 -11.98 64.82
CA GLY G 3441 12.27 -11.51 66.05
C GLY G 3441 11.46 -10.43 66.72
N ALA G 3442 11.46 -10.47 68.06
CA ALA G 3442 10.75 -9.47 68.83
C ALA G 3442 11.37 -8.09 68.69
N MET G 3443 12.68 -8.02 68.47
CA MET G 3443 13.31 -6.75 68.13
C MET G 3443 12.79 -6.23 66.80
N VAL G 3444 12.67 -7.10 65.81
CA VAL G 3444 12.06 -6.75 64.54
C VAL G 3444 10.58 -6.43 64.74
N SER G 3445 9.91 -7.19 65.62
CA SER G 3445 8.51 -6.90 65.92
C SER G 3445 8.35 -5.57 66.64
N SER G 3446 9.29 -5.23 67.51
CA SER G 3446 9.22 -3.93 68.17
C SER G 3446 9.58 -2.80 67.22
N THR G 3447 10.40 -3.08 66.21
CA THR G 3447 10.87 -2.04 65.31
C THR G 3447 9.76 -1.58 64.38
N LEU G 3448 8.96 -2.53 63.88
CA LEU G 3448 7.83 -2.18 63.03
C LEU G 3448 6.77 -1.40 63.79
N LYS G 3449 6.53 -1.75 65.05
CA LYS G 3449 5.58 -1.00 65.86
C LYS G 3449 6.09 0.40 66.15
N LEU G 3450 7.39 0.56 66.32
CA LEU G 3450 7.97 1.90 66.41
C LEU G 3450 7.96 2.58 65.05
N GLY G 3451 8.07 1.80 63.97
CA GLY G 3451 8.09 2.38 62.64
C GLY G 3451 6.76 2.97 62.21
N ILE G 3452 5.65 2.37 62.66
CA ILE G 3452 4.34 2.93 62.38
C ILE G 3452 4.14 4.22 63.17
N SER G 3453 4.80 4.33 64.32
CA SER G 3453 4.75 5.55 65.11
C SER G 3453 5.56 6.69 64.48
N ILE G 3454 6.35 6.41 63.45
CA ILE G 3454 7.06 7.47 62.74
C ILE G 3454 6.12 8.18 61.80
N LEU G 3455 5.63 7.45 60.81
CA LEU G 3455 4.81 7.96 59.72
C LEU G 3455 3.35 7.57 59.90
N ASN G 3456 2.88 7.65 61.15
CA ASN G 3456 1.46 7.45 61.45
C ASN G 3456 0.61 8.50 60.73
N GLY G 3457 0.82 9.78 61.05
CA GLY G 3457 0.09 10.83 60.39
C GLY G 3457 0.77 11.36 59.14
N GLY G 3458 0.82 10.55 58.08
CA GLY G 3458 1.39 11.04 56.84
C GLY G 3458 2.90 11.00 56.87
N ASN G 3459 3.50 12.18 57.07
CA ASN G 3459 4.92 12.37 57.36
C ASN G 3459 5.80 11.88 56.20
N ALA G 3460 5.56 12.47 55.04
CA ALA G 3460 6.35 12.10 53.87
C ALA G 3460 7.77 12.66 53.92
N GLU G 3461 8.04 13.64 54.78
CA GLU G 3461 9.37 14.21 54.87
C GLU G 3461 10.34 13.22 55.50
N VAL G 3462 9.89 12.50 56.54
CA VAL G 3462 10.73 11.45 57.06
C VAL G 3462 10.69 10.24 56.16
N GLN G 3463 9.65 10.09 55.33
CA GLN G 3463 9.67 9.11 54.25
C GLN G 3463 10.68 9.51 53.20
N GLN G 3464 10.81 10.82 52.95
CA GLN G 3464 11.81 11.33 52.01
C GLN G 3464 13.21 11.01 52.49
N LYS G 3465 13.46 11.23 53.79
CA LYS G 3465 14.72 10.81 54.40
C LYS G 3465 14.86 9.29 54.38
N MET G 3466 13.75 8.59 54.54
CA MET G 3466 13.75 7.13 54.46
C MET G 3466 14.08 6.67 53.05
N LEU G 3467 13.46 7.29 52.05
CA LEU G 3467 13.71 6.90 50.67
C LEU G 3467 15.11 7.30 50.22
N ASP G 3468 15.59 8.47 50.64
CA ASP G 3468 16.91 8.93 50.22
C ASP G 3468 18.01 8.05 50.81
N TYR G 3469 17.85 7.64 52.07
CA TYR G 3469 18.82 6.75 52.71
C TYR G 3469 18.93 5.42 51.98
N LEU G 3470 17.81 4.90 51.48
CA LEU G 3470 17.86 3.72 50.64
C LEU G 3470 18.48 4.03 49.29
N LYS G 3471 18.04 5.11 48.65
CA LYS G 3471 18.50 5.44 47.31
C LYS G 3471 19.92 5.96 47.27
N ASP G 3472 20.51 6.31 48.42
CA ASP G 3472 21.91 6.73 48.40
C ASP G 3472 22.84 5.57 48.67
N LYS G 3473 22.59 4.82 49.75
CA LYS G 3473 23.49 3.74 50.12
C LYS G 3473 23.33 2.54 49.20
N LYS G 3474 22.14 2.35 48.64
CA LYS G 3474 21.86 1.43 47.53
C LYS G 3474 22.19 -0.02 47.89
N GLU G 3475 21.42 -0.57 48.83
CA GLU G 3475 21.68 -1.91 49.32
C GLU G 3475 20.47 -2.80 49.14
N VAL G 3476 20.73 -4.02 48.70
CA VAL G 3476 19.78 -5.13 48.83
C VAL G 3476 19.97 -5.69 50.22
N GLY G 3477 19.09 -6.59 50.64
CA GLY G 3477 19.06 -7.05 52.00
C GLY G 3477 18.05 -6.33 52.85
N PHE G 3478 17.57 -5.19 52.39
CA PHE G 3478 16.47 -4.52 53.05
C PHE G 3478 15.16 -5.21 52.70
N PHE G 3479 14.90 -5.40 51.41
CA PHE G 3479 13.61 -5.85 50.94
C PHE G 3479 13.53 -7.36 50.79
N GLN G 3480 14.64 -8.01 50.48
CA GLN G 3480 14.63 -9.47 50.46
C GLN G 3480 14.58 -10.02 51.88
N SER G 3481 14.97 -9.22 52.87
CA SER G 3481 14.56 -9.46 54.24
C SER G 3481 13.05 -9.46 54.39
N ILE G 3482 12.36 -8.55 53.70
CA ILE G 3482 10.93 -8.37 53.91
C ILE G 3482 10.15 -9.54 53.33
N GLN G 3483 10.54 -9.99 52.13
CA GLN G 3483 9.88 -11.16 51.57
C GLN G 3483 10.27 -12.42 52.31
N ALA G 3484 11.41 -12.44 52.98
CA ALA G 3484 11.69 -13.50 53.93
C ALA G 3484 10.75 -13.39 55.13
N LEU G 3485 10.49 -12.16 55.59
CA LEU G 3485 9.51 -11.96 56.63
C LEU G 3485 8.10 -12.20 56.12
N MET G 3486 7.83 -11.86 54.85
CA MET G 3486 6.50 -12.06 54.28
C MET G 3486 6.18 -13.54 54.16
N GLN G 3487 7.12 -14.33 53.63
CA GLN G 3487 6.89 -15.76 53.51
C GLN G 3487 6.89 -16.45 54.86
N THR G 3488 7.48 -15.84 55.88
CA THR G 3488 7.39 -16.34 57.24
C THR G 3488 6.21 -15.65 57.94
N CYS G 3489 5.02 -15.99 57.45
CA CYS G 3489 3.77 -15.55 58.04
C CYS G 3489 2.80 -16.71 58.00
N SER G 3490 1.97 -16.82 59.03
CA SER G 3490 1.10 -17.98 59.16
C SER G 3490 -0.32 -17.65 58.71
N VAL G 3491 -1.10 -18.71 58.55
CA VAL G 3491 -2.48 -18.64 58.10
C VAL G 3491 -3.34 -19.46 59.07
N LEU G 3492 -4.62 -19.62 58.73
CA LEU G 3492 -5.49 -20.53 59.49
C LEU G 3492 -5.06 -21.96 59.25
N ASP G 3493 -5.05 -22.76 60.32
CA ASP G 3493 -4.74 -24.18 60.25
C ASP G 3493 -5.94 -24.96 60.76
N LEU G 3494 -6.61 -25.69 59.86
CA LEU G 3494 -7.70 -26.56 60.28
C LEU G 3494 -7.17 -27.74 61.09
N ASN G 3495 -5.97 -28.21 60.75
CA ASN G 3495 -5.38 -29.35 61.45
C ASN G 3495 -5.03 -29.00 62.88
N ALA G 3496 -4.42 -27.82 63.10
CA ALA G 3496 -4.21 -27.36 64.46
C ALA G 3496 -5.52 -26.99 65.14
N PHE G 3497 -6.54 -26.62 64.35
CA PHE G 3497 -7.85 -26.35 64.93
C PHE G 3497 -8.49 -27.62 65.47
N GLU G 3498 -8.31 -28.76 64.78
CA GLU G 3498 -8.85 -30.03 65.24
C GLU G 3498 -8.20 -30.47 66.54
N ARG G 3499 -6.94 -30.11 66.74
CA ARG G 3499 -6.22 -30.56 67.92
C ARG G 3499 -6.71 -29.84 69.16
N GLN G 3500 -6.74 -28.51 69.13
CA GLN G 3500 -7.24 -27.77 70.29
C GLN G 3500 -8.75 -27.79 70.39
N ASN G 3501 -9.45 -28.31 69.38
CA ASN G 3501 -10.85 -28.64 69.55
C ASN G 3501 -11.01 -29.75 70.58
N LYS G 3502 -10.12 -30.73 70.54
CA LYS G 3502 -10.12 -31.80 71.54
C LYS G 3502 -9.41 -31.39 72.82
N ALA G 3503 -8.41 -30.51 72.75
CA ALA G 3503 -7.76 -30.04 73.96
C ALA G 3503 -8.65 -29.10 74.76
N GLU G 3504 -9.52 -28.36 74.07
CA GLU G 3504 -10.58 -27.65 74.79
C GLU G 3504 -11.61 -28.62 75.33
N GLY G 3505 -11.82 -29.75 74.64
CA GLY G 3505 -12.63 -30.82 75.19
C GLY G 3505 -11.94 -31.59 76.30
N LEU G 3506 -10.61 -31.54 76.36
CA LEU G 3506 -9.84 -32.12 77.46
C LEU G 3506 -9.43 -31.06 78.48
N GLY G 3507 -10.29 -30.06 78.69
CA GLY G 3507 -10.08 -29.06 79.71
C GLY G 3507 -10.47 -29.48 81.12
N MET G 3508 -10.78 -30.77 81.31
CA MET G 3508 -11.18 -31.31 82.60
C MET G 3508 -10.00 -31.88 83.38
N VAL G 3509 -8.82 -31.29 83.24
CA VAL G 3509 -7.61 -31.73 83.92
C VAL G 3509 -7.71 -31.45 85.42
N ASN G 3510 -6.76 -31.98 86.18
CA ASN G 3510 -6.85 -32.01 87.64
C ASN G 3510 -6.56 -30.63 88.24
N GLU G 3511 -6.38 -30.63 89.56
CA GLU G 3511 -6.26 -29.39 90.32
C GLU G 3511 -4.98 -28.63 89.97
N ASP G 3512 -5.14 -27.34 89.66
CA ASP G 3512 -4.10 -26.44 89.16
C ASP G 3512 -3.42 -26.97 87.90
N GLY G 3513 -4.17 -27.65 87.03
CA GLY G 3513 -3.62 -28.15 85.80
C GLY G 3513 -4.57 -28.04 84.62
N THR G 3514 -5.77 -27.50 84.87
CA THR G 3514 -6.78 -27.35 83.83
C THR G 3514 -6.75 -25.98 83.17
N VAL G 3515 -5.69 -25.20 83.37
CA VAL G 3515 -5.57 -23.88 82.77
C VAL G 3515 -4.25 -23.78 82.02
N ILE G 3516 -3.72 -24.92 81.56
CA ILE G 3516 -2.50 -24.90 80.78
C ILE G 3516 -2.79 -24.61 79.32
N ASN G 3517 -3.97 -24.99 78.85
CA ASN G 3517 -4.39 -24.69 77.48
C ASN G 3517 -5.74 -23.99 77.50
N ARG G 3518 -5.87 -22.96 78.34
CA ARG G 3518 -7.12 -22.24 78.46
C ARG G 3518 -7.39 -21.39 77.21
N GLN G 3519 -6.37 -20.72 76.70
CA GLN G 3519 -6.50 -19.92 75.49
C GLN G 3519 -5.93 -20.64 74.27
N ASN G 3520 -4.63 -20.97 74.31
CA ASN G 3520 -3.88 -21.55 73.19
C ASN G 3520 -4.00 -20.71 71.92
N GLY G 3521 -3.98 -19.38 72.10
CA GLY G 3521 -4.15 -18.47 70.98
C GLY G 3521 -2.96 -18.38 70.06
N GLU G 3522 -1.80 -18.88 70.49
CA GLU G 3522 -0.59 -18.88 69.67
C GLU G 3522 -0.46 -20.16 68.84
N LYS G 3523 -1.57 -20.82 68.51
CA LYS G 3523 -1.55 -22.11 67.86
C LYS G 3523 -1.97 -22.04 66.39
N VAL G 3524 -3.14 -21.45 66.11
CA VAL G 3524 -3.65 -21.46 64.74
C VAL G 3524 -3.08 -20.29 63.94
N MET G 3525 -3.37 -19.06 64.36
CA MET G 3525 -2.85 -17.91 63.64
C MET G 3525 -1.48 -17.50 64.16
N ALA G 3526 -1.43 -17.06 65.43
CA ALA G 3526 -0.21 -16.60 66.12
C ALA G 3526 0.53 -15.51 65.35
N ASP G 3527 -0.21 -14.69 64.61
CA ASP G 3527 0.40 -13.72 63.71
C ASP G 3527 -0.35 -12.40 63.73
N ASP G 3528 -1.36 -12.24 64.60
CA ASP G 3528 -2.28 -11.11 64.55
C ASP G 3528 -1.58 -9.80 64.86
N GLU G 3529 -0.76 -9.78 65.92
CA GLU G 3529 0.01 -8.59 66.25
C GLU G 3529 1.26 -8.44 65.40
N PHE G 3530 1.49 -9.31 64.43
CA PHE G 3530 2.65 -9.19 63.56
C PHE G 3530 2.29 -8.95 62.11
N THR G 3531 1.50 -9.83 61.49
CA THR G 3531 1.29 -9.67 60.05
C THR G 3531 0.29 -8.58 59.74
N GLN G 3532 -0.61 -8.27 60.67
CA GLN G 3532 -1.43 -7.08 60.52
C GLN G 3532 -0.62 -5.84 60.83
N ASP G 3533 0.32 -5.97 61.77
CA ASP G 3533 1.29 -4.90 62.04
C ASP G 3533 2.27 -4.75 60.88
N LEU G 3534 2.50 -5.83 60.12
CA LEU G 3534 3.43 -5.81 59.00
C LEU G 3534 2.98 -4.84 57.92
N PHE G 3535 1.84 -5.12 57.30
CA PHE G 3535 1.38 -4.35 56.17
C PHE G 3535 0.81 -2.99 56.58
N ARG G 3536 0.48 -2.81 57.87
CA ARG G 3536 0.11 -1.49 58.36
C ARG G 3536 1.28 -0.52 58.25
N PHE G 3537 2.48 -1.00 58.58
CA PHE G 3537 3.69 -0.27 58.24
C PHE G 3537 3.80 -0.07 56.74
N LEU G 3538 3.56 -1.15 55.98
CA LEU G 3538 3.82 -1.11 54.55
C LEU G 3538 2.79 -0.29 53.79
N GLN G 3539 1.60 -0.13 54.35
CA GLN G 3539 0.61 0.73 53.70
C GLN G 3539 0.95 2.20 53.90
N LEU G 3540 1.31 2.58 55.13
CA LEU G 3540 1.54 3.98 55.45
C LEU G 3540 2.86 4.50 54.89
N LEU G 3541 3.71 3.63 54.35
CA LEU G 3541 4.89 4.06 53.62
C LEU G 3541 4.54 4.86 52.38
N CYS G 3542 3.53 4.41 51.64
CA CYS G 3542 3.10 5.07 50.41
C CYS G 3542 1.67 5.58 50.54
N GLU G 3543 1.30 6.04 51.75
CA GLU G 3543 -0.04 6.58 51.94
C GLU G 3543 -0.21 7.90 51.22
N GLY G 3544 0.71 8.83 51.44
CA GLY G 3544 0.87 9.93 50.51
C GLY G 3544 1.25 9.39 49.15
N HIS G 3545 0.69 10.00 48.10
CA HIS G 3545 0.90 9.51 46.75
C HIS G 3545 2.32 9.84 46.31
N ASN G 3546 3.27 9.00 46.70
CA ASN G 3546 4.67 9.34 46.55
C ASN G 3546 5.11 9.22 45.11
N ASN G 3547 4.64 8.17 44.42
CA ASN G 3547 4.64 7.97 42.97
C ASN G 3547 6.03 7.65 42.41
N ASP G 3548 7.06 7.77 43.25
CA ASP G 3548 8.39 7.29 42.91
C ASP G 3548 8.89 6.25 43.89
N PHE G 3549 8.64 6.45 45.17
CA PHE G 3549 8.68 5.38 46.14
C PHE G 3549 7.66 4.30 45.83
N GLN G 3550 6.51 4.70 45.27
CA GLN G 3550 5.56 3.73 44.75
C GLN G 3550 6.12 3.01 43.54
N ASN G 3551 6.90 3.71 42.71
CA ASN G 3551 7.70 3.01 41.71
C ASN G 3551 8.79 2.19 42.37
N TYR G 3552 9.28 2.62 43.53
CA TYR G 3552 10.43 1.96 44.14
C TYR G 3552 10.02 0.67 44.85
N LEU G 3553 8.72 0.50 45.13
CA LEU G 3553 8.25 -0.82 45.50
C LEU G 3553 8.06 -1.74 44.29
N ARG G 3554 8.09 -1.18 43.09
CA ARG G 3554 8.01 -2.03 41.90
C ARG G 3554 9.40 -2.40 41.41
N THR G 3555 10.39 -1.55 41.67
CA THR G 3555 11.73 -1.83 41.19
C THR G 3555 12.77 -1.17 42.07
N GLN G 3556 13.97 -1.74 42.04
CA GLN G 3556 15.17 -1.15 42.61
C GLN G 3556 16.20 -1.20 41.49
N THR G 3557 16.19 -0.19 40.62
CA THR G 3557 17.12 -0.17 39.50
C THR G 3557 18.49 0.36 39.89
N GLY G 3558 18.62 1.00 41.05
CA GLY G 3558 19.94 1.31 41.57
C GLY G 3558 20.68 0.09 42.08
N ASN G 3559 19.95 -0.95 42.45
CA ASN G 3559 20.51 -2.22 42.84
C ASN G 3559 20.57 -3.15 41.64
N THR G 3560 21.43 -4.16 41.71
CA THR G 3560 21.54 -5.13 40.65
C THR G 3560 20.38 -6.11 40.59
N THR G 3561 19.56 -6.17 41.64
CA THR G 3561 18.40 -7.05 41.66
C THR G 3561 17.15 -6.25 41.99
N THR G 3562 16.01 -6.83 41.65
CA THR G 3562 14.71 -6.20 41.78
C THR G 3562 13.80 -7.11 42.60
N ILE G 3563 13.12 -6.53 43.59
CA ILE G 3563 12.33 -7.32 44.53
C ILE G 3563 10.87 -7.34 44.10
N ASN G 3564 10.27 -6.15 44.01
CA ASN G 3564 8.86 -5.93 43.66
C ASN G 3564 7.93 -6.70 44.60
N ILE G 3565 7.90 -6.17 45.82
CA ILE G 3565 7.08 -6.66 46.94
C ILE G 3565 5.64 -6.92 46.55
N ILE G 3566 5.08 -6.03 45.71
CA ILE G 3566 3.66 -6.01 45.40
C ILE G 3566 3.23 -7.28 44.66
N ILE G 3567 4.15 -7.91 43.92
CA ILE G 3567 3.88 -9.19 43.29
C ILE G 3567 3.60 -10.26 44.33
N CYS G 3568 4.56 -10.49 45.22
CA CYS G 3568 4.40 -11.51 46.25
C CYS G 3568 3.48 -11.07 47.37
N THR G 3569 3.12 -9.79 47.43
CA THR G 3569 2.08 -9.34 48.35
C THR G 3569 0.73 -9.97 47.99
N VAL G 3570 0.49 -10.12 46.68
CA VAL G 3570 -0.67 -10.86 46.20
C VAL G 3570 -0.55 -12.33 46.59
N ASP G 3571 0.67 -12.86 46.58
CA ASP G 3571 0.88 -14.29 46.79
C ASP G 3571 0.57 -14.72 48.21
N TYR G 3572 0.92 -13.90 49.20
CA TYR G 3572 0.55 -14.24 50.57
C TYR G 3572 -0.96 -14.08 50.77
N LEU G 3573 -1.56 -13.09 50.14
CA LEU G 3573 -3.02 -13.00 50.13
C LEU G 3573 -3.62 -14.20 49.42
N LEU G 3574 -2.97 -14.65 48.33
CA LEU G 3574 -3.35 -15.90 47.70
C LEU G 3574 -3.16 -17.09 48.64
N ARG G 3575 -2.08 -17.09 49.41
CA ARG G 3575 -1.89 -18.14 50.41
C ARG G 3575 -2.87 -18.01 51.56
N LEU G 3576 -3.25 -16.78 51.92
CA LEU G 3576 -4.20 -16.60 53.02
C LEU G 3576 -5.62 -16.96 52.59
N GLN G 3577 -5.99 -16.56 51.37
CA GLN G 3577 -7.34 -16.78 50.86
C GLN G 3577 -7.69 -18.25 50.77
N GLU G 3578 -6.76 -19.06 50.26
CA GLU G 3578 -7.01 -20.49 50.13
C GLU G 3578 -7.12 -21.16 51.49
N SER G 3579 -6.41 -20.63 52.49
CA SER G 3579 -6.63 -21.06 53.87
C SER G 3579 -7.99 -20.59 54.38
N ILE G 3580 -8.42 -19.41 53.96
CA ILE G 3580 -9.75 -18.93 54.30
C ILE G 3580 -10.80 -19.69 53.50
N SER G 3581 -10.47 -20.07 52.26
CA SER G 3581 -11.42 -20.78 51.40
C SER G 3581 -11.76 -22.16 51.97
N ASP G 3582 -10.75 -22.90 52.41
CA ASP G 3582 -11.00 -24.22 52.92
C ASP G 3582 -11.49 -24.22 54.36
N PHE G 3583 -11.48 -23.04 55.01
CA PHE G 3583 -12.11 -22.92 56.32
C PHE G 3583 -13.61 -23.15 56.25
N TYR G 3584 -14.22 -22.74 55.14
CA TYR G 3584 -15.66 -22.90 54.99
C TYR G 3584 -16.05 -24.36 54.79
N TRP G 3585 -15.15 -25.15 54.21
CA TRP G 3585 -15.51 -26.51 53.83
C TRP G 3585 -15.64 -27.43 55.03
N TYR G 3586 -14.92 -27.13 56.11
CA TYR G 3586 -15.15 -27.83 57.37
C TYR G 3586 -16.49 -27.44 57.97
N TYR G 3587 -16.96 -26.23 57.67
CA TYR G 3587 -18.24 -25.75 58.17
C TYR G 3587 -19.34 -25.80 57.12
N SER G 3588 -19.07 -26.39 55.95
CA SER G 3588 -20.11 -26.56 54.94
C SER G 3588 -21.21 -27.53 55.40
N GLY G 3589 -20.91 -28.43 56.32
CA GLY G 3589 -21.92 -29.33 56.84
C GLY G 3589 -22.88 -28.69 57.81
N LYS G 3590 -22.39 -28.32 58.99
CA LYS G 3590 -23.26 -27.81 60.04
C LYS G 3590 -23.56 -26.34 59.83
N ASP G 3591 -24.64 -25.88 60.44
CA ASP G 3591 -25.17 -24.54 60.26
C ASP G 3591 -24.60 -23.52 61.26
N VAL G 3592 -24.33 -23.95 62.47
CA VAL G 3592 -23.80 -23.05 63.50
C VAL G 3592 -22.28 -23.14 63.49
N ILE G 3593 -21.63 -22.01 63.71
CA ILE G 3593 -20.18 -21.96 63.89
C ILE G 3593 -19.94 -21.85 65.38
N GLU G 3594 -18.87 -22.50 65.86
CA GLU G 3594 -18.52 -22.36 67.25
C GLU G 3594 -17.98 -20.96 67.54
N GLU G 3595 -17.98 -20.62 68.84
CA GLU G 3595 -17.29 -19.42 69.27
C GLU G 3595 -15.80 -19.52 69.00
N GLN G 3596 -15.23 -20.71 69.13
CA GLN G 3596 -13.84 -20.92 68.76
C GLN G 3596 -13.65 -20.78 67.26
N GLY G 3597 -14.65 -21.19 66.48
CA GLY G 3597 -14.58 -20.99 65.04
C GLY G 3597 -14.68 -19.52 64.65
N LYS G 3598 -15.58 -18.78 65.29
CA LYS G 3598 -15.80 -17.39 64.90
C LYS G 3598 -14.69 -16.48 65.40
N ARG G 3599 -14.11 -16.78 66.56
CA ARG G 3599 -13.06 -15.94 67.12
C ARG G 3599 -11.78 -16.06 66.28
N ASN G 3600 -11.44 -17.26 65.85
CA ASN G 3600 -10.26 -17.47 65.03
C ASN G 3600 -10.42 -16.95 63.62
N PHE G 3601 -11.62 -16.99 63.07
CA PHE G 3601 -11.87 -16.56 61.70
C PHE G 3601 -12.07 -15.06 61.58
N SER G 3602 -12.49 -14.39 62.66
CA SER G 3602 -12.52 -12.94 62.68
C SER G 3602 -11.13 -12.32 62.62
N LYS G 3603 -10.11 -13.07 63.02
CA LYS G 3603 -8.74 -12.56 63.01
C LYS G 3603 -8.26 -12.32 61.58
N ALA G 3604 -8.21 -13.39 60.78
CA ALA G 3604 -7.67 -13.33 59.43
C ALA G 3604 -8.49 -12.46 58.50
N MET G 3605 -9.80 -12.36 58.74
CA MET G 3605 -10.63 -11.41 58.01
C MET G 3605 -10.20 -9.98 58.32
N SER G 3606 -9.92 -9.68 59.59
CA SER G 3606 -9.42 -8.37 59.96
C SER G 3606 -7.99 -8.16 59.48
N VAL G 3607 -7.22 -9.23 59.36
CA VAL G 3607 -5.85 -9.13 58.85
C VAL G 3607 -5.86 -8.78 57.38
N ALA G 3608 -6.71 -9.45 56.59
CA ALA G 3608 -6.77 -9.22 55.15
C ALA G 3608 -7.29 -7.83 54.82
N LYS G 3609 -8.00 -7.19 55.74
CA LYS G 3609 -8.42 -5.80 55.56
C LYS G 3609 -7.22 -4.88 55.45
N GLN G 3610 -6.17 -5.15 56.24
CA GLN G 3610 -4.92 -4.43 56.05
C GLN G 3610 -4.27 -4.78 54.72
N VAL G 3611 -4.45 -6.03 54.27
CA VAL G 3611 -3.81 -6.48 53.04
C VAL G 3611 -4.44 -5.81 51.84
N PHE G 3612 -5.77 -5.72 51.80
CA PHE G 3612 -6.43 -5.00 50.72
C PHE G 3612 -6.08 -3.52 50.73
N ASN G 3613 -6.08 -2.91 51.91
CA ASN G 3613 -5.83 -1.48 52.01
C ASN G 3613 -4.38 -1.13 51.71
N SER G 3614 -3.45 -2.03 51.99
CA SER G 3614 -2.08 -1.80 51.56
C SER G 3614 -1.96 -1.88 50.05
N LEU G 3615 -2.76 -2.74 49.42
CA LEU G 3615 -2.74 -2.86 47.97
C LEU G 3615 -3.47 -1.71 47.29
N THR G 3616 -4.32 -0.98 48.04
CA THR G 3616 -4.93 0.22 47.49
C THR G 3616 -3.88 1.31 47.24
N GLU G 3617 -3.04 1.56 48.24
CA GLU G 3617 -2.06 2.65 48.15
C GLU G 3617 -0.94 2.37 47.17
N TYR G 3618 -0.85 1.16 46.63
CA TYR G 3618 0.19 0.87 45.65
C TYR G 3618 -0.20 1.40 44.28
N ILE G 3619 -1.48 1.68 44.08
CA ILE G 3619 -1.98 2.11 42.78
C ILE G 3619 -2.70 3.46 42.82
N GLN G 3620 -3.18 3.92 43.98
CA GLN G 3620 -3.81 5.24 44.06
C GLN G 3620 -2.80 6.34 43.80
N GLY G 3621 -3.27 7.42 43.18
CA GLY G 3621 -2.36 8.43 42.69
C GLY G 3621 -1.60 7.84 41.53
N PRO G 3622 -2.28 7.69 40.38
CA PRO G 3622 -2.20 6.45 39.61
C PRO G 3622 -0.82 6.10 39.09
N CYS G 3623 -0.27 5.05 39.69
CA CYS G 3623 1.04 4.53 39.37
C CYS G 3623 0.78 3.39 38.40
N THR G 3624 0.78 3.73 37.11
CA THR G 3624 0.31 2.83 36.08
C THR G 3624 1.18 1.60 35.95
N GLY G 3625 2.47 1.73 36.26
CA GLY G 3625 3.34 0.57 36.28
C GLY G 3625 2.94 -0.43 37.35
N ASN G 3626 2.47 0.06 38.50
CA ASN G 3626 1.87 -0.83 39.46
C ASN G 3626 0.52 -1.33 38.98
N GLN G 3627 -0.21 -0.48 38.26
CA GLN G 3627 -1.51 -0.88 37.74
C GLN G 3627 -1.36 -1.90 36.62
N GLN G 3628 -0.40 -1.70 35.72
CA GLN G 3628 -0.19 -2.68 34.66
C GLN G 3628 0.40 -3.97 35.19
N SER G 3629 1.08 -3.92 36.34
CA SER G 3629 1.63 -5.13 36.92
C SER G 3629 0.54 -6.04 37.43
N LEU G 3630 -0.53 -5.47 37.98
CA LEU G 3630 -1.65 -6.28 38.43
C LEU G 3630 -2.46 -6.86 37.28
N ALA G 3631 -2.35 -6.27 36.10
CA ALA G 3631 -3.08 -6.77 34.94
C ALA G 3631 -2.53 -8.11 34.46
N HIS G 3632 -1.26 -8.37 34.71
CA HIS G 3632 -0.66 -9.62 34.30
C HIS G 3632 -0.35 -10.55 35.47
N SER G 3633 -0.55 -10.08 36.69
CA SER G 3633 -0.44 -10.97 37.84
C SER G 3633 -1.65 -11.92 37.88
N ARG G 3634 -1.54 -12.96 38.70
CA ARG G 3634 -2.69 -13.83 38.91
C ARG G 3634 -3.52 -13.37 40.11
N LEU G 3635 -3.79 -12.06 40.12
CA LEU G 3635 -4.72 -11.49 41.09
C LEU G 3635 -6.15 -11.89 40.79
N TRP G 3636 -6.48 -11.98 39.50
CA TRP G 3636 -7.81 -12.39 39.09
C TRP G 3636 -8.11 -13.82 39.51
N ASP G 3637 -7.08 -14.68 39.57
CA ASP G 3637 -7.25 -16.00 40.14
C ASP G 3637 -7.61 -15.91 41.62
N ALA G 3638 -7.07 -14.92 42.32
CA ALA G 3638 -7.39 -14.75 43.73
C ALA G 3638 -8.76 -14.12 43.90
N VAL G 3639 -9.05 -13.07 43.14
CA VAL G 3639 -10.22 -12.21 43.33
C VAL G 3639 -11.53 -12.99 43.16
N VAL G 3640 -11.55 -13.96 42.24
CA VAL G 3640 -12.75 -14.76 41.99
C VAL G 3640 -13.12 -15.60 43.20
N GLY G 3641 -12.14 -16.21 43.85
CA GLY G 3641 -12.43 -17.15 44.92
C GLY G 3641 -12.93 -16.52 46.20
N PHE G 3642 -12.77 -15.20 46.35
CA PHE G 3642 -13.34 -14.53 47.52
C PHE G 3642 -14.86 -14.56 47.47
N LEU G 3643 -15.42 -14.27 46.30
CA LEU G 3643 -16.87 -14.23 46.10
C LEU G 3643 -17.52 -15.57 46.41
N HIS G 3644 -16.82 -16.66 46.09
CA HIS G 3644 -17.34 -17.99 46.42
C HIS G 3644 -17.40 -18.19 47.92
N VAL G 3645 -16.46 -17.62 48.65
CA VAL G 3645 -16.58 -17.59 50.10
C VAL G 3645 -17.54 -16.49 50.53
N PHE G 3646 -17.52 -15.37 49.81
CA PHE G 3646 -18.36 -14.22 50.19
C PHE G 3646 -19.82 -14.40 49.83
N ALA G 3647 -20.21 -15.48 49.15
CA ALA G 3647 -21.60 -15.73 48.84
C ALA G 3647 -22.27 -16.73 49.76
N HIS G 3648 -21.50 -17.60 50.41
CA HIS G 3648 -22.14 -18.69 51.13
C HIS G 3648 -22.28 -18.40 52.62
N MET G 3649 -21.22 -17.87 53.26
CA MET G 3649 -21.38 -17.34 54.61
C MET G 3649 -22.28 -16.12 54.62
N MET G 3650 -22.35 -15.42 53.49
CA MET G 3650 -23.44 -14.49 53.20
C MET G 3650 -24.79 -15.14 53.44
N MET G 3651 -25.02 -16.31 52.84
CA MET G 3651 -26.26 -17.02 53.05
C MET G 3651 -26.33 -17.62 54.44
N LYS G 3652 -25.18 -17.91 55.05
CA LYS G 3652 -25.15 -18.71 56.25
C LYS G 3652 -25.27 -17.86 57.51
N LEU G 3653 -24.48 -16.79 57.61
CA LEU G 3653 -24.50 -15.97 58.80
C LEU G 3653 -25.79 -15.15 58.92
N ALA G 3654 -26.47 -14.91 57.81
CA ALA G 3654 -27.74 -14.21 57.82
C ALA G 3654 -28.86 -15.04 58.42
N GLN G 3655 -28.73 -16.37 58.46
CA GLN G 3655 -29.76 -17.24 59.00
C GLN G 3655 -29.72 -17.31 60.53
N ASP G 3656 -28.78 -16.62 61.15
CA ASP G 3656 -28.68 -16.61 62.60
C ASP G 3656 -28.70 -15.16 63.06
N SER G 3657 -29.42 -14.90 64.15
CA SER G 3657 -29.36 -13.59 64.79
C SER G 3657 -28.06 -13.38 65.54
N SER G 3658 -27.39 -14.45 65.95
CA SER G 3658 -26.14 -14.35 66.68
C SER G 3658 -24.93 -14.21 65.77
N GLN G 3659 -25.11 -14.34 64.46
CA GLN G 3659 -24.01 -14.32 63.51
C GLN G 3659 -24.06 -13.07 62.63
N ILE G 3660 -24.72 -12.03 63.12
CA ILE G 3660 -24.90 -10.82 62.32
C ILE G 3660 -23.62 -10.00 62.30
N GLU G 3661 -22.97 -9.84 63.46
CA GLU G 3661 -21.82 -8.95 63.55
C GLU G 3661 -20.59 -9.50 62.85
N LEU G 3662 -20.54 -10.82 62.64
CA LEU G 3662 -19.51 -11.37 61.75
C LEU G 3662 -19.87 -11.13 60.29
N LEU G 3663 -21.16 -11.25 59.95
CA LEU G 3663 -21.60 -10.91 58.61
C LEU G 3663 -21.49 -9.42 58.38
N LYS G 3664 -21.70 -8.62 59.43
CA LYS G 3664 -21.33 -7.21 59.41
C LYS G 3664 -19.84 -7.05 59.17
N GLU G 3665 -19.03 -7.86 59.86
CA GLU G 3665 -17.59 -7.85 59.65
C GLU G 3665 -17.23 -8.40 58.27
N LEU G 3666 -18.05 -9.31 57.74
CA LEU G 3666 -17.78 -9.86 56.41
C LEU G 3666 -17.98 -8.82 55.32
N LEU G 3667 -18.95 -7.93 55.49
CA LEU G 3667 -19.15 -6.90 54.49
C LEU G 3667 -18.09 -5.81 54.59
N ASP G 3668 -17.53 -5.61 55.79
CA ASP G 3668 -16.49 -4.59 55.96
C ASP G 3668 -15.22 -4.97 55.23
N LEU G 3669 -14.86 -6.27 55.25
CA LEU G 3669 -13.79 -6.75 54.38
C LEU G 3669 -14.20 -6.65 52.92
N GLN G 3670 -15.47 -6.95 52.63
CA GLN G 3670 -15.92 -6.99 51.24
C GLN G 3670 -16.05 -5.60 50.65
N LYS G 3671 -16.39 -4.61 51.48
CA LYS G 3671 -16.37 -3.22 51.07
C LYS G 3671 -14.93 -2.77 50.82
N ASP G 3672 -14.04 -3.12 51.74
CA ASP G 3672 -12.65 -2.71 51.63
C ASP G 3672 -11.94 -3.47 50.52
N MET G 3673 -12.48 -4.64 50.15
CA MET G 3673 -12.04 -5.29 48.92
C MET G 3673 -12.47 -4.48 47.71
N VAL G 3674 -13.74 -4.10 47.66
CA VAL G 3674 -14.31 -3.61 46.41
C VAL G 3674 -13.96 -2.15 46.15
N VAL G 3675 -13.58 -1.38 47.17
CA VAL G 3675 -13.15 -0.02 46.91
C VAL G 3675 -11.77 0.00 46.27
N MET G 3676 -10.98 -1.04 46.47
CA MET G 3676 -9.79 -1.23 45.65
C MET G 3676 -10.19 -1.53 44.21
N LEU G 3677 -11.27 -2.30 44.03
CA LEU G 3677 -11.67 -2.72 42.69
C LEU G 3677 -12.12 -1.54 41.85
N LEU G 3678 -12.75 -0.54 42.47
CA LEU G 3678 -12.94 0.74 41.80
C LEU G 3678 -11.62 1.45 41.59
N SER G 3679 -10.75 1.45 42.60
CA SER G 3679 -9.46 2.13 42.52
C SER G 3679 -8.49 1.45 41.58
N LEU G 3680 -8.79 0.22 41.13
CA LEU G 3680 -8.03 -0.40 40.05
C LEU G 3680 -8.14 0.38 38.75
N LEU G 3681 -9.27 1.06 38.51
CA LEU G 3681 -9.47 1.71 37.22
C LEU G 3681 -8.73 3.03 37.16
N GLU G 3682 -9.17 3.99 37.97
CA GLU G 3682 -8.54 5.30 38.23
C GLU G 3682 -8.13 6.01 36.94
N GLY G 3683 -9.14 6.36 36.15
CA GLY G 3683 -8.86 6.87 34.83
C GLY G 3683 -8.65 5.75 33.84
N ASN G 3684 -9.67 4.93 33.63
CA ASN G 3684 -9.52 3.74 32.81
C ASN G 3684 -9.91 4.07 31.37
N VAL G 3685 -9.02 3.72 30.43
CA VAL G 3685 -9.24 4.03 29.02
C VAL G 3685 -10.30 3.07 28.48
N VAL G 3686 -10.79 3.34 27.25
CA VAL G 3686 -11.96 2.68 26.65
C VAL G 3686 -11.82 1.16 26.58
N ASN G 3687 -10.63 0.64 26.32
CA ASN G 3687 -10.46 -0.81 26.19
C ASN G 3687 -9.23 -1.28 26.97
N GLY G 3688 -9.09 -0.80 28.19
CA GLY G 3688 -7.85 -0.95 28.94
C GLY G 3688 -7.59 -2.27 29.62
N MET G 3689 -8.32 -3.31 29.23
CA MET G 3689 -8.18 -4.72 29.59
C MET G 3689 -8.55 -5.01 31.04
N ILE G 3690 -8.79 -3.98 31.84
CA ILE G 3690 -9.24 -4.17 33.22
C ILE G 3690 -10.70 -4.55 33.24
N ALA G 3691 -11.52 -3.71 32.61
CA ALA G 3691 -12.92 -4.01 32.35
C ALA G 3691 -13.06 -5.30 31.54
N ARG G 3692 -12.15 -5.54 30.60
CA ARG G 3692 -12.25 -6.74 29.79
C ARG G 3692 -11.95 -7.98 30.62
N GLN G 3693 -11.16 -7.84 31.68
CA GLN G 3693 -11.02 -8.90 32.66
C GLN G 3693 -12.00 -8.76 33.81
N MET G 3694 -12.54 -7.56 34.06
CA MET G 3694 -13.66 -7.47 34.99
C MET G 3694 -14.92 -8.09 34.41
N VAL G 3695 -15.04 -8.12 33.09
CA VAL G 3695 -16.01 -9.01 32.47
C VAL G 3695 -15.69 -10.45 32.83
N ASP G 3696 -14.41 -10.82 32.79
CA ASP G 3696 -14.03 -12.22 32.94
C ASP G 3696 -14.22 -12.70 34.37
N MET G 3697 -13.96 -11.85 35.36
CA MET G 3697 -14.15 -12.28 36.74
C MET G 3697 -15.63 -12.40 37.11
N LEU G 3698 -16.52 -11.74 36.36
CA LEU G 3698 -17.93 -11.87 36.68
C LEU G 3698 -18.56 -13.05 35.96
N VAL G 3699 -18.06 -13.37 34.77
CA VAL G 3699 -18.51 -14.57 34.08
C VAL G 3699 -18.04 -15.82 34.82
N GLU G 3700 -16.81 -15.78 35.34
CA GLU G 3700 -16.20 -16.96 35.96
C GLU G 3700 -16.84 -17.26 37.32
N SER G 3701 -17.27 -16.23 38.03
CA SER G 3701 -17.82 -16.38 39.36
C SER G 3701 -19.32 -16.08 39.39
N SER G 3702 -20.00 -16.39 38.27
CA SER G 3702 -21.33 -15.85 37.99
C SER G 3702 -22.39 -16.37 38.95
N SER G 3703 -22.31 -17.65 39.33
CA SER G 3703 -23.25 -18.19 40.31
C SER G 3703 -23.05 -17.51 41.66
N ASN G 3704 -21.80 -17.22 42.01
CA ASN G 3704 -21.53 -16.48 43.24
C ASN G 3704 -21.89 -15.01 43.06
N VAL G 3705 -21.77 -14.48 41.84
CA VAL G 3705 -22.25 -13.15 41.54
C VAL G 3705 -23.76 -13.08 41.73
N GLU G 3706 -24.48 -14.08 41.21
CA GLU G 3706 -25.93 -14.11 41.31
C GLU G 3706 -26.40 -14.29 42.74
N MET G 3707 -25.64 -15.05 43.54
CA MET G 3707 -25.96 -15.16 44.95
C MET G 3707 -25.59 -13.90 45.71
N ILE G 3708 -24.83 -13.00 45.09
CA ILE G 3708 -24.71 -11.64 45.60
C ILE G 3708 -25.76 -10.75 44.93
N LEU G 3709 -26.09 -11.05 43.67
CA LEU G 3709 -27.13 -10.29 42.98
C LEU G 3709 -28.51 -10.48 43.60
N LYS G 3710 -28.91 -11.73 43.82
CA LYS G 3710 -30.18 -11.99 44.52
C LYS G 3710 -30.12 -11.48 45.96
N PHE G 3711 -28.91 -11.44 46.53
CA PHE G 3711 -28.71 -10.82 47.84
C PHE G 3711 -28.85 -9.30 47.74
N PHE G 3712 -28.66 -8.74 46.56
CA PHE G 3712 -28.75 -7.30 46.40
C PHE G 3712 -29.95 -6.86 45.56
N ASP G 3713 -30.52 -7.74 44.73
CA ASP G 3713 -31.65 -7.31 43.92
C ASP G 3713 -32.96 -7.70 44.58
N MET G 3714 -33.14 -8.97 44.92
CA MET G 3714 -34.43 -9.40 45.44
C MET G 3714 -34.44 -9.48 46.97
N PHE G 3715 -33.30 -9.17 47.60
CA PHE G 3715 -33.27 -9.23 49.06
C PHE G 3715 -33.05 -7.87 49.67
N LEU G 3716 -32.45 -6.96 48.92
CA LEU G 3716 -32.50 -5.55 49.31
C LEU G 3716 -33.86 -4.92 49.02
N LYS G 3717 -34.71 -5.61 48.25
CA LYS G 3717 -36.05 -5.08 47.99
C LYS G 3717 -37.00 -5.41 49.13
N LEU G 3718 -36.52 -6.13 50.15
CA LEU G 3718 -37.27 -6.37 51.38
C LEU G 3718 -37.69 -5.06 52.04
N LYS G 3719 -36.81 -4.06 51.99
CA LYS G 3719 -37.19 -2.73 52.46
C LYS G 3719 -38.21 -2.08 51.54
N ASP G 3720 -38.25 -2.49 50.27
CA ASP G 3720 -39.29 -2.00 49.37
C ASP G 3720 -40.58 -2.81 49.48
N ILE G 3721 -40.50 -4.09 49.85
CA ILE G 3721 -41.71 -4.89 50.00
C ILE G 3721 -42.48 -4.47 51.25
N VAL G 3722 -41.77 -4.20 52.35
CA VAL G 3722 -42.39 -3.38 53.37
C VAL G 3722 -41.98 -1.95 53.04
N GLY G 3723 -42.55 -1.42 51.98
CA GLY G 3723 -42.51 -0.02 51.61
C GLY G 3723 -43.84 0.20 50.94
N SER G 3724 -44.67 -0.83 51.04
CA SER G 3724 -45.92 -0.92 50.31
C SER G 3724 -47.03 -1.20 51.30
N GLU G 3725 -48.22 -0.68 50.99
CA GLU G 3725 -49.39 -1.00 51.80
C GLU G 3725 -49.90 -2.40 51.52
N ALA G 3726 -49.49 -3.01 50.40
CA ALA G 3726 -49.86 -4.40 50.13
C ALA G 3726 -49.17 -5.37 51.09
N PHE G 3727 -48.11 -4.92 51.77
CA PHE G 3727 -47.65 -5.60 52.97
C PHE G 3727 -48.53 -5.24 54.17
N GLN G 3728 -48.95 -3.97 54.26
CA GLN G 3728 -49.61 -3.46 55.44
C GLN G 3728 -51.10 -3.77 55.49
N ASP G 3729 -51.70 -4.22 54.39
CA ASP G 3729 -53.15 -4.41 54.34
C ASP G 3729 -53.58 -5.62 55.15
N TYR G 3730 -53.05 -6.79 54.80
CA TYR G 3730 -53.53 -8.05 55.37
C TYR G 3730 -53.12 -8.25 56.82
N VAL G 3731 -52.03 -7.61 57.26
CA VAL G 3731 -51.56 -7.80 58.63
C VAL G 3731 -52.53 -7.09 59.58
N THR G 3732 -53.20 -7.90 60.42
CA THR G 3732 -54.22 -7.39 61.34
C THR G 3732 -53.58 -7.23 62.72
N ASP G 3733 -52.59 -6.36 62.78
CA ASP G 3733 -51.77 -6.21 63.98
C ASP G 3733 -51.44 -4.74 64.19
N PRO G 3734 -52.24 -4.02 64.97
CA PRO G 3734 -51.82 -2.71 65.46
C PRO G 3734 -50.64 -2.78 66.42
N ARG G 3735 -50.40 -3.93 67.04
CA ARG G 3735 -49.15 -4.13 67.77
C ARG G 3735 -47.99 -4.43 66.84
N GLY G 3736 -48.28 -4.75 65.57
CA GLY G 3736 -47.24 -4.95 64.58
C GLY G 3736 -46.46 -6.24 64.74
N LEU G 3737 -47.09 -7.27 65.30
CA LEU G 3737 -46.47 -8.59 65.43
C LEU G 3737 -47.13 -9.51 64.40
N ILE G 3738 -46.65 -9.41 63.16
CA ILE G 3738 -47.23 -10.16 62.05
C ILE G 3738 -46.89 -11.63 62.17
N SER G 3739 -47.84 -12.49 61.83
CA SER G 3739 -47.62 -13.92 61.90
C SER G 3739 -46.79 -14.39 60.70
N LYS G 3740 -46.67 -15.71 60.55
CA LYS G 3740 -45.86 -16.26 59.48
C LYS G 3740 -46.66 -16.55 58.21
N LYS G 3741 -47.86 -17.09 58.35
CA LYS G 3741 -48.58 -17.59 57.17
C LYS G 3741 -49.16 -16.45 56.34
N ASP G 3742 -49.52 -15.34 56.98
CA ASP G 3742 -49.89 -14.17 56.19
C ASP G 3742 -48.67 -13.55 55.52
N PHE G 3743 -47.53 -13.56 56.21
CA PHE G 3743 -46.26 -13.21 55.58
C PHE G 3743 -45.91 -14.22 54.48
N GLN G 3744 -46.25 -15.50 54.69
CA GLN G 3744 -46.03 -16.50 53.66
C GLN G 3744 -46.96 -16.30 52.47
N LYS G 3745 -48.17 -15.77 52.71
CA LYS G 3745 -49.14 -15.61 51.64
C LYS G 3745 -48.74 -14.50 50.67
N ALA G 3746 -48.30 -13.36 51.20
CA ALA G 3746 -47.99 -12.21 50.35
C ALA G 3746 -46.69 -12.38 49.58
N MET G 3747 -45.78 -13.23 50.05
CA MET G 3747 -44.61 -13.53 49.24
C MET G 3747 -44.96 -14.39 48.05
N ASP G 3748 -46.12 -15.05 48.09
CA ASP G 3748 -46.69 -15.73 46.93
C ASP G 3748 -47.68 -14.86 46.18
N SER G 3749 -48.36 -13.94 46.89
CA SER G 3749 -49.33 -13.07 46.24
C SER G 3749 -48.64 -11.99 45.42
N GLN G 3750 -47.73 -11.24 46.05
CA GLN G 3750 -46.87 -10.32 45.31
C GLN G 3750 -45.91 -11.12 44.45
N LYS G 3751 -45.58 -10.58 43.27
CA LYS G 3751 -44.84 -11.34 42.28
C LYS G 3751 -43.34 -11.10 42.45
N GLN G 3752 -42.56 -11.55 41.45
CA GLN G 3752 -41.09 -11.54 41.35
C GLN G 3752 -40.38 -12.01 42.64
N PHE G 3753 -40.97 -12.97 43.36
CA PHE G 3753 -40.30 -13.68 44.44
C PHE G 3753 -39.88 -15.08 43.97
N THR G 3754 -39.41 -15.88 44.91
CA THR G 3754 -39.03 -17.27 44.64
C THR G 3754 -39.16 -18.06 45.94
N GLY G 3755 -40.01 -19.09 45.89
CA GLY G 3755 -40.38 -19.94 47.00
C GLY G 3755 -39.30 -20.45 47.94
N PRO G 3756 -38.23 -21.07 47.42
CA PRO G 3756 -37.11 -21.45 48.30
C PRO G 3756 -36.41 -20.27 48.95
N GLU G 3757 -36.35 -19.13 48.29
CA GLU G 3757 -35.78 -17.96 48.93
C GLU G 3757 -36.79 -17.22 49.80
N ILE G 3758 -38.08 -17.49 49.59
CA ILE G 3758 -39.08 -17.13 50.59
C ILE G 3758 -38.87 -17.96 51.85
N GLN G 3759 -38.46 -19.22 51.69
CA GLN G 3759 -38.09 -20.02 52.85
C GLN G 3759 -36.77 -19.55 53.45
N PHE G 3760 -35.92 -18.91 52.64
CA PHE G 3760 -34.71 -18.29 53.17
C PHE G 3760 -35.05 -17.07 54.02
N LEU G 3761 -36.18 -16.41 53.74
CA LEU G 3761 -36.64 -15.30 54.57
C LEU G 3761 -36.99 -15.79 55.97
N LEU G 3762 -37.75 -16.89 56.06
CA LEU G 3762 -38.16 -17.40 57.35
C LEU G 3762 -37.00 -17.98 58.13
N SER G 3763 -36.02 -18.55 57.43
CA SER G 3763 -34.78 -18.99 58.08
C SER G 3763 -33.96 -17.82 58.57
N CYS G 3764 -34.07 -16.65 57.93
CA CYS G 3764 -33.44 -15.45 58.44
C CYS G 3764 -34.34 -14.67 59.38
N SER G 3765 -35.64 -14.92 59.37
CA SER G 3765 -36.52 -14.20 60.28
C SER G 3765 -36.48 -14.85 61.66
N GLU G 3766 -37.12 -14.17 62.60
CA GLU G 3766 -37.39 -14.73 63.92
C GLU G 3766 -38.84 -15.21 63.92
N ALA G 3767 -39.05 -16.43 64.41
CA ALA G 3767 -40.41 -16.98 64.41
C ALA G 3767 -41.22 -16.42 65.58
N ASP G 3768 -40.57 -16.23 66.73
CA ASP G 3768 -41.16 -15.81 68.00
C ASP G 3768 -42.35 -16.71 68.37
N GLU G 3769 -42.05 -18.01 68.42
CA GLU G 3769 -43.03 -19.09 68.63
C GLU G 3769 -44.17 -19.04 67.62
N ASN G 3770 -43.82 -18.78 66.35
CA ASN G 3770 -44.73 -18.74 65.21
C ASN G 3770 -45.81 -17.68 65.38
N GLU G 3771 -45.44 -16.58 66.03
CA GLU G 3771 -46.36 -15.46 66.30
C GLU G 3771 -45.92 -14.16 65.65
N MET G 3772 -44.63 -13.84 65.76
CA MET G 3772 -44.15 -12.53 65.35
C MET G 3772 -42.91 -12.66 64.49
N ILE G 3773 -42.97 -12.04 63.32
CA ILE G 3773 -41.82 -11.87 62.46
C ILE G 3773 -40.99 -10.65 62.88
N ASN G 3774 -41.67 -9.64 63.44
CA ASN G 3774 -41.11 -8.34 63.78
C ASN G 3774 -40.42 -7.73 62.56
N PHE G 3775 -41.24 -7.40 61.57
CA PHE G 3775 -40.78 -7.09 60.22
C PHE G 3775 -39.94 -5.83 60.14
N GLU G 3776 -40.02 -4.97 61.16
CA GLU G 3776 -39.05 -3.89 61.29
C GLU G 3776 -37.65 -4.45 61.49
N GLU G 3777 -37.48 -5.32 62.49
CA GLU G 3777 -36.18 -5.91 62.74
C GLU G 3777 -35.84 -6.97 61.70
N PHE G 3778 -36.84 -7.47 60.97
CA PHE G 3778 -36.53 -8.34 59.84
C PHE G 3778 -35.94 -7.53 58.68
N ALA G 3779 -36.17 -6.22 58.68
CA ALA G 3779 -35.45 -5.35 57.74
C ALA G 3779 -34.25 -4.70 58.41
N ASN G 3780 -34.36 -4.35 59.70
CA ASN G 3780 -33.32 -3.55 60.35
C ASN G 3780 -32.08 -4.35 60.68
N ARG G 3781 -32.19 -5.69 60.70
CA ARG G 3781 -30.99 -6.51 60.80
C ARG G 3781 -30.20 -6.47 59.51
N PHE G 3782 -30.88 -6.35 58.37
CA PHE G 3782 -30.20 -6.53 57.11
C PHE G 3782 -29.84 -5.21 56.42
N GLN G 3783 -30.70 -4.19 56.56
CA GLN G 3783 -30.54 -2.99 55.74
C GLN G 3783 -29.37 -2.12 56.20
N GLU G 3784 -28.93 -2.24 57.45
CA GLU G 3784 -27.93 -1.30 57.98
C GLU G 3784 -26.51 -1.42 57.41
N PRO G 3785 -25.94 -2.60 57.09
CA PRO G 3785 -24.66 -2.57 56.38
C PRO G 3785 -24.79 -2.78 54.87
N ALA G 3786 -26.01 -2.91 54.35
CA ALA G 3786 -26.16 -3.37 52.98
C ALA G 3786 -26.35 -2.22 51.99
N ARG G 3787 -26.61 -1.02 52.51
CA ARG G 3787 -27.03 0.06 51.63
C ARG G 3787 -25.83 0.85 51.09
N ASP G 3788 -24.67 0.74 51.75
CA ASP G 3788 -23.50 1.42 51.21
C ASP G 3788 -22.75 0.54 50.24
N ILE G 3789 -22.67 -0.76 50.54
CA ILE G 3789 -22.00 -1.71 49.65
C ILE G 3789 -22.80 -1.90 48.36
N GLY G 3790 -24.12 -1.76 48.43
CA GLY G 3790 -24.96 -1.96 47.28
C GLY G 3790 -24.83 -0.88 46.23
N PHE G 3791 -24.61 0.36 46.68
CA PHE G 3791 -24.18 1.40 45.77
C PHE G 3791 -22.81 1.09 45.19
N ASN G 3792 -21.90 0.57 46.01
CA ASN G 3792 -20.53 0.37 45.59
C ASN G 3792 -20.42 -0.74 44.55
N VAL G 3793 -21.28 -1.75 44.64
CA VAL G 3793 -21.35 -2.76 43.59
C VAL G 3793 -21.94 -2.16 42.33
N ALA G 3794 -23.03 -1.40 42.49
CA ALA G 3794 -23.72 -0.81 41.34
C ALA G 3794 -22.86 0.22 40.64
N VAL G 3795 -22.08 0.99 41.40
CA VAL G 3795 -21.25 2.01 40.77
C VAL G 3795 -20.08 1.36 40.05
N LEU G 3796 -19.68 0.16 40.47
CA LEU G 3796 -18.68 -0.57 39.72
C LEU G 3796 -19.25 -1.06 38.40
N LEU G 3797 -20.49 -1.56 38.43
CA LEU G 3797 -21.15 -1.97 37.20
C LEU G 3797 -21.46 -0.77 36.31
N THR G 3798 -21.73 0.38 36.91
CA THR G 3798 -22.07 1.57 36.16
C THR G 3798 -20.87 2.10 35.40
N ASN G 3799 -19.70 2.03 36.02
CA ASN G 3799 -18.50 2.58 35.40
C ASN G 3799 -18.08 1.74 34.21
N LEU G 3800 -18.05 0.41 34.39
CA LEU G 3800 -17.65 -0.50 33.33
C LEU G 3800 -18.65 -0.53 32.20
N SER G 3801 -19.89 -0.13 32.47
CA SER G 3801 -20.90 -0.01 31.43
C SER G 3801 -20.51 1.01 30.39
N GLU G 3802 -19.78 2.04 30.78
CA GLU G 3802 -19.50 3.16 29.91
C GLU G 3802 -18.05 3.21 29.46
N HIS G 3803 -17.16 2.39 30.02
CA HIS G 3803 -15.82 2.34 29.45
C HIS G 3803 -15.82 1.63 28.11
N VAL G 3804 -16.53 0.52 28.01
CA VAL G 3804 -16.79 -0.08 26.70
C VAL G 3804 -18.18 -0.73 26.73
N PRO G 3805 -19.08 -0.30 25.87
CA PRO G 3805 -20.36 -1.03 25.69
C PRO G 3805 -20.22 -2.26 24.83
N HIS G 3806 -21.37 -2.82 24.43
CA HIS G 3806 -21.51 -3.77 23.33
C HIS G 3806 -20.91 -5.13 23.66
N ASP G 3807 -20.93 -5.48 24.93
CA ASP G 3807 -20.71 -6.84 25.36
C ASP G 3807 -22.05 -7.45 25.72
N PRO G 3808 -22.47 -8.53 25.06
CA PRO G 3808 -23.71 -9.21 25.47
C PRO G 3808 -23.62 -9.78 26.88
N ARG G 3809 -22.43 -10.18 27.31
CA ARG G 3809 -22.22 -10.58 28.68
C ARG G 3809 -22.41 -9.42 29.65
N LEU G 3810 -22.00 -8.21 29.24
CA LEU G 3810 -22.33 -7.04 30.03
C LEU G 3810 -23.83 -6.78 30.04
N ARG G 3811 -24.51 -7.08 28.95
CA ARG G 3811 -25.97 -6.97 28.93
C ARG G 3811 -26.63 -7.99 29.85
N ASN G 3812 -25.95 -9.10 30.14
CA ASN G 3812 -26.46 -10.04 31.13
C ASN G 3812 -26.48 -9.41 32.52
N PHE G 3813 -25.32 -8.98 33.01
CA PHE G 3813 -25.19 -8.61 34.41
C PHE G 3813 -25.89 -7.30 34.73
N LEU G 3814 -25.91 -6.35 33.78
CA LEU G 3814 -26.65 -5.12 34.01
C LEU G 3814 -28.15 -5.37 34.06
N GLU G 3815 -28.62 -6.38 33.34
CA GLU G 3815 -30.02 -6.75 33.39
C GLU G 3815 -30.38 -7.37 34.73
N LEU G 3816 -29.50 -8.19 35.28
CA LEU G 3816 -29.80 -8.84 36.55
C LEU G 3816 -29.65 -7.87 37.71
N ALA G 3817 -28.86 -6.82 37.54
CA ALA G 3817 -28.67 -5.83 38.58
C ALA G 3817 -29.72 -4.72 38.49
N GLU G 3818 -30.98 -5.08 38.62
CA GLU G 3818 -32.02 -4.10 38.32
C GLU G 3818 -32.26 -3.15 39.49
N SER G 3819 -32.78 -3.67 40.62
CA SER G 3819 -33.19 -2.79 41.71
C SER G 3819 -31.99 -2.25 42.47
N ILE G 3820 -30.84 -2.89 42.31
CA ILE G 3820 -29.57 -2.29 42.72
C ILE G 3820 -29.37 -0.97 42.01
N LEU G 3821 -29.54 -1.00 40.68
CA LEU G 3821 -29.47 0.18 39.84
C LEU G 3821 -30.79 0.92 39.75
N GLU G 3822 -31.67 0.78 40.74
CA GLU G 3822 -32.84 1.63 40.81
C GLU G 3822 -32.89 2.43 42.10
N TYR G 3823 -32.59 1.78 43.23
CA TYR G 3823 -32.74 2.44 44.50
C TYR G 3823 -31.59 3.41 44.76
N PHE G 3824 -30.43 3.14 44.18
CA PHE G 3824 -29.25 3.94 44.46
C PHE G 3824 -28.79 4.77 43.28
N ARG G 3825 -29.35 4.57 42.09
CA ARG G 3825 -29.04 5.46 40.98
C ARG G 3825 -29.46 6.93 41.16
N PRO G 3826 -30.50 7.32 42.00
CA PRO G 3826 -30.62 8.75 42.28
C PRO G 3826 -29.53 9.23 43.20
N TYR G 3827 -28.92 8.31 43.93
CA TYR G 3827 -27.83 8.70 44.83
C TYR G 3827 -26.53 8.88 44.08
N LEU G 3828 -26.42 8.29 42.89
CA LEU G 3828 -25.20 8.39 42.11
C LEU G 3828 -24.97 9.80 41.59
N GLY G 3829 -23.84 10.38 41.98
CA GLY G 3829 -23.41 11.66 41.45
C GLY G 3829 -22.34 11.47 40.40
N ARG G 3830 -22.33 12.36 39.42
CA ARG G 3830 -21.41 12.23 38.28
C ARG G 3830 -20.68 13.53 38.02
N ILE G 3831 -19.38 13.43 37.76
CA ILE G 3831 -18.55 14.51 37.27
C ILE G 3831 -17.71 13.95 36.13
N GLU G 3832 -17.09 14.84 35.35
CA GLU G 3832 -16.14 14.43 34.32
C GLU G 3832 -15.14 15.55 34.14
N ILE G 3833 -13.85 15.20 34.18
CA ILE G 3833 -12.78 16.19 34.25
C ILE G 3833 -11.63 15.81 33.33
N MET G 3834 -10.73 16.77 33.13
CA MET G 3834 -9.45 16.52 32.50
C MET G 3834 -8.37 16.87 33.51
N GLY G 3835 -7.88 15.86 34.23
CA GLY G 3835 -6.72 16.08 35.06
C GLY G 3835 -5.48 15.38 34.54
N ALA G 3836 -4.62 16.12 33.84
CA ALA G 3836 -3.26 15.74 33.42
C ALA G 3836 -3.20 14.60 32.42
N SER G 3837 -4.34 13.96 32.10
CA SER G 3837 -4.38 12.93 31.09
C SER G 3837 -4.65 13.48 29.71
N ARG G 3838 -4.91 14.79 29.61
CA ARG G 3838 -5.21 15.53 28.38
C ARG G 3838 -6.48 15.01 27.72
N ARG G 3839 -7.35 14.37 28.51
CA ARG G 3839 -8.54 13.69 28.06
C ARG G 3839 -9.61 13.88 29.11
N ILE G 3840 -10.87 13.86 28.69
CA ILE G 3840 -11.95 13.98 29.64
C ILE G 3840 -12.18 12.63 30.29
N GLU G 3841 -12.19 12.61 31.62
CA GLU G 3841 -12.28 11.37 32.36
C GLU G 3841 -13.43 11.46 33.36
N ARG G 3842 -14.32 10.48 33.32
CA ARG G 3842 -15.52 10.48 34.14
C ARG G 3842 -15.22 9.89 35.51
N ILE G 3843 -15.75 10.53 36.55
CA ILE G 3843 -15.60 10.08 37.93
C ILE G 3843 -16.98 10.06 38.57
N TYR G 3844 -17.28 8.98 39.28
CA TYR G 3844 -18.54 8.83 39.97
C TYR G 3844 -18.34 9.06 41.47
N PHE G 3845 -19.46 9.25 42.18
CA PHE G 3845 -19.52 9.45 43.62
C PHE G 3845 -20.98 9.42 44.02
N GLU G 3846 -21.24 9.59 45.31
CA GLU G 3846 -22.60 9.79 45.82
C GLU G 3846 -22.62 10.94 46.80
N ILE G 3847 -23.79 11.58 46.93
CA ILE G 3847 -24.02 12.48 48.07
C ILE G 3847 -25.24 11.97 48.83
N SER G 3848 -25.48 12.57 50.00
CA SER G 3848 -26.55 12.10 50.85
C SER G 3848 -27.91 12.51 50.31
N GLU G 3849 -28.94 11.79 50.78
CA GLU G 3849 -30.31 12.16 50.51
C GLU G 3849 -30.66 13.48 51.18
N THR G 3850 -29.99 13.79 52.29
CA THR G 3850 -30.23 15.02 53.02
C THR G 3850 -29.95 16.25 52.17
N ASN G 3851 -29.03 16.13 51.21
CA ASN G 3851 -28.69 17.26 50.36
C ASN G 3851 -29.80 17.55 49.36
N ARG G 3852 -30.45 16.50 48.84
CA ARG G 3852 -31.28 16.63 47.65
C ARG G 3852 -32.57 17.38 47.93
N ALA G 3853 -33.26 17.02 49.01
CA ALA G 3853 -34.44 17.79 49.39
C ALA G 3853 -34.04 19.17 49.87
N GLN G 3854 -32.84 19.30 50.44
CA GLN G 3854 -32.35 20.60 50.86
C GLN G 3854 -31.71 21.31 49.66
N TRP G 3855 -31.49 20.58 48.57
CA TRP G 3855 -31.30 21.24 47.27
C TRP G 3855 -32.64 21.65 46.68
N GLU G 3856 -33.65 20.79 46.78
CA GLU G 3856 -34.98 21.10 46.23
C GLU G 3856 -35.66 22.11 47.15
N MET G 3857 -35.24 23.36 47.00
CA MET G 3857 -35.77 24.49 47.72
C MET G 3857 -35.94 25.64 46.74
N PRO G 3858 -37.10 26.30 46.74
CA PRO G 3858 -37.30 27.46 45.86
C PRO G 3858 -36.40 28.62 46.21
N GLN G 3859 -36.03 28.77 47.48
CA GLN G 3859 -35.02 29.74 47.88
C GLN G 3859 -33.69 29.47 47.20
N VAL G 3860 -33.26 28.21 47.19
CA VAL G 3860 -32.05 27.83 46.48
C VAL G 3860 -32.27 27.94 44.98
N LYS G 3861 -33.47 27.59 44.51
CA LYS G 3861 -33.79 27.69 43.09
C LYS G 3861 -33.78 29.14 42.62
N GLU G 3862 -34.29 30.06 43.45
CA GLU G 3862 -34.30 31.46 43.08
C GLU G 3862 -32.89 32.06 43.09
N SER G 3863 -32.11 31.74 44.12
CA SER G 3863 -30.71 32.18 44.17
C SER G 3863 -29.91 31.62 43.01
N LYS G 3864 -30.22 30.40 42.58
CA LYS G 3864 -29.64 29.88 41.35
C LYS G 3864 -30.14 30.67 40.14
N ARG G 3865 -31.44 30.96 40.11
CA ARG G 3865 -32.06 31.62 38.96
C ARG G 3865 -31.50 33.01 38.73
N GLN G 3866 -31.31 33.76 39.81
CA GLN G 3866 -30.67 35.08 39.70
C GLN G 3866 -29.23 34.95 39.24
N PHE G 3867 -28.56 33.88 39.65
CA PHE G 3867 -27.18 33.65 39.25
C PHE G 3867 -27.08 33.27 37.77
N ILE G 3868 -28.07 32.54 37.27
CA ILE G 3868 -28.16 32.25 35.84
C ILE G 3868 -28.29 33.54 35.06
N PHE G 3869 -29.07 34.48 35.58
CA PHE G 3869 -29.36 35.74 34.89
C PHE G 3869 -28.12 36.61 34.75
N ASP G 3870 -27.22 36.55 35.73
CA ASP G 3870 -26.15 37.53 35.78
C ASP G 3870 -24.95 37.12 34.94
N VAL G 3871 -24.62 35.82 34.91
CA VAL G 3871 -23.39 35.36 34.28
C VAL G 3871 -23.45 35.46 32.76
N VAL G 3872 -24.62 35.59 32.18
CA VAL G 3872 -24.74 35.89 30.77
C VAL G 3872 -25.13 37.34 30.54
N ASN G 3873 -25.61 38.04 31.58
CA ASN G 3873 -25.65 39.49 31.51
C ASN G 3873 -24.24 40.05 31.50
N GLU G 3874 -23.32 39.41 32.22
CA GLU G 3874 -21.91 39.78 32.21
C GLU G 3874 -21.08 38.50 32.19
N GLY G 3875 -20.38 38.27 31.09
CA GLY G 3875 -19.51 37.12 30.97
C GLY G 3875 -18.25 37.46 30.21
N GLY G 3876 -17.12 37.00 30.74
CA GLY G 3876 -15.81 37.30 30.20
C GLY G 3876 -14.88 36.10 30.18
N GLU G 3877 -13.72 36.25 30.81
CA GLU G 3877 -12.71 35.20 30.98
C GLU G 3877 -13.25 34.19 32.02
N ALA G 3878 -12.42 33.22 32.45
CA ALA G 3878 -12.79 32.17 33.40
C ALA G 3878 -13.17 32.66 34.80
N GLU G 3879 -13.16 33.98 34.99
CA GLU G 3879 -14.05 34.66 35.92
C GLU G 3879 -15.45 34.08 35.87
N LYS G 3880 -15.98 33.93 34.65
CA LYS G 3880 -17.26 33.26 34.41
C LYS G 3880 -17.31 31.88 35.04
N MET G 3881 -16.20 31.14 35.03
CA MET G 3881 -16.13 29.93 35.82
C MET G 3881 -15.71 30.18 37.26
N GLU G 3882 -15.03 31.29 37.53
CA GLU G 3882 -14.51 31.52 38.88
C GLU G 3882 -15.63 31.87 39.84
N LEU G 3883 -16.42 32.89 39.52
CA LEU G 3883 -17.52 33.25 40.39
C LEU G 3883 -18.66 32.24 40.33
N PHE G 3884 -18.66 31.36 39.34
CA PHE G 3884 -19.43 30.13 39.43
C PHE G 3884 -19.03 29.35 40.66
N VAL G 3885 -17.73 29.07 40.80
CA VAL G 3885 -17.19 28.34 41.94
C VAL G 3885 -17.44 29.11 43.23
N SER G 3886 -17.35 30.44 43.17
CA SER G 3886 -17.71 31.25 44.32
C SER G 3886 -19.19 31.12 44.65
N PHE G 3887 -20.06 31.11 43.64
CA PHE G 3887 -21.48 30.86 43.86
C PHE G 3887 -21.72 29.46 44.37
N CYS G 3888 -20.94 28.49 43.91
CA CYS G 3888 -20.95 27.18 44.53
C CYS G 3888 -20.55 27.28 45.99
N GLU G 3889 -19.40 27.92 46.25
CA GLU G 3889 -18.84 28.01 47.58
C GLU G 3889 -19.68 28.88 48.50
N ASP G 3890 -20.35 29.90 47.94
CA ASP G 3890 -21.26 30.71 48.74
C ASP G 3890 -22.47 29.89 49.18
N THR G 3891 -22.93 28.98 48.34
CA THR G 3891 -24.19 28.31 48.63
C THR G 3891 -23.99 27.18 49.62
N ILE G 3892 -22.76 26.66 49.73
CA ILE G 3892 -22.49 25.59 50.70
C ILE G 3892 -22.65 26.10 52.12
N PHE G 3893 -22.23 27.35 52.37
CA PHE G 3893 -22.50 27.99 53.64
C PHE G 3893 -23.99 28.29 53.79
N GLU G 3894 -24.68 28.56 52.69
CA GLU G 3894 -26.13 28.65 52.74
C GLU G 3894 -26.76 27.30 53.04
N MET G 3895 -26.15 26.21 52.57
CA MET G 3895 -26.62 24.89 53.00
C MET G 3895 -26.25 24.64 54.45
N GLN G 3896 -25.20 25.29 54.94
CA GLN G 3896 -24.81 25.12 56.33
C GLN G 3896 -25.78 25.82 57.27
N ILE G 3897 -26.20 27.03 56.93
CA ILE G 3897 -27.12 27.76 57.79
C ILE G 3897 -28.54 27.21 57.67
N ALA G 3898 -28.86 26.52 56.57
CA ALA G 3898 -30.20 25.94 56.43
C ALA G 3898 -30.38 24.73 57.33
N ALA G 3899 -29.29 24.08 57.72
CA ALA G 3899 -29.38 22.93 58.60
C ALA G 3899 -29.59 23.30 60.07
N GLN G 3900 -29.06 24.44 60.51
CA GLN G 3900 -29.02 24.77 61.93
C GLN G 3900 -30.30 25.41 62.43
N ILE G 3901 -31.21 25.81 61.56
CA ILE G 3901 -32.46 26.43 61.97
C ILE G 3901 -33.65 25.51 61.81
N SER G 3902 -33.47 24.37 61.17
CA SER G 3902 -34.53 23.40 60.98
C SER G 3902 -34.77 22.64 62.27
N GLU G 3903 -35.97 22.09 62.42
CA GLU G 3903 -36.31 21.32 63.61
C GLU G 3903 -37.19 20.13 63.26
N PHE G 4190 -35.64 29.94 84.16
CA PHE G 4190 -34.42 29.43 84.79
C PHE G 4190 -33.22 30.32 84.49
N TRP G 4191 -32.02 29.80 84.72
CA TRP G 4191 -30.79 30.56 84.52
C TRP G 4191 -30.17 30.30 83.16
N GLY G 4192 -29.97 29.04 82.79
CA GLY G 4192 -29.43 28.70 81.49
C GLY G 4192 -30.44 28.03 80.59
N GLU G 4193 -31.48 27.44 81.18
CA GLU G 4193 -32.50 26.75 80.41
C GLU G 4193 -33.39 27.71 79.63
N LEU G 4194 -33.56 28.94 80.12
CA LEU G 4194 -34.36 29.92 79.39
C LEU G 4194 -33.61 30.45 78.17
N GLU G 4195 -32.29 30.37 78.19
CA GLU G 4195 -31.51 30.68 76.99
C GLU G 4195 -31.71 29.65 75.89
N VAL G 4196 -31.96 28.39 76.26
CA VAL G 4196 -32.32 27.38 75.28
C VAL G 4196 -33.68 27.68 74.69
N GLN G 4197 -34.67 27.96 75.55
CA GLN G 4197 -36.02 28.31 75.11
C GLN G 4197 -36.03 29.59 74.28
N ARG G 4198 -35.14 30.53 74.60
CA ARG G 4198 -34.96 31.71 73.75
C ARG G 4198 -34.48 31.32 72.36
N VAL G 4199 -33.47 30.45 72.28
CA VAL G 4199 -32.94 30.03 70.99
C VAL G 4199 -33.93 29.08 70.30
N LYS G 4200 -34.65 28.27 71.08
CA LYS G 4200 -35.63 27.36 70.50
C LYS G 4200 -36.79 28.12 69.87
N PHE G 4201 -37.23 29.22 70.49
CA PHE G 4201 -38.19 30.09 69.83
C PHE G 4201 -37.55 30.89 68.71
N LEU G 4202 -36.24 31.15 68.82
CA LEU G 4202 -35.54 31.91 67.79
C LEU G 4202 -35.46 31.16 66.48
N ASN G 4203 -35.43 29.82 66.53
CA ASN G 4203 -35.55 29.03 65.31
C ASN G 4203 -36.90 29.26 64.65
N TYR G 4204 -37.97 29.32 65.45
CA TYR G 4204 -39.28 29.64 64.92
C TYR G 4204 -39.35 31.06 64.42
N LEU G 4205 -38.62 31.97 65.06
CA LEU G 4205 -38.51 33.33 64.54
C LEU G 4205 -37.80 33.33 63.19
N SER G 4206 -36.71 32.59 63.08
CA SER G 4206 -35.98 32.52 61.82
C SER G 4206 -36.62 31.60 60.80
N ARG G 4207 -37.64 30.82 61.18
CA ARG G 4207 -38.23 29.87 60.25
C ARG G 4207 -39.09 30.59 59.21
N ASN G 4208 -40.14 31.25 59.65
CA ASN G 4208 -41.09 31.93 58.77
C ASN G 4208 -40.78 33.42 58.74
N PHE G 4209 -39.63 33.75 58.14
CA PHE G 4209 -39.25 35.15 58.00
C PHE G 4209 -40.11 35.85 56.96
N TYR G 4210 -40.45 35.15 55.88
CA TYR G 4210 -41.28 35.73 54.85
C TYR G 4210 -42.75 35.80 55.26
N THR G 4211 -43.20 34.91 56.14
CA THR G 4211 -44.57 35.01 56.64
C THR G 4211 -44.72 36.23 57.54
N LEU G 4212 -43.68 36.52 58.34
CA LEU G 4212 -43.61 37.78 59.06
C LEU G 4212 -43.55 38.96 58.10
N ARG G 4213 -42.86 38.79 56.97
CA ARG G 4213 -42.93 39.78 55.91
C ARG G 4213 -44.32 39.78 55.26
N PHE G 4214 -44.93 38.60 55.15
CA PHE G 4214 -46.28 38.51 54.59
C PHE G 4214 -47.32 39.10 55.54
N LEU G 4215 -47.04 39.12 56.84
CA LEU G 4215 -47.98 39.73 57.76
C LEU G 4215 -47.81 41.23 57.82
N ALA G 4216 -46.56 41.71 57.84
CA ALA G 4216 -46.28 43.13 57.73
C ALA G 4216 -46.76 43.69 56.40
N LEU G 4217 -46.75 42.85 55.36
CA LEU G 4217 -47.55 43.12 54.17
C LEU G 4217 -49.02 43.34 54.52
N PHE G 4218 -49.64 42.34 55.13
CA PHE G 4218 -51.09 42.37 55.29
C PHE G 4218 -51.55 43.32 56.38
N LEU G 4219 -50.76 43.48 57.45
CA LEU G 4219 -51.18 44.34 58.55
C LEU G 4219 -51.16 45.82 58.16
N ALA G 4220 -50.29 46.21 57.24
CA ALA G 4220 -50.28 47.59 56.78
C ALA G 4220 -51.49 47.94 55.93
N PHE G 4221 -52.19 46.94 55.38
CA PHE G 4221 -53.43 47.22 54.67
C PHE G 4221 -54.52 47.69 55.60
N ALA G 4222 -54.90 46.84 56.56
CA ALA G 4222 -56.14 47.04 57.31
C ALA G 4222 -56.03 48.23 58.25
N ILE G 4223 -54.84 48.50 58.78
CA ILE G 4223 -54.65 49.68 59.62
C ILE G 4223 -54.67 50.95 58.77
N ASN G 4224 -54.40 50.83 57.47
CA ASN G 4224 -54.54 51.95 56.55
C ASN G 4224 -55.85 51.89 55.78
N PHE G 4225 -56.50 50.73 55.77
CA PHE G 4225 -57.87 50.65 55.27
C PHE G 4225 -58.83 51.40 56.19
N ILE G 4226 -58.59 51.33 57.50
CA ILE G 4226 -59.42 52.07 58.45
C ILE G 4226 -58.88 53.45 58.76
N LEU G 4227 -57.76 53.83 58.15
CA LEU G 4227 -57.26 55.20 58.21
C LEU G 4227 -58.08 56.14 57.33
N LEU G 4228 -58.99 55.60 56.51
CA LEU G 4228 -59.85 56.36 55.64
C LEU G 4228 -61.03 57.02 56.36
N PHE G 4229 -60.99 57.11 57.69
CA PHE G 4229 -62.18 57.34 58.49
C PHE G 4229 -62.01 58.49 59.49
N TYR G 4230 -61.16 59.46 59.20
CA TYR G 4230 -61.02 60.59 60.10
C TYR G 4230 -62.06 61.65 59.78
N LYS G 4231 -62.13 62.66 60.66
CA LYS G 4231 -62.97 63.82 60.43
C LYS G 4231 -62.36 65.00 61.15
N VAL G 4232 -61.58 65.81 60.45
CA VAL G 4232 -61.02 67.00 61.08
C VAL G 4232 -62.13 68.04 61.27
N SER G 4233 -62.08 68.73 62.41
CA SER G 4233 -63.11 69.69 62.76
C SER G 4233 -62.51 70.72 63.69
N ASP G 4234 -63.09 71.91 63.68
CA ASP G 4234 -62.76 72.92 64.70
C ASP G 4234 -63.69 72.78 65.90
N SER G 4235 -63.80 71.55 66.41
CA SER G 4235 -64.68 71.22 67.52
C SER G 4235 -64.19 69.91 68.11
N PRO G 4236 -63.82 69.89 69.39
CA PRO G 4236 -63.49 68.63 70.05
C PRO G 4236 -64.74 67.80 70.29
N PRO G 4237 -64.60 66.49 70.58
CA PRO G 4237 -65.81 65.72 70.89
C PRO G 4237 -66.36 66.02 72.28
N ASN G 4276 -58.52 76.76 66.27
CA ASN G 4276 -58.14 75.54 66.95
C ASN G 4276 -58.92 74.35 66.43
N MET G 4277 -58.34 73.63 65.48
CA MET G 4277 -58.97 72.46 64.89
C MET G 4277 -58.56 71.21 65.65
N VAL G 4278 -59.55 70.34 65.88
CA VAL G 4278 -59.36 69.10 66.61
C VAL G 4278 -59.48 67.95 65.63
N TYR G 4279 -58.43 67.15 65.51
CA TYR G 4279 -58.39 66.04 64.56
C TYR G 4279 -59.22 64.89 65.11
N TYR G 4280 -60.53 65.03 64.95
CA TYR G 4280 -61.46 64.02 65.42
C TYR G 4280 -61.46 62.82 64.47
N PHE G 4281 -61.73 61.66 65.03
CA PHE G 4281 -61.86 60.44 64.24
C PHE G 4281 -63.33 60.12 64.06
N LEU G 4282 -63.79 60.13 62.82
CA LEU G 4282 -65.17 59.76 62.52
C LEU G 4282 -65.38 58.27 62.75
N GLU G 4283 -66.49 57.93 63.40
CA GLU G 4283 -66.86 56.53 63.49
C GLU G 4283 -67.91 56.20 62.44
N GLU G 4284 -67.90 54.95 62.01
CA GLU G 4284 -68.93 54.42 61.14
C GLU G 4284 -70.04 53.84 62.01
N SER G 4285 -70.95 53.09 61.38
CA SER G 4285 -72.09 52.53 62.10
C SER G 4285 -71.71 51.35 62.98
N THR G 4286 -70.50 50.81 62.85
CA THR G 4286 -70.16 49.58 63.55
C THR G 4286 -69.67 49.87 64.96
N GLY G 4287 -69.66 48.82 65.78
CA GLY G 4287 -69.24 48.90 67.16
C GLY G 4287 -67.77 48.69 67.40
N TYR G 4288 -67.04 48.19 66.42
CA TYR G 4288 -65.58 48.08 66.50
C TYR G 4288 -64.97 49.38 65.98
N MET G 4289 -63.67 49.34 65.64
CA MET G 4289 -62.86 50.50 65.27
C MET G 4289 -62.75 51.43 66.47
N GLU G 4290 -62.51 50.81 67.60
CA GLU G 4290 -62.28 51.25 68.96
C GLU G 4290 -60.77 51.47 69.08
N PRO G 4291 -60.18 51.74 70.27
CA PRO G 4291 -58.72 51.56 70.41
C PRO G 4291 -58.15 50.16 70.18
N ALA G 4292 -58.95 49.19 69.72
CA ALA G 4292 -58.41 48.07 68.95
C ALA G 4292 -57.60 48.55 67.73
N LEU G 4293 -58.00 49.68 67.13
CA LEU G 4293 -57.13 50.41 66.21
C LEU G 4293 -55.79 50.73 66.85
N TRP G 4294 -55.81 51.25 68.07
CA TRP G 4294 -54.58 51.51 68.80
C TRP G 4294 -53.90 50.22 69.21
N CYS G 4295 -54.66 49.13 69.39
CA CYS G 4295 -54.05 47.83 69.59
C CYS G 4295 -53.36 47.32 68.33
N LEU G 4296 -53.78 47.78 67.16
CA LEU G 4296 -53.05 47.50 65.93
C LEU G 4296 -51.88 48.46 65.74
N SER G 4297 -51.91 49.61 66.39
CA SER G 4297 -50.79 50.55 66.29
C SER G 4297 -49.56 49.99 67.00
N LEU G 4298 -49.74 49.43 68.19
CA LEU G 4298 -48.66 48.75 68.88
C LEU G 4298 -48.31 47.44 68.18
N LEU G 4299 -49.28 46.81 67.50
CA LEU G 4299 -49.02 45.52 66.86
C LEU G 4299 -48.17 45.69 65.62
N HIS G 4300 -48.36 46.80 64.88
CA HIS G 4300 -47.52 47.04 63.71
C HIS G 4300 -46.10 47.39 64.13
N THR G 4301 -45.94 48.07 65.25
CA THR G 4301 -44.60 48.31 65.79
C THR G 4301 -44.01 47.02 66.33
N LEU G 4302 -44.86 46.10 66.80
CA LEU G 4302 -44.39 44.82 67.31
C LEU G 4302 -43.82 43.96 66.20
N VAL G 4303 -44.60 43.71 65.14
CA VAL G 4303 -44.27 42.67 64.18
C VAL G 4303 -43.07 43.03 63.31
N ALA G 4304 -42.81 44.32 63.08
CA ALA G 4304 -41.64 44.69 62.31
C ALA G 4304 -40.36 44.50 63.12
N PHE G 4305 -40.47 44.61 64.45
CA PHE G 4305 -39.34 44.29 65.31
C PHE G 4305 -39.01 42.81 65.27
N LEU G 4306 -40.01 41.96 65.05
CA LEU G 4306 -39.74 40.54 64.90
C LEU G 4306 -39.02 40.25 63.59
N CYS G 4307 -39.18 41.12 62.59
CA CYS G 4307 -38.42 40.96 61.35
C CYS G 4307 -36.97 41.37 61.51
N ILE G 4308 -36.63 42.09 62.58
CA ILE G 4308 -35.27 42.59 62.74
C ILE G 4308 -34.33 41.45 63.14
N ILE G 4309 -34.69 40.72 64.19
CA ILE G 4309 -33.85 39.60 64.62
C ILE G 4309 -33.98 38.44 63.65
N GLY G 4310 -35.13 38.33 62.97
CA GLY G 4310 -35.25 37.38 61.88
C GLY G 4310 -34.34 37.69 60.71
N TYR G 4311 -34.09 38.98 60.48
CA TYR G 4311 -33.07 39.37 59.53
C TYR G 4311 -31.67 39.04 60.04
N ASN G 4312 -31.48 39.12 61.36
CA ASN G 4312 -30.16 38.90 61.95
C ASN G 4312 -29.77 37.44 61.89
N CYS G 4313 -30.60 36.56 62.44
CA CYS G 4313 -30.26 35.16 62.58
C CYS G 4313 -30.34 34.38 61.27
N LEU G 4314 -31.01 34.92 60.26
CA LEU G 4314 -31.15 34.23 58.98
C LEU G 4314 -30.35 34.88 57.87
N LYS G 4315 -30.59 36.16 57.60
CA LYS G 4315 -29.98 36.79 56.44
C LYS G 4315 -28.51 37.10 56.66
N VAL G 4316 -28.17 37.74 57.77
CA VAL G 4316 -26.83 38.28 57.89
C VAL G 4316 -25.98 37.53 58.93
N PRO G 4317 -25.72 36.24 58.73
CA PRO G 4317 -24.35 35.76 58.95
C PRO G 4317 -23.68 35.54 57.60
N LEU G 4318 -24.51 35.46 56.57
CA LEU G 4318 -24.05 35.18 55.21
C LEU G 4318 -23.25 36.33 54.65
N VAL G 4319 -23.75 37.56 54.85
CA VAL G 4319 -23.10 38.76 54.34
C VAL G 4319 -21.74 38.95 55.00
N ILE G 4320 -21.60 38.47 56.23
CA ILE G 4320 -20.30 38.41 56.87
C ILE G 4320 -19.38 37.45 56.11
N PHE G 4321 -19.88 36.24 55.84
CA PHE G 4321 -19.09 35.20 55.18
C PHE G 4321 -18.75 35.59 53.74
N LYS G 4322 -19.57 36.42 53.13
CA LYS G 4322 -19.19 37.03 51.86
C LYS G 4322 -17.96 37.91 52.02
N ARG G 4323 -17.90 38.68 53.10
CA ARG G 4323 -16.72 39.50 53.34
C ARG G 4323 -15.57 38.68 53.90
N GLU G 4324 -15.88 37.59 54.60
CA GLU G 4324 -14.84 36.73 55.19
C GLU G 4324 -14.02 36.04 54.13
N LYS G 4325 -14.65 35.55 53.06
CA LYS G 4325 -13.92 34.85 52.02
C LYS G 4325 -13.09 35.82 51.18
N GLU G 4326 -13.67 36.98 50.85
CA GLU G 4326 -13.06 37.85 49.86
C GLU G 4326 -11.80 38.53 50.39
N LEU G 4327 -11.67 38.65 51.70
CA LEU G 4327 -10.43 39.22 52.22
C LEU G 4327 -9.30 38.20 52.19
N ALA G 4328 -9.64 36.91 52.36
CA ALA G 4328 -8.62 35.86 52.28
C ALA G 4328 -8.06 35.74 50.87
N ARG G 4329 -8.88 36.03 49.86
CA ARG G 4329 -8.36 36.20 48.51
C ARG G 4329 -7.44 37.40 48.43
N LYS G 4330 -7.84 38.50 49.05
CA LYS G 4330 -7.11 39.75 48.98
C LYS G 4330 -5.95 39.82 49.96
N LEU G 4331 -5.73 38.79 50.78
CA LEU G 4331 -4.58 38.77 51.65
C LEU G 4331 -3.62 37.64 51.36
N GLU G 4332 -4.11 36.52 50.84
CA GLU G 4332 -3.18 35.49 50.42
C GLU G 4332 -2.73 35.71 48.98
N PHE G 4333 -3.69 35.80 48.06
CA PHE G 4333 -3.34 36.03 46.67
C PHE G 4333 -2.97 37.48 46.39
N ASP G 4334 -3.31 38.41 47.27
CA ASP G 4334 -2.99 39.80 47.09
C ASP G 4334 -2.23 40.32 48.29
N GLY G 4335 -1.49 41.39 48.08
CA GLY G 4335 -0.76 42.07 49.13
C GLY G 4335 -1.45 43.36 49.48
N LEU G 4336 -2.79 43.29 49.58
CA LEU G 4336 -3.62 44.47 49.80
C LEU G 4336 -3.27 45.15 51.12
N TYR G 4337 -3.20 44.38 52.20
CA TYR G 4337 -2.71 44.94 53.45
C TYR G 4337 -1.26 44.59 53.73
N ILE G 4338 -0.69 43.62 53.02
CA ILE G 4338 0.71 43.29 53.24
C ILE G 4338 1.61 44.15 52.37
N THR G 4339 1.45 44.03 51.05
CA THR G 4339 2.45 44.59 50.16
C THR G 4339 2.21 46.08 49.94
N GLU G 4340 1.10 46.44 49.30
CA GLU G 4340 0.99 47.84 48.93
C GLU G 4340 0.14 48.69 49.88
N GLN G 4341 -1.20 48.53 49.81
CA GLN G 4341 -2.12 49.56 50.31
C GLN G 4341 -3.55 49.12 50.04
N PRO G 4342 -4.54 49.59 50.82
CA PRO G 4342 -5.93 49.58 50.33
C PRO G 4342 -6.17 50.58 49.21
N GLY G 4343 -7.42 50.72 48.78
CA GLY G 4343 -7.69 51.64 47.70
C GLY G 4343 -7.68 53.11 48.07
N ASP G 4344 -7.50 53.45 49.34
CA ASP G 4344 -7.55 54.78 49.96
C ASP G 4344 -8.93 55.43 49.89
N ASP G 4345 -9.91 54.77 49.30
CA ASP G 4345 -11.31 55.14 49.27
C ASP G 4345 -12.04 53.84 49.57
N ASP G 4346 -13.35 53.79 49.31
CA ASP G 4346 -14.18 52.59 49.42
C ASP G 4346 -14.12 52.05 50.86
N VAL G 4347 -14.69 52.85 51.76
CA VAL G 4347 -14.37 52.85 53.18
C VAL G 4347 -14.60 51.53 53.89
N LYS G 4348 -15.31 50.59 53.27
CA LYS G 4348 -15.29 49.21 53.72
C LYS G 4348 -13.89 48.61 53.70
N GLY G 4349 -13.06 48.97 52.70
CA GLY G 4349 -11.67 48.56 52.73
C GLY G 4349 -10.91 49.32 53.80
N GLN G 4350 -11.30 50.57 54.04
CA GLN G 4350 -10.79 51.30 55.18
C GLN G 4350 -11.32 50.72 56.48
N TRP G 4351 -12.54 50.15 56.45
CA TRP G 4351 -13.14 49.58 57.65
C TRP G 4351 -12.45 48.29 58.08
N ASP G 4352 -11.87 47.55 57.16
CA ASP G 4352 -11.31 46.25 57.48
C ASP G 4352 -9.94 46.35 58.13
N ARG G 4353 -9.35 47.53 58.19
CA ARG G 4353 -8.13 47.73 58.97
C ARG G 4353 -8.36 47.45 60.45
N LEU G 4354 -9.57 47.71 60.94
CA LEU G 4354 -9.89 47.59 62.35
C LEU G 4354 -9.93 46.14 62.82
N VAL G 4355 -10.11 45.18 61.89
CA VAL G 4355 -10.32 43.78 62.28
C VAL G 4355 -9.07 42.94 62.06
N LEU G 4356 -8.01 43.50 61.48
CA LEU G 4356 -6.84 42.73 61.08
C LEU G 4356 -6.14 42.06 62.25
N ASN G 4357 -6.11 42.70 63.41
CA ASN G 4357 -5.41 42.11 64.55
C ASN G 4357 -6.33 41.33 65.47
N THR G 4358 -7.57 41.15 65.11
CA THR G 4358 -8.46 40.36 65.95
C THR G 4358 -8.13 38.88 65.79
N PRO G 4359 -8.02 38.14 66.90
CA PRO G 4359 -7.89 36.68 66.79
C PRO G 4359 -9.15 36.00 66.30
N SER G 4360 -10.30 36.65 66.42
CA SER G 4360 -11.57 36.14 65.91
C SER G 4360 -11.83 36.62 64.49
N PHE G 4361 -10.76 36.97 63.76
CA PHE G 4361 -10.91 37.42 62.38
C PHE G 4361 -11.52 36.37 61.44
N PRO G 4362 -11.02 35.11 61.32
CA PRO G 4362 -11.59 34.22 60.31
C PRO G 4362 -12.83 33.47 60.78
N SER G 4363 -13.47 33.96 61.86
CA SER G 4363 -14.43 33.19 62.65
C SER G 4363 -15.65 32.71 61.87
N ASN G 4364 -15.97 33.31 60.74
CA ASN G 4364 -17.06 32.82 59.92
C ASN G 4364 -16.58 32.02 58.72
N TYR G 4365 -15.34 32.26 58.27
CA TYR G 4365 -14.79 31.49 57.17
C TYR G 4365 -14.34 30.12 57.66
N TRP G 4366 -14.21 29.18 56.72
CA TRP G 4366 -13.88 27.80 57.07
C TRP G 4366 -12.42 27.66 57.50
N ASP G 4367 -11.48 27.93 56.59
CA ASP G 4367 -10.07 27.82 56.92
C ASP G 4367 -9.67 28.97 57.80
N LYS G 4368 -9.33 28.65 59.06
CA LYS G 4368 -8.86 29.63 60.01
C LYS G 4368 -7.34 29.58 60.16
N PHE G 4369 -6.66 29.20 59.07
CA PHE G 4369 -5.21 29.00 59.12
C PHE G 4369 -4.54 29.72 57.97
N VAL G 4370 -5.28 30.58 57.25
CA VAL G 4370 -4.73 31.39 56.18
C VAL G 4370 -3.72 32.42 56.71
N LYS G 4371 -3.84 32.80 58.00
CA LYS G 4371 -2.87 33.69 58.61
C LYS G 4371 -1.49 33.05 58.67
N ARG G 4372 -1.44 31.74 58.86
CA ARG G 4372 -0.19 31.02 58.71
C ARG G 4372 0.30 31.04 57.28
N LYS G 4373 -0.63 30.97 56.33
CA LYS G 4373 -0.25 30.95 54.93
C LYS G 4373 0.25 32.30 54.46
N VAL G 4374 -0.24 33.38 55.08
CA VAL G 4374 0.32 34.70 54.80
C VAL G 4374 1.73 34.79 55.36
N LEU G 4375 1.96 34.23 56.55
CA LEU G 4375 3.32 34.09 57.06
C LEU G 4375 4.16 33.19 56.17
N ASP G 4376 3.52 32.21 55.53
CA ASP G 4376 4.24 31.35 54.59
C ASP G 4376 4.62 32.12 53.34
N LYS G 4377 3.66 32.82 52.74
CA LYS G 4377 3.87 33.44 51.44
C LYS G 4377 4.53 34.80 51.56
N HIS G 4378 4.01 35.65 52.45
CA HIS G 4378 4.45 37.03 52.50
C HIS G 4378 5.38 37.35 53.66
N GLY G 4379 5.43 36.48 54.67
CA GLY G 4379 6.30 36.73 55.81
C GLY G 4379 7.78 36.66 55.50
N ASP G 4380 8.16 36.00 54.41
CA ASP G 4380 9.58 35.84 54.11
C ASP G 4380 10.17 37.12 53.54
N ILE G 4381 9.55 37.66 52.49
CA ILE G 4381 10.10 38.83 51.80
C ILE G 4381 10.00 40.12 52.59
N PHE G 4382 9.11 40.17 53.58
CA PHE G 4382 8.88 41.36 54.39
C PHE G 4382 9.19 41.00 55.84
N GLY G 4383 8.83 41.91 56.75
CA GLY G 4383 9.03 41.68 58.16
C GLY G 4383 8.25 40.48 58.67
N ARG G 4384 8.97 39.43 59.06
CA ARG G 4384 8.31 38.18 59.41
C ARG G 4384 7.56 38.31 60.72
N GLU G 4385 8.19 38.92 61.73
CA GLU G 4385 7.48 39.28 62.94
C GLU G 4385 6.48 40.41 62.69
N ARG G 4386 6.74 41.24 61.68
CA ARG G 4386 5.80 42.29 61.33
C ARG G 4386 4.48 41.73 60.83
N ILE G 4387 4.55 40.73 59.94
CA ILE G 4387 3.33 40.05 59.51
C ILE G 4387 2.76 39.22 60.66
N ALA G 4388 3.64 38.68 61.52
CA ALA G 4388 3.20 38.06 62.76
C ALA G 4388 2.79 39.08 63.82
N GLU G 4389 2.85 40.37 63.50
CA GLU G 4389 2.18 41.43 64.24
C GLU G 4389 1.00 42.01 63.47
N LEU G 4390 1.07 42.05 62.14
CA LEU G 4390 0.08 42.77 61.34
C LEU G 4390 -1.27 42.07 61.34
N LEU G 4391 -1.28 40.76 61.61
CA LEU G 4391 -2.53 40.02 61.72
C LEU G 4391 -2.88 39.73 63.17
N GLY G 4392 -2.43 40.55 64.09
CA GLY G 4392 -2.44 40.15 65.48
C GLY G 4392 -1.39 39.09 65.63
N MET G 4393 -1.83 37.85 65.92
CA MET G 4393 -0.97 36.69 66.15
C MET G 4393 0.10 36.98 67.20
N ASP G 4394 -0.37 37.48 68.34
CA ASP G 4394 0.50 37.91 69.42
C ASP G 4394 1.22 36.72 70.02
N LEU G 4395 2.55 36.73 69.90
CA LEU G 4395 3.47 35.65 70.30
C LEU G 4395 3.21 34.33 69.57
N ALA G 4396 2.46 34.37 68.47
CA ALA G 4396 2.17 33.16 67.71
C ALA G 4396 3.36 32.69 66.90
N SER G 4397 4.33 33.56 66.63
CA SER G 4397 5.61 33.11 66.12
C SER G 4397 6.32 32.24 67.14
N LEU G 4398 6.13 32.52 68.43
CA LEU G 4398 6.55 31.62 69.49
C LEU G 4398 5.49 30.59 69.84
N GLU G 4399 4.21 30.89 69.63
CA GLU G 4399 3.17 29.92 69.89
C GLU G 4399 2.86 29.04 68.68
N ILE G 4400 3.66 29.12 67.61
CA ILE G 4400 3.57 28.12 66.55
C ILE G 4400 4.10 26.78 67.06
N THR G 4401 5.32 26.78 67.57
CA THR G 4401 5.90 25.57 68.15
C THR G 4401 5.32 25.26 69.52
N ALA G 4402 4.88 26.28 70.26
CA ALA G 4402 4.28 26.05 71.57
C ALA G 4402 2.90 25.43 71.50
N HIS G 4403 2.14 25.70 70.43
CA HIS G 4403 0.91 24.96 70.15
C HIS G 4403 1.18 23.77 69.24
N ASN G 4404 2.20 22.99 69.61
CA ASN G 4404 2.47 21.71 68.97
C ASN G 4404 2.66 20.57 69.96
N GLU G 4405 3.16 20.83 71.17
CA GLU G 4405 3.33 19.80 72.18
C GLU G 4405 2.01 19.19 72.60
N ARG G 4406 1.16 19.98 73.25
CA ARG G 4406 -0.15 19.51 73.72
C ARG G 4406 -1.03 20.74 73.95
N LYS G 4407 -2.29 20.48 74.30
CA LYS G 4407 -3.23 21.54 74.62
C LYS G 4407 -4.31 21.00 75.56
N PRO G 4408 -4.25 21.34 76.85
CA PRO G 4408 -5.33 20.94 77.77
C PRO G 4408 -6.56 21.83 77.59
N ASP G 4409 -7.67 21.36 78.14
CA ASP G 4409 -8.96 22.01 77.98
C ASP G 4409 -9.43 22.63 79.28
N PRO G 4410 -9.68 23.94 79.32
CA PRO G 4410 -10.21 24.56 80.53
C PRO G 4410 -11.73 24.42 80.58
N PRO G 4411 -12.32 24.46 81.78
CA PRO G 4411 -13.78 24.33 81.89
C PRO G 4411 -14.47 25.66 81.65
N PRO G 4412 -15.70 25.65 81.16
CA PRO G 4412 -16.43 26.91 80.90
C PRO G 4412 -17.17 27.40 82.14
N GLY G 4413 -17.07 28.70 82.40
CA GLY G 4413 -17.72 29.33 83.54
C GLY G 4413 -18.69 30.44 83.16
N LEU G 4414 -19.54 30.19 82.15
CA LEU G 4414 -20.24 31.23 81.40
C LEU G 4414 -21.21 32.04 82.25
N LEU G 4415 -21.67 33.15 81.67
CA LEU G 4415 -22.50 34.22 82.23
C LEU G 4415 -21.80 35.00 83.35
N THR G 4416 -20.52 34.76 83.58
CA THR G 4416 -19.73 35.52 84.55
C THR G 4416 -18.50 36.15 83.92
N TRP G 4417 -17.82 35.44 83.01
CA TRP G 4417 -16.65 35.98 82.32
C TRP G 4417 -16.99 36.62 80.98
N LEU G 4418 -18.28 36.67 80.62
CA LEU G 4418 -18.74 36.97 79.25
C LEU G 4418 -18.36 38.38 78.78
N MET G 4419 -17.87 39.24 79.66
CA MET G 4419 -17.18 40.46 79.25
C MET G 4419 -15.87 40.17 78.49
N SER G 4420 -15.33 38.95 78.59
CA SER G 4420 -14.14 38.57 77.84
C SER G 4420 -14.56 37.99 76.48
N ILE G 4421 -15.10 38.88 75.64
CA ILE G 4421 -15.35 38.60 74.23
C ILE G 4421 -14.62 39.68 73.44
N ASP G 4422 -14.37 39.37 72.16
CA ASP G 4422 -13.55 40.23 71.32
C ASP G 4422 -14.38 41.44 70.88
N VAL G 4423 -14.24 42.54 71.62
CA VAL G 4423 -15.06 43.73 71.39
C VAL G 4423 -14.67 44.41 70.09
N LYS G 4424 -13.35 44.45 69.80
CA LYS G 4424 -12.87 45.00 68.54
C LYS G 4424 -13.42 44.25 67.34
N TYR G 4425 -13.58 42.94 67.47
CA TYR G 4425 -14.26 42.18 66.41
C TYR G 4425 -15.74 42.51 66.37
N GLN G 4426 -16.36 42.79 67.52
CA GLN G 4426 -17.78 43.12 67.55
C GLN G 4426 -18.07 44.49 66.97
N ILE G 4427 -17.21 45.46 67.24
CA ILE G 4427 -17.40 46.82 66.71
C ILE G 4427 -17.23 46.82 65.20
N TRP G 4428 -16.23 46.09 64.71
CA TRP G 4428 -16.07 45.86 63.28
C TRP G 4428 -17.27 45.12 62.70
N LYS G 4429 -17.80 44.14 63.45
CA LYS G 4429 -18.91 43.31 62.97
C LYS G 4429 -20.14 44.14 62.69
N PHE G 4430 -20.57 44.94 63.67
CA PHE G 4430 -21.80 45.70 63.54
C PHE G 4430 -21.67 46.77 62.47
N GLY G 4431 -20.47 47.34 62.34
CA GLY G 4431 -20.25 48.34 61.31
C GLY G 4431 -20.22 47.76 59.92
N VAL G 4432 -19.81 46.50 59.80
CA VAL G 4432 -19.94 45.79 58.52
C VAL G 4432 -21.41 45.63 58.15
N ILE G 4433 -22.24 45.29 59.14
CA ILE G 4433 -23.68 45.19 58.89
C ILE G 4433 -24.26 46.58 58.65
N PHE G 4434 -23.60 47.61 59.19
CA PHE G 4434 -23.99 48.98 58.91
C PHE G 4434 -23.63 49.39 57.49
N THR G 4435 -22.64 48.74 56.89
CA THR G 4435 -22.31 49.07 55.50
C THR G 4435 -23.33 48.46 54.54
N ASP G 4436 -24.00 47.39 54.96
CA ASP G 4436 -24.99 46.75 54.08
C ASP G 4436 -26.25 47.60 53.99
N ASN G 4437 -26.73 47.80 52.76
CA ASN G 4437 -27.87 48.66 52.53
C ASN G 4437 -29.16 48.02 52.98
N SER G 4438 -29.27 46.69 52.84
CA SER G 4438 -30.52 46.01 53.17
C SER G 4438 -30.76 45.98 54.67
N PHE G 4439 -29.68 45.87 55.46
CA PHE G 4439 -29.83 46.05 56.91
C PHE G 4439 -30.17 47.49 57.25
N LEU G 4440 -29.54 48.44 56.55
CA LEU G 4440 -29.89 49.85 56.73
C LEU G 4440 -31.30 50.13 56.29
N TYR G 4441 -31.81 49.35 55.33
CA TYR G 4441 -33.16 49.60 54.85
C TYR G 4441 -34.19 49.06 55.82
N LEU G 4442 -34.01 47.82 56.28
CA LEU G 4442 -34.99 47.23 57.18
C LEU G 4442 -34.90 47.83 58.57
N GLY G 4443 -33.73 48.37 58.91
CA GLY G 4443 -33.64 49.17 60.13
C GLY G 4443 -34.38 50.48 59.99
N TRP G 4444 -34.22 51.16 58.85
CA TRP G 4444 -34.94 52.41 58.61
C TRP G 4444 -36.42 52.16 58.39
N TYR G 4445 -36.77 50.95 57.92
CA TYR G 4445 -38.17 50.57 57.83
C TYR G 4445 -38.80 50.43 59.20
N MET G 4446 -37.99 50.08 60.21
CA MET G 4446 -38.50 49.88 61.57
C MET G 4446 -38.84 51.21 62.23
N VAL G 4447 -38.18 52.29 61.81
CA VAL G 4447 -38.22 53.55 62.55
C VAL G 4447 -39.60 54.20 62.45
N MET G 4448 -40.24 54.07 61.29
CA MET G 4448 -41.53 54.72 61.08
C MET G 4448 -42.65 54.07 61.90
N SER G 4449 -42.45 52.83 62.36
CA SER G 4449 -43.45 52.20 63.22
C SER G 4449 -43.44 52.85 64.60
N LEU G 4450 -42.27 53.29 65.07
CA LEU G 4450 -42.20 54.08 66.29
C LEU G 4450 -42.87 55.42 66.10
N LEU G 4451 -42.70 56.02 64.93
CA LEU G 4451 -43.31 57.31 64.62
C LEU G 4451 -44.82 57.20 64.40
N GLY G 4452 -45.32 55.99 64.14
CA GLY G 4452 -46.75 55.79 64.04
C GLY G 4452 -47.50 55.98 65.34
N HIS G 4453 -46.82 55.83 66.48
CA HIS G 4453 -47.44 56.15 67.76
C HIS G 4453 -47.77 57.63 67.89
N TYR G 4454 -46.98 58.50 67.26
CA TYR G 4454 -47.42 59.86 67.05
C TYR G 4454 -48.57 59.86 66.06
N ASN G 4455 -49.58 60.67 66.36
CA ASN G 4455 -50.82 60.71 65.57
C ASN G 4455 -50.52 61.43 64.26
N ASN G 4456 -49.92 60.69 63.33
CA ASN G 4456 -49.37 61.26 62.11
C ASN G 4456 -49.48 60.23 60.99
N PHE G 4457 -48.71 60.44 59.92
CA PHE G 4457 -48.86 59.66 58.70
C PHE G 4457 -48.36 58.24 58.85
N PHE G 4458 -47.47 57.99 59.80
CA PHE G 4458 -46.39 57.01 59.71
C PHE G 4458 -46.84 55.55 59.68
N PHE G 4459 -48.12 55.20 59.56
CA PHE G 4459 -48.47 53.87 59.08
C PHE G 4459 -48.58 53.84 57.57
N ALA G 4460 -48.52 55.01 56.93
CA ALA G 4460 -48.57 55.07 55.47
C ALA G 4460 -47.17 55.01 54.86
N ALA G 4461 -46.14 54.95 55.70
CA ALA G 4461 -44.78 54.85 55.17
C ALA G 4461 -44.42 53.41 54.87
N HIS G 4462 -45.05 52.47 55.57
CA HIS G 4462 -44.67 51.06 55.40
C HIS G 4462 -45.35 50.44 54.20
N LEU G 4463 -46.42 51.08 53.70
CA LEU G 4463 -47.17 50.47 52.60
C LEU G 4463 -46.45 50.65 51.26
N LEU G 4464 -45.43 51.50 51.22
CA LEU G 4464 -44.66 51.66 49.99
C LEU G 4464 -43.78 50.45 49.73
N ASP G 4465 -43.15 49.92 50.78
CA ASP G 4465 -42.17 48.86 50.58
C ASP G 4465 -42.83 47.50 50.44
N ILE G 4466 -44.04 47.33 51.00
CA ILE G 4466 -44.75 46.07 50.83
C ILE G 4466 -45.29 45.95 49.41
N ALA G 4467 -45.43 47.08 48.72
CA ALA G 4467 -45.56 47.04 47.27
C ALA G 4467 -44.21 46.73 46.63
N MET G 4468 -43.15 47.36 47.11
CA MET G 4468 -41.81 47.15 46.56
C MET G 4468 -41.29 45.76 46.88
N GLY G 4469 -41.80 45.14 47.94
CA GLY G 4469 -41.38 43.79 48.29
C GLY G 4469 -41.83 42.75 47.29
N VAL G 4470 -42.89 43.04 46.53
CA VAL G 4470 -43.27 42.16 45.44
C VAL G 4470 -42.31 42.38 44.29
N LYS G 4471 -41.75 41.27 43.77
CA LYS G 4471 -40.68 41.37 42.79
C LYS G 4471 -41.18 41.85 41.44
N THR G 4472 -42.44 41.55 41.10
CA THR G 4472 -42.97 41.96 39.81
C THR G 4472 -43.26 43.45 39.79
N LEU G 4473 -43.47 44.04 40.97
CA LEU G 4473 -43.47 45.49 41.08
C LEU G 4473 -42.09 46.05 40.78
N ARG G 4474 -41.05 45.35 41.25
CA ARG G 4474 -39.68 45.84 41.10
C ARG G 4474 -39.25 45.77 39.64
N THR G 4475 -39.81 44.83 38.88
CA THR G 4475 -39.59 44.78 37.43
C THR G 4475 -40.04 46.07 36.76
N ILE G 4476 -41.13 46.66 37.25
CA ILE G 4476 -41.58 47.93 36.71
C ILE G 4476 -40.67 49.04 37.20
N LEU G 4477 -40.23 48.95 38.45
CA LEU G 4477 -39.39 49.99 39.04
C LEU G 4477 -38.00 49.98 38.47
N SER G 4478 -37.36 48.80 38.41
CA SER G 4478 -35.95 48.73 38.06
C SER G 4478 -35.73 49.06 36.59
N SER G 4479 -36.78 48.90 35.76
CA SER G 4479 -36.74 49.40 34.39
C SER G 4479 -36.50 50.90 34.35
N VAL G 4480 -37.24 51.64 35.17
CA VAL G 4480 -37.05 53.08 35.23
C VAL G 4480 -35.74 53.39 35.95
N THR G 4481 -35.36 52.54 36.90
CA THR G 4481 -34.10 52.73 37.62
C THR G 4481 -32.92 52.41 36.72
N HIS G 4482 -33.13 51.55 35.72
CA HIS G 4482 -32.07 51.21 34.77
C HIS G 4482 -31.66 52.40 33.93
N ASN G 4483 -32.62 53.00 33.24
CA ASN G 4483 -32.35 54.13 32.37
C ASN G 4483 -32.57 55.47 33.07
N GLY G 4484 -32.58 55.48 34.40
CA GLY G 4484 -32.85 56.72 35.12
C GLY G 4484 -31.71 57.71 35.04
N LYS G 4485 -30.49 57.21 34.79
CA LYS G 4485 -29.33 58.10 34.77
C LYS G 4485 -29.33 58.98 33.53
N GLN G 4486 -30.06 58.57 32.49
CA GLN G 4486 -30.31 59.46 31.37
C GLN G 4486 -31.53 60.34 31.66
N LEU G 4487 -32.48 59.81 32.44
CA LEU G 4487 -33.70 60.55 32.76
C LEU G 4487 -33.40 61.76 33.63
N VAL G 4488 -32.44 61.63 34.56
CA VAL G 4488 -32.11 62.74 35.44
C VAL G 4488 -31.34 63.81 34.68
N MET G 4489 -30.72 63.44 33.55
CA MET G 4489 -30.11 64.45 32.70
C MET G 4489 -31.15 65.01 31.72
N THR G 4490 -32.16 64.21 31.40
CA THR G 4490 -33.17 64.63 30.42
C THR G 4490 -34.03 65.75 30.98
N VAL G 4491 -34.31 65.71 32.28
CA VAL G 4491 -35.12 66.77 32.89
C VAL G 4491 -34.32 68.05 33.04
N GLY G 4492 -32.99 67.95 32.99
CA GLY G 4492 -32.17 69.14 33.03
C GLY G 4492 -32.26 69.95 31.75
N LEU G 4493 -32.62 69.29 30.64
CA LEU G 4493 -32.80 70.01 29.39
C LEU G 4493 -34.08 70.82 29.43
N LEU G 4494 -35.07 70.36 30.19
CA LEU G 4494 -36.37 71.00 30.21
C LEU G 4494 -36.31 72.37 30.88
N ALA G 4495 -35.48 72.49 31.92
CA ALA G 4495 -35.42 73.76 32.65
C ALA G 4495 -34.62 74.81 31.89
N VAL G 4496 -33.66 74.37 31.07
CA VAL G 4496 -32.76 75.34 30.46
C VAL G 4496 -33.36 75.93 29.19
N VAL G 4497 -34.29 75.24 28.54
CA VAL G 4497 -34.88 75.78 27.31
C VAL G 4497 -35.90 76.86 27.66
N VAL G 4498 -36.72 76.62 28.67
CA VAL G 4498 -37.62 77.66 29.14
C VAL G 4498 -36.85 78.80 29.79
N TYR G 4499 -35.63 78.53 30.27
CA TYR G 4499 -34.76 79.59 30.77
C TYR G 4499 -34.31 80.50 29.64
N LEU G 4500 -33.96 79.91 28.48
CA LEU G 4500 -33.53 80.69 27.33
C LEU G 4500 -34.66 81.57 26.80
N TYR G 4501 -35.88 81.08 26.84
CA TYR G 4501 -36.99 81.83 26.28
C TYR G 4501 -37.79 82.57 27.34
N THR G 4502 -37.32 82.50 28.58
CA THR G 4502 -37.77 83.43 29.62
C THR G 4502 -37.33 84.85 29.33
N VAL G 4503 -36.03 85.04 29.06
CA VAL G 4503 -35.48 86.38 28.91
C VAL G 4503 -36.00 87.05 27.63
N VAL G 4504 -36.33 86.27 26.62
CA VAL G 4504 -36.97 86.82 25.42
C VAL G 4504 -38.37 87.30 25.77
N ALA G 4505 -39.11 86.51 26.53
CA ALA G 4505 -40.38 86.95 27.08
C ALA G 4505 -40.20 88.00 28.18
N PHE G 4506 -39.03 88.08 28.80
CA PHE G 4506 -38.80 89.10 29.81
C PHE G 4506 -38.36 90.42 29.18
N ASN G 4507 -37.42 90.38 28.25
CA ASN G 4507 -36.85 91.62 27.73
C ASN G 4507 -37.51 92.14 26.46
N PHE G 4508 -38.10 91.27 25.65
CA PHE G 4508 -38.76 91.71 24.41
C PHE G 4508 -40.27 91.60 24.49
N PHE G 4509 -40.80 90.64 25.24
CA PHE G 4509 -42.25 90.49 25.34
C PHE G 4509 -42.70 90.99 26.70
N ARG G 4510 -42.11 92.10 27.14
CA ARG G 4510 -42.18 92.51 28.53
C ARG G 4510 -43.58 92.97 28.94
N LYS G 4511 -44.08 94.01 28.29
CA LYS G 4511 -45.36 94.63 28.60
C LYS G 4511 -46.56 93.82 28.11
N PHE G 4512 -46.34 92.60 27.64
CA PHE G 4512 -47.38 91.83 26.98
C PHE G 4512 -48.07 90.84 27.92
N TYR G 4513 -47.51 90.59 29.11
CA TYR G 4513 -48.05 89.61 30.05
C TYR G 4513 -49.45 89.94 30.54
N ASN G 4514 -49.56 91.04 31.32
CA ASN G 4514 -50.83 91.66 31.68
C ASN G 4514 -51.76 90.70 32.42
N LYS G 4515 -51.38 90.39 33.68
CA LYS G 4515 -52.00 89.34 34.47
C LYS G 4515 -53.49 89.51 34.82
N SER G 4516 -54.12 90.60 34.36
CA SER G 4516 -55.56 90.67 34.12
C SER G 4516 -56.38 90.68 35.42
N GLU G 4517 -55.88 91.37 36.44
CA GLU G 4517 -56.75 91.74 37.55
C GLU G 4517 -57.58 92.95 37.13
N ASP G 4518 -58.76 93.10 37.75
CA ASP G 4518 -59.68 94.15 37.35
C ASP G 4518 -59.16 95.53 37.74
N GLU G 4519 -59.02 96.40 36.73
CA GLU G 4519 -58.74 97.84 36.79
C GLU G 4519 -57.28 98.14 37.18
N ASP G 4520 -56.57 97.13 37.64
CA ASP G 4520 -55.18 97.26 38.06
C ASP G 4520 -54.45 96.00 37.64
N GLU G 4521 -53.16 96.13 37.30
CA GLU G 4521 -52.36 94.90 37.01
C GLU G 4521 -51.10 94.92 37.86
N PRO G 4522 -51.18 94.89 39.21
CA PRO G 4522 -49.99 94.99 40.05
C PRO G 4522 -49.17 93.76 39.66
N ASP G 4523 -49.84 92.62 39.49
CA ASP G 4523 -49.17 91.41 39.05
C ASP G 4523 -48.82 91.57 37.59
N MET G 4524 -47.52 91.57 37.30
CA MET G 4524 -46.96 91.12 36.04
C MET G 4524 -45.71 90.34 36.37
N LYS G 4525 -45.46 89.26 35.64
CA LYS G 4525 -44.25 88.50 35.92
C LYS G 4525 -43.02 89.17 35.35
N CYS G 4526 -43.18 90.16 34.47
CA CYS G 4526 -42.10 91.06 34.08
C CYS G 4526 -42.03 92.26 35.02
N ASP G 4527 -41.93 91.95 36.31
CA ASP G 4527 -41.58 92.92 37.34
C ASP G 4527 -40.25 92.59 37.98
N ASP G 4528 -40.10 91.38 38.50
CA ASP G 4528 -38.81 90.86 38.91
C ASP G 4528 -38.41 89.72 37.97
N MET G 4529 -37.21 89.20 38.19
CA MET G 4529 -36.67 88.26 37.21
C MET G 4529 -36.80 86.81 37.66
N MET G 4530 -36.66 86.54 38.97
CA MET G 4530 -37.13 85.25 39.49
C MET G 4530 -38.63 85.10 39.34
N THR G 4531 -39.37 86.21 39.42
CA THR G 4531 -40.82 86.20 39.24
C THR G 4531 -41.20 85.77 37.82
N CYS G 4532 -40.36 86.09 36.84
CA CYS G 4532 -40.65 85.72 35.46
C CYS G 4532 -40.42 84.23 35.23
N TYR G 4533 -39.24 83.73 35.55
CA TYR G 4533 -38.87 82.36 35.19
C TYR G 4533 -39.60 81.31 36.00
N LEU G 4534 -40.02 81.65 37.23
CA LEU G 4534 -40.86 80.73 37.98
C LEU G 4534 -42.21 80.55 37.34
N PHE G 4535 -42.70 81.61 36.68
CA PHE G 4535 -43.96 81.53 35.96
C PHE G 4535 -43.85 80.68 34.70
N HIS G 4536 -42.71 80.76 34.01
CA HIS G 4536 -42.47 79.94 32.82
C HIS G 4536 -42.45 78.46 33.16
N MET G 4537 -41.79 78.10 34.28
CA MET G 4537 -41.71 76.70 34.69
C MET G 4537 -43.06 76.19 35.18
N TYR G 4538 -43.96 77.09 35.56
CA TYR G 4538 -45.22 76.66 36.14
C TYR G 4538 -46.29 76.43 35.09
N VAL G 4539 -46.30 77.21 34.02
CA VAL G 4539 -47.43 77.28 33.11
C VAL G 4539 -47.15 76.59 31.78
N GLY G 4540 -46.12 77.06 31.06
CA GLY G 4540 -46.01 76.75 29.64
C GLY G 4540 -45.63 75.31 29.36
N VAL G 4541 -44.94 74.68 30.32
CA VAL G 4541 -44.64 73.25 30.22
C VAL G 4541 -45.79 72.38 30.68
N ARG G 4542 -46.86 72.97 31.20
CA ARG G 4542 -47.95 72.25 31.83
C ARG G 4542 -49.30 72.50 31.18
N ALA G 4543 -49.47 73.68 30.56
CA ALA G 4543 -50.79 74.15 30.15
C ALA G 4543 -51.38 73.32 29.00
N GLY G 4544 -50.54 72.69 28.20
CA GLY G 4544 -51.04 71.92 27.08
C GLY G 4544 -51.52 72.80 25.95
N GLY G 4545 -50.58 73.52 25.33
CA GLY G 4545 -50.89 74.46 24.28
C GLY G 4545 -49.94 75.64 24.33
N GLY G 4546 -49.02 75.58 25.28
CA GLY G 4546 -48.00 76.59 25.44
C GLY G 4546 -48.34 77.57 26.54
N ILE G 4547 -47.48 78.56 26.71
CA ILE G 4547 -47.72 79.60 27.70
C ILE G 4547 -48.59 80.71 27.10
N GLY G 4548 -48.77 80.74 25.78
CA GLY G 4548 -49.60 81.73 25.14
C GLY G 4548 -51.09 81.55 25.30
N ASP G 4549 -51.53 80.50 26.00
CA ASP G 4549 -52.95 80.32 26.24
C ASP G 4549 -53.48 81.26 27.32
N GLU G 4550 -52.58 81.83 28.12
CA GLU G 4550 -52.95 82.61 29.29
C GLU G 4550 -52.56 84.07 29.19
N ILE G 4551 -51.33 84.34 28.74
CA ILE G 4551 -50.94 85.70 28.34
C ILE G 4551 -51.81 86.11 27.16
N GLU G 4552 -52.19 87.38 27.13
CA GLU G 4552 -53.34 87.87 26.39
C GLU G 4552 -53.12 87.79 24.87
N ASP G 4553 -54.16 88.21 24.15
CA ASP G 4553 -54.25 88.01 22.72
C ASP G 4553 -53.26 88.88 21.97
N PRO G 4554 -52.40 88.32 21.12
CA PRO G 4554 -51.56 89.15 20.26
C PRO G 4554 -52.25 89.60 18.99
N ALA G 4555 -53.47 90.11 19.10
CA ALA G 4555 -54.22 90.59 17.95
C ALA G 4555 -53.90 92.03 17.60
N GLY G 4556 -52.91 92.64 18.26
CA GLY G 4556 -52.53 94.00 18.00
C GLY G 4556 -51.67 94.14 16.76
N ASP G 4557 -50.95 95.25 16.70
CA ASP G 4557 -50.11 95.54 15.55
C ASP G 4557 -48.64 95.71 15.94
N GLU G 4558 -48.40 96.23 17.14
CA GLU G 4558 -47.04 96.48 17.60
C GLU G 4558 -46.32 95.17 17.87
N TYR G 4559 -45.52 94.74 16.88
CA TYR G 4559 -44.75 93.49 16.89
C TYR G 4559 -45.59 92.24 17.12
N GLU G 4560 -46.90 92.31 16.85
CA GLU G 4560 -47.81 91.22 17.20
C GLU G 4560 -47.87 90.16 16.11
N LEU G 4561 -46.84 90.11 15.28
CA LEU G 4561 -46.51 89.01 14.40
C LEU G 4561 -45.39 88.18 15.00
N TYR G 4562 -44.69 88.75 15.98
CA TYR G 4562 -43.55 88.09 16.60
C TYR G 4562 -43.93 87.53 17.97
N ARG G 4563 -44.87 88.19 18.65
CA ARG G 4563 -45.35 87.69 19.94
C ARG G 4563 -46.13 86.40 19.78
N VAL G 4564 -46.71 86.17 18.60
CA VAL G 4564 -47.66 85.08 18.44
C VAL G 4564 -46.96 83.78 18.04
N VAL G 4565 -46.19 83.78 16.95
CA VAL G 4565 -45.82 82.54 16.28
C VAL G 4565 -44.72 81.84 17.06
N PHE G 4566 -43.98 82.59 17.87
CA PHE G 4566 -42.80 82.07 18.54
C PHE G 4566 -43.15 81.03 19.59
N ASP G 4567 -44.17 81.30 20.40
CA ASP G 4567 -44.57 80.35 21.43
C ASP G 4567 -45.22 79.10 20.83
N ILE G 4568 -45.86 79.25 19.67
CA ILE G 4568 -46.61 78.14 19.10
C ILE G 4568 -45.65 77.11 18.52
N THR G 4569 -44.56 77.58 17.92
CA THR G 4569 -43.47 76.68 17.56
C THR G 4569 -42.77 76.15 18.79
N PHE G 4570 -42.74 76.95 19.86
CA PHE G 4570 -42.01 76.59 21.08
C PHE G 4570 -42.63 75.39 21.78
N PHE G 4571 -43.95 75.39 21.94
CA PHE G 4571 -44.63 74.27 22.62
C PHE G 4571 -44.47 72.98 21.84
N PHE G 4572 -44.41 73.07 20.53
CA PHE G 4572 -44.35 71.87 19.71
C PHE G 4572 -42.93 71.31 19.66
N PHE G 4573 -41.93 72.19 19.76
CA PHE G 4573 -40.57 71.75 19.48
C PHE G 4573 -39.87 71.22 20.72
N VAL G 4574 -40.42 71.44 21.91
CA VAL G 4574 -39.86 70.84 23.11
C VAL G 4574 -40.90 70.03 23.89
N ILE G 4575 -42.11 70.54 24.10
CA ILE G 4575 -43.01 69.90 25.04
C ILE G 4575 -43.62 68.65 24.42
N VAL G 4576 -43.76 68.66 23.10
CA VAL G 4576 -44.06 67.41 22.40
C VAL G 4576 -42.83 66.52 22.41
N ILE G 4577 -41.65 67.14 22.42
CA ILE G 4577 -40.42 66.40 22.10
C ILE G 4577 -39.73 65.92 23.37
N LEU G 4578 -39.56 66.81 24.36
CA LEU G 4578 -38.88 66.42 25.58
C LEU G 4578 -39.69 65.43 26.39
N LEU G 4579 -41.03 65.53 26.30
CA LEU G 4579 -41.87 64.48 26.85
C LEU G 4579 -41.69 63.18 26.07
N ALA G 4580 -41.47 63.27 24.75
CA ALA G 4580 -41.27 62.08 23.95
C ALA G 4580 -39.95 61.40 24.30
N ILE G 4581 -38.91 62.19 24.59
CA ILE G 4581 -37.64 61.63 25.03
C ILE G 4581 -37.81 60.98 26.40
N ILE G 4582 -38.69 61.53 27.23
CA ILE G 4582 -39.09 60.82 28.45
C ILE G 4582 -39.91 59.59 28.09
N GLN G 4583 -40.75 59.70 27.05
CA GLN G 4583 -41.75 58.67 26.77
C GLN G 4583 -41.13 57.35 26.34
N GLY G 4584 -40.47 57.33 25.19
CA GLY G 4584 -40.01 56.07 24.63
C GLY G 4584 -38.81 55.48 25.36
N LEU G 4585 -38.08 56.33 26.09
CA LEU G 4585 -36.94 55.83 26.84
C LEU G 4585 -37.40 55.03 28.05
N ILE G 4586 -38.59 55.33 28.56
CA ILE G 4586 -39.26 54.41 29.47
C ILE G 4586 -39.67 53.15 28.72
N ILE G 4587 -40.15 53.31 27.49
CA ILE G 4587 -40.61 52.17 26.72
C ILE G 4587 -39.41 51.35 26.26
N ASP G 4588 -38.27 52.00 26.02
CA ASP G 4588 -37.06 51.28 25.66
C ASP G 4588 -36.50 50.50 26.84
N ALA G 4589 -36.79 50.94 28.06
CA ALA G 4589 -36.49 50.11 29.22
C ALA G 4589 -37.29 48.82 29.20
N PHE G 4590 -38.61 48.93 29.01
CA PHE G 4590 -39.44 47.74 28.88
C PHE G 4590 -39.20 47.05 27.54
N GLY G 4591 -38.67 47.80 26.56
CA GLY G 4591 -38.29 47.15 25.31
C GLY G 4591 -37.06 46.28 25.46
N GLU G 4592 -35.97 46.85 25.97
CA GLU G 4592 -34.69 46.17 25.97
C GLU G 4592 -34.64 45.05 27.01
N LEU G 4593 -35.25 45.27 28.17
CA LEU G 4593 -35.10 44.33 29.27
C LEU G 4593 -35.77 43.00 28.99
N ARG G 4594 -36.94 43.03 28.33
CA ARG G 4594 -37.55 41.78 27.91
C ARG G 4594 -36.75 41.16 26.77
N ASP G 4595 -36.10 41.98 25.95
CA ASP G 4595 -35.23 41.46 24.90
C ASP G 4595 -33.95 40.93 25.52
N GLN G 4596 -33.50 41.57 26.60
CA GLN G 4596 -32.42 41.03 27.38
C GLN G 4596 -32.85 39.74 28.08
N GLN G 4597 -34.12 39.65 28.46
CA GLN G 4597 -34.59 38.49 29.20
C GLN G 4597 -34.75 37.28 28.28
N GLU G 4598 -35.18 37.49 27.04
CA GLU G 4598 -35.26 36.36 26.11
C GLU G 4598 -33.88 35.99 25.59
N GLN G 4599 -32.95 36.93 25.61
CA GLN G 4599 -31.59 36.63 25.17
C GLN G 4599 -30.90 35.68 26.13
N VAL G 4600 -31.11 35.88 27.43
CA VAL G 4600 -30.43 35.03 28.40
C VAL G 4600 -31.11 33.66 28.49
N LYS G 4601 -32.35 33.57 28.01
CA LYS G 4601 -33.03 32.29 28.02
C LYS G 4601 -32.53 31.38 26.91
N GLU G 4602 -32.39 31.91 25.70
CA GLU G 4602 -32.08 31.06 24.55
C GLU G 4602 -30.65 30.55 24.59
N ASP G 4603 -29.79 31.22 25.36
CA ASP G 4603 -28.41 30.78 25.48
C ASP G 4603 -28.31 29.47 26.24
N MET G 4604 -29.28 29.21 27.12
CA MET G 4604 -29.25 27.98 27.91
C MET G 4604 -29.62 26.79 27.06
N GLU G 4605 -30.41 26.99 26.01
CA GLU G 4605 -30.86 25.87 25.20
C GLU G 4605 -29.91 25.59 24.04
N THR G 4606 -29.05 26.56 23.70
CA THR G 4606 -28.16 26.37 22.56
C THR G 4606 -26.86 25.69 22.98
N LYS G 4607 -26.18 26.24 23.98
CA LYS G 4607 -24.93 25.64 24.41
C LYS G 4607 -24.99 25.39 25.90
N CYS G 4608 -24.27 24.37 26.34
CA CYS G 4608 -24.11 24.15 27.77
C CYS G 4608 -23.26 25.24 28.37
N PHE G 4609 -23.42 25.45 29.67
CA PHE G 4609 -22.55 26.39 30.34
C PHE G 4609 -21.17 25.79 30.55
N ILE G 4610 -21.12 24.48 30.86
CA ILE G 4610 -19.85 23.88 31.24
C ILE G 4610 -18.99 23.64 30.01
N CYS G 4611 -19.44 22.81 29.09
CA CYS G 4611 -18.78 22.67 27.81
C CYS G 4611 -19.23 23.83 26.94
N GLY G 4612 -18.28 24.51 26.31
CA GLY G 4612 -18.63 25.69 25.53
C GLY G 4612 -19.20 25.35 24.16
N ILE G 4613 -19.28 24.06 23.84
CA ILE G 4613 -19.80 23.63 22.55
C ILE G 4613 -21.30 23.88 22.51
N GLY G 4614 -21.79 24.32 21.35
CA GLY G 4614 -23.22 24.39 21.11
C GLY G 4614 -23.88 23.03 21.04
N SER G 4615 -25.18 23.03 20.75
CA SER G 4615 -25.92 21.78 20.73
C SER G 4615 -25.54 20.91 19.55
N ASP G 4616 -25.02 21.53 18.48
CA ASP G 4616 -24.95 20.91 17.17
C ASP G 4616 -24.05 19.69 17.14
N TYR G 4617 -23.03 19.64 17.98
CA TYR G 4617 -22.19 18.45 18.05
C TYR G 4617 -22.97 17.30 18.65
N PHE G 4618 -23.88 17.60 19.57
CA PHE G 4618 -24.67 16.57 20.23
C PHE G 4618 -26.02 16.36 19.57
N ASP G 4619 -26.37 17.16 18.56
CA ASP G 4619 -27.70 17.04 17.99
C ASP G 4619 -27.80 15.86 17.03
N THR G 4620 -26.68 15.21 16.72
CA THR G 4620 -26.75 14.03 15.88
C THR G 4620 -27.44 12.89 16.62
N THR G 4621 -27.16 12.75 17.91
CA THR G 4621 -27.95 11.89 18.76
C THR G 4621 -29.26 12.59 19.08
N PRO G 4622 -30.37 11.85 19.16
CA PRO G 4622 -31.63 12.46 19.58
C PRO G 4622 -31.61 12.83 21.05
N HIS G 4623 -31.71 14.13 21.32
CA HIS G 4623 -31.83 14.73 22.65
C HIS G 4623 -30.57 14.49 23.49
N GLY G 4624 -29.46 14.23 22.81
CA GLY G 4624 -28.23 13.95 23.52
C GLY G 4624 -27.65 15.21 24.14
N PHE G 4625 -27.93 16.36 23.54
CA PHE G 4625 -27.49 17.62 24.12
C PHE G 4625 -28.20 17.90 25.43
N GLU G 4626 -29.50 17.61 25.50
CA GLU G 4626 -30.19 17.74 26.76
C GLU G 4626 -29.73 16.66 27.73
N THR G 4627 -29.47 15.46 27.21
CA THR G 4627 -28.89 14.39 28.00
C THR G 4627 -27.50 14.78 28.50
N HIS G 4628 -26.75 15.53 27.68
CA HIS G 4628 -25.48 16.07 28.12
C HIS G 4628 -25.66 17.08 29.25
N THR G 4629 -26.78 17.79 29.25
CA THR G 4629 -27.05 18.70 30.36
C THR G 4629 -27.78 17.99 31.50
N LEU G 4630 -28.66 17.04 31.18
CA LEU G 4630 -29.41 16.39 32.25
C LEU G 4630 -28.55 15.37 32.98
N GLU G 4631 -27.57 14.77 32.30
CA GLU G 4631 -26.76 13.77 32.98
C GLU G 4631 -25.27 14.06 32.95
N GLU G 4632 -24.73 14.53 31.83
CA GLU G 4632 -23.28 14.65 31.75
C GLU G 4632 -22.78 15.91 32.44
N HIS G 4633 -23.28 17.07 32.05
CA HIS G 4633 -22.96 18.31 32.72
C HIS G 4633 -24.22 18.77 33.45
N ASN G 4634 -24.40 18.24 34.66
CA ASN G 4634 -25.58 18.57 35.45
C ASN G 4634 -25.55 20.00 35.95
N LEU G 4635 -24.34 20.51 36.24
CA LEU G 4635 -23.96 21.81 36.78
C LEU G 4635 -24.32 21.90 38.27
N ALA G 4636 -25.03 20.92 38.81
CA ALA G 4636 -25.33 20.86 40.23
C ALA G 4636 -24.45 19.87 40.99
N ASN G 4637 -24.02 18.80 40.32
CA ASN G 4637 -23.20 17.80 40.98
C ASN G 4637 -21.80 18.32 41.25
N TYR G 4638 -21.38 19.33 40.48
CA TYR G 4638 -20.10 19.97 40.74
C TYR G 4638 -20.09 20.65 42.10
N MET G 4639 -21.22 21.23 42.50
CA MET G 4639 -21.39 21.67 43.88
C MET G 4639 -21.39 20.48 44.81
N PHE G 4640 -22.03 19.40 44.38
CA PHE G 4640 -22.30 18.27 45.27
C PHE G 4640 -21.03 17.46 45.50
N PHE G 4641 -20.22 17.30 44.45
CA PHE G 4641 -18.91 16.69 44.61
C PHE G 4641 -18.02 17.55 45.48
N LEU G 4642 -18.15 18.87 45.37
CA LEU G 4642 -17.40 19.78 46.23
C LEU G 4642 -17.83 19.64 47.68
N MET G 4643 -19.15 19.51 47.90
CA MET G 4643 -19.65 19.25 49.25
C MET G 4643 -19.19 17.88 49.74
N TYR G 4644 -19.13 16.92 48.83
CA TYR G 4644 -18.80 15.54 49.19
C TYR G 4644 -17.38 15.41 49.70
N LEU G 4645 -16.46 16.22 49.17
CA LEU G 4645 -15.07 16.06 49.55
C LEU G 4645 -14.79 16.75 50.87
N ILE G 4646 -15.50 17.84 51.15
CA ILE G 4646 -15.28 18.59 52.38
C ILE G 4646 -15.75 17.78 53.58
N ASN G 4647 -16.86 17.08 53.42
CA ASN G 4647 -17.41 16.29 54.51
C ASN G 4647 -16.76 14.92 54.61
N LYS G 4648 -15.81 14.64 53.73
CA LYS G 4648 -15.06 13.39 53.75
C LYS G 4648 -13.68 13.65 54.33
N ASP G 4649 -13.13 12.65 55.02
CA ASP G 4649 -11.87 12.79 55.72
C ASP G 4649 -10.70 12.88 54.74
N GLU G 4650 -9.62 13.51 55.21
CA GLU G 4650 -8.52 13.92 54.35
C GLU G 4650 -7.70 12.74 53.84
N THR G 4651 -7.47 11.76 54.69
CA THR G 4651 -6.65 10.61 54.29
C THR G 4651 -7.42 9.72 53.31
N GLU G 4652 -8.73 9.65 53.45
CA GLU G 4652 -9.53 8.69 52.73
C GLU G 4652 -9.82 9.09 51.28
N HIS G 4653 -9.22 10.17 50.79
CA HIS G 4653 -9.49 10.53 49.41
C HIS G 4653 -8.61 9.72 48.46
N THR G 4654 -9.13 9.47 47.28
CA THR G 4654 -8.39 8.65 46.32
C THR G 4654 -7.35 9.50 45.61
N GLY G 4655 -6.71 8.92 44.61
CA GLY G 4655 -5.68 9.63 43.87
C GLY G 4655 -6.21 10.68 42.93
N GLN G 4656 -7.52 10.71 42.69
CA GLN G 4656 -8.11 11.76 41.89
C GLN G 4656 -9.04 12.65 42.68
N GLU G 4657 -9.53 12.19 43.82
CA GLU G 4657 -10.30 13.06 44.71
C GLU G 4657 -9.41 14.15 45.31
N SER G 4658 -8.34 13.75 46.01
CA SER G 4658 -7.44 14.73 46.60
C SER G 4658 -6.65 15.51 45.56
N TYR G 4659 -6.49 14.94 44.37
CA TYR G 4659 -5.89 15.62 43.22
C TYR G 4659 -6.58 16.93 42.91
N VAL G 4660 -7.87 16.87 42.60
CA VAL G 4660 -8.60 18.08 42.29
C VAL G 4660 -8.82 18.93 43.54
N TRP G 4661 -8.83 18.32 44.73
CA TRP G 4661 -8.92 19.10 45.96
C TRP G 4661 -7.70 19.97 46.17
N LYS G 4662 -6.52 19.48 45.81
CA LYS G 4662 -5.33 20.30 45.87
C LYS G 4662 -5.43 21.47 44.91
N MET G 4663 -6.04 21.24 43.74
CA MET G 4663 -6.28 22.33 42.81
C MET G 4663 -7.31 23.32 43.33
N TYR G 4664 -8.27 22.84 44.13
CA TYR G 4664 -9.10 23.76 44.89
C TYR G 4664 -8.26 24.54 45.89
N GLN G 4665 -7.38 23.84 46.62
CA GLN G 4665 -6.46 24.51 47.53
C GLN G 4665 -5.50 25.42 46.78
N GLU G 4666 -5.16 25.04 45.54
CA GLU G 4666 -4.37 25.91 44.69
C GLU G 4666 -5.19 27.10 44.19
N ARG G 4667 -6.52 26.94 44.14
CA ARG G 4667 -7.43 27.80 43.38
C ARG G 4667 -7.01 27.90 41.92
N CYS G 4668 -6.62 26.78 41.34
CA CYS G 4668 -6.39 26.66 39.91
C CYS G 4668 -7.57 25.90 39.29
N TRP G 4669 -8.05 26.42 38.17
CA TRP G 4669 -9.35 26.02 37.65
C TRP G 4669 -9.23 25.51 36.23
N ASP G 4670 -8.31 24.58 36.06
CA ASP G 4670 -8.01 24.04 34.74
C ASP G 4670 -8.81 22.78 34.43
N PHE G 4671 -9.20 22.01 35.45
CA PHE G 4671 -9.75 20.67 35.28
C PHE G 4671 -11.13 20.63 34.62
N PHE G 4672 -11.74 21.78 34.34
CA PHE G 4672 -13.06 21.81 33.73
C PHE G 4672 -13.01 21.29 32.29
N PRO G 4673 -14.14 20.80 31.75
CA PRO G 4673 -14.18 20.34 30.36
C PRO G 4673 -13.79 21.37 29.31
N ALA G 4674 -14.53 22.49 29.25
CA ALA G 4674 -14.12 23.74 28.59
C ALA G 4674 -13.78 23.56 27.10
N GLY G 4675 -14.42 22.61 26.45
CA GLY G 4675 -14.17 22.41 25.03
C GLY G 4675 -14.17 20.97 24.56
N ASP G 4676 -14.22 20.03 25.49
CA ASP G 4676 -14.36 18.62 25.17
C ASP G 4676 -15.01 17.97 26.36
N CYS G 4677 -15.87 16.98 26.11
CA CYS G 4677 -16.57 16.29 27.19
C CYS G 4677 -16.92 14.86 26.79
N PHE G 4678 -16.01 13.93 27.11
CA PHE G 4678 -16.21 12.50 27.31
C PHE G 4678 -16.54 11.71 26.04
N ARG G 4679 -16.95 12.39 24.97
CA ARG G 4679 -17.32 11.71 23.76
C ARG G 4679 -16.78 12.35 22.51
N LYS G 4680 -16.52 13.65 22.50
CA LYS G 4680 -15.68 14.21 21.46
C LYS G 4680 -14.26 13.72 21.61
N GLN G 4681 -13.85 13.43 22.84
CA GLN G 4681 -12.63 12.67 23.07
C GLN G 4681 -12.77 11.24 22.55
N TYR G 4682 -13.94 10.62 22.76
CA TYR G 4682 -14.12 9.18 22.57
C TYR G 4682 -15.07 8.85 21.42
N GLU G 4683 -14.98 9.60 20.32
CA GLU G 4683 -15.95 9.41 19.24
C GLU G 4683 -15.61 8.20 18.38
N ASP G 4684 -14.51 8.25 17.65
CA ASP G 4684 -14.18 7.13 16.76
C ASP G 4684 -13.59 5.96 17.52
N GLN G 4685 -13.25 6.16 18.80
CA GLN G 4685 -12.86 5.07 19.67
C GLN G 4685 -14.01 4.09 19.83
N LEU G 4686 -15.15 4.59 20.33
CA LEU G 4686 -16.45 3.93 20.13
C LEU G 4686 -17.52 4.99 20.28
N SER G 4687 -18.29 5.20 19.22
CA SER G 4687 -19.38 6.16 19.25
C SER G 4687 -20.57 5.59 20.01
N GLY H 1 69.48 -38.11 103.97
CA GLY H 1 70.50 -37.07 103.99
C GLY H 1 69.98 -35.73 104.47
N VAL H 2 70.00 -35.52 105.77
CA VAL H 2 69.56 -34.28 106.39
C VAL H 2 70.74 -33.68 107.16
N GLU H 3 71.24 -32.56 106.67
CA GLU H 3 72.37 -31.88 107.29
C GLU H 3 71.85 -30.71 108.11
N ILE H 4 72.18 -30.70 109.39
CA ILE H 4 71.63 -29.75 110.35
C ILE H 4 72.71 -28.75 110.75
N GLU H 5 72.42 -27.47 110.59
CA GLU H 5 73.29 -26.39 111.06
C GLU H 5 72.46 -25.50 111.98
N THR H 6 72.55 -25.78 113.28
CA THR H 6 71.67 -25.13 114.26
C THR H 6 72.27 -23.82 114.73
N ILE H 7 71.50 -22.74 114.60
CA ILE H 7 71.79 -21.51 115.31
C ILE H 7 71.49 -21.74 116.78
N SER H 8 72.49 -21.46 117.63
CA SER H 8 72.64 -21.92 119.01
C SER H 8 71.45 -21.87 120.01
N PRO H 9 70.64 -20.81 120.11
CA PRO H 9 69.69 -20.77 121.25
C PRO H 9 68.54 -21.75 121.10
N GLY H 10 68.12 -22.29 122.24
CA GLY H 10 67.07 -23.30 122.32
C GLY H 10 66.99 -23.89 123.70
N ASP H 11 66.65 -25.18 123.81
CA ASP H 11 66.73 -25.86 125.10
C ASP H 11 67.48 -27.19 124.98
N GLY H 12 67.43 -27.80 123.80
CA GLY H 12 68.17 -29.00 123.53
C GLY H 12 67.56 -30.29 124.03
N ARG H 13 66.32 -30.25 124.55
CA ARG H 13 65.72 -31.45 125.11
C ARG H 13 64.28 -31.72 124.68
N THR H 14 63.50 -30.70 124.31
CA THR H 14 62.09 -30.89 124.00
C THR H 14 62.00 -31.33 122.55
N PHE H 15 62.10 -32.60 122.32
CA PHE H 15 62.12 -33.19 120.99
C PHE H 15 60.69 -33.50 120.53
N PRO H 16 60.43 -33.40 119.24
CA PRO H 16 59.12 -33.84 118.73
C PRO H 16 58.98 -35.34 118.80
N LYS H 17 57.83 -35.79 119.27
CA LYS H 17 57.50 -37.20 119.34
C LYS H 17 56.37 -37.50 118.35
N LYS H 18 55.91 -38.74 118.36
CA LYS H 18 54.89 -39.16 117.42
C LYS H 18 53.53 -38.58 117.81
N GLY H 19 52.82 -38.07 116.80
CA GLY H 19 51.51 -37.49 117.02
C GLY H 19 51.50 -36.13 117.67
N GLN H 20 52.64 -35.49 117.84
CA GLN H 20 52.73 -34.17 118.45
C GLN H 20 52.56 -33.11 117.35
N THR H 21 51.49 -32.34 117.43
CA THR H 21 51.30 -31.21 116.54
C THR H 21 52.30 -30.12 116.91
N CYS H 22 53.27 -29.90 116.03
CA CYS H 22 54.41 -29.04 116.32
C CYS H 22 54.44 -27.87 115.34
N VAL H 23 55.05 -26.78 115.81
CA VAL H 23 54.99 -25.49 115.13
C VAL H 23 56.41 -25.11 114.70
N VAL H 24 56.57 -24.84 113.41
CA VAL H 24 57.88 -24.55 112.81
C VAL H 24 57.80 -23.25 112.03
N HIS H 25 58.73 -22.33 112.32
CA HIS H 25 58.91 -21.11 111.52
C HIS H 25 59.87 -21.41 110.37
N TYR H 26 59.33 -22.05 109.34
CA TYR H 26 60.20 -22.41 108.22
C TYR H 26 60.30 -21.25 107.23
N THR H 27 61.37 -21.27 106.44
CA THR H 27 61.58 -20.30 105.38
C THR H 27 62.33 -21.01 104.26
N GLY H 28 61.65 -21.29 103.15
CA GLY H 28 62.23 -22.07 102.09
C GLY H 28 63.21 -21.27 101.24
N MET H 29 64.11 -21.99 100.59
CA MET H 29 65.13 -21.38 99.74
C MET H 29 65.63 -22.45 98.77
N LEU H 30 65.88 -22.03 97.52
CA LEU H 30 66.49 -22.90 96.53
C LEU H 30 67.99 -22.65 96.50
N GLN H 31 68.76 -23.72 96.30
CA GLN H 31 70.20 -23.59 96.05
C GLN H 31 70.43 -22.80 94.78
N ASN H 32 71.13 -21.67 94.93
CA ASN H 32 71.36 -20.69 93.85
C ASN H 32 70.04 -20.22 93.26
N GLY H 33 69.05 -20.03 94.13
CA GLY H 33 67.72 -19.62 93.75
C GLY H 33 67.09 -18.82 94.87
N LYS H 34 65.90 -18.30 94.60
CA LYS H 34 65.21 -17.43 95.55
C LYS H 34 64.28 -18.25 96.43
N LYS H 35 63.44 -17.55 97.20
CA LYS H 35 62.43 -18.17 98.04
C LYS H 35 61.35 -18.84 97.20
N PHE H 36 60.69 -19.83 97.79
CA PHE H 36 59.50 -20.42 97.20
C PHE H 36 58.34 -20.60 98.18
N ASP H 37 58.59 -20.67 99.49
CA ASP H 37 57.54 -20.87 100.46
C ASP H 37 58.06 -20.43 101.82
N SER H 38 57.22 -19.77 102.61
CA SER H 38 57.64 -19.26 103.90
C SER H 38 56.44 -19.14 104.83
N SER H 39 56.60 -19.66 106.05
CA SER H 39 55.64 -19.43 107.12
C SER H 39 55.71 -18.02 107.68
N ARG H 40 56.80 -17.30 107.42
CA ARG H 40 56.87 -15.90 107.82
C ARG H 40 55.96 -15.02 106.98
N ASP H 41 55.75 -15.40 105.72
CA ASP H 41 54.93 -14.58 104.83
C ASP H 41 53.46 -14.67 105.22
N ARG H 42 52.97 -15.89 105.42
CA ARG H 42 51.57 -16.07 105.81
C ARG H 42 51.35 -15.73 107.28
N ASN H 43 52.43 -15.75 108.09
CA ASN H 43 52.40 -15.57 109.54
C ASN H 43 51.51 -16.60 110.24
N LYS H 44 51.34 -17.76 109.61
CA LYS H 44 50.61 -18.91 110.15
C LYS H 44 51.65 -20.02 110.21
N PRO H 45 52.35 -20.19 111.34
CA PRO H 45 53.57 -20.99 111.33
C PRO H 45 53.39 -22.51 111.31
N PHE H 46 52.42 -22.98 110.49
CA PHE H 46 52.35 -24.35 109.96
C PHE H 46 52.32 -25.40 111.07
N LYS H 47 51.20 -25.41 111.77
CA LYS H 47 50.97 -26.37 112.84
C LYS H 47 50.77 -27.76 112.26
N PHE H 48 51.84 -28.56 112.24
CA PHE H 48 51.80 -29.89 111.64
C PHE H 48 52.20 -30.92 112.67
N ARG H 49 51.73 -32.14 112.48
CA ARG H 49 52.01 -33.24 113.39
C ARG H 49 53.09 -34.14 112.80
N ILE H 50 53.73 -34.89 113.71
CA ILE H 50 54.85 -35.78 113.38
C ILE H 50 54.32 -37.19 113.28
N GLY H 51 54.65 -37.87 112.18
CA GLY H 51 54.38 -39.29 112.04
C GLY H 51 53.29 -39.67 111.08
N LYS H 52 52.84 -38.75 110.22
CA LYS H 52 51.80 -39.05 109.24
C LYS H 52 52.30 -38.88 107.81
N GLN H 53 53.59 -38.59 107.62
CA GLN H 53 54.21 -38.28 106.33
C GLN H 53 53.51 -37.14 105.61
N GLU H 54 53.01 -36.18 106.39
CA GLU H 54 52.41 -34.98 105.80
C GLU H 54 53.47 -34.14 105.11
N VAL H 55 54.55 -33.82 105.83
CA VAL H 55 55.67 -33.08 105.28
C VAL H 55 56.60 -34.03 104.54
N ILE H 56 57.53 -33.47 103.77
CA ILE H 56 58.51 -34.25 103.03
C ILE H 56 59.53 -34.84 103.98
N LYS H 57 60.30 -35.81 103.49
CA LYS H 57 61.26 -36.52 104.33
C LYS H 57 62.44 -35.65 104.72
N GLY H 58 62.82 -34.70 103.85
CA GLY H 58 63.89 -33.78 104.21
C GLY H 58 63.48 -32.78 105.27
N PHE H 59 62.18 -32.56 105.44
CA PHE H 59 61.68 -31.67 106.48
C PHE H 59 61.20 -32.44 107.70
N GLU H 60 60.77 -33.69 107.53
CA GLU H 60 60.33 -34.49 108.66
C GLU H 60 61.49 -34.94 109.52
N GLU H 61 62.59 -35.37 108.89
CA GLU H 61 63.75 -35.82 109.65
C GLU H 61 64.48 -34.67 110.31
N GLY H 62 64.39 -33.47 109.73
CA GLY H 62 64.99 -32.31 110.36
C GLY H 62 64.22 -31.82 111.57
N ALA H 63 62.94 -32.19 111.67
CA ALA H 63 62.13 -31.74 112.81
C ALA H 63 62.47 -32.50 114.08
N ALA H 64 62.57 -33.83 114.01
CA ALA H 64 62.86 -34.63 115.20
C ALA H 64 64.29 -34.48 115.67
N GLN H 65 65.19 -34.02 114.80
CA GLN H 65 66.58 -33.78 115.17
C GLN H 65 66.79 -32.40 115.80
N MET H 66 65.73 -31.66 116.06
CA MET H 66 65.80 -30.36 116.72
C MET H 66 65.04 -30.40 118.04
N SER H 67 65.11 -29.30 118.78
CA SER H 67 64.40 -29.16 120.04
C SER H 67 63.75 -27.78 120.08
N LEU H 68 63.08 -27.50 121.20
CA LEU H 68 62.34 -26.25 121.36
C LEU H 68 63.28 -25.06 121.42
N GLY H 69 62.98 -24.03 120.62
CA GLY H 69 63.80 -22.86 120.54
C GLY H 69 64.90 -22.92 119.51
N GLN H 70 65.35 -24.12 119.13
CA GLN H 70 66.46 -24.28 118.22
C GLN H 70 66.11 -23.78 116.83
N ARG H 71 67.15 -23.36 116.10
CA ARG H 71 67.03 -22.74 114.78
C ARG H 71 68.04 -23.43 113.87
N ALA H 72 67.61 -24.48 113.18
CA ALA H 72 68.52 -25.22 112.32
C ALA H 72 68.41 -24.69 110.88
N LYS H 73 69.05 -25.40 109.95
CA LYS H 73 69.13 -24.96 108.57
C LYS H 73 69.20 -26.21 107.69
N LEU H 74 68.08 -26.56 107.04
CA LEU H 74 68.02 -27.80 106.30
C LEU H 74 68.74 -27.69 104.96
N THR H 75 69.26 -28.83 104.52
CA THR H 75 69.79 -29.02 103.17
C THR H 75 69.13 -30.30 102.66
N CYS H 76 67.95 -30.15 102.08
CA CYS H 76 67.15 -31.30 101.67
C CYS H 76 67.67 -31.87 100.36
N THR H 77 67.85 -33.18 100.33
CA THR H 77 68.27 -33.85 99.12
C THR H 77 67.14 -33.85 98.09
N PRO H 78 67.45 -33.97 96.80
CA PRO H 78 66.37 -34.04 95.81
C PRO H 78 65.54 -35.31 95.90
N ASP H 79 66.16 -36.46 96.14
CA ASP H 79 65.48 -37.75 96.04
C ASP H 79 64.53 -38.05 97.18
N VAL H 80 64.33 -37.13 98.13
CA VAL H 80 63.34 -37.33 99.17
C VAL H 80 62.04 -36.58 98.91
N ALA H 81 62.07 -35.47 98.16
CA ALA H 81 60.86 -34.70 97.91
C ALA H 81 60.48 -34.63 96.44
N TYR H 82 61.33 -34.06 95.57
CA TYR H 82 60.92 -33.77 94.20
C TYR H 82 62.03 -33.98 93.18
N GLY H 83 62.97 -34.91 93.41
CA GLY H 83 64.14 -35.02 92.56
C GLY H 83 63.83 -35.56 91.17
N ALA H 84 62.94 -36.55 91.07
CA ALA H 84 62.59 -37.10 89.77
C ALA H 84 61.31 -36.48 89.24
N THR H 85 60.32 -36.28 90.12
CA THR H 85 59.05 -35.71 89.69
C THR H 85 59.16 -34.21 89.45
N GLY H 86 59.45 -33.45 90.51
CA GLY H 86 59.48 -32.01 90.41
C GLY H 86 58.10 -31.40 90.45
N HIS H 87 57.92 -30.35 91.22
CA HIS H 87 56.60 -29.74 91.21
C HIS H 87 56.46 -28.80 90.02
N PRO H 88 55.30 -28.79 89.37
CA PRO H 88 55.10 -27.83 88.27
C PRO H 88 54.97 -26.40 88.75
N GLY H 89 56.01 -25.60 88.54
CA GLY H 89 55.98 -24.19 88.83
C GLY H 89 56.72 -23.75 90.07
N VAL H 90 56.96 -24.66 91.02
CA VAL H 90 57.59 -24.32 92.29
C VAL H 90 58.96 -24.99 92.44
N ILE H 91 58.98 -26.32 92.44
CA ILE H 91 60.22 -27.05 92.68
C ILE H 91 60.57 -27.88 91.45
N PRO H 92 61.69 -27.63 90.80
CA PRO H 92 62.06 -28.41 89.61
C PRO H 92 62.56 -29.78 90.00
N PRO H 93 62.65 -30.71 89.05
CA PRO H 93 63.32 -31.98 89.33
C PRO H 93 64.81 -31.79 89.59
N ASN H 94 65.32 -32.62 90.51
CA ASN H 94 66.70 -32.61 91.00
C ASN H 94 67.09 -31.25 91.59
N ALA H 95 66.40 -30.89 92.67
CA ALA H 95 66.64 -29.63 93.37
C ALA H 95 67.06 -29.93 94.80
N THR H 96 68.12 -29.27 95.26
CA THR H 96 68.58 -29.39 96.64
C THR H 96 68.01 -28.22 97.43
N LEU H 97 67.05 -28.51 98.30
CA LEU H 97 66.23 -27.49 98.92
C LEU H 97 66.85 -27.03 100.24
N ILE H 98 66.67 -25.74 100.54
CA ILE H 98 67.23 -25.11 101.73
C ILE H 98 66.08 -24.54 102.54
N PHE H 99 66.11 -24.76 103.86
CA PHE H 99 65.04 -24.32 104.75
C PHE H 99 65.62 -23.71 106.01
N ASP H 100 65.16 -22.51 106.35
CA ASP H 100 65.48 -21.88 107.63
C ASP H 100 64.45 -22.36 108.65
N VAL H 101 64.79 -23.41 109.38
CA VAL H 101 63.85 -24.11 110.25
C VAL H 101 64.14 -23.72 111.69
N GLU H 102 63.14 -23.16 112.35
CA GLU H 102 63.19 -22.90 113.78
C GLU H 102 62.04 -23.66 114.45
N LEU H 103 62.35 -24.42 115.48
CA LEU H 103 61.37 -25.26 116.15
C LEU H 103 60.91 -24.56 117.43
N LEU H 104 59.85 -23.77 117.30
CA LEU H 104 59.15 -23.17 118.43
C LEU H 104 57.75 -23.80 118.44
N ASN H 105 57.66 -24.97 119.05
CA ASN H 105 56.53 -25.87 118.82
C ASN H 105 55.55 -25.86 120.00
N LEU H 106 54.53 -26.70 119.87
CA LEU H 106 53.58 -27.01 120.92
C LEU H 106 53.53 -28.53 121.10
N GLU H 107 52.78 -28.95 122.12
CA GLU H 107 52.61 -30.35 122.53
C GLU H 107 53.94 -31.06 122.80
ZN ZN I . -7.18 38.82 13.59
CA CA J . 21.07 46.72 7.27
ZN ZN K . -23.51 33.60 -7.20
CA CA L . -22.60 28.29 -37.01
ZN ZN M . -37.60 16.07 8.06
CA CA N . -50.19 -11.24 6.57
ZN ZN O . -21.19 21.36 28.92
CA CA P . -6.40 7.13 50.90
#